data_8X4D
#
_entry.id   8X4D
#
loop_
_entity.id
_entity.type
_entity.pdbx_description
1 polymer 'Ryanodine receptor 1'
2 non-polymer 'CALCIUM ION'
3 non-polymer "ADENOSINE-5'-TRIPHOSPHATE"
#
_entity_poly.entity_id   1
_entity_poly.type   'polypeptide(L)'
_entity_poly.pdbx_seq_one_letter_code
;MGDGGEGEDEVQFLRTDDEVVLQCSATVLKEQLKLCLAAEGFGNRLCFLEPTSNAQNVPPDLAICCFTLEQSLSVRALQE
MLANTVEAGVESSQGGGHRTLLYGHAILLRHAHSRMYLSCLTTSRSMTDKLAFDVGLQEDATGEACWWTMHPASKQRSEG
EKVRVGDDLILVSVSSERYLHLSTASGELQVDASFMQTLWNMNPICSCCEEGYVTGGHVLRLFHGHMDECLTISAADSDD
QRRLVYYEGGAVCTHARSLWRLEPLRISWSGSHLRWGQPLRIRHVTTGRYLALTEDQGLVVVDACKAHTKATSFCFRVSK
EKLDTAPKRDVEGMGPPEIKYGESLCFVQHVASGLWLTYAAPDPKALRLGVLKKKAILHQEGHMDDALFLTRCQQEESQA
ARMIHSTAGLYNQFIKGLDSFSGKPRGSGPPAGPALPIEAVILSLQDLIGYFEPPSEELQHEEKQSKLRSLRNRQSLFQE
EGMLSLVLNCIDRLNVYTTAAHFAEYAGEEAAESWKEIVNLLYELLASLIRGNRANCALFSTNLDWVVSKLDRLEASSGI
LEVLYCVLIESPEVLNIIQENHIKSIISLLDKHGRNHKVLDVLCSLCVCNGVAVRSNQDLITENLLPGRELLLQTNLINY
VTSIRPNIFVGRAEGSTQYGKWYFEVMVDEVVPFLTAQATHLRVGWALTEGYSPYPGGGEGWGGNGVGDDLYSYGFDGLH
LWTGHVARPVTSPGQHLLAPEDVVSCCLDLSVPSISFRINGCPVQGVFEAFNLDGLFFPVVSFSAGVKVRFLLGGRHGEF
KFLPPPGYAPCHEAVLPRERLRLEPIKEYRREGPRGPHLVGPSRCLSHTDFVPCPVDTVQIVLPPHLERIREKLAENIHE
LWALTRIEQGWTYGPVRDDNKRLHPCLVNFHSLPEPERNYNLQMSGETLKTLLALGCHVGMADEKAEDNLKKTKLPKTYM
MSNGYKPAPLDLSHVRLTPAQTTLVDRLAENGHNVWARDRVAQGWSYSAVQDIPARRNPRLVPYRLLDEATKRSNRDSLC
QAVRTLLGYGYNIEPPDQEPSQVENQSRWDRVRIFRAEKSYTVQSGRWYFEFEAVTTGEMRVGWARPELRPDVELGADEL
AYVFNGHRGQRWHLGSEPFGRPWQSGDVVGCMIDLTENTIIFTLNGEVLMSDSGSETAFREIEIGDGFLPVCSLGPGQVG
HLNLGQDVSSLRFFAICGLQEGFEPFAINMQRPVTTWFSKSLPQFEPVPPEHPHYEVARMDGTVDTPPCLRLAHRTWGSQ
NSLVEMLFLRLSLPVQFHQHFRCTAGATPLAPPGLQPPAEDEARAAEPDPDYENLRRSAGGWGEAEGGKEGTAKEGTPGG
TPQPGVEAQPVRAENEKDATTEKNKKRGFLFKAKKAAMMTQPPATPALPRLPHDVVPADNRDDPEIILNTTTYYYSVRVF
AGQEPSCVWVGWVTPDYHQHDMNFDLSKVRAVTVTMGDEQGNVHSSLKCSNCYMVWGGDFVSPGQQGRISHTDLVIGCLV
DLATGLMTFTANGKESNTFFQVEPNTKLFPAVFVLPTHQNVIQFELGKQKNIMPLSAAMFLSERKNPAPQCPPRLEVQML
MPVSWSRMPNHFLQVETRRAGERLGWAVQCQDPLTMMALHIPEENRCMDILELSERLDLQRFHSHTLRLYRAVCALGNNR
VAHALCSHVDQAQLLHALEDAHLPGPLRAGYYDLLISIHLESACRSRRSMLSEYIVPLTPETRAITLFPPGRKGGNARRH
GLPGVGVTTSLRPPHHFSPPCFVAALPAAGVAEAPARLSPAIPLEALRDKALRMLGEAVRDGGQHARDPVGGSVEFQFVP
VLKLVSTLLVMGIFGDEDVKQILKMIEPEVFTEEEEEEEEEEEEEEEEEEDEEEKEEDEEEEEKEDAEKEEEEAPEGEKE
DLEEGLLQMKLPESVKLQMCNLLEYFCDQELQHRVESLAAFAERYVDKLQANQRSRYALLMRAFTMSAAETARRTREFRS
PPQEQINMLLHFKDEADEEDCPLPEDIRQDLQDFHQDLLAHCGIQLEGEEEEPEEETSLSSRLRSLLETVRLVKKKEEKP
EEELPAEEKKPQSLQELVSHMVVRWAQEDYVQSPELVRAMFSLLHRQYDGLGELLRALPRAYTISPSSVEDTMSLLECLG
QIRSLLIVQMGPQEENLMIQSIGNIMNNKVFYQHPNLMRALGMHETVMEVMVNVLGGGETKEIRFPKMVTSCCRFLCYFC
RISRQNQRSMFDHLSYLLENSGIGLGMQGSTPLDVAAASVIDNNELALALQEQDLEKVVSYLAGCGLQSCPMLLAKGYPD
IGWNPCGGERYLDFLRFAVFVNGESVEENANVVVRLLIRKPECFGPALRGEGGSGLLAAIEEAIRISEDPARDGPGVRRD
RRREHFGEEPPEENRVHLGHAIMSFYAALIDLLGRCAPEMHLIQAGKGEALRIRAILRSLVPLDDLVGIISLPLQIPTLG
KDGALVQPKMSASFVPDHKASMVLFLDRVYGIENQDFLLHVLDVGFLPDMRAAASLDTATFSTTEMALALNRYLCLAVLP
LITKCAPLFAGTEHRAIMVDSMLHTVYRLSRGRSLTKAQRDVIEDCLMALCRYIRPSMLQHLLRRLVFDVPILNEFAKMP
LKLLTNHYERCWKYYCLPTGWANFGVTSEEELHLTRKLFWGIFDSLAHKKYDQELYRMAMPCLCAIAGALPPDYVDASYS
SKAEKKATVDAEGNFDPRPVETLNVIIPEKLDSFINKFAEYTHEKWAFDKIQNNWSYGENVDEELKTHPMLRPYKTFSEK
DKEIYRWPIKESLKAMIAWEWTIEKAREGEEERTEKKKTRKISQTAQTYDPREGYNPQPPDLSGVTLSRELQAMAEQLAE
NYHNTWGRKKKQELEAKGGGTHPLLVPYDTLTAKEKARDREKAQELLKFLQMNGYAVTRGLKDMELDTSSIEKRFAFGFL
QQLLRWMDISQEFIAHLEAVVSSGRVEKSPHEQEIKFFAKILLPLINQYFTNHCLYFLSTPAKVLGSGGHASNKEKEMIT
SLFCKLAALVRHRVSLFGTDAPAVVNCLHILARSLDARTVMKSGPEIVKAGLRSFFESASEDIEKMVENLRLGKVSQART
QVKGVGQNLTYTTVALLPVLTTLFQHIAQHQFGDDVILDDVQVSCYRTLCSIYSLGTTKNTYVEKLRPALGECLARLAAA
MPVAFLEPQLNEYNACSVYTTKSPRERAILGLPNSVEEMCPDIPVLDRLMADIGGLAESGARYTEMPHVIEITLPMLCSY
LPRWWERGPEAPPPALPAGAPPPCTAVTSDHLNSLLGNILRIIVNNLGIDEATWMKRLAVFAQPIVSRARPELLHSHFIP
TIGRLRKRAGKVVAEEEQLRLEAKAEAEEGELLVRDEFSVLCRDLYALYPLLIRYVDNNRAHWLTEPNANAEELFRMVGE
IFIYWSKSHNFKREEQNFVVQNEINNMSFLTADSKSKMAKAGDAQSGGSDQERTKKKRRGDRYSVQTSLIVATLKKMLPI
GLNMCAPTDQDLIMLAKTRYALKDTDEEVREFLQNNLHLQGKVEGSPSLRWQMALYRGLPGREEDADDPEKIVRRVQEVS
AVLYHLEQTEHPYKSKKAVWHKLLSKQRRRAVVACFRMTPLYNLPTHRACNMFLESYKAAWILTEDHSFEDRMIDDLSKA
GEQEEEEEEVEEKKPDPLHQLVLHFSRTALTEKSKLDEDYLYMAYADIMAKSCHLEEGGENGEAEEEEVEVSFEEKEMEK
QRLLYQQSRLHTRGAAEMVLQMISACKGETGAMVSSTLKLGISILNGGNAEVQQKMLDYLKDKKEVGFFQSIQALMQTCS
VLDLNAFERQNKAEGLGMVNEDGTVINRQNGEKVMADDEFTQDLFRFLQLLCEGHNNDFQNYLRTQTGNTTTINIIICTV
DYLLRLQESISDFYWYYSGKDVIEEQGKRNFSKAMSVAKQVFNSLTEYIQGPCTGNQQSLAHSRLWDAVVGFLHVFAHMM
MKLAQDSSQIELLKELLDLQKDMVVMLLSLLEGNVVNGMIARQMVDMLVESSSNVEMILKFFDMFLKLKDIVGSEAFQDY
VTDPRGLISKKDFQKAMDSQKQFTGPEIQFLLSCSEADENEMINFEEFANRFQEPARDIGFNVAVLLTNLSEHVPHDPRL
RNFLELAESILEYFRPYLGRIEIMGASRRIERIYFEISETNRAQWEMPQVKESKRQFIFDVVNEGGEAEKMELFVSFCED
TIFEMQIAAQISEPEGEPEADEDEGMGEAAAEGAEEGAAGAEGAAGTVAAGATARLAAAAARALRGLSYRSLRRRVRRLR
RLTAREAATALAALLWAVVARAGAAGAGAAAGALRLLWGSLFGGGLVEGAKKVTVTELLAGMPDPTSDEVHGEQPAGPGG
DADGAGEGEGEGDAAEGDGDEEVAGHEAGPGGAEGVVAVADGGPFRPEGAGGLGDMGDTTPAEPPTPEGSPILKRKLGVD
GEEEELVPEPEPEPEPEPEKADEENGEKEEVPEAPPEPPKKAPPSPPAKKEEAGGAGMEFWGELEVQRVKFLNYLSRNFY
TLRFLALFLAFAINFILLFYKVSDSPPGEDDMEGSAAGDLAGAGSGGGSGWGSGAGEEAEGDEDENMVYYFLEESTGYME
PALWCLSLLHTLVAFLCIIGYNCLKVPLVIFKREKELARKLEFDGLYITEQPGDDDVKGQWDRLVLNTPSFPSNYWDKFV
KRKVLDKHGDIFGRERIAELLGMDLASLEITAHNERKPDPPPGLLTWLMSIDVKYQIWKFGVIFTDNSFLYLGWYMVMSL
LGHYNNFFFAAHLLDIAMGVKTLRTILSSVTHNGKQLVMTVGLLAVVVYLYTVVAFNFFRKFYNKSEDEDEPDMKCDDMM
TCYLFHMYVGVRAGGGIGDEIEDPAGDEYELYRVVFDITFFFFVIVILLAIIQGLIIDAFGELRDQQEQVKEDMETKCFI
CGIGSDYFDTTPHGFETHTLEEHNLANYMFFLMYLINKDETEHTGQESYVWKMYQERCWDFFPAGDCFRKQYEDQLS
;
_entity_poly.pdbx_strand_id   A,B,C,D
#
loop_
_chem_comp.id
_chem_comp.type
_chem_comp.name
_chem_comp.formula
ATP non-polymer ADENOSINE-5'-TRIPHOSPHATE 'C10 H16 N5 O13 P3'
CA non-polymer 'CALCIUM ION' 'Ca 2'
#
# COMPACT_ATOMS: atom_id res chain seq x y z
N GLN A 12 26.61 25.01 -2.18
CA GLN A 12 26.53 24.98 -3.64
C GLN A 12 27.41 26.04 -4.27
N PHE A 13 27.10 27.30 -3.98
CA PHE A 13 27.86 28.42 -4.52
C PHE A 13 27.79 29.60 -3.57
N LEU A 14 28.76 30.50 -3.70
CA LEU A 14 28.82 31.67 -2.84
C LEU A 14 27.72 32.67 -3.22
N ARG A 15 27.28 33.43 -2.23
CA ARG A 15 26.23 34.43 -2.41
C ARG A 15 26.51 35.63 -1.52
N THR A 16 25.88 36.74 -1.84
CA THR A 16 26.06 37.96 -1.07
C THR A 16 25.37 37.84 0.28
N ASP A 17 25.60 38.85 1.13
CA ASP A 17 25.12 38.92 2.51
C ASP A 17 25.23 37.56 3.21
N ASP A 18 26.35 36.87 3.00
CA ASP A 18 26.58 35.55 3.54
C ASP A 18 27.94 35.50 4.22
N GLU A 19 28.05 34.66 5.25
CA GLU A 19 29.28 34.54 6.01
C GLU A 19 30.27 33.64 5.27
N VAL A 20 31.48 34.15 5.05
CA VAL A 20 32.54 33.38 4.43
C VAL A 20 33.82 33.61 5.23
N VAL A 21 34.75 32.65 5.11
CA VAL A 21 36.06 32.75 5.74
C VAL A 21 37.12 32.56 4.67
N LEU A 22 38.07 33.49 4.62
CA LEU A 22 39.15 33.41 3.65
C LEU A 22 40.20 32.41 4.14
N GLN A 23 40.74 31.62 3.21
CA GLN A 23 41.65 30.54 3.57
C GLN A 23 42.71 30.38 2.48
N CYS A 24 43.82 29.75 2.87
CA CYS A 24 44.90 29.44 1.94
C CYS A 24 45.57 28.16 2.39
N SER A 25 46.27 27.52 1.46
CA SER A 25 47.00 26.28 1.74
C SER A 25 48.31 26.33 0.96
N ALA A 26 49.42 26.50 1.68
CA ALA A 26 50.75 26.58 1.05
C ALA A 26 51.74 25.89 1.97
N THR A 27 52.09 24.65 1.64
CA THR A 27 53.04 23.85 2.42
C THR A 27 54.41 23.91 1.76
N VAL A 28 55.43 24.19 2.56
CA VAL A 28 56.80 24.28 2.07
C VAL A 28 57.74 23.50 2.99
N LEU A 29 57.25 23.15 4.18
CA LEU A 29 58.06 22.49 5.21
C LEU A 29 57.61 21.05 5.46
N LYS A 30 57.13 20.37 4.43
CA LYS A 30 56.70 18.97 4.46
C LYS A 30 55.50 18.75 5.36
N GLU A 31 54.83 19.82 5.80
CA GLU A 31 53.61 19.72 6.58
C GLU A 31 52.61 20.72 6.04
N GLN A 32 51.34 20.30 5.93
CA GLN A 32 50.33 21.16 5.35
C GLN A 32 50.09 22.39 6.22
N LEU A 33 50.02 23.55 5.57
CA LEU A 33 49.77 24.82 6.25
C LEU A 33 48.36 25.27 5.93
N LYS A 34 47.55 25.48 6.98
CA LYS A 34 46.18 25.95 6.84
C LYS A 34 46.10 27.33 7.47
N LEU A 35 45.96 28.36 6.65
CA LEU A 35 45.99 29.74 7.09
C LEU A 35 44.62 30.39 6.92
N CYS A 36 44.24 31.23 7.88
CA CYS A 36 43.01 32.01 7.83
C CYS A 36 43.33 33.38 8.40
N LEU A 37 43.72 34.30 7.51
CA LEU A 37 44.16 35.62 7.96
C LEU A 37 43.00 36.39 8.56
N ALA A 38 43.34 37.23 9.55
CA ALA A 38 42.35 38.00 10.30
C ALA A 38 43.09 39.07 11.09
N ALA A 39 42.36 39.80 11.92
CA ALA A 39 42.92 40.82 12.78
C ALA A 39 41.89 41.20 13.83
N GLU A 40 42.38 41.65 14.99
CA GLU A 40 41.50 42.20 16.01
C GLU A 40 41.03 43.60 15.64
N GLY A 41 41.71 44.28 14.74
CA GLY A 41 41.32 45.61 14.32
C GLY A 41 41.72 46.68 15.31
N PHE A 42 41.07 46.69 16.46
CA PHE A 42 41.37 47.67 17.50
C PHE A 42 42.78 47.44 18.03
N GLY A 43 43.56 48.51 18.12
CA GLY A 43 44.94 48.37 18.53
C GLY A 43 45.87 47.91 17.43
N ASN A 44 45.52 46.83 16.74
CA ASN A 44 46.30 46.31 15.62
C ASN A 44 45.41 46.41 14.37
N ARG A 45 45.52 47.55 13.67
CA ARG A 45 44.77 47.71 12.43
C ARG A 45 45.24 46.71 11.38
N LEU A 46 46.54 46.48 11.29
CA LEU A 46 47.07 45.53 10.34
C LEU A 46 46.64 44.11 10.70
N CYS A 47 46.57 43.26 9.68
CA CYS A 47 46.17 41.87 9.87
C CYS A 47 47.39 40.96 9.92
N PHE A 48 47.15 39.72 10.33
CA PHE A 48 48.21 38.73 10.45
C PHE A 48 47.61 37.35 10.22
N LEU A 49 48.47 36.41 9.83
CA LEU A 49 48.02 35.05 9.60
C LEU A 49 47.74 34.36 10.93
N GLU A 50 46.71 33.50 10.91
CA GLU A 50 46.37 32.66 12.06
C GLU A 50 46.39 31.21 11.58
N PRO A 51 47.51 30.52 11.72
CA PRO A 51 47.57 29.12 11.28
C PRO A 51 46.55 28.26 12.01
N THR A 52 45.97 27.31 11.27
CA THR A 52 44.94 26.45 11.83
C THR A 52 45.10 24.99 11.48
N SER A 53 46.17 24.60 10.77
CA SER A 53 46.38 23.19 10.44
C SER A 53 46.60 22.37 11.71
N ASN A 54 47.41 22.89 12.63
CA ASN A 54 47.69 22.21 13.90
C ASN A 54 46.59 22.53 14.90
N ALA A 55 45.39 22.01 14.61
CA ALA A 55 44.21 22.25 15.42
C ALA A 55 43.79 21.06 16.26
N GLN A 56 44.34 19.87 16.00
CA GLN A 56 43.96 18.69 16.77
C GLN A 56 44.36 18.83 18.24
N ASN A 57 45.51 19.41 18.52
CA ASN A 57 45.99 19.58 19.89
C ASN A 57 45.53 20.89 20.52
N VAL A 58 44.97 21.81 19.75
CA VAL A 58 44.51 23.10 20.28
C VAL A 58 43.49 23.71 19.33
N PRO A 59 42.29 24.02 19.81
CA PRO A 59 41.29 24.66 18.95
C PRO A 59 41.46 26.17 18.94
N PRO A 60 41.73 26.76 17.78
CA PRO A 60 41.81 28.23 17.69
C PRO A 60 40.43 28.87 17.67
N ASP A 61 40.40 30.14 18.05
CA ASP A 61 39.15 30.89 18.10
C ASP A 61 38.63 31.18 16.69
N LEU A 62 37.33 31.46 16.61
CA LEU A 62 36.62 31.61 15.34
C LEU A 62 35.76 32.87 15.37
N ALA A 63 36.35 33.99 15.78
CA ALA A 63 35.65 35.26 15.84
C ALA A 63 36.20 36.30 14.87
N ILE A 64 37.50 36.58 14.93
CA ILE A 64 38.07 37.60 14.07
C ILE A 64 38.28 37.10 12.64
N CYS A 65 38.31 35.79 12.42
CA CYS A 65 38.50 35.26 11.09
C CYS A 65 37.23 35.22 10.26
N CYS A 66 36.06 35.36 10.88
CA CYS A 66 34.81 35.33 10.13
C CYS A 66 34.63 36.61 9.32
N PHE A 67 33.96 36.48 8.19
CA PHE A 67 33.68 37.62 7.33
C PHE A 67 32.31 37.43 6.69
N THR A 68 31.68 38.54 6.33
CA THR A 68 30.39 38.53 5.67
C THR A 68 30.46 39.38 4.41
N LEU A 69 29.83 38.89 3.35
CA LEU A 69 29.81 39.62 2.09
C LEU A 69 28.87 40.81 2.21
N GLU A 70 29.32 41.97 1.74
CA GLU A 70 28.54 43.19 1.82
C GLU A 70 28.07 43.68 0.46
N GLN A 71 28.99 43.91 -0.46
CA GLN A 71 28.65 44.39 -1.79
C GLN A 71 29.47 43.64 -2.84
N SER A 72 28.90 43.55 -4.04
CA SER A 72 29.59 42.90 -5.15
C SER A 72 28.95 43.40 -6.44
N LEU A 73 29.72 44.12 -7.25
CA LEU A 73 29.22 44.70 -8.48
C LEU A 73 30.25 44.50 -9.58
N SER A 74 29.83 44.76 -10.82
CA SER A 74 30.75 44.74 -11.93
C SER A 74 31.70 45.92 -11.86
N VAL A 75 32.82 45.80 -12.57
CA VAL A 75 33.89 46.80 -12.46
C VAL A 75 33.40 48.15 -12.97
N ARG A 76 32.75 48.17 -14.14
CA ARG A 76 32.34 49.44 -14.71
C ARG A 76 31.25 50.11 -13.88
N ALA A 77 30.28 49.33 -13.39
CA ALA A 77 29.22 49.91 -12.58
C ALA A 77 29.78 50.50 -11.29
N LEU A 78 30.69 49.79 -10.64
CA LEU A 78 31.33 50.31 -9.44
C LEU A 78 32.12 51.58 -9.74
N GLN A 79 32.86 51.59 -10.84
CA GLN A 79 33.64 52.77 -11.20
C GLN A 79 32.73 53.97 -11.43
N GLU A 80 31.59 53.75 -12.09
CA GLU A 80 30.66 54.85 -12.31
C GLU A 80 30.02 55.31 -11.02
N MET A 81 29.71 54.38 -10.11
CA MET A 81 29.08 54.76 -8.85
C MET A 81 30.04 55.55 -7.98
N LEU A 82 31.33 55.20 -8.01
CA LEU A 82 32.31 55.90 -7.18
C LEU A 82 32.43 57.36 -7.57
N ALA A 83 32.42 57.66 -8.86
CA ALA A 83 32.66 59.01 -9.34
C ALA A 83 31.41 59.89 -9.34
N ASN A 84 30.28 59.38 -8.85
CA ASN A 84 29.04 60.15 -8.83
C ASN A 84 29.18 61.46 -8.07
N GLY A 97 18.58 42.75 -1.77
CA GLY A 97 19.91 43.00 -2.27
C GLY A 97 20.80 41.77 -2.23
N HIS A 98 20.21 40.62 -2.54
CA HIS A 98 20.91 39.34 -2.51
C HIS A 98 21.20 38.92 -3.94
N ARG A 99 22.44 39.12 -4.38
CA ARG A 99 22.86 38.83 -5.74
C ARG A 99 23.68 37.54 -5.77
N THR A 100 24.16 37.21 -6.96
CA THR A 100 25.00 36.03 -7.18
C THR A 100 26.38 36.48 -7.61
N LEU A 101 27.41 35.88 -7.01
CA LEU A 101 28.78 36.28 -7.29
C LEU A 101 29.23 35.75 -8.64
N LEU A 102 29.97 36.59 -9.36
CA LEU A 102 30.55 36.21 -10.64
C LEU A 102 32.04 36.55 -10.64
N TYR A 103 32.80 35.84 -11.46
CA TYR A 103 34.22 36.11 -11.57
C TYR A 103 34.46 37.46 -12.21
N GLY A 104 35.68 37.97 -12.05
CA GLY A 104 36.01 39.27 -12.59
C GLY A 104 35.19 40.39 -12.01
N HIS A 105 34.89 40.32 -10.71
CA HIS A 105 34.03 41.28 -10.05
C HIS A 105 34.77 41.93 -8.88
N ALA A 106 34.44 43.19 -8.63
CA ALA A 106 34.92 43.89 -7.45
C ALA A 106 33.98 43.59 -6.28
N ILE A 107 34.57 43.34 -5.11
CA ILE A 107 33.80 42.92 -3.94
C ILE A 107 34.20 43.76 -2.74
N LEU A 108 33.32 43.77 -1.74
CA LEU A 108 33.54 44.48 -0.48
C LEU A 108 33.40 43.50 0.66
N LEU A 109 34.38 43.47 1.55
CA LEU A 109 34.45 42.53 2.65
C LEU A 109 34.14 43.24 3.96
N ARG A 110 33.21 42.70 4.73
CA ARG A 110 32.82 43.27 6.01
C ARG A 110 33.30 42.36 7.13
N HIS A 111 33.98 42.96 8.11
CA HIS A 111 34.43 42.21 9.27
C HIS A 111 33.23 41.79 10.12
N ALA A 112 33.27 40.55 10.62
CA ALA A 112 32.17 40.04 11.41
C ALA A 112 32.02 40.80 12.72
N HIS A 113 33.13 41.14 13.36
CA HIS A 113 33.13 41.76 14.67
C HIS A 113 33.69 43.18 14.68
N SER A 114 34.84 43.39 14.03
CA SER A 114 35.48 44.70 14.08
C SER A 114 34.62 45.78 13.43
N ARG A 115 33.83 45.40 12.42
CA ARG A 115 32.86 46.22 11.69
C ARG A 115 33.47 47.14 10.65
N MET A 116 34.80 47.19 10.51
CA MET A 116 35.37 47.90 9.37
C MET A 116 35.66 46.90 8.25
N TYR A 117 36.31 47.37 7.19
CA TYR A 117 36.48 46.61 5.98
C TYR A 117 37.95 46.55 5.58
N LEU A 118 38.30 45.49 4.86
CA LEU A 118 39.66 45.34 4.35
C LEU A 118 39.96 46.40 3.30
N SER A 119 41.23 46.76 3.19
CA SER A 119 41.68 47.75 2.22
C SER A 119 43.19 47.59 2.05
N CYS A 120 43.80 48.56 1.38
CA CYS A 120 45.25 48.62 1.22
C CYS A 120 45.79 49.83 1.97
N LEU A 121 46.99 49.67 2.52
CA LEU A 121 47.63 50.71 3.32
C LEU A 121 48.98 51.07 2.70
N THR A 122 49.39 52.31 2.91
CA THR A 122 50.65 52.81 2.36
C THR A 122 51.75 52.70 3.42
N THR A 123 52.08 51.45 3.75
CA THR A 123 53.10 51.16 4.74
C THR A 123 53.98 50.01 4.24
N SER A 124 55.22 49.97 4.73
CA SER A 124 56.18 48.95 4.37
C SER A 124 56.60 48.18 5.61
N ARG A 125 56.73 46.86 5.47
CA ARG A 125 57.12 45.99 6.57
C ARG A 125 58.02 44.88 6.05
N SER A 126 58.47 44.03 6.97
CA SER A 126 59.37 42.90 6.67
C SER A 126 60.68 43.36 6.04
N MET A 127 61.08 44.60 6.32
CA MET A 127 62.33 45.18 5.79
C MET A 127 62.39 45.10 4.27
N THR A 128 61.23 45.22 3.62
CA THR A 128 61.19 45.17 2.15
C THR A 128 61.95 46.35 1.54
N ASP A 129 61.75 47.55 2.10
CA ASP A 129 62.39 48.76 1.58
C ASP A 129 62.07 48.98 0.11
N LYS A 130 60.85 48.65 -0.28
CA LYS A 130 60.40 48.76 -1.66
C LYS A 130 58.88 48.88 -1.65
N LEU A 131 58.26 48.71 -2.82
CA LEU A 131 56.81 48.77 -2.94
C LEU A 131 56.21 47.54 -2.26
N ALA A 132 55.68 47.72 -1.05
CA ALA A 132 55.10 46.63 -0.28
C ALA A 132 53.60 46.82 -0.07
N PHE A 133 53.19 47.97 0.46
CA PHE A 133 51.78 48.31 0.66
C PHE A 133 51.09 47.28 1.56
N ASP A 134 51.52 47.28 2.83
CA ASP A 134 51.01 46.34 3.82
C ASP A 134 49.48 46.39 3.90
N VAL A 135 48.90 45.25 4.25
CA VAL A 135 47.45 45.06 4.25
C VAL A 135 46.95 45.10 5.68
N GLY A 136 45.89 45.88 5.92
CA GLY A 136 45.26 45.94 7.21
C GLY A 136 43.93 46.67 7.17
N LEU A 137 42.90 46.09 7.77
CA LEU A 137 41.58 46.68 7.71
C LEU A 137 41.53 47.97 8.52
N GLN A 138 40.64 48.87 8.11
CA GLN A 138 40.47 50.15 8.79
C GLN A 138 39.08 50.68 8.45
N GLU A 139 38.70 51.77 9.12
CA GLU A 139 37.40 52.39 8.86
C GLU A 139 37.44 53.05 7.50
N ASP A 140 37.14 52.27 6.46
CA ASP A 140 37.26 52.71 5.08
C ASP A 140 35.91 52.64 4.38
N ALA A 141 34.86 53.17 5.01
CA ALA A 141 33.53 53.15 4.40
C ALA A 141 33.56 53.75 3.01
N THR A 142 34.37 54.79 2.81
CA THR A 142 34.56 55.33 1.47
C THR A 142 35.15 54.26 0.56
N GLY A 143 34.58 54.13 -0.63
CA GLY A 143 34.92 53.01 -1.50
C GLY A 143 36.11 53.24 -2.40
N GLU A 144 36.92 54.25 -2.09
CA GLU A 144 38.04 54.59 -2.96
C GLU A 144 39.04 53.45 -3.06
N ALA A 145 39.35 52.80 -1.93
CA ALA A 145 40.42 51.80 -1.94
C ALA A 145 40.08 50.58 -1.08
N CYS A 146 38.80 50.22 -0.98
CA CYS A 146 38.39 49.08 -0.15
C CYS A 146 37.65 48.04 -0.98
N TRP A 147 38.17 47.72 -2.16
CA TRP A 147 37.58 46.71 -3.02
C TRP A 147 38.68 45.83 -3.60
N TRP A 148 38.29 44.61 -3.99
CA TRP A 148 39.20 43.66 -4.59
C TRP A 148 38.53 43.02 -5.80
N THR A 149 39.27 42.91 -6.90
CA THR A 149 38.77 42.27 -8.09
C THR A 149 38.83 40.75 -7.94
N MET A 150 38.32 40.05 -8.95
CA MET A 150 38.31 38.60 -8.97
C MET A 150 38.95 38.12 -10.27
N HIS A 151 39.53 36.93 -10.23
CA HIS A 151 40.20 36.37 -11.40
C HIS A 151 40.17 34.86 -11.34
N PRO A 152 40.17 34.18 -12.47
CA PRO A 152 40.13 32.71 -12.46
C PRO A 152 41.47 32.12 -12.06
N ALA A 153 41.42 30.87 -11.62
CA ALA A 153 42.63 30.17 -11.21
C ALA A 153 43.50 29.80 -12.41
N SER A 154 42.90 29.26 -13.45
CA SER A 154 43.63 28.82 -14.63
C SER A 154 42.66 28.79 -15.81
N LYS A 155 43.07 28.12 -16.89
CA LYS A 155 42.21 27.98 -18.06
C LYS A 155 40.97 27.15 -17.78
N GLN A 156 40.91 26.44 -16.66
CA GLN A 156 39.74 25.63 -16.34
C GLN A 156 38.48 26.48 -16.21
N ARG A 157 38.63 27.73 -15.79
CA ARG A 157 37.51 28.67 -15.68
C ARG A 157 37.88 29.97 -16.37
N SER A 158 36.89 30.83 -16.55
CA SER A 158 37.10 32.10 -17.24
C SER A 158 36.10 33.12 -16.70
N GLU A 159 36.14 34.32 -17.29
CA GLU A 159 35.25 35.39 -16.87
C GLU A 159 33.80 35.01 -17.14
N GLY A 160 32.91 35.45 -16.25
CA GLY A 160 31.50 35.17 -16.37
C GLY A 160 31.06 33.84 -15.80
N GLU A 161 32.00 32.99 -15.38
CA GLU A 161 31.63 31.73 -14.74
C GLU A 161 31.10 31.99 -13.34
N LYS A 162 30.00 31.33 -13.00
CA LYS A 162 29.46 31.45 -11.65
C LYS A 162 30.42 30.82 -10.65
N VAL A 163 30.63 31.51 -9.54
CA VAL A 163 31.56 31.03 -8.52
C VAL A 163 30.98 29.81 -7.83
N ARG A 164 31.85 28.98 -7.27
CA ARG A 164 31.43 27.79 -6.55
C ARG A 164 32.14 27.70 -5.21
N VAL A 165 31.99 26.57 -4.51
CA VAL A 165 32.59 26.38 -3.20
C VAL A 165 33.79 25.44 -3.35
N GLY A 166 34.91 25.83 -2.75
CA GLY A 166 36.11 25.03 -2.76
C GLY A 166 37.10 25.38 -3.84
N ASP A 167 36.67 26.09 -4.88
CA ASP A 167 37.59 26.48 -5.95
C ASP A 167 38.58 27.51 -5.44
N ASP A 168 39.76 27.50 -6.03
CA ASP A 168 40.80 28.47 -5.69
C ASP A 168 40.65 29.71 -6.56
N LEU A 169 40.76 30.87 -5.92
CA LEU A 169 40.48 32.14 -6.60
C LEU A 169 41.65 33.11 -6.41
N ILE A 170 41.54 34.26 -7.06
CA ILE A 170 42.59 35.26 -7.09
C ILE A 170 42.02 36.57 -6.59
N LEU A 171 42.74 37.24 -5.70
CA LEU A 171 42.39 38.56 -5.19
C LEU A 171 43.44 39.56 -5.65
N VAL A 172 42.98 40.66 -6.24
CA VAL A 172 43.87 41.70 -6.74
C VAL A 172 43.35 43.05 -6.27
N SER A 173 44.27 43.91 -5.83
CA SER A 173 43.88 45.22 -5.33
C SER A 173 43.23 46.06 -6.42
N VAL A 174 42.20 46.81 -6.04
CA VAL A 174 41.50 47.66 -7.00
C VAL A 174 42.23 48.99 -7.17
N SER A 175 42.45 49.70 -6.07
CA SER A 175 43.07 51.02 -6.13
C SER A 175 44.57 50.99 -5.89
N SER A 176 45.16 49.80 -5.72
CA SER A 176 46.59 49.69 -5.50
C SER A 176 47.29 48.85 -6.56
N GLU A 177 46.54 48.25 -7.49
CA GLU A 177 47.07 47.49 -8.63
C GLU A 177 48.13 46.47 -8.20
N ARG A 178 48.07 46.02 -6.96
CA ARG A 178 48.96 44.99 -6.45
C ARG A 178 48.19 43.70 -6.22
N TYR A 179 48.93 42.62 -5.99
CA TYR A 179 48.37 41.30 -5.82
C TYR A 179 48.63 40.81 -4.41
N LEU A 180 47.57 40.41 -3.72
CA LEU A 180 47.69 39.86 -2.37
C LEU A 180 48.61 38.65 -2.38
N HIS A 181 49.77 38.77 -1.75
CA HIS A 181 50.86 37.81 -1.89
C HIS A 181 51.28 37.28 -0.52
N LEU A 182 51.42 35.96 -0.42
CA LEU A 182 51.84 35.32 0.82
C LEU A 182 53.33 35.56 0.99
N SER A 183 53.67 36.63 1.70
CA SER A 183 55.06 37.08 1.83
C SER A 183 55.83 36.12 2.72
N THR A 184 56.60 35.23 2.11
CA THR A 184 57.54 34.36 2.82
C THR A 184 58.93 34.97 2.84
N ALA A 185 59.03 36.22 3.31
CA ALA A 185 60.29 36.94 3.29
C ALA A 185 61.26 36.36 4.32
N SER A 186 62.42 37.00 4.46
CA SER A 186 63.44 36.52 5.38
C SER A 186 62.93 36.45 6.81
N GLY A 187 62.02 37.34 7.18
CA GLY A 187 61.41 37.31 8.49
C GLY A 187 60.27 36.31 8.56
N GLU A 188 59.46 36.45 9.60
CA GLU A 188 58.30 35.60 9.76
C GLU A 188 57.29 35.86 8.65
N LEU A 189 56.50 34.83 8.34
CA LEU A 189 55.53 34.92 7.26
C LEU A 189 54.52 36.03 7.54
N GLN A 190 54.26 36.86 6.54
CA GLN A 190 53.34 37.99 6.69
C GLN A 190 52.45 38.09 5.45
N VAL A 191 51.30 38.70 5.63
CA VAL A 191 50.34 38.91 4.55
C VAL A 191 50.57 40.29 3.95
N ASP A 192 50.66 40.35 2.63
CA ASP A 192 50.88 41.62 1.94
C ASP A 192 50.40 41.49 0.51
N ALA A 193 50.24 42.64 -0.15
CA ALA A 193 49.92 42.71 -1.58
C ALA A 193 51.12 43.36 -2.25
N SER A 194 52.13 42.55 -2.58
CA SER A 194 53.39 43.10 -3.07
C SER A 194 53.73 42.62 -4.48
N PHE A 195 53.75 41.32 -4.73
CA PHE A 195 54.38 40.81 -5.95
C PHE A 195 53.44 40.03 -6.85
N MET A 196 52.78 38.99 -6.33
CA MET A 196 52.15 38.01 -7.21
C MET A 196 50.88 37.49 -6.56
N GLN A 197 50.00 36.93 -7.39
CA GLN A 197 48.65 36.55 -6.99
C GLN A 197 48.67 35.15 -6.39
N THR A 198 48.72 35.08 -5.06
CA THR A 198 48.64 33.80 -4.37
C THR A 198 47.22 33.27 -4.43
N LEU A 199 47.09 31.95 -4.42
CA LEU A 199 45.77 31.33 -4.48
C LEU A 199 45.04 31.49 -3.16
N TRP A 200 43.72 31.69 -3.24
CA TRP A 200 42.89 31.80 -2.05
C TRP A 200 41.52 31.22 -2.37
N ASN A 201 40.98 30.45 -1.42
CA ASN A 201 39.65 29.86 -1.55
C ASN A 201 38.77 30.33 -0.40
N MET A 202 37.59 30.86 -0.74
CA MET A 202 36.67 31.38 0.25
C MET A 202 35.70 30.27 0.65
N ASN A 203 35.91 29.70 1.83
CA ASN A 203 35.06 28.61 2.29
C ASN A 203 33.84 29.16 3.00
N PRO A 204 32.63 28.69 2.66
CA PRO A 204 31.42 29.19 3.35
C PRO A 204 31.37 28.67 4.77
N ILE A 205 31.42 29.59 5.73
CA ILE A 205 31.38 29.22 7.14
C ILE A 205 29.95 29.12 7.65
N CYS A 206 29.09 30.05 7.28
CA CYS A 206 27.69 30.04 7.72
C CYS A 206 26.82 30.43 6.52
N SER A 207 25.56 30.71 6.78
CA SER A 207 24.63 31.16 5.75
C SER A 207 23.40 31.76 6.41
N CYS A 208 22.42 32.12 5.59
CA CYS A 208 21.19 32.70 6.10
C CYS A 208 20.37 31.64 6.82
N CYS A 209 19.92 31.99 8.03
CA CYS A 209 19.08 31.10 8.83
C CYS A 209 18.05 31.93 9.59
N GLU A 210 16.91 31.32 9.87
CA GLU A 210 15.85 32.01 10.57
C GLU A 210 16.26 32.29 12.01
N GLU A 211 15.70 33.36 12.57
CA GLU A 211 16.02 33.76 13.93
C GLU A 211 15.46 32.77 14.94
N GLY A 212 16.02 32.81 16.16
CA GLY A 212 15.56 31.99 17.25
C GLY A 212 16.07 30.57 17.24
N TYR A 213 16.73 30.14 16.17
CA TYR A 213 17.23 28.78 16.04
C TYR A 213 18.75 28.85 16.14
N VAL A 214 19.30 28.36 17.26
CA VAL A 214 20.69 28.56 17.58
C VAL A 214 21.59 27.86 16.56
N THR A 215 22.66 28.55 16.17
CA THR A 215 23.64 28.03 15.23
C THR A 215 25.03 28.21 15.83
N GLY A 216 26.04 27.76 15.09
CA GLY A 216 27.41 27.92 15.55
C GLY A 216 27.83 29.38 15.58
N GLY A 217 28.70 29.70 16.54
CA GLY A 217 29.17 31.06 16.69
C GLY A 217 28.19 31.94 17.43
N HIS A 218 26.91 31.59 17.36
CA HIS A 218 25.86 32.35 18.04
C HIS A 218 26.09 32.33 19.55
N VAL A 219 26.45 33.47 20.12
CA VAL A 219 26.81 33.57 21.53
C VAL A 219 25.62 34.09 22.31
N LEU A 220 25.14 33.29 23.26
CA LEU A 220 24.05 33.70 24.12
C LEU A 220 24.20 33.02 25.48
N ARG A 221 23.44 33.51 26.44
CA ARG A 221 23.46 32.98 27.80
C ARG A 221 22.31 32.00 28.00
N LEU A 222 22.61 30.89 28.65
CA LEU A 222 21.64 29.82 28.87
C LEU A 222 21.18 29.83 30.32
N PHE A 223 19.86 29.92 30.52
CA PHE A 223 19.31 29.92 31.87
C PHE A 223 19.37 28.52 32.47
N HIS A 224 18.82 28.41 33.68
CA HIS A 224 18.74 27.14 34.38
C HIS A 224 17.56 27.20 35.35
N GLY A 225 17.07 26.02 35.72
CA GLY A 225 15.91 26.00 36.59
C GLY A 225 14.68 26.56 35.90
N HIS A 226 13.83 27.22 36.70
CA HIS A 226 12.58 27.76 36.18
C HIS A 226 12.49 29.27 36.32
N MET A 227 12.69 29.81 37.53
CA MET A 227 12.42 31.24 37.76
C MET A 227 13.58 32.12 37.32
N ASP A 228 14.74 31.98 37.96
CA ASP A 228 15.88 32.85 37.64
C ASP A 228 17.15 32.13 38.10
N GLU A 229 17.86 31.53 37.15
CA GLU A 229 19.12 30.85 37.45
C GLU A 229 19.86 30.64 36.14
N CYS A 230 21.12 31.05 36.10
CA CYS A 230 21.91 30.95 34.88
C CYS A 230 23.33 30.52 35.23
N LEU A 231 24.00 29.93 34.24
CA LEU A 231 25.37 29.48 34.42
C LEU A 231 26.28 30.68 34.70
N THR A 232 27.30 30.45 35.53
CA THR A 232 28.04 31.55 36.11
C THR A 232 29.50 31.15 36.30
N ILE A 233 30.36 32.17 36.36
CA ILE A 233 31.75 32.03 36.79
C ILE A 233 32.01 33.14 37.80
N SER A 234 33.06 32.94 38.61
CA SER A 234 33.43 33.94 39.59
C SER A 234 33.97 35.20 38.89
N ALA A 235 33.93 36.31 39.62
CA ALA A 235 34.45 37.57 39.12
C ALA A 235 35.97 37.57 39.19
N ALA A 236 36.59 38.63 38.66
CA ALA A 236 38.03 38.75 38.69
C ALA A 236 38.52 38.94 40.12
N ASP A 237 39.85 38.89 40.29
CA ASP A 237 40.50 39.02 41.59
C ASP A 237 39.99 37.97 42.57
N SER A 238 39.93 36.73 42.11
CA SER A 238 39.51 35.59 42.91
C SER A 238 40.63 34.56 42.97
N ASP A 239 40.71 33.85 44.11
CA ASP A 239 41.74 32.84 44.29
C ASP A 239 41.60 31.67 43.32
N ASP A 240 40.41 31.46 42.76
CA ASP A 240 40.16 30.37 41.84
C ASP A 240 40.59 30.70 40.41
N GLN A 241 41.09 31.91 40.16
CA GLN A 241 41.46 32.36 38.82
C GLN A 241 40.27 32.27 37.87
N ARG A 242 39.05 32.33 38.42
CA ARG A 242 37.82 32.16 37.65
C ARG A 242 37.83 30.85 36.87
N ARG A 243 38.46 29.83 37.44
CA ARG A 243 38.61 28.53 36.79
C ARG A 243 37.68 27.48 37.37
N LEU A 244 36.68 27.88 38.14
CA LEU A 244 35.73 26.96 38.75
C LEU A 244 34.32 27.41 38.43
N VAL A 245 33.59 26.57 37.70
CA VAL A 245 32.24 26.93 37.28
C VAL A 245 31.30 26.89 38.48
N TYR A 246 30.49 27.93 38.62
CA TYR A 246 29.53 28.03 39.72
C TYR A 246 28.13 28.27 39.18
N TYR A 247 27.20 28.62 40.07
CA TYR A 247 25.87 29.07 39.71
C TYR A 247 25.63 30.44 40.33
N GLU A 248 24.45 31.00 40.07
CA GLU A 248 24.08 32.31 40.58
C GLU A 248 22.57 32.46 40.47
N GLY A 249 22.07 33.66 40.74
CA GLY A 249 20.67 33.98 40.59
C GLY A 249 20.41 34.74 39.31
N GLY A 250 20.28 36.06 39.41
CA GLY A 250 20.06 36.88 38.23
C GLY A 250 20.96 38.09 38.14
N ALA A 251 21.86 38.25 39.11
CA ALA A 251 22.73 39.43 39.13
C ALA A 251 23.81 39.32 38.06
N VAL A 252 24.64 38.27 38.13
CA VAL A 252 25.72 38.10 37.17
C VAL A 252 25.22 37.52 35.85
N CYS A 253 23.98 37.03 35.82
CA CYS A 253 23.42 36.41 34.62
C CYS A 253 23.27 37.39 33.46
N THR A 254 23.39 38.69 33.72
CA THR A 254 23.29 39.71 32.67
C THR A 254 24.62 40.42 32.48
N HIS A 255 25.72 39.68 32.49
CA HIS A 255 27.05 40.24 32.32
C HIS A 255 27.88 39.27 31.48
N ALA A 256 29.14 39.66 31.23
CA ALA A 256 30.01 38.88 30.36
C ALA A 256 30.37 37.52 30.95
N ARG A 257 30.27 37.36 32.27
CA ARG A 257 30.63 36.09 32.89
C ARG A 257 29.68 34.98 32.46
N SER A 258 28.40 35.28 32.33
CA SER A 258 27.37 34.28 32.10
C SER A 258 27.20 33.92 30.63
N LEU A 259 28.17 34.21 29.78
CA LEU A 259 28.06 33.97 28.34
C LEU A 259 29.21 33.08 27.89
N TRP A 260 28.92 32.15 27.00
CA TRP A 260 29.93 31.24 26.47
C TRP A 260 29.82 31.17 24.96
N ARG A 261 30.95 30.91 24.31
CA ARG A 261 31.02 30.78 22.86
C ARG A 261 31.17 29.31 22.50
N LEU A 262 30.37 28.86 21.54
CA LEU A 262 30.31 27.47 21.14
C LEU A 262 30.64 27.35 19.66
N GLU A 263 31.43 26.33 19.31
CA GLU A 263 31.78 26.06 17.93
C GLU A 263 32.04 24.57 17.76
N PRO A 264 31.68 23.99 16.61
CA PRO A 264 31.95 22.57 16.38
C PRO A 264 33.41 22.36 15.98
N LEU A 265 33.79 21.08 15.92
CA LEU A 265 35.16 20.73 15.62
C LEU A 265 35.52 21.00 14.16
N ARG A 266 34.55 20.98 13.27
CA ARG A 266 34.82 21.22 11.85
C ARG A 266 35.11 22.70 11.61
N ILE A 267 35.85 22.96 10.53
CA ILE A 267 36.25 24.32 10.19
C ILE A 267 35.23 24.94 9.26
N SER A 268 35.06 24.36 8.07
CA SER A 268 34.10 24.88 7.11
C SER A 268 32.68 24.51 7.52
N TRP A 269 31.73 25.36 7.14
CA TRP A 269 30.30 25.15 7.40
C TRP A 269 30.01 25.04 8.89
N SER A 270 30.93 25.51 9.75
CA SER A 270 30.74 25.41 11.19
C SER A 270 29.62 26.31 11.70
N GLY A 271 29.32 27.39 10.98
CA GLY A 271 28.25 28.26 11.37
C GLY A 271 26.86 27.71 11.10
N SER A 272 26.79 26.50 10.57
CA SER A 272 25.50 25.88 10.27
C SER A 272 24.77 25.53 11.56
N HIS A 273 23.48 25.22 11.41
CA HIS A 273 22.68 24.79 12.55
C HIS A 273 23.22 23.49 13.11
N LEU A 274 23.17 23.35 14.44
CA LEU A 274 23.69 22.18 15.12
C LEU A 274 22.56 21.27 15.56
N ARG A 275 22.66 19.99 15.24
CA ARG A 275 21.68 19.00 15.63
C ARG A 275 22.01 18.45 17.01
N TRP A 276 21.16 17.57 17.51
CA TRP A 276 21.43 16.89 18.77
C TRP A 276 22.66 16.01 18.64
N GLY A 277 23.48 15.98 19.67
CA GLY A 277 24.66 15.14 19.67
C GLY A 277 25.82 15.65 18.86
N GLN A 278 25.80 16.91 18.43
CA GLN A 278 26.89 17.45 17.64
C GLN A 278 28.06 17.80 18.55
N PRO A 279 29.27 17.28 18.30
CA PRO A 279 30.41 17.63 19.14
C PRO A 279 30.81 19.09 18.98
N LEU A 280 31.32 19.66 20.08
CA LEU A 280 31.71 21.06 20.11
C LEU A 280 32.61 21.30 21.31
N ARG A 281 33.27 22.46 21.31
CA ARG A 281 34.18 22.86 22.37
C ARG A 281 33.77 24.24 22.86
N ILE A 282 33.10 24.29 24.01
CA ILE A 282 32.66 25.56 24.57
C ILE A 282 33.86 26.40 24.95
N ARG A 283 33.85 27.67 24.57
CA ARG A 283 34.88 28.64 24.93
C ARG A 283 34.25 29.77 25.72
N HIS A 284 34.84 30.10 26.87
CA HIS A 284 34.36 31.22 27.66
C HIS A 284 34.73 32.53 26.96
N VAL A 285 33.74 33.41 26.79
CA VAL A 285 33.94 34.61 26.00
C VAL A 285 34.91 35.57 26.67
N THR A 286 34.78 35.75 27.99
CA THR A 286 35.56 36.77 28.68
C THR A 286 37.01 36.32 28.85
N THR A 287 37.22 35.19 29.53
CA THR A 287 38.57 34.72 29.77
C THR A 287 39.25 34.20 28.52
N GLY A 288 38.49 33.87 27.49
CA GLY A 288 39.06 33.30 26.28
C GLY A 288 39.69 31.94 26.49
N ARG A 289 39.04 31.07 27.26
CA ARG A 289 39.55 29.74 27.53
C ARG A 289 38.39 28.74 27.54
N TYR A 290 38.72 27.48 27.28
CA TYR A 290 37.73 26.43 27.15
C TYR A 290 37.46 25.76 28.51
N LEU A 291 36.63 24.74 28.49
CA LEU A 291 36.26 23.98 29.67
C LEU A 291 36.68 22.53 29.51
N ALA A 292 37.23 21.94 30.57
CA ALA A 292 37.67 20.56 30.55
C ALA A 292 37.94 20.11 31.98
N LEU A 293 38.44 18.88 32.11
CA LEU A 293 38.86 18.30 33.37
C LEU A 293 40.23 17.68 33.17
N THR A 294 41.23 18.13 33.91
CA THR A 294 42.60 17.67 33.66
C THR A 294 42.86 16.31 34.29
N GLU A 295 42.90 16.25 35.62
CA GLU A 295 43.03 14.98 36.32
C GLU A 295 41.88 14.73 37.30
N ASP A 296 41.69 15.62 38.27
CA ASP A 296 40.62 15.46 39.25
C ASP A 296 40.00 16.78 39.68
N GLN A 297 40.39 17.91 39.10
CA GLN A 297 39.96 19.21 39.61
C GLN A 297 38.48 19.46 39.37
N GLY A 298 37.83 18.67 38.51
CA GLY A 298 36.47 18.95 38.13
C GLY A 298 36.41 19.78 36.85
N LEU A 299 35.19 20.19 36.52
CA LEU A 299 34.97 21.01 35.33
C LEU A 299 35.60 22.37 35.57
N VAL A 300 36.75 22.62 34.95
CA VAL A 300 37.54 23.81 35.21
C VAL A 300 37.85 24.52 33.90
N VAL A 301 38.10 25.82 34.01
CA VAL A 301 38.51 26.60 32.85
C VAL A 301 39.95 26.25 32.52
N VAL A 302 40.18 25.85 31.27
CA VAL A 302 41.49 25.35 30.84
C VAL A 302 41.98 26.18 29.68
N ASP A 303 43.28 26.46 29.66
CA ASP A 303 43.88 27.18 28.55
C ASP A 303 43.85 26.31 27.30
N ALA A 304 43.88 26.98 26.15
CA ALA A 304 43.77 26.27 24.87
C ALA A 304 44.92 25.31 24.65
N CYS A 305 46.07 25.55 25.29
CA CYS A 305 47.20 24.64 25.15
C CYS A 305 46.86 23.25 25.65
N LYS A 306 46.20 23.16 26.81
CA LYS A 306 45.73 21.88 27.33
C LYS A 306 44.31 21.59 26.89
N ALA A 307 44.06 21.72 25.59
CA ALA A 307 42.76 21.40 24.99
C ALA A 307 43.03 20.53 23.77
N HIS A 308 43.16 19.23 23.98
CA HIS A 308 43.49 18.29 22.93
C HIS A 308 42.26 17.76 22.20
N THR A 309 41.14 18.49 22.26
CA THR A 309 39.88 18.14 21.61
C THR A 309 39.32 16.81 22.08
N LYS A 310 39.82 16.26 23.17
CA LYS A 310 39.31 15.00 23.71
C LYS A 310 38.65 15.20 25.08
N ALA A 311 39.39 15.73 26.05
CA ALA A 311 38.80 16.04 27.34
C ALA A 311 38.06 17.36 27.35
N THR A 312 38.30 18.21 26.33
CA THR A 312 37.61 19.48 26.20
C THR A 312 36.50 19.43 25.17
N SER A 313 36.12 18.24 24.71
CA SER A 313 35.06 18.06 23.73
C SER A 313 33.76 17.72 24.45
N PHE A 314 32.67 18.33 23.98
CA PHE A 314 31.35 18.13 24.57
C PHE A 314 30.31 18.05 23.46
N CYS A 315 29.08 17.74 23.85
CA CYS A 315 27.96 17.69 22.93
C CYS A 315 26.69 17.97 23.72
N PHE A 316 25.53 17.74 23.08
CA PHE A 316 24.26 18.02 23.72
C PHE A 316 23.18 17.15 23.08
N ARG A 317 22.23 16.72 23.91
CA ARG A 317 21.14 15.87 23.46
C ARG A 317 19.99 16.00 24.45
N VAL A 318 18.83 15.46 24.05
CA VAL A 318 17.68 15.43 24.96
C VAL A 318 17.99 14.59 26.18
N SER A 319 18.54 13.40 25.96
CA SER A 319 18.91 12.50 27.05
C SER A 319 20.07 11.63 26.58
N LYS A 320 20.72 10.98 27.54
CA LYS A 320 21.90 10.17 27.27
C LYS A 320 21.69 8.74 27.74
N GLU A 321 20.53 8.17 27.45
CA GLU A 321 20.25 6.78 27.78
C GLU A 321 21.06 5.85 26.88
N LYS A 322 20.91 4.55 27.13
CA LYS A 322 21.71 3.56 26.40
C LYS A 322 21.26 3.44 24.95
N LEU A 323 21.90 4.20 24.07
CA LEU A 323 21.62 4.15 22.64
C LEU A 323 22.65 3.24 21.97
N ASP A 324 22.59 3.18 20.64
CA ASP A 324 23.54 2.38 19.86
C ASP A 324 24.82 3.14 19.56
N THR A 325 24.95 4.38 20.04
CA THR A 325 26.13 5.22 19.78
C THR A 325 26.35 5.40 18.28
N ALA A 326 25.30 5.82 17.58
CA ALA A 326 25.38 6.06 16.15
C ALA A 326 24.93 7.48 15.84
N PRO A 327 25.40 8.48 16.60
CA PRO A 327 25.08 9.88 16.30
C PRO A 327 26.14 10.62 15.50
N LYS A 328 27.23 9.96 15.12
CA LYS A 328 28.30 10.60 14.36
C LYS A 328 28.05 10.43 12.87
N ARG A 329 27.92 11.55 12.16
CA ARG A 329 27.72 11.53 10.73
C ARG A 329 28.14 12.88 10.16
N ASP A 330 28.77 12.85 8.99
CA ASP A 330 29.25 14.08 8.36
C ASP A 330 28.06 14.94 7.93
N VAL A 331 28.21 16.25 8.06
CA VAL A 331 27.19 17.21 7.64
C VAL A 331 27.83 18.20 6.68
N GLU A 332 27.13 18.50 5.60
CA GLU A 332 27.58 19.49 4.62
C GLU A 332 26.52 20.53 4.29
N GLY A 333 25.24 20.14 4.25
CA GLY A 333 24.17 21.08 3.97
C GLY A 333 23.77 21.90 5.18
N MET A 334 22.93 22.89 4.92
CA MET A 334 22.43 23.75 6.00
C MET A 334 21.61 22.94 7.00
N GLY A 335 20.70 22.10 6.51
CA GLY A 335 19.83 21.34 7.37
C GLY A 335 18.74 22.21 7.97
N PRO A 336 17.60 21.61 8.25
CA PRO A 336 16.48 22.37 8.85
C PRO A 336 16.69 22.57 10.34
N PRO A 337 16.89 23.80 10.78
CA PRO A 337 17.02 24.05 12.22
C PRO A 337 15.71 23.81 12.93
N GLU A 338 15.79 23.18 14.10
CA GLU A 338 14.60 22.78 14.84
C GLU A 338 14.63 23.13 16.32
N ILE A 339 15.80 23.39 16.91
CA ILE A 339 15.88 23.67 18.33
C ILE A 339 15.57 25.15 18.57
N LYS A 340 14.55 25.41 19.37
CA LYS A 340 14.10 26.76 19.65
C LYS A 340 14.72 27.26 20.94
N TYR A 341 14.26 28.41 21.43
CA TYR A 341 14.74 29.00 22.67
C TYR A 341 13.62 28.93 23.70
N GLY A 342 13.94 28.39 24.88
CA GLY A 342 12.96 28.19 25.92
C GLY A 342 12.22 26.88 25.85
N GLU A 343 12.43 26.08 24.80
CA GLU A 343 11.78 24.79 24.67
C GLU A 343 12.73 23.67 24.24
N SER A 344 13.96 23.99 23.83
CA SER A 344 14.88 22.95 23.39
C SER A 344 15.23 21.98 24.51
N LEU A 345 15.45 22.50 25.72
CA LEU A 345 15.74 21.68 26.89
C LEU A 345 16.94 20.76 26.66
N CYS A 346 17.96 21.28 25.99
CA CYS A 346 19.15 20.50 25.71
C CYS A 346 19.96 20.24 26.97
N PHE A 347 20.61 19.07 27.01
CA PHE A 347 21.45 18.68 28.13
C PHE A 347 22.84 18.36 27.60
N VAL A 348 23.87 18.91 28.25
CA VAL A 348 25.26 18.78 27.80
C VAL A 348 25.91 17.64 28.57
N GLN A 349 26.71 16.84 27.86
CA GLN A 349 27.36 15.67 28.44
C GLN A 349 28.72 15.48 27.79
N HIS A 350 29.72 15.14 28.59
CA HIS A 350 31.08 14.97 28.08
C HIS A 350 31.15 13.73 27.20
N VAL A 351 31.64 13.92 25.97
CA VAL A 351 31.65 12.82 25.00
C VAL A 351 32.63 11.73 25.43
N ALA A 352 33.82 12.12 25.88
CA ALA A 352 34.82 11.13 26.28
C ALA A 352 34.38 10.37 27.53
N SER A 353 33.87 11.09 28.54
CA SER A 353 33.50 10.45 29.79
C SER A 353 32.20 9.65 29.64
N GLY A 354 31.24 10.19 28.91
CA GLY A 354 29.95 9.53 28.75
C GLY A 354 28.98 9.74 29.89
N LEU A 355 29.31 10.57 30.87
CA LEU A 355 28.46 10.81 32.03
C LEU A 355 27.78 12.17 31.93
N TRP A 356 26.60 12.26 32.54
CA TRP A 356 25.84 13.50 32.51
C TRP A 356 26.56 14.59 33.29
N LEU A 357 26.47 15.83 32.81
CA LEU A 357 27.09 16.97 33.46
C LEU A 357 26.01 17.72 34.23
N THR A 358 26.01 17.55 35.55
CA THR A 358 25.01 18.15 36.42
C THR A 358 25.70 18.94 37.53
N TYR A 359 24.89 19.65 38.31
CA TYR A 359 25.40 20.37 39.46
C TYR A 359 25.86 19.41 40.54
N ALA A 360 26.81 19.86 41.36
CA ALA A 360 27.30 19.06 42.47
C ALA A 360 26.44 19.20 43.73
N ALA A 361 25.39 20.01 43.68
CA ALA A 361 24.47 20.23 44.79
C ALA A 361 25.22 20.67 46.04
N PRO A 362 26.17 21.59 45.93
CA PRO A 362 26.87 22.07 47.12
C PRO A 362 25.94 22.87 48.02
N ASP A 363 26.24 22.79 49.32
CA ASP A 363 25.49 23.53 50.34
C ASP A 363 26.46 24.26 51.26
N PRO A 364 27.24 25.20 50.71
CA PRO A 364 28.17 25.96 51.57
C PRO A 364 27.43 26.94 52.45
N LYS A 365 28.03 27.26 53.59
CA LYS A 365 27.44 28.23 54.50
C LYS A 365 27.40 29.61 53.87
N ALA A 366 28.49 30.03 53.23
CA ALA A 366 28.53 31.35 52.59
C ALA A 366 27.57 31.42 51.40
N LEU A 367 27.52 30.35 50.60
CA LEU A 367 26.62 30.35 49.45
C LEU A 367 25.17 30.40 49.89
N ARG A 368 24.80 29.62 50.90
CA ARG A 368 23.43 29.64 51.40
C ARG A 368 23.09 30.99 52.02
N LEU A 369 24.01 31.55 52.80
CA LEU A 369 23.76 32.84 53.46
C LEU A 369 23.80 33.98 52.45
N GLY A 370 24.56 33.84 51.37
CA GLY A 370 24.67 34.89 50.37
C GLY A 370 24.14 34.48 49.02
N VAL A 371 25.04 34.28 48.07
CA VAL A 371 24.69 33.90 46.70
C VAL A 371 25.12 32.45 46.49
N LEU A 372 24.19 31.62 46.00
CA LEU A 372 24.48 30.21 45.80
C LEU A 372 25.66 30.02 44.86
N LYS A 373 26.52 29.07 45.19
CA LYS A 373 27.75 28.81 44.44
C LYS A 373 27.96 27.29 44.40
N LYS A 374 27.43 26.66 43.36
CA LYS A 374 27.58 25.22 43.18
C LYS A 374 28.82 24.95 42.32
N LYS A 375 28.97 23.72 41.86
CA LYS A 375 30.10 23.33 41.01
C LYS A 375 29.60 22.37 39.94
N ALA A 376 29.68 22.81 38.68
CA ALA A 376 29.34 21.91 37.58
C ALA A 376 30.36 20.78 37.51
N ILE A 377 29.87 19.55 37.38
CA ILE A 377 30.74 18.39 37.39
C ILE A 377 30.00 17.24 36.72
N LEU A 378 30.74 16.36 36.07
CA LEU A 378 30.13 15.18 35.46
C LEU A 378 29.51 14.29 36.53
N HIS A 379 28.35 13.73 36.22
CA HIS A 379 27.61 12.88 37.15
C HIS A 379 27.23 11.59 36.44
N GLN A 380 27.32 10.48 37.17
CA GLN A 380 27.02 9.18 36.57
C GLN A 380 25.56 9.10 36.11
N GLU A 381 24.65 9.62 36.92
CA GLU A 381 23.24 9.67 36.53
C GLU A 381 22.64 11.06 36.66
N GLY A 382 23.02 11.82 37.68
CA GLY A 382 22.49 13.15 37.86
C GLY A 382 21.10 13.16 38.46
N HIS A 383 20.50 14.33 38.45
CA HIS A 383 19.15 14.55 38.96
C HIS A 383 18.25 14.98 37.81
N MET A 384 17.11 14.31 37.67
CA MET A 384 16.20 14.61 36.57
C MET A 384 15.35 15.84 36.86
N ASP A 385 15.99 16.95 37.25
CA ASP A 385 15.27 18.21 37.44
C ASP A 385 16.03 19.41 36.92
N ASP A 386 17.24 19.25 36.40
CA ASP A 386 18.06 20.38 35.97
C ASP A 386 17.92 20.58 34.46
N ALA A 387 16.72 21.01 34.07
CA ALA A 387 16.47 21.34 32.68
C ALA A 387 17.17 22.64 32.29
N LEU A 388 17.46 22.79 31.01
CA LEU A 388 18.20 23.93 30.49
C LEU A 388 17.40 24.60 29.39
N PHE A 389 16.86 25.78 29.68
CA PHE A 389 16.23 26.62 28.67
C PHE A 389 17.08 27.87 28.48
N LEU A 390 17.21 28.29 27.23
CA LEU A 390 18.14 29.35 26.85
C LEU A 390 17.40 30.47 26.12
N THR A 391 17.89 31.70 26.30
CA THR A 391 17.20 32.87 25.77
C THR A 391 18.09 33.72 24.89
N ARG A 392 17.61 34.92 24.53
CA ARG A 392 18.32 35.79 23.61
C ARG A 392 19.34 36.65 24.35
N CYS A 393 20.57 36.67 23.84
CA CYS A 393 21.58 37.65 24.25
C CYS A 393 22.37 38.00 22.99
N GLN A 394 21.91 39.02 22.27
CA GLN A 394 22.51 39.45 21.02
C GLN A 394 22.50 40.97 20.98
N GLN A 395 23.67 41.57 20.92
CA GLN A 395 23.84 43.01 20.92
C GLN A 395 25.30 43.31 20.62
N GLU A 396 25.68 44.58 20.69
CA GLU A 396 27.08 44.96 20.67
C GLU A 396 27.82 44.51 21.93
N GLU A 397 27.09 44.05 22.95
CA GLU A 397 27.74 43.59 24.17
C GLU A 397 28.69 42.43 23.91
N SER A 398 28.45 41.65 22.85
CA SER A 398 29.42 40.64 22.46
C SER A 398 30.73 41.29 22.04
N GLN A 399 30.65 42.37 21.26
CA GLN A 399 31.85 43.13 20.91
C GLN A 399 32.47 43.73 22.16
N ALA A 400 31.65 44.14 23.11
CA ALA A 400 32.18 44.66 24.37
C ALA A 400 32.98 43.59 25.11
N ALA A 401 32.46 42.36 25.15
CA ALA A 401 33.16 41.28 25.82
C ALA A 401 34.46 40.94 25.11
N ARG A 402 34.44 40.89 23.77
CA ARG A 402 35.68 40.65 23.05
C ARG A 402 36.69 41.77 23.29
N MET A 403 36.21 43.00 23.36
CA MET A 403 37.07 44.13 23.71
C MET A 403 37.67 43.95 25.09
N ILE A 404 36.85 43.47 26.04
CA ILE A 404 37.34 43.22 27.39
C ILE A 404 38.48 42.22 27.35
N HIS A 405 38.29 41.12 26.63
CA HIS A 405 39.32 40.08 26.57
C HIS A 405 40.60 40.62 25.94
N SER A 406 40.48 41.33 24.81
CA SER A 406 41.66 41.84 24.15
C SER A 406 42.37 42.89 24.99
N THR A 407 41.61 43.77 25.63
CA THR A 407 42.21 44.80 26.49
C THR A 407 42.93 44.18 27.67
N ALA A 408 42.33 43.16 28.29
CA ALA A 408 43.00 42.48 29.40
C ALA A 408 44.27 41.81 28.93
N GLY A 409 44.22 41.13 27.78
CA GLY A 409 45.40 40.47 27.25
C GLY A 409 46.54 41.45 26.96
N LEU A 410 46.20 42.62 26.43
CA LEU A 410 47.23 43.61 26.16
C LEU A 410 47.76 44.24 27.45
N TYR A 411 46.85 44.59 28.36
CA TYR A 411 47.26 45.33 29.55
C TYR A 411 48.06 44.47 30.51
N ASN A 412 47.73 43.18 30.61
CA ASN A 412 48.47 42.31 31.51
C ASN A 412 49.93 42.20 31.07
N GLN A 413 50.15 41.96 29.77
CA GLN A 413 51.52 41.86 29.28
C GLN A 413 52.22 43.20 29.33
N PHE A 414 51.50 44.30 29.12
CA PHE A 414 52.11 45.61 29.30
C PHE A 414 52.59 45.80 30.73
N ILE A 415 51.76 45.41 31.71
CA ILE A 415 52.12 45.54 33.11
C ILE A 415 53.34 44.67 33.43
N LYS A 416 53.36 43.44 32.92
CA LYS A 416 54.49 42.56 33.18
C LYS A 416 55.78 43.12 32.60
N GLY A 417 55.74 43.55 31.34
CA GLY A 417 56.93 44.12 30.72
C GLY A 417 57.40 45.38 31.42
N LEU A 418 56.46 46.18 31.91
CA LEU A 418 56.84 47.35 32.69
C LEU A 418 57.50 46.97 34.01
N ASP A 419 56.92 46.00 34.71
CA ASP A 419 57.47 45.60 36.01
C ASP A 419 58.79 44.86 35.88
N SER A 420 59.12 44.36 34.69
CA SER A 420 60.37 43.63 34.52
C SER A 420 61.58 44.52 34.83
N PHE A 421 61.57 45.76 34.36
CA PHE A 421 62.69 46.68 34.55
C PHE A 421 62.42 47.71 35.63
N SER A 422 61.60 47.36 36.63
CA SER A 422 61.19 48.32 37.64
C SER A 422 62.38 48.83 38.44
N GLY A 423 63.31 47.94 38.80
CA GLY A 423 64.41 48.33 39.66
C GLY A 423 65.78 47.96 39.16
N LYS A 424 66.00 48.07 37.85
CA LYS A 424 67.29 47.74 37.23
C LYS A 424 67.73 48.90 36.34
N PRO A 425 68.23 49.98 36.94
CA PRO A 425 68.70 51.11 36.13
C PRO A 425 69.91 50.74 35.28
N ARG A 426 69.73 50.72 33.97
CA ARG A 426 70.80 50.37 33.05
C ARG A 426 71.69 51.59 32.77
N GLY A 427 72.82 51.33 32.12
CA GLY A 427 73.71 52.39 31.69
C GLY A 427 73.65 52.59 30.19
N SER A 428 74.80 52.56 29.54
CA SER A 428 74.90 52.69 28.08
C SER A 428 75.04 51.30 27.50
N GLY A 429 73.93 50.74 27.01
CA GLY A 429 73.94 49.41 26.44
C GLY A 429 72.54 48.87 26.26
N PRO A 430 72.33 47.61 26.62
CA PRO A 430 71.00 47.01 26.50
C PRO A 430 70.06 47.54 27.57
N PRO A 431 69.01 48.27 27.19
CA PRO A 431 68.14 48.85 28.21
C PRO A 431 67.23 47.83 28.87
N ALA A 432 66.75 46.85 28.13
CA ALA A 432 65.85 45.83 28.65
C ALA A 432 65.90 44.62 27.74
N GLY A 433 64.94 43.71 27.90
CA GLY A 433 64.84 42.55 27.06
C GLY A 433 63.80 42.71 25.98
N PRO A 434 62.62 42.13 26.20
CA PRO A 434 61.52 42.32 25.23
C PRO A 434 61.12 43.77 25.12
N ALA A 435 60.75 44.18 23.91
CA ALA A 435 60.38 45.56 23.67
C ALA A 435 59.03 45.89 24.30
N LEU A 436 58.82 47.17 24.58
CA LEU A 436 57.56 47.63 25.15
C LEU A 436 56.55 47.89 24.05
N PRO A 437 55.39 47.24 24.05
CA PRO A 437 54.36 47.57 23.06
C PRO A 437 53.75 48.93 23.34
N ILE A 438 54.12 49.93 22.54
CA ILE A 438 53.72 51.31 22.76
C ILE A 438 52.63 51.73 21.78
N GLU A 439 52.87 51.58 20.48
CA GLU A 439 51.85 51.90 19.49
C GLU A 439 50.65 50.97 19.64
N ALA A 440 50.90 49.68 19.88
CA ALA A 440 49.83 48.71 20.03
C ALA A 440 48.94 49.01 21.23
N VAL A 441 49.45 49.74 22.21
CA VAL A 441 48.60 50.13 23.33
C VAL A 441 48.07 51.55 23.16
N ILE A 442 48.79 52.42 22.46
CA ILE A 442 48.27 53.77 22.19
C ILE A 442 47.03 53.70 21.32
N LEU A 443 47.05 52.84 20.29
CA LEU A 443 45.88 52.69 19.44
C LEU A 443 44.69 52.17 20.24
N SER A 444 44.93 51.19 21.12
CA SER A 444 43.85 50.68 21.96
C SER A 444 43.30 51.77 22.88
N LEU A 445 44.18 52.60 23.45
CA LEU A 445 43.74 53.69 24.29
C LEU A 445 42.85 54.66 23.53
N GLN A 446 43.28 55.03 22.32
CA GLN A 446 42.49 55.99 21.53
C GLN A 446 41.15 55.38 21.11
N ASP A 447 41.16 54.10 20.73
CA ASP A 447 39.91 53.44 20.35
C ASP A 447 38.95 53.36 21.52
N LEU A 448 39.46 53.07 22.72
CA LEU A 448 38.60 53.03 23.90
C LEU A 448 38.10 54.42 24.27
N ILE A 449 38.93 55.45 24.07
CA ILE A 449 38.49 56.82 24.32
C ILE A 449 37.34 57.17 23.40
N GLY A 450 37.47 56.82 22.11
CA GLY A 450 36.38 57.07 21.18
C GLY A 450 35.16 56.20 21.44
N TYR A 451 35.37 55.04 22.05
CA TYR A 451 34.27 54.14 22.34
C TYR A 451 33.28 54.77 23.30
N PHE A 452 33.78 55.46 24.33
CA PHE A 452 32.94 55.99 25.40
C PHE A 452 32.65 57.48 25.24
N GLU A 453 32.57 57.95 24.01
CA GLU A 453 32.29 59.37 23.78
C GLU A 453 30.86 59.69 24.18
N PRO A 454 30.63 60.69 25.02
CA PRO A 454 29.26 61.03 25.40
C PRO A 454 28.48 61.56 24.21
N PRO A 455 27.17 61.35 24.16
CA PRO A 455 26.38 61.83 23.03
C PRO A 455 26.34 63.35 22.99
N SER A 456 26.20 63.87 21.77
CA SER A 456 26.13 65.31 21.56
C SER A 456 24.76 65.82 21.95
N GLU A 457 24.72 66.92 22.73
CA GLU A 457 23.46 67.46 23.21
C GLU A 457 22.60 68.02 22.08
N GLU A 458 23.19 68.26 20.91
CA GLU A 458 22.41 68.76 19.79
C GLU A 458 21.42 67.74 19.23
N LEU A 459 21.53 66.48 19.66
CA LEU A 459 20.64 65.44 19.15
C LEU A 459 19.23 65.62 19.70
N GLN A 460 18.30 64.85 19.14
CA GLN A 460 16.93 64.87 19.62
C GLN A 460 16.84 64.21 20.99
N HIS A 461 15.72 64.44 21.67
CA HIS A 461 15.59 64.00 23.06
C HIS A 461 15.63 62.49 23.18
N GLU A 462 14.80 61.78 22.42
CA GLU A 462 14.69 60.34 22.57
C GLU A 462 15.99 59.64 22.16
N GLU A 463 16.63 60.12 21.08
CA GLU A 463 17.90 59.53 20.66
C GLU A 463 18.96 59.74 21.72
N LYS A 464 19.01 60.93 22.32
CA LYS A 464 19.96 61.18 23.38
C LYS A 464 19.71 60.28 24.57
N GLN A 465 18.44 60.09 24.95
CA GLN A 465 18.11 59.22 26.07
C GLN A 465 18.57 57.80 25.79
N SER A 466 18.26 57.28 24.60
CA SER A 466 18.64 55.91 24.27
C SER A 466 20.17 55.76 24.26
N LYS A 467 20.88 56.73 23.67
CA LYS A 467 22.33 56.64 23.61
C LYS A 467 22.95 56.69 25.00
N LEU A 468 22.45 57.57 25.88
CA LEU A 468 23.03 57.65 27.21
C LEU A 468 22.70 56.40 28.02
N ARG A 469 21.51 55.83 27.84
CA ARG A 469 21.20 54.57 28.51
C ARG A 469 22.12 53.46 28.05
N SER A 470 22.38 53.39 26.74
CA SER A 470 23.31 52.39 26.23
C SER A 470 24.71 52.60 26.78
N LEU A 471 25.15 53.86 26.87
CA LEU A 471 26.46 54.14 27.43
C LEU A 471 26.55 53.71 28.89
N ARG A 472 25.51 54.00 29.67
CA ARG A 472 25.49 53.57 31.07
C ARG A 472 25.52 52.05 31.18
N ASN A 473 24.76 51.37 30.32
CA ASN A 473 24.75 49.91 30.34
C ASN A 473 26.14 49.35 30.02
N ARG A 474 26.81 49.92 29.02
CA ARG A 474 28.15 49.45 28.69
C ARG A 474 29.14 49.75 29.82
N GLN A 475 28.99 50.90 30.47
CA GLN A 475 29.84 51.21 31.61
C GLN A 475 29.65 50.21 32.73
N SER A 476 28.39 49.86 33.03
CA SER A 476 28.13 48.86 34.07
C SER A 476 28.67 47.50 33.68
N LEU A 477 28.55 47.14 32.40
CA LEU A 477 29.11 45.88 31.93
C LEU A 477 30.62 45.84 32.12
N PHE A 478 31.31 46.95 31.80
CA PHE A 478 32.74 47.01 32.03
C PHE A 478 33.08 46.92 33.50
N GLN A 479 32.31 47.60 34.35
CA GLN A 479 32.63 47.64 35.77
C GLN A 479 32.32 46.34 36.50
N GLU A 480 31.39 45.53 35.97
CA GLU A 480 31.11 44.24 36.61
C GLU A 480 32.33 43.34 36.56
N GLU A 481 33.02 43.31 35.43
CA GLU A 481 34.33 42.67 35.34
C GLU A 481 35.43 43.56 35.91
N GLY A 482 35.09 44.79 36.30
CA GLY A 482 36.03 45.75 36.85
C GLY A 482 36.76 46.57 35.81
N MET A 483 37.80 46.02 35.20
CA MET A 483 38.63 46.71 34.23
C MET A 483 38.98 48.14 34.66
N LEU A 484 39.08 48.37 35.95
CA LEU A 484 39.46 49.66 36.48
C LEU A 484 40.59 49.57 37.48
N SER A 485 40.62 48.51 38.30
CA SER A 485 41.71 48.35 39.26
C SER A 485 43.04 48.21 38.55
N LEU A 486 43.09 47.42 37.48
CA LEU A 486 44.32 47.31 36.70
C LEU A 486 44.67 48.64 36.04
N VAL A 487 43.66 49.45 35.70
CA VAL A 487 43.93 50.78 35.17
C VAL A 487 44.63 51.63 36.23
N LEU A 488 44.13 51.59 37.46
CA LEU A 488 44.75 52.35 38.54
C LEU A 488 46.16 51.86 38.81
N ASN A 489 46.38 50.54 38.76
CA ASN A 489 47.73 50.01 38.92
C ASN A 489 48.64 50.50 37.81
N CYS A 490 48.13 50.54 36.57
CA CYS A 490 48.92 51.06 35.47
C CYS A 490 49.30 52.52 35.70
N ILE A 491 48.36 53.33 36.19
CA ILE A 491 48.69 54.72 36.52
C ILE A 491 49.78 54.77 37.57
N ASP A 492 49.61 54.01 38.65
CA ASP A 492 50.53 54.09 39.79
C ASP A 492 51.93 53.67 39.39
N ARG A 493 52.04 52.64 38.55
CA ARG A 493 53.36 52.17 38.13
C ARG A 493 54.10 53.25 37.33
N LEU A 494 53.40 53.96 36.47
CA LEU A 494 53.98 55.10 35.76
C LEU A 494 53.98 56.37 36.59
N ASN A 495 53.35 56.37 37.75
CA ASN A 495 53.12 57.63 38.46
C ASN A 495 54.40 58.18 39.07
N VAL A 496 55.26 57.32 39.61
CA VAL A 496 56.41 57.79 40.42
C VAL A 496 57.55 58.03 39.43
N TYR A 497 57.48 59.17 38.76
CA TYR A 497 58.55 59.66 37.89
C TYR A 497 58.35 61.16 37.77
N THR A 498 59.20 61.95 38.44
CA THR A 498 58.98 63.38 38.52
C THR A 498 59.28 64.08 37.20
N THR A 499 60.41 63.73 36.58
CA THR A 499 60.87 64.46 35.39
C THR A 499 60.93 63.60 34.13
N ALA A 500 61.17 62.30 34.26
CA ALA A 500 61.24 61.33 33.17
C ALA A 500 62.43 61.54 32.26
N ALA A 501 63.23 62.59 32.46
CA ALA A 501 64.46 62.74 31.69
C ALA A 501 65.43 61.61 32.00
N HIS A 502 65.58 61.27 33.27
CA HIS A 502 66.32 60.10 33.71
C HIS A 502 65.47 59.10 34.48
N PHE A 503 64.37 59.53 35.08
CA PHE A 503 63.50 58.60 35.78
C PHE A 503 62.84 57.63 34.80
N ALA A 504 62.39 58.12 33.65
CA ALA A 504 61.90 57.23 32.60
C ALA A 504 63.04 56.57 31.83
N GLU A 505 64.29 56.97 32.07
CA GLU A 505 65.44 56.34 31.46
C GLU A 505 65.80 55.06 32.23
N TYR A 506 64.80 54.18 32.34
CA TYR A 506 64.99 52.82 32.85
C TYR A 506 64.83 51.76 31.78
N ALA A 507 63.99 52.00 30.78
CA ALA A 507 63.93 51.19 29.57
C ALA A 507 64.68 51.82 28.42
N GLY A 508 65.59 52.76 28.72
CA GLY A 508 66.32 53.46 27.68
C GLY A 508 65.45 54.50 26.99
N GLU A 509 65.84 54.82 25.76
CA GLU A 509 65.07 55.73 24.93
C GLU A 509 63.88 54.96 24.33
N GLU A 510 63.19 55.59 23.38
CA GLU A 510 62.03 55.02 22.70
C GLU A 510 60.87 54.70 23.65
N ALA A 511 60.96 55.10 24.90
CA ALA A 511 59.86 54.95 25.84
C ALA A 511 59.51 56.24 26.56
N ALA A 512 60.50 57.07 26.88
CA ALA A 512 60.23 58.32 27.57
C ALA A 512 59.51 59.33 26.69
N GLU A 513 59.67 59.22 25.37
CA GLU A 513 59.01 60.17 24.47
C GLU A 513 57.49 60.06 24.59
N SER A 514 56.97 58.86 24.69
CA SER A 514 55.53 58.62 24.73
C SER A 514 54.98 58.57 26.14
N TRP A 515 55.79 58.83 27.17
CA TRP A 515 55.33 58.67 28.54
C TRP A 515 54.23 59.68 28.87
N LYS A 516 54.44 60.95 28.51
CA LYS A 516 53.43 61.97 28.78
C LYS A 516 52.13 61.66 28.05
N GLU A 517 52.23 61.27 26.79
CA GLU A 517 51.03 60.94 26.02
C GLU A 517 50.31 59.76 26.64
N ILE A 518 51.05 58.73 27.07
CA ILE A 518 50.43 57.55 27.63
C ILE A 518 49.71 57.88 28.93
N VAL A 519 50.35 58.65 29.81
CA VAL A 519 49.71 58.95 31.08
C VAL A 519 48.50 59.86 30.87
N ASN A 520 48.60 60.82 29.94
CA ASN A 520 47.44 61.66 29.65
C ASN A 520 46.29 60.83 29.09
N LEU A 521 46.58 59.91 28.18
CA LEU A 521 45.53 59.06 27.62
C LEU A 521 44.89 58.20 28.69
N LEU A 522 45.70 57.68 29.63
CA LEU A 522 45.14 56.92 30.74
C LEU A 522 44.20 57.78 31.56
N TYR A 523 44.59 59.02 31.85
CA TYR A 523 43.74 59.91 32.64
C TYR A 523 42.42 60.17 31.91
N GLU A 524 42.49 60.46 30.62
CA GLU A 524 41.26 60.69 29.86
C GLU A 524 40.39 59.45 29.82
N LEU A 525 41.00 58.28 29.66
CA LEU A 525 40.23 57.04 29.60
C LEU A 525 39.48 56.81 30.89
N LEU A 526 40.16 56.92 32.03
CA LEU A 526 39.48 56.69 33.30
C LEU A 526 38.41 57.74 33.54
N ALA A 527 38.70 59.01 33.21
CA ALA A 527 37.72 60.07 33.40
C ALA A 527 36.47 59.81 32.58
N SER A 528 36.64 59.42 31.33
CA SER A 528 35.49 59.11 30.50
C SER A 528 34.74 57.88 31.01
N LEU A 529 35.47 56.90 31.53
CA LEU A 529 34.82 55.69 32.02
C LEU A 529 33.98 55.96 33.25
N ILE A 530 34.42 56.87 34.13
CA ILE A 530 33.65 57.14 35.35
C ILE A 530 32.52 58.14 35.12
N ARG A 531 32.52 58.83 33.97
CA ARG A 531 31.57 59.91 33.73
C ARG A 531 30.14 59.44 33.89
N GLY A 532 29.33 60.26 34.55
CA GLY A 532 27.90 60.01 34.64
C GLY A 532 27.42 58.92 35.58
N ASN A 533 28.03 57.74 35.51
CA ASN A 533 27.55 56.60 36.30
C ASN A 533 27.66 56.90 37.78
N ARG A 534 26.66 56.43 38.53
CA ARG A 534 26.63 56.65 39.97
C ARG A 534 27.42 55.58 40.73
N ALA A 535 27.34 54.32 40.32
CA ALA A 535 28.04 53.26 41.03
C ALA A 535 29.55 53.42 40.93
N ASN A 536 30.05 53.74 39.74
CA ASN A 536 31.48 53.95 39.57
C ASN A 536 31.96 55.14 40.39
N CYS A 537 31.15 56.19 40.44
CA CYS A 537 31.49 57.34 41.27
C CYS A 537 31.51 56.95 42.75
N ALA A 538 30.54 56.14 43.18
CA ALA A 538 30.42 55.81 44.59
C ALA A 538 31.54 54.89 45.05
N LEU A 539 31.99 53.97 44.19
CA LEU A 539 33.02 53.03 44.62
C LEU A 539 34.36 53.70 44.86
N PHE A 540 34.52 54.97 44.47
CA PHE A 540 35.72 55.74 44.78
C PHE A 540 35.66 56.39 46.16
N SER A 541 34.81 55.89 47.05
CA SER A 541 34.67 56.50 48.37
C SER A 541 35.96 56.37 49.17
N THR A 542 36.64 55.23 49.06
CA THR A 542 37.81 54.95 49.89
C THR A 542 39.11 55.43 49.26
N ASN A 543 39.06 56.08 48.10
CA ASN A 543 40.29 56.43 47.38
C ASN A 543 40.37 57.91 47.01
N LEU A 544 39.51 58.76 47.58
CA LEU A 544 39.59 60.19 47.27
C LEU A 544 40.93 60.76 47.71
N ASP A 545 41.41 60.35 48.88
CA ASP A 545 42.74 60.77 49.31
C ASP A 545 43.80 60.29 48.34
N TRP A 546 43.67 59.05 47.85
CA TRP A 546 44.60 58.56 46.84
C TRP A 546 44.53 59.40 45.56
N VAL A 547 43.32 59.79 45.17
CA VAL A 547 43.17 60.59 43.96
C VAL A 547 43.87 61.93 44.11
N VAL A 548 43.65 62.60 45.24
CA VAL A 548 44.27 63.91 45.45
C VAL A 548 45.76 63.78 45.74
N SER A 549 46.23 62.58 46.10
CA SER A 549 47.63 62.43 46.48
C SER A 549 48.56 62.63 45.29
N LYS A 550 48.23 62.03 44.14
CA LYS A 550 49.17 62.01 43.03
C LYS A 550 49.50 63.41 42.53
N LEU A 551 48.52 64.10 41.98
CA LEU A 551 48.59 65.52 41.60
C LEU A 551 49.99 65.90 41.12
N ASP A 552 50.43 65.22 40.07
CA ASP A 552 51.84 65.18 39.68
C ASP A 552 52.41 66.52 39.23
N ARG A 553 51.56 67.56 39.19
CA ARG A 553 52.00 68.95 39.01
C ARG A 553 52.49 69.26 37.60
N LEU A 554 52.65 68.24 36.76
CA LEU A 554 53.25 68.45 35.44
C LEU A 554 52.50 67.80 34.29
N GLU A 555 51.69 66.77 34.52
CA GLU A 555 51.01 66.08 33.44
C GLU A 555 49.52 65.87 33.69
N ALA A 556 48.99 66.33 34.83
CA ALA A 556 47.58 66.13 35.13
C ALA A 556 46.94 67.38 35.71
N SER A 557 47.54 68.55 35.53
CA SER A 557 46.96 69.78 36.05
C SER A 557 45.58 70.03 35.45
N SER A 558 45.45 69.82 34.14
CA SER A 558 44.16 69.90 33.47
C SER A 558 43.49 68.54 33.31
N GLY A 559 44.21 67.45 33.55
CA GLY A 559 43.63 66.13 33.35
C GLY A 559 42.98 65.55 34.59
N ILE A 560 43.73 65.49 35.69
CA ILE A 560 43.17 64.92 36.92
C ILE A 560 42.16 65.86 37.57
N LEU A 561 42.24 67.15 37.29
CA LEU A 561 41.22 68.06 37.78
C LEU A 561 39.86 67.71 37.20
N GLU A 562 39.84 67.31 35.93
CA GLU A 562 38.58 66.93 35.29
C GLU A 562 37.97 65.71 35.98
N VAL A 563 38.77 64.69 36.26
CA VAL A 563 38.21 63.50 36.91
C VAL A 563 37.82 63.81 38.34
N LEU A 564 38.55 64.71 39.01
CA LEU A 564 38.12 65.13 40.35
C LEU A 564 36.77 65.81 40.29
N TYR A 565 36.55 66.66 39.29
CA TYR A 565 35.26 67.31 39.15
C TYR A 565 34.16 66.30 38.84
N CYS A 566 34.47 65.33 37.97
CA CYS A 566 33.48 64.32 37.63
C CYS A 566 33.08 63.49 38.84
N VAL A 567 34.07 63.10 39.66
CA VAL A 567 33.79 62.27 40.82
C VAL A 567 33.12 63.03 41.95
N LEU A 568 33.06 64.36 41.86
CA LEU A 568 32.51 65.19 42.93
C LEU A 568 31.07 65.60 42.67
N ILE A 569 30.41 65.01 41.68
CA ILE A 569 29.03 65.35 41.33
C ILE A 569 28.12 64.13 41.40
N GLU A 570 28.53 63.03 40.76
CA GLU A 570 27.65 61.87 40.64
C GLU A 570 27.44 61.12 41.95
N SER A 571 28.22 61.42 42.99
CA SER A 571 28.08 60.76 44.29
C SER A 571 28.04 61.80 45.39
N PRO A 572 26.84 62.22 45.80
CA PRO A 572 26.73 63.24 46.86
C PRO A 572 27.30 62.81 48.20
N GLU A 573 27.40 61.51 48.47
CA GLU A 573 27.85 61.07 49.78
C GLU A 573 29.35 61.24 49.97
N VAL A 574 30.13 61.16 48.89
CA VAL A 574 31.58 61.32 48.99
C VAL A 574 31.95 62.70 49.49
N LEU A 575 31.07 63.69 49.35
CA LEU A 575 31.37 65.04 49.80
C LEU A 575 31.56 65.14 51.30
N ASN A 576 31.17 64.12 52.07
CA ASN A 576 31.18 64.20 53.52
C ASN A 576 32.31 63.38 54.16
N ILE A 577 33.43 63.23 53.45
CA ILE A 577 34.58 62.52 54.01
C ILE A 577 35.84 63.36 53.88
N ILE A 578 35.68 64.68 53.86
CA ILE A 578 36.82 65.58 53.71
C ILE A 578 37.37 65.93 55.08
N GLN A 579 38.70 66.02 55.17
CA GLN A 579 39.40 66.23 56.44
C GLN A 579 40.23 67.52 56.43
N GLU A 580 39.82 68.49 55.60
CA GLU A 580 40.37 69.84 55.61
C GLU A 580 41.78 69.92 55.07
N ASN A 581 42.43 68.78 54.82
CA ASN A 581 43.72 68.79 54.17
C ASN A 581 43.58 68.89 52.66
N HIS A 582 42.56 68.25 52.10
CA HIS A 582 42.32 68.31 50.66
C HIS A 582 41.99 69.72 50.22
N ILE A 583 41.26 70.47 51.06
CA ILE A 583 40.98 71.87 50.75
C ILE A 583 42.27 72.66 50.68
N LYS A 584 43.19 72.42 51.62
CA LYS A 584 44.47 73.11 51.59
C LYS A 584 45.25 72.76 50.32
N SER A 585 45.26 71.48 49.95
CA SER A 585 45.97 71.08 48.74
C SER A 585 45.37 71.74 47.50
N ILE A 586 44.04 71.81 47.43
CA ILE A 586 43.39 72.39 46.27
C ILE A 586 43.68 73.89 46.18
N ILE A 587 43.64 74.59 47.32
CA ILE A 587 43.95 76.01 47.31
C ILE A 587 45.40 76.23 46.92
N SER A 588 46.30 75.35 47.38
CA SER A 588 47.69 75.43 46.96
C SER A 588 47.82 75.24 45.46
N LEU A 589 47.07 74.30 44.91
CA LEU A 589 47.09 74.09 43.45
C LEU A 589 46.63 75.33 42.72
N LEU A 590 45.56 75.97 43.21
CA LEU A 590 45.10 77.20 42.59
C LEU A 590 46.17 78.28 42.65
N ASP A 591 46.86 78.39 43.79
CA ASP A 591 47.89 79.42 43.93
C ASP A 591 49.07 79.15 43.02
N LYS A 592 49.46 77.88 42.88
CA LYS A 592 50.66 77.51 42.15
C LYS A 592 50.47 77.45 40.64
N HIS A 593 49.24 77.63 40.15
CA HIS A 593 48.98 77.53 38.72
C HIS A 593 48.19 78.71 38.18
N GLY A 594 48.15 79.81 38.92
CA GLY A 594 47.49 81.01 38.44
C GLY A 594 45.98 80.88 38.48
N ARG A 595 45.34 81.92 37.94
CA ARG A 595 43.87 81.96 37.92
C ARG A 595 43.33 80.90 36.97
N ASN A 596 42.19 80.33 37.34
CA ASN A 596 41.53 79.31 36.54
C ASN A 596 40.11 79.17 37.05
N HIS A 597 39.17 78.97 36.12
CA HIS A 597 37.78 78.83 36.52
C HIS A 597 37.41 77.41 36.91
N LYS A 598 38.21 76.43 36.51
CA LYS A 598 37.91 75.04 36.86
C LYS A 598 37.96 74.82 38.37
N VAL A 599 38.95 75.41 39.03
CA VAL A 599 39.08 75.27 40.47
C VAL A 599 37.88 75.88 41.17
N LEU A 600 37.45 77.06 40.72
CA LEU A 600 36.28 77.69 41.32
C LEU A 600 35.04 76.84 41.09
N ASP A 601 34.91 76.26 39.91
CA ASP A 601 33.76 75.40 39.63
C ASP A 601 33.75 74.18 40.55
N VAL A 602 34.91 73.54 40.74
CA VAL A 602 34.93 72.35 41.58
C VAL A 602 34.69 72.72 43.03
N LEU A 603 35.18 73.88 43.48
CA LEU A 603 34.87 74.33 44.83
C LEU A 603 33.38 74.57 45.01
N CYS A 604 32.74 75.21 44.02
CA CYS A 604 31.30 75.42 44.10
C CYS A 604 30.55 74.10 44.16
N SER A 605 30.99 73.12 43.37
CA SER A 605 30.38 71.79 43.44
C SER A 605 30.56 71.17 44.81
N LEU A 606 31.74 71.34 45.40
CA LEU A 606 32.02 70.76 46.71
C LEU A 606 31.19 71.41 47.81
N CYS A 607 30.85 72.69 47.65
CA CYS A 607 30.14 73.40 48.71
C CYS A 607 28.75 72.80 48.95
N VAL A 608 28.03 72.48 47.88
CA VAL A 608 26.67 71.94 47.98
C VAL A 608 26.57 70.73 47.06
N CYS A 609 26.04 69.63 47.57
CA CYS A 609 25.99 68.40 46.79
C CYS A 609 24.72 68.31 45.94
N ASN A 610 23.56 68.24 46.60
CA ASN A 610 22.29 68.26 45.88
C ASN A 610 21.20 68.65 46.88
N GLY A 611 20.69 69.88 46.77
CA GLY A 611 19.64 70.32 47.65
C GLY A 611 20.13 70.53 49.06
N VAL A 612 20.52 69.45 49.73
CA VAL A 612 21.04 69.52 51.08
C VAL A 612 22.43 70.13 51.03
N ALA A 613 22.71 71.06 51.95
CA ALA A 613 23.99 71.76 52.00
C ALA A 613 24.83 71.20 53.15
N VAL A 614 26.07 70.88 52.85
CA VAL A 614 27.02 70.43 53.86
C VAL A 614 27.70 71.65 54.49
N ARG A 615 27.75 71.68 55.82
CA ARG A 615 28.17 72.87 56.54
C ARG A 615 29.64 72.87 56.92
N SER A 616 30.19 71.70 57.27
CA SER A 616 31.56 71.66 57.76
C SER A 616 32.54 72.17 56.72
N ASN A 617 32.62 71.49 55.58
CA ASN A 617 33.53 71.91 54.52
C ASN A 617 33.21 73.30 54.02
N GLN A 618 31.94 73.71 54.08
CA GLN A 618 31.58 75.07 53.72
C GLN A 618 32.27 76.09 54.62
N ASP A 619 32.21 75.86 55.94
CA ASP A 619 32.89 76.75 56.87
C ASP A 619 34.40 76.67 56.72
N LEU A 620 34.93 75.49 56.40
CA LEU A 620 36.36 75.38 56.12
C LEU A 620 36.76 76.23 54.93
N ILE A 621 35.93 76.22 53.87
CA ILE A 621 36.18 77.05 52.71
C ILE A 621 36.15 78.52 53.10
N THR A 622 35.16 78.92 53.91
CA THR A 622 35.09 80.31 54.34
C THR A 622 36.34 80.73 55.11
N GLU A 623 36.79 79.86 56.03
CA GLU A 623 37.98 80.18 56.81
C GLU A 623 39.22 80.26 55.92
N ASN A 624 39.34 79.36 54.96
CA ASN A 624 40.50 79.35 54.07
C ASN A 624 40.43 80.41 52.98
N LEU A 625 39.27 81.04 52.77
CA LEU A 625 39.21 82.21 51.92
C LEU A 625 40.03 83.32 52.55
N LEU A 626 41.10 83.74 51.87
CA LEU A 626 42.11 84.61 52.44
C LEU A 626 41.50 85.90 52.96
N PRO A 627 41.48 86.12 54.28
CA PRO A 627 41.06 87.41 54.81
C PRO A 627 42.04 88.53 54.51
N GLY A 628 43.22 88.21 53.98
CA GLY A 628 44.14 89.20 53.47
C GLY A 628 43.91 89.58 52.03
N ARG A 629 43.04 88.85 51.33
CA ARG A 629 42.65 89.15 49.95
C ARG A 629 43.85 89.20 49.02
N GLU A 630 44.86 88.37 49.28
CA GLU A 630 46.04 88.32 48.44
C GLU A 630 45.96 87.24 47.36
N LEU A 631 44.84 86.53 47.27
CA LEU A 631 44.64 85.50 46.27
C LEU A 631 43.41 85.71 45.41
N LEU A 632 42.36 86.33 45.93
CA LEU A 632 41.16 86.63 45.17
C LEU A 632 41.02 88.15 45.07
N LEU A 633 40.90 88.64 43.84
CA LEU A 633 40.80 90.08 43.62
C LEU A 633 39.46 90.60 44.09
N GLN A 634 39.47 91.70 44.82
CA GLN A 634 38.28 92.30 45.41
C GLN A 634 38.10 93.72 44.88
N THR A 635 37.12 94.44 45.43
CA THR A 635 36.74 95.74 44.93
C THR A 635 36.16 96.59 46.05
N ASN A 636 36.05 97.88 45.78
CA ASN A 636 35.50 98.87 46.70
C ASN A 636 35.22 100.14 45.92
N LEU A 637 34.90 101.23 46.63
CA LEU A 637 34.61 102.50 46.01
C LEU A 637 35.77 103.48 46.19
N ILE A 638 36.08 104.23 45.15
CA ILE A 638 37.18 105.18 45.15
C ILE A 638 36.72 106.47 44.50
N ASN A 639 37.16 107.60 45.05
CA ASN A 639 36.88 108.91 44.48
C ASN A 639 37.95 109.30 43.48
N TYR A 640 37.58 110.19 42.56
CA TYR A 640 38.51 110.69 41.56
C TYR A 640 39.45 111.74 42.15
N VAL A 641 40.64 111.85 41.56
CA VAL A 641 41.66 112.77 42.02
C VAL A 641 42.12 113.63 40.85
N THR A 642 42.28 114.93 41.09
CA THR A 642 42.74 115.86 40.07
C THR A 642 43.74 116.83 40.67
N SER A 643 44.54 117.44 39.80
CA SER A 643 45.55 118.41 40.20
C SER A 643 45.57 119.55 39.19
N ILE A 644 46.13 120.68 39.61
CA ILE A 644 46.23 121.87 38.78
C ILE A 644 47.70 122.27 38.67
N ARG A 645 48.15 122.54 37.45
CA ARG A 645 49.55 122.86 37.19
C ARG A 645 49.67 124.24 36.55
N PRO A 646 50.02 125.27 37.32
CA PRO A 646 50.32 126.57 36.71
C PRO A 646 51.54 126.48 35.80
N ASN A 647 51.51 127.25 34.72
CA ASN A 647 52.55 127.20 33.69
C ASN A 647 53.80 127.91 34.19
N ILE A 648 54.48 127.28 35.15
CA ILE A 648 55.74 127.77 35.69
C ILE A 648 56.70 126.59 35.76
N PHE A 649 57.92 126.79 35.27
CA PHE A 649 58.92 125.73 35.18
C PHE A 649 60.25 126.24 35.71
N VAL A 650 61.05 125.32 36.25
CA VAL A 650 62.35 125.67 36.79
C VAL A 650 63.22 124.42 36.78
N GLY A 651 64.52 124.62 36.63
CA GLY A 651 65.46 123.50 36.63
C GLY A 651 66.88 124.00 36.75
N ARG A 652 67.77 123.09 37.10
CA ARG A 652 69.18 123.39 37.29
C ARG A 652 69.98 122.82 36.13
N ALA A 653 70.80 123.66 35.51
CA ALA A 653 71.64 123.26 34.40
C ALA A 653 72.84 124.19 34.32
N GLU A 654 73.84 123.80 33.54
CA GLU A 654 75.06 124.59 33.37
C GLU A 654 74.73 125.79 32.50
N GLY A 655 74.11 126.79 33.12
CA GLY A 655 73.71 127.99 32.41
C GLY A 655 72.59 128.73 33.11
N SER A 656 71.57 129.14 32.35
CA SER A 656 70.45 129.86 32.93
C SER A 656 69.68 128.96 33.90
N THR A 657 69.38 129.51 35.08
CA THR A 657 68.68 128.74 36.11
C THR A 657 67.54 129.51 36.78
N GLN A 658 67.40 130.81 36.53
CA GLN A 658 66.33 131.64 37.10
C GLN A 658 66.36 131.63 38.62
N TYR A 659 67.56 131.40 39.20
CA TYR A 659 67.81 131.48 40.63
C TYR A 659 67.10 130.37 41.40
N GLY A 660 66.29 129.58 40.70
CA GLY A 660 65.60 128.43 41.26
C GLY A 660 64.96 128.61 42.63
N LYS A 661 64.41 129.79 42.89
CA LYS A 661 63.77 130.06 44.18
C LYS A 661 62.64 131.05 43.95
N TRP A 662 61.41 130.55 44.03
CA TRP A 662 60.22 131.36 43.79
C TRP A 662 59.23 131.16 44.94
N TYR A 663 58.49 132.22 45.24
CA TYR A 663 57.56 132.22 46.36
C TYR A 663 56.14 132.06 45.86
N PHE A 664 55.38 131.16 46.49
CA PHE A 664 54.01 130.89 46.10
C PHE A 664 53.16 130.76 47.35
N GLU A 665 51.99 131.40 47.35
CA GLU A 665 51.07 131.39 48.48
C GLU A 665 49.75 130.76 48.07
N VAL A 666 49.24 129.86 48.90
CA VAL A 666 47.97 129.18 48.65
C VAL A 666 47.14 129.24 49.92
N MET A 667 45.86 129.59 49.77
CA MET A 667 44.93 129.67 50.89
C MET A 667 43.77 128.72 50.61
N VAL A 668 43.33 128.02 51.64
CA VAL A 668 42.32 126.97 51.52
C VAL A 668 40.99 127.50 52.06
N ASP A 669 39.93 127.25 51.32
CA ASP A 669 38.58 127.63 51.75
C ASP A 669 37.61 126.63 51.13
N GLU A 670 37.22 125.63 51.89
CA GLU A 670 36.31 124.59 51.44
C GLU A 670 35.00 124.65 52.23
N VAL A 671 34.05 123.82 51.82
CA VAL A 671 32.76 123.75 52.51
C VAL A 671 32.38 122.33 52.93
N VAL A 672 33.02 121.29 52.41
CA VAL A 672 32.73 119.92 52.79
C VAL A 672 34.02 119.24 53.23
N PRO A 673 34.42 119.37 54.50
CA PRO A 673 35.65 118.71 54.95
C PRO A 673 35.64 117.21 54.79
N PHE A 674 34.47 116.57 54.95
CA PHE A 674 34.35 115.12 54.82
C PHE A 674 33.12 114.83 53.97
N LEU A 675 33.34 114.41 52.73
CA LEU A 675 32.23 114.10 51.84
C LEU A 675 31.45 112.90 52.35
N THR A 676 30.16 112.85 52.00
CA THR A 676 29.33 111.74 52.42
C THR A 676 29.83 110.41 51.86
N ALA A 677 30.55 110.44 50.74
CA ALA A 677 31.07 109.22 50.15
C ALA A 677 32.28 108.69 50.91
N GLN A 678 33.34 109.49 51.00
CA GLN A 678 34.59 109.06 51.61
C GLN A 678 35.31 110.29 52.13
N ALA A 679 36.59 110.12 52.47
CA ALA A 679 37.41 111.22 52.96
C ALA A 679 37.94 112.04 51.79
N THR A 680 37.77 113.36 51.87
CA THR A 680 38.25 114.25 50.83
C THR A 680 39.77 114.24 50.78
N HIS A 681 40.31 114.26 49.55
CA HIS A 681 41.75 114.22 49.32
C HIS A 681 42.25 115.61 48.99
N LEU A 682 43.34 116.01 49.64
CA LEU A 682 43.93 117.33 49.41
C LEU A 682 45.40 117.29 49.81
N ARG A 683 46.29 117.61 48.88
CA ARG A 683 47.72 117.58 49.13
C ARG A 683 48.41 118.62 48.25
N VAL A 684 49.62 119.00 48.65
CA VAL A 684 50.42 119.98 47.93
C VAL A 684 51.83 119.44 47.78
N GLY A 685 52.50 119.89 46.72
CA GLY A 685 53.86 119.44 46.47
C GLY A 685 54.36 119.89 45.10
N TRP A 686 55.31 119.13 44.56
CA TRP A 686 55.96 119.46 43.30
C TRP A 686 56.05 118.23 42.41
N ALA A 687 56.12 118.47 41.10
CA ALA A 687 56.25 117.42 40.11
C ALA A 687 57.38 117.76 39.15
N LEU A 688 58.03 116.73 38.62
CA LEU A 688 59.27 116.92 37.86
C LEU A 688 59.12 116.56 36.38
N THR A 689 57.98 116.94 35.79
CA THR A 689 57.68 116.80 34.35
C THR A 689 57.86 115.37 33.84
N GLU A 690 57.99 114.43 34.77
CA GLU A 690 58.07 113.03 34.39
C GLU A 690 57.06 112.29 35.27
N GLY A 691 56.42 113.01 36.18
CA GLY A 691 55.46 112.41 37.08
C GLY A 691 54.05 112.76 36.71
N TYR A 692 53.85 113.36 35.54
CA TYR A 692 52.52 113.61 35.09
C TYR A 692 51.79 112.30 35.22
N SER A 693 50.72 112.28 35.99
CA SER A 693 50.03 111.03 36.21
C SER A 693 48.51 111.07 36.23
N PRO A 694 47.91 112.23 36.56
CA PRO A 694 46.46 112.14 36.64
C PRO A 694 45.83 111.59 35.37
N TYR A 695 45.44 110.33 35.45
CA TYR A 695 44.74 109.64 34.36
C TYR A 695 43.47 109.08 34.96
N PRO A 696 42.36 109.82 34.86
CA PRO A 696 41.13 109.42 35.56
C PRO A 696 40.80 107.94 35.40
N GLY A 697 40.86 107.21 36.51
CA GLY A 697 40.73 105.77 36.51
C GLY A 697 41.54 105.18 37.65
N GLY A 698 42.00 103.95 37.45
CA GLY A 698 42.75 103.26 38.48
C GLY A 698 44.22 103.63 38.44
N GLY A 699 44.79 103.89 39.62
CA GLY A 699 46.20 104.19 39.76
C GLY A 699 47.00 102.96 40.18
N GLU A 700 48.16 103.22 40.77
CA GLU A 700 49.00 102.13 41.27
C GLU A 700 48.47 101.56 42.58
N GLY A 701 47.92 102.41 43.44
CA GLY A 701 47.35 101.92 44.68
C GLY A 701 45.85 101.74 44.57
N TRP A 702 45.09 102.61 45.23
CA TRP A 702 43.63 102.63 45.14
C TRP A 702 43.25 104.07 44.81
N GLY A 703 43.24 104.40 43.53
CA GLY A 703 42.99 105.76 43.10
C GLY A 703 44.25 106.47 42.66
N GLY A 704 44.21 107.09 41.49
CA GLY A 704 45.37 107.75 40.93
C GLY A 704 45.61 109.14 41.51
N ASN A 705 46.12 109.18 42.72
CA ASN A 705 46.34 110.45 43.40
C ASN A 705 47.34 111.32 42.63
N GLY A 706 47.10 112.63 42.65
CA GLY A 706 47.91 113.53 41.85
C GLY A 706 49.35 113.60 42.30
N VAL A 707 49.58 113.71 43.60
CA VAL A 707 50.93 113.87 44.14
C VAL A 707 51.13 112.88 45.29
N GLY A 708 52.39 112.59 45.55
CA GLY A 708 52.79 111.85 46.73
C GLY A 708 52.65 110.35 46.66
N ASP A 709 52.13 109.81 45.56
CA ASP A 709 51.97 108.36 45.40
C ASP A 709 52.86 107.81 44.30
N ASP A 710 53.88 108.57 43.89
CA ASP A 710 54.80 108.12 42.86
C ASP A 710 56.14 108.81 43.08
N LEU A 711 57.21 108.13 42.68
CA LEU A 711 58.55 108.66 42.89
C LEU A 711 58.82 109.91 42.07
N TYR A 712 58.09 110.12 40.96
CA TYR A 712 58.27 111.29 40.12
C TYR A 712 57.45 112.48 40.63
N SER A 713 57.03 112.45 41.88
CA SER A 713 56.29 113.57 42.47
C SER A 713 56.52 113.55 43.97
N TYR A 714 56.36 114.73 44.57
CA TYR A 714 56.52 114.91 46.01
C TYR A 714 55.32 115.66 46.56
N GLY A 715 54.87 115.28 47.75
CA GLY A 715 53.64 115.82 48.29
C GLY A 715 53.72 116.02 49.79
N PHE A 716 52.78 116.83 50.28
CA PHE A 716 52.62 117.09 51.70
C PHE A 716 51.15 116.93 52.07
N ASP A 717 50.89 116.30 53.21
CA ASP A 717 49.53 115.93 53.61
C ASP A 717 49.08 116.68 54.86
N GLY A 718 49.63 117.86 55.10
CA GLY A 718 49.25 118.63 56.29
C GLY A 718 49.81 118.09 57.59
N LEU A 719 49.62 116.81 57.85
CA LEU A 719 50.20 116.16 59.02
C LEU A 719 51.08 114.98 58.64
N HIS A 720 51.27 114.72 57.35
CA HIS A 720 52.14 113.65 56.88
C HIS A 720 52.81 114.09 55.59
N LEU A 721 53.82 113.33 55.19
CA LEU A 721 54.45 113.50 53.88
C LEU A 721 54.14 112.28 53.03
N TRP A 722 54.02 112.48 51.72
CA TRP A 722 53.62 111.43 50.81
C TRP A 722 54.66 111.29 49.71
N THR A 723 55.30 110.13 49.65
CA THR A 723 56.25 109.80 48.58
C THR A 723 56.04 108.35 48.20
N GLY A 724 55.48 108.12 47.01
CA GLY A 724 55.33 106.77 46.51
C GLY A 724 54.46 105.87 47.37
N HIS A 725 53.28 106.37 47.74
CA HIS A 725 52.32 105.61 48.55
C HIS A 725 52.88 105.30 49.93
N VAL A 726 53.62 106.25 50.51
CA VAL A 726 54.11 106.15 51.88
C VAL A 726 53.72 107.43 52.61
N ALA A 727 53.15 107.28 53.81
CA ALA A 727 52.59 108.40 54.53
C ALA A 727 53.25 108.60 55.89
N ARG A 728 54.58 108.61 55.93
CA ARG A 728 55.29 108.77 57.19
C ARG A 728 54.92 110.10 57.84
N PRO A 729 54.61 110.12 59.13
CA PRO A 729 54.20 111.36 59.78
C PRO A 729 55.38 112.28 60.07
N VAL A 730 55.05 113.56 60.23
CA VAL A 730 56.02 114.59 60.60
C VAL A 730 55.42 115.42 61.71
N THR A 731 56.19 115.63 62.78
CA THR A 731 55.72 116.38 63.95
C THR A 731 56.00 117.85 63.72
N SER A 732 54.95 118.64 63.48
CA SER A 732 55.06 120.06 63.21
C SER A 732 54.15 120.83 64.15
N PRO A 733 54.48 122.09 64.45
CA PRO A 733 53.59 122.89 65.30
C PRO A 733 52.21 123.01 64.68
N GLY A 734 51.18 122.91 65.53
CA GLY A 734 49.83 122.85 65.05
C GLY A 734 49.51 121.49 64.46
N GLN A 735 49.59 120.45 65.29
CA GLN A 735 49.40 119.08 64.82
C GLN A 735 47.93 118.78 64.52
N HIS A 736 47.54 118.95 63.26
CA HIS A 736 46.18 118.63 62.82
C HIS A 736 46.21 118.52 61.30
N LEU A 737 45.02 118.34 60.71
CA LEU A 737 44.90 118.16 59.27
C LEU A 737 44.99 119.52 58.57
N LEU A 738 44.78 119.52 57.26
CA LEU A 738 44.77 120.75 56.46
C LEU A 738 43.45 121.47 56.70
N ALA A 739 43.39 122.15 57.84
CA ALA A 739 42.18 122.87 58.21
C ALA A 739 41.94 124.02 57.23
N PRO A 740 40.67 124.34 56.94
CA PRO A 740 40.38 125.45 56.02
C PRO A 740 40.80 126.78 56.61
N GLU A 741 40.74 127.81 55.77
CA GLU A 741 41.10 129.17 56.15
C GLU A 741 42.54 129.23 56.67
N ASP A 742 43.44 128.53 55.98
CA ASP A 742 44.85 128.52 56.31
C ASP A 742 45.66 128.84 55.06
N VAL A 743 46.87 129.36 55.29
CA VAL A 743 47.78 129.75 54.22
C VAL A 743 49.06 128.94 54.35
N VAL A 744 49.50 128.35 53.24
CA VAL A 744 50.71 127.54 53.20
C VAL A 744 51.66 128.16 52.18
N SER A 745 52.92 128.34 52.58
CA SER A 745 53.94 128.89 51.71
C SER A 745 54.72 127.77 51.06
N CYS A 746 54.89 127.85 49.74
CA CYS A 746 55.63 126.86 48.99
C CYS A 746 57.11 127.22 48.98
N CYS A 747 57.94 126.34 49.54
CA CYS A 747 59.37 126.57 49.62
C CYS A 747 60.06 125.80 48.50
N LEU A 748 60.80 126.53 47.66
CA LEU A 748 61.49 125.95 46.52
C LEU A 748 62.99 126.13 46.70
N ASP A 749 63.75 125.04 46.52
CA ASP A 749 65.20 125.06 46.67
C ASP A 749 65.82 124.31 45.49
N LEU A 750 66.38 125.06 44.54
CA LEU A 750 67.05 124.46 43.39
C LEU A 750 68.57 124.51 43.51
N SER A 751 69.13 125.58 44.08
CA SER A 751 70.57 125.65 44.29
C SER A 751 71.04 124.50 45.18
N VAL A 752 70.30 124.22 46.23
CA VAL A 752 70.47 123.02 47.04
C VAL A 752 69.21 122.18 46.88
N PRO A 753 69.30 120.90 46.58
CA PRO A 753 68.08 120.10 46.41
C PRO A 753 67.36 119.90 47.74
N SER A 754 66.25 120.61 47.91
CA SER A 754 65.47 120.52 49.15
C SER A 754 64.07 121.04 48.88
N ILE A 755 63.13 120.59 49.71
CA ILE A 755 61.75 121.04 49.66
C ILE A 755 61.27 121.22 51.09
N SER A 756 60.98 122.45 51.48
CA SER A 756 60.52 122.77 52.82
C SER A 756 59.06 123.20 52.80
N PHE A 757 58.48 123.29 53.99
CA PHE A 757 57.07 123.65 54.13
C PHE A 757 56.87 124.55 55.34
N ARG A 758 55.81 125.36 55.27
CA ARG A 758 55.37 126.19 56.38
C ARG A 758 53.87 126.01 56.51
N ILE A 759 53.43 125.44 57.64
CA ILE A 759 52.03 125.07 57.79
C ILE A 759 51.13 126.29 57.79
N ASN A 760 51.22 127.14 58.81
CA ASN A 760 50.59 128.45 58.80
C ASN A 760 51.61 129.57 58.97
N GLY A 761 52.40 129.52 60.04
CA GLY A 761 53.49 130.45 60.24
C GLY A 761 54.73 129.73 60.74
N CYS A 762 54.55 128.46 61.13
CA CYS A 762 55.60 127.68 61.76
C CYS A 762 56.24 126.72 60.75
N PRO A 763 57.55 126.51 60.85
CA PRO A 763 58.23 125.62 59.92
C PRO A 763 57.85 124.16 60.18
N VAL A 764 58.02 123.36 59.13
CA VAL A 764 57.74 121.93 59.18
C VAL A 764 59.08 121.20 59.18
N GLN A 765 59.28 120.32 60.16
CA GLN A 765 60.56 119.67 60.37
C GLN A 765 60.83 118.52 59.41
N GLY A 766 60.06 118.41 58.33
CA GLY A 766 60.34 117.42 57.31
C GLY A 766 60.69 118.07 55.99
N VAL A 767 61.93 117.90 55.54
CA VAL A 767 62.41 118.51 54.30
C VAL A 767 63.10 117.44 53.47
N PHE A 768 62.71 117.33 52.21
CA PHE A 768 63.34 116.40 51.30
C PHE A 768 64.71 116.91 50.87
N GLU A 769 65.49 116.02 50.26
CA GLU A 769 66.82 116.36 49.78
C GLU A 769 67.30 115.24 48.87
N ALA A 770 68.37 115.53 48.13
CA ALA A 770 69.09 114.54 47.32
C ALA A 770 68.15 113.81 46.37
N PHE A 771 67.29 114.57 45.70
CA PHE A 771 66.34 114.00 44.74
C PHE A 771 66.82 114.28 43.32
N ASN A 772 65.99 113.90 42.35
CA ASN A 772 66.37 113.96 40.95
C ASN A 772 66.44 115.41 40.48
N LEU A 773 67.06 115.61 39.31
CA LEU A 773 67.30 116.95 38.82
C LEU A 773 66.80 117.13 37.38
N ASP A 774 66.84 116.06 36.58
CA ASP A 774 66.52 116.16 35.15
C ASP A 774 65.01 116.31 34.99
N GLY A 775 64.57 117.56 34.95
CA GLY A 775 63.17 117.86 34.77
C GLY A 775 62.82 119.22 35.32
N LEU A 776 61.67 119.72 34.87
CA LEU A 776 61.18 121.02 35.31
C LEU A 776 60.13 120.83 36.40
N PHE A 777 60.23 121.62 37.46
CA PHE A 777 59.40 121.48 38.63
C PHE A 777 58.22 122.44 38.59
N PHE A 778 57.06 121.97 39.05
CA PHE A 778 55.86 122.77 39.08
C PHE A 778 55.35 122.91 40.51
N PRO A 779 54.76 124.06 40.85
CA PRO A 779 53.96 124.14 42.07
C PRO A 779 52.59 123.56 41.83
N VAL A 780 52.34 122.37 42.38
CA VAL A 780 51.13 121.62 42.07
C VAL A 780 50.41 121.27 43.37
N VAL A 781 49.09 121.33 43.33
CA VAL A 781 48.24 121.00 44.47
C VAL A 781 47.32 119.86 44.06
N SER A 782 47.26 118.83 44.91
CA SER A 782 46.38 117.68 44.69
C SER A 782 45.11 117.90 45.49
N PHE A 783 43.96 117.63 44.85
CA PHE A 783 42.68 117.91 45.47
C PHE A 783 41.63 116.94 44.95
N SER A 784 40.68 116.61 45.81
CA SER A 784 39.55 115.77 45.44
C SER A 784 38.39 116.65 44.98
N ALA A 785 37.21 116.05 44.85
CA ALA A 785 36.03 116.80 44.43
C ALA A 785 35.53 117.70 45.54
N GLY A 786 34.80 118.74 45.15
CA GLY A 786 34.20 119.66 46.12
C GLY A 786 35.20 120.48 46.90
N VAL A 787 36.23 121.02 46.25
CA VAL A 787 37.24 121.84 46.90
C VAL A 787 37.46 123.08 46.04
N LYS A 788 37.44 124.25 46.68
CA LYS A 788 37.75 125.52 46.03
C LYS A 788 39.00 126.11 46.66
N VAL A 789 39.96 126.49 45.82
CA VAL A 789 41.24 127.00 46.28
C VAL A 789 41.57 128.27 45.51
N ARG A 790 42.48 129.07 46.09
CA ARG A 790 42.86 130.36 45.54
C ARG A 790 44.38 130.42 45.40
N PHE A 791 44.83 130.95 44.27
CA PHE A 791 46.25 131.17 44.02
C PHE A 791 46.59 132.64 44.21
N LEU A 792 47.87 132.91 44.41
CA LEU A 792 48.36 134.28 44.61
C LEU A 792 49.61 134.47 43.76
N LEU A 793 49.53 135.37 42.77
CA LEU A 793 50.67 135.66 41.92
C LEU A 793 51.80 136.28 42.72
N GLY A 794 51.50 137.33 43.48
CA GLY A 794 52.48 138.04 44.26
C GLY A 794 53.10 139.23 43.57
N GLY A 795 53.02 139.31 42.25
CA GLY A 795 53.59 140.42 41.52
C GLY A 795 52.58 141.25 40.76
N ARG A 796 51.50 140.62 40.30
CA ARG A 796 50.50 141.30 39.49
C ARG A 796 49.15 141.39 40.20
N HIS A 797 48.58 140.26 40.62
CA HIS A 797 47.28 140.27 41.27
C HIS A 797 47.21 139.35 42.47
N GLY A 798 48.35 138.95 43.02
CA GLY A 798 48.36 138.09 44.19
C GLY A 798 48.75 138.82 45.45
N GLU A 799 47.79 139.02 46.35
CA GLU A 799 48.04 139.74 47.60
C GLU A 799 48.78 138.80 48.55
N PHE A 800 50.11 138.76 48.40
CA PHE A 800 50.92 137.94 49.27
C PHE A 800 50.80 138.40 50.72
N LYS A 801 50.57 137.46 51.63
CA LYS A 801 50.43 137.76 53.05
C LYS A 801 51.65 137.32 53.85
N PHE A 802 52.03 136.05 53.77
CA PHE A 802 53.16 135.57 54.53
C PHE A 802 54.47 136.03 53.88
N LEU A 803 55.45 136.30 54.73
CA LEU A 803 56.72 136.82 54.25
C LEU A 803 57.45 135.77 53.41
N PRO A 804 57.99 136.14 52.25
CA PRO A 804 58.76 135.17 51.47
C PRO A 804 60.08 134.85 52.14
N PRO A 805 60.59 133.63 51.96
CA PRO A 805 61.96 133.36 52.40
C PRO A 805 62.95 134.18 51.60
N PRO A 806 64.12 134.47 52.17
CA PRO A 806 65.07 135.34 51.47
C PRO A 806 65.50 134.77 50.12
N GLY A 807 65.66 135.66 49.16
CA GLY A 807 66.07 135.26 47.82
C GLY A 807 65.05 134.44 47.06
N TYR A 808 63.79 134.82 47.11
CA TYR A 808 62.73 134.13 46.38
C TYR A 808 62.02 135.12 45.46
N ALA A 809 61.72 134.66 44.23
CA ALA A 809 61.17 135.53 43.21
C ALA A 809 59.68 135.32 43.09
N PRO A 810 58.85 136.34 43.33
CA PRO A 810 57.40 136.22 43.10
C PRO A 810 57.01 136.59 41.67
N CYS A 811 57.55 135.84 40.71
CA CYS A 811 57.26 136.01 39.29
C CYS A 811 57.63 137.43 38.83
N HIS A 812 58.93 137.71 38.88
CA HIS A 812 59.45 139.05 38.61
C HIS A 812 60.30 139.15 37.35
N GLU A 813 61.14 138.15 37.05
CA GLU A 813 62.13 138.31 36.00
C GLU A 813 61.60 137.90 34.62
N ALA A 814 61.23 136.62 34.47
CA ALA A 814 60.77 136.13 33.18
C ALA A 814 59.92 134.87 33.43
N VAL A 815 58.60 135.04 33.39
CA VAL A 815 57.66 133.93 33.45
C VAL A 815 56.65 134.11 32.33
N LEU A 816 56.55 133.12 31.44
CA LEU A 816 55.68 133.17 30.27
C LEU A 816 56.01 134.42 29.46
N PRO A 817 57.17 134.47 28.80
CA PRO A 817 57.57 135.70 28.10
C PRO A 817 56.61 136.10 26.99
N ARG A 818 56.00 135.15 26.29
CA ARG A 818 55.14 135.43 25.16
C ARG A 818 53.67 135.13 25.44
N GLU A 819 53.29 135.08 26.72
CA GLU A 819 51.92 134.75 27.10
C GLU A 819 51.68 135.24 28.52
N ARG A 820 50.57 134.83 29.11
CA ARG A 820 50.22 135.15 30.48
C ARG A 820 50.05 133.88 31.30
N LEU A 821 50.16 134.02 32.61
CA LEU A 821 50.03 132.86 33.50
C LEU A 821 48.65 132.25 33.39
N ARG A 822 48.61 130.92 33.25
CA ARG A 822 47.36 130.19 33.09
C ARG A 822 47.42 128.90 33.90
N LEU A 823 46.25 128.31 34.11
CA LEU A 823 46.11 127.04 34.80
C LEU A 823 45.53 126.01 33.83
N GLU A 824 46.15 124.83 33.79
CA GLU A 824 45.67 123.76 32.92
C GLU A 824 46.15 122.43 33.47
N PRO A 825 45.30 121.41 33.53
CA PRO A 825 45.75 120.11 34.01
C PRO A 825 46.77 119.50 33.06
N ILE A 826 47.70 118.74 33.63
CA ILE A 826 48.77 118.12 32.86
C ILE A 826 48.24 116.93 32.10
N LYS A 827 48.68 116.77 30.85
CA LYS A 827 48.29 115.65 30.00
C LYS A 827 46.77 115.55 29.86
N GLU A 828 46.11 116.70 29.76
CA GLU A 828 44.66 116.73 29.66
C GLU A 828 44.22 116.27 28.27
N TYR A 829 43.91 114.97 28.14
CA TYR A 829 43.49 114.44 26.85
C TYR A 829 42.02 114.72 26.55
N ARG A 830 41.27 115.25 27.50
CA ARG A 830 39.87 115.55 27.30
C ARG A 830 39.55 116.92 27.88
N ARG A 831 38.74 117.69 27.16
CA ARG A 831 38.31 119.00 27.65
C ARG A 831 37.02 119.37 26.94
N GLU A 832 36.19 120.16 27.64
CA GLU A 832 34.91 120.56 27.10
C GLU A 832 35.09 121.61 26.01
N GLY A 833 34.02 121.85 25.28
CA GLY A 833 34.01 122.85 24.24
C GLY A 833 32.65 123.51 24.08
N PRO A 834 32.61 124.64 23.37
CA PRO A 834 31.32 125.31 23.15
C PRO A 834 30.31 124.46 22.40
N ARG A 835 30.77 123.60 21.49
CA ARG A 835 29.90 122.73 20.73
C ARG A 835 29.88 121.30 21.27
N GLY A 836 31.05 120.75 21.59
CA GLY A 836 31.15 119.42 22.14
C GLY A 836 32.52 119.18 22.73
N PRO A 837 32.77 117.95 23.20
CA PRO A 837 34.09 117.63 23.75
C PRO A 837 35.16 117.78 22.68
N HIS A 838 36.32 118.27 23.11
CA HIS A 838 37.47 118.46 22.21
C HIS A 838 38.65 117.68 22.80
N LEU A 839 38.73 116.40 22.46
CA LEU A 839 39.88 115.60 22.86
C LEU A 839 41.12 116.05 22.10
N VAL A 840 42.26 116.09 22.79
CA VAL A 840 43.51 116.57 22.21
C VAL A 840 44.58 115.50 22.38
N GLY A 841 45.62 115.61 21.56
CA GLY A 841 46.72 114.69 21.62
C GLY A 841 47.75 115.12 22.64
N PRO A 842 48.96 114.57 22.54
CA PRO A 842 50.01 114.95 23.50
C PRO A 842 50.45 116.39 23.30
N SER A 843 50.95 116.98 24.38
CA SER A 843 51.40 118.36 24.39
C SER A 843 52.91 118.40 24.61
N ARG A 844 53.59 119.26 23.85
CA ARG A 844 55.03 119.41 23.95
C ARG A 844 55.40 120.14 25.23
N ILE A 861 97.79 128.58 5.86
CA ILE A 861 98.08 129.50 6.94
C ILE A 861 98.05 130.94 6.45
N VAL A 862 97.06 131.25 5.60
CA VAL A 862 96.90 132.58 5.03
C VAL A 862 95.49 133.06 5.30
N LEU A 863 95.36 134.25 5.87
CA LEU A 863 94.06 134.88 6.06
C LEU A 863 93.86 135.92 4.98
N PRO A 864 92.87 135.76 4.10
CA PRO A 864 92.66 136.73 3.01
C PRO A 864 92.51 138.13 3.55
N PRO A 865 93.39 139.06 3.13
CA PRO A 865 93.30 140.44 3.62
C PRO A 865 92.10 141.20 3.10
N HIS A 866 91.33 140.63 2.17
CA HIS A 866 90.13 141.32 1.68
C HIS A 866 89.14 141.56 2.81
N LEU A 867 88.91 140.54 3.64
CA LEU A 867 88.06 140.70 4.80
C LEU A 867 88.63 141.74 5.76
N GLU A 868 89.96 141.72 5.95
CA GLU A 868 90.62 142.64 6.85
C GLU A 868 90.44 144.09 6.41
N ARG A 869 90.52 144.34 5.11
CA ARG A 869 90.32 145.69 4.62
C ARG A 869 88.85 146.05 4.45
N ILE A 870 87.96 145.07 4.43
CA ILE A 870 86.55 145.38 4.22
C ILE A 870 85.79 145.59 5.53
N ARG A 871 86.18 144.95 6.63
CA ARG A 871 85.36 145.13 7.83
C ARG A 871 85.64 146.49 8.48
N GLU A 872 86.83 147.06 8.25
CA GLU A 872 87.06 148.44 8.66
C GLU A 872 86.09 149.39 7.96
N LYS A 873 85.96 149.24 6.64
CA LYS A 873 85.02 150.08 5.89
C LYS A 873 83.59 149.80 6.30
N LEU A 874 83.27 148.55 6.61
CA LEU A 874 81.92 148.22 7.07
C LEU A 874 81.60 148.91 8.39
N ALA A 875 82.54 148.87 9.34
CA ALA A 875 82.35 149.58 10.61
C ALA A 875 82.25 151.09 10.38
N GLU A 876 83.08 151.62 9.49
CA GLU A 876 83.04 153.04 9.18
C GLU A 876 81.67 153.43 8.64
N ASN A 877 81.11 152.61 7.74
CA ASN A 877 79.81 152.90 7.16
C ASN A 877 78.69 152.79 8.20
N ILE A 878 78.73 151.74 9.03
CA ILE A 878 77.64 151.52 9.96
C ILE A 878 77.67 152.54 11.09
N HIS A 879 78.83 153.11 11.41
CA HIS A 879 78.87 154.13 12.45
C HIS A 879 78.16 155.41 12.01
N GLU A 880 78.25 155.77 10.72
CA GLU A 880 77.51 156.92 10.23
C GLU A 880 76.01 156.69 10.35
N LEU A 881 75.53 155.48 10.03
CA LEU A 881 74.12 155.17 10.21
C LEU A 881 73.74 155.19 11.68
N TRP A 882 74.65 154.74 12.56
CA TRP A 882 74.42 154.83 14.00
C TRP A 882 74.21 156.28 14.42
N ALA A 883 75.11 157.17 14.00
CA ALA A 883 74.99 158.58 14.35
C ALA A 883 73.71 159.18 13.80
N LEU A 884 73.35 158.82 12.56
CA LEU A 884 72.12 159.31 11.95
C LEU A 884 70.90 158.86 12.75
N THR A 885 70.84 157.57 13.08
CA THR A 885 69.69 157.06 13.83
C THR A 885 69.61 157.71 15.20
N ARG A 886 70.77 157.93 15.85
CA ARG A 886 70.76 158.59 17.14
C ARG A 886 70.24 160.02 17.04
N ILE A 887 70.75 160.80 16.08
CA ILE A 887 70.37 162.20 16.01
C ILE A 887 68.90 162.37 15.58
N GLU A 888 68.41 161.52 14.67
CA GLU A 888 66.99 161.57 14.37
C GLU A 888 66.12 160.84 15.40
N GLN A 889 66.73 160.18 16.39
CA GLN A 889 65.97 159.63 17.51
C GLN A 889 65.82 160.62 18.65
N GLY A 890 66.31 161.85 18.49
CA GLY A 890 66.29 162.84 19.55
C GLY A 890 67.58 162.96 20.33
N TRP A 891 68.61 162.19 19.99
CA TRP A 891 69.90 162.24 20.67
C TRP A 891 70.73 163.36 20.05
N THR A 892 70.38 164.59 20.42
CA THR A 892 71.14 165.74 19.97
C THR A 892 72.52 165.76 20.61
N TYR A 893 73.48 166.36 19.91
CA TYR A 893 74.85 166.43 20.42
C TYR A 893 74.88 167.19 21.72
N GLY A 894 75.59 166.63 22.71
CA GLY A 894 75.67 167.22 24.02
C GLY A 894 77.08 167.20 24.58
N PRO A 895 77.43 168.23 25.35
CA PRO A 895 78.78 168.27 25.94
C PRO A 895 79.08 167.10 26.87
N VAL A 896 78.09 166.59 27.59
CA VAL A 896 78.28 165.55 28.60
C VAL A 896 77.72 164.24 28.07
N ARG A 897 78.48 163.16 28.27
CA ARG A 897 78.07 161.81 27.86
C ARG A 897 77.18 161.23 28.95
N ASP A 898 75.87 161.38 28.78
CA ASP A 898 74.90 160.83 29.71
C ASP A 898 73.76 160.22 28.91
N ASP A 899 73.60 158.90 29.01
CA ASP A 899 72.53 158.21 28.29
C ASP A 899 71.16 158.64 28.80
N ASN A 900 71.03 158.83 30.11
CA ASN A 900 69.77 159.30 30.68
C ASN A 900 69.41 160.69 30.16
N LYS A 901 70.42 161.56 30.04
CA LYS A 901 70.21 162.90 29.50
C LYS A 901 69.88 162.88 28.01
N ARG A 902 70.03 161.74 27.35
CA ARG A 902 69.77 161.51 25.93
C ARG A 902 70.76 162.24 25.02
N LEU A 903 71.71 162.99 25.58
CA LEU A 903 72.72 163.63 24.75
C LEU A 903 73.65 162.59 24.16
N HIS A 904 74.09 162.84 22.93
CA HIS A 904 74.93 161.90 22.18
C HIS A 904 76.18 162.61 21.70
N PRO A 905 77.19 162.73 22.56
CA PRO A 905 78.48 163.29 22.11
C PRO A 905 79.26 162.37 21.19
N CYS A 906 78.72 161.22 20.82
CA CYS A 906 79.36 160.30 19.89
C CYS A 906 79.10 160.64 18.44
N LEU A 907 78.49 161.80 18.17
CA LEU A 907 78.27 162.25 16.80
C LEU A 907 79.54 162.90 16.26
N VAL A 908 80.65 162.17 16.33
CA VAL A 908 81.96 162.67 15.96
C VAL A 908 82.71 161.57 15.21
N ASN A 909 83.96 161.86 14.86
CA ASN A 909 84.76 160.90 14.12
C ASN A 909 85.17 159.72 15.01
N PHE A 910 85.77 158.72 14.38
CA PHE A 910 86.07 157.46 15.07
C PHE A 910 87.16 157.63 16.10
N HIS A 911 88.23 158.35 15.74
CA HIS A 911 89.30 158.59 16.70
C HIS A 911 88.81 159.43 17.87
N SER A 912 87.80 160.28 17.64
CA SER A 912 87.20 161.05 18.71
C SER A 912 86.24 160.22 19.56
N LEU A 913 85.78 159.08 19.05
CA LEU A 913 84.92 158.22 19.84
C LEU A 913 85.71 157.59 20.98
N PRO A 914 85.04 157.22 22.07
CA PRO A 914 85.73 156.51 23.16
C PRO A 914 86.28 155.17 22.67
N GLU A 915 87.42 154.79 23.24
CA GLU A 915 88.05 153.52 22.88
C GLU A 915 87.14 152.30 23.08
N PRO A 916 86.36 152.19 24.18
CA PRO A 916 85.49 151.01 24.30
C PRO A 916 84.51 150.84 23.15
N GLU A 917 83.97 151.92 22.60
CA GLU A 917 83.01 151.79 21.50
C GLU A 917 83.70 151.29 20.23
N ARG A 918 84.90 151.80 19.94
CA ARG A 918 85.65 151.31 18.79
C ARG A 918 86.04 149.86 18.96
N ASN A 919 86.43 149.48 20.18
CA ASN A 919 86.73 148.08 20.46
C ASN A 919 85.49 147.21 20.27
N TYR A 920 84.32 147.71 20.69
CA TYR A 920 83.08 146.98 20.47
C TYR A 920 82.79 146.80 18.99
N ASN A 921 83.01 147.85 18.19
CA ASN A 921 82.82 147.73 16.75
C ASN A 921 83.76 146.68 16.16
N LEU A 922 85.03 146.73 16.54
CA LEU A 922 86.00 145.78 16.00
C LEU A 922 85.66 144.35 16.40
N GLN A 923 85.29 144.13 17.66
CA GLN A 923 84.99 142.78 18.12
C GLN A 923 83.70 142.26 17.49
N MET A 924 82.70 143.12 17.29
CA MET A 924 81.48 142.67 16.65
C MET A 924 81.74 142.32 15.18
N SER A 925 82.56 143.11 14.50
CA SER A 925 82.93 142.78 13.13
C SER A 925 83.68 141.44 13.07
N GLY A 926 84.61 141.23 14.00
CA GLY A 926 85.34 139.98 14.03
C GLY A 926 84.45 138.78 14.31
N GLU A 927 83.50 138.95 15.24
CA GLU A 927 82.57 137.86 15.55
C GLU A 927 81.65 137.57 14.37
N THR A 928 81.19 138.60 13.67
CA THR A 928 80.38 138.38 12.48
C THR A 928 81.17 137.64 11.41
N LEU A 929 82.45 138.02 11.23
CA LEU A 929 83.30 137.32 10.27
C LEU A 929 83.48 135.86 10.66
N LYS A 930 83.72 135.60 11.95
CA LYS A 930 83.90 134.23 12.41
C LYS A 930 82.63 133.40 12.22
N THR A 931 81.47 133.98 12.53
CA THR A 931 80.21 133.27 12.33
C THR A 931 79.96 133.00 10.86
N LEU A 932 80.25 133.98 9.99
CA LEU A 932 80.11 133.76 8.56
C LEU A 932 81.05 132.67 8.06
N LEU A 933 82.23 132.56 8.69
CA LEU A 933 83.12 131.44 8.39
C LEU A 933 82.52 130.11 8.81
N ALA A 934 81.59 130.12 9.75
CA ALA A 934 80.94 128.89 10.22
C ALA A 934 79.66 128.60 9.44
N LEU A 935 79.80 128.55 8.11
CA LEU A 935 78.67 128.22 7.23
C LEU A 935 78.99 127.18 6.17
N GLY A 936 80.25 126.94 5.86
CA GLY A 936 80.61 125.99 4.82
C GLY A 936 80.55 126.53 3.41
N CYS A 937 80.21 127.81 3.24
CA CYS A 937 80.11 128.43 1.92
C CYS A 937 81.33 129.30 1.64
N HIS A 938 81.40 129.79 0.41
CA HIS A 938 82.51 130.61 -0.05
C HIS A 938 82.11 132.08 -0.07
N VAL A 939 82.97 132.93 0.47
CA VAL A 939 82.71 134.36 0.57
C VAL A 939 83.89 135.10 -0.06
N GLY A 940 83.58 136.08 -0.90
CA GLY A 940 84.64 136.84 -1.55
C GLY A 940 84.05 137.89 -2.48
N MET A 941 84.94 138.51 -3.25
CA MET A 941 84.53 139.53 -4.20
C MET A 941 83.63 138.94 -5.29
N ALA A 942 82.66 139.74 -5.73
CA ALA A 942 81.77 139.36 -6.82
C ALA A 942 81.79 140.33 -7.98
N ASP A 943 81.81 141.63 -7.71
CA ASP A 943 81.83 142.64 -8.76
C ASP A 943 82.95 143.66 -8.61
N GLU A 944 83.29 144.03 -7.38
CA GLU A 944 84.30 145.06 -7.10
C GLU A 944 83.92 146.41 -7.73
N LYS A 945 82.63 146.63 -7.94
CA LYS A 945 82.13 147.87 -8.51
C LYS A 945 81.10 148.57 -7.63
N ALA A 946 80.59 147.90 -6.59
CA ALA A 946 79.62 148.54 -5.71
C ALA A 946 80.23 149.73 -4.98
N GLU A 947 81.48 149.60 -4.55
CA GLU A 947 82.17 150.74 -3.93
C GLU A 947 82.33 151.87 -4.93
N ASP A 948 82.62 151.55 -6.20
CA ASP A 948 82.70 152.56 -7.24
C ASP A 948 81.33 153.16 -7.56
N ASN A 949 80.25 152.48 -7.17
CA ASN A 949 78.90 152.96 -7.43
C ASN A 949 78.24 153.53 -6.18
N LEU A 950 79.03 153.98 -5.20
CA LEU A 950 78.49 154.53 -3.97
C LEU A 950 77.73 155.82 -4.27
N LYS A 951 76.59 155.99 -3.60
CA LYS A 951 75.77 157.18 -3.75
C LYS A 951 75.02 157.43 -2.46
N LYS A 952 74.54 158.67 -2.31
CA LYS A 952 73.78 159.10 -1.15
C LYS A 952 72.42 159.63 -1.59
N THR A 953 71.39 159.28 -0.82
CA THR A 953 70.05 159.75 -1.13
C THR A 953 69.93 161.24 -0.83
N LYS A 954 68.98 161.89 -1.51
CA LYS A 954 68.77 163.31 -1.32
C LYS A 954 68.23 163.57 0.08
N LEU A 955 68.84 164.52 0.79
CA LEU A 955 68.46 164.85 2.14
C LEU A 955 68.33 166.37 2.31
N PRO A 956 67.43 166.82 3.15
CA PRO A 956 67.30 168.25 3.42
C PRO A 956 68.26 168.71 4.51
N LYS A 957 68.40 170.03 4.63
CA LYS A 957 69.28 170.59 5.65
C LYS A 957 68.69 170.46 7.05
N THR A 958 67.39 170.20 7.17
CA THR A 958 66.78 170.03 8.48
C THR A 958 67.26 168.76 9.16
N TYR A 959 67.49 167.70 8.39
CA TYR A 959 67.91 166.41 8.94
C TYR A 959 69.42 166.26 8.98
N MET A 960 70.17 167.28 8.55
CA MET A 960 71.62 167.21 8.57
C MET A 960 72.13 167.20 10.01
N MET A 961 73.12 166.36 10.27
CA MET A 961 73.54 166.11 11.64
C MET A 961 74.33 167.30 12.19
N SER A 962 74.09 167.62 13.47
CA SER A 962 74.44 168.94 13.99
C SER A 962 75.93 169.23 13.89
N ASN A 963 76.78 168.26 14.20
CA ASN A 963 78.22 168.51 14.19
C ASN A 963 78.79 168.70 12.79
N GLY A 964 78.02 168.40 11.75
CA GLY A 964 78.46 168.59 10.39
C GLY A 964 79.10 167.38 9.73
N TYR A 965 79.45 166.35 10.50
CA TYR A 965 80.00 165.14 9.92
C TYR A 965 78.87 164.37 9.22
N LYS A 966 78.74 164.59 7.92
CA LYS A 966 77.60 164.06 7.19
C LYS A 966 77.62 162.53 7.19
N PRO A 967 76.49 161.88 7.48
CA PRO A 967 76.45 160.41 7.39
C PRO A 967 76.65 159.96 5.95
N ALA A 968 77.22 158.76 5.80
CA ALA A 968 77.50 158.17 4.49
C ALA A 968 76.89 156.78 4.44
N PRO A 969 75.56 156.69 4.33
CA PRO A 969 74.93 155.37 4.24
C PRO A 969 75.20 154.71 2.91
N LEU A 970 75.15 153.38 2.91
CA LEU A 970 75.29 152.59 1.68
C LEU A 970 73.90 152.45 1.07
N ASP A 971 73.60 153.29 0.07
CA ASP A 971 72.30 153.27 -0.57
C ASP A 971 72.13 151.98 -1.34
N LEU A 972 71.33 151.06 -0.79
CA LEU A 972 71.05 149.76 -1.40
C LEU A 972 69.54 149.65 -1.58
N SER A 973 69.06 150.16 -2.70
CA SER A 973 67.61 150.16 -2.95
C SER A 973 67.08 148.74 -3.14
N HIS A 974 67.82 147.88 -3.85
CA HIS A 974 67.35 146.55 -4.18
C HIS A 974 68.43 145.49 -3.99
N VAL A 975 69.37 145.74 -3.07
CA VAL A 975 70.46 144.80 -2.83
C VAL A 975 70.02 143.90 -1.69
N ARG A 976 69.35 142.80 -2.04
CA ARG A 976 68.87 141.81 -1.08
C ARG A 976 69.08 140.42 -1.68
N LEU A 977 69.91 139.61 -1.02
CA LEU A 977 70.29 138.33 -1.61
C LEU A 977 69.25 137.24 -1.32
N THR A 978 69.00 136.94 -0.05
CA THR A 978 68.09 135.88 0.34
C THR A 978 67.84 135.92 1.84
N PRO A 979 66.63 135.56 2.30
CA PRO A 979 66.37 135.52 3.74
C PRO A 979 67.12 134.42 4.47
N ALA A 980 67.72 133.46 3.75
CA ALA A 980 68.47 132.40 4.43
C ALA A 980 69.70 132.94 5.13
N GLN A 981 70.45 133.82 4.45
CA GLN A 981 71.58 134.46 5.10
C GLN A 981 71.11 135.36 6.24
N THR A 982 69.95 135.98 6.09
CA THR A 982 69.38 136.77 7.18
C THR A 982 69.10 135.89 8.39
N THR A 983 68.56 134.70 8.17
CA THR A 983 68.31 133.77 9.28
C THR A 983 69.60 133.30 9.92
N LEU A 984 70.63 133.04 9.11
CA LEU A 984 71.92 132.65 9.66
C LEU A 984 72.51 133.77 10.52
N VAL A 985 72.42 135.00 10.04
CA VAL A 985 72.91 136.14 10.82
C VAL A 985 72.08 136.31 12.09
N ASP A 986 70.77 136.05 12.00
CA ASP A 986 69.93 136.11 13.19
C ASP A 986 70.34 135.06 14.21
N ARG A 987 70.66 133.86 13.75
CA ARG A 987 71.14 132.82 14.66
C ARG A 987 72.45 133.22 15.31
N LEU A 988 73.36 133.82 14.52
CA LEU A 988 74.62 134.29 15.08
C LEU A 988 74.38 135.38 16.12
N ALA A 989 73.46 136.31 15.83
CA ALA A 989 73.13 137.37 16.79
C ALA A 989 72.51 136.80 18.05
N GLU A 990 71.66 135.79 17.91
CA GLU A 990 71.08 135.14 19.08
C GLU A 990 72.14 134.46 19.93
N ASN A 991 73.10 133.79 19.28
CA ASN A 991 74.19 133.17 20.02
C ASN A 991 75.02 134.22 20.75
N GLY A 992 75.32 135.34 20.08
CA GLY A 992 76.05 136.41 20.74
C GLY A 992 75.29 137.01 21.90
N HIS A 993 73.98 137.20 21.74
CA HIS A 993 73.16 137.71 22.82
C HIS A 993 73.15 136.74 24.00
N ASN A 994 73.04 135.45 23.73
CA ASN A 994 73.03 134.46 24.80
C ASN A 994 74.36 134.42 25.55
N VAL A 995 75.48 134.45 24.82
CA VAL A 995 76.77 134.41 25.50
C VAL A 995 77.00 135.70 26.27
N TRP A 996 76.57 136.83 25.73
CA TRP A 996 76.66 138.08 26.47
C TRP A 996 75.84 138.02 27.75
N ALA A 997 74.63 137.46 27.66
CA ALA A 997 73.78 137.37 28.84
C ALA A 997 74.41 136.51 29.92
N ARG A 998 74.84 135.30 29.54
CA ARG A 998 75.44 134.40 30.53
C ARG A 998 76.75 134.95 31.08
N ASP A 999 77.47 135.75 30.29
CA ASP A 999 78.72 136.32 30.79
C ASP A 999 78.49 137.49 31.73
N ARG A 1000 77.48 138.34 31.45
CA ARG A 1000 77.30 139.58 32.19
C ARG A 1000 76.19 139.50 33.22
N VAL A 1001 74.96 139.21 32.80
CA VAL A 1001 73.82 139.35 33.71
C VAL A 1001 73.63 138.12 34.58
N ALA A 1002 74.18 136.97 34.19
CA ALA A 1002 74.09 135.79 35.04
C ALA A 1002 74.84 136.00 36.35
N GLN A 1003 75.99 136.66 36.29
CA GLN A 1003 76.77 136.95 37.49
C GLN A 1003 76.53 138.35 38.03
N GLY A 1004 75.96 139.26 37.23
CA GLY A 1004 75.73 140.61 37.71
C GLY A 1004 74.72 140.68 38.82
N TRP A 1005 73.60 139.98 38.68
CA TRP A 1005 72.52 140.00 39.66
C TRP A 1005 72.06 141.43 39.95
N SER A 1006 71.97 142.24 38.90
CA SER A 1006 71.56 143.62 39.05
C SER A 1006 70.11 143.71 39.51
N TYR A 1007 69.83 144.73 40.32
CA TYR A 1007 68.49 144.93 40.87
C TYR A 1007 67.60 145.48 39.75
N SER A 1008 67.18 144.59 38.87
CA SER A 1008 66.33 144.96 37.75
C SER A 1008 65.45 143.76 37.38
N ALA A 1009 64.34 144.06 36.71
CA ALA A 1009 63.40 143.02 36.29
C ALA A 1009 63.84 142.40 34.97
N ARG A 1020 68.47 141.42 32.81
CA ARG A 1020 67.82 140.31 33.51
C ARG A 1020 66.85 139.59 32.60
N LEU A 1021 67.38 138.78 31.68
CA LEU A 1021 66.55 138.05 30.73
C LEU A 1021 66.95 136.57 30.70
N VAL A 1022 66.42 135.83 29.74
CA VAL A 1022 66.61 134.39 29.66
C VAL A 1022 67.26 134.03 28.33
N PRO A 1023 67.54 132.76 28.05
CA PRO A 1023 68.19 132.40 26.80
C PRO A 1023 67.39 132.85 25.59
N TYR A 1024 68.11 133.28 24.55
CA TYR A 1024 67.51 133.89 23.37
C TYR A 1024 67.17 132.88 22.28
N ARG A 1025 67.34 131.58 22.53
CA ARG A 1025 66.99 130.59 21.52
C ARG A 1025 65.50 130.64 21.19
N LEU A 1026 64.66 130.73 22.22
CA LEU A 1026 63.21 130.86 22.05
C LEU A 1026 62.69 131.90 23.03
N LEU A 1027 63.38 133.03 23.11
CA LEU A 1027 63.10 134.01 24.16
C LEU A 1027 61.74 134.68 23.95
N ASP A 1028 61.60 135.42 22.87
CA ASP A 1028 60.38 136.20 22.62
C ASP A 1028 60.40 136.65 21.16
N GLU A 1029 59.49 137.55 20.82
CA GLU A 1029 59.39 138.12 19.47
C GLU A 1029 59.83 139.57 19.40
N ALA A 1030 59.31 140.43 20.29
CA ALA A 1030 59.61 141.85 20.22
C ALA A 1030 61.08 142.11 20.49
N THR A 1031 61.62 141.56 21.57
CA THR A 1031 63.03 141.76 21.89
C THR A 1031 63.93 141.11 20.84
N LYS A 1032 63.58 139.91 20.39
CA LYS A 1032 64.37 139.24 19.37
C LYS A 1032 64.33 140.00 18.06
N ARG A 1033 63.16 140.53 17.68
CA ARG A 1033 63.07 141.33 16.46
C ARG A 1033 63.88 142.62 16.59
N SER A 1034 63.85 143.25 17.77
CA SER A 1034 64.63 144.46 17.98
C SER A 1034 66.12 144.18 17.86
N ASN A 1035 66.57 143.05 18.41
CA ASN A 1035 67.97 142.66 18.25
C ASN A 1035 68.30 142.34 16.80
N ARG A 1036 67.35 141.75 16.08
CA ARG A 1036 67.60 141.28 14.72
C ARG A 1036 67.67 142.44 13.73
N ASP A 1037 66.77 143.42 13.86
CA ASP A 1037 66.69 144.48 12.85
C ASP A 1037 67.92 145.37 12.85
N SER A 1038 68.55 145.55 14.02
CA SER A 1038 69.76 146.36 14.07
C SER A 1038 70.88 145.72 13.26
N LEU A 1039 71.05 144.41 13.37
CA LEU A 1039 72.05 143.71 12.57
C LEU A 1039 71.61 143.45 11.14
N CYS A 1040 70.32 143.60 10.85
CA CYS A 1040 69.85 143.44 9.48
C CYS A 1040 70.49 144.47 8.56
N GLN A 1041 70.59 145.72 9.02
CA GLN A 1041 71.24 146.75 8.21
C GLN A 1041 72.73 146.45 8.03
N ALA A 1042 73.38 145.93 9.08
CA ALA A 1042 74.79 145.57 8.95
C ALA A 1042 74.98 144.46 7.93
N VAL A 1043 74.10 143.47 7.93
CA VAL A 1043 74.19 142.39 6.95
C VAL A 1043 73.91 142.92 5.55
N ARG A 1044 72.97 143.86 5.43
CA ARG A 1044 72.69 144.47 4.14
C ARG A 1044 73.93 145.20 3.61
N THR A 1045 74.60 145.96 4.48
CA THR A 1045 75.82 146.65 4.06
C THR A 1045 76.94 145.67 3.72
N LEU A 1046 77.02 144.55 4.45
CA LEU A 1046 77.99 143.51 4.11
C LEU A 1046 77.73 142.95 2.72
N LEU A 1047 76.46 142.69 2.40
CA LEU A 1047 76.11 142.20 1.07
C LEU A 1047 76.36 143.25 -0.01
N GLY A 1048 76.18 144.53 0.33
CA GLY A 1048 76.31 145.60 -0.64
C GLY A 1048 77.71 145.92 -1.09
N TYR A 1049 78.71 145.15 -0.67
CA TYR A 1049 80.09 145.34 -1.10
C TYR A 1049 80.60 144.11 -1.85
N GLY A 1050 79.77 143.55 -2.72
CA GLY A 1050 80.19 142.43 -3.54
C GLY A 1050 80.34 141.12 -2.79
N TYR A 1051 79.70 140.97 -1.65
CA TYR A 1051 79.77 139.75 -0.85
C TYR A 1051 78.45 139.00 -0.97
N ASN A 1052 78.47 137.89 -1.70
CA ASN A 1052 77.29 137.05 -1.88
C ASN A 1052 77.61 135.65 -1.38
N ILE A 1053 77.00 135.26 -0.28
CA ILE A 1053 77.16 133.93 0.32
C ILE A 1053 75.78 133.33 0.52
N GLU A 1054 75.61 132.09 0.06
CA GLU A 1054 74.33 131.38 0.16
C GLU A 1054 73.20 132.16 -0.51
N ASP A 1070 55.67 112.38 23.22
CA ASP A 1070 56.55 112.16 22.09
C ASP A 1070 56.03 111.04 21.20
N ARG A 1071 54.73 110.78 21.29
CA ARG A 1071 54.08 109.72 20.53
C ARG A 1071 52.75 110.24 20.01
N VAL A 1072 51.91 109.32 19.53
CA VAL A 1072 50.61 109.66 18.96
C VAL A 1072 49.54 108.89 19.72
N ARG A 1073 48.51 109.61 20.17
CA ARG A 1073 47.38 108.98 20.84
C ARG A 1073 46.39 108.43 19.82
N ILE A 1074 45.87 107.23 20.10
CA ILE A 1074 44.93 106.55 19.22
C ILE A 1074 43.62 106.39 19.96
N PHE A 1075 42.52 106.73 19.28
CA PHE A 1075 41.19 106.68 19.88
C PHE A 1075 40.27 105.83 19.03
N ARG A 1076 39.42 105.04 19.69
CA ARG A 1076 38.49 104.17 18.99
C ARG A 1076 37.41 103.73 19.97
N ALA A 1077 36.29 103.26 19.41
CA ALA A 1077 35.24 102.69 20.24
C ALA A 1077 35.67 101.32 20.76
N GLU A 1078 34.91 100.80 21.72
CA GLU A 1078 35.24 99.50 22.27
C GLU A 1078 34.78 98.38 21.34
N LYS A 1079 35.36 97.20 21.55
CA LYS A 1079 35.16 96.09 20.62
C LYS A 1079 33.70 95.65 20.51
N SER A 1080 32.88 95.94 21.52
CA SER A 1080 31.50 95.46 21.49
C SER A 1080 30.70 96.14 20.39
N TYR A 1081 31.02 97.39 20.06
CA TYR A 1081 30.27 98.13 19.05
C TYR A 1081 30.67 97.78 17.63
N THR A 1082 31.39 96.68 17.44
CA THR A 1082 31.84 96.31 16.10
C THR A 1082 30.65 96.07 15.19
N VAL A 1083 30.73 96.60 13.98
CA VAL A 1083 29.68 96.47 12.97
C VAL A 1083 30.14 95.50 11.90
N GLN A 1084 29.32 94.50 11.61
CA GLN A 1084 29.69 93.42 10.70
C GLN A 1084 29.25 93.64 9.26
N SER A 1085 28.13 94.31 9.04
CA SER A 1085 27.60 94.50 7.70
C SER A 1085 26.80 95.80 7.67
N GLY A 1086 26.03 95.99 6.61
CA GLY A 1086 25.28 97.20 6.45
C GLY A 1086 26.14 98.35 5.96
N ARG A 1087 25.58 99.55 6.07
CA ARG A 1087 26.25 100.76 5.63
C ARG A 1087 26.10 101.83 6.71
N TRP A 1088 27.20 102.56 6.97
CA TRP A 1088 27.22 103.52 8.05
C TRP A 1088 28.10 104.70 7.67
N TYR A 1089 27.93 105.81 8.41
CA TYR A 1089 28.66 107.03 8.15
C TYR A 1089 28.87 107.78 9.45
N PHE A 1090 29.97 108.53 9.52
CA PHE A 1090 30.25 109.42 10.64
C PHE A 1090 31.13 110.56 10.15
N GLU A 1091 31.22 111.61 10.96
CA GLU A 1091 31.96 112.81 10.60
C GLU A 1091 32.93 113.18 11.70
N PHE A 1092 34.01 113.85 11.31
CA PHE A 1092 35.08 114.25 12.22
C PHE A 1092 35.51 115.67 11.92
N GLU A 1093 35.94 116.39 12.95
CA GLU A 1093 36.41 117.76 12.81
C GLU A 1093 37.79 117.89 13.45
N ALA A 1094 38.64 118.70 12.83
CA ALA A 1094 39.99 118.97 13.33
C ALA A 1094 40.17 120.48 13.40
N VAL A 1095 40.10 121.03 14.62
CA VAL A 1095 40.24 122.48 14.78
C VAL A 1095 41.63 122.93 14.31
N THR A 1096 42.66 122.23 14.74
CA THR A 1096 44.01 122.53 14.26
C THR A 1096 44.22 121.91 12.89
N THR A 1097 45.39 122.16 12.30
CA THR A 1097 45.72 121.67 10.97
C THR A 1097 47.08 120.98 11.00
N GLY A 1098 47.27 120.11 11.99
CA GLY A 1098 48.51 119.36 12.09
C GLY A 1098 48.47 118.06 11.31
N GLU A 1099 48.84 116.96 11.96
CA GLU A 1099 48.85 115.64 11.33
C GLU A 1099 48.01 114.68 12.15
N MET A 1100 47.04 114.04 11.50
CA MET A 1100 46.22 113.03 12.15
C MET A 1100 45.61 112.14 11.08
N ARG A 1101 45.10 110.99 11.52
CA ARG A 1101 44.55 109.99 10.62
C ARG A 1101 43.13 109.64 11.04
N VAL A 1102 42.24 109.53 10.06
CA VAL A 1102 40.82 109.25 10.30
C VAL A 1102 40.38 108.14 9.35
N GLY A 1103 39.63 107.19 9.88
CA GLY A 1103 39.13 106.10 9.05
C GLY A 1103 38.52 104.99 9.88
N TRP A 1104 38.55 103.79 9.32
CA TRP A 1104 38.04 102.60 9.99
C TRP A 1104 39.19 101.64 10.24
N ALA A 1105 39.04 100.84 11.31
CA ALA A 1105 40.10 99.93 11.71
C ALA A 1105 39.50 98.56 12.04
N ARG A 1106 40.34 97.55 11.95
CA ARG A 1106 39.94 96.20 12.34
C ARG A 1106 39.70 96.14 13.84
N PRO A 1107 38.87 95.21 14.31
CA PRO A 1107 38.56 95.17 15.75
C PRO A 1107 39.79 95.01 16.62
N GLU A 1108 40.77 94.22 16.17
CA GLU A 1108 42.01 94.03 16.92
C GLU A 1108 43.06 94.97 16.33
N LEU A 1109 43.13 96.18 16.89
CA LEU A 1109 44.10 97.18 16.46
C LEU A 1109 45.23 97.21 17.48
N ARG A 1110 46.38 96.67 17.11
CA ARG A 1110 47.51 96.64 18.02
C ARG A 1110 48.14 98.03 18.11
N PRO A 1111 48.32 98.58 19.31
CA PRO A 1111 49.04 99.84 19.44
C PRO A 1111 50.54 99.64 19.22
N ASP A 1112 51.32 100.68 19.50
CA ASP A 1112 52.77 100.70 19.28
C ASP A 1112 53.13 100.60 17.80
N VAL A 1113 52.22 101.03 16.93
CA VAL A 1113 52.49 101.12 15.50
C VAL A 1113 51.57 102.20 14.93
N GLU A 1114 52.13 103.02 14.04
CA GLU A 1114 51.35 104.11 13.48
C GLU A 1114 50.18 103.57 12.66
N LEU A 1115 49.07 104.29 12.70
CA LEU A 1115 47.85 103.83 12.06
C LEU A 1115 48.04 103.71 10.56
N GLY A 1116 47.53 102.61 9.99
CA GLY A 1116 47.61 102.37 8.57
C GLY A 1116 48.88 101.69 8.11
N ALA A 1117 49.84 101.45 9.01
CA ALA A 1117 51.09 100.79 8.61
C ALA A 1117 50.83 99.37 8.14
N ASP A 1118 49.97 98.64 8.85
CA ASP A 1118 49.65 97.26 8.53
C ASP A 1118 48.23 97.18 7.96
N GLU A 1119 47.77 95.95 7.74
CA GLU A 1119 46.44 95.73 7.17
C GLU A 1119 45.32 95.99 8.16
N LEU A 1120 45.63 96.21 9.43
CA LEU A 1120 44.61 96.37 10.47
C LEU A 1120 44.02 97.77 10.53
N ALA A 1121 44.15 98.57 9.48
CA ALA A 1121 43.61 99.92 9.48
C ALA A 1121 43.25 100.34 8.07
N TYR A 1122 42.39 101.36 8.00
CA TYR A 1122 42.01 101.98 6.72
C TYR A 1122 41.73 103.45 7.02
N VAL A 1123 42.75 104.29 6.86
CA VAL A 1123 42.68 105.69 7.23
C VAL A 1123 43.18 106.57 6.08
N PHE A 1124 42.84 107.85 6.15
CA PHE A 1124 43.26 108.84 5.17
C PHE A 1124 43.90 110.00 5.92
N ASN A 1125 45.17 110.26 5.65
CA ASN A 1125 45.90 111.35 6.27
C ASN A 1125 45.66 112.62 5.46
N GLY A 1126 44.91 113.55 6.03
CA GLY A 1126 44.55 114.77 5.35
C GLY A 1126 45.51 115.93 5.53
N HIS A 1127 46.69 115.70 6.10
CA HIS A 1127 47.67 116.77 6.23
C HIS A 1127 48.11 117.26 4.86
N ARG A 1128 48.32 116.34 3.92
CA ARG A 1128 48.71 116.70 2.57
C ARG A 1128 47.81 116.10 1.50
N GLY A 1129 46.80 115.34 1.89
CA GLY A 1129 45.92 114.71 0.92
C GLY A 1129 46.46 113.38 0.43
N GLN A 1130 46.77 112.48 1.37
CA GLN A 1130 47.34 111.19 1.04
C GLN A 1130 46.69 110.12 1.90
N ARG A 1131 46.16 109.08 1.26
CA ARG A 1131 45.57 107.98 1.99
C ARG A 1131 46.66 107.10 2.59
N TRP A 1132 46.27 106.24 3.53
CA TRP A 1132 47.22 105.43 4.28
C TRP A 1132 46.66 104.03 4.43
N HIS A 1133 47.26 103.07 3.73
CA HIS A 1133 46.97 101.64 3.96
C HIS A 1133 48.19 100.86 3.46
N LEU A 1134 49.05 100.46 4.41
CA LEU A 1134 50.32 99.83 4.08
C LEU A 1134 51.18 100.72 3.19
N GLY A 1135 51.04 102.02 3.34
CA GLY A 1135 51.80 102.96 2.53
C GLY A 1135 51.02 104.24 2.35
N SER A 1136 51.67 105.20 1.68
CA SER A 1136 51.10 106.51 1.44
C SER A 1136 50.84 106.70 -0.04
N GLU A 1137 49.61 107.06 -0.38
CA GLU A 1137 49.21 107.32 -1.76
C GLU A 1137 48.43 108.63 -1.77
N PRO A 1138 48.83 109.61 -2.59
CA PRO A 1138 48.14 110.90 -2.60
C PRO A 1138 46.68 110.76 -2.98
N PHE A 1139 45.82 111.54 -2.33
CA PHE A 1139 44.39 111.47 -2.56
C PHE A 1139 43.75 112.76 -2.09
N GLY A 1140 43.23 113.56 -3.03
CA GLY A 1140 42.51 114.76 -2.68
C GLY A 1140 43.41 115.88 -2.17
N ARG A 1141 42.76 116.87 -1.55
CA ARG A 1141 43.31 118.11 -1.05
C ARG A 1141 43.56 118.03 0.45
N PRO A 1142 44.52 118.81 0.96
CA PRO A 1142 44.79 118.79 2.41
C PRO A 1142 43.77 119.57 3.21
N TRP A 1143 44.00 119.70 4.52
CA TRP A 1143 43.06 120.34 5.41
C TRP A 1143 43.12 121.86 5.32
N GLN A 1144 42.33 122.50 6.17
CA GLN A 1144 42.36 123.94 6.40
C GLN A 1144 41.89 124.19 7.82
N SER A 1145 41.52 125.43 8.13
CA SER A 1145 40.96 125.75 9.44
C SER A 1145 39.63 125.02 9.65
N GLY A 1146 39.63 124.08 10.58
CA GLY A 1146 38.43 123.29 10.86
C GLY A 1146 38.26 122.13 9.91
N ASP A 1147 37.77 122.41 8.71
CA ASP A 1147 37.66 121.43 7.62
C ASP A 1147 37.07 120.11 8.10
N VAL A 1148 35.79 120.17 8.46
CA VAL A 1148 35.04 119.00 8.90
C VAL A 1148 35.18 117.88 7.89
N VAL A 1149 35.67 116.72 8.35
CA VAL A 1149 35.91 115.57 7.50
C VAL A 1149 34.84 114.52 7.77
N GLY A 1150 34.22 114.01 6.71
CA GLY A 1150 33.26 112.93 6.84
C GLY A 1150 33.78 111.64 6.26
N CYS A 1151 33.85 110.60 7.10
CA CYS A 1151 34.32 109.29 6.66
C CYS A 1151 33.12 108.39 6.41
N MET A 1152 33.19 107.60 5.35
CA MET A 1152 32.04 106.89 4.82
C MET A 1152 32.41 105.43 4.61
N ILE A 1153 31.46 104.53 4.84
CA ILE A 1153 31.71 103.11 4.68
C ILE A 1153 30.44 102.41 4.21
N ASP A 1154 30.61 101.28 3.53
CA ASP A 1154 29.48 100.45 3.12
C ASP A 1154 30.01 99.04 2.93
N LEU A 1155 29.63 98.13 3.82
CA LEU A 1155 30.10 96.75 3.77
C LEU A 1155 29.42 95.94 2.66
N THR A 1156 28.30 96.42 2.13
CA THR A 1156 27.62 95.69 1.06
C THR A 1156 28.49 95.61 -0.19
N GLU A 1157 29.09 96.73 -0.57
CA GLU A 1157 29.97 96.78 -1.74
C GLU A 1157 31.45 96.78 -1.37
N ASN A 1158 31.77 96.71 -0.08
CA ASN A 1158 33.15 96.57 0.38
C ASN A 1158 34.02 97.73 -0.10
N THR A 1159 33.52 98.95 0.08
CA THR A 1159 34.26 100.15 -0.31
C THR A 1159 34.07 101.21 0.77
N ILE A 1160 34.99 102.17 0.79
CA ILE A 1160 34.94 103.29 1.72
C ILE A 1160 35.09 104.58 0.93
N ILE A 1161 34.58 105.67 1.52
CA ILE A 1161 34.61 106.99 0.91
C ILE A 1161 35.02 108.00 1.98
N PHE A 1162 35.78 109.00 1.58
CA PHE A 1162 36.16 110.10 2.46
C PHE A 1162 35.62 111.39 1.87
N THR A 1163 34.90 112.16 2.69
CA THR A 1163 34.29 113.41 2.26
C THR A 1163 34.88 114.56 3.05
N LEU A 1164 35.28 115.63 2.35
CA LEU A 1164 35.89 116.79 2.95
C LEU A 1164 34.96 117.99 2.76
N ASN A 1165 34.54 118.60 3.87
CA ASN A 1165 33.65 119.76 3.85
C ASN A 1165 32.41 119.51 3.01
N GLY A 1166 31.82 118.32 3.17
CA GLY A 1166 30.59 117.98 2.49
C GLY A 1166 30.72 117.91 0.98
N GLU A 1167 31.75 117.24 0.48
CA GLU A 1167 31.88 117.00 -0.95
C GLU A 1167 32.69 115.73 -1.16
N VAL A 1168 32.37 115.02 -2.25
CA VAL A 1168 33.10 113.81 -2.57
C VAL A 1168 34.55 114.15 -2.93
N LEU A 1169 35.43 113.18 -2.73
CA LEU A 1169 36.85 113.35 -3.00
C LEU A 1169 37.31 112.34 -4.04
N MET A 1170 38.12 112.81 -4.98
CA MET A 1170 38.58 111.99 -6.10
C MET A 1170 40.03 111.59 -5.89
N SER A 1171 40.40 110.47 -6.49
CA SER A 1171 41.78 110.01 -6.44
C SER A 1171 42.61 110.74 -7.49
N ASP A 1172 43.92 110.45 -7.50
CA ASP A 1172 44.78 111.00 -8.54
C ASP A 1172 44.39 110.51 -9.92
N SER A 1173 43.93 109.26 -10.01
CA SER A 1173 43.42 108.70 -11.26
C SER A 1173 41.92 108.88 -11.42
N GLY A 1174 41.26 109.55 -10.49
CA GLY A 1174 39.83 109.75 -10.56
C GLY A 1174 38.99 108.63 -10.01
N SER A 1175 39.54 107.80 -9.15
CA SER A 1175 38.77 106.71 -8.55
C SER A 1175 37.69 107.27 -7.63
N GLU A 1176 36.49 106.69 -7.72
CA GLU A 1176 35.39 107.14 -6.88
C GLU A 1176 35.51 106.65 -5.44
N THR A 1177 36.18 105.52 -5.24
CA THR A 1177 36.34 104.94 -3.91
C THR A 1177 37.78 104.52 -3.71
N ALA A 1178 38.19 104.46 -2.45
CA ALA A 1178 39.54 104.07 -2.07
C ALA A 1178 39.53 102.72 -1.38
N PHE A 1179 40.54 101.90 -1.70
CA PHE A 1179 40.70 100.56 -1.12
C PHE A 1179 39.46 99.71 -1.39
N ARG A 1180 39.24 99.43 -2.67
CA ARG A 1180 38.08 98.65 -3.08
C ARG A 1180 38.23 97.19 -2.66
N GLU A 1181 37.09 96.50 -2.59
CA GLU A 1181 37.02 95.07 -2.29
C GLU A 1181 37.65 94.76 -0.93
N ILE A 1182 37.03 95.30 0.12
CA ILE A 1182 37.49 95.08 1.49
C ILE A 1182 36.87 93.78 2.00
N GLU A 1183 37.71 92.90 2.55
CA GLU A 1183 37.21 91.67 3.14
C GLU A 1183 36.42 91.99 4.41
N ILE A 1184 35.32 91.25 4.61
CA ILE A 1184 34.48 91.49 5.78
C ILE A 1184 35.26 91.22 7.06
N GLY A 1185 35.99 90.10 7.10
CA GLY A 1185 36.76 89.78 8.28
C GLY A 1185 35.85 89.54 9.47
N ASP A 1186 36.06 90.29 10.53
CA ASP A 1186 35.27 90.23 11.75
C ASP A 1186 34.76 91.61 12.12
N GLY A 1187 34.20 92.31 11.13
CA GLY A 1187 33.65 93.63 11.37
C GLY A 1187 34.67 94.73 11.22
N PHE A 1188 34.21 95.95 11.50
CA PHE A 1188 35.07 97.13 11.41
C PHE A 1188 34.67 98.11 12.49
N LEU A 1189 35.61 98.99 12.85
CA LEU A 1189 35.46 99.88 13.98
C LEU A 1189 35.93 101.27 13.61
N PRO A 1190 35.23 102.31 14.06
CA PRO A 1190 35.74 103.67 13.86
C PRO A 1190 36.99 103.91 14.66
N VAL A 1191 37.87 104.75 14.13
CA VAL A 1191 39.15 105.04 14.76
C VAL A 1191 39.57 106.46 14.39
N CYS A 1192 40.28 107.10 15.30
CA CYS A 1192 40.79 108.45 15.11
C CYS A 1192 42.26 108.49 15.52
N SER A 1193 42.90 109.62 15.25
CA SER A 1193 44.29 109.84 15.64
C SER A 1193 44.49 111.32 15.92
N LEU A 1194 45.51 111.61 16.71
CA LEU A 1194 45.83 112.98 17.07
C LEU A 1194 47.33 113.08 17.31
N GLY A 1195 48.00 113.94 16.53
CA GLY A 1195 49.41 114.15 16.71
C GLY A 1195 49.70 115.06 17.88
N PRO A 1196 50.99 115.29 18.13
CA PRO A 1196 51.38 116.21 19.21
C PRO A 1196 50.82 117.60 18.97
N GLY A 1197 50.31 118.22 20.03
CA GLY A 1197 49.78 119.56 19.95
C GLY A 1197 48.67 119.73 18.93
N GLN A 1198 47.75 118.77 18.87
CA GLN A 1198 46.63 118.81 17.93
C GLN A 1198 45.31 118.75 18.68
N VAL A 1199 44.30 119.41 18.11
CA VAL A 1199 42.97 119.46 18.69
C VAL A 1199 41.97 118.97 17.66
N GLY A 1200 41.06 118.11 18.08
CA GLY A 1200 40.04 117.58 17.19
C GLY A 1200 38.79 117.21 17.95
N HIS A 1201 37.65 117.31 17.28
CA HIS A 1201 36.37 116.91 17.84
C HIS A 1201 35.63 116.06 16.82
N LEU A 1202 35.06 114.95 17.28
CA LEU A 1202 34.34 114.03 16.42
C LEU A 1202 32.93 113.82 16.94
N ASN A 1203 31.98 113.74 16.02
CA ASN A 1203 30.58 113.52 16.36
C ASN A 1203 30.12 112.23 15.69
N LEU A 1204 29.65 111.27 16.48
CA LEU A 1204 29.18 109.99 15.97
C LEU A 1204 27.67 109.97 15.74
N GLY A 1205 27.08 111.14 15.48
CA GLY A 1205 25.69 111.21 15.11
C GLY A 1205 24.70 110.81 16.19
N GLN A 1206 24.94 111.21 17.44
CA GLN A 1206 23.94 111.00 18.46
C GLN A 1206 22.68 111.82 18.17
N ASP A 1207 22.86 113.05 17.70
CA ASP A 1207 21.76 113.93 17.35
C ASP A 1207 21.85 114.29 15.87
N VAL A 1208 20.74 114.11 15.15
CA VAL A 1208 20.73 114.43 13.72
C VAL A 1208 21.00 115.91 13.50
N SER A 1209 20.39 116.77 14.32
CA SER A 1209 20.63 118.20 14.19
C SER A 1209 22.07 118.56 14.50
N SER A 1210 22.76 117.73 15.29
CA SER A 1210 24.16 117.97 15.60
C SER A 1210 25.09 117.60 14.45
N LEU A 1211 24.59 116.92 13.43
CA LEU A 1211 25.42 116.59 12.27
C LEU A 1211 25.80 117.85 11.51
N ARG A 1212 27.06 117.90 11.06
CA ARG A 1212 27.55 119.07 10.34
C ARG A 1212 26.79 119.29 9.05
N PHE A 1213 26.91 118.36 8.10
CA PHE A 1213 26.17 118.44 6.85
C PHE A 1213 25.17 117.30 6.69
N PHE A 1214 25.66 116.05 6.67
CA PHE A 1214 24.84 114.87 6.41
C PHE A 1214 23.81 115.11 5.30
N ALA A 1215 24.22 115.81 4.24
CA ALA A 1215 23.30 116.12 3.16
C ALA A 1215 23.94 115.93 1.80
N ILE A 1216 25.03 115.16 1.72
CA ILE A 1216 25.77 114.96 0.48
C ILE A 1216 25.90 113.48 0.14
N CYS A 1217 26.28 112.66 1.13
CA CYS A 1217 26.53 111.24 0.90
C CYS A 1217 25.66 110.31 1.73
N GLY A 1218 24.91 110.83 2.70
CA GLY A 1218 24.14 109.95 3.56
C GLY A 1218 22.69 110.36 3.74
N LEU A 1219 22.31 111.52 3.19
CA LEU A 1219 20.96 112.01 3.40
C LEU A 1219 19.94 111.18 2.63
N GLN A 1220 20.29 110.72 1.42
CA GLN A 1220 19.34 110.02 0.57
C GLN A 1220 19.98 108.80 -0.08
N GLU A 1221 20.89 108.14 0.63
CA GLU A 1221 21.59 106.98 0.09
C GLU A 1221 21.52 105.77 1.00
N GLY A 1222 20.65 105.78 2.01
CA GLY A 1222 20.48 104.65 2.90
C GLY A 1222 21.48 104.57 4.03
N PHE A 1223 22.38 105.53 4.16
CA PHE A 1223 23.39 105.51 5.20
C PHE A 1223 22.88 106.21 6.45
N GLU A 1224 23.16 105.61 7.60
CA GLU A 1224 22.74 106.15 8.88
C GLU A 1224 23.95 106.28 9.80
N PRO A 1225 23.97 107.29 10.67
CA PRO A 1225 25.07 107.41 11.64
C PRO A 1225 25.01 106.30 12.67
N PHE A 1226 26.10 106.18 13.43
CA PHE A 1226 26.20 105.14 14.44
C PHE A 1226 25.12 105.29 15.51
N ALA A 1227 25.18 106.39 16.28
CA ALA A 1227 24.30 106.57 17.42
C ALA A 1227 22.92 107.06 16.98
N ILE A 1228 22.29 106.26 16.13
CA ILE A 1228 20.95 106.60 15.66
C ILE A 1228 19.93 106.45 16.79
N ASN A 1229 20.02 105.35 17.53
CA ASN A 1229 19.17 105.13 18.71
C ASN A 1229 20.07 104.59 19.82
N MET A 1230 20.65 105.50 20.59
CA MET A 1230 21.57 105.13 21.67
C MET A 1230 21.35 106.09 22.84
N GLN A 1231 20.81 105.57 23.94
CA GLN A 1231 20.55 106.42 25.09
C GLN A 1231 21.81 106.89 25.78
N ARG A 1232 22.95 106.26 25.50
CA ARG A 1232 24.20 106.60 26.16
C ARG A 1232 25.30 106.79 25.12
N PRO A 1233 26.32 107.57 25.45
CA PRO A 1233 27.45 107.73 24.52
C PRO A 1233 28.33 106.49 24.47
N VAL A 1234 29.43 106.57 23.73
CA VAL A 1234 30.34 105.45 23.54
C VAL A 1234 31.49 105.56 24.52
N THR A 1235 32.05 104.42 24.90
CA THR A 1235 33.17 104.40 25.85
C THR A 1235 34.41 105.07 25.26
N THR A 1236 34.70 104.81 23.98
CA THR A 1236 35.82 105.42 23.27
C THR A 1236 37.15 105.11 23.97
N TRP A 1237 37.50 103.83 23.95
CA TRP A 1237 38.78 103.39 24.49
C TRP A 1237 39.93 104.11 23.80
N PHE A 1238 40.87 104.59 24.60
CA PHE A 1238 42.04 105.31 24.09
C PHE A 1238 43.31 104.53 24.44
N SER A 1239 44.45 105.08 24.03
CA SER A 1239 45.74 104.41 24.15
C SER A 1239 46.54 104.99 25.31
N LYS A 1240 47.00 104.11 26.18
CA LYS A 1240 47.83 104.49 27.32
C LYS A 1240 49.30 104.55 26.92
N SER A 1241 50.07 105.29 27.70
CA SER A 1241 51.50 105.44 27.47
C SER A 1241 52.37 104.87 28.58
N LEU A 1242 51.76 104.37 29.65
CA LEU A 1242 52.53 103.82 30.76
C LEU A 1242 52.96 102.39 30.44
N PRO A 1243 54.24 102.07 30.47
CA PRO A 1243 54.72 100.70 30.15
C PRO A 1243 54.53 99.71 31.29
N GLN A 1244 53.31 99.15 31.36
CA GLN A 1244 53.00 98.21 32.42
C GLN A 1244 53.52 96.81 32.08
N PHE A 1245 53.42 95.91 33.06
CA PHE A 1245 53.96 94.57 32.91
C PHE A 1245 53.11 93.76 31.92
N GLU A 1246 53.76 92.83 31.22
CA GLU A 1246 53.07 91.96 30.28
C GLU A 1246 53.84 90.65 30.12
N PRO A 1247 53.14 89.52 30.03
CA PRO A 1247 53.83 88.26 29.74
C PRO A 1247 54.33 88.21 28.31
N VAL A 1248 55.36 87.39 28.09
CA VAL A 1248 55.90 87.22 26.74
C VAL A 1248 54.96 86.32 25.93
N PRO A 1249 54.58 86.71 24.73
CA PRO A 1249 53.76 85.84 23.89
C PRO A 1249 54.56 84.64 23.43
N PRO A 1250 53.98 83.44 23.52
CA PRO A 1250 54.71 82.24 23.07
C PRO A 1250 55.03 82.26 21.59
N GLU A 1251 54.30 83.04 20.79
CA GLU A 1251 54.51 83.11 19.35
C GLU A 1251 55.25 84.37 18.94
N HIS A 1252 55.99 84.99 19.86
CA HIS A 1252 56.71 86.21 19.53
C HIS A 1252 57.74 85.92 18.44
N PRO A 1253 57.91 86.82 17.47
CA PRO A 1253 58.78 86.52 16.33
C PRO A 1253 60.23 86.28 16.70
N HIS A 1254 60.87 87.23 17.37
CA HIS A 1254 62.30 87.15 17.65
C HIS A 1254 62.60 87.26 19.14
N TYR A 1255 61.70 86.79 19.99
CA TYR A 1255 61.91 86.79 21.43
C TYR A 1255 61.23 85.54 22.00
N GLU A 1256 62.02 84.50 22.23
CA GLU A 1256 61.50 83.22 22.69
C GLU A 1256 62.25 82.80 23.95
N VAL A 1257 61.51 82.19 24.88
CA VAL A 1257 62.09 81.75 26.15
C VAL A 1257 61.91 80.24 26.28
N ALA A 1258 62.37 79.68 27.40
CA ALA A 1258 62.23 78.25 27.64
C ALA A 1258 62.14 77.99 29.13
N ARG A 1259 61.52 76.86 29.47
CA ARG A 1259 61.35 76.42 30.86
C ARG A 1259 61.72 74.94 30.90
N MET A 1260 62.99 74.64 31.13
CA MET A 1260 63.47 73.26 31.18
C MET A 1260 63.34 72.72 32.60
N ASP A 1261 62.90 71.48 32.71
CA ASP A 1261 62.72 70.85 34.01
C ASP A 1261 64.06 70.65 34.70
N GLY A 1262 64.02 70.66 36.04
CA GLY A 1262 65.24 70.50 36.80
C GLY A 1262 65.84 69.12 36.63
N THR A 1263 67.17 69.06 36.65
CA THR A 1263 67.91 67.82 36.53
C THR A 1263 68.51 67.43 37.87
N VAL A 1264 69.04 66.21 37.93
CA VAL A 1264 69.70 65.74 39.14
C VAL A 1264 70.95 66.56 39.43
N ASP A 1265 71.73 66.85 38.39
CA ASP A 1265 72.99 67.57 38.55
C ASP A 1265 72.82 69.09 38.51
N THR A 1266 71.65 69.60 38.16
CA THR A 1266 71.47 71.04 38.08
C THR A 1266 70.02 71.42 38.32
N PRO A 1267 69.76 72.50 39.05
CA PRO A 1267 68.39 72.96 39.27
C PRO A 1267 67.81 73.57 38.00
N PRO A 1268 66.49 73.69 37.91
CA PRO A 1268 65.88 74.21 36.67
C PRO A 1268 66.23 75.66 36.42
N CYS A 1269 66.22 76.03 35.14
CA CYS A 1269 66.54 77.39 34.72
C CYS A 1269 65.69 77.76 33.52
N LEU A 1270 65.55 79.07 33.31
CA LEU A 1270 64.80 79.62 32.19
C LEU A 1270 65.79 80.29 31.24
N ARG A 1271 65.83 79.84 30.00
CA ARG A 1271 66.73 80.37 28.99
C ARG A 1271 66.03 81.40 28.11
N LEU A 1272 66.84 82.17 27.41
CA LEU A 1272 66.35 83.16 26.46
C LEU A 1272 67.13 83.03 25.16
N ALA A 1273 66.45 83.25 24.04
CA ALA A 1273 67.06 83.15 22.73
C ALA A 1273 66.62 84.32 21.87
N HIS A 1274 67.46 84.65 20.89
CA HIS A 1274 67.21 85.76 19.97
C HIS A 1274 67.43 85.29 18.55
N ARG A 1275 66.70 85.88 17.62
CA ARG A 1275 66.82 85.54 16.20
C ARG A 1275 68.15 86.07 15.69
N THR A 1276 69.15 85.18 15.57
CA THR A 1276 70.50 85.56 15.15
C THR A 1276 70.57 85.59 13.62
N TRP A 1277 69.95 86.62 13.06
CA TRP A 1277 69.93 86.83 11.63
C TRP A 1277 69.83 88.33 11.38
N GLY A 1278 69.44 88.72 10.16
CA GLY A 1278 69.25 90.12 9.84
C GLY A 1278 67.91 90.64 10.32
N SER A 1279 67.47 90.16 11.49
CA SER A 1279 66.18 90.53 12.05
C SER A 1279 66.36 91.70 13.02
N GLN A 1280 65.31 91.99 13.79
CA GLN A 1280 65.35 93.08 14.76
C GLN A 1280 66.28 92.75 15.92
N ASN A 1281 67.09 93.73 16.31
CA ASN A 1281 67.94 93.65 17.49
C ASN A 1281 67.68 94.89 18.33
N SER A 1282 66.71 94.79 19.24
CA SER A 1282 66.29 95.94 20.02
C SER A 1282 67.27 96.19 21.17
N LEU A 1283 67.01 97.25 21.93
CA LEU A 1283 67.84 97.65 23.05
C LEU A 1283 67.51 96.78 24.26
N VAL A 1284 68.02 97.18 25.43
CA VAL A 1284 67.73 96.47 26.66
C VAL A 1284 66.23 96.51 26.93
N GLU A 1285 65.61 95.35 27.02
CA GLU A 1285 64.21 95.23 27.42
C GLU A 1285 64.15 94.70 28.84
N MET A 1286 63.37 95.37 29.70
CA MET A 1286 63.32 95.02 31.11
C MET A 1286 62.35 93.86 31.29
N LEU A 1287 62.89 92.68 31.57
CA LEU A 1287 62.09 91.47 31.72
C LEU A 1287 61.92 91.15 33.20
N PHE A 1288 60.67 90.96 33.60
CA PHE A 1288 60.29 90.77 35.00
C PHE A 1288 59.89 89.31 35.21
N LEU A 1289 59.59 88.98 36.46
CA LEU A 1289 59.05 87.67 36.78
C LEU A 1289 57.55 87.79 37.05
N ARG A 1290 56.93 86.69 37.48
CA ARG A 1290 55.50 86.69 37.74
C ARG A 1290 55.20 86.94 39.23
N LEU A 1291 55.72 86.10 40.10
CA LEU A 1291 55.43 86.21 41.52
C LEU A 1291 56.14 87.41 42.13
N SER A 1292 55.67 87.82 43.30
CA SER A 1292 56.21 88.95 44.03
C SER A 1292 56.78 88.48 45.37
N LEU A 1293 57.71 89.28 45.91
CA LEU A 1293 58.40 88.94 47.14
C LEU A 1293 58.01 89.89 48.26
N PRO A 1294 57.20 89.46 49.24
CA PRO A 1294 57.00 90.27 50.44
C PRO A 1294 58.09 89.99 51.47
N VAL A 1295 58.40 91.03 52.25
CA VAL A 1295 59.42 90.87 53.28
C VAL A 1295 58.94 89.89 54.35
N GLN A 1296 59.90 89.30 55.05
CA GLN A 1296 59.58 88.36 56.11
C GLN A 1296 59.23 89.15 57.38
N PHE A 1297 59.06 88.44 58.50
CA PHE A 1297 58.66 89.06 59.74
C PHE A 1297 58.98 88.17 60.94
N THR A 1430 68.07 93.60 57.10
CA THR A 1430 67.70 92.56 58.04
C THR A 1430 66.37 91.93 57.67
N THR A 1431 65.82 91.16 58.60
CA THR A 1431 64.55 90.45 58.50
C THR A 1431 64.61 89.33 57.47
N THR A 1432 65.73 89.19 56.75
CA THR A 1432 65.94 88.10 55.81
C THR A 1432 67.27 87.39 56.05
N TYR A 1433 67.92 87.67 57.18
CA TYR A 1433 69.18 87.09 57.64
C TYR A 1433 70.38 87.49 56.79
N TYR A 1434 70.18 88.24 55.71
CA TYR A 1434 71.29 88.67 54.86
C TYR A 1434 70.78 89.72 53.88
N TYR A 1435 71.70 90.58 53.43
CA TYR A 1435 71.44 91.51 52.33
C TYR A 1435 72.77 91.75 51.63
N SER A 1436 73.03 90.96 50.58
CA SER A 1436 74.31 91.04 49.88
C SER A 1436 74.15 90.50 48.48
N VAL A 1437 75.10 90.87 47.62
CA VAL A 1437 75.18 90.39 46.24
C VAL A 1437 76.58 89.86 46.02
N ARG A 1438 76.69 88.57 45.70
CA ARG A 1438 77.98 87.91 45.51
C ARG A 1438 78.11 87.49 44.06
N VAL A 1439 79.28 87.76 43.46
CA VAL A 1439 79.48 87.44 42.06
C VAL A 1439 79.85 85.97 41.88
N PHE A 1440 80.94 85.52 42.50
CA PHE A 1440 81.29 84.11 42.48
C PHE A 1440 81.33 83.54 43.88
N ALA A 1441 82.13 84.15 44.76
CA ALA A 1441 82.22 83.72 46.15
C ALA A 1441 82.37 84.89 47.12
N GLY A 1442 82.35 86.12 46.64
CA GLY A 1442 82.50 87.27 47.53
C GLY A 1442 82.51 88.59 46.78
N GLN A 1443 81.77 89.57 47.29
CA GLN A 1443 81.70 90.88 46.67
C GLN A 1443 81.28 91.88 47.74
N GLU A 1444 81.47 93.16 47.41
CA GLU A 1444 81.14 94.27 48.33
C GLU A 1444 80.22 95.24 47.60
N PRO A 1445 78.94 94.88 47.43
CA PRO A 1445 78.00 95.76 46.74
C PRO A 1445 77.24 96.71 47.64
N SER A 1446 77.26 96.50 48.95
CA SER A 1446 76.44 97.26 49.89
C SER A 1446 74.96 97.16 49.51
N CYS A 1447 74.45 95.92 49.53
CA CYS A 1447 73.08 95.66 49.14
C CYS A 1447 72.12 96.44 50.01
N VAL A 1448 71.11 97.03 49.39
CA VAL A 1448 70.19 97.94 50.04
C VAL A 1448 68.91 97.18 50.40
N TRP A 1449 68.57 97.18 51.68
CA TRP A 1449 67.33 96.61 52.19
C TRP A 1449 66.56 97.68 52.94
N VAL A 1450 65.25 97.71 52.73
CA VAL A 1450 64.42 98.79 53.25
C VAL A 1450 63.82 98.45 54.61
N GLY A 1451 63.48 97.17 54.84
CA GLY A 1451 62.95 96.76 56.12
C GLY A 1451 61.47 96.99 56.33
N TRP A 1452 60.79 97.70 55.43
CA TRP A 1452 59.36 97.90 55.54
C TRP A 1452 58.63 96.75 54.86
N VAL A 1453 57.31 96.87 54.69
CA VAL A 1453 56.54 95.80 54.06
C VAL A 1453 57.01 95.58 52.62
N THR A 1454 56.88 96.62 51.77
CA THR A 1454 57.52 96.75 50.47
C THR A 1454 57.56 95.45 49.66
N PRO A 1455 56.43 94.98 49.13
CA PRO A 1455 56.47 93.77 48.30
C PRO A 1455 57.46 93.88 47.14
N ASP A 1456 58.51 93.07 47.17
CA ASP A 1456 59.57 93.13 46.17
C ASP A 1456 59.14 92.36 44.92
N TYR A 1457 59.99 92.37 43.91
CA TYR A 1457 59.71 91.72 42.64
C TYR A 1457 61.01 91.33 41.97
N HIS A 1458 61.11 90.07 41.56
CA HIS A 1458 62.29 89.63 40.82
C HIS A 1458 62.41 90.38 39.51
N GLN A 1459 63.61 90.84 39.20
CA GLN A 1459 63.81 91.63 37.99
C GLN A 1459 65.26 91.51 37.53
N HIS A 1460 65.46 91.83 36.25
CA HIS A 1460 66.77 91.91 35.62
C HIS A 1460 66.60 92.52 34.24
N ASP A 1461 67.55 93.36 33.84
CA ASP A 1461 67.49 94.07 32.56
C ASP A 1461 68.69 93.67 31.71
N MET A 1462 68.43 93.32 30.46
CA MET A 1462 69.50 92.92 29.54
C MET A 1462 69.03 93.12 28.11
N ASN A 1463 69.98 93.12 27.20
CA ASN A 1463 69.72 93.17 25.76
C ASN A 1463 70.35 91.96 25.08
N PHE A 1464 70.12 91.86 23.79
CA PHE A 1464 70.65 90.76 22.97
C PHE A 1464 71.69 91.33 22.02
N ASP A 1465 72.89 90.75 22.05
CA ASP A 1465 73.98 91.10 21.14
C ASP A 1465 74.09 90.09 20.01
N LEU A 1466 72.95 89.60 19.54
CA LEU A 1466 72.89 88.54 18.52
C LEU A 1466 73.62 87.29 19.01
N SER A 1467 73.47 86.99 20.30
CA SER A 1467 74.17 85.91 20.96
C SER A 1467 73.20 84.79 21.32
N LYS A 1468 73.72 83.78 22.03
CA LYS A 1468 72.96 82.56 22.28
C LYS A 1468 72.02 82.69 23.48
N VAL A 1469 72.58 82.86 24.67
CA VAL A 1469 71.82 82.64 25.90
C VAL A 1469 72.14 83.71 26.94
N ARG A 1470 71.08 84.16 27.64
CA ARG A 1470 71.20 84.96 28.86
C ARG A 1470 70.11 84.45 29.80
N ALA A 1471 70.44 83.44 30.60
CA ALA A 1471 69.45 82.65 31.33
C ALA A 1471 69.36 83.08 32.79
N VAL A 1472 68.27 82.66 33.42
CA VAL A 1472 68.02 82.86 34.84
C VAL A 1472 67.79 81.50 35.48
N THR A 1473 68.52 81.20 36.55
CA THR A 1473 68.49 79.90 37.19
C THR A 1473 68.07 80.03 38.64
N VAL A 1474 67.17 79.14 39.07
CA VAL A 1474 66.83 79.03 40.48
C VAL A 1474 67.90 78.21 41.18
N THR A 1475 68.46 78.74 42.26
CA THR A 1475 69.56 78.10 42.97
C THR A 1475 69.21 77.91 44.44
N MET A 1476 69.54 76.73 44.96
CA MET A 1476 69.30 76.39 46.36
C MET A 1476 70.65 75.87 46.88
N GLY A 1477 71.39 76.73 47.56
CA GLY A 1477 72.76 76.44 47.96
C GLY A 1477 72.85 75.50 49.13
N ASP A 1478 74.06 75.45 49.73
CA ASP A 1478 74.28 74.55 50.85
C ASP A 1478 73.36 74.88 52.03
N GLU A 1479 73.24 76.17 52.36
CA GLU A 1479 72.33 76.59 53.42
C GLU A 1479 71.59 77.87 53.05
N GLN A 1480 71.54 78.23 51.77
CA GLN A 1480 70.90 79.48 51.36
C GLN A 1480 70.54 79.38 49.88
N GLY A 1481 69.25 79.54 49.56
CA GLY A 1481 68.85 79.60 48.18
C GLY A 1481 69.32 80.88 47.51
N ASN A 1482 69.51 80.80 46.19
CA ASN A 1482 70.10 81.91 45.46
C ASN A 1482 69.34 82.13 44.16
N VAL A 1483 69.46 83.35 43.64
CA VAL A 1483 68.87 83.72 42.36
C VAL A 1483 69.99 83.84 41.33
N HIS A 1484 70.30 82.75 40.64
CA HIS A 1484 71.40 82.74 39.71
C HIS A 1484 71.00 83.36 38.38
N SER A 1485 71.95 84.05 37.75
CA SER A 1485 71.75 84.65 36.43
C SER A 1485 72.99 84.32 35.59
N SER A 1486 72.96 83.18 34.93
CA SER A 1486 74.09 82.78 34.09
C SER A 1486 74.17 83.69 32.88
N LEU A 1487 75.36 84.23 32.62
CA LEU A 1487 75.56 85.18 31.53
C LEU A 1487 76.83 84.82 30.78
N LYS A 1488 76.80 85.02 29.47
CA LYS A 1488 77.99 84.79 28.64
C LYS A 1488 78.26 85.88 27.63
N CYS A 1489 77.27 86.69 27.25
CA CYS A 1489 77.37 87.51 26.03
C CYS A 1489 77.87 88.93 26.31
N SER A 1490 77.12 89.70 27.08
CA SER A 1490 77.36 91.14 27.11
C SER A 1490 76.79 91.70 28.43
N ASN A 1491 76.64 93.03 28.47
CA ASN A 1491 76.22 93.71 29.69
C ASN A 1491 74.78 93.33 30.06
N CYS A 1492 74.59 92.86 31.29
CA CYS A 1492 73.29 92.50 31.80
C CYS A 1492 73.20 92.94 33.26
N TYR A 1493 72.06 93.51 33.63
CA TYR A 1493 71.85 94.03 34.98
C TYR A 1493 70.94 93.07 35.73
N MET A 1494 71.36 92.67 36.93
CA MET A 1494 70.61 91.71 37.75
C MET A 1494 70.34 92.35 39.10
N VAL A 1495 69.16 92.96 39.24
CA VAL A 1495 68.77 93.63 40.47
C VAL A 1495 67.29 93.39 40.73
N TRP A 1496 66.94 93.12 41.99
CA TRP A 1496 65.55 92.95 42.36
C TRP A 1496 64.77 94.22 42.07
N GLY A 1497 63.57 94.07 41.50
CA GLY A 1497 62.76 95.19 41.07
C GLY A 1497 61.65 95.50 42.07
N GLY A 1498 61.24 96.76 42.09
CA GLY A 1498 60.09 97.15 42.88
C GLY A 1498 58.79 97.02 42.12
N ASP A 1499 57.69 97.21 42.84
CA ASP A 1499 56.38 97.14 42.20
C ASP A 1499 56.14 98.36 41.32
N PHE A 1500 56.46 99.55 41.82
CA PHE A 1500 56.21 100.81 41.13
C PHE A 1500 57.09 101.01 39.90
N VAL A 1501 57.90 100.03 39.51
CA VAL A 1501 58.82 100.19 38.39
C VAL A 1501 58.03 100.41 37.11
N SER A 1502 58.11 101.60 36.55
CA SER A 1502 57.51 101.91 35.26
C SER A 1502 58.27 103.03 34.57
N PRO A 1503 59.58 102.86 34.31
CA PRO A 1503 60.35 103.94 33.69
C PRO A 1503 60.31 103.86 32.17
N GLY A 1504 61.05 104.73 31.50
CA GLY A 1504 61.20 104.67 30.07
C GLY A 1504 62.21 103.62 29.64
N GLN A 1505 63.01 103.94 28.63
CA GLN A 1505 64.04 103.02 28.14
C GLN A 1505 65.30 103.81 27.88
N GLN A 1506 66.27 103.17 27.24
CA GLN A 1506 67.55 103.75 26.81
C GLN A 1506 68.41 104.20 27.99
N GLY A 1507 68.05 103.82 29.22
CA GLY A 1507 68.84 104.18 30.38
C GLY A 1507 68.35 103.49 31.64
N ARG A 1508 69.27 102.90 32.40
CA ARG A 1508 68.93 102.19 33.62
C ARG A 1508 69.58 102.82 34.84
N ILE A 1509 69.93 104.10 34.77
CA ILE A 1509 70.53 104.83 35.87
C ILE A 1509 69.79 106.15 36.04
N SER A 1510 70.24 106.95 37.00
CA SER A 1510 69.67 108.28 37.26
C SER A 1510 68.19 108.18 37.63
N HIS A 1511 67.91 107.44 38.69
CA HIS A 1511 66.56 107.28 39.23
C HIS A 1511 66.66 107.44 40.75
N THR A 1512 66.58 108.69 41.22
CA THR A 1512 66.75 108.98 42.64
C THR A 1512 65.58 109.84 43.13
N ASP A 1513 65.02 109.45 44.26
CA ASP A 1513 63.91 110.17 44.90
C ASP A 1513 63.70 109.53 46.28
N LEU A 1514 62.69 110.03 46.99
CA LEU A 1514 62.25 109.47 48.27
C LEU A 1514 63.42 109.37 49.26
N VAL A 1515 64.27 110.38 49.27
CA VAL A 1515 65.38 110.45 50.21
C VAL A 1515 64.89 111.19 51.45
N ILE A 1516 64.80 110.46 52.56
CA ILE A 1516 64.25 111.04 53.79
C ILE A 1516 65.25 112.01 54.38
N GLY A 1517 64.78 113.23 54.66
CA GLY A 1517 65.61 114.25 55.25
C GLY A 1517 64.92 114.97 56.39
N CYS A 1518 64.05 114.26 57.10
CA CYS A 1518 63.33 114.84 58.22
C CYS A 1518 64.29 115.10 59.38
N LEU A 1519 64.21 116.31 59.94
CA LEU A 1519 65.07 116.69 61.04
C LEU A 1519 64.45 117.84 61.81
N VAL A 1520 64.76 117.90 63.11
CA VAL A 1520 64.23 118.92 63.98
C VAL A 1520 65.26 120.04 64.12
N ASP A 1521 64.84 121.16 64.71
CA ASP A 1521 65.69 122.34 64.77
C ASP A 1521 66.99 122.05 65.52
N LEU A 1522 66.89 121.48 66.72
CA LEU A 1522 68.08 121.17 67.51
C LEU A 1522 68.56 119.74 67.26
N ALA A 1523 68.69 119.39 65.97
CA ALA A 1523 69.17 118.08 65.55
C ALA A 1523 68.45 116.92 66.24
N THR A 1524 67.21 117.16 66.70
CA THR A 1524 66.46 116.11 67.37
C THR A 1524 65.91 115.11 66.37
N GLY A 1525 65.58 115.56 65.16
CA GLY A 1525 65.05 114.69 64.14
C GLY A 1525 66.12 113.89 63.43
N LEU A 1526 66.66 112.87 64.10
CA LEU A 1526 67.71 112.03 63.53
C LEU A 1526 67.13 110.64 63.25
N MET A 1527 66.53 110.50 62.06
CA MET A 1527 66.23 109.20 61.49
C MET A 1527 66.68 109.17 60.05
N THR A 1528 67.31 108.06 59.65
CA THR A 1528 67.74 107.86 58.28
C THR A 1528 67.84 106.36 58.04
N PHE A 1529 67.30 105.90 56.92
CA PHE A 1529 67.30 104.48 56.57
C PHE A 1529 67.63 104.37 55.09
N THR A 1530 67.37 103.18 54.53
CA THR A 1530 67.61 102.92 53.11
C THR A 1530 66.52 103.62 52.31
N ALA A 1531 66.74 104.90 52.03
CA ALA A 1531 65.75 105.74 51.36
C ALA A 1531 65.59 105.30 49.92
N ASN A 1532 64.41 104.76 49.59
CA ASN A 1532 64.07 104.31 48.24
C ASN A 1532 65.06 103.24 47.77
N GLY A 1533 65.01 102.10 48.44
CA GLY A 1533 65.84 100.99 48.03
C GLY A 1533 65.16 100.17 46.95
N LYS A 1534 65.49 100.44 45.69
CA LYS A 1534 64.82 99.81 44.56
C LYS A 1534 65.74 98.89 43.77
N GLU A 1535 66.90 99.38 43.31
CA GLU A 1535 67.84 98.55 42.57
C GLU A 1535 69.24 99.12 42.80
N SER A 1536 70.06 98.40 43.58
CA SER A 1536 71.48 98.69 43.67
C SER A 1536 72.14 98.12 42.41
N ASN A 1537 72.04 98.90 41.34
CA ASN A 1537 72.33 98.41 39.99
C ASN A 1537 73.73 97.85 39.85
N THR A 1538 73.84 96.54 39.64
CA THR A 1538 75.10 95.90 39.31
C THR A 1538 75.23 95.80 37.79
N PHE A 1539 76.47 95.79 37.32
CA PHE A 1539 76.74 95.80 35.89
C PHE A 1539 77.73 94.71 35.54
N PHE A 1540 77.47 94.03 34.42
CA PHE A 1540 78.41 93.04 33.89
C PHE A 1540 79.72 93.69 33.45
N GLN A 1541 79.71 94.99 33.19
CA GLN A 1541 80.90 95.73 32.80
C GLN A 1541 81.58 96.41 33.98
N VAL A 1542 81.10 96.19 35.20
CA VAL A 1542 81.64 96.85 36.39
C VAL A 1542 82.40 95.86 37.28
N GLU A 1543 81.73 94.79 37.71
CA GLU A 1543 82.39 93.84 38.61
C GLU A 1543 83.59 93.16 37.98
N PRO A 1544 83.52 92.57 36.78
CA PRO A 1544 84.71 91.99 36.17
C PRO A 1544 85.41 92.98 35.24
N ASN A 1545 86.69 92.69 35.00
CA ASN A 1545 87.51 93.55 34.14
C ASN A 1545 88.58 92.67 33.49
N THR A 1546 88.35 92.29 32.24
CA THR A 1546 89.29 91.46 31.49
C THR A 1546 88.96 91.58 30.01
N LYS A 1547 89.82 90.98 29.18
CA LYS A 1547 89.65 90.96 27.72
C LYS A 1547 89.77 89.51 27.27
N LEU A 1548 88.65 88.78 27.30
CA LEU A 1548 88.60 87.37 26.93
C LEU A 1548 87.13 87.00 26.75
N PHE A 1549 86.86 85.70 26.63
CA PHE A 1549 85.50 85.18 26.49
C PHE A 1549 85.26 84.08 27.52
N PRO A 1550 85.21 84.43 28.82
CA PRO A 1550 84.92 83.43 29.84
C PRO A 1550 83.43 83.30 30.12
N ALA A 1551 83.07 82.47 31.10
CA ALA A 1551 81.69 82.33 31.53
C ALA A 1551 81.47 83.14 32.81
N VAL A 1552 80.25 83.69 32.94
CA VAL A 1552 79.89 84.52 34.07
C VAL A 1552 78.66 83.91 34.74
N PHE A 1553 78.71 83.80 36.07
CA PHE A 1553 77.61 83.21 36.84
C PHE A 1553 77.40 84.07 38.09
N VAL A 1554 76.54 85.07 37.97
CA VAL A 1554 76.24 85.98 39.08
C VAL A 1554 75.13 85.38 39.91
N LEU A 1555 75.35 85.29 41.22
CA LEU A 1555 74.41 84.65 42.15
C LEU A 1555 74.12 85.57 43.33
N PRO A 1556 73.28 86.59 43.13
CA PRO A 1556 72.86 87.43 44.26
C PRO A 1556 71.64 86.88 44.98
N THR A 1557 71.70 86.90 46.30
CA THR A 1557 70.58 86.46 47.12
C THR A 1557 70.68 87.11 48.49
N HIS A 1558 69.53 87.29 49.13
CA HIS A 1558 69.48 87.82 50.49
C HIS A 1558 68.48 87.12 51.39
N GLN A 1559 67.57 86.31 50.86
CA GLN A 1559 66.53 85.69 51.68
C GLN A 1559 67.07 84.49 52.44
N ASN A 1560 66.91 84.49 53.76
CA ASN A 1560 67.34 83.38 54.59
C ASN A 1560 66.60 83.43 55.92
N VAL A 1561 66.21 82.26 56.43
CA VAL A 1561 65.56 82.15 57.72
C VAL A 1561 66.00 80.87 58.41
N ILE A 1562 65.48 80.63 59.61
CA ILE A 1562 65.82 79.43 60.36
C ILE A 1562 65.22 78.22 59.67
N GLN A 1563 66.06 77.20 59.43
CA GLN A 1563 65.59 75.99 58.77
C GLN A 1563 66.15 74.72 59.42
N PHE A 1564 66.84 74.83 60.54
CA PHE A 1564 67.41 73.67 61.21
C PHE A 1564 66.46 73.12 62.27
N MET A 1573 64.51 78.62 52.72
CA MET A 1573 65.79 78.81 52.06
C MET A 1573 65.68 78.93 50.53
N PRO A 1574 65.03 77.98 49.85
CA PRO A 1574 64.94 78.06 48.38
C PRO A 1574 64.03 79.20 47.94
N LEU A 1575 64.13 79.53 46.66
CA LEU A 1575 63.32 80.61 46.11
C LEU A 1575 61.84 80.27 46.11
N SER A 1576 61.50 79.01 45.88
CA SER A 1576 60.10 78.62 45.74
C SER A 1576 59.33 78.86 47.03
N ALA A 1577 59.92 78.52 48.18
CA ALA A 1577 59.22 78.64 49.45
C ALA A 1577 59.03 80.08 49.89
N ALA A 1578 59.66 81.03 49.21
CA ALA A 1578 59.61 82.43 49.64
C ALA A 1578 58.28 83.10 49.34
N MET A 1579 57.52 82.62 48.35
CA MET A 1579 56.28 83.28 47.96
C MET A 1579 55.04 82.42 48.12
N PHE A 1580 55.11 81.13 47.76
CA PHE A 1580 53.89 80.33 47.69
C PHE A 1580 53.26 80.06 49.05
N LEU A 1581 54.02 80.17 50.13
CA LEU A 1581 53.54 80.09 51.51
C LEU A 1581 52.83 78.77 51.82
N SER A 1582 52.83 77.82 50.89
CA SER A 1582 52.23 76.51 51.13
C SER A 1582 53.26 75.39 51.22
N GLU A 1583 54.50 75.64 50.84
CA GLU A 1583 55.59 74.68 50.94
C GLU A 1583 56.82 75.34 51.55
N ARG A 1584 56.60 76.15 52.58
CA ARG A 1584 57.70 76.85 53.24
C ARG A 1584 58.67 75.86 53.89
N LYS A 1585 58.14 74.79 54.47
CA LYS A 1585 59.00 73.79 55.10
C LYS A 1585 59.88 73.08 54.07
N ASN A 1586 59.34 72.80 52.89
CA ASN A 1586 60.10 72.07 51.89
C ASN A 1586 61.26 72.92 51.39
N PRO A 1587 62.49 72.41 51.42
CA PRO A 1587 63.64 73.17 50.93
C PRO A 1587 64.03 72.89 49.48
N ALA A 1588 63.38 71.95 48.82
CA ALA A 1588 63.70 71.66 47.42
C ALA A 1588 63.04 72.69 46.53
N PRO A 1589 63.79 73.44 45.72
CA PRO A 1589 63.18 74.45 44.85
C PRO A 1589 62.32 73.82 43.76
N GLN A 1590 61.27 74.54 43.37
CA GLN A 1590 60.38 74.11 42.30
C GLN A 1590 60.07 75.31 41.41
N CYS A 1591 59.58 75.02 40.21
CA CYS A 1591 59.19 76.04 39.23
C CYS A 1591 57.78 75.73 38.76
N PRO A 1592 56.76 76.11 39.54
CA PRO A 1592 55.38 75.84 39.15
C PRO A 1592 55.00 76.63 37.90
N PRO A 1593 54.03 76.14 37.13
CA PRO A 1593 53.71 76.78 35.85
C PRO A 1593 53.27 78.24 35.98
N ARG A 1594 52.75 78.64 37.14
CA ARG A 1594 52.29 80.02 37.28
C ARG A 1594 53.44 81.00 37.13
N LEU A 1595 54.61 80.64 37.63
CA LEU A 1595 55.78 81.51 37.53
C LEU A 1595 56.28 81.53 36.09
N GLU A 1596 56.14 82.66 35.42
CA GLU A 1596 56.59 82.82 34.04
C GLU A 1596 57.24 84.17 33.87
N VAL A 1597 58.16 84.26 32.90
CA VAL A 1597 58.84 85.52 32.64
C VAL A 1597 57.87 86.52 32.01
N GLN A 1598 58.24 87.79 32.07
CA GLN A 1598 57.40 88.87 31.56
C GLN A 1598 58.29 89.93 30.93
N MET A 1599 57.65 91.01 30.46
CA MET A 1599 58.35 92.18 29.94
C MET A 1599 57.35 93.32 29.90
N LEU A 1600 57.81 94.51 29.53
CA LEU A 1600 56.95 95.68 29.44
C LEU A 1600 57.05 96.31 28.06
N MET A 1601 55.90 96.71 27.53
CA MET A 1601 55.85 97.52 26.32
C MET A 1601 55.24 98.88 26.63
N PRO A 1602 55.70 99.95 25.96
CA PRO A 1602 55.30 101.30 26.36
C PRO A 1602 53.83 101.61 26.19
N VAL A 1603 53.12 100.90 25.31
CA VAL A 1603 51.77 101.29 24.93
C VAL A 1603 50.81 100.15 25.23
N SER A 1604 49.66 100.49 25.81
CA SER A 1604 48.60 99.53 26.06
C SER A 1604 47.26 100.24 26.00
N TRP A 1605 46.20 99.48 25.76
CA TRP A 1605 44.87 100.02 25.67
C TRP A 1605 44.32 100.37 27.06
N SER A 1606 43.31 101.23 27.08
CA SER A 1606 42.64 101.62 28.31
C SER A 1606 41.31 102.25 27.97
N ARG A 1607 40.54 102.57 29.01
CA ARG A 1607 39.19 103.10 28.86
C ARG A 1607 39.07 104.45 29.54
N MET A 1608 38.34 105.38 28.90
CA MET A 1608 38.13 106.66 29.57
C MET A 1608 36.76 106.69 30.23
N PRO A 1609 36.64 107.41 31.34
CA PRO A 1609 35.35 107.47 32.03
C PRO A 1609 34.29 108.18 31.19
N ASN A 1610 33.03 107.79 31.42
CA ASN A 1610 31.92 108.42 30.73
C ASN A 1610 31.62 109.82 31.22
N HIS A 1611 32.24 110.25 32.32
CA HIS A 1611 32.04 111.58 32.86
C HIS A 1611 33.37 112.11 33.39
N PHE A 1612 33.37 113.37 33.77
CA PHE A 1612 34.57 114.02 34.30
C PHE A 1612 34.16 115.09 35.30
N LEU A 1613 35.15 115.56 36.06
CA LEU A 1613 34.89 116.58 37.05
C LEU A 1613 34.46 117.88 36.38
N GLN A 1614 33.66 118.66 37.10
CA GLN A 1614 33.12 119.91 36.55
C GLN A 1614 34.25 120.89 36.22
N VAL A 1615 35.21 121.02 37.13
CA VAL A 1615 36.36 121.90 36.90
C VAL A 1615 37.64 121.18 37.31
N GLU A 1622 38.36 132.06 35.81
CA GLU A 1622 39.18 132.00 37.02
C GLU A 1622 39.93 133.31 37.23
N ARG A 1623 39.23 134.30 37.77
CA ARG A 1623 39.79 135.61 38.05
C ARG A 1623 40.00 135.78 39.55
N LEU A 1624 40.68 136.88 39.90
CA LEU A 1624 41.00 137.20 41.29
C LEU A 1624 41.79 136.05 41.93
N GLY A 1625 42.98 135.82 41.40
CA GLY A 1625 43.83 134.76 41.89
C GLY A 1625 43.54 133.38 41.32
N TRP A 1626 42.74 133.30 40.26
CA TRP A 1626 42.47 132.05 39.55
C TRP A 1626 41.82 131.01 40.48
N ALA A 1627 40.64 131.36 40.98
CA ALA A 1627 39.89 130.42 41.80
C ALA A 1627 39.30 129.31 40.93
N VAL A 1628 39.20 128.12 41.51
CA VAL A 1628 38.62 126.95 40.85
C VAL A 1628 37.42 126.50 41.67
N GLN A 1629 36.28 126.35 41.01
CA GLN A 1629 35.03 126.00 41.67
C GLN A 1629 34.72 124.53 41.48
N CYS A 1630 34.52 123.82 42.59
CA CYS A 1630 34.19 122.40 42.56
C CYS A 1630 33.12 122.14 43.61
N GLN A 1631 31.94 121.68 43.16
CA GLN A 1631 30.84 121.44 44.08
C GLN A 1631 30.24 120.05 43.88
N ASP A 1632 30.30 119.53 42.66
CA ASP A 1632 29.67 118.27 42.34
C ASP A 1632 30.68 117.13 42.47
N PRO A 1633 30.45 116.16 43.35
CA PRO A 1633 31.35 115.01 43.46
C PRO A 1633 30.97 113.91 42.48
N LEU A 1634 31.91 112.98 42.29
CA LEU A 1634 31.70 111.86 41.40
C LEU A 1634 32.52 110.67 41.91
N THR A 1635 31.92 109.49 41.85
CA THR A 1635 32.53 108.27 42.36
C THR A 1635 32.62 107.22 41.27
N MET A 1636 33.37 106.16 41.55
CA MET A 1636 33.65 105.12 40.57
C MET A 1636 34.15 103.89 41.31
N MET A 1637 33.59 102.74 40.97
CA MET A 1637 33.96 101.48 41.61
C MET A 1637 35.11 100.82 40.85
N ALA A 1638 36.06 100.26 41.58
CA ALA A 1638 37.26 99.72 40.98
C ALA A 1638 37.71 98.48 41.74
N LEU A 1639 38.42 97.61 41.03
CA LEU A 1639 38.97 96.39 41.59
C LEU A 1639 40.48 96.41 41.50
N HIS A 1640 41.13 95.73 42.44
CA HIS A 1640 42.58 95.81 42.60
C HIS A 1640 43.15 94.40 42.67
N ILE A 1641 44.04 94.08 41.73
CA ILE A 1641 44.74 92.79 41.78
C ILE A 1641 45.76 92.82 42.91
N PRO A 1642 45.77 91.84 43.80
CA PRO A 1642 46.68 91.90 44.95
C PRO A 1642 48.12 91.55 44.59
N GLU A 1643 48.30 90.58 43.68
CA GLU A 1643 49.65 90.11 43.37
C GLU A 1643 50.49 91.23 42.77
N GLU A 1644 49.93 91.94 41.79
CA GLU A 1644 50.64 93.06 41.17
C GLU A 1644 50.43 94.38 41.89
N ASN A 1645 49.40 94.46 42.74
CA ASN A 1645 49.10 95.66 43.51
C ASN A 1645 48.98 96.89 42.62
N ARG A 1646 47.98 96.84 41.73
CA ARG A 1646 47.67 97.96 40.86
C ARG A 1646 46.16 98.03 40.66
N CYS A 1647 45.62 99.24 40.70
CA CYS A 1647 44.20 99.44 40.56
C CYS A 1647 43.78 99.33 39.10
N MET A 1648 42.47 99.17 38.89
CA MET A 1648 41.92 99.03 37.55
C MET A 1648 40.43 99.26 37.61
N ASP A 1649 39.91 100.03 36.65
CA ASP A 1649 38.47 100.26 36.58
C ASP A 1649 37.75 98.99 36.14
N ILE A 1650 36.63 98.70 36.80
CA ILE A 1650 35.95 97.42 36.58
C ILE A 1650 35.34 97.34 35.20
N LEU A 1651 34.95 98.48 34.62
CA LEU A 1651 34.27 98.44 33.33
C LEU A 1651 35.16 97.94 32.21
N GLU A 1652 36.48 97.92 32.41
CA GLU A 1652 37.39 97.39 31.40
C GLU A 1652 37.20 95.89 31.18
N LEU A 1653 36.50 95.20 32.09
CA LEU A 1653 36.21 93.80 31.87
C LEU A 1653 35.32 93.57 30.65
N SER A 1654 34.62 94.61 30.19
CA SER A 1654 33.84 94.50 28.97
C SER A 1654 34.74 94.27 27.76
N GLU A 1655 36.03 94.55 27.88
CA GLU A 1655 37.00 94.29 26.83
C GLU A 1655 38.01 93.21 27.19
N ARG A 1656 38.32 93.05 28.47
CA ARG A 1656 39.34 92.09 28.86
C ARG A 1656 38.95 90.67 28.47
N LEU A 1657 37.70 90.30 28.70
CA LEU A 1657 37.11 89.03 28.29
C LEU A 1657 37.83 87.82 28.86
N ASP A 1658 38.77 88.01 29.78
CA ASP A 1658 39.39 86.90 30.47
C ASP A 1658 39.18 86.97 31.98
N LEU A 1659 39.44 88.13 32.58
CA LEU A 1659 39.13 88.30 33.99
C LEU A 1659 37.64 88.34 34.25
N GLN A 1660 36.83 88.61 33.22
CA GLN A 1660 35.38 88.61 33.39
C GLN A 1660 34.88 87.23 33.79
N ARG A 1661 35.37 86.19 33.11
CA ARG A 1661 34.95 84.82 33.45
C ARG A 1661 35.37 84.47 34.88
N PHE A 1662 36.60 84.80 35.25
CA PHE A 1662 37.08 84.49 36.59
C PHE A 1662 36.27 85.23 37.65
N HIS A 1663 35.95 86.49 37.40
CA HIS A 1663 35.18 87.24 38.39
C HIS A 1663 33.74 86.74 38.48
N SER A 1664 33.15 86.35 37.35
CA SER A 1664 31.82 85.76 37.39
C SER A 1664 31.82 84.47 38.19
N HIS A 1665 32.84 83.63 38.00
CA HIS A 1665 32.91 82.41 38.79
C HIS A 1665 33.19 82.69 40.25
N THR A 1666 33.95 83.75 40.55
CA THR A 1666 34.15 84.13 41.95
C THR A 1666 32.84 84.56 42.60
N LEU A 1667 32.02 85.31 41.87
CA LEU A 1667 30.70 85.66 42.39
C LEU A 1667 29.84 84.42 42.57
N ARG A 1668 29.97 83.45 41.67
CA ARG A 1668 29.25 82.19 41.84
C ARG A 1668 29.69 81.50 43.13
N LEU A 1669 30.98 81.50 43.41
CA LEU A 1669 31.47 80.90 44.66
C LEU A 1669 30.96 81.66 45.87
N TYR A 1670 30.93 82.99 45.80
CA TYR A 1670 30.39 83.77 46.90
C TYR A 1670 28.94 83.40 47.17
N ARG A 1671 28.15 83.25 46.11
CA ARG A 1671 26.75 82.85 46.28
C ARG A 1671 26.64 81.45 46.85
N ALA A 1672 27.44 80.51 46.34
CA ALA A 1672 27.34 79.12 46.78
C ALA A 1672 27.74 78.97 48.24
N VAL A 1673 28.77 79.70 48.67
CA VAL A 1673 29.24 79.58 50.04
C VAL A 1673 28.16 79.99 51.03
N CYS A 1674 27.47 81.10 50.76
CA CYS A 1674 26.34 81.51 51.58
C CYS A 1674 25.11 80.68 51.17
N ALA A 1675 25.20 79.39 51.44
CA ALA A 1675 24.18 78.45 51.02
C ALA A 1675 22.92 78.63 51.88
N LEU A 1676 21.96 77.75 51.65
CA LEU A 1676 20.71 77.81 52.41
C LEU A 1676 20.98 77.51 53.87
N GLY A 1677 20.39 78.33 54.75
CA GLY A 1677 20.43 78.08 56.17
C GLY A 1677 21.71 78.51 56.88
N ASN A 1678 22.66 79.09 56.17
CA ASN A 1678 23.89 79.59 56.77
C ASN A 1678 23.85 81.11 56.83
N ASN A 1679 24.12 81.67 58.00
CA ASN A 1679 24.03 83.11 58.16
C ASN A 1679 25.26 83.67 58.86
N ARG A 1680 25.94 82.86 59.67
CA ARG A 1680 27.19 83.32 60.27
C ARG A 1680 28.22 83.63 59.20
N VAL A 1681 28.20 82.88 58.10
CA VAL A 1681 29.11 83.15 56.99
C VAL A 1681 28.73 84.42 56.27
N ALA A 1682 27.42 84.70 56.16
CA ALA A 1682 26.98 85.86 55.39
C ALA A 1682 27.47 87.16 56.01
N HIS A 1683 27.55 87.22 57.35
CA HIS A 1683 28.05 88.42 57.99
C HIS A 1683 29.53 88.63 57.66
N ALA A 1684 30.32 87.55 57.61
CA ALA A 1684 31.70 87.67 57.17
C ALA A 1684 31.76 88.11 55.71
N LEU A 1685 30.85 87.60 54.88
CA LEU A 1685 30.84 87.96 53.47
C LEU A 1685 30.55 89.44 53.29
N CYS A 1686 29.66 90.00 54.10
CA CYS A 1686 29.30 91.40 53.98
C CYS A 1686 30.47 92.33 54.29
N SER A 1687 31.55 91.81 54.87
CA SER A 1687 32.77 92.61 55.00
C SER A 1687 33.41 92.84 53.64
N HIS A 1688 33.48 91.80 52.81
CA HIS A 1688 34.15 91.92 51.52
C HIS A 1688 33.43 92.91 50.60
N VAL A 1689 32.11 92.87 50.58
CA VAL A 1689 31.31 93.73 49.72
C VAL A 1689 30.41 94.60 50.60
N ASP A 1690 30.45 95.92 50.38
CA ASP A 1690 29.67 96.84 51.17
C ASP A 1690 28.25 96.95 50.63
N GLN A 1691 27.31 97.28 51.51
CA GLN A 1691 25.94 97.45 51.06
C GLN A 1691 25.81 98.63 50.11
N ALA A 1692 26.57 99.70 50.35
CA ALA A 1692 26.58 100.82 49.40
C ALA A 1692 27.17 100.39 48.07
N GLN A 1693 28.19 99.53 48.11
CA GLN A 1693 28.77 99.00 46.88
C GLN A 1693 27.73 98.21 46.09
N LEU A 1694 26.98 97.36 46.78
CA LEU A 1694 25.94 96.58 46.10
C LEU A 1694 24.85 97.49 45.56
N LEU A 1695 24.48 98.53 46.31
CA LEU A 1695 23.46 99.46 45.82
C LEU A 1695 23.94 100.18 44.56
N HIS A 1696 25.20 100.61 44.55
CA HIS A 1696 25.74 101.27 43.36
C HIS A 1696 25.78 100.33 42.17
N ALA A 1697 26.20 99.08 42.39
CA ALA A 1697 26.22 98.11 41.30
C ALA A 1697 24.82 97.85 40.78
N LEU A 1698 23.83 97.84 41.68
CA LEU A 1698 22.44 97.71 41.27
C LEU A 1698 22.01 98.89 40.42
N GLU A 1699 22.39 100.11 40.82
CA GLU A 1699 21.94 101.30 40.09
C GLU A 1699 22.65 101.44 38.75
N ASP A 1700 23.88 100.93 38.63
CA ASP A 1700 24.67 101.16 37.44
C ASP A 1700 24.03 100.49 36.23
N ALA A 1701 24.31 101.07 35.06
CA ALA A 1701 23.88 100.51 33.78
C ALA A 1701 25.04 100.06 32.91
N HIS A 1702 26.15 100.79 32.94
CA HIS A 1702 27.34 100.43 32.16
C HIS A 1702 28.05 99.28 32.87
N LEU A 1703 27.50 98.09 32.71
CA LEU A 1703 28.07 96.89 33.32
C LEU A 1703 28.28 95.84 32.23
N PRO A 1704 29.29 94.98 32.40
CA PRO A 1704 29.69 94.11 31.29
C PRO A 1704 28.73 92.96 30.99
N GLY A 1705 27.56 92.94 31.61
CA GLY A 1705 26.60 91.90 31.33
C GLY A 1705 26.46 90.89 32.45
N PRO A 1706 27.07 89.72 32.28
CA PRO A 1706 26.88 88.64 33.26
C PRO A 1706 27.21 89.05 34.68
N LEU A 1707 28.16 89.97 34.87
CA LEU A 1707 28.45 90.46 36.22
C LEU A 1707 27.24 91.14 36.83
N ARG A 1708 26.39 91.77 36.01
CA ARG A 1708 25.19 92.39 36.55
C ARG A 1708 24.26 91.35 37.15
N ALA A 1709 23.99 90.29 36.40
CA ALA A 1709 23.14 89.22 36.91
C ALA A 1709 23.77 88.55 38.12
N GLY A 1710 25.09 88.37 38.09
CA GLY A 1710 25.78 87.79 39.24
C GLY A 1710 25.62 88.64 40.49
N TYR A 1711 25.76 89.96 40.35
CA TYR A 1711 25.63 90.84 41.51
C TYR A 1711 24.19 90.87 42.02
N TYR A 1712 23.22 90.88 41.10
CA TYR A 1712 21.82 90.84 41.55
C TYR A 1712 21.53 89.56 42.31
N ASP A 1713 21.99 88.41 41.79
CA ASP A 1713 21.74 87.16 42.47
C ASP A 1713 22.50 87.08 43.79
N LEU A 1714 23.68 87.68 43.86
CA LEU A 1714 24.40 87.71 45.13
C LEU A 1714 23.65 88.54 46.16
N LEU A 1715 23.12 89.70 45.74
CA LEU A 1715 22.34 90.50 46.67
C LEU A 1715 21.09 89.75 47.14
N ILE A 1716 20.41 89.07 46.22
CA ILE A 1716 19.23 88.31 46.61
C ILE A 1716 19.58 87.11 47.46
N SER A 1717 20.82 86.63 47.40
CA SER A 1717 21.23 85.44 48.14
C SER A 1717 22.06 85.78 49.37
N ILE A 1718 22.08 87.04 49.79
CA ILE A 1718 22.80 87.47 50.98
C ILE A 1718 21.86 88.04 52.02
N HIS A 1719 20.99 88.97 51.61
CA HIS A 1719 20.11 89.68 52.54
C HIS A 1719 18.65 89.31 52.40
N LEU A 1720 18.30 88.41 51.49
CA LEU A 1720 16.89 88.07 51.31
C LEU A 1720 16.62 86.58 51.14
N GLU A 1721 17.63 85.74 50.96
CA GLU A 1721 17.37 84.33 50.69
C GLU A 1721 16.72 83.64 51.87
N SER A 1722 17.17 83.96 53.09
CA SER A 1722 16.72 83.22 54.26
C SER A 1722 15.22 83.37 54.49
N ALA A 1723 14.72 84.60 54.42
CA ALA A 1723 13.33 84.85 54.79
C ALA A 1723 12.33 84.33 53.77
N CYS A 1724 12.75 84.17 52.52
CA CYS A 1724 11.81 83.79 51.46
C CYS A 1724 11.22 82.42 51.70
N ARG A 1725 12.05 81.44 52.10
CA ARG A 1725 11.55 80.09 52.32
C ARG A 1725 10.52 80.05 53.44
N SER A 1726 10.82 80.71 54.55
CA SER A 1726 9.87 80.75 55.67
C SER A 1726 8.59 81.46 55.25
N ARG A 1727 8.72 82.54 54.47
CA ARG A 1727 7.52 83.25 54.03
C ARG A 1727 6.65 82.36 53.16
N ARG A 1728 7.24 81.60 52.25
CA ARG A 1728 6.45 80.68 51.44
C ARG A 1728 5.78 79.62 52.30
N SER A 1729 6.53 79.03 53.22
CA SER A 1729 6.00 77.94 54.03
C SER A 1729 4.82 78.41 54.88
N MET A 1730 4.93 79.59 55.48
CA MET A 1730 3.79 80.14 56.21
C MET A 1730 2.73 80.71 55.29
N LEU A 1731 3.08 80.98 54.03
CA LEU A 1731 2.07 81.43 53.07
C LEU A 1731 1.09 80.32 52.75
N SER A 1732 1.58 79.08 52.65
CA SER A 1732 0.66 77.98 52.35
C SER A 1732 0.04 77.39 53.61
N GLU A 1733 -0.51 78.23 54.49
CA GLU A 1733 -1.19 77.75 55.69
C GLU A 1733 -2.62 78.25 55.82
N TYR A 1734 -2.85 79.55 55.67
CA TYR A 1734 -4.19 80.15 55.71
C TYR A 1734 -4.88 79.89 57.05
N ILE A 1735 -4.31 80.48 58.11
CA ILE A 1735 -4.92 80.50 59.43
C ILE A 1735 -5.40 81.91 59.72
N VAL A 1736 -6.63 82.03 60.22
CA VAL A 1736 -7.23 83.34 60.44
C VAL A 1736 -7.83 83.43 61.83
N PRO A 1737 -7.59 84.51 62.58
CA PRO A 1737 -8.25 84.69 63.88
C PRO A 1737 -9.55 85.49 63.77
N LEU A 1738 -10.24 85.66 64.89
CA LEU A 1738 -11.47 86.45 64.96
C LEU A 1738 -11.12 87.84 65.49
N THR A 1739 -11.11 88.83 64.62
CA THR A 1739 -10.87 90.21 64.97
C THR A 1739 -11.96 91.08 64.39
N PRO A 1740 -12.23 92.24 64.98
CA PRO A 1740 -13.21 93.16 64.37
C PRO A 1740 -12.86 93.55 62.96
N GLU A 1741 -11.56 93.70 62.65
CA GLU A 1741 -11.15 93.97 61.28
C GLU A 1741 -11.50 92.80 60.36
N THR A 1742 -11.40 91.58 60.88
CA THR A 1742 -11.73 90.40 60.08
C THR A 1742 -13.20 90.38 59.69
N ARG A 1743 -14.05 91.01 60.47
CA ARG A 1743 -15.49 90.96 60.20
C ARG A 1743 -15.82 91.63 58.87
N ALA A 1744 -15.19 92.75 58.57
CA ALA A 1744 -15.54 93.55 57.38
C ALA A 1744 -14.70 93.11 56.17
N ILE A 1745 -14.81 91.83 55.84
CA ILE A 1745 -14.16 91.26 54.66
C ILE A 1745 -15.24 90.64 53.78
N THR A 1746 -15.32 91.08 52.54
CA THR A 1746 -16.36 90.63 51.63
C THR A 1746 -15.89 90.84 50.20
N LEU A 1747 -16.81 90.74 49.24
CA LEU A 1747 -16.48 90.99 47.84
C LEU A 1747 -15.94 92.39 47.61
N PHE A 1748 -16.20 93.32 48.54
CA PHE A 1748 -15.73 94.70 48.48
C PHE A 1748 -16.30 95.37 47.22
N PRO A 1749 -17.58 95.71 47.25
CA PRO A 1749 -18.14 96.55 46.18
C PRO A 1749 -17.87 98.03 46.46
N PRO A 1750 -17.01 98.66 45.66
CA PRO A 1750 -16.75 100.09 45.85
C PRO A 1750 -17.59 100.97 44.93
N GLY A 1751 -18.10 102.06 45.49
CA GLY A 1751 -18.76 103.06 44.68
C GLY A 1751 -20.21 102.74 44.39
N ARG A 1752 -20.46 102.15 43.22
CA ARG A 1752 -21.80 101.76 42.79
C ARG A 1752 -22.34 100.56 43.56
N LYS A 1753 -21.57 100.00 44.50
CA LYS A 1753 -21.98 98.84 45.29
C LYS A 1753 -22.37 97.68 44.38
N GLY A 1754 -21.61 97.48 43.31
CA GLY A 1754 -21.89 96.46 42.33
C GLY A 1754 -20.67 95.67 41.92
N GLY A 1755 -19.77 95.42 42.87
CA GLY A 1755 -18.52 94.74 42.55
C GLY A 1755 -18.73 93.39 41.91
N ASN A 1756 -19.87 92.74 42.18
CA ASN A 1756 -20.21 91.52 41.44
C ASN A 1756 -20.53 91.85 39.99
N ALA A 1757 -21.39 92.86 39.76
CA ALA A 1757 -21.71 93.27 38.41
C ALA A 1757 -20.57 94.04 37.76
N ARG A 1758 -19.96 94.95 38.52
CA ARG A 1758 -18.85 95.76 38.02
C ARG A 1758 -17.53 95.02 38.30
N ARG A 1759 -16.42 95.73 38.16
CA ARG A 1759 -15.12 95.14 38.45
C ARG A 1759 -15.04 94.75 39.92
N HIS A 1760 -14.59 93.52 40.16
CA HIS A 1760 -14.47 93.03 41.53
C HIS A 1760 -13.45 93.82 42.33
N GLY A 1761 -12.30 94.10 41.74
CA GLY A 1761 -11.26 94.83 42.42
C GLY A 1761 -9.89 94.41 41.93
N LEU A 1762 -8.87 94.98 42.56
CA LEU A 1762 -7.48 94.72 42.21
C LEU A 1762 -6.90 93.66 43.13
N PRO A 1763 -6.26 92.62 42.60
CA PRO A 1763 -5.73 91.56 43.46
C PRO A 1763 -4.60 92.05 44.35
N GLY A 1764 -4.57 91.52 45.56
CA GLY A 1764 -3.46 91.79 46.48
C GLY A 1764 -3.29 93.25 46.85
N VAL A 1765 -4.39 93.96 47.08
CA VAL A 1765 -4.31 95.36 47.50
C VAL A 1765 -4.99 95.61 48.84
N GLY A 1766 -5.88 94.73 49.30
CA GLY A 1766 -6.58 94.91 50.55
C GLY A 1766 -5.80 94.35 51.72
N VAL A 1767 -6.46 94.33 52.87
CA VAL A 1767 -5.85 93.81 54.10
C VAL A 1767 -5.84 92.30 54.06
N THR A 1768 -4.78 91.71 54.61
CA THR A 1768 -4.61 90.26 54.59
C THR A 1768 -5.35 89.58 55.75
N THR A 1769 -5.20 90.10 56.96
CA THR A 1769 -5.82 89.60 58.18
C THR A 1769 -5.43 88.15 58.50
N SER A 1770 -4.46 87.59 57.79
CA SER A 1770 -3.98 86.24 58.08
C SER A 1770 -2.98 86.30 59.24
N LEU A 1771 -2.27 85.21 59.47
CA LEU A 1771 -1.27 85.13 60.54
C LEU A 1771 0.07 84.76 59.92
N ARG A 1772 1.00 85.71 59.89
CA ARG A 1772 2.31 85.51 59.32
C ARG A 1772 3.37 86.00 60.29
N PRO A 1773 4.36 85.19 60.64
CA PRO A 1773 5.40 85.65 61.56
C PRO A 1773 6.30 86.68 60.90
N PRO A 1774 6.94 87.55 61.67
CA PRO A 1774 7.88 88.51 61.10
C PRO A 1774 9.19 87.83 60.72
N HIS A 1775 10.15 88.64 60.28
CA HIS A 1775 11.42 88.14 59.75
C HIS A 1775 12.56 88.19 60.77
N HIS A 1776 12.60 89.22 61.62
CA HIS A 1776 13.60 89.34 62.69
C HIS A 1776 15.03 89.35 62.11
N PHE A 1777 15.30 90.40 61.36
CA PHE A 1777 16.63 90.61 60.81
C PHE A 1777 17.61 90.97 61.93
N SER A 1778 18.87 91.19 61.55
CA SER A 1778 19.89 91.54 62.53
C SER A 1778 20.95 92.44 61.89
N PRO A 1779 21.13 93.65 62.41
CA PRO A 1779 22.14 94.57 61.85
C PRO A 1779 23.54 93.98 61.98
N PRO A 1780 24.40 94.21 60.99
CA PRO A 1780 25.76 93.68 61.05
C PRO A 1780 26.73 94.64 61.73
N CYS A 1781 27.71 94.04 62.41
CA CYS A 1781 28.75 94.81 63.08
C CYS A 1781 29.96 93.93 63.25
N PHE A 1782 31.11 94.57 63.42
CA PHE A 1782 32.37 93.85 63.58
C PHE A 1782 33.13 94.34 64.81
N VAL A 1783 33.04 95.63 65.11
CA VAL A 1783 33.72 96.19 66.28
C VAL A 1783 33.10 95.72 67.58
N ALA A 1784 31.96 95.03 67.53
CA ALA A 1784 31.32 94.52 68.73
C ALA A 1784 32.21 93.46 69.40
N ALA A 1785 31.98 93.27 70.69
CA ALA A 1785 32.76 92.31 71.46
C ALA A 1785 32.61 90.91 70.88
N LEU A 1786 33.74 90.23 70.73
CA LEU A 1786 33.72 88.88 70.18
C LEU A 1786 33.04 87.93 71.16
N PRO A 1787 32.05 87.15 70.72
CA PRO A 1787 31.38 86.23 71.64
C PRO A 1787 32.31 85.15 72.14
N ALA A 1788 32.05 84.69 73.36
CA ALA A 1788 32.86 83.65 73.98
C ALA A 1788 32.32 82.27 73.63
N GLU A 1793 25.14 76.88 73.05
CA GLU A 1793 25.80 77.13 71.77
C GLU A 1793 24.82 77.67 70.73
N ALA A 1794 24.05 78.69 71.12
CA ALA A 1794 23.10 79.29 70.20
C ALA A 1794 23.82 79.99 69.06
N PRO A 1795 23.28 79.96 67.85
CA PRO A 1795 23.94 80.65 66.73
C PRO A 1795 24.12 82.13 66.97
N ALA A 1796 23.15 82.77 67.62
CA ALA A 1796 23.19 84.20 67.96
C ALA A 1796 23.24 85.09 66.72
N ARG A 1797 23.16 84.49 65.54
CA ARG A 1797 23.13 85.24 64.28
C ARG A 1797 21.89 84.83 63.50
N LEU A 1798 21.07 85.81 63.12
CA LEU A 1798 19.88 85.54 62.33
C LEU A 1798 20.17 85.70 60.83
N SER A 1799 20.55 86.91 60.41
CA SER A 1799 20.98 87.21 59.05
C SER A 1799 21.42 88.67 58.98
N PRO A 1800 22.31 89.02 58.04
CA PRO A 1800 22.66 90.42 57.85
C PRO A 1800 21.44 91.23 57.45
N ALA A 1801 21.39 92.48 57.92
CA ALA A 1801 20.26 93.36 57.68
C ALA A 1801 20.60 94.41 56.63
N ILE A 1802 19.56 95.08 56.14
CA ILE A 1802 19.70 96.12 55.12
C ILE A 1802 18.39 96.91 55.07
N PRO A 1803 18.45 98.24 54.99
CA PRO A 1803 17.21 99.01 54.88
C PRO A 1803 16.43 98.63 53.63
N LEU A 1804 15.11 98.61 53.76
CA LEU A 1804 14.24 98.10 52.71
C LEU A 1804 13.47 99.19 51.97
N GLU A 1805 13.04 100.24 52.66
CA GLU A 1805 12.23 101.28 52.01
C GLU A 1805 12.99 101.92 50.87
N ALA A 1806 14.23 102.33 51.13
CA ALA A 1806 15.06 102.88 50.06
C ALA A 1806 15.28 101.86 48.97
N LEU A 1807 15.57 100.61 49.35
CA LEU A 1807 15.76 99.55 48.36
C LEU A 1807 14.48 99.32 47.55
N ARG A 1808 13.32 99.34 48.22
CA ARG A 1808 12.06 99.14 47.52
C ARG A 1808 11.82 100.24 46.50
N ASP A 1809 12.02 101.49 46.89
CA ASP A 1809 11.84 102.59 45.97
C ASP A 1809 12.83 102.51 44.82
N LYS A 1810 14.08 102.16 45.11
CA LYS A 1810 15.10 102.03 44.08
C LYS A 1810 14.70 100.97 43.06
N ALA A 1811 14.24 99.81 43.54
CA ALA A 1811 13.85 98.75 42.64
C ALA A 1811 12.65 99.16 41.79
N LEU A 1812 11.65 99.79 42.40
CA LEU A 1812 10.48 100.19 41.64
C LEU A 1812 10.83 101.19 40.55
N ARG A 1813 11.60 102.23 40.89
CA ARG A 1813 11.95 103.22 39.89
C ARG A 1813 12.89 102.65 38.85
N MET A 1814 13.74 101.68 39.23
CA MET A 1814 14.61 101.04 38.26
C MET A 1814 13.81 100.23 37.25
N LEU A 1815 12.81 99.49 37.71
CA LEU A 1815 11.95 98.76 36.79
C LEU A 1815 11.19 99.71 35.88
N GLY A 1816 10.70 100.82 36.43
CA GLY A 1816 10.04 101.81 35.59
C GLY A 1816 10.95 102.37 34.52
N GLU A 1817 12.19 102.71 34.90
CA GLU A 1817 13.13 103.24 33.93
C GLU A 1817 13.49 102.20 32.87
N ALA A 1818 13.62 100.94 33.28
CA ALA A 1818 13.91 99.88 32.32
C ALA A 1818 12.76 99.72 31.32
N VAL A 1819 11.52 99.80 31.80
CA VAL A 1819 10.37 99.73 30.91
C VAL A 1819 10.38 100.90 29.95
N ARG A 1820 10.68 102.11 30.46
CA ARG A 1820 10.73 103.27 29.58
C ARG A 1820 11.80 103.12 28.51
N ASP A 1821 12.98 102.62 28.89
CA ASP A 1821 14.04 102.42 27.92
C ASP A 1821 13.67 101.37 26.89
N GLY A 1822 13.04 100.27 27.34
CA GLY A 1822 12.61 99.25 26.40
C GLY A 1822 11.53 99.74 25.45
N GLY A 1823 10.72 100.71 25.89
CA GLY A 1823 9.72 101.28 25.02
C GLY A 1823 10.28 102.00 23.82
N GLN A 1824 11.57 102.34 23.85
CA GLN A 1824 12.19 103.05 22.73
C GLN A 1824 12.85 102.11 21.73
N HIS A 1825 13.15 100.88 22.13
CA HIS A 1825 13.78 99.88 21.26
C HIS A 1825 15.10 100.40 20.68
N ALA A 1826 16.04 100.66 21.59
CA ALA A 1826 17.34 101.18 21.21
C ALA A 1826 18.21 100.07 20.64
N ARG A 1827 19.49 100.36 20.43
CA ARG A 1827 20.42 99.39 19.87
C ARG A 1827 21.48 98.93 20.86
N ASP A 1828 21.55 99.54 22.05
CA ASP A 1828 22.55 99.19 23.06
C ASP A 1828 21.82 98.91 24.37
N PRO A 1829 21.19 97.75 24.48
CA PRO A 1829 20.48 97.42 25.73
C PRO A 1829 21.46 97.29 26.89
N VAL A 1830 20.98 97.64 28.08
CA VAL A 1830 21.81 97.55 29.27
C VAL A 1830 22.22 96.10 29.48
N GLY A 1831 23.51 95.88 29.69
CA GLY A 1831 24.04 94.55 29.86
C GLY A 1831 24.40 93.83 28.58
N GLY A 1832 24.12 94.41 27.42
CA GLY A 1832 24.50 93.83 26.16
C GLY A 1832 23.39 93.14 25.39
N SER A 1833 22.27 92.85 26.04
CA SER A 1833 21.15 92.22 25.36
C SER A 1833 19.88 92.49 26.13
N VAL A 1834 18.74 92.25 25.49
CA VAL A 1834 17.45 92.49 26.11
C VAL A 1834 17.26 91.56 27.30
N GLU A 1835 17.74 90.32 27.19
CA GLU A 1835 17.58 89.36 28.28
C GLU A 1835 18.26 89.84 29.55
N PHE A 1836 19.42 90.46 29.42
CA PHE A 1836 20.14 91.00 30.56
C PHE A 1836 19.61 92.36 31.00
N GLN A 1837 18.61 92.90 30.30
CA GLN A 1837 18.00 94.16 30.71
C GLN A 1837 16.87 93.88 31.68
N PHE A 1838 15.87 93.11 31.23
CA PHE A 1838 14.86 92.55 32.12
C PHE A 1838 15.45 91.32 32.80
N VAL A 1839 16.54 91.58 33.50
CA VAL A 1839 17.48 90.61 34.06
C VAL A 1839 16.85 90.12 35.36
N PRO A 1840 17.53 89.31 36.16
CA PRO A 1840 17.07 89.08 37.53
C PRO A 1840 16.64 90.30 38.33
N VAL A 1841 16.70 91.52 37.77
CA VAL A 1841 15.93 92.61 38.36
C VAL A 1841 14.48 92.19 38.56
N LEU A 1842 13.93 91.44 37.60
CA LEU A 1842 12.61 90.87 37.78
C LEU A 1842 12.59 89.88 38.93
N LYS A 1843 13.66 89.09 39.09
CA LYS A 1843 13.73 88.17 40.21
C LYS A 1843 13.70 88.91 41.54
N LEU A 1844 14.44 90.01 41.63
CA LEU A 1844 14.47 90.79 42.86
C LEU A 1844 13.12 91.42 43.14
N VAL A 1845 12.46 91.97 42.12
CA VAL A 1845 11.17 92.59 42.36
C VAL A 1845 10.14 91.54 42.76
N SER A 1846 10.21 90.35 42.17
CA SER A 1846 9.28 89.28 42.56
C SER A 1846 9.55 88.80 43.98
N THR A 1847 10.83 88.67 44.36
CA THR A 1847 11.16 88.26 45.71
C THR A 1847 10.67 89.28 46.73
N LEU A 1848 10.87 90.56 46.44
CA LEU A 1848 10.35 91.60 47.31
C LEU A 1848 8.83 91.57 47.37
N LEU A 1849 8.18 91.23 46.25
CA LEU A 1849 6.73 91.16 46.22
C LEU A 1849 6.21 90.03 47.09
N VAL A 1850 6.83 88.85 47.01
CA VAL A 1850 6.34 87.70 47.77
C VAL A 1850 6.65 87.85 49.25
N MET A 1851 7.61 88.70 49.61
CA MET A 1851 7.96 88.90 51.01
C MET A 1851 7.04 89.90 51.70
N GLY A 1852 6.10 90.50 50.97
CA GLY A 1852 5.18 91.45 51.56
C GLY A 1852 5.82 92.73 52.05
N ILE A 1853 6.73 93.31 51.26
CA ILE A 1853 7.40 94.54 51.65
C ILE A 1853 6.67 95.72 51.01
N PHE A 1854 6.12 95.51 49.82
CA PHE A 1854 5.42 96.57 49.11
C PHE A 1854 4.11 96.91 49.82
N GLY A 1855 3.76 98.19 49.78
CA GLY A 1855 2.49 98.66 50.29
C GLY A 1855 1.41 98.64 49.24
N ASP A 1856 0.24 99.17 49.61
CA ASP A 1856 -0.88 99.23 48.68
C ASP A 1856 -0.55 100.11 47.48
N GLU A 1857 0.06 101.26 47.73
CA GLU A 1857 0.45 102.13 46.62
C GLU A 1857 1.50 101.48 45.75
N ASP A 1858 2.45 100.76 46.37
CA ASP A 1858 3.50 100.11 45.60
C ASP A 1858 2.95 99.04 44.68
N VAL A 1859 2.06 98.20 45.20
CA VAL A 1859 1.47 97.16 44.35
C VAL A 1859 0.54 97.78 43.32
N LYS A 1860 -0.12 98.89 43.66
CA LYS A 1860 -0.93 99.58 42.66
C LYS A 1860 -0.06 100.08 41.51
N GLN A 1861 1.11 100.62 41.82
CA GLN A 1861 2.03 101.06 40.77
C GLN A 1861 2.56 99.89 39.96
N ILE A 1862 2.91 98.79 40.62
CA ILE A 1862 3.46 97.65 39.90
C ILE A 1862 2.39 97.03 39.00
N LEU A 1863 1.12 97.15 39.38
CA LEU A 1863 0.05 96.74 38.48
C LEU A 1863 -0.19 97.78 37.39
N LYS A 1864 0.01 99.06 37.70
CA LYS A 1864 -0.10 100.08 36.67
C LYS A 1864 0.94 99.88 35.58
N MET A 1865 2.05 99.21 35.92
CA MET A 1865 3.03 98.84 34.91
C MET A 1865 2.42 97.93 33.84
N ILE A 1866 1.32 97.24 34.15
CA ILE A 1866 0.61 96.41 33.19
C ILE A 1866 -0.75 97.00 32.82
N GLU A 1867 -1.21 98.03 33.54
CA GLU A 1867 -2.53 98.66 33.46
C GLU A 1867 -3.14 98.82 32.07
N PRO A 1868 -2.35 99.14 31.01
CA PRO A 1868 -2.95 99.21 29.67
C PRO A 1868 -3.88 98.06 29.34
N GLU A 1869 -3.60 96.88 29.89
CA GLU A 1869 -4.53 95.76 29.83
C GLU A 1869 -5.38 95.60 31.08
N VAL A 1870 -4.83 95.93 32.25
CA VAL A 1870 -5.62 95.88 33.48
C VAL A 1870 -6.73 96.91 33.45
N PHE A 1871 -6.41 98.14 33.01
CA PHE A 1871 -7.38 99.23 32.93
C PHE A 1871 -7.99 99.52 34.29
N THR A 1872 -7.12 99.99 35.20
CA THR A 1872 -7.53 100.28 36.57
C THR A 1872 -8.68 101.29 36.58
N GLU A 1873 -9.67 101.02 37.44
CA GLU A 1873 -10.86 101.86 37.48
C GLU A 1873 -10.53 103.29 37.89
N GLU A 1874 -9.67 103.45 38.89
CA GLU A 1874 -9.27 104.76 39.39
C GLU A 1874 -10.47 105.61 39.80
N LEU A 1922 2.72 105.63 23.23
CA LEU A 1922 1.88 104.65 23.92
C LEU A 1922 2.71 103.84 24.92
N GLU A 1923 2.35 103.95 26.20
CA GLU A 1923 3.05 103.23 27.26
C GLU A 1923 2.42 101.85 27.44
N GLU A 1924 2.77 100.95 26.52
CA GLU A 1924 2.21 99.62 26.52
C GLU A 1924 2.75 98.80 27.70
N GLY A 1925 2.01 97.74 28.05
CA GLY A 1925 2.41 96.90 29.16
C GLY A 1925 3.53 95.95 28.80
N LEU A 1926 4.08 95.32 29.84
CA LEU A 1926 5.27 94.49 29.67
C LEU A 1926 4.96 93.23 28.86
N LEU A 1927 3.70 92.83 28.82
CA LEU A 1927 3.34 91.64 28.04
C LEU A 1927 3.19 91.95 26.56
N GLN A 1928 3.31 93.21 26.15
CA GLN A 1928 3.03 93.58 24.76
C GLN A 1928 4.20 93.23 23.84
N MET A 1929 5.39 93.78 24.11
CA MET A 1929 6.50 93.59 23.20
C MET A 1929 7.01 92.15 23.24
N LYS A 1930 7.60 91.72 22.14
CA LYS A 1930 8.15 90.38 22.05
C LYS A 1930 9.30 90.21 23.04
N LEU A 1931 9.33 89.05 23.69
CA LEU A 1931 10.30 88.79 24.74
C LEU A 1931 10.88 87.40 24.58
N PRO A 1932 12.11 87.18 25.03
CA PRO A 1932 12.67 85.82 25.03
C PRO A 1932 12.04 84.95 26.11
N GLU A 1933 12.51 83.71 26.25
CA GLU A 1933 11.83 82.74 27.11
C GLU A 1933 12.01 83.07 28.59
N SER A 1934 13.21 83.49 28.98
CA SER A 1934 13.50 83.64 30.41
C SER A 1934 12.61 84.69 31.06
N VAL A 1935 12.41 85.83 30.39
CA VAL A 1935 11.54 86.85 30.94
C VAL A 1935 10.10 86.37 30.98
N LYS A 1936 9.68 85.55 30.00
CA LYS A 1936 8.35 84.97 30.06
C LYS A 1936 8.19 84.09 31.31
N LEU A 1937 9.20 83.28 31.61
CA LEU A 1937 9.15 82.44 32.79
C LEU A 1937 9.08 83.28 34.06
N GLN A 1938 9.87 84.36 34.11
CA GLN A 1938 9.82 85.25 35.27
C GLN A 1938 8.47 85.91 35.41
N MET A 1939 7.85 86.30 34.29
CA MET A 1939 6.53 86.91 34.33
C MET A 1939 5.50 85.93 34.86
N CYS A 1940 5.57 84.67 34.43
CA CYS A 1940 4.64 83.66 34.95
C CYS A 1940 4.85 83.46 36.44
N ASN A 1941 6.12 83.39 36.87
CA ASN A 1941 6.41 83.25 38.30
C ASN A 1941 5.85 84.42 39.09
N LEU A 1942 5.89 85.61 38.51
CA LEU A 1942 5.30 86.78 39.18
C LEU A 1942 3.79 86.67 39.26
N LEU A 1943 3.15 86.28 38.16
CA LEU A 1943 1.68 86.23 38.12
C LEU A 1943 1.13 85.17 39.07
N GLU A 1944 1.90 84.11 39.32
CA GLU A 1944 1.45 83.11 40.27
C GLU A 1944 1.20 83.73 41.64
N TYR A 1945 2.01 84.71 42.02
CA TYR A 1945 1.80 85.38 43.31
C TYR A 1945 0.46 86.10 43.36
N PHE A 1946 0.10 86.78 42.27
CA PHE A 1946 -1.20 87.47 42.24
C PHE A 1946 -2.34 86.48 42.32
N CYS A 1947 -2.22 85.34 41.62
CA CYS A 1947 -3.25 84.33 41.72
C CYS A 1947 -3.40 83.82 43.16
N ASP A 1948 -2.27 83.58 43.83
CA ASP A 1948 -2.32 83.13 45.21
C ASP A 1948 -2.95 84.17 46.12
N GLN A 1949 -2.65 85.45 45.87
CA GLN A 1949 -3.27 86.51 46.66
C GLN A 1949 -4.78 86.53 46.47
N GLU A 1950 -5.24 86.32 45.24
CA GLU A 1950 -6.68 86.24 45.00
C GLU A 1950 -7.29 85.09 45.77
N LEU A 1951 -6.64 83.92 45.75
CA LEU A 1951 -7.18 82.78 46.49
C LEU A 1951 -7.25 83.06 47.99
N GLN A 1952 -6.21 83.68 48.54
CA GLN A 1952 -6.21 84.01 49.96
C GLN A 1952 -7.33 84.99 50.30
N HIS A 1953 -7.55 85.98 49.43
CA HIS A 1953 -8.65 86.91 49.66
C HIS A 1953 -9.98 86.18 49.66
N ARG A 1954 -10.15 85.23 48.73
CA ARG A 1954 -11.39 84.46 48.69
C ARG A 1954 -11.62 83.71 49.98
N VAL A 1955 -10.61 82.99 50.47
CA VAL A 1955 -10.81 82.18 51.66
C VAL A 1955 -11.04 83.07 52.89
N GLU A 1956 -10.36 84.21 52.94
CA GLU A 1956 -10.58 85.13 54.05
C GLU A 1956 -12.01 85.66 54.04
N SER A 1957 -12.52 86.01 52.86
CA SER A 1957 -13.90 86.50 52.79
C SER A 1957 -14.89 85.41 53.21
N LEU A 1958 -14.63 84.17 52.80
CA LEU A 1958 -15.52 83.07 53.19
C LEU A 1958 -15.54 82.92 54.71
N ALA A 1959 -14.36 82.95 55.34
CA ALA A 1959 -14.31 82.83 56.80
C ALA A 1959 -15.03 84.00 57.47
N ALA A 1960 -14.84 85.21 56.93
CA ALA A 1960 -15.49 86.38 57.51
C ALA A 1960 -17.00 86.26 57.47
N PHE A 1961 -17.55 85.80 56.34
CA PHE A 1961 -18.99 85.58 56.28
C PHE A 1961 -19.42 84.48 57.23
N ALA A 1962 -18.64 83.41 57.32
CA ALA A 1962 -19.02 82.26 58.13
C ALA A 1962 -19.11 82.65 59.60
N GLU A 1963 -18.24 83.53 60.07
CA GLU A 1963 -18.28 83.92 61.48
C GLU A 1963 -19.62 84.55 61.84
N ARG A 1964 -20.05 85.56 61.09
CA ARG A 1964 -21.30 86.21 61.40
C ARG A 1964 -22.49 85.28 61.16
N TYR A 1965 -22.40 84.41 60.15
CA TYR A 1965 -23.53 83.51 59.91
C TYR A 1965 -23.69 82.52 61.05
N VAL A 1966 -22.59 81.96 61.57
CA VAL A 1966 -22.73 81.03 62.68
C VAL A 1966 -23.16 81.76 63.95
N ASP A 1967 -22.76 83.01 64.12
CA ASP A 1967 -23.25 83.79 65.26
C ASP A 1967 -24.77 83.94 65.19
N LYS A 1968 -25.28 84.30 64.01
CA LYS A 1968 -26.72 84.45 63.84
C LYS A 1968 -27.45 83.12 64.02
N LEU A 1969 -26.85 82.04 63.52
CA LEU A 1969 -27.46 80.72 63.67
C LEU A 1969 -27.54 80.31 65.14
N GLN A 1970 -26.47 80.58 65.91
CA GLN A 1970 -26.49 80.27 67.33
C GLN A 1970 -27.55 81.09 68.05
N ALA A 1971 -27.67 82.37 67.70
CA ALA A 1971 -28.72 83.19 68.31
C ALA A 1971 -30.11 82.64 68.01
N ASN A 1972 -30.34 82.25 66.74
CA ASN A 1972 -31.63 81.69 66.38
C ASN A 1972 -31.91 80.39 67.11
N GLN A 1973 -30.89 79.54 67.26
CA GLN A 1973 -31.06 78.30 67.99
C GLN A 1973 -31.40 78.57 69.46
N ARG A 1974 -30.75 79.56 70.06
CA ARG A 1974 -31.08 79.93 71.43
C ARG A 1974 -32.53 80.36 71.55
N SER A 1975 -32.98 81.23 70.62
CA SER A 1975 -34.36 81.71 70.68
C SER A 1975 -35.35 80.56 70.49
N ARG A 1976 -35.07 79.67 69.55
CA ARG A 1976 -35.98 78.55 69.28
C ARG A 1976 -36.03 77.59 70.47
N TYR A 1977 -34.88 77.32 71.10
CA TYR A 1977 -34.87 76.44 72.27
C TYR A 1977 -35.63 77.06 73.42
N ALA A 1978 -35.48 78.38 73.61
CA ALA A 1978 -36.24 79.06 74.66
C ALA A 1978 -37.74 78.96 74.38
N LEU A 1979 -38.14 79.16 73.12
CA LEU A 1979 -39.55 79.05 72.76
C LEU A 1979 -40.07 77.64 73.02
N LEU A 1980 -39.29 76.62 72.66
CA LEU A 1980 -39.70 75.24 72.90
C LEU A 1980 -39.83 74.97 74.39
N MET A 1981 -38.88 75.46 75.19
CA MET A 1981 -38.94 75.23 76.63
C MET A 1981 -40.17 75.90 77.23
N ARG A 1982 -40.48 77.13 76.81
CA ARG A 1982 -41.64 77.83 77.36
C ARG A 1982 -42.96 77.22 76.89
N ALA A 1983 -42.94 76.44 75.82
CA ALA A 1983 -44.14 75.86 75.23
C ALA A 1983 -43.93 74.39 74.92
N PHE A 1984 -43.45 73.64 75.91
CA PHE A 1984 -43.05 72.24 75.70
C PHE A 1984 -44.20 71.42 75.10
N THR A 1985 -45.34 71.41 75.79
CA THR A 1985 -46.55 70.70 75.34
C THR A 1985 -46.21 69.28 74.88
N MET A 1986 -45.77 68.48 75.85
CA MET A 1986 -45.23 67.15 75.63
C MET A 1986 -46.06 66.34 74.64
N SER A 1987 -45.42 65.92 73.55
CA SER A 1987 -46.07 65.14 72.51
C SER A 1987 -44.98 64.45 71.69
N ALA A 1988 -45.38 63.85 70.56
CA ALA A 1988 -44.41 63.16 69.71
C ALA A 1988 -43.41 64.12 69.09
N ALA A 1989 -43.89 65.27 68.60
CA ALA A 1989 -42.99 66.23 67.97
C ALA A 1989 -41.99 66.80 68.97
N GLU A 1990 -42.44 67.11 70.19
CA GLU A 1990 -41.54 67.62 71.21
C GLU A 1990 -40.49 66.57 71.58
N THR A 1991 -40.90 65.31 71.69
CA THR A 1991 -39.94 64.24 71.99
C THR A 1991 -38.93 64.09 70.86
N ALA A 1992 -39.39 64.17 69.60
CA ALA A 1992 -38.47 64.09 68.48
C ALA A 1992 -37.47 65.24 68.50
N ARG A 1993 -37.95 66.45 68.79
CA ARG A 1993 -37.05 67.61 68.88
C ARG A 1993 -36.03 67.42 69.99
N ARG A 1994 -36.47 66.92 71.15
CA ARG A 1994 -35.54 66.68 72.26
C ARG A 1994 -34.49 65.64 71.88
N THR A 1995 -34.91 64.57 71.21
CA THR A 1995 -33.97 63.53 70.81
C THR A 1995 -32.96 64.05 69.79
N ARG A 1996 -33.43 64.85 68.82
CA ARG A 1996 -32.49 65.35 67.81
C ARG A 1996 -31.57 66.43 68.38
N GLU A 1997 -32.01 67.16 69.40
CA GLU A 1997 -31.15 68.19 69.97
C GLU A 1997 -30.17 67.61 70.99
N PHE A 1998 -30.70 67.08 72.10
CA PHE A 1998 -29.81 66.66 73.19
C PHE A 1998 -29.14 65.32 72.90
N ARG A 1999 -29.86 64.38 72.29
CA ARG A 1999 -29.36 63.02 72.10
C ARG A 1999 -28.59 62.86 70.78
N SER A 2000 -28.34 63.96 70.07
CA SER A 2000 -27.55 63.93 68.85
C SER A 2000 -26.48 65.00 68.93
N PRO A 2001 -25.26 64.70 68.47
CA PRO A 2001 -24.19 65.70 68.53
C PRO A 2001 -24.51 66.87 67.62
N PRO A 2002 -23.99 68.06 67.92
CA PRO A 2002 -24.29 69.22 67.07
C PRO A 2002 -23.83 69.07 65.64
N GLN A 2003 -22.86 68.20 65.37
CA GLN A 2003 -22.40 67.99 64.01
C GLN A 2003 -23.55 67.60 63.09
N GLU A 2004 -24.30 66.56 63.48
CA GLU A 2004 -25.45 66.14 62.68
C GLU A 2004 -26.51 67.23 62.64
N GLN A 2005 -26.62 68.02 63.70
CA GLN A 2005 -27.62 69.09 63.73
C GLN A 2005 -27.32 70.14 62.66
N ILE A 2006 -26.06 70.58 62.59
CA ILE A 2006 -25.68 71.55 61.57
C ILE A 2006 -25.79 70.93 60.18
N ASN A 2007 -25.42 69.66 60.04
CA ASN A 2007 -25.55 68.99 58.75
C ASN A 2007 -27.00 69.00 58.28
N MET A 2008 -27.92 68.61 59.17
CA MET A 2008 -29.33 68.57 58.80
C MET A 2008 -29.86 69.97 58.52
N LEU A 2009 -29.46 70.96 59.32
CA LEU A 2009 -29.94 72.32 59.10
C LEU A 2009 -29.50 72.85 57.75
N LEU A 2010 -28.23 72.65 57.40
CA LEU A 2010 -27.73 73.15 56.12
C LEU A 2010 -28.30 72.37 54.95
N HIS A 2011 -28.57 71.07 55.14
CA HIS A 2011 -29.27 70.31 54.11
C HIS A 2011 -30.68 70.85 53.92
N PHE A 2012 -31.37 71.20 55.01
CA PHE A 2012 -32.66 71.85 54.92
C PHE A 2012 -32.55 73.19 54.19
N LYS A 2013 -31.43 73.88 54.35
CA LYS A 2013 -31.26 75.18 53.71
C LYS A 2013 -31.28 75.06 52.19
N ASP A 2014 -30.62 74.03 51.64
CA ASP A 2014 -30.47 73.89 50.20
C ASP A 2014 -31.12 72.59 49.74
N GLU A 2015 -32.12 72.71 48.87
CA GLU A 2015 -32.76 71.55 48.27
C GLU A 2015 -33.44 71.98 46.99
N ALA A 2016 -33.79 71.01 46.15
CA ALA A 2016 -34.44 71.27 44.87
C ALA A 2016 -35.93 71.53 45.11
N ASP A 2017 -36.20 72.71 45.66
CA ASP A 2017 -37.54 73.19 45.99
C ASP A 2017 -38.27 72.29 46.99
N GLU A 2018 -37.58 71.32 47.56
CA GLU A 2018 -38.15 70.42 48.57
C GLU A 2018 -37.43 70.59 49.90
N GLU A 2019 -37.14 71.84 50.25
CA GLU A 2019 -36.35 72.11 51.46
C GLU A 2019 -37.07 71.65 52.72
N ASP A 2020 -38.31 72.11 52.91
CA ASP A 2020 -39.05 71.88 54.15
C ASP A 2020 -38.22 72.27 55.36
N CYS A 2021 -37.53 73.40 55.23
CA CYS A 2021 -36.57 73.81 56.25
C CYS A 2021 -37.30 74.24 57.52
N PRO A 2022 -36.74 73.94 58.70
CA PRO A 2022 -37.39 74.35 59.95
C PRO A 2022 -37.15 75.82 60.27
N LEU A 2023 -35.97 76.32 59.95
CA LEU A 2023 -35.61 77.70 60.24
C LEU A 2023 -36.28 78.65 59.25
N PRO A 2024 -36.45 79.92 59.64
CA PRO A 2024 -37.12 80.87 58.75
C PRO A 2024 -36.38 81.04 57.44
N GLU A 2025 -37.16 81.24 56.37
CA GLU A 2025 -36.59 81.44 55.04
C GLU A 2025 -36.16 82.89 54.85
N ASP A 2026 -35.40 83.42 55.80
CA ASP A 2026 -34.82 84.76 55.71
C ASP A 2026 -33.30 84.72 55.72
N ILE A 2027 -32.71 83.96 56.64
CA ILE A 2027 -31.27 83.77 56.64
C ILE A 2027 -30.83 83.00 55.41
N ARG A 2028 -31.65 82.05 54.96
CA ARG A 2028 -31.33 81.29 53.76
C ARG A 2028 -31.26 82.19 52.54
N GLN A 2029 -32.05 83.28 52.51
CA GLN A 2029 -32.00 84.21 51.39
C GLN A 2029 -30.63 84.85 51.28
N ASP A 2030 -30.11 85.38 52.39
CA ASP A 2030 -28.80 86.03 52.33
C ASP A 2030 -27.69 84.99 52.15
N LEU A 2031 -27.88 83.77 52.65
CA LEU A 2031 -26.90 82.72 52.39
C LEU A 2031 -26.82 82.42 50.89
N GLN A 2032 -27.97 82.29 50.23
CA GLN A 2032 -27.98 82.06 48.80
C GLN A 2032 -27.39 83.25 48.05
N ASP A 2033 -27.68 84.46 48.52
CA ASP A 2033 -27.10 85.64 47.89
C ASP A 2033 -25.58 85.64 47.99
N PHE A 2034 -25.05 85.29 49.17
CA PHE A 2034 -23.61 85.20 49.34
C PHE A 2034 -23.01 84.11 48.47
N HIS A 2035 -23.69 82.96 48.38
CA HIS A 2035 -23.18 81.87 47.54
C HIS A 2035 -23.15 82.29 46.07
N GLN A 2036 -24.19 82.97 45.62
CA GLN A 2036 -24.20 83.48 44.25
C GLN A 2036 -23.09 84.50 44.03
N ASP A 2037 -22.86 85.38 45.00
CA ASP A 2037 -21.79 86.35 44.89
C ASP A 2037 -20.43 85.67 44.79
N LEU A 2038 -20.21 84.65 45.63
CA LEU A 2038 -18.95 83.92 45.58
C LEU A 2038 -18.77 83.21 44.24
N LEU A 2039 -19.83 82.58 43.74
CA LEU A 2039 -19.75 81.92 42.44
C LEU A 2039 -19.44 82.91 41.33
N ALA A 2040 -20.07 84.09 41.37
CA ALA A 2040 -19.80 85.12 40.39
C ALA A 2040 -18.35 85.60 40.49
N HIS A 2041 -17.83 85.70 41.72
CA HIS A 2041 -16.42 86.04 41.88
C HIS A 2041 -15.53 84.98 41.26
N CYS A 2042 -15.93 83.72 41.33
CA CYS A 2042 -15.23 82.67 40.61
C CYS A 2042 -15.48 82.82 39.11
N GLY A 2043 -14.69 82.10 38.32
CA GLY A 2043 -14.76 82.23 36.88
C GLY A 2043 -16.00 81.62 36.25
N ILE A 2044 -17.18 82.05 36.72
CA ILE A 2044 -18.45 81.59 36.18
C ILE A 2044 -19.31 82.82 35.92
N GLN A 2045 -19.97 82.84 34.76
CA GLN A 2045 -20.85 83.95 34.40
C GLN A 2045 -22.07 84.05 35.30
N LEU A 2046 -22.37 83.01 36.09
CA LEU A 2046 -23.49 83.01 37.02
C LEU A 2046 -24.83 83.21 36.31
N GLU A 2047 -24.90 82.80 35.04
CA GLU A 2047 -26.14 82.87 34.28
C GLU A 2047 -26.94 81.58 34.42
N GLY A 2048 -27.21 81.20 35.66
CA GLY A 2048 -27.93 79.97 35.95
C GLY A 2048 -27.00 78.79 36.16
N LYS A 2089 -14.25 93.40 23.40
CA LYS A 2089 -13.43 92.20 23.29
C LYS A 2089 -12.23 92.27 24.22
N LYS A 2090 -12.11 93.39 24.94
CA LYS A 2090 -11.02 93.55 25.87
C LYS A 2090 -11.18 92.57 27.04
N PRO A 2091 -10.07 92.11 27.63
CA PRO A 2091 -10.16 91.19 28.76
C PRO A 2091 -10.94 91.77 29.94
N GLN A 2092 -10.51 92.94 30.43
CA GLN A 2092 -11.19 93.66 31.50
C GLN A 2092 -11.27 92.84 32.79
N SER A 2093 -10.51 91.74 32.85
CA SER A 2093 -10.47 90.92 34.05
C SER A 2093 -9.17 90.13 34.06
N LEU A 2094 -8.73 89.75 35.25
CA LEU A 2094 -7.45 89.06 35.39
C LEU A 2094 -7.48 87.70 34.71
N GLN A 2095 -8.51 86.90 35.00
CA GLN A 2095 -8.56 85.54 34.47
C GLN A 2095 -8.67 85.55 32.95
N GLU A 2096 -9.51 86.43 32.41
CA GLU A 2096 -9.60 86.53 30.95
C GLU A 2096 -8.27 86.97 30.36
N LEU A 2097 -7.62 87.94 31.01
CA LEU A 2097 -6.33 88.42 30.54
C LEU A 2097 -5.32 87.28 30.43
N VAL A 2098 -5.16 86.52 31.51
CA VAL A 2098 -4.13 85.48 31.51
C VAL A 2098 -4.52 84.35 30.57
N SER A 2099 -5.80 84.00 30.52
CA SER A 2099 -6.23 82.92 29.64
C SER A 2099 -5.95 83.26 28.18
N HIS A 2100 -6.24 84.50 27.77
CA HIS A 2100 -5.91 84.92 26.41
C HIS A 2100 -4.41 84.99 26.22
N MET A 2101 -3.68 85.48 27.23
CA MET A 2101 -2.26 85.74 27.08
C MET A 2101 -1.47 84.45 26.90
N VAL A 2102 -1.76 83.43 27.70
CA VAL A 2102 -0.97 82.20 27.62
C VAL A 2102 -1.22 81.47 26.31
N VAL A 2103 -2.47 81.45 25.85
CA VAL A 2103 -2.75 80.80 24.57
C VAL A 2103 -2.15 81.60 23.41
N ARG A 2104 -2.11 82.93 23.54
CA ARG A 2104 -1.43 83.73 22.52
C ARG A 2104 0.06 83.41 22.49
N TRP A 2105 0.67 83.24 23.67
CA TRP A 2105 2.07 82.85 23.72
C TRP A 2105 2.30 81.50 23.06
N ALA A 2106 1.42 80.53 23.35
CA ALA A 2106 1.57 79.21 22.75
C ALA A 2106 1.36 79.24 21.25
N GLN A 2107 0.50 80.13 20.76
CA GLN A 2107 0.28 80.26 19.32
C GLN A 2107 1.48 80.81 18.59
N GLU A 2108 2.47 81.34 19.30
CA GLU A 2108 3.70 81.81 18.70
C GLU A 2108 4.58 80.61 18.39
N ASP A 2109 5.86 80.86 18.11
CA ASP A 2109 6.77 79.80 17.70
C ASP A 2109 6.84 78.69 18.75
N TYR A 2110 7.33 77.54 18.29
CA TYR A 2110 7.49 76.38 19.16
C TYR A 2110 8.34 76.73 20.37
N VAL A 2111 7.89 76.30 21.55
CA VAL A 2111 8.46 76.75 22.81
C VAL A 2111 9.36 75.65 23.36
N GLN A 2112 10.64 75.98 23.56
CA GLN A 2112 11.58 75.10 24.24
C GLN A 2112 11.57 75.44 25.74
N SER A 2113 12.59 74.97 26.47
CA SER A 2113 12.72 75.22 27.90
C SER A 2113 11.51 74.67 28.64
N PRO A 2114 11.42 73.36 28.79
CA PRO A 2114 10.16 72.75 29.29
C PRO A 2114 9.69 73.27 30.62
N GLU A 2115 10.58 73.78 31.47
CA GLU A 2115 10.13 74.34 32.74
C GLU A 2115 9.17 75.51 32.52
N LEU A 2116 9.46 76.33 31.51
CA LEU A 2116 8.53 77.41 31.16
C LEU A 2116 7.19 76.85 30.71
N VAL A 2117 7.21 75.76 29.94
CA VAL A 2117 5.96 75.14 29.50
C VAL A 2117 5.16 74.67 30.72
N ARG A 2118 5.83 74.03 31.67
CA ARG A 2118 5.15 73.56 32.87
C ARG A 2118 4.54 74.72 33.64
N ALA A 2119 5.30 75.80 33.81
CA ALA A 2119 4.78 76.96 34.52
C ALA A 2119 3.55 77.53 33.82
N MET A 2120 3.64 77.69 32.50
CA MET A 2120 2.52 78.27 31.75
C MET A 2120 1.28 77.40 31.89
N PHE A 2121 1.43 76.10 31.71
CA PHE A 2121 0.24 75.24 31.70
C PHE A 2121 -0.36 75.11 33.09
N SER A 2122 0.48 75.01 34.13
CA SER A 2122 -0.05 74.96 35.48
C SER A 2122 -0.79 76.25 35.81
N LEU A 2123 -0.21 77.39 35.46
CA LEU A 2123 -0.86 78.66 35.76
C LEU A 2123 -2.18 78.81 35.00
N LEU A 2124 -2.21 78.36 33.74
CA LEU A 2124 -3.45 78.41 32.97
C LEU A 2124 -4.52 77.52 33.60
N HIS A 2125 -4.15 76.29 33.98
CA HIS A 2125 -5.11 75.39 34.59
C HIS A 2125 -5.63 75.94 35.91
N ARG A 2126 -4.79 76.70 36.62
CA ARG A 2126 -5.25 77.34 37.85
C ARG A 2126 -6.34 78.37 37.62
N GLN A 2127 -6.55 78.78 36.38
CA GLN A 2127 -7.45 79.88 36.06
C GLN A 2127 -8.86 79.43 35.70
N TYR A 2128 -9.15 78.14 35.75
CA TYR A 2128 -10.47 77.65 35.38
C TYR A 2128 -11.18 76.95 36.52
N ASP A 2129 -10.51 76.03 37.22
CA ASP A 2129 -11.12 75.33 38.34
C ASP A 2129 -10.93 76.14 39.63
N GLY A 2130 -11.40 77.39 39.59
CA GLY A 2130 -11.26 78.26 40.75
C GLY A 2130 -11.96 77.69 41.97
N LEU A 2131 -13.20 77.23 41.80
CA LEU A 2131 -13.87 76.55 42.90
C LEU A 2131 -13.12 75.28 43.28
N GLY A 2132 -12.55 74.58 42.30
CA GLY A 2132 -11.79 73.39 42.60
C GLY A 2132 -10.52 73.68 43.39
N GLU A 2133 -9.79 74.72 43.00
CA GLU A 2133 -8.58 75.08 43.73
C GLU A 2133 -8.92 75.58 45.13
N LEU A 2134 -10.04 76.30 45.27
CA LEU A 2134 -10.45 76.73 46.60
C LEU A 2134 -10.85 75.54 47.46
N LEU A 2135 -11.50 74.54 46.87
CA LEU A 2135 -11.79 73.31 47.58
C LEU A 2135 -10.51 72.63 48.05
N ARG A 2136 -9.51 72.58 47.17
CA ARG A 2136 -8.24 71.97 47.53
C ARG A 2136 -7.57 72.72 48.66
N ALA A 2137 -7.65 74.05 48.65
CA ALA A 2137 -7.03 74.84 49.70
C ALA A 2137 -7.82 74.85 51.00
N LEU A 2138 -9.11 74.54 50.96
CA LEU A 2138 -9.95 74.64 52.15
C LEU A 2138 -9.48 73.77 53.33
N PRO A 2139 -9.10 72.50 53.15
CA PRO A 2139 -8.74 71.69 54.33
C PRO A 2139 -7.56 72.24 55.11
N ARG A 2140 -6.70 73.04 54.48
CA ARG A 2140 -5.60 73.65 55.21
C ARG A 2140 -6.04 74.89 55.98
N ALA A 2141 -7.22 75.43 55.70
CA ALA A 2141 -7.70 76.60 56.41
C ALA A 2141 -8.18 76.22 57.81
N TYR A 2142 -8.11 77.20 58.71
CA TYR A 2142 -8.51 76.98 60.10
C TYR A 2142 -8.87 78.32 60.71
N THR A 2143 -9.61 78.28 61.80
CA THR A 2143 -10.02 79.49 62.51
C THR A 2143 -9.74 79.30 64.00
N ILE A 2144 -9.12 80.31 64.62
CA ILE A 2144 -8.81 80.28 66.04
C ILE A 2144 -9.31 81.55 66.69
N SER A 2145 -9.75 81.43 67.94
CA SER A 2145 -10.23 82.58 68.68
C SER A 2145 -9.05 83.48 69.06
N PRO A 2146 -9.31 84.79 69.25
CA PRO A 2146 -8.23 85.69 69.67
C PRO A 2146 -7.76 85.43 71.08
N SER A 2147 -6.85 86.28 71.58
CA SER A 2147 -6.24 86.22 72.90
C SER A 2147 -5.25 85.07 73.03
N SER A 2148 -5.09 84.24 72.00
CA SER A 2148 -4.08 83.19 71.99
C SER A 2148 -3.16 83.33 70.79
N VAL A 2149 -3.08 84.53 70.21
CA VAL A 2149 -2.37 84.71 68.95
C VAL A 2149 -0.86 84.58 69.14
N GLU A 2150 -0.31 85.18 70.20
CA GLU A 2150 1.14 85.19 70.35
C GLU A 2150 1.70 83.79 70.56
N ASP A 2151 0.98 82.92 71.25
CA ASP A 2151 1.40 81.54 71.37
C ASP A 2151 1.47 80.87 70.00
N THR A 2152 0.49 81.17 69.14
CA THR A 2152 0.52 80.63 67.78
C THR A 2152 1.70 81.19 66.99
N MET A 2153 2.03 82.46 67.19
CA MET A 2153 3.20 83.02 66.53
C MET A 2153 4.47 82.31 66.97
N SER A 2154 4.61 82.06 68.27
CA SER A 2154 5.79 81.34 68.76
C SER A 2154 5.85 79.93 68.18
N LEU A 2155 4.72 79.24 68.15
CA LEU A 2155 4.69 77.89 67.60
C LEU A 2155 5.05 77.90 66.12
N LEU A 2156 4.51 78.87 65.36
CA LEU A 2156 4.82 78.96 63.95
C LEU A 2156 6.28 79.27 63.71
N GLU A 2157 6.86 80.15 64.54
CA GLU A 2157 8.28 80.46 64.40
C GLU A 2157 9.13 79.22 64.64
N CYS A 2158 8.80 78.45 65.69
CA CYS A 2158 9.56 77.23 65.95
C CYS A 2158 9.39 76.23 64.81
N LEU A 2159 8.18 76.10 64.29
CA LEU A 2159 7.94 75.19 63.16
C LEU A 2159 8.74 75.63 61.94
N GLY A 2160 8.81 76.93 61.69
CA GLY A 2160 9.61 77.41 60.58
C GLY A 2160 11.09 77.15 60.78
N GLN A 2161 11.56 77.29 62.02
CA GLN A 2161 12.95 76.95 62.31
C GLN A 2161 13.24 75.49 62.00
N ILE A 2162 12.35 74.60 62.43
CA ILE A 2162 12.53 73.18 62.17
C ILE A 2162 12.50 72.91 60.67
N ARG A 2163 11.55 73.54 59.95
CA ARG A 2163 11.42 73.33 58.52
C ARG A 2163 12.68 73.79 57.79
N SER A 2164 13.21 74.96 58.16
CA SER A 2164 14.45 75.42 57.57
C SER A 2164 15.61 74.51 57.92
N LEU A 2165 15.57 73.89 59.10
CA LEU A 2165 16.65 73.00 59.52
C LEU A 2165 16.55 71.60 58.94
N LEU A 2166 15.41 71.24 58.34
CA LEU A 2166 15.32 69.90 57.75
C LEU A 2166 16.01 69.81 56.40
N ILE A 2167 16.38 70.94 55.80
CA ILE A 2167 17.01 70.93 54.47
C ILE A 2167 18.52 70.85 54.52
N VAL A 2168 19.13 71.08 55.66
CA VAL A 2168 20.57 71.11 55.78
C VAL A 2168 21.05 69.76 56.29
N GLN A 2169 22.32 69.47 56.03
CA GLN A 2169 22.97 68.28 56.55
C GLN A 2169 23.02 68.38 58.07
N MET A 2170 22.73 67.29 58.78
CA MET A 2170 22.63 67.41 60.24
C MET A 2170 23.99 67.79 60.83
N GLY A 2171 23.95 68.70 61.81
CA GLY A 2171 25.13 69.13 62.51
C GLY A 2171 24.90 69.28 64.00
N PRO A 2172 26.00 69.31 64.78
CA PRO A 2172 25.85 69.40 66.24
C PRO A 2172 25.03 70.59 66.73
N GLN A 2173 25.18 71.76 66.09
CA GLN A 2173 24.35 72.90 66.46
C GLN A 2173 22.89 72.65 66.11
N GLU A 2174 22.65 72.02 64.96
CA GLU A 2174 21.29 71.86 64.47
C GLU A 2174 20.46 70.95 65.36
N GLU A 2175 21.05 69.86 65.85
CA GLU A 2175 20.30 68.95 66.71
C GLU A 2175 19.91 69.64 68.02
N ASN A 2176 20.83 70.42 68.59
CA ASN A 2176 20.50 71.17 69.80
C ASN A 2176 19.40 72.18 69.52
N LEU A 2177 19.49 72.88 68.39
CA LEU A 2177 18.48 73.88 68.07
C LEU A 2177 17.10 73.24 67.89
N MET A 2178 17.03 72.13 67.17
CA MET A 2178 15.73 71.49 66.96
C MET A 2178 15.18 70.89 68.25
N ILE A 2179 16.05 70.35 69.11
CA ILE A 2179 15.58 69.84 70.39
C ILE A 2179 15.03 70.98 71.24
N GLN A 2180 15.71 72.13 71.23
CA GLN A 2180 15.20 73.29 71.94
C GLN A 2180 13.85 73.73 71.40
N SER A 2181 13.70 73.71 70.07
CA SER A 2181 12.42 74.08 69.48
C SER A 2181 11.32 73.13 69.90
N ILE A 2182 11.62 71.82 69.90
CA ILE A 2182 10.62 70.84 70.31
C ILE A 2182 10.22 71.05 71.77
N GLY A 2183 11.22 71.30 72.63
CA GLY A 2183 10.91 71.58 74.02
C GLY A 2183 10.06 72.81 74.18
N ASN A 2184 10.34 73.84 73.39
CA ASN A 2184 9.54 75.07 73.46
C ASN A 2184 8.11 74.83 73.03
N ILE A 2185 7.90 74.05 71.95
CA ILE A 2185 6.54 73.83 71.48
C ILE A 2185 5.79 72.88 72.41
N MET A 2186 6.51 72.04 73.16
CA MET A 2186 5.84 71.12 74.07
C MET A 2186 5.06 71.85 75.16
N ASN A 2187 5.56 72.98 75.64
CA ASN A 2187 4.98 73.67 76.79
C ASN A 2187 4.27 74.96 76.38
N ASN A 2188 3.58 74.93 75.25
CA ASN A 2188 2.86 76.10 74.78
C ASN A 2188 1.40 76.14 75.24
N LYS A 2189 0.85 75.00 75.65
CA LYS A 2189 -0.53 74.84 76.10
C LYS A 2189 -1.55 75.13 75.01
N VAL A 2190 -1.12 75.32 73.76
CA VAL A 2190 -2.02 75.40 72.64
C VAL A 2190 -1.83 74.23 71.67
N PHE A 2191 -0.70 73.53 71.75
CA PHE A 2191 -0.53 72.31 70.97
C PHE A 2191 -1.54 71.25 71.37
N TYR A 2192 -2.04 71.31 72.61
CA TYR A 2192 -3.05 70.37 73.08
C TYR A 2192 -4.46 70.83 72.80
N GLN A 2193 -4.69 72.15 72.73
CA GLN A 2193 -6.05 72.66 72.59
C GLN A 2193 -6.68 72.26 71.26
N HIS A 2194 -5.93 72.34 70.18
CA HIS A 2194 -6.46 72.08 68.83
C HIS A 2194 -5.57 71.08 68.11
N PRO A 2195 -5.65 69.80 68.48
CA PRO A 2195 -4.88 68.78 67.77
C PRO A 2195 -5.26 68.66 66.31
N ASN A 2196 -6.51 68.96 65.95
CA ASN A 2196 -6.91 68.92 64.55
C ASN A 2196 -6.13 69.93 63.72
N LEU A 2197 -5.94 71.14 64.25
CA LEU A 2197 -5.14 72.14 63.55
C LEU A 2197 -3.70 71.69 63.40
N MET A 2198 -3.14 71.07 64.45
CA MET A 2198 -1.80 70.54 64.36
C MET A 2198 -1.71 69.48 63.26
N ARG A 2199 -2.73 68.62 63.16
CA ARG A 2199 -2.75 67.61 62.12
C ARG A 2199 -2.81 68.26 60.74
N ALA A 2200 -3.61 69.32 60.60
CA ALA A 2200 -3.70 70.02 59.33
C ALA A 2200 -2.35 70.63 58.95
N LEU A 2201 -1.64 71.20 59.92
CA LEU A 2201 -0.30 71.69 59.64
C LEU A 2201 0.64 70.54 59.29
N GLY A 2202 0.44 69.39 59.92
CA GLY A 2202 1.22 68.20 59.60
C GLY A 2202 2.69 68.28 59.94
N MET A 2203 3.02 68.79 61.12
CA MET A 2203 4.42 68.81 61.53
C MET A 2203 4.93 67.42 61.89
N HIS A 2204 4.04 66.49 62.25
CA HIS A 2204 4.47 65.14 62.58
C HIS A 2204 5.16 64.49 61.39
N GLU A 2205 4.67 64.77 60.18
CA GLU A 2205 5.34 64.26 58.99
C GLU A 2205 6.77 64.79 58.90
N THR A 2206 6.96 66.08 59.19
CA THR A 2206 8.30 66.65 59.12
C THR A 2206 9.21 66.02 60.16
N VAL A 2207 8.72 65.83 61.39
CA VAL A 2207 9.53 65.22 62.43
C VAL A 2207 9.91 63.80 62.04
N MET A 2208 8.94 63.04 61.52
CA MET A 2208 9.22 61.67 61.13
C MET A 2208 10.20 61.63 59.96
N GLU A 2209 10.11 62.59 59.04
CA GLU A 2209 11.03 62.63 57.91
C GLU A 2209 12.45 62.95 58.36
N VAL A 2210 12.61 63.93 59.26
CA VAL A 2210 13.95 64.24 59.73
C VAL A 2210 14.51 63.07 60.54
N MET A 2211 13.64 62.33 61.24
CA MET A 2211 14.10 61.17 62.00
C MET A 2211 14.59 60.06 61.07
N VAL A 2212 13.84 59.75 60.01
CA VAL A 2212 14.30 58.72 59.10
C VAL A 2212 15.56 59.20 58.38
N ASN A 2213 15.67 60.50 58.13
CA ASN A 2213 16.91 61.02 57.54
C ASN A 2213 18.09 60.82 58.46
N VAL A 2214 17.94 61.14 59.76
CA VAL A 2214 19.10 61.08 60.64
C VAL A 2214 19.52 59.65 60.89
N LEU A 2215 18.58 58.73 61.11
CA LEU A 2215 19.00 57.36 61.38
C LEU A 2215 19.19 56.52 60.12
N GLY A 2216 18.87 57.05 58.95
CA GLY A 2216 18.97 56.26 57.74
C GLY A 2216 20.40 56.07 57.29
N GLY A 2217 20.56 55.19 56.29
CA GLY A 2217 21.86 54.95 55.69
C GLY A 2217 22.63 53.81 56.33
N GLY A 2218 23.12 54.02 57.55
CA GLY A 2218 23.91 53.02 58.23
C GLY A 2218 23.07 51.96 58.91
N GLU A 2219 23.01 50.76 58.30
CA GLU A 2219 22.22 49.68 58.87
C GLU A 2219 22.79 49.21 60.20
N THR A 2220 24.11 49.06 60.27
CA THR A 2220 24.75 48.57 61.49
C THR A 2220 26.00 49.34 61.90
N LYS A 2221 26.55 50.20 61.05
CA LYS A 2221 27.77 50.93 61.37
C LYS A 2221 27.51 52.40 61.69
N GLU A 2222 26.77 53.09 60.84
CA GLU A 2222 26.49 54.51 61.02
C GLU A 2222 25.22 54.67 61.85
N ILE A 2223 25.38 54.76 63.16
CA ILE A 2223 24.26 55.01 64.06
C ILE A 2223 24.55 56.29 64.82
N ARG A 2224 25.26 57.21 64.16
CA ARG A 2224 25.68 58.44 64.82
C ARG A 2224 24.48 59.32 65.14
N PHE A 2225 24.76 60.45 65.78
CA PHE A 2225 23.76 61.42 66.19
C PHE A 2225 22.62 60.82 67.01
N PRO A 2226 22.91 60.21 68.16
CA PRO A 2226 21.84 59.80 69.07
C PRO A 2226 21.42 60.97 69.95
N LYS A 2227 20.60 60.71 70.96
CA LYS A 2227 20.21 61.69 71.97
C LYS A 2227 19.25 62.72 71.37
N MET A 2228 19.04 62.66 70.05
CA MET A 2228 18.04 63.49 69.39
C MET A 2228 16.91 62.68 68.77
N VAL A 2229 17.20 61.47 68.28
CA VAL A 2229 16.15 60.57 67.84
C VAL A 2229 15.26 60.20 69.01
N THR A 2230 15.84 60.08 70.20
CA THR A 2230 15.04 59.79 71.39
C THR A 2230 14.05 60.91 71.67
N SER A 2231 14.49 62.16 71.56
CA SER A 2231 13.58 63.29 71.75
C SER A 2231 12.48 63.29 70.70
N CYS A 2232 12.84 62.98 69.45
CA CYS A 2232 11.83 62.90 68.39
C CYS A 2232 10.79 61.83 68.69
N CYS A 2233 11.24 60.66 69.12
CA CYS A 2233 10.30 59.57 69.40
C CYS A 2233 9.43 59.89 70.61
N ARG A 2234 10.01 60.54 71.63
CA ARG A 2234 9.21 60.96 72.77
C ARG A 2234 8.15 61.96 72.35
N PHE A 2235 8.52 62.91 71.49
CA PHE A 2235 7.54 63.87 71.00
C PHE A 2235 6.44 63.17 70.21
N LEU A 2236 6.82 62.20 69.37
CA LEU A 2236 5.83 61.48 68.59
C LEU A 2236 4.86 60.71 69.48
N CYS A 2237 5.39 60.05 70.52
CA CYS A 2237 4.53 59.33 71.45
C CYS A 2237 3.57 60.29 72.15
N TYR A 2238 4.09 61.41 72.65
CA TYR A 2238 3.24 62.36 73.35
C TYR A 2238 2.19 62.96 72.41
N PHE A 2239 2.54 63.15 71.14
CA PHE A 2239 1.58 63.67 70.18
C PHE A 2239 0.47 62.65 69.91
N CYS A 2240 0.85 61.38 69.70
CA CYS A 2240 -0.14 60.36 69.39
C CYS A 2240 -1.04 60.08 70.59
N ARG A 2241 -0.53 60.24 71.80
CA ARG A 2241 -1.34 59.92 72.98
C ARG A 2241 -2.51 60.89 73.12
N ILE A 2242 -2.24 62.19 73.07
CA ILE A 2242 -3.28 63.19 73.34
C ILE A 2242 -3.92 63.54 72.00
N SER A 2243 -4.88 62.72 71.59
CA SER A 2243 -5.65 62.94 70.38
C SER A 2243 -6.70 61.84 70.27
N ARG A 2244 -7.61 62.02 69.32
CA ARG A 2244 -8.57 60.99 68.96
C ARG A 2244 -8.42 60.49 67.54
N GLN A 2245 -7.88 61.31 66.63
CA GLN A 2245 -7.67 60.93 65.25
C GLN A 2245 -6.21 60.79 64.87
N ASN A 2246 -5.32 61.55 65.51
CA ASN A 2246 -3.91 61.54 65.12
C ASN A 2246 -3.29 60.16 65.33
N GLN A 2247 -3.84 59.35 66.23
CA GLN A 2247 -3.36 57.99 66.38
C GLN A 2247 -3.52 57.22 65.08
N ARG A 2248 -4.65 57.39 64.39
CA ARG A 2248 -4.83 56.76 63.10
C ARG A 2248 -3.83 57.30 62.08
N SER A 2249 -3.56 58.60 62.12
CA SER A 2249 -2.61 59.19 61.18
C SER A 2249 -1.23 58.58 61.34
N MET A 2250 -0.77 58.43 62.58
CA MET A 2250 0.53 57.80 62.79
C MET A 2250 0.46 56.29 62.55
N PHE A 2251 -0.72 55.69 62.74
CA PHE A 2251 -0.90 54.28 62.45
C PHE A 2251 -0.68 54.00 60.98
N ASP A 2252 -1.15 54.89 60.12
CA ASP A 2252 -1.09 54.66 58.68
C ASP A 2252 0.34 54.47 58.17
N HIS A 2253 1.34 54.98 58.89
CA HIS A 2253 2.73 54.86 58.48
C HIS A 2253 3.49 53.77 59.24
N LEU A 2254 2.78 52.94 60.01
CA LEU A 2254 3.46 52.04 60.94
C LEU A 2254 4.30 50.99 60.23
N SER A 2255 3.87 50.55 59.04
CA SER A 2255 4.64 49.53 58.32
C SER A 2255 6.05 50.02 58.00
N TYR A 2256 6.14 51.20 57.38
CA TYR A 2256 7.44 51.75 57.04
C TYR A 2256 8.16 52.26 58.28
N LEU A 2257 7.41 52.64 59.32
CA LEU A 2257 8.04 52.98 60.60
C LEU A 2257 8.77 51.77 61.17
N LEU A 2258 8.14 50.61 61.14
CA LEU A 2258 8.80 49.39 61.61
C LEU A 2258 9.91 48.97 60.66
N GLU A 2259 9.76 49.27 59.37
CA GLU A 2259 10.86 49.02 58.42
C GLU A 2259 12.10 49.80 58.84
N ASN A 2260 11.93 51.07 59.20
CA ASN A 2260 13.06 51.85 59.70
C ASN A 2260 13.54 51.31 61.05
N SER A 2261 12.60 50.92 61.92
CA SER A 2261 12.97 50.44 63.25
C SER A 2261 13.82 49.18 63.16
N GLY A 2262 13.61 48.36 62.14
CA GLY A 2262 14.41 47.16 61.97
C GLY A 2262 15.88 47.46 61.74
N ILE A 2263 16.19 48.65 61.23
CA ILE A 2263 17.56 49.09 61.03
C ILE A 2263 18.06 49.77 62.29
N GLY A 2264 17.26 49.73 63.34
CA GLY A 2264 17.64 50.34 64.60
C GLY A 2264 17.90 49.33 65.70
N LEU A 2265 16.95 49.18 66.62
CA LEU A 2265 17.00 48.26 67.76
C LEU A 2265 18.38 48.28 68.44
N GLY A 2266 19.02 49.44 68.46
CA GLY A 2266 20.36 49.55 69.00
C GLY A 2266 20.46 49.51 70.51
N MET A 2267 19.90 50.51 71.17
CA MET A 2267 20.04 50.68 72.62
C MET A 2267 18.75 51.24 73.20
N GLN A 2268 18.81 51.54 74.49
CA GLN A 2268 17.64 51.99 75.24
C GLN A 2268 17.19 53.39 74.82
N GLY A 2269 15.93 53.72 75.11
CA GLY A 2269 15.44 55.08 74.97
C GLY A 2269 14.61 55.32 73.73
N SER A 2270 13.29 55.25 73.87
CA SER A 2270 12.32 55.62 72.86
C SER A 2270 12.71 55.16 71.45
N THR A 2271 12.84 53.85 71.26
CA THR A 2271 13.09 53.33 69.93
C THR A 2271 11.85 53.54 69.06
N PRO A 2272 12.01 53.56 67.74
CA PRO A 2272 10.84 53.78 66.87
C PRO A 2272 9.75 52.75 67.06
N LEU A 2273 10.09 51.51 67.43
CA LEU A 2273 9.05 50.52 67.70
C LEU A 2273 8.21 50.92 68.90
N ASP A 2274 8.76 51.68 69.83
CA ASP A 2274 7.98 52.15 70.96
C ASP A 2274 6.84 53.07 70.50
N VAL A 2275 7.14 53.99 69.59
CA VAL A 2275 6.07 54.86 69.09
C VAL A 2275 5.18 54.09 68.12
N ALA A 2276 5.71 53.06 67.47
CA ALA A 2276 4.85 52.22 66.63
C ALA A 2276 3.79 51.52 67.47
N ALA A 2277 4.19 50.97 68.62
CA ALA A 2277 3.24 50.33 69.51
C ALA A 2277 2.35 51.35 70.20
N ALA A 2278 2.87 52.54 70.50
CA ALA A 2278 2.08 53.55 71.19
C ALA A 2278 0.89 54.01 70.38
N SER A 2279 0.90 53.79 69.07
CA SER A 2279 -0.24 54.14 68.24
C SER A 2279 -1.38 53.12 68.31
N VAL A 2280 -1.13 51.94 68.91
CA VAL A 2280 -2.10 50.86 68.89
C VAL A 2280 -2.87 50.74 70.20
N ILE A 2281 -2.57 51.60 71.19
CA ILE A 2281 -3.30 51.56 72.45
C ILE A 2281 -4.78 51.82 72.23
N ASP A 2282 -5.11 52.73 71.31
CA ASP A 2282 -6.49 52.96 70.94
C ASP A 2282 -6.99 51.80 70.07
N ASN A 2283 -7.15 50.63 70.68
CA ASN A 2283 -7.42 49.42 69.94
C ASN A 2283 -8.89 49.36 69.53
N ASN A 2284 -9.33 48.19 69.09
CA ASN A 2284 -10.70 47.86 68.70
C ASN A 2284 -11.24 48.75 67.59
N GLU A 2285 -10.39 49.58 67.00
CA GLU A 2285 -10.76 50.37 65.83
C GLU A 2285 -9.69 50.18 64.78
N LEU A 2286 -8.46 49.97 65.23
CA LEU A 2286 -7.30 49.76 64.37
C LEU A 2286 -6.65 48.41 64.59
N ALA A 2287 -6.51 47.98 65.85
CA ALA A 2287 -5.90 46.68 66.11
C ALA A 2287 -6.67 45.57 65.45
N LEU A 2288 -8.01 45.69 65.42
CA LEU A 2288 -8.82 44.71 64.71
C LEU A 2288 -8.50 44.71 63.22
N ALA A 2289 -8.37 45.88 62.62
CA ALA A 2289 -8.07 46.01 61.21
C ALA A 2289 -6.57 46.07 60.93
N LEU A 2290 -5.73 45.96 61.95
CA LEU A 2290 -4.30 45.97 61.74
C LEU A 2290 -3.87 44.77 60.91
N GLN A 2291 -3.05 45.02 59.89
CA GLN A 2291 -2.70 43.97 58.95
C GLN A 2291 -1.73 42.98 59.57
N GLU A 2292 -1.78 41.74 59.06
CA GLU A 2292 -0.90 40.69 59.53
C GLU A 2292 0.52 40.81 58.99
N GLN A 2293 0.74 41.66 57.97
CA GLN A 2293 2.07 41.79 57.40
C GLN A 2293 3.06 42.31 58.42
N ASP A 2294 2.67 43.30 59.20
CA ASP A 2294 3.54 43.80 60.27
C ASP A 2294 3.83 42.71 61.28
N LEU A 2295 2.82 41.91 61.63
CA LEU A 2295 3.01 40.83 62.60
C LEU A 2295 4.01 39.80 62.11
N GLU A 2296 3.85 39.33 60.87
CA GLU A 2296 4.78 38.33 60.35
C GLU A 2296 6.18 38.93 60.20
N LYS A 2297 6.28 40.19 59.80
CA LYS A 2297 7.58 40.83 59.70
C LYS A 2297 8.27 40.92 61.06
N VAL A 2298 7.52 41.31 62.11
CA VAL A 2298 8.15 41.47 63.41
C VAL A 2298 8.51 40.13 64.01
N VAL A 2299 7.72 39.07 63.77
CA VAL A 2299 8.14 37.78 64.30
C VAL A 2299 9.33 37.24 63.52
N SER A 2300 9.41 37.56 62.22
CA SER A 2300 10.61 37.20 61.47
C SER A 2300 11.84 37.90 62.02
N TYR A 2301 11.68 39.18 62.41
CA TYR A 2301 12.76 39.88 63.07
C TYR A 2301 13.14 39.21 64.38
N LEU A 2302 12.13 38.81 65.17
CA LEU A 2302 12.39 38.12 66.42
C LEU A 2302 13.11 36.79 66.17
N ALA A 2303 12.89 36.18 65.02
CA ALA A 2303 13.56 34.92 64.70
C ALA A 2303 15.07 35.08 64.65
N GLY A 2304 15.57 36.30 64.44
CA GLY A 2304 17.00 36.53 64.47
C GLY A 2304 17.61 36.60 65.85
N CYS A 2305 16.80 36.58 66.90
CA CYS A 2305 17.32 36.62 68.26
C CYS A 2305 18.08 35.34 68.62
N GLY A 2306 17.90 34.27 67.85
CA GLY A 2306 18.62 33.04 68.10
C GLY A 2306 20.06 33.02 67.63
N LEU A 2307 20.49 34.08 66.95
CA LEU A 2307 21.88 34.20 66.49
C LEU A 2307 22.57 35.45 66.99
N GLN A 2308 21.86 36.58 67.04
CA GLN A 2308 22.45 37.81 67.55
C GLN A 2308 22.66 37.71 69.05
N SER A 2309 23.86 38.05 69.51
CA SER A 2309 24.27 37.87 70.90
C SER A 2309 24.50 39.20 71.61
N CYS A 2310 23.82 40.26 71.16
CA CYS A 2310 24.00 41.61 71.69
C CYS A 2310 25.47 42.01 71.58
N PRO A 2311 25.95 42.27 70.35
CA PRO A 2311 27.39 42.57 70.18
C PRO A 2311 27.85 43.79 70.94
N MET A 2312 26.96 44.73 71.25
CA MET A 2312 27.35 45.92 71.99
C MET A 2312 27.91 45.57 73.37
N LEU A 2313 27.21 44.69 74.08
CA LEU A 2313 27.66 44.22 75.38
C LEU A 2313 28.50 42.95 75.28
N LEU A 2314 28.64 42.39 74.08
CA LEU A 2314 29.50 41.22 73.90
C LEU A 2314 30.96 41.55 74.22
N ALA A 2315 31.43 42.71 73.74
CA ALA A 2315 32.80 43.13 73.95
C ALA A 2315 33.02 43.84 75.28
N LYS A 2316 31.96 44.05 76.06
CA LYS A 2316 32.09 44.71 77.36
C LYS A 2316 32.75 43.82 78.40
N GLY A 2317 32.94 42.54 78.12
CA GLY A 2317 33.48 41.62 79.10
C GLY A 2317 32.41 40.74 79.71
N TYR A 2318 31.53 40.23 78.86
CA TYR A 2318 30.38 39.44 79.27
C TYR A 2318 30.45 38.05 78.65
N PRO A 2319 29.76 37.06 79.23
CA PRO A 2319 29.80 35.71 78.67
C PRO A 2319 29.33 35.63 77.22
N ASP A 2320 28.41 36.52 76.82
CA ASP A 2320 27.98 36.64 75.42
C ASP A 2320 27.32 35.34 74.92
N ILE A 2321 26.21 34.99 75.57
CA ILE A 2321 25.44 33.83 75.13
C ILE A 2321 24.84 34.12 73.76
N GLY A 2322 24.55 33.05 73.00
CA GLY A 2322 24.14 33.22 71.62
C GLY A 2322 22.90 34.05 71.45
N TRP A 2323 21.91 33.88 72.33
CA TRP A 2323 20.68 34.65 72.27
C TRP A 2323 20.82 35.95 73.06
N ASN A 2324 19.90 36.87 72.82
CA ASN A 2324 19.93 38.20 73.44
C ASN A 2324 18.69 38.38 74.31
N PRO A 2325 18.82 38.27 75.64
CA PRO A 2325 17.65 38.55 76.50
C PRO A 2325 17.14 39.97 76.36
N CYS A 2326 18.03 40.94 76.17
CA CYS A 2326 17.59 42.32 76.00
C CYS A 2326 16.81 42.50 74.70
N GLY A 2327 17.30 41.90 73.61
CA GLY A 2327 16.58 41.99 72.34
C GLY A 2327 15.21 41.35 72.41
N GLY A 2328 15.10 40.21 73.11
CA GLY A 2328 13.80 39.60 73.31
C GLY A 2328 12.90 40.45 74.18
N GLU A 2329 13.46 41.09 75.20
CA GLU A 2329 12.65 41.95 76.07
C GLU A 2329 12.10 43.14 75.31
N ARG A 2330 12.92 43.76 74.45
CA ARG A 2330 12.43 44.86 73.62
C ARG A 2330 11.33 44.38 72.69
N TYR A 2331 11.50 43.21 72.08
CA TYR A 2331 10.44 42.58 71.34
C TYR A 2331 9.40 42.01 72.31
N LEU A 2332 8.33 41.44 71.76
CA LEU A 2332 7.28 40.75 72.48
C LEU A 2332 6.47 41.67 73.39
N ASP A 2333 6.85 42.95 73.50
CA ASP A 2333 6.05 43.90 74.26
C ASP A 2333 5.06 44.63 73.36
N PHE A 2334 5.49 44.94 72.13
CA PHE A 2334 4.54 45.43 71.12
C PHE A 2334 3.52 44.34 70.80
N LEU A 2335 3.95 43.09 70.72
CA LEU A 2335 3.02 42.00 70.43
C LEU A 2335 1.95 41.89 71.49
N ARG A 2336 2.34 41.97 72.76
CA ARG A 2336 1.34 41.97 73.82
C ARG A 2336 0.49 43.22 73.77
N PHE A 2337 1.11 44.37 73.51
CA PHE A 2337 0.38 45.64 73.46
C PHE A 2337 -0.65 45.66 72.34
N ALA A 2338 -0.53 44.74 71.37
CA ALA A 2338 -1.57 44.63 70.35
C ALA A 2338 -2.92 44.26 70.95
N VAL A 2339 -2.93 43.49 72.04
CA VAL A 2339 -4.18 43.04 72.65
C VAL A 2339 -4.16 43.32 74.15
N PHE A 2340 -3.25 44.18 74.61
CA PHE A 2340 -3.03 44.36 76.04
C PHE A 2340 -4.05 45.30 76.67
N VAL A 2341 -4.07 46.56 76.21
CA VAL A 2341 -4.87 47.59 76.87
C VAL A 2341 -6.34 47.23 76.85
N ASN A 2342 -6.85 46.77 75.72
CA ASN A 2342 -8.24 46.34 75.65
C ASN A 2342 -8.42 45.05 76.42
N GLY A 2343 -9.41 45.01 77.30
CA GLY A 2343 -9.75 43.77 77.98
C GLY A 2343 -10.38 42.78 77.02
N GLU A 2344 -10.35 41.50 77.42
CA GLU A 2344 -10.88 40.41 76.60
C GLU A 2344 -10.18 40.37 75.25
N SER A 2345 -8.89 40.05 75.31
CA SER A 2345 -8.03 40.11 74.14
C SER A 2345 -8.59 39.30 72.98
N VAL A 2346 -8.46 39.86 71.77
CA VAL A 2346 -9.03 39.22 70.59
C VAL A 2346 -8.31 37.91 70.30
N GLU A 2347 -8.93 37.10 69.45
CA GLU A 2347 -8.41 35.78 69.12
C GLU A 2347 -7.78 35.69 67.74
N GLU A 2348 -8.32 36.38 66.74
CA GLU A 2348 -7.78 36.30 65.39
C GLU A 2348 -6.34 36.76 65.35
N ASN A 2349 -6.05 37.91 65.97
CA ASN A 2349 -4.67 38.32 66.14
C ASN A 2349 -3.91 37.30 66.98
N ALA A 2350 -4.53 36.81 68.05
CA ALA A 2350 -3.90 35.76 68.84
C ALA A 2350 -3.68 34.51 68.01
N ASN A 2351 -4.66 34.15 67.17
CA ASN A 2351 -4.52 32.96 66.34
C ASN A 2351 -3.32 33.08 65.40
N VAL A 2352 -3.22 34.19 64.68
CA VAL A 2352 -2.13 34.32 63.72
C VAL A 2352 -0.79 34.45 64.45
N VAL A 2353 -0.75 35.14 65.58
CA VAL A 2353 0.53 35.30 66.26
C VAL A 2353 1.01 33.97 66.81
N VAL A 2354 0.11 33.15 67.38
CA VAL A 2354 0.54 31.86 67.89
C VAL A 2354 0.77 30.85 66.76
N ARG A 2355 0.26 31.12 65.56
CA ARG A 2355 0.59 30.27 64.43
C ARG A 2355 2.00 30.57 63.94
N LEU A 2356 2.28 31.83 63.58
CA LEU A 2356 3.61 32.17 63.09
C LEU A 2356 4.69 32.05 64.17
N LEU A 2357 4.33 32.19 65.45
CA LEU A 2357 5.31 32.02 66.52
C LEU A 2357 5.70 30.56 66.70
N ILE A 2358 4.88 29.62 66.21
CA ILE A 2358 5.22 28.21 66.25
C ILE A 2358 5.68 27.69 64.89
N ARG A 2359 5.53 28.48 63.82
CA ARG A 2359 6.01 28.04 62.52
C ARG A 2359 7.53 27.84 62.53
N LYS A 2360 8.26 28.75 63.17
CA LYS A 2360 9.70 28.62 63.32
C LYS A 2360 10.04 28.28 64.76
N PRO A 2361 10.59 27.09 65.03
CA PRO A 2361 11.01 26.78 66.40
C PRO A 2361 12.16 27.65 66.89
N GLU A 2362 12.89 28.29 65.99
CA GLU A 2362 14.06 29.08 66.39
C GLU A 2362 13.68 30.23 67.30
N CYS A 2363 12.57 30.92 66.98
CA CYS A 2363 12.16 32.07 67.77
C CYS A 2363 11.75 31.70 69.19
N PHE A 2364 11.55 30.42 69.47
CA PHE A 2364 11.22 29.98 70.82
C PHE A 2364 12.45 30.14 71.72
N GLY A 2365 12.26 29.87 73.00
CA GLY A 2365 13.33 29.93 73.96
C GLY A 2365 14.38 28.86 73.69
N PRO A 2366 15.62 29.10 74.13
CA PRO A 2366 16.68 28.12 73.90
C PRO A 2366 16.40 26.77 74.52
N ALA A 2367 15.73 26.74 75.67
CA ALA A 2367 15.46 25.49 76.36
C ALA A 2367 14.22 24.76 75.84
N LEU A 2368 13.37 25.44 75.07
CA LEU A 2368 12.13 24.82 74.61
C LEU A 2368 12.34 23.94 73.39
N ARG A 2369 12.81 24.51 72.29
CA ARG A 2369 12.88 23.82 71.01
C ARG A 2369 14.19 23.08 70.81
N GLY A 2370 14.87 22.71 71.89
CA GLY A 2370 16.12 22.00 71.75
C GLY A 2370 15.93 20.58 71.24
N GLU A 2371 17.06 19.98 70.85
CA GLU A 2371 17.02 18.60 70.36
C GLU A 2371 16.51 17.64 71.43
N GLY A 2372 16.72 17.98 72.71
CA GLY A 2372 16.18 17.21 73.81
C GLY A 2372 15.31 18.09 74.69
N GLY A 2373 14.56 17.42 75.56
CA GLY A 2373 13.67 18.13 76.48
C GLY A 2373 14.42 18.78 77.61
N SER A 2374 15.24 19.79 77.30
CA SER A 2374 15.98 20.49 78.33
C SER A 2374 15.03 21.23 79.27
N GLY A 2375 15.29 21.12 80.56
CA GLY A 2375 14.38 21.65 81.57
C GLY A 2375 14.22 23.15 81.56
N LEU A 2376 13.03 23.62 81.19
CA LEU A 2376 12.74 25.05 81.22
C LEU A 2376 12.82 25.56 82.66
N LEU A 2377 12.21 24.84 83.60
CA LEU A 2377 12.36 25.17 85.01
C LEU A 2377 13.83 25.11 85.42
N ALA A 2378 14.55 24.08 84.96
CA ALA A 2378 15.98 23.99 85.24
C ALA A 2378 16.74 25.15 84.61
N ALA A 2379 16.36 25.53 83.38
CA ALA A 2379 17.05 26.63 82.71
C ALA A 2379 16.88 27.94 83.47
N ILE A 2380 15.65 28.25 83.87
CA ILE A 2380 15.44 29.52 84.57
C ILE A 2380 16.03 29.46 85.98
N GLU A 2381 16.04 28.30 86.61
CA GLU A 2381 16.71 28.17 87.91
C GLU A 2381 18.20 28.41 87.78
N GLU A 2382 18.82 27.86 86.73
CA GLU A 2382 20.23 28.12 86.47
C GLU A 2382 20.48 29.60 86.21
N ALA A 2383 19.57 30.24 85.47
CA ALA A 2383 19.69 31.68 85.24
C ALA A 2383 19.62 32.45 86.55
N ILE A 2384 18.71 32.05 87.45
CA ILE A 2384 18.60 32.71 88.74
C ILE A 2384 19.87 32.52 89.55
N ARG A 2385 20.43 31.31 89.52
CA ARG A 2385 21.68 31.05 90.23
C ARG A 2385 22.82 31.91 89.66
N ILE A 2386 22.87 32.04 88.34
CA ILE A 2386 23.89 32.89 87.72
C ILE A 2386 23.70 34.34 88.15
N SER A 2387 22.44 34.78 88.23
CA SER A 2387 22.18 36.14 88.69
C SER A 2387 22.64 36.34 90.14
N GLU A 2388 22.41 35.34 91.00
CA GLU A 2388 22.83 35.42 92.38
C GLU A 2388 24.31 35.17 92.58
N ASP A 2389 25.02 34.70 91.55
CA ASP A 2389 26.46 34.49 91.63
C ASP A 2389 27.15 35.55 90.78
N PRO A 2390 27.85 36.52 91.37
CA PRO A 2390 28.41 37.61 90.57
C PRO A 2390 29.56 37.18 89.68
N ALA A 2391 29.25 36.40 88.64
CA ALA A 2391 30.23 35.96 87.67
C ALA A 2391 30.22 36.79 86.40
N ARG A 2392 29.39 37.84 86.34
CA ARG A 2392 29.29 38.67 85.14
C ARG A 2392 29.63 40.13 85.40
N ASP A 2393 29.87 40.52 86.66
CA ASP A 2393 30.21 41.89 87.00
C ASP A 2393 31.40 41.90 87.94
N GLY A 2394 32.19 42.98 87.87
CA GLY A 2394 33.35 43.13 88.71
C GLY A 2394 33.00 43.54 90.12
N PRO A 2395 34.01 43.55 90.99
CA PRO A 2395 33.84 43.92 92.39
C PRO A 2395 34.63 45.17 92.78
N ASN A 2414 27.66 46.64 84.90
CA ASN A 2414 27.27 47.99 84.52
C ASN A 2414 25.76 48.18 84.65
N ARG A 2415 25.25 48.03 85.87
CA ARG A 2415 23.83 48.16 86.21
C ARG A 2415 22.96 47.15 85.47
N VAL A 2416 23.55 46.12 84.88
CA VAL A 2416 22.83 45.12 84.10
C VAL A 2416 23.17 43.75 84.64
N HIS A 2417 22.14 42.93 84.89
CA HIS A 2417 22.30 41.57 85.37
C HIS A 2417 21.78 40.62 84.30
N LEU A 2418 22.61 39.65 83.91
CA LEU A 2418 22.25 38.73 82.84
C LEU A 2418 21.04 37.89 83.24
N GLY A 2419 21.05 37.35 84.46
CA GLY A 2419 19.93 36.54 84.90
C GLY A 2419 18.65 37.35 85.00
N HIS A 2420 18.76 38.62 85.40
CA HIS A 2420 17.60 39.50 85.42
C HIS A 2420 17.00 39.65 84.03
N ALA A 2421 17.85 39.86 83.02
CA ALA A 2421 17.36 39.98 81.65
C ALA A 2421 16.74 38.68 81.17
N ILE A 2422 17.35 37.54 81.51
CA ILE A 2422 16.81 36.24 81.07
C ILE A 2422 15.44 36.01 81.67
N MET A 2423 15.30 36.24 82.98
CA MET A 2423 14.02 36.04 83.62
C MET A 2423 12.99 37.04 83.13
N SER A 2424 13.41 38.27 82.80
CA SER A 2424 12.49 39.23 82.23
C SER A 2424 11.98 38.77 80.88
N PHE A 2425 12.87 38.24 80.04
CA PHE A 2425 12.46 37.74 78.74
C PHE A 2425 11.48 36.58 78.89
N TYR A 2426 11.77 35.64 79.80
CA TYR A 2426 10.89 34.50 79.96
C TYR A 2426 9.54 34.92 80.53
N ALA A 2427 9.53 35.87 81.47
CA ALA A 2427 8.27 36.37 82.00
C ALA A 2427 7.45 37.06 80.91
N ALA A 2428 8.12 37.82 80.04
CA ALA A 2428 7.42 38.44 78.92
C ALA A 2428 6.87 37.39 77.97
N LEU A 2429 7.61 36.31 77.76
CA LEU A 2429 7.12 35.23 76.89
C LEU A 2429 5.86 34.60 77.46
N ILE A 2430 5.86 34.29 78.76
CA ILE A 2430 4.65 33.72 79.35
C ILE A 2430 3.52 34.73 79.38
N ASP A 2431 3.83 36.02 79.54
CA ASP A 2431 2.79 37.04 79.50
C ASP A 2431 2.14 37.11 78.13
N LEU A 2432 2.96 37.05 77.06
CA LEU A 2432 2.42 37.02 75.71
C LEU A 2432 1.57 35.78 75.50
N LEU A 2433 2.04 34.62 75.95
CA LEU A 2433 1.27 33.40 75.77
C LEU A 2433 -0.02 33.42 76.57
N GLY A 2434 -0.05 34.16 77.67
CA GLY A 2434 -1.26 34.31 78.46
C GLY A 2434 -2.27 35.23 77.81
N ARG A 2435 -1.85 36.46 77.50
CA ARG A 2435 -2.75 37.43 76.88
C ARG A 2435 -3.19 37.00 75.49
N CYS A 2436 -2.47 36.07 74.87
CA CYS A 2436 -2.85 35.52 73.56
C CYS A 2436 -3.57 34.18 73.71
N ALA A 2437 -4.41 34.08 74.73
CA ALA A 2437 -5.07 32.82 75.04
C ALA A 2437 -5.91 32.35 73.86
N PRO A 2438 -6.04 31.03 73.69
CA PRO A 2438 -6.84 30.52 72.55
C PRO A 2438 -8.27 31.00 72.60
N GLU A 2439 -8.83 31.20 73.78
CA GLU A 2439 -10.19 31.69 73.92
C GLU A 2439 -10.40 32.11 75.36
N MET A 2440 -11.47 32.86 75.59
CA MET A 2440 -11.95 33.14 76.92
C MET A 2440 -13.00 32.09 77.28
N HIS A 2441 -13.67 32.27 78.42
CA HIS A 2441 -14.76 31.38 78.79
C HIS A 2441 -15.91 31.44 77.79
N LEU A 2442 -16.02 32.54 77.04
CA LEU A 2442 -17.17 32.75 76.18
C LEU A 2442 -17.27 31.70 75.09
N ILE A 2443 -16.28 31.65 74.19
CA ILE A 2443 -16.38 30.81 73.01
C ILE A 2443 -15.77 29.43 73.20
N GLN A 2444 -15.09 29.18 74.32
CA GLN A 2444 -14.56 27.84 74.56
C GLN A 2444 -15.67 26.84 74.85
N ALA A 2445 -16.81 27.32 75.37
CA ALA A 2445 -17.91 26.41 75.69
C ALA A 2445 -18.58 25.90 74.43
N GLY A 2446 -18.78 26.77 73.44
CA GLY A 2446 -19.54 26.39 72.26
C GLY A 2446 -18.77 26.40 70.96
N LYS A 2447 -17.53 25.95 70.98
CA LYS A 2447 -16.74 25.87 69.75
C LYS A 2447 -15.63 24.85 69.95
N GLY A 2448 -15.04 24.43 68.84
CA GLY A 2448 -13.98 23.44 68.86
C GLY A 2448 -12.65 23.97 68.37
N GLU A 2449 -12.69 24.93 67.44
CA GLU A 2449 -11.45 25.50 66.90
C GLU A 2449 -10.65 26.20 67.99
N ALA A 2450 -11.33 26.94 68.86
CA ALA A 2450 -10.66 27.55 70.00
C ALA A 2450 -10.00 26.49 70.86
N LEU A 2451 -10.72 25.41 71.14
CA LEU A 2451 -10.12 24.29 71.87
C LEU A 2451 -9.05 23.60 71.04
N ARG A 2452 -9.17 23.64 69.71
CA ARG A 2452 -8.13 23.07 68.87
C ARG A 2452 -6.82 23.81 69.05
N ILE A 2453 -6.88 25.15 69.15
CA ILE A 2453 -5.69 25.93 69.46
C ILE A 2453 -5.24 25.67 70.90
N ARG A 2454 -6.21 25.55 71.82
CA ARG A 2454 -5.88 25.37 73.23
C ARG A 2454 -5.12 24.07 73.47
N ALA A 2455 -5.45 23.02 72.72
CA ALA A 2455 -4.74 21.76 72.89
C ALA A 2455 -3.25 21.93 72.63
N ILE A 2456 -2.90 22.56 71.50
CA ILE A 2456 -1.50 22.79 71.19
C ILE A 2456 -0.87 23.70 72.24
N LEU A 2457 -1.56 24.79 72.59
CA LEU A 2457 -0.96 25.77 73.48
C LEU A 2457 -0.71 25.19 74.86
N ARG A 2458 -1.56 24.24 75.29
CA ARG A 2458 -1.24 23.46 76.48
C ARG A 2458 -0.10 22.49 76.21
N SER A 2459 0.02 22.01 74.97
CA SER A 2459 1.05 21.03 74.65
C SER A 2459 2.45 21.60 74.81
N LEU A 2460 2.66 22.87 74.41
CA LEU A 2460 4.01 23.42 74.55
C LEU A 2460 4.45 23.47 76.02
N VAL A 2461 3.63 24.06 76.89
CA VAL A 2461 4.02 24.29 78.27
C VAL A 2461 3.22 23.36 79.17
N PRO A 2462 3.87 22.45 79.90
CA PRO A 2462 3.15 21.62 80.87
C PRO A 2462 2.91 22.37 82.17
N LEU A 2463 2.09 21.77 83.02
CA LEU A 2463 1.74 22.36 84.31
C LEU A 2463 2.83 22.01 85.34
N ASP A 2464 2.55 22.31 86.61
CA ASP A 2464 3.41 22.03 87.75
C ASP A 2464 4.73 22.78 87.72
N ASP A 2465 4.91 23.69 86.77
CA ASP A 2465 6.12 24.50 86.71
C ASP A 2465 5.95 25.84 87.43
N LEU A 2466 4.74 26.39 87.40
CA LEU A 2466 4.49 27.66 88.08
C LEU A 2466 4.64 27.51 89.59
N VAL A 2467 4.21 26.37 90.14
CA VAL A 2467 4.37 26.14 91.57
C VAL A 2467 5.85 26.02 91.92
N GLY A 2468 6.64 25.39 91.05
CA GLY A 2468 8.06 25.28 91.29
C GLY A 2468 8.77 26.62 91.23
N ILE A 2469 8.40 27.46 90.27
CA ILE A 2469 9.09 28.74 90.13
C ILE A 2469 8.60 29.74 91.17
N ILE A 2470 7.35 29.63 91.62
CA ILE A 2470 6.81 30.57 92.59
C ILE A 2470 7.47 30.41 93.95
N SER A 2471 8.06 29.26 94.23
CA SER A 2471 8.73 29.02 95.50
C SER A 2471 10.18 29.50 95.39
N LEU A 2472 10.36 30.81 95.52
CA LEU A 2472 11.69 31.42 95.53
C LEU A 2472 11.61 32.74 96.29
N PRO A 2473 11.50 32.68 97.62
CA PRO A 2473 11.52 33.90 98.41
C PRO A 2473 12.93 34.51 98.44
N LEU A 2474 12.97 35.82 98.61
CA LEU A 2474 14.23 36.56 98.70
C LEU A 2474 14.18 37.49 99.91
N GLN A 2475 15.36 37.83 100.41
CA GLN A 2475 15.47 38.64 101.61
C GLN A 2475 14.82 40.01 101.38
N ILE A 2476 13.97 40.41 102.31
CA ILE A 2476 13.34 41.73 102.24
C ILE A 2476 14.41 42.80 102.44
N PRO A 2477 14.38 43.90 101.69
CA PRO A 2477 15.41 44.93 101.86
C PRO A 2477 15.28 45.67 103.18
N THR A 2478 15.47 44.96 104.28
CA THR A 2478 15.41 45.51 105.62
C THR A 2478 16.76 45.35 106.29
N LEU A 2479 17.30 46.43 106.83
CA LEU A 2479 18.61 46.40 107.49
C LEU A 2479 18.45 46.39 109.01
N GLN A 2487 21.34 41.37 104.19
CA GLN A 2487 19.90 41.47 104.37
C GLN A 2487 19.21 42.38 103.35
N PRO A 2488 19.73 43.59 103.10
CA PRO A 2488 19.13 44.43 102.05
C PRO A 2488 19.30 43.79 100.68
N LYS A 2489 18.32 44.06 99.80
CA LYS A 2489 18.33 43.52 98.46
C LYS A 2489 17.95 44.62 97.48
N MET A 2490 18.38 44.46 96.24
CA MET A 2490 18.15 45.42 95.18
C MET A 2490 17.21 44.83 94.13
N SER A 2491 16.34 45.67 93.58
CA SER A 2491 15.38 45.25 92.57
C SER A 2491 15.97 45.32 91.17
N ALA A 2492 17.15 44.72 90.98
CA ALA A 2492 17.82 44.76 89.69
C ALA A 2492 18.36 43.42 89.23
N SER A 2493 18.41 42.40 90.08
CA SER A 2493 18.89 41.07 89.70
C SER A 2493 17.77 40.05 89.54
N PHE A 2494 16.73 40.14 90.37
CA PHE A 2494 15.56 39.28 90.23
C PHE A 2494 14.31 40.12 90.48
N VAL A 2495 13.23 39.72 89.82
CA VAL A 2495 11.96 40.42 89.91
C VAL A 2495 10.93 39.47 90.53
N PRO A 2496 10.68 39.58 91.83
CA PRO A 2496 9.54 38.83 92.41
C PRO A 2496 8.21 39.26 91.84
N ASP A 2497 8.13 40.47 91.27
CA ASP A 2497 6.94 40.87 90.54
C ASP A 2497 6.72 39.97 89.32
N HIS A 2498 7.80 39.62 88.63
CA HIS A 2498 7.70 38.70 87.49
C HIS A 2498 7.20 37.33 87.90
N LYS A 2499 7.36 36.95 89.17
CA LYS A 2499 6.85 35.65 89.62
C LYS A 2499 5.33 35.60 89.59
N ALA A 2500 4.67 36.75 89.81
CA ALA A 2500 3.22 36.79 89.77
C ALA A 2500 2.67 36.70 88.35
N SER A 2501 3.53 36.77 87.33
CA SER A 2501 3.06 36.73 85.95
C SER A 2501 2.38 35.40 85.62
N MET A 2502 2.74 34.32 86.31
CA MET A 2502 2.12 33.03 86.05
C MET A 2502 0.67 32.96 86.51
N VAL A 2503 0.21 33.94 87.29
CA VAL A 2503 -1.16 33.92 87.79
C VAL A 2503 -2.16 33.91 86.63
N LEU A 2504 -2.01 34.86 85.71
CA LEU A 2504 -2.92 34.92 84.58
C LEU A 2504 -2.69 33.75 83.62
N PHE A 2505 -1.45 33.29 83.51
CA PHE A 2505 -1.16 32.15 82.64
C PHE A 2505 -1.94 30.92 83.10
N LEU A 2506 -1.93 30.66 84.41
CA LEU A 2506 -2.74 29.57 84.94
C LEU A 2506 -4.23 29.86 84.80
N ASP A 2507 -4.63 31.10 85.10
CA ASP A 2507 -6.05 31.45 85.07
C ASP A 2507 -6.64 31.35 83.67
N ARG A 2508 -5.82 31.39 82.63
CA ARG A 2508 -6.30 31.38 81.26
C ARG A 2508 -6.07 30.07 80.53
N VAL A 2509 -4.92 29.42 80.74
CA VAL A 2509 -4.59 28.24 79.95
C VAL A 2509 -5.31 27.01 80.48
N TYR A 2510 -5.02 26.61 81.71
CA TYR A 2510 -5.59 25.41 82.29
C TYR A 2510 -6.71 25.73 83.28
N GLY A 2511 -6.41 26.53 84.29
CA GLY A 2511 -7.40 26.85 85.31
C GLY A 2511 -7.54 25.73 86.32
N ILE A 2512 -7.58 26.06 87.60
CA ILE A 2512 -7.74 25.07 88.65
C ILE A 2512 -9.22 24.78 88.84
N GLU A 2513 -9.60 23.52 88.69
CA GLU A 2513 -11.00 23.12 88.70
C GLU A 2513 -11.47 22.64 90.07
N ASN A 2514 -10.90 21.55 90.58
CA ASN A 2514 -11.47 20.85 91.72
C ASN A 2514 -10.55 20.80 92.94
N GLN A 2515 -9.33 20.28 92.79
CA GLN A 2515 -8.50 19.97 93.96
C GLN A 2515 -7.13 20.62 93.96
N ASP A 2516 -6.62 21.06 92.81
CA ASP A 2516 -5.29 21.69 92.80
C ASP A 2516 -5.27 23.02 93.53
N PHE A 2517 -6.43 23.58 93.86
CA PHE A 2517 -6.47 24.84 94.61
C PHE A 2517 -5.83 24.69 95.99
N LEU A 2518 -6.11 23.56 96.65
CA LEU A 2518 -5.52 23.32 97.97
C LEU A 2518 -4.00 23.22 97.88
N LEU A 2519 -3.50 22.49 96.89
CA LEU A 2519 -2.05 22.40 96.71
C LEU A 2519 -1.45 23.77 96.42
N HIS A 2520 -2.11 24.54 95.55
CA HIS A 2520 -1.60 25.85 95.17
C HIS A 2520 -1.53 26.79 96.37
N VAL A 2521 -2.60 26.85 97.16
CA VAL A 2521 -2.60 27.73 98.31
C VAL A 2521 -1.60 27.26 99.36
N LEU A 2522 -1.48 25.93 99.53
CA LEU A 2522 -0.54 25.41 100.51
C LEU A 2522 0.90 25.76 100.15
N ASP A 2523 1.27 25.60 98.89
CA ASP A 2523 2.64 25.91 98.50
C ASP A 2523 2.87 27.42 98.42
N VAL A 2524 1.83 28.19 98.09
CA VAL A 2524 1.99 29.64 97.99
C VAL A 2524 2.16 30.26 99.38
N GLY A 2525 1.42 29.77 100.37
CA GLY A 2525 1.29 30.42 101.67
C GLY A 2525 2.54 31.00 102.28
N PHE A 2526 3.71 30.46 101.92
CA PHE A 2526 4.97 31.09 102.32
C PHE A 2526 5.10 32.49 101.70
N LEU A 2527 4.67 32.64 100.45
CA LEU A 2527 4.79 33.94 99.78
C LEU A 2527 3.96 35.02 100.46
N PRO A 2528 2.68 34.81 100.79
CA PRO A 2528 1.99 35.82 101.63
C PRO A 2528 2.67 36.01 102.97
N ASP A 2529 3.20 34.94 103.57
CA ASP A 2529 3.92 35.07 104.82
C ASP A 2529 5.18 35.90 104.65
N MET A 2530 5.92 35.68 103.55
CA MET A 2530 7.09 36.50 103.28
C MET A 2530 6.72 37.96 103.06
N ARG A 2531 5.63 38.20 102.32
CA ARG A 2531 5.15 39.56 102.12
C ARG A 2531 4.53 40.13 103.39
N ALA A 2532 4.04 39.28 104.30
CA ALA A 2532 3.45 39.76 105.54
C ALA A 2532 4.48 40.44 106.44
N ALA A 2533 5.77 40.18 106.21
CA ALA A 2533 6.82 40.76 107.04
C ALA A 2533 7.17 42.17 106.59
N ALA A 2534 6.15 43.03 106.45
CA ALA A 2534 6.39 44.42 106.10
C ALA A 2534 5.17 45.22 106.57
N SER A 2535 5.29 45.87 107.73
CA SER A 2535 4.24 46.74 108.24
C SER A 2535 4.71 48.18 108.37
N LEU A 2536 5.82 48.41 109.08
CA LEU A 2536 6.34 49.77 109.26
C LEU A 2536 7.86 49.82 109.22
N ASP A 2537 8.53 48.73 108.84
CA ASP A 2537 9.99 48.68 108.87
C ASP A 2537 10.61 48.93 107.50
N THR A 2538 10.25 48.12 106.50
CA THR A 2538 10.86 48.24 105.19
C THR A 2538 10.20 49.34 104.36
N ALA A 2539 8.92 49.16 104.03
CA ALA A 2539 8.13 50.16 103.31
C ALA A 2539 8.79 50.60 102.00
N THR A 2540 9.62 49.73 101.42
CA THR A 2540 10.29 50.06 100.16
C THR A 2540 10.05 49.03 99.08
N PHE A 2541 9.99 47.74 99.42
CA PHE A 2541 9.76 46.69 98.44
C PHE A 2541 8.27 46.38 98.30
N SER A 2542 7.48 47.43 98.05
CA SER A 2542 6.03 47.31 97.98
C SER A 2542 5.53 47.01 96.57
N THR A 2543 6.40 47.06 95.55
CA THR A 2543 5.95 46.77 94.20
C THR A 2543 5.50 45.32 94.06
N THR A 2544 6.30 44.38 94.57
CA THR A 2544 5.95 42.98 94.46
C THR A 2544 4.73 42.64 95.32
N GLU A 2545 4.63 43.25 96.50
CA GLU A 2545 3.45 43.03 97.33
C GLU A 2545 2.19 43.58 96.65
N MET A 2546 2.32 44.74 95.99
CA MET A 2546 1.19 45.29 95.25
C MET A 2546 0.79 44.37 94.11
N ALA A 2547 1.78 43.83 93.39
CA ALA A 2547 1.50 42.91 92.29
C ALA A 2547 0.81 41.66 92.79
N LEU A 2548 1.27 41.10 93.90
CA LEU A 2548 0.64 39.89 94.44
C LEU A 2548 -0.76 40.19 94.95
N ALA A 2549 -0.97 41.37 95.53
CA ALA A 2549 -2.32 41.77 95.93
C ALA A 2549 -3.22 41.94 94.71
N LEU A 2550 -2.65 42.34 93.58
CA LEU A 2550 -3.41 42.46 92.34
C LEU A 2550 -3.57 41.13 91.61
N ASN A 2551 -2.79 40.12 91.96
CA ASN A 2551 -2.83 38.83 91.28
C ASN A 2551 -3.37 37.71 92.16
N ARG A 2552 -4.04 38.05 93.26
CA ARG A 2552 -4.66 37.07 94.13
C ARG A 2552 -6.10 36.77 93.76
N TYR A 2553 -6.69 37.53 92.83
CA TYR A 2553 -8.10 37.38 92.52
C TYR A 2553 -8.42 36.04 91.88
N LEU A 2554 -7.43 35.34 91.33
CA LEU A 2554 -7.70 34.05 90.71
C LEU A 2554 -8.15 33.03 91.75
N CYS A 2555 -7.66 33.14 92.99
CA CYS A 2555 -8.18 32.30 94.06
C CYS A 2555 -9.52 32.80 94.56
N LEU A 2556 -9.75 34.11 94.53
CA LEU A 2556 -11.01 34.66 95.02
C LEU A 2556 -12.17 34.25 94.12
N ALA A 2557 -11.94 34.19 92.81
CA ALA A 2557 -13.00 33.84 91.88
C ALA A 2557 -13.52 32.43 92.13
N VAL A 2558 -12.63 31.48 92.37
CA VAL A 2558 -13.01 30.11 92.62
C VAL A 2558 -13.36 29.95 94.10
N LEU A 2559 -14.34 29.08 94.37
CA LEU A 2559 -14.75 28.77 95.75
C LEU A 2559 -14.81 27.25 95.95
N PRO A 2560 -13.69 26.55 95.79
CA PRO A 2560 -13.69 25.11 96.06
C PRO A 2560 -13.29 24.81 97.50
N LEU A 2561 -13.20 23.52 97.84
CA LEU A 2561 -12.70 23.07 99.13
C LEU A 2561 -13.49 23.67 100.28
N ILE A 2562 -14.82 23.63 100.15
CA ILE A 2562 -15.70 24.06 101.23
C ILE A 2562 -15.93 22.96 102.26
N THR A 2563 -15.38 21.77 102.04
CA THR A 2563 -15.56 20.67 102.98
C THR A 2563 -14.86 20.90 104.32
N LYS A 2564 -13.91 21.84 104.37
CA LYS A 2564 -13.21 22.21 105.60
C LYS A 2564 -12.50 20.99 106.20
N CYS A 2565 -11.60 20.41 105.41
CA CYS A 2565 -10.82 19.26 105.85
C CYS A 2565 -9.43 19.67 106.36
N ALA A 2566 -8.63 20.31 105.50
CA ALA A 2566 -7.27 20.70 105.87
C ALA A 2566 -7.28 22.03 106.61
N PRO A 2567 -6.43 22.18 107.62
CA PRO A 2567 -6.40 23.44 108.38
C PRO A 2567 -6.02 24.61 107.49
N LEU A 2568 -6.66 25.75 107.74
CA LEU A 2568 -6.43 26.98 106.99
C LEU A 2568 -6.07 28.14 107.91
N PHE A 2569 -5.41 27.83 109.03
CA PHE A 2569 -5.03 28.88 109.98
C PHE A 2569 -4.02 29.85 109.38
N ALA A 2570 -3.16 29.37 108.48
CA ALA A 2570 -2.19 30.26 107.84
C ALA A 2570 -2.88 31.31 106.99
N GLY A 2571 -3.89 30.91 106.22
CA GLY A 2571 -4.62 31.87 105.41
C GLY A 2571 -5.36 32.90 106.26
N THR A 2572 -5.96 32.45 107.36
CA THR A 2572 -6.63 33.39 108.26
C THR A 2572 -5.63 34.35 108.89
N GLU A 2573 -4.46 33.85 109.30
CA GLU A 2573 -3.44 34.72 109.88
C GLU A 2573 -2.98 35.74 108.85
N HIS A 2574 -2.78 35.31 107.60
CA HIS A 2574 -2.48 36.25 106.53
C HIS A 2574 -3.56 37.33 106.44
N ARG A 2575 -4.81 36.91 106.21
CA ARG A 2575 -5.90 37.86 106.07
C ARG A 2575 -5.92 38.86 107.23
N ALA A 2576 -5.70 38.38 108.46
CA ALA A 2576 -5.60 39.29 109.59
C ALA A 2576 -4.45 40.26 109.42
N ILE A 2577 -3.32 39.78 108.89
CA ILE A 2577 -2.14 40.63 108.75
C ILE A 2577 -2.40 41.77 107.78
N MET A 2578 -2.94 41.45 106.60
CA MET A 2578 -3.19 42.52 105.62
C MET A 2578 -4.56 43.19 105.75
N VAL A 2579 -5.35 42.86 106.76
CA VAL A 2579 -6.46 43.75 107.10
C VAL A 2579 -6.06 44.64 108.27
N ASP A 2580 -5.05 44.21 109.03
CA ASP A 2580 -4.53 44.99 110.14
C ASP A 2580 -3.35 45.87 109.73
N SER A 2581 -2.91 45.78 108.48
CA SER A 2581 -1.76 46.56 108.01
C SER A 2581 -2.22 47.91 107.45
N MET A 2582 -2.92 48.66 108.31
CA MET A 2582 -3.39 49.98 107.93
C MET A 2582 -2.28 51.03 107.98
N LEU A 2583 -1.15 50.73 108.61
CA LEU A 2583 -0.06 51.69 108.69
C LEU A 2583 0.60 51.90 107.33
N HIS A 2584 0.49 50.95 106.41
CA HIS A 2584 1.05 51.08 105.08
C HIS A 2584 0.10 51.92 104.22
N THR A 2585 0.34 51.93 102.91
CA THR A 2585 -0.54 52.63 101.99
C THR A 2585 -1.96 52.07 102.08
N VAL A 2586 -2.95 52.98 102.08
CA VAL A 2586 -4.34 52.54 102.21
C VAL A 2586 -4.74 51.68 101.02
N TYR A 2587 -4.25 52.03 99.81
CA TYR A 2587 -4.46 51.23 98.60
C TYR A 2587 -5.95 50.92 98.41
N ARG A 2588 -6.70 52.00 98.14
CA ARG A 2588 -8.16 51.89 98.07
C ARG A 2588 -8.59 50.77 97.14
N LEU A 2589 -7.93 50.62 95.99
CA LEU A 2589 -8.21 49.49 95.11
C LEU A 2589 -7.86 48.18 95.79
N SER A 2590 -6.66 48.08 96.37
CA SER A 2590 -6.27 46.87 97.07
C SER A 2590 -7.08 46.69 98.35
N ARG A 2591 -7.51 47.78 98.98
CA ARG A 2591 -8.39 47.68 100.14
C ARG A 2591 -9.72 47.03 99.77
N GLY A 2592 -10.32 47.50 98.67
CA GLY A 2592 -11.54 46.86 98.19
C GLY A 2592 -11.31 45.43 97.77
N ARG A 2593 -10.15 45.14 97.19
CA ARG A 2593 -9.82 43.77 96.82
C ARG A 2593 -9.75 42.87 98.05
N SER A 2594 -9.13 43.36 99.13
CA SER A 2594 -9.04 42.57 100.36
C SER A 2594 -10.41 42.38 100.99
N LEU A 2595 -11.25 43.43 100.96
CA LEU A 2595 -12.61 43.28 101.49
C LEU A 2595 -13.40 42.25 100.69
N THR A 2596 -13.26 42.27 99.37
CA THR A 2596 -13.93 41.28 98.53
C THR A 2596 -13.39 39.88 98.81
N LYS A 2597 -12.08 39.76 99.04
CA LYS A 2597 -11.50 38.48 99.38
C LYS A 2597 -12.08 37.94 100.68
N ALA A 2598 -12.21 38.79 101.70
CA ALA A 2598 -12.81 38.38 102.95
C ALA A 2598 -14.27 37.97 102.76
N GLN A 2599 -15.02 38.75 101.99
CA GLN A 2599 -16.42 38.42 101.75
C GLN A 2599 -16.55 37.08 101.04
N ARG A 2600 -15.70 36.83 100.03
CA ARG A 2600 -15.76 35.56 99.32
C ARG A 2600 -15.36 34.40 100.23
N ASP A 2601 -14.32 34.57 101.04
CA ASP A 2601 -13.92 33.53 101.97
C ASP A 2601 -14.99 33.27 103.03
N VAL A 2602 -15.84 34.25 103.30
CA VAL A 2602 -16.95 34.04 104.24
C VAL A 2602 -18.00 33.07 103.72
N ILE A 2603 -17.90 32.64 102.47
CA ILE A 2603 -18.88 31.73 101.89
C ILE A 2603 -18.38 30.28 101.83
N GLU A 2604 -17.07 30.05 101.95
CA GLU A 2604 -16.49 28.72 101.87
C GLU A 2604 -16.00 28.25 103.24
N ASP A 2605 -16.74 28.59 104.29
CA ASP A 2605 -16.39 28.21 105.65
C ASP A 2605 -17.57 27.51 106.31
N CYS A 2606 -17.27 26.46 107.07
CA CYS A 2606 -18.27 25.65 107.76
C CYS A 2606 -18.05 25.67 109.26
N LEU A 2607 -17.71 26.85 109.80
CA LEU A 2607 -17.46 27.04 111.23
C LEU A 2607 -16.35 26.12 111.72
N MET A 2608 -15.17 26.26 111.11
CA MET A 2608 -14.01 25.47 111.52
C MET A 2608 -12.81 26.36 111.79
N ALA A 2609 -12.72 27.51 111.11
CA ALA A 2609 -11.53 28.33 111.17
C ALA A 2609 -11.41 28.98 112.54
N LEU A 2610 -10.78 28.27 113.48
CA LEU A 2610 -10.70 28.75 114.85
C LEU A 2610 -9.94 30.07 114.94
N CYS A 2611 -8.92 30.25 114.11
CA CYS A 2611 -8.20 31.52 114.08
C CYS A 2611 -9.14 32.66 113.69
N ARG A 2612 -10.00 32.42 112.68
CA ARG A 2612 -10.95 33.44 112.25
C ARG A 2612 -12.01 33.74 113.30
N TYR A 2613 -12.24 32.82 114.23
CA TYR A 2613 -13.24 33.03 115.27
C TYR A 2613 -12.65 33.52 116.58
N ILE A 2614 -11.34 33.44 116.75
CA ILE A 2614 -10.65 34.21 117.79
C ILE A 2614 -10.30 35.62 117.28
N ARG A 2615 -10.25 35.81 115.96
CA ARG A 2615 -10.02 37.13 115.39
C ARG A 2615 -10.98 38.20 115.89
N PRO A 2616 -12.29 37.96 116.03
CA PRO A 2616 -13.14 39.02 116.60
C PRO A 2616 -12.69 39.50 117.96
N SER A 2617 -12.40 38.57 118.88
CA SER A 2617 -11.91 38.98 120.20
C SER A 2617 -10.55 39.64 120.09
N MET A 2618 -9.67 39.15 119.23
CA MET A 2618 -8.32 39.67 119.15
C MET A 2618 -8.28 41.08 118.59
N LEU A 2619 -9.05 41.35 117.54
CA LEU A 2619 -8.99 42.63 116.84
C LEU A 2619 -10.31 43.39 116.89
N GLN A 2620 -11.42 42.76 116.53
CA GLN A 2620 -12.69 43.47 116.47
C GLN A 2620 -13.09 43.99 117.85
N HIS A 2621 -12.92 43.16 118.88
CA HIS A 2621 -13.10 43.65 120.25
C HIS A 2621 -12.08 44.72 120.57
N LEU A 2622 -10.83 44.53 120.13
CA LEU A 2622 -9.81 45.55 120.31
C LEU A 2622 -10.14 46.81 119.53
N LEU A 2623 -10.62 46.67 118.31
CA LEU A 2623 -10.94 47.81 117.46
C LEU A 2623 -12.15 48.53 118.01
N ARG A 2624 -11.91 49.68 118.65
CA ARG A 2624 -12.99 50.49 119.22
C ARG A 2624 -13.48 51.55 118.23
N ARG A 2625 -13.78 51.12 116.99
CA ARG A 2625 -14.24 52.02 115.94
C ARG A 2625 -13.32 53.23 115.80
N LEU A 2626 -12.01 52.97 115.82
CA LEU A 2626 -11.02 54.04 115.88
C LEU A 2626 -11.06 54.94 114.65
N VAL A 2627 -10.71 54.40 113.48
CA VAL A 2627 -10.64 55.22 112.27
C VAL A 2627 -11.48 54.58 111.17
N PHE A 2628 -11.10 53.37 110.76
CA PHE A 2628 -11.76 52.69 109.65
C PHE A 2628 -12.10 51.25 110.01
N ASP A 2629 -12.35 50.99 111.30
CA ASP A 2629 -12.75 49.67 111.75
C ASP A 2629 -14.24 49.39 111.50
N VAL A 2630 -15.00 50.40 111.05
CA VAL A 2630 -16.42 50.20 110.81
C VAL A 2630 -16.68 49.17 109.71
N PRO A 2631 -16.04 49.23 108.54
CA PRO A 2631 -16.26 48.17 107.54
C PRO A 2631 -15.85 46.79 108.02
N ILE A 2632 -14.75 46.70 108.79
CA ILE A 2632 -14.32 45.40 109.30
C ILE A 2632 -15.36 44.84 110.27
N LEU A 2633 -15.87 45.70 111.16
CA LEU A 2633 -16.91 45.26 112.09
C LEU A 2633 -18.18 44.86 111.35
N ASN A 2634 -18.54 45.61 110.31
CA ASN A 2634 -19.73 45.26 109.52
C ASN A 2634 -19.57 43.90 108.86
N GLU A 2635 -18.39 43.64 108.29
CA GLU A 2635 -18.14 42.33 107.68
C GLU A 2635 -18.18 41.22 108.72
N PHE A 2636 -17.54 41.44 109.88
CA PHE A 2636 -17.50 40.42 110.92
C PHE A 2636 -18.85 40.22 111.59
N ALA A 2637 -19.78 41.17 111.44
CA ALA A 2637 -21.14 40.97 111.92
C ALA A 2637 -22.05 40.36 110.87
N LYS A 2638 -21.81 40.64 109.59
CA LYS A 2638 -22.60 40.03 108.53
C LYS A 2638 -22.20 38.57 108.29
N MET A 2639 -20.95 38.21 108.57
CA MET A 2639 -20.51 36.84 108.34
C MET A 2639 -21.30 35.80 109.14
N PRO A 2640 -21.52 35.94 110.45
CA PRO A 2640 -22.23 34.89 111.19
C PRO A 2640 -23.75 34.96 111.06
N LEU A 2641 -24.29 35.81 110.20
CA LEU A 2641 -25.74 35.88 110.02
C LEU A 2641 -26.32 34.62 109.41
N LYS A 2642 -25.48 33.77 108.83
CA LYS A 2642 -25.93 32.50 108.25
C LYS A 2642 -25.89 31.36 109.25
N LEU A 2643 -25.54 31.63 110.50
CA LEU A 2643 -25.48 30.61 111.54
C LEU A 2643 -26.77 30.49 112.34
N LEU A 2644 -27.83 31.19 111.93
CA LEU A 2644 -29.09 31.13 112.65
C LEU A 2644 -29.69 29.73 112.57
N THR A 2645 -30.24 29.26 113.69
CA THR A 2645 -31.00 28.02 113.82
C THR A 2645 -30.31 26.83 113.12
N ASN A 2646 -28.98 26.89 113.01
CA ASN A 2646 -28.22 25.78 112.44
C ASN A 2646 -26.76 25.97 112.81
N HIS A 2647 -26.01 24.87 112.71
CA HIS A 2647 -24.57 24.85 112.94
C HIS A 2647 -24.24 25.40 114.33
N TYR A 2648 -24.72 24.69 115.35
CA TYR A 2648 -24.47 25.08 116.73
C TYR A 2648 -22.97 25.08 117.01
N GLU A 2649 -22.50 26.15 117.64
CA GLU A 2649 -21.08 26.33 117.90
C GLU A 2649 -20.72 25.71 119.26
N ARG A 2650 -19.49 25.95 119.72
CA ARG A 2650 -19.02 25.41 120.98
C ARG A 2650 -19.21 26.44 122.10
N CYS A 2651 -18.89 26.04 123.33
CA CYS A 2651 -19.06 26.93 124.48
C CYS A 2651 -18.12 28.12 124.40
N TRP A 2652 -16.95 27.97 123.78
CA TRP A 2652 -16.03 29.09 123.65
C TRP A 2652 -16.64 30.20 122.81
N LYS A 2653 -17.28 29.85 121.68
CA LYS A 2653 -17.95 30.84 120.86
C LYS A 2653 -19.13 31.46 121.60
N TYR A 2654 -19.89 30.63 122.33
CA TYR A 2654 -21.04 31.13 123.08
C TYR A 2654 -20.63 32.04 124.23
N TYR A 2655 -19.39 31.93 124.70
CA TYR A 2655 -18.86 32.84 125.70
C TYR A 2655 -18.23 34.08 125.07
N CYS A 2656 -17.68 33.95 123.86
CA CYS A 2656 -17.12 35.09 123.17
C CYS A 2656 -18.20 36.02 122.62
N LEU A 2657 -19.38 35.48 122.31
CA LEU A 2657 -20.45 36.31 121.77
C LEU A 2657 -20.85 37.44 122.70
N PRO A 2658 -21.13 37.22 123.99
CA PRO A 2658 -21.42 38.36 124.87
C PRO A 2658 -20.25 39.32 124.99
N THR A 2659 -19.01 38.84 124.91
CA THR A 2659 -17.87 39.73 124.92
C THR A 2659 -17.90 40.67 123.72
N GLY A 2660 -18.18 40.13 122.53
CA GLY A 2660 -18.31 40.99 121.36
C GLY A 2660 -19.45 41.97 121.47
N TRP A 2661 -20.59 41.52 122.01
CA TRP A 2661 -21.73 42.42 122.20
C TRP A 2661 -21.37 43.54 123.16
N ALA A 2662 -20.70 43.22 124.27
CA ALA A 2662 -20.30 44.24 125.22
C ALA A 2662 -19.30 45.22 124.62
N ASN A 2663 -18.35 44.70 123.83
CA ASN A 2663 -17.39 45.58 123.16
C ASN A 2663 -18.10 46.54 122.23
N PHE A 2664 -19.04 46.03 121.42
CA PHE A 2664 -19.77 46.88 120.50
C PHE A 2664 -20.59 47.93 121.25
N GLY A 2665 -21.28 47.51 122.31
CA GLY A 2665 -22.07 48.47 123.07
C GLY A 2665 -21.23 49.56 123.71
N VAL A 2666 -20.08 49.17 124.29
CA VAL A 2666 -19.21 50.15 124.92
C VAL A 2666 -18.64 51.11 123.89
N THR A 2667 -18.20 50.60 122.74
CA THR A 2667 -17.56 51.45 121.75
C THR A 2667 -18.55 52.20 120.87
N SER A 2668 -19.85 51.91 120.98
CA SER A 2668 -20.86 52.64 120.22
C SER A 2668 -21.68 53.61 121.06
N GLU A 2669 -22.15 53.19 122.24
CA GLU A 2669 -23.07 54.03 123.00
C GLU A 2669 -22.35 55.22 123.61
N GLU A 2670 -21.18 55.00 124.22
CA GLU A 2670 -20.47 56.06 124.92
C GLU A 2670 -19.14 56.41 124.27
N GLU A 2671 -18.89 55.94 123.06
CA GLU A 2671 -17.65 56.25 122.36
C GLU A 2671 -17.88 56.85 120.97
N LEU A 2672 -18.89 56.37 120.25
CA LEU A 2672 -19.16 56.87 118.91
C LEU A 2672 -19.75 58.28 118.97
N HIS A 2673 -19.58 59.01 117.87
CA HIS A 2673 -20.09 60.37 117.76
C HIS A 2673 -21.57 60.32 117.32
N LEU A 2674 -22.10 61.48 116.93
CA LEU A 2674 -23.49 61.59 116.51
C LEU A 2674 -23.69 61.30 115.03
N THR A 2675 -22.64 60.96 114.30
CA THR A 2675 -22.78 60.63 112.89
C THR A 2675 -23.69 59.42 112.71
N ARG A 2676 -24.89 59.64 112.18
CA ARG A 2676 -25.84 58.54 112.01
C ARG A 2676 -25.31 57.49 111.05
N LYS A 2677 -24.64 57.93 109.97
CA LYS A 2677 -24.06 56.98 109.02
C LYS A 2677 -22.99 56.13 109.67
N LEU A 2678 -22.15 56.75 110.51
CA LEU A 2678 -21.09 56.00 111.19
C LEU A 2678 -21.69 54.92 112.08
N PHE A 2679 -22.73 55.26 112.86
CA PHE A 2679 -23.36 54.27 113.73
C PHE A 2679 -24.06 53.18 112.92
N TRP A 2680 -24.73 53.55 111.82
CA TRP A 2680 -25.43 52.58 111.01
C TRP A 2680 -24.48 51.68 110.24
N GLY A 2681 -23.25 52.11 109.99
CA GLY A 2681 -22.29 51.28 109.28
C GLY A 2681 -21.90 50.02 110.02
N ILE A 2682 -22.05 50.00 111.34
CA ILE A 2682 -21.72 48.83 112.14
C ILE A 2682 -22.92 48.44 112.99
N PHE A 2683 -24.11 48.88 112.58
CA PHE A 2683 -25.34 48.58 113.31
C PHE A 2683 -25.86 47.21 112.86
N ASP A 2684 -25.68 46.20 113.71
CA ASP A 2684 -26.10 44.84 113.37
C ASP A 2684 -26.47 44.11 114.65
N SER A 2685 -27.25 43.04 114.50
CA SER A 2685 -27.64 42.23 115.64
C SER A 2685 -26.54 41.23 116.00
N LEU A 2686 -26.20 40.33 115.08
CA LEU A 2686 -25.16 39.32 115.27
C LEU A 2686 -25.42 38.48 116.53
N ALA A 2687 -26.68 38.12 116.74
CA ALA A 2687 -27.09 37.33 117.89
C ALA A 2687 -28.00 36.20 117.42
N HIS A 2688 -27.57 34.95 117.66
CA HIS A 2688 -28.37 33.79 117.31
C HIS A 2688 -28.38 32.76 118.42
N LYS A 2689 -27.99 33.14 119.63
CA LYS A 2689 -27.97 32.23 120.77
C LYS A 2689 -29.39 32.05 121.32
N LYS A 2690 -29.50 31.39 122.46
CA LYS A 2690 -30.80 31.10 123.05
C LYS A 2690 -31.31 32.33 123.81
N TYR A 2691 -32.49 32.19 124.41
CA TYR A 2691 -33.12 33.24 125.19
C TYR A 2691 -33.05 33.00 126.68
N ASP A 2692 -33.46 31.82 127.14
CA ASP A 2692 -33.38 31.51 128.56
C ASP A 2692 -31.94 31.45 129.04
N GLN A 2693 -31.05 30.88 128.25
CA GLN A 2693 -29.64 30.74 128.60
C GLN A 2693 -28.80 31.50 127.59
N GLU A 2694 -27.90 32.34 128.09
CA GLU A 2694 -27.01 33.12 127.25
C GLU A 2694 -25.55 32.79 127.48
N LEU A 2695 -25.10 32.75 128.74
CA LEU A 2695 -23.72 32.43 129.08
C LEU A 2695 -23.70 31.42 130.22
N TYR A 2696 -22.85 30.39 130.08
CA TYR A 2696 -22.64 29.40 131.13
C TYR A 2696 -21.14 29.13 131.17
N ARG A 2697 -20.42 29.87 131.99
CA ARG A 2697 -18.97 29.77 132.09
C ARG A 2697 -18.55 30.11 133.51
N MET A 2698 -17.27 30.38 133.70
CA MET A 2698 -16.77 30.73 135.02
C MET A 2698 -17.36 32.05 135.50
N ALA A 2699 -17.68 32.11 136.79
CA ALA A 2699 -18.24 33.33 137.37
C ALA A 2699 -17.21 34.45 137.35
N MET A 2700 -17.68 35.66 137.01
CA MET A 2700 -16.83 36.84 136.91
C MET A 2700 -17.47 37.99 137.69
N PRO A 2701 -17.50 37.88 139.02
CA PRO A 2701 -18.05 38.99 139.82
C PRO A 2701 -17.30 40.29 139.65
N CYS A 2702 -15.99 40.24 139.43
CA CYS A 2702 -15.16 41.42 139.26
C CYS A 2702 -14.64 41.49 137.83
N LEU A 2703 -14.83 42.64 137.19
CA LEU A 2703 -14.39 42.82 135.83
C LEU A 2703 -14.11 44.29 135.54
N SER A 2950 -27.12 35.78 135.11
CA SER A 2950 -26.74 37.19 135.21
C SER A 2950 -26.59 37.81 133.82
N ILE A 2951 -25.93 37.08 132.92
CA ILE A 2951 -25.76 37.57 131.55
C ILE A 2951 -27.10 37.67 130.85
N GLU A 2952 -27.98 36.68 131.06
CA GLU A 2952 -29.30 36.71 130.46
C GLU A 2952 -30.13 37.90 130.92
N LYS A 2953 -29.84 38.45 132.10
CA LYS A 2953 -30.55 39.60 132.63
C LYS A 2953 -29.80 40.90 132.41
N ARG A 2954 -28.71 40.88 131.63
CA ARG A 2954 -27.88 42.06 131.44
C ARG A 2954 -28.49 43.05 130.45
N PHE A 2955 -29.59 42.71 129.78
CA PHE A 2955 -30.23 43.59 128.83
C PHE A 2955 -31.27 44.51 129.47
N ALA A 2956 -31.45 44.42 130.78
CA ALA A 2956 -32.53 45.15 131.44
C ALA A 2956 -32.10 46.55 131.90
N PHE A 2957 -30.94 46.64 132.57
CA PHE A 2957 -30.57 47.89 133.22
C PHE A 2957 -30.23 48.98 132.20
N GLY A 2958 -29.58 48.60 131.10
CA GLY A 2958 -29.09 49.61 130.16
C GLY A 2958 -30.21 50.39 129.50
N PHE A 2959 -31.17 49.68 128.91
CA PHE A 2959 -32.24 50.34 128.19
C PHE A 2959 -33.11 51.18 129.12
N LEU A 2960 -33.51 50.61 130.25
CA LEU A 2960 -34.35 51.35 131.19
C LEU A 2960 -33.62 52.56 131.75
N GLN A 2961 -32.35 52.41 132.09
CA GLN A 2961 -31.58 53.53 132.62
C GLN A 2961 -31.43 54.63 131.58
N GLN A 2962 -31.15 54.25 130.33
CA GLN A 2962 -31.02 55.25 129.27
C GLN A 2962 -32.33 55.98 129.02
N LEU A 2963 -33.45 55.24 129.03
CA LEU A 2963 -34.74 55.86 128.74
C LEU A 2963 -35.19 56.76 129.89
N LEU A 2964 -34.92 56.36 131.13
CA LEU A 2964 -35.31 57.18 132.28
C LEU A 2964 -34.44 58.41 132.42
N ARG A 2965 -33.28 58.45 131.77
CA ARG A 2965 -32.38 59.58 131.84
C ARG A 2965 -32.43 60.47 130.60
N TRP A 2966 -33.31 60.16 129.65
CA TRP A 2966 -33.40 60.97 128.43
C TRP A 2966 -34.03 62.33 128.70
N MET A 2967 -35.11 62.36 129.49
CA MET A 2967 -35.76 63.62 129.82
C MET A 2967 -34.88 64.53 130.67
N ASP A 2968 -33.88 63.95 131.36
CA ASP A 2968 -32.97 64.78 132.15
C ASP A 2968 -32.16 65.72 131.27
N ILE A 2969 -31.70 65.23 130.12
CA ILE A 2969 -30.96 66.07 129.19
C ILE A 2969 -31.85 66.71 128.14
N SER A 2970 -33.08 66.21 127.96
CA SER A 2970 -34.01 66.84 127.02
C SER A 2970 -34.41 68.25 127.45
N GLN A 2971 -34.31 68.56 128.75
CA GLN A 2971 -34.68 69.88 129.23
C GLN A 2971 -33.78 70.97 128.67
N GLU A 2972 -32.55 70.61 128.29
CA GLU A 2972 -31.65 71.60 127.68
C GLU A 2972 -32.21 72.11 126.36
N PHE A 2973 -32.78 71.21 125.56
CA PHE A 2973 -33.31 71.59 124.26
C PHE A 2973 -34.77 72.05 124.31
N ILE A 2974 -35.58 71.54 125.24
CA ILE A 2974 -36.99 71.88 125.29
C ILE A 2974 -37.27 73.09 126.18
N ALA A 2975 -36.25 73.61 126.88
CA ALA A 2975 -36.42 74.78 127.74
C ALA A 2975 -35.37 75.82 127.35
N HIS A 2976 -35.82 76.93 126.78
CA HIS A 2976 -34.92 78.00 126.35
C HIS A 2976 -35.67 79.33 126.24
N ILE A 2995 -30.59 67.05 117.64
CA ILE A 2995 -30.62 65.69 117.14
C ILE A 2995 -29.40 64.92 117.63
N LYS A 2996 -28.29 65.64 117.83
CA LYS A 2996 -27.07 65.00 118.31
C LYS A 2996 -27.29 64.40 119.70
N PHE A 2997 -27.85 65.20 120.61
CA PHE A 2997 -28.24 64.66 121.90
C PHE A 2997 -29.29 63.57 121.74
N PHE A 2998 -30.23 63.77 120.81
CA PHE A 2998 -31.22 62.73 120.52
C PHE A 2998 -30.57 61.52 119.89
N ALA A 2999 -29.54 61.71 119.06
CA ALA A 2999 -28.80 60.58 118.51
C ALA A 2999 -28.15 59.77 119.63
N LYS A 3000 -27.62 60.45 120.65
CA LYS A 3000 -27.17 59.75 121.84
C LYS A 3000 -28.33 59.04 122.53
N ILE A 3001 -29.50 59.68 122.56
CA ILE A 3001 -30.68 59.06 123.16
C ILE A 3001 -31.18 57.91 122.28
N LEU A 3002 -31.21 58.11 120.97
CA LEU A 3002 -31.77 57.12 120.04
C LEU A 3002 -30.78 56.02 119.68
N LEU A 3003 -29.72 55.85 120.47
CA LEU A 3003 -28.79 54.75 120.22
C LEU A 3003 -29.44 53.37 120.24
N PRO A 3004 -30.30 53.02 121.20
CA PRO A 3004 -30.88 51.67 121.23
C PRO A 3004 -31.99 51.44 120.21
N LEU A 3005 -32.16 52.32 119.23
CA LEU A 3005 -33.20 52.11 118.23
C LEU A 3005 -32.95 50.84 117.42
N ILE A 3006 -31.69 50.57 117.08
CA ILE A 3006 -31.36 49.37 116.31
C ILE A 3006 -31.69 48.12 117.11
N ASN A 3007 -31.35 48.10 118.40
CA ASN A 3007 -31.62 46.95 119.24
C ASN A 3007 -33.08 46.85 119.68
N GLN A 3008 -33.86 47.91 119.49
CA GLN A 3008 -35.28 47.84 119.85
C GLN A 3008 -36.00 46.76 119.03
N TYR A 3009 -35.71 46.68 117.74
CA TYR A 3009 -36.30 45.66 116.89
C TYR A 3009 -35.48 44.37 116.84
N PHE A 3010 -34.27 44.37 117.40
CA PHE A 3010 -33.45 43.17 117.39
C PHE A 3010 -34.04 42.07 118.26
N THR A 3011 -34.59 42.44 119.42
CA THR A 3011 -35.17 41.45 120.32
C THR A 3011 -36.41 40.79 119.73
N ASN A 3012 -37.02 41.40 118.71
CA ASN A 3012 -38.14 40.77 118.04
C ASN A 3012 -37.71 39.47 117.38
N HIS A 3013 -36.64 39.51 116.60
CA HIS A 3013 -36.12 38.29 115.99
C HIS A 3013 -35.39 37.42 117.01
N CYS A 3014 -34.62 38.05 117.91
CA CYS A 3014 -33.86 37.28 118.90
C CYS A 3014 -34.79 36.54 119.86
N LEU A 3015 -35.87 37.20 120.29
CA LEU A 3015 -36.80 36.63 121.26
C LEU A 3015 -38.22 36.82 120.72
N TYR A 3016 -38.72 35.81 120.03
CA TYR A 3016 -40.09 35.79 119.53
C TYR A 3016 -40.92 34.66 120.11
N PHE A 3017 -40.36 33.45 120.18
CA PHE A 3017 -41.05 32.31 120.78
C PHE A 3017 -40.62 32.09 122.23
N LEU A 3018 -40.33 33.16 122.95
CA LEU A 3018 -39.90 33.10 124.35
C LEU A 3018 -41.07 32.90 125.31
N SER A 3019 -42.25 32.53 124.81
CA SER A 3019 -43.41 32.40 125.69
C SER A 3019 -43.39 31.08 126.45
N THR A 3020 -43.16 29.96 125.75
CA THR A 3020 -43.35 28.65 126.36
C THR A 3020 -42.24 28.30 127.34
N PRO A 3021 -40.96 28.28 126.92
CA PRO A 3021 -39.96 27.94 127.95
C PRO A 3021 -39.40 29.15 128.67
N ALA A 3022 -39.38 30.31 128.03
CA ALA A 3022 -38.80 31.52 128.60
C ALA A 3022 -39.89 32.37 129.24
N LYS A 3023 -39.53 33.59 129.60
CA LYS A 3023 -40.43 34.58 130.20
C LYS A 3023 -40.99 34.08 131.53
N VAL A 3024 -40.21 33.28 132.26
CA VAL A 3024 -40.64 32.82 133.57
C VAL A 3024 -40.75 34.00 134.53
N LEU A 3025 -39.76 34.89 134.52
CA LEU A 3025 -39.77 36.08 135.35
C LEU A 3025 -39.40 37.34 134.59
N GLY A 3026 -39.04 37.24 133.31
CA GLY A 3026 -38.60 38.39 132.57
C GLY A 3026 -39.70 39.35 132.17
N SER A 3027 -40.94 38.88 132.06
CA SER A 3027 -42.02 39.72 131.57
C SER A 3027 -42.24 40.94 132.44
N GLY A 3028 -42.20 40.76 133.76
CA GLY A 3028 -42.33 41.87 134.67
C GLY A 3028 -40.99 42.39 135.14
N GLY A 3029 -40.00 41.50 135.21
CA GLY A 3029 -38.68 41.90 135.68
C GLY A 3029 -37.98 42.87 134.75
N HIS A 3030 -38.01 42.60 133.46
CA HIS A 3030 -37.27 43.40 132.48
C HIS A 3030 -38.19 44.02 131.43
N ALA A 3031 -39.10 43.24 130.84
CA ALA A 3031 -39.92 43.75 129.76
C ALA A 3031 -40.84 44.88 130.23
N SER A 3032 -41.45 44.71 131.40
CA SER A 3032 -42.37 45.72 131.91
C SER A 3032 -41.68 46.98 132.40
N ASN A 3033 -40.34 46.96 132.51
CA ASN A 3033 -39.63 48.12 133.03
C ASN A 3033 -39.79 49.34 132.13
N LYS A 3034 -39.70 49.16 130.82
CA LYS A 3034 -39.74 50.26 129.87
C LYS A 3034 -41.15 50.62 129.42
N GLU A 3035 -42.17 49.90 129.88
CA GLU A 3035 -43.52 50.16 129.43
C GLU A 3035 -44.01 51.55 129.86
N LYS A 3036 -43.70 51.95 131.09
CA LYS A 3036 -44.22 53.21 131.60
C LYS A 3036 -43.57 54.43 130.95
N GLU A 3037 -42.44 54.26 130.28
CA GLU A 3037 -41.73 55.40 129.71
C GLU A 3037 -42.45 56.03 128.52
N MET A 3038 -43.45 55.35 127.95
CA MET A 3038 -44.15 55.89 126.79
C MET A 3038 -45.04 57.07 127.12
N ILE A 3039 -45.37 57.26 128.41
CA ILE A 3039 -46.31 58.31 128.79
C ILE A 3039 -45.71 59.69 128.51
N THR A 3040 -44.44 59.90 128.88
CA THR A 3040 -43.83 61.21 128.76
C THR A 3040 -43.66 61.64 127.31
N SER A 3041 -43.61 60.70 126.37
CA SER A 3041 -43.45 61.02 124.95
C SER A 3041 -44.78 61.11 124.21
N LEU A 3042 -45.90 60.88 124.90
CA LEU A 3042 -47.21 60.94 124.24
C LEU A 3042 -47.52 62.36 123.78
N PHE A 3043 -47.17 63.36 124.57
CA PHE A 3043 -47.46 64.76 124.27
C PHE A 3043 -46.24 65.57 123.90
N CYS A 3044 -45.12 65.35 124.58
CA CYS A 3044 -43.89 66.07 124.26
C CYS A 3044 -43.42 65.70 122.86
N LYS A 3045 -43.05 66.71 122.08
CA LYS A 3045 -42.61 66.48 120.71
C LYS A 3045 -41.18 65.96 120.69
N LEU A 3046 -40.96 64.88 119.94
CA LEU A 3046 -39.63 64.28 119.83
C LEU A 3046 -39.54 63.55 118.49
N ALA A 3047 -38.30 63.32 118.05
CA ALA A 3047 -38.03 62.73 116.75
C ALA A 3047 -37.79 61.22 116.82
N ALA A 3048 -38.45 60.55 117.77
CA ALA A 3048 -38.28 59.10 117.93
C ALA A 3048 -39.24 58.37 116.98
N LEU A 3049 -39.28 57.04 117.10
CA LEU A 3049 -40.15 56.21 116.30
C LEU A 3049 -41.32 55.70 117.16
N VAL A 3050 -42.15 54.87 116.56
CA VAL A 3050 -43.37 54.41 117.22
C VAL A 3050 -43.21 53.04 117.89
N ARG A 3051 -42.19 52.27 117.51
CA ARG A 3051 -41.97 50.91 118.01
C ARG A 3051 -41.48 50.86 119.45
N HIS A 3052 -41.45 51.98 120.15
CA HIS A 3052 -40.79 52.10 121.45
C HIS A 3052 -41.30 51.12 122.49
N ARG A 3053 -42.58 51.20 122.86
CA ARG A 3053 -43.09 50.47 124.01
C ARG A 3053 -44.15 49.44 123.65
N VAL A 3054 -45.30 49.87 123.12
CA VAL A 3054 -46.42 48.96 122.92
C VAL A 3054 -46.93 48.93 121.49
N SER A 3055 -46.61 49.90 120.65
CA SER A 3055 -47.13 49.90 119.28
C SER A 3055 -46.61 48.70 118.50
N LEU A 3056 -45.33 48.39 118.62
CA LEU A 3056 -44.73 47.26 117.91
C LEU A 3056 -44.22 46.20 118.86
N PHE A 3057 -43.33 46.56 119.80
CA PHE A 3057 -42.74 45.55 120.68
C PHE A 3057 -43.76 44.99 121.65
N GLY A 3058 -44.54 45.87 122.29
CA GLY A 3058 -45.52 45.41 123.27
C GLY A 3058 -46.73 44.73 122.66
N THR A 3059 -46.92 44.84 121.34
CA THR A 3059 -48.07 44.24 120.69
C THR A 3059 -47.92 42.72 120.53
N ASP A 3060 -46.68 42.23 120.45
CA ASP A 3060 -46.44 40.81 120.18
C ASP A 3060 -45.50 40.15 121.18
N ALA A 3061 -44.45 40.84 121.62
CA ALA A 3061 -43.47 40.22 122.50
C ALA A 3061 -44.06 39.77 123.83
N PRO A 3062 -44.82 40.60 124.58
CA PRO A 3062 -45.37 40.11 125.86
C PRO A 3062 -46.61 39.24 125.68
N ALA A 3063 -47.43 39.51 124.67
CA ALA A 3063 -48.64 38.72 124.44
C ALA A 3063 -49.11 38.81 122.99
N VAL A 3134 -49.82 35.40 132.36
CA VAL A 3134 -48.70 36.12 132.95
C VAL A 3134 -49.19 37.40 133.62
N ALA A 3135 -50.49 37.44 133.93
CA ALA A 3135 -51.08 38.61 134.56
C ALA A 3135 -50.62 38.82 136.00
N LEU A 3136 -49.97 37.83 136.60
CA LEU A 3136 -49.51 37.92 137.98
C LEU A 3136 -48.03 38.22 138.00
N LEU A 3137 -47.66 39.31 138.68
CA LEU A 3137 -46.26 39.72 138.83
C LEU A 3137 -45.99 39.97 140.31
N PRO A 3138 -45.85 38.90 141.10
CA PRO A 3138 -45.65 39.09 142.55
C PRO A 3138 -44.39 39.85 142.91
N VAL A 3139 -43.34 39.74 142.11
CA VAL A 3139 -42.05 40.33 142.47
C VAL A 3139 -42.13 41.85 142.53
N LEU A 3140 -42.77 42.46 141.54
CA LEU A 3140 -42.82 43.92 141.41
C LEU A 3140 -44.24 44.42 141.65
N THR A 3141 -44.34 45.72 141.90
CA THR A 3141 -45.62 46.39 142.11
C THR A 3141 -46.18 46.99 140.84
N THR A 3142 -45.51 46.81 139.70
CA THR A 3142 -45.99 47.36 138.43
C THR A 3142 -47.25 46.66 137.93
N LEU A 3143 -47.63 45.53 138.54
CA LEU A 3143 -48.82 44.81 138.10
C LEU A 3143 -50.09 45.63 138.28
N PHE A 3144 -50.07 46.66 139.13
CA PHE A 3144 -51.20 47.55 139.31
C PHE A 3144 -50.93 48.98 138.87
N GLN A 3145 -49.68 49.32 138.55
CA GLN A 3145 -49.37 50.68 138.09
C GLN A 3145 -49.98 50.94 136.72
N HIS A 3146 -50.00 49.93 135.85
CA HIS A 3146 -50.54 50.09 134.51
C HIS A 3146 -52.05 50.32 134.50
N ILE A 3147 -52.73 50.04 135.61
CA ILE A 3147 -54.18 50.26 135.68
C ILE A 3147 -54.51 51.74 135.52
N ALA A 3148 -53.56 52.61 135.85
CA ALA A 3148 -53.79 54.05 135.70
C ALA A 3148 -54.00 54.46 134.24
N GLN A 3149 -53.61 53.60 133.29
CA GLN A 3149 -53.76 53.94 131.88
C GLN A 3149 -55.22 54.11 131.49
N HIS A 3150 -56.12 53.34 132.13
CA HIS A 3150 -57.54 53.43 131.78
C HIS A 3150 -58.07 54.84 132.04
N GLN A 3151 -57.74 55.41 133.18
CA GLN A 3151 -58.15 56.78 133.49
C GLN A 3151 -57.29 57.80 132.77
N PHE A 3152 -56.05 57.45 132.43
CA PHE A 3152 -55.14 58.41 131.79
C PHE A 3152 -55.47 58.62 130.31
N GLY A 3153 -56.03 57.61 129.65
CA GLY A 3153 -56.26 57.72 128.23
C GLY A 3153 -57.59 58.33 127.83
N ASP A 3154 -58.66 57.89 128.51
CA ASP A 3154 -60.02 58.26 128.07
C ASP A 3154 -60.25 59.75 128.17
N ASP A 3155 -59.80 60.38 129.26
CA ASP A 3155 -60.03 61.80 129.44
C ASP A 3155 -59.37 62.61 128.31
N VAL A 3156 -58.10 62.32 128.03
CA VAL A 3156 -57.39 63.05 126.99
C VAL A 3156 -58.01 62.80 125.62
N ILE A 3157 -58.36 61.54 125.34
CA ILE A 3157 -58.91 61.22 124.03
C ILE A 3157 -60.26 61.91 123.83
N LEU A 3158 -61.12 61.88 124.85
CA LEU A 3158 -62.43 62.52 124.73
C LEU A 3158 -62.31 64.03 124.66
N ASP A 3159 -61.35 64.61 125.38
CA ASP A 3159 -61.10 66.05 125.27
C ASP A 3159 -60.66 66.41 123.86
N ASP A 3160 -59.79 65.60 123.26
CA ASP A 3160 -59.38 65.84 121.89
C ASP A 3160 -60.55 65.70 120.93
N VAL A 3161 -61.42 64.71 121.16
CA VAL A 3161 -62.57 64.48 120.29
C VAL A 3161 -63.52 65.67 120.35
N GLN A 3162 -63.82 66.15 121.55
CA GLN A 3162 -64.74 67.27 121.70
C GLN A 3162 -64.17 68.57 121.14
N VAL A 3163 -62.86 68.66 120.97
CA VAL A 3163 -62.25 69.84 120.39
C VAL A 3163 -62.52 69.90 118.90
N CYS A 3170 -63.13 70.30 107.66
CA CYS A 3170 -62.80 68.98 107.12
C CYS A 3170 -61.43 68.99 106.46
N SER A 3171 -60.76 70.14 106.48
CA SER A 3171 -59.45 70.26 105.87
C SER A 3171 -58.34 69.78 106.82
N ILE A 3172 -58.20 70.44 107.97
CA ILE A 3172 -57.17 70.08 108.93
C ILE A 3172 -57.77 69.96 110.31
N TYR A 3173 -58.99 70.46 110.48
CA TYR A 3173 -59.69 70.40 111.77
C TYR A 3173 -60.17 68.97 111.97
N SER A 3174 -59.39 68.18 112.70
CA SER A 3174 -59.69 66.77 112.91
C SER A 3174 -58.92 66.28 114.13
N LEU A 3175 -58.88 64.97 114.31
CA LEU A 3175 -58.27 64.32 115.46
C LEU A 3175 -56.91 63.71 115.13
N GLY A 3176 -56.09 64.41 114.36
CA GLY A 3176 -54.79 63.87 113.97
C GLY A 3176 -53.91 63.54 115.15
N THR A 3177 -53.98 64.35 116.22
CA THR A 3177 -53.25 64.02 117.44
C THR A 3177 -53.75 62.72 118.05
N THR A 3178 -55.06 62.49 118.00
CA THR A 3178 -55.64 61.25 118.51
C THR A 3178 -55.35 60.07 117.60
N LYS A 3179 -55.02 60.30 116.33
CA LYS A 3179 -54.76 59.20 115.42
C LYS A 3179 -53.54 58.40 115.86
N ASN A 3180 -52.49 59.07 116.32
CA ASN A 3180 -51.30 58.35 116.76
C ASN A 3180 -51.59 57.48 117.97
N THR A 3181 -52.39 57.97 118.91
CA THR A 3181 -52.73 57.19 120.10
C THR A 3181 -53.78 56.12 119.82
N TYR A 3182 -54.52 56.24 118.71
CA TYR A 3182 -55.56 55.26 118.41
C TYR A 3182 -54.98 53.87 118.21
N VAL A 3183 -53.83 53.77 117.52
CA VAL A 3183 -53.25 52.46 117.26
C VAL A 3183 -52.90 51.75 118.57
N GLU A 3184 -52.40 52.52 119.55
CA GLU A 3184 -52.16 51.94 120.86
C GLU A 3184 -53.47 51.64 121.59
N LYS A 3185 -54.51 52.44 121.35
CA LYS A 3185 -55.80 52.19 121.97
C LYS A 3185 -56.40 50.86 121.51
N LEU A 3186 -56.29 50.55 120.23
CA LEU A 3186 -56.80 49.30 119.70
C LEU A 3186 -55.78 48.20 119.97
N ARG A 3187 -56.16 47.26 120.85
CA ARG A 3187 -55.33 46.11 121.19
C ARG A 3187 -56.19 44.84 121.19
N PRO A 3188 -56.56 44.37 120.00
CA PRO A 3188 -57.41 43.16 119.94
C PRO A 3188 -56.76 41.92 120.51
N ALA A 3189 -55.43 41.78 120.37
CA ALA A 3189 -54.75 40.53 120.70
C ALA A 3189 -54.16 40.50 122.10
N LEU A 3190 -53.94 41.66 122.74
CA LEU A 3190 -53.41 41.68 124.10
C LEU A 3190 -54.51 41.67 125.16
N GLY A 3191 -55.36 40.63 125.14
CA GLY A 3191 -56.27 40.43 126.25
C GLY A 3191 -55.83 39.25 127.10
N GLU A 3192 -55.15 39.54 128.20
CA GLU A 3192 -54.60 38.52 129.10
C GLU A 3192 -55.01 38.72 130.54
N CYS A 3193 -55.09 39.96 131.01
CA CYS A 3193 -55.35 40.25 132.41
C CYS A 3193 -56.80 40.68 132.60
N LEU A 3194 -57.14 41.10 133.82
CA LEU A 3194 -58.48 41.53 134.18
C LEU A 3194 -58.61 43.04 134.31
N ALA A 3195 -57.64 43.70 134.95
CA ALA A 3195 -57.54 45.15 135.12
C ALA A 3195 -58.62 45.72 136.02
N ARG A 3196 -59.55 44.91 136.53
CA ARG A 3196 -60.58 45.35 137.46
C ARG A 3196 -61.46 46.45 136.87
N LEU A 3197 -61.61 46.46 135.54
CA LEU A 3197 -62.46 47.42 134.85
C LEU A 3197 -63.63 46.66 134.23
N ALA A 3198 -64.85 47.08 134.55
CA ALA A 3198 -66.05 46.39 134.10
C ALA A 3198 -66.90 47.24 133.16
N ALA A 3199 -67.29 48.44 133.59
CA ALA A 3199 -68.16 49.29 132.79
C ALA A 3199 -67.68 50.73 132.65
N ALA A 3200 -66.75 51.18 133.49
CA ALA A 3200 -66.25 52.55 133.37
C ALA A 3200 -65.52 52.75 132.05
N MET A 3201 -64.74 51.74 131.63
CA MET A 3201 -63.98 51.88 130.39
C MET A 3201 -64.85 51.80 129.14
N PRO A 3202 -65.62 50.72 128.92
CA PRO A 3202 -66.25 50.58 127.59
C PRO A 3202 -67.40 51.54 127.35
N VAL A 3203 -68.23 51.81 128.36
CA VAL A 3203 -69.40 52.66 128.14
C VAL A 3203 -68.97 54.10 127.88
N ALA A 3204 -67.93 54.57 128.58
CA ALA A 3204 -67.47 55.94 128.41
C ALA A 3204 -66.93 56.21 127.01
N PHE A 3205 -66.67 55.18 126.23
CA PHE A 3205 -66.32 55.33 124.81
C PHE A 3205 -67.46 54.99 123.88
N LEU A 3206 -68.31 54.03 124.27
CA LEU A 3206 -69.45 53.67 123.43
C LEU A 3206 -70.45 54.82 123.33
N GLU A 3207 -70.73 55.50 124.44
CA GLU A 3207 -71.71 56.57 124.41
C GLU A 3207 -71.31 57.73 123.51
N PRO A 3208 -70.09 58.27 123.56
CA PRO A 3208 -69.76 59.38 122.64
C PRO A 3208 -69.86 59.02 121.18
N GLN A 3209 -69.54 57.78 120.81
CA GLN A 3209 -69.59 57.38 119.40
C GLN A 3209 -71.03 57.25 118.91
N LEU A 3210 -71.91 56.73 119.76
CA LEU A 3210 -73.29 56.47 119.34
C LEU A 3210 -74.11 57.74 119.21
N ASN A 3211 -73.76 58.79 119.96
CA ASN A 3211 -74.53 60.02 120.00
C ASN A 3211 -73.93 61.14 119.18
N GLU A 3212 -72.96 60.85 118.32
CA GLU A 3212 -72.27 61.85 117.52
C GLU A 3212 -72.33 61.49 116.04
N TYR A 3213 -73.53 61.13 115.57
CA TYR A 3213 -73.71 60.81 114.16
C TYR A 3213 -73.41 62.02 113.28
N ASN A 3214 -73.86 63.20 113.69
CA ASN A 3214 -73.66 64.42 112.93
C ASN A 3214 -72.39 65.13 113.39
N ALA A 3215 -72.10 66.28 112.76
CA ALA A 3215 -70.92 67.04 113.15
C ALA A 3215 -71.06 67.57 114.57
N CYS A 3216 -72.17 68.25 114.87
CA CYS A 3216 -72.49 68.80 116.19
C CYS A 3216 -71.27 69.46 116.84
N SER A 3217 -70.57 70.28 116.06
CA SER A 3217 -69.37 71.00 116.49
C SER A 3217 -68.27 70.07 116.97
N VAL A 3218 -68.33 68.80 116.57
CA VAL A 3218 -67.34 67.79 116.92
C VAL A 3218 -66.76 67.24 115.63
N TYR A 3219 -65.42 67.18 115.57
CA TYR A 3219 -64.75 66.66 114.38
C TYR A 3219 -65.25 65.25 114.09
N THR A 3220 -65.87 65.07 112.92
CA THR A 3220 -66.40 63.77 112.55
C THR A 3220 -65.26 62.76 112.38
N THR A 3221 -65.57 61.49 112.66
CA THR A 3221 -64.56 60.44 112.63
C THR A 3221 -64.07 60.25 111.20
N LYS A 3222 -62.83 60.71 110.94
CA LYS A 3222 -62.22 60.48 109.64
C LYS A 3222 -62.02 59.00 109.39
N SER A 3223 -61.59 58.26 110.41
CA SER A 3223 -61.42 56.81 110.33
C SER A 3223 -62.53 56.14 111.12
N PRO A 3224 -63.46 55.42 110.47
CA PRO A 3224 -64.47 54.68 111.24
C PRO A 3224 -63.87 53.62 112.14
N ARG A 3225 -62.65 53.16 111.86
CA ARG A 3225 -61.98 52.21 112.73
C ARG A 3225 -61.67 52.80 114.09
N GLU A 3226 -61.65 54.13 114.22
CA GLU A 3226 -61.49 54.75 115.53
C GLU A 3226 -62.60 54.36 116.47
N ARG A 3227 -63.79 54.08 115.93
CA ARG A 3227 -64.90 53.55 116.70
C ARG A 3227 -64.98 52.03 116.66
N ALA A 3228 -64.00 51.37 116.03
CA ALA A 3228 -63.95 49.92 115.96
C ALA A 3228 -63.05 49.31 117.01
N ILE A 3229 -62.58 50.11 117.99
CA ILE A 3229 -61.79 49.56 119.08
C ILE A 3229 -62.59 48.54 119.87
N LEU A 3230 -63.92 48.66 119.85
CA LEU A 3230 -64.81 47.71 120.49
C LEU A 3230 -65.01 46.44 119.67
N GLY A 3231 -64.14 46.17 118.70
CA GLY A 3231 -64.23 44.95 117.93
C GLY A 3231 -63.83 43.74 118.75
N LEU A 3232 -64.49 43.58 119.88
CA LEU A 3232 -64.28 42.51 120.84
C LEU A 3232 -65.65 42.07 121.34
N PRO A 3233 -65.76 40.89 121.93
CA PRO A 3233 -67.05 40.49 122.50
C PRO A 3233 -67.35 41.22 123.80
N ASN A 3234 -67.16 42.54 123.80
CA ASN A 3234 -67.34 43.46 124.93
C ASN A 3234 -66.91 42.85 126.25
N SER A 3235 -65.80 42.12 126.25
CA SER A 3235 -65.37 41.35 127.41
C SER A 3235 -63.94 41.71 127.78
N VAL A 3236 -63.69 41.77 129.09
CA VAL A 3236 -62.36 41.94 129.64
C VAL A 3236 -62.05 40.67 130.41
N GLU A 3237 -62.54 39.54 129.88
CA GLU A 3237 -62.53 38.23 130.53
C GLU A 3237 -63.45 38.17 131.74
N GLU A 3238 -64.38 39.12 131.85
CA GLU A 3238 -65.38 39.12 132.91
C GLU A 3238 -66.54 40.01 132.49
N MET A 3239 -67.76 39.55 132.76
CA MET A 3239 -68.98 40.31 132.43
C MET A 3239 -70.00 40.08 133.54
N CYS A 3240 -70.30 41.14 134.29
CA CYS A 3240 -71.28 41.10 135.37
C CYS A 3240 -72.24 42.26 135.16
N PRO A 3241 -73.23 42.10 134.27
CA PRO A 3241 -74.15 43.20 133.99
C PRO A 3241 -74.97 43.61 135.22
N ASP A 3242 -75.29 44.90 135.27
CA ASP A 3242 -76.13 45.53 136.29
C ASP A 3242 -75.52 45.49 137.69
N ILE A 3243 -74.26 45.06 137.82
CA ILE A 3243 -73.59 45.03 139.11
C ILE A 3243 -73.09 46.42 139.50
N PRO A 3244 -72.30 47.13 138.67
CA PRO A 3244 -71.75 48.41 139.12
C PRO A 3244 -72.66 49.60 138.84
N VAL A 3245 -73.63 49.42 137.93
CA VAL A 3245 -74.49 50.54 137.55
C VAL A 3245 -75.42 50.92 138.70
N LEU A 3246 -75.83 49.95 139.52
CA LEU A 3246 -76.75 50.20 140.62
C LEU A 3246 -76.11 49.96 142.00
N ASP A 3247 -75.27 48.94 142.12
CA ASP A 3247 -74.57 48.66 143.37
C ASP A 3247 -73.17 49.24 143.28
N ARG A 3248 -72.85 50.17 144.18
CA ARG A 3248 -71.56 50.84 144.17
C ARG A 3248 -70.89 50.90 145.53
N LEU A 3249 -71.54 50.42 146.60
CA LEU A 3249 -70.92 50.46 147.91
C LEU A 3249 -69.96 49.28 148.10
N MET A 3250 -70.49 48.05 148.06
CA MET A 3250 -69.65 46.88 148.24
C MET A 3250 -68.77 46.63 147.02
N ALA A 3251 -69.25 46.98 145.83
CA ALA A 3251 -68.45 46.79 144.63
C ALA A 3251 -67.20 47.66 144.67
N ASP A 3252 -67.34 48.92 145.09
CA ASP A 3252 -66.18 49.80 145.17
C ASP A 3252 -65.32 49.48 146.39
N ILE A 3253 -65.95 49.16 147.52
CA ILE A 3253 -65.19 48.83 148.73
C ILE A 3253 -64.38 47.56 148.53
N GLY A 3254 -64.99 46.54 147.96
CA GLY A 3254 -64.31 45.27 147.73
C GLY A 3254 -64.78 44.17 148.67
N ALA A 3261 -65.40 40.90 144.73
CA ALA A 3261 -66.58 41.28 143.97
C ALA A 3261 -67.10 40.12 143.14
N ARG A 3262 -68.39 39.80 143.31
CA ARG A 3262 -69.02 38.71 142.58
C ARG A 3262 -69.20 39.15 141.13
N TYR A 3263 -68.32 38.67 140.25
CA TYR A 3263 -68.33 39.04 138.84
C TYR A 3263 -68.50 37.80 137.98
N THR A 3264 -69.33 37.93 136.94
CA THR A 3264 -69.57 36.87 135.95
C THR A 3264 -70.21 35.63 136.57
N GLU A 3265 -70.79 35.76 137.77
CA GLU A 3265 -71.45 34.63 138.42
C GLU A 3265 -72.82 34.97 138.99
N MET A 3266 -73.12 36.22 139.30
CA MET A 3266 -74.42 36.58 139.85
C MET A 3266 -75.51 36.58 138.78
N PRO A 3267 -75.37 37.37 137.68
CA PRO A 3267 -76.47 37.39 136.69
C PRO A 3267 -76.36 36.27 135.65
N HIS A 3268 -76.74 35.06 136.07
CA HIS A 3268 -76.65 33.92 135.17
C HIS A 3268 -77.60 34.06 133.99
N VAL A 3269 -78.82 34.55 134.23
CA VAL A 3269 -79.82 34.65 133.18
C VAL A 3269 -80.32 36.09 133.09
N ILE A 3270 -79.48 37.05 133.47
CA ILE A 3270 -79.86 38.46 133.44
C ILE A 3270 -78.83 39.23 132.61
N GLU A 3271 -78.23 38.56 131.62
CA GLU A 3271 -77.14 39.14 130.85
C GLU A 3271 -77.62 39.83 129.59
N ILE A 3272 -78.28 39.07 128.70
CA ILE A 3272 -78.62 39.57 127.36
C ILE A 3272 -80.01 40.20 127.46
N THR A 3273 -80.04 41.48 127.84
CA THR A 3273 -81.26 42.27 127.80
C THR A 3273 -81.12 43.49 126.90
N LEU A 3274 -80.06 44.29 127.08
CA LEU A 3274 -79.76 45.44 126.25
C LEU A 3274 -79.11 45.02 124.92
N PRO A 3275 -78.22 44.01 124.90
CA PRO A 3275 -77.72 43.54 123.59
C PRO A 3275 -78.84 43.12 122.65
N MET A 3276 -79.89 42.49 123.15
CA MET A 3276 -81.01 42.13 122.30
C MET A 3276 -81.65 43.37 121.70
N LEU A 3277 -81.85 44.41 122.51
CA LEU A 3277 -82.47 45.64 122.01
C LEU A 3277 -81.61 46.31 120.95
N CYS A 3278 -80.30 46.44 121.20
CA CYS A 3278 -79.47 47.12 120.22
C CYS A 3278 -79.21 46.29 118.98
N SER A 3279 -79.36 44.95 119.08
CA SER A 3279 -79.29 44.12 117.89
C SER A 3279 -80.57 44.19 117.07
N TYR A 3280 -81.72 44.27 117.74
CA TYR A 3280 -82.99 44.36 117.04
C TYR A 3280 -83.27 45.75 116.50
N LEU A 3281 -82.59 46.78 117.01
CA LEU A 3281 -82.80 48.13 116.51
C LEU A 3281 -82.53 48.25 115.01
N PRO A 3282 -81.42 47.74 114.46
CA PRO A 3282 -81.24 47.76 113.01
C PRO A 3282 -81.82 46.57 112.27
N ARG A 3283 -82.60 45.71 112.95
CA ARG A 3283 -83.17 44.54 112.28
C ARG A 3283 -84.12 44.95 111.17
N TRP A 3284 -84.95 45.97 111.42
CA TRP A 3284 -85.87 46.50 110.42
C TRP A 3284 -85.28 47.65 109.63
N TRP A 3285 -83.96 47.82 109.67
CA TRP A 3285 -83.29 48.93 109.00
C TRP A 3285 -82.79 48.47 107.64
N GLU A 3286 -83.22 49.16 106.59
CA GLU A 3286 -82.82 48.86 105.22
C GLU A 3286 -82.48 50.15 104.49
N ARG A 3287 -81.71 51.02 105.14
CA ARG A 3287 -81.29 52.27 104.50
C ARG A 3287 -80.39 51.99 103.31
N GLY A 3288 -80.66 52.69 102.21
CA GLY A 3288 -79.93 52.47 100.98
C GLY A 3288 -78.49 52.95 101.06
N PRO A 3289 -78.29 54.26 101.11
CA PRO A 3289 -76.93 54.79 101.25
C PRO A 3289 -76.34 54.44 102.61
N GLU A 3290 -75.01 54.36 102.65
CA GLU A 3290 -74.32 54.05 103.89
C GLU A 3290 -74.11 55.28 104.78
N ALA A 3291 -74.31 56.48 104.25
CA ALA A 3291 -74.20 57.68 105.08
C ALA A 3291 -75.26 57.74 106.18
N PRO A 3292 -76.54 57.48 105.92
CA PRO A 3292 -77.53 57.55 107.01
C PRO A 3292 -77.22 56.58 108.15
N PRO A 3293 -76.64 55.40 107.87
CA PRO A 3293 -75.99 54.63 108.95
C PRO A 3293 -74.50 54.92 109.01
N PRO A 3294 -74.09 56.08 109.55
CA PRO A 3294 -72.66 56.42 109.51
C PRO A 3294 -71.83 55.64 110.51
N ALA A 3295 -72.37 55.44 111.71
CA ALA A 3295 -71.68 54.70 112.77
C ALA A 3295 -72.21 53.29 112.94
N LEU A 3296 -73.09 52.85 112.04
CA LEU A 3296 -73.56 51.47 112.11
C LEU A 3296 -72.44 50.43 112.02
N PRO A 3297 -71.45 50.55 111.13
CA PRO A 3297 -70.36 49.55 111.13
C PRO A 3297 -69.65 49.41 112.45
N ALA A 3298 -69.58 50.49 113.24
CA ALA A 3298 -69.03 50.37 114.59
C ALA A 3298 -70.03 49.72 115.55
N GLY A 3299 -71.32 49.97 115.37
CA GLY A 3299 -72.32 49.48 116.30
C GLY A 3299 -72.58 48.00 116.27
N ALA A 3300 -73.16 47.50 115.18
CA ALA A 3300 -73.64 46.13 115.09
C ALA A 3300 -72.57 45.08 114.76
N PRO A 3301 -71.72 45.28 113.75
CA PRO A 3301 -70.82 44.18 113.32
C PRO A 3301 -69.92 43.67 114.42
N PRO A 3302 -69.24 44.53 115.21
CA PRO A 3302 -68.25 44.01 116.17
C PRO A 3302 -68.87 43.07 117.20
N PRO A 3303 -69.88 43.51 118.00
CA PRO A 3303 -70.34 42.63 119.09
C PRO A 3303 -71.22 41.49 118.62
N CYS A 3304 -72.11 41.76 117.65
CA CYS A 3304 -73.12 40.78 117.27
C CYS A 3304 -72.50 39.49 116.75
N THR A 3305 -71.34 39.58 116.11
CA THR A 3305 -70.64 38.40 115.61
C THR A 3305 -69.61 37.87 116.61
N ALA A 3306 -69.47 38.51 117.76
CA ALA A 3306 -68.44 38.13 118.73
C ALA A 3306 -69.00 37.77 120.09
N VAL A 3307 -70.00 38.49 120.60
CA VAL A 3307 -70.51 38.21 121.93
C VAL A 3307 -71.21 36.85 121.97
N THR A 3308 -71.89 36.47 120.89
CA THR A 3308 -72.54 35.18 120.85
C THR A 3308 -71.56 34.04 120.65
N SER A 3309 -70.34 34.34 120.20
CA SER A 3309 -69.32 33.30 120.06
C SER A 3309 -68.98 32.70 121.40
N ASP A 3310 -68.83 33.53 122.43
CA ASP A 3310 -68.57 33.02 123.77
C ASP A 3310 -69.78 32.24 124.28
N HIS A 3311 -69.50 31.14 124.97
CA HIS A 3311 -70.50 30.21 125.49
C HIS A 3311 -71.61 29.96 124.46
N LEU A 3312 -71.19 29.53 123.27
CA LEU A 3312 -72.13 29.32 122.18
C LEU A 3312 -73.11 28.19 122.50
N ASN A 3313 -72.73 27.26 123.37
CA ASN A 3313 -73.66 26.23 123.79
C ASN A 3313 -74.85 26.82 124.53
N SER A 3314 -74.59 27.80 125.41
CA SER A 3314 -75.68 28.46 126.12
C SER A 3314 -76.50 29.33 125.19
N LEU A 3315 -75.85 30.02 124.25
CA LEU A 3315 -76.52 30.93 123.32
C LEU A 3315 -76.43 30.30 121.92
N LEU A 3316 -77.41 29.44 121.61
CA LEU A 3316 -77.42 28.70 120.36
C LEU A 3316 -78.31 29.36 119.30
N GLY A 3317 -79.55 29.68 119.64
CA GLY A 3317 -80.42 30.36 118.70
C GLY A 3317 -80.06 31.81 118.47
N ASN A 3318 -79.33 32.42 119.42
CA ASN A 3318 -78.97 33.83 119.28
C ASN A 3318 -78.05 34.05 118.08
N ILE A 3319 -77.02 33.21 117.94
CA ILE A 3319 -76.14 33.33 116.78
C ILE A 3319 -76.88 32.94 115.51
N LEU A 3320 -77.79 31.96 115.61
CA LEU A 3320 -78.56 31.54 114.44
C LEU A 3320 -79.39 32.70 113.89
N ARG A 3321 -79.99 33.49 114.77
CA ARG A 3321 -80.74 34.66 114.32
C ARG A 3321 -79.83 35.80 113.92
N ILE A 3322 -78.70 35.97 114.64
CA ILE A 3322 -77.82 37.10 114.39
C ILE A 3322 -77.18 37.00 113.01
N ILE A 3323 -76.76 35.80 112.61
CA ILE A 3323 -76.10 35.64 111.33
C ILE A 3323 -77.06 35.93 110.18
N VAL A 3324 -78.29 35.43 110.26
CA VAL A 3324 -79.25 35.69 109.20
C VAL A 3324 -79.66 37.16 109.20
N ASN A 3325 -79.74 37.80 110.36
CA ASN A 3325 -80.02 39.23 110.41
C ASN A 3325 -78.88 40.02 109.76
N ASN A 3326 -77.63 39.63 110.02
CA ASN A 3326 -76.50 40.29 109.39
C ASN A 3326 -76.53 40.11 107.88
N LEU A 3327 -76.88 38.91 107.42
CA LEU A 3327 -76.99 38.67 105.98
C LEU A 3327 -78.08 39.54 105.37
N GLY A 3328 -79.23 39.65 106.04
CA GLY A 3328 -80.29 40.51 105.53
C GLY A 3328 -79.88 41.97 105.49
N ILE A 3329 -79.15 42.42 106.52
CA ILE A 3329 -78.69 43.81 106.56
C ILE A 3329 -77.71 44.08 105.44
N ASP A 3330 -76.75 43.17 105.24
CA ASP A 3330 -75.78 43.33 104.17
C ASP A 3330 -76.40 43.15 102.79
N GLU A 3331 -77.59 42.54 102.72
CA GLU A 3331 -78.31 42.45 101.46
C GLU A 3331 -78.78 43.80 100.96
N ALA A 3332 -78.70 44.84 101.78
CA ALA A 3332 -79.08 46.19 101.35
C ALA A 3332 -78.18 46.74 100.27
N THR A 3333 -77.02 46.12 100.02
CA THR A 3333 -76.13 46.50 98.94
C THR A 3333 -76.24 45.57 97.74
N TRP A 3334 -77.45 45.07 97.47
CA TRP A 3334 -77.63 44.07 96.42
C TRP A 3334 -77.48 44.66 95.02
N MET A 3335 -77.77 45.95 94.86
CA MET A 3335 -77.70 46.57 93.54
C MET A 3335 -76.25 46.67 93.07
N LYS A 3336 -76.11 46.89 91.75
CA LYS A 3336 -74.79 46.88 91.12
C LYS A 3336 -73.95 48.06 91.59
N ARG A 3337 -74.53 49.25 91.69
CA ARG A 3337 -73.79 50.47 91.99
C ARG A 3337 -74.44 51.17 93.17
N LEU A 3338 -73.80 51.09 94.34
CA LEU A 3338 -74.21 51.87 95.50
C LEU A 3338 -73.14 52.87 95.91
N ALA A 3339 -71.93 52.40 96.20
CA ALA A 3339 -70.80 53.21 96.61
C ALA A 3339 -69.59 52.29 96.73
N VAL A 3340 -68.40 52.88 96.63
CA VAL A 3340 -67.16 52.15 96.78
C VAL A 3340 -66.26 52.74 97.87
N PHE A 3341 -66.82 53.63 98.69
CA PHE A 3341 -66.01 54.28 99.74
C PHE A 3341 -65.81 53.36 100.93
N ALA A 3342 -66.89 52.77 101.45
CA ALA A 3342 -66.82 51.90 102.61
C ALA A 3342 -67.40 50.52 102.35
N GLN A 3343 -67.90 50.25 101.15
CA GLN A 3343 -68.43 48.92 100.86
C GLN A 3343 -67.38 47.82 101.01
N PRO A 3344 -66.17 47.93 100.46
CA PRO A 3344 -65.15 46.92 100.78
C PRO A 3344 -64.82 46.84 102.25
N ILE A 3345 -64.82 47.98 102.95
CA ILE A 3345 -64.49 47.99 104.37
C ILE A 3345 -65.53 47.21 105.17
N VAL A 3346 -66.81 47.46 104.90
CA VAL A 3346 -67.86 46.74 105.63
C VAL A 3346 -67.90 45.28 105.19
N SER A 3347 -67.57 44.99 103.93
CA SER A 3347 -67.56 43.61 103.46
C SER A 3347 -66.47 42.79 104.14
N ARG A 3348 -65.29 43.39 104.31
CA ARG A 3348 -64.15 42.69 104.92
C ARG A 3348 -64.05 42.91 106.42
N ALA A 3349 -64.97 43.67 107.02
CA ALA A 3349 -64.89 43.94 108.45
C ALA A 3349 -65.02 42.66 109.26
N ARG A 3350 -66.06 41.87 109.01
CA ARG A 3350 -66.24 40.63 109.74
C ARG A 3350 -67.19 39.68 109.00
N PRO A 3351 -66.74 39.04 107.92
CA PRO A 3351 -67.58 38.02 107.25
C PRO A 3351 -67.43 36.65 107.90
N GLU A 3352 -67.89 36.54 109.15
CA GLU A 3352 -67.71 35.34 109.95
C GLU A 3352 -69.06 34.70 110.25
N LEU A 3353 -69.10 33.38 110.22
CA LEU A 3353 -70.28 32.61 110.59
C LEU A 3353 -69.83 31.25 111.09
N LEU A 3354 -70.54 30.71 112.07
CA LEU A 3354 -70.15 29.47 112.73
C LEU A 3354 -71.08 28.31 112.42
N HIS A 3355 -72.38 28.46 112.72
CA HIS A 3355 -73.33 27.36 112.54
C HIS A 3355 -74.63 27.87 111.94
N SER A 3356 -74.53 28.84 111.03
CA SER A 3356 -75.70 29.41 110.38
C SER A 3356 -75.46 29.55 108.88
N HIS A 3357 -74.95 28.49 108.27
CA HIS A 3357 -74.68 28.49 106.84
C HIS A 3357 -75.96 28.24 106.06
N PHE A 3358 -75.83 27.95 104.77
CA PHE A 3358 -77.01 27.75 103.92
C PHE A 3358 -77.82 26.54 104.37
N ILE A 3359 -77.15 25.49 104.82
CA ILE A 3359 -77.83 24.28 105.29
C ILE A 3359 -78.44 24.52 106.66
N PRO A 3360 -77.70 24.99 107.67
CA PRO A 3360 -78.35 25.29 108.96
C PRO A 3360 -79.42 26.36 108.85
N THR A 3361 -79.27 27.31 107.93
CA THR A 3361 -80.24 28.38 107.70
C THR A 3361 -80.62 28.35 106.23
N ILE A 3362 -81.73 27.68 105.92
CA ILE A 3362 -82.24 27.65 104.55
C ILE A 3362 -82.57 29.06 104.08
N GLY A 3363 -82.94 29.95 105.00
CA GLY A 3363 -83.10 31.34 104.65
C GLY A 3363 -81.83 31.95 104.11
N ARG A 3364 -80.69 31.57 104.69
CA ARG A 3364 -79.40 32.03 104.17
C ARG A 3364 -79.15 31.50 102.77
N LEU A 3365 -79.55 30.25 102.51
CA LEU A 3365 -79.42 29.69 101.17
C LEU A 3365 -80.26 30.48 100.17
N ARG A 3366 -81.51 30.79 100.54
CA ARG A 3366 -82.37 31.56 99.65
C ARG A 3366 -81.82 32.97 99.43
N LYS A 3367 -81.28 33.58 100.50
CA LYS A 3367 -80.70 34.91 100.37
C LYS A 3367 -79.48 34.90 99.46
N ARG A 3368 -78.63 33.88 99.57
CA ARG A 3368 -77.49 33.76 98.69
C ARG A 3368 -77.91 33.55 97.24
N ALA A 3369 -78.94 32.72 97.02
CA ALA A 3369 -79.46 32.53 95.66
C ALA A 3369 -80.00 33.83 95.09
N GLY A 3370 -80.74 34.59 95.90
CA GLY A 3370 -81.25 35.88 95.44
C GLY A 3370 -80.14 36.87 95.16
N LYS A 3371 -79.08 36.86 95.99
CA LYS A 3371 -77.95 37.73 95.75
C LYS A 3371 -77.25 37.38 94.45
N VAL A 3372 -77.12 36.09 94.16
CA VAL A 3372 -76.52 35.65 92.90
C VAL A 3372 -77.39 36.09 91.73
N VAL A 3373 -78.71 35.95 91.87
CA VAL A 3373 -79.62 36.36 90.81
C VAL A 3373 -79.52 37.87 90.58
N ALA A 3374 -79.35 38.64 91.66
CA ALA A 3374 -79.19 40.09 91.51
C ALA A 3374 -77.87 40.43 90.85
N GLU A 3375 -76.78 39.76 91.25
CA GLU A 3375 -75.48 39.99 90.63
C GLU A 3375 -75.44 39.50 89.19
N GLU A 3376 -76.40 38.68 88.77
CA GLU A 3376 -76.47 38.29 87.36
C GLU A 3376 -76.61 39.50 86.45
N GLU A 3377 -77.14 40.60 86.96
CA GLU A 3377 -77.22 41.83 86.17
C GLU A 3377 -75.84 42.34 85.75
N GLN A 3378 -74.79 41.98 86.50
CA GLN A 3378 -73.44 42.38 86.12
C GLN A 3378 -73.02 41.79 84.78
N LEU A 3379 -73.63 40.69 84.36
CA LEU A 3379 -73.30 40.10 83.07
C LEU A 3379 -73.66 41.04 81.92
N ARG A 3380 -74.81 41.72 82.03
CA ARG A 3380 -75.22 42.65 81.00
C ARG A 3380 -74.26 43.84 80.87
N LEU A 3381 -73.48 44.12 81.91
CA LEU A 3381 -72.49 45.19 81.83
C LEU A 3381 -71.43 44.86 80.78
N GLU A 3382 -71.05 43.58 80.67
CA GLU A 3382 -70.08 43.19 79.66
C GLU A 3382 -70.61 43.46 78.25
N ALA A 3383 -71.88 43.12 78.01
CA ALA A 3383 -72.48 43.40 76.71
C ALA A 3383 -72.58 44.90 76.46
N LYS A 3384 -72.94 45.66 77.49
CA LYS A 3384 -73.05 47.12 77.33
C LYS A 3384 -71.69 47.73 76.99
N ALA A 3385 -70.62 47.27 77.64
CA ALA A 3385 -69.29 47.78 77.34
C ALA A 3385 -68.83 47.33 75.95
N GLU A 3386 -69.16 46.09 75.57
CA GLU A 3386 -68.78 45.58 74.26
C GLU A 3386 -69.46 46.35 73.13
N ALA A 3387 -70.73 46.71 73.32
CA ALA A 3387 -71.46 47.41 72.27
C ALA A 3387 -70.84 48.76 71.96
N GLU A 3388 -70.37 49.48 72.99
CA GLU A 3388 -69.78 50.80 72.80
C GLU A 3388 -68.43 50.75 72.12
N GLU A 3389 -67.81 49.58 72.00
CA GLU A 3389 -66.51 49.43 71.38
C GLU A 3389 -66.60 49.18 69.87
N GLY A 3390 -67.68 49.62 69.23
CA GLY A 3390 -67.85 49.39 67.81
C GLY A 3390 -67.26 50.46 66.93
N GLU A 3391 -66.07 50.18 66.38
CA GLU A 3391 -65.37 51.08 65.46
C GLU A 3391 -65.12 52.46 66.06
N LEU A 3392 -64.88 52.51 67.37
CA LEU A 3392 -64.60 53.75 68.10
C LEU A 3392 -65.72 54.78 67.88
N LEU A 3393 -66.94 54.36 68.22
CA LEU A 3393 -68.10 55.23 68.02
C LEU A 3393 -68.00 56.49 68.87
N VAL A 3394 -67.58 56.36 70.11
CA VAL A 3394 -67.48 57.46 71.06
C VAL A 3394 -66.18 57.32 71.86
N ARG A 3395 -65.98 58.24 72.79
CA ARG A 3395 -64.80 58.21 73.65
C ARG A 3395 -64.94 57.10 74.69
N ASP A 3396 -64.50 55.89 74.34
CA ASP A 3396 -64.63 54.76 75.24
C ASP A 3396 -63.73 54.86 76.48
N GLU A 3397 -62.80 55.81 76.50
CA GLU A 3397 -61.90 55.93 77.66
C GLU A 3397 -62.69 56.23 78.93
N PHE A 3398 -63.66 57.13 78.86
CA PHE A 3398 -64.43 57.49 80.04
C PHE A 3398 -65.49 56.43 80.39
N SER A 3399 -66.05 55.76 79.39
CA SER A 3399 -67.22 54.89 79.60
C SER A 3399 -66.84 53.42 79.73
N VAL A 3400 -66.19 52.87 78.71
CA VAL A 3400 -65.87 51.45 78.71
C VAL A 3400 -64.89 51.11 79.83
N LEU A 3401 -63.87 51.95 80.02
CA LEU A 3401 -62.89 51.69 81.06
C LEU A 3401 -63.52 51.75 82.45
N CYS A 3402 -64.49 52.66 82.65
CA CYS A 3402 -65.17 52.75 83.93
C CYS A 3402 -66.22 51.67 84.12
N ARG A 3403 -66.74 51.09 83.03
CA ARG A 3403 -67.82 50.11 83.14
C ARG A 3403 -67.36 48.88 83.92
N ASP A 3404 -66.35 48.17 83.41
CA ASP A 3404 -65.85 46.99 84.11
C ASP A 3404 -65.26 47.33 85.46
N LEU A 3405 -64.73 48.55 85.61
CA LEU A 3405 -64.21 48.99 86.91
C LEU A 3405 -65.33 49.02 87.95
N TYR A 3406 -66.44 49.69 87.62
CA TYR A 3406 -67.57 49.74 88.52
C TYR A 3406 -68.26 48.39 88.65
N ALA A 3407 -68.09 47.50 87.67
CA ALA A 3407 -68.62 46.14 87.81
C ALA A 3407 -67.82 45.34 88.83
N LEU A 3408 -66.49 45.41 88.76
CA LEU A 3408 -65.63 44.62 89.62
C LEU A 3408 -65.41 45.25 90.99
N TYR A 3409 -65.75 46.53 91.16
CA TYR A 3409 -65.59 47.16 92.48
C TYR A 3409 -66.42 46.48 93.56
N PRO A 3410 -67.74 46.22 93.37
CA PRO A 3410 -68.49 45.56 94.44
C PRO A 3410 -68.47 44.04 94.31
N LEU A 3411 -68.10 43.53 93.14
CA LEU A 3411 -68.08 42.09 92.93
C LEU A 3411 -67.07 41.40 93.84
N LEU A 3412 -65.90 42.02 94.02
CA LEU A 3412 -64.89 41.43 94.90
C LEU A 3412 -65.34 41.45 96.37
N ILE A 3413 -66.23 42.38 96.72
CA ILE A 3413 -66.64 42.51 98.11
C ILE A 3413 -67.37 41.26 98.59
N ARG A 3414 -68.29 40.74 97.76
CA ARG A 3414 -69.11 39.61 98.17
C ARG A 3414 -68.37 38.27 98.09
N TYR A 3415 -67.20 38.23 97.45
CA TYR A 3415 -66.49 36.97 97.30
C TYR A 3415 -65.91 36.49 98.62
N VAL A 3416 -65.51 37.41 99.50
CA VAL A 3416 -64.96 37.02 100.80
C VAL A 3416 -66.03 36.33 101.64
N ASP A 3417 -67.29 36.75 101.50
CA ASP A 3417 -68.36 36.11 102.25
C ASP A 3417 -68.47 34.64 101.91
N ASN A 3418 -68.37 34.29 100.63
CA ASN A 3418 -68.35 32.88 100.23
C ASN A 3418 -67.07 32.21 100.73
N ASN A 3419 -65.91 32.81 100.44
CA ASN A 3419 -64.64 32.17 100.73
C ASN A 3419 -64.45 31.92 102.23
N ARG A 3420 -65.16 32.65 103.08
CA ARG A 3420 -65.03 32.47 104.52
C ARG A 3420 -65.46 31.07 104.94
N ALA A 3421 -66.73 30.72 104.72
CA ALA A 3421 -67.22 29.43 105.19
C ALA A 3421 -68.20 28.73 104.27
N HIS A 3422 -68.54 29.28 103.10
CA HIS A 3422 -69.45 28.58 102.21
C HIS A 3422 -68.84 27.28 101.67
N TRP A 3423 -67.51 27.19 101.65
CA TRP A 3423 -66.87 25.96 101.25
C TRP A 3423 -67.12 24.82 102.22
N LEU A 3424 -67.55 25.13 103.44
CA LEU A 3424 -67.83 24.09 104.43
C LEU A 3424 -69.15 23.38 104.16
N THR A 3425 -70.12 24.08 103.55
CA THR A 3425 -71.46 23.52 103.39
C THR A 3425 -71.90 23.41 101.93
N GLU A 3426 -71.75 24.46 101.13
CA GLU A 3426 -72.29 24.43 99.77
C GLU A 3426 -71.72 23.30 98.92
N PRO A 3427 -70.41 23.07 98.86
CA PRO A 3427 -69.92 21.90 98.12
C PRO A 3427 -69.96 20.59 98.89
N ASN A 3428 -70.40 20.63 100.15
CA ASN A 3428 -70.52 19.41 100.95
C ASN A 3428 -71.95 18.88 100.99
N ALA A 3429 -72.94 19.72 100.74
CA ALA A 3429 -74.32 19.24 100.68
C ALA A 3429 -74.54 18.33 99.48
N ASN A 3430 -73.79 18.54 98.40
CA ASN A 3430 -73.92 17.66 97.23
C ASN A 3430 -73.43 16.26 97.53
N ALA A 3431 -72.46 16.12 98.44
CA ALA A 3431 -72.02 14.79 98.85
C ALA A 3431 -73.16 14.01 99.49
N GLU A 3432 -73.92 14.65 100.37
CA GLU A 3432 -75.12 14.01 100.92
C GLU A 3432 -76.17 13.79 99.83
N GLU A 3433 -76.36 14.78 98.97
CA GLU A 3433 -77.32 14.66 97.87
C GLU A 3433 -76.96 15.69 96.80
N LEU A 3434 -76.66 15.21 95.59
CA LEU A 3434 -76.11 16.08 94.55
C LEU A 3434 -77.08 17.17 94.10
N PHE A 3435 -78.36 17.04 94.40
CA PHE A 3435 -79.35 18.02 93.99
C PHE A 3435 -79.61 19.09 95.05
N ARG A 3436 -78.85 19.08 96.14
CA ARG A 3436 -79.07 20.05 97.21
C ARG A 3436 -78.76 21.48 96.75
N MET A 3437 -77.72 21.65 95.94
CA MET A 3437 -77.25 22.97 95.51
C MET A 3437 -77.18 23.04 93.99
N VAL A 3438 -78.26 22.60 93.33
CA VAL A 3438 -78.31 22.68 91.88
C VAL A 3438 -78.24 24.14 91.42
N GLY A 3439 -78.88 25.04 92.16
CA GLY A 3439 -78.79 26.45 91.84
C GLY A 3439 -77.37 26.98 91.93
N GLU A 3440 -76.62 26.52 92.94
CA GLU A 3440 -75.22 26.94 93.08
C GLU A 3440 -74.40 26.50 91.87
N ILE A 3441 -74.64 25.27 91.40
CA ILE A 3441 -73.98 24.82 90.18
C ILE A 3441 -74.40 25.71 89.00
N PHE A 3442 -75.69 26.02 88.91
CA PHE A 3442 -76.15 26.94 87.87
C PHE A 3442 -75.56 28.34 88.09
N ILE A 3443 -75.47 28.77 89.35
CA ILE A 3443 -74.94 30.10 89.65
C ILE A 3443 -73.44 30.13 89.37
N TYR A 3444 -72.92 31.36 89.24
CA TYR A 3444 -71.50 31.62 89.00
C TYR A 3444 -71.02 30.96 87.71
N TRP A 3445 -71.92 30.80 86.74
CA TRP A 3445 -71.56 30.18 85.46
C TRP A 3445 -71.17 31.24 84.42
N SER A 3446 -72.10 32.14 84.11
CA SER A 3446 -71.80 33.19 83.14
C SER A 3446 -70.84 34.22 83.71
N LYS A 3447 -70.95 34.51 85.00
CA LYS A 3447 -70.04 35.48 85.62
C LYS A 3447 -68.60 34.99 85.56
N SER A 3448 -68.37 33.69 85.80
CA SER A 3448 -67.04 33.14 85.69
C SER A 3448 -66.52 33.23 84.26
N HIS A 3449 -67.38 32.95 83.28
CA HIS A 3449 -66.99 33.07 81.88
C HIS A 3449 -66.73 34.52 81.48
N ASN A 3450 -67.31 35.48 82.19
CA ASN A 3450 -67.10 36.88 81.85
C ASN A 3450 -65.64 37.28 81.99
N PHE A 3451 -64.91 36.65 82.92
CA PHE A 3451 -63.49 36.95 83.06
C PHE A 3451 -62.69 36.50 81.85
N LYS A 3452 -63.18 35.49 81.12
CA LYS A 3452 -62.48 35.02 79.93
C LYS A 3452 -62.40 36.12 78.88
N ARG A 3453 -63.56 36.60 78.41
CA ARG A 3453 -63.60 37.71 77.48
C ARG A 3453 -63.41 39.01 78.26
N GLU A 3454 -63.56 40.15 77.57
CA GLU A 3454 -63.43 41.47 78.17
C GLU A 3454 -62.05 41.62 78.84
N GLU A 3455 -61.02 41.59 77.98
CA GLU A 3455 -59.64 41.65 78.44
C GLU A 3455 -59.33 42.90 79.25
N GLN A 3456 -60.22 43.88 79.29
CA GLN A 3456 -60.00 45.08 80.09
C GLN A 3456 -60.13 44.83 81.59
N ASN A 3457 -60.59 43.65 82.00
CA ASN A 3457 -60.76 43.38 83.43
C ASN A 3457 -59.43 43.24 84.17
N PHE A 3458 -58.33 43.00 83.45
CA PHE A 3458 -57.05 42.76 84.12
C PHE A 3458 -56.58 43.98 84.88
N VAL A 3459 -56.67 45.16 84.26
CA VAL A 3459 -56.16 46.37 84.91
C VAL A 3459 -56.96 46.69 86.17
N VAL A 3460 -58.29 46.56 86.11
CA VAL A 3460 -59.09 46.84 87.29
C VAL A 3460 -58.88 45.79 88.37
N GLN A 3461 -58.73 44.52 87.97
CA GLN A 3461 -58.48 43.48 88.96
C GLN A 3461 -57.14 43.69 89.66
N ASN A 3462 -56.14 44.22 88.95
CA ASN A 3462 -54.87 44.51 89.58
C ASN A 3462 -54.97 45.76 90.46
N GLU A 3463 -55.68 46.79 90.00
CA GLU A 3463 -55.71 48.05 90.73
C GLU A 3463 -56.55 47.96 91.99
N ILE A 3464 -57.57 47.11 92.02
CA ILE A 3464 -58.35 46.95 93.25
C ILE A 3464 -57.49 46.27 94.32
N ASN A 3465 -56.65 45.32 93.92
CA ASN A 3465 -55.71 44.72 94.87
C ASN A 3465 -54.66 45.74 95.30
N ASN A 3466 -54.20 46.58 94.37
CA ASN A 3466 -53.22 47.60 94.72
C ASN A 3466 -53.79 48.59 95.74
N MET A 3467 -55.03 49.02 95.54
CA MET A 3467 -55.65 49.96 96.47
C MET A 3467 -56.09 49.27 97.75
N SER A 3468 -56.55 48.03 97.65
CA SER A 3468 -57.03 47.25 98.79
C SER A 3468 -58.12 48.00 99.57
N VAL A 3511 -50.35 39.46 88.53
CA VAL A 3511 -50.39 38.81 89.83
C VAL A 3511 -51.40 37.68 89.82
N ALA A 3512 -50.92 36.47 90.13
CA ALA A 3512 -51.76 35.27 90.16
C ALA A 3512 -52.46 35.20 91.52
N THR A 3513 -53.38 36.14 91.73
CA THR A 3513 -54.12 36.23 92.98
C THR A 3513 -55.43 35.45 92.85
N LEU A 3514 -56.32 35.62 93.83
CA LEU A 3514 -57.60 34.92 93.83
C LEU A 3514 -58.55 35.44 92.76
N LYS A 3515 -58.24 36.58 92.13
CA LYS A 3515 -59.12 37.12 91.10
C LYS A 3515 -59.25 36.17 89.90
N LYS A 3516 -58.20 35.40 89.62
CA LYS A 3516 -58.29 34.43 88.52
C LYS A 3516 -59.09 33.20 88.92
N MET A 3517 -58.93 32.74 90.16
CA MET A 3517 -59.53 31.49 90.63
C MET A 3517 -60.69 31.74 91.58
N LEU A 3518 -61.50 32.76 91.29
CA LEU A 3518 -62.66 33.03 92.14
C LEU A 3518 -63.61 31.84 92.24
N PRO A 3519 -64.03 31.19 91.16
CA PRO A 3519 -64.93 30.03 91.30
C PRO A 3519 -64.22 28.68 91.36
N ILE A 3520 -62.90 28.65 91.50
CA ILE A 3520 -62.17 27.39 91.49
C ILE A 3520 -62.60 26.50 92.65
N GLY A 3521 -62.76 27.08 93.83
CA GLY A 3521 -63.15 26.31 95.00
C GLY A 3521 -64.49 25.63 94.88
N LEU A 3522 -65.37 26.13 94.01
CA LEU A 3522 -66.67 25.52 93.78
C LEU A 3522 -66.79 24.79 92.45
N ASN A 3523 -65.89 25.06 91.50
CA ASN A 3523 -65.95 24.41 90.20
C ASN A 3523 -65.52 22.94 90.25
N MET A 3524 -64.93 22.49 91.35
CA MET A 3524 -64.39 21.14 91.42
C MET A 3524 -65.49 20.09 91.34
N CYS A 3525 -66.53 20.23 92.16
CA CYS A 3525 -67.56 19.21 92.27
C CYS A 3525 -68.96 19.72 91.99
N ALA A 3526 -69.28 20.95 92.37
CA ALA A 3526 -70.64 21.46 92.21
C ALA A 3526 -71.15 21.40 90.78
N PRO A 3527 -70.41 21.88 89.76
CA PRO A 3527 -70.98 21.85 88.40
C PRO A 3527 -70.76 20.52 87.70
N THR A 3528 -69.72 19.80 88.08
CA THR A 3528 -69.42 18.52 87.42
C THR A 3528 -70.41 17.44 87.84
N ASP A 3529 -70.72 17.35 89.13
CA ASP A 3529 -71.58 16.30 89.65
C ASP A 3529 -73.06 16.70 89.54
N GLN A 3530 -73.47 17.00 88.31
CA GLN A 3530 -74.85 17.36 88.02
C GLN A 3530 -75.53 16.39 87.08
N ASP A 3531 -74.93 16.11 85.93
CA ASP A 3531 -75.48 15.17 84.96
C ASP A 3531 -74.35 14.44 84.27
N LEU A 3532 -74.69 13.32 83.63
CA LEU A 3532 -73.71 12.46 82.97
C LEU A 3532 -72.61 12.05 83.96
N ILE A 3533 -73.05 11.28 84.95
CA ILE A 3533 -72.20 10.98 86.11
C ILE A 3533 -70.89 10.34 85.66
N MET A 3534 -70.97 9.32 84.81
CA MET A 3534 -69.77 8.71 84.22
C MET A 3534 -70.08 8.40 82.76
N LEU A 3535 -69.82 9.36 81.89
CA LEU A 3535 -69.94 9.14 80.46
C LEU A 3535 -68.72 9.62 79.69
N ALA A 3536 -68.12 10.73 80.10
CA ALA A 3536 -66.92 11.32 79.49
C ALA A 3536 -67.10 11.67 78.02
N LYS A 3537 -68.33 11.58 77.49
CA LYS A 3537 -68.56 11.95 76.11
C LYS A 3537 -68.44 13.46 75.92
N THR A 3538 -68.81 14.24 76.93
CA THR A 3538 -68.67 15.69 76.84
C THR A 3538 -67.21 16.09 76.66
N ARG A 3539 -66.34 15.58 77.53
CA ARG A 3539 -64.91 15.89 77.40
C ARG A 3539 -64.36 15.34 76.09
N TYR A 3540 -64.98 14.29 75.54
CA TYR A 3540 -64.51 13.73 74.28
C TYR A 3540 -64.84 14.65 73.10
N ALA A 3541 -66.07 15.16 73.06
CA ALA A 3541 -66.57 15.89 71.89
C ALA A 3541 -66.54 17.41 72.10
N LEU A 3542 -67.23 17.91 73.13
CA LEU A 3542 -67.36 19.35 73.29
C LEU A 3542 -66.02 20.02 73.53
N LYS A 3543 -65.08 19.33 74.16
CA LYS A 3543 -63.74 19.88 74.32
C LYS A 3543 -63.08 20.09 72.97
N ASP A 3544 -63.27 19.14 72.04
CA ASP A 3544 -62.80 19.34 70.67
C ASP A 3544 -63.53 20.50 70.01
N THR A 3545 -64.83 20.63 70.26
CA THR A 3545 -65.59 21.74 69.69
C THR A 3545 -65.17 23.09 70.26
N ASP A 3546 -64.41 23.12 71.35
CA ASP A 3546 -63.96 24.37 71.93
C ASP A 3546 -62.86 24.97 71.07
N GLU A 3547 -63.24 25.53 69.93
CA GLU A 3547 -62.32 26.09 68.94
C GLU A 3547 -62.75 27.49 68.55
N GLU A 3548 -63.02 28.32 69.56
CA GLU A 3548 -63.51 29.69 69.37
C GLU A 3548 -64.86 29.70 68.63
N VAL A 3549 -65.69 28.70 68.94
CA VAL A 3549 -67.04 28.63 68.40
C VAL A 3549 -68.00 29.33 69.35
N ARG A 3550 -69.18 29.67 68.83
CA ARG A 3550 -70.20 30.27 69.66
C ARG A 3550 -70.87 29.21 70.54
N GLU A 3551 -71.60 29.69 71.55
CA GLU A 3551 -72.30 28.78 72.45
C GLU A 3551 -73.40 28.01 71.73
N PHE A 3552 -73.97 28.61 70.67
CA PHE A 3552 -75.00 27.92 69.90
C PHE A 3552 -74.45 26.67 69.23
N LEU A 3553 -73.22 26.74 68.72
CA LEU A 3553 -72.62 25.58 68.06
C LEU A 3553 -72.46 24.42 69.04
N GLN A 3554 -71.91 24.69 70.22
CA GLN A 3554 -71.74 23.64 71.21
C GLN A 3554 -73.09 23.12 71.72
N ASN A 3555 -74.06 24.02 71.89
CA ASN A 3555 -75.39 23.59 72.33
C ASN A 3555 -76.03 22.67 71.30
N ASN A 3556 -75.89 22.99 70.01
CA ASN A 3556 -76.41 22.11 68.97
C ASN A 3556 -75.68 20.78 68.95
N LEU A 3557 -74.35 20.79 69.09
CA LEU A 3557 -73.58 19.57 69.02
C LEU A 3557 -73.69 18.72 70.27
N HIS A 3558 -74.22 19.27 71.38
CA HIS A 3558 -74.44 18.46 72.57
C HIS A 3558 -75.47 17.38 72.32
N LEU A 3559 -76.53 17.69 71.58
CA LEU A 3559 -77.66 16.79 71.40
C LEU A 3559 -77.45 15.75 70.31
N GLN A 3560 -76.31 15.76 69.63
CA GLN A 3560 -76.07 14.76 68.59
C GLN A 3560 -76.00 13.35 69.19
N GLY A 3561 -75.34 13.20 70.32
CA GLY A 3561 -75.23 11.91 70.98
C GLY A 3561 -74.19 11.00 70.33
N ARG A 3570 -61.33 2.83 87.61
CA ARG A 3570 -62.62 3.44 87.29
C ARG A 3570 -63.13 2.97 85.93
N TRP A 3571 -64.08 3.74 85.39
CA TRP A 3571 -64.70 3.50 84.08
C TRP A 3571 -65.63 2.28 84.15
N GLN A 3572 -65.55 1.54 85.25
CA GLN A 3572 -66.48 0.45 85.53
C GLN A 3572 -67.20 0.64 86.86
N MET A 3573 -66.45 0.96 87.92
CA MET A 3573 -67.05 1.22 89.22
C MET A 3573 -67.69 2.60 89.30
N ALA A 3574 -67.37 3.50 88.38
CA ALA A 3574 -67.98 4.83 88.40
C ALA A 3574 -69.48 4.74 88.17
N LEU A 3575 -69.91 3.88 87.24
CA LEU A 3575 -71.34 3.69 87.01
C LEU A 3575 -72.04 3.16 88.25
N TYR A 3576 -71.41 2.23 88.95
CA TYR A 3576 -71.99 1.61 90.13
C TYR A 3576 -71.77 2.44 91.40
N ARG A 3577 -71.08 3.57 91.31
CA ARG A 3577 -70.85 4.43 92.47
C ARG A 3577 -71.60 5.75 92.35
N GLY A 3578 -71.36 6.51 91.28
CA GLY A 3578 -71.99 7.81 91.15
C GLY A 3578 -73.49 7.72 90.90
N LEU A 3579 -73.91 6.82 90.02
CA LEU A 3579 -75.33 6.69 89.71
C LEU A 3579 -76.18 6.29 90.91
N PRO A 3580 -75.79 5.30 91.73
CA PRO A 3580 -76.59 5.04 92.94
C PRO A 3580 -76.67 6.22 93.88
N GLY A 3581 -75.64 7.07 93.93
CA GLY A 3581 -75.72 8.27 94.73
C GLY A 3581 -76.83 9.20 94.29
N ARG A 3582 -77.01 9.35 92.99
CA ARG A 3582 -78.11 10.15 92.46
C ARG A 3582 -79.42 9.39 92.63
N GLU A 3583 -80.35 9.98 93.38
CA GLU A 3583 -81.60 9.31 93.69
C GLU A 3583 -82.42 9.03 92.43
N GLU A 3584 -82.48 10.00 91.52
CA GLU A 3584 -83.21 9.84 90.27
C GLU A 3584 -82.52 10.70 89.21
N ASP A 3585 -81.66 10.08 88.42
CA ASP A 3585 -80.97 10.81 87.36
C ASP A 3585 -81.93 11.19 86.25
N ALA A 3586 -81.79 12.43 85.77
CA ALA A 3586 -82.60 12.93 84.66
C ALA A 3586 -81.87 12.59 83.37
N ASP A 3587 -82.09 11.37 82.86
CA ASP A 3587 -81.45 10.91 81.64
C ASP A 3587 -82.23 11.46 80.44
N ASP A 3588 -81.94 12.70 80.10
CA ASP A 3588 -82.59 13.37 78.99
C ASP A 3588 -81.54 14.01 78.08
N PRO A 3589 -81.82 14.11 76.78
CA PRO A 3589 -80.83 14.73 75.88
C PRO A 3589 -80.49 16.17 76.26
N GLU A 3590 -81.47 16.94 76.74
CA GLU A 3590 -81.22 18.31 77.14
C GLU A 3590 -80.82 18.45 78.60
N LYS A 3591 -81.13 17.46 79.44
CA LYS A 3591 -80.68 17.51 80.82
C LYS A 3591 -79.17 17.44 80.91
N ILE A 3592 -78.55 16.59 80.09
CA ILE A 3592 -77.09 16.51 80.04
C ILE A 3592 -76.47 17.70 79.33
N VAL A 3593 -77.27 18.52 78.65
CA VAL A 3593 -76.74 19.71 78.00
C VAL A 3593 -76.19 20.69 79.03
N ARG A 3594 -76.87 20.78 80.19
CA ARG A 3594 -76.37 21.64 81.25
C ARG A 3594 -74.99 21.22 81.72
N ARG A 3595 -74.79 19.91 81.91
CA ARG A 3595 -73.47 19.43 82.31
C ARG A 3595 -72.45 19.63 81.20
N VAL A 3596 -72.86 19.41 79.95
CA VAL A 3596 -71.94 19.59 78.82
C VAL A 3596 -71.57 21.06 78.62
N GLN A 3597 -72.40 21.97 79.11
CA GLN A 3597 -72.09 23.40 79.00
C GLN A 3597 -70.84 23.79 79.77
N GLU A 3598 -70.38 22.94 80.69
CA GLU A 3598 -69.12 23.18 81.39
C GLU A 3598 -67.91 23.11 80.47
N VAL A 3599 -68.10 22.73 79.21
CA VAL A 3599 -66.99 22.70 78.25
C VAL A 3599 -66.44 24.11 78.05
N SER A 3600 -67.30 25.13 78.08
CA SER A 3600 -66.81 26.50 77.97
C SER A 3600 -65.90 26.87 79.13
N ALA A 3601 -66.29 26.49 80.36
CA ALA A 3601 -65.45 26.74 81.52
C ALA A 3601 -64.15 25.96 81.43
N VAL A 3602 -64.22 24.72 80.94
CA VAL A 3602 -63.00 23.92 80.77
C VAL A 3602 -62.07 24.58 79.77
N LEU A 3603 -62.62 25.08 78.66
CA LEU A 3603 -61.81 25.77 77.68
C LEU A 3603 -61.19 27.04 78.27
N TYR A 3604 -61.96 27.78 79.06
CA TYR A 3604 -61.41 28.97 79.73
C TYR A 3604 -60.27 28.61 80.65
N HIS A 3605 -60.42 27.53 81.43
CA HIS A 3605 -59.35 27.09 82.31
C HIS A 3605 -58.13 26.67 81.51
N LEU A 3606 -58.34 26.00 80.38
CA LEU A 3606 -57.23 25.62 79.52
C LEU A 3606 -56.49 26.84 78.99
N GLU A 3607 -57.25 27.86 78.57
CA GLU A 3607 -56.62 29.12 78.16
C GLU A 3607 -55.97 29.83 79.33
N GLN A 3608 -56.34 29.50 80.56
CA GLN A 3608 -55.74 30.09 81.74
C GLN A 3608 -54.44 29.41 82.16
N THR A 3609 -53.99 28.41 81.40
CA THR A 3609 -52.76 27.71 81.76
C THR A 3609 -51.56 28.65 81.73
N GLU A 3610 -51.47 29.51 80.72
CA GLU A 3610 -50.39 30.47 80.63
C GLU A 3610 -50.89 31.88 80.88
N PRO A 3612 -53.08 32.83 78.65
CA PRO A 3612 -53.02 32.65 77.20
C PRO A 3612 -53.16 31.18 76.78
N TYR A 3613 -52.08 30.43 76.84
CA TYR A 3613 -52.09 29.01 76.49
C TYR A 3613 -52.73 28.18 77.60
N THR A 3639 -26.05 67.97 73.99
CA THR A 3639 -25.55 69.34 74.09
C THR A 3639 -26.13 70.22 72.98
N PRO A 3640 -26.74 71.33 73.37
CA PRO A 3640 -27.37 72.20 72.37
C PRO A 3640 -26.35 72.80 71.41
N LEU A 3641 -26.84 73.17 70.23
CA LEU A 3641 -25.96 73.73 69.20
C LEU A 3641 -25.31 75.02 69.67
N TYR A 3642 -26.05 75.84 70.42
CA TYR A 3642 -25.53 77.09 70.94
C TYR A 3642 -24.65 76.80 72.15
N ASN A 3643 -24.32 77.85 72.91
CA ASN A 3643 -23.49 77.79 74.11
C ASN A 3643 -22.14 77.10 73.87
N LEU A 3644 -21.71 77.03 72.60
CA LEU A 3644 -20.44 76.51 72.15
C LEU A 3644 -19.52 77.65 71.75
N PRO A 3645 -18.20 77.46 71.88
CA PRO A 3645 -17.27 78.53 71.48
C PRO A 3645 -17.44 78.89 70.01
N THR A 3646 -17.34 80.19 69.73
CA THR A 3646 -17.56 80.66 68.36
C THR A 3646 -16.50 80.13 67.40
N HIS A 3647 -15.26 79.97 67.88
CA HIS A 3647 -14.21 79.45 67.00
C HIS A 3647 -14.50 78.00 66.61
N ARG A 3648 -15.02 77.20 67.53
CA ARG A 3648 -15.42 75.83 67.18
C ARG A 3648 -16.54 75.84 66.15
N ALA A 3649 -17.52 76.73 66.32
CA ALA A 3649 -18.61 76.81 65.36
C ALA A 3649 -18.09 77.21 63.97
N CYS A 3650 -17.16 78.15 63.92
CA CYS A 3650 -16.59 78.55 62.63
C CYS A 3650 -15.81 77.40 62.01
N ASN A 3651 -14.97 76.73 62.81
CA ASN A 3651 -14.17 75.63 62.28
C ASN A 3651 -15.03 74.44 61.88
N MET A 3652 -16.25 74.34 62.38
CA MET A 3652 -17.15 73.28 61.96
C MET A 3652 -17.98 73.65 60.73
N PHE A 3653 -18.52 74.86 60.69
CA PHE A 3653 -19.52 75.21 59.68
C PHE A 3653 -18.98 75.03 58.27
N LEU A 3654 -17.77 75.53 58.01
CA LEU A 3654 -17.19 75.41 56.68
C LEU A 3654 -16.91 73.96 56.33
N GLU A 3655 -16.82 73.07 57.31
CA GLU A 3655 -16.61 71.65 57.01
C GLU A 3655 -17.89 71.00 56.51
N SER A 3656 -19.04 71.64 56.73
CA SER A 3656 -20.33 71.12 56.32
C SER A 3656 -21.04 72.03 55.33
N TYR A 3657 -20.29 72.68 54.44
CA TYR A 3657 -20.84 73.67 53.53
C TYR A 3657 -21.55 72.99 52.35
N LYS A 3658 -22.72 72.42 52.66
CA LYS A 3658 -23.51 71.71 51.65
C LYS A 3658 -23.96 72.64 50.53
N ALA A 3659 -24.47 73.83 50.88
CA ALA A 3659 -25.05 74.70 49.88
C ALA A 3659 -24.04 75.09 48.81
N ALA A 3660 -22.76 75.16 49.14
CA ALA A 3660 -21.74 75.59 48.18
C ALA A 3660 -20.47 74.75 48.30
N TRP A 3661 -20.59 73.43 48.38
CA TRP A 3661 -19.39 72.62 48.25
C TRP A 3661 -18.97 72.55 46.79
N ILE A 3662 -18.00 71.68 46.52
CA ILE A 3662 -17.69 71.26 45.16
C ILE A 3662 -18.81 70.41 44.57
N LEU A 3663 -19.77 69.99 45.39
CA LEU A 3663 -20.84 69.12 44.92
C LEU A 3663 -21.88 69.92 44.14
N THR A 3664 -21.42 70.67 43.14
CA THR A 3664 -22.29 71.43 42.26
C THR A 3664 -21.79 71.28 40.84
N GLU A 3665 -22.71 71.08 39.90
CA GLU A 3665 -22.34 70.94 38.50
C GLU A 3665 -21.68 72.22 38.01
N ASP A 3666 -20.53 72.06 37.34
CA ASP A 3666 -19.80 73.20 36.82
C ASP A 3666 -19.75 73.20 35.29
N HIS A 3667 -19.21 72.15 34.68
CA HIS A 3667 -19.12 72.01 33.22
C HIS A 3667 -18.55 73.28 32.59
N SER A 3668 -17.47 73.78 33.17
CA SER A 3668 -16.86 75.01 32.69
C SER A 3668 -15.46 74.84 32.12
N PHE A 3669 -14.76 73.77 32.46
CA PHE A 3669 -13.40 73.57 32.00
C PHE A 3669 -13.20 72.15 31.54
N GLU A 3670 -14.21 71.56 30.91
CA GLU A 3670 -14.12 70.18 30.48
C GLU A 3670 -14.26 69.99 28.98
N ASP A 3671 -14.90 70.92 28.27
CA ASP A 3671 -15.07 70.76 26.83
C ASP A 3671 -14.65 72.01 26.08
N ARG A 3672 -14.74 73.18 26.74
CA ARG A 3672 -14.31 74.40 26.07
C ARG A 3672 -12.79 74.50 26.00
N MET A 3673 -12.09 73.91 26.97
CA MET A 3673 -10.63 73.99 26.98
C MET A 3673 -10.03 73.29 25.77
N ILE A 3674 -10.60 72.15 25.38
CA ILE A 3674 -10.01 71.38 24.29
C ILE A 3674 -10.07 72.18 22.99
N ASP A 3675 -11.25 72.72 22.67
CA ASP A 3675 -11.35 73.51 21.45
C ASP A 3675 -10.53 74.79 21.56
N ASP A 3676 -10.51 75.41 22.74
CA ASP A 3676 -9.71 76.63 22.92
C ASP A 3676 -8.24 76.35 22.64
N LEU A 3677 -7.73 75.22 23.12
CA LEU A 3677 -6.32 74.89 22.93
C LEU A 3677 -6.03 74.41 21.52
N SER A 3678 -7.01 73.82 20.83
CA SER A 3678 -6.71 73.24 19.53
C SER A 3678 -6.96 74.21 18.37
N LYS A 3679 -8.12 74.85 18.34
CA LYS A 3679 -8.46 75.72 17.22
C LYS A 3679 -7.52 76.92 17.13
N ALA A 3680 -7.16 77.49 18.27
CA ALA A 3680 -6.35 78.70 18.29
C ALA A 3680 -4.99 78.51 17.63
N GLY A 3681 -4.53 77.26 17.50
CA GLY A 3681 -3.26 77.03 16.85
C GLY A 3681 -3.19 77.57 15.44
N GLU A 3682 -4.35 77.66 14.78
CA GLU A 3682 -4.43 78.28 13.45
C GLU A 3682 -4.84 79.74 13.61
N GLN A 3683 -3.87 80.55 14.03
CA GLN A 3683 -4.12 81.99 14.19
C GLN A 3683 -4.29 82.64 12.82
N GLU A 3684 -4.85 83.86 12.84
CA GLU A 3684 -5.14 84.55 11.59
C GLU A 3684 -3.87 84.82 10.79
N GLU A 3685 -2.81 85.29 11.46
CA GLU A 3685 -1.55 85.58 10.79
C GLU A 3685 -0.58 84.41 10.82
N GLU A 3686 -0.94 83.30 11.46
CA GLU A 3686 -0.05 82.15 11.59
C GLU A 3686 -0.12 81.23 10.38
N GLU A 3687 0.02 81.80 9.19
CA GLU A 3687 0.07 81.04 7.94
C GLU A 3687 1.23 81.61 7.12
N GLU A 3688 2.43 81.06 7.32
CA GLU A 3688 3.62 81.55 6.65
C GLU A 3688 3.90 80.84 5.33
N GLU A 3689 3.14 79.79 5.00
CA GLU A 3689 3.32 79.04 3.75
C GLU A 3689 4.76 78.53 3.62
N VAL A 3690 5.31 78.05 4.72
CA VAL A 3690 6.69 77.54 4.74
C VAL A 3690 6.75 76.02 4.68
N GLU A 3691 5.61 75.34 4.61
CA GLU A 3691 5.54 73.89 4.53
C GLU A 3691 6.25 73.22 5.71
N GLU A 3692 6.19 73.86 6.89
CA GLU A 3692 6.76 73.31 8.11
C GLU A 3692 5.79 73.64 9.24
N LYS A 3693 4.86 72.74 9.50
CA LYS A 3693 3.82 73.00 10.49
C LYS A 3693 4.41 73.06 11.90
N LYS A 3694 3.91 74.00 12.68
CA LYS A 3694 4.26 74.09 14.10
C LYS A 3694 3.12 73.59 14.96
N PRO A 3695 3.40 72.90 16.05
CA PRO A 3695 2.33 72.29 16.84
C PRO A 3695 1.41 73.33 17.47
N ASP A 3696 0.12 73.01 17.49
CA ASP A 3696 -0.85 73.78 18.24
C ASP A 3696 -0.70 73.49 19.73
N PRO A 3697 -1.22 74.38 20.59
CA PRO A 3697 -0.89 74.28 22.02
C PRO A 3697 -1.15 72.92 22.65
N LEU A 3698 -2.26 72.28 22.29
CA LEU A 3698 -2.55 70.96 22.85
C LEU A 3698 -1.47 69.96 22.46
N HIS A 3699 -1.00 70.03 21.21
CA HIS A 3699 0.07 69.14 20.79
C HIS A 3699 1.35 69.42 21.57
N GLN A 3700 1.66 70.69 21.80
CA GLN A 3700 2.85 71.02 22.58
C GLN A 3700 2.75 70.43 23.97
N LEU A 3701 1.57 70.51 24.59
CA LEU A 3701 1.38 69.89 25.90
C LEU A 3701 1.60 68.38 25.84
N VAL A 3702 1.08 67.73 24.81
CA VAL A 3702 1.21 66.28 24.71
C VAL A 3702 2.67 65.87 24.54
N LEU A 3703 3.40 66.58 23.68
CA LEU A 3703 4.82 66.30 23.56
C LEU A 3703 5.57 66.57 24.86
N HIS A 3704 5.18 67.60 25.61
CA HIS A 3704 5.85 67.84 26.88
C HIS A 3704 5.64 66.67 27.84
N PHE A 3705 4.41 66.17 27.91
CA PHE A 3705 4.14 65.03 28.79
C PHE A 3705 4.89 63.79 28.33
N SER A 3706 4.92 63.52 27.03
CA SER A 3706 5.68 62.37 26.56
C SER A 3706 7.16 62.54 26.84
N ARG A 3707 7.68 63.76 26.75
CA ARG A 3707 9.09 64.00 27.00
C ARG A 3707 9.44 63.74 28.46
N THR A 3708 8.64 64.28 29.39
CA THR A 3708 8.91 63.98 30.79
C THR A 3708 8.61 62.53 31.12
N ALA A 3709 7.87 61.83 30.25
CA ALA A 3709 7.69 60.39 30.43
C ALA A 3709 8.92 59.60 30.00
N LEU A 3710 9.59 60.06 28.93
CA LEU A 3710 10.64 59.26 28.31
C LEU A 3710 11.95 59.30 29.07
N THR A 3711 12.09 60.14 30.09
CA THR A 3711 13.34 60.18 30.84
C THR A 3711 13.56 58.88 31.61
N GLU A 3712 14.83 58.56 31.84
CA GLU A 3712 15.20 57.32 32.49
C GLU A 3712 15.34 57.55 33.99
N LYS A 3713 14.59 56.78 34.78
CA LYS A 3713 14.69 56.80 36.23
C LYS A 3713 14.10 55.52 36.78
N SER A 3714 14.44 55.23 38.03
CA SER A 3714 13.93 54.01 38.68
C SER A 3714 12.42 54.08 38.84
N LYS A 3715 11.90 55.23 39.25
CA LYS A 3715 10.46 55.42 39.39
C LYS A 3715 10.15 56.88 39.13
N LEU A 3716 8.89 57.16 38.80
CA LEU A 3716 8.47 58.50 38.44
C LEU A 3716 7.49 59.05 39.47
N ASP A 3717 7.58 60.35 39.69
CA ASP A 3717 6.81 61.00 40.75
C ASP A 3717 5.33 61.05 40.38
N GLU A 3718 4.53 61.51 41.33
CA GLU A 3718 3.09 61.59 41.11
C GLU A 3718 2.73 62.59 40.01
N ASP A 3719 3.34 63.77 40.03
CA ASP A 3719 3.14 64.78 38.99
C ASP A 3719 1.66 65.17 38.88
N TYR A 3720 1.18 65.82 39.94
CA TYR A 3720 -0.25 66.10 40.08
C TYR A 3720 -0.80 66.90 38.90
N LEU A 3721 0.06 67.68 38.22
CA LEU A 3721 -0.42 68.41 37.04
C LEU A 3721 -0.91 67.44 35.97
N TYR A 3722 -0.16 66.36 35.75
CA TYR A 3722 -0.61 65.36 34.78
C TYR A 3722 -1.94 64.76 35.20
N MET A 3723 -2.12 64.50 36.49
CA MET A 3723 -3.39 63.97 36.96
C MET A 3723 -4.52 64.95 36.69
N ALA A 3724 -4.26 66.24 36.90
CA ALA A 3724 -5.29 67.24 36.67
C ALA A 3724 -5.64 67.37 35.20
N TYR A 3725 -4.69 67.08 34.31
CA TYR A 3725 -4.97 67.25 32.89
C TYR A 3725 -5.50 65.98 32.22
N ALA A 3726 -5.12 64.80 32.71
CA ALA A 3726 -5.61 63.57 32.12
C ALA A 3726 -7.12 63.44 32.30
N ASP A 3727 -7.64 63.87 33.45
CA ASP A 3727 -9.08 63.83 33.66
C ASP A 3727 -9.80 64.71 32.65
N ILE A 3728 -9.26 65.90 32.38
CA ILE A 3728 -9.88 66.78 31.38
C ILE A 3728 -9.84 66.12 30.01
N MET A 3729 -8.68 65.56 29.64
CA MET A 3729 -8.58 64.94 28.32
C MET A 3729 -9.54 63.77 28.18
N ALA A 3730 -9.71 62.98 29.25
CA ALA A 3730 -10.63 61.86 29.19
C ALA A 3730 -12.08 62.34 29.11
N LYS A 3731 -12.44 63.33 29.93
CA LYS A 3731 -13.80 63.84 29.92
C LYS A 3731 -14.13 64.54 28.61
N SER A 3732 -13.12 64.94 27.84
CA SER A 3732 -13.39 65.58 26.56
C SER A 3732 -14.14 64.65 25.62
N CYS A 3733 -13.76 63.38 25.58
CA CYS A 3733 -14.35 62.43 24.64
C CYS A 3733 -15.60 61.75 25.16
N HIS A 3734 -15.99 62.00 26.41
CA HIS A 3734 -17.18 61.38 26.98
C HIS A 3734 -18.37 62.33 27.00
N LEU A 3735 -18.30 63.45 26.29
CA LEU A 3735 -19.42 64.38 26.28
C LEU A 3735 -20.67 63.74 25.71
N GLU A 3736 -20.53 62.98 24.63
CA GLU A 3736 -21.66 62.23 24.07
C GLU A 3736 -21.70 60.80 24.56
N GLU A 3737 -20.53 60.19 24.81
CA GLU A 3737 -20.52 58.83 25.36
C GLU A 3737 -21.16 58.80 26.74
N GLY A 3738 -20.83 59.76 27.59
CA GLY A 3738 -21.48 59.87 28.88
C GLY A 3738 -22.86 60.47 28.78
N GLY A 3739 -23.67 60.19 29.79
CA GLY A 3739 -25.05 60.69 29.79
C GLY A 3739 -25.99 59.95 28.86
N GLU A 3740 -25.62 59.81 27.59
CA GLU A 3740 -26.43 59.04 26.65
C GLU A 3740 -26.50 57.58 27.05
N ASN A 3741 -25.37 57.02 27.49
CA ASN A 3741 -25.32 55.63 27.92
C ASN A 3741 -26.09 55.43 29.22
N GLU A 3747 -38.37 56.83 29.84
CA GLU A 3747 -39.63 56.15 29.57
C GLU A 3747 -39.64 55.58 28.15
N GLU A 3748 -40.39 56.25 27.27
CA GLU A 3748 -40.47 55.83 25.87
C GLU A 3748 -39.30 56.40 25.06
N VAL A 3749 -38.11 55.96 25.42
CA VAL A 3749 -36.88 56.43 24.79
C VAL A 3749 -36.56 55.50 23.63
N GLU A 3750 -36.72 56.01 22.41
CA GLU A 3750 -36.38 55.28 21.19
C GLU A 3750 -35.46 56.14 20.35
N VAL A 3751 -34.38 55.55 19.85
CA VAL A 3751 -33.38 56.26 19.06
C VAL A 3751 -33.55 55.88 17.60
N SER A 3752 -33.72 56.88 16.74
CA SER A 3752 -33.87 56.63 15.31
C SER A 3752 -32.52 56.26 14.70
N PHE A 3753 -32.57 55.82 13.44
CA PHE A 3753 -31.35 55.45 12.75
C PHE A 3753 -30.42 56.65 12.58
N GLU A 3754 -30.97 57.80 12.21
CA GLU A 3754 -30.15 58.99 12.02
C GLU A 3754 -29.49 59.43 13.32
N GLU A 3755 -30.24 59.41 14.42
CA GLU A 3755 -29.66 59.77 15.71
C GLU A 3755 -28.56 58.78 16.10
N LYS A 3756 -28.78 57.49 15.85
CA LYS A 3756 -27.78 56.49 16.19
C LYS A 3756 -26.49 56.70 15.40
N GLU A 3757 -26.62 56.94 14.09
CA GLU A 3757 -25.41 57.14 13.29
C GLU A 3757 -24.73 58.47 13.61
N MET A 3758 -25.50 59.48 14.03
CA MET A 3758 -24.88 60.73 14.42
C MET A 3758 -24.14 60.59 15.74
N GLU A 3759 -24.70 59.83 16.68
CA GLU A 3759 -24.03 59.62 17.96
C GLU A 3759 -22.85 58.66 17.86
N LYS A 3760 -22.84 57.78 16.85
CA LYS A 3760 -21.62 57.04 16.58
C LYS A 3760 -20.50 57.98 16.16
N GLN A 3761 -20.84 58.98 15.34
CA GLN A 3761 -19.95 60.11 15.12
C GLN A 3761 -20.12 61.09 16.27
N ARG A 3762 -19.62 62.32 16.09
CA ARG A 3762 -19.67 63.36 17.12
C ARG A 3762 -18.78 62.99 18.30
N LEU A 3763 -18.24 61.79 18.28
CA LEU A 3763 -17.16 61.40 19.18
C LEU A 3763 -15.92 60.93 18.43
N LEU A 3764 -16.08 60.34 17.25
CA LEU A 3764 -14.92 60.09 16.40
C LEU A 3764 -14.21 61.40 16.08
N TYR A 3765 -14.97 62.45 15.79
CA TYR A 3765 -14.37 63.77 15.69
C TYR A 3765 -13.78 64.20 17.02
N GLN A 3766 -14.49 63.91 18.12
CA GLN A 3766 -13.95 64.26 19.44
C GLN A 3766 -12.66 63.51 19.71
N GLN A 3767 -12.62 62.22 19.39
CA GLN A 3767 -11.40 61.44 19.60
C GLN A 3767 -10.26 61.96 18.73
N SER A 3768 -10.55 62.28 17.48
CA SER A 3768 -9.51 62.81 16.59
C SER A 3768 -9.00 64.15 17.10
N ARG A 3769 -9.89 65.00 17.60
CA ARG A 3769 -9.47 66.29 18.14
C ARG A 3769 -8.57 66.12 19.35
N LEU A 3770 -8.68 64.99 20.04
CA LEU A 3770 -7.77 64.67 21.13
C LEU A 3770 -6.43 64.24 20.64
N HIS A 3771 -6.20 64.47 19.34
CA HIS A 3771 -4.91 64.25 18.70
C HIS A 3771 -4.48 62.79 18.86
N THR A 3772 -5.26 61.92 18.22
CA THR A 3772 -4.84 60.53 18.07
C THR A 3772 -3.43 60.43 17.50
N ARG A 3773 -2.96 61.47 16.81
CA ARG A 3773 -1.57 61.53 16.39
C ARG A 3773 -0.63 61.64 17.59
N GLY A 3774 -1.00 62.47 18.57
CA GLY A 3774 -0.11 62.70 19.70
C GLY A 3774 -0.41 61.89 20.93
N ALA A 3775 -1.69 61.80 21.31
CA ALA A 3775 -2.07 61.18 22.57
C ALA A 3775 -2.10 59.66 22.51
N ALA A 3776 -1.89 59.06 21.34
CA ALA A 3776 -1.96 57.61 21.24
C ALA A 3776 -0.87 56.95 22.06
N GLU A 3777 0.35 57.47 22.00
CA GLU A 3777 1.47 56.86 22.69
C GLU A 3777 1.71 57.44 24.09
N MET A 3778 0.95 58.47 24.47
CA MET A 3778 1.10 59.01 25.82
C MET A 3778 0.51 58.08 26.86
N VAL A 3779 -0.44 57.23 26.47
CA VAL A 3779 -1.03 56.26 27.39
C VAL A 3779 -0.32 54.93 27.21
N LEU A 3780 0.78 54.93 26.49
CA LEU A 3780 1.63 53.76 26.33
C LEU A 3780 2.98 53.93 27.02
N GLN A 3781 3.66 55.04 26.75
CA GLN A 3781 4.97 55.26 27.36
C GLN A 3781 4.86 55.27 28.88
N MET A 3782 3.85 55.97 29.41
CA MET A 3782 3.72 56.07 30.85
C MET A 3782 3.15 54.82 31.49
N ILE A 3783 2.39 54.02 30.74
CA ILE A 3783 2.06 52.68 31.23
C ILE A 3783 3.34 51.86 31.38
N SER A 3784 4.24 51.98 30.40
CA SER A 3784 5.51 51.26 30.49
C SER A 3784 6.37 51.78 31.63
N ALA A 3785 6.29 53.08 31.95
CA ALA A 3785 7.16 53.67 32.95
C ALA A 3785 6.91 53.05 34.33
N CYS A 3786 5.72 53.26 34.87
CA CYS A 3786 5.38 52.69 36.17
C CYS A 3786 5.15 51.19 36.02
N LYS A 3787 6.22 50.42 36.17
CA LYS A 3787 6.17 48.99 35.85
C LYS A 3787 5.25 48.24 36.80
N GLY A 3788 5.43 48.44 38.10
CA GLY A 3788 4.69 47.63 39.06
C GLY A 3788 3.79 48.41 39.99
N GLU A 3789 4.13 49.66 40.27
CA GLU A 3789 3.40 50.42 41.27
C GLU A 3789 1.99 50.72 40.79
N THR A 3790 1.01 50.41 41.63
CA THR A 3790 -0.40 50.63 41.30
C THR A 3790 -0.89 51.94 41.91
N GLY A 3791 -0.22 53.03 41.54
CA GLY A 3791 -0.61 54.33 42.00
C GLY A 3791 -1.82 54.87 41.26
N ALA A 3792 -2.33 56.00 41.74
CA ALA A 3792 -3.46 56.64 41.08
C ALA A 3792 -3.11 57.11 39.67
N MET A 3793 -1.81 57.32 39.40
CA MET A 3793 -1.40 57.73 38.07
C MET A 3793 -1.75 56.67 37.03
N VAL A 3794 -1.57 55.40 37.37
CA VAL A 3794 -1.97 54.33 36.46
C VAL A 3794 -3.47 54.40 36.21
N SER A 3795 -4.25 54.70 37.25
CA SER A 3795 -5.70 54.82 37.07
C SER A 3795 -6.04 55.94 36.10
N SER A 3796 -5.36 57.08 36.23
CA SER A 3796 -5.63 58.18 35.31
C SER A 3796 -5.24 57.81 33.88
N THR A 3797 -4.10 57.16 33.70
CA THR A 3797 -3.69 56.74 32.37
C THR A 3797 -4.70 55.78 31.76
N LEU A 3798 -5.17 54.82 32.55
CA LEU A 3798 -6.13 53.85 32.03
C LEU A 3798 -7.47 54.52 31.72
N LYS A 3799 -7.86 55.51 32.52
CA LYS A 3799 -9.07 56.25 32.20
C LYS A 3799 -8.94 56.98 30.87
N LEU A 3800 -7.78 57.60 30.64
CA LEU A 3800 -7.57 58.26 29.34
C LEU A 3800 -7.60 57.25 28.20
N GLY A 3801 -6.95 56.11 28.39
CA GLY A 3801 -6.93 55.10 27.35
C GLY A 3801 -8.32 54.57 27.05
N ILE A 3802 -9.15 54.42 28.08
CA ILE A 3802 -10.53 54.01 27.86
C ILE A 3802 -11.29 55.09 27.10
N SER A 3803 -11.14 56.35 27.50
CA SER A 3803 -11.88 57.42 26.86
C SER A 3803 -11.47 57.63 25.40
N ILE A 3804 -10.25 57.23 25.04
CA ILE A 3804 -9.86 57.33 23.63
C ILE A 3804 -10.34 56.13 22.85
N LEU A 3805 -10.17 54.92 23.40
CA LEU A 3805 -10.53 53.69 22.72
C LEU A 3805 -11.97 53.26 22.97
N ASN A 3806 -12.86 54.20 23.29
CA ASN A 3806 -14.17 53.87 23.83
C ASN A 3806 -14.91 52.84 22.98
N GLY A 3807 -15.19 53.18 21.72
CA GLY A 3807 -15.87 52.23 20.86
C GLY A 3807 -15.11 51.93 19.59
N GLY A 3808 -14.62 50.70 19.46
CA GLY A 3808 -13.94 50.30 18.25
C GLY A 3808 -12.71 51.14 17.93
N ASN A 3809 -12.84 52.00 16.93
CA ASN A 3809 -11.81 52.95 16.54
C ASN A 3809 -10.53 52.22 16.13
N ALA A 3810 -10.64 51.50 15.01
CA ALA A 3810 -9.50 50.74 14.50
C ALA A 3810 -8.30 51.63 14.19
N GLU A 3811 -8.51 52.93 14.00
CA GLU A 3811 -7.40 53.82 13.67
C GLU A 3811 -6.39 53.88 14.81
N VAL A 3812 -6.85 54.13 16.03
CA VAL A 3812 -5.92 54.25 17.15
C VAL A 3812 -5.32 52.91 17.49
N GLN A 3813 -6.06 51.81 17.30
CA GLN A 3813 -5.48 50.49 17.49
C GLN A 3813 -4.33 50.26 16.51
N GLN A 3814 -4.52 50.64 15.25
CA GLN A 3814 -3.45 50.52 14.28
C GLN A 3814 -2.26 51.38 14.66
N LYS A 3815 -2.51 52.60 15.14
CA LYS A 3815 -1.41 53.45 15.58
C LYS A 3815 -0.64 52.81 16.73
N MET A 3816 -1.36 52.23 17.69
CA MET A 3816 -0.70 51.61 18.84
C MET A 3816 0.15 50.42 18.40
N LEU A 3817 -0.40 49.58 17.51
CA LEU A 3817 0.40 48.46 17.01
C LEU A 3817 1.63 48.93 16.25
N ASP A 3818 1.47 49.98 15.43
CA ASP A 3818 2.63 50.50 14.71
C ASP A 3818 3.71 50.99 15.66
N TYR A 3819 3.31 51.72 16.71
CA TYR A 3819 4.30 52.19 17.68
C TYR A 3819 4.97 51.03 18.39
N LEU A 3820 4.20 50.02 18.80
CA LEU A 3820 4.78 48.88 19.50
C LEU A 3820 5.76 48.13 18.63
N LYS A 3821 5.42 47.91 17.36
CA LYS A 3821 6.34 47.22 16.47
C LYS A 3821 7.54 48.10 16.08
N ASP A 3822 7.39 49.41 16.16
CA ASP A 3822 8.50 50.30 15.82
C ASP A 3822 9.50 50.37 16.96
N LYS A 3823 9.07 50.87 18.13
CA LYS A 3823 9.98 50.99 19.25
C LYS A 3823 10.49 49.62 19.70
N LYS A 3824 9.61 48.62 19.73
CA LYS A 3824 10.00 47.22 19.92
C LYS A 3824 10.78 47.02 21.22
N GLU A 3825 10.10 47.27 22.32
CA GLU A 3825 10.72 47.15 23.64
C GLU A 3825 9.84 46.32 24.56
N VAL A 3826 10.47 45.50 25.39
CA VAL A 3826 9.78 44.74 26.41
C VAL A 3826 9.56 45.66 27.60
N GLY A 3827 8.74 45.23 28.56
CA GLY A 3827 8.47 46.03 29.73
C GLY A 3827 7.03 46.47 29.79
N PHE A 3828 6.48 46.87 28.63
CA PHE A 3828 5.07 47.23 28.57
C PHE A 3828 4.19 46.06 29.00
N PHE A 3829 4.40 44.90 28.39
CA PHE A 3829 3.65 43.72 28.81
C PHE A 3829 4.12 43.24 30.18
N GLN A 3830 5.39 43.46 30.52
CA GLN A 3830 5.84 43.18 31.86
C GLN A 3830 5.08 44.03 32.88
N SER A 3831 4.91 45.31 32.58
CA SER A 3831 4.14 46.17 33.45
C SER A 3831 2.69 45.73 33.53
N ILE A 3832 2.12 45.31 32.40
CA ILE A 3832 0.73 44.86 32.37
C ILE A 3832 0.55 43.66 33.28
N GLN A 3833 1.40 42.64 33.13
CA GLN A 3833 1.23 41.45 33.95
C GLN A 3833 1.53 41.74 35.42
N ALA A 3834 2.52 42.59 35.69
CA ALA A 3834 2.80 42.95 37.07
C ALA A 3834 1.62 43.65 37.71
N LEU A 3835 0.96 44.52 36.96
CA LEU A 3835 -0.27 45.13 37.46
C LEU A 3835 -1.34 44.09 37.72
N MET A 3836 -1.48 43.13 36.80
CA MET A 3836 -2.60 42.20 36.90
C MET A 3836 -2.42 41.22 38.06
N GLN A 3837 -1.18 40.85 38.38
CA GLN A 3837 -0.96 40.01 39.55
C GLN A 3837 -1.40 40.71 40.82
N THR A 3838 -1.10 42.00 40.93
CA THR A 3838 -1.49 42.79 42.11
C THR A 3838 -2.93 43.26 41.92
N CYS A 3839 -3.86 42.34 42.15
CA CYS A 3839 -5.28 42.65 42.05
C CYS A 3839 -6.00 41.95 43.19
N SER A 3840 -6.85 42.70 43.89
CA SER A 3840 -7.50 42.17 45.07
C SER A 3840 -8.51 41.09 44.70
N VAL A 3841 -8.60 40.07 45.54
CA VAL A 3841 -9.53 38.97 45.36
C VAL A 3841 -10.25 38.78 46.69
N LEU A 3842 -11.46 38.22 46.63
CA LEU A 3842 -12.27 38.06 47.83
C LEU A 3842 -11.53 37.24 48.88
N ASP A 3843 -11.53 37.73 50.12
CA ASP A 3843 -10.87 37.08 51.23
C ASP A 3843 -11.83 37.02 52.41
N LEU A 3844 -11.91 35.86 53.05
CA LEU A 3844 -12.85 35.68 54.15
C LEU A 3844 -12.37 36.41 55.41
N ASN A 3845 -11.06 36.42 55.66
CA ASN A 3845 -10.54 37.05 56.87
C ASN A 3845 -10.84 38.55 56.88
N ALA A 3846 -10.67 39.21 55.73
CA ALA A 3846 -11.01 40.61 55.63
C ALA A 3846 -12.50 40.83 55.88
N PHE A 3847 -13.34 39.93 55.37
CA PHE A 3847 -14.76 40.04 55.62
C PHE A 3847 -15.08 39.93 57.09
N GLU A 3848 -14.44 38.97 57.78
CA GLU A 3848 -14.66 38.83 59.22
C GLU A 3848 -14.22 40.07 59.97
N ARG A 3849 -13.06 40.62 59.59
CA ARG A 3849 -12.57 41.82 60.25
C ARG A 3849 -13.54 42.98 60.06
N GLN A 3850 -14.01 43.17 58.82
CA GLN A 3850 -14.94 44.26 58.55
C GLN A 3850 -16.24 44.06 59.31
N ASN A 3851 -16.75 42.83 59.35
CA ASN A 3851 -17.99 42.56 60.07
C ASN A 3851 -17.84 42.84 61.56
N LYS A 3852 -16.72 42.41 62.15
CA LYS A 3852 -16.51 42.67 63.58
C LYS A 3852 -16.35 44.16 63.85
N ALA A 3853 -15.66 44.88 62.96
CA ALA A 3853 -15.51 46.31 63.12
C ALA A 3853 -16.86 47.02 63.05
N GLU A 3854 -17.72 46.60 62.12
CA GLU A 3854 -19.07 47.15 62.04
C GLU A 3854 -19.85 46.83 63.31
N GLY A 3855 -19.70 45.60 63.83
CA GLY A 3855 -20.35 45.24 65.06
C GLY A 3855 -19.93 46.14 66.22
N LEU A 3856 -18.65 46.51 66.25
CA LEU A 3856 -18.19 47.49 67.22
C LEU A 3856 -18.41 48.90 66.71
N GLY A 3857 -19.64 49.19 66.29
CA GLY A 3857 -20.02 50.47 65.74
C GLY A 3857 -20.59 51.47 66.71
N MET A 3858 -20.41 51.25 68.01
CA MET A 3858 -20.93 52.14 69.04
C MET A 3858 -19.94 53.22 69.44
N VAL A 3859 -19.05 53.62 68.52
CA VAL A 3859 -18.04 54.62 68.85
C VAL A 3859 -18.71 55.95 69.20
N ASN A 3860 -18.00 56.76 69.97
CA ASN A 3860 -18.52 58.04 70.43
C ASN A 3860 -18.46 59.07 69.30
N GLU A 3861 -18.80 60.31 69.61
CA GLU A 3861 -18.81 61.37 68.61
C GLU A 3861 -17.38 61.68 68.15
N ASP A 3862 -17.29 62.26 66.95
CA ASP A 3862 -16.07 62.64 66.27
C ASP A 3862 -15.21 61.45 65.85
N GLY A 3863 -15.63 60.23 66.15
CA GLY A 3863 -14.89 59.06 65.73
C GLY A 3863 -15.76 58.00 65.07
N THR A 3864 -17.07 58.16 65.18
CA THR A 3864 -18.02 57.20 64.63
C THR A 3864 -18.50 57.58 63.23
N VAL A 3865 -17.96 58.63 62.64
CA VAL A 3865 -18.36 59.06 61.30
C VAL A 3865 -17.15 59.04 60.37
N ILE A 3866 -15.95 59.17 60.94
CA ILE A 3866 -14.73 59.17 60.13
C ILE A 3866 -14.52 57.80 59.51
N ASN A 3867 -14.66 56.75 60.30
CA ASN A 3867 -14.49 55.38 59.85
C ASN A 3867 -15.77 54.58 60.01
N ARG A 3868 -16.90 55.21 59.72
CA ARG A 3868 -18.18 54.54 59.87
C ARG A 3868 -18.35 53.43 58.83
N GLN A 3869 -18.07 53.73 57.56
CA GLN A 3869 -18.27 52.77 56.48
C GLN A 3869 -17.00 52.00 56.15
N ASN A 3870 -15.95 52.71 55.70
CA ASN A 3870 -14.69 52.08 55.26
C ASN A 3870 -14.96 50.96 54.27
N GLY A 3871 -15.82 51.24 53.29
CA GLY A 3871 -16.31 50.23 52.38
C GLY A 3871 -15.25 49.57 51.52
N GLU A 3872 -14.07 50.18 51.42
CA GLU A 3872 -12.99 49.66 50.60
C GLU A 3872 -12.08 48.71 51.38
N LYS A 3873 -12.60 48.06 52.41
CA LYS A 3873 -11.77 47.19 53.24
C LYS A 3873 -11.46 45.86 52.57
N VAL A 3874 -12.39 45.34 51.77
CA VAL A 3874 -12.27 43.98 51.26
C VAL A 3874 -11.53 43.93 49.92
N MET A 3875 -11.99 44.68 48.91
CA MET A 3875 -11.38 44.65 47.60
C MET A 3875 -10.72 45.97 47.21
N ALA A 3876 -11.46 47.07 47.20
CA ALA A 3876 -10.98 48.40 46.87
C ALA A 3876 -10.41 48.50 45.45
N ASP A 3877 -10.53 47.44 44.65
CA ASP A 3877 -10.03 47.45 43.28
C ASP A 3877 -11.16 47.34 42.26
N ASP A 3878 -12.41 47.51 42.68
CA ASP A 3878 -13.52 47.45 41.75
C ASP A 3878 -13.42 48.55 40.70
N GLU A 3879 -13.05 49.76 41.12
CA GLU A 3879 -12.86 50.86 40.20
C GLU A 3879 -11.59 50.72 39.37
N PHE A 3880 -10.77 49.72 39.64
CA PHE A 3880 -9.47 49.58 38.98
C PHE A 3880 -9.36 48.32 38.16
N THR A 3881 -9.72 47.16 38.72
CA THR A 3881 -9.61 45.91 37.97
C THR A 3881 -10.52 45.93 36.75
N GLN A 3882 -11.75 46.43 36.91
CA GLN A 3882 -12.64 46.55 35.77
C GLN A 3882 -12.05 47.47 34.73
N ASP A 3883 -11.45 48.58 35.15
CA ASP A 3883 -10.86 49.50 34.18
C ASP A 3883 -9.73 48.84 33.40
N LEU A 3884 -8.85 48.12 34.10
CA LEU A 3884 -7.73 47.47 33.42
C LEU A 3884 -8.20 46.42 32.44
N PHE A 3885 -9.14 45.57 32.86
CA PHE A 3885 -9.62 44.52 31.98
C PHE A 3885 -10.43 45.09 30.82
N ARG A 3886 -11.16 46.17 31.06
CA ARG A 3886 -11.89 46.84 29.99
C ARG A 3886 -10.92 47.43 28.96
N PHE A 3887 -9.82 48.01 29.43
CA PHE A 3887 -8.81 48.49 28.50
C PHE A 3887 -8.22 47.34 27.69
N LEU A 3888 -7.93 46.23 28.35
CA LEU A 3888 -7.37 45.09 27.62
C LEU A 3888 -8.36 44.57 26.58
N GLN A 3889 -9.65 44.52 26.91
CA GLN A 3889 -10.65 44.12 25.94
C GLN A 3889 -10.72 45.10 24.78
N LEU A 3890 -10.79 46.39 25.09
CA LEU A 3890 -10.92 47.43 24.07
C LEU A 3890 -9.68 47.51 23.18
N LEU A 3891 -8.56 46.96 23.64
CA LEU A 3891 -7.39 46.86 22.75
C LEU A 3891 -7.70 46.02 21.53
N CYS A 3892 -8.67 45.11 21.63
CA CYS A 3892 -9.09 44.27 20.53
C CYS A 3892 -10.60 44.26 20.39
N GLU A 3893 -11.23 45.44 20.53
CA GLU A 3893 -12.69 45.51 20.43
C GLU A 3893 -13.16 45.03 19.07
N GLY A 3894 -12.78 45.75 18.02
CA GLY A 3894 -12.94 45.20 16.69
C GLY A 3894 -12.04 44.01 16.49
N HIS A 3895 -12.50 43.07 15.65
CA HIS A 3895 -11.74 41.84 15.41
C HIS A 3895 -10.54 42.17 14.54
N ASN A 3896 -9.49 42.69 15.18
CA ASN A 3896 -8.32 43.16 14.46
C ASN A 3896 -7.58 42.01 13.79
N ASN A 3897 -7.54 40.84 14.44
CA ASN A 3897 -6.71 39.70 14.03
C ASN A 3897 -5.23 40.04 14.02
N ASP A 3898 -4.85 41.20 14.54
CA ASP A 3898 -3.45 41.56 14.73
C ASP A 3898 -3.12 41.66 16.21
N PHE A 3899 -3.87 42.47 16.95
CA PHE A 3899 -3.75 42.46 18.41
C PHE A 3899 -4.17 41.11 19.00
N GLN A 3900 -5.09 40.40 18.34
CA GLN A 3900 -5.47 39.08 18.82
C GLN A 3900 -4.30 38.11 18.75
N ASN A 3901 -3.36 38.34 17.85
CA ASN A 3901 -2.17 37.51 17.75
C ASN A 3901 -0.98 38.06 18.52
N TYR A 3902 -0.86 39.39 18.62
CA TYR A 3902 0.24 39.99 19.36
C TYR A 3902 0.19 39.59 20.83
N LEU A 3903 -1.00 39.63 21.43
CA LEU A 3903 -1.10 39.33 22.85
C LEU A 3903 -0.74 37.90 23.16
N ARG A 3904 -0.88 36.99 22.20
CA ARG A 3904 -0.47 35.61 22.43
C ARG A 3904 1.05 35.50 22.50
N THR A 3905 1.74 36.09 21.53
CA THR A 3905 3.19 36.07 21.49
C THR A 3905 3.69 37.26 20.70
N GLN A 3906 4.84 37.79 21.11
CA GLN A 3906 5.44 38.95 20.49
C GLN A 3906 6.70 38.52 19.75
N THR A 3907 6.66 38.59 18.43
CA THR A 3907 7.82 38.16 17.64
C THR A 3907 8.95 39.17 17.71
N GLY A 3908 8.62 40.47 17.68
CA GLY A 3908 9.65 41.48 17.66
C GLY A 3908 10.49 41.50 18.91
N ASN A 3909 9.85 41.44 20.08
CA ASN A 3909 10.58 41.48 21.33
C ASN A 3909 11.29 40.15 21.57
N THR A 3910 12.30 40.20 22.44
CA THR A 3910 13.11 39.02 22.72
C THR A 3910 12.46 38.06 23.69
N THR A 3911 11.41 38.48 24.39
CA THR A 3911 10.74 37.63 25.37
C THR A 3911 9.23 37.68 25.14
N THR A 3912 8.56 36.64 25.61
CA THR A 3912 7.12 36.46 25.42
C THR A 3912 6.42 36.43 26.77
N ILE A 3913 5.22 36.99 26.83
CA ILE A 3913 4.47 37.11 28.07
C ILE A 3913 3.18 36.29 28.06
N ASN A 3914 2.45 36.31 26.94
CA ASN A 3914 1.21 35.54 26.79
C ASN A 3914 0.18 35.94 27.85
N ILE A 3915 -0.27 37.19 27.73
CA ILE A 3915 -1.17 37.79 28.72
C ILE A 3915 -2.46 37.00 28.87
N ILE A 3916 -2.89 36.31 27.82
CA ILE A 3916 -4.12 35.53 27.88
C ILE A 3916 -4.05 34.50 28.99
N ILE A 3917 -2.92 33.80 29.09
CA ILE A 3917 -2.75 32.80 30.15
C ILE A 3917 -2.83 33.47 31.51
N CYS A 3918 -2.26 34.67 31.64
CA CYS A 3918 -2.31 35.37 32.92
C CYS A 3918 -3.74 35.74 33.28
N THR A 3919 -4.54 36.14 32.29
CA THR A 3919 -5.96 36.38 32.53
C THR A 3919 -6.65 35.10 32.99
N VAL A 3920 -6.28 33.97 32.39
CA VAL A 3920 -6.87 32.70 32.79
C VAL A 3920 -6.54 32.40 34.25
N ASP A 3921 -5.30 32.64 34.66
CA ASP A 3921 -4.91 32.41 36.05
C ASP A 3921 -5.66 33.35 36.99
N TYR A 3922 -5.83 34.61 36.61
CA TYR A 3922 -6.61 35.51 37.46
C TYR A 3922 -8.04 35.04 37.60
N LEU A 3923 -8.63 34.57 36.50
CA LEU A 3923 -9.98 34.02 36.55
C LEU A 3923 -10.03 32.81 37.47
N LEU A 3924 -9.01 31.96 37.43
CA LEU A 3924 -8.96 30.81 38.31
C LEU A 3924 -8.90 31.23 39.77
N ARG A 3925 -8.14 32.27 40.07
CA ARG A 3925 -8.09 32.78 41.44
C ARG A 3925 -9.47 33.27 41.88
N LEU A 3926 -10.16 34.00 40.99
CA LEU A 3926 -11.51 34.43 41.31
C LEU A 3926 -12.43 33.24 41.56
N GLN A 3927 -12.28 32.19 40.74
CA GLN A 3927 -13.10 30.99 40.91
C GLN A 3927 -12.87 30.36 42.27
N GLU A 3928 -11.61 30.23 42.67
CA GLU A 3928 -11.31 29.62 43.97
C GLU A 3928 -11.88 30.45 45.10
N SER A 3929 -11.73 31.78 45.03
CA SER A 3929 -12.24 32.62 46.10
C SER A 3929 -13.77 32.59 46.16
N ILE A 3930 -14.43 32.57 45.00
CA ILE A 3930 -15.89 32.51 44.98
C ILE A 3930 -16.38 31.19 45.59
N SER A 3931 -15.72 30.09 45.24
CA SER A 3931 -16.10 28.80 45.82
C SER A 3931 -15.90 28.80 47.33
N ASP A 3932 -14.81 29.39 47.81
CA ASP A 3932 -14.59 29.46 49.25
C ASP A 3932 -15.67 30.31 49.92
N PHE A 3933 -16.05 31.41 49.31
CA PHE A 3933 -17.10 32.25 49.87
C PHE A 3933 -18.42 31.50 49.94
N TYR A 3934 -18.77 30.77 48.88
CA TYR A 3934 -19.99 29.98 48.90
C TYR A 3934 -19.94 28.91 49.98
N TRP A 3935 -18.79 28.26 50.15
CA TRP A 3935 -18.66 27.26 51.21
C TRP A 3935 -18.86 27.89 52.58
N TYR A 3936 -18.31 29.09 52.78
CA TYR A 3936 -18.49 29.77 54.05
C TYR A 3936 -19.96 30.08 54.31
N TYR A 3937 -20.67 30.54 53.28
CA TYR A 3937 -22.06 30.95 53.46
C TYR A 3937 -23.05 29.82 53.24
N SER A 3938 -22.58 28.59 53.03
CA SER A 3938 -23.49 27.47 52.78
C SER A 3938 -24.38 27.19 53.98
N GLY A 3939 -23.82 27.24 55.19
CA GLY A 3939 -24.60 26.90 56.36
C GLY A 3939 -25.74 27.87 56.64
N LYS A 3940 -25.47 29.16 56.53
CA LYS A 3940 -26.50 30.16 56.79
C LYS A 3940 -27.58 30.09 55.71
N ASP A 3941 -28.84 30.22 56.14
CA ASP A 3941 -29.95 30.22 55.22
C ASP A 3941 -30.28 31.61 54.70
N VAL A 3942 -29.91 32.65 55.45
CA VAL A 3942 -30.16 34.03 55.06
C VAL A 3942 -28.81 34.72 54.87
N ILE A 3943 -28.65 35.39 53.74
CA ILE A 3943 -27.42 36.10 53.42
C ILE A 3943 -27.49 37.50 54.01
N GLU A 3944 -26.46 37.88 54.76
CA GLU A 3944 -26.41 39.21 55.33
C GLU A 3944 -26.26 40.26 54.23
N GLU A 3945 -26.71 41.48 54.52
CA GLU A 3945 -26.75 42.52 53.49
C GLU A 3945 -25.37 42.85 52.96
N GLN A 3946 -24.36 42.91 53.85
CA GLN A 3946 -23.01 43.21 53.39
C GLN A 3946 -22.48 42.11 52.48
N GLY A 3947 -22.82 40.86 52.78
CA GLY A 3947 -22.42 39.78 51.90
C GLY A 3947 -22.97 39.92 50.49
N LYS A 3948 -24.25 40.29 50.39
CA LYS A 3948 -24.85 40.51 49.08
C LYS A 3948 -24.23 41.72 48.37
N ARG A 3949 -23.97 42.80 49.11
CA ARG A 3949 -23.35 43.97 48.52
C ARG A 3949 -21.98 43.63 47.95
N ASN A 3950 -21.21 42.83 48.69
CA ASN A 3950 -19.91 42.38 48.21
C ASN A 3950 -20.06 41.45 46.99
N PHE A 3951 -21.04 40.55 47.04
CA PHE A 3951 -21.26 39.61 45.95
C PHE A 3951 -21.58 40.36 44.65
N SER A 3952 -22.32 41.45 44.75
CA SER A 3952 -22.69 42.20 43.56
C SER A 3952 -21.46 42.69 42.79
N LYS A 3953 -20.53 43.34 43.50
CA LYS A 3953 -19.34 43.85 42.83
C LYS A 3953 -18.42 42.71 42.40
N ALA A 3954 -18.36 41.62 43.17
CA ALA A 3954 -17.55 40.48 42.74
C ALA A 3954 -18.08 39.92 41.42
N MET A 3955 -19.40 39.77 41.31
CA MET A 3955 -19.98 39.26 40.08
C MET A 3955 -19.81 40.24 38.92
N SER A 3956 -19.87 41.55 39.21
CA SER A 3956 -19.63 42.52 38.14
C SER A 3956 -18.21 42.40 37.59
N VAL A 3957 -17.23 42.25 38.48
CA VAL A 3957 -15.85 42.07 38.03
C VAL A 3957 -15.71 40.77 37.24
N ALA A 3958 -16.37 39.71 37.70
CA ALA A 3958 -16.33 38.44 36.97
C ALA A 3958 -16.93 38.60 35.58
N LYS A 3959 -18.03 39.34 35.46
CA LYS A 3959 -18.64 39.58 34.15
C LYS A 3959 -17.69 40.33 33.23
N GLN A 3960 -17.02 41.35 33.77
CA GLN A 3960 -16.06 42.09 32.95
C GLN A 3960 -14.92 41.19 32.47
N VAL A 3961 -14.42 40.34 33.37
CA VAL A 3961 -13.36 39.40 32.99
C VAL A 3961 -13.85 38.46 31.91
N PHE A 3962 -15.09 37.97 32.04
CA PHE A 3962 -15.63 37.06 31.04
C PHE A 3962 -15.74 37.75 29.69
N ASN A 3963 -16.20 38.99 29.66
CA ASN A 3963 -16.29 39.72 28.40
C ASN A 3963 -14.91 39.89 27.77
N SER A 3964 -13.91 40.27 28.58
CA SER A 3964 -12.57 40.46 28.05
C SER A 3964 -12.01 39.15 27.51
N LEU A 3965 -12.26 38.04 28.19
CA LEU A 3965 -11.81 36.75 27.69
C LEU A 3965 -12.50 36.39 26.38
N THR A 3966 -13.80 36.66 26.29
CA THR A 3966 -14.52 36.34 25.07
C THR A 3966 -13.99 37.13 23.89
N GLU A 3967 -13.61 38.39 24.12
CA GLU A 3967 -13.22 39.26 23.02
C GLU A 3967 -11.98 38.80 22.28
N TYR A 3968 -11.39 37.68 22.70
CA TYR A 3968 -10.24 37.11 22.01
C TYR A 3968 -10.61 35.99 21.04
N ILE A 3969 -11.47 35.06 21.48
CA ILE A 3969 -11.83 33.92 20.64
C ILE A 3969 -12.68 34.35 19.46
N GLN A 3970 -13.56 35.32 19.67
CA GLN A 3970 -14.48 35.74 18.62
C GLN A 3970 -13.70 36.20 17.39
N GLY A 3971 -14.15 35.75 16.22
CA GLY A 3971 -13.38 35.93 15.02
C GLY A 3971 -12.32 34.85 14.94
N PRO A 3972 -12.15 34.24 13.77
CA PRO A 3972 -11.27 33.07 13.67
C PRO A 3972 -9.83 33.40 14.02
N CYS A 3973 -9.36 32.84 15.14
CA CYS A 3973 -7.97 33.01 15.59
C CYS A 3973 -7.55 31.68 16.17
N THR A 3974 -6.87 30.87 15.36
CA THR A 3974 -6.55 29.50 15.74
C THR A 3974 -5.65 29.46 16.97
N GLY A 3975 -4.67 30.35 17.05
CA GLY A 3975 -3.72 30.31 18.15
C GLY A 3975 -4.39 30.54 19.50
N ASN A 3976 -5.25 31.56 19.58
CA ASN A 3976 -5.94 31.84 20.83
C ASN A 3976 -6.83 30.68 21.24
N GLN A 3977 -7.56 30.11 20.28
CA GLN A 3977 -8.44 28.98 20.60
C GLN A 3977 -7.63 27.80 21.11
N GLN A 3978 -6.51 27.48 20.46
CA GLN A 3978 -5.70 26.35 20.91
C GLN A 3978 -5.12 26.61 22.30
N SER A 3979 -4.61 27.82 22.53
CA SER A 3979 -4.02 28.12 23.82
C SER A 3979 -5.06 28.04 24.94
N LEU A 3980 -6.26 28.56 24.69
CA LEU A 3980 -7.30 28.45 25.70
C LEU A 3980 -7.78 27.02 25.87
N ALA A 3981 -7.72 26.22 24.81
CA ALA A 3981 -8.08 24.81 24.93
C ALA A 3981 -7.08 24.06 25.81
N HIS A 3982 -5.79 24.38 25.69
CA HIS A 3982 -4.78 23.69 26.47
C HIS A 3982 -4.52 24.32 27.83
N SER A 3983 -5.19 25.42 28.15
CA SER A 3983 -4.92 26.14 29.39
C SER A 3983 -5.70 25.51 30.55
N ARG A 3984 -5.70 26.19 31.69
CA ARG A 3984 -6.44 25.76 32.86
C ARG A 3984 -7.87 26.28 32.87
N LEU A 3985 -8.40 26.67 31.71
CA LEU A 3985 -9.75 27.21 31.65
C LEU A 3985 -10.79 26.18 32.07
N TRP A 3986 -10.54 24.90 31.77
CA TRP A 3986 -11.54 23.86 32.03
C TRP A 3986 -11.83 23.74 33.52
N ASP A 3987 -10.79 23.78 34.36
CA ASP A 3987 -11.02 23.70 35.80
C ASP A 3987 -11.82 24.90 36.29
N ALA A 3988 -11.49 26.09 35.78
CA ALA A 3988 -12.22 27.28 36.18
C ALA A 3988 -13.69 27.17 35.82
N VAL A 3989 -13.99 26.73 34.60
CA VAL A 3989 -15.38 26.69 34.17
C VAL A 3989 -16.15 25.59 34.88
N VAL A 3990 -15.52 24.44 35.15
CA VAL A 3990 -16.25 23.38 35.85
C VAL A 3990 -16.53 23.78 37.29
N GLY A 3991 -15.56 24.40 37.97
CA GLY A 3991 -15.83 24.92 39.29
C GLY A 3991 -16.91 25.99 39.27
N PHE A 3992 -16.92 26.80 38.21
CA PHE A 3992 -17.95 27.81 38.10
C PHE A 3992 -19.33 27.18 37.98
N LEU A 3993 -19.46 26.13 37.18
CA LEU A 3993 -20.74 25.44 37.09
C LEU A 3993 -21.16 24.89 38.44
N HIS A 3994 -20.21 24.28 39.16
CA HIS A 3994 -20.52 23.71 40.46
C HIS A 3994 -21.02 24.77 41.43
N VAL A 3995 -20.35 25.92 41.48
CA VAL A 3995 -20.82 26.96 42.39
C VAL A 3995 -22.15 27.54 41.90
N PHE A 3996 -22.32 27.67 40.58
CA PHE A 3996 -23.55 28.26 40.04
C PHE A 3996 -24.77 27.48 40.49
N ALA A 3997 -24.73 26.16 40.33
CA ALA A 3997 -25.94 25.36 40.55
C ALA A 3997 -26.42 25.49 42.00
N HIS A 3998 -25.53 25.22 42.95
CA HIS A 3998 -25.90 25.32 44.36
C HIS A 3998 -26.26 26.75 44.74
N MET A 3999 -25.51 27.73 44.24
CA MET A 3999 -25.74 29.11 44.62
C MET A 3999 -27.13 29.56 44.21
N MET A 4000 -27.51 29.25 42.97
CA MET A 4000 -28.83 29.66 42.50
C MET A 4000 -29.94 28.85 43.16
N MET A 4001 -29.70 27.56 43.44
CA MET A 4001 -30.73 26.78 44.12
C MET A 4001 -30.99 27.32 45.52
N LYS A 4002 -29.93 27.73 46.22
CA LYS A 4002 -30.13 28.33 47.54
C LYS A 4002 -30.77 29.71 47.44
N LEU A 4003 -30.43 30.46 46.39
CA LEU A 4003 -31.02 31.79 46.23
C LEU A 4003 -32.50 31.72 45.89
N ALA A 4004 -32.95 30.64 45.26
CA ALA A 4004 -34.31 30.55 44.76
C ALA A 4004 -35.34 30.27 45.86
N GLN A 4005 -34.98 30.40 47.14
CA GLN A 4005 -35.88 30.05 48.24
C GLN A 4005 -36.28 31.25 49.08
N ASP A 4006 -36.09 32.47 48.56
CA ASP A 4006 -36.51 33.66 49.30
C ASP A 4006 -36.82 34.78 48.31
N SER A 4007 -37.83 35.59 48.65
CA SER A 4007 -38.24 36.67 47.77
C SER A 4007 -37.28 37.85 47.83
N SER A 4008 -36.63 38.08 48.96
CA SER A 4008 -35.81 39.27 49.13
C SER A 4008 -34.42 39.13 48.51
N GLN A 4009 -34.06 37.96 47.99
CA GLN A 4009 -32.72 37.73 47.47
C GLN A 4009 -32.72 37.49 45.95
N ILE A 4010 -33.78 37.93 45.25
CA ILE A 4010 -33.80 37.79 43.80
C ILE A 4010 -32.84 38.75 43.12
N GLU A 4011 -32.48 39.84 43.78
CA GLU A 4011 -31.55 40.81 43.19
C GLU A 4011 -30.22 40.16 42.87
N LEU A 4012 -29.79 39.20 43.68
CA LEU A 4012 -28.58 38.46 43.37
C LEU A 4012 -28.83 37.43 42.27
N LEU A 4013 -30.01 36.83 42.26
CA LEU A 4013 -30.29 35.76 41.30
C LEU A 4013 -30.31 36.29 39.87
N LYS A 4014 -30.88 37.49 39.66
CA LYS A 4014 -30.91 38.04 38.31
C LYS A 4014 -29.50 38.29 37.79
N GLU A 4015 -28.63 38.83 38.64
CA GLU A 4015 -27.24 39.05 38.23
C GLU A 4015 -26.52 37.73 37.99
N LEU A 4016 -26.83 36.71 38.81
CA LEU A 4016 -26.22 35.40 38.60
C LEU A 4016 -26.63 34.81 37.26
N LEU A 4017 -27.90 34.96 36.88
CA LEU A 4017 -28.35 34.49 35.59
C LEU A 4017 -27.71 35.27 34.45
N ASP A 4018 -27.57 36.58 34.62
CA ASP A 4018 -26.87 37.38 33.62
C ASP A 4018 -25.45 36.88 33.43
N LEU A 4019 -24.76 36.59 34.53
CA LEU A 4019 -23.41 36.07 34.42
C LEU A 4019 -23.40 34.67 33.82
N GLN A 4020 -24.47 33.89 34.04
CA GLN A 4020 -24.62 32.61 33.37
C GLN A 4020 -24.59 32.79 31.86
N LYS A 4021 -25.38 33.75 31.37
CA LYS A 4021 -25.38 34.03 29.93
C LYS A 4021 -24.00 34.47 29.46
N ASP A 4022 -23.36 35.36 30.22
CA ASP A 4022 -22.04 35.84 29.83
C ASP A 4022 -21.03 34.70 29.77
N MET A 4023 -21.11 33.75 30.70
CA MET A 4023 -20.18 32.64 30.72
C MET A 4023 -20.42 31.70 29.54
N VAL A 4024 -21.68 31.33 29.31
CA VAL A 4024 -21.96 30.40 28.22
C VAL A 4024 -21.66 31.02 26.86
N VAL A 4025 -21.68 32.35 26.78
CA VAL A 4025 -21.27 33.01 25.54
C VAL A 4025 -19.83 32.67 25.20
N MET A 4026 -18.97 32.52 26.21
CA MET A 4026 -17.58 32.16 25.94
C MET A 4026 -17.50 30.80 25.25
N LEU A 4027 -18.22 29.80 25.76
CA LEU A 4027 -18.19 28.49 25.13
C LEU A 4027 -18.77 28.54 23.73
N LEU A 4028 -19.85 29.30 23.54
CA LEU A 4028 -20.43 29.44 22.21
C LEU A 4028 -19.41 30.01 21.24
N SER A 4029 -18.67 31.03 21.66
CA SER A 4029 -17.62 31.59 20.83
C SER A 4029 -16.49 30.59 20.60
N LEU A 4030 -16.19 29.78 21.62
CA LEU A 4030 -15.11 28.81 21.50
C LEU A 4030 -15.45 27.73 20.48
N LEU A 4031 -16.74 27.44 20.30
CA LEU A 4031 -17.12 26.50 19.25
C LEU A 4031 -16.73 27.00 17.88
N GLU A 4032 -17.34 28.11 17.45
CA GLU A 4032 -17.00 28.83 16.22
C GLU A 4032 -16.73 27.88 15.04
N GLY A 4033 -17.78 27.14 14.69
CA GLY A 4033 -17.76 26.34 13.48
C GLY A 4033 -16.63 25.33 13.41
N ASN A 4034 -16.41 24.60 14.50
CA ASN A 4034 -15.38 23.57 14.50
C ASN A 4034 -15.79 22.41 13.61
N VAL A 4035 -14.79 21.66 13.16
CA VAL A 4035 -15.05 20.46 12.37
C VAL A 4035 -15.87 19.48 13.21
N VAL A 4036 -16.66 18.64 12.53
CA VAL A 4036 -17.54 17.66 13.14
C VAL A 4036 -16.84 16.92 14.27
N ASN A 4037 -15.56 16.61 14.07
CA ASN A 4037 -14.72 15.97 15.09
C ASN A 4037 -13.46 16.80 15.32
N GLY A 4038 -13.63 18.10 15.52
CA GLY A 4038 -12.54 19.04 15.60
C GLY A 4038 -11.76 19.08 16.89
N MET A 4039 -12.03 18.13 17.81
CA MET A 4039 -11.25 17.92 19.02
C MET A 4039 -11.51 19.02 20.04
N ILE A 4040 -12.20 20.09 19.63
CA ILE A 4040 -12.68 21.08 20.58
C ILE A 4040 -14.04 20.69 21.13
N ALA A 4041 -14.94 20.23 20.25
CA ALA A 4041 -16.20 19.68 20.71
C ALA A 4041 -15.98 18.45 21.59
N ARG A 4042 -14.96 17.66 21.27
CA ARG A 4042 -14.65 16.49 22.09
C ARG A 4042 -14.30 16.91 23.52
N GLN A 4043 -13.44 17.92 23.66
CA GLN A 4043 -13.11 18.38 25.00
C GLN A 4043 -14.29 19.07 25.68
N MET A 4044 -15.18 19.69 24.89
CA MET A 4044 -16.38 20.26 25.47
C MET A 4044 -17.27 19.16 26.08
N VAL A 4045 -17.45 18.07 25.34
CA VAL A 4045 -18.20 16.93 25.86
C VAL A 4045 -17.50 16.36 27.09
N ASP A 4046 -16.17 16.31 27.06
CA ASP A 4046 -15.42 15.79 28.21
C ASP A 4046 -15.66 16.65 29.44
N MET A 4047 -15.58 17.98 29.30
CA MET A 4047 -15.87 18.85 30.42
C MET A 4047 -17.29 18.66 30.90
N LEU A 4048 -18.24 18.48 29.98
CA LEU A 4048 -19.62 18.34 30.38
C LEU A 4048 -19.83 17.08 31.21
N VAL A 4049 -19.20 15.98 30.81
CA VAL A 4049 -19.39 14.73 31.55
C VAL A 4049 -18.62 14.76 32.87
N GLU A 4050 -17.47 15.44 32.94
CA GLU A 4050 -16.81 15.59 34.24
C GLU A 4050 -17.67 16.41 35.20
N SER A 4051 -18.50 17.29 34.68
CA SER A 4051 -19.45 18.06 35.48
C SER A 4051 -20.85 17.49 35.37
N SER A 4052 -20.97 16.16 35.29
CA SER A 4052 -22.27 15.54 35.08
C SER A 4052 -23.24 15.89 36.19
N SER A 4053 -22.77 15.87 37.44
CA SER A 4053 -23.67 16.17 38.54
C SER A 4053 -24.21 17.60 38.44
N ASN A 4054 -23.34 18.57 38.16
CA ASN A 4054 -23.73 19.97 38.22
C ASN A 4054 -24.83 20.29 37.21
N VAL A 4055 -24.75 19.71 36.02
CA VAL A 4055 -25.72 20.03 34.98
C VAL A 4055 -27.13 19.59 35.38
N GLU A 4056 -27.23 18.55 36.21
CA GLU A 4056 -28.53 18.00 36.54
C GLU A 4056 -29.42 19.00 37.27
N MET A 4057 -28.92 19.65 38.32
CA MET A 4057 -29.78 20.54 39.07
C MET A 4057 -30.16 21.78 38.29
N ILE A 4058 -29.26 22.32 37.45
CA ILE A 4058 -29.65 23.48 36.65
C ILE A 4058 -30.71 23.09 35.63
N LEU A 4059 -30.52 21.97 34.92
CA LEU A 4059 -31.53 21.54 33.96
C LEU A 4059 -32.86 21.26 34.65
N LYS A 4060 -32.82 20.61 35.80
CA LYS A 4060 -34.04 20.28 36.52
C LYS A 4060 -34.75 21.54 37.02
N PHE A 4061 -33.98 22.53 37.50
CA PHE A 4061 -34.60 23.79 37.89
C PHE A 4061 -35.32 24.43 36.72
N PHE A 4062 -34.66 24.45 35.56
CA PHE A 4062 -35.29 25.04 34.38
C PHE A 4062 -36.58 24.32 34.03
N ASP A 4063 -36.55 22.98 33.99
CA ASP A 4063 -37.74 22.27 33.54
C ASP A 4063 -38.85 22.30 34.58
N MET A 4064 -38.52 22.27 35.88
CA MET A 4064 -39.57 22.43 36.88
C MET A 4064 -40.23 23.79 36.78
N PHE A 4065 -39.44 24.85 36.62
CA PHE A 4065 -40.07 26.16 36.56
C PHE A 4065 -40.81 26.39 35.25
N LEU A 4066 -40.48 25.64 34.21
CA LEU A 4066 -41.33 25.66 33.02
C LEU A 4066 -42.64 24.91 33.26
N LYS A 4067 -42.55 23.71 33.84
CA LYS A 4067 -43.74 22.88 33.99
C LYS A 4067 -44.69 23.43 35.04
N LEU A 4068 -44.18 24.19 36.01
CA LEU A 4068 -45.07 24.77 37.02
C LEU A 4068 -46.01 25.79 36.39
N LYS A 4069 -45.50 26.61 35.47
CA LYS A 4069 -46.38 27.52 34.73
C LYS A 4069 -47.18 26.78 33.69
N ASP A 4070 -46.66 25.66 33.18
CA ASP A 4070 -47.44 24.84 32.27
C ASP A 4070 -48.70 24.31 32.93
N ILE A 4071 -48.58 23.84 34.18
CA ILE A 4071 -49.73 23.29 34.89
C ILE A 4071 -50.72 24.39 35.25
N VAL A 4072 -50.22 25.54 35.70
CA VAL A 4072 -51.09 26.64 36.07
C VAL A 4072 -51.83 27.13 34.83
N GLY A 4073 -53.15 27.27 34.95
CA GLY A 4073 -54.00 27.63 33.85
C GLY A 4073 -54.74 26.47 33.22
N SER A 4074 -54.28 25.24 33.43
CA SER A 4074 -55.00 24.08 32.95
C SER A 4074 -56.24 23.84 33.79
N GLU A 4075 -57.26 23.27 33.16
CA GLU A 4075 -58.50 22.98 33.88
C GLU A 4075 -58.32 21.93 34.96
N ALA A 4076 -57.27 21.12 34.87
CA ALA A 4076 -57.02 20.10 35.89
C ALA A 4076 -56.72 20.72 37.25
N PHE A 4077 -55.97 21.81 37.26
CA PHE A 4077 -55.58 22.46 38.51
C PHE A 4077 -56.38 23.73 38.80
N GLN A 4078 -56.69 24.53 37.78
CA GLN A 4078 -57.39 25.79 38.01
C GLN A 4078 -58.78 25.60 38.60
N ASP A 4079 -59.34 24.39 38.49
CA ASP A 4079 -60.66 24.13 39.05
C ASP A 4079 -60.66 24.22 40.57
N TYR A 4080 -59.50 24.19 41.21
CA TYR A 4080 -59.41 24.12 42.66
C TYR A 4080 -59.45 25.49 43.32
N VAL A 4081 -59.61 26.57 42.56
CA VAL A 4081 -59.71 27.90 43.15
C VAL A 4081 -61.00 27.99 43.96
N THR A 4082 -60.92 28.54 45.17
CA THR A 4082 -62.06 28.69 46.05
C THR A 4082 -62.20 30.09 46.62
N ASP A 4083 -61.36 31.03 46.20
CA ASP A 4083 -61.36 32.37 46.74
C ASP A 4083 -61.30 33.36 45.58
N PRO A 4084 -62.19 34.36 45.56
CA PRO A 4084 -62.16 35.34 44.45
C PRO A 4084 -60.85 36.11 44.35
N ARG A 4085 -60.21 36.42 45.48
CA ARG A 4085 -58.96 37.16 45.45
C ARG A 4085 -57.87 36.37 44.75
N GLY A 4086 -57.79 35.07 45.02
CA GLY A 4086 -56.79 34.23 44.39
C GLY A 4086 -56.11 33.30 45.37
N LEU A 4087 -56.37 33.47 46.66
CA LEU A 4087 -55.77 32.63 47.68
C LEU A 4087 -56.21 31.19 47.51
N ILE A 4088 -55.27 30.32 47.16
CA ILE A 4088 -55.55 28.89 47.04
C ILE A 4088 -55.33 28.24 48.40
N SER A 4089 -55.85 27.03 48.56
CA SER A 4089 -55.64 26.30 49.81
C SER A 4089 -54.15 26.02 50.00
N LYS A 4090 -53.72 26.00 51.26
CA LYS A 4090 -52.33 25.76 51.56
C LYS A 4090 -51.90 24.36 51.14
N LYS A 4091 -52.83 23.42 51.14
CA LYS A 4091 -52.57 22.07 50.63
C LYS A 4091 -53.15 21.86 49.24
N ASP A 4092 -53.57 22.93 48.58
CA ASP A 4092 -54.08 22.81 47.21
C ASP A 4092 -53.00 22.30 46.28
N PHE A 4093 -51.76 22.77 46.46
CA PHE A 4093 -50.68 22.34 45.58
C PHE A 4093 -50.46 20.84 45.65
N GLN A 4094 -50.47 20.27 46.86
CA GLN A 4094 -50.25 18.83 46.97
C GLN A 4094 -51.35 18.05 46.26
N LYS A 4095 -52.60 18.44 46.47
CA LYS A 4095 -53.70 17.73 45.83
C LYS A 4095 -53.64 17.84 44.31
N ALA A 4096 -53.35 19.04 43.80
CA ALA A 4096 -53.33 19.25 42.36
C ALA A 4096 -52.05 18.80 41.69
N MET A 4097 -51.03 18.45 42.47
CA MET A 4097 -49.70 18.23 41.94
C MET A 4097 -49.25 16.79 42.11
N ASP A 4098 -49.42 16.22 43.30
CA ASP A 4098 -49.07 14.81 43.51
C ASP A 4098 -49.99 13.92 42.68
N SER A 4099 -51.28 14.25 42.63
CA SER A 4099 -52.22 13.43 41.87
C SER A 4099 -51.84 13.38 40.39
N GLN A 4100 -51.41 14.51 39.84
CA GLN A 4100 -50.94 14.54 38.47
C GLN A 4100 -49.59 13.81 38.36
N LYS A 4101 -49.23 13.47 37.14
CA LYS A 4101 -48.06 12.65 36.87
C LYS A 4101 -46.82 13.55 36.74
N GLN A 4102 -45.73 12.96 36.25
CA GLN A 4102 -44.49 13.63 35.84
C GLN A 4102 -43.80 14.40 36.96
N PHE A 4103 -44.22 14.22 38.21
CA PHE A 4103 -43.59 14.93 39.32
C PHE A 4103 -43.38 13.97 40.49
N THR A 4104 -42.41 14.32 41.34
CA THR A 4104 -41.98 13.48 42.45
C THR A 4104 -42.27 14.17 43.78
N GLY A 4105 -42.36 13.37 44.82
CA GLY A 4105 -42.68 13.83 46.16
C GLY A 4105 -41.84 15.00 46.65
N PRO A 4106 -40.51 14.83 46.70
CA PRO A 4106 -39.66 15.93 47.18
C PRO A 4106 -39.83 17.21 46.39
N GLU A 4107 -40.12 17.10 45.09
CA GLU A 4107 -40.29 18.30 44.27
C GLU A 4107 -41.47 19.13 44.75
N ILE A 4108 -42.54 18.47 45.21
CA ILE A 4108 -43.72 19.20 45.67
C ILE A 4108 -43.37 20.05 46.89
N GLN A 4109 -42.66 19.47 47.85
CA GLN A 4109 -42.23 20.21 49.02
C GLN A 4109 -41.26 21.32 48.64
N PHE A 4110 -40.36 21.05 47.69
CA PHE A 4110 -39.42 22.08 47.25
C PHE A 4110 -40.16 23.26 46.65
N LEU A 4111 -41.16 22.99 45.79
CA LEU A 4111 -41.91 24.05 45.16
C LEU A 4111 -42.75 24.82 46.18
N LEU A 4112 -43.33 24.12 47.15
CA LEU A 4112 -44.08 24.81 48.20
C LEU A 4112 -43.16 25.70 49.02
N SER A 4113 -41.95 25.23 49.30
CA SER A 4113 -40.96 26.06 50.00
C SER A 4113 -40.61 27.28 49.18
N CYS A 4114 -40.43 27.11 47.87
CA CYS A 4114 -40.18 28.26 47.00
C CYS A 4114 -41.38 29.21 47.01
N SER A 4115 -42.59 28.66 47.03
CA SER A 4115 -43.77 29.47 47.18
C SER A 4115 -43.80 30.14 48.54
N GLU A 4116 -44.34 31.35 48.57
CA GLU A 4116 -44.43 32.13 49.81
C GLU A 4116 -45.77 31.85 50.49
N ALA A 4117 -45.71 31.23 51.67
CA ALA A 4117 -46.94 30.92 52.39
C ALA A 4117 -47.70 32.19 52.78
N ASP A 4118 -46.98 33.22 53.21
CA ASP A 4118 -47.57 34.52 53.59
C ASP A 4118 -48.63 34.32 54.68
N GLU A 4119 -48.16 33.85 55.84
CA GLU A 4119 -48.99 33.61 57.03
C GLU A 4119 -50.27 32.84 56.69
N ASN A 4120 -50.20 32.02 55.64
CA ASN A 4120 -51.36 31.26 55.15
C ASN A 4120 -52.53 32.18 54.84
N GLU A 4121 -52.22 33.34 54.25
CA GLU A 4121 -53.24 34.30 53.84
C GLU A 4121 -53.31 34.50 52.33
N MET A 4122 -52.20 34.27 51.62
CA MET A 4122 -52.19 34.40 50.17
C MET A 4122 -51.04 33.59 49.61
N ILE A 4123 -51.23 33.03 48.43
CA ILE A 4123 -50.17 32.35 47.71
C ILE A 4123 -50.03 32.98 46.32
N ASN A 4124 -51.14 33.51 45.81
CA ASN A 4124 -51.18 34.17 44.51
C ASN A 4124 -50.46 33.35 43.44
N PHE A 4125 -51.01 32.16 43.17
CA PHE A 4125 -50.42 31.27 42.18
C PHE A 4125 -50.31 31.92 40.81
N GLU A 4126 -51.19 32.88 40.52
CA GLU A 4126 -51.16 33.53 39.20
C GLU A 4126 -49.87 34.31 38.98
N GLU A 4127 -49.52 35.19 39.92
CA GLU A 4127 -48.35 36.05 39.76
C GLU A 4127 -47.07 35.43 40.30
N PHE A 4128 -47.15 34.33 41.03
CA PHE A 4128 -45.97 33.64 41.52
C PHE A 4128 -45.49 32.55 40.57
N ALA A 4129 -46.15 32.38 39.43
CA ALA A 4129 -45.75 31.41 38.41
C ALA A 4129 -45.15 32.08 37.19
N ASN A 4130 -44.93 33.40 37.23
CA ASN A 4130 -44.51 34.14 36.05
C ASN A 4130 -43.27 34.98 36.30
N ARG A 4131 -43.05 35.39 37.55
CA ARG A 4131 -41.90 36.25 37.84
C ARG A 4131 -40.58 35.54 37.64
N PHE A 4132 -40.56 34.22 37.80
CA PHE A 4132 -39.33 33.45 37.68
C PHE A 4132 -39.11 32.90 36.28
N GLN A 4133 -39.98 33.22 35.33
CA GLN A 4133 -39.85 32.75 33.96
C GLN A 4133 -39.36 33.82 33.00
N GLU A 4134 -39.40 35.09 33.39
CA GLU A 4134 -38.96 36.17 32.52
C GLU A 4134 -37.43 36.29 32.45
N PRO A 4135 -36.72 36.40 33.57
CA PRO A 4135 -35.26 36.62 33.46
C PRO A 4135 -34.50 35.42 32.94
N ALA A 4136 -35.01 34.20 33.13
CA ALA A 4136 -34.25 33.00 32.77
C ALA A 4136 -34.36 32.63 31.30
N ARG A 4137 -35.12 33.40 30.51
CA ARG A 4137 -35.32 33.04 29.11
C ARG A 4137 -34.02 33.08 28.33
N ASP A 4138 -33.19 34.09 28.56
CA ASP A 4138 -31.93 34.21 27.83
C ASP A 4138 -31.04 33.01 28.09
N ILE A 4139 -30.90 32.63 29.36
CA ILE A 4139 -30.03 31.51 29.73
C ILE A 4139 -30.59 30.21 29.19
N GLY A 4140 -31.91 30.03 29.25
CA GLY A 4140 -32.50 28.82 28.69
C GLY A 4140 -32.24 28.71 27.20
N PHE A 4141 -32.43 29.82 26.48
CA PHE A 4141 -32.16 29.80 25.04
C PHE A 4141 -30.70 29.51 24.76
N ASN A 4142 -29.79 30.11 25.54
CA ASN A 4142 -28.37 29.90 25.30
C ASN A 4142 -27.97 28.45 25.55
N VAL A 4143 -28.47 27.86 26.64
CA VAL A 4143 -28.10 26.47 26.94
C VAL A 4143 -28.71 25.54 25.91
N ALA A 4144 -29.93 25.83 25.44
CA ALA A 4144 -30.51 25.02 24.37
C ALA A 4144 -29.67 25.12 23.10
N VAL A 4145 -29.20 26.33 22.78
CA VAL A 4145 -28.36 26.52 21.60
C VAL A 4145 -27.08 25.70 21.74
N LEU A 4146 -26.46 25.76 22.92
CA LEU A 4146 -25.21 25.03 23.14
C LEU A 4146 -25.42 23.53 23.00
N LEU A 4147 -26.48 23.01 23.61
CA LEU A 4147 -26.75 21.58 23.53
C LEU A 4147 -27.02 21.16 22.09
N THR A 4148 -27.83 21.94 21.37
CA THR A 4148 -28.11 21.61 19.98
C THR A 4148 -26.85 21.64 19.14
N ASN A 4149 -25.99 22.64 19.36
CA ASN A 4149 -24.77 22.77 18.59
C ASN A 4149 -23.86 21.58 18.82
N LEU A 4150 -23.67 21.19 20.08
CA LEU A 4150 -22.82 20.04 20.35
C LEU A 4150 -23.42 18.76 19.77
N SER A 4151 -24.73 18.57 19.91
CA SER A 4151 -25.35 17.35 19.40
C SER A 4151 -25.21 17.27 17.88
N GLU A 4152 -25.40 18.39 17.19
CA GLU A 4152 -25.35 18.37 15.73
C GLU A 4152 -23.93 18.24 15.21
N HIS A 4153 -22.98 18.96 15.81
CA HIS A 4153 -21.62 18.97 15.28
C HIS A 4153 -20.96 17.61 15.42
N VAL A 4154 -21.04 16.99 16.60
CA VAL A 4154 -20.45 15.68 16.84
C VAL A 4154 -21.57 14.69 17.13
N PRO A 4155 -21.77 13.67 16.31
CA PRO A 4155 -22.78 12.65 16.62
C PRO A 4155 -22.19 11.47 17.38
N HIS A 4156 -23.04 10.51 17.74
CA HIS A 4156 -22.62 9.26 18.38
C HIS A 4156 -21.87 9.53 19.68
N ASP A 4157 -22.56 10.20 20.61
CA ASP A 4157 -22.03 10.51 21.93
C ASP A 4157 -23.03 10.01 22.96
N PRO A 4158 -22.90 8.75 23.38
CA PRO A 4158 -23.88 8.18 24.34
C PRO A 4158 -23.96 8.97 25.62
N ARG A 4159 -22.86 9.52 26.10
CA ARG A 4159 -22.91 10.38 27.29
C ARG A 4159 -23.75 11.62 27.02
N LEU A 4160 -23.58 12.22 25.83
CA LEU A 4160 -24.35 13.41 25.49
C LEU A 4160 -25.84 13.09 25.34
N ARG A 4161 -26.17 11.84 25.03
CA ARG A 4161 -27.57 11.47 24.90
C ARG A 4161 -28.32 11.65 26.20
N ASN A 4162 -27.65 11.45 27.33
CA ASN A 4162 -28.30 11.65 28.63
C ASN A 4162 -28.76 13.09 28.79
N PHE A 4163 -27.87 14.05 28.50
CA PHE A 4163 -28.26 15.45 28.57
C PHE A 4163 -29.32 15.78 27.53
N LEU A 4164 -29.19 15.21 26.33
CA LEU A 4164 -30.16 15.49 25.27
C LEU A 4164 -31.57 15.08 25.71
N GLU A 4165 -31.72 13.88 26.24
CA GLU A 4165 -33.03 13.43 26.69
C GLU A 4165 -33.46 14.12 27.97
N LEU A 4166 -32.52 14.60 28.78
CA LEU A 4166 -32.87 15.30 30.01
C LEU A 4166 -33.38 16.71 29.76
N ALA A 4167 -33.08 17.29 28.61
CA ALA A 4167 -33.43 18.67 28.31
C ALA A 4167 -34.49 18.76 27.21
N GLU A 4168 -35.46 17.84 27.24
CA GLU A 4168 -36.47 17.81 26.20
C GLU A 4168 -37.48 18.94 26.37
N SER A 4169 -37.91 19.21 27.61
CA SER A 4169 -38.96 20.19 27.83
C SER A 4169 -38.50 21.60 27.44
N ILE A 4170 -37.28 21.96 27.82
CA ILE A 4170 -36.79 23.29 27.49
C ILE A 4170 -36.59 23.44 25.98
N LEU A 4171 -36.11 22.38 25.32
CA LEU A 4171 -35.97 22.42 23.88
C LEU A 4171 -37.32 22.59 23.20
N GLU A 4172 -38.34 21.88 23.68
CA GLU A 4172 -39.67 22.00 23.08
C GLU A 4172 -40.23 23.40 23.30
N TYR A 4173 -40.01 23.98 24.48
CA TYR A 4173 -40.48 25.34 24.71
C TYR A 4173 -39.76 26.33 23.81
N PHE A 4174 -38.48 26.12 23.56
CA PHE A 4174 -37.68 27.05 22.78
C PHE A 4174 -37.60 26.69 21.30
N ARG A 4175 -38.37 25.70 20.85
CA ARG A 4175 -38.39 25.37 19.44
C ARG A 4175 -38.87 26.51 18.55
N PRO A 4176 -39.96 27.22 18.86
CA PRO A 4176 -40.42 28.29 17.95
C PRO A 4176 -39.65 29.59 18.05
N TYR A 4177 -38.47 29.60 18.66
CA TYR A 4177 -37.67 30.82 18.75
C TYR A 4177 -36.30 30.67 18.12
N LEU A 4178 -35.63 29.54 18.34
CA LEU A 4178 -34.33 29.30 17.70
C LEU A 4178 -34.50 29.19 16.19
N GLY A 4179 -33.55 29.77 15.47
CA GLY A 4179 -33.59 29.73 14.02
C GLY A 4179 -32.25 29.41 13.39
N ARG A 4180 -32.19 28.34 12.60
CA ARG A 4180 -30.96 27.90 11.96
C ARG A 4180 -30.89 28.44 10.55
N ILE A 4181 -29.70 28.92 10.16
CA ILE A 4181 -29.39 29.22 8.78
C ILE A 4181 -28.05 28.57 8.48
N GLU A 4182 -27.66 28.60 7.21
CA GLU A 4182 -26.40 27.99 6.78
C GLU A 4182 -25.70 28.92 5.80
N ILE A 4183 -24.46 29.28 6.11
CA ILE A 4183 -23.65 30.13 5.25
C ILE A 4183 -22.28 29.49 5.10
N MET A 4184 -21.56 29.95 4.08
CA MET A 4184 -20.19 29.52 3.83
C MET A 4184 -19.36 30.75 3.51
N GLY A 4185 -18.10 30.71 3.91
CA GLY A 4185 -17.21 31.83 3.66
C GLY A 4185 -16.00 31.87 4.56
N ALA A 4186 -14.89 32.38 4.03
CA ALA A 4186 -13.60 32.55 4.70
C ALA A 4186 -12.98 31.22 5.10
N SER A 4187 -13.67 30.10 4.88
CA SER A 4187 -13.14 28.78 5.15
C SER A 4187 -13.41 27.80 4.03
N ARG A 4188 -14.19 28.17 3.02
CA ARG A 4188 -14.52 27.30 1.88
C ARG A 4188 -15.16 26.00 2.36
N ARG A 4189 -15.99 26.10 3.39
CA ARG A 4189 -16.75 24.97 3.88
C ARG A 4189 -18.03 25.49 4.52
N ILE A 4190 -19.02 24.61 4.60
CA ILE A 4190 -20.32 25.01 5.12
C ILE A 4190 -20.26 25.14 6.63
N GLU A 4191 -20.89 26.19 7.15
CA GLU A 4191 -20.95 26.44 8.58
C GLU A 4191 -22.38 26.71 8.99
N ARG A 4192 -22.68 26.45 10.27
CA ARG A 4192 -24.00 26.69 10.82
C ARG A 4192 -24.02 27.97 11.63
N ILE A 4193 -25.17 28.61 11.70
CA ILE A 4193 -25.37 29.81 12.48
C ILE A 4193 -26.62 29.62 13.33
N TYR A 4194 -26.68 30.32 14.46
CA TYR A 4194 -27.82 30.27 15.36
C TYR A 4194 -28.10 31.68 15.86
N PHE A 4195 -29.35 31.94 16.20
CA PHE A 4195 -29.75 33.24 16.75
C PHE A 4195 -31.14 33.09 17.34
N GLU A 4196 -31.64 34.19 17.90
CA GLU A 4196 -32.95 34.22 18.52
C GLU A 4196 -33.91 35.03 17.65
N ILE A 4197 -35.09 34.47 17.40
CA ILE A 4197 -36.12 35.12 16.61
C ILE A 4197 -37.12 35.75 17.57
N SER A 4198 -37.16 37.08 17.60
CA SER A 4198 -38.10 37.77 18.47
C SER A 4198 -39.53 37.40 18.10
N GLU A 4199 -40.36 37.23 19.12
CA GLU A 4199 -41.72 36.74 18.88
C GLU A 4199 -42.57 37.75 18.14
N THR A 4200 -42.32 39.04 18.35
CA THR A 4200 -43.11 40.06 17.65
C THR A 4200 -42.91 39.97 16.14
N ASN A 4201 -41.69 39.70 15.70
CA ASN A 4201 -41.44 39.55 14.27
C ASN A 4201 -42.19 38.36 13.70
N ARG A 4202 -42.20 37.23 14.42
CA ARG A 4202 -42.94 36.07 13.95
C ARG A 4202 -44.43 36.37 13.90
N ALA A 4203 -44.95 37.08 14.91
CA ALA A 4203 -46.36 37.43 14.92
C ALA A 4203 -46.72 38.32 13.75
N GLN A 4204 -45.86 39.29 13.43
CA GLN A 4204 -46.12 40.19 12.32
C GLN A 4204 -45.79 39.57 10.96
N TRP A 4205 -45.14 38.40 10.95
CA TRP A 4205 -44.80 37.76 9.68
C TRP A 4205 -46.05 37.31 8.94
N GLU A 4206 -47.03 36.76 9.65
CA GLU A 4206 -48.23 36.20 9.03
C GLU A 4206 -49.31 37.28 8.92
N MET A 4207 -49.02 38.28 8.09
CA MET A 4207 -49.98 39.33 7.77
C MET A 4207 -50.60 39.07 6.40
N PRO A 4208 -51.83 39.54 6.17
CA PRO A 4208 -52.47 39.27 4.87
C PRO A 4208 -51.69 39.81 3.69
N GLN A 4209 -51.08 41.00 3.84
CA GLN A 4209 -50.32 41.57 2.72
C GLN A 4209 -48.99 40.85 2.55
N VAL A 4210 -48.35 40.48 3.65
CA VAL A 4210 -47.00 39.92 3.56
C VAL A 4210 -47.02 38.58 2.84
N LYS A 4211 -47.99 37.72 3.15
CA LYS A 4211 -48.03 36.40 2.53
C LYS A 4211 -48.26 36.51 1.03
N GLU A 4212 -49.21 37.36 0.61
CA GLU A 4212 -49.44 37.51 -0.83
C GLU A 4212 -48.26 38.17 -1.51
N SER A 4213 -47.57 39.09 -0.84
CA SER A 4213 -46.37 39.67 -1.43
C SER A 4213 -45.30 38.62 -1.62
N LYS A 4214 -45.15 37.72 -0.66
CA LYS A 4214 -44.19 36.63 -0.80
C LYS A 4214 -44.56 35.72 -1.97
N ARG A 4215 -45.85 35.40 -2.10
CA ARG A 4215 -46.27 34.57 -3.22
C ARG A 4215 -45.98 35.25 -4.55
N GLN A 4216 -46.30 36.53 -4.65
CA GLN A 4216 -46.03 37.26 -5.88
C GLN A 4216 -44.54 37.32 -6.18
N PHE A 4217 -43.72 37.54 -5.15
CA PHE A 4217 -42.28 37.61 -5.34
C PHE A 4217 -41.73 36.29 -5.84
N ILE A 4218 -42.12 35.18 -5.22
CA ILE A 4218 -41.58 33.90 -5.62
C ILE A 4218 -42.03 33.54 -7.03
N PHE A 4219 -43.29 33.82 -7.36
CA PHE A 4219 -43.75 33.55 -8.72
C PHE A 4219 -42.97 34.38 -9.73
N ASP A 4220 -42.73 35.65 -9.42
CA ASP A 4220 -41.99 36.50 -10.36
C ASP A 4220 -40.56 36.03 -10.53
N VAL A 4221 -39.90 35.65 -9.43
CA VAL A 4221 -38.50 35.28 -9.51
C VAL A 4221 -38.31 33.97 -10.26
N VAL A 4222 -39.13 32.96 -9.93
CA VAL A 4222 -38.93 31.66 -10.58
C VAL A 4222 -39.31 31.73 -12.05
N ASN A 4223 -40.36 32.49 -12.39
CA ASN A 4223 -40.87 32.48 -13.75
C ASN A 4223 -40.05 33.36 -14.69
N GLU A 4224 -39.67 34.56 -14.25
CA GLU A 4224 -39.08 35.55 -15.13
C GLU A 4224 -37.59 35.31 -15.39
N GLY A 4225 -37.08 34.12 -15.12
CA GLY A 4225 -35.68 33.84 -15.39
C GLY A 4225 -34.76 34.35 -14.31
N GLY A 4226 -33.86 33.49 -13.85
CA GLY A 4226 -32.95 33.84 -12.77
C GLY A 4226 -31.61 33.15 -12.86
N GLU A 4227 -31.15 32.61 -11.73
CA GLU A 4227 -29.92 31.85 -11.58
C GLU A 4227 -28.67 32.73 -11.66
N ALA A 4228 -28.83 34.02 -11.99
CA ALA A 4228 -27.72 34.96 -12.01
C ALA A 4228 -27.94 36.11 -11.04
N GLU A 4229 -29.12 36.72 -11.07
CA GLU A 4229 -29.47 37.81 -10.15
C GLU A 4229 -30.48 37.35 -9.10
N LYS A 4230 -30.66 36.03 -8.95
CA LYS A 4230 -31.71 35.52 -8.07
C LYS A 4230 -31.48 35.95 -6.63
N MET A 4231 -30.27 35.74 -6.11
CA MET A 4231 -30.01 36.09 -4.72
C MET A 4231 -30.06 37.59 -4.49
N GLU A 4232 -29.61 38.37 -5.48
CA GLU A 4232 -29.70 39.81 -5.37
C GLU A 4232 -31.15 40.25 -5.25
N LEU A 4233 -32.03 39.67 -6.08
CA LEU A 4233 -33.44 39.98 -5.99
C LEU A 4233 -34.02 39.53 -4.65
N PHE A 4234 -33.54 38.40 -4.13
CA PHE A 4234 -33.98 37.96 -2.81
C PHE A 4234 -33.66 39.01 -1.74
N VAL A 4235 -32.40 39.47 -1.72
CA VAL A 4235 -32.00 40.44 -0.71
C VAL A 4235 -32.75 41.76 -0.90
N SER A 4236 -32.98 42.15 -2.16
CA SER A 4236 -33.76 43.35 -2.43
C SER A 4236 -35.17 43.22 -1.87
N PHE A 4237 -35.80 42.07 -2.11
CA PHE A 4237 -37.14 41.84 -1.59
C PHE A 4237 -37.16 41.89 -0.07
N CYS A 4238 -36.13 41.33 0.57
CA CYS A 4238 -36.03 41.44 2.03
C CYS A 4238 -36.00 42.90 2.46
N GLU A 4239 -35.17 43.70 1.77
CA GLU A 4239 -35.05 45.11 2.13
C GLU A 4239 -36.38 45.83 1.97
N ASP A 4240 -37.11 45.52 0.90
CA ASP A 4240 -38.40 46.18 0.72
C ASP A 4240 -39.42 45.73 1.76
N THR A 4241 -39.49 44.42 2.02
CA THR A 4241 -40.53 43.93 2.90
C THR A 4241 -40.33 44.42 4.33
N ILE A 4242 -39.08 44.71 4.71
CA ILE A 4242 -38.87 45.37 6.00
C ILE A 4242 -39.66 46.66 6.08
N PHE A 4243 -39.84 47.34 4.95
CA PHE A 4243 -40.50 48.65 4.98
C PHE A 4243 -41.95 48.56 5.41
N GLU A 4244 -42.74 47.69 4.78
CA GLU A 4244 -44.11 47.64 5.26
C GLU A 4244 -44.25 46.82 6.54
N MET A 4245 -43.27 45.96 6.86
CA MET A 4245 -43.23 45.44 8.22
C MET A 4245 -43.17 46.59 9.23
N GLN A 4246 -42.43 47.65 8.89
CA GLN A 4246 -42.44 48.85 9.71
C GLN A 4246 -43.78 49.59 9.61
N ILE A 4247 -44.30 49.75 8.40
CA ILE A 4247 -45.50 50.56 8.19
C ILE A 4247 -46.71 49.95 8.87
N ALA A 4248 -46.68 48.66 9.17
CA ALA A 4248 -47.79 48.03 9.89
C ALA A 4248 -47.92 48.55 11.32
N ALA A 4249 -46.94 49.30 11.81
CA ALA A 4249 -47.01 49.81 13.18
C ALA A 4249 -48.19 50.75 13.36
N GLN A 4250 -48.44 51.62 12.37
CA GLN A 4250 -49.46 52.66 12.50
C GLN A 4250 -50.86 52.06 12.31
N ILE A 4251 -51.21 51.13 13.19
CA ILE A 4251 -52.53 50.53 13.22
C ILE A 4251 -53.15 50.51 14.61
N SER A 4252 -52.50 51.12 15.60
CA SER A 4252 -53.02 51.10 16.96
C SER A 4252 -54.33 51.87 17.05
N GLU A 4253 -55.25 51.34 17.84
CA GLU A 4253 -56.55 51.98 18.02
C GLU A 4253 -56.54 52.86 19.26
N THR A 4323 -91.73 33.83 -13.90
CA THR A 4323 -91.45 35.15 -14.47
C THR A 4323 -89.96 35.43 -14.50
N ALA A 4324 -89.58 36.51 -15.17
CA ALA A 4324 -88.17 36.86 -15.27
C ALA A 4324 -87.57 37.18 -13.91
N ARG A 4325 -88.33 37.89 -13.06
CA ARG A 4325 -87.81 38.30 -11.76
C ARG A 4325 -87.45 37.09 -10.91
N GLU A 4326 -88.31 36.07 -10.91
CA GLU A 4326 -88.02 34.87 -10.15
C GLU A 4326 -86.74 34.20 -10.65
N ALA A 4327 -86.56 34.16 -11.96
CA ALA A 4327 -85.32 33.60 -12.52
C ALA A 4327 -84.12 34.50 -12.22
N ALA A 4328 -84.30 35.81 -12.34
CA ALA A 4328 -83.17 36.73 -12.19
C ALA A 4328 -82.57 36.66 -10.80
N THR A 4329 -83.42 36.65 -9.77
CA THR A 4329 -82.91 36.62 -8.39
C THR A 4329 -82.17 35.33 -8.11
N ALA A 4330 -82.72 34.19 -8.56
CA ALA A 4330 -82.08 32.91 -8.31
C ALA A 4330 -80.71 32.84 -8.99
N LEU A 4331 -80.64 33.26 -10.26
CA LEU A 4331 -79.38 33.22 -10.98
C LEU A 4331 -78.36 34.17 -10.38
N ALA A 4332 -78.79 35.39 -10.03
CA ALA A 4332 -77.86 36.37 -9.48
C ALA A 4332 -77.29 35.91 -8.15
N ALA A 4333 -78.13 35.30 -7.31
CA ALA A 4333 -77.66 34.83 -6.01
C ALA A 4333 -76.59 33.76 -6.18
N LEU A 4334 -76.76 32.87 -7.16
CA LEU A 4334 -75.74 31.85 -7.41
C LEU A 4334 -74.42 32.48 -7.83
N LEU A 4335 -74.47 33.47 -8.72
CA LEU A 4335 -73.24 34.11 -9.18
C LEU A 4335 -72.54 34.82 -8.03
N TRP A 4336 -73.32 35.55 -7.22
CA TRP A 4336 -72.71 36.28 -6.10
C TRP A 4336 -72.11 35.33 -5.08
N ALA A 4337 -72.78 34.21 -4.80
CA ALA A 4337 -72.31 33.31 -3.75
C ALA A 4337 -70.93 32.73 -4.09
N VAL A 4338 -70.73 32.33 -5.34
CA VAL A 4338 -69.43 31.77 -5.72
C VAL A 4338 -68.36 32.85 -5.73
N VAL A 4339 -68.73 34.10 -6.01
CA VAL A 4339 -67.75 35.19 -6.02
C VAL A 4339 -67.27 35.49 -4.61
N ALA A 4340 -68.20 35.57 -3.66
CA ALA A 4340 -67.81 35.79 -2.27
C ALA A 4340 -67.02 34.63 -1.72
N ARG A 4341 -67.24 33.42 -2.25
CA ARG A 4341 -66.47 32.26 -1.84
C ARG A 4341 -65.04 32.31 -2.34
N ALA A 4342 -64.74 33.16 -3.34
CA ALA A 4342 -63.39 33.23 -3.89
C ALA A 4342 -62.88 34.66 -4.07
N GLY A 4343 -63.63 35.67 -3.64
CA GLY A 4343 -63.19 37.05 -3.79
C GLY A 4343 -62.01 37.39 -2.90
N GLY A 4542 -55.28 73.82 16.13
CA GLY A 4542 -54.02 73.12 16.33
C GLY A 4542 -54.20 71.68 16.78
N GLU A 4543 -54.71 71.50 17.99
CA GLU A 4543 -54.95 70.15 18.50
C GLU A 4543 -56.15 69.49 17.84
N LEU A 4544 -56.99 70.27 17.15
CA LEU A 4544 -58.16 69.69 16.49
C LEU A 4544 -57.79 68.92 15.22
N GLU A 4545 -56.62 69.18 14.65
CA GLU A 4545 -56.20 68.50 13.43
C GLU A 4545 -55.83 67.04 13.68
N VAL A 4546 -55.66 66.63 14.94
CA VAL A 4546 -55.28 65.25 15.22
C VAL A 4546 -56.41 64.28 14.88
N GLN A 4547 -57.66 64.70 15.13
CA GLN A 4547 -58.81 63.83 14.81
C GLN A 4547 -58.84 63.46 13.34
N ARG A 4548 -58.31 64.33 12.47
CA ARG A 4548 -58.22 63.99 11.06
C ARG A 4548 -57.36 62.75 10.84
N VAL A 4549 -56.19 62.71 11.48
CA VAL A 4549 -55.33 61.53 11.37
C VAL A 4549 -55.97 60.33 12.06
N LYS A 4550 -56.66 60.56 13.18
CA LYS A 4550 -57.33 59.46 13.87
C LYS A 4550 -58.35 58.78 12.96
N PHE A 4551 -59.13 59.58 12.22
CA PHE A 4551 -60.13 58.99 11.33
C PHE A 4551 -59.49 58.42 10.07
N LEU A 4552 -58.44 59.08 9.56
CA LEU A 4552 -57.83 58.61 8.33
C LEU A 4552 -57.08 57.30 8.51
N ASN A 4553 -56.52 57.06 9.70
CA ASN A 4553 -55.82 55.81 9.94
C ASN A 4553 -56.76 54.62 10.01
N TYR A 4554 -58.07 54.85 10.12
CA TYR A 4554 -59.03 53.74 10.13
C TYR A 4554 -59.11 53.09 8.76
N LEU A 4555 -58.99 53.88 7.69
CA LEU A 4555 -59.17 53.34 6.34
C LEU A 4555 -58.12 52.29 6.01
N SER A 4556 -56.87 52.54 6.41
CA SER A 4556 -55.79 51.62 6.08
C SER A 4556 -55.97 50.27 6.76
N ARG A 4557 -56.60 50.24 7.93
CA ARG A 4557 -56.75 48.98 8.65
C ARG A 4557 -57.59 47.99 7.86
N ASN A 4558 -58.76 48.42 7.40
CA ASN A 4558 -59.66 47.57 6.62
C ASN A 4558 -59.82 48.24 5.24
N PHE A 4559 -58.98 47.82 4.30
CA PHE A 4559 -58.99 48.36 2.95
C PHE A 4559 -59.66 47.44 1.95
N TYR A 4560 -59.44 46.12 2.08
CA TYR A 4560 -60.03 45.18 1.14
C TYR A 4560 -61.55 45.16 1.22
N THR A 4561 -62.09 45.28 2.45
CA THR A 4561 -63.53 45.26 2.61
C THR A 4561 -64.19 46.41 1.89
N LEU A 4562 -63.50 47.55 1.75
CA LEU A 4562 -64.05 48.65 0.98
C LEU A 4562 -64.22 48.24 -0.48
N ARG A 4563 -63.23 47.55 -1.05
CA ARG A 4563 -63.36 47.08 -2.42
C ARG A 4563 -64.46 46.04 -2.56
N PHE A 4564 -64.58 45.15 -1.55
CA PHE A 4564 -65.67 44.20 -1.55
C PHE A 4564 -67.02 44.90 -1.59
N LEU A 4565 -67.17 45.95 -0.78
CA LEU A 4565 -68.40 46.71 -0.75
C LEU A 4565 -68.65 47.41 -2.08
N ALA A 4566 -67.59 47.92 -2.70
CA ALA A 4566 -67.75 48.56 -4.00
C ALA A 4566 -68.27 47.58 -5.04
N LEU A 4567 -67.71 46.37 -5.06
CA LEU A 4567 -68.21 45.35 -5.98
C LEU A 4567 -69.66 45.01 -5.69
N PHE A 4568 -70.01 44.86 -4.41
CA PHE A 4568 -71.39 44.53 -4.05
C PHE A 4568 -72.35 45.62 -4.51
N LEU A 4569 -71.96 46.88 -4.31
CA LEU A 4569 -72.81 47.99 -4.72
C LEU A 4569 -72.96 48.03 -6.24
N ALA A 4570 -71.89 47.77 -6.97
CA ALA A 4570 -72.00 47.71 -8.43
C ALA A 4570 -72.96 46.61 -8.85
N PHE A 4571 -72.85 45.45 -8.22
CA PHE A 4571 -73.76 44.34 -8.54
C PHE A 4571 -75.21 44.73 -8.30
N ALA A 4572 -75.49 45.31 -7.13
CA ALA A 4572 -76.86 45.65 -6.78
C ALA A 4572 -77.42 46.72 -7.71
N ILE A 4573 -76.62 47.75 -8.00
CA ILE A 4573 -77.12 48.83 -8.85
C ILE A 4573 -77.37 48.33 -10.27
N ASN A 4574 -76.52 47.42 -10.77
CA ASN A 4574 -76.77 46.88 -12.10
C ASN A 4574 -78.01 46.00 -12.11
N PHE A 4575 -78.19 45.19 -11.08
CA PHE A 4575 -79.39 44.35 -11.04
C PHE A 4575 -80.65 45.21 -10.98
N ILE A 4576 -80.60 46.32 -10.26
CA ILE A 4576 -81.72 47.26 -10.28
C ILE A 4576 -81.89 47.85 -11.67
N LEU A 4577 -80.79 48.22 -12.31
CA LEU A 4577 -80.84 48.78 -13.67
C LEU A 4577 -81.49 47.82 -14.65
N LEU A 4578 -81.44 46.52 -14.36
CA LEU A 4578 -82.04 45.54 -15.27
C LEU A 4578 -83.54 45.70 -15.47
N PHE A 4579 -84.17 46.70 -14.85
CA PHE A 4579 -85.62 46.85 -14.94
C PHE A 4579 -86.06 48.12 -15.68
N TYR A 4580 -85.18 48.71 -16.48
CA TYR A 4580 -85.56 49.95 -17.17
C TYR A 4580 -86.51 49.67 -18.32
N LYS A 4581 -86.97 50.76 -18.94
CA LYS A 4581 -87.92 50.72 -20.04
C LYS A 4581 -87.90 52.08 -20.73
N VAL A 4582 -88.32 52.10 -21.98
CA VAL A 4582 -88.37 53.33 -22.77
C VAL A 4582 -89.75 53.45 -23.38
N SER A 4583 -90.33 54.64 -23.30
CA SER A 4583 -91.64 54.92 -23.87
C SER A 4583 -91.58 56.14 -24.78
N ASP A 4584 -92.42 56.14 -25.80
CA ASP A 4584 -92.46 57.26 -26.74
C ASP A 4584 -93.10 58.50 -26.15
N SER A 4585 -93.81 58.36 -25.04
CA SER A 4585 -94.43 59.49 -24.36
C SER A 4585 -94.03 59.50 -22.90
N PRO A 4586 -93.93 60.68 -22.28
CA PRO A 4586 -93.60 60.74 -20.87
C PRO A 4586 -94.69 60.06 -20.05
N PRO A 4587 -94.32 59.46 -18.90
CA PRO A 4587 -95.26 58.72 -18.05
C PRO A 4587 -96.36 59.62 -17.50
N ASN A 4626 -87.83 62.69 -28.21
CA ASN A 4626 -88.85 62.88 -27.18
C ASN A 4626 -89.00 61.62 -26.33
N MET A 4627 -88.23 60.59 -26.65
CA MET A 4627 -88.28 59.35 -25.89
C MET A 4627 -87.84 59.60 -24.45
N VAL A 4628 -88.59 59.03 -23.51
CA VAL A 4628 -88.35 59.24 -22.09
C VAL A 4628 -87.89 57.93 -21.49
N TYR A 4629 -86.72 57.94 -20.84
CA TYR A 4629 -86.18 56.75 -20.21
C TYR A 4629 -86.80 56.54 -18.84
N TYR A 4630 -88.12 56.49 -18.76
CA TYR A 4630 -88.78 56.34 -17.48
C TYR A 4630 -88.56 54.93 -16.94
N PHE A 4631 -88.16 54.84 -15.69
CA PHE A 4631 -87.90 53.55 -15.06
C PHE A 4631 -89.20 53.00 -14.50
N LEU A 4632 -89.66 51.89 -15.06
CA LEU A 4632 -90.86 51.21 -14.59
C LEU A 4632 -90.43 50.11 -13.62
N GLU A 4633 -90.73 50.32 -12.34
CA GLU A 4633 -90.49 49.30 -11.33
C GLU A 4633 -91.57 48.22 -11.46
N GLU A 4634 -91.58 47.27 -10.53
CA GLU A 4634 -92.62 46.27 -10.49
C GLU A 4634 -93.86 46.87 -9.81
N SER A 4635 -94.80 46.02 -9.43
CA SER A 4635 -95.98 46.50 -8.71
C SER A 4635 -95.59 47.19 -7.42
N THR A 4636 -94.52 46.73 -6.76
CA THR A 4636 -94.03 47.40 -5.57
C THR A 4636 -93.46 48.77 -5.93
N GLY A 4637 -93.88 49.79 -5.21
CA GLY A 4637 -93.43 51.14 -5.50
C GLY A 4637 -92.07 51.49 -4.93
N TYR A 4638 -91.44 50.57 -4.21
CA TYR A 4638 -90.15 50.82 -3.59
C TYR A 4638 -89.05 50.69 -4.63
N MET A 4639 -87.80 50.68 -4.17
CA MET A 4639 -86.59 50.41 -4.95
C MET A 4639 -86.34 51.51 -5.99
N GLU A 4640 -87.22 52.49 -6.09
CA GLU A 4640 -86.95 53.61 -6.98
C GLU A 4640 -85.95 54.58 -6.33
N PRO A 4641 -86.20 55.07 -5.11
CA PRO A 4641 -85.18 55.93 -4.47
C PRO A 4641 -83.96 55.16 -4.02
N ALA A 4642 -84.08 53.84 -3.86
CA ALA A 4642 -82.92 53.03 -3.51
C ALA A 4642 -81.81 53.19 -4.55
N LEU A 4643 -82.18 53.37 -5.81
CA LEU A 4643 -81.19 53.64 -6.84
C LEU A 4643 -80.43 54.93 -6.54
N TRP A 4644 -81.16 55.98 -6.15
CA TRP A 4644 -80.52 57.26 -5.85
C TRP A 4644 -79.58 57.12 -4.66
N CYS A 4645 -80.04 56.48 -3.59
CA CYS A 4645 -79.20 56.34 -2.40
C CYS A 4645 -77.98 55.49 -2.68
N LEU A 4646 -78.15 54.38 -3.42
CA LEU A 4646 -77.00 53.54 -3.74
C LEU A 4646 -76.01 54.26 -4.64
N SER A 4647 -76.50 55.06 -5.59
CA SER A 4647 -75.60 55.83 -6.44
C SER A 4647 -74.81 56.83 -5.61
N LEU A 4648 -75.46 57.49 -4.66
CA LEU A 4648 -74.73 58.43 -3.80
C LEU A 4648 -73.73 57.70 -2.92
N LEU A 4649 -74.06 56.48 -2.49
CA LEU A 4649 -73.20 55.75 -1.57
C LEU A 4649 -71.98 55.16 -2.27
N HIS A 4650 -72.13 54.74 -3.53
CA HIS A 4650 -71.04 54.07 -4.24
C HIS A 4650 -69.86 55.01 -4.45
N THR A 4651 -70.13 56.26 -4.84
CA THR A 4651 -69.04 57.20 -5.05
C THR A 4651 -68.24 57.41 -3.77
N LEU A 4652 -68.93 57.53 -2.63
CA LEU A 4652 -68.24 57.71 -1.36
C LEU A 4652 -67.39 56.49 -1.02
N VAL A 4653 -67.97 55.28 -1.16
CA VAL A 4653 -67.22 54.09 -0.78
C VAL A 4653 -66.12 53.75 -1.77
N ALA A 4654 -66.09 54.40 -2.92
CA ALA A 4654 -64.93 54.28 -3.80
C ALA A 4654 -63.88 55.35 -3.49
N PHE A 4655 -64.33 56.56 -3.15
CA PHE A 4655 -63.38 57.60 -2.72
C PHE A 4655 -62.64 57.17 -1.47
N LEU A 4656 -63.30 56.41 -0.59
CA LEU A 4656 -62.60 55.86 0.56
C LEU A 4656 -61.51 54.90 0.13
N CYS A 4657 -61.76 54.09 -0.90
CA CYS A 4657 -60.72 53.23 -1.44
C CYS A 4657 -59.55 54.04 -1.95
N ILE A 4658 -59.84 55.13 -2.66
CA ILE A 4658 -58.77 55.97 -3.20
C ILE A 4658 -57.91 56.53 -2.07
N ILE A 4659 -58.56 57.04 -1.02
CA ILE A 4659 -57.83 57.61 0.10
C ILE A 4659 -56.99 56.55 0.79
N GLY A 4660 -57.56 55.35 0.98
CA GLY A 4660 -56.82 54.28 1.61
C GLY A 4660 -55.59 53.88 0.81
N TYR A 4661 -55.73 53.81 -0.51
CA TYR A 4661 -54.56 53.50 -1.34
C TYR A 4661 -53.51 54.60 -1.25
N ASN A 4662 -53.95 55.86 -1.27
CA ASN A 4662 -53.00 56.96 -1.14
C ASN A 4662 -52.33 56.98 0.23
N CYS A 4663 -52.94 56.35 1.23
CA CYS A 4663 -52.36 56.31 2.56
C CYS A 4663 -51.50 55.07 2.79
N LEU A 4664 -51.72 53.98 2.06
CA LEU A 4664 -51.13 52.70 2.40
C LEU A 4664 -50.03 52.26 1.43
N LYS A 4665 -50.32 52.20 0.14
CA LYS A 4665 -49.44 51.49 -0.78
C LYS A 4665 -48.35 52.35 -1.40
N VAL A 4666 -48.59 53.65 -1.59
CA VAL A 4666 -47.63 54.48 -2.31
C VAL A 4666 -46.29 54.65 -1.59
N PRO A 4667 -46.21 54.55 -0.25
CA PRO A 4667 -44.87 54.53 0.35
C PRO A 4667 -44.00 53.40 -0.16
N LEU A 4668 -44.58 52.24 -0.46
CA LEU A 4668 -43.79 51.12 -0.98
C LEU A 4668 -43.11 51.48 -2.29
N VAL A 4669 -43.88 51.99 -3.26
CA VAL A 4669 -43.30 52.29 -4.57
C VAL A 4669 -42.33 53.47 -4.46
N ILE A 4670 -42.67 54.47 -3.65
CA ILE A 4670 -41.76 55.59 -3.47
C ILE A 4670 -40.43 55.12 -2.90
N PHE A 4671 -40.49 54.27 -1.87
CA PHE A 4671 -39.27 53.75 -1.27
C PHE A 4671 -38.50 52.88 -2.25
N LYS A 4672 -39.20 52.08 -3.05
CA LYS A 4672 -38.52 51.24 -4.03
C LYS A 4672 -37.75 52.09 -5.02
N ARG A 4673 -38.37 53.15 -5.55
CA ARG A 4673 -37.67 54.00 -6.49
C ARG A 4673 -36.50 54.72 -5.84
N GLU A 4674 -36.69 55.21 -4.62
CA GLU A 4674 -35.59 55.88 -3.92
C GLU A 4674 -34.42 54.95 -3.71
N LYS A 4675 -34.70 53.72 -3.28
CA LYS A 4675 -33.63 52.75 -3.03
C LYS A 4675 -32.93 52.38 -4.33
N GLU A 4676 -33.68 52.20 -5.42
CA GLU A 4676 -33.05 51.87 -6.69
C GLU A 4676 -32.14 53.00 -7.15
N LEU A 4677 -32.59 54.25 -7.03
CA LEU A 4677 -31.76 55.37 -7.43
C LEU A 4677 -30.51 55.47 -6.57
N ALA A 4678 -30.65 55.25 -5.26
CA ALA A 4678 -29.49 55.30 -4.38
C ALA A 4678 -28.48 54.22 -4.74
N ARG A 4679 -28.96 53.00 -5.03
CA ARG A 4679 -28.06 51.93 -5.45
C ARG A 4679 -27.36 52.28 -6.76
N LYS A 4680 -28.11 52.84 -7.71
CA LYS A 4680 -27.51 53.19 -8.99
C LYS A 4680 -26.43 54.25 -8.83
N LEU A 4681 -26.65 55.22 -7.95
CA LEU A 4681 -25.66 56.28 -7.76
C LEU A 4681 -24.44 55.79 -6.99
N GLU A 4682 -24.66 54.96 -5.96
CA GLU A 4682 -23.55 54.53 -5.12
C GLU A 4682 -22.59 53.61 -5.87
N PHE A 4683 -23.13 52.58 -6.54
CA PHE A 4683 -22.32 51.56 -7.18
C PHE A 4683 -22.14 51.79 -8.67
N ASP A 4684 -22.56 52.94 -9.19
CA ASP A 4684 -22.38 53.24 -10.59
C ASP A 4684 -22.42 54.75 -10.78
N GLY A 4685 -21.88 55.19 -11.91
CA GLY A 4685 -21.85 56.60 -12.23
C GLY A 4685 -22.76 56.95 -13.39
N LEU A 4686 -23.95 56.34 -13.43
CA LEU A 4686 -24.85 56.52 -14.56
C LEU A 4686 -25.35 57.95 -14.66
N TYR A 4687 -25.33 58.70 -13.55
CA TYR A 4687 -25.75 60.10 -13.57
C TYR A 4687 -24.61 61.07 -13.36
N ILE A 4688 -23.39 60.58 -13.13
CA ILE A 4688 -22.21 61.42 -13.00
C ILE A 4688 -21.13 61.04 -13.98
N THR A 4689 -20.85 59.75 -14.13
CA THR A 4689 -19.66 59.33 -14.86
C THR A 4689 -19.89 59.30 -16.37
N GLU A 4690 -20.79 58.44 -16.84
CA GLU A 4690 -20.87 58.24 -18.29
C GLU A 4690 -21.93 59.10 -18.97
N GLN A 4691 -23.21 58.83 -18.71
CA GLN A 4691 -24.32 59.64 -19.20
C GLN A 4691 -25.64 59.04 -18.72
N PRO A 4692 -26.70 59.82 -18.60
CA PRO A 4692 -28.04 59.23 -18.43
C PRO A 4692 -28.45 58.51 -19.70
N GLY A 4693 -29.29 57.48 -19.52
CA GLY A 4693 -29.69 56.64 -20.64
C GLY A 4693 -30.47 57.38 -21.71
N ASP A 4694 -31.08 58.52 -21.36
CA ASP A 4694 -31.82 59.42 -22.24
C ASP A 4694 -32.75 58.72 -23.23
N ASP A 4695 -33.23 57.53 -22.85
CA ASP A 4695 -34.15 56.78 -23.68
C ASP A 4695 -35.30 56.15 -22.91
N ASP A 4696 -35.34 56.33 -21.59
CA ASP A 4696 -36.40 55.78 -20.75
C ASP A 4696 -37.02 56.91 -19.95
N VAL A 4697 -38.35 56.95 -19.91
CA VAL A 4697 -39.04 57.99 -19.15
C VAL A 4697 -38.71 57.87 -17.67
N LYS A 4698 -38.64 56.63 -17.16
CA LYS A 4698 -38.25 56.44 -15.77
C LYS A 4698 -36.81 56.91 -15.54
N GLY A 4699 -35.93 56.67 -16.50
CA GLY A 4699 -34.54 57.08 -16.37
C GLY A 4699 -34.28 58.56 -16.61
N GLN A 4700 -35.30 59.32 -17.02
CA GLN A 4700 -35.16 60.74 -17.27
C GLN A 4700 -35.93 61.61 -16.30
N TRP A 4701 -37.14 61.19 -15.92
CA TRP A 4701 -37.95 61.99 -15.00
C TRP A 4701 -37.29 62.14 -13.64
N ASP A 4702 -36.38 61.23 -13.28
CA ASP A 4702 -35.71 61.30 -11.99
C ASP A 4702 -34.61 62.34 -11.94
N ARG A 4703 -34.26 62.95 -13.07
CA ARG A 4703 -33.25 64.01 -13.04
C ARG A 4703 -33.72 65.26 -12.33
N LEU A 4704 -35.02 65.39 -12.06
CA LEU A 4704 -35.57 66.57 -11.43
C LEU A 4704 -35.59 66.49 -9.91
N VAL A 4705 -35.05 65.42 -9.33
CA VAL A 4705 -35.04 65.27 -7.87
C VAL A 4705 -33.62 65.28 -7.31
N LEU A 4706 -32.59 65.16 -8.15
CA LEU A 4706 -31.22 65.12 -7.64
C LEU A 4706 -30.85 66.41 -6.95
N ASN A 4707 -31.49 67.53 -7.30
CA ASN A 4707 -31.15 68.82 -6.73
C ASN A 4707 -31.91 69.14 -5.45
N THR A 4708 -32.91 68.33 -5.09
CA THR A 4708 -33.68 68.63 -3.90
C THR A 4708 -32.88 68.31 -2.64
N PRO A 4709 -33.14 69.02 -1.53
CA PRO A 4709 -32.43 68.74 -0.29
C PRO A 4709 -32.97 67.55 0.49
N SER A 4710 -34.12 67.01 0.11
CA SER A 4710 -34.75 65.91 0.83
C SER A 4710 -34.97 64.70 -0.06
N PHE A 4711 -33.95 64.36 -0.84
CA PHE A 4711 -34.04 63.18 -1.70
C PHE A 4711 -34.23 61.88 -0.93
N PRO A 4712 -33.45 61.58 0.12
CA PRO A 4712 -33.72 60.34 0.86
C PRO A 4712 -34.84 60.53 1.90
N SER A 4713 -36.06 60.71 1.40
CA SER A 4713 -37.20 60.94 2.29
C SER A 4713 -37.56 59.69 3.07
N ASN A 4714 -37.54 58.54 2.42
CA ASN A 4714 -37.99 57.30 3.04
C ASN A 4714 -36.92 56.22 3.15
N TYR A 4715 -35.91 56.25 2.30
CA TYR A 4715 -34.83 55.28 2.43
C TYR A 4715 -34.04 55.53 3.71
N TRP A 4716 -33.48 54.45 4.26
CA TRP A 4716 -32.77 54.55 5.53
C TRP A 4716 -31.53 55.43 5.42
N ASP A 4717 -30.76 55.28 4.35
CA ASP A 4717 -29.52 56.03 4.20
C ASP A 4717 -29.83 57.49 3.87
N LYS A 4718 -30.06 58.30 4.89
CA LYS A 4718 -30.44 59.69 4.71
C LYS A 4718 -29.25 60.60 4.48
N PHE A 4719 -28.03 60.07 4.49
CA PHE A 4719 -26.82 60.83 4.19
C PHE A 4719 -26.05 60.20 3.04
N VAL A 4720 -26.76 59.55 2.11
CA VAL A 4720 -26.11 58.83 1.03
C VAL A 4720 -25.36 59.77 0.10
N LYS A 4721 -25.62 61.07 0.18
CA LYS A 4721 -24.92 62.01 -0.69
C LYS A 4721 -23.43 62.03 -0.44
N ARG A 4722 -23.00 61.69 0.78
CA ARG A 4722 -21.57 61.68 1.09
C ARG A 4722 -20.83 60.63 0.27
N LYS A 4723 -21.44 59.46 0.07
CA LYS A 4723 -20.73 58.34 -0.52
C LYS A 4723 -20.33 58.63 -1.96
N VAL A 4724 -21.23 59.23 -2.75
CA VAL A 4724 -20.93 59.45 -4.16
C VAL A 4724 -19.78 60.44 -4.31
N LEU A 4725 -19.78 61.52 -3.53
CA LEU A 4725 -18.69 62.48 -3.63
C LEU A 4725 -17.40 61.91 -3.05
N ASP A 4726 -17.48 61.07 -2.04
CA ASP A 4726 -16.27 60.44 -1.51
C ASP A 4726 -15.70 59.41 -2.45
N LYS A 4727 -16.52 58.85 -3.33
CA LYS A 4727 -16.05 57.82 -4.25
C LYS A 4727 -15.63 58.37 -5.61
N HIS A 4728 -16.24 59.47 -6.07
CA HIS A 4728 -15.93 60.01 -7.39
C HIS A 4728 -15.74 61.52 -7.38
N GLY A 4729 -15.73 62.17 -6.22
CA GLY A 4729 -15.58 63.61 -6.19
C GLY A 4729 -14.17 64.11 -6.46
N ASP A 4730 -13.18 63.23 -6.46
CA ASP A 4730 -11.81 63.63 -6.76
C ASP A 4730 -11.46 63.42 -8.22
N ILE A 4731 -11.83 62.28 -8.79
CA ILE A 4731 -11.57 62.02 -10.21
C ILE A 4731 -12.35 62.99 -11.10
N PHE A 4732 -13.46 63.53 -10.62
CA PHE A 4732 -14.21 64.54 -11.33
C PHE A 4732 -14.19 65.85 -10.56
N GLY A 4733 -14.77 66.89 -11.16
CA GLY A 4733 -14.84 68.18 -10.51
C GLY A 4733 -15.60 68.12 -9.21
N ARG A 4734 -14.90 68.34 -8.10
CA ARG A 4734 -15.55 68.25 -6.79
C ARG A 4734 -16.65 69.29 -6.65
N GLU A 4735 -16.42 70.50 -7.17
CA GLU A 4735 -17.48 71.49 -7.18
C GLU A 4735 -18.63 71.06 -8.07
N ARG A 4736 -18.33 70.44 -9.22
CA ARG A 4736 -19.38 69.94 -10.10
C ARG A 4736 -20.21 68.86 -9.40
N ILE A 4737 -19.54 67.93 -8.70
CA ILE A 4737 -20.25 66.89 -7.98
C ILE A 4737 -21.09 67.49 -6.86
N ALA A 4738 -20.52 68.43 -6.10
CA ALA A 4738 -21.22 69.05 -4.99
C ALA A 4738 -22.27 70.05 -5.42
N GLU A 4739 -22.34 70.38 -6.72
CA GLU A 4739 -23.43 71.19 -7.22
C GLU A 4739 -24.52 70.38 -7.91
N LEU A 4740 -24.17 69.24 -8.50
CA LEU A 4740 -25.19 68.42 -9.16
C LEU A 4740 -26.19 67.87 -8.15
N LEU A 4741 -25.72 67.44 -6.99
CA LEU A 4741 -26.56 66.83 -5.98
C LEU A 4741 -27.18 67.84 -5.02
N GLY A 4742 -27.33 69.09 -5.44
CA GLY A 4742 -27.72 70.11 -4.49
C GLY A 4742 -26.65 70.26 -3.43
N MET A 4743 -27.05 70.27 -2.16
CA MET A 4743 -26.18 70.28 -0.99
C MET A 4743 -24.91 71.11 -1.17
N ASP A 4744 -25.05 72.29 -1.79
CA ASP A 4744 -23.89 73.14 -2.05
C ASP A 4744 -23.27 73.60 -0.73
N LEU A 4745 -22.03 74.07 -0.81
CA LEU A 4745 -21.25 74.49 0.35
C LEU A 4745 -21.11 73.35 1.35
N ALA A 4746 -20.40 72.32 0.92
CA ALA A 4746 -20.17 71.14 1.75
C ALA A 4746 -19.39 71.45 3.01
N SER A 4747 -18.75 72.61 3.08
CA SER A 4747 -18.06 73.02 4.30
C SER A 4747 -19.02 73.08 5.47
N LEU A 4748 -20.24 73.59 5.24
CA LEU A 4748 -21.23 73.64 6.32
C LEU A 4748 -21.61 72.24 6.78
N GLU A 4749 -21.78 71.31 5.83
CA GLU A 4749 -22.11 69.94 6.20
C GLU A 4749 -20.98 69.30 7.00
N ILE A 4750 -19.73 69.56 6.61
CA ILE A 4750 -18.59 69.00 7.33
C ILE A 4750 -18.51 69.58 8.74
N THR A 4751 -18.72 70.89 8.87
CA THR A 4751 -18.55 71.56 10.15
C THR A 4751 -19.78 71.45 11.05
N ALA A 4752 -20.89 70.91 10.55
CA ALA A 4752 -22.06 70.72 11.39
C ALA A 4752 -21.75 69.80 12.57
N HIS A 4753 -21.03 68.72 12.32
CA HIS A 4753 -20.67 67.77 13.37
C HIS A 4753 -19.34 68.14 14.01
N ASN A 4754 -19.21 69.38 14.46
CA ASN A 4754 -17.99 69.84 15.10
C ASN A 4754 -18.21 70.29 16.54
N GLU A 4755 -19.15 71.19 16.78
CA GLU A 4755 -19.32 71.76 18.13
C GLU A 4755 -20.39 71.00 18.92
N ARG A 4756 -21.62 71.00 18.44
CA ARG A 4756 -22.74 70.37 19.13
C ARG A 4756 -23.89 70.26 18.14
N LYS A 4757 -25.07 69.90 18.64
CA LYS A 4757 -26.27 69.78 17.82
C LYS A 4757 -27.31 70.80 18.29
N PRO A 4758 -27.40 71.96 17.65
CA PRO A 4758 -28.38 72.96 18.08
C PRO A 4758 -29.81 72.53 17.74
N ASP A 4759 -30.76 73.06 18.51
CA ASP A 4759 -32.18 72.78 18.30
C ASP A 4759 -32.88 74.05 17.84
N PRO A 4760 -33.21 74.18 16.55
CA PRO A 4760 -33.88 75.39 16.09
C PRO A 4760 -35.28 75.49 16.67
N PRO A 4761 -35.80 76.70 16.86
CA PRO A 4761 -37.16 76.82 17.39
C PRO A 4761 -38.17 76.27 16.42
N PRO A 4762 -39.28 75.69 16.92
CA PRO A 4762 -40.28 75.14 16.01
C PRO A 4762 -41.06 76.24 15.30
N GLY A 4763 -41.39 75.99 14.04
CA GLY A 4763 -42.17 76.91 13.25
C GLY A 4763 -43.49 76.32 12.80
N LEU A 4764 -44.17 75.63 13.71
CA LEU A 4764 -45.37 74.90 13.36
C LEU A 4764 -46.44 75.82 12.80
N LEU A 4765 -47.04 75.42 11.68
CA LEU A 4765 -48.16 76.12 11.04
C LEU A 4765 -47.81 77.53 10.61
N THR A 4766 -46.52 77.86 10.52
CA THR A 4766 -46.08 79.17 10.06
C THR A 4766 -45.26 79.10 8.78
N TRP A 4767 -44.22 78.26 8.75
CA TRP A 4767 -43.37 78.11 7.58
C TRP A 4767 -43.46 76.71 6.98
N LEU A 4768 -44.47 75.92 7.37
CA LEU A 4768 -44.62 74.57 6.84
C LEU A 4768 -44.95 74.58 5.35
N MET A 4769 -45.41 75.71 4.81
CA MET A 4769 -45.70 75.80 3.38
C MET A 4769 -44.44 75.60 2.55
N SER A 4770 -43.29 76.01 3.06
CA SER A 4770 -42.03 75.92 2.31
C SER A 4770 -41.59 74.47 2.23
N ILE A 4771 -41.90 73.82 1.10
CA ILE A 4771 -41.50 72.45 0.85
C ILE A 4771 -40.87 72.37 -0.53
N ASP A 4772 -40.11 71.31 -0.75
CA ASP A 4772 -39.38 71.14 -2.01
C ASP A 4772 -40.35 70.98 -3.17
N VAL A 4773 -40.47 72.01 -3.99
CA VAL A 4773 -41.38 71.97 -5.13
C VAL A 4773 -40.94 70.90 -6.12
N LYS A 4774 -39.63 70.81 -6.38
CA LYS A 4774 -39.13 69.80 -7.30
C LYS A 4774 -39.43 68.40 -6.79
N TYR A 4775 -39.24 68.16 -5.49
CA TYR A 4775 -39.52 66.85 -4.93
C TYR A 4775 -41.00 66.53 -5.02
N GLN A 4776 -41.87 67.51 -4.75
CA GLN A 4776 -43.29 67.28 -4.86
C GLN A 4776 -43.69 66.93 -6.29
N ILE A 4777 -43.13 67.65 -7.27
CA ILE A 4777 -43.44 67.37 -8.66
C ILE A 4777 -42.96 65.97 -9.04
N TRP A 4778 -41.75 65.60 -8.61
CA TRP A 4778 -41.24 64.28 -8.93
C TRP A 4778 -42.09 63.18 -8.28
N LYS A 4779 -42.50 63.40 -7.04
CA LYS A 4779 -43.34 62.42 -6.37
C LYS A 4779 -44.69 62.28 -7.08
N PHE A 4780 -45.27 63.39 -7.51
CA PHE A 4780 -46.53 63.33 -8.24
C PHE A 4780 -46.36 62.59 -9.56
N GLY A 4781 -45.23 62.81 -10.24
CA GLY A 4781 -44.96 62.08 -11.46
C GLY A 4781 -44.84 60.59 -11.22
N VAL A 4782 -44.16 60.20 -10.14
CA VAL A 4782 -44.04 58.78 -9.81
C VAL A 4782 -45.40 58.21 -9.46
N ILE A 4783 -46.25 59.00 -8.80
CA ILE A 4783 -47.59 58.54 -8.47
C ILE A 4783 -48.39 58.26 -9.74
N PHE A 4784 -48.40 59.22 -10.66
CA PHE A 4784 -49.27 59.12 -11.82
C PHE A 4784 -48.73 58.14 -12.86
N THR A 4785 -47.42 57.93 -12.92
CA THR A 4785 -46.89 56.95 -13.86
C THR A 4785 -47.23 55.52 -13.47
N ASP A 4786 -47.71 55.29 -12.25
CA ASP A 4786 -48.09 53.96 -11.83
C ASP A 4786 -49.37 53.52 -12.53
N ASN A 4787 -49.65 52.22 -12.47
CA ASN A 4787 -50.82 51.66 -13.13
C ASN A 4787 -51.97 51.39 -12.18
N SER A 4788 -51.71 50.85 -10.99
CA SER A 4788 -52.80 50.55 -10.07
C SER A 4788 -53.51 51.82 -9.62
N PHE A 4789 -52.76 52.86 -9.28
CA PHE A 4789 -53.38 54.11 -8.88
C PHE A 4789 -54.15 54.73 -10.04
N LEU A 4790 -53.63 54.62 -11.26
CA LEU A 4790 -54.35 55.12 -12.42
C LEU A 4790 -55.66 54.37 -12.62
N TYR A 4791 -55.64 53.06 -12.38
CA TYR A 4791 -56.86 52.26 -12.48
C TYR A 4791 -57.88 52.71 -11.44
N LEU A 4792 -57.43 52.96 -10.21
CA LEU A 4792 -58.35 53.44 -9.19
C LEU A 4792 -58.92 54.80 -9.54
N GLY A 4793 -58.09 55.69 -10.11
CA GLY A 4793 -58.60 56.98 -10.54
C GLY A 4793 -59.59 56.86 -11.68
N TRP A 4794 -59.37 55.90 -12.58
CA TRP A 4794 -60.34 55.64 -13.64
C TRP A 4794 -61.66 55.18 -13.05
N TYR A 4795 -61.60 54.31 -12.03
CA TYR A 4795 -62.80 53.92 -11.31
C TYR A 4795 -63.50 55.14 -10.72
N MET A 4796 -62.72 56.05 -10.14
CA MET A 4796 -63.28 57.29 -9.60
C MET A 4796 -64.03 58.07 -10.66
N VAL A 4797 -63.39 58.28 -11.82
CA VAL A 4797 -63.98 59.17 -12.81
C VAL A 4797 -65.23 58.53 -13.41
N MET A 4798 -65.23 57.21 -13.61
CA MET A 4798 -66.44 56.58 -14.10
C MET A 4798 -67.56 56.60 -13.07
N SER A 4799 -67.24 56.40 -11.79
CA SER A 4799 -68.26 56.51 -10.77
C SER A 4799 -68.85 57.91 -10.73
N LEU A 4800 -67.99 58.92 -10.86
CA LEU A 4800 -68.47 60.30 -10.87
C LEU A 4800 -69.37 60.57 -12.06
N LEU A 4801 -68.94 60.12 -13.25
CA LEU A 4801 -69.76 60.28 -14.45
C LEU A 4801 -71.05 59.48 -14.38
N GLY A 4802 -71.12 58.50 -13.48
CA GLY A 4802 -72.34 57.74 -13.33
C GLY A 4802 -73.53 58.60 -12.94
N HIS A 4803 -73.30 59.65 -12.15
CA HIS A 4803 -74.37 60.54 -11.72
C HIS A 4803 -74.83 61.49 -12.81
N TYR A 4804 -74.39 61.28 -14.05
CA TYR A 4804 -74.88 62.02 -15.20
C TYR A 4804 -76.21 61.47 -15.70
N ASN A 4805 -76.91 60.72 -14.86
CA ASN A 4805 -78.18 60.08 -15.21
C ASN A 4805 -78.00 59.15 -16.41
N ASN A 4806 -77.17 58.12 -16.20
CA ASN A 4806 -76.84 57.20 -17.27
C ASN A 4806 -76.52 55.84 -16.68
N PHE A 4807 -76.16 54.91 -17.57
CA PHE A 4807 -75.83 53.54 -17.21
C PHE A 4807 -74.34 53.36 -16.94
N PHE A 4808 -73.59 54.43 -16.78
CA PHE A 4808 -72.15 54.33 -16.64
C PHE A 4808 -71.74 53.41 -15.50
N PHE A 4809 -72.65 53.10 -14.58
CA PHE A 4809 -72.35 52.11 -13.56
C PHE A 4809 -72.21 50.71 -14.13
N ALA A 4810 -72.64 50.48 -15.37
CA ALA A 4810 -72.51 49.17 -15.97
C ALA A 4810 -71.09 48.85 -16.42
N ALA A 4811 -70.18 49.82 -16.36
CA ALA A 4811 -68.79 49.60 -16.74
C ALA A 4811 -67.90 49.30 -15.54
N HIS A 4812 -68.48 49.15 -14.35
CA HIS A 4812 -67.69 48.85 -13.16
C HIS A 4812 -67.58 47.36 -12.92
N LEU A 4813 -68.70 46.66 -13.06
CA LEU A 4813 -68.72 45.23 -12.79
C LEU A 4813 -67.53 44.62 -13.42
N LEU A 4814 -67.26 44.99 -14.64
CA LEU A 4814 -66.17 44.37 -15.36
C LEU A 4814 -64.94 44.47 -14.55
N ASP A 4815 -64.41 45.67 -14.48
CA ASP A 4815 -63.14 45.84 -13.80
C ASP A 4815 -63.06 45.04 -12.54
N ILE A 4816 -64.15 44.86 -11.86
CA ILE A 4816 -64.00 44.14 -10.64
C ILE A 4816 -64.10 42.67 -10.96
N ALA A 4817 -65.10 42.28 -11.73
CA ALA A 4817 -65.27 40.87 -12.01
C ALA A 4817 -63.92 40.25 -12.24
N MET A 4818 -63.06 40.94 -13.00
CA MET A 4818 -61.70 40.45 -13.20
C MET A 4818 -60.87 40.65 -11.95
N GLY A 4819 -61.25 39.97 -10.88
CA GLY A 4819 -60.46 40.03 -9.66
C GLY A 4819 -60.00 38.63 -9.39
N VAL A 4820 -60.84 37.66 -9.70
CA VAL A 4820 -60.46 36.28 -9.52
C VAL A 4820 -59.51 35.88 -10.63
N LYS A 4821 -58.29 35.50 -10.27
CA LYS A 4821 -57.29 35.20 -11.28
C LYS A 4821 -57.78 34.45 -12.49
N THR A 4822 -58.43 33.33 -12.28
CA THR A 4822 -58.83 32.51 -13.43
C THR A 4822 -59.50 33.31 -14.53
N LEU A 4823 -59.91 34.54 -14.25
CA LEU A 4823 -60.39 35.45 -15.29
C LEU A 4823 -59.34 36.47 -15.71
N ARG A 4824 -58.46 36.87 -14.79
CA ARG A 4824 -57.39 37.79 -15.15
C ARG A 4824 -56.44 37.14 -16.15
N THR A 4825 -56.19 35.84 -16.00
CA THR A 4825 -55.34 35.16 -16.98
C THR A 4825 -55.99 35.15 -18.36
N ILE A 4826 -57.31 34.96 -18.41
CA ILE A 4826 -58.02 35.01 -19.68
C ILE A 4826 -57.90 36.40 -20.30
N LEU A 4827 -58.09 37.44 -19.49
CA LEU A 4827 -58.00 38.80 -20.01
C LEU A 4827 -56.59 39.13 -20.49
N SER A 4828 -55.57 38.62 -19.79
CA SER A 4828 -54.20 38.85 -20.20
C SER A 4828 -53.79 38.03 -21.41
N SER A 4829 -54.46 36.90 -21.67
CA SER A 4829 -54.11 36.07 -22.81
C SER A 4829 -54.37 36.79 -24.13
N VAL A 4830 -55.30 37.74 -24.15
CA VAL A 4830 -55.61 38.44 -25.39
C VAL A 4830 -54.42 39.24 -25.88
N THR A 4831 -53.74 39.95 -24.96
CA THR A 4831 -52.60 40.79 -25.32
C THR A 4831 -51.26 40.13 -25.03
N HIS A 4832 -51.25 38.91 -24.49
CA HIS A 4832 -49.98 38.25 -24.23
C HIS A 4832 -49.22 37.96 -25.51
N ASN A 4833 -49.93 37.56 -26.56
CA ASN A 4833 -49.32 37.18 -27.83
C ASN A 4833 -49.85 38.03 -28.98
N GLY A 4834 -50.21 39.29 -28.70
CA GLY A 4834 -50.83 40.13 -29.70
C GLY A 4834 -49.88 40.56 -30.81
N LYS A 4835 -48.57 40.49 -30.58
CA LYS A 4835 -47.63 40.97 -31.58
C LYS A 4835 -47.72 40.18 -32.87
N GLN A 4836 -48.09 38.90 -32.79
CA GLN A 4836 -48.36 38.12 -33.99
C GLN A 4836 -49.84 38.15 -34.38
N LEU A 4837 -50.72 38.40 -33.41
CA LEU A 4837 -52.14 38.48 -33.70
C LEU A 4837 -52.44 39.63 -34.65
N VAL A 4838 -51.80 40.78 -34.43
CA VAL A 4838 -52.06 41.91 -35.32
C VAL A 4838 -51.55 41.62 -36.74
N MET A 4839 -50.40 40.95 -36.85
CA MET A 4839 -49.91 40.58 -38.18
C MET A 4839 -50.88 39.64 -38.87
N THR A 4840 -51.39 38.65 -38.14
CA THR A 4840 -52.33 37.70 -38.75
C THR A 4840 -53.61 38.39 -39.18
N VAL A 4841 -54.11 39.33 -38.36
CA VAL A 4841 -55.30 40.08 -38.74
C VAL A 4841 -55.04 40.89 -40.01
N GLY A 4842 -53.86 41.52 -40.09
CA GLY A 4842 -53.53 42.25 -41.31
C GLY A 4842 -53.47 41.33 -42.52
N LEU A 4843 -52.93 40.12 -42.34
CA LEU A 4843 -52.87 39.18 -43.45
C LEU A 4843 -54.28 38.81 -43.91
N LEU A 4844 -55.19 38.57 -42.97
CA LEU A 4844 -56.57 38.29 -43.34
C LEU A 4844 -57.17 39.46 -44.10
N ALA A 4845 -56.92 40.69 -43.63
CA ALA A 4845 -57.46 41.86 -44.31
C ALA A 4845 -56.96 41.98 -45.74
N VAL A 4846 -55.66 41.78 -45.96
CA VAL A 4846 -55.14 41.88 -47.31
C VAL A 4846 -55.64 40.75 -48.20
N VAL A 4847 -55.84 39.54 -47.65
CA VAL A 4847 -56.38 38.47 -48.49
C VAL A 4847 -57.81 38.78 -48.91
N VAL A 4848 -58.63 39.26 -47.98
CA VAL A 4848 -60.01 39.60 -48.34
C VAL A 4848 -60.01 40.73 -49.37
N TYR A 4849 -59.12 41.71 -49.21
CA TYR A 4849 -59.03 42.78 -50.20
C TYR A 4849 -58.62 42.23 -51.57
N LEU A 4850 -57.70 41.27 -51.59
CA LEU A 4850 -57.28 40.67 -52.85
C LEU A 4850 -58.46 40.04 -53.55
N TYR A 4851 -59.26 39.27 -52.81
CA TYR A 4851 -60.45 38.68 -53.42
C TYR A 4851 -61.43 39.76 -53.86
N THR A 4852 -61.50 40.87 -53.12
CA THR A 4852 -62.42 41.94 -53.50
C THR A 4852 -62.05 42.53 -54.85
N VAL A 4853 -60.76 42.83 -55.04
CA VAL A 4853 -60.37 43.40 -56.33
C VAL A 4853 -60.44 42.36 -57.42
N VAL A 4854 -60.28 41.08 -57.09
CA VAL A 4854 -60.44 40.04 -58.10
C VAL A 4854 -61.88 39.99 -58.59
N ALA A 4855 -62.84 40.07 -57.68
CA ALA A 4855 -64.25 39.94 -58.03
C ALA A 4855 -64.90 41.26 -58.38
N PHE A 4856 -64.18 42.39 -58.28
CA PHE A 4856 -64.80 43.67 -58.57
C PHE A 4856 -65.00 43.88 -60.06
N ASN A 4857 -64.03 43.49 -60.88
CA ASN A 4857 -64.09 43.74 -62.31
C ASN A 4857 -64.46 42.50 -63.10
N PHE A 4858 -64.91 41.44 -62.45
CA PHE A 4858 -65.24 40.19 -63.14
C PHE A 4858 -66.66 39.74 -62.83
N PHE A 4859 -67.13 39.99 -61.62
CA PHE A 4859 -68.40 39.44 -61.14
C PHE A 4859 -69.32 40.55 -60.66
N ARG A 4860 -69.44 41.62 -61.45
CA ARG A 4860 -70.32 42.72 -61.07
C ARG A 4860 -71.77 42.28 -61.03
N LYS A 4861 -72.20 41.51 -62.01
CA LYS A 4861 -73.63 41.23 -62.17
C LYS A 4861 -74.17 40.24 -61.17
N PHE A 4862 -73.41 39.80 -60.16
CA PHE A 4862 -73.91 38.86 -59.17
C PHE A 4862 -74.26 39.54 -57.84
N TYR A 4863 -73.46 40.51 -57.41
CA TYR A 4863 -73.62 41.10 -56.09
C TYR A 4863 -74.82 42.03 -56.11
N ASN A 4864 -75.99 41.48 -55.83
CA ASN A 4864 -77.18 42.31 -55.62
C ASN A 4864 -78.06 41.63 -54.59
N LYS A 4865 -78.99 42.40 -54.03
CA LYS A 4865 -79.84 41.92 -52.95
C LYS A 4865 -81.20 41.43 -53.44
N SER A 4866 -81.36 41.24 -54.75
CA SER A 4866 -82.55 40.61 -55.33
C SER A 4866 -83.83 41.37 -54.97
N GLU A 4867 -83.91 42.60 -55.48
CA GLU A 4867 -85.11 43.42 -55.34
C GLU A 4867 -85.81 43.47 -56.69
N ASP A 4868 -87.11 43.22 -56.67
CA ASP A 4868 -87.88 43.17 -57.91
C ASP A 4868 -87.97 44.55 -58.55
N GLU A 4869 -87.96 44.56 -59.88
CA GLU A 4869 -88.28 45.71 -60.73
C GLU A 4869 -87.36 46.91 -60.51
N ASP A 4870 -86.38 46.78 -59.61
CA ASP A 4870 -85.41 47.84 -59.38
C ASP A 4870 -84.31 47.28 -58.50
N GLU A 4871 -83.07 47.68 -58.78
CA GLU A 4871 -81.90 47.25 -58.02
C GLU A 4871 -81.07 48.47 -57.64
N PRO A 4872 -81.56 49.30 -56.72
CA PRO A 4872 -80.76 50.44 -56.26
C PRO A 4872 -79.54 50.01 -55.45
N ASP A 4873 -79.52 48.79 -54.93
CA ASP A 4873 -78.47 48.31 -54.05
C ASP A 4873 -77.57 47.36 -54.84
N MET A 4874 -76.35 47.81 -55.11
CA MET A 4874 -75.34 46.97 -55.75
C MET A 4874 -74.05 47.11 -54.96
N LYS A 4875 -73.59 46.01 -54.38
CA LYS A 4875 -72.36 46.01 -53.59
C LYS A 4875 -71.12 45.71 -54.42
N CYS A 4876 -71.16 46.03 -55.71
CA CYS A 4876 -70.02 45.82 -56.58
C CYS A 4876 -69.59 47.08 -57.33
N ASP A 4877 -70.42 48.12 -57.37
CA ASP A 4877 -70.09 49.33 -58.10
C ASP A 4877 -68.84 50.00 -57.54
N ASP A 4878 -68.92 50.49 -56.30
CA ASP A 4878 -67.77 51.13 -55.69
C ASP A 4878 -66.86 50.08 -55.07
N MET A 4879 -65.56 50.36 -55.09
CA MET A 4879 -64.62 49.48 -54.41
C MET A 4879 -64.83 49.51 -52.91
N MET A 4880 -65.11 50.69 -52.35
CA MET A 4880 -65.24 50.80 -50.90
C MET A 4880 -66.43 49.98 -50.40
N THR A 4881 -67.59 50.11 -51.04
CA THR A 4881 -68.75 49.35 -50.60
C THR A 4881 -68.52 47.85 -50.78
N CYS A 4882 -67.89 47.45 -51.88
CA CYS A 4882 -67.63 46.03 -52.09
C CYS A 4882 -66.70 45.48 -51.02
N TYR A 4883 -65.64 46.21 -50.69
CA TYR A 4883 -64.72 45.76 -49.65
C TYR A 4883 -65.42 45.68 -48.30
N LEU A 4884 -66.24 46.68 -47.97
CA LEU A 4884 -66.97 46.63 -46.71
C LEU A 4884 -67.92 45.44 -46.68
N PHE A 4885 -68.63 45.20 -47.78
CA PHE A 4885 -69.57 44.10 -47.82
C PHE A 4885 -68.86 42.76 -47.62
N HIS A 4886 -67.74 42.58 -48.31
CA HIS A 4886 -67.00 41.33 -48.13
C HIS A 4886 -66.51 41.19 -46.69
N MET A 4887 -65.83 42.21 -46.17
CA MET A 4887 -65.25 42.12 -44.84
C MET A 4887 -66.31 42.00 -43.74
N TYR A 4888 -67.55 42.40 -44.01
CA TYR A 4888 -68.58 42.35 -42.98
C TYR A 4888 -69.49 41.14 -43.09
N VAL A 4889 -69.64 40.54 -44.27
CA VAL A 4889 -70.53 39.41 -44.46
C VAL A 4889 -69.75 38.12 -44.69
N GLY A 4890 -68.79 38.13 -45.61
CA GLY A 4890 -68.17 36.89 -46.03
C GLY A 4890 -67.45 36.17 -44.91
N VAL A 4891 -66.78 36.92 -44.04
CA VAL A 4891 -66.01 36.28 -42.96
C VAL A 4891 -66.94 35.54 -42.01
N ARG A 4892 -68.04 36.17 -41.68
CA ARG A 4892 -68.98 35.48 -40.85
C ARG A 4892 -69.65 34.51 -41.77
N ALA A 4893 -70.87 34.16 -41.49
CA ALA A 4893 -71.56 33.17 -42.29
C ALA A 4893 -70.84 31.84 -42.25
N GLY A 4894 -71.53 30.79 -42.67
CA GLY A 4894 -70.93 29.47 -42.68
C GLY A 4894 -70.68 29.19 -44.12
N GLY A 4895 -69.42 29.21 -44.50
CA GLY A 4895 -69.12 29.08 -45.90
C GLY A 4895 -68.92 30.48 -46.37
N GLY A 4896 -68.10 30.65 -47.38
CA GLY A 4896 -67.81 31.97 -47.83
C GLY A 4896 -68.94 32.66 -48.52
N ILE A 4897 -68.61 33.60 -49.37
CA ILE A 4897 -69.62 34.36 -50.03
C ILE A 4897 -70.43 33.56 -51.01
N GLY A 4898 -70.67 32.28 -50.76
CA GLY A 4898 -71.54 31.54 -51.66
C GLY A 4898 -72.98 31.45 -51.22
N ASP A 4899 -73.33 31.95 -50.04
CA ASP A 4899 -74.68 31.87 -49.53
C ASP A 4899 -75.46 33.17 -49.60
N GLU A 4900 -74.82 34.27 -50.03
CA GLU A 4900 -75.46 35.58 -49.96
C GLU A 4900 -75.47 36.31 -51.31
N ILE A 4901 -75.19 35.62 -52.41
CA ILE A 4901 -75.18 36.25 -53.72
C ILE A 4901 -75.89 35.32 -54.70
N GLU A 4902 -75.97 35.75 -55.95
CA GLU A 4902 -76.75 35.04 -56.95
C GLU A 4902 -76.13 33.67 -57.26
N ASP A 4903 -76.98 32.75 -57.69
CA ASP A 4903 -76.52 31.43 -58.05
C ASP A 4903 -75.67 31.49 -59.32
N PRO A 4904 -74.60 30.71 -59.39
CA PRO A 4904 -73.75 30.72 -60.59
C PRO A 4904 -74.22 29.77 -61.67
N ALA A 4905 -75.50 29.34 -61.61
CA ALA A 4905 -76.00 28.37 -62.57
C ALA A 4905 -75.95 28.87 -64.00
N GLY A 4906 -75.81 30.18 -64.21
CA GLY A 4906 -75.68 30.70 -65.55
C GLY A 4906 -74.44 30.15 -66.24
N ASP A 4907 -74.55 30.01 -67.57
CA ASP A 4907 -73.49 29.35 -68.32
C ASP A 4907 -72.17 30.11 -68.24
N GLU A 4908 -72.21 31.43 -68.34
CA GLU A 4908 -70.99 32.21 -68.37
C GLU A 4908 -70.32 32.22 -66.99
N TYR A 4909 -69.02 31.96 -66.97
CA TYR A 4909 -68.18 32.11 -65.78
C TYR A 4909 -68.57 31.17 -64.65
N GLU A 4910 -69.33 30.11 -64.92
CA GLU A 4910 -69.73 29.21 -63.86
C GLU A 4910 -68.52 28.54 -63.22
N LEU A 4911 -67.66 27.92 -64.04
CA LEU A 4911 -66.46 27.30 -63.51
C LEU A 4911 -65.41 28.32 -63.12
N TYR A 4912 -65.56 29.58 -63.51
CA TYR A 4912 -64.66 30.64 -63.08
C TYR A 4912 -65.09 31.27 -61.77
N ARG A 4913 -66.23 30.86 -61.23
CA ARG A 4913 -66.69 31.35 -59.94
C ARG A 4913 -66.90 30.26 -58.91
N VAL A 4914 -67.15 29.02 -59.33
CA VAL A 4914 -67.20 27.94 -58.36
C VAL A 4914 -65.86 27.80 -57.64
N VAL A 4915 -64.77 27.87 -58.40
CA VAL A 4915 -63.45 27.79 -57.78
C VAL A 4915 -63.20 29.01 -56.89
N PHE A 4916 -63.72 30.18 -57.27
CA PHE A 4916 -63.59 31.36 -56.43
C PHE A 4916 -64.28 31.14 -55.09
N ASP A 4917 -65.52 30.64 -55.12
CA ASP A 4917 -66.24 30.36 -53.87
C ASP A 4917 -65.49 29.35 -53.02
N ILE A 4918 -65.03 28.26 -53.64
CA ILE A 4918 -64.39 27.20 -52.88
C ILE A 4918 -63.10 27.71 -52.23
N THR A 4919 -62.27 28.41 -53.00
CA THR A 4919 -61.01 28.90 -52.43
C THR A 4919 -61.25 29.99 -51.40
N PHE A 4920 -62.31 30.78 -51.55
CA PHE A 4920 -62.62 31.75 -50.51
C PHE A 4920 -63.02 31.06 -49.22
N PHE A 4921 -63.84 30.01 -49.32
CA PHE A 4921 -64.24 29.27 -48.13
C PHE A 4921 -63.04 28.55 -47.51
N PHE A 4922 -62.06 28.19 -48.33
CA PHE A 4922 -60.93 27.41 -47.83
C PHE A 4922 -59.79 28.26 -47.28
N PHE A 4923 -59.67 29.52 -47.69
CA PHE A 4923 -58.48 30.28 -47.34
C PHE A 4923 -58.69 31.31 -46.24
N VAL A 4924 -59.93 31.68 -45.91
CA VAL A 4924 -60.14 32.70 -44.91
C VAL A 4924 -61.13 32.23 -43.85
N ILE A 4925 -61.53 30.97 -43.90
CA ILE A 4925 -62.50 30.47 -42.93
C ILE A 4925 -61.95 29.23 -42.22
N VAL A 4926 -61.52 28.24 -42.99
CA VAL A 4926 -61.04 26.99 -42.38
C VAL A 4926 -59.56 27.02 -42.05
N ILE A 4927 -58.87 28.11 -42.36
CA ILE A 4927 -57.46 28.21 -41.99
C ILE A 4927 -57.21 29.48 -41.19
N LEU A 4928 -57.55 30.64 -41.77
CA LEU A 4928 -57.16 31.90 -41.14
C LEU A 4928 -57.90 32.13 -39.83
N LEU A 4929 -59.22 31.99 -39.83
CA LEU A 4929 -59.96 32.13 -38.58
C LEU A 4929 -59.57 31.04 -37.59
N ALA A 4930 -59.30 29.83 -38.09
CA ALA A 4930 -58.84 28.78 -37.20
C ALA A 4930 -57.52 29.16 -36.54
N ILE A 4931 -56.61 29.75 -37.30
CA ILE A 4931 -55.33 30.17 -36.75
C ILE A 4931 -55.53 31.26 -35.70
N ILE A 4932 -56.38 32.25 -36.01
CA ILE A 4932 -56.60 33.34 -35.07
C ILE A 4932 -57.21 32.82 -33.78
N GLN A 4933 -58.22 31.95 -33.88
CA GLN A 4933 -58.82 31.38 -32.69
C GLN A 4933 -57.81 30.54 -31.92
N GLY A 4934 -56.95 29.82 -32.63
CA GLY A 4934 -55.93 29.02 -31.99
C GLY A 4934 -54.91 29.83 -31.21
N LEU A 4935 -54.50 30.97 -31.75
CA LEU A 4935 -53.49 31.79 -31.09
C LEU A 4935 -53.95 32.28 -29.72
N ILE A 4936 -55.18 32.78 -29.63
CA ILE A 4936 -55.67 33.32 -28.36
C ILE A 4936 -55.92 32.20 -27.36
N ILE A 4937 -56.56 31.12 -27.81
CA ILE A 4937 -56.88 30.02 -26.89
C ILE A 4937 -55.61 29.36 -26.38
N ASP A 4938 -54.64 29.14 -27.26
CA ASP A 4938 -53.42 28.44 -26.85
C ASP A 4938 -52.61 29.27 -25.87
N ALA A 4939 -52.63 30.60 -26.00
CA ALA A 4939 -51.87 31.43 -25.06
C ALA A 4939 -52.41 31.29 -23.65
N PHE A 4940 -53.72 31.17 -23.50
CA PHE A 4940 -54.31 30.96 -22.18
C PHE A 4940 -53.85 29.64 -21.58
N GLY A 4941 -53.77 28.60 -22.41
CA GLY A 4941 -53.23 27.32 -21.98
C GLY A 4941 -51.79 27.43 -21.55
N GLU A 4942 -51.00 28.21 -22.30
CA GLU A 4942 -49.61 28.44 -21.94
C GLU A 4942 -49.49 29.13 -20.60
N LEU A 4943 -50.36 30.11 -20.34
CA LEU A 4943 -50.35 30.81 -19.06
C LEU A 4943 -50.67 29.85 -17.93
N ARG A 4944 -51.68 29.01 -18.13
CA ARG A 4944 -52.01 28.01 -17.12
C ARG A 4944 -50.84 27.07 -16.86
N ASP A 4945 -50.18 26.63 -17.94
CA ASP A 4945 -49.02 25.75 -17.77
C ASP A 4945 -47.88 26.46 -17.03
N GLN A 4946 -47.67 27.74 -17.31
CA GLN A 4946 -46.63 28.49 -16.62
C GLN A 4946 -46.93 28.58 -15.13
N GLN A 4947 -48.17 28.86 -14.77
CA GLN A 4947 -48.51 28.93 -13.35
C GLN A 4947 -48.36 27.58 -12.68
N GLU A 4948 -48.78 26.50 -13.36
CA GLU A 4948 -48.61 25.18 -12.79
C GLU A 4948 -47.14 24.84 -12.60
N GLN A 4949 -46.30 25.19 -13.57
CA GLN A 4949 -44.88 24.89 -13.46
C GLN A 4949 -44.23 25.71 -12.36
N VAL A 4950 -44.61 26.97 -12.19
CA VAL A 4950 -44.02 27.76 -11.11
C VAL A 4950 -44.48 27.23 -9.77
N LYS A 4951 -45.68 26.65 -9.70
CA LYS A 4951 -46.12 26.02 -8.46
C LYS A 4951 -45.35 24.74 -8.18
N GLU A 4952 -45.08 23.95 -9.22
CA GLU A 4952 -44.51 22.62 -9.02
C GLU A 4952 -42.99 22.62 -8.89
N ASP A 4953 -42.29 23.51 -9.61
CA ASP A 4953 -40.83 23.50 -9.60
C ASP A 4953 -40.30 23.80 -8.20
N MET A 4954 -40.92 24.74 -7.50
CA MET A 4954 -40.50 25.05 -6.14
C MET A 4954 -40.70 23.88 -5.20
N GLU A 4955 -41.59 22.94 -5.57
CA GLU A 4955 -41.80 21.74 -4.77
C GLU A 4955 -40.77 20.64 -5.05
N THR A 4956 -39.83 20.86 -5.98
CA THR A 4956 -38.79 19.88 -6.25
C THR A 4956 -37.40 20.47 -6.12
N LYS A 4957 -37.28 21.70 -5.62
CA LYS A 4957 -35.99 22.31 -5.34
C LYS A 4957 -36.14 23.15 -4.07
N CYS A 4958 -35.05 23.81 -3.67
CA CYS A 4958 -35.03 24.52 -2.40
C CYS A 4958 -34.95 26.03 -2.53
N PHE A 4959 -34.75 26.56 -3.73
CA PHE A 4959 -34.66 28.01 -3.97
C PHE A 4959 -33.40 28.60 -3.34
N ILE A 4960 -32.64 27.79 -2.61
CA ILE A 4960 -31.37 28.22 -2.06
C ILE A 4960 -30.30 27.22 -2.48
N CYS A 4961 -30.53 25.95 -2.18
CA CYS A 4961 -29.63 24.91 -2.65
C CYS A 4961 -29.71 24.81 -4.17
N GLY A 4962 -28.59 24.38 -4.76
CA GLY A 4962 -28.55 24.20 -6.20
C GLY A 4962 -28.90 22.78 -6.62
N ILE A 4963 -29.56 22.05 -5.72
CA ILE A 4963 -29.88 20.65 -5.94
C ILE A 4963 -31.34 20.40 -5.60
N GLY A 4964 -31.85 19.27 -6.11
CA GLY A 4964 -33.25 18.95 -6.01
C GLY A 4964 -33.58 18.06 -4.83
N SER A 4965 -34.79 17.51 -4.86
CA SER A 4965 -35.31 16.68 -3.77
C SER A 4965 -34.89 15.23 -3.87
N ASP A 4966 -34.33 14.79 -5.00
CA ASP A 4966 -34.01 13.38 -5.17
C ASP A 4966 -32.98 12.92 -4.16
N TYR A 4967 -31.96 13.73 -3.90
CA TYR A 4967 -30.90 13.32 -2.99
C TYR A 4967 -31.34 13.39 -1.54
N PHE A 4968 -32.23 14.33 -1.21
CA PHE A 4968 -32.78 14.40 0.15
C PHE A 4968 -33.83 13.34 0.42
N ASP A 4969 -34.37 12.72 -0.62
CA ASP A 4969 -35.40 11.71 -0.45
C ASP A 4969 -34.84 10.33 -0.15
N THR A 4970 -33.52 10.19 -0.05
CA THR A 4970 -32.93 8.92 0.36
C THR A 4970 -33.28 8.56 1.80
N THR A 4971 -33.80 9.50 2.57
CA THR A 4971 -34.28 9.29 3.92
C THR A 4971 -35.70 9.80 4.03
N PRO A 4972 -36.54 9.17 4.85
CA PRO A 4972 -37.93 9.63 4.97
C PRO A 4972 -38.00 11.06 5.47
N HIS A 4973 -38.96 11.81 4.91
CA HIS A 4973 -39.18 13.22 5.25
C HIS A 4973 -37.94 14.06 5.03
N GLY A 4974 -37.11 13.67 4.05
CA GLY A 4974 -35.86 14.37 3.83
C GLY A 4974 -36.04 15.81 3.42
N PHE A 4975 -36.99 16.07 2.52
CA PHE A 4975 -37.14 17.44 2.01
C PHE A 4975 -37.75 18.35 3.08
N GLU A 4976 -38.66 17.83 3.89
CA GLU A 4976 -39.17 18.64 5.00
C GLU A 4976 -38.05 19.01 5.96
N THR A 4977 -37.14 18.06 6.23
CA THR A 4977 -35.98 18.37 7.07
C THR A 4977 -35.08 19.41 6.42
N HIS A 4978 -34.90 19.33 5.10
CA HIS A 4978 -34.04 20.31 4.45
C HIS A 4978 -34.71 21.66 4.26
N THR A 4979 -36.03 21.76 4.43
CA THR A 4979 -36.70 23.03 4.20
C THR A 4979 -37.27 23.69 5.45
N LEU A 4980 -37.43 22.97 6.56
CA LEU A 4980 -38.12 23.53 7.71
C LEU A 4980 -37.18 24.02 8.80
N GLU A 4981 -36.11 23.30 9.08
CA GLU A 4981 -35.11 23.72 10.05
C GLU A 4981 -33.82 24.23 9.42
N GLU A 4982 -33.43 23.73 8.26
CA GLU A 4982 -32.32 24.32 7.52
C GLU A 4982 -32.84 25.54 6.77
N HIS A 4983 -32.06 26.05 5.81
CA HIS A 4983 -32.43 27.28 5.12
C HIS A 4983 -33.86 27.22 4.61
N ASN A 4984 -34.69 28.12 5.13
CA ASN A 4984 -36.14 28.00 5.07
C ASN A 4984 -36.79 29.12 4.26
N LEU A 4985 -36.00 30.06 3.73
CA LEU A 4985 -36.49 31.21 2.96
C LEU A 4985 -37.17 32.21 3.89
N ALA A 4986 -37.33 31.84 5.15
CA ALA A 4986 -37.84 32.74 6.17
C ALA A 4986 -36.87 32.98 7.30
N ASN A 4987 -35.94 32.05 7.55
CA ASN A 4987 -34.90 32.28 8.55
C ASN A 4987 -34.03 33.46 8.16
N TYR A 4988 -33.68 33.57 6.87
CA TYR A 4988 -32.92 34.74 6.41
C TYR A 4988 -33.69 36.02 6.62
N MET A 4989 -35.02 35.97 6.50
CA MET A 4989 -35.85 37.14 6.77
C MET A 4989 -35.65 37.64 8.19
N PHE A 4990 -35.67 36.72 9.16
CA PHE A 4990 -35.43 37.13 10.54
C PHE A 4990 -33.98 37.55 10.75
N PHE A 4991 -33.04 36.89 10.06
CA PHE A 4991 -31.64 37.19 10.22
C PHE A 4991 -31.32 38.61 9.81
N LEU A 4992 -31.89 39.07 8.70
CA LEU A 4992 -31.56 40.40 8.19
C LEU A 4992 -31.99 41.49 9.17
N MET A 4993 -33.18 41.38 9.76
CA MET A 4993 -33.58 42.39 10.71
C MET A 4993 -33.07 42.13 12.12
N TYR A 4994 -32.54 40.94 12.38
CA TYR A 4994 -31.88 40.69 13.66
C TYR A 4994 -30.49 41.31 13.66
N LEU A 4995 -29.81 41.31 12.52
CA LEU A 4995 -28.53 41.98 12.42
C LEU A 4995 -28.66 43.47 12.71
N ILE A 4996 -29.77 44.07 12.27
CA ILE A 4996 -29.96 45.51 12.43
C ILE A 4996 -30.06 45.87 13.91
N ASN A 4997 -30.80 45.09 14.68
CA ASN A 4997 -31.06 45.44 16.07
C ASN A 4997 -29.78 45.42 16.91
N LYS A 4998 -28.95 44.39 16.73
CA LYS A 4998 -27.77 44.23 17.58
C LYS A 4998 -26.64 45.13 17.10
N ASP A 4999 -26.10 45.93 18.01
CA ASP A 4999 -25.06 46.88 17.66
C ASP A 4999 -23.78 46.17 17.23
N GLU A 5000 -22.99 46.87 16.43
CA GLU A 5000 -21.79 46.27 15.84
C GLU A 5000 -20.80 45.79 16.88
N THR A 5001 -20.84 46.33 18.09
CA THR A 5001 -19.89 45.93 19.12
C THR A 5001 -20.19 44.53 19.67
N GLU A 5002 -21.39 44.02 19.46
CA GLU A 5002 -21.78 42.71 19.99
C GLU A 5002 -21.88 41.63 18.94
N HIS A 5003 -21.58 41.94 17.68
CA HIS A 5003 -21.64 40.93 16.64
C HIS A 5003 -20.65 39.80 16.94
N THR A 5004 -21.08 38.57 16.70
CA THR A 5004 -20.23 37.42 16.94
C THR A 5004 -19.17 37.34 15.85
N GLY A 5005 -18.38 36.28 15.86
CA GLY A 5005 -17.32 36.11 14.88
C GLY A 5005 -17.81 35.88 13.46
N GLN A 5006 -19.08 35.59 13.27
CA GLN A 5006 -19.64 35.39 11.94
C GLN A 5006 -20.69 36.42 11.57
N GLU A 5007 -21.41 36.98 12.54
CA GLU A 5007 -22.43 37.98 12.21
C GLU A 5007 -21.81 39.19 11.53
N SER A 5008 -20.71 39.71 12.09
CA SER A 5008 -20.02 40.80 11.44
C SER A 5008 -19.46 40.36 10.09
N TYR A 5009 -19.06 39.09 9.98
CA TYR A 5009 -18.50 38.59 8.73
C TYR A 5009 -19.52 38.72 7.59
N VAL A 5010 -20.75 38.26 7.82
CA VAL A 5010 -21.76 38.36 6.78
C VAL A 5010 -22.24 39.81 6.64
N TRP A 5011 -22.30 40.56 7.74
CA TRP A 5011 -22.77 41.94 7.67
C TRP A 5011 -21.87 42.78 6.80
N LYS A 5012 -20.57 42.54 6.87
CA LYS A 5012 -19.63 43.33 6.06
C LYS A 5012 -19.89 43.13 4.58
N MET A 5013 -20.07 41.88 4.14
CA MET A 5013 -20.39 41.64 2.74
C MET A 5013 -21.76 42.22 2.38
N TYR A 5014 -22.73 42.11 3.28
CA TYR A 5014 -24.05 42.66 2.98
C TYR A 5014 -23.97 44.15 2.75
N GLN A 5015 -23.17 44.85 3.55
CA GLN A 5015 -22.97 46.28 3.30
C GLN A 5015 -22.14 46.51 2.05
N GLU A 5016 -21.30 45.54 1.66
CA GLU A 5016 -20.49 45.64 0.46
C GLU A 5016 -21.12 44.97 -0.75
N ARG A 5017 -22.30 44.38 -0.60
CA ARG A 5017 -23.05 43.79 -1.71
C ARG A 5017 -22.23 42.70 -2.43
N CYS A 5018 -21.94 41.64 -1.69
CA CYS A 5018 -21.31 40.44 -2.24
C CYS A 5018 -22.04 39.23 -1.69
N TRP A 5019 -22.68 38.47 -2.57
CA TRP A 5019 -23.56 37.37 -2.18
C TRP A 5019 -22.88 36.02 -2.25
N ASP A 5020 -21.59 35.96 -1.90
CA ASP A 5020 -20.91 34.67 -1.84
C ASP A 5020 -21.26 33.87 -0.61
N PHE A 5021 -21.89 34.48 0.39
CA PHE A 5021 -22.13 33.77 1.64
C PHE A 5021 -23.35 32.85 1.59
N PHE A 5022 -24.15 32.90 0.53
CA PHE A 5022 -25.20 31.91 0.37
C PHE A 5022 -24.58 30.56 0.00
N PRO A 5023 -25.12 29.45 0.50
CA PRO A 5023 -24.47 28.15 0.28
C PRO A 5023 -24.28 27.80 -1.19
N ALA A 5024 -25.38 27.74 -1.94
CA ALA A 5024 -25.35 27.57 -3.39
C ALA A 5024 -24.59 26.29 -3.80
N GLY A 5025 -25.14 25.15 -3.41
CA GLY A 5025 -24.60 23.89 -3.88
C GLY A 5025 -24.57 22.75 -2.88
N ASP A 5026 -24.48 23.08 -1.60
CA ASP A 5026 -24.38 22.05 -0.56
C ASP A 5026 -24.64 22.69 0.78
N CYS A 5027 -25.43 22.01 1.61
CA CYS A 5027 -25.87 22.55 2.90
C CYS A 5027 -25.57 21.54 4.00
N PHE A 5028 -24.35 21.58 4.53
CA PHE A 5028 -23.91 20.91 5.74
C PHE A 5028 -23.92 19.40 5.63
N ARG A 5029 -24.41 18.83 4.54
CA ARG A 5029 -24.53 17.38 4.40
C ARG A 5029 -23.58 16.80 3.38
N LYS A 5030 -23.43 17.45 2.21
CA LYS A 5030 -22.42 17.00 1.26
C LYS A 5030 -21.02 17.15 1.82
N GLN A 5031 -20.81 18.14 2.69
CA GLN A 5031 -19.50 18.35 3.28
C GLN A 5031 -19.16 17.26 4.29
N TYR A 5032 -20.14 16.76 5.02
CA TYR A 5032 -19.92 15.85 6.14
C TYR A 5032 -20.72 14.57 5.95
N GLU A 5033 -20.66 14.00 4.75
CA GLU A 5033 -21.40 12.77 4.49
C GLU A 5033 -20.78 11.59 5.22
N ASP A 5034 -19.46 11.44 5.16
CA ASP A 5034 -18.81 10.30 5.79
C ASP A 5034 -18.92 10.34 7.30
N GLN A 5035 -18.61 11.49 7.90
CA GLN A 5035 -18.66 11.61 9.35
C GLN A 5035 -20.08 11.47 9.87
N LEU A 5036 -21.05 12.08 9.19
CA LEU A 5036 -22.45 12.04 9.59
C LEU A 5036 -23.25 11.50 8.41
N SER A 5037 -23.68 10.25 8.50
CA SER A 5037 -24.47 9.62 7.44
C SER A 5037 -25.83 9.21 7.97
N GLN B 12 21.86 -17.96 -23.18
CA GLN B 12 20.80 -18.92 -23.45
C GLN B 12 21.19 -19.89 -24.56
N PHE B 13 21.40 -19.34 -25.76
CA PHE B 13 21.77 -20.16 -26.91
C PHE B 13 22.60 -19.32 -27.87
N LEU B 14 23.36 -20.01 -28.72
CA LEU B 14 24.21 -19.34 -29.69
C LEU B 14 23.36 -18.74 -30.81
N ARG B 15 23.88 -17.65 -31.38
CA ARG B 15 23.20 -16.94 -32.46
C ARG B 15 24.24 -16.40 -33.44
N THR B 16 23.78 -16.07 -34.63
CA THR B 16 24.67 -15.54 -35.66
C THR B 16 25.09 -14.12 -35.32
N ASP B 17 26.02 -13.59 -36.12
CA ASP B 17 26.65 -12.28 -35.93
C ASP B 17 26.94 -12.00 -34.46
N ASP B 18 27.46 -13.01 -33.76
CA ASP B 18 27.75 -12.92 -32.34
C ASP B 18 29.16 -13.42 -32.06
N GLU B 19 29.79 -12.85 -31.04
CA GLU B 19 31.15 -13.21 -30.69
C GLU B 19 31.17 -14.51 -29.89
N VAL B 20 31.97 -15.48 -30.35
CA VAL B 20 32.14 -16.74 -29.66
C VAL B 20 33.63 -17.07 -29.64
N VAL B 21 34.02 -17.90 -28.67
CA VAL B 21 35.39 -18.38 -28.55
C VAL B 21 35.37 -19.90 -28.52
N LEU B 22 36.17 -20.52 -29.38
CA LEU B 22 36.25 -21.96 -29.42
C LEU B 22 37.14 -22.47 -28.28
N GLN B 23 36.73 -23.58 -27.66
CA GLN B 23 37.41 -24.07 -26.48
C GLN B 23 37.38 -25.60 -26.47
N CYS B 24 38.31 -26.18 -25.71
CA CYS B 24 38.37 -27.62 -25.51
C CYS B 24 38.91 -27.90 -24.13
N SER B 25 38.64 -29.12 -23.65
CA SER B 25 39.12 -29.56 -22.33
C SER B 25 39.52 -31.03 -22.45
N ALA B 26 40.81 -31.30 -22.41
CA ALA B 26 41.33 -32.67 -22.53
C ALA B 26 42.53 -32.79 -21.60
N THR B 27 42.32 -33.40 -20.43
CA THR B 27 43.37 -33.60 -19.44
C THR B 27 43.90 -35.03 -19.54
N VAL B 28 45.22 -35.16 -19.59
CA VAL B 28 45.86 -36.47 -19.68
C VAL B 28 47.00 -36.57 -18.68
N LEU B 29 47.41 -35.42 -18.12
CA LEU B 29 48.56 -35.34 -17.23
C LEU B 29 48.15 -34.99 -15.80
N LYS B 30 46.98 -35.44 -15.37
CA LYS B 30 46.43 -35.24 -14.03
C LYS B 30 46.17 -33.78 -13.71
N GLU B 31 46.20 -32.90 -14.70
CA GLU B 31 45.86 -31.50 -14.53
C GLU B 31 44.97 -31.07 -15.68
N GLN B 32 43.93 -30.29 -15.37
CA GLN B 32 42.98 -29.89 -16.39
C GLN B 32 43.64 -29.00 -17.44
N LEU B 33 43.36 -29.29 -18.71
CA LEU B 33 43.89 -28.52 -19.82
C LEU B 33 42.76 -27.69 -20.42
N LYS B 34 42.95 -26.37 -20.46
CA LYS B 34 41.98 -25.44 -21.04
C LYS B 34 42.62 -24.81 -22.27
N LEU B 35 42.15 -25.18 -23.45
CA LEU B 35 42.73 -24.77 -24.71
C LEU B 35 41.78 -23.85 -25.47
N CYS B 36 42.33 -22.83 -26.11
CA CYS B 36 41.57 -21.92 -26.97
C CYS B 36 42.44 -21.62 -28.18
N LEU B 37 42.28 -22.42 -29.23
CA LEU B 37 43.14 -22.29 -30.40
C LEU B 37 42.89 -20.97 -31.11
N ALA B 38 43.96 -20.44 -31.71
CA ALA B 38 43.92 -19.15 -32.37
C ALA B 38 45.19 -19.01 -33.21
N ALA B 39 45.38 -17.84 -33.81
CA ALA B 39 46.56 -17.54 -34.59
C ALA B 39 46.63 -16.04 -34.82
N GLU B 40 47.85 -15.53 -34.99
CA GLU B 40 48.04 -14.15 -35.39
C GLU B 40 47.71 -13.93 -36.86
N GLY B 41 47.70 -14.99 -37.66
CA GLY B 41 47.38 -14.87 -39.07
C GLY B 41 48.54 -14.35 -39.89
N PHE B 42 48.88 -13.09 -39.71
CA PHE B 42 49.99 -12.49 -40.45
C PHE B 42 51.30 -13.12 -40.02
N GLY B 43 52.11 -13.52 -41.00
CA GLY B 43 53.34 -14.23 -40.69
C GLY B 43 53.15 -15.70 -40.40
N ASN B 44 52.22 -16.04 -39.51
CA ASN B 44 51.90 -17.42 -39.18
C ASN B 44 50.44 -17.66 -39.58
N ARG B 45 50.25 -18.11 -40.83
CA ARG B 45 48.90 -18.43 -41.28
C ARG B 45 48.32 -19.59 -40.48
N LEU B 46 49.14 -20.60 -40.19
CA LEU B 46 48.67 -21.74 -39.42
C LEU B 46 48.35 -21.31 -37.99
N CYS B 47 47.45 -22.05 -37.36
CA CYS B 47 47.04 -21.77 -36.00
C CYS B 47 47.75 -22.70 -35.02
N PHE B 48 47.64 -22.36 -33.74
CA PHE B 48 48.28 -23.12 -32.68
C PHE B 48 47.44 -22.99 -31.42
N LEU B 49 47.60 -23.97 -30.52
CA LEU B 49 46.87 -23.94 -29.26
C LEU B 49 47.46 -22.88 -28.34
N GLU B 50 46.57 -22.24 -27.57
CA GLU B 50 46.96 -21.28 -26.54
C GLU B 50 46.37 -21.77 -25.22
N PRO B 51 47.12 -22.54 -24.44
CA PRO B 51 46.60 -23.03 -23.16
C PRO B 51 46.23 -21.88 -22.24
N THR B 52 45.14 -22.06 -21.49
CA THR B 52 44.63 -21.03 -20.61
C THR B 52 44.24 -21.53 -19.24
N SER B 53 44.42 -22.82 -18.93
CA SER B 53 44.08 -23.33 -17.61
C SER B 53 44.96 -22.69 -16.54
N ASN B 54 46.26 -22.56 -16.81
CA ASN B 54 47.20 -21.96 -15.87
C ASN B 54 47.17 -20.43 -16.06
N ALA B 55 46.03 -19.84 -15.68
CA ALA B 55 45.81 -18.41 -15.83
C ALA B 55 45.86 -17.65 -14.52
N GLN B 56 45.85 -18.33 -13.37
CA GLN B 56 45.89 -17.64 -12.09
C GLN B 56 47.20 -16.87 -11.90
N ASN B 57 48.31 -17.45 -12.35
CA ASN B 57 49.62 -16.81 -12.21
C ASN B 57 49.98 -15.92 -13.39
N VAL B 58 49.23 -15.97 -14.48
CA VAL B 58 49.51 -15.15 -15.66
C VAL B 58 48.26 -15.03 -16.52
N PRO B 59 47.80 -13.81 -16.80
CA PRO B 59 46.63 -13.64 -17.67
C PRO B 59 47.02 -13.62 -19.13
N PRO B 60 46.52 -14.57 -19.92
CA PRO B 60 46.79 -14.54 -21.37
C PRO B 60 45.92 -13.52 -22.09
N ASP B 61 46.40 -13.11 -23.26
CA ASP B 61 45.71 -12.12 -24.06
C ASP B 61 44.43 -12.70 -24.66
N LEU B 62 43.51 -11.81 -25.03
CA LEU B 62 42.17 -12.18 -25.48
C LEU B 62 41.82 -11.43 -26.76
N ALA B 63 42.73 -11.45 -27.73
CA ALA B 63 42.51 -10.79 -29.01
C ALA B 63 42.42 -11.75 -30.18
N ILE B 64 43.43 -12.60 -30.37
CA ILE B 64 43.43 -13.52 -31.49
C ILE B 64 42.51 -14.71 -31.29
N CYS B 65 42.13 -15.01 -30.04
CA CYS B 65 41.25 -16.13 -29.78
C CYS B 65 39.78 -15.82 -29.98
N CYS B 66 39.41 -14.53 -30.07
CA CYS B 66 38.02 -14.18 -30.28
C CYS B 66 37.57 -14.49 -31.70
N PHE B 67 36.30 -14.82 -31.84
CA PHE B 67 35.72 -15.11 -33.15
C PHE B 67 34.29 -14.61 -33.18
N THR B 68 33.80 -14.30 -34.38
CA THR B 68 32.44 -13.85 -34.58
C THR B 68 31.79 -14.69 -35.66
N LEU B 69 30.52 -15.04 -35.43
CA LEU B 69 29.78 -15.83 -36.40
C LEU B 69 29.42 -14.96 -37.61
N GLU B 70 29.64 -15.50 -38.81
CA GLU B 70 29.37 -14.77 -40.03
C GLU B 70 28.20 -15.34 -40.81
N GLN B 71 28.25 -16.62 -41.16
CA GLN B 71 27.19 -17.26 -41.92
C GLN B 71 26.91 -18.64 -41.35
N SER B 72 25.67 -19.09 -41.54
CA SER B 72 25.27 -20.41 -41.08
C SER B 72 24.03 -20.81 -41.87
N LEU B 73 24.15 -21.85 -42.68
CA LEU B 73 23.06 -22.31 -43.53
C LEU B 73 22.99 -23.82 -43.49
N SER B 74 21.89 -24.36 -44.02
CA SER B 74 21.77 -25.80 -44.16
C SER B 74 22.70 -26.31 -45.25
N VAL B 75 22.98 -27.61 -45.20
CA VAL B 75 23.99 -28.19 -46.08
C VAL B 75 23.55 -28.07 -47.54
N ARG B 76 22.30 -28.42 -47.83
CA ARG B 76 21.85 -28.41 -49.22
C ARG B 76 21.79 -26.99 -49.77
N ALA B 77 21.29 -26.04 -48.98
CA ALA B 77 21.22 -24.66 -49.44
C ALA B 77 22.60 -24.10 -49.72
N LEU B 78 23.56 -24.37 -48.84
CA LEU B 78 24.93 -23.93 -49.07
C LEU B 78 25.51 -24.57 -50.32
N GLN B 79 25.27 -25.87 -50.51
CA GLN B 79 25.80 -26.55 -51.68
C GLN B 79 25.22 -25.96 -52.95
N GLU B 80 23.94 -25.63 -52.95
CA GLU B 80 23.34 -25.02 -54.13
C GLU B 80 23.86 -23.62 -54.36
N MET B 81 24.09 -22.85 -53.29
CA MET B 81 24.58 -21.49 -53.45
C MET B 81 26.00 -21.49 -53.98
N LEU B 82 26.83 -22.46 -53.56
CA LEU B 82 28.21 -22.50 -54.01
C LEU B 82 28.30 -22.71 -55.52
N ALA B 83 27.46 -23.58 -56.07
CA ALA B 83 27.56 -23.96 -57.47
C ALA B 83 26.85 -22.98 -58.41
N ASN B 84 26.29 -21.89 -57.89
CA ASN B 84 25.58 -20.93 -58.71
C ASN B 84 26.44 -20.37 -59.84
N GLY B 97 19.83 -10.26 -40.96
CA GLY B 97 20.47 -11.53 -41.22
C GLY B 97 20.89 -12.25 -39.95
N HIS B 98 20.05 -12.16 -38.92
CA HIS B 98 20.32 -12.77 -37.62
C HIS B 98 19.46 -14.01 -37.48
N ARG B 99 20.07 -15.17 -37.68
CA ARG B 99 19.37 -16.44 -37.65
C ARG B 99 19.68 -17.18 -36.35
N THR B 100 19.14 -18.39 -36.22
CA THR B 100 19.36 -19.24 -35.06
C THR B 100 20.13 -20.48 -35.50
N LEU B 101 21.14 -20.85 -34.73
CA LEU B 101 21.99 -21.97 -35.09
C LEU B 101 21.28 -23.29 -34.81
N LEU B 102 21.46 -24.24 -35.73
CA LEU B 102 20.92 -25.59 -35.58
C LEU B 102 22.03 -26.60 -35.82
N TYR B 103 21.87 -27.79 -35.24
CA TYR B 103 22.84 -28.85 -35.43
C TYR B 103 22.82 -29.33 -36.87
N GLY B 104 23.88 -30.03 -37.25
CA GLY B 104 23.99 -30.52 -38.61
C GLY B 104 24.02 -29.42 -39.65
N HIS B 105 24.68 -28.30 -39.33
CA HIS B 105 24.72 -27.13 -40.20
C HIS B 105 26.16 -26.79 -40.55
N ALA B 106 26.34 -26.26 -41.75
CA ALA B 106 27.62 -25.70 -42.16
C ALA B 106 27.71 -24.25 -41.70
N ILE B 107 28.87 -23.87 -41.18
CA ILE B 107 29.06 -22.55 -40.58
C ILE B 107 30.32 -21.92 -41.13
N LEU B 108 30.39 -20.59 -41.01
CA LEU B 108 31.54 -19.80 -41.43
C LEU B 108 32.05 -19.00 -40.25
N LEU B 109 33.34 -19.08 -39.98
CA LEU B 109 33.96 -18.45 -38.84
C LEU B 109 34.79 -17.25 -39.29
N ARG B 110 34.56 -16.10 -38.67
CA ARG B 110 35.27 -14.87 -38.99
C ARG B 110 36.21 -14.52 -37.85
N HIS B 111 37.47 -14.26 -38.19
CA HIS B 111 38.44 -13.84 -37.20
C HIS B 111 38.11 -12.44 -36.69
N ALA B 112 38.24 -12.24 -35.38
CA ALA B 112 37.92 -10.96 -34.79
C ALA B 112 38.85 -9.85 -35.29
N HIS B 113 40.14 -10.17 -35.41
CA HIS B 113 41.15 -9.19 -35.76
C HIS B 113 41.82 -9.44 -37.11
N SER B 114 42.22 -10.69 -37.37
CA SER B 114 42.95 -10.98 -38.60
C SER B 114 42.10 -10.72 -39.84
N ARG B 115 40.77 -10.90 -39.72
CA ARG B 115 39.75 -10.64 -40.73
C ARG B 115 39.64 -11.72 -41.80
N MET B 116 40.48 -12.75 -41.80
CA MET B 116 40.23 -13.88 -42.68
C MET B 116 39.49 -14.97 -41.91
N TYR B 117 39.30 -16.12 -42.54
CA TYR B 117 38.44 -17.17 -42.03
C TYR B 117 39.19 -18.49 -41.96
N LEU B 118 38.74 -19.35 -41.05
CA LEU B 118 39.32 -20.67 -40.91
C LEU B 118 39.00 -21.53 -42.14
N SER B 119 39.89 -22.47 -42.43
CA SER B 119 39.72 -23.37 -43.57
C SER B 119 40.64 -24.57 -43.35
N CYS B 120 40.79 -25.38 -44.40
CA CYS B 120 41.71 -26.51 -44.39
C CYS B 120 42.83 -26.25 -45.38
N LEU B 121 44.02 -26.74 -45.04
CA LEU B 121 45.21 -26.54 -45.86
C LEU B 121 45.80 -27.89 -46.25
N THR B 122 46.47 -27.91 -47.40
CA THR B 122 47.07 -29.14 -47.91
C THR B 122 48.55 -29.19 -47.52
N THR B 123 48.77 -29.32 -46.22
CA THR B 123 50.11 -29.38 -45.66
C THR B 123 50.17 -30.46 -44.58
N SER B 124 51.37 -30.99 -44.36
CA SER B 124 51.61 -32.03 -43.38
C SER B 124 52.61 -31.53 -42.35
N ARG B 125 52.36 -31.85 -41.08
CA ARG B 125 53.23 -31.44 -39.98
C ARG B 125 53.30 -32.55 -38.95
N SER B 126 54.08 -32.32 -37.90
CA SER B 126 54.30 -33.27 -36.80
C SER B 126 54.88 -34.59 -37.29
N MET B 127 55.58 -34.57 -38.42
CA MET B 127 56.20 -35.77 -39.02
C MET B 127 55.18 -36.87 -39.24
N THR B 128 53.94 -36.50 -39.56
CA THR B 128 52.90 -37.50 -39.81
C THR B 128 53.23 -38.35 -41.03
N ASP B 129 53.70 -37.70 -42.11
CA ASP B 129 54.03 -38.39 -43.36
C ASP B 129 52.83 -39.18 -43.89
N LYS B 130 51.64 -38.62 -43.72
CA LYS B 130 50.40 -39.26 -44.13
C LYS B 130 49.36 -38.15 -44.35
N LEU B 131 48.09 -38.55 -44.46
CA LEU B 131 47.00 -37.59 -44.63
C LEU B 131 46.82 -36.82 -43.33
N ALA B 132 47.31 -35.58 -43.29
CA ALA B 132 47.23 -34.73 -42.11
C ALA B 132 46.35 -33.51 -42.35
N PHE B 133 46.64 -32.73 -43.40
CA PHE B 133 45.85 -31.56 -43.78
C PHE B 133 45.80 -30.54 -42.64
N ASP B 134 46.97 -29.96 -42.36
CA ASP B 134 47.12 -29.00 -41.27
C ASP B 134 46.11 -27.86 -41.40
N VAL B 135 45.72 -27.31 -40.25
CA VAL B 135 44.67 -26.31 -40.15
C VAL B 135 45.31 -24.94 -39.95
N GLY B 136 44.87 -23.95 -40.73
CA GLY B 136 45.33 -22.60 -40.56
C GLY B 136 44.51 -21.61 -41.38
N LEU B 137 44.09 -20.52 -40.75
CA LEU B 137 43.23 -19.56 -41.42
C LEU B 137 43.99 -18.84 -42.53
N GLN B 138 43.25 -18.41 -43.54
CA GLN B 138 43.83 -17.69 -44.67
C GLN B 138 42.72 -16.89 -45.35
N GLU B 139 43.13 -16.05 -46.30
CA GLU B 139 42.15 -15.24 -47.04
C GLU B 139 41.36 -16.16 -47.96
N ASP B 140 40.30 -16.75 -47.43
CA ASP B 140 39.51 -17.75 -48.13
C ASP B 140 38.07 -17.30 -48.28
N ALA B 141 37.87 -16.06 -48.74
CA ALA B 141 36.51 -15.55 -48.92
C ALA B 141 35.68 -16.48 -49.79
N THR B 142 36.31 -17.09 -50.80
CA THR B 142 35.63 -18.11 -51.58
C THR B 142 35.22 -19.26 -50.68
N GLY B 143 33.97 -19.71 -50.83
CA GLY B 143 33.40 -20.66 -49.89
C GLY B 143 33.66 -22.11 -50.22
N GLU B 144 34.64 -22.37 -51.09
CA GLU B 144 34.89 -23.74 -51.52
C GLU B 144 35.31 -24.63 -50.37
N ALA B 145 36.18 -24.13 -49.48
CA ALA B 145 36.74 -24.98 -48.44
C ALA B 145 36.86 -24.26 -47.10
N CYS B 146 35.97 -23.32 -46.80
CA CYS B 146 36.04 -22.57 -45.56
C CYS B 146 34.75 -22.72 -44.75
N TRP B 147 34.25 -23.95 -44.64
CA TRP B 147 33.05 -24.22 -43.87
C TRP B 147 33.27 -25.49 -43.05
N TRP B 148 32.50 -25.61 -41.96
CA TRP B 148 32.54 -26.77 -41.09
C TRP B 148 31.12 -27.20 -40.75
N THR B 149 30.87 -28.50 -40.82
CA THR B 149 29.57 -29.04 -40.46
C THR B 149 29.44 -29.12 -38.95
N MET B 150 28.25 -29.53 -38.49
CA MET B 150 27.97 -29.69 -37.08
C MET B 150 27.43 -31.09 -36.83
N HIS B 151 27.65 -31.59 -35.62
CA HIS B 151 27.20 -32.93 -35.27
C HIS B 151 26.94 -33.02 -33.78
N PRO B 152 26.04 -33.87 -33.34
CA PRO B 152 25.74 -33.98 -31.91
C PRO B 152 26.85 -34.71 -31.16
N ALA B 153 26.88 -34.49 -29.86
CA ALA B 153 27.88 -35.13 -29.02
C ALA B 153 27.61 -36.62 -28.84
N SER B 154 26.36 -36.97 -28.56
CA SER B 154 25.98 -38.35 -28.32
C SER B 154 24.48 -38.49 -28.58
N LYS B 155 23.90 -39.61 -28.12
CA LYS B 155 22.47 -39.83 -28.28
C LYS B 155 21.64 -38.83 -27.49
N GLN B 156 22.24 -38.08 -26.57
CA GLN B 156 21.48 -37.10 -25.79
C GLN B 156 20.84 -36.03 -26.67
N ARG B 157 21.47 -35.72 -27.81
CA ARG B 157 20.93 -34.77 -28.77
C ARG B 157 20.97 -35.39 -30.16
N SER B 158 20.31 -34.73 -31.10
CA SER B 158 20.22 -35.23 -32.46
C SER B 158 20.08 -34.05 -33.42
N GLU B 159 19.92 -34.37 -34.70
CA GLU B 159 19.79 -33.34 -35.72
C GLU B 159 18.51 -32.54 -35.50
N GLY B 160 18.58 -31.24 -35.81
CA GLY B 160 17.45 -30.36 -35.65
C GLY B 160 17.29 -29.78 -34.26
N GLU B 161 18.08 -30.23 -33.29
CA GLU B 161 18.02 -29.65 -31.95
C GLU B 161 18.66 -28.27 -31.96
N LYS B 162 18.00 -27.31 -31.32
CA LYS B 162 18.57 -25.97 -31.20
C LYS B 162 19.81 -26.02 -30.32
N VAL B 163 20.85 -25.32 -30.76
CA VAL B 163 22.12 -25.33 -30.03
C VAL B 163 21.96 -24.53 -28.73
N ARG B 164 22.79 -24.85 -27.75
CA ARG B 164 22.77 -24.17 -26.47
C ARG B 164 24.17 -23.73 -26.07
N VAL B 165 24.34 -23.25 -24.84
CA VAL B 165 25.62 -22.78 -24.34
C VAL B 165 26.19 -23.82 -23.38
N GLY B 166 27.46 -24.17 -23.56
CA GLY B 166 28.15 -25.10 -22.71
C GLY B 166 28.17 -26.53 -23.20
N ASP B 167 27.28 -26.88 -24.13
CA ASP B 167 27.27 -28.23 -24.67
C ASP B 167 28.51 -28.48 -25.52
N ASP B 168 28.93 -29.73 -25.55
CA ASP B 168 30.07 -30.14 -26.36
C ASP B 168 29.60 -30.52 -27.76
N LEU B 169 30.33 -30.04 -28.76
CA LEU B 169 29.91 -30.19 -30.15
C LEU B 169 31.04 -30.79 -30.98
N ILE B 170 30.73 -31.06 -32.25
CA ILE B 170 31.63 -31.73 -33.17
C ILE B 170 31.82 -30.85 -34.39
N LEU B 171 33.07 -30.67 -34.81
CA LEU B 171 33.42 -29.93 -36.02
C LEU B 171 34.03 -30.90 -37.03
N VAL B 172 33.50 -30.89 -38.25
CA VAL B 172 33.98 -31.76 -39.31
C VAL B 172 34.19 -30.94 -40.57
N SER B 173 35.29 -31.20 -41.26
CA SER B 173 35.61 -30.44 -42.47
C SER B 173 34.57 -30.67 -43.55
N VAL B 174 34.24 -29.59 -44.27
CA VAL B 174 33.25 -29.69 -45.34
C VAL B 174 33.89 -30.19 -46.63
N SER B 175 34.94 -29.52 -47.09
CA SER B 175 35.58 -29.87 -48.34
C SER B 175 36.79 -30.76 -48.18
N SER B 176 37.10 -31.18 -46.95
CA SER B 176 38.23 -32.05 -46.70
C SER B 176 37.84 -33.37 -46.05
N GLU B 177 36.56 -33.55 -45.69
CA GLU B 177 36.01 -34.79 -45.14
C GLU B 177 36.86 -35.34 -43.99
N ARG B 178 37.59 -34.48 -43.31
CA ARG B 178 38.37 -34.86 -42.14
C ARG B 178 37.74 -34.28 -40.88
N TYR B 179 38.22 -34.74 -39.74
CA TYR B 179 37.70 -34.36 -38.44
C TYR B 179 38.76 -33.60 -37.66
N LEU B 180 38.42 -32.40 -37.20
CA LEU B 180 39.32 -31.60 -36.39
C LEU B 180 39.73 -32.38 -35.15
N HIS B 181 41.01 -32.74 -35.07
CA HIS B 181 41.49 -33.71 -34.09
C HIS B 181 42.63 -33.10 -33.26
N LEU B 182 42.55 -33.26 -31.95
CA LEU B 182 43.58 -32.75 -31.05
C LEU B 182 44.78 -33.67 -31.15
N SER B 183 45.71 -33.30 -32.04
CA SER B 183 46.86 -34.16 -32.36
C SER B 183 47.84 -34.18 -31.19
N THR B 184 47.78 -35.23 -30.40
CA THR B 184 48.77 -35.49 -29.34
C THR B 184 49.88 -36.41 -29.85
N ALA B 185 50.50 -36.02 -30.96
CA ALA B 185 51.52 -36.86 -31.59
C ALA B 185 52.79 -36.88 -30.75
N SER B 186 53.82 -37.55 -31.28
CA SER B 186 55.08 -37.68 -30.56
C SER B 186 55.69 -36.32 -30.24
N GLY B 187 55.47 -35.33 -31.09
CA GLY B 187 55.94 -33.99 -30.84
C GLY B 187 55.00 -33.23 -29.93
N GLU B 188 55.17 -31.91 -29.90
CA GLU B 188 54.31 -31.06 -29.11
C GLU B 188 52.89 -31.10 -29.65
N LEU B 189 51.92 -30.86 -28.76
CA LEU B 189 50.52 -30.91 -29.13
C LEU B 189 50.21 -29.89 -30.22
N GLN B 190 49.49 -30.32 -31.25
CA GLN B 190 49.17 -29.46 -32.38
C GLN B 190 47.71 -29.68 -32.78
N VAL B 191 47.13 -28.68 -33.42
CA VAL B 191 45.76 -28.74 -33.90
C VAL B 191 45.76 -29.18 -35.35
N ASP B 192 44.94 -30.17 -35.68
CA ASP B 192 44.85 -30.68 -37.04
C ASP B 192 43.50 -31.35 -37.23
N ALA B 193 43.16 -31.59 -38.50
CA ALA B 193 41.97 -32.34 -38.87
C ALA B 193 42.47 -33.61 -39.57
N SER B 194 42.80 -34.62 -38.78
CA SER B 194 43.45 -35.82 -39.33
C SER B 194 42.63 -37.09 -39.13
N PHE B 195 42.23 -37.40 -37.90
CA PHE B 195 41.74 -38.75 -37.60
C PHE B 195 40.31 -38.79 -37.09
N MET B 196 40.01 -38.06 -36.01
CA MET B 196 38.79 -38.32 -35.27
C MET B 196 38.23 -37.02 -34.71
N GLN B 197 36.95 -37.03 -34.39
CA GLN B 197 36.21 -35.83 -34.02
C GLN B 197 36.37 -35.56 -32.53
N THR B 198 37.31 -34.67 -32.19
CA THR B 198 37.48 -34.26 -30.81
C THR B 198 36.34 -33.34 -30.39
N LEU B 199 36.01 -33.37 -29.11
CA LEU B 199 34.92 -32.54 -28.60
C LEU B 199 35.35 -31.08 -28.53
N TRP B 200 34.41 -30.19 -28.83
CA TRP B 200 34.66 -28.75 -28.76
C TRP B 200 33.38 -28.05 -28.34
N ASN B 201 33.50 -27.09 -27.43
CA ASN B 201 32.36 -26.30 -26.97
C ASN B 201 32.62 -24.82 -27.25
N MET B 202 31.67 -24.17 -27.91
CA MET B 202 31.79 -22.78 -28.28
C MET B 202 31.18 -21.92 -27.18
N ASN B 203 32.03 -21.30 -26.37
CA ASN B 203 31.55 -20.48 -25.26
C ASN B 203 31.28 -19.07 -25.74
N PRO B 204 30.11 -18.49 -25.43
CA PRO B 204 29.82 -17.11 -25.85
C PRO B 204 30.67 -16.13 -25.06
N ILE B 205 31.54 -15.40 -25.77
CA ILE B 205 32.41 -14.43 -25.12
C ILE B 205 31.74 -13.06 -25.01
N CYS B 206 31.05 -12.62 -26.05
CA CYS B 206 30.37 -11.33 -26.04
C CYS B 206 29.01 -11.51 -26.73
N SER B 207 28.35 -10.40 -27.02
CA SER B 207 27.07 -10.43 -27.73
C SER B 207 26.78 -9.03 -28.27
N CYS B 208 25.59 -8.88 -28.84
CA CYS B 208 25.18 -7.59 -29.39
C CYS B 208 24.91 -6.60 -28.26
N CYS B 209 25.49 -5.41 -28.38
CA CYS B 209 25.28 -4.35 -27.41
C CYS B 209 25.24 -3.00 -28.14
N GLU B 210 24.51 -2.06 -27.55
CA GLU B 210 24.38 -0.75 -28.15
C GLU B 210 25.71 -0.01 -28.12
N GLU B 211 25.90 0.88 -29.08
CA GLU B 211 27.13 1.65 -29.18
C GLU B 211 27.25 2.66 -28.05
N GLY B 212 28.48 3.11 -27.81
CA GLY B 212 28.76 4.12 -26.82
C GLY B 212 28.85 3.61 -25.40
N TYR B 213 28.50 2.36 -25.15
CA TYR B 213 28.50 1.78 -23.81
C TYR B 213 29.65 0.78 -23.76
N VAL B 214 30.71 1.13 -23.02
CA VAL B 214 31.95 0.38 -23.07
C VAL B 214 31.74 -1.03 -22.53
N THR B 215 32.36 -2.00 -23.22
CA THR B 215 32.30 -3.40 -22.83
C THR B 215 33.73 -3.95 -22.80
N GLY B 216 33.85 -5.23 -22.44
CA GLY B 216 35.15 -5.86 -22.42
C GLY B 216 35.74 -6.00 -23.81
N GLY B 217 37.07 -5.92 -23.87
CA GLY B 217 37.76 -6.01 -25.15
C GLY B 217 37.75 -4.71 -25.92
N HIS B 218 36.73 -3.89 -25.68
CA HIS B 218 36.61 -2.59 -26.34
C HIS B 218 37.80 -1.70 -26.01
N VAL B 219 38.65 -1.45 -26.99
CA VAL B 219 39.90 -0.72 -26.78
C VAL B 219 39.69 0.73 -27.21
N LEU B 220 39.86 1.65 -26.27
CA LEU B 220 39.76 3.07 -26.57
C LEU B 220 40.67 3.84 -25.62
N ARG B 221 40.89 5.11 -25.95
CA ARG B 221 41.74 5.99 -25.16
C ARG B 221 40.88 6.84 -24.24
N LEU B 222 41.33 6.98 -23.00
CA LEU B 222 40.60 7.72 -21.97
C LEU B 222 41.28 9.06 -21.72
N PHE B 223 40.51 10.14 -21.85
CA PHE B 223 41.05 11.47 -21.62
C PHE B 223 41.24 11.72 -20.13
N HIS B 224 41.66 12.94 -19.81
CA HIS B 224 41.85 13.36 -18.43
C HIS B 224 41.70 14.88 -18.38
N GLY B 225 41.39 15.38 -17.18
CA GLY B 225 41.17 16.80 -17.06
C GLY B 225 39.94 17.25 -17.82
N HIS B 226 40.01 18.47 -18.36
CA HIS B 226 38.88 19.05 -19.08
C HIS B 226 39.19 19.35 -20.53
N MET B 227 40.26 20.10 -20.80
CA MET B 227 40.49 20.60 -22.16
C MET B 227 41.17 19.56 -23.05
N ASP B 228 42.40 19.17 -22.71
CA ASP B 228 43.15 18.22 -23.54
C ASP B 228 44.22 17.58 -22.67
N GLU B 229 43.96 16.35 -22.23
CA GLU B 229 44.92 15.60 -21.42
C GLU B 229 44.50 14.14 -21.43
N CYS B 230 45.43 13.25 -21.76
CA CYS B 230 45.13 11.83 -21.85
C CYS B 230 46.29 11.03 -21.27
N LEU B 231 45.97 9.81 -20.85
CA LEU B 231 46.97 8.92 -20.29
C LEU B 231 48.02 8.59 -21.34
N THR B 232 49.27 8.42 -20.89
CA THR B 232 50.40 8.40 -21.80
C THR B 232 51.47 7.46 -21.28
N ILE B 233 52.31 6.99 -22.21
CA ILE B 233 53.56 6.30 -21.90
C ILE B 233 54.65 6.94 -22.76
N SER B 234 55.90 6.73 -22.34
CA SER B 234 57.02 7.24 -23.10
C SER B 234 57.16 6.50 -24.43
N ALA B 235 57.83 7.14 -25.38
CA ALA B 235 58.09 6.55 -26.68
C ALA B 235 59.21 5.52 -26.56
N ALA B 236 59.47 4.82 -27.66
CA ALA B 236 60.53 3.83 -27.68
C ALA B 236 61.90 4.49 -27.55
N ASP B 237 62.93 3.67 -27.38
CA ASP B 237 64.31 4.12 -27.20
C ASP B 237 64.43 5.06 -26.02
N SER B 238 63.84 4.66 -24.90
CA SER B 238 63.88 5.42 -23.65
C SER B 238 64.51 4.56 -22.56
N ASP B 239 65.21 5.23 -21.63
CA ASP B 239 65.87 4.53 -20.54
C ASP B 239 64.89 3.84 -19.61
N ASP B 240 63.63 4.27 -19.59
CA ASP B 240 62.62 3.70 -18.72
C ASP B 240 62.01 2.43 -19.30
N GLN B 241 62.41 2.02 -20.50
CA GLN B 241 61.83 0.86 -21.20
C GLN B 241 60.33 1.03 -21.37
N ARG B 242 59.86 2.28 -21.39
CA ARG B 242 58.43 2.61 -21.47
C ARG B 242 57.66 1.93 -20.33
N ARG B 243 58.31 1.79 -19.19
CA ARG B 243 57.72 1.09 -18.04
C ARG B 243 57.27 2.06 -16.95
N LEU B 244 57.17 3.34 -17.26
CA LEU B 244 56.76 4.35 -16.29
C LEU B 244 55.63 5.17 -16.89
N VAL B 245 54.45 5.10 -16.26
CA VAL B 245 53.28 5.80 -16.78
C VAL B 245 53.44 7.30 -16.56
N TYR B 246 53.16 8.08 -17.60
CA TYR B 246 53.26 9.52 -17.54
C TYR B 246 51.95 10.16 -17.98
N TYR B 247 51.98 11.48 -18.20
CA TYR B 247 50.88 12.22 -18.80
C TYR B 247 51.39 12.96 -20.03
N GLU B 248 50.49 13.66 -20.70
CA GLU B 248 50.82 14.41 -21.90
C GLU B 248 49.71 15.42 -22.16
N GLY B 249 49.78 16.08 -23.32
CA GLY B 249 48.75 17.00 -23.75
C GLY B 249 47.83 16.36 -24.76
N GLY B 250 48.05 16.64 -26.04
CA GLY B 250 47.24 16.06 -27.09
C GLY B 250 48.04 15.47 -28.24
N ALA B 251 49.37 15.53 -28.14
CA ALA B 251 50.21 15.04 -29.24
C ALA B 251 50.22 13.52 -29.28
N VAL B 252 50.65 12.89 -28.19
CA VAL B 252 50.72 11.43 -28.14
C VAL B 252 49.35 10.81 -27.87
N CYS B 253 48.37 11.61 -27.47
CA CYS B 253 47.04 11.11 -27.14
C CYS B 253 46.32 10.50 -28.34
N THR B 254 46.81 10.72 -29.57
CA THR B 254 46.22 10.16 -30.77
C THR B 254 47.16 9.16 -31.42
N HIS B 255 47.80 8.31 -30.62
CA HIS B 255 48.72 7.30 -31.12
C HIS B 255 48.55 6.03 -30.29
N ALA B 256 49.33 5.00 -30.64
CA ALA B 256 49.20 3.71 -30.00
C ALA B 256 49.60 3.72 -28.53
N ARG B 257 50.41 4.70 -28.11
CA ARG B 257 50.85 4.76 -26.72
C ARG B 257 49.68 5.02 -25.78
N SER B 258 48.75 5.88 -26.19
CA SER B 258 47.68 6.35 -25.31
C SER B 258 46.48 5.40 -25.27
N LEU B 259 46.63 4.15 -25.67
CA LEU B 259 45.53 3.20 -25.73
C LEU B 259 45.86 1.99 -24.87
N TRP B 260 44.87 1.47 -24.16
CA TRP B 260 45.04 0.31 -23.31
C TRP B 260 43.91 -0.68 -23.55
N ARG B 261 44.22 -1.96 -23.36
CA ARG B 261 43.24 -3.04 -23.52
C ARG B 261 42.83 -3.54 -22.15
N LEU B 262 41.52 -3.68 -21.95
CA LEU B 262 40.95 -4.06 -20.67
C LEU B 262 40.14 -5.34 -20.83
N GLU B 263 40.26 -6.24 -19.85
CA GLU B 263 39.51 -7.48 -19.85
C GLU B 263 39.29 -7.92 -18.40
N PRO B 264 38.15 -8.53 -18.09
CA PRO B 264 37.91 -9.02 -16.74
C PRO B 264 38.62 -10.35 -16.52
N LEU B 265 38.60 -10.79 -15.25
CA LEU B 265 39.30 -12.01 -14.88
C LEU B 265 38.60 -13.25 -15.41
N ARG B 266 37.30 -13.19 -15.63
CA ARG B 266 36.56 -14.35 -16.14
C ARG B 266 36.87 -14.58 -17.61
N ILE B 267 36.70 -15.83 -18.03
CA ILE B 267 37.01 -16.22 -19.41
C ILE B 267 35.76 -16.09 -20.27
N SER B 268 34.72 -16.86 -19.95
CA SER B 268 33.48 -16.79 -20.71
C SER B 268 32.70 -15.54 -20.36
N TRP B 269 31.93 -15.05 -21.33
CA TRP B 269 31.07 -13.87 -21.16
C TRP B 269 31.87 -12.63 -20.78
N SER B 270 33.19 -12.64 -21.00
CA SER B 270 34.03 -11.52 -20.63
C SER B 270 33.76 -10.28 -21.48
N GLY B 271 33.26 -10.46 -22.69
CA GLY B 271 32.93 -9.33 -23.54
C GLY B 271 31.67 -8.60 -23.15
N SER B 272 31.03 -9.03 -22.07
CA SER B 272 29.80 -8.39 -21.61
C SER B 272 30.11 -7.01 -21.05
N HIS B 273 29.04 -6.23 -20.86
CA HIS B 273 29.19 -4.91 -20.26
C HIS B 273 29.71 -5.03 -18.84
N LEU B 274 30.55 -4.07 -18.44
CA LEU B 274 31.17 -4.09 -17.13
C LEU B 274 30.51 -3.05 -16.23
N ARG B 275 30.12 -3.48 -15.03
CA ARG B 275 29.51 -2.61 -14.05
C ARG B 275 30.59 -1.94 -13.21
N TRP B 276 30.17 -1.07 -12.30
CA TRP B 276 31.10 -0.44 -11.38
C TRP B 276 31.71 -1.49 -10.46
N GLY B 277 32.99 -1.36 -10.17
CA GLY B 277 33.66 -2.27 -9.28
C GLY B 277 34.01 -3.61 -9.86
N GLN B 278 33.94 -3.77 -11.18
CA GLN B 278 34.26 -5.05 -11.80
C GLN B 278 35.78 -5.21 -11.89
N PRO B 279 36.35 -6.29 -11.35
CA PRO B 279 37.80 -6.48 -11.44
C PRO B 279 38.25 -6.73 -12.88
N LEU B 280 39.47 -6.27 -13.18
CA LEU B 280 40.02 -6.39 -14.52
C LEU B 280 41.52 -6.17 -14.45
N ARG B 281 42.20 -6.52 -15.55
CA ARG B 281 43.65 -6.39 -15.67
C ARG B 281 43.95 -5.62 -16.94
N ILE B 282 44.28 -4.33 -16.81
CA ILE B 282 44.59 -3.51 -17.97
C ILE B 282 45.86 -4.01 -18.64
N ARG B 283 45.82 -4.15 -19.96
CA ARG B 283 46.98 -4.54 -20.76
C ARG B 283 47.28 -3.42 -21.75
N HIS B 284 48.55 -3.02 -21.81
CA HIS B 284 48.97 -2.01 -22.77
C HIS B 284 48.99 -2.63 -24.16
N VAL B 285 48.34 -1.96 -25.12
CA VAL B 285 48.17 -2.55 -26.45
C VAL B 285 49.50 -2.66 -27.18
N THR B 286 50.34 -1.64 -27.10
CA THR B 286 51.55 -1.61 -27.91
C THR B 286 52.60 -2.56 -27.35
N THR B 287 53.00 -2.36 -26.10
CA THR B 287 54.03 -3.18 -25.50
C THR B 287 53.55 -4.59 -25.20
N GLY B 288 52.24 -4.80 -25.13
CA GLY B 288 51.72 -6.10 -24.78
C GLY B 288 52.04 -6.54 -23.36
N ARG B 289 51.95 -5.62 -22.40
CA ARG B 289 52.24 -5.92 -21.02
C ARG B 289 51.26 -5.19 -20.12
N TYR B 290 51.07 -5.73 -18.91
CA TYR B 290 50.09 -5.22 -17.98
C TYR B 290 50.71 -4.15 -17.07
N LEU B 291 49.91 -3.67 -16.12
CA LEU B 291 50.33 -2.65 -15.17
C LEU B 291 50.24 -3.20 -13.75
N ALA B 292 51.25 -2.91 -12.93
CA ALA B 292 51.28 -3.37 -11.56
C ALA B 292 52.38 -2.61 -10.82
N LEU B 293 52.59 -2.99 -9.55
CA LEU B 293 53.64 -2.46 -8.70
C LEU B 293 54.35 -3.64 -8.05
N THR B 294 55.64 -3.78 -8.27
CA THR B 294 56.34 -4.97 -7.79
C THR B 294 56.70 -4.85 -6.32
N GLU B 295 57.64 -3.96 -5.99
CA GLU B 295 57.97 -3.68 -4.60
C GLU B 295 57.79 -2.21 -4.23
N ASP B 296 58.49 -1.31 -4.92
CA ASP B 296 58.38 0.11 -4.64
C ASP B 296 58.48 0.99 -5.88
N GLN B 297 58.58 0.42 -7.08
CA GLN B 297 58.86 1.21 -8.27
C GLN B 297 57.70 2.11 -8.66
N GLY B 298 56.51 1.90 -8.10
CA GLY B 298 55.35 2.62 -8.54
C GLY B 298 54.58 1.85 -9.61
N LEU B 299 53.57 2.52 -10.16
CA LEU B 299 52.76 1.93 -11.21
C LEU B 299 53.62 1.78 -12.45
N VAL B 300 54.04 0.55 -12.74
CA VAL B 300 55.01 0.29 -13.81
C VAL B 300 54.45 -0.78 -14.74
N VAL B 301 54.94 -0.75 -15.98
CA VAL B 301 54.58 -1.77 -16.95
C VAL B 301 55.30 -3.06 -16.58
N VAL B 302 54.53 -4.13 -16.42
CA VAL B 302 55.06 -5.41 -15.93
C VAL B 302 54.76 -6.49 -16.95
N ASP B 303 55.72 -7.40 -17.14
CA ASP B 303 55.51 -8.53 -18.03
C ASP B 303 54.47 -9.47 -17.44
N ALA B 304 53.82 -10.23 -18.32
CA ALA B 304 52.74 -11.11 -17.89
C ALA B 304 53.22 -12.17 -16.92
N CYS B 305 54.51 -12.51 -16.95
CA CYS B 305 55.03 -13.51 -16.02
C CYS B 305 54.88 -13.04 -14.58
N LYS B 306 55.19 -11.78 -14.31
CA LYS B 306 54.98 -11.20 -12.98
C LYS B 306 53.62 -10.53 -12.87
N ALA B 307 52.58 -11.26 -13.28
CA ALA B 307 51.19 -10.78 -13.17
C ALA B 307 50.38 -11.91 -12.55
N HIS B 308 50.38 -11.98 -11.22
CA HIS B 308 49.71 -13.03 -10.49
C HIS B 308 48.25 -12.73 -10.20
N THR B 309 47.64 -11.82 -10.98
CA THR B 309 46.24 -11.42 -10.85
C THR B 309 45.92 -10.83 -9.49
N LYS B 310 46.92 -10.47 -8.69
CA LYS B 310 46.70 -9.85 -7.39
C LYS B 310 47.21 -8.41 -7.35
N ALA B 311 48.50 -8.20 -7.63
CA ALA B 311 49.03 -6.86 -7.71
C ALA B 311 48.76 -6.20 -9.05
N THR B 312 48.39 -6.99 -10.07
CA THR B 312 48.05 -6.48 -11.38
C THR B 312 46.56 -6.41 -11.61
N SER B 313 45.76 -6.58 -10.56
CA SER B 313 44.31 -6.53 -10.65
C SER B 313 43.81 -5.14 -10.26
N PHE B 314 42.84 -4.63 -11.02
CA PHE B 314 42.28 -3.30 -10.79
C PHE B 314 40.78 -3.35 -11.00
N CYS B 315 40.12 -2.24 -10.69
CA CYS B 315 38.69 -2.09 -10.90
C CYS B 315 38.39 -0.61 -11.10
N PHE B 316 37.10 -0.25 -11.08
CA PHE B 316 36.70 1.12 -11.30
C PHE B 316 35.34 1.36 -10.65
N ARG B 317 35.16 2.56 -10.13
CA ARG B 317 33.93 2.94 -9.45
C ARG B 317 33.82 4.46 -9.45
N VAL B 318 32.64 4.95 -9.08
CA VAL B 318 32.44 6.39 -8.94
C VAL B 318 33.34 6.95 -7.85
N SER B 319 33.36 6.29 -6.70
CA SER B 319 34.19 6.70 -5.58
C SER B 319 34.52 5.46 -4.75
N LYS B 320 35.52 5.61 -3.88
CA LYS B 320 36.01 4.52 -3.06
C LYS B 320 35.92 4.85 -1.58
N GLU B 321 34.79 5.41 -1.16
CA GLU B 321 34.57 5.71 0.24
C GLU B 321 34.35 4.41 1.02
N LYS B 322 34.17 4.56 2.33
CA LYS B 322 34.05 3.40 3.21
C LYS B 322 32.71 2.69 3.00
N LEU B 323 32.69 1.69 2.12
CA LEU B 323 31.51 0.89 1.87
C LEU B 323 31.60 -0.40 2.69
N ASP B 324 30.64 -1.29 2.48
CA ASP B 324 30.62 -2.58 3.16
C ASP B 324 31.45 -3.63 2.45
N THR B 325 32.10 -3.27 1.34
CA THR B 325 32.91 -4.20 0.54
C THR B 325 32.07 -5.39 0.08
N ALA B 326 30.93 -5.09 -0.54
CA ALA B 326 30.05 -6.12 -1.06
C ALA B 326 29.79 -5.88 -2.54
N PRO B 327 30.82 -5.59 -3.33
CA PRO B 327 30.66 -5.43 -4.78
C PRO B 327 30.99 -6.68 -5.60
N LYS B 328 31.37 -7.78 -4.96
CA LYS B 328 31.73 -9.00 -5.67
C LYS B 328 30.49 -9.88 -5.82
N ARG B 329 30.12 -10.18 -7.06
CA ARG B 329 28.99 -11.04 -7.35
C ARG B 329 29.15 -11.61 -8.75
N ASP B 330 28.79 -12.87 -8.91
CA ASP B 330 28.92 -13.53 -10.21
C ASP B 330 27.94 -12.90 -11.22
N VAL B 331 28.39 -12.79 -12.47
CA VAL B 331 27.56 -12.26 -13.54
C VAL B 331 27.54 -13.30 -14.67
N GLU B 332 26.36 -13.53 -15.23
CA GLU B 332 26.19 -14.43 -16.36
C GLU B 332 25.41 -13.81 -17.51
N GLY B 333 24.41 -12.97 -17.22
CA GLY B 333 23.64 -12.32 -18.26
C GLY B 333 24.35 -11.11 -18.84
N MET B 334 23.77 -10.60 -19.92
CA MET B 334 24.31 -9.41 -20.57
C MET B 334 24.28 -8.20 -19.64
N GLY B 335 23.14 -7.99 -18.97
CA GLY B 335 22.98 -6.84 -18.12
C GLY B 335 22.79 -5.57 -18.91
N PRO B 336 22.07 -4.60 -18.35
CA PRO B 336 21.84 -3.34 -19.04
C PRO B 336 23.04 -2.43 -18.92
N PRO B 337 23.72 -2.13 -20.03
CA PRO B 337 24.85 -1.20 -19.97
C PRO B 337 24.37 0.21 -19.68
N GLU B 338 25.11 0.91 -18.82
CA GLU B 338 24.71 2.23 -18.36
C GLU B 338 25.81 3.27 -18.39
N ILE B 339 27.08 2.88 -18.46
CA ILE B 339 28.18 3.84 -18.45
C ILE B 339 28.39 4.37 -19.86
N LYS B 340 28.27 5.68 -20.03
CA LYS B 340 28.40 6.32 -21.32
C LYS B 340 29.82 6.83 -21.50
N TYR B 341 30.04 7.61 -22.56
CA TYR B 341 31.34 8.20 -22.86
C TYR B 341 31.25 9.71 -22.65
N GLY B 342 32.18 10.25 -21.87
CA GLY B 342 32.18 11.65 -21.53
C GLY B 342 31.36 12.00 -20.30
N GLU B 343 30.64 11.05 -19.72
CA GLU B 343 29.85 11.28 -18.53
C GLU B 343 30.01 10.21 -17.46
N SER B 344 30.65 9.08 -17.77
CA SER B 344 30.81 8.01 -16.79
C SER B 344 31.64 8.46 -15.60
N LEU B 345 32.72 9.19 -15.84
CA LEU B 345 33.58 9.73 -14.79
C LEU B 345 34.09 8.63 -13.86
N CYS B 346 34.45 7.49 -14.44
CA CYS B 346 34.94 6.37 -13.66
C CYS B 346 36.32 6.65 -13.10
N PHE B 347 36.59 6.10 -11.91
CA PHE B 347 37.88 6.25 -11.24
C PHE B 347 38.43 4.86 -10.94
N VAL B 348 39.71 4.65 -11.29
CA VAL B 348 40.35 3.34 -11.17
C VAL B 348 41.12 3.30 -9.85
N GLN B 349 41.05 2.16 -9.16
CA GLN B 349 41.68 1.99 -7.86
C GLN B 349 42.15 0.55 -7.72
N HIS B 350 43.35 0.37 -7.16
CA HIS B 350 43.91 -0.97 -7.01
C HIS B 350 43.13 -1.75 -5.97
N VAL B 351 42.66 -2.94 -6.37
CA VAL B 351 41.80 -3.73 -5.49
C VAL B 351 42.57 -4.23 -4.28
N ALA B 352 43.80 -4.72 -4.49
CA ALA B 352 44.59 -5.24 -3.38
C ALA B 352 44.99 -4.14 -2.41
N SER B 353 45.46 -3.00 -2.95
CA SER B 353 45.94 -1.93 -2.09
C SER B 353 44.78 -1.19 -1.42
N GLY B 354 43.70 -0.96 -2.17
CA GLY B 354 42.57 -0.23 -1.63
C GLY B 354 42.71 1.28 -1.67
N LEU B 355 43.77 1.81 -2.26
CA LEU B 355 44.01 3.25 -2.32
C LEU B 355 43.71 3.79 -3.71
N TRP B 356 43.32 5.06 -3.75
CA TRP B 356 43.00 5.71 -5.02
C TRP B 356 44.25 5.84 -5.88
N LEU B 357 44.09 5.68 -7.20
CA LEU B 357 45.18 5.81 -8.15
C LEU B 357 45.09 7.19 -8.79
N THR B 358 45.96 8.10 -8.36
CA THR B 358 45.98 9.48 -8.84
C THR B 358 47.37 9.83 -9.34
N TYR B 359 47.47 11.02 -9.93
CA TYR B 359 48.75 11.53 -10.37
C TYR B 359 49.64 11.87 -9.18
N ALA B 360 50.95 11.81 -9.40
CA ALA B 360 51.91 12.16 -8.36
C ALA B 360 52.20 13.66 -8.30
N ALA B 361 51.57 14.45 -9.17
CA ALA B 361 51.73 15.90 -9.22
C ALA B 361 53.20 16.29 -9.35
N PRO B 362 53.96 15.62 -10.21
CA PRO B 362 55.36 16.00 -10.40
C PRO B 362 55.48 17.37 -11.06
N ASP B 363 56.56 18.06 -10.71
CA ASP B 363 56.87 19.37 -11.27
C ASP B 363 58.33 19.40 -11.74
N PRO B 364 58.68 18.55 -12.71
CA PRO B 364 60.05 18.57 -13.22
C PRO B 364 60.33 19.81 -14.06
N LYS B 365 61.59 20.20 -14.10
CA LYS B 365 61.99 21.36 -14.90
C LYS B 365 61.78 21.08 -16.39
N ALA B 366 62.19 19.90 -16.85
CA ALA B 366 62.02 19.55 -18.27
C ALA B 366 60.55 19.41 -18.63
N LEU B 367 59.76 18.78 -17.75
CA LEU B 367 58.34 18.61 -18.04
C LEU B 367 57.63 19.96 -18.10
N ARG B 368 57.92 20.85 -17.15
CA ARG B 368 57.30 22.17 -17.16
C ARG B 368 57.74 22.98 -18.38
N LEU B 369 59.03 22.92 -18.71
CA LEU B 369 59.54 23.67 -19.85
C LEU B 369 59.10 23.06 -21.17
N GLY B 370 58.86 21.76 -21.19
CA GLY B 370 58.45 21.09 -22.42
C GLY B 370 57.07 20.48 -22.32
N VAL B 371 57.01 19.15 -22.26
CA VAL B 371 55.75 18.41 -22.19
C VAL B 371 55.64 17.81 -20.79
N LEU B 372 54.50 18.05 -20.14
CA LEU B 372 54.30 17.57 -18.78
C LEU B 372 54.45 16.06 -18.70
N LYS B 373 55.10 15.59 -17.65
CA LYS B 373 55.40 14.16 -17.47
C LYS B 373 55.24 13.84 -15.98
N LYS B 374 54.04 13.43 -15.61
CA LYS B 374 53.74 13.04 -14.23
C LYS B 374 53.98 11.55 -14.05
N LYS B 375 53.53 11.00 -12.93
CA LYS B 375 53.67 9.57 -12.65
C LYS B 375 52.41 9.08 -11.96
N ALA B 376 51.68 8.19 -12.63
CA ALA B 376 50.52 7.58 -12.00
C ALA B 376 50.97 6.69 -10.85
N ILE B 377 50.31 6.83 -9.70
CA ILE B 377 50.71 6.11 -8.51
C ILE B 377 49.52 6.06 -7.56
N LEU B 378 49.42 5.00 -6.79
CA LEU B 378 48.35 4.88 -5.80
C LEU B 378 48.49 5.98 -4.75
N HIS B 379 47.36 6.54 -4.34
CA HIS B 379 47.32 7.62 -3.37
C HIS B 379 46.32 7.28 -2.28
N GLN B 380 46.68 7.61 -1.04
CA GLN B 380 45.81 7.28 0.09
C GLN B 380 44.46 7.99 -0.02
N GLU B 381 44.47 9.25 -0.42
CA GLU B 381 43.22 9.98 -0.63
C GLU B 381 43.15 10.63 -2.00
N GLY B 382 44.26 11.15 -2.52
CA GLY B 382 44.26 11.78 -3.82
C GLY B 382 43.69 13.18 -3.79
N HIS B 383 43.49 13.72 -4.98
CA HIS B 383 42.93 15.05 -5.18
C HIS B 383 41.59 14.93 -5.89
N MET B 384 40.56 15.57 -5.34
CA MET B 384 39.23 15.48 -5.91
C MET B 384 39.06 16.41 -7.11
N ASP B 385 39.99 16.33 -8.07
CA ASP B 385 39.85 17.09 -9.31
C ASP B 385 40.24 16.31 -10.55
N ASP B 386 40.71 15.07 -10.41
CA ASP B 386 41.20 14.30 -11.55
C ASP B 386 40.10 13.36 -12.06
N ALA B 387 39.07 13.98 -12.63
CA ALA B 387 38.00 13.22 -13.25
C ALA B 387 38.47 12.58 -14.55
N LEU B 388 37.82 11.50 -14.94
CA LEU B 388 38.20 10.71 -16.11
C LEU B 388 37.00 10.58 -17.04
N PHE B 389 37.04 11.28 -18.16
CA PHE B 389 36.07 11.11 -19.23
C PHE B 389 36.77 10.49 -20.44
N LEU B 390 36.08 9.55 -21.09
CA LEU B 390 36.67 8.74 -22.14
C LEU B 390 35.85 8.86 -23.43
N THR B 391 36.55 8.76 -24.56
CA THR B 391 35.93 9.01 -25.86
C THR B 391 36.11 7.83 -26.81
N ARG B 392 35.75 8.04 -28.08
CA ARG B 392 35.77 6.98 -29.08
C ARG B 392 37.16 6.85 -29.70
N CYS B 393 37.68 5.62 -29.74
CA CYS B 393 38.85 5.29 -30.56
C CYS B 393 38.60 3.88 -31.10
N GLN B 394 37.98 3.81 -32.28
CA GLN B 394 37.63 2.55 -32.90
C GLN B 394 37.87 2.68 -34.40
N GLN B 395 38.76 1.86 -34.92
CA GLN B 395 39.15 1.89 -36.32
C GLN B 395 40.03 0.67 -36.58
N GLU B 396 40.58 0.57 -37.79
CA GLU B 396 41.63 -0.39 -38.07
C GLU B 396 42.92 -0.08 -37.33
N GLU B 397 43.02 1.10 -36.73
CA GLU B 397 44.24 1.45 -35.98
C GLU B 397 44.51 0.48 -34.85
N SER B 398 43.47 -0.17 -34.31
CA SER B 398 43.69 -1.23 -33.34
C SER B 398 44.44 -2.39 -33.97
N GLN B 399 44.05 -2.77 -35.19
CA GLN B 399 44.79 -3.79 -35.93
C GLN B 399 46.20 -3.30 -36.22
N ALA B 400 46.36 -2.01 -36.49
CA ALA B 400 47.69 -1.46 -36.71
C ALA B 400 48.56 -1.60 -35.46
N ALA B 401 47.99 -1.33 -34.29
CA ALA B 401 48.74 -1.47 -33.05
C ALA B 401 49.11 -2.92 -32.78
N ARG B 402 48.17 -3.85 -33.00
CA ARG B 402 48.49 -5.25 -32.83
C ARG B 402 49.57 -5.69 -33.81
N MET B 403 49.52 -5.18 -35.03
CA MET B 403 50.57 -5.43 -36.01
C MET B 403 51.91 -4.91 -35.52
N ILE B 404 51.90 -3.72 -34.91
CA ILE B 404 53.12 -3.14 -34.37
C ILE B 404 53.71 -4.08 -33.32
N HIS B 405 52.87 -4.55 -32.40
CA HIS B 405 53.36 -5.43 -31.33
C HIS B 405 53.92 -6.72 -31.91
N SER B 406 53.20 -7.36 -32.83
CA SER B 406 53.67 -8.61 -33.39
C SER B 406 54.95 -8.42 -34.20
N THR B 407 55.02 -7.35 -34.99
CA THR B 407 56.22 -7.08 -35.77
C THR B 407 57.41 -6.82 -34.89
N ALA B 408 57.23 -6.06 -33.81
CA ALA B 408 58.33 -5.83 -32.88
C ALA B 408 58.78 -7.13 -32.23
N GLY B 409 57.83 -7.96 -31.81
CA GLY B 409 58.17 -9.23 -31.19
C GLY B 409 58.95 -10.14 -32.13
N LEU B 410 58.57 -10.16 -33.41
CA LEU B 410 59.30 -10.98 -34.36
C LEU B 410 60.67 -10.39 -34.68
N TYR B 411 60.72 -9.08 -34.90
CA TYR B 411 61.96 -8.47 -35.36
C TYR B 411 63.02 -8.45 -34.28
N ASN B 412 62.62 -8.26 -33.02
CA ASN B 412 63.60 -8.25 -31.94
C ASN B 412 64.30 -9.60 -31.82
N GLN B 413 63.51 -10.69 -31.84
CA GLN B 413 64.12 -12.01 -31.74
C GLN B 413 64.90 -12.35 -33.00
N PHE B 414 64.46 -11.87 -34.17
CA PHE B 414 65.25 -12.05 -35.38
C PHE B 414 66.61 -11.38 -35.24
N ILE B 415 66.62 -10.14 -34.71
CA ILE B 415 67.86 -9.41 -34.54
C ILE B 415 68.77 -10.13 -33.55
N LYS B 416 68.20 -10.62 -32.45
CA LYS B 416 69.01 -11.33 -31.46
C LYS B 416 69.63 -12.59 -32.05
N GLY B 417 68.82 -13.41 -32.72
CA GLY B 417 69.33 -14.62 -33.32
C GLY B 417 70.38 -14.35 -34.38
N LEU B 418 70.21 -13.25 -35.13
CA LEU B 418 71.23 -12.87 -36.09
C LEU B 418 72.52 -12.45 -35.41
N ASP B 419 72.43 -11.65 -34.36
CA ASP B 419 73.62 -11.16 -33.67
C ASP B 419 74.32 -12.26 -32.89
N SER B 420 73.64 -13.38 -32.62
CA SER B 420 74.27 -14.45 -31.86
C SER B 420 75.49 -15.01 -32.59
N PHE B 421 75.40 -15.21 -33.90
CA PHE B 421 76.49 -15.78 -34.68
C PHE B 421 77.23 -14.73 -35.50
N SER B 422 77.27 -13.49 -35.00
CA SER B 422 77.87 -12.39 -35.77
C SER B 422 79.35 -12.63 -36.02
N GLY B 423 80.07 -13.13 -35.03
CA GLY B 423 81.51 -13.27 -35.16
C GLY B 423 82.06 -14.63 -34.82
N LYS B 424 81.34 -15.69 -35.17
CA LYS B 424 81.75 -17.07 -34.89
C LYS B 424 81.67 -17.89 -36.17
N PRO B 425 82.63 -17.72 -37.08
CA PRO B 425 82.62 -18.51 -38.32
C PRO B 425 82.82 -19.99 -38.05
N ARG B 426 81.79 -20.79 -38.30
CA ARG B 426 81.84 -22.22 -38.08
C ARG B 426 82.50 -22.93 -39.27
N GLY B 427 82.80 -24.21 -39.07
CA GLY B 427 83.33 -25.04 -40.14
C GLY B 427 82.30 -26.02 -40.64
N SER B 428 82.65 -27.30 -40.67
CA SER B 428 81.75 -28.37 -41.08
C SER B 428 81.18 -29.02 -39.83
N GLY B 429 79.97 -28.62 -39.45
CA GLY B 429 79.33 -29.15 -38.27
C GLY B 429 78.12 -28.34 -37.87
N PRO B 430 77.99 -28.06 -36.57
CA PRO B 430 76.85 -27.27 -36.09
C PRO B 430 77.03 -25.80 -36.46
N PRO B 431 76.17 -25.25 -37.32
CA PRO B 431 76.37 -23.86 -37.73
C PRO B 431 75.99 -22.85 -36.66
N ALA B 432 74.96 -23.13 -35.88
CA ALA B 432 74.50 -22.23 -34.84
C ALA B 432 73.68 -23.02 -33.83
N GLY B 433 72.95 -22.31 -32.97
CA GLY B 433 72.08 -22.94 -32.01
C GLY B 433 70.64 -22.94 -32.46
N PRO B 434 69.85 -22.01 -31.92
CA PRO B 434 68.45 -21.88 -32.37
C PRO B 434 68.36 -21.54 -33.84
N ALA B 435 67.35 -22.08 -34.51
CA ALA B 435 67.18 -21.85 -35.93
C ALA B 435 66.73 -20.42 -36.20
N LEU B 436 67.01 -19.96 -37.41
CA LEU B 436 66.61 -18.62 -37.84
C LEU B 436 65.19 -18.66 -38.37
N PRO B 437 64.25 -17.88 -37.81
CA PRO B 437 62.91 -17.81 -38.39
C PRO B 437 62.93 -17.05 -39.71
N ILE B 438 62.83 -17.78 -40.82
CA ILE B 438 62.95 -17.21 -42.16
C ILE B 438 61.59 -17.08 -42.83
N GLU B 439 60.85 -18.17 -42.93
CA GLU B 439 59.51 -18.11 -43.50
C GLU B 439 58.59 -17.25 -42.64
N ALA B 440 58.69 -17.38 -41.32
CA ALA B 440 57.86 -16.61 -40.41
C ALA B 440 58.12 -15.11 -40.52
N VAL B 441 59.29 -14.72 -41.00
CA VAL B 441 59.54 -13.30 -41.22
C VAL B 441 59.31 -12.90 -42.67
N ILE B 442 59.49 -13.82 -43.62
CA ILE B 442 59.20 -13.51 -45.02
C ILE B 442 57.72 -13.24 -45.20
N LEU B 443 56.86 -14.05 -44.57
CA LEU B 443 55.43 -13.84 -44.67
C LEU B 443 55.04 -12.49 -44.08
N SER B 444 55.64 -12.13 -42.93
CA SER B 444 55.36 -10.83 -42.33
C SER B 444 55.80 -9.70 -43.25
N LEU B 445 56.97 -9.85 -43.88
CA LEU B 445 57.45 -8.83 -44.81
C LEU B 445 56.48 -8.64 -45.97
N GLN B 446 56.02 -9.76 -46.55
CA GLN B 446 55.10 -9.65 -47.69
C GLN B 446 53.76 -9.06 -47.26
N ASP B 447 53.26 -9.45 -46.09
CA ASP B 447 52.00 -8.90 -45.61
C ASP B 447 52.11 -7.40 -45.35
N LEU B 448 53.24 -6.96 -44.80
CA LEU B 448 53.44 -5.53 -44.57
C LEU B 448 53.60 -4.78 -45.89
N ILE B 449 54.25 -5.40 -46.89
CA ILE B 449 54.37 -4.79 -48.20
C ILE B 449 52.99 -4.58 -48.80
N GLY B 450 52.13 -5.60 -48.71
CA GLY B 450 50.77 -5.46 -49.21
C GLY B 450 49.93 -4.50 -48.38
N TYR B 451 50.28 -4.33 -47.12
CA TYR B 451 49.54 -3.44 -46.25
C TYR B 451 49.62 -2.00 -46.74
N PHE B 452 50.80 -1.57 -47.18
CA PHE B 452 51.05 -0.18 -47.53
C PHE B 452 51.02 0.06 -49.04
N GLU B 453 50.20 -0.70 -49.75
CA GLU B 453 50.11 -0.52 -51.20
C GLU B 453 49.44 0.80 -51.52
N PRO B 454 50.04 1.66 -52.35
CA PRO B 454 49.41 2.92 -52.69
C PRO B 454 48.14 2.69 -53.50
N PRO B 455 47.15 3.56 -53.38
CA PRO B 455 45.91 3.38 -54.13
C PRO B 455 46.13 3.53 -55.63
N SER B 456 45.30 2.83 -56.39
CA SER B 456 45.38 2.87 -57.85
C SER B 456 44.77 4.17 -58.36
N GLU B 457 45.49 4.83 -59.27
CA GLU B 457 45.03 6.12 -59.79
C GLU B 457 43.76 6.00 -60.62
N GLU B 458 43.41 4.79 -61.04
CA GLU B 458 42.19 4.60 -61.81
C GLU B 458 40.92 4.82 -60.99
N LEU B 459 41.05 4.92 -59.67
CA LEU B 459 39.89 5.09 -58.80
C LEU B 459 39.31 6.50 -58.97
N GLN B 460 38.13 6.69 -58.39
CA GLN B 460 37.49 7.99 -58.39
C GLN B 460 38.25 8.95 -57.48
N HIS B 461 37.97 10.25 -57.64
CA HIS B 461 38.75 11.27 -56.94
C HIS B 461 38.58 11.17 -55.44
N GLU B 462 37.34 11.16 -54.95
CA GLU B 462 37.10 11.20 -53.52
C GLU B 462 37.59 9.92 -52.83
N GLU B 463 37.39 8.77 -53.48
CA GLU B 463 37.89 7.52 -52.91
C GLU B 463 39.40 7.52 -52.82
N LYS B 464 40.07 8.02 -53.87
CA LYS B 464 41.52 8.11 -53.84
C LYS B 464 41.99 9.04 -52.74
N GLN B 465 41.32 10.18 -52.56
CA GLN B 465 41.70 11.11 -51.50
C GLN B 465 41.56 10.46 -50.14
N SER B 466 40.43 9.80 -49.89
CA SER B 466 40.22 9.16 -48.60
C SER B 466 41.25 8.06 -48.35
N LYS B 467 41.53 7.24 -49.37
CA LYS B 467 42.49 6.16 -49.20
C LYS B 467 43.89 6.69 -48.94
N LEU B 468 44.31 7.74 -49.64
CA LEU B 468 45.64 8.27 -49.42
C LEU B 468 45.73 8.95 -48.06
N ARG B 469 44.67 9.61 -47.61
CA ARG B 469 44.67 10.18 -46.27
C ARG B 469 44.80 9.10 -45.22
N SER B 470 44.07 7.99 -45.39
CA SER B 470 44.18 6.88 -44.46
C SER B 470 45.58 6.29 -44.46
N LEU B 471 46.19 6.17 -45.65
CA LEU B 471 47.54 5.65 -45.73
C LEU B 471 48.53 6.57 -45.01
N ARG B 472 48.39 7.88 -45.20
CA ARG B 472 49.26 8.82 -44.50
C ARG B 472 49.07 8.73 -42.99
N ASN B 473 47.81 8.61 -42.55
CA ASN B 473 47.55 8.49 -41.12
C ASN B 473 48.20 7.23 -40.55
N ARG B 474 48.09 6.11 -41.26
CA ARG B 474 48.72 4.88 -40.78
C ARG B 474 50.25 5.00 -40.79
N GLN B 475 50.80 5.67 -41.79
CA GLN B 475 52.25 5.89 -41.81
C GLN B 475 52.69 6.71 -40.61
N SER B 476 51.95 7.78 -40.30
CA SER B 476 52.30 8.60 -39.13
C SER B 476 52.15 7.80 -37.85
N LEU B 477 51.12 6.96 -37.75
CA LEU B 477 50.95 6.11 -36.58
C LEU B 477 52.14 5.17 -36.41
N PHE B 478 52.61 4.58 -37.51
CA PHE B 478 53.79 3.72 -37.43
C PHE B 478 55.02 4.50 -37.03
N GLN B 479 55.19 5.71 -37.57
CA GLN B 479 56.39 6.48 -37.31
C GLN B 479 56.43 7.08 -35.91
N GLU B 480 55.27 7.29 -35.28
CA GLU B 480 55.26 7.81 -33.91
C GLU B 480 55.92 6.82 -32.96
N GLU B 481 55.62 5.54 -33.12
CA GLU B 481 56.36 4.49 -32.43
C GLU B 481 57.69 4.19 -33.11
N GLY B 482 57.95 4.82 -34.25
CA GLY B 482 59.17 4.64 -35.02
C GLY B 482 59.12 3.47 -35.99
N MET B 483 59.33 2.25 -35.50
CA MET B 483 59.38 1.05 -36.32
C MET B 483 60.18 1.23 -37.61
N LEU B 484 61.18 2.10 -37.57
CA LEU B 484 62.05 2.33 -38.70
C LEU B 484 63.52 2.21 -38.34
N SER B 485 63.91 2.66 -37.14
CA SER B 485 65.30 2.54 -36.72
C SER B 485 65.72 1.09 -36.64
N LEU B 486 64.87 0.23 -36.08
CA LEU B 486 65.18 -1.19 -36.05
C LEU B 486 65.22 -1.77 -37.46
N VAL B 487 64.43 -1.22 -38.38
CA VAL B 487 64.50 -1.65 -39.77
C VAL B 487 65.88 -1.33 -40.34
N LEU B 488 66.37 -0.12 -40.09
CA LEU B 488 67.69 0.28 -40.57
C LEU B 488 68.78 -0.59 -39.96
N ASN B 489 68.65 -0.90 -38.66
CA ASN B 489 69.60 -1.80 -38.02
C ASN B 489 69.57 -3.17 -38.67
N CYS B 490 68.38 -3.67 -38.99
CA CYS B 490 68.26 -4.95 -39.67
C CYS B 490 68.96 -4.92 -41.02
N ILE B 491 68.79 -3.83 -41.78
CA ILE B 491 69.51 -3.70 -43.05
C ILE B 491 71.01 -3.73 -42.81
N ASP B 492 71.49 -2.93 -41.86
CA ASP B 492 72.93 -2.78 -41.66
C ASP B 492 73.56 -4.10 -41.24
N ARG B 493 72.87 -4.86 -40.39
CA ARG B 493 73.42 -6.13 -39.94
C ARG B 493 73.59 -7.11 -41.10
N LEU B 494 72.64 -7.15 -42.02
CA LEU B 494 72.78 -7.95 -43.23
C LEU B 494 73.58 -7.25 -44.31
N ASN B 495 73.94 -5.97 -44.12
CA ASN B 495 74.50 -5.20 -45.21
C ASN B 495 75.92 -5.63 -45.55
N VAL B 496 76.73 -5.95 -44.55
CA VAL B 496 78.18 -6.15 -44.77
C VAL B 496 78.35 -7.62 -45.13
N TYR B 497 78.05 -7.94 -46.39
CA TYR B 497 78.30 -9.25 -46.97
C TYR B 497 78.36 -9.05 -48.48
N THR B 498 79.56 -9.11 -49.05
CA THR B 498 79.73 -8.76 -50.45
C THR B 498 79.17 -9.83 -51.38
N THR B 499 79.47 -11.09 -51.10
CA THR B 499 79.11 -12.18 -52.01
C THR B 499 78.12 -13.18 -51.43
N ALA B 500 78.14 -13.39 -50.11
CA ALA B 500 77.26 -14.30 -49.37
C ALA B 500 77.51 -15.76 -49.69
N ALA B 501 78.41 -16.08 -50.62
CA ALA B 501 78.77 -17.48 -50.85
C ALA B 501 79.45 -18.06 -49.62
N HIS B 502 80.37 -17.30 -49.02
CA HIS B 502 80.97 -17.64 -47.75
C HIS B 502 80.72 -16.60 -46.66
N PHE B 503 80.44 -15.35 -47.03
CA PHE B 503 80.13 -14.34 -46.04
C PHE B 503 78.81 -14.65 -45.33
N ALA B 504 77.80 -15.09 -46.07
CA ALA B 504 76.57 -15.56 -45.44
C ALA B 504 76.72 -16.97 -44.88
N GLU B 505 77.83 -17.65 -45.14
CA GLU B 505 78.10 -18.96 -44.57
C GLU B 505 78.64 -18.80 -43.14
N TYR B 506 77.85 -18.11 -42.33
CA TYR B 506 78.09 -18.01 -40.89
C TYR B 506 77.04 -18.74 -40.07
N ALA B 507 75.81 -18.83 -40.56
CA ALA B 507 74.79 -19.70 -40.02
C ALA B 507 74.64 -20.98 -40.82
N GLY B 508 75.66 -21.32 -41.62
CA GLY B 508 75.59 -22.49 -42.46
C GLY B 508 74.70 -22.27 -43.67
N GLU B 509 74.18 -23.37 -44.21
CA GLU B 509 73.24 -23.31 -45.31
C GLU B 509 71.86 -22.96 -44.75
N GLU B 510 70.84 -23.06 -45.60
CA GLU B 510 69.45 -22.79 -45.26
C GLU B 510 69.22 -21.33 -44.84
N ALA B 511 70.22 -20.48 -44.97
CA ALA B 511 70.07 -19.06 -44.70
C ALA B 511 70.56 -18.18 -45.84
N ALA B 512 71.62 -18.58 -46.52
CA ALA B 512 72.14 -17.78 -47.63
C ALA B 512 71.22 -17.79 -48.84
N GLU B 513 70.40 -18.84 -48.99
CA GLU B 513 69.50 -18.90 -50.13
C GLU B 513 68.50 -17.76 -50.10
N SER B 514 67.97 -17.43 -48.94
CA SER B 514 66.95 -16.41 -48.79
C SER B 514 67.52 -15.04 -48.49
N TRP B 515 68.84 -14.87 -48.49
CA TRP B 515 69.43 -13.60 -48.09
C TRP B 515 69.08 -12.49 -49.08
N LYS B 516 69.21 -12.77 -50.38
CA LYS B 516 68.88 -11.76 -51.39
C LYS B 516 67.41 -11.38 -51.32
N GLU B 517 66.54 -12.37 -51.18
CA GLU B 517 65.11 -12.09 -51.09
C GLU B 517 64.80 -11.26 -49.85
N ILE B 518 65.43 -11.59 -48.72
CA ILE B 518 65.16 -10.87 -47.48
C ILE B 518 65.60 -9.42 -47.59
N VAL B 519 66.80 -9.18 -48.13
CA VAL B 519 67.28 -7.81 -48.21
C VAL B 519 66.46 -7.01 -49.22
N ASN B 520 66.07 -7.64 -50.34
CA ASN B 520 65.22 -6.94 -51.29
C ASN B 520 63.87 -6.59 -50.67
N LEU B 521 63.27 -7.53 -49.93
CA LEU B 521 62.00 -7.26 -49.28
C LEU B 521 62.12 -6.14 -48.26
N LEU B 522 63.23 -6.11 -47.52
CA LEU B 522 63.46 -5.01 -46.58
C LEU B 522 63.52 -3.68 -47.32
N TYR B 523 64.23 -3.64 -48.45
CA TYR B 523 64.34 -2.40 -49.21
C TYR B 523 62.97 -1.95 -49.70
N GLU B 524 62.17 -2.87 -50.24
CA GLU B 524 60.83 -2.50 -50.70
C GLU B 524 59.96 -2.04 -49.54
N LEU B 525 60.07 -2.70 -48.40
CA LEU B 525 59.25 -2.32 -47.25
C LEU B 525 59.57 -0.90 -46.81
N LEU B 526 60.85 -0.58 -46.65
CA LEU B 526 61.20 0.77 -46.21
C LEU B 526 60.81 1.79 -47.26
N ALA B 527 61.02 1.48 -48.54
CA ALA B 527 60.67 2.42 -49.60
C ALA B 527 59.18 2.71 -49.59
N SER B 528 58.36 1.67 -49.45
CA SER B 528 56.92 1.88 -49.40
C SER B 528 56.52 2.64 -48.14
N LEU B 529 57.21 2.40 -47.02
CA LEU B 529 56.86 3.08 -45.79
C LEU B 529 57.16 4.57 -45.86
N ILE B 530 58.25 4.96 -46.54
CA ILE B 530 58.60 6.38 -46.61
C ILE B 530 57.83 7.11 -47.71
N ARG B 531 57.18 6.38 -48.61
CA ARG B 531 56.54 6.99 -49.78
C ARG B 531 55.56 8.07 -49.37
N GLY B 532 55.60 9.18 -50.10
CA GLY B 532 54.61 10.24 -49.93
C GLY B 532 54.72 11.13 -48.71
N ASN B 533 54.87 10.54 -47.53
CA ASN B 533 54.86 11.31 -46.29
C ASN B 533 56.01 12.31 -46.27
N ARG B 534 55.74 13.49 -45.72
CA ARG B 534 56.75 14.53 -45.65
C ARG B 534 57.62 14.41 -44.41
N ALA B 535 57.05 14.05 -43.27
CA ALA B 535 57.83 13.95 -42.04
C ALA B 535 58.85 12.82 -42.11
N ASN B 536 58.45 11.67 -42.63
CA ASN B 536 59.38 10.56 -42.78
C ASN B 536 60.49 10.91 -43.75
N CYS B 537 60.16 11.62 -44.83
CA CYS B 537 61.19 12.07 -45.75
C CYS B 537 62.14 13.04 -45.08
N ALA B 538 61.60 13.95 -44.26
CA ALA B 538 62.43 14.99 -43.66
C ALA B 538 63.36 14.43 -42.60
N LEU B 539 62.91 13.43 -41.84
CA LEU B 539 63.76 12.90 -40.77
C LEU B 539 64.99 12.19 -41.30
N PHE B 540 65.07 11.93 -42.60
CA PHE B 540 66.26 11.37 -43.22
C PHE B 540 67.29 12.43 -43.58
N SER B 541 67.21 13.60 -42.97
CA SER B 541 68.14 14.68 -43.30
C SER B 541 69.57 14.32 -42.94
N THR B 542 69.76 13.66 -41.80
CA THR B 542 71.10 13.37 -41.29
C THR B 542 71.67 12.06 -41.80
N ASN B 543 70.96 11.35 -42.67
CA ASN B 543 71.39 10.01 -43.08
C ASN B 543 71.46 9.84 -44.59
N LEU B 544 71.41 10.93 -45.37
CA LEU B 544 71.53 10.79 -46.82
C LEU B 544 72.88 10.21 -47.21
N ASP B 545 73.94 10.64 -46.54
CA ASP B 545 75.25 10.05 -46.77
C ASP B 545 75.23 8.56 -46.43
N TRP B 546 74.58 8.19 -45.33
CA TRP B 546 74.45 6.78 -45.00
C TRP B 546 73.68 6.02 -46.07
N VAL B 547 72.63 6.64 -46.61
CA VAL B 547 71.84 5.98 -47.65
C VAL B 547 72.69 5.72 -48.88
N VAL B 548 73.44 6.73 -49.33
CA VAL B 548 74.25 6.56 -50.53
C VAL B 548 75.48 5.69 -50.25
N SER B 549 75.83 5.50 -48.97
CA SER B 549 77.05 4.76 -48.65
C SER B 549 76.93 3.29 -49.03
N LYS B 550 75.79 2.66 -48.69
CA LYS B 550 75.68 1.21 -48.84
C LYS B 550 75.84 0.77 -50.28
N LEU B 551 74.89 1.14 -51.14
CA LEU B 551 74.95 0.97 -52.59
C LEU B 551 75.68 -0.32 -52.97
N ASP B 552 75.13 -1.44 -52.49
CA ASP B 552 75.85 -2.71 -52.44
C ASP B 552 76.19 -3.30 -53.80
N ARG B 553 75.77 -2.63 -54.88
CA ARG B 553 76.21 -2.93 -56.25
C ARG B 553 75.64 -4.23 -56.80
N LEU B 554 74.99 -5.03 -55.97
CA LEU B 554 74.54 -6.35 -56.40
C LEU B 554 73.10 -6.68 -56.04
N GLU B 555 72.50 -6.05 -55.04
CA GLU B 555 71.15 -6.39 -54.62
C GLU B 555 70.24 -5.18 -54.46
N ALA B 556 70.73 -3.97 -54.72
CA ALA B 556 69.90 -2.78 -54.55
C ALA B 556 70.09 -1.80 -55.69
N SER B 557 70.61 -2.24 -56.84
CA SER B 557 70.79 -1.34 -57.97
C SER B 557 69.45 -0.76 -58.42
N SER B 558 68.43 -1.60 -58.49
CA SER B 558 67.07 -1.16 -58.79
C SER B 558 66.24 -0.92 -57.53
N GLY B 559 66.70 -1.36 -56.37
CA GLY B 559 65.91 -1.23 -55.16
C GLY B 559 66.20 0.05 -54.39
N ILE B 560 67.47 0.29 -54.06
CA ILE B 560 67.82 1.48 -53.29
C ILE B 560 67.73 2.74 -54.14
N LEU B 561 67.83 2.61 -55.46
CA LEU B 561 67.62 3.77 -56.32
C LEU B 561 66.21 4.29 -56.18
N GLU B 562 65.25 3.39 -56.04
CA GLU B 562 63.85 3.79 -55.87
C GLU B 562 63.66 4.59 -54.59
N VAL B 563 64.23 4.12 -53.48
CA VAL B 563 64.06 4.85 -52.23
C VAL B 563 64.83 6.16 -52.27
N LEU B 564 65.97 6.20 -52.96
CA LEU B 564 66.66 7.46 -53.13
C LEU B 564 65.81 8.46 -53.89
N TYR B 565 65.12 8.00 -54.95
CA TYR B 565 64.24 8.88 -55.69
C TYR B 565 63.06 9.34 -54.83
N CYS B 566 62.51 8.42 -54.04
CA CYS B 566 61.38 8.79 -53.18
C CYS B 566 61.78 9.83 -52.16
N VAL B 567 62.96 9.67 -51.55
CA VAL B 567 63.41 10.60 -50.51
C VAL B 567 63.86 11.94 -51.08
N LEU B 568 64.01 12.05 -52.40
CA LEU B 568 64.50 13.26 -53.03
C LEU B 568 63.39 14.14 -53.58
N ILE B 569 62.14 13.86 -53.24
CA ILE B 569 60.99 14.63 -53.73
C ILE B 569 60.18 15.20 -52.58
N GLU B 570 59.82 14.36 -51.61
CA GLU B 570 58.90 14.78 -50.56
C GLU B 570 59.51 15.78 -49.58
N SER B 571 60.84 15.98 -49.61
CA SER B 571 61.50 16.92 -48.71
C SER B 571 62.42 17.82 -49.51
N PRO B 572 61.94 19.01 -49.91
CA PRO B 572 62.78 19.91 -50.70
C PRO B 572 64.02 20.41 -49.98
N GLU B 573 64.04 20.40 -48.65
CA GLU B 573 65.17 20.96 -47.92
C GLU B 573 66.39 20.04 -47.96
N VAL B 574 66.17 18.72 -48.05
CA VAL B 574 67.29 17.78 -48.09
C VAL B 574 68.16 18.00 -49.32
N LEU B 575 67.63 18.63 -50.37
CA LEU B 575 68.40 18.86 -51.58
C LEU B 575 69.58 19.78 -51.36
N ASN B 576 69.65 20.49 -50.24
CA ASN B 576 70.66 21.51 -50.03
C ASN B 576 71.74 21.07 -49.03
N ILE B 577 72.02 19.77 -48.95
CA ILE B 577 73.07 19.28 -48.07
C ILE B 577 74.03 18.37 -48.83
N ILE B 578 74.15 18.60 -50.13
CA ILE B 578 75.01 17.78 -50.98
C ILE B 578 76.41 18.38 -51.01
N GLN B 579 77.42 17.50 -50.99
CA GLN B 579 78.82 17.92 -50.90
C GLN B 579 79.63 17.45 -52.11
N GLU B 580 78.96 17.26 -53.24
CA GLU B 580 79.61 17.00 -54.53
C GLU B 580 80.24 15.63 -54.62
N ASN B 581 80.31 14.88 -53.52
CA ASN B 581 80.77 13.51 -53.58
C ASN B 581 79.66 12.57 -53.99
N HIS B 582 78.44 12.84 -53.54
CA HIS B 582 77.29 12.01 -53.90
C HIS B 582 77.02 12.08 -55.39
N ILE B 583 77.22 13.25 -56.00
CA ILE B 583 77.07 13.37 -57.45
C ILE B 583 78.09 12.48 -58.16
N LYS B 584 79.33 12.47 -57.68
CA LYS B 584 80.34 11.60 -58.27
C LYS B 584 79.95 10.13 -58.14
N SER B 585 79.46 9.74 -56.96
CA SER B 585 79.05 8.35 -56.76
C SER B 585 77.90 7.97 -57.69
N ILE B 586 76.93 8.88 -57.86
CA ILE B 586 75.79 8.58 -58.71
C ILE B 586 76.21 8.46 -60.17
N ILE B 587 77.10 9.36 -60.63
CA ILE B 587 77.57 9.26 -62.00
C ILE B 587 78.37 7.98 -62.20
N SER B 588 79.15 7.58 -61.19
CA SER B 588 79.85 6.31 -61.26
C SER B 588 78.88 5.15 -61.37
N LEU B 589 77.79 5.21 -60.61
CA LEU B 589 76.77 4.16 -60.70
C LEU B 589 76.17 4.09 -62.09
N LEU B 590 75.88 5.25 -62.68
CA LEU B 590 75.36 5.26 -64.04
C LEU B 590 76.36 4.65 -65.01
N ASP B 591 77.64 4.97 -64.85
CA ASP B 591 78.66 4.44 -65.76
C ASP B 591 78.81 2.94 -65.60
N LYS B 592 78.75 2.44 -64.36
CA LYS B 592 79.02 1.04 -64.07
C LYS B 592 77.84 0.12 -64.33
N HIS B 593 76.67 0.67 -64.68
CA HIS B 593 75.49 -0.16 -64.88
C HIS B 593 74.79 0.14 -66.20
N GLY B 594 75.47 0.79 -67.13
CA GLY B 594 74.90 1.04 -68.43
C GLY B 594 73.84 2.13 -68.40
N ARG B 595 73.22 2.31 -69.56
CA ARG B 595 72.18 3.33 -69.70
C ARG B 595 70.95 2.95 -68.89
N ASN B 596 70.30 3.96 -68.33
CA ASN B 596 69.09 3.77 -67.54
C ASN B 596 68.42 5.13 -67.39
N HIS B 597 67.08 5.13 -67.44
CA HIS B 597 66.36 6.37 -67.32
C HIS B 597 66.10 6.76 -65.87
N LYS B 598 66.21 5.83 -64.94
CA LYS B 598 65.97 6.15 -63.53
C LYS B 598 67.00 7.14 -63.01
N VAL B 599 68.26 6.96 -63.40
CA VAL B 599 69.32 7.86 -62.96
C VAL B 599 69.07 9.26 -63.49
N LEU B 600 68.68 9.37 -64.76
CA LEU B 600 68.39 10.67 -65.34
C LEU B 600 67.20 11.32 -64.63
N ASP B 601 66.19 10.53 -64.31
CA ASP B 601 65.03 11.07 -63.60
C ASP B 601 65.43 11.59 -62.22
N VAL B 602 66.25 10.84 -61.48
CA VAL B 602 66.62 11.30 -60.14
C VAL B 602 67.52 12.52 -60.24
N LEU B 603 68.39 12.60 -61.25
CA LEU B 603 69.18 13.81 -61.43
C LEU B 603 68.30 15.01 -61.73
N CYS B 604 67.30 14.83 -62.59
CA CYS B 604 66.38 15.93 -62.87
C CYS B 604 65.64 16.37 -61.62
N SER B 605 65.23 15.42 -60.79
CA SER B 605 64.60 15.77 -59.52
C SER B 605 65.55 16.54 -58.62
N LEU B 606 66.82 16.13 -58.60
CA LEU B 606 67.80 16.79 -57.75
C LEU B 606 68.09 18.21 -58.22
N CYS B 607 67.99 18.46 -59.52
CA CYS B 607 68.35 19.78 -60.05
C CYS B 607 67.43 20.87 -59.51
N VAL B 608 66.13 20.61 -59.45
CA VAL B 608 65.14 21.58 -58.99
C VAL B 608 64.21 20.89 -58.00
N CYS B 609 63.98 21.52 -56.85
CA CYS B 609 63.18 20.90 -55.81
C CYS B 609 61.69 21.20 -55.97
N ASN B 610 61.31 22.47 -55.85
CA ASN B 610 59.93 22.87 -56.10
C ASN B 610 59.92 24.38 -56.35
N GLY B 611 59.72 24.78 -57.60
CA GLY B 611 59.67 26.18 -57.93
C GLY B 611 61.02 26.84 -57.82
N VAL B 612 61.55 26.92 -56.60
CA VAL B 612 62.86 27.50 -56.37
C VAL B 612 63.92 26.54 -56.88
N ALA B 613 64.91 27.08 -57.59
CA ALA B 613 65.98 26.28 -58.18
C ALA B 613 67.25 26.43 -57.35
N VAL B 614 67.86 25.31 -57.02
CA VAL B 614 69.14 25.30 -56.31
C VAL B 614 70.28 25.37 -57.33
N ARG B 615 71.23 26.27 -57.10
CA ARG B 615 72.25 26.60 -58.09
C ARG B 615 73.54 25.82 -57.92
N SER B 616 73.94 25.56 -56.67
CA SER B 616 75.24 24.93 -56.44
C SER B 616 75.31 23.55 -57.09
N ASN B 617 74.45 22.64 -56.64
CA ASN B 617 74.44 21.29 -57.21
C ASN B 617 74.13 21.30 -58.69
N GLN B 618 73.36 22.29 -59.15
CA GLN B 618 73.11 22.42 -60.58
C GLN B 618 74.41 22.66 -61.35
N ASP B 619 75.23 23.60 -60.87
CA ASP B 619 76.51 23.85 -61.51
C ASP B 619 77.45 22.67 -61.37
N LEU B 620 77.38 21.95 -60.24
CA LEU B 620 78.18 20.74 -60.10
C LEU B 620 77.80 19.70 -61.14
N ILE B 621 76.49 19.55 -61.40
CA ILE B 621 76.02 18.64 -62.43
C ILE B 621 76.55 19.08 -63.79
N THR B 622 76.48 20.39 -64.08
CA THR B 622 76.99 20.87 -65.36
C THR B 622 78.47 20.56 -65.53
N GLU B 623 79.25 20.80 -64.47
CA GLU B 623 80.69 20.53 -64.55
C GLU B 623 80.96 19.05 -64.73
N ASN B 624 80.22 18.20 -64.04
CA ASN B 624 80.42 16.76 -64.13
C ASN B 624 79.82 16.15 -65.39
N LEU B 625 78.98 16.88 -66.12
CA LEU B 625 78.57 16.44 -67.44
C LEU B 625 79.79 16.40 -68.34
N LEU B 626 80.15 15.21 -68.82
CA LEU B 626 81.41 14.99 -69.49
C LEU B 626 81.58 15.90 -70.69
N PRO B 627 82.52 16.86 -70.64
CA PRO B 627 82.83 17.66 -71.82
C PRO B 627 83.52 16.86 -72.91
N GLY B 628 83.92 15.62 -72.63
CA GLY B 628 84.40 14.71 -73.65
C GLY B 628 83.32 13.90 -74.32
N ARG B 629 82.09 13.96 -73.80
CA ARG B 629 80.93 13.30 -74.40
C ARG B 629 81.14 11.80 -74.55
N GLU B 630 81.88 11.19 -73.63
CA GLU B 630 82.12 9.76 -73.67
C GLU B 630 81.12 8.97 -72.84
N LEU B 631 80.14 9.62 -72.24
CA LEU B 631 79.12 8.96 -71.44
C LEU B 631 77.70 9.25 -71.90
N LEU B 632 77.44 10.42 -72.46
CA LEU B 632 76.13 10.78 -72.99
C LEU B 632 76.24 10.95 -74.50
N LEU B 633 75.41 10.23 -75.24
CA LEU B 633 75.46 10.28 -76.69
C LEU B 633 74.93 11.61 -77.20
N GLN B 634 75.66 12.22 -78.12
CA GLN B 634 75.33 13.53 -78.67
C GLN B 634 75.11 13.43 -80.17
N THR B 635 74.93 14.58 -80.83
CA THR B 635 74.56 14.62 -82.23
C THR B 635 75.08 15.90 -82.87
N ASN B 636 75.07 15.91 -84.19
CA ASN B 636 75.49 17.05 -85.00
C ASN B 636 75.00 16.82 -86.43
N LEU B 637 75.47 17.65 -87.37
CA LEU B 637 75.07 17.54 -88.76
C LEU B 637 76.19 16.95 -89.60
N ILE B 638 75.84 16.07 -90.52
CA ILE B 638 76.79 15.38 -91.38
C ILE B 638 76.26 15.37 -92.80
N ASN B 639 77.16 15.57 -93.77
CA ASN B 639 76.81 15.49 -95.18
C ASN B 639 76.95 14.07 -95.70
N TYR B 640 76.23 13.77 -96.77
CA TYR B 640 76.29 12.46 -97.40
C TYR B 640 77.55 12.31 -98.25
N VAL B 641 78.00 11.07 -98.40
CA VAL B 641 79.21 10.76 -99.14
C VAL B 641 78.89 9.70 -100.19
N THR B 642 79.41 9.87 -101.40
CA THR B 642 79.20 8.93 -102.48
C THR B 642 80.50 8.73 -103.25
N SER B 643 80.58 7.61 -103.97
CA SER B 643 81.74 7.27 -104.78
C SER B 643 81.27 6.67 -106.09
N ILE B 644 82.17 6.67 -107.07
CA ILE B 644 81.89 6.14 -108.40
C ILE B 644 82.93 5.06 -108.72
N ARG B 645 82.46 3.91 -109.19
CA ARG B 645 83.31 2.76 -109.47
C ARG B 645 83.22 2.37 -110.94
N PRO B 646 84.18 2.76 -111.77
CA PRO B 646 84.22 2.25 -113.14
C PRO B 646 84.44 0.74 -113.16
N ASN B 647 83.82 0.08 -114.13
CA ASN B 647 83.83 -1.38 -114.22
C ASN B 647 85.19 -1.86 -114.74
N ILE B 648 86.20 -1.72 -113.88
CA ILE B 648 87.55 -2.19 -114.17
C ILE B 648 88.05 -2.94 -112.94
N PHE B 649 88.61 -4.13 -113.16
CA PHE B 649 89.05 -5.00 -112.08
C PHE B 649 90.44 -5.52 -112.39
N VAL B 650 91.21 -5.80 -111.33
CA VAL B 650 92.56 -6.32 -111.48
C VAL B 650 92.93 -7.06 -110.20
N GLY B 651 93.77 -8.08 -110.34
CA GLY B 651 94.22 -8.84 -109.19
C GLY B 651 95.39 -9.72 -109.57
N ARG B 652 96.09 -10.19 -108.54
CA ARG B 652 97.27 -11.03 -108.71
C ARG B 652 96.93 -12.46 -108.34
N ALA B 653 97.24 -13.40 -109.23
CA ALA B 653 96.99 -14.81 -109.01
C ALA B 653 97.95 -15.62 -109.86
N GLU B 654 98.04 -16.91 -109.56
CA GLU B 654 98.93 -17.82 -110.29
C GLU B 654 98.33 -18.08 -111.66
N GLY B 655 98.51 -17.11 -112.56
CA GLY B 655 97.96 -17.20 -113.90
C GLY B 655 97.79 -15.85 -114.56
N SER B 656 96.63 -15.62 -115.17
CA SER B 656 96.38 -14.34 -115.82
C SER B 656 96.34 -13.22 -114.81
N THR B 657 97.04 -12.12 -115.12
CA THR B 657 97.11 -10.98 -114.21
C THR B 657 96.92 -9.63 -114.90
N GLN B 658 96.89 -9.58 -116.24
CA GLN B 658 96.68 -8.34 -117.00
C GLN B 658 97.75 -7.30 -116.68
N TYR B 659 98.94 -7.77 -116.27
CA TYR B 659 100.11 -6.94 -116.04
C TYR B 659 99.94 -6.00 -114.85
N GLY B 660 98.74 -5.98 -114.26
CA GLY B 660 98.43 -5.22 -113.07
C GLY B 660 98.95 -3.80 -113.02
N LYS B 661 98.97 -3.11 -114.15
CA LYS B 661 99.45 -1.74 -114.20
C LYS B 661 98.68 -1.00 -115.28
N TRP B 662 97.78 -0.11 -114.86
CA TRP B 662 96.93 0.64 -115.77
C TRP B 662 96.99 2.12 -115.41
N TYR B 663 96.88 2.96 -116.43
CA TYR B 663 96.99 4.40 -116.27
C TYR B 663 95.62 5.05 -116.31
N PHE B 664 95.35 5.93 -115.34
CA PHE B 664 94.07 6.61 -115.24
C PHE B 664 94.31 8.07 -114.92
N GLU B 665 93.61 8.97 -115.62
CA GLU B 665 93.73 10.40 -115.44
C GLU B 665 92.40 10.99 -115.00
N VAL B 666 92.45 11.84 -113.99
CA VAL B 666 91.26 12.50 -113.44
C VAL B 666 91.56 13.99 -113.30
N MET B 667 90.63 14.82 -113.76
CA MET B 667 90.75 16.27 -113.68
C MET B 667 89.56 16.80 -112.88
N VAL B 668 89.84 17.77 -112.01
CA VAL B 668 88.85 18.31 -111.08
C VAL B 668 88.39 19.67 -111.57
N ASP B 669 87.08 19.88 -111.54
CA ASP B 669 86.51 21.17 -111.91
C ASP B 669 85.20 21.33 -111.13
N GLU B 670 85.27 22.05 -110.01
CA GLU B 670 84.12 22.27 -109.15
C GLU B 670 83.76 23.76 -109.13
N VAL B 671 82.66 24.07 -108.46
CA VAL B 671 82.21 25.45 -108.34
C VAL B 671 81.97 25.88 -106.89
N VAL B 672 81.87 24.96 -105.93
CA VAL B 672 81.67 25.31 -104.54
C VAL B 672 82.75 24.63 -103.70
N PRO B 673 83.92 25.25 -103.55
CA PRO B 673 84.97 24.62 -102.74
C PRO B 673 84.58 24.38 -101.30
N PHE B 674 83.75 25.25 -100.73
CA PHE B 674 83.30 25.11 -99.34
C PHE B 674 81.80 25.35 -99.31
N LEU B 675 81.03 24.30 -99.13
CA LEU B 675 79.58 24.42 -99.08
C LEU B 675 79.16 25.22 -97.85
N THR B 676 78.00 25.89 -97.95
CA THR B 676 77.49 26.66 -96.84
C THR B 676 77.22 25.79 -95.62
N ALA B 677 76.96 24.50 -95.83
CA ALA B 677 76.69 23.60 -94.72
C ALA B 677 77.96 23.22 -93.97
N GLN B 678 78.92 22.60 -94.66
CA GLN B 678 80.13 22.11 -94.04
C GLN B 678 81.23 22.08 -95.09
N ALA B 679 82.32 21.39 -94.78
CA ALA B 679 83.45 21.26 -95.70
C ALA B 679 83.16 20.14 -96.70
N THR B 680 83.35 20.45 -97.99
CA THR B 680 83.13 19.47 -99.04
C THR B 680 84.17 18.35 -98.94
N HIS B 681 83.71 17.12 -99.18
CA HIS B 681 84.56 15.93 -99.09
C HIS B 681 84.94 15.48 -100.48
N LEU B 682 86.23 15.20 -100.68
CA LEU B 682 86.73 14.75 -101.97
C LEU B 682 88.03 13.99 -101.76
N ARG B 683 88.07 12.73 -102.20
CA ARG B 683 89.25 11.89 -102.03
C ARG B 683 89.31 10.89 -103.17
N VAL B 684 90.52 10.36 -103.39
CA VAL B 684 90.76 9.37 -104.44
C VAL B 684 91.55 8.21 -103.86
N GLY B 685 91.38 7.04 -104.47
CA GLY B 685 92.08 5.85 -103.99
C GLY B 685 91.57 4.60 -104.67
N TRP B 686 91.72 3.47 -103.98
CA TRP B 686 91.38 2.16 -104.51
C TRP B 686 90.60 1.36 -103.48
N ALA B 687 89.80 0.41 -103.97
CA ALA B 687 89.01 -0.48 -103.14
C ALA B 687 89.21 -1.91 -103.59
N LEU B 688 89.11 -2.84 -102.65
CA LEU B 688 89.49 -4.24 -102.91
C LEU B 688 88.30 -5.20 -102.87
N THR B 689 87.17 -4.76 -103.43
CA THR B 689 85.94 -5.57 -103.60
C THR B 689 85.45 -6.20 -102.29
N GLU B 690 86.01 -5.73 -101.17
CA GLU B 690 85.54 -6.18 -99.87
C GLU B 690 85.30 -4.93 -99.04
N GLY B 691 85.60 -3.77 -99.61
CA GLY B 691 85.43 -2.52 -98.90
C GLY B 691 84.26 -1.74 -99.41
N TYR B 692 83.43 -2.36 -100.24
CA TYR B 692 82.23 -1.71 -100.66
C TYR B 692 81.57 -1.22 -99.40
N SER B 693 81.33 0.07 -99.29
CA SER B 693 80.77 0.59 -98.07
C SER B 693 79.72 1.69 -98.21
N PRO B 694 79.75 2.46 -99.31
CA PRO B 694 78.76 3.53 -99.30
C PRO B 694 77.35 3.04 -99.06
N TYR B 695 76.89 3.25 -97.83
CA TYR B 695 75.53 2.92 -97.42
C TYR B 695 74.94 4.19 -96.83
N PRO B 696 74.22 4.97 -97.65
CA PRO B 696 73.77 6.29 -97.19
C PRO B 696 73.16 6.27 -95.80
N GLY B 697 73.82 6.93 -94.86
CA GLY B 697 73.46 6.89 -93.47
C GLY B 697 74.70 7.05 -92.61
N GLY B 698 74.66 6.47 -91.41
CA GLY B 698 75.76 6.59 -90.48
C GLY B 698 76.83 5.55 -90.76
N GLY B 699 78.10 6.00 -90.74
CA GLY B 699 79.24 5.13 -90.92
C GLY B 699 79.86 4.73 -89.58
N GLU B 700 81.13 4.35 -89.64
CA GLU B 700 81.85 3.99 -88.43
C GLU B 700 82.27 5.22 -87.64
N GLY B 701 82.64 6.30 -88.32
CA GLY B 701 83.00 7.53 -87.64
C GLY B 701 81.84 8.49 -87.58
N TRP B 702 81.92 9.58 -88.35
CA TRP B 702 80.83 10.55 -88.48
C TRP B 702 80.61 10.73 -89.97
N GLY B 703 79.79 9.88 -90.56
CA GLY B 703 79.57 9.89 -91.99
C GLY B 703 80.29 8.75 -92.68
N GLY B 704 79.57 8.03 -93.54
CA GLY B 704 80.12 6.87 -94.22
C GLY B 704 80.95 7.25 -95.44
N ASN B 705 82.15 7.73 -95.21
CA ASN B 705 83.01 8.18 -96.30
C ASN B 705 83.34 7.02 -97.24
N GLY B 706 83.43 7.32 -98.53
CA GLY B 706 83.62 6.28 -99.52
C GLY B 706 84.96 5.57 -99.41
N VAL B 707 86.03 6.34 -99.24
CA VAL B 707 87.38 5.78 -99.20
C VAL B 707 88.12 6.34 -97.99
N GLY B 708 89.14 5.60 -97.57
CA GLY B 708 90.09 6.07 -96.59
C GLY B 708 89.66 5.97 -95.14
N ASP B 709 88.44 5.52 -94.86
CA ASP B 709 87.94 5.38 -93.50
C ASP B 709 87.71 3.93 -93.12
N ASP B 710 88.28 2.99 -93.88
CA ASP B 710 88.14 1.57 -93.59
C ASP B 710 89.36 0.84 -94.13
N LEU B 711 89.71 -0.26 -93.48
CA LEU B 711 90.90 -1.01 -93.87
C LEU B 711 90.75 -1.67 -95.24
N TYR B 712 89.52 -1.89 -95.71
CA TYR B 712 89.30 -2.48 -97.01
C TYR B 712 89.29 -1.44 -98.13
N SER B 713 89.84 -0.27 -97.88
CA SER B 713 89.94 0.78 -98.90
C SER B 713 91.13 1.66 -98.56
N TYR B 714 91.65 2.32 -99.60
CA TYR B 714 92.78 3.22 -99.48
C TYR B 714 92.46 4.52 -100.18
N GLY B 715 92.88 5.63 -99.60
CA GLY B 715 92.50 6.94 -100.09
C GLY B 715 93.62 7.95 -99.99
N PHE B 716 93.45 9.04 -100.74
CA PHE B 716 94.36 10.18 -100.72
C PHE B 716 93.55 11.45 -100.59
N ASP B 717 94.03 12.37 -99.76
CA ASP B 717 93.29 13.58 -99.40
C ASP B 717 93.97 14.85 -99.91
N GLY B 718 94.74 14.74 -100.98
CA GLY B 718 95.43 15.91 -101.52
C GLY B 718 96.61 16.36 -100.70
N LEU B 719 96.42 16.57 -99.40
CA LEU B 719 97.51 16.90 -98.50
C LEU B 719 97.65 15.90 -97.36
N HIS B 720 96.85 14.84 -97.36
CA HIS B 720 96.93 13.80 -96.35
C HIS B 720 96.61 12.46 -97.00
N LEU B 721 96.90 11.38 -96.27
CA LEU B 721 96.47 10.05 -96.66
C LEU B 721 95.44 9.55 -95.65
N TRP B 722 94.50 8.74 -96.12
CA TRP B 722 93.39 8.29 -95.31
C TRP B 722 93.34 6.76 -95.32
N THR B 723 93.53 6.16 -94.16
CA THR B 723 93.41 4.71 -93.99
C THR B 723 92.72 4.45 -92.66
N GLY B 724 91.47 3.99 -92.71
CA GLY B 724 90.77 3.62 -91.50
C GLY B 724 90.58 4.75 -90.51
N HIS B 725 90.10 5.89 -90.99
CA HIS B 725 89.84 7.07 -90.15
C HIS B 725 91.13 7.60 -89.54
N VAL B 726 92.21 7.58 -90.30
CA VAL B 726 93.49 8.18 -89.89
C VAL B 726 93.95 9.09 -91.02
N ALA B 727 94.35 10.31 -90.67
CA ALA B 727 94.66 11.33 -91.66
C ALA B 727 96.09 11.82 -91.54
N ARG B 728 97.06 10.91 -91.46
CA ARG B 728 98.45 11.31 -91.31
C ARG B 728 98.89 12.14 -92.51
N PRO B 729 99.56 13.26 -92.29
CA PRO B 729 99.95 14.13 -93.40
C PRO B 729 101.15 13.60 -94.16
N VAL B 730 101.27 14.06 -95.41
CA VAL B 730 102.39 13.73 -96.27
C VAL B 730 102.89 15.02 -96.90
N THR B 731 104.20 15.24 -96.84
CA THR B 731 104.82 16.45 -97.37
C THR B 731 105.13 16.23 -98.84
N SER B 732 104.38 16.89 -99.72
CA SER B 732 104.54 16.76 -101.16
C SER B 732 104.68 18.14 -101.78
N PRO B 733 105.36 18.24 -102.93
CA PRO B 733 105.46 19.54 -103.60
C PRO B 733 104.09 20.10 -103.93
N GLY B 734 103.94 21.41 -103.73
CA GLY B 734 102.65 22.03 -103.85
C GLY B 734 101.76 21.71 -102.66
N GLN B 735 102.19 22.13 -101.48
CA GLN B 735 101.48 21.80 -100.24
C GLN B 735 100.19 22.61 -100.10
N HIS B 736 99.08 22.03 -100.55
CA HIS B 736 97.77 22.65 -100.41
C HIS B 736 96.71 21.56 -100.60
N LEU B 737 95.45 21.97 -100.63
CA LEU B 737 94.34 21.03 -100.74
C LEU B 737 94.17 20.61 -102.20
N LEU B 738 93.12 19.84 -102.48
CA LEU B 738 92.80 19.41 -103.85
C LEU B 738 92.18 20.58 -104.58
N ALA B 739 93.04 21.50 -105.03
CA ALA B 739 92.58 22.68 -105.74
C ALA B 739 91.95 22.27 -107.07
N PRO B 740 90.92 23.00 -107.52
CA PRO B 740 90.30 22.67 -108.81
C PRO B 740 91.25 22.92 -109.97
N GLU B 741 90.81 22.47 -111.14
CA GLU B 741 91.58 22.61 -112.37
C GLU B 741 92.96 21.96 -112.23
N ASP B 742 92.99 20.77 -111.63
CA ASP B 742 94.21 20.00 -111.46
C ASP B 742 93.98 18.59 -111.97
N VAL B 743 95.08 17.94 -112.36
CA VAL B 743 95.06 16.59 -112.90
C VAL B 743 95.90 15.69 -112.00
N VAL B 744 95.33 14.55 -111.62
CA VAL B 744 96.00 13.58 -110.76
C VAL B 744 96.09 12.25 -111.51
N SER B 745 97.28 11.67 -111.53
CA SER B 745 97.50 10.38 -112.17
C SER B 745 97.39 9.26 -111.16
N CYS B 746 96.62 8.23 -111.49
CA CYS B 746 96.44 7.09 -110.62
C CYS B 746 97.54 6.07 -110.88
N CYS B 747 98.34 5.78 -109.86
CA CYS B 747 99.45 4.85 -109.97
C CYS B 747 99.01 3.50 -109.41
N LEU B 748 99.09 2.45 -110.23
CA LEU B 748 98.69 1.11 -109.85
C LEU B 748 99.90 0.19 -109.90
N ASP B 749 100.10 -0.57 -108.82
CA ASP B 749 101.23 -1.49 -108.72
C ASP B 749 100.71 -2.83 -108.18
N LEU B 750 100.60 -3.82 -109.07
CA LEU B 750 100.17 -5.15 -108.67
C LEU B 750 101.32 -6.14 -108.59
N SER B 751 102.31 -6.03 -109.49
CA SER B 751 103.48 -6.91 -109.43
C SER B 751 104.20 -6.73 -108.10
N VAL B 752 104.36 -5.49 -107.66
CA VAL B 752 104.80 -5.17 -106.31
C VAL B 752 103.65 -4.47 -105.60
N PRO B 753 103.27 -4.86 -104.40
CA PRO B 753 102.15 -4.20 -103.74
C PRO B 753 102.51 -2.78 -103.32
N SER B 754 101.99 -1.79 -104.05
CA SER B 754 102.27 -0.39 -103.76
C SER B 754 101.21 0.47 -104.41
N ILE B 755 101.03 1.67 -103.87
CA ILE B 755 100.11 2.65 -104.41
C ILE B 755 100.79 4.01 -104.32
N SER B 756 101.08 4.61 -105.47
CA SER B 756 101.74 5.90 -105.54
C SER B 756 100.78 6.97 -106.06
N PHE B 757 101.21 8.21 -105.95
CA PHE B 757 100.38 9.34 -106.36
C PHE B 757 101.24 10.42 -107.01
N ARG B 758 100.60 11.20 -107.89
CA ARG B 758 101.21 12.37 -108.50
C ARG B 758 100.21 13.51 -108.39
N ILE B 759 100.57 14.55 -107.64
CA ILE B 759 99.62 15.61 -107.34
C ILE B 759 99.21 16.37 -108.59
N ASN B 760 100.14 17.10 -109.21
CA ASN B 760 99.93 17.67 -110.53
C ASN B 760 100.98 17.17 -111.52
N GLY B 761 102.26 17.36 -111.22
CA GLY B 761 103.33 16.80 -112.01
C GLY B 761 104.41 16.21 -111.13
N CYS B 762 104.32 16.49 -109.82
CA CYS B 762 105.34 16.10 -108.86
C CYS B 762 104.92 14.86 -108.09
N PRO B 763 105.87 13.98 -107.78
CA PRO B 763 105.54 12.76 -107.05
C PRO B 763 105.18 13.07 -105.60
N VAL B 764 104.42 12.14 -105.01
CA VAL B 764 104.00 12.23 -103.62
C VAL B 764 104.80 11.20 -102.82
N GLN B 765 105.45 11.67 -101.75
CA GLN B 765 106.38 10.85 -101.00
C GLN B 765 105.69 9.88 -100.04
N GLY B 766 104.39 9.65 -100.20
CA GLY B 766 103.70 8.64 -99.43
C GLY B 766 103.15 7.54 -100.30
N VAL B 767 103.69 6.33 -100.15
CA VAL B 767 103.29 5.19 -100.96
C VAL B 767 103.00 4.01 -100.04
N PHE B 768 101.84 3.39 -100.21
CA PHE B 768 101.48 2.22 -99.44
C PHE B 768 102.25 0.99 -99.94
N GLU B 769 102.21 -0.07 -99.14
CA GLU B 769 102.88 -1.31 -99.49
C GLU B 769 102.39 -2.40 -98.54
N ALA B 770 102.68 -3.65 -98.90
CA ALA B 770 102.44 -4.82 -98.06
C ALA B 770 100.99 -4.89 -97.59
N PHE B 771 100.07 -4.67 -98.52
CA PHE B 771 98.64 -4.72 -98.22
C PHE B 771 98.05 -6.03 -98.75
N ASN B 772 96.73 -6.15 -98.62
CA ASN B 772 96.05 -7.40 -98.94
C ASN B 772 96.04 -7.63 -100.44
N LEU B 773 95.72 -8.87 -100.83
CA LEU B 773 95.80 -9.26 -102.23
C LEU B 773 94.49 -9.89 -102.73
N ASP B 774 93.77 -10.58 -101.84
CA ASP B 774 92.59 -11.33 -102.24
C ASP B 774 91.43 -10.36 -102.52
N GLY B 775 91.34 -9.96 -103.77
CA GLY B 775 90.29 -9.06 -104.19
C GLY B 775 90.67 -8.30 -105.43
N LEU B 776 89.65 -7.76 -106.09
CA LEU B 776 89.85 -6.97 -107.30
C LEU B 776 89.82 -5.49 -106.96
N PHE B 777 90.77 -4.74 -107.53
CA PHE B 777 90.96 -3.34 -107.20
C PHE B 777 90.29 -2.44 -108.22
N PHE B 778 89.70 -1.34 -107.74
CA PHE B 778 89.03 -0.39 -108.60
C PHE B 778 89.67 0.98 -108.48
N PRO B 779 89.72 1.74 -109.57
CA PRO B 779 90.01 3.17 -109.46
C PRO B 779 88.77 3.92 -109.03
N VAL B 780 88.75 4.35 -107.77
CA VAL B 780 87.55 4.94 -107.17
C VAL B 780 87.87 6.32 -106.62
N VAL B 781 86.92 7.23 -106.77
CA VAL B 781 87.05 8.60 -106.28
C VAL B 781 85.91 8.86 -105.30
N SER B 782 86.26 9.39 -104.12
CA SER B 782 85.28 9.75 -103.11
C SER B 782 84.97 11.23 -103.24
N PHE B 783 83.68 11.57 -103.18
CA PHE B 783 83.25 12.94 -103.41
C PHE B 783 81.98 13.23 -102.63
N SER B 784 81.84 14.48 -102.20
CA SER B 784 80.64 14.93 -101.52
C SER B 784 79.66 15.52 -102.55
N ALA B 785 78.63 16.21 -102.07
CA ALA B 785 77.66 16.82 -102.96
C ALA B 785 78.24 18.04 -103.64
N GLY B 786 77.65 18.39 -104.79
CA GLY B 786 78.07 19.57 -105.53
C GLY B 786 79.47 19.49 -106.11
N VAL B 787 79.84 18.36 -106.70
CA VAL B 787 81.15 18.18 -107.31
C VAL B 787 80.95 17.54 -108.68
N LYS B 788 81.59 18.11 -109.70
CA LYS B 788 81.59 17.57 -111.05
C LYS B 788 83.02 17.18 -111.42
N VAL B 789 83.18 15.94 -111.90
CA VAL B 789 84.50 15.41 -112.22
C VAL B 789 84.44 14.76 -113.60
N ARG B 790 85.62 14.60 -114.20
CA ARG B 790 85.75 14.07 -115.55
C ARG B 790 86.74 12.90 -115.55
N PHE B 791 86.38 11.84 -116.26
CA PHE B 791 87.24 10.68 -116.43
C PHE B 791 87.89 10.72 -117.81
N LEU B 792 88.98 9.97 -117.96
CA LEU B 792 89.71 9.90 -119.22
C LEU B 792 90.04 8.44 -119.50
N LEU B 793 89.48 7.90 -120.58
CA LEU B 793 89.75 6.52 -120.96
C LEU B 793 91.21 6.33 -121.33
N GLY B 794 91.71 7.18 -122.23
CA GLY B 794 93.07 7.10 -122.70
C GLY B 794 93.26 6.29 -123.97
N GLY B 795 92.30 5.44 -124.32
CA GLY B 795 92.41 4.63 -125.51
C GLY B 795 91.34 4.89 -126.53
N ARG B 796 90.14 5.28 -126.08
CA ARG B 796 89.01 5.49 -126.97
C ARG B 796 88.56 6.95 -127.01
N HIS B 797 88.25 7.54 -125.85
CA HIS B 797 87.77 8.92 -125.82
C HIS B 797 88.38 9.71 -124.68
N GLY B 798 89.49 9.25 -124.10
CA GLY B 798 90.14 9.97 -123.03
C GLY B 798 91.41 10.65 -123.47
N GLU B 799 91.39 11.98 -123.54
CA GLU B 799 92.56 12.75 -123.98
C GLU B 799 93.56 12.79 -122.83
N PHE B 800 94.38 11.75 -122.73
CA PHE B 800 95.40 11.69 -121.70
C PHE B 800 96.39 12.84 -121.87
N LYS B 801 96.68 13.54 -120.78
CA LYS B 801 97.61 14.67 -120.80
C LYS B 801 98.94 14.32 -120.13
N PHE B 802 98.91 13.87 -118.88
CA PHE B 802 100.14 13.55 -118.18
C PHE B 802 100.70 12.23 -118.68
N LEU B 803 102.02 12.14 -118.71
CA LEU B 803 102.68 10.96 -119.23
C LEU B 803 102.42 9.75 -118.33
N PRO B 804 102.08 8.59 -118.89
CA PRO B 804 101.89 7.41 -118.05
C PRO B 804 103.22 6.91 -117.52
N PRO B 805 103.23 6.30 -116.33
CA PRO B 805 104.44 5.61 -115.89
C PRO B 805 104.74 4.43 -116.79
N PRO B 806 106.01 4.02 -116.88
CA PRO B 806 106.36 2.95 -117.81
C PRO B 806 105.63 1.65 -117.50
N GLY B 807 105.24 0.94 -118.55
CA GLY B 807 104.54 -0.32 -118.40
C GLY B 807 103.15 -0.21 -117.81
N TYR B 808 102.36 0.76 -118.26
CA TYR B 808 100.99 0.94 -117.80
C TYR B 808 100.04 0.89 -118.99
N ALA B 809 98.90 0.20 -118.81
CA ALA B 809 97.98 -0.04 -119.90
C ALA B 809 96.81 0.91 -119.82
N PRO B 810 96.58 1.77 -120.82
CA PRO B 810 95.39 2.63 -120.84
C PRO B 810 94.20 1.94 -121.51
N CYS B 811 93.78 0.81 -120.94
CA CYS B 811 92.63 0.04 -121.41
C CYS B 811 92.84 -0.40 -122.87
N HIS B 812 93.84 -1.26 -123.05
CA HIS B 812 94.27 -1.69 -124.38
C HIS B 812 94.02 -3.16 -124.68
N GLU B 813 94.22 -4.06 -123.70
CA GLU B 813 94.22 -5.49 -124.00
C GLU B 813 92.83 -6.11 -123.91
N ALA B 814 92.23 -6.08 -122.72
CA ALA B 814 90.93 -6.70 -122.52
C ALA B 814 90.26 -6.05 -121.30
N VAL B 815 89.34 -5.13 -121.56
CA VAL B 815 88.52 -4.52 -120.52
C VAL B 815 87.07 -4.57 -120.99
N LEU B 816 86.20 -5.21 -120.20
CA LEU B 816 84.80 -5.41 -120.55
C LEU B 816 84.70 -6.09 -121.91
N PRO B 817 85.08 -7.37 -122.01
CA PRO B 817 85.10 -8.03 -123.33
C PRO B 817 83.74 -8.08 -124.01
N ARG B 818 82.66 -8.23 -123.25
CA ARG B 818 81.33 -8.38 -123.82
C ARG B 818 80.44 -7.17 -123.56
N GLU B 819 81.03 -6.01 -123.27
CA GLU B 819 80.27 -4.81 -122.97
C GLU B 819 81.17 -3.60 -123.18
N ARG B 820 80.72 -2.44 -122.72
CA ARG B 820 81.48 -1.20 -122.79
C ARG B 820 81.68 -0.64 -121.39
N LEU B 821 82.69 0.21 -121.25
CA LEU B 821 82.99 0.81 -119.96
C LEU B 821 81.83 1.66 -119.47
N ARG B 822 81.46 1.46 -118.20
CA ARG B 822 80.34 2.17 -117.60
C ARG B 822 80.69 2.57 -116.18
N LEU B 823 79.90 3.48 -115.63
CA LEU B 823 80.04 3.94 -114.25
C LEU B 823 78.78 3.57 -113.48
N GLU B 824 78.96 2.99 -112.30
CA GLU B 824 77.83 2.62 -111.46
C GLU B 824 78.29 2.54 -110.02
N PRO B 825 77.55 3.09 -109.06
CA PRO B 825 77.95 2.97 -107.66
C PRO B 825 77.90 1.52 -107.19
N ILE B 826 78.80 1.19 -106.28
CA ILE B 826 78.90 -0.17 -105.76
C ILE B 826 77.79 -0.43 -104.78
N LYS B 827 77.21 -1.64 -104.85
CA LYS B 827 76.15 -2.06 -103.95
C LYS B 827 74.97 -1.09 -103.97
N GLU B 828 74.65 -0.58 -105.16
CA GLU B 828 73.56 0.38 -105.30
C GLU B 828 72.21 -0.32 -105.16
N TYR B 829 71.67 -0.32 -103.94
CA TYR B 829 70.38 -0.98 -103.71
C TYR B 829 69.19 -0.12 -104.13
N ARG B 830 69.42 1.13 -104.50
CA ARG B 830 68.35 2.01 -104.93
C ARG B 830 68.79 2.78 -106.17
N ARG B 831 67.87 2.92 -107.12
CA ARG B 831 68.14 3.70 -108.33
C ARG B 831 66.82 4.15 -108.92
N GLU B 832 66.87 5.30 -109.60
CA GLU B 832 65.67 5.87 -110.18
C GLU B 832 65.25 5.09 -111.41
N GLY B 833 64.03 5.36 -111.87
CA GLY B 833 63.51 4.74 -113.05
C GLY B 833 62.56 5.65 -113.82
N PRO B 834 62.26 5.30 -115.07
CA PRO B 834 61.33 6.12 -115.85
C PRO B 834 59.95 6.23 -115.23
N ARG B 835 59.48 5.18 -114.55
CA ARG B 835 58.18 5.18 -113.90
C ARG B 835 58.28 5.44 -112.40
N GLY B 836 59.22 4.78 -111.72
CA GLY B 836 59.41 4.95 -110.31
C GLY B 836 60.74 4.38 -109.87
N PRO B 837 61.00 4.41 -108.55
CA PRO B 837 62.25 3.83 -108.05
C PRO B 837 62.30 2.34 -108.34
N HIS B 838 63.50 1.86 -108.65
CA HIS B 838 63.72 0.44 -108.94
C HIS B 838 64.80 -0.06 -107.99
N LEU B 839 64.40 -0.48 -106.81
CA LEU B 839 65.33 -1.09 -105.87
C LEU B 839 65.76 -2.46 -106.38
N VAL B 840 67.04 -2.78 -106.21
CA VAL B 840 67.61 -4.02 -106.71
C VAL B 840 68.28 -4.77 -105.56
N GLY B 841 68.46 -6.07 -105.77
CA GLY B 841 69.11 -6.90 -104.79
C GLY B 841 70.62 -6.87 -104.94
N PRO B 842 71.29 -7.85 -104.34
CA PRO B 842 72.76 -7.89 -104.46
C PRO B 842 73.20 -8.20 -105.87
N SER B 843 74.40 -7.74 -106.20
CA SER B 843 74.98 -7.93 -107.52
C SER B 843 76.20 -8.84 -107.42
N ARG B 844 76.31 -9.77 -108.37
CA ARG B 844 77.43 -10.70 -108.40
C ARG B 844 78.71 -10.00 -108.83
N ILE B 861 96.75 -52.76 -118.27
CA ILE B 861 97.87 -52.13 -118.93
C ILE B 861 97.78 -52.31 -120.43
N VAL B 862 96.56 -52.17 -120.97
CA VAL B 862 96.30 -52.33 -122.39
C VAL B 862 95.58 -51.09 -122.90
N LEU B 863 96.11 -50.48 -123.96
CA LEU B 863 95.45 -49.37 -124.61
C LEU B 863 94.76 -49.88 -125.87
N PRO B 864 93.43 -49.81 -125.94
CA PRO B 864 92.71 -50.33 -127.12
C PRO B 864 93.24 -49.71 -128.40
N PRO B 865 93.74 -50.54 -129.33
CA PRO B 865 94.28 -50.00 -130.59
C PRO B 865 93.22 -49.44 -131.52
N HIS B 866 91.93 -49.59 -131.20
CA HIS B 866 90.88 -49.02 -132.04
C HIS B 866 91.01 -47.50 -132.11
N LEU B 867 91.23 -46.86 -130.96
CA LEU B 867 91.45 -45.43 -130.94
C LEU B 867 92.71 -45.07 -131.73
N GLU B 868 93.76 -45.88 -131.59
CA GLU B 868 95.02 -45.62 -132.26
C GLU B 868 94.86 -45.66 -133.78
N ARG B 869 94.08 -46.61 -134.28
CA ARG B 869 93.85 -46.68 -135.72
C ARG B 869 92.77 -45.72 -136.20
N ILE B 870 91.95 -45.19 -135.30
CA ILE B 870 90.87 -44.31 -135.73
C ILE B 870 91.27 -42.84 -135.73
N ARG B 871 92.18 -42.40 -134.85
CA ARG B 871 92.47 -40.97 -134.84
C ARG B 871 93.37 -40.58 -136.02
N GLU B 872 94.14 -41.53 -136.55
CA GLU B 872 94.85 -41.28 -137.81
C GLU B 872 93.86 -40.99 -138.94
N LYS B 873 92.83 -41.83 -139.06
CA LYS B 873 91.82 -41.61 -140.09
C LYS B 873 91.04 -40.33 -139.83
N LEU B 874 90.80 -40.01 -138.56
CA LEU B 874 90.11 -38.76 -138.24
C LEU B 874 90.92 -37.55 -138.67
N ALA B 875 92.23 -37.55 -138.37
CA ALA B 875 93.09 -36.46 -138.82
C ALA B 875 93.15 -36.41 -140.35
N GLU B 876 93.22 -37.57 -141.00
CA GLU B 876 93.24 -37.61 -142.45
C GLU B 876 91.98 -36.99 -143.03
N ASN B 877 90.82 -37.30 -142.44
CA ASN B 877 89.55 -36.75 -142.93
C ASN B 877 89.47 -35.25 -142.68
N ILE B 878 89.87 -34.79 -141.49
CA ILE B 878 89.70 -33.39 -141.15
C ILE B 878 90.69 -32.52 -141.92
N HIS B 879 91.83 -33.07 -142.35
CA HIS B 879 92.76 -32.27 -143.13
C HIS B 879 92.20 -31.95 -144.51
N GLU B 880 91.44 -32.88 -145.11
CA GLU B 880 90.80 -32.59 -146.38
C GLU B 880 89.79 -31.46 -146.23
N LEU B 881 89.01 -31.46 -145.15
CA LEU B 881 88.09 -30.37 -144.89
C LEU B 881 88.83 -29.07 -144.65
N TRP B 882 89.98 -29.14 -143.97
CA TRP B 882 90.83 -27.96 -143.79
C TRP B 882 91.25 -27.37 -145.13
N ALA B 883 91.75 -28.23 -146.02
CA ALA B 883 92.18 -27.76 -147.34
C ALA B 883 91.01 -27.18 -148.12
N LEU B 884 89.84 -27.83 -148.05
CA LEU B 884 88.65 -27.33 -148.73
C LEU B 884 88.25 -25.95 -148.20
N THR B 885 88.19 -25.80 -146.88
CA THR B 885 87.82 -24.52 -146.30
C THR B 885 88.82 -23.44 -146.67
N ARG B 886 90.11 -23.78 -146.68
CA ARG B 886 91.12 -22.81 -147.06
C ARG B 886 90.95 -22.37 -148.52
N ILE B 887 90.80 -23.33 -149.43
CA ILE B 887 90.74 -22.97 -150.84
C ILE B 887 89.45 -22.22 -151.19
N GLU B 888 88.32 -22.58 -150.57
CA GLU B 888 87.13 -21.78 -150.77
C GLU B 888 87.09 -20.52 -149.91
N GLN B 889 88.07 -20.32 -149.03
CA GLN B 889 88.21 -19.06 -148.31
C GLN B 889 89.07 -18.06 -149.07
N GLY B 890 89.53 -18.40 -150.27
CA GLY B 890 90.43 -17.55 -151.02
C GLY B 890 91.90 -17.90 -150.90
N TRP B 891 92.24 -18.95 -150.15
CA TRP B 891 93.63 -19.38 -149.98
C TRP B 891 93.99 -20.29 -151.15
N THR B 892 94.23 -19.67 -152.30
CA THR B 892 94.67 -20.41 -153.46
C THR B 892 96.08 -20.94 -153.26
N TYR B 893 96.39 -22.05 -153.93
CA TYR B 893 97.71 -22.66 -153.81
C TYR B 893 98.77 -21.70 -154.29
N GLY B 894 99.84 -21.56 -153.49
CA GLY B 894 100.91 -20.65 -153.81
C GLY B 894 102.28 -21.26 -153.58
N PRO B 895 103.25 -20.87 -154.41
CA PRO B 895 104.61 -21.41 -154.25
C PRO B 895 105.24 -21.09 -152.90
N VAL B 896 104.94 -19.93 -152.32
CA VAL B 896 105.58 -19.47 -151.09
C VAL B 896 104.57 -19.57 -149.95
N ARG B 897 105.04 -20.06 -148.80
CA ARG B 897 104.22 -20.19 -147.59
C ARG B 897 104.24 -18.86 -146.86
N ASP B 898 103.23 -18.04 -147.13
CA ASP B 898 103.08 -16.74 -146.47
C ASP B 898 101.62 -16.56 -146.10
N ASP B 899 101.33 -16.50 -144.80
CA ASP B 899 99.95 -16.31 -144.34
C ASP B 899 99.42 -14.94 -144.75
N ASN B 900 100.26 -13.92 -144.68
CA ASN B 900 99.86 -12.58 -145.10
C ASN B 900 99.51 -12.56 -146.59
N LYS B 901 100.30 -13.27 -147.40
CA LYS B 901 100.03 -13.37 -148.84
C LYS B 901 98.78 -14.18 -149.13
N ARG B 902 98.21 -14.86 -148.14
CA ARG B 902 97.01 -15.69 -148.21
C ARG B 902 97.21 -16.95 -149.05
N LEU B 903 98.40 -17.16 -149.61
CA LEU B 903 98.67 -18.39 -150.34
C LEU B 903 98.72 -19.57 -149.38
N HIS B 904 98.23 -20.72 -149.84
CA HIS B 904 98.13 -21.93 -149.02
C HIS B 904 98.81 -23.07 -149.74
N PRO B 905 100.13 -23.19 -149.61
CA PRO B 905 100.83 -24.36 -150.17
C PRO B 905 100.58 -25.64 -149.41
N CYS B 906 99.73 -25.63 -148.39
CA CYS B 906 99.38 -26.82 -147.63
C CYS B 906 98.25 -27.62 -148.28
N LEU B 907 97.86 -27.26 -149.50
CA LEU B 907 96.85 -28.01 -150.23
C LEU B 907 97.49 -29.23 -150.89
N VAL B 908 98.18 -30.04 -150.10
CA VAL B 908 98.94 -31.18 -150.57
C VAL B 908 98.75 -32.34 -149.60
N ASN B 909 99.43 -33.44 -149.87
CA ASN B 909 99.31 -34.62 -149.03
C ASN B 909 99.99 -34.40 -147.67
N PHE B 910 99.79 -35.37 -146.78
CA PHE B 910 100.24 -35.22 -145.40
C PHE B 910 101.75 -35.26 -145.29
N HIS B 911 102.39 -36.20 -145.99
CA HIS B 911 103.84 -36.26 -145.97
C HIS B 911 104.46 -35.02 -146.59
N SER B 912 103.75 -34.38 -147.52
CA SER B 912 104.21 -33.13 -148.10
C SER B 912 103.96 -31.94 -147.18
N LEU B 913 103.08 -32.07 -146.20
CA LEU B 913 102.85 -31.00 -145.26
C LEU B 913 104.07 -30.82 -144.36
N PRO B 914 104.28 -29.62 -143.82
CA PRO B 914 105.38 -29.42 -142.86
C PRO B 914 105.18 -30.28 -141.61
N GLU B 915 106.31 -30.73 -141.06
CA GLU B 915 106.26 -31.55 -139.85
C GLU B 915 105.54 -30.89 -138.68
N PRO B 916 105.72 -29.58 -138.40
CA PRO B 916 104.97 -28.99 -137.28
C PRO B 916 103.46 -29.12 -137.40
N GLU B 917 102.90 -29.01 -138.60
CA GLU B 917 101.45 -29.11 -138.76
C GLU B 917 100.97 -30.53 -138.48
N ARG B 918 101.71 -31.54 -138.96
CA ARG B 918 101.35 -32.92 -138.67
C ARG B 918 101.47 -33.22 -137.18
N ASN B 919 102.52 -32.67 -136.55
CA ASN B 919 102.65 -32.82 -135.10
C ASN B 919 101.49 -32.17 -134.37
N TYR B 920 101.05 -31.01 -134.85
CA TYR B 920 99.89 -30.34 -134.26
C TYR B 920 98.63 -31.19 -134.40
N ASN B 921 98.44 -31.80 -135.57
CA ASN B 921 97.29 -32.68 -135.76
C ASN B 921 97.35 -33.86 -134.79
N LEU B 922 98.51 -34.50 -134.68
CA LEU B 922 98.65 -35.65 -133.79
C LEU B 922 98.42 -35.27 -132.34
N GLN B 923 98.98 -34.15 -131.90
CA GLN B 923 98.83 -33.75 -130.50
C GLN B 923 97.40 -33.34 -130.21
N MET B 924 96.72 -32.67 -131.15
CA MET B 924 95.33 -32.30 -130.91
C MET B 924 94.45 -33.54 -130.85
N SER B 925 94.71 -34.53 -131.71
CA SER B 925 93.96 -35.78 -131.63
C SER B 925 94.19 -36.47 -130.29
N GLY B 926 95.45 -36.51 -129.84
CA GLY B 926 95.74 -37.12 -128.56
C GLY B 926 95.09 -36.40 -127.39
N GLU B 927 95.09 -35.07 -127.43
CA GLU B 927 94.45 -34.30 -126.36
C GLU B 927 92.94 -34.50 -126.38
N THR B 928 92.33 -34.57 -127.55
CA THR B 928 90.90 -34.85 -127.63
C THR B 928 90.58 -36.23 -127.07
N LEU B 929 91.43 -37.22 -127.40
CA LEU B 929 91.23 -38.56 -126.85
C LEU B 929 91.35 -38.56 -125.33
N LYS B 930 92.36 -37.85 -124.81
CA LYS B 930 92.55 -37.80 -123.36
C LYS B 930 91.37 -37.11 -122.67
N THR B 931 90.87 -36.01 -123.25
CA THR B 931 89.72 -35.33 -122.67
C THR B 931 88.48 -36.20 -122.72
N LEU B 932 88.27 -36.92 -123.84
CA LEU B 932 87.15 -37.84 -123.92
C LEU B 932 87.27 -38.96 -122.89
N LEU B 933 88.50 -39.37 -122.58
CA LEU B 933 88.71 -40.32 -121.49
C LEU B 933 88.33 -39.73 -120.14
N ALA B 934 88.33 -38.40 -120.02
CA ALA B 934 87.97 -37.74 -118.77
C ALA B 934 86.48 -37.41 -118.72
N LEU B 935 85.65 -38.44 -118.93
CA LEU B 935 84.20 -38.29 -118.86
C LEU B 935 83.49 -39.35 -118.04
N GLY B 936 84.13 -40.49 -117.78
CA GLY B 936 83.49 -41.57 -117.04
C GLY B 936 82.58 -42.45 -117.86
N CYS B 937 82.46 -42.21 -119.16
CA CYS B 937 81.60 -42.99 -120.03
C CYS B 937 82.43 -43.97 -120.86
N HIS B 938 81.72 -44.84 -121.59
CA HIS B 938 82.34 -45.87 -122.41
C HIS B 938 82.32 -45.45 -123.87
N VAL B 939 83.46 -45.60 -124.54
CA VAL B 939 83.61 -45.21 -125.94
C VAL B 939 84.14 -46.41 -126.72
N GLY B 940 83.53 -46.69 -127.86
CA GLY B 940 83.97 -47.81 -128.67
C GLY B 940 83.12 -47.95 -129.91
N MET B 941 83.32 -49.06 -130.62
CA MET B 941 82.57 -49.33 -131.83
C MET B 941 81.08 -49.51 -131.53
N ALA B 942 80.25 -49.05 -132.46
CA ALA B 942 78.80 -49.21 -132.37
C ALA B 942 78.21 -49.95 -133.55
N ASP B 943 78.65 -49.65 -134.77
CA ASP B 943 78.12 -50.31 -135.96
C ASP B 943 79.21 -50.89 -136.86
N GLU B 944 80.36 -50.23 -136.95
CA GLU B 944 81.45 -50.65 -137.84
C GLU B 944 81.00 -50.69 -139.30
N LYS B 945 79.99 -49.91 -139.65
CA LYS B 945 79.49 -49.83 -141.01
C LYS B 945 79.50 -48.42 -141.58
N ALA B 946 79.72 -47.39 -140.75
CA ALA B 946 79.77 -46.03 -141.25
C ALA B 946 80.93 -45.83 -142.23
N GLU B 947 82.08 -46.43 -141.94
CA GLU B 947 83.20 -46.39 -142.88
C GLU B 947 82.83 -47.08 -144.19
N ASP B 948 82.11 -48.21 -144.10
CA ASP B 948 81.63 -48.89 -145.30
C ASP B 948 80.57 -48.09 -146.03
N ASN B 949 79.94 -47.11 -145.37
CA ASN B 949 78.91 -46.29 -145.96
C ASN B 949 79.41 -44.89 -146.31
N LEU B 950 80.72 -44.73 -146.51
CA LEU B 950 81.29 -43.43 -146.84
C LEU B 950 80.79 -42.97 -148.21
N LYS B 951 80.49 -41.68 -148.31
CA LYS B 951 80.03 -41.09 -149.56
C LYS B 951 80.44 -39.64 -149.60
N LYS B 952 80.43 -39.08 -150.81
CA LYS B 952 80.78 -37.68 -151.04
C LYS B 952 79.62 -36.97 -151.73
N THR B 953 79.36 -35.74 -151.30
CA THR B 953 78.29 -34.96 -151.91
C THR B 953 78.70 -34.52 -153.32
N LYS B 954 77.68 -34.26 -154.14
CA LYS B 954 77.93 -33.83 -155.51
C LYS B 954 78.57 -32.44 -155.52
N LEU B 955 79.65 -32.30 -156.27
CA LEU B 955 80.37 -31.05 -156.34
C LEU B 955 80.68 -30.70 -157.80
N PRO B 956 80.72 -29.42 -158.13
CA PRO B 956 81.07 -29.01 -159.49
C PRO B 956 82.59 -28.88 -159.65
N LYS B 957 83.01 -28.77 -160.90
CA LYS B 957 84.43 -28.62 -161.20
C LYS B 957 84.96 -27.25 -160.82
N THR B 958 84.07 -26.26 -160.63
CA THR B 958 84.52 -24.93 -160.24
C THR B 958 85.09 -24.92 -158.83
N TYR B 959 84.52 -25.71 -157.93
CA TYR B 959 84.95 -25.76 -156.54
C TYR B 959 86.01 -26.82 -156.29
N MET B 960 86.43 -27.55 -157.32
CA MET B 960 87.45 -28.58 -157.15
C MET B 960 88.80 -27.93 -156.83
N MET B 961 89.51 -28.53 -155.88
CA MET B 961 90.71 -27.90 -155.34
C MET B 961 91.86 -27.96 -156.34
N SER B 962 92.62 -26.86 -156.41
CA SER B 962 93.48 -26.61 -157.58
C SER B 962 94.51 -27.72 -157.79
N ASN B 963 95.14 -28.20 -156.72
CA ASN B 963 96.19 -29.20 -156.87
C ASN B 963 95.66 -30.56 -157.31
N GLY B 964 94.35 -30.77 -157.27
CA GLY B 964 93.76 -32.02 -157.70
C GLY B 964 93.53 -33.04 -156.61
N TYR B 965 94.12 -32.86 -155.43
CA TYR B 965 93.88 -33.77 -154.32
C TYR B 965 92.46 -33.53 -153.79
N LYS B 966 91.52 -34.33 -154.26
CA LYS B 966 90.11 -34.08 -153.97
C LYS B 966 89.84 -34.24 -152.48
N PRO B 967 89.13 -33.31 -151.85
CA PRO B 967 88.76 -33.48 -150.44
C PRO B 967 87.83 -34.67 -150.27
N ALA B 968 87.90 -35.30 -149.09
CA ALA B 968 87.09 -36.46 -148.76
C ALA B 968 86.36 -36.20 -147.45
N PRO B 969 85.34 -35.35 -147.47
CA PRO B 969 84.59 -35.08 -146.23
C PRO B 969 83.74 -36.28 -145.84
N LEU B 970 83.46 -36.37 -144.54
CA LEU B 970 82.56 -37.40 -144.01
C LEU B 970 81.14 -36.85 -144.09
N ASP B 971 80.41 -37.26 -145.12
CA ASP B 971 79.04 -36.79 -145.32
C ASP B 971 78.16 -37.33 -144.22
N LEU B 972 77.80 -36.47 -143.26
CA LEU B 972 76.95 -36.82 -142.14
C LEU B 972 75.74 -35.89 -142.16
N SER B 973 74.72 -36.28 -142.91
CA SER B 973 73.54 -35.43 -143.05
C SER B 973 72.77 -35.33 -141.74
N HIS B 974 72.64 -36.43 -141.00
CA HIS B 974 71.83 -36.46 -139.79
C HIS B 974 72.52 -37.19 -138.65
N VAL B 975 73.86 -37.19 -138.65
CA VAL B 975 74.62 -37.89 -137.61
C VAL B 975 74.92 -36.86 -136.53
N ARG B 976 74.00 -36.74 -135.57
CA ARG B 976 74.14 -35.83 -134.44
C ARG B 976 73.62 -36.52 -133.19
N LEU B 977 74.50 -36.74 -132.21
CA LEU B 977 74.13 -37.54 -131.05
C LEU B 977 73.39 -36.71 -130.00
N THR B 978 74.04 -35.67 -129.46
CA THR B 978 73.46 -34.86 -128.40
C THR B 978 74.33 -33.63 -128.16
N PRO B 979 73.72 -32.49 -127.79
CA PRO B 979 74.52 -31.29 -127.48
C PRO B 979 75.35 -31.42 -126.21
N ALA B 980 75.09 -32.44 -125.38
CA ALA B 980 75.88 -32.61 -124.16
C ALA B 980 77.33 -32.94 -124.47
N GLN B 981 77.56 -33.86 -125.41
CA GLN B 981 78.92 -34.14 -125.84
C GLN B 981 79.54 -32.93 -126.51
N THR B 982 78.74 -32.14 -127.23
CA THR B 982 79.24 -30.91 -127.82
C THR B 982 79.71 -29.95 -126.74
N THR B 983 78.95 -29.84 -125.65
CA THR B 983 79.36 -28.97 -124.54
C THR B 983 80.62 -29.49 -123.87
N LEU B 984 80.74 -30.81 -123.70
CA LEU B 984 81.95 -31.38 -123.13
C LEU B 984 83.16 -31.09 -124.02
N VAL B 985 83.01 -31.23 -125.32
CA VAL B 985 84.09 -30.93 -126.25
C VAL B 985 84.41 -29.44 -126.21
N ASP B 986 83.39 -28.60 -126.06
CA ASP B 986 83.62 -27.16 -125.94
C ASP B 986 84.42 -26.84 -124.68
N ARG B 987 84.10 -27.51 -123.57
CA ARG B 987 84.87 -27.31 -122.35
C ARG B 987 86.31 -27.75 -122.52
N LEU B 988 86.52 -28.89 -123.21
CA LEU B 988 87.88 -29.34 -123.48
C LEU B 988 88.62 -28.34 -124.35
N ALA B 989 87.96 -27.80 -125.37
CA ALA B 989 88.58 -26.80 -126.23
C ALA B 989 88.90 -25.53 -125.47
N GLU B 990 88.02 -25.12 -124.56
CA GLU B 990 88.30 -23.95 -123.73
C GLU B 990 89.50 -24.18 -122.83
N ASN B 991 89.60 -25.38 -122.24
CA ASN B 991 90.76 -25.70 -121.42
C ASN B 991 92.04 -25.67 -122.25
N GLY B 992 92.00 -26.25 -123.45
CA GLY B 992 93.16 -26.20 -124.32
C GLY B 992 93.54 -24.79 -124.72
N HIS B 993 92.54 -23.96 -125.02
CA HIS B 993 92.80 -22.57 -125.35
C HIS B 993 93.43 -21.83 -124.18
N ASN B 994 92.92 -22.07 -122.97
CA ASN B 994 93.47 -21.41 -121.79
C ASN B 994 94.91 -21.84 -121.52
N VAL B 995 95.20 -23.13 -121.63
CA VAL B 995 96.56 -23.59 -121.36
C VAL B 995 97.50 -23.08 -122.45
N TRP B 996 97.03 -23.04 -123.70
CA TRP B 996 97.84 -22.46 -124.77
C TRP B 996 98.14 -21.00 -124.50
N ALA B 997 97.12 -20.25 -124.05
CA ALA B 997 97.31 -18.83 -123.78
C ALA B 997 98.33 -18.62 -122.68
N ARG B 998 98.15 -19.30 -121.55
CA ARG B 998 99.08 -19.12 -120.44
C ARG B 998 100.48 -19.61 -120.78
N ASP B 999 100.60 -20.60 -121.67
CA ASP B 999 101.92 -21.08 -122.04
C ASP B 999 102.62 -20.14 -123.02
N ARG B 1000 101.88 -19.56 -123.96
CA ARG B 1000 102.50 -18.78 -125.04
C ARG B 1000 102.41 -17.28 -124.83
N VAL B 1001 101.20 -16.73 -124.71
CA VAL B 1001 101.06 -15.27 -124.74
C VAL B 1001 101.28 -14.65 -123.37
N ALA B 1002 101.20 -15.42 -122.29
CA ALA B 1002 101.49 -14.88 -120.97
C ALA B 1002 102.96 -14.47 -120.86
N GLN B 1003 103.85 -15.27 -121.45
CA GLN B 1003 105.27 -14.96 -121.44
C GLN B 1003 105.74 -14.27 -122.72
N GLY B 1004 104.96 -14.34 -123.80
CA GLY B 1004 105.38 -13.71 -125.04
C GLY B 1004 105.45 -12.21 -124.96
N TRP B 1005 104.43 -11.58 -124.37
CA TRP B 1005 104.35 -10.13 -124.26
C TRP B 1005 104.49 -9.47 -125.63
N SER B 1006 103.86 -10.05 -126.63
CA SER B 1006 103.94 -9.53 -127.98
C SER B 1006 103.25 -8.17 -128.07
N TYR B 1007 103.80 -7.30 -128.92
CA TYR B 1007 103.27 -5.95 -129.09
C TYR B 1007 101.98 -6.04 -129.91
N SER B 1008 100.91 -6.45 -129.25
CA SER B 1008 99.61 -6.60 -129.89
C SER B 1008 98.52 -6.34 -128.85
N ALA B 1009 97.34 -6.00 -129.34
CA ALA B 1009 96.20 -5.73 -128.48
C ALA B 1009 95.48 -7.02 -128.10
N ARG B 1020 97.07 -11.91 -127.28
CA ARG B 1020 96.88 -11.06 -126.10
C ARG B 1020 95.43 -11.09 -125.64
N LEU B 1021 95.03 -12.18 -125.00
CA LEU B 1021 93.66 -12.34 -124.53
C LEU B 1021 93.65 -12.77 -123.06
N VAL B 1022 92.47 -13.14 -122.57
CA VAL B 1022 92.28 -13.47 -121.16
C VAL B 1022 91.76 -14.90 -121.04
N PRO B 1023 91.52 -15.41 -119.83
CA PRO B 1023 91.06 -16.78 -119.69
C PRO B 1023 89.75 -17.02 -120.42
N TYR B 1024 89.62 -18.21 -121.00
CA TYR B 1024 88.50 -18.56 -121.87
C TYR B 1024 87.33 -19.17 -121.13
N ARG B 1025 87.37 -19.24 -119.80
CA ARG B 1025 86.25 -19.79 -119.06
C ARG B 1025 84.99 -18.96 -119.27
N LEU B 1026 85.12 -17.65 -119.20
CA LEU B 1026 84.01 -16.72 -119.45
C LEU B 1026 84.51 -15.56 -120.30
N LEU B 1027 85.26 -15.88 -121.35
CA LEU B 1027 85.97 -14.86 -122.12
C LEU B 1027 85.00 -13.98 -122.90
N ASP B 1028 84.29 -14.56 -123.85
CA ASP B 1028 83.41 -13.80 -124.74
C ASP B 1028 82.50 -14.79 -125.47
N GLU B 1029 81.80 -14.29 -126.48
CA GLU B 1029 80.91 -15.11 -127.31
C GLU B 1029 81.45 -15.33 -128.71
N ALA B 1030 81.85 -14.25 -129.41
CA ALA B 1030 82.28 -14.39 -130.80
C ALA B 1030 83.54 -15.21 -130.91
N THR B 1031 84.56 -14.89 -130.11
CA THR B 1031 85.81 -15.65 -130.15
C THR B 1031 85.59 -17.08 -129.68
N LYS B 1032 84.81 -17.26 -128.61
CA LYS B 1032 84.55 -18.60 -128.11
C LYS B 1032 83.76 -19.42 -129.12
N ARG B 1033 82.78 -18.80 -129.79
CA ARG B 1033 82.03 -19.51 -130.82
C ARG B 1033 82.93 -19.87 -132.01
N SER B 1034 83.83 -18.96 -132.38
CA SER B 1034 84.75 -19.25 -133.47
C SER B 1034 85.66 -20.41 -133.13
N ASN B 1035 86.15 -20.47 -131.89
CA ASN B 1035 86.95 -21.60 -131.45
C ASN B 1035 86.13 -22.88 -131.40
N ARG B 1036 84.85 -22.77 -131.03
CA ARG B 1036 84.01 -23.94 -130.83
C ARG B 1036 83.59 -24.57 -132.16
N ASP B 1037 83.23 -23.75 -133.15
CA ASP B 1037 82.68 -24.29 -134.39
C ASP B 1037 83.71 -25.08 -135.18
N SER B 1038 84.99 -24.69 -135.09
CA SER B 1038 86.03 -25.43 -135.79
C SER B 1038 86.14 -26.86 -135.26
N LEU B 1039 86.09 -27.03 -133.94
CA LEU B 1039 86.11 -28.36 -133.35
C LEU B 1039 84.77 -29.07 -133.41
N CYS B 1040 83.69 -28.34 -133.70
CA CYS B 1040 82.39 -28.99 -133.85
C CYS B 1040 82.40 -29.99 -135.00
N GLN B 1041 83.02 -29.61 -136.13
CA GLN B 1041 83.11 -30.54 -137.25
C GLN B 1041 83.98 -31.75 -136.90
N ALA B 1042 85.06 -31.53 -136.14
CA ALA B 1042 85.89 -32.65 -135.72
C ALA B 1042 85.12 -33.62 -134.84
N VAL B 1043 84.31 -33.07 -133.91
CA VAL B 1043 83.51 -33.93 -133.05
C VAL B 1043 82.44 -34.67 -133.87
N ARG B 1044 81.87 -33.98 -134.87
CA ARG B 1044 80.91 -34.63 -135.75
C ARG B 1044 81.55 -35.80 -136.49
N THR B 1045 82.76 -35.61 -137.01
CA THR B 1045 83.46 -36.69 -137.69
C THR B 1045 83.83 -37.82 -136.73
N LEU B 1046 84.18 -37.48 -135.48
CA LEU B 1046 84.43 -38.50 -134.47
C LEU B 1046 83.19 -39.34 -134.23
N LEU B 1047 82.03 -38.69 -134.12
CA LEU B 1047 80.78 -39.42 -133.92
C LEU B 1047 80.41 -40.25 -135.15
N GLY B 1048 80.75 -39.76 -136.34
CA GLY B 1048 80.38 -40.43 -137.58
C GLY B 1048 81.11 -41.70 -137.90
N TYR B 1049 81.96 -42.19 -136.99
CA TYR B 1049 82.67 -43.45 -137.18
C TYR B 1049 82.28 -44.46 -136.09
N GLY B 1050 81.00 -44.53 -135.77
CA GLY B 1050 80.52 -45.51 -134.81
C GLY B 1050 80.90 -45.22 -133.37
N TYR B 1051 81.20 -43.98 -133.04
CA TYR B 1051 81.58 -43.59 -131.68
C TYR B 1051 80.42 -42.81 -131.06
N ASN B 1052 79.73 -43.44 -130.11
CA ASN B 1052 78.62 -42.82 -129.40
C ASN B 1052 78.93 -42.83 -127.92
N ILE B 1053 79.18 -41.66 -127.35
CA ILE B 1053 79.45 -41.51 -125.92
C ILE B 1053 78.51 -40.43 -125.38
N GLU B 1054 77.84 -40.75 -124.28
CA GLU B 1054 76.88 -39.84 -123.65
C GLU B 1054 75.78 -39.43 -124.62
N ASP B 1070 76.06 -12.34 -101.63
CA ASP B 1070 75.86 -13.78 -101.59
C ASP B 1070 74.67 -14.15 -100.71
N ARG B 1071 73.77 -13.18 -100.52
CA ARG B 1071 72.60 -13.36 -99.68
C ARG B 1071 71.41 -12.73 -100.37
N VAL B 1072 70.31 -12.56 -99.63
CA VAL B 1072 69.07 -12.00 -100.16
C VAL B 1072 68.70 -10.79 -99.32
N ARG B 1073 68.41 -9.67 -100.00
CA ARG B 1073 67.96 -8.46 -99.32
C ARG B 1073 66.47 -8.53 -99.05
N ILE B 1074 66.07 -8.08 -97.86
CA ILE B 1074 64.68 -8.09 -97.42
C ILE B 1074 64.23 -6.66 -97.21
N PHE B 1075 63.06 -6.32 -97.74
CA PHE B 1075 62.53 -4.97 -97.66
C PHE B 1075 61.14 -4.99 -97.06
N ARG B 1076 60.85 -4.01 -96.21
CA ARG B 1076 59.55 -3.91 -95.56
C ARG B 1076 59.38 -2.52 -95.00
N ALA B 1077 58.13 -2.15 -94.73
CA ALA B 1077 57.86 -0.89 -94.07
C ALA B 1077 58.26 -0.96 -92.60
N GLU B 1078 58.28 0.20 -91.95
CA GLU B 1078 58.65 0.23 -90.54
C GLU B 1078 57.48 -0.21 -89.67
N LYS B 1079 57.80 -0.59 -88.43
CA LYS B 1079 56.82 -1.20 -87.55
C LYS B 1079 55.64 -0.29 -87.24
N SER B 1080 55.81 1.03 -87.36
CA SER B 1080 54.74 1.94 -86.99
C SER B 1080 53.54 1.80 -87.93
N TYR B 1081 53.78 1.47 -89.20
CA TYR B 1081 52.69 1.37 -90.17
C TYR B 1081 51.94 0.06 -90.09
N THR B 1082 52.10 -0.70 -89.00
CA THR B 1082 51.43 -1.99 -88.88
C THR B 1082 49.92 -1.80 -88.90
N VAL B 1083 49.24 -2.65 -89.66
CA VAL B 1083 47.79 -2.62 -89.80
C VAL B 1083 47.20 -3.80 -89.04
N GLN B 1084 46.23 -3.52 -88.17
CA GLN B 1084 45.67 -4.51 -87.28
C GLN B 1084 44.41 -5.18 -87.80
N SER B 1085 43.60 -4.48 -88.58
CA SER B 1085 42.35 -5.02 -89.07
C SER B 1085 42.00 -4.35 -90.40
N GLY B 1086 40.77 -4.53 -90.84
CA GLY B 1086 40.36 -3.99 -92.11
C GLY B 1086 40.84 -4.83 -93.27
N ARG B 1087 40.75 -4.24 -94.46
CA ARG B 1087 41.14 -4.90 -95.69
C ARG B 1087 41.98 -3.94 -96.53
N TRP B 1088 43.06 -4.47 -97.12
CA TRP B 1088 44.01 -3.63 -97.84
C TRP B 1088 44.58 -4.41 -99.01
N TYR B 1089 45.17 -3.67 -99.96
CA TYR B 1089 45.74 -4.25 -101.16
C TYR B 1089 46.92 -3.41 -101.62
N PHE B 1090 47.88 -4.07 -102.27
CA PHE B 1090 49.01 -3.40 -102.89
C PHE B 1090 49.51 -4.26 -104.05
N GLU B 1091 50.32 -3.65 -104.91
CA GLU B 1091 50.82 -4.32 -106.11
C GLU B 1091 52.32 -4.20 -106.19
N PHE B 1092 52.94 -5.17 -106.85
CA PHE B 1092 54.39 -5.25 -106.99
C PHE B 1092 54.75 -5.63 -108.41
N GLU B 1093 55.90 -5.14 -108.88
CA GLU B 1093 56.39 -5.44 -110.21
C GLU B 1093 57.82 -5.96 -110.13
N ALA B 1094 58.14 -6.92 -110.99
CA ALA B 1094 59.49 -7.50 -111.06
C ALA B 1094 59.95 -7.44 -112.51
N VAL B 1095 60.83 -6.48 -112.82
CA VAL B 1095 61.31 -6.32 -114.19
C VAL B 1095 62.05 -7.59 -114.64
N THR B 1096 62.94 -8.10 -113.80
CA THR B 1096 63.61 -9.35 -114.10
C THR B 1096 62.70 -10.52 -113.76
N THR B 1097 63.17 -11.74 -114.05
CA THR B 1097 62.40 -12.95 -113.82
C THR B 1097 63.25 -13.96 -113.05
N GLY B 1098 63.89 -13.49 -111.98
CA GLY B 1098 64.69 -14.38 -111.15
C GLY B 1098 63.89 -15.01 -110.04
N GLU B 1099 64.38 -14.92 -108.81
CA GLU B 1099 63.71 -15.50 -107.65
C GLU B 1099 63.51 -14.43 -106.60
N MET B 1100 62.26 -14.26 -106.16
CA MET B 1100 61.94 -13.32 -105.10
C MET B 1100 60.61 -13.72 -104.48
N ARG B 1101 60.34 -13.16 -103.31
CA ARG B 1101 59.15 -13.50 -102.54
C ARG B 1101 58.38 -12.24 -102.20
N VAL B 1102 57.05 -12.29 -102.35
CA VAL B 1102 56.17 -11.15 -102.12
C VAL B 1102 55.01 -11.60 -101.26
N GLY B 1103 54.67 -10.80 -100.26
CA GLY B 1103 53.53 -11.13 -99.40
C GLY B 1103 53.47 -10.23 -98.19
N TRP B 1104 52.88 -10.76 -97.12
CA TRP B 1104 52.76 -10.04 -95.86
C TRP B 1104 53.57 -10.77 -94.79
N ALA B 1105 54.04 -10.00 -93.81
CA ALA B 1105 54.89 -10.55 -92.77
C ALA B 1105 54.44 -10.04 -91.41
N ARG B 1106 54.78 -10.79 -90.38
CA ARG B 1106 54.51 -10.37 -89.01
C ARG B 1106 55.37 -9.15 -88.67
N PRO B 1107 54.93 -8.32 -87.71
CA PRO B 1107 55.69 -7.11 -87.41
C PRO B 1107 57.12 -7.38 -87.00
N GLU B 1108 57.36 -8.47 -86.25
CA GLU B 1108 58.71 -8.84 -85.84
C GLU B 1108 59.21 -9.91 -86.81
N LEU B 1109 59.88 -9.45 -87.87
CA LEU B 1109 60.45 -10.34 -88.88
C LEU B 1109 61.95 -10.43 -88.63
N ARG B 1110 62.40 -11.55 -88.10
CA ARG B 1110 63.81 -11.72 -87.81
C ARG B 1110 64.57 -11.97 -89.12
N PRO B 1111 65.63 -11.21 -89.40
CA PRO B 1111 66.46 -11.50 -90.56
C PRO B 1111 67.33 -12.74 -90.32
N ASP B 1112 68.26 -13.00 -91.22
CA ASP B 1112 69.13 -14.18 -91.19
C ASP B 1112 68.35 -15.48 -91.37
N VAL B 1113 67.19 -15.40 -92.02
CA VAL B 1113 66.42 -16.58 -92.38
C VAL B 1113 65.58 -16.22 -93.61
N GLU B 1114 65.52 -17.16 -94.56
CA GLU B 1114 64.79 -16.90 -95.78
C GLU B 1114 63.30 -16.69 -95.49
N LEU B 1115 62.69 -15.80 -96.27
CA LEU B 1115 61.30 -15.43 -96.01
C LEU B 1115 60.38 -16.62 -96.19
N GLY B 1116 59.43 -16.76 -95.26
CA GLY B 1116 58.47 -17.84 -95.31
C GLY B 1116 58.92 -19.13 -94.66
N ALA B 1117 60.16 -19.20 -94.18
CA ALA B 1117 60.64 -20.43 -93.53
C ALA B 1117 59.87 -20.71 -92.25
N ASP B 1118 59.62 -19.68 -91.45
CA ASP B 1118 58.92 -19.81 -90.19
C ASP B 1118 57.51 -19.20 -90.31
N GLU B 1119 56.81 -19.16 -89.19
CA GLU B 1119 55.44 -18.63 -89.17
C GLU B 1119 55.38 -17.12 -89.30
N LEU B 1120 56.51 -16.43 -89.24
CA LEU B 1120 56.54 -14.97 -89.25
C LEU B 1120 56.43 -14.37 -90.65
N ALA B 1121 55.95 -15.13 -91.63
CA ALA B 1121 55.83 -14.60 -92.98
C ALA B 1121 54.68 -15.28 -93.70
N TYR B 1122 54.22 -14.64 -94.77
CA TYR B 1122 53.19 -15.21 -95.65
C TYR B 1122 53.47 -14.65 -97.05
N VAL B 1123 54.24 -15.40 -97.84
CA VAL B 1123 54.70 -14.95 -99.14
C VAL B 1123 54.43 -16.03 -100.19
N PHE B 1124 54.48 -15.61 -101.45
CA PHE B 1124 54.28 -16.50 -102.60
C PHE B 1124 55.46 -16.32 -103.54
N ASN B 1125 56.22 -17.38 -103.76
CA ASN B 1125 57.37 -17.36 -104.65
C ASN B 1125 56.88 -17.63 -106.07
N GLY B 1126 56.91 -16.61 -106.92
CA GLY B 1126 56.43 -16.72 -108.27
C GLY B 1126 57.43 -17.16 -109.30
N HIS B 1127 58.62 -17.62 -108.89
CA HIS B 1127 59.60 -18.12 -109.85
C HIS B 1127 59.06 -19.34 -110.58
N ARG B 1128 58.38 -20.24 -109.85
CA ARG B 1128 57.80 -21.42 -110.45
C ARG B 1128 56.32 -21.59 -110.14
N GLY B 1129 55.73 -20.68 -109.37
CA GLY B 1129 54.33 -20.79 -109.01
C GLY B 1129 54.13 -21.64 -107.78
N GLN B 1130 54.82 -21.30 -106.69
CA GLN B 1130 54.75 -22.06 -105.46
C GLN B 1130 54.68 -21.09 -104.28
N ARG B 1131 53.68 -21.27 -103.42
CA ARG B 1131 53.56 -20.44 -102.24
C ARG B 1131 54.57 -20.89 -101.19
N TRP B 1132 54.79 -20.03 -100.19
CA TRP B 1132 55.83 -20.25 -99.18
C TRP B 1132 55.27 -19.88 -97.81
N HIS B 1133 55.03 -20.90 -96.98
CA HIS B 1133 54.71 -20.68 -95.56
C HIS B 1133 55.08 -21.96 -94.82
N LEU B 1134 56.26 -21.95 -94.18
CA LEU B 1134 56.81 -23.15 -93.55
C LEU B 1134 56.97 -24.29 -94.55
N GLY B 1135 57.22 -23.96 -95.79
CA GLY B 1135 57.37 -24.97 -96.83
C GLY B 1135 56.94 -24.42 -98.17
N SER B 1136 57.11 -25.25 -99.19
CA SER B 1136 56.80 -24.89 -100.56
C SER B 1136 55.63 -25.72 -101.06
N GLU B 1137 54.60 -25.05 -101.56
CA GLU B 1137 53.42 -25.71 -102.12
C GLU B 1137 53.11 -25.04 -103.45
N PRO B 1138 53.00 -25.80 -104.55
CA PRO B 1138 52.76 -25.19 -105.86
C PRO B 1138 51.45 -24.43 -105.88
N PHE B 1139 51.44 -23.30 -106.57
CA PHE B 1139 50.26 -22.45 -106.64
C PHE B 1139 50.38 -21.54 -107.86
N GLY B 1140 49.52 -21.75 -108.85
CA GLY B 1140 49.48 -20.88 -110.00
C GLY B 1140 50.66 -21.05 -110.93
N ARG B 1141 50.81 -20.06 -111.82
CA ARG B 1141 51.78 -19.99 -112.90
C ARG B 1141 52.97 -19.12 -112.50
N PRO B 1142 54.14 -19.37 -113.10
CA PRO B 1142 55.32 -18.55 -112.78
C PRO B 1142 55.30 -17.19 -113.45
N TRP B 1143 56.39 -16.43 -113.30
CA TRP B 1143 56.46 -15.07 -113.80
C TRP B 1143 56.73 -15.04 -115.30
N GLN B 1144 56.87 -13.82 -115.81
CA GLN B 1144 57.32 -13.55 -117.16
C GLN B 1144 58.01 -12.18 -117.16
N SER B 1145 58.19 -11.59 -118.33
CA SER B 1145 58.76 -10.25 -118.42
C SER B 1145 57.83 -9.24 -117.75
N GLY B 1146 58.30 -8.67 -116.64
CA GLY B 1146 57.51 -7.70 -115.88
C GLY B 1146 56.51 -8.36 -114.95
N ASP B 1147 55.40 -8.82 -115.50
CA ASP B 1147 54.39 -9.61 -114.77
C ASP B 1147 54.06 -8.98 -113.41
N VAL B 1148 53.42 -7.81 -113.49
CA VAL B 1148 52.97 -7.08 -112.30
C VAL B 1148 52.17 -8.00 -111.40
N VAL B 1149 52.61 -8.13 -110.14
CA VAL B 1149 51.98 -9.01 -109.17
C VAL B 1149 51.22 -8.16 -108.16
N GLY B 1150 49.96 -8.52 -107.92
CA GLY B 1150 49.18 -7.85 -106.90
C GLY B 1150 48.90 -8.75 -105.72
N CYS B 1151 49.32 -8.31 -104.53
CA CYS B 1151 49.12 -9.07 -103.30
C CYS B 1151 47.93 -8.49 -102.55
N MET B 1152 47.10 -9.36 -101.99
CA MET B 1152 45.80 -8.98 -101.48
C MET B 1152 45.64 -9.53 -100.07
N ILE B 1153 44.96 -8.78 -99.20
CA ILE B 1153 44.76 -9.21 -97.82
C ILE B 1153 43.42 -8.70 -97.32
N ASP B 1154 42.86 -9.42 -96.35
CA ASP B 1154 41.63 -8.98 -95.68
C ASP B 1154 41.61 -9.63 -94.31
N LEU B 1155 41.78 -8.81 -93.26
CA LEU B 1155 41.82 -9.32 -91.90
C LEU B 1155 40.43 -9.70 -91.37
N THR B 1156 39.37 -9.22 -92.02
CA THR B 1156 38.02 -9.56 -91.56
C THR B 1156 37.75 -11.06 -91.68
N GLU B 1157 38.13 -11.65 -92.82
CA GLU B 1157 37.95 -13.08 -93.04
C GLU B 1157 39.24 -13.86 -92.87
N ASN B 1158 40.34 -13.20 -92.52
CA ASN B 1158 41.60 -13.87 -92.20
C ASN B 1158 42.10 -14.71 -93.38
N THR B 1159 42.10 -14.12 -94.57
CA THR B 1159 42.57 -14.79 -95.77
C THR B 1159 43.38 -13.80 -96.60
N ILE B 1160 44.22 -14.35 -97.48
CA ILE B 1160 45.03 -13.55 -98.39
C ILE B 1160 44.84 -14.08 -99.81
N ILE B 1161 45.09 -13.20 -100.78
CA ILE B 1161 44.94 -13.52 -102.19
C ILE B 1161 46.15 -12.97 -102.94
N PHE B 1162 46.60 -13.69 -103.95
CA PHE B 1162 47.68 -13.24 -104.83
C PHE B 1162 47.13 -13.14 -106.24
N THR B 1163 47.33 -11.99 -106.87
CA THR B 1163 46.84 -11.74 -108.22
C THR B 1163 48.01 -11.49 -109.15
N LEU B 1164 48.01 -12.16 -110.30
CA LEU B 1164 49.08 -12.06 -111.28
C LEU B 1164 48.51 -11.41 -112.55
N ASN B 1165 49.09 -10.28 -112.95
CA ASN B 1165 48.67 -9.56 -114.15
C ASN B 1165 47.17 -9.28 -114.15
N GLY B 1166 46.65 -8.87 -112.99
CA GLY B 1166 45.26 -8.51 -112.88
C GLY B 1166 44.29 -9.66 -113.10
N GLU B 1167 44.55 -10.80 -112.48
CA GLU B 1167 43.61 -11.91 -112.53
C GLU B 1167 43.80 -12.76 -111.27
N VAL B 1168 42.70 -13.36 -110.82
CA VAL B 1168 42.76 -14.23 -109.65
C VAL B 1168 43.60 -15.46 -109.97
N LEU B 1169 44.17 -16.05 -108.92
CA LEU B 1169 45.02 -17.23 -109.05
C LEU B 1169 44.43 -18.38 -108.24
N MET B 1170 44.44 -19.57 -108.84
CA MET B 1170 43.85 -20.75 -108.24
C MET B 1170 44.94 -21.67 -107.70
N SER B 1171 44.57 -22.46 -106.70
CA SER B 1171 45.49 -23.45 -106.16
C SER B 1171 45.49 -24.70 -107.03
N ASP B 1172 46.35 -25.66 -106.66
CA ASP B 1172 46.34 -26.94 -107.36
C ASP B 1172 45.02 -27.68 -107.18
N SER B 1173 44.40 -27.54 -106.01
CA SER B 1173 43.08 -28.10 -105.74
C SER B 1173 41.96 -27.14 -106.04
N GLY B 1174 42.26 -25.95 -106.56
CA GLY B 1174 41.24 -24.97 -106.86
C GLY B 1174 40.82 -24.10 -105.71
N SER B 1175 41.64 -23.97 -104.68
CA SER B 1175 41.31 -23.11 -103.55
C SER B 1175 41.29 -21.65 -103.98
N GLU B 1176 40.28 -20.92 -103.51
CA GLU B 1176 40.16 -19.51 -103.86
C GLU B 1176 41.15 -18.64 -103.08
N THR B 1177 41.54 -19.07 -101.89
CA THR B 1177 42.46 -18.32 -101.05
C THR B 1177 43.53 -19.24 -100.50
N ALA B 1178 44.68 -18.65 -100.16
CA ALA B 1178 45.81 -19.39 -99.62
C ALA B 1178 46.02 -19.03 -98.17
N PHE B 1179 46.36 -20.04 -97.36
CA PHE B 1179 46.62 -19.89 -95.93
C PHE B 1179 45.40 -19.27 -95.22
N ARG B 1180 44.31 -20.04 -95.23
CA ARG B 1180 43.08 -19.58 -94.62
C ARG B 1180 43.19 -19.54 -93.09
N GLU B 1181 42.32 -18.74 -92.48
CA GLU B 1181 42.20 -18.62 -91.03
C GLU B 1181 43.53 -18.15 -90.41
N ILE B 1182 43.91 -16.93 -90.77
CA ILE B 1182 45.13 -16.31 -90.24
C ILE B 1182 44.80 -15.65 -88.92
N GLU B 1183 45.60 -15.94 -87.89
CA GLU B 1183 45.43 -15.29 -86.60
C GLU B 1183 45.81 -13.82 -86.71
N ILE B 1184 45.04 -12.97 -86.02
CA ILE B 1184 45.29 -11.53 -86.07
C ILE B 1184 46.67 -11.22 -85.50
N GLY B 1185 47.00 -11.82 -84.35
CA GLY B 1185 48.29 -11.57 -83.75
C GLY B 1185 48.42 -10.11 -83.33
N ASP B 1186 49.45 -9.45 -83.85
CA ASP B 1186 49.71 -8.04 -83.59
C ASP B 1186 49.87 -7.29 -84.90
N GLY B 1187 48.93 -7.51 -85.82
CA GLY B 1187 48.95 -6.83 -87.09
C GLY B 1187 49.77 -7.55 -88.13
N PHE B 1188 49.87 -6.92 -89.31
CA PHE B 1188 50.63 -7.47 -90.42
C PHE B 1188 51.27 -6.34 -91.19
N LEU B 1189 52.34 -6.67 -91.91
CA LEU B 1189 53.18 -5.69 -92.56
C LEU B 1189 53.52 -6.15 -93.97
N PRO B 1190 53.53 -5.24 -94.94
CA PRO B 1190 54.00 -5.60 -96.28
C PRO B 1190 55.48 -5.91 -96.27
N VAL B 1191 55.89 -6.82 -97.15
CA VAL B 1191 57.28 -7.25 -97.21
C VAL B 1191 57.58 -7.67 -98.65
N CYS B 1192 58.83 -7.48 -99.05
CA CYS B 1192 59.30 -7.85 -100.37
C CYS B 1192 60.63 -8.60 -100.24
N SER B 1193 61.10 -9.13 -101.36
CA SER B 1193 62.38 -9.82 -101.40
C SER B 1193 63.00 -9.62 -102.77
N LEU B 1194 64.31 -9.77 -102.84
CA LEU B 1194 65.04 -9.62 -104.09
C LEU B 1194 66.27 -10.50 -104.05
N GLY B 1195 66.37 -11.43 -104.99
CA GLY B 1195 67.52 -12.29 -105.08
C GLY B 1195 68.70 -11.59 -105.71
N PRO B 1196 69.82 -12.30 -105.81
CA PRO B 1196 71.00 -11.74 -106.46
C PRO B 1196 70.71 -11.37 -107.91
N GLY B 1197 71.20 -10.21 -108.33
CA GLY B 1197 71.02 -9.77 -109.69
C GLY B 1197 69.57 -9.67 -110.13
N GLN B 1198 68.71 -9.15 -109.27
CA GLN B 1198 67.28 -9.01 -109.56
C GLN B 1198 66.86 -7.56 -109.44
N VAL B 1199 65.88 -7.17 -110.26
CA VAL B 1199 65.35 -5.82 -110.28
C VAL B 1199 63.85 -5.88 -110.07
N GLY B 1200 63.34 -5.03 -109.20
CA GLY B 1200 61.92 -4.98 -108.93
C GLY B 1200 61.49 -3.59 -108.49
N HIS B 1201 60.25 -3.24 -108.80
CA HIS B 1201 59.66 -1.98 -108.38
C HIS B 1201 58.28 -2.25 -107.80
N LEU B 1202 57.98 -1.63 -106.66
CA LEU B 1202 56.72 -1.82 -105.98
C LEU B 1202 56.05 -0.47 -105.76
N ASN B 1203 54.73 -0.45 -105.93
CA ASN B 1203 53.94 0.75 -105.73
C ASN B 1203 52.92 0.49 -104.64
N LEU B 1204 52.95 1.29 -103.57
CA LEU B 1204 52.03 1.14 -102.45
C LEU B 1204 50.81 2.04 -102.58
N GLY B 1205 50.44 2.40 -103.81
CA GLY B 1205 49.21 3.14 -104.04
C GLY B 1205 49.18 4.55 -103.50
N GLN B 1206 50.29 5.28 -103.62
CA GLN B 1206 50.25 6.69 -103.28
C GLN B 1206 49.31 7.45 -104.22
N ASP B 1207 49.35 7.12 -105.50
CA ASP B 1207 48.50 7.74 -106.51
C ASP B 1207 47.62 6.68 -107.14
N VAL B 1208 46.31 6.94 -107.19
CA VAL B 1208 45.38 5.99 -107.78
C VAL B 1208 45.69 5.79 -109.25
N SER B 1209 45.98 6.87 -109.97
CA SER B 1209 46.33 6.75 -111.38
C SER B 1209 47.63 5.98 -111.58
N SER B 1210 48.50 5.96 -110.56
CA SER B 1210 49.74 5.21 -110.64
C SER B 1210 49.53 3.71 -110.46
N LEU B 1211 48.35 3.28 -110.03
CA LEU B 1211 48.08 1.87 -109.88
C LEU B 1211 48.07 1.19 -111.24
N ARG B 1212 48.64 -0.02 -111.31
CA ARG B 1212 48.71 -0.76 -112.56
C ARG B 1212 47.33 -1.10 -113.08
N PHE B 1213 46.59 -1.94 -112.35
CA PHE B 1213 45.23 -2.28 -112.73
C PHE B 1213 44.20 -1.80 -111.71
N PHE B 1214 44.30 -2.28 -110.46
CA PHE B 1214 43.32 -1.99 -109.42
C PHE B 1214 41.88 -2.02 -109.94
N ALA B 1215 41.57 -2.98 -110.81
CA ALA B 1215 40.25 -3.05 -111.39
C ALA B 1215 39.72 -4.47 -111.43
N ILE B 1216 40.29 -5.37 -110.63
CA ILE B 1216 39.92 -6.79 -110.63
C ILE B 1216 39.51 -7.26 -109.25
N CYS B 1217 40.29 -6.91 -108.22
CA CYS B 1217 40.05 -7.39 -106.87
C CYS B 1217 39.84 -6.29 -105.85
N GLY B 1218 40.07 -5.02 -106.21
CA GLY B 1218 39.96 -3.96 -105.23
C GLY B 1218 39.14 -2.77 -105.69
N LEU B 1219 38.72 -2.77 -106.95
CA LEU B 1219 38.00 -1.62 -107.47
C LEU B 1219 36.60 -1.52 -106.89
N GLN B 1220 35.93 -2.65 -106.66
CA GLN B 1220 34.55 -2.64 -106.20
C GLN B 1220 34.32 -3.67 -105.10
N GLU B 1221 35.32 -3.89 -104.25
CA GLU B 1221 35.23 -4.87 -103.18
C GLU B 1221 35.57 -4.30 -101.82
N GLY B 1222 35.66 -2.98 -101.68
CA GLY B 1222 35.94 -2.35 -100.41
C GLY B 1222 37.40 -2.27 -100.04
N PHE B 1223 38.30 -2.73 -100.90
CA PHE B 1223 39.73 -2.72 -100.60
C PHE B 1223 40.36 -1.42 -101.07
N GLU B 1224 41.23 -0.86 -100.24
CA GLU B 1224 41.92 0.38 -100.53
C GLU B 1224 43.42 0.18 -100.40
N PRO B 1225 44.22 0.87 -101.21
CA PRO B 1225 45.68 0.78 -101.06
C PRO B 1225 46.14 1.43 -99.77
N PHE B 1226 47.41 1.18 -99.44
CA PHE B 1226 47.98 1.71 -98.20
C PHE B 1226 47.98 3.23 -98.21
N ALA B 1227 48.75 3.83 -99.13
CA ALA B 1227 48.96 5.27 -99.13
C ALA B 1227 47.78 5.99 -99.79
N ILE B 1228 46.60 5.77 -99.21
CA ILE B 1228 45.40 6.43 -99.72
C ILE B 1228 45.43 7.91 -99.42
N ASN B 1229 45.80 8.28 -98.19
CA ASN B 1229 45.97 9.68 -97.79
C ASN B 1229 47.26 9.76 -96.99
N MET B 1230 48.37 9.98 -97.68
CA MET B 1230 49.68 10.04 -97.04
C MET B 1230 50.51 11.11 -97.76
N GLN B 1231 50.80 12.21 -97.06
CA GLN B 1231 51.57 13.29 -97.68
C GLN B 1231 53.01 12.91 -97.92
N ARG B 1232 53.50 11.85 -97.29
CA ARG B 1232 54.89 11.45 -97.41
C ARG B 1232 55.00 9.97 -97.74
N PRO B 1233 56.08 9.55 -98.37
CA PRO B 1233 56.26 8.11 -98.64
C PRO B 1233 56.62 7.34 -97.38
N VAL B 1234 56.89 6.05 -97.53
CA VAL B 1234 57.19 5.17 -96.42
C VAL B 1234 58.70 5.04 -96.26
N THR B 1235 59.14 4.80 -95.03
CA THR B 1235 60.57 4.67 -94.75
C THR B 1235 61.16 3.45 -95.44
N THR B 1236 60.44 2.32 -95.43
CA THR B 1236 60.85 1.08 -96.09
C THR B 1236 62.21 0.60 -95.57
N TRP B 1237 62.20 0.22 -94.29
CA TRP B 1237 63.39 -0.36 -93.67
C TRP B 1237 63.86 -1.58 -94.44
N PHE B 1238 65.16 -1.65 -94.69
CA PHE B 1238 65.77 -2.76 -95.42
C PHE B 1238 66.75 -3.50 -94.51
N SER B 1239 67.37 -4.54 -95.06
CA SER B 1239 68.23 -5.43 -94.29
C SER B 1239 69.70 -5.13 -94.57
N LYS B 1240 70.46 -4.94 -93.51
CA LYS B 1240 71.89 -4.69 -93.60
C LYS B 1240 72.66 -6.00 -93.65
N SER B 1241 73.88 -5.94 -94.17
CA SER B 1241 74.75 -7.09 -94.27
C SER B 1241 76.02 -6.99 -93.43
N LEU B 1242 76.24 -5.86 -92.77
CA LEU B 1242 77.43 -5.69 -91.95
C LEU B 1242 77.24 -6.35 -90.59
N PRO B 1243 78.11 -7.27 -90.20
CA PRO B 1243 77.97 -7.96 -88.89
C PRO B 1243 78.43 -7.13 -87.71
N GLN B 1244 77.52 -6.27 -87.22
CA GLN B 1244 77.85 -5.40 -86.11
C GLN B 1244 77.72 -6.14 -84.78
N PHE B 1245 78.16 -5.48 -83.71
CA PHE B 1245 78.18 -6.10 -82.39
C PHE B 1245 76.76 -6.26 -81.85
N GLU B 1246 76.56 -7.31 -81.05
CA GLU B 1246 75.26 -7.55 -80.42
C GLU B 1246 75.45 -8.34 -79.13
N PRO B 1247 74.69 -8.02 -78.08
CA PRO B 1247 74.74 -8.83 -76.86
C PRO B 1247 74.09 -10.18 -77.07
N VAL B 1248 74.52 -11.15 -76.25
CA VAL B 1248 73.93 -12.49 -76.32
C VAL B 1248 72.55 -12.47 -75.66
N PRO B 1249 71.53 -13.01 -76.31
CA PRO B 1249 70.22 -13.10 -75.68
C PRO B 1249 70.24 -14.10 -74.55
N PRO B 1250 69.67 -13.74 -73.39
CA PRO B 1250 69.65 -14.69 -72.27
C PRO B 1250 68.86 -15.96 -72.56
N GLU B 1251 67.94 -15.92 -73.53
CA GLU B 1251 67.12 -17.07 -73.87
C GLU B 1251 67.59 -17.76 -75.14
N HIS B 1252 68.86 -17.58 -75.52
CA HIS B 1252 69.37 -18.20 -76.73
C HIS B 1252 69.29 -19.72 -76.60
N PRO B 1253 68.91 -20.43 -77.66
CA PRO B 1253 68.68 -21.88 -77.54
C PRO B 1253 69.91 -22.67 -77.14
N HIS B 1254 70.99 -22.56 -77.89
CA HIS B 1254 72.18 -23.39 -77.66
C HIS B 1254 73.43 -22.55 -77.46
N TYR B 1255 73.29 -21.36 -76.89
CA TYR B 1255 74.43 -20.49 -76.58
C TYR B 1255 74.11 -19.75 -75.29
N GLU B 1256 74.63 -20.25 -74.17
CA GLU B 1256 74.34 -19.68 -72.87
C GLU B 1256 75.65 -19.37 -72.15
N VAL B 1257 75.66 -18.25 -71.42
CA VAL B 1257 76.86 -17.82 -70.69
C VAL B 1257 76.54 -17.75 -69.21
N ALA B 1258 77.53 -17.35 -68.41
CA ALA B 1258 77.32 -17.22 -66.97
C ALA B 1258 78.23 -16.14 -66.42
N ARG B 1259 77.82 -15.57 -65.29
CA ARG B 1259 78.57 -14.53 -64.59
C ARG B 1259 78.59 -14.90 -63.10
N MET B 1260 79.58 -15.68 -62.69
CA MET B 1260 79.69 -16.10 -61.30
C MET B 1260 80.48 -15.08 -60.49
N ASP B 1261 80.01 -14.81 -59.28
CA ASP B 1261 80.66 -13.84 -58.42
C ASP B 1261 82.04 -14.32 -58.00
N GLY B 1262 82.93 -13.36 -57.75
CA GLY B 1262 84.28 -13.70 -57.36
C GLY B 1262 84.33 -14.39 -56.01
N THR B 1263 85.26 -15.32 -55.86
CA THR B 1263 85.46 -16.05 -54.62
C THR B 1263 86.74 -15.58 -53.94
N VAL B 1264 86.92 -16.03 -52.69
CA VAL B 1264 88.12 -15.70 -51.95
C VAL B 1264 89.35 -16.30 -52.61
N ASP B 1265 89.24 -17.56 -53.06
CA ASP B 1265 90.37 -18.26 -53.65
C ASP B 1265 90.51 -18.02 -55.15
N THR B 1266 89.54 -17.39 -55.80
CA THR B 1266 89.64 -17.17 -57.23
C THR B 1266 88.85 -15.94 -57.65
N PRO B 1267 89.38 -15.15 -58.57
CA PRO B 1267 88.64 -13.98 -59.07
C PRO B 1267 87.48 -14.40 -59.96
N PRO B 1268 86.51 -13.51 -60.17
CA PRO B 1268 85.34 -13.89 -60.97
C PRO B 1268 85.67 -14.18 -62.42
N CYS B 1269 84.86 -15.03 -63.03
CA CYS B 1269 85.06 -15.42 -64.43
C CYS B 1269 83.70 -15.61 -65.09
N LEU B 1270 83.70 -15.53 -66.42
CA LEU B 1270 82.51 -15.74 -67.23
C LEU B 1270 82.67 -17.03 -68.01
N ARG B 1271 81.76 -17.97 -67.81
CA ARG B 1271 81.81 -19.26 -68.48
C ARG B 1271 80.91 -19.28 -69.71
N LEU B 1272 81.13 -20.27 -70.55
CA LEU B 1272 80.32 -20.49 -71.74
C LEU B 1272 79.96 -21.96 -71.82
N ALA B 1273 78.75 -22.24 -72.31
CA ALA B 1273 78.26 -23.60 -72.43
C ALA B 1273 77.58 -23.78 -73.78
N HIS B 1274 77.56 -25.03 -74.25
CA HIS B 1274 76.96 -25.38 -75.53
C HIS B 1274 76.05 -26.58 -75.34
N ARG B 1275 75.00 -26.65 -76.15
CA ARG B 1275 74.05 -27.76 -76.09
C ARG B 1275 74.74 -29.01 -76.63
N THR B 1276 75.19 -29.88 -75.71
CA THR B 1276 75.92 -31.10 -76.09
C THR B 1276 74.93 -32.21 -76.42
N TRP B 1277 74.30 -32.07 -77.58
CA TRP B 1277 73.34 -33.03 -78.07
C TRP B 1277 73.38 -32.99 -79.60
N GLY B 1278 72.34 -33.53 -80.25
CA GLY B 1278 72.25 -33.48 -81.69
C GLY B 1278 71.73 -32.15 -82.19
N SER B 1279 72.13 -31.07 -81.51
CA SER B 1279 71.69 -29.72 -81.84
C SER B 1279 72.70 -29.05 -82.78
N GLN B 1280 72.54 -27.75 -82.98
CA GLN B 1280 73.44 -26.99 -83.85
C GLN B 1280 74.83 -26.87 -83.23
N ASN B 1281 75.85 -27.08 -84.06
CA ASN B 1281 77.24 -26.87 -83.69
C ASN B 1281 77.87 -25.97 -84.75
N SER B 1282 77.79 -24.66 -84.54
CA SER B 1282 78.25 -23.71 -85.53
C SER B 1282 79.77 -23.57 -85.48
N LEU B 1283 80.31 -22.76 -86.38
CA LEU B 1283 81.74 -22.53 -86.49
C LEU B 1283 82.17 -21.52 -85.42
N VAL B 1284 83.41 -21.03 -85.54
CA VAL B 1284 83.92 -20.03 -84.62
C VAL B 1284 83.06 -18.78 -84.71
N GLU B 1285 82.46 -18.39 -83.59
CA GLU B 1285 81.74 -17.13 -83.48
C GLU B 1285 82.58 -16.15 -82.69
N MET B 1286 82.74 -14.93 -83.22
CA MET B 1286 83.61 -13.94 -82.59
C MET B 1286 82.83 -13.24 -81.48
N LEU B 1287 83.18 -13.54 -80.24
CA LEU B 1287 82.50 -12.99 -79.08
C LEU B 1287 83.33 -11.87 -78.48
N PHE B 1288 82.70 -10.72 -78.30
CA PHE B 1288 83.36 -9.49 -77.85
C PHE B 1288 82.95 -9.20 -76.41
N LEU B 1289 83.53 -8.15 -75.85
CA LEU B 1289 83.13 -7.67 -74.54
C LEU B 1289 82.27 -6.41 -74.71
N ARG B 1290 81.94 -5.77 -73.58
CA ARG B 1290 81.11 -4.57 -73.62
C ARG B 1290 81.97 -3.30 -73.58
N LEU B 1291 82.78 -3.14 -72.55
CA LEU B 1291 83.56 -1.93 -72.40
C LEU B 1291 84.71 -1.90 -73.41
N SER B 1292 85.26 -0.70 -73.59
CA SER B 1292 86.35 -0.47 -74.52
C SER B 1292 87.58 0.02 -73.76
N LEU B 1293 88.75 -0.18 -74.37
CA LEU B 1293 90.03 0.16 -73.75
C LEU B 1293 90.70 1.31 -74.48
N PRO B 1294 90.72 2.52 -73.91
CA PRO B 1294 91.56 3.58 -74.48
C PRO B 1294 92.97 3.50 -73.93
N VAL B 1295 93.92 3.92 -74.76
CA VAL B 1295 95.32 3.91 -74.33
C VAL B 1295 95.54 4.90 -73.20
N GLN B 1296 96.58 4.65 -72.42
CA GLN B 1296 96.91 5.54 -71.31
C GLN B 1296 97.68 6.74 -71.84
N PHE B 1297 98.20 7.57 -70.94
CA PHE B 1297 98.89 8.78 -71.32
C PHE B 1297 99.77 9.30 -70.19
N THR B 1430 104.53 0.71 -75.69
CA THR B 1430 104.72 1.53 -74.51
C THR B 1430 103.41 2.14 -74.04
N THR B 1431 103.52 3.12 -73.14
CA THR B 1431 102.43 3.88 -72.55
C THR B 1431 101.55 3.00 -71.66
N THR B 1432 101.82 1.69 -71.59
CA THR B 1432 101.11 0.78 -70.70
C THR B 1432 102.09 -0.06 -69.87
N TYR B 1433 103.37 0.29 -69.89
CA TYR B 1433 104.46 -0.34 -69.15
C TYR B 1433 104.79 -1.74 -69.63
N TYR B 1434 104.05 -2.28 -70.59
CA TYR B 1434 104.33 -3.62 -71.11
C TYR B 1434 103.50 -3.84 -72.37
N TYR B 1435 103.99 -4.72 -73.24
CA TYR B 1435 103.22 -5.22 -74.38
C TYR B 1435 103.72 -6.63 -74.67
N SER B 1436 103.04 -7.62 -74.10
CA SER B 1436 103.48 -9.01 -74.23
C SER B 1436 102.29 -9.93 -74.00
N VAL B 1437 102.44 -11.16 -74.47
CA VAL B 1437 101.47 -12.23 -74.27
C VAL B 1437 102.20 -13.43 -73.71
N ARG B 1438 101.82 -13.85 -72.51
CA ARG B 1438 102.46 -14.96 -71.81
C ARG B 1438 101.48 -16.12 -71.69
N VAL B 1439 101.94 -17.33 -72.00
CA VAL B 1439 101.06 -18.49 -71.95
C VAL B 1439 100.92 -19.02 -70.52
N PHE B 1440 102.03 -19.40 -69.89
CA PHE B 1440 102.00 -19.80 -68.50
C PHE B 1440 102.88 -18.89 -67.65
N ALA B 1441 104.16 -18.80 -68.02
CA ALA B 1441 105.09 -17.93 -67.32
C ALA B 1441 106.08 -17.25 -68.26
N GLY B 1442 105.98 -17.45 -69.56
CA GLY B 1442 106.91 -16.82 -70.50
C GLY B 1442 106.64 -17.22 -71.93
N GLN B 1443 106.66 -16.25 -72.84
CA GLN B 1443 106.43 -16.49 -74.25
C GLN B 1443 107.06 -15.36 -75.04
N GLU B 1444 107.20 -15.60 -76.34
CA GLU B 1444 107.81 -14.62 -77.27
C GLU B 1444 106.85 -14.38 -78.42
N PRO B 1445 105.77 -13.63 -78.18
CA PRO B 1445 104.79 -13.36 -79.24
C PRO B 1445 105.05 -12.10 -80.04
N SER B 1446 105.93 -11.21 -79.57
CA SER B 1446 106.14 -9.90 -80.17
C SER B 1446 104.82 -9.13 -80.24
N CYS B 1447 104.25 -8.88 -79.07
CA CYS B 1447 102.96 -8.20 -78.98
C CYS B 1447 103.04 -6.84 -79.63
N VAL B 1448 102.01 -6.50 -80.39
CA VAL B 1448 101.98 -5.31 -81.21
C VAL B 1448 101.19 -4.22 -80.48
N TRP B 1449 101.83 -3.08 -80.24
CA TRP B 1449 101.20 -1.91 -79.66
C TRP B 1449 101.37 -0.73 -80.61
N VAL B 1450 100.31 0.05 -80.76
CA VAL B 1450 100.29 1.11 -81.77
C VAL B 1450 100.74 2.45 -81.19
N GLY B 1451 100.42 2.73 -79.93
CA GLY B 1451 100.85 3.96 -79.29
C GLY B 1451 100.00 5.18 -79.58
N TRP B 1452 99.04 5.10 -80.49
CA TRP B 1452 98.14 6.21 -80.76
C TRP B 1452 96.95 6.14 -79.82
N VAL B 1453 95.92 6.96 -80.06
CA VAL B 1453 94.75 6.97 -79.19
C VAL B 1453 94.05 5.61 -79.23
N THR B 1454 93.57 5.22 -80.42
CA THR B 1454 93.15 3.85 -80.77
C THR B 1454 92.38 3.14 -79.66
N PRO B 1455 91.13 3.52 -79.38
CA PRO B 1455 90.37 2.80 -78.36
C PRO B 1455 90.29 1.30 -78.64
N ASP B 1456 90.90 0.50 -77.77
CA ASP B 1456 90.96 -0.94 -77.96
C ASP B 1456 89.66 -1.59 -77.49
N TYR B 1457 89.57 -2.90 -77.65
CA TYR B 1457 88.38 -3.65 -77.28
C TYR B 1457 88.75 -5.08 -76.95
N HIS B 1458 88.31 -5.56 -75.80
CA HIS B 1458 88.55 -6.96 -75.44
C HIS B 1458 87.86 -7.88 -76.43
N GLN B 1459 88.58 -8.91 -76.86
CA GLN B 1459 88.04 -9.82 -77.87
C GLN B 1459 88.72 -11.18 -77.75
N HIS B 1460 88.05 -12.18 -78.31
CA HIS B 1460 88.55 -13.54 -78.43
C HIS B 1460 87.59 -14.32 -79.31
N ASP B 1461 88.14 -15.20 -80.15
CA ASP B 1461 87.35 -15.98 -81.10
C ASP B 1461 87.54 -17.46 -80.81
N MET B 1462 86.43 -18.19 -80.74
CA MET B 1462 86.48 -19.62 -80.46
C MET B 1462 85.20 -20.27 -80.97
N ASN B 1463 85.24 -21.59 -81.09
CA ASN B 1463 84.08 -22.39 -81.45
C ASN B 1463 83.83 -23.43 -80.36
N PHE B 1464 82.76 -24.20 -80.54
CA PHE B 1464 82.36 -25.24 -79.59
C PHE B 1464 82.55 -26.58 -80.27
N ASP B 1465 83.31 -27.47 -79.62
CA ASP B 1465 83.52 -28.85 -80.08
C ASP B 1465 82.63 -29.81 -79.31
N LEU B 1466 81.40 -29.38 -79.00
CA LEU B 1466 80.47 -30.15 -78.17
C LEU B 1466 81.09 -30.45 -76.81
N SER B 1467 81.80 -29.47 -76.26
CA SER B 1467 82.55 -29.61 -75.03
C SER B 1467 81.91 -28.78 -73.92
N LYS B 1468 82.57 -28.75 -72.76
CA LYS B 1468 81.98 -28.15 -71.57
C LYS B 1468 82.17 -26.64 -71.52
N VAL B 1469 83.41 -26.18 -71.41
CA VAL B 1469 83.69 -24.81 -70.99
C VAL B 1469 84.82 -24.20 -71.81
N ARG B 1470 84.64 -22.93 -72.18
CA ARG B 1470 85.72 -22.07 -72.71
C ARG B 1470 85.49 -20.70 -72.09
N ALA B 1471 86.09 -20.47 -70.92
CA ALA B 1471 85.75 -19.34 -70.07
C ALA B 1471 86.77 -18.21 -70.19
N VAL B 1472 86.36 -17.03 -69.73
CA VAL B 1472 87.20 -15.85 -69.66
C VAL B 1472 87.21 -15.37 -68.21
N THR B 1473 88.41 -15.17 -67.66
CA THR B 1473 88.58 -14.83 -66.26
C THR B 1473 89.31 -13.50 -66.13
N VAL B 1474 88.81 -12.65 -65.23
CA VAL B 1474 89.52 -11.44 -64.86
C VAL B 1474 90.59 -11.78 -63.84
N THR B 1475 91.83 -11.38 -64.11
CA THR B 1475 92.97 -11.72 -63.27
C THR B 1475 93.69 -10.47 -62.81
N MET B 1476 94.07 -10.45 -61.53
CA MET B 1476 94.80 -9.34 -60.93
C MET B 1476 96.00 -9.98 -60.24
N GLY B 1477 97.16 -9.94 -60.90
CA GLY B 1477 98.33 -10.67 -60.45
C GLY B 1477 99.03 -10.00 -59.28
N ASP B 1478 100.27 -10.45 -59.04
CA ASP B 1478 101.03 -9.91 -57.92
C ASP B 1478 101.26 -8.40 -58.07
N GLU B 1479 101.64 -7.96 -59.27
CA GLU B 1479 101.81 -6.53 -59.53
C GLU B 1479 101.28 -6.14 -60.90
N GLN B 1480 100.43 -6.96 -61.51
CA GLN B 1480 99.93 -6.68 -62.85
C GLN B 1480 98.65 -7.46 -63.08
N GLY B 1481 97.55 -6.76 -63.38
CA GLY B 1481 96.33 -7.43 -63.74
C GLY B 1481 96.44 -8.12 -65.09
N ASN B 1482 95.65 -9.17 -65.27
CA ASN B 1482 95.77 -10.00 -66.46
C ASN B 1482 94.39 -10.34 -66.99
N VAL B 1483 94.34 -10.67 -68.28
CA VAL B 1483 93.12 -11.11 -68.93
C VAL B 1483 93.22 -12.61 -69.19
N HIS B 1484 92.76 -13.42 -68.24
CA HIS B 1484 92.89 -14.87 -68.35
C HIS B 1484 91.81 -15.44 -69.24
N SER B 1485 92.18 -16.49 -69.99
CA SER B 1485 91.25 -17.21 -70.85
C SER B 1485 91.47 -18.70 -70.62
N SER B 1486 90.79 -19.26 -69.63
CA SER B 1486 90.93 -20.68 -69.34
C SER B 1486 90.32 -21.50 -70.47
N LEU B 1487 91.08 -22.47 -70.98
CA LEU B 1487 90.65 -23.28 -72.10
C LEU B 1487 90.96 -24.74 -71.82
N LYS B 1488 90.08 -25.62 -72.28
CA LYS B 1488 90.30 -27.06 -72.15
C LYS B 1488 89.99 -27.85 -73.41
N CYS B 1489 89.19 -27.34 -74.34
CA CYS B 1489 88.59 -28.18 -75.37
C CYS B 1489 89.39 -28.21 -76.67
N SER B 1490 89.53 -27.06 -77.32
CA SER B 1490 89.99 -27.06 -78.70
C SER B 1490 90.61 -25.69 -79.03
N ASN B 1491 90.78 -25.42 -80.32
CA ASN B 1491 91.44 -24.21 -80.77
C ASN B 1491 90.62 -22.96 -80.42
N CYS B 1492 91.24 -22.02 -79.73
CA CYS B 1492 90.61 -20.77 -79.35
C CYS B 1492 91.63 -19.65 -79.50
N TYR B 1493 91.19 -18.53 -80.05
CA TYR B 1493 92.07 -17.39 -80.30
C TYR B 1493 91.77 -16.30 -79.27
N MET B 1494 92.81 -15.80 -78.62
CA MET B 1494 92.67 -14.80 -77.56
C MET B 1494 93.52 -13.59 -77.93
N VAL B 1495 92.91 -12.60 -78.57
CA VAL B 1495 93.60 -11.41 -79.01
C VAL B 1495 92.69 -10.19 -78.81
N TRP B 1496 93.27 -9.10 -78.32
CA TRP B 1496 92.51 -7.87 -78.17
C TRP B 1496 92.00 -7.39 -79.52
N GLY B 1497 90.74 -6.96 -79.56
CA GLY B 1497 90.09 -6.58 -80.80
C GLY B 1497 90.05 -5.06 -80.97
N GLY B 1498 90.01 -4.63 -82.22
CA GLY B 1498 89.82 -3.22 -82.52
C GLY B 1498 88.36 -2.84 -82.63
N ASP B 1499 88.12 -1.54 -82.74
CA ASP B 1499 86.74 -1.07 -82.88
C ASP B 1499 86.20 -1.40 -84.27
N PHE B 1500 86.99 -1.16 -85.32
CA PHE B 1500 86.57 -1.34 -86.70
C PHE B 1500 86.39 -2.80 -87.09
N VAL B 1501 86.51 -3.74 -86.15
CA VAL B 1501 86.41 -5.17 -86.47
C VAL B 1501 85.01 -5.48 -87.00
N SER B 1502 84.92 -5.81 -88.27
CA SER B 1502 83.66 -6.25 -88.87
C SER B 1502 83.93 -7.18 -90.06
N PRO B 1503 84.65 -8.29 -89.85
CA PRO B 1503 84.96 -9.17 -90.98
C PRO B 1503 83.87 -10.21 -91.21
N GLY B 1504 84.10 -11.12 -92.16
CA GLY B 1504 83.21 -12.23 -92.37
C GLY B 1504 83.42 -13.35 -91.37
N GLN B 1505 83.35 -14.59 -91.83
CA GLN B 1505 83.57 -15.75 -90.96
C GLN B 1505 84.42 -16.76 -91.71
N GLN B 1506 84.54 -17.95 -91.15
CA GLN B 1506 85.26 -19.10 -91.72
C GLN B 1506 86.75 -18.84 -91.87
N GLY B 1507 87.27 -17.76 -91.28
CA GLY B 1507 88.69 -17.48 -91.34
C GLY B 1507 89.08 -16.32 -90.45
N ARG B 1508 90.14 -16.50 -89.66
CA ARG B 1508 90.61 -15.47 -88.74
C ARG B 1508 92.03 -15.02 -89.07
N ILE B 1509 92.46 -15.19 -90.31
CA ILE B 1509 93.78 -14.77 -90.77
C ILE B 1509 93.61 -14.01 -92.07
N SER B 1510 94.74 -13.58 -92.63
CA SER B 1510 94.78 -12.85 -93.91
C SER B 1510 93.96 -11.57 -93.84
N HIS B 1511 94.35 -10.70 -92.92
CA HIS B 1511 93.75 -9.38 -92.75
C HIS B 1511 94.90 -8.37 -92.59
N THR B 1512 95.40 -7.87 -93.72
CA THR B 1512 96.55 -6.96 -93.70
C THR B 1512 96.22 -5.71 -94.52
N ASP B 1513 96.53 -4.56 -93.95
CA ASP B 1513 96.33 -3.26 -94.59
C ASP B 1513 97.00 -2.21 -93.71
N LEU B 1514 96.88 -0.95 -94.12
CA LEU B 1514 97.34 0.20 -93.35
C LEU B 1514 98.82 0.06 -92.98
N VAL B 1515 99.62 -0.45 -93.91
CA VAL B 1515 101.06 -0.56 -93.71
C VAL B 1515 101.70 0.72 -94.21
N ILE B 1516 102.27 1.49 -93.29
CA ILE B 1516 102.83 2.80 -93.64
C ILE B 1516 104.12 2.60 -94.41
N GLY B 1517 104.21 3.24 -95.58
CA GLY B 1517 105.39 3.16 -96.41
C GLY B 1517 105.82 4.52 -96.92
N CYS B 1518 105.56 5.56 -96.14
CA CYS B 1518 105.94 6.91 -96.53
C CYS B 1518 107.46 7.06 -96.49
N LEU B 1519 108.01 7.63 -97.56
CA LEU B 1519 109.45 7.82 -97.66
C LEU B 1519 109.75 8.92 -98.67
N VAL B 1520 110.87 9.61 -98.45
CA VAL B 1520 111.29 10.69 -99.30
C VAL B 1520 112.32 10.17 -100.30
N ASP B 1521 112.63 10.99 -101.31
CA ASP B 1521 113.50 10.54 -102.39
C ASP B 1521 114.87 10.11 -101.87
N LEU B 1522 115.52 10.97 -101.09
CA LEU B 1522 116.84 10.65 -100.55
C LEU B 1522 116.74 9.99 -99.17
N ALA B 1523 115.88 8.97 -99.08
CA ALA B 1523 115.68 8.19 -97.85
C ALA B 1523 115.43 9.08 -96.62
N THR B 1524 114.93 10.30 -96.85
CA THR B 1524 114.66 11.20 -95.73
C THR B 1524 113.40 10.80 -94.99
N GLY B 1525 112.42 10.24 -95.70
CA GLY B 1525 111.19 9.82 -95.08
C GLY B 1525 111.31 8.48 -94.38
N LEU B 1526 111.95 8.46 -93.21
CA LEU B 1526 112.14 7.24 -92.44
C LEU B 1526 111.27 7.32 -91.17
N MET B 1527 110.01 6.91 -91.31
CA MET B 1527 109.17 6.60 -90.17
C MET B 1527 108.48 5.26 -90.40
N THR B 1528 108.45 4.43 -89.36
CA THR B 1528 107.78 3.15 -89.41
C THR B 1528 107.40 2.76 -87.98
N PHE B 1529 106.17 2.32 -87.80
CA PHE B 1529 105.66 1.94 -86.48
C PHE B 1529 104.85 0.66 -86.64
N THR B 1530 104.06 0.34 -85.61
CA THR B 1530 103.21 -0.85 -85.63
C THR B 1530 102.02 -0.57 -86.54
N ALA B 1531 102.23 -0.80 -87.84
CA ALA B 1531 101.23 -0.48 -88.86
C ALA B 1531 100.04 -1.42 -88.72
N ASN B 1532 98.89 -0.86 -88.34
CA ASN B 1532 97.64 -1.61 -88.19
C ASN B 1532 97.81 -2.75 -87.18
N GLY B 1533 98.03 -2.35 -85.92
CA GLY B 1533 98.11 -3.33 -84.87
C GLY B 1533 96.74 -3.68 -84.33
N LYS B 1534 96.16 -4.76 -84.82
CA LYS B 1534 94.79 -5.14 -84.48
C LYS B 1534 94.72 -6.44 -83.69
N GLU B 1535 95.32 -7.54 -84.18
CA GLU B 1535 95.31 -8.81 -83.46
C GLU B 1535 96.56 -9.58 -83.88
N SER B 1536 97.53 -9.69 -82.96
CA SER B 1536 98.65 -10.60 -83.14
C SER B 1536 98.15 -12.00 -82.79
N ASN B 1537 97.48 -12.61 -83.77
CA ASN B 1537 96.67 -13.80 -83.55
C ASN B 1537 97.45 -14.94 -82.94
N THR B 1538 97.14 -15.29 -81.70
CA THR B 1538 97.68 -16.48 -81.06
C THR B 1538 96.71 -17.64 -81.25
N PHE B 1539 97.25 -18.86 -81.26
CA PHE B 1539 96.47 -20.04 -81.54
C PHE B 1539 96.71 -21.10 -80.48
N PHE B 1540 95.63 -21.76 -80.05
CA PHE B 1540 95.75 -22.89 -79.13
C PHE B 1540 96.49 -24.06 -79.77
N GLN B 1541 96.55 -24.11 -81.10
CA GLN B 1541 97.25 -25.16 -81.83
C GLN B 1541 98.67 -24.75 -82.21
N VAL B 1542 99.13 -23.58 -81.78
CA VAL B 1542 100.44 -23.06 -82.15
C VAL B 1542 101.40 -23.08 -80.96
N GLU B 1543 101.03 -22.40 -79.86
CA GLU B 1543 101.93 -22.34 -78.71
C GLU B 1543 102.22 -23.69 -78.09
N PRO B 1544 101.23 -24.54 -77.77
CA PRO B 1544 101.53 -25.87 -77.25
C PRO B 1544 101.58 -26.91 -78.35
N ASN B 1545 102.26 -28.02 -78.04
CA ASN B 1545 102.40 -29.12 -79.00
C ASN B 1545 102.55 -30.41 -78.20
N THR B 1546 101.45 -31.17 -78.10
CA THR B 1546 101.44 -32.43 -77.37
C THR B 1546 100.21 -33.22 -77.81
N LYS B 1547 100.13 -34.47 -77.33
CA LYS B 1547 99.01 -35.37 -77.62
C LYS B 1547 98.51 -35.91 -76.28
N LEU B 1548 97.61 -35.17 -75.64
CA LEU B 1548 97.06 -35.53 -74.33
C LEU B 1548 95.84 -34.65 -74.10
N PHE B 1549 95.32 -34.66 -72.88
CA PHE B 1549 94.17 -33.84 -72.48
C PHE B 1549 94.51 -33.07 -71.21
N PRO B 1550 95.42 -32.09 -71.30
CA PRO B 1550 95.74 -31.26 -70.13
C PRO B 1550 94.86 -30.03 -70.05
N ALA B 1551 95.12 -29.17 -69.06
CA ALA B 1551 94.43 -27.90 -68.93
C ALA B 1551 95.30 -26.77 -69.48
N VAL B 1552 94.64 -25.77 -70.06
CA VAL B 1552 95.32 -24.64 -70.68
C VAL B 1552 94.80 -23.36 -70.02
N PHE B 1553 95.72 -22.48 -69.64
CA PHE B 1553 95.37 -21.21 -68.98
C PHE B 1553 96.25 -20.11 -69.59
N VAL B 1554 95.74 -19.49 -70.64
CA VAL B 1554 96.46 -18.41 -71.33
C VAL B 1554 96.14 -17.10 -70.64
N LEU B 1555 97.18 -16.35 -70.28
CA LEU B 1555 97.04 -15.10 -69.53
C LEU B 1555 97.82 -13.98 -70.21
N PRO B 1556 97.28 -13.43 -71.30
CA PRO B 1556 97.92 -12.26 -71.92
C PRO B 1556 97.46 -10.95 -71.32
N THR B 1557 98.41 -10.06 -71.07
CA THR B 1557 98.10 -8.74 -70.55
C THR B 1557 99.24 -7.79 -70.90
N HIS B 1558 98.89 -6.51 -71.02
CA HIS B 1558 99.89 -5.47 -71.28
C HIS B 1558 99.68 -4.20 -70.47
N GLN B 1559 98.53 -4.00 -69.84
CA GLN B 1559 98.24 -2.75 -69.14
C GLN B 1559 98.92 -2.73 -67.77
N ASN B 1560 99.71 -1.69 -67.53
CA ASN B 1560 100.38 -1.52 -66.24
C ASN B 1560 100.78 -0.06 -66.08
N VAL B 1561 100.64 0.46 -64.85
CA VAL B 1561 101.05 1.81 -64.53
C VAL B 1561 101.59 1.86 -63.11
N ILE B 1562 102.01 3.04 -62.67
CA ILE B 1562 102.54 3.21 -61.33
C ILE B 1562 101.42 3.03 -60.31
N GLN B 1563 101.65 2.17 -59.32
CA GLN B 1563 100.64 1.92 -58.29
C GLN B 1563 101.24 1.86 -56.89
N PHE B 1564 102.52 2.18 -56.72
CA PHE B 1564 103.16 2.12 -55.42
C PHE B 1564 103.12 3.48 -54.73
N MET B 1573 96.22 -1.28 -62.15
CA MET B 1573 96.70 -2.63 -62.38
C MET B 1573 95.60 -3.61 -62.81
N PRO B 1574 94.49 -3.71 -62.06
CA PRO B 1574 93.44 -4.67 -62.44
C PRO B 1574 92.71 -4.22 -63.70
N LEU B 1575 91.96 -5.16 -64.27
CA LEU B 1575 91.22 -4.86 -65.50
C LEU B 1575 90.11 -3.84 -65.26
N SER B 1576 89.48 -3.89 -64.09
CA SER B 1576 88.33 -3.03 -63.84
C SER B 1576 88.72 -1.56 -63.86
N ALA B 1577 89.85 -1.21 -63.25
CA ALA B 1577 90.26 0.19 -63.16
C ALA B 1577 90.70 0.77 -64.49
N ALA B 1578 90.86 -0.06 -65.52
CA ALA B 1578 91.37 0.42 -66.80
C ALA B 1578 90.36 1.21 -67.61
N MET B 1579 89.05 1.01 -67.39
CA MET B 1579 88.04 1.68 -68.18
C MET B 1579 87.12 2.59 -67.39
N PHE B 1580 86.68 2.17 -66.20
CA PHE B 1580 85.62 2.89 -65.51
C PHE B 1580 86.06 4.27 -65.02
N LEU B 1581 87.36 4.49 -64.86
CA LEU B 1581 87.95 5.79 -64.53
C LEU B 1581 87.43 6.39 -63.23
N SER B 1582 86.61 5.64 -62.48
CA SER B 1582 86.11 6.11 -61.19
C SER B 1582 86.68 5.34 -60.01
N GLU B 1583 87.34 4.21 -60.26
CA GLU B 1583 87.99 3.42 -59.22
C GLU B 1583 89.41 3.05 -59.66
N ARG B 1584 90.11 4.00 -60.27
CA ARG B 1584 91.46 3.74 -60.74
C ARG B 1584 92.40 3.41 -59.59
N LYS B 1585 92.23 4.09 -58.46
CA LYS B 1585 93.08 3.82 -57.30
C LYS B 1585 92.86 2.41 -56.76
N ASN B 1586 91.62 1.94 -56.76
CA ASN B 1586 91.32 0.63 -56.19
C ASN B 1586 91.95 -0.46 -57.05
N PRO B 1587 92.74 -1.36 -56.47
CA PRO B 1587 93.36 -2.45 -57.24
C PRO B 1587 92.58 -3.76 -57.23
N ALA B 1588 91.50 -3.86 -56.48
CA ALA B 1588 90.71 -5.08 -56.46
C ALA B 1588 89.82 -5.14 -57.69
N PRO B 1589 89.94 -6.16 -58.53
CA PRO B 1589 89.10 -6.24 -59.73
C PRO B 1589 87.63 -6.45 -59.39
N GLN B 1590 86.76 -5.91 -60.24
CA GLN B 1590 85.32 -6.07 -60.10
C GLN B 1590 84.72 -6.36 -61.47
N CYS B 1591 83.49 -6.88 -61.45
CA CYS B 1591 82.74 -7.18 -62.67
C CYS B 1591 81.36 -6.54 -62.56
N PRO B 1592 81.26 -5.24 -62.84
CA PRO B 1592 79.97 -4.55 -62.74
C PRO B 1592 78.99 -5.09 -63.78
N PRO B 1593 77.69 -4.98 -63.53
CA PRO B 1593 76.70 -5.59 -64.43
C PRO B 1593 76.75 -5.04 -65.85
N ARG B 1594 77.26 -3.82 -66.05
CA ARG B 1594 77.29 -3.26 -67.39
C ARG B 1594 78.18 -4.09 -68.31
N LEU B 1595 79.28 -4.61 -67.79
CA LEU B 1595 80.19 -5.42 -68.58
C LEU B 1595 79.56 -6.78 -68.86
N GLU B 1596 79.21 -7.04 -70.11
CA GLU B 1596 78.61 -8.31 -70.51
C GLU B 1596 79.20 -8.76 -71.83
N VAL B 1597 79.20 -10.08 -72.04
CA VAL B 1597 79.74 -10.62 -73.29
C VAL B 1597 78.81 -10.27 -74.45
N GLN B 1598 79.34 -10.37 -75.66
CA GLN B 1598 78.61 -10.03 -76.87
C GLN B 1598 79.00 -10.99 -77.97
N MET B 1599 78.43 -10.77 -79.16
CA MET B 1599 78.78 -11.51 -80.37
C MET B 1599 78.26 -10.72 -81.55
N LEU B 1600 78.55 -11.19 -82.77
CA LEU B 1600 78.11 -10.52 -83.98
C LEU B 1600 77.36 -11.50 -84.87
N MET B 1601 76.25 -11.02 -85.44
CA MET B 1601 75.53 -11.75 -86.48
C MET B 1601 75.58 -10.97 -87.78
N PRO B 1602 75.64 -11.66 -88.93
CA PRO B 1602 75.89 -10.97 -90.20
C PRO B 1602 74.79 -10.01 -90.63
N VAL B 1603 73.56 -10.19 -90.16
CA VAL B 1603 72.42 -9.46 -90.70
C VAL B 1603 71.74 -8.68 -89.59
N SER B 1604 71.39 -7.43 -89.88
CA SER B 1604 70.64 -6.60 -88.95
C SER B 1604 69.79 -5.62 -89.75
N TRP B 1605 68.75 -5.10 -89.12
CA TRP B 1605 67.85 -4.17 -89.76
C TRP B 1605 68.47 -2.78 -89.85
N SER B 1606 67.94 -1.98 -90.76
CA SER B 1606 68.39 -0.60 -90.93
C SER B 1606 67.34 0.17 -91.70
N ARG B 1607 67.57 1.47 -91.86
CA ARG B 1607 66.62 2.38 -92.48
C ARG B 1607 67.26 3.07 -93.68
N MET B 1608 66.48 3.23 -94.76
CA MET B 1608 67.03 3.97 -95.89
C MET B 1608 66.53 5.40 -95.88
N PRO B 1609 67.34 6.35 -96.37
CA PRO B 1609 66.92 7.74 -96.37
C PRO B 1609 65.73 7.97 -97.30
N ASN B 1610 64.94 8.99 -96.96
CA ASN B 1610 63.80 9.35 -97.78
C ASN B 1610 64.18 10.04 -99.07
N HIS B 1611 65.45 10.42 -99.22
CA HIS B 1611 65.94 11.07 -100.43
C HIS B 1611 67.33 10.54 -100.76
N PHE B 1612 67.83 10.93 -101.92
CA PHE B 1612 69.16 10.51 -102.37
C PHE B 1612 69.76 11.60 -103.23
N LEU B 1613 71.06 11.48 -103.48
CA LEU B 1613 71.75 12.45 -104.30
C LEU B 1613 71.22 12.42 -105.73
N GLN B 1614 71.31 13.57 -106.40
CA GLN B 1614 70.79 13.68 -107.76
C GLN B 1614 71.54 12.75 -108.71
N VAL B 1615 72.86 12.71 -108.60
CA VAL B 1615 73.67 11.82 -109.43
C VAL B 1615 74.72 11.13 -108.56
N GLU B 1622 76.23 10.62 -119.46
CA GLU B 1622 77.62 10.88 -119.10
C GLU B 1622 78.54 10.63 -120.30
N ARG B 1623 78.60 11.60 -121.20
CA ARG B 1623 79.44 11.52 -122.39
C ARG B 1623 80.64 12.43 -122.24
N LEU B 1624 81.57 12.31 -123.20
CA LEU B 1624 82.81 13.08 -123.21
C LEU B 1624 83.59 12.86 -121.91
N GLY B 1625 84.02 11.62 -121.71
CA GLY B 1625 84.75 11.26 -120.52
C GLY B 1625 83.90 10.94 -119.31
N TRP B 1626 82.60 10.75 -119.50
CA TRP B 1626 81.69 10.33 -118.43
C TRP B 1626 81.67 11.33 -117.27
N ALA B 1627 81.25 12.55 -117.59
CA ALA B 1627 81.11 13.56 -116.56
C ALA B 1627 79.89 13.27 -115.68
N VAL B 1628 80.00 13.63 -114.41
CA VAL B 1628 78.92 13.47 -113.44
C VAL B 1628 78.56 14.85 -112.91
N GLN B 1629 77.27 15.18 -112.96
CA GLN B 1629 76.78 16.50 -112.57
C GLN B 1629 76.16 16.44 -111.19
N CYS B 1630 76.65 17.28 -110.29
CA CYS B 1630 76.13 17.36 -108.93
C CYS B 1630 76.05 18.83 -108.53
N GLN B 1631 74.83 19.31 -108.25
CA GLN B 1631 74.64 20.70 -107.90
C GLN B 1631 73.82 20.86 -106.62
N ASP B 1632 72.93 19.91 -106.35
CA ASP B 1632 72.03 20.01 -105.22
C ASP B 1632 72.62 19.28 -104.01
N PRO B 1633 72.88 19.96 -102.91
CA PRO B 1633 73.37 19.29 -101.70
C PRO B 1633 72.23 18.76 -100.85
N LEU B 1634 72.58 17.88 -99.92
CA LEU B 1634 71.62 17.29 -99.01
C LEU B 1634 72.32 16.95 -97.70
N THR B 1635 71.63 17.22 -96.59
CA THR B 1635 72.19 17.03 -95.26
C THR B 1635 71.30 16.10 -94.45
N MET B 1636 71.83 15.66 -93.30
CA MET B 1636 71.16 14.68 -92.46
C MET B 1636 71.78 14.72 -91.08
N MET B 1637 70.94 14.77 -90.06
CA MET B 1637 71.41 14.83 -88.68
C MET B 1637 71.56 13.42 -88.11
N ALA B 1638 72.63 13.21 -87.36
CA ALA B 1638 72.96 11.88 -86.88
C ALA B 1638 73.57 11.97 -85.48
N LEU B 1639 73.42 10.89 -84.73
CA LEU B 1639 73.96 10.78 -83.39
C LEU B 1639 74.96 9.64 -83.33
N HIS B 1640 75.94 9.77 -82.43
CA HIS B 1640 77.08 8.87 -82.38
C HIS B 1640 77.27 8.37 -80.96
N ILE B 1641 77.18 7.05 -80.77
CA ILE B 1641 77.47 6.46 -79.46
C ILE B 1641 78.96 6.54 -79.20
N PRO B 1642 79.41 7.05 -78.06
CA PRO B 1642 80.84 7.21 -77.83
C PRO B 1642 81.54 5.92 -77.46
N GLU B 1643 80.87 5.06 -76.69
CA GLU B 1643 81.50 3.84 -76.21
C GLU B 1643 81.89 2.93 -77.37
N GLU B 1644 80.96 2.71 -78.30
CA GLU B 1644 81.24 1.88 -79.47
C GLU B 1644 81.83 2.66 -80.63
N ASN B 1645 81.72 4.00 -80.60
CA ASN B 1645 82.26 4.86 -81.64
C ASN B 1645 81.78 4.45 -83.03
N ARG B 1646 80.47 4.52 -83.22
CA ARG B 1646 79.86 4.26 -84.51
C ARG B 1646 78.68 5.18 -84.72
N CYS B 1647 78.56 5.71 -85.93
CA CYS B 1647 77.49 6.64 -86.24
C CYS B 1647 76.17 5.91 -86.45
N MET B 1648 75.08 6.67 -86.42
CA MET B 1648 73.75 6.11 -86.59
C MET B 1648 72.78 7.25 -86.90
N ASP B 1649 71.90 7.01 -87.87
CA ASP B 1649 70.89 8.00 -88.21
C ASP B 1649 69.85 8.08 -87.10
N ILE B 1650 69.45 9.31 -86.76
CA ILE B 1650 68.59 9.51 -85.59
C ILE B 1650 67.20 8.97 -85.83
N LEU B 1651 66.74 8.95 -87.09
CA LEU B 1651 65.37 8.54 -87.35
C LEU B 1651 65.12 7.07 -87.03
N GLU B 1652 66.19 6.28 -86.89
CA GLU B 1652 66.03 4.87 -86.51
C GLU B 1652 65.47 4.71 -85.10
N LEU B 1653 65.47 5.77 -84.29
CA LEU B 1653 64.86 5.69 -82.98
C LEU B 1653 63.36 5.44 -83.06
N SER B 1654 62.74 5.73 -84.21
CA SER B 1654 61.33 5.41 -84.40
C SER B 1654 61.09 3.90 -84.36
N GLU B 1655 62.13 3.10 -84.52
CA GLU B 1655 62.04 1.65 -84.42
C GLU B 1655 62.80 1.09 -83.23
N ARG B 1656 63.87 1.74 -82.80
CA ARG B 1656 64.67 1.19 -81.71
C ARG B 1656 63.86 1.07 -80.43
N LEU B 1657 63.08 2.08 -80.10
CA LEU B 1657 62.14 2.09 -78.99
C LEU B 1657 62.81 1.86 -77.64
N ASP B 1658 64.14 1.85 -77.58
CA ASP B 1658 64.84 1.78 -76.31
C ASP B 1658 65.74 3.00 -76.10
N LEU B 1659 66.56 3.34 -77.10
CA LEU B 1659 67.34 4.57 -77.00
C LEU B 1659 66.48 5.81 -77.08
N GLN B 1660 65.25 5.69 -77.60
CA GLN B 1660 64.35 6.84 -77.66
C GLN B 1660 64.01 7.33 -76.26
N ARG B 1661 63.70 6.41 -75.35
CA ARG B 1661 63.38 6.81 -73.97
C ARG B 1661 64.59 7.48 -73.31
N PHE B 1662 65.77 6.90 -73.49
CA PHE B 1662 66.97 7.46 -72.88
C PHE B 1662 67.27 8.85 -73.44
N HIS B 1663 67.11 9.03 -74.75
CA HIS B 1663 67.39 10.34 -75.33
C HIS B 1663 66.35 11.37 -74.92
N SER B 1664 65.08 10.96 -74.80
CA SER B 1664 64.07 11.88 -74.30
C SER B 1664 64.38 12.32 -72.87
N HIS B 1665 64.80 11.37 -72.03
CA HIS B 1665 65.16 11.75 -70.67
C HIS B 1665 66.42 12.61 -70.63
N THR B 1666 67.35 12.39 -71.56
CA THR B 1666 68.53 13.25 -71.64
C THR B 1666 68.14 14.68 -72.02
N LEU B 1667 67.20 14.82 -72.95
CA LEU B 1667 66.69 16.15 -73.27
C LEU B 1667 65.98 16.77 -72.07
N ARG B 1668 65.27 15.96 -71.30
CA ARG B 1668 64.65 16.46 -70.08
C ARG B 1668 65.71 16.98 -69.11
N LEU B 1669 66.81 16.26 -68.97
CA LEU B 1669 67.90 16.73 -68.11
C LEU B 1669 68.52 18.01 -68.64
N TYR B 1670 68.70 18.12 -69.96
CA TYR B 1670 69.22 19.34 -70.54
C TYR B 1670 68.32 20.52 -70.21
N ARG B 1671 67.01 20.32 -70.33
CA ARG B 1671 66.07 21.40 -69.99
C ARG B 1671 66.12 21.74 -68.51
N ALA B 1672 66.15 20.72 -67.65
CA ALA B 1672 66.12 20.97 -66.21
C ALA B 1672 67.38 21.69 -65.74
N VAL B 1673 68.53 21.33 -66.30
CA VAL B 1673 69.79 21.94 -65.88
C VAL B 1673 69.79 23.44 -66.15
N CYS B 1674 69.32 23.85 -67.34
CA CYS B 1674 69.16 25.26 -67.65
C CYS B 1674 67.87 25.77 -67.00
N ALA B 1675 67.87 25.76 -65.67
CA ALA B 1675 66.70 26.11 -64.90
C ALA B 1675 66.43 27.61 -64.99
N LEU B 1676 65.43 28.05 -64.24
CA LEU B 1676 65.09 29.47 -64.22
C LEU B 1676 66.23 30.28 -63.62
N GLY B 1677 66.57 31.39 -64.28
CA GLY B 1677 67.53 32.33 -63.75
C GLY B 1677 68.99 31.96 -63.94
N ASN B 1678 69.28 30.84 -64.60
CA ASN B 1678 70.66 30.44 -64.88
C ASN B 1678 70.94 30.66 -66.36
N ASN B 1679 72.05 31.34 -66.65
CA ASN B 1679 72.37 31.65 -68.03
C ASN B 1679 73.82 31.33 -68.37
N ARG B 1680 74.69 31.33 -67.37
CA ARG B 1680 76.07 30.91 -67.62
C ARG B 1680 76.11 29.46 -68.07
N VAL B 1681 75.21 28.63 -67.56
CA VAL B 1681 75.13 27.24 -67.98
C VAL B 1681 74.61 27.13 -69.40
N ALA B 1682 73.67 28.00 -69.77
CA ALA B 1682 73.05 27.91 -71.09
C ALA B 1682 74.07 28.11 -72.21
N HIS B 1683 75.04 28.99 -71.99
CA HIS B 1683 76.06 29.19 -73.00
C HIS B 1683 76.92 27.94 -73.18
N ALA B 1684 77.23 27.24 -72.08
CA ALA B 1684 77.92 25.96 -72.20
C ALA B 1684 77.04 24.95 -72.92
N LEU B 1685 75.74 24.96 -72.64
CA LEU B 1685 74.83 24.02 -73.28
C LEU B 1685 74.78 24.24 -74.79
N CYS B 1686 74.82 25.49 -75.23
CA CYS B 1686 74.75 25.80 -76.65
C CYS B 1686 75.95 25.28 -77.41
N SER B 1687 77.01 24.87 -76.72
CA SER B 1687 78.11 24.17 -77.40
C SER B 1687 77.67 22.79 -77.85
N HIS B 1688 76.95 22.06 -77.00
CA HIS B 1688 76.56 20.69 -77.34
C HIS B 1688 75.61 20.66 -78.53
N VAL B 1689 74.65 21.58 -78.58
CA VAL B 1689 73.67 21.63 -79.65
C VAL B 1689 73.80 22.97 -80.38
N ASP B 1690 73.93 22.91 -81.71
CA ASP B 1690 74.09 24.10 -82.50
C ASP B 1690 72.74 24.74 -82.81
N GLN B 1691 72.75 26.06 -83.01
CA GLN B 1691 71.51 26.73 -83.35
C GLN B 1691 70.98 26.28 -84.71
N ALA B 1692 71.88 26.01 -85.66
CA ALA B 1692 71.46 25.45 -86.94
C ALA B 1692 70.87 24.05 -86.75
N GLN B 1693 71.45 23.27 -85.84
CA GLN B 1693 70.92 21.96 -85.53
C GLN B 1693 69.50 22.06 -84.99
N LEU B 1694 69.28 22.99 -84.06
CA LEU B 1694 67.94 23.18 -83.50
C LEU B 1694 66.97 23.66 -84.57
N LEU B 1695 67.42 24.55 -85.46
CA LEU B 1695 66.54 25.02 -86.53
C LEU B 1695 66.15 23.87 -87.46
N HIS B 1696 67.11 23.01 -87.80
CA HIS B 1696 66.80 21.86 -88.65
C HIS B 1696 65.83 20.92 -87.96
N ALA B 1697 66.04 20.64 -86.67
CA ALA B 1697 65.13 19.78 -85.94
C ALA B 1697 63.73 20.38 -85.88
N LEU B 1698 63.66 21.71 -85.76
CA LEU B 1698 62.37 22.40 -85.80
C LEU B 1698 61.70 22.22 -87.15
N GLU B 1699 62.48 22.35 -88.24
CA GLU B 1699 61.89 22.27 -89.57
C GLU B 1699 61.49 20.85 -89.94
N ASP B 1700 62.17 19.85 -89.39
CA ASP B 1700 61.96 18.48 -89.80
C ASP B 1700 60.55 18.01 -89.43
N ALA B 1701 60.05 17.06 -90.21
CA ALA B 1701 58.76 16.42 -89.94
C ALA B 1701 58.90 14.94 -89.61
N HIS B 1702 59.83 14.25 -90.24
CA HIS B 1702 60.07 12.82 -89.98
C HIS B 1702 60.84 12.71 -88.66
N LEU B 1703 60.12 12.86 -87.56
CA LEU B 1703 60.71 12.77 -86.24
C LEU B 1703 59.92 11.76 -85.41
N PRO B 1704 60.58 11.08 -84.47
CA PRO B 1704 59.94 9.94 -83.82
C PRO B 1704 58.85 10.29 -82.82
N GLY B 1705 58.45 11.56 -82.75
CA GLY B 1705 57.38 11.94 -81.85
C GLY B 1705 57.86 12.73 -80.65
N PRO B 1706 57.95 12.06 -79.49
CA PRO B 1706 58.30 12.78 -78.26
C PRO B 1706 59.58 13.57 -78.35
N LEU B 1707 60.55 13.12 -79.15
CA LEU B 1707 61.77 13.90 -79.34
C LEU B 1707 61.46 15.26 -79.96
N ARG B 1708 60.43 15.34 -80.80
CA ARG B 1708 60.07 16.64 -81.37
C ARG B 1708 59.63 17.61 -80.29
N ALA B 1709 58.73 17.18 -79.42
CA ALA B 1709 58.28 18.03 -78.33
C ALA B 1709 59.43 18.37 -77.39
N GLY B 1710 60.31 17.39 -77.14
CA GLY B 1710 61.47 17.65 -76.30
C GLY B 1710 62.37 18.72 -76.89
N TYR B 1711 62.63 18.65 -78.20
CA TYR B 1711 63.49 19.64 -78.83
C TYR B 1711 62.84 21.02 -78.85
N TYR B 1712 61.53 21.06 -79.10
CA TYR B 1712 60.85 22.36 -79.07
C TYR B 1712 60.92 22.98 -77.68
N ASP B 1713 60.67 22.18 -76.64
CA ASP B 1713 60.74 22.71 -75.29
C ASP B 1713 62.16 23.09 -74.90
N LEU B 1714 63.15 22.35 -75.39
CA LEU B 1714 64.53 22.73 -75.13
C LEU B 1714 64.87 24.07 -75.78
N LEU B 1715 64.43 24.26 -77.03
CA LEU B 1715 64.67 25.55 -77.68
C LEU B 1715 63.97 26.68 -76.93
N ILE B 1716 62.73 26.45 -76.49
CA ILE B 1716 62.03 27.49 -75.75
C ILE B 1716 62.64 27.72 -74.38
N SER B 1717 63.37 26.75 -73.84
CA SER B 1717 63.95 26.86 -72.51
C SER B 1717 65.44 27.17 -72.53
N ILE B 1718 65.98 27.57 -73.68
CA ILE B 1718 67.38 27.93 -73.82
C ILE B 1718 67.54 29.39 -74.23
N HIS B 1719 66.82 29.81 -75.27
CA HIS B 1719 66.98 31.13 -75.84
C HIS B 1719 65.79 32.04 -75.60
N LEU B 1720 64.74 31.57 -74.93
CA LEU B 1720 63.57 32.41 -74.72
C LEU B 1720 62.99 32.35 -73.31
N GLU B 1721 63.42 31.41 -72.47
CA GLU B 1721 62.78 31.28 -71.15
C GLU B 1721 63.01 32.49 -70.29
N SER B 1722 64.22 33.06 -70.33
CA SER B 1722 64.57 34.13 -69.39
C SER B 1722 63.70 35.36 -69.59
N ALA B 1723 63.54 35.78 -70.84
CA ALA B 1723 62.86 37.06 -71.10
C ALA B 1723 61.36 36.99 -70.86
N CYS B 1724 60.77 35.81 -70.92
CA CYS B 1724 59.31 35.71 -70.83
C CYS B 1724 58.79 36.15 -69.48
N ARG B 1725 59.47 35.75 -68.39
CA ARG B 1725 59.02 36.13 -67.05
C ARG B 1725 59.06 37.63 -66.86
N SER B 1726 60.16 38.26 -67.26
CA SER B 1726 60.27 39.72 -67.14
C SER B 1726 59.22 40.41 -68.00
N ARG B 1727 58.97 39.88 -69.20
CA ARG B 1727 57.96 40.48 -70.06
C ARG B 1727 56.58 40.41 -69.42
N ARG B 1728 56.23 39.28 -68.82
CA ARG B 1728 54.94 39.18 -68.14
C ARG B 1728 54.86 40.16 -66.97
N SER B 1729 55.91 40.21 -66.16
CA SER B 1729 55.90 41.05 -64.96
C SER B 1729 55.74 42.52 -65.33
N MET B 1730 56.44 42.98 -66.36
CA MET B 1730 56.26 44.35 -66.82
C MET B 1730 54.98 44.52 -67.63
N LEU B 1731 54.41 43.42 -68.13
CA LEU B 1731 53.13 43.50 -68.82
C LEU B 1731 52.02 43.87 -67.87
N SER B 1732 52.06 43.33 -66.64
CA SER B 1732 51.00 43.66 -65.68
C SER B 1732 51.32 44.92 -64.89
N GLU B 1733 51.70 46.01 -65.57
CA GLU B 1733 51.95 47.29 -64.91
C GLU B 1733 51.13 48.44 -65.46
N TYR B 1734 51.11 48.63 -66.78
CA TYR B 1734 50.30 49.66 -67.44
C TYR B 1734 50.69 51.06 -66.96
N ILE B 1735 51.93 51.45 -67.29
CA ILE B 1735 52.42 52.81 -67.08
C ILE B 1735 52.53 53.49 -68.44
N VAL B 1736 52.04 54.72 -68.53
CA VAL B 1736 52.02 55.43 -69.81
C VAL B 1736 52.56 56.84 -69.65
N PRO B 1737 53.45 57.29 -70.54
CA PRO B 1737 53.91 58.69 -70.50
C PRO B 1737 53.08 59.61 -71.38
N LEU B 1738 53.39 60.90 -71.37
CA LEU B 1738 52.72 61.90 -72.21
C LEU B 1738 53.59 62.15 -73.44
N THR B 1739 53.19 61.63 -74.58
CA THR B 1739 53.86 61.84 -75.84
C THR B 1739 52.85 62.29 -76.88
N PRO B 1740 53.29 63.01 -77.92
CA PRO B 1740 52.35 63.37 -79.00
C PRO B 1740 51.70 62.17 -79.64
N GLU B 1741 52.44 61.05 -79.76
CA GLU B 1741 51.83 59.83 -80.28
C GLU B 1741 50.74 59.33 -79.34
N THR B 1742 50.93 59.49 -78.04
CA THR B 1742 49.93 59.05 -77.07
C THR B 1742 48.62 59.81 -77.22
N ARG B 1743 48.68 61.03 -77.74
CA ARG B 1743 47.48 61.85 -77.83
C ARG B 1743 46.45 61.23 -78.77
N ALA B 1744 46.90 60.68 -79.89
CA ALA B 1744 45.99 60.17 -80.93
C ALA B 1744 45.66 58.69 -80.69
N ILE B 1745 45.12 58.41 -79.51
CA ILE B 1745 44.66 57.07 -79.15
C ILE B 1745 43.18 57.18 -78.79
N THR B 1746 42.36 56.40 -79.47
CA THR B 1746 40.91 56.46 -79.28
C THR B 1746 40.30 55.13 -79.75
N LEU B 1747 38.98 55.12 -79.90
CA LEU B 1747 38.30 53.93 -80.40
C LEU B 1747 38.78 53.52 -81.78
N PHE B 1748 39.40 54.44 -82.52
CA PHE B 1748 39.95 54.20 -83.85
C PHE B 1748 38.82 53.79 -84.80
N PRO B 1749 38.00 54.75 -85.21
CA PRO B 1749 37.03 54.49 -86.28
C PRO B 1749 37.69 54.63 -87.65
N PRO B 1750 37.86 53.53 -88.37
CA PRO B 1750 38.44 53.61 -89.72
C PRO B 1750 37.38 53.65 -90.81
N GLY B 1751 37.61 54.51 -91.80
CA GLY B 1751 36.78 54.51 -92.99
C GLY B 1751 35.50 55.30 -92.82
N ARG B 1752 34.41 54.60 -92.49
CA ARG B 1752 33.11 55.22 -92.28
C ARG B 1752 33.03 56.02 -90.99
N LYS B 1753 34.11 56.08 -90.21
CA LYS B 1753 34.15 56.81 -88.95
C LYS B 1753 33.03 56.34 -88.01
N GLY B 1754 32.79 55.02 -87.99
CA GLY B 1754 31.73 54.45 -87.21
C GLY B 1754 32.16 53.22 -86.44
N GLY B 1755 33.40 53.22 -85.94
CA GLY B 1755 33.93 52.06 -85.26
C GLY B 1755 33.09 51.61 -84.08
N ASN B 1756 32.35 52.54 -83.47
CA ASN B 1756 31.38 52.15 -82.45
C ASN B 1756 30.22 51.40 -83.08
N ALA B 1757 29.65 51.95 -84.16
CA ALA B 1757 28.57 51.27 -84.86
C ALA B 1757 29.07 50.08 -85.67
N ARG B 1758 30.19 50.26 -86.36
CA ARG B 1758 30.78 49.21 -87.19
C ARG B 1758 31.76 48.39 -86.33
N ARG B 1759 32.57 47.58 -86.97
CA ARG B 1759 33.58 46.80 -86.26
C ARG B 1759 34.57 47.73 -85.58
N HIS B 1760 34.82 47.46 -84.29
CA HIS B 1760 35.75 48.29 -83.54
C HIS B 1760 37.17 48.20 -84.08
N GLY B 1761 37.62 47.00 -84.40
CA GLY B 1761 38.96 46.82 -84.91
C GLY B 1761 39.51 45.46 -84.51
N LEU B 1762 40.76 45.23 -84.88
CA LEU B 1762 41.45 43.98 -84.60
C LEU B 1762 42.29 44.11 -83.35
N PRO B 1763 42.18 43.18 -82.40
CA PRO B 1763 42.95 43.30 -81.15
C PRO B 1763 44.44 43.17 -81.38
N GLY B 1764 45.20 43.94 -80.62
CA GLY B 1764 46.65 43.83 -80.63
C GLY B 1764 47.30 44.10 -81.96
N VAL B 1765 46.82 45.11 -82.69
CA VAL B 1765 47.43 45.49 -83.96
C VAL B 1765 47.92 46.93 -83.98
N GLY B 1766 47.44 47.79 -83.09
CA GLY B 1766 47.84 49.18 -83.06
C GLY B 1766 49.09 49.39 -82.23
N VAL B 1767 49.41 50.66 -82.02
CA VAL B 1767 50.58 51.04 -81.23
C VAL B 1767 50.28 50.86 -79.76
N THR B 1768 51.29 50.43 -79.00
CA THR B 1768 51.13 50.16 -77.57
C THR B 1768 51.28 51.42 -76.72
N THR B 1769 52.32 52.21 -76.98
CA THR B 1769 52.62 53.46 -76.29
C THR B 1769 52.85 53.27 -74.78
N SER B 1770 52.93 52.03 -74.31
CA SER B 1770 53.22 51.76 -72.91
C SER B 1770 54.73 51.86 -72.67
N LEU B 1771 55.18 51.42 -71.51
CA LEU B 1771 56.60 51.45 -71.15
C LEU B 1771 57.05 50.03 -70.83
N ARG B 1772 57.86 49.43 -71.70
CA ARG B 1772 58.35 48.09 -71.54
C ARG B 1772 59.86 48.07 -71.76
N PRO B 1773 60.64 47.53 -70.83
CA PRO B 1773 62.09 47.48 -71.03
C PRO B 1773 62.45 46.48 -72.11
N PRO B 1774 63.60 46.65 -72.77
CA PRO B 1774 64.05 45.68 -73.76
C PRO B 1774 64.58 44.42 -73.08
N HIS B 1775 65.11 43.51 -73.90
CA HIS B 1775 65.55 42.19 -73.44
C HIS B 1775 67.05 42.11 -73.21
N HIS B 1776 67.86 42.77 -74.04
CA HIS B 1776 69.31 42.82 -73.89
C HIS B 1776 69.92 41.40 -73.92
N PHE B 1777 69.79 40.78 -75.08
CA PHE B 1777 70.39 39.48 -75.31
C PHE B 1777 71.92 39.60 -75.38
N SER B 1778 72.57 38.46 -75.59
CA SER B 1778 74.03 38.46 -75.67
C SER B 1778 74.51 37.35 -76.61
N PRO B 1779 75.22 37.70 -77.68
CA PRO B 1779 75.71 36.68 -78.62
C PRO B 1779 76.67 35.73 -77.93
N PRO B 1780 76.64 34.44 -78.30
CA PRO B 1780 77.54 33.47 -77.68
C PRO B 1780 78.87 33.36 -78.41
N CYS B 1781 79.91 33.08 -77.63
CA CYS B 1781 81.24 32.88 -78.18
C CYS B 1781 82.05 32.05 -77.22
N PHE B 1782 83.09 31.41 -77.74
CA PHE B 1782 83.95 30.57 -76.91
C PHE B 1782 85.42 30.93 -77.09
N VAL B 1783 85.80 31.33 -78.31
CA VAL B 1783 87.19 31.72 -78.57
C VAL B 1783 87.56 33.03 -77.89
N ALA B 1784 86.60 33.73 -77.30
CA ALA B 1784 86.88 34.97 -76.60
C ALA B 1784 87.76 34.71 -75.38
N ALA B 1785 88.45 35.76 -74.94
CA ALA B 1785 89.35 35.65 -73.80
C ALA B 1785 88.59 35.21 -72.56
N LEU B 1786 89.15 34.24 -71.85
CA LEU B 1786 88.50 33.74 -70.64
C LEU B 1786 88.52 34.82 -69.56
N PRO B 1787 87.38 35.13 -68.95
CA PRO B 1787 87.36 36.16 -67.91
C PRO B 1787 88.17 35.74 -66.69
N ALA B 1788 88.74 36.74 -66.02
CA ALA B 1788 89.54 36.50 -64.83
C ALA B 1788 88.66 36.50 -63.58
N GLU B 1793 82.21 40.66 -58.89
CA GLU B 1793 81.84 39.33 -59.35
C GLU B 1793 80.53 39.35 -60.15
N ALA B 1794 80.45 40.26 -61.11
CA ALA B 1794 79.26 40.36 -61.94
C ALA B 1794 79.12 39.11 -62.81
N PRO B 1795 77.90 38.65 -63.06
CA PRO B 1795 77.72 37.46 -63.91
C PRO B 1795 78.29 37.65 -65.31
N ALA B 1796 78.18 38.86 -65.87
CA ALA B 1796 78.70 39.20 -67.19
C ALA B 1796 78.05 38.39 -68.30
N ARG B 1797 77.07 37.56 -67.96
CA ARG B 1797 76.33 36.77 -68.95
C ARG B 1797 74.85 37.07 -68.78
N LEU B 1798 74.20 37.48 -69.87
CA LEU B 1798 72.77 37.74 -69.84
C LEU B 1798 71.97 36.52 -70.28
N SER B 1799 72.18 36.06 -71.52
CA SER B 1799 71.60 34.84 -72.07
C SER B 1799 72.13 34.61 -73.47
N PRO B 1800 72.18 33.37 -73.95
CA PRO B 1800 72.56 33.13 -75.34
C PRO B 1800 71.58 33.78 -76.29
N ALA B 1801 72.10 34.26 -77.42
CA ALA B 1801 71.30 34.98 -78.40
C ALA B 1801 71.02 34.12 -79.61
N ILE B 1802 70.07 34.57 -80.43
CA ILE B 1802 69.67 33.86 -81.64
C ILE B 1802 68.86 34.83 -82.51
N PRO B 1803 69.10 34.86 -83.82
CA PRO B 1803 68.29 35.74 -84.68
C PRO B 1803 66.82 35.38 -84.60
N LEU B 1804 65.97 36.41 -84.64
CA LEU B 1804 64.54 36.24 -84.41
C LEU B 1804 63.70 36.38 -85.67
N GLU B 1805 64.07 37.27 -86.59
CA GLU B 1805 63.25 37.48 -87.78
C GLU B 1805 63.12 36.21 -88.60
N ALA B 1806 64.24 35.55 -88.87
CA ALA B 1806 64.19 34.27 -89.57
C ALA B 1806 63.41 33.25 -88.77
N LEU B 1807 63.64 33.20 -87.45
CA LEU B 1807 62.89 32.27 -86.61
C LEU B 1807 61.40 32.58 -86.62
N ARG B 1808 61.05 33.87 -86.58
CA ARG B 1808 59.65 34.26 -86.61
C ARG B 1808 58.98 33.82 -87.90
N ASP B 1809 59.63 34.08 -89.03
CA ASP B 1809 59.07 33.67 -90.31
C ASP B 1809 58.96 32.15 -90.40
N LYS B 1810 59.97 31.44 -89.91
CA LYS B 1810 59.95 29.98 -89.93
C LYS B 1810 58.78 29.45 -89.13
N ALA B 1811 58.57 30.00 -87.93
CA ALA B 1811 57.47 29.54 -87.09
C ALA B 1811 56.13 29.84 -87.74
N LEU B 1812 55.96 31.03 -88.30
CA LEU B 1812 54.69 31.38 -88.91
C LEU B 1812 54.38 30.46 -90.09
N ARG B 1813 55.35 30.26 -90.98
CA ARG B 1813 55.09 29.40 -92.13
C ARG B 1813 54.93 27.95 -91.72
N MET B 1814 55.61 27.53 -90.65
CA MET B 1814 55.43 26.17 -90.17
C MET B 1814 54.02 25.95 -89.63
N LEU B 1815 53.50 26.91 -88.87
CA LEU B 1815 52.13 26.80 -88.40
C LEU B 1815 51.15 26.80 -89.56
N GLY B 1816 51.39 27.64 -90.57
CA GLY B 1816 50.53 27.62 -91.74
C GLY B 1816 50.54 26.28 -92.45
N GLU B 1817 51.73 25.69 -92.62
CA GLU B 1817 51.83 24.40 -93.28
C GLU B 1817 51.16 23.31 -92.45
N ALA B 1818 51.30 23.38 -91.12
CA ALA B 1818 50.64 22.40 -90.27
C ALA B 1818 49.12 22.50 -90.38
N VAL B 1819 48.60 23.74 -90.44
CA VAL B 1819 47.16 23.91 -90.63
C VAL B 1819 46.72 23.34 -91.96
N ARG B 1820 47.51 23.61 -93.02
CA ARG B 1820 47.16 23.08 -94.33
C ARG B 1820 47.15 21.55 -94.33
N ASP B 1821 48.15 20.93 -93.69
CA ASP B 1821 48.19 19.48 -93.62
C ASP B 1821 47.02 18.92 -92.82
N GLY B 1822 46.68 19.57 -91.70
CA GLY B 1822 45.54 19.12 -90.92
C GLY B 1822 44.23 19.27 -91.66
N GLY B 1823 44.14 20.25 -92.57
CA GLY B 1823 42.95 20.41 -93.37
C GLY B 1823 42.65 19.24 -94.28
N GLN B 1824 43.64 18.38 -94.52
CA GLN B 1824 43.45 17.23 -95.40
C GLN B 1824 43.04 15.98 -94.64
N HIS B 1825 43.30 15.92 -93.33
CA HIS B 1825 42.95 14.77 -92.49
C HIS B 1825 43.58 13.48 -93.03
N ALA B 1826 44.91 13.47 -93.04
CA ALA B 1826 45.66 12.34 -93.54
C ALA B 1826 45.68 11.22 -92.51
N ARG B 1827 46.48 10.18 -92.76
CA ARG B 1827 46.57 9.05 -91.86
C ARG B 1827 47.92 8.94 -91.15
N ASP B 1828 48.89 9.78 -91.50
CA ASP B 1828 50.22 9.74 -90.90
C ASP B 1828 50.56 11.14 -90.41
N PRO B 1829 49.97 11.56 -89.29
CA PRO B 1829 50.27 12.89 -88.76
C PRO B 1829 51.73 13.01 -88.34
N VAL B 1830 52.28 14.22 -88.47
CA VAL B 1830 53.66 14.44 -88.09
C VAL B 1830 53.82 14.16 -86.60
N GLY B 1831 54.83 13.37 -86.27
CA GLY B 1831 55.07 12.98 -84.90
C GLY B 1831 54.31 11.77 -84.43
N GLY B 1832 53.42 11.21 -85.25
CA GLY B 1832 52.72 10.00 -84.91
C GLY B 1832 51.28 10.18 -84.46
N SER B 1833 50.89 11.40 -84.12
CA SER B 1833 49.51 11.66 -83.71
C SER B 1833 49.20 13.13 -83.90
N VAL B 1834 47.91 13.47 -83.87
CA VAL B 1834 47.49 14.84 -84.06
C VAL B 1834 48.00 15.72 -82.92
N GLU B 1835 48.03 15.18 -81.71
CA GLU B 1835 48.48 15.96 -80.55
C GLU B 1835 49.92 16.41 -80.73
N PHE B 1836 50.76 15.55 -81.29
CA PHE B 1836 52.15 15.89 -81.54
C PHE B 1836 52.34 16.71 -82.81
N GLN B 1837 51.25 16.97 -83.55
CA GLN B 1837 51.34 17.81 -84.74
C GLN B 1837 51.16 19.27 -84.34
N PHE B 1838 50.01 19.59 -83.74
CA PHE B 1838 49.81 20.88 -83.08
C PHE B 1838 50.45 20.81 -81.70
N VAL B 1839 51.75 20.56 -81.74
CA VAL B 1839 52.61 20.19 -80.62
C VAL B 1839 52.96 21.50 -79.92
N PRO B 1840 53.84 21.50 -78.93
CA PRO B 1840 54.43 22.75 -78.45
C PRO B 1840 54.90 23.74 -79.52
N VAL B 1841 54.78 23.42 -80.81
CA VAL B 1841 54.85 24.49 -81.82
C VAL B 1841 53.90 25.61 -81.46
N LEU B 1842 52.71 25.26 -80.96
CA LEU B 1842 51.79 26.27 -80.44
C LEU B 1842 52.39 26.99 -79.24
N LYS B 1843 53.10 26.26 -78.37
CA LYS B 1843 53.75 26.90 -77.25
C LYS B 1843 54.78 27.92 -77.70
N LEU B 1844 55.57 27.57 -78.71
CA LEU B 1844 56.57 28.48 -79.23
C LEU B 1844 55.94 29.70 -79.87
N VAL B 1845 54.88 29.51 -80.65
CA VAL B 1845 54.25 30.66 -81.30
C VAL B 1845 53.61 31.57 -80.26
N SER B 1846 53.03 30.98 -79.20
CA SER B 1846 52.44 31.81 -78.14
C SER B 1846 53.52 32.57 -77.37
N THR B 1847 54.65 31.91 -77.08
CA THR B 1847 55.73 32.58 -76.39
C THR B 1847 56.29 33.74 -77.22
N LEU B 1848 56.47 33.51 -78.52
CA LEU B 1848 56.89 34.60 -79.39
C LEU B 1848 55.86 35.72 -79.44
N LEU B 1849 54.57 35.36 -79.38
CA LEU B 1849 53.51 36.36 -79.41
C LEU B 1849 53.54 37.23 -78.16
N VAL B 1850 53.70 36.62 -76.99
CA VAL B 1850 53.66 37.38 -75.74
C VAL B 1850 54.92 38.21 -75.57
N MET B 1851 56.01 37.86 -76.26
CA MET B 1851 57.25 38.61 -76.16
C MET B 1851 57.26 39.84 -77.06
N GLY B 1852 56.22 40.06 -77.85
CA GLY B 1852 56.15 41.21 -78.73
C GLY B 1852 57.17 41.23 -79.84
N ILE B 1853 57.38 40.09 -80.50
CA ILE B 1853 58.34 40.00 -81.58
C ILE B 1853 57.62 40.18 -82.91
N PHE B 1854 56.37 39.72 -82.98
CA PHE B 1854 55.60 39.83 -84.20
C PHE B 1854 55.22 41.28 -84.47
N GLY B 1855 55.19 41.63 -85.76
CA GLY B 1855 54.74 42.93 -86.19
C GLY B 1855 53.25 42.96 -86.45
N ASP B 1856 52.79 44.11 -86.97
CA ASP B 1856 51.37 44.25 -87.29
C ASP B 1856 50.94 43.27 -88.37
N GLU B 1857 51.75 43.12 -89.41
CA GLU B 1857 51.43 42.15 -90.46
C GLU B 1857 51.45 40.73 -89.92
N ASP B 1858 52.40 40.43 -89.04
CA ASP B 1858 52.50 39.08 -88.49
C ASP B 1858 51.28 38.72 -87.67
N VAL B 1859 50.85 39.64 -86.79
CA VAL B 1859 49.66 39.36 -85.99
C VAL B 1859 48.41 39.36 -86.86
N LYS B 1860 48.39 40.18 -87.91
CA LYS B 1860 47.27 40.12 -88.85
C LYS B 1860 47.18 38.75 -89.51
N GLN B 1861 48.32 38.18 -89.90
CA GLN B 1861 48.32 36.84 -90.48
C GLN B 1861 47.91 35.79 -89.47
N ILE B 1862 48.42 35.90 -88.24
CA ILE B 1862 48.09 34.89 -87.23
C ILE B 1862 46.60 34.96 -86.88
N LEU B 1863 45.99 36.14 -86.99
CA LEU B 1863 44.55 36.23 -86.84
C LEU B 1863 43.83 35.74 -88.09
N LYS B 1864 44.42 35.94 -89.27
CA LYS B 1864 43.83 35.40 -90.49
C LYS B 1864 43.77 33.88 -90.44
N MET B 1865 44.66 33.26 -89.65
CA MET B 1865 44.58 31.83 -89.42
C MET B 1865 43.26 31.42 -88.79
N ILE B 1866 42.57 32.35 -88.13
CA ILE B 1866 41.25 32.11 -87.55
C ILE B 1866 40.15 32.87 -88.29
N GLU B 1867 40.52 33.79 -89.18
CA GLU B 1867 39.65 34.74 -89.90
C GLU B 1867 38.30 34.21 -90.37
N PRO B 1868 38.18 32.95 -90.85
CA PRO B 1868 36.85 32.44 -91.22
C PRO B 1868 35.76 32.76 -90.22
N GLU B 1869 36.11 32.83 -88.94
CA GLU B 1869 35.21 33.34 -87.91
C GLU B 1869 35.44 34.79 -87.57
N VAL B 1870 36.69 35.25 -87.61
CA VAL B 1870 36.98 36.67 -87.37
C VAL B 1870 36.36 37.54 -88.45
N PHE B 1871 36.52 37.12 -89.72
CA PHE B 1871 35.99 37.86 -90.87
C PHE B 1871 36.55 39.27 -90.92
N THR B 1872 37.87 39.33 -91.14
CA THR B 1872 38.58 40.61 -91.17
C THR B 1872 37.97 41.53 -92.23
N GLU B 1873 37.82 42.81 -91.86
CA GLU B 1873 37.15 43.76 -92.75
C GLU B 1873 37.94 43.95 -94.04
N GLU B 1874 39.26 44.05 -93.94
CA GLU B 1874 40.13 44.25 -95.09
C GLU B 1874 39.72 45.47 -95.92
N LEU B 1922 37.62 24.55 -98.42
CA LEU B 1922 37.32 25.52 -97.38
C LEU B 1922 38.43 25.56 -96.34
N GLU B 1923 39.08 26.72 -96.22
CA GLU B 1923 40.17 26.89 -95.25
C GLU B 1923 39.59 27.33 -93.91
N GLU B 1924 39.03 26.35 -93.19
CA GLU B 1924 38.39 26.62 -91.92
C GLU B 1924 39.43 26.98 -90.85
N GLY B 1925 38.95 27.64 -89.79
CA GLY B 1925 39.84 28.06 -88.72
C GLY B 1925 40.20 26.92 -87.79
N LEU B 1926 41.19 27.20 -86.93
CA LEU B 1926 41.75 26.15 -86.08
C LEU B 1926 40.74 25.68 -85.03
N LEU B 1927 39.75 26.51 -84.72
CA LEU B 1927 38.74 26.10 -83.75
C LEU B 1927 37.67 25.21 -84.36
N GLN B 1928 37.72 24.96 -85.66
CA GLN B 1928 36.63 24.23 -86.32
C GLN B 1928 36.75 22.72 -86.09
N MET B 1929 37.88 22.12 -86.49
CA MET B 1929 37.99 20.67 -86.42
C MET B 1929 38.11 20.20 -84.97
N LYS B 1930 37.69 18.97 -84.74
CA LYS B 1930 37.77 18.39 -83.41
C LYS B 1930 39.22 18.25 -82.97
N LEU B 1931 39.48 18.57 -81.70
CA LEU B 1931 40.83 18.59 -81.17
C LEU B 1931 40.87 17.94 -79.81
N PRO B 1932 42.00 17.35 -79.43
CA PRO B 1932 42.14 16.83 -78.06
C PRO B 1932 42.27 17.94 -77.03
N GLU B 1933 42.46 17.58 -75.76
CA GLU B 1933 42.40 18.58 -74.69
C GLU B 1933 43.60 19.51 -74.70
N SER B 1934 44.79 18.98 -74.96
CA SER B 1934 46.01 19.78 -74.80
C SER B 1934 46.02 20.97 -75.75
N VAL B 1935 45.63 20.75 -77.01
CA VAL B 1935 45.59 21.86 -77.96
C VAL B 1935 44.52 22.86 -77.57
N LYS B 1936 43.40 22.39 -76.99
CA LYS B 1936 42.40 23.32 -76.50
C LYS B 1936 42.98 24.22 -75.40
N LEU B 1937 43.74 23.63 -74.48
CA LEU B 1937 44.36 24.42 -73.42
C LEU B 1937 45.34 25.43 -74.00
N GLN B 1938 46.14 25.01 -74.99
CA GLN B 1938 47.06 25.94 -75.63
C GLN B 1938 46.33 27.06 -76.34
N MET B 1939 45.20 26.75 -76.98
CA MET B 1939 44.42 27.79 -77.66
C MET B 1939 43.87 28.79 -76.66
N CYS B 1940 43.39 28.32 -75.50
CA CYS B 1940 42.91 29.24 -74.47
C CYS B 1940 44.04 30.11 -73.96
N ASN B 1941 45.21 29.51 -73.73
CA ASN B 1941 46.37 30.29 -73.29
C ASN B 1941 46.74 31.35 -74.31
N LEU B 1942 46.59 31.03 -75.59
CA LEU B 1942 46.86 32.02 -76.63
C LEU B 1942 45.83 33.14 -76.60
N LEU B 1943 44.55 32.79 -76.49
CA LEU B 1943 43.49 33.80 -76.54
C LEU B 1943 43.55 34.75 -75.35
N GLU B 1944 44.07 34.27 -74.21
CA GLU B 1944 44.22 35.17 -73.07
C GLU B 1944 45.10 36.36 -73.42
N TYR B 1945 46.12 36.14 -74.25
CA TYR B 1945 46.98 37.26 -74.66
C TYR B 1945 46.20 38.31 -75.43
N PHE B 1946 45.33 37.88 -76.35
CA PHE B 1946 44.53 38.84 -77.10
C PHE B 1946 43.59 39.61 -76.20
N CYS B 1947 42.99 38.92 -75.22
CA CYS B 1947 42.14 39.63 -74.27
C CYS B 1947 42.93 40.68 -73.50
N ASP B 1948 44.13 40.33 -73.05
CA ASP B 1948 44.97 41.29 -72.34
C ASP B 1948 45.34 42.47 -73.22
N GLN B 1949 45.62 42.21 -74.50
CA GLN B 1949 45.93 43.30 -75.42
C GLN B 1949 44.74 44.24 -75.57
N GLU B 1950 43.53 43.69 -75.64
CA GLU B 1950 42.34 44.53 -75.71
C GLU B 1950 42.23 45.40 -74.47
N LEU B 1951 42.45 44.82 -73.28
CA LEU B 1951 42.37 45.59 -72.05
C LEU B 1951 43.40 46.72 -72.03
N GLN B 1952 44.63 46.43 -72.46
CA GLN B 1952 45.66 47.45 -72.50
C GLN B 1952 45.29 48.58 -73.46
N HIS B 1953 44.73 48.22 -74.62
CA HIS B 1953 44.28 49.25 -75.55
C HIS B 1953 43.21 50.12 -74.92
N ARG B 1954 42.28 49.50 -74.19
CA ARG B 1954 41.23 50.28 -73.53
C ARG B 1954 41.82 51.28 -72.55
N VAL B 1955 42.73 50.82 -71.68
CA VAL B 1955 43.26 51.72 -70.66
C VAL B 1955 44.10 52.82 -71.30
N GLU B 1956 44.83 52.49 -72.36
CA GLU B 1956 45.61 53.51 -73.05
C GLU B 1956 44.70 54.57 -73.66
N SER B 1957 43.60 54.14 -74.28
CA SER B 1957 42.66 55.11 -74.85
C SER B 1957 42.06 56.01 -73.77
N LEU B 1958 41.73 55.42 -72.62
CA LEU B 1958 41.17 56.22 -71.53
C LEU B 1958 42.17 57.28 -71.07
N ALA B 1959 43.43 56.89 -70.91
CA ALA B 1959 44.45 57.86 -70.49
C ALA B 1959 44.62 58.95 -71.54
N ALA B 1960 44.61 58.56 -72.82
CA ALA B 1960 44.77 59.53 -73.90
C ALA B 1960 43.66 60.57 -73.88
N PHE B 1961 42.42 60.12 -73.70
CA PHE B 1961 41.32 61.08 -73.59
C PHE B 1961 41.47 61.94 -72.35
N ALA B 1962 41.87 61.34 -71.23
CA ALA B 1962 41.95 62.07 -69.97
C ALA B 1962 42.97 63.20 -70.06
N GLU B 1963 44.07 62.99 -70.77
CA GLU B 1963 45.08 64.04 -70.87
C GLU B 1963 44.51 65.31 -71.50
N ARG B 1964 43.88 65.19 -72.66
CA ARG B 1964 43.33 66.36 -73.32
C ARG B 1964 42.16 66.94 -72.53
N TYR B 1965 41.36 66.09 -71.88
CA TYR B 1965 40.24 66.63 -71.12
C TYR B 1965 40.72 67.45 -69.93
N VAL B 1966 41.74 66.98 -69.21
CA VAL B 1966 42.24 67.76 -68.09
C VAL B 1966 42.94 69.02 -68.58
N ASP B 1967 43.58 68.98 -69.74
CA ASP B 1967 44.16 70.20 -70.30
C ASP B 1967 43.07 71.24 -70.56
N LYS B 1968 41.97 70.81 -71.19
CA LYS B 1968 40.87 71.73 -71.46
C LYS B 1968 40.24 72.23 -70.17
N LEU B 1969 40.10 71.36 -69.17
CA LEU B 1969 39.54 71.78 -67.89
C LEU B 1969 40.42 72.82 -67.20
N GLN B 1970 41.74 72.62 -67.24
CA GLN B 1970 42.65 73.60 -66.65
C GLN B 1970 42.55 74.94 -67.37
N ALA B 1971 42.46 74.90 -68.71
CA ALA B 1971 42.30 76.15 -69.46
C ALA B 1971 41.01 76.87 -69.07
N ASN B 1972 39.91 76.11 -68.96
CA ASN B 1972 38.64 76.72 -68.56
C ASN B 1972 38.71 77.30 -67.16
N GLN B 1973 39.37 76.59 -66.24
CA GLN B 1973 39.52 77.11 -64.89
C GLN B 1973 40.34 78.40 -64.88
N ARG B 1974 41.40 78.46 -65.68
CA ARG B 1974 42.18 79.68 -65.80
C ARG B 1974 41.32 80.83 -66.29
N SER B 1975 40.53 80.60 -67.34
CA SER B 1975 39.69 81.65 -67.89
C SER B 1975 38.65 82.12 -66.87
N ARG B 1976 38.03 81.17 -66.17
CA ARG B 1976 37.01 81.52 -65.19
C ARG B 1976 37.60 82.30 -64.01
N TYR B 1977 38.79 81.89 -63.55
CA TYR B 1977 39.43 82.62 -62.45
C TYR B 1977 39.81 84.02 -62.88
N ALA B 1978 40.29 84.18 -64.12
CA ALA B 1978 40.61 85.51 -64.62
C ALA B 1978 39.34 86.37 -64.68
N LEU B 1979 38.24 85.79 -65.15
CA LEU B 1979 36.98 86.53 -65.21
C LEU B 1979 36.53 86.94 -63.81
N LEU B 1980 36.64 86.04 -62.84
CA LEU B 1980 36.25 86.37 -61.46
C LEU B 1980 37.14 87.47 -60.90
N MET B 1981 38.45 87.41 -61.16
CA MET B 1981 39.35 88.44 -60.66
C MET B 1981 39.02 89.79 -61.27
N ARG B 1982 38.74 89.83 -62.57
CA ARG B 1982 38.44 91.11 -63.22
C ARG B 1982 37.08 91.66 -62.81
N ALA B 1983 36.21 90.82 -62.26
CA ALA B 1983 34.85 91.20 -61.89
C ALA B 1983 34.51 90.69 -60.50
N PHE B 1984 35.39 90.97 -59.53
CA PHE B 1984 35.26 90.40 -58.19
C PHE B 1984 33.90 90.72 -57.57
N THR B 1985 33.56 92.02 -57.50
CA THR B 1985 32.27 92.48 -56.98
C THR B 1985 31.93 91.79 -55.66
N MET B 1986 32.75 92.07 -54.65
CA MET B 1986 32.73 91.41 -53.36
C MET B 1986 31.32 91.23 -52.82
N SER B 1987 30.94 89.97 -52.59
CA SER B 1987 29.62 89.63 -52.08
C SER B 1987 29.69 88.22 -51.50
N ALA B 1988 28.53 87.65 -51.17
CA ALA B 1988 28.50 86.31 -50.59
C ALA B 1988 28.95 85.26 -51.59
N ALA B 1989 28.50 85.37 -52.85
CA ALA B 1989 28.87 84.39 -53.85
C ALA B 1989 30.37 84.43 -54.15
N GLU B 1990 30.95 85.63 -54.24
CA GLU B 1990 32.38 85.75 -54.47
C GLU B 1990 33.17 85.16 -53.31
N THR B 1991 32.73 85.41 -52.08
CA THR B 1991 33.41 84.83 -50.91
C THR B 1991 33.31 83.31 -50.92
N ALA B 1992 32.14 82.78 -51.28
CA ALA B 1992 31.99 81.33 -51.37
C ALA B 1992 32.93 80.74 -52.43
N ARG B 1993 33.02 81.40 -53.58
CA ARG B 1993 33.93 80.95 -54.64
C ARG B 1993 35.37 80.97 -54.17
N ARG B 1994 35.77 82.05 -53.47
CA ARG B 1994 37.13 82.14 -52.96
C ARG B 1994 37.42 81.03 -51.95
N THR B 1995 36.46 80.76 -51.07
CA THR B 1995 36.65 79.71 -50.07
C THR B 1995 36.76 78.34 -50.72
N ARG B 1996 35.92 78.06 -51.72
CA ARG B 1996 35.97 76.74 -52.36
C ARG B 1996 37.21 76.59 -53.24
N GLU B 1997 37.75 77.69 -53.77
CA GLU B 1997 38.93 77.57 -54.61
C GLU B 1997 40.21 77.54 -53.78
N PHE B 1998 40.50 78.64 -53.07
CA PHE B 1998 41.79 78.73 -52.38
C PHE B 1998 41.82 77.92 -51.09
N ARG B 1999 40.72 77.91 -50.34
CA ARG B 1999 40.68 77.29 -49.02
C ARG B 1999 40.29 75.81 -49.08
N SER B 2000 40.18 75.24 -50.27
CA SER B 2000 39.89 73.83 -50.44
C SER B 2000 40.90 73.22 -51.40
N PRO B 2001 41.38 72.02 -51.13
CA PRO B 2001 42.36 71.39 -52.02
C PRO B 2001 41.73 71.10 -53.37
N PRO B 2002 42.52 71.06 -54.44
CA PRO B 2002 41.95 70.79 -55.77
C PRO B 2002 41.26 69.45 -55.88
N GLN B 2003 41.60 68.49 -55.01
CA GLN B 2003 40.94 67.18 -55.05
C GLN B 2003 39.43 67.32 -54.93
N GLU B 2004 38.98 68.02 -53.89
CA GLU B 2004 37.54 68.24 -53.71
C GLU B 2004 36.97 69.07 -54.85
N GLN B 2005 37.77 69.97 -55.42
CA GLN B 2005 37.29 70.79 -56.53
C GLN B 2005 36.96 69.94 -57.74
N ILE B 2006 37.88 69.05 -58.11
CA ILE B 2006 37.62 68.15 -59.24
C ILE B 2006 36.48 67.21 -58.92
N ASN B 2007 36.41 66.72 -57.67
CA ASN B 2007 35.31 65.84 -57.29
C ASN B 2007 33.97 66.54 -57.49
N MET B 2008 33.86 67.78 -56.98
CA MET B 2008 32.61 68.53 -57.11
C MET B 2008 32.31 68.84 -58.57
N LEU B 2009 33.32 69.20 -59.35
CA LEU B 2009 33.09 69.53 -60.76
C LEU B 2009 32.57 68.32 -61.52
N LEU B 2010 33.18 67.15 -61.31
CA LEU B 2010 32.75 65.96 -62.02
C LEU B 2010 31.40 65.46 -61.53
N HIS B 2011 31.09 65.67 -60.24
CA HIS B 2011 29.75 65.37 -59.75
C HIS B 2011 28.73 66.29 -60.41
N PHE B 2012 29.06 67.57 -60.57
CA PHE B 2012 28.21 68.48 -61.31
C PHE B 2012 28.04 68.03 -62.75
N LYS B 2013 29.07 67.41 -63.33
CA LYS B 2013 28.99 66.97 -64.71
C LYS B 2013 27.91 65.91 -64.91
N ASP B 2014 27.80 64.96 -63.97
CA ASP B 2014 26.89 63.83 -64.11
C ASP B 2014 25.88 63.85 -62.97
N GLU B 2015 24.60 63.96 -63.33
CA GLU B 2015 23.52 63.89 -62.36
C GLU B 2015 22.24 63.51 -63.08
N ALA B 2016 21.24 63.08 -62.32
CA ALA B 2016 19.95 62.67 -62.87
C ALA B 2016 19.12 63.92 -63.17
N ASP B 2017 19.53 64.62 -64.23
CA ASP B 2017 18.91 65.84 -64.72
C ASP B 2017 18.91 66.97 -63.69
N GLU B 2018 19.61 66.79 -62.58
CA GLU B 2018 19.73 67.80 -61.54
C GLU B 2018 21.18 68.24 -61.39
N GLU B 2019 21.86 68.40 -62.52
CA GLU B 2019 23.30 68.71 -62.50
C GLU B 2019 23.57 70.06 -61.84
N ASP B 2020 22.92 71.11 -62.32
CA ASP B 2020 23.20 72.48 -61.90
C ASP B 2020 24.69 72.78 -61.99
N CYS B 2021 25.30 72.30 -63.08
CA CYS B 2021 26.75 72.38 -63.21
C CYS B 2021 27.19 73.82 -63.41
N PRO B 2022 28.34 74.22 -62.85
CA PRO B 2022 28.81 75.60 -63.05
C PRO B 2022 29.48 75.79 -64.41
N LEU B 2023 30.18 74.77 -64.88
CA LEU B 2023 30.89 74.86 -66.14
C LEU B 2023 29.92 74.74 -67.32
N PRO B 2024 30.30 75.25 -68.49
CA PRO B 2024 29.40 75.21 -69.64
C PRO B 2024 29.05 73.77 -70.02
N GLU B 2025 27.81 73.60 -70.49
CA GLU B 2025 27.34 72.29 -70.91
C GLU B 2025 27.78 71.99 -72.34
N ASP B 2026 29.06 72.17 -72.62
CA ASP B 2026 29.66 71.82 -73.91
C ASP B 2026 30.72 70.75 -73.77
N ILE B 2027 31.62 70.90 -72.80
CA ILE B 2027 32.61 69.86 -72.52
C ILE B 2027 31.92 68.61 -71.99
N ARG B 2028 30.86 68.79 -71.21
CA ARG B 2028 30.12 67.64 -70.69
C ARG B 2028 29.50 66.83 -71.81
N GLN B 2029 29.13 67.48 -72.92
CA GLN B 2029 28.57 66.75 -74.05
C GLN B 2029 29.57 65.77 -74.62
N ASP B 2030 30.80 66.23 -74.88
CA ASP B 2030 31.79 65.31 -75.44
C ASP B 2030 32.26 64.30 -74.39
N LEU B 2031 32.24 64.67 -73.11
CA LEU B 2031 32.55 63.69 -72.07
C LEU B 2031 31.52 62.56 -72.07
N GLN B 2032 30.24 62.90 -72.16
CA GLN B 2032 29.21 61.88 -72.22
C GLN B 2032 29.33 61.06 -73.49
N ASP B 2033 29.67 61.71 -74.60
CA ASP B 2033 29.87 60.97 -75.85
C ASP B 2033 31.01 59.97 -75.72
N PHE B 2034 32.12 60.38 -75.11
CA PHE B 2034 33.24 59.47 -74.90
C PHE B 2034 32.85 58.33 -73.97
N HIS B 2035 32.10 58.63 -72.91
CA HIS B 2035 31.68 57.58 -71.98
C HIS B 2035 30.77 56.58 -72.68
N GLN B 2036 29.86 57.06 -73.51
CA GLN B 2036 29.00 56.16 -74.27
C GLN B 2036 29.82 55.32 -75.25
N ASP B 2037 30.82 55.93 -75.89
CA ASP B 2037 31.67 55.18 -76.80
C ASP B 2037 32.43 54.09 -76.07
N LEU B 2038 32.97 54.41 -74.89
CA LEU B 2038 33.68 53.41 -74.10
C LEU B 2038 32.76 52.28 -73.67
N LEU B 2039 31.55 52.62 -73.22
CA LEU B 2039 30.60 51.59 -72.83
C LEU B 2039 30.24 50.69 -74.00
N ALA B 2040 30.04 51.30 -75.18
CA ALA B 2040 29.75 50.50 -76.37
C ALA B 2040 30.93 49.59 -76.73
N HIS B 2041 32.15 50.10 -76.55
CA HIS B 2041 33.32 49.25 -76.76
C HIS B 2041 33.32 48.07 -75.79
N CYS B 2042 32.85 48.28 -74.57
CA CYS B 2042 32.65 47.18 -73.64
C CYS B 2042 31.47 46.32 -74.11
N GLY B 2043 31.35 45.14 -73.51
CA GLY B 2043 30.34 44.20 -73.93
C GLY B 2043 28.92 44.59 -73.54
N ILE B 2044 28.50 45.78 -73.94
CA ILE B 2044 27.15 46.27 -73.68
C ILE B 2044 26.59 46.82 -74.99
N GLN B 2045 25.33 46.47 -75.29
CA GLN B 2045 24.68 46.96 -76.49
C GLN B 2045 24.46 48.46 -76.49
N LEU B 2046 24.59 49.12 -75.34
CA LEU B 2046 24.45 50.57 -75.22
C LEU B 2046 23.06 51.04 -75.65
N GLU B 2047 22.06 50.17 -75.50
CA GLU B 2047 20.68 50.51 -75.81
C GLU B 2047 19.97 51.06 -74.57
N GLY B 2048 20.56 52.08 -73.96
CA GLY B 2048 20.02 52.67 -72.75
C GLY B 2048 20.60 52.05 -71.49
N LYS B 2089 23.53 35.51 -87.53
CA LYS B 2089 23.80 34.73 -86.32
C LYS B 2089 25.29 34.54 -86.12
N LYS B 2090 26.09 35.06 -87.06
CA LYS B 2090 27.52 34.96 -86.96
C LYS B 2090 28.02 35.79 -85.78
N PRO B 2091 29.13 35.37 -85.14
CA PRO B 2091 29.67 36.14 -84.02
C PRO B 2091 30.04 37.57 -84.41
N GLN B 2092 30.90 37.72 -85.42
CA GLN B 2092 31.28 39.02 -85.95
C GLN B 2092 31.96 39.89 -84.90
N SER B 2093 32.34 39.30 -83.76
CA SER B 2093 33.03 40.03 -82.72
C SER B 2093 33.80 39.04 -81.86
N LEU B 2094 34.86 39.52 -81.23
CA LEU B 2094 35.73 38.65 -80.44
C LEU B 2094 34.99 38.06 -79.24
N GLN B 2095 34.31 38.91 -78.47
CA GLN B 2095 33.66 38.44 -77.26
C GLN B 2095 32.54 37.47 -77.57
N GLU B 2096 31.74 37.75 -78.60
CA GLU B 2096 30.69 36.82 -78.99
C GLU B 2096 31.30 35.51 -79.46
N LEU B 2097 32.39 35.59 -80.23
CA LEU B 2097 33.06 34.39 -80.71
C LEU B 2097 33.48 33.50 -79.56
N VAL B 2098 34.20 34.06 -78.58
CA VAL B 2098 34.72 33.23 -77.50
C VAL B 2098 33.60 32.74 -76.61
N SER B 2099 32.60 33.58 -76.36
CA SER B 2099 31.48 33.16 -75.51
C SER B 2099 30.74 31.98 -76.12
N HIS B 2100 30.49 32.03 -77.43
CA HIS B 2100 29.87 30.88 -78.09
C HIS B 2100 30.80 29.68 -78.10
N MET B 2101 32.10 29.92 -78.33
CA MET B 2101 33.04 28.84 -78.53
C MET B 2101 33.24 28.02 -77.25
N VAL B 2102 33.39 28.69 -76.11
CA VAL B 2102 33.66 27.96 -74.88
C VAL B 2102 32.45 27.15 -74.44
N VAL B 2103 31.25 27.71 -74.60
CA VAL B 2103 30.05 26.95 -74.23
C VAL B 2103 29.83 25.80 -75.21
N ARG B 2104 30.19 25.98 -76.48
CA ARG B 2104 30.12 24.87 -77.42
C ARG B 2104 31.09 23.75 -77.02
N TRP B 2105 32.29 24.13 -76.58
CA TRP B 2105 33.24 23.14 -76.10
C TRP B 2105 32.69 22.38 -74.90
N ALA B 2106 32.09 23.11 -73.95
CA ALA B 2106 31.54 22.46 -72.77
C ALA B 2106 30.37 21.56 -73.12
N GLN B 2107 29.59 21.92 -74.14
CA GLN B 2107 28.47 21.09 -74.56
C GLN B 2107 28.92 19.78 -75.17
N GLU B 2108 30.20 19.62 -75.49
CA GLU B 2108 30.74 18.37 -75.99
C GLU B 2108 30.92 17.42 -74.82
N ASP B 2109 31.67 16.33 -75.04
CA ASP B 2109 31.83 15.30 -74.03
C ASP B 2109 32.39 15.88 -72.73
N TYR B 2110 32.21 15.10 -71.66
CA TYR B 2110 32.70 15.49 -70.34
C TYR B 2110 34.20 15.76 -70.39
N VAL B 2111 34.61 16.86 -69.76
CA VAL B 2111 35.96 17.38 -69.91
C VAL B 2111 36.76 17.02 -68.66
N GLN B 2112 37.86 16.29 -68.86
CA GLN B 2112 38.82 16.01 -67.81
C GLN B 2112 39.91 17.09 -67.84
N SER B 2113 41.04 16.84 -67.17
CA SER B 2113 42.16 17.77 -67.12
C SER B 2113 41.72 19.08 -66.52
N PRO B 2114 41.51 19.13 -65.20
CA PRO B 2114 40.85 20.30 -64.59
C PRO B 2114 41.54 21.63 -64.86
N GLU B 2115 42.85 21.65 -65.13
CA GLU B 2115 43.50 22.90 -65.45
C GLU B 2115 42.90 23.53 -66.70
N LEU B 2116 42.56 22.70 -67.69
CA LEU B 2116 41.87 23.22 -68.88
C LEU B 2116 40.51 23.80 -68.50
N VAL B 2117 39.79 23.15 -67.59
CA VAL B 2117 38.50 23.67 -67.15
C VAL B 2117 38.68 25.04 -66.50
N ARG B 2118 39.69 25.17 -65.64
CA ARG B 2118 39.95 26.45 -64.98
C ARG B 2118 40.26 27.53 -66.01
N ALA B 2119 41.12 27.21 -66.98
CA ALA B 2119 41.46 28.19 -68.00
C ALA B 2119 40.22 28.62 -68.78
N MET B 2120 39.40 27.66 -69.20
CA MET B 2120 38.21 27.98 -69.98
C MET B 2120 37.27 28.88 -69.18
N PHE B 2121 37.01 28.52 -67.94
CA PHE B 2121 36.01 29.27 -67.18
C PHE B 2121 36.52 30.65 -66.81
N SER B 2122 37.80 30.77 -66.44
CA SER B 2122 38.35 32.09 -66.17
C SER B 2122 38.30 32.98 -67.40
N LEU B 2123 38.67 32.43 -68.56
CA LEU B 2123 38.67 33.22 -69.78
C LEU B 2123 37.24 33.64 -70.15
N LEU B 2124 36.28 32.74 -69.97
CA LEU B 2124 34.89 33.08 -70.26
C LEU B 2124 34.40 34.19 -69.33
N HIS B 2125 34.69 34.08 -68.03
CA HIS B 2125 34.26 35.10 -67.09
C HIS B 2125 34.91 36.44 -67.39
N ARG B 2126 36.13 36.42 -67.94
CA ARG B 2126 36.77 37.67 -68.34
C ARG B 2126 36.04 38.37 -69.47
N GLN B 2127 35.12 37.70 -70.14
CA GLN B 2127 34.47 38.22 -71.33
C GLN B 2127 33.15 38.93 -71.06
N TYR B 2128 32.74 39.04 -69.80
CA TYR B 2128 31.47 39.67 -69.48
C TYR B 2128 31.61 40.90 -68.61
N ASP B 2129 32.39 40.83 -67.53
CA ASP B 2129 32.62 41.98 -66.65
C ASP B 2129 33.78 42.81 -67.18
N GLY B 2130 33.66 43.25 -68.43
CA GLY B 2130 34.71 44.04 -69.05
C GLY B 2130 34.95 45.33 -68.29
N LEU B 2131 33.88 46.05 -67.96
CA LEU B 2131 34.04 47.23 -67.11
C LEU B 2131 34.59 46.84 -65.74
N GLY B 2132 34.18 45.68 -65.22
CA GLY B 2132 34.70 45.23 -63.95
C GLY B 2132 36.19 44.92 -64.00
N GLU B 2133 36.62 44.23 -65.05
CA GLU B 2133 38.05 43.91 -65.16
C GLU B 2133 38.86 45.18 -65.40
N LEU B 2134 38.31 46.14 -66.15
CA LEU B 2134 39.01 47.40 -66.33
C LEU B 2134 39.10 48.17 -65.01
N LEU B 2135 38.05 48.12 -64.20
CA LEU B 2135 38.11 48.72 -62.87
C LEU B 2135 39.19 48.06 -62.03
N ARG B 2136 39.28 46.73 -62.10
CA ARG B 2136 40.31 46.02 -61.34
C ARG B 2136 41.70 46.41 -61.80
N ALA B 2137 41.89 46.59 -63.11
CA ALA B 2137 43.19 46.96 -63.64
C ALA B 2137 43.53 48.43 -63.44
N LEU B 2138 42.54 49.28 -63.22
CA LEU B 2138 42.79 50.72 -63.13
C LEU B 2138 43.77 51.13 -62.03
N PRO B 2139 43.67 50.62 -60.79
CA PRO B 2139 44.58 51.10 -59.74
C PRO B 2139 46.05 50.86 -60.05
N ARG B 2140 46.37 49.89 -60.90
CA ARG B 2140 47.76 49.68 -61.28
C ARG B 2140 48.21 50.65 -62.37
N ALA B 2141 47.29 51.34 -63.03
CA ALA B 2141 47.66 52.30 -64.06
C ALA B 2141 48.21 53.57 -63.43
N TYR B 2142 49.06 54.25 -64.20
CA TYR B 2142 49.69 55.49 -63.74
C TYR B 2142 50.11 56.29 -64.95
N THR B 2143 50.34 57.58 -64.74
CA THR B 2143 50.76 58.48 -65.80
C THR B 2143 51.95 59.31 -65.30
N ILE B 2144 52.99 59.40 -66.12
CA ILE B 2144 54.18 60.16 -65.79
C ILE B 2144 54.51 61.10 -66.93
N SER B 2145 55.04 62.27 -66.59
CA SER B 2145 55.42 63.24 -67.60
C SER B 2145 56.69 62.76 -68.33
N PRO B 2146 56.87 63.20 -69.58
CA PRO B 2146 58.09 62.81 -70.31
C PRO B 2146 59.34 63.44 -69.74
N SER B 2147 60.48 63.23 -70.42
CA SER B 2147 61.81 63.71 -70.06
C SER B 2147 62.38 62.99 -68.84
N SER B 2148 61.63 62.08 -68.23
CA SER B 2148 62.13 61.25 -67.14
C SER B 2148 61.98 59.77 -67.45
N VAL B 2149 61.86 59.43 -68.74
CA VAL B 2149 61.53 58.06 -69.12
C VAL B 2149 62.70 57.11 -68.86
N GLU B 2150 63.92 57.52 -69.20
CA GLU B 2150 65.05 56.61 -69.09
C GLU B 2150 65.33 56.21 -67.64
N ASP B 2151 65.13 57.12 -66.70
CA ASP B 2151 65.25 56.77 -65.30
C ASP B 2151 64.23 55.70 -64.92
N THR B 2152 63.00 55.82 -65.44
CA THR B 2152 62.00 54.80 -65.19
C THR B 2152 62.39 53.47 -65.81
N MET B 2153 63.00 53.50 -67.00
CA MET B 2153 63.46 52.24 -67.60
C MET B 2153 64.53 51.60 -66.74
N SER B 2154 65.47 52.38 -66.22
CA SER B 2154 66.50 51.82 -65.35
C SER B 2154 65.88 51.23 -64.09
N LEU B 2155 64.94 51.95 -63.48
CA LEU B 2155 64.28 51.45 -62.28
C LEU B 2155 63.53 50.17 -62.56
N LEU B 2156 62.81 50.11 -63.69
CA LEU B 2156 62.07 48.91 -64.05
C LEU B 2156 62.99 47.74 -64.31
N GLU B 2157 64.13 47.99 -64.96
CA GLU B 2157 65.09 46.92 -65.20
C GLU B 2157 65.63 46.37 -63.88
N CYS B 2158 65.97 47.25 -62.95
CA CYS B 2158 66.45 46.79 -61.65
C CYS B 2158 65.36 46.01 -60.91
N LEU B 2159 64.13 46.49 -60.97
CA LEU B 2159 63.02 45.79 -60.32
C LEU B 2159 62.82 44.41 -60.94
N GLY B 2160 62.94 44.31 -62.26
CA GLY B 2160 62.83 43.01 -62.90
C GLY B 2160 63.96 42.08 -62.51
N GLN B 2161 65.17 42.63 -62.37
CA GLN B 2161 66.28 41.81 -61.89
C GLN B 2161 66.00 41.25 -60.51
N ILE B 2162 65.50 42.10 -59.61
CA ILE B 2162 65.18 41.64 -58.26
C ILE B 2162 64.08 40.59 -58.30
N ARG B 2163 63.04 40.83 -59.12
CA ARG B 2163 61.93 39.89 -59.21
C ARG B 2163 62.39 38.54 -59.73
N SER B 2164 63.24 38.54 -60.76
CA SER B 2164 63.79 37.28 -61.26
C SER B 2164 64.67 36.62 -60.21
N LEU B 2165 65.34 37.41 -59.37
CA LEU B 2165 66.22 36.85 -58.36
C LEU B 2165 65.49 36.38 -57.10
N LEU B 2166 64.21 36.74 -56.95
CA LEU B 2166 63.50 36.26 -55.76
C LEU B 2166 63.03 34.82 -55.90
N ILE B 2167 63.09 34.24 -57.11
CA ILE B 2167 62.61 32.87 -57.32
C ILE B 2167 63.70 31.82 -57.13
N VAL B 2168 64.96 32.21 -57.10
CA VAL B 2168 66.06 31.28 -57.01
C VAL B 2168 66.49 31.16 -55.56
N GLN B 2169 67.15 30.06 -55.24
CA GLN B 2169 67.74 29.84 -53.93
C GLN B 2169 68.84 30.88 -53.72
N MET B 2170 68.92 31.47 -52.53
CA MET B 2170 69.88 32.57 -52.36
C MET B 2170 71.30 32.07 -52.53
N GLY B 2171 72.12 32.87 -53.23
CA GLY B 2171 73.51 32.56 -53.43
C GLY B 2171 74.40 33.78 -53.29
N PRO B 2172 75.71 33.55 -53.09
CA PRO B 2172 76.63 34.68 -52.90
C PRO B 2172 76.61 35.71 -54.02
N GLN B 2173 76.50 35.28 -55.27
CA GLN B 2173 76.38 36.23 -56.37
C GLN B 2173 75.07 37.00 -56.29
N GLU B 2174 73.99 36.31 -55.91
CA GLU B 2174 72.67 36.91 -55.95
C GLU B 2174 72.53 38.03 -54.93
N GLU B 2175 73.07 37.85 -53.73
CA GLU B 2175 72.97 38.90 -52.72
C GLU B 2175 73.72 40.15 -53.15
N ASN B 2176 74.91 39.98 -53.74
CA ASN B 2176 75.64 41.13 -54.25
C ASN B 2176 74.87 41.81 -55.37
N LEU B 2177 74.29 41.03 -56.28
CA LEU B 2177 73.55 41.62 -57.38
C LEU B 2177 72.33 42.41 -56.88
N MET B 2178 71.58 41.84 -55.94
CA MET B 2178 70.40 42.55 -55.45
C MET B 2178 70.79 43.78 -54.63
N ILE B 2179 71.89 43.72 -53.88
CA ILE B 2179 72.35 44.90 -53.15
C ILE B 2179 72.75 45.99 -54.13
N GLN B 2180 73.44 45.61 -55.21
CA GLN B 2180 73.79 46.59 -56.24
C GLN B 2180 72.56 47.21 -56.86
N SER B 2181 71.53 46.39 -57.12
CA SER B 2181 70.30 46.91 -57.69
C SER B 2181 69.63 47.90 -56.73
N ILE B 2182 69.60 47.56 -55.44
CA ILE B 2182 68.99 48.46 -54.46
C ILE B 2182 69.76 49.78 -54.40
N GLY B 2183 71.09 49.69 -54.41
CA GLY B 2183 71.89 50.91 -54.42
C GLY B 2183 71.63 51.75 -55.65
N ASN B 2184 71.47 51.10 -56.80
CA ASN B 2184 71.19 51.83 -58.03
C ASN B 2184 69.84 52.52 -57.98
N ILE B 2185 68.81 51.85 -57.45
CA ILE B 2185 67.49 52.46 -57.41
C ILE B 2185 67.43 53.55 -56.35
N MET B 2186 68.29 53.48 -55.33
CA MET B 2186 68.27 54.50 -54.29
C MET B 2186 68.61 55.88 -54.83
N ASN B 2187 69.50 55.98 -55.81
CA ASN B 2187 70.02 57.26 -56.29
C ASN B 2187 69.48 57.60 -57.67
N ASN B 2188 68.20 57.29 -57.92
CA ASN B 2188 67.60 57.59 -59.20
C ASN B 2188 66.90 58.95 -59.24
N LYS B 2189 66.58 59.52 -58.08
CA LYS B 2189 65.89 60.80 -57.92
C LYS B 2189 64.47 60.78 -58.49
N VAL B 2190 63.96 59.62 -58.90
CA VAL B 2190 62.56 59.48 -59.26
C VAL B 2190 61.82 58.56 -58.30
N PHE B 2191 62.53 57.75 -57.53
CA PHE B 2191 61.89 56.96 -56.48
C PHE B 2191 61.26 57.86 -55.42
N TYR B 2192 61.77 59.08 -55.27
CA TYR B 2192 61.21 60.04 -54.32
C TYR B 2192 60.11 60.89 -54.92
N GLN B 2193 60.15 61.13 -56.24
CA GLN B 2193 59.20 62.04 -56.85
C GLN B 2193 57.77 61.53 -56.77
N HIS B 2194 57.56 60.24 -57.01
CA HIS B 2194 56.22 59.65 -57.07
C HIS B 2194 56.15 58.42 -56.17
N PRO B 2195 56.12 58.62 -54.86
CA PRO B 2195 55.98 57.47 -53.95
C PRO B 2195 54.68 56.71 -54.15
N ASN B 2196 53.62 57.37 -54.60
CA ASN B 2196 52.37 56.67 -54.86
C ASN B 2196 52.54 55.64 -55.97
N LEU B 2197 53.26 55.99 -57.03
CA LEU B 2197 53.53 55.04 -58.10
C LEU B 2197 54.35 53.86 -57.60
N MET B 2198 55.34 54.14 -56.74
CA MET B 2198 56.12 53.08 -56.16
C MET B 2198 55.24 52.14 -55.33
N ARG B 2199 54.30 52.71 -54.58
CA ARG B 2199 53.37 51.90 -53.80
C ARG B 2199 52.51 51.05 -54.72
N ALA B 2200 52.05 51.62 -55.83
CA ALA B 2200 51.24 50.86 -56.78
C ALA B 2200 52.04 49.70 -57.36
N LEU B 2201 53.32 49.93 -57.69
CA LEU B 2201 54.16 48.83 -58.13
C LEU B 2201 54.36 47.80 -57.02
N GLY B 2202 54.44 48.27 -55.78
CA GLY B 2202 54.55 47.39 -54.63
C GLY B 2202 55.83 46.59 -54.55
N MET B 2203 56.97 47.22 -54.79
CA MET B 2203 58.23 46.52 -54.64
C MET B 2203 58.58 46.28 -53.17
N HIS B 2204 58.02 47.08 -52.25
CA HIS B 2204 58.30 46.86 -50.84
C HIS B 2204 57.85 45.48 -50.39
N GLU B 2205 56.72 45.01 -50.94
CA GLU B 2205 56.28 43.65 -50.64
C GLU B 2205 57.32 42.63 -51.08
N THR B 2206 57.89 42.82 -52.28
CA THR B 2206 58.90 41.88 -52.76
C THR B 2206 60.14 41.90 -51.88
N VAL B 2207 60.59 43.09 -51.48
CA VAL B 2207 61.77 43.18 -50.62
C VAL B 2207 61.50 42.50 -49.28
N MET B 2208 60.32 42.75 -48.71
CA MET B 2208 59.99 42.15 -47.43
C MET B 2208 59.87 40.63 -47.56
N GLU B 2209 59.36 40.14 -48.69
CA GLU B 2209 59.24 38.71 -48.90
C GLU B 2209 60.60 38.05 -49.03
N VAL B 2210 61.51 38.66 -49.80
CA VAL B 2210 62.83 38.06 -49.92
C VAL B 2210 63.56 38.12 -48.58
N MET B 2211 63.29 39.15 -47.77
CA MET B 2211 63.92 39.24 -46.45
C MET B 2211 63.42 38.13 -45.53
N VAL B 2212 62.11 37.91 -45.48
CA VAL B 2212 61.62 36.84 -44.63
C VAL B 2212 62.09 35.49 -45.16
N ASN B 2213 62.24 35.36 -46.47
CA ASN B 2213 62.80 34.12 -47.02
C ASN B 2213 64.23 33.91 -46.57
N VAL B 2214 65.07 34.96 -46.63
CA VAL B 2214 66.49 34.74 -46.32
C VAL B 2214 66.69 34.48 -44.84
N LEU B 2215 66.00 35.21 -43.96
CA LEU B 2215 66.22 34.97 -42.54
C LEU B 2215 65.34 33.87 -41.96
N GLY B 2216 64.40 33.34 -42.73
CA GLY B 2216 63.50 32.34 -42.20
C GLY B 2216 64.16 30.98 -42.01
N GLY B 2217 63.42 30.10 -41.34
CA GLY B 2217 63.88 28.74 -41.14
C GLY B 2217 64.65 28.52 -39.85
N GLY B 2218 65.87 29.05 -39.78
CA GLY B 2218 66.70 28.87 -38.61
C GLY B 2218 66.38 29.83 -37.49
N GLU B 2219 65.70 29.33 -36.45
CA GLU B 2219 65.33 30.19 -35.33
C GLU B 2219 66.56 30.67 -34.57
N THR B 2220 67.51 29.77 -34.32
CA THR B 2220 68.70 30.12 -33.56
C THR B 2220 70.00 29.59 -34.15
N LYS B 2221 69.97 28.69 -35.12
CA LYS B 2221 71.17 28.12 -35.69
C LYS B 2221 71.49 28.67 -37.08
N GLU B 2222 70.51 28.67 -37.98
CA GLU B 2222 70.71 29.13 -39.35
C GLU B 2222 70.41 30.63 -39.42
N ILE B 2223 71.45 31.44 -39.23
CA ILE B 2223 71.33 32.88 -39.36
C ILE B 2223 72.29 33.34 -40.45
N ARG B 2224 72.51 32.47 -41.44
CA ARG B 2224 73.48 32.74 -42.47
C ARG B 2224 73.02 33.90 -43.35
N PHE B 2225 73.87 34.26 -44.31
CA PHE B 2225 73.63 35.34 -45.24
C PHE B 2225 73.28 36.67 -44.56
N PRO B 2226 74.16 37.21 -43.72
CA PRO B 2226 73.96 38.57 -43.20
C PRO B 2226 74.48 39.59 -44.20
N LYS B 2227 74.55 40.86 -43.79
CA LYS B 2227 75.16 41.92 -44.58
C LYS B 2227 74.27 42.29 -45.76
N MET B 2228 73.20 41.51 -45.98
CA MET B 2228 72.20 41.84 -46.98
C MET B 2228 70.84 42.13 -46.39
N VAL B 2229 70.48 41.46 -45.29
CA VAL B 2229 69.26 41.81 -44.57
C VAL B 2229 69.37 43.23 -44.02
N THR B 2230 70.58 43.64 -43.63
CA THR B 2230 70.77 45.01 -43.16
C THR B 2230 70.48 46.02 -44.26
N SER B 2231 70.95 45.74 -45.48
CA SER B 2231 70.65 46.63 -46.61
C SER B 2231 69.16 46.67 -46.88
N CYS B 2232 68.49 45.52 -46.81
CA CYS B 2232 67.04 45.49 -47.01
C CYS B 2232 66.32 46.33 -45.97
N CYS B 2233 66.71 46.20 -44.71
CA CYS B 2233 66.04 46.95 -43.65
C CYS B 2233 66.32 48.45 -43.78
N ARG B 2234 67.54 48.81 -44.17
CA ARG B 2234 67.85 50.22 -44.40
C ARG B 2234 67.00 50.78 -45.53
N PHE B 2235 66.85 50.01 -46.61
CA PHE B 2235 66.00 50.45 -47.70
C PHE B 2235 64.55 50.61 -47.25
N LEU B 2236 64.07 49.66 -46.45
CA LEU B 2236 62.69 49.74 -45.96
C LEU B 2236 62.49 50.98 -45.10
N CYS B 2237 63.44 51.27 -44.21
CA CYS B 2237 63.35 52.46 -43.38
C CYS B 2237 63.33 53.72 -44.23
N TYR B 2238 64.26 53.81 -45.19
CA TYR B 2238 64.31 54.99 -46.03
C TYR B 2238 63.05 55.14 -46.87
N PHE B 2239 62.45 54.02 -47.29
CA PHE B 2239 61.21 54.08 -48.05
C PHE B 2239 60.06 54.57 -47.18
N CYS B 2240 59.95 54.04 -45.96
CA CYS B 2240 58.84 54.43 -45.10
C CYS B 2240 58.99 55.87 -44.63
N ARG B 2241 60.21 56.38 -44.51
CA ARG B 2241 60.39 57.74 -44.02
C ARG B 2241 59.85 58.76 -45.01
N ILE B 2242 60.24 58.67 -46.28
CA ILE B 2242 59.88 59.69 -47.27
C ILE B 2242 58.58 59.23 -47.92
N SER B 2243 57.47 59.55 -47.26
CA SER B 2243 56.14 59.27 -47.77
C SER B 2243 55.12 59.84 -46.78
N ARG B 2244 53.86 59.84 -47.20
CA ARG B 2244 52.75 60.16 -46.33
C ARG B 2244 51.79 59.01 -46.12
N GLN B 2245 51.70 58.08 -47.07
CA GLN B 2245 50.82 56.93 -46.96
C GLN B 2245 51.56 55.61 -46.81
N ASN B 2246 52.77 55.51 -47.36
CA ASN B 2246 53.49 54.23 -47.34
C ASN B 2246 53.81 53.80 -45.92
N GLN B 2247 53.88 54.74 -44.98
CA GLN B 2247 54.08 54.38 -43.58
C GLN B 2247 52.93 53.51 -43.10
N ARG B 2248 51.69 53.85 -43.48
CA ARG B 2248 50.56 53.01 -43.14
C ARG B 2248 50.66 51.64 -43.80
N SER B 2249 51.12 51.60 -45.05
CA SER B 2249 51.25 50.33 -45.75
C SER B 2249 52.22 49.41 -45.04
N MET B 2250 53.37 49.93 -44.61
CA MET B 2250 54.30 49.09 -43.87
C MET B 2250 53.81 48.83 -42.45
N PHE B 2251 53.00 49.74 -41.89
CA PHE B 2251 52.41 49.53 -40.58
C PHE B 2251 51.50 48.32 -40.59
N ASP B 2252 50.75 48.13 -41.67
CA ASP B 2252 49.76 47.07 -41.72
C ASP B 2252 50.38 45.69 -41.55
N HIS B 2253 51.67 45.52 -41.85
CA HIS B 2253 52.34 44.23 -41.72
C HIS B 2253 53.19 44.13 -40.45
N LEU B 2254 53.07 45.09 -39.53
CA LEU B 2254 54.02 45.17 -38.42
C LEU B 2254 53.92 43.97 -37.49
N SER B 2255 52.72 43.40 -37.32
CA SER B 2255 52.58 42.26 -36.42
C SER B 2255 53.44 41.08 -36.87
N TYR B 2256 53.29 40.70 -38.14
CA TYR B 2256 54.08 39.59 -38.66
C TYR B 2256 55.53 39.99 -38.87
N LEU B 2257 55.79 41.29 -39.08
CA LEU B 2257 57.17 41.77 -39.11
C LEU B 2257 57.86 41.53 -37.77
N LEU B 2258 57.17 41.85 -36.68
CA LEU B 2258 57.73 41.59 -35.35
C LEU B 2258 57.78 40.10 -35.07
N GLU B 2259 56.85 39.33 -35.63
CA GLU B 2259 56.92 37.88 -35.50
C GLU B 2259 58.22 37.35 -36.10
N ASN B 2260 58.59 37.85 -37.28
CA ASN B 2260 59.87 37.48 -37.87
C ASN B 2260 61.03 38.02 -37.04
N SER B 2261 60.90 39.26 -36.55
CA SER B 2261 61.98 39.88 -35.78
C SER B 2261 62.29 39.09 -34.52
N GLY B 2262 61.28 38.45 -33.94
CA GLY B 2262 61.51 37.65 -32.74
C GLY B 2262 62.43 36.48 -32.99
N ILE B 2263 62.52 36.02 -34.24
CA ILE B 2263 63.43 34.94 -34.61
C ILE B 2263 64.78 35.54 -35.00
N GLY B 2264 64.93 36.84 -34.80
CA GLY B 2264 66.17 37.51 -35.12
C GLY B 2264 66.92 37.99 -33.89
N LEU B 2265 66.86 39.29 -33.62
CA LEU B 2265 67.50 39.96 -32.50
C LEU B 2265 68.94 39.46 -32.29
N GLY B 2266 69.63 39.14 -33.38
CA GLY B 2266 70.96 38.57 -33.29
C GLY B 2266 72.06 39.55 -32.94
N MET B 2267 72.31 40.50 -33.82
CA MET B 2267 73.43 41.43 -33.69
C MET B 2267 73.03 42.81 -34.20
N GLN B 2268 74.01 43.70 -34.23
CA GLN B 2268 73.78 45.10 -34.60
C GLN B 2268 73.44 45.26 -36.08
N GLY B 2269 72.83 46.38 -36.42
CA GLY B 2269 72.64 46.77 -37.81
C GLY B 2269 71.24 46.51 -38.35
N SER B 2270 70.40 47.55 -38.33
CA SER B 2270 69.09 47.55 -38.96
C SER B 2270 68.32 46.25 -38.77
N THR B 2271 68.03 45.90 -37.52
CA THR B 2271 67.20 44.74 -37.26
C THR B 2271 65.77 45.04 -37.72
N PRO B 2272 64.98 44.00 -37.99
CA PRO B 2272 63.60 44.24 -38.46
C PRO B 2272 62.77 45.05 -37.49
N LEU B 2273 63.03 44.94 -36.18
CA LEU B 2273 62.30 45.77 -35.22
C LEU B 2273 62.60 47.25 -35.43
N ASP B 2274 63.78 47.58 -35.95
CA ASP B 2274 64.09 48.98 -36.23
C ASP B 2274 63.15 49.54 -37.29
N VAL B 2275 62.91 48.79 -38.36
CA VAL B 2275 61.97 49.28 -39.38
C VAL B 2275 60.54 49.16 -38.88
N ALA B 2276 60.27 48.23 -37.97
CA ALA B 2276 58.94 48.17 -37.36
C ALA B 2276 58.63 49.44 -36.59
N ALA B 2277 59.61 49.91 -35.79
CA ALA B 2277 59.43 51.14 -35.04
C ALA B 2277 59.47 52.36 -35.96
N ALA B 2278 60.26 52.31 -37.03
CA ALA B 2278 60.37 53.45 -37.93
C ALA B 2278 59.06 53.78 -38.62
N SER B 2279 58.13 52.83 -38.66
CA SER B 2279 56.82 53.09 -39.25
C SER B 2279 55.88 53.85 -38.31
N VAL B 2280 56.24 53.98 -37.02
CA VAL B 2280 55.35 54.54 -36.02
C VAL B 2280 55.69 55.99 -35.70
N ILE B 2281 56.73 56.56 -36.32
CA ILE B 2281 57.09 57.95 -36.08
C ILE B 2281 55.94 58.87 -36.47
N ASP B 2282 55.25 58.55 -37.56
CA ASP B 2282 54.06 59.29 -37.95
C ASP B 2282 52.91 58.93 -37.02
N ASN B 2283 52.99 59.35 -35.77
CA ASN B 2283 52.07 58.91 -34.75
C ASN B 2283 50.74 59.66 -34.87
N ASN B 2284 49.91 59.56 -33.84
CA ASN B 2284 48.62 60.23 -33.68
C ASN B 2284 47.64 59.91 -34.82
N GLU B 2285 47.99 58.98 -35.69
CA GLU B 2285 47.07 58.50 -36.72
C GLU B 2285 47.07 56.98 -36.68
N LEU B 2286 48.21 56.41 -36.30
CA LEU B 2286 48.39 54.97 -36.19
C LEU B 2286 48.74 54.53 -34.79
N ALA B 2287 49.63 55.27 -34.11
CA ALA B 2287 49.99 54.90 -32.75
C ALA B 2287 48.78 54.87 -31.84
N LEU B 2288 47.85 55.81 -32.05
CA LEU B 2288 46.61 55.80 -31.29
C LEU B 2288 45.81 54.53 -31.56
N ALA B 2289 45.71 54.13 -32.82
CA ALA B 2289 44.98 52.94 -33.21
C ALA B 2289 45.85 51.69 -33.23
N LEU B 2290 47.11 51.79 -32.86
CA LEU B 2290 47.98 50.63 -32.83
C LEU B 2290 47.49 49.64 -31.79
N GLN B 2291 47.41 48.36 -32.19
CA GLN B 2291 46.82 47.36 -31.33
C GLN B 2291 47.74 47.01 -30.17
N GLU B 2292 47.12 46.57 -29.07
CA GLU B 2292 47.86 46.17 -27.89
C GLU B 2292 48.51 44.80 -28.03
N GLN B 2293 48.12 44.01 -29.04
CA GLN B 2293 48.69 42.68 -29.20
C GLN B 2293 50.19 42.74 -29.44
N ASP B 2294 50.63 43.67 -30.28
CA ASP B 2294 52.07 43.84 -30.49
C ASP B 2294 52.77 44.24 -29.21
N LEU B 2295 52.15 45.12 -28.42
CA LEU B 2295 52.75 45.56 -27.16
C LEU B 2295 52.92 44.40 -26.19
N GLU B 2296 51.86 43.61 -25.99
CA GLU B 2296 51.98 42.49 -25.06
C GLU B 2296 52.97 41.45 -25.58
N LYS B 2297 53.00 41.22 -26.89
CA LYS B 2297 53.96 40.29 -27.45
C LYS B 2297 55.40 40.76 -27.22
N VAL B 2298 55.67 42.06 -27.44
CA VAL B 2298 57.03 42.54 -27.29
C VAL B 2298 57.45 42.57 -25.84
N VAL B 2299 56.53 42.87 -24.90
CA VAL B 2299 56.95 42.81 -23.51
C VAL B 2299 57.14 41.37 -23.06
N SER B 2300 56.37 40.43 -23.63
CA SER B 2300 56.63 39.03 -23.35
C SER B 2300 58.00 38.61 -23.85
N TYR B 2301 58.39 39.12 -25.03
CA TYR B 2301 59.74 38.88 -25.51
C TYR B 2301 60.78 39.46 -24.57
N LEU B 2302 60.54 40.69 -24.09
CA LEU B 2302 61.44 41.31 -23.14
C LEU B 2302 61.54 40.51 -21.85
N ALA B 2303 60.48 39.80 -21.49
CA ALA B 2303 60.49 38.97 -20.29
C ALA B 2303 61.55 37.88 -20.35
N GLY B 2304 61.99 37.50 -21.56
CA GLY B 2304 63.05 36.52 -21.69
C GLY B 2304 64.45 37.07 -21.44
N CYS B 2305 64.59 38.37 -21.26
CA CYS B 2305 65.90 38.96 -20.99
C CYS B 2305 66.43 38.54 -19.62
N GLY B 2306 65.58 38.03 -18.74
CA GLY B 2306 66.03 37.58 -17.44
C GLY B 2306 66.71 36.22 -17.42
N LEU B 2307 66.75 35.54 -18.57
CA LEU B 2307 67.43 34.26 -18.69
C LEU B 2307 68.49 34.23 -19.77
N GLN B 2308 68.24 34.88 -20.91
CA GLN B 2308 69.23 34.94 -21.97
C GLN B 2308 70.40 35.83 -21.56
N SER B 2309 71.61 35.33 -21.72
CA SER B 2309 72.82 36.00 -21.24
C SER B 2309 73.72 36.46 -22.39
N CYS B 2310 73.14 36.73 -23.56
CA CYS B 2310 73.88 37.10 -24.76
C CYS B 2310 74.90 36.01 -25.08
N PRO B 2311 74.45 34.84 -25.55
CA PRO B 2311 75.40 33.75 -25.78
C PRO B 2311 76.47 34.05 -26.79
N MET B 2312 76.24 35.00 -27.70
CA MET B 2312 77.25 35.35 -28.70
C MET B 2312 78.51 35.89 -28.04
N LEU B 2313 78.35 36.79 -27.08
CA LEU B 2313 79.47 37.33 -26.33
C LEU B 2313 79.75 36.55 -25.06
N LEU B 2314 78.93 35.55 -24.74
CA LEU B 2314 79.18 34.71 -23.57
C LEU B 2314 80.49 33.93 -23.75
N ALA B 2315 80.71 33.37 -24.94
CA ALA B 2315 81.89 32.59 -25.22
C ALA B 2315 83.09 33.43 -25.63
N LYS B 2316 82.93 34.75 -25.75
CA LYS B 2316 84.03 35.62 -26.13
C LYS B 2316 85.05 35.80 -25.01
N GLY B 2317 84.74 35.34 -23.80
CA GLY B 2317 85.63 35.56 -22.67
C GLY B 2317 85.13 36.66 -21.76
N TYR B 2318 83.83 36.64 -21.48
CA TYR B 2318 83.16 37.66 -20.70
C TYR B 2318 82.52 37.04 -19.46
N PRO B 2319 82.25 37.84 -18.43
CA PRO B 2319 81.64 37.29 -17.21
C PRO B 2319 80.30 36.61 -17.46
N ASP B 2320 79.55 37.06 -18.47
CA ASP B 2320 78.30 36.41 -18.89
C ASP B 2320 77.26 36.40 -17.77
N ILE B 2321 76.86 37.60 -17.36
CA ILE B 2321 75.80 37.73 -16.36
C ILE B 2321 74.49 37.23 -16.96
N GLY B 2322 73.56 36.80 -16.09
CA GLY B 2322 72.36 36.14 -16.55
C GLY B 2322 71.53 36.98 -17.49
N TRP B 2323 71.40 38.28 -17.21
CA TRP B 2323 70.64 39.18 -18.05
C TRP B 2323 71.53 39.76 -19.15
N ASN B 2324 70.88 40.34 -20.16
CA ASN B 2324 71.58 40.88 -21.33
C ASN B 2324 71.35 42.38 -21.41
N PRO B 2325 72.32 43.21 -21.03
CA PRO B 2325 72.14 44.66 -21.21
C PRO B 2325 71.96 45.07 -22.65
N CYS B 2326 72.63 44.39 -23.58
CA CYS B 2326 72.46 44.73 -25.00
C CYS B 2326 71.06 44.39 -25.48
N GLY B 2327 70.54 43.22 -25.08
CA GLY B 2327 69.18 42.86 -25.47
C GLY B 2327 68.15 43.81 -24.92
N GLY B 2328 68.34 44.26 -23.68
CA GLY B 2328 67.45 45.27 -23.12
C GLY B 2328 67.57 46.60 -23.83
N GLU B 2329 68.79 46.98 -24.22
CA GLU B 2329 68.97 48.24 -24.94
C GLU B 2329 68.29 48.21 -26.29
N ARG B 2330 68.39 47.09 -27.01
CA ARG B 2330 67.68 46.97 -28.28
C ARG B 2330 66.18 47.05 -28.07
N TYR B 2331 65.67 46.39 -27.04
CA TYR B 2331 64.29 46.57 -26.64
C TYR B 2331 64.12 47.91 -25.95
N LEU B 2332 62.89 48.24 -25.58
CA LEU B 2332 62.52 49.42 -24.82
C LEU B 2332 62.74 50.72 -25.60
N ASP B 2333 63.32 50.65 -26.80
CA ASP B 2333 63.46 51.84 -27.63
C ASP B 2333 62.28 51.98 -28.58
N PHE B 2334 61.80 50.86 -29.11
CA PHE B 2334 60.54 50.87 -29.84
C PHE B 2334 59.39 51.26 -28.92
N LEU B 2335 59.41 50.78 -27.68
CA LEU B 2335 58.35 51.13 -26.73
C LEU B 2335 58.30 52.62 -26.48
N ARG B 2336 59.46 53.24 -26.28
CA ARG B 2336 59.49 54.69 -26.13
C ARG B 2336 59.09 55.38 -27.42
N PHE B 2337 59.57 54.86 -28.56
CA PHE B 2337 59.25 55.47 -29.85
C PHE B 2337 57.77 55.42 -30.16
N ALA B 2338 57.01 54.57 -29.45
CA ALA B 2338 55.56 54.58 -29.61
C ALA B 2338 54.96 55.93 -29.22
N VAL B 2339 55.55 56.62 -28.24
CA VAL B 2339 55.01 57.89 -27.76
C VAL B 2339 56.11 58.95 -27.73
N PHE B 2340 57.22 58.70 -28.42
CA PHE B 2340 58.40 59.57 -28.30
C PHE B 2340 58.28 60.82 -29.16
N VAL B 2341 58.18 60.64 -30.49
CA VAL B 2341 58.27 61.77 -31.41
C VAL B 2341 57.16 62.76 -31.15
N ASN B 2342 55.94 62.29 -30.97
CA ASN B 2342 54.84 63.18 -30.65
C ASN B 2342 55.00 63.72 -29.24
N GLY B 2343 54.90 65.04 -29.09
CA GLY B 2343 54.90 65.63 -27.76
C GLY B 2343 53.61 65.31 -27.03
N GLU B 2344 53.66 65.45 -25.70
CA GLU B 2344 52.53 65.14 -24.83
C GLU B 2344 52.08 63.70 -25.02
N SER B 2345 52.97 62.79 -24.61
CA SER B 2345 52.78 61.37 -24.85
C SER B 2345 51.44 60.88 -24.33
N VAL B 2346 50.80 60.00 -25.11
CA VAL B 2346 49.48 59.51 -24.75
C VAL B 2346 49.54 58.68 -23.48
N GLU B 2347 48.37 58.44 -22.91
CA GLU B 2347 48.26 57.72 -21.64
C GLU B 2347 47.73 56.29 -21.79
N GLU B 2348 46.80 56.06 -22.70
CA GLU B 2348 46.23 54.72 -22.86
C GLU B 2348 47.30 53.71 -23.23
N ASN B 2349 48.15 54.06 -24.21
CA ASN B 2349 49.32 53.23 -24.49
C ASN B 2349 50.23 53.17 -23.28
N ALA B 2350 50.44 54.32 -22.62
CA ALA B 2350 51.23 54.32 -21.39
C ALA B 2350 50.58 53.46 -20.32
N ASN B 2351 49.25 53.53 -20.20
CA ASN B 2351 48.55 52.74 -19.20
C ASN B 2351 48.77 51.25 -19.43
N VAL B 2352 48.55 50.78 -20.65
CA VAL B 2352 48.69 49.35 -20.90
C VAL B 2352 50.15 48.92 -20.79
N VAL B 2353 51.08 49.75 -21.24
CA VAL B 2353 52.48 49.34 -21.17
C VAL B 2353 52.95 49.25 -19.73
N VAL B 2354 52.56 50.21 -18.88
CA VAL B 2354 52.96 50.14 -17.48
C VAL B 2354 52.16 49.09 -16.72
N ARG B 2355 51.03 48.65 -17.25
CA ARG B 2355 50.33 47.53 -16.62
C ARG B 2355 51.04 46.21 -16.92
N LEU B 2356 51.22 45.89 -18.21
CA LEU B 2356 51.88 44.63 -18.55
C LEU B 2356 53.36 44.61 -18.15
N LEU B 2357 54.01 45.77 -18.05
CA LEU B 2357 55.40 45.81 -17.61
C LEU B 2357 55.52 45.52 -16.13
N ILE B 2358 54.44 45.67 -15.36
CA ILE B 2358 54.45 45.31 -13.94
C ILE B 2358 53.73 43.99 -13.69
N ARG B 2359 53.04 43.43 -14.68
CA ARG B 2359 52.41 42.13 -14.48
C ARG B 2359 53.44 41.04 -14.19
N LYS B 2360 54.56 41.06 -14.90
CA LYS B 2360 55.65 40.13 -14.65
C LYS B 2360 56.82 40.86 -14.00
N PRO B 2361 57.17 40.54 -12.75
CA PRO B 2361 58.35 41.17 -12.15
C PRO B 2361 59.65 40.79 -12.83
N GLU B 2362 59.67 39.70 -13.59
CA GLU B 2362 60.92 39.23 -14.20
C GLU B 2362 61.48 40.25 -15.18
N CYS B 2363 60.62 40.88 -15.98
CA CYS B 2363 61.08 41.83 -16.97
C CYS B 2363 61.70 43.07 -16.35
N PHE B 2364 61.51 43.29 -15.06
CA PHE B 2364 62.13 44.42 -14.38
C PHE B 2364 63.64 44.20 -14.28
N GLY B 2365 64.34 45.20 -13.77
CA GLY B 2365 65.76 45.11 -13.56
C GLY B 2365 66.11 44.09 -12.50
N PRO B 2366 67.32 43.54 -12.57
CA PRO B 2366 67.73 42.52 -11.59
C PRO B 2366 67.71 43.03 -10.16
N ALA B 2367 68.02 44.31 -9.95
CA ALA B 2367 68.07 44.85 -8.60
C ALA B 2367 66.71 45.29 -8.07
N LEU B 2368 65.71 45.42 -8.95
CA LEU B 2368 64.40 45.93 -8.52
C LEU B 2368 63.55 44.84 -7.88
N ARG B 2369 63.23 43.79 -8.64
CA ARG B 2369 62.27 42.79 -8.22
C ARG B 2369 62.91 41.64 -7.45
N GLY B 2370 64.07 41.88 -6.83
CA GLY B 2370 64.72 40.83 -6.08
C GLY B 2370 63.97 40.47 -4.80
N GLU B 2371 64.38 39.34 -4.22
CA GLU B 2371 63.76 38.89 -2.97
C GLU B 2371 63.95 39.90 -1.85
N GLY B 2372 65.04 40.68 -1.92
CA GLY B 2372 65.28 41.76 -0.98
C GLY B 2372 65.43 43.08 -1.71
N GLY B 2373 65.38 44.16 -0.94
CA GLY B 2373 65.52 45.49 -1.50
C GLY B 2373 66.95 45.82 -1.86
N SER B 2374 67.49 45.11 -2.86
CA SER B 2374 68.86 45.38 -3.29
C SER B 2374 68.97 46.78 -3.88
N GLY B 2375 70.02 47.49 -3.50
CA GLY B 2375 70.17 48.88 -3.87
C GLY B 2375 70.33 49.14 -5.35
N LEU B 2376 69.33 49.77 -5.96
CA LEU B 2376 69.42 50.14 -7.38
C LEU B 2376 70.56 51.14 -7.58
N LEU B 2377 70.63 52.15 -6.72
CA LEU B 2377 71.78 53.06 -6.76
C LEU B 2377 73.08 52.30 -6.52
N ALA B 2378 73.07 51.37 -5.56
CA ALA B 2378 74.25 50.55 -5.33
C ALA B 2378 74.57 49.68 -6.54
N ALA B 2379 73.53 49.12 -7.18
CA ALA B 2379 73.76 48.27 -8.34
C ALA B 2379 74.41 49.05 -9.48
N ILE B 2380 73.88 50.23 -9.78
CA ILE B 2380 74.45 51.00 -10.90
C ILE B 2380 75.82 51.56 -10.52
N GLU B 2381 76.05 51.88 -9.25
CA GLU B 2381 77.38 52.30 -8.83
C GLU B 2381 78.39 51.17 -8.99
N GLU B 2382 77.99 49.95 -8.63
CA GLU B 2382 78.86 48.79 -8.84
C GLU B 2382 79.13 48.57 -10.32
N ALA B 2383 78.11 48.76 -11.16
CA ALA B 2383 78.30 48.66 -12.60
C ALA B 2383 79.29 49.70 -13.10
N ILE B 2384 79.20 50.93 -12.59
CA ILE B 2384 80.13 51.98 -12.98
C ILE B 2384 81.55 51.62 -12.55
N ARG B 2385 81.69 51.09 -11.34
CA ARG B 2385 83.01 50.67 -10.86
C ARG B 2385 83.58 49.55 -11.74
N ILE B 2386 82.73 48.60 -12.14
CA ILE B 2386 83.18 47.53 -13.02
C ILE B 2386 83.61 48.11 -14.37
N SER B 2387 82.87 49.10 -14.86
CA SER B 2387 83.25 49.74 -16.11
C SER B 2387 84.60 50.44 -15.99
N GLU B 2388 84.85 51.10 -14.85
CA GLU B 2388 86.11 51.79 -14.63
C GLU B 2388 87.24 50.85 -14.25
N ASP B 2389 86.94 49.59 -13.95
CA ASP B 2389 87.97 48.60 -13.64
C ASP B 2389 88.07 47.61 -14.79
N PRO B 2390 89.15 47.62 -15.58
CA PRO B 2390 89.20 46.78 -16.78
C PRO B 2390 89.31 45.30 -16.45
N ALA B 2391 88.23 44.72 -15.92
CA ALA B 2391 88.17 43.29 -15.63
C ALA B 2391 87.45 42.50 -16.69
N ARG B 2392 87.02 43.14 -17.78
CA ARG B 2392 86.28 42.47 -18.85
C ARG B 2392 86.97 42.54 -20.20
N ASP B 2393 88.08 43.29 -20.31
CA ASP B 2393 88.80 43.42 -21.56
C ASP B 2393 90.29 43.23 -21.30
N GLY B 2394 91.00 42.73 -22.32
CA GLY B 2394 92.41 42.51 -22.22
C GLY B 2394 93.21 43.78 -22.37
N PRO B 2395 94.53 43.67 -22.14
CA PRO B 2395 95.44 44.82 -22.23
C PRO B 2395 96.49 44.64 -23.32
N ASN B 2414 86.46 44.22 -26.79
CA ASN B 2414 86.18 44.36 -28.21
C ASN B 2414 85.24 45.54 -28.47
N ARG B 2415 85.70 46.74 -28.11
CA ARG B 2415 84.95 48.00 -28.26
C ARG B 2415 83.64 48.00 -27.48
N VAL B 2416 83.47 47.07 -26.54
CA VAL B 2416 82.23 46.94 -25.77
C VAL B 2416 82.59 46.94 -24.30
N HIS B 2417 81.88 47.76 -23.52
CA HIS B 2417 82.07 47.86 -22.08
C HIS B 2417 80.79 47.39 -21.40
N LEU B 2418 80.93 46.43 -20.48
CA LEU B 2418 79.77 45.86 -19.82
C LEU B 2418 79.03 46.91 -18.99
N GLY B 2419 79.77 47.70 -18.21
CA GLY B 2419 79.14 48.73 -17.41
C GLY B 2419 78.46 49.78 -18.26
N HIS B 2420 79.05 50.10 -19.42
CA HIS B 2420 78.41 51.02 -20.35
C HIS B 2420 77.07 50.49 -20.81
N ALA B 2421 77.01 49.21 -21.16
CA ALA B 2421 75.74 48.61 -21.58
C ALA B 2421 74.74 48.58 -20.45
N ILE B 2422 75.19 48.28 -19.23
CA ILE B 2422 74.27 48.22 -18.09
C ILE B 2422 73.67 49.60 -17.82
N MET B 2423 74.52 50.63 -17.80
CA MET B 2423 74.02 51.97 -17.55
C MET B 2423 73.15 52.46 -18.70
N SER B 2424 73.45 52.05 -19.94
CA SER B 2424 72.58 52.40 -21.05
C SER B 2424 71.21 51.77 -20.91
N PHE B 2425 71.16 50.50 -20.50
CA PHE B 2425 69.89 49.83 -20.29
C PHE B 2425 69.09 50.52 -19.19
N TYR B 2426 69.74 50.86 -18.08
CA TYR B 2426 69.02 51.49 -16.98
C TYR B 2426 68.54 52.88 -17.37
N ALA B 2427 69.36 53.64 -18.10
CA ALA B 2427 68.93 54.95 -18.57
C ALA B 2427 67.74 54.83 -19.51
N ALA B 2428 67.75 53.82 -20.39
CA ALA B 2428 66.61 53.60 -21.27
C ALA B 2428 65.37 53.22 -20.46
N LEU B 2429 65.54 52.45 -19.40
CA LEU B 2429 64.40 52.08 -18.55
C LEU B 2429 63.79 53.32 -17.91
N ILE B 2430 64.62 54.19 -17.35
CA ILE B 2430 64.07 55.40 -16.74
C ILE B 2430 63.49 56.32 -17.80
N ASP B 2431 64.06 56.35 -19.01
CA ASP B 2431 63.48 57.15 -20.08
C ASP B 2431 62.10 56.65 -20.47
N LEU B 2432 61.94 55.33 -20.57
CA LEU B 2432 60.62 54.76 -20.84
C LEU B 2432 59.64 55.10 -19.72
N LEU B 2433 60.07 54.97 -18.47
CA LEU B 2433 59.17 55.27 -17.36
C LEU B 2433 58.83 56.75 -17.31
N GLY B 2434 59.70 57.61 -17.81
CA GLY B 2434 59.42 59.03 -17.88
C GLY B 2434 58.44 59.38 -18.97
N ARG B 2435 58.75 58.99 -20.21
CA ARG B 2435 57.87 59.29 -21.33
C ARG B 2435 56.53 58.59 -21.22
N CYS B 2436 56.43 57.55 -20.39
CA CYS B 2436 55.16 56.86 -20.14
C CYS B 2436 54.51 57.33 -18.85
N ALA B 2437 54.61 58.63 -18.60
CA ALA B 2437 54.11 59.20 -17.35
C ALA B 2437 52.63 58.92 -17.18
N PRO B 2438 52.17 58.77 -15.94
CA PRO B 2438 50.73 58.49 -15.72
C PRO B 2438 49.85 59.58 -16.27
N GLU B 2439 50.31 60.83 -16.26
CA GLU B 2439 49.54 61.93 -16.80
C GLU B 2439 50.46 63.13 -16.93
N MET B 2440 50.00 64.12 -17.69
CA MET B 2440 50.63 65.42 -17.72
C MET B 2440 49.95 66.31 -16.69
N HIS B 2441 50.29 67.60 -16.68
CA HIS B 2441 49.61 68.54 -15.81
C HIS B 2441 48.13 68.67 -16.15
N LEU B 2442 47.75 68.33 -17.38
CA LEU B 2442 46.38 68.56 -17.83
C LEU B 2442 45.37 67.77 -17.02
N ILE B 2443 45.44 66.44 -17.10
CA ILE B 2443 44.40 65.61 -16.51
C ILE B 2443 44.70 65.16 -15.09
N GLN B 2444 45.90 65.44 -14.57
CA GLN B 2444 46.19 65.11 -13.18
C GLN B 2444 45.43 66.00 -12.22
N ALA B 2445 45.07 67.22 -12.65
CA ALA B 2445 44.35 68.13 -11.78
C ALA B 2445 42.91 67.68 -11.57
N GLY B 2446 42.25 67.21 -12.63
CA GLY B 2446 40.84 66.89 -12.54
C GLY B 2446 40.49 65.44 -12.77
N LYS B 2447 41.29 64.53 -12.25
CA LYS B 2447 40.99 63.10 -12.37
C LYS B 2447 41.72 62.35 -11.25
N GLY B 2448 41.28 61.12 -11.03
CA GLY B 2448 41.86 60.29 -9.99
C GLY B 2448 42.56 59.05 -10.52
N GLU B 2449 42.07 58.52 -11.65
CA GLU B 2449 42.67 57.32 -12.23
C GLU B 2449 44.12 57.59 -12.65
N ALA B 2450 44.37 58.75 -13.24
CA ALA B 2450 45.74 59.13 -13.57
C ALA B 2450 46.60 59.16 -12.31
N LEU B 2451 46.08 59.76 -11.25
CA LEU B 2451 46.80 59.74 -9.97
C LEU B 2451 46.85 58.33 -9.39
N ARG B 2452 45.86 57.49 -9.70
CA ARG B 2452 45.91 56.11 -9.25
C ARG B 2452 47.09 55.38 -9.86
N ILE B 2453 47.37 55.63 -11.15
CA ILE B 2453 48.56 55.07 -11.77
C ILE B 2453 49.81 55.73 -11.20
N ARG B 2454 49.75 57.05 -10.97
CA ARG B 2454 50.91 57.78 -10.49
C ARG B 2454 51.36 57.29 -9.12
N ALA B 2455 50.43 56.90 -8.26
CA ALA B 2455 50.80 56.39 -6.95
C ALA B 2455 51.70 55.16 -7.07
N ILE B 2456 51.29 54.19 -7.89
CA ILE B 2456 52.10 53.00 -8.10
C ILE B 2456 53.44 53.37 -8.73
N LEU B 2457 53.40 54.21 -9.77
CA LEU B 2457 54.61 54.51 -10.51
C LEU B 2457 55.62 55.24 -9.65
N ARG B 2458 55.15 56.05 -8.69
CA ARG B 2458 56.04 56.58 -7.67
C ARG B 2458 56.48 55.49 -6.70
N SER B 2459 55.62 54.49 -6.48
CA SER B 2459 55.94 53.45 -5.51
C SER B 2459 57.14 52.61 -5.94
N LEU B 2460 57.25 52.31 -7.25
CA LEU B 2460 58.40 51.51 -7.68
C LEU B 2460 59.72 52.22 -7.41
N VAL B 2461 59.86 53.47 -7.86
CA VAL B 2461 61.13 54.18 -7.78
C VAL B 2461 61.01 55.28 -6.74
N PRO B 2462 61.79 55.25 -5.67
CA PRO B 2462 61.80 56.36 -4.71
C PRO B 2462 62.67 57.51 -5.19
N LEU B 2463 62.56 58.63 -4.49
CA LEU B 2463 63.31 59.83 -4.83
C LEU B 2463 64.72 59.75 -4.21
N ASP B 2464 65.45 60.86 -4.27
CA ASP B 2464 66.78 61.02 -3.71
C ASP B 2464 67.83 60.14 -4.37
N ASP B 2465 67.47 59.43 -5.44
CA ASP B 2465 68.44 58.61 -6.16
C ASP B 2465 69.06 59.37 -7.33
N LEU B 2466 68.29 60.26 -7.96
CA LEU B 2466 68.82 61.03 -9.08
C LEU B 2466 69.94 61.97 -8.62
N VAL B 2467 69.80 62.54 -7.42
CA VAL B 2467 70.85 63.40 -6.90
C VAL B 2467 72.11 62.59 -6.61
N GLY B 2468 71.94 61.36 -6.12
CA GLY B 2468 73.09 60.51 -5.87
C GLY B 2468 73.80 60.09 -7.15
N ILE B 2469 73.03 59.77 -8.19
CA ILE B 2469 73.66 59.30 -9.43
C ILE B 2469 74.22 60.48 -10.23
N ILE B 2470 73.63 61.67 -10.11
CA ILE B 2470 74.09 62.81 -10.87
C ILE B 2470 75.46 63.29 -10.40
N SER B 2471 75.85 62.95 -9.18
CA SER B 2471 77.15 63.34 -8.64
C SER B 2471 78.18 62.28 -9.04
N LEU B 2472 78.64 62.37 -10.29
CA LEU B 2472 79.70 61.50 -10.80
C LEU B 2472 80.41 62.21 -11.94
N PRO B 2473 81.24 63.20 -11.62
CA PRO B 2473 82.02 63.86 -12.66
C PRO B 2473 83.14 62.95 -13.15
N LEU B 2474 83.54 63.16 -14.40
CA LEU B 2474 84.62 62.41 -15.02
C LEU B 2474 85.59 63.38 -15.69
N GLN B 2475 86.82 62.92 -15.85
CA GLN B 2475 87.87 63.76 -16.40
C GLN B 2475 87.52 64.19 -17.82
N ILE B 2476 87.64 65.49 -18.08
CA ILE B 2476 87.39 66.01 -19.42
C ILE B 2476 88.48 65.50 -20.37
N PRO B 2477 88.15 65.10 -21.59
CA PRO B 2477 89.19 64.58 -22.50
C PRO B 2477 90.14 65.68 -22.96
N THR B 2478 90.90 66.24 -22.03
CA THR B 2478 91.88 67.27 -22.31
C THR B 2478 93.26 66.76 -21.93
N LEU B 2479 94.21 66.87 -22.85
CA LEU B 2479 95.57 66.40 -22.60
C LEU B 2479 96.50 67.57 -22.30
N GLN B 2487 94.29 61.67 -18.17
CA GLN B 2487 93.41 62.82 -18.32
C GLN B 2487 92.40 62.69 -19.47
N PRO B 2488 92.82 62.26 -20.66
CA PRO B 2488 91.84 62.03 -21.73
C PRO B 2488 90.89 60.90 -21.37
N LYS B 2489 89.66 61.00 -21.87
CA LYS B 2489 88.63 60.00 -21.61
C LYS B 2489 87.90 59.69 -22.91
N MET B 2490 87.32 58.49 -22.97
CA MET B 2490 86.61 58.01 -24.14
C MET B 2490 85.13 57.90 -23.84
N SER B 2491 84.29 58.22 -24.82
CA SER B 2491 82.84 58.15 -24.68
C SER B 2491 82.31 56.76 -24.99
N ALA B 2492 82.90 55.74 -24.36
CA ALA B 2492 82.49 54.37 -24.61
C ALA B 2492 82.31 53.53 -23.36
N SER B 2493 82.73 53.99 -22.19
CA SER B 2493 82.56 53.25 -20.94
C SER B 2493 81.47 53.84 -20.05
N PHE B 2494 81.32 55.16 -20.03
CA PHE B 2494 80.26 55.82 -19.30
C PHE B 2494 79.70 56.95 -20.15
N VAL B 2495 78.41 57.22 -19.96
CA VAL B 2495 77.71 58.25 -20.70
C VAL B 2495 77.24 59.32 -19.72
N PRO B 2496 77.97 60.42 -19.58
CA PRO B 2496 77.44 61.56 -18.80
C PRO B 2496 76.19 62.15 -19.43
N ASP B 2497 75.96 61.92 -20.72
CA ASP B 2497 74.69 62.29 -21.34
C ASP B 2497 73.54 61.51 -20.72
N HIS B 2498 73.76 60.22 -20.44
CA HIS B 2498 72.73 59.41 -19.78
C HIS B 2498 72.40 59.92 -18.39
N LYS B 2499 73.32 60.66 -17.76
CA LYS B 2499 73.03 61.21 -16.43
C LYS B 2499 71.94 62.26 -16.49
N ALA B 2500 71.84 62.99 -17.60
CA ALA B 2500 70.80 64.00 -17.74
C ALA B 2500 69.42 63.39 -17.98
N SER B 2501 69.34 62.07 -18.19
CA SER B 2501 68.05 61.43 -18.46
C SER B 2501 67.09 61.55 -17.27
N MET B 2502 67.63 61.68 -16.06
CA MET B 2502 66.77 61.81 -14.88
C MET B 2502 66.05 63.15 -14.82
N VAL B 2503 66.44 64.12 -15.65
CA VAL B 2503 65.83 65.44 -15.61
C VAL B 2503 64.33 65.33 -15.90
N LEU B 2504 63.98 64.69 -17.01
CA LEU B 2504 62.57 64.54 -17.35
C LEU B 2504 61.85 63.59 -16.39
N PHE B 2505 62.56 62.59 -15.88
CA PHE B 2505 61.96 61.67 -14.92
C PHE B 2505 61.50 62.43 -13.68
N LEU B 2506 62.35 63.32 -13.15
CA LEU B 2506 61.94 64.15 -12.03
C LEU B 2506 60.85 65.14 -12.44
N ASP B 2507 61.01 65.74 -13.62
CA ASP B 2507 60.06 66.77 -14.06
C ASP B 2507 58.67 66.20 -14.28
N ARG B 2508 58.54 64.89 -14.48
CA ARG B 2508 57.25 64.28 -14.78
C ARG B 2508 56.67 63.47 -13.62
N VAL B 2509 57.50 62.74 -12.88
CA VAL B 2509 56.97 61.84 -11.85
C VAL B 2509 56.60 62.60 -10.59
N TYR B 2510 57.57 63.22 -9.94
CA TYR B 2510 57.34 63.91 -8.68
C TYR B 2510 57.30 65.43 -8.87
N GLY B 2511 58.35 66.00 -9.43
CA GLY B 2511 58.42 67.45 -9.60
C GLY B 2511 58.80 68.14 -8.31
N ILE B 2512 59.71 69.09 -8.38
CA ILE B 2512 60.14 69.85 -7.21
C ILE B 2512 59.17 70.99 -6.99
N GLU B 2513 58.57 71.04 -5.81
CA GLU B 2513 57.52 72.01 -5.51
C GLU B 2513 58.04 73.25 -4.79
N ASN B 2514 58.59 73.09 -3.59
CA ASN B 2514 58.84 74.23 -2.71
C ASN B 2514 60.31 74.42 -2.36
N GLN B 2515 60.97 73.40 -1.81
CA GLN B 2515 62.29 73.60 -1.21
C GLN B 2515 63.38 72.69 -1.76
N ASP B 2516 63.04 71.57 -2.39
CA ASP B 2516 64.08 70.68 -2.92
C ASP B 2516 64.84 71.31 -4.07
N PHE B 2517 64.36 72.42 -4.63
CA PHE B 2517 65.08 73.08 -5.72
C PHE B 2517 66.45 73.58 -5.24
N LEU B 2518 66.50 74.13 -4.02
CA LEU B 2518 67.77 74.61 -3.49
C LEU B 2518 68.76 73.47 -3.32
N LEU B 2519 68.30 72.35 -2.76
CA LEU B 2519 69.18 71.18 -2.62
C LEU B 2519 69.65 70.69 -3.98
N HIS B 2520 68.73 70.62 -4.95
CA HIS B 2520 69.08 70.12 -6.28
C HIS B 2520 70.12 71.00 -6.95
N VAL B 2521 69.92 72.32 -6.91
CA VAL B 2521 70.88 73.21 -7.55
C VAL B 2521 72.22 73.18 -6.81
N LEU B 2522 72.17 73.09 -5.47
CA LEU B 2522 73.41 73.06 -4.70
C LEU B 2522 74.24 71.83 -5.03
N ASP B 2523 73.60 70.66 -5.10
CA ASP B 2523 74.36 69.45 -5.39
C ASP B 2523 74.74 69.38 -6.87
N VAL B 2524 73.93 69.96 -7.76
CA VAL B 2524 74.24 69.92 -9.18
C VAL B 2524 75.43 70.82 -9.50
N GLY B 2525 75.50 71.99 -8.87
CA GLY B 2525 76.42 73.06 -9.25
C GLY B 2525 77.83 72.65 -9.62
N PHE B 2526 78.30 71.52 -9.09
CA PHE B 2526 79.57 70.97 -9.54
C PHE B 2526 79.51 70.58 -11.02
N LEU B 2527 78.38 70.02 -11.45
CA LEU B 2527 78.24 69.60 -12.84
C LEU B 2527 78.33 70.77 -13.82
N PRO B 2528 77.62 71.89 -13.63
CA PRO B 2528 77.90 73.06 -14.49
C PRO B 2528 79.34 73.53 -14.37
N ASP B 2529 79.91 73.47 -13.17
CA ASP B 2529 81.31 73.85 -13.00
C ASP B 2529 82.23 72.91 -13.77
N MET B 2530 81.95 71.60 -13.72
CA MET B 2530 82.74 70.66 -14.50
C MET B 2530 82.60 70.91 -16.00
N ARG B 2531 81.38 71.19 -16.45
CA ARG B 2531 81.15 71.53 -17.85
C ARG B 2531 81.70 72.91 -18.19
N ALA B 2532 81.81 73.80 -17.21
CA ALA B 2532 82.35 75.14 -17.46
C ALA B 2532 83.81 75.10 -17.88
N ALA B 2533 84.52 74.00 -17.60
CA ALA B 2533 85.93 73.90 -17.93
C ALA B 2533 86.13 73.46 -19.37
N ALA B 2534 85.48 74.17 -20.31
CA ALA B 2534 85.67 73.90 -21.73
C ALA B 2534 85.28 75.17 -22.50
N SER B 2535 86.29 75.95 -22.88
CA SER B 2535 86.06 77.14 -23.70
C SER B 2535 86.75 77.04 -25.05
N LEU B 2536 88.06 76.77 -25.06
CA LEU B 2536 88.79 76.65 -26.33
C LEU B 2536 89.86 75.56 -26.28
N ASP B 2537 89.86 74.71 -25.25
CA ASP B 2537 90.90 73.69 -25.10
C ASP B 2537 90.44 72.31 -25.58
N THR B 2538 89.35 71.80 -25.01
CA THR B 2538 88.90 70.46 -25.36
C THR B 2538 88.07 70.45 -26.64
N ALA B 2539 86.91 71.11 -26.61
CA ALA B 2539 86.05 71.26 -27.78
C ALA B 2539 85.69 69.92 -28.43
N THR B 2540 85.71 68.85 -27.65
CA THR B 2540 85.38 67.53 -28.18
C THR B 2540 84.27 66.84 -27.40
N PHE B 2541 84.23 67.00 -26.08
CA PHE B 2541 83.19 66.38 -25.26
C PHE B 2541 82.00 67.31 -25.08
N SER B 2542 81.47 67.79 -26.21
CA SER B 2542 80.37 68.75 -26.20
C SER B 2542 79.00 68.10 -26.23
N THR B 2543 78.92 66.78 -26.42
CA THR B 2543 77.63 66.12 -26.44
C THR B 2543 76.94 66.20 -25.08
N THR B 2544 77.68 65.90 -24.01
CA THR B 2544 77.09 65.94 -22.68
C THR B 2544 76.76 67.37 -22.25
N GLU B 2545 77.62 68.32 -22.62
CA GLU B 2545 77.32 69.72 -22.31
C GLU B 2545 76.07 70.19 -23.07
N MET B 2546 75.93 69.75 -24.32
CA MET B 2546 74.73 70.09 -25.09
C MET B 2546 73.49 69.48 -24.44
N ALA B 2547 73.59 68.23 -23.99
CA ALA B 2547 72.46 67.57 -23.33
C ALA B 2547 72.09 68.29 -22.05
N LEU B 2548 73.07 68.68 -21.25
CA LEU B 2548 72.78 69.39 -20.01
C LEU B 2548 72.20 70.77 -20.28
N ALA B 2549 72.67 71.43 -21.34
CA ALA B 2549 72.07 72.71 -21.73
C ALA B 2549 70.63 72.51 -22.19
N LEU B 2550 70.33 71.36 -22.78
CA LEU B 2550 68.97 71.04 -23.20
C LEU B 2550 68.10 70.52 -22.06
N ASN B 2551 68.70 70.11 -20.94
CA ASN B 2551 67.97 69.54 -19.83
C ASN B 2551 67.98 70.43 -18.59
N ARG B 2552 68.33 71.70 -18.74
CA ARG B 2552 68.32 72.65 -17.65
C ARG B 2552 66.98 73.39 -17.52
N TYR B 2553 66.08 73.23 -18.49
CA TYR B 2553 64.84 74.00 -18.50
C TYR B 2553 63.94 73.65 -17.33
N LEU B 2554 64.12 72.49 -16.70
CA LEU B 2554 63.26 72.13 -15.57
C LEU B 2554 63.47 73.07 -14.40
N CYS B 2555 64.68 73.60 -14.23
CA CYS B 2555 64.90 74.64 -13.22
C CYS B 2555 64.39 75.99 -13.69
N LEU B 2556 64.46 76.25 -15.00
CA LEU B 2556 64.01 77.55 -15.52
C LEU B 2556 62.50 77.70 -15.38
N ALA B 2557 61.75 76.61 -15.57
CA ALA B 2557 60.30 76.69 -15.48
C ALA B 2557 59.85 77.09 -14.08
N VAL B 2558 60.46 76.53 -13.05
CA VAL B 2558 60.11 76.85 -11.68
C VAL B 2558 60.85 78.11 -11.25
N LEU B 2559 60.19 78.91 -10.41
CA LEU B 2559 60.79 80.14 -9.85
C LEU B 2559 60.60 80.17 -8.34
N PRO B 2560 61.14 79.19 -7.61
CA PRO B 2560 61.06 79.24 -6.14
C PRO B 2560 62.27 79.94 -5.54
N LEU B 2561 62.33 79.98 -4.20
CA LEU B 2561 63.48 80.49 -3.47
C LEU B 2561 63.83 81.92 -3.88
N ILE B 2562 62.79 82.76 -3.95
CA ILE B 2562 63.00 84.18 -4.21
C ILE B 2562 63.34 84.97 -2.95
N THR B 2563 63.36 84.31 -1.79
CA THR B 2563 63.66 84.98 -0.53
C THR B 2563 65.12 85.44 -0.45
N LYS B 2564 66.00 84.89 -1.30
CA LYS B 2564 67.40 85.29 -1.36
C LYS B 2564 68.09 85.09 -0.01
N CYS B 2565 68.07 83.84 0.46
CA CYS B 2565 68.70 83.48 1.72
C CYS B 2565 70.10 82.89 1.51
N ALA B 2566 70.20 81.79 0.76
CA ALA B 2566 71.47 81.12 0.55
C ALA B 2566 72.22 81.77 -0.61
N PRO B 2567 73.55 81.89 -0.49
CA PRO B 2567 74.33 82.52 -1.57
C PRO B 2567 74.20 81.74 -2.87
N LEU B 2568 74.14 82.49 -3.98
CA LEU B 2568 74.02 81.91 -5.31
C LEU B 2568 75.12 82.41 -6.24
N PHE B 2569 76.29 82.70 -5.67
CA PHE B 2569 77.40 83.19 -6.49
C PHE B 2569 77.88 82.15 -7.49
N ALA B 2570 77.78 80.87 -7.15
CA ALA B 2570 78.19 79.82 -8.08
C ALA B 2570 77.31 79.82 -9.32
N GLY B 2571 76.00 79.96 -9.15
CA GLY B 2571 75.12 80.01 -10.30
C GLY B 2571 75.37 81.22 -11.18
N THR B 2572 75.62 82.37 -10.56
CA THR B 2572 75.94 83.56 -11.34
C THR B 2572 77.26 83.39 -12.09
N GLU B 2573 78.27 82.80 -11.44
CA GLU B 2573 79.54 82.56 -12.11
C GLU B 2573 79.35 81.61 -13.29
N HIS B 2574 78.55 80.56 -13.11
CA HIS B 2574 78.20 79.69 -14.22
C HIS B 2574 77.59 80.50 -15.36
N ARG B 2575 76.47 81.19 -15.08
CA ARG B 2575 75.79 81.95 -16.11
C ARG B 2575 76.76 82.87 -16.85
N ALA B 2576 77.66 83.53 -16.12
CA ALA B 2576 78.68 84.34 -16.77
C ALA B 2576 79.56 83.49 -17.68
N ILE B 2577 79.90 82.28 -17.25
CA ILE B 2577 80.79 81.42 -18.03
C ILE B 2577 80.15 81.04 -19.36
N MET B 2578 78.90 80.57 -19.32
CA MET B 2578 78.25 80.16 -20.57
C MET B 2578 77.50 81.29 -21.29
N VAL B 2579 77.58 82.53 -20.82
CA VAL B 2579 77.21 83.64 -21.69
C VAL B 2579 78.46 84.25 -22.30
N ASP B 2580 79.61 84.03 -21.66
CA ASP B 2580 80.88 84.52 -22.17
C ASP B 2580 81.59 83.48 -23.03
N SER B 2581 81.03 82.28 -23.17
CA SER B 2581 81.66 81.22 -23.95
C SER B 2581 81.20 81.28 -25.42
N MET B 2582 81.44 82.45 -26.02
CA MET B 2582 81.10 82.65 -27.42
C MET B 2582 82.10 82.00 -28.37
N LEU B 2583 83.28 81.61 -27.87
CA LEU B 2583 84.28 80.98 -28.73
C LEU B 2583 83.85 79.58 -29.16
N HIS B 2584 82.96 78.93 -28.42
CA HIS B 2584 82.46 77.62 -28.78
C HIS B 2584 81.36 77.77 -29.84
N THR B 2585 80.63 76.68 -30.09
CA THR B 2585 79.51 76.74 -31.02
C THR B 2585 78.48 77.75 -30.54
N VAL B 2586 77.95 78.54 -31.49
CA VAL B 2586 76.97 79.57 -31.13
C VAL B 2586 75.71 78.93 -30.56
N TYR B 2587 75.30 77.79 -31.11
CA TYR B 2587 74.17 77.01 -30.58
C TYR B 2587 72.94 77.89 -30.42
N ARG B 2588 72.42 78.35 -31.57
CA ARG B 2588 71.33 79.32 -31.57
C ARG B 2588 70.18 78.87 -30.69
N LEU B 2589 69.83 77.59 -30.73
CA LEU B 2589 68.81 77.06 -29.82
C LEU B 2589 69.28 77.16 -28.38
N SER B 2590 70.50 76.70 -28.09
CA SER B 2590 71.03 76.81 -26.74
C SER B 2590 71.31 78.25 -26.36
N ARG B 2591 71.64 79.11 -27.33
CA ARG B 2591 71.80 80.52 -27.05
C ARG B 2591 70.49 81.14 -26.58
N GLY B 2592 69.41 80.85 -27.29
CA GLY B 2592 68.10 81.31 -26.84
C GLY B 2592 67.70 80.72 -25.51
N ARG B 2593 68.06 79.46 -25.28
CA ARG B 2593 67.79 78.84 -23.99
C ARG B 2593 68.51 79.57 -22.85
N SER B 2594 69.78 79.93 -23.08
CA SER B 2594 70.54 80.65 -22.06
C SER B 2594 69.97 82.04 -21.84
N LEU B 2595 69.56 82.72 -22.91
CA LEU B 2595 68.95 84.03 -22.75
C LEU B 2595 67.64 83.94 -21.96
N THR B 2596 66.84 82.92 -22.23
CA THR B 2596 65.61 82.70 -21.47
C THR B 2596 65.92 82.38 -20.02
N LYS B 2597 66.98 81.60 -19.77
CA LYS B 2597 67.38 81.31 -18.41
C LYS B 2597 67.76 82.58 -17.66
N ALA B 2598 68.53 83.46 -18.30
CA ALA B 2598 68.89 84.73 -17.68
C ALA B 2598 67.66 85.59 -17.41
N GLN B 2599 66.75 85.65 -18.38
CA GLN B 2599 65.54 86.45 -18.19
C GLN B 2599 64.70 85.91 -17.03
N ARG B 2600 64.57 84.58 -16.94
CA ARG B 2600 63.80 84.00 -15.84
C ARG B 2600 64.48 84.24 -14.50
N ASP B 2601 65.80 84.09 -14.44
CA ASP B 2601 66.53 84.35 -13.20
C ASP B 2601 66.46 85.82 -12.81
N VAL B 2602 66.23 86.71 -13.77
CA VAL B 2602 66.06 88.13 -13.45
C VAL B 2602 64.79 88.42 -12.67
N ILE B 2603 63.92 87.44 -12.49
CA ILE B 2603 62.65 87.63 -11.78
C ILE B 2603 62.69 87.10 -10.35
N GLU B 2604 63.65 86.23 -10.01
CA GLU B 2604 63.76 85.64 -8.69
C GLU B 2604 64.96 86.20 -7.92
N ASP B 2605 65.22 87.49 -8.09
CA ASP B 2605 66.33 88.16 -7.43
C ASP B 2605 65.82 89.38 -6.68
N CYS B 2606 66.36 89.61 -5.49
CA CYS B 2606 65.98 90.72 -4.62
C CYS B 2606 67.17 91.62 -4.33
N LEU B 2607 68.00 91.86 -5.35
CA LEU B 2607 69.19 92.70 -5.23
C LEU B 2607 70.13 92.16 -4.16
N MET B 2608 70.57 90.92 -4.35
CA MET B 2608 71.52 90.31 -3.42
C MET B 2608 72.71 89.73 -4.16
N ALA B 2609 72.52 89.31 -5.41
CA ALA B 2609 73.55 88.58 -6.13
C ALA B 2609 74.70 89.51 -6.48
N LEU B 2610 75.65 89.66 -5.55
CA LEU B 2610 76.75 90.60 -5.74
C LEU B 2610 77.58 90.26 -6.96
N CYS B 2611 77.77 88.97 -7.24
CA CYS B 2611 78.49 88.57 -8.45
C CYS B 2611 77.77 89.07 -9.70
N ARG B 2612 76.43 88.95 -9.72
CA ARG B 2612 75.66 89.42 -10.87
C ARG B 2612 75.69 90.93 -11.01
N TYR B 2613 76.00 91.66 -9.95
CA TYR B 2613 76.05 93.12 -10.00
C TYR B 2613 77.46 93.66 -10.18
N ILE B 2614 78.48 92.83 -9.99
CA ILE B 2614 79.82 93.15 -10.49
C ILE B 2614 79.98 92.69 -11.94
N ARG B 2615 79.14 91.74 -12.39
CA ARG B 2615 79.16 91.31 -13.78
C ARG B 2615 79.03 92.45 -14.80
N PRO B 2616 78.16 93.45 -14.61
CA PRO B 2616 78.15 94.55 -15.59
C PRO B 2616 79.49 95.23 -15.75
N SER B 2617 80.16 95.58 -14.65
CA SER B 2617 81.48 96.19 -14.74
C SER B 2617 82.49 95.22 -15.33
N MET B 2618 82.42 93.94 -14.96
CA MET B 2618 83.41 92.97 -15.40
C MET B 2618 83.32 92.70 -16.89
N LEU B 2619 82.11 92.53 -17.42
CA LEU B 2619 81.91 92.12 -18.80
C LEU B 2619 81.16 93.17 -19.62
N GLN B 2620 80.01 93.64 -19.14
CA GLN B 2620 79.21 94.58 -19.93
C GLN B 2620 79.97 95.87 -20.19
N HIS B 2621 80.65 96.40 -19.16
CA HIS B 2621 81.55 97.52 -19.38
C HIS B 2621 82.69 97.13 -20.29
N LEU B 2622 83.23 95.91 -20.11
CA LEU B 2622 84.26 95.42 -21.01
C LEU B 2622 83.73 95.23 -22.42
N LEU B 2623 82.52 94.70 -22.56
CA LEU B 2623 81.93 94.44 -23.87
C LEU B 2623 81.60 95.76 -24.54
N ARG B 2624 82.41 96.15 -25.52
CA ARG B 2624 82.20 97.39 -26.27
C ARG B 2624 81.37 97.14 -27.53
N ARG B 2625 80.24 96.45 -27.38
CA ARG B 2625 79.36 96.13 -28.50
C ARG B 2625 80.13 95.50 -29.65
N LEU B 2626 81.02 94.56 -29.31
CA LEU B 2626 81.95 94.00 -30.28
C LEU B 2626 81.25 93.26 -31.41
N VAL B 2627 80.60 92.14 -31.09
CA VAL B 2627 79.96 91.33 -32.13
C VAL B 2627 78.50 91.09 -31.79
N PHE B 2628 78.25 90.42 -30.65
CA PHE B 2628 76.90 90.04 -30.26
C PHE B 2628 76.65 90.40 -28.80
N ASP B 2629 77.31 91.45 -28.30
CA ASP B 2629 77.08 91.92 -26.95
C ASP B 2629 75.82 92.77 -26.82
N VAL B 2630 75.17 93.10 -27.95
CA VAL B 2630 73.96 93.92 -27.88
C VAL B 2630 72.83 93.24 -27.12
N PRO B 2631 72.49 91.97 -27.37
CA PRO B 2631 71.45 91.33 -26.55
C PRO B 2631 71.81 91.24 -25.08
N ILE B 2632 73.09 90.98 -24.77
CA ILE B 2632 73.50 90.91 -23.37
C ILE B 2632 73.34 92.27 -22.69
N LEU B 2633 73.74 93.34 -23.38
CA LEU B 2633 73.57 94.68 -22.84
C LEU B 2633 72.10 95.03 -22.67
N ASN B 2634 71.27 94.63 -23.64
CA ASN B 2634 69.83 94.89 -23.53
C ASN B 2634 69.23 94.17 -22.33
N GLU B 2635 69.63 92.92 -22.11
CA GLU B 2635 69.13 92.18 -20.93
C GLU B 2635 69.62 92.83 -19.65
N PHE B 2636 70.90 93.21 -19.59
CA PHE B 2636 71.45 93.81 -18.38
C PHE B 2636 70.92 95.22 -18.13
N ALA B 2637 70.34 95.86 -19.15
CA ALA B 2637 69.69 97.15 -18.95
C ALA B 2637 68.21 97.00 -18.61
N LYS B 2638 67.56 95.96 -19.13
CA LYS B 2638 66.15 95.71 -18.80
C LYS B 2638 66.00 95.13 -17.39
N MET B 2639 66.99 94.40 -16.91
CA MET B 2639 66.89 93.79 -15.59
C MET B 2639 66.69 94.81 -14.46
N PRO B 2640 67.47 95.89 -14.35
CA PRO B 2640 67.28 96.81 -13.22
C PRO B 2640 66.14 97.81 -13.41
N LEU B 2641 65.32 97.68 -14.45
CA LEU B 2641 64.20 98.58 -14.65
C LEU B 2641 63.14 98.44 -13.58
N LYS B 2642 63.17 97.36 -12.80
CA LYS B 2642 62.22 97.15 -11.71
C LYS B 2642 62.71 97.72 -10.39
N LEU B 2643 63.87 98.37 -10.38
CA LEU B 2643 64.44 98.95 -9.17
C LEU B 2643 64.06 100.41 -8.98
N LEU B 2644 63.16 100.94 -9.81
CA LEU B 2644 62.76 102.34 -9.69
C LEU B 2644 62.02 102.57 -8.38
N THR B 2645 62.32 103.70 -7.73
CA THR B 2645 61.64 104.20 -6.53
C THR B 2645 61.42 103.12 -5.47
N ASN B 2646 62.29 102.10 -5.46
CA ASN B 2646 62.23 101.05 -4.45
C ASN B 2646 63.54 100.30 -4.46
N HIS B 2647 63.79 99.58 -3.36
CA HIS B 2647 64.96 98.72 -3.20
C HIS B 2647 66.25 99.51 -3.44
N TYR B 2648 66.48 100.50 -2.57
CA TYR B 2648 67.68 101.32 -2.66
C TYR B 2648 68.92 100.46 -2.51
N GLU B 2649 69.89 100.67 -3.40
CA GLU B 2649 71.10 99.86 -3.43
C GLU B 2649 72.17 100.50 -2.52
N ARG B 2650 73.39 99.97 -2.59
CA ARG B 2650 74.49 100.46 -1.78
C ARG B 2650 75.31 101.48 -2.58
N CYS B 2651 76.30 102.07 -1.92
CA CYS B 2651 77.14 103.08 -2.56
C CYS B 2651 77.97 102.48 -3.68
N TRP B 2652 78.34 101.20 -3.59
CA TRP B 2652 79.10 100.57 -4.65
C TRP B 2652 78.31 100.50 -5.95
N LYS B 2653 77.02 100.15 -5.87
CA LYS B 2653 76.17 100.15 -7.05
C LYS B 2653 75.96 101.56 -7.57
N TYR B 2654 75.78 102.53 -6.67
CA TYR B 2654 75.58 103.91 -7.08
C TYR B 2654 76.83 104.52 -7.72
N TYR B 2655 78.01 103.95 -7.43
CA TYR B 2655 79.23 104.37 -8.09
C TYR B 2655 79.47 103.60 -9.38
N CYS B 2656 79.00 102.35 -9.46
CA CYS B 2656 79.14 101.58 -10.69
C CYS B 2656 78.17 102.05 -11.77
N LEU B 2657 77.03 102.62 -11.38
CA LEU B 2657 76.06 103.08 -12.37
C LEU B 2657 76.63 104.12 -13.32
N PRO B 2658 77.28 105.21 -12.86
CA PRO B 2658 77.90 106.14 -13.81
C PRO B 2658 78.98 105.49 -14.66
N THR B 2659 79.70 104.50 -14.12
CA THR B 2659 80.68 103.78 -14.92
C THR B 2659 80.00 103.06 -16.08
N GLY B 2660 78.89 102.38 -15.80
CA GLY B 2660 78.15 101.73 -16.89
C GLY B 2660 77.61 102.71 -17.90
N TRP B 2661 77.10 103.86 -17.42
CA TRP B 2661 76.60 104.88 -18.34
C TRP B 2661 77.72 105.41 -19.22
N ALA B 2662 78.90 105.67 -18.64
CA ALA B 2662 80.02 106.16 -19.42
C ALA B 2662 80.49 105.12 -20.43
N ASN B 2663 80.52 103.84 -20.03
CA ASN B 2663 80.90 102.79 -20.95
C ASN B 2663 79.94 102.73 -22.13
N PHE B 2664 78.63 102.78 -21.85
CA PHE B 2664 77.65 102.74 -22.91
C PHE B 2664 77.78 103.94 -23.84
N GLY B 2665 77.95 105.13 -23.26
CA GLY B 2665 78.09 106.32 -24.09
C GLY B 2665 79.32 106.28 -24.98
N VAL B 2666 80.45 105.83 -24.41
CA VAL B 2666 81.69 105.75 -25.19
C VAL B 2666 81.56 104.72 -26.30
N THR B 2667 80.98 103.56 -26.00
CA THR B 2667 80.91 102.49 -26.98
C THR B 2667 79.75 102.65 -27.96
N SER B 2668 78.86 103.62 -27.74
CA SER B 2668 77.77 103.87 -28.67
C SER B 2668 77.94 105.14 -29.50
N GLU B 2669 78.35 106.25 -28.89
CA GLU B 2669 78.38 107.51 -29.61
C GLU B 2669 79.53 107.55 -30.61
N GLU B 2670 80.73 107.13 -30.20
CA GLU B 2670 81.90 107.21 -31.05
C GLU B 2670 82.46 105.85 -31.44
N GLU B 2671 81.71 104.78 -31.20
CA GLU B 2671 82.16 103.44 -31.57
C GLU B 2671 81.16 102.70 -32.44
N LEU B 2672 79.87 102.86 -32.19
CA LEU B 2672 78.85 102.16 -32.96
C LEU B 2672 78.74 102.76 -34.36
N HIS B 2673 78.24 101.95 -35.29
CA HIS B 2673 78.06 102.37 -36.67
C HIS B 2673 76.71 103.09 -36.81
N LEU B 2674 76.29 103.32 -38.05
CA LEU B 2674 75.04 104.02 -38.33
C LEU B 2674 73.83 103.10 -38.36
N THR B 2675 74.00 101.81 -38.11
CA THR B 2675 72.87 100.89 -38.08
C THR B 2675 71.89 101.29 -36.99
N ARG B 2676 70.72 101.79 -37.38
CA ARG B 2676 69.73 102.24 -36.41
C ARG B 2676 69.25 101.09 -35.54
N LYS B 2677 69.06 99.91 -36.14
CA LYS B 2677 68.63 98.74 -35.37
C LYS B 2677 69.68 98.35 -34.34
N LEU B 2678 70.96 98.41 -34.72
CA LEU B 2678 72.03 98.07 -33.78
C LEU B 2678 72.02 99.00 -32.58
N PHE B 2679 71.88 100.31 -32.82
CA PHE B 2679 71.85 101.27 -31.72
C PHE B 2679 70.60 101.09 -30.86
N TRP B 2680 69.45 100.84 -31.50
CA TRP B 2680 68.22 100.67 -30.75
C TRP B 2680 68.18 99.37 -29.96
N GLY B 2681 68.96 98.37 -30.36
CA GLY B 2681 68.99 97.12 -29.63
C GLY B 2681 69.54 97.23 -28.22
N ILE B 2682 70.33 98.27 -27.95
CA ILE B 2682 70.89 98.48 -26.62
C ILE B 2682 70.57 99.88 -26.15
N PHE B 2683 69.53 100.48 -26.73
CA PHE B 2683 69.11 101.83 -26.37
C PHE B 2683 68.18 101.75 -25.16
N ASP B 2684 68.70 102.12 -23.99
CA ASP B 2684 67.92 102.05 -22.75
C ASP B 2684 68.40 103.13 -21.80
N SER B 2685 67.55 103.47 -20.84
CA SER B 2685 67.91 104.47 -19.84
C SER B 2685 68.74 103.85 -18.73
N LEU B 2686 68.18 102.87 -18.01
CA LEU B 2686 68.85 102.18 -16.92
C LEU B 2686 69.38 103.15 -15.86
N ALA B 2687 68.57 104.17 -15.55
CA ALA B 2687 68.93 105.18 -14.57
C ALA B 2687 67.75 105.39 -13.62
N HIS B 2688 67.98 105.13 -12.32
CA HIS B 2688 66.96 105.34 -11.31
C HIS B 2688 67.53 106.03 -10.07
N LYS B 2689 68.71 106.63 -10.18
CA LYS B 2689 69.33 107.32 -9.06
C LYS B 2689 68.67 108.68 -8.87
N LYS B 2690 69.26 109.50 -8.00
CA LYS B 2690 68.70 110.81 -7.69
C LYS B 2690 69.09 111.82 -8.77
N TYR B 2691 68.65 113.06 -8.58
CA TYR B 2691 68.94 114.15 -9.50
C TYR B 2691 69.97 115.12 -8.96
N ASP B 2692 69.77 115.62 -7.73
CA ASP B 2692 70.75 116.53 -7.14
C ASP B 2692 72.08 115.84 -6.89
N GLN B 2693 72.05 114.60 -6.43
CA GLN B 2693 73.25 113.83 -6.14
C GLN B 2693 73.30 112.60 -7.03
N GLU B 2694 74.43 112.39 -7.70
CA GLU B 2694 74.62 111.25 -8.58
C GLU B 2694 75.74 110.34 -8.11
N LEU B 2695 76.91 110.90 -7.78
CA LEU B 2695 78.06 110.13 -7.31
C LEU B 2695 78.67 110.82 -6.10
N TYR B 2696 78.97 110.02 -5.07
CA TYR B 2696 79.66 110.51 -3.88
C TYR B 2696 80.69 109.44 -3.50
N ARG B 2697 81.90 109.58 -4.02
CA ARG B 2697 82.96 108.61 -3.81
C ARG B 2697 84.30 109.34 -3.83
N MET B 2698 85.39 108.59 -3.97
CA MET B 2698 86.71 109.19 -4.02
C MET B 2698 86.87 110.07 -5.25
N ALA B 2699 87.54 111.20 -5.07
CA ALA B 2699 87.77 112.12 -6.18
C ALA B 2699 88.69 111.49 -7.22
N MET B 2700 88.35 111.70 -8.50
CA MET B 2700 89.10 111.14 -9.61
C MET B 2700 89.41 112.25 -10.62
N PRO B 2701 90.28 113.20 -10.26
CA PRO B 2701 90.64 114.25 -11.21
C PRO B 2701 91.30 113.73 -12.47
N CYS B 2702 92.06 112.64 -12.38
CA CYS B 2702 92.75 112.05 -13.52
C CYS B 2702 92.14 110.69 -13.84
N LEU B 2703 91.79 110.49 -15.10
CA LEU B 2703 91.19 109.23 -15.53
C LEU B 2703 91.47 108.98 -17.00
N SER B 2950 80.44 117.08 -9.60
CA SER B 2950 81.04 117.02 -10.94
C SER B 2950 80.31 116.00 -11.81
N ILE B 2951 80.02 114.83 -11.24
CA ILE B 2951 79.29 113.81 -11.98
C ILE B 2951 77.88 114.27 -12.30
N GLU B 2952 77.23 114.95 -11.35
CA GLU B 2952 75.89 115.46 -11.58
C GLU B 2952 75.84 116.49 -12.70
N LYS B 2953 76.96 117.17 -12.99
CA LYS B 2953 77.05 118.15 -14.05
C LYS B 2953 77.66 117.59 -15.32
N ARG B 2954 77.89 116.27 -15.39
CA ARG B 2954 78.56 115.67 -16.53
C ARG B 2954 77.64 115.50 -17.73
N PHE B 2955 76.35 115.78 -17.60
CA PHE B 2955 75.40 115.66 -18.69
C PHE B 2955 75.29 116.92 -19.54
N ALA B 2956 76.04 117.97 -19.19
CA ALA B 2956 75.87 119.26 -19.85
C ALA B 2956 76.75 119.41 -21.09
N PHE B 2957 78.05 119.07 -20.97
CA PHE B 2957 78.98 119.38 -22.04
C PHE B 2957 78.72 118.53 -23.29
N GLY B 2958 78.35 117.26 -23.10
CA GLY B 2958 78.25 116.36 -24.24
C GLY B 2958 77.15 116.76 -25.20
N PHE B 2959 75.94 116.97 -24.70
CA PHE B 2959 74.81 117.29 -25.55
C PHE B 2959 75.00 118.63 -26.24
N LEU B 2960 75.39 119.66 -25.48
CA LEU B 2960 75.58 120.98 -26.07
C LEU B 2960 76.70 120.97 -27.09
N GLN B 2961 77.81 120.29 -26.80
CA GLN B 2961 78.92 120.22 -27.74
C GLN B 2961 78.51 119.49 -29.01
N GLN B 2962 77.78 118.39 -28.88
CA GLN B 2962 77.33 117.65 -30.06
C GLN B 2962 76.38 118.48 -30.90
N LEU B 2963 75.45 119.21 -30.25
CA LEU B 2963 74.47 119.98 -31.00
C LEU B 2963 75.11 121.19 -31.68
N LEU B 2964 76.07 121.83 -31.01
CA LEU B 2964 76.74 122.98 -31.61
C LEU B 2964 77.68 122.59 -32.73
N ARG B 2965 78.06 121.32 -32.82
CA ARG B 2965 78.96 120.83 -33.86
C ARG B 2965 78.23 120.09 -34.98
N TRP B 2966 76.90 120.02 -34.93
CA TRP B 2966 76.15 119.31 -35.97
C TRP B 2966 76.15 120.08 -37.28
N MET B 2967 75.94 121.40 -37.23
CA MET B 2967 75.94 122.21 -38.43
C MET B 2967 77.32 122.27 -39.09
N ASP B 2968 78.38 121.99 -38.33
CA ASP B 2968 79.72 121.98 -38.92
C ASP B 2968 79.86 120.87 -39.96
N ILE B 2969 79.31 119.70 -39.68
CA ILE B 2969 79.34 118.60 -40.64
C ILE B 2969 78.11 118.56 -41.54
N SER B 2970 77.03 119.26 -41.17
CA SER B 2970 75.86 119.33 -42.03
C SER B 2970 76.13 120.04 -43.34
N GLN B 2971 77.15 120.91 -43.38
CA GLN B 2971 77.47 121.64 -44.60
C GLN B 2971 77.92 120.72 -45.72
N GLU B 2972 78.46 119.54 -45.37
CA GLU B 2972 78.85 118.58 -46.39
C GLU B 2972 77.65 118.10 -47.20
N PHE B 2973 76.53 117.86 -46.51
CA PHE B 2973 75.34 117.37 -47.18
C PHE B 2973 74.43 118.47 -47.71
N ILE B 2974 74.41 119.65 -47.07
CA ILE B 2974 73.52 120.73 -47.49
C ILE B 2974 74.16 121.65 -48.51
N ALA B 2975 75.45 121.48 -48.81
CA ALA B 2975 76.14 122.31 -49.80
C ALA B 2975 76.80 121.39 -50.83
N HIS B 2976 76.30 121.42 -52.05
CA HIS B 2976 76.84 120.60 -53.13
C HIS B 2976 76.48 121.17 -54.50
N ILE B 2995 71.85 110.37 -43.90
CA ILE B 2995 71.23 109.91 -42.67
C ILE B 2995 72.28 109.31 -41.74
N LYS B 2996 73.33 108.73 -42.33
CA LYS B 2996 74.40 108.14 -41.53
C LYS B 2996 75.09 109.21 -40.69
N PHE B 2997 75.47 110.33 -41.32
CA PHE B 2997 75.98 111.45 -40.55
C PHE B 2997 74.93 111.97 -39.59
N PHE B 2998 73.67 112.01 -40.03
CA PHE B 2998 72.59 112.41 -39.14
C PHE B 2998 72.38 111.39 -38.03
N ALA B 2999 72.57 110.09 -38.32
CA ALA B 2999 72.49 109.08 -37.28
C ALA B 2999 73.57 109.33 -36.22
N LYS B 3000 74.77 109.73 -36.65
CA LYS B 3000 75.77 110.17 -35.70
C LYS B 3000 75.30 111.40 -34.94
N ILE B 3001 74.62 112.32 -35.64
CA ILE B 3001 74.08 113.51 -34.98
C ILE B 3001 72.92 113.14 -34.07
N LEU B 3002 72.03 112.27 -34.53
CA LEU B 3002 70.82 111.92 -33.79
C LEU B 3002 71.06 110.85 -32.72
N LEU B 3003 72.31 110.64 -32.32
CA LEU B 3003 72.58 109.70 -31.24
C LEU B 3003 71.89 110.05 -29.92
N PRO B 3004 71.88 111.29 -29.44
CA PRO B 3004 71.24 111.59 -28.16
C PRO B 3004 69.72 111.64 -28.21
N LEU B 3005 69.08 111.16 -29.28
CA LEU B 3005 67.63 111.18 -29.34
C LEU B 3005 67.01 110.32 -28.24
N ILE B 3006 67.61 109.15 -27.97
CA ILE B 3006 67.09 108.27 -26.93
C ILE B 3006 67.17 108.94 -25.57
N ASN B 3007 68.29 109.59 -25.27
CA ASN B 3007 68.47 110.27 -23.99
C ASN B 3007 67.73 111.60 -23.90
N GLN B 3008 67.25 112.13 -25.02
CA GLN B 3008 66.48 113.37 -24.98
C GLN B 3008 65.21 113.21 -24.13
N TYR B 3009 64.51 112.09 -24.30
CA TYR B 3009 63.33 111.82 -23.50
C TYR B 3009 63.62 111.08 -22.20
N PHE B 3010 64.86 110.61 -22.01
CA PHE B 3010 65.21 109.90 -20.78
C PHE B 3010 65.18 110.83 -19.58
N THR B 3011 65.67 112.06 -19.74
CA THR B 3011 65.69 113.01 -18.63
C THR B 3011 64.29 113.41 -18.18
N ASN B 3012 63.27 113.19 -19.02
CA ASN B 3012 61.91 113.45 -18.61
C ASN B 3012 61.51 112.56 -17.44
N HIS B 3013 61.74 111.25 -17.57
CA HIS B 3013 61.45 110.35 -16.47
C HIS B 3013 62.51 110.46 -15.37
N CYS B 3014 63.78 110.60 -15.75
CA CYS B 3014 64.85 110.68 -14.75
C CYS B 3014 64.72 111.94 -13.90
N LEU B 3015 64.38 113.07 -14.52
CA LEU B 3015 64.29 114.35 -13.83
C LEU B 3015 62.96 115.00 -14.21
N TYR B 3016 61.94 114.77 -13.40
CA TYR B 3016 60.63 115.39 -13.57
C TYR B 3016 60.23 116.28 -12.40
N PHE B 3017 60.45 115.81 -11.17
CA PHE B 3017 60.17 116.61 -9.98
C PHE B 3017 61.43 117.30 -9.44
N LEU B 3018 62.32 117.70 -10.33
CA LEU B 3018 63.57 118.36 -9.96
C LEU B 3018 63.37 119.84 -9.65
N SER B 3019 62.13 120.30 -9.46
CA SER B 3019 61.90 121.72 -9.23
C SER B 3019 62.19 122.11 -7.78
N THR B 3020 61.66 121.35 -6.81
CA THR B 3020 61.70 121.79 -5.42
C THR B 3020 63.09 121.64 -4.82
N PRO B 3021 63.69 120.44 -4.80
CA PRO B 3021 65.03 120.42 -4.19
C PRO B 3021 66.15 120.64 -5.20
N ALA B 3022 65.95 120.29 -6.46
CA ALA B 3022 66.97 120.40 -7.49
C ALA B 3022 66.80 121.70 -8.26
N LYS B 3023 67.53 121.81 -9.37
CA LYS B 3023 67.49 122.97 -10.26
C LYS B 3023 67.92 124.25 -9.55
N VAL B 3024 68.82 124.13 -8.57
CA VAL B 3024 69.33 125.30 -7.88
C VAL B 3024 70.13 126.16 -8.85
N LEU B 3025 70.99 125.54 -9.66
CA LEU B 3025 71.78 126.24 -10.65
C LEU B 3025 71.75 125.57 -12.02
N GLY B 3026 71.10 124.41 -12.15
CA GLY B 3026 71.12 123.69 -13.40
C GLY B 3026 70.25 124.29 -14.49
N SER B 3027 69.22 125.05 -14.12
CA SER B 3027 68.28 125.55 -15.11
C SER B 3027 68.96 126.44 -16.15
N GLY B 3028 69.86 127.31 -15.70
CA GLY B 3028 70.59 128.15 -16.61
C GLY B 3028 71.96 127.58 -16.95
N GLY B 3029 72.53 126.83 -15.99
CA GLY B 3029 73.86 126.28 -16.21
C GLY B 3029 73.89 125.22 -17.30
N HIS B 3030 72.93 124.30 -17.30
CA HIS B 3030 72.93 123.18 -18.23
C HIS B 3030 71.68 123.15 -19.11
N ALA B 3031 70.50 123.31 -18.52
CA ALA B 3031 69.26 123.19 -19.29
C ALA B 3031 69.15 124.28 -20.35
N SER B 3032 69.50 125.51 -19.99
CA SER B 3032 69.39 126.62 -20.94
C SER B 3032 70.45 126.59 -22.02
N ASN B 3033 71.46 125.72 -21.90
CA ASN B 3033 72.53 125.69 -22.88
C ASN B 3033 72.03 125.30 -24.27
N LYS B 3034 71.16 124.29 -24.35
CA LYS B 3034 70.69 123.77 -25.62
C LYS B 3034 69.45 124.49 -26.15
N GLU B 3035 68.92 125.47 -25.42
CA GLU B 3035 67.71 126.13 -25.85
C GLU B 3035 67.91 126.91 -27.15
N LYS B 3036 69.06 127.59 -27.27
CA LYS B 3036 69.28 128.44 -28.44
C LYS B 3036 69.52 127.65 -29.72
N GLU B 3037 69.82 126.36 -29.62
CA GLU B 3037 70.14 125.56 -30.80
C GLU B 3037 68.94 125.31 -31.70
N MET B 3038 67.71 125.56 -31.22
CA MET B 3038 66.53 125.28 -32.02
C MET B 3038 66.35 126.28 -33.16
N ILE B 3039 67.03 127.42 -33.12
CA ILE B 3039 66.83 128.45 -34.13
C ILE B 3039 67.32 127.96 -35.49
N THR B 3040 68.50 127.34 -35.54
CA THR B 3040 69.10 126.95 -36.81
C THR B 3040 68.30 125.85 -37.51
N SER B 3041 67.51 125.08 -36.77
CA SER B 3041 66.71 124.01 -37.36
C SER B 3041 65.29 124.44 -37.68
N LEU B 3042 64.93 125.69 -37.39
CA LEU B 3042 63.57 126.16 -37.67
C LEU B 3042 63.30 126.20 -39.16
N PHE B 3043 64.28 126.60 -39.96
CA PHE B 3043 64.12 126.74 -41.40
C PHE B 3043 64.88 125.69 -42.19
N CYS B 3044 66.09 125.35 -41.77
CA CYS B 3044 66.87 124.33 -42.47
C CYS B 3044 66.18 122.98 -42.35
N LYS B 3045 66.08 122.27 -43.47
CA LYS B 3045 65.41 120.98 -43.49
C LYS B 3045 66.31 119.90 -42.90
N LEU B 3046 65.75 119.12 -41.97
CA LEU B 3046 66.48 118.04 -41.33
C LEU B 3046 65.49 116.97 -40.88
N ALA B 3047 66.02 115.76 -40.66
CA ALA B 3047 65.21 114.60 -40.33
C ALA B 3047 65.14 114.34 -38.82
N ALA B 3048 65.21 115.40 -38.01
CA ALA B 3048 65.16 115.25 -36.56
C ALA B 3048 63.70 115.21 -36.09
N LEU B 3049 63.51 115.18 -34.78
CA LEU B 3049 62.19 115.16 -34.18
C LEU B 3049 61.87 116.54 -33.59
N VAL B 3050 60.71 116.63 -32.94
CA VAL B 3050 60.23 117.91 -32.44
C VAL B 3050 60.54 118.13 -30.96
N ARG B 3051 60.85 117.07 -30.22
CA ARG B 3051 61.09 117.13 -28.77
C ARG B 3051 62.42 117.78 -28.40
N HIS B 3052 63.13 118.36 -29.36
CA HIS B 3052 64.51 118.81 -29.17
C HIS B 3052 64.68 119.81 -28.03
N ARG B 3053 64.05 120.98 -28.13
CA ARG B 3053 64.35 122.08 -27.21
C ARG B 3053 63.16 122.47 -26.34
N VAL B 3054 62.07 122.95 -26.94
CA VAL B 3054 60.98 123.53 -26.17
C VAL B 3054 59.63 122.89 -26.46
N SER B 3055 59.46 122.16 -27.55
CA SER B 3055 58.15 121.58 -27.86
C SER B 3055 57.76 120.54 -26.81
N LEU B 3056 58.68 119.68 -26.40
CA LEU B 3056 58.40 118.66 -25.41
C LEU B 3056 59.22 118.86 -24.14
N PHE B 3057 60.55 118.92 -24.25
CA PHE B 3057 61.38 119.02 -23.05
C PHE B 3057 61.23 120.36 -22.37
N GLY B 3058 61.29 121.45 -23.15
CA GLY B 3058 61.19 122.78 -22.57
C GLY B 3058 59.79 123.15 -22.10
N THR B 3059 58.78 122.38 -22.49
CA THR B 3059 57.40 122.68 -22.10
C THR B 3059 57.12 122.31 -20.64
N ASP B 3060 57.84 121.33 -20.10
CA ASP B 3060 57.56 120.83 -18.75
C ASP B 3060 58.78 120.80 -17.84
N ALA B 3061 59.95 120.43 -18.37
CA ALA B 3061 61.13 120.29 -17.52
C ALA B 3061 61.55 121.60 -16.85
N PRO B 3062 61.68 122.74 -17.55
CA PRO B 3062 62.07 123.97 -16.86
C PRO B 3062 60.93 124.65 -16.12
N ALA B 3063 59.70 124.55 -16.64
CA ALA B 3063 58.55 125.17 -15.99
C ALA B 3063 57.24 124.50 -16.40
N VAL B 3134 62.53 131.22 -11.23
CA VAL B 3134 63.87 130.91 -11.75
C VAL B 3134 64.22 131.85 -12.90
N ALA B 3135 63.53 132.98 -12.96
CA ALA B 3135 63.76 133.96 -14.02
C ALA B 3135 65.12 134.65 -13.90
N LEU B 3136 65.80 134.52 -12.77
CA LEU B 3136 67.08 135.18 -12.55
C LEU B 3136 68.20 134.16 -12.75
N LEU B 3137 69.13 134.47 -13.65
CA LEU B 3137 70.29 133.63 -13.93
C LEU B 3137 71.54 134.50 -13.86
N PRO B 3138 71.98 134.85 -12.65
CA PRO B 3138 73.15 135.74 -12.53
C PRO B 3138 74.43 135.17 -13.12
N VAL B 3139 74.60 133.85 -13.10
CA VAL B 3139 75.86 133.25 -13.53
C VAL B 3139 76.13 133.50 -15.01
N LEU B 3140 75.11 133.31 -15.85
CA LEU B 3140 75.26 133.40 -17.29
C LEU B 3140 74.53 134.64 -17.83
N THR B 3141 74.87 135.00 -19.06
CA THR B 3141 74.24 136.11 -19.76
C THR B 3141 73.08 135.68 -20.63
N THR B 3142 72.74 134.39 -20.64
CA THR B 3142 71.63 133.90 -21.46
C THR B 3142 70.28 134.38 -20.96
N LEU B 3143 70.21 134.96 -19.75
CA LEU B 3143 68.94 135.43 -19.21
C LEU B 3143 68.32 136.54 -20.06
N PHE B 3144 69.12 137.21 -20.90
CA PHE B 3144 68.61 138.23 -21.81
C PHE B 3144 68.77 137.86 -23.28
N GLN B 3145 69.49 136.79 -23.60
CA GLN B 3145 69.65 136.38 -24.99
C GLN B 3145 68.32 135.88 -25.56
N HIS B 3146 67.52 135.19 -24.74
CA HIS B 3146 66.26 134.65 -25.21
C HIS B 3146 65.23 135.73 -25.53
N ILE B 3147 65.46 136.97 -25.08
CA ILE B 3147 64.53 138.06 -25.37
C ILE B 3147 64.47 138.33 -26.87
N ALA B 3148 65.52 137.97 -27.60
CA ALA B 3148 65.52 138.17 -29.05
C ALA B 3148 64.46 137.34 -29.75
N GLN B 3149 63.92 136.32 -29.08
CA GLN B 3149 62.90 135.47 -29.70
C GLN B 3149 61.64 136.25 -30.04
N HIS B 3150 61.31 137.26 -29.22
CA HIS B 3150 60.09 138.03 -29.47
C HIS B 3150 60.15 138.71 -30.83
N GLN B 3151 61.28 139.35 -31.14
CA GLN B 3151 61.46 139.98 -32.44
C GLN B 3151 61.76 138.97 -33.53
N PHE B 3152 62.34 137.82 -33.18
CA PHE B 3152 62.71 136.82 -34.18
C PHE B 3152 61.51 136.04 -34.71
N GLY B 3153 60.47 135.87 -33.89
CA GLY B 3153 59.35 135.06 -34.30
C GLY B 3153 58.25 135.79 -35.05
N ASP B 3154 57.88 136.98 -34.56
CA ASP B 3154 56.71 137.67 -35.09
C ASP B 3154 56.89 138.04 -36.55
N ASP B 3155 58.07 138.55 -36.91
CA ASP B 3155 58.29 138.97 -38.29
C ASP B 3155 58.14 137.80 -39.26
N VAL B 3156 58.78 136.67 -38.95
CA VAL B 3156 58.71 135.51 -39.82
C VAL B 3156 57.28 134.97 -39.89
N ILE B 3157 56.60 134.90 -38.74
CA ILE B 3157 55.25 134.35 -38.72
C ILE B 3157 54.30 135.23 -39.53
N LEU B 3158 54.39 136.55 -39.35
CA LEU B 3158 53.51 137.45 -40.08
C LEU B 3158 53.83 137.46 -41.57
N ASP B 3159 55.11 137.34 -41.93
CA ASP B 3159 55.48 137.23 -43.34
C ASP B 3159 54.88 135.97 -43.95
N ASP B 3160 54.94 134.85 -43.22
CA ASP B 3160 54.32 133.63 -43.71
C ASP B 3160 52.81 133.78 -43.83
N VAL B 3161 52.18 134.46 -42.87
CA VAL B 3161 50.73 134.64 -42.90
C VAL B 3161 50.32 135.47 -44.12
N GLN B 3162 51.03 136.57 -44.36
CA GLN B 3162 50.70 137.44 -45.48
C GLN B 3162 50.95 136.77 -46.83
N VAL B 3163 51.77 135.73 -46.87
CA VAL B 3163 52.03 135.00 -48.10
C VAL B 3163 50.82 134.16 -48.48
N CYS B 3170 42.75 126.78 -51.16
CA CYS B 3170 42.37 126.05 -49.96
C CYS B 3170 42.87 124.61 -50.01
N SER B 3171 43.57 124.27 -51.09
CA SER B 3171 44.10 122.92 -51.24
C SER B 3171 45.44 122.75 -50.52
N ILE B 3172 46.45 123.52 -50.92
CA ILE B 3172 47.77 123.42 -50.30
C ILE B 3172 48.27 124.80 -49.95
N TYR B 3173 47.63 125.83 -50.49
CA TYR B 3173 48.01 127.22 -50.21
C TYR B 3173 47.54 127.57 -48.81
N SER B 3174 48.44 127.44 -47.84
CA SER B 3174 48.11 127.66 -46.43
C SER B 3174 49.40 127.93 -45.67
N LEU B 3175 49.31 127.89 -44.34
CA LEU B 3175 50.41 128.20 -43.43
C LEU B 3175 51.02 126.95 -42.81
N GLY B 3176 51.20 125.90 -43.61
CA GLY B 3176 51.74 124.65 -43.08
C GLY B 3176 53.10 124.83 -42.46
N THR B 3177 53.94 125.70 -43.04
CA THR B 3177 55.23 126.00 -42.43
C THR B 3177 55.05 126.65 -41.06
N THR B 3178 54.06 127.53 -40.93
CA THR B 3178 53.77 128.18 -39.66
C THR B 3178 53.13 127.22 -38.66
N LYS B 3179 52.53 126.12 -39.13
CA LYS B 3179 51.88 125.19 -38.22
C LYS B 3179 52.89 124.56 -37.26
N ASN B 3180 54.07 124.20 -37.76
CA ASN B 3180 55.08 123.59 -36.90
C ASN B 3180 55.54 124.56 -35.82
N THR B 3181 55.72 125.83 -36.16
CA THR B 3181 56.15 126.82 -35.18
C THR B 3181 55.01 127.27 -34.26
N TYR B 3182 53.75 127.02 -34.65
CA TYR B 3182 52.64 127.46 -33.82
C TYR B 3182 52.65 126.77 -32.46
N VAL B 3183 52.96 125.47 -32.43
CA VAL B 3183 52.94 124.76 -31.16
C VAL B 3183 53.96 125.35 -30.19
N GLU B 3184 55.12 125.75 -30.71
CA GLU B 3184 56.09 126.45 -29.86
C GLU B 3184 55.61 127.85 -29.50
N LYS B 3185 54.86 128.50 -30.40
CA LYS B 3185 54.34 129.83 -30.11
C LYS B 3185 53.36 129.80 -28.94
N LEU B 3186 52.50 128.80 -28.90
CA LEU B 3186 51.54 128.67 -27.81
C LEU B 3186 52.23 128.03 -26.62
N ARG B 3187 52.40 128.82 -25.55
CA ARG B 3187 53.00 128.36 -24.30
C ARG B 3187 52.16 128.84 -23.12
N PRO B 3188 50.99 128.23 -22.91
CA PRO B 3188 50.13 128.67 -21.80
C PRO B 3188 50.75 128.49 -20.43
N ALA B 3189 51.55 127.44 -20.24
CA ALA B 3189 52.03 127.06 -18.91
C ALA B 3189 53.39 127.61 -18.56
N LEU B 3190 54.20 128.02 -19.54
CA LEU B 3190 55.52 128.60 -19.26
C LEU B 3190 55.47 130.12 -19.11
N GLY B 3191 54.67 130.61 -18.15
CA GLY B 3191 54.75 132.01 -17.79
C GLY B 3191 55.42 132.17 -16.44
N GLU B 3192 56.71 132.49 -16.46
CA GLU B 3192 57.52 132.63 -15.25
C GLU B 3192 58.27 133.94 -15.18
N CYS B 3193 58.76 134.46 -16.30
CA CYS B 3193 59.59 135.64 -16.32
C CYS B 3193 58.79 136.84 -16.79
N LEU B 3194 59.47 137.97 -16.98
CA LEU B 3194 58.85 139.22 -17.42
C LEU B 3194 59.13 139.55 -18.88
N ALA B 3195 60.37 139.37 -19.33
CA ALA B 3195 60.83 139.56 -20.70
C ALA B 3195 60.80 141.02 -21.15
N ARG B 3196 60.35 141.95 -20.31
CA ARG B 3196 60.34 143.37 -20.62
C ARG B 3196 59.53 143.69 -21.87
N LEU B 3197 58.51 142.87 -22.16
CA LEU B 3197 57.62 143.08 -23.29
C LEU B 3197 56.23 143.40 -22.75
N ALA B 3198 55.67 144.53 -23.18
CA ALA B 3198 54.39 145.00 -22.67
C ALA B 3198 53.30 145.03 -23.74
N ALA B 3199 53.55 145.72 -24.85
CA ALA B 3199 52.55 145.86 -25.90
C ALA B 3199 53.06 145.56 -27.30
N ALA B 3200 54.37 145.54 -27.52
CA ALA B 3200 54.89 145.23 -28.85
C ALA B 3200 54.54 143.81 -29.26
N MET B 3201 54.61 142.87 -28.31
CA MET B 3201 54.32 141.47 -28.65
C MET B 3201 52.84 141.21 -28.87
N PRO B 3202 51.94 141.49 -27.92
CA PRO B 3202 50.56 141.00 -28.09
C PRO B 3202 49.77 141.74 -29.14
N VAL B 3203 49.92 143.06 -29.26
CA VAL B 3203 49.12 143.82 -30.20
C VAL B 3203 49.51 143.48 -31.64
N ALA B 3204 50.80 143.27 -31.90
CA ALA B 3204 51.27 142.96 -33.23
C ALA B 3204 50.73 141.63 -33.75
N PHE B 3205 50.19 140.79 -32.88
CA PHE B 3205 49.50 139.57 -33.29
C PHE B 3205 47.98 139.70 -33.21
N LEU B 3206 47.48 140.48 -32.25
CA LEU B 3206 46.03 140.67 -32.14
C LEU B 3206 45.48 141.41 -33.35
N GLU B 3207 46.17 142.45 -33.81
CA GLU B 3207 45.66 143.24 -34.93
C GLU B 3207 45.53 142.43 -36.21
N PRO B 3208 46.53 141.65 -36.65
CA PRO B 3208 46.34 140.89 -37.90
C PRO B 3208 45.19 139.90 -37.85
N GLN B 3209 44.93 139.29 -36.69
CA GLN B 3209 43.86 138.31 -36.59
C GLN B 3209 42.49 138.97 -36.65
N LEU B 3210 42.35 140.14 -36.02
CA LEU B 3210 41.05 140.80 -35.95
C LEU B 3210 40.62 141.41 -37.27
N ASN B 3211 41.58 141.79 -38.12
CA ASN B 3211 41.30 142.49 -39.36
C ASN B 3211 41.37 141.59 -40.59
N GLU B 3212 41.40 140.28 -40.41
CA GLU B 3212 41.52 139.33 -41.51
C GLU B 3212 40.39 138.31 -41.45
N TYR B 3213 39.17 138.79 -41.28
CA TYR B 3213 38.00 137.90 -41.26
C TYR B 3213 37.85 137.19 -42.60
N ASN B 3214 38.02 137.91 -43.70
CA ASN B 3214 37.87 137.36 -45.03
C ASN B 3214 39.21 136.84 -45.55
N ALA B 3215 39.21 136.31 -46.78
CA ALA B 3215 40.44 135.82 -47.37
C ALA B 3215 41.42 136.97 -47.61
N CYS B 3216 40.97 138.03 -48.29
CA CYS B 3216 41.75 139.22 -48.58
C CYS B 3216 43.18 138.88 -49.01
N SER B 3217 43.29 137.92 -49.93
CA SER B 3217 44.56 137.45 -50.47
C SER B 3217 45.49 136.90 -49.39
N VAL B 3218 44.93 136.55 -48.24
CA VAL B 3218 45.69 135.99 -47.12
C VAL B 3218 45.11 134.63 -46.80
N TYR B 3219 45.99 133.63 -46.67
CA TYR B 3219 45.55 132.28 -46.35
C TYR B 3219 44.73 132.29 -45.07
N THR B 3220 43.46 131.89 -45.16
CA THR B 3220 42.59 131.88 -44.00
C THR B 3220 43.08 130.86 -42.98
N THR B 3221 42.82 131.15 -41.70
CA THR B 3221 43.31 130.31 -40.62
C THR B 3221 42.65 128.95 -40.68
N LYS B 3222 43.42 127.93 -41.11
CA LYS B 3222 42.91 126.57 -41.10
C LYS B 3222 42.60 126.10 -39.69
N SER B 3223 43.47 126.44 -38.74
CA SER B 3223 43.26 126.13 -37.33
C SER B 3223 42.90 127.40 -36.58
N PRO B 3224 41.67 127.53 -36.07
CA PRO B 3224 41.34 128.71 -35.26
C PRO B 3224 42.18 128.82 -34.01
N ARG B 3225 42.76 127.71 -33.54
CA ARG B 3225 43.65 127.75 -32.39
C ARG B 3225 44.92 128.54 -32.67
N GLU B 3226 45.27 128.74 -33.94
CA GLU B 3226 46.40 129.60 -34.28
C GLU B 3226 46.19 131.02 -33.77
N ARG B 3227 44.94 131.45 -33.69
CA ARG B 3227 44.59 132.73 -33.08
C ARG B 3227 44.22 132.61 -31.61
N ALA B 3228 44.35 131.41 -31.03
CA ALA B 3228 44.06 131.19 -29.62
C ALA B 3228 45.31 131.22 -28.76
N ILE B 3229 46.45 131.65 -29.31
CA ILE B 3229 47.65 131.80 -28.51
C ILE B 3229 47.44 132.82 -27.40
N LEU B 3230 46.52 133.76 -27.61
CA LEU B 3230 46.16 134.75 -26.61
C LEU B 3230 45.22 134.19 -25.55
N GLY B 3231 45.11 132.87 -25.42
CA GLY B 3231 44.29 132.27 -24.39
C GLY B 3231 44.91 132.45 -23.01
N LEU B 3232 45.19 133.69 -22.68
CA LEU B 3232 45.80 134.11 -21.42
C LEU B 3232 45.10 135.38 -20.98
N PRO B 3233 45.20 135.76 -19.71
CA PRO B 3233 44.61 137.04 -19.29
C PRO B 3233 45.43 138.23 -19.76
N ASN B 3234 45.81 138.22 -21.04
CA ASN B 3234 46.63 139.23 -21.73
C ASN B 3234 47.74 139.78 -20.83
N SER B 3235 48.37 138.92 -20.06
CA SER B 3235 49.33 139.36 -19.04
C SER B 3235 50.65 138.65 -19.22
N VAL B 3236 51.74 139.39 -19.00
CA VAL B 3236 53.09 138.84 -18.98
C VAL B 3236 53.59 139.03 -17.56
N GLU B 3237 52.67 138.91 -16.59
CA GLU B 3237 52.88 139.22 -15.19
C GLU B 3237 53.06 140.72 -14.94
N GLU B 3238 52.66 141.55 -15.91
CA GLU B 3238 52.68 142.99 -15.75
C GLU B 3238 51.74 143.61 -16.79
N MET B 3239 50.98 144.61 -16.36
CA MET B 3239 50.05 145.32 -17.24
C MET B 3239 50.05 146.80 -16.87
N CYS B 3240 50.56 147.64 -17.77
CA CYS B 3240 50.60 149.08 -17.58
C CYS B 3240 50.00 149.74 -18.81
N PRO B 3241 48.66 149.80 -18.90
CA PRO B 3241 48.02 150.36 -20.09
C PRO B 3241 48.37 151.83 -20.29
N ASP B 3242 48.42 152.23 -21.57
CA ASP B 3242 48.65 153.59 -22.04
C ASP B 3242 50.03 154.13 -21.68
N ILE B 3243 50.93 153.29 -21.15
CA ILE B 3243 52.28 153.72 -20.81
C ILE B 3243 53.16 153.78 -22.06
N PRO B 3244 53.28 152.69 -22.87
CA PRO B 3244 54.21 152.74 -24.00
C PRO B 3244 53.60 153.31 -25.28
N VAL B 3245 52.26 153.34 -25.35
CA VAL B 3245 51.61 153.80 -26.57
C VAL B 3245 51.81 155.30 -26.78
N LEU B 3246 51.91 156.06 -25.69
CA LEU B 3246 52.07 157.51 -25.76
C LEU B 3246 53.41 158.00 -25.21
N ASP B 3247 53.90 157.39 -24.14
CA ASP B 3247 55.19 157.74 -23.57
C ASP B 3247 56.23 156.74 -24.07
N ARG B 3248 57.24 157.23 -24.77
CA ARG B 3248 58.26 156.37 -25.35
C ARG B 3248 59.68 156.85 -25.09
N LEU B 3249 59.87 158.01 -24.45
CA LEU B 3249 61.22 158.50 -24.19
C LEU B 3249 61.80 157.83 -22.93
N MET B 3250 61.17 158.07 -21.77
CA MET B 3250 61.66 157.48 -20.54
C MET B 3250 61.40 155.99 -20.48
N ALA B 3251 60.31 155.52 -21.09
CA ALA B 3251 60.01 154.10 -21.10
C ALA B 3251 61.07 153.32 -21.86
N ASP B 3252 61.50 153.84 -23.02
CA ASP B 3252 62.54 153.16 -23.79
C ASP B 3252 63.92 153.37 -23.18
N ILE B 3253 64.19 154.57 -22.67
CA ILE B 3253 65.50 154.85 -22.07
C ILE B 3253 65.70 154.01 -20.81
N GLY B 3254 64.68 153.95 -19.96
CA GLY B 3254 64.77 153.19 -18.73
C GLY B 3254 64.87 154.07 -17.50
N ALA B 3261 61.12 151.43 -15.12
CA ALA B 3261 59.84 151.78 -15.73
C ALA B 3261 58.69 151.45 -14.79
N ARG B 3262 57.84 152.45 -14.52
CA ARG B 3262 56.69 152.28 -13.65
C ARG B 3262 55.65 151.44 -14.38
N TYR B 3263 55.58 150.16 -14.03
CA TYR B 3263 54.67 149.21 -14.68
C TYR B 3263 53.73 148.62 -13.65
N THR B 3264 52.45 148.48 -14.04
CA THR B 3264 51.41 147.87 -13.21
C THR B 3264 51.15 148.64 -11.92
N GLU B 3265 51.59 149.89 -11.84
CA GLU B 3265 51.37 150.71 -10.65
C GLU B 3265 50.85 152.11 -10.95
N MET B 3266 51.09 152.66 -12.13
CA MET B 3266 50.62 154.00 -12.46
C MET B 3266 49.12 154.02 -12.75
N PRO B 3267 48.61 153.24 -13.72
CA PRO B 3267 47.17 153.32 -14.02
C PRO B 3267 46.32 152.41 -13.12
N HIS B 3268 46.12 152.86 -11.88
CA HIS B 3268 45.35 152.06 -10.94
C HIS B 3268 43.90 151.92 -11.37
N VAL B 3269 43.29 153.00 -11.88
CA VAL B 3269 41.89 152.98 -12.26
C VAL B 3269 41.74 153.42 -13.71
N ILE B 3270 42.78 153.18 -14.52
CA ILE B 3270 42.75 153.56 -15.93
C ILE B 3270 43.05 152.33 -16.78
N GLU B 3271 42.67 151.15 -16.29
CA GLU B 3271 43.02 149.89 -16.94
C GLU B 3271 41.93 149.42 -17.90
N ILE B 3272 40.72 149.18 -17.38
CA ILE B 3272 39.66 148.54 -18.15
C ILE B 3272 38.86 149.66 -18.85
N THR B 3273 39.34 150.07 -20.02
CA THR B 3273 38.61 150.98 -20.88
C THR B 3273 38.32 150.37 -22.24
N LEU B 3274 39.34 149.83 -22.92
CA LEU B 3274 39.19 149.13 -24.19
C LEU B 3274 38.66 147.72 -24.01
N PRO B 3275 39.08 146.97 -22.97
CA PRO B 3275 38.44 145.66 -22.73
C PRO B 3275 36.93 145.75 -22.59
N MET B 3276 36.42 146.79 -21.93
CA MET B 3276 34.98 146.95 -21.82
C MET B 3276 34.35 147.11 -23.20
N LEU B 3277 34.96 147.91 -24.07
CA LEU B 3277 34.42 148.12 -25.41
C LEU B 3277 34.41 146.84 -26.22
N CYS B 3278 35.53 146.10 -26.21
CA CYS B 3278 35.57 144.89 -27.03
C CYS B 3278 34.74 143.76 -26.44
N SER B 3279 34.45 143.81 -25.13
CA SER B 3279 33.53 142.84 -24.55
C SER B 3279 32.09 143.18 -24.86
N TYR B 3280 31.75 144.48 -24.88
CA TYR B 3280 30.39 144.90 -25.19
C TYR B 3280 30.08 144.85 -26.68
N LEU B 3281 31.11 144.83 -27.53
CA LEU B 3281 30.87 144.75 -28.97
C LEU B 3281 30.05 143.53 -29.37
N PRO B 3282 30.36 142.31 -28.91
CA PRO B 3282 29.49 141.17 -29.21
C PRO B 3282 28.35 140.95 -28.24
N ARG B 3283 28.11 141.88 -27.31
CA ARG B 3283 27.03 141.71 -26.33
C ARG B 3283 25.68 141.66 -27.02
N TRP B 3284 25.46 142.51 -28.02
CA TRP B 3284 24.23 142.52 -28.79
C TRP B 3284 24.31 141.67 -30.04
N TRP B 3285 25.30 140.77 -30.12
CA TRP B 3285 25.52 139.93 -31.29
C TRP B 3285 24.85 138.58 -31.09
N GLU B 3286 23.95 138.23 -32.00
CA GLU B 3286 23.24 136.96 -31.95
C GLU B 3286 23.21 136.33 -33.34
N ARG B 3287 24.36 136.32 -34.00
CA ARG B 3287 24.46 135.71 -35.33
C ARG B 3287 24.21 134.20 -35.24
N GLY B 3288 23.40 133.69 -36.16
CA GLY B 3288 23.03 132.29 -36.15
C GLY B 3288 24.19 131.37 -36.51
N PRO B 3289 24.60 131.39 -37.77
CA PRO B 3289 25.76 130.58 -38.17
C PRO B 3289 27.04 131.08 -37.52
N GLU B 3290 27.98 130.16 -37.34
CA GLU B 3290 29.26 130.50 -36.75
C GLU B 3290 30.25 131.09 -37.76
N ALA B 3291 29.97 130.98 -39.05
CA ALA B 3291 30.84 131.60 -40.05
C ALA B 3291 30.87 133.13 -39.96
N PRO B 3292 29.74 133.83 -39.84
CA PRO B 3292 29.81 135.30 -39.74
C PRO B 3292 30.62 135.78 -38.55
N PRO B 3293 30.62 135.06 -37.42
CA PRO B 3293 31.67 135.28 -36.41
C PRO B 3293 32.82 134.30 -36.59
N PRO B 3294 33.70 134.49 -37.58
CA PRO B 3294 34.73 133.48 -37.83
C PRO B 3294 35.86 133.52 -36.81
N ALA B 3295 36.27 134.72 -36.41
CA ALA B 3295 37.34 134.90 -35.43
C ALA B 3295 36.82 135.26 -34.05
N LEU B 3296 35.50 135.21 -33.86
CA LEU B 3296 34.96 135.46 -32.52
C LEU B 3296 35.49 134.50 -31.46
N PRO B 3297 35.60 133.19 -31.69
CA PRO B 3297 36.17 132.32 -30.64
C PRO B 3297 37.56 132.73 -30.20
N ALA B 3298 38.35 133.33 -31.09
CA ALA B 3298 39.64 133.87 -30.67
C ALA B 3298 39.48 135.19 -29.90
N GLY B 3299 38.50 136.00 -30.26
CA GLY B 3299 38.34 137.31 -29.66
C GLY B 3299 37.86 137.34 -28.23
N ALA B 3300 36.61 136.93 -28.00
CA ALA B 3300 35.95 137.08 -26.71
C ALA B 3300 36.28 135.99 -25.69
N PRO B 3301 36.22 134.70 -26.03
CA PRO B 3301 36.35 133.65 -24.99
C PRO B 3301 37.65 133.73 -24.21
N PRO B 3302 38.82 133.89 -24.84
CA PRO B 3302 40.08 133.81 -24.08
C PRO B 3302 40.18 134.87 -22.99
N PRO B 3303 40.10 136.19 -23.33
CA PRO B 3303 40.36 137.19 -22.28
C PRO B 3303 39.20 137.38 -21.32
N CYS B 3304 37.97 137.35 -21.83
CA CYS B 3304 36.81 137.71 -21.02
C CYS B 3304 36.65 136.78 -19.82
N THR B 3305 37.04 135.53 -19.96
CA THR B 3305 36.98 134.56 -18.86
C THR B 3305 38.28 134.48 -18.08
N ALA B 3306 39.29 135.24 -18.46
CA ALA B 3306 40.61 135.16 -17.83
C ALA B 3306 41.09 136.47 -17.24
N VAL B 3307 40.86 137.60 -17.91
CA VAL B 3307 41.37 138.87 -17.40
C VAL B 3307 40.65 139.26 -16.11
N THR B 3308 39.35 138.95 -16.00
CA THR B 3308 38.63 139.26 -14.78
C THR B 3308 38.97 138.31 -13.64
N SER B 3309 39.58 137.16 -13.95
CA SER B 3309 40.00 136.24 -12.90
C SER B 3309 41.05 136.88 -12.02
N ASP B 3310 42.02 137.57 -12.61
CA ASP B 3310 43.02 138.28 -11.84
C ASP B 3310 42.38 139.41 -11.04
N HIS B 3311 42.85 139.59 -9.81
CA HIS B 3311 42.32 140.57 -8.86
C HIS B 3311 40.80 140.62 -8.90
N LEU B 3312 40.19 139.44 -8.69
CA LEU B 3312 38.74 139.33 -8.76
C LEU B 3312 38.06 140.14 -7.66
N ASN B 3313 38.75 140.38 -6.55
CA ASN B 3313 38.19 141.24 -5.51
C ASN B 3313 37.97 142.66 -6.02
N SER B 3314 38.94 143.18 -6.78
CA SER B 3314 38.80 144.51 -7.36
C SER B 3314 37.74 144.54 -8.45
N LEU B 3315 37.68 143.49 -9.26
CA LEU B 3315 36.74 143.39 -10.39
C LEU B 3315 35.72 142.30 -10.05
N LEU B 3316 34.66 142.69 -9.33
CA LEU B 3316 33.66 141.75 -8.86
C LEU B 3316 32.43 141.71 -9.77
N GLY B 3317 31.85 142.85 -10.10
CA GLY B 3317 30.72 142.87 -11.01
C GLY B 3317 31.09 142.60 -12.45
N ASN B 3318 32.36 142.81 -12.81
CA ASN B 3318 32.79 142.59 -14.18
C ASN B 3318 32.65 141.12 -14.58
N ILE B 3319 33.12 140.21 -13.73
CA ILE B 3319 32.96 138.79 -14.02
C ILE B 3319 31.50 138.39 -13.94
N LEU B 3320 30.74 139.01 -13.02
CA LEU B 3320 29.32 138.70 -12.90
C LEU B 3320 28.58 139.01 -14.19
N ARG B 3321 28.91 140.13 -14.83
CA ARG B 3321 28.29 140.46 -16.11
C ARG B 3321 28.87 139.65 -17.24
N ILE B 3322 30.18 139.37 -17.19
CA ILE B 3322 30.85 138.68 -18.30
C ILE B 3322 30.33 137.25 -18.43
N ILE B 3323 30.13 136.56 -17.31
CA ILE B 3323 29.68 135.18 -17.37
C ILE B 3323 28.27 135.08 -17.95
N VAL B 3324 27.37 135.96 -17.51
CA VAL B 3324 26.01 135.93 -18.05
C VAL B 3324 26.00 136.36 -19.51
N ASN B 3325 26.87 137.29 -19.91
CA ASN B 3325 26.97 137.66 -21.32
C ASN B 3325 27.46 136.48 -22.15
N ASN B 3326 28.45 135.74 -21.63
CA ASN B 3326 28.94 134.56 -22.33
C ASN B 3326 27.85 133.51 -22.46
N LEU B 3327 27.06 133.32 -21.40
CA LEU B 3327 25.95 132.37 -21.46
C LEU B 3327 24.93 132.80 -22.51
N GLY B 3328 24.60 134.09 -22.55
CA GLY B 3328 23.67 134.57 -23.57
C GLY B 3328 24.20 134.39 -24.97
N ILE B 3329 25.50 134.64 -25.16
CA ILE B 3329 26.11 134.48 -26.48
C ILE B 3329 26.08 133.02 -26.90
N ASP B 3330 26.45 132.11 -25.99
CA ASP B 3330 26.43 130.69 -26.31
C ASP B 3330 25.01 130.15 -26.45
N GLU B 3331 24.01 130.89 -25.94
CA GLU B 3331 22.62 130.51 -26.15
C GLU B 3331 22.20 130.63 -27.60
N ALA B 3332 23.02 131.25 -28.45
CA ALA B 3332 22.70 131.34 -29.87
C ALA B 3332 22.70 130.00 -30.57
N THR B 3333 23.22 128.95 -29.94
CA THR B 3333 23.18 127.60 -30.47
C THR B 3333 22.11 126.75 -29.81
N TRP B 3334 20.98 127.37 -29.45
CA TRP B 3334 19.94 126.66 -28.70
C TRP B 3334 19.19 125.64 -29.55
N MET B 3335 19.13 125.86 -30.86
CA MET B 3335 18.38 124.95 -31.73
C MET B 3335 19.09 123.60 -31.82
N LYS B 3336 18.33 122.60 -32.29
CA LYS B 3336 18.82 121.22 -32.33
C LYS B 3336 19.96 121.07 -33.33
N ARG B 3337 19.84 121.67 -34.52
CA ARG B 3337 20.80 121.47 -35.60
C ARG B 3337 21.27 122.83 -36.09
N LEU B 3338 22.52 123.18 -35.73
CA LEU B 3338 23.17 124.36 -36.29
C LEU B 3338 24.39 123.99 -37.11
N ALA B 3339 25.35 123.28 -36.52
CA ALA B 3339 26.58 122.84 -37.17
C ALA B 3339 27.34 121.98 -36.16
N VAL B 3340 28.22 121.12 -36.69
CA VAL B 3340 29.06 120.28 -35.86
C VAL B 3340 30.54 120.46 -36.16
N PHE B 3341 30.89 121.51 -36.90
CA PHE B 3341 32.29 121.73 -37.27
C PHE B 3341 33.08 122.34 -36.12
N ALA B 3342 32.57 123.41 -35.51
CA ALA B 3342 33.25 124.08 -34.42
C ALA B 3342 32.41 124.18 -33.16
N GLN B 3343 31.18 123.67 -33.17
CA GLN B 3343 30.36 123.71 -31.96
C GLN B 3343 30.99 122.97 -30.79
N PRO B 3344 31.49 121.73 -30.93
CA PRO B 3344 32.23 121.14 -29.81
C PRO B 3344 33.46 121.92 -29.42
N ILE B 3345 34.16 122.53 -30.40
CA ILE B 3345 35.36 123.28 -30.10
C ILE B 3345 35.03 124.50 -29.24
N VAL B 3346 34.00 125.25 -29.62
CA VAL B 3346 33.63 126.43 -28.84
C VAL B 3346 33.02 126.01 -27.50
N SER B 3347 32.34 124.87 -27.45
CA SER B 3347 31.76 124.40 -26.20
C SER B 3347 32.85 124.02 -25.19
N ARG B 3348 33.90 123.36 -25.66
CA ARG B 3348 34.99 122.91 -24.78
C ARG B 3348 36.13 123.91 -24.70
N ALA B 3349 36.04 125.05 -25.37
CA ALA B 3349 37.13 126.03 -25.35
C ALA B 3349 37.36 126.56 -23.93
N ARG B 3350 36.30 127.04 -23.28
CA ARG B 3350 36.44 127.56 -21.93
C ARG B 3350 35.09 127.62 -21.22
N PRO B 3351 34.55 126.50 -20.78
CA PRO B 3351 33.30 126.52 -19.97
C PRO B 3351 33.60 126.73 -18.49
N GLU B 3352 34.12 127.92 -18.17
CA GLU B 3352 34.57 128.24 -16.82
C GLU B 3352 33.71 129.34 -16.22
N LEU B 3353 33.41 129.22 -14.93
CA LEU B 3353 32.69 130.24 -14.18
C LEU B 3353 33.10 130.13 -12.72
N LEU B 3354 33.17 131.28 -12.04
CA LEU B 3354 33.67 131.34 -10.68
C LEU B 3354 32.58 131.67 -9.66
N HIS B 3355 31.90 132.81 -9.83
CA HIS B 3355 30.91 133.25 -8.85
C HIS B 3355 29.68 133.80 -9.56
N SER B 3356 29.30 133.20 -10.68
CA SER B 3356 28.14 133.63 -11.44
C SER B 3356 27.31 132.42 -11.87
N HIS B 3357 27.05 131.53 -10.92
CA HIS B 3357 26.26 130.34 -11.19
C HIS B 3357 24.77 130.68 -11.19
N PHE B 3358 23.92 129.66 -11.16
CA PHE B 3358 22.48 129.88 -11.21
C PHE B 3358 21.99 130.65 -9.98
N ILE B 3359 22.58 130.39 -8.82
CA ILE B 3359 22.19 131.08 -7.59
C ILE B 3359 22.75 132.50 -7.59
N PRO B 3360 24.05 132.72 -7.80
CA PRO B 3360 24.54 134.11 -7.88
C PRO B 3360 23.91 134.90 -9.01
N THR B 3361 23.56 134.24 -10.12
CA THR B 3361 22.92 134.88 -11.27
C THR B 3361 21.64 134.12 -11.55
N ILE B 3362 20.52 134.62 -11.03
CA ILE B 3362 19.22 134.02 -11.31
C ILE B 3362 18.92 134.06 -12.81
N GLY B 3363 19.47 135.06 -13.51
CA GLY B 3363 19.37 135.06 -14.96
C GLY B 3363 20.01 133.84 -15.58
N ARG B 3364 21.14 133.40 -15.02
CA ARG B 3364 21.77 132.17 -15.49
C ARG B 3364 20.88 130.96 -15.23
N LEU B 3365 20.19 130.94 -14.09
CA LEU B 3365 19.25 129.86 -13.80
C LEU B 3365 18.12 129.83 -14.83
N ARG B 3366 17.56 131.00 -15.14
CA ARG B 3366 16.49 131.07 -16.13
C ARG B 3366 16.99 130.67 -17.51
N LYS B 3367 18.21 131.08 -17.86
CA LYS B 3367 18.78 130.72 -19.16
C LYS B 3367 19.01 129.21 -19.24
N ARG B 3368 19.49 128.59 -18.17
CA ARG B 3368 19.67 127.15 -18.16
C ARG B 3368 18.33 126.42 -18.27
N ALA B 3369 17.31 126.91 -17.57
CA ALA B 3369 15.98 126.31 -17.69
C ALA B 3369 15.45 126.43 -19.11
N GLY B 3370 15.63 127.58 -19.74
CA GLY B 3370 15.20 127.75 -21.12
C GLY B 3370 15.97 126.87 -22.08
N LYS B 3371 17.28 126.70 -21.84
CA LYS B 3371 18.07 125.81 -22.66
C LYS B 3371 17.61 124.37 -22.53
N VAL B 3372 17.26 123.95 -21.32
CA VAL B 3372 16.73 122.60 -21.11
C VAL B 3372 15.39 122.45 -21.82
N VAL B 3373 14.54 123.47 -21.75
CA VAL B 3373 13.24 123.41 -22.42
C VAL B 3373 13.45 123.32 -23.94
N ALA B 3374 14.44 124.03 -24.46
CA ALA B 3374 14.73 123.96 -25.89
C ALA B 3374 15.26 122.59 -26.28
N GLU B 3375 16.18 122.03 -25.47
CA GLU B 3375 16.71 120.70 -25.74
C GLU B 3375 15.66 119.62 -25.54
N GLU B 3376 14.54 119.93 -24.89
CA GLU B 3376 13.45 118.96 -24.79
C GLU B 3376 12.96 118.53 -26.17
N GLU B 3377 13.14 119.37 -27.18
CA GLU B 3377 12.77 118.99 -28.54
C GLU B 3377 13.55 117.77 -29.03
N GLN B 3378 14.73 117.52 -28.47
CA GLN B 3378 15.49 116.33 -28.85
C GLN B 3378 14.76 115.04 -28.51
N LEU B 3379 13.84 115.08 -27.56
CA LEU B 3379 13.07 113.88 -27.23
C LEU B 3379 12.20 113.43 -28.39
N ARG B 3380 11.60 114.38 -29.11
CA ARG B 3380 10.77 114.04 -30.25
C ARG B 3380 11.58 113.39 -31.38
N LEU B 3381 12.90 113.59 -31.39
CA LEU B 3381 13.74 112.93 -32.40
C LEU B 3381 13.70 111.43 -32.21
N GLU B 3382 13.66 110.95 -30.96
CA GLU B 3382 13.57 109.52 -30.72
C GLU B 3382 12.28 108.94 -31.30
N ALA B 3383 11.15 109.64 -31.10
CA ALA B 3383 9.89 109.18 -31.67
C ALA B 3383 9.94 109.22 -33.19
N LYS B 3384 10.53 110.27 -33.76
CA LYS B 3384 10.62 110.38 -35.22
C LYS B 3384 11.45 109.23 -35.80
N ALA B 3385 12.56 108.89 -35.15
CA ALA B 3385 13.39 107.78 -35.63
C ALA B 3385 12.67 106.44 -35.43
N GLU B 3386 11.94 106.29 -34.32
CA GLU B 3386 11.22 105.06 -34.06
C GLU B 3386 10.11 104.83 -35.08
N ALA B 3387 9.41 105.89 -35.48
CA ALA B 3387 8.31 105.74 -36.42
C ALA B 3387 8.79 105.22 -37.76
N GLU B 3388 9.96 105.69 -38.22
CA GLU B 3388 10.49 105.26 -39.52
C GLU B 3388 10.96 103.82 -39.52
N GLU B 3389 11.09 103.18 -38.36
CA GLU B 3389 11.56 101.81 -38.26
C GLU B 3389 10.41 100.79 -38.32
N GLY B 3390 9.30 101.15 -38.95
CA GLY B 3390 8.15 100.27 -39.01
C GLY B 3390 8.17 99.33 -40.20
N GLU B 3391 8.58 98.08 -39.96
CA GLU B 3391 8.60 97.03 -40.98
C GLU B 3391 9.45 97.40 -42.19
N LEU B 3392 10.52 98.16 -41.97
CA LEU B 3392 11.45 98.58 -43.01
C LEU B 3392 10.70 99.31 -44.14
N LEU B 3393 10.01 100.38 -43.73
CA LEU B 3393 9.22 101.15 -44.69
C LEU B 3393 10.11 101.79 -45.76
N VAL B 3394 11.23 102.36 -45.35
CA VAL B 3394 12.15 103.05 -46.23
C VAL B 3394 13.59 102.68 -45.85
N ARG B 3395 14.54 103.27 -46.55
CA ARG B 3395 15.96 103.03 -46.27
C ARG B 3395 16.36 103.75 -44.99
N ASP B 3396 16.21 103.08 -43.85
CA ASP B 3396 16.53 103.69 -42.56
C ASP B 3396 18.02 103.93 -42.36
N GLU B 3397 18.88 103.38 -43.22
CA GLU B 3397 20.32 103.56 -43.05
C GLU B 3397 20.70 105.03 -43.14
N PHE B 3398 20.13 105.76 -44.09
CA PHE B 3398 20.47 107.17 -44.26
C PHE B 3398 19.77 108.06 -43.23
N SER B 3399 18.56 107.70 -42.81
CA SER B 3399 17.73 108.58 -41.99
C SER B 3399 17.80 108.26 -40.50
N VAL B 3400 17.45 107.03 -40.12
CA VAL B 3400 17.41 106.67 -38.71
C VAL B 3400 18.81 106.73 -38.09
N LEU B 3401 19.81 106.22 -38.81
CA LEU B 3401 21.17 106.22 -38.29
C LEU B 3401 21.69 107.64 -38.11
N CYS B 3402 21.32 108.56 -39.02
CA CYS B 3402 21.74 109.95 -38.90
C CYS B 3402 20.92 110.72 -37.87
N ARG B 3403 19.71 110.27 -37.55
CA ARG B 3403 18.84 111.01 -36.64
C ARG B 3403 19.47 111.12 -35.25
N ASP B 3404 19.70 109.98 -34.60
CA ASP B 3404 20.30 110.00 -33.27
C ASP B 3404 21.71 110.55 -33.30
N LEU B 3405 22.41 110.40 -34.42
CA LEU B 3405 23.75 110.98 -34.56
C LEU B 3405 23.69 112.51 -34.45
N TYR B 3406 22.81 113.13 -35.25
CA TYR B 3406 22.64 114.57 -35.19
C TYR B 3406 21.99 115.02 -33.89
N ALA B 3407 21.28 114.12 -33.19
CA ALA B 3407 20.75 114.47 -31.88
C ALA B 3407 21.85 114.53 -30.84
N LEU B 3408 22.75 113.55 -30.83
CA LEU B 3408 23.80 113.46 -29.83
C LEU B 3408 25.02 114.33 -30.16
N TYR B 3409 25.13 114.80 -31.40
CA TYR B 3409 26.27 115.68 -31.74
C TYR B 3409 26.30 116.95 -30.91
N PRO B 3410 25.20 117.73 -30.79
CA PRO B 3410 25.28 118.95 -29.97
C PRO B 3410 24.92 118.70 -28.51
N LEU B 3411 24.28 117.56 -28.22
CA LEU B 3411 23.88 117.26 -26.86
C LEU B 3411 25.09 117.12 -25.94
N LEU B 3412 26.15 116.47 -26.43
CA LEU B 3412 27.35 116.32 -25.61
C LEU B 3412 28.05 117.66 -25.37
N ILE B 3413 27.84 118.63 -26.25
CA ILE B 3413 28.53 119.91 -26.14
C ILE B 3413 28.11 120.63 -24.86
N ARG B 3414 26.80 120.66 -24.58
CA ARG B 3414 26.29 121.42 -23.44
C ARG B 3414 26.51 120.70 -22.11
N TYR B 3415 26.89 119.43 -22.12
CA TYR B 3415 27.04 118.69 -20.87
C TYR B 3415 28.27 119.16 -20.10
N VAL B 3416 29.32 119.58 -20.79
CA VAL B 3416 30.53 120.07 -20.12
C VAL B 3416 30.23 121.33 -19.35
N ASP B 3417 29.32 122.17 -19.86
CA ASP B 3417 28.97 123.39 -19.16
C ASP B 3417 28.38 123.09 -17.79
N ASN B 3418 27.51 122.09 -17.70
CA ASN B 3418 26.99 121.66 -16.41
C ASN B 3418 28.10 121.04 -15.57
N ASN B 3419 28.82 120.07 -16.14
CA ASN B 3419 29.80 119.32 -15.37
C ASN B 3419 30.91 120.19 -14.82
N ARG B 3420 31.14 121.37 -15.40
CA ARG B 3420 32.18 122.27 -14.94
C ARG B 3420 31.91 122.73 -13.50
N ALA B 3421 30.80 123.44 -13.29
CA ALA B 3421 30.54 123.99 -11.97
C ALA B 3421 29.08 123.98 -11.52
N HIS B 3422 28.14 123.45 -12.32
CA HIS B 3422 26.77 123.41 -11.87
C HIS B 3422 26.58 122.48 -10.68
N TRP B 3423 27.49 121.51 -10.50
CA TRP B 3423 27.43 120.65 -9.34
C TRP B 3423 27.71 121.40 -8.04
N LEU B 3424 28.31 122.59 -8.13
CA LEU B 3424 28.59 123.37 -6.94
C LEU B 3424 27.34 124.05 -6.38
N THR B 3425 26.37 124.38 -7.25
CA THR B 3425 25.22 125.16 -6.82
C THR B 3425 23.89 124.45 -7.03
N GLU B 3426 23.64 123.89 -8.21
CA GLU B 3426 22.32 123.31 -8.49
C GLU B 3426 21.93 122.22 -7.52
N PRO B 3427 22.76 121.21 -7.22
CA PRO B 3427 22.38 120.24 -6.20
C PRO B 3427 22.63 120.68 -4.76
N ASN B 3428 23.20 121.87 -4.57
CA ASN B 3428 23.43 122.40 -3.23
C ASN B 3428 22.36 123.39 -2.79
N ALA B 3429 21.65 124.00 -3.74
CA ALA B 3429 20.55 124.88 -3.37
C ALA B 3429 19.40 124.12 -2.73
N ASN B 3430 19.22 122.84 -3.11
CA ASN B 3430 18.16 122.04 -2.49
C ASN B 3430 18.46 121.77 -1.02
N ALA B 3431 19.73 121.70 -0.64
CA ALA B 3431 20.08 121.54 0.77
C ALA B 3431 19.57 122.73 1.59
N GLU B 3432 19.76 123.94 1.09
CA GLU B 3432 19.18 125.11 1.74
C GLU B 3432 17.65 125.07 1.68
N GLU B 3433 17.10 124.71 0.52
CA GLU B 3433 15.65 124.61 0.35
C GLU B 3433 15.37 123.71 -0.84
N LEU B 3434 14.66 122.60 -0.60
CA LEU B 3434 14.49 121.57 -1.62
C LEU B 3434 13.71 122.04 -2.83
N PHE B 3435 12.99 123.15 -2.73
CA PHE B 3435 12.20 123.66 -3.83
C PHE B 3435 12.94 124.69 -4.68
N ARG B 3436 14.22 124.92 -4.41
CA ARG B 3436 14.98 125.91 -5.16
C ARG B 3436 15.15 125.50 -6.62
N MET B 3437 15.36 124.22 -6.89
CA MET B 3437 15.64 123.72 -8.23
C MET B 3437 14.66 122.61 -8.60
N VAL B 3438 13.36 122.87 -8.38
CA VAL B 3438 12.34 121.90 -8.75
C VAL B 3438 12.35 121.67 -10.26
N GLY B 3439 12.58 122.73 -11.03
CA GLY B 3439 12.69 122.58 -12.47
C GLY B 3439 13.84 121.69 -12.88
N GLU B 3440 14.98 121.81 -12.18
CA GLU B 3440 16.13 120.96 -12.47
C GLU B 3440 15.80 119.49 -12.23
N ILE B 3441 15.08 119.21 -11.14
CA ILE B 3441 14.61 117.85 -10.90
C ILE B 3441 13.68 117.41 -12.04
N PHE B 3442 12.77 118.29 -12.44
CA PHE B 3442 11.91 118.00 -13.58
C PHE B 3442 12.74 117.87 -14.86
N ILE B 3443 13.74 118.71 -15.02
CA ILE B 3443 14.57 118.67 -16.23
C ILE B 3443 15.43 117.41 -16.22
N TYR B 3444 15.94 117.08 -17.41
CA TYR B 3444 16.83 115.93 -17.62
C TYR B 3444 16.15 114.62 -17.21
N TRP B 3445 14.82 114.57 -17.30
CA TRP B 3445 14.08 113.36 -16.94
C TRP B 3445 13.84 112.46 -18.15
N SER B 3446 13.13 112.99 -19.15
CA SER B 3446 12.88 112.20 -20.36
C SER B 3446 14.14 112.02 -21.19
N LYS B 3447 15.01 113.03 -21.22
CA LYS B 3447 16.25 112.91 -21.98
C LYS B 3447 17.13 111.79 -21.42
N SER B 3448 17.21 111.68 -20.10
CA SER B 3448 17.96 110.60 -19.49
C SER B 3448 17.37 109.24 -19.84
N HIS B 3449 16.04 109.14 -19.81
CA HIS B 3449 15.37 107.89 -20.19
C HIS B 3449 15.55 107.57 -21.67
N ASN B 3450 15.81 108.57 -22.50
CA ASN B 3450 15.98 108.33 -23.93
C ASN B 3450 17.19 107.42 -24.19
N PHE B 3451 18.21 107.49 -23.34
CA PHE B 3451 19.37 106.62 -23.52
C PHE B 3451 19.01 105.15 -23.27
N LYS B 3452 17.98 104.90 -22.46
CA LYS B 3452 17.56 103.53 -22.20
C LYS B 3452 17.11 102.85 -23.48
N ARG B 3453 16.06 103.38 -24.11
CA ARG B 3453 15.59 102.87 -25.39
C ARG B 3453 16.50 103.41 -26.49
N GLU B 3454 16.14 103.14 -27.75
CA GLU B 3454 16.89 103.59 -28.91
C GLU B 3454 18.35 103.10 -28.84
N GLU B 3455 18.48 101.77 -28.92
CA GLU B 3455 19.77 101.12 -28.79
C GLU B 3455 20.78 101.58 -29.83
N GLN B 3456 20.37 102.35 -30.83
CA GLN B 3456 21.30 102.86 -31.84
C GLN B 3456 22.18 103.97 -31.30
N ASN B 3457 21.93 104.48 -30.09
CA ASN B 3457 22.74 105.57 -29.56
C ASN B 3457 24.16 105.13 -29.18
N PHE B 3458 24.39 103.83 -29.02
CA PHE B 3458 25.70 103.36 -28.57
C PHE B 3458 26.79 103.67 -29.58
N VAL B 3459 26.52 103.42 -30.87
CA VAL B 3459 27.55 103.63 -31.88
C VAL B 3459 27.91 105.10 -32.00
N VAL B 3460 26.91 105.99 -31.96
CA VAL B 3460 27.21 107.41 -32.05
C VAL B 3460 27.90 107.91 -30.80
N GLN B 3461 27.50 107.41 -29.63
CA GLN B 3461 28.16 107.82 -28.40
C GLN B 3461 29.62 107.38 -28.38
N ASN B 3462 29.93 106.23 -28.97
CA ASN B 3462 31.31 105.80 -29.05
C ASN B 3462 32.08 106.60 -30.10
N GLU B 3463 31.46 106.88 -31.24
CA GLU B 3463 32.17 107.53 -32.33
C GLU B 3463 32.43 109.00 -32.04
N ILE B 3464 31.57 109.66 -31.27
CA ILE B 3464 31.85 111.06 -30.92
C ILE B 3464 33.06 111.14 -29.99
N ASN B 3465 33.19 110.17 -29.08
CA ASN B 3465 34.39 110.10 -28.25
C ASN B 3465 35.62 109.76 -29.09
N ASN B 3466 35.45 108.87 -30.07
CA ASN B 3466 36.58 108.52 -30.93
C ASN B 3466 37.07 109.73 -31.73
N MET B 3467 36.13 110.51 -32.27
CA MET B 3467 36.52 111.69 -33.04
C MET B 3467 36.96 112.83 -32.14
N SER B 3468 36.33 112.97 -30.98
CA SER B 3468 36.63 114.03 -30.01
C SER B 3468 36.55 115.42 -30.66
N VAL B 3511 32.82 101.36 -24.03
CA VAL B 3511 33.56 102.24 -23.14
C VAL B 3511 32.64 102.84 -22.10
N ALA B 3512 32.96 102.59 -20.83
CA ALA B 3512 32.16 103.10 -19.70
C ALA B 3512 32.60 104.54 -19.40
N THR B 3513 32.27 105.43 -20.34
CA THR B 3513 32.62 106.83 -20.22
C THR B 3513 31.47 107.60 -19.57
N LEU B 3514 31.55 108.93 -19.60
CA LEU B 3514 30.52 109.77 -19.00
C LEU B 3514 29.21 109.75 -19.78
N LYS B 3515 29.21 109.19 -21.00
CA LYS B 3515 27.99 109.15 -21.79
C LYS B 3515 26.90 108.32 -21.11
N LYS B 3516 27.29 107.30 -20.35
CA LYS B 3516 26.30 106.50 -19.63
C LYS B 3516 25.78 107.23 -18.40
N MET B 3517 26.66 107.94 -17.69
CA MET B 3517 26.33 108.56 -16.41
C MET B 3517 26.20 110.08 -16.54
N LEU B 3518 25.63 110.55 -17.64
CA LEU B 3518 25.45 111.99 -17.81
C LEU B 3518 24.63 112.62 -16.69
N PRO B 3519 23.47 112.10 -16.29
CA PRO B 3519 22.72 112.73 -15.19
C PRO B 3519 23.01 112.13 -13.81
N ILE B 3520 24.03 111.29 -13.67
CA ILE B 3520 24.29 110.64 -12.40
C ILE B 3520 24.62 111.67 -11.32
N GLY B 3521 25.43 112.67 -11.66
CA GLY B 3521 25.82 113.69 -10.70
C GLY B 3521 24.66 114.48 -10.14
N LEU B 3522 23.54 114.55 -10.87
CA LEU B 3522 22.36 115.25 -10.40
C LEU B 3522 21.23 114.34 -9.96
N ASN B 3523 21.25 113.07 -10.35
CA ASN B 3523 20.19 112.14 -9.98
C ASN B 3523 20.26 111.72 -8.51
N MET B 3524 21.35 112.03 -7.81
CA MET B 3524 21.51 111.56 -6.44
C MET B 3524 20.49 112.19 -5.51
N CYS B 3525 20.36 113.51 -5.54
CA CYS B 3525 19.52 114.22 -4.59
C CYS B 3525 18.43 115.07 -5.23
N ALA B 3526 18.70 115.68 -6.38
CA ALA B 3526 17.73 116.58 -6.99
C ALA B 3526 16.38 115.93 -7.26
N PRO B 3527 16.29 114.74 -7.89
CA PRO B 3527 14.95 114.19 -8.16
C PRO B 3527 14.37 113.42 -6.99
N THR B 3528 15.23 112.88 -6.14
CA THR B 3528 14.75 112.09 -5.01
C THR B 3528 14.14 112.96 -3.93
N ASP B 3529 14.79 114.08 -3.61
CA ASP B 3529 14.35 114.96 -2.52
C ASP B 3529 13.31 115.97 -3.03
N GLN B 3530 12.23 115.43 -3.60
CA GLN B 3530 11.13 116.24 -4.10
C GLN B 3530 9.82 115.97 -3.38
N ASP B 3531 9.40 114.71 -3.30
CA ASP B 3531 8.17 114.33 -2.62
C ASP B 3531 8.36 112.97 -1.97
N LEU B 3532 7.47 112.66 -1.02
CA LEU B 3532 7.54 111.42 -0.25
C LEU B 3532 8.92 111.30 0.42
N ILE B 3533 9.15 112.23 1.35
CA ILE B 3533 10.48 112.40 1.93
C ILE B 3533 10.98 111.10 2.55
N MET B 3534 10.15 110.47 3.37
CA MET B 3534 10.47 109.14 3.92
C MET B 3534 9.19 108.31 3.91
N LEU B 3535 8.95 107.61 2.81
CA LEU B 3535 7.85 106.67 2.73
C LEU B 3535 8.27 105.32 2.19
N ALA B 3536 9.18 105.29 1.22
CA ALA B 3536 9.71 104.07 0.60
C ALA B 3536 8.64 103.20 -0.04
N LYS B 3537 7.40 103.70 -0.14
CA LYS B 3537 6.35 102.93 -0.80
C LYS B 3537 6.59 102.85 -2.30
N THR B 3538 7.17 103.90 -2.89
CA THR B 3538 7.48 103.88 -4.31
C THR B 3538 8.45 102.77 -4.64
N ARG B 3539 9.57 102.70 -3.92
CA ARG B 3539 10.54 101.63 -4.15
C ARG B 3539 9.92 100.26 -3.84
N TYR B 3540 8.92 100.22 -2.97
CA TYR B 3540 8.28 98.96 -2.65
C TYR B 3540 7.41 98.46 -3.80
N ALA B 3541 6.61 99.35 -4.39
CA ALA B 3541 5.59 98.96 -5.37
C ALA B 3541 6.04 99.22 -6.81
N LEU B 3542 6.36 100.48 -7.13
CA LEU B 3542 6.64 100.83 -8.52
C LEU B 3542 7.87 100.11 -9.04
N LYS B 3543 8.84 99.82 -8.18
CA LYS B 3543 9.99 99.03 -8.60
C LYS B 3543 9.57 97.64 -9.04
N ASP B 3544 8.62 97.04 -8.31
CA ASP B 3544 8.05 95.77 -8.74
C ASP B 3544 7.29 95.93 -10.05
N THR B 3545 6.58 97.04 -10.22
CA THR B 3545 5.87 97.29 -11.47
C THR B 3545 6.80 97.53 -12.65
N ASP B 3546 8.09 97.75 -12.40
CA ASP B 3546 9.04 97.96 -13.48
C ASP B 3546 9.34 96.63 -14.18
N GLU B 3547 8.39 96.16 -14.98
CA GLU B 3547 8.46 94.87 -15.66
C GLU B 3547 8.15 95.04 -17.14
N GLU B 3548 8.81 96.02 -17.76
CA GLU B 3548 8.59 96.36 -19.17
C GLU B 3548 7.14 96.81 -19.41
N VAL B 3549 6.58 97.51 -18.43
CA VAL B 3549 5.25 98.08 -18.55
C VAL B 3549 5.35 99.49 -19.11
N ARG B 3550 4.24 100.00 -19.62
CA ARG B 3550 4.19 101.37 -20.10
C ARG B 3550 4.13 102.35 -18.94
N GLU B 3551 4.41 103.63 -19.25
CA GLU B 3551 4.36 104.66 -18.22
C GLU B 3551 2.95 104.86 -17.69
N PHE B 3552 1.93 104.58 -18.52
CA PHE B 3552 0.55 104.71 -18.07
C PHE B 3552 0.25 103.73 -16.95
N LEU B 3553 0.77 102.51 -17.03
CA LEU B 3553 0.52 101.51 -15.99
C LEU B 3553 1.09 101.97 -14.65
N GLN B 3554 2.34 102.43 -14.65
CA GLN B 3554 2.94 102.90 -13.41
C GLN B 3554 2.25 104.16 -12.89
N ASN B 3555 1.85 105.06 -13.80
CA ASN B 3555 1.14 106.26 -13.37
C ASN B 3555 -0.19 105.91 -12.72
N ASN B 3556 -0.92 104.94 -13.28
CA ASN B 3556 -2.16 104.50 -12.67
C ASN B 3556 -1.91 103.84 -11.32
N LEU B 3557 -0.88 102.99 -11.22
CA LEU B 3557 -0.61 102.28 -9.99
C LEU B 3557 0.01 103.15 -8.91
N HIS B 3558 0.50 104.35 -9.26
CA HIS B 3558 1.01 105.26 -8.25
C HIS B 3558 -0.09 105.71 -7.31
N LEU B 3559 -1.28 105.97 -7.83
CA LEU B 3559 -2.36 106.57 -7.06
C LEU B 3559 -3.16 105.56 -6.24
N GLN B 3560 -2.82 104.26 -6.32
CA GLN B 3560 -3.55 103.27 -5.53
C GLN B 3560 -3.36 103.51 -4.03
N GLY B 3561 -2.15 103.82 -3.62
CA GLY B 3561 -1.86 104.07 -2.22
C GLY B 3561 -1.75 102.79 -1.39
N ARG B 3570 17.62 104.95 10.89
CA ARG B 3570 16.62 105.70 10.14
C ARG B 3570 15.24 105.07 10.30
N TRP B 3571 14.34 105.45 9.38
CA TRP B 3571 12.96 104.95 9.31
C TRP B 3571 12.13 105.53 10.45
N GLN B 3572 12.80 106.17 11.41
CA GLN B 3572 12.14 106.92 12.47
C GLN B 3572 12.58 108.38 12.50
N MET B 3573 13.89 108.62 12.45
CA MET B 3573 14.41 109.98 12.42
C MET B 3573 14.28 110.62 11.05
N ALA B 3574 14.04 109.84 10.00
CA ALA B 3574 13.87 110.42 8.67
C ALA B 3574 12.64 111.31 8.62
N LEU B 3575 11.54 110.88 9.24
CA LEU B 3575 10.35 111.71 9.29
C LEU B 3575 10.60 113.03 10.01
N TYR B 3576 11.36 112.98 11.10
CA TYR B 3576 11.65 114.16 11.90
C TYR B 3576 12.82 114.97 11.36
N ARG B 3577 13.46 114.52 10.28
CA ARG B 3577 14.57 115.25 9.69
C ARG B 3577 14.22 115.82 8.32
N GLY B 3578 13.80 114.99 7.38
CA GLY B 3578 13.50 115.47 6.04
C GLY B 3578 12.26 116.35 5.99
N LEU B 3579 11.20 115.94 6.67
CA LEU B 3579 9.96 116.72 6.64
C LEU B 3579 10.11 118.12 7.22
N PRO B 3580 10.76 118.33 8.38
CA PRO B 3580 10.99 119.72 8.83
C PRO B 3580 11.80 120.54 7.85
N GLY B 3581 12.71 119.93 7.10
CA GLY B 3581 13.43 120.66 6.08
C GLY B 3581 12.52 121.23 5.01
N ARG B 3582 11.53 120.46 4.59
CA ARG B 3582 10.54 120.95 3.63
C ARG B 3582 9.60 121.93 4.32
N GLU B 3583 9.57 123.17 3.84
CA GLU B 3583 8.77 124.20 4.48
C GLU B 3583 7.29 123.87 4.45
N GLU B 3584 6.80 123.38 3.31
CA GLU B 3584 5.39 123.01 3.17
C GLU B 3584 5.32 121.86 2.16
N ASP B 3585 5.26 120.64 2.66
CA ASP B 3585 5.16 119.48 1.78
C ASP B 3585 3.79 119.42 1.12
N ALA B 3586 3.78 119.11 -0.17
CA ALA B 3586 2.55 118.95 -0.94
C ALA B 3586 2.11 117.50 -0.82
N ASP B 3587 1.39 117.19 0.25
CA ASP B 3587 0.91 115.83 0.50
C ASP B 3587 -0.36 115.60 -0.32
N ASP B 3588 -0.16 115.28 -1.59
CA ASP B 3588 -1.26 115.02 -2.51
C ASP B 3588 -1.02 113.71 -3.25
N PRO B 3589 -2.09 113.01 -3.62
CA PRO B 3589 -1.90 111.74 -4.35
C PRO B 3589 -1.13 111.90 -5.65
N GLU B 3590 -1.35 113.01 -6.37
CA GLU B 3590 -0.64 113.24 -7.62
C GLU B 3590 0.67 114.00 -7.44
N LYS B 3591 0.84 114.70 -6.32
CA LYS B 3591 2.11 115.36 -6.06
C LYS B 3591 3.23 114.34 -5.88
N ILE B 3592 2.94 113.24 -5.17
CA ILE B 3592 3.91 112.17 -5.01
C ILE B 3592 4.09 111.34 -6.28
N VAL B 3593 3.22 111.52 -7.26
CA VAL B 3593 3.36 110.80 -8.52
C VAL B 3593 4.63 111.23 -9.25
N ARG B 3594 4.97 112.53 -9.14
CA ARG B 3594 6.21 113.01 -9.74
C ARG B 3594 7.43 112.31 -9.14
N ARG B 3595 7.45 112.17 -7.82
CA ARG B 3595 8.57 111.47 -7.18
C ARG B 3595 8.56 110.00 -7.53
N VAL B 3596 7.37 109.38 -7.59
CA VAL B 3596 7.28 107.96 -7.94
C VAL B 3596 7.67 107.71 -9.39
N GLN B 3597 7.60 108.73 -10.24
CA GLN B 3597 8.00 108.57 -11.64
C GLN B 3597 9.49 108.25 -11.78
N GLU B 3598 10.28 108.49 -10.74
CA GLU B 3598 11.69 108.11 -10.75
C GLU B 3598 11.90 106.60 -10.79
N VAL B 3599 10.82 105.81 -10.68
CA VAL B 3599 10.94 104.36 -10.78
C VAL B 3599 11.45 103.96 -12.16
N SER B 3600 11.06 104.69 -13.21
CA SER B 3600 11.58 104.41 -14.53
C SER B 3600 13.09 104.61 -14.60
N ALA B 3601 13.59 105.70 -14.01
CA ALA B 3601 15.03 105.94 -13.97
C ALA B 3601 15.73 104.88 -13.14
N VAL B 3602 15.11 104.47 -12.04
CA VAL B 3602 15.70 103.41 -11.21
C VAL B 3602 15.79 102.11 -11.99
N LEU B 3603 14.74 101.78 -12.74
CA LEU B 3603 14.76 100.58 -13.56
C LEU B 3603 15.84 100.68 -14.64
N TYR B 3604 15.98 101.85 -15.25
CA TYR B 3604 17.04 102.04 -16.25
C TYR B 3604 18.42 101.84 -15.64
N HIS B 3605 18.64 102.39 -14.44
CA HIS B 3605 19.91 102.20 -13.76
C HIS B 3605 20.14 100.74 -13.43
N LEU B 3606 19.09 100.03 -13.02
CA LEU B 3606 19.21 98.60 -12.75
C LEU B 3606 19.60 97.83 -14.01
N GLU B 3607 18.96 98.17 -15.13
CA GLU B 3607 19.36 97.56 -16.40
C GLU B 3607 20.75 97.98 -16.83
N GLN B 3608 21.28 99.08 -16.28
CA GLN B 3608 22.62 99.53 -16.58
C GLN B 3608 23.69 98.84 -15.75
N THR B 3609 23.30 97.89 -14.89
CA THR B 3609 24.29 97.21 -14.06
C THR B 3609 25.28 96.42 -14.90
N GLU B 3610 24.81 95.75 -15.94
CA GLU B 3610 25.69 95.00 -16.83
C GLU B 3610 25.77 95.68 -18.19
N PRO B 3612 22.88 95.75 -19.71
CA PRO B 3612 21.89 94.68 -19.82
C PRO B 3612 21.23 94.35 -18.48
N TYR B 3613 21.89 93.55 -17.66
CA TYR B 3613 21.37 93.18 -16.35
C TYR B 3613 21.53 94.32 -15.36
N THR B 3639 45.23 76.75 -53.27
CA THR B 3639 45.91 76.59 -54.55
C THR B 3639 44.90 76.31 -55.67
N PRO B 3640 44.95 77.12 -56.72
CA PRO B 3640 43.98 76.96 -57.81
C PRO B 3640 44.15 75.63 -58.52
N LEU B 3641 43.07 75.18 -59.15
CA LEU B 3641 43.08 73.89 -59.85
C LEU B 3641 44.10 73.89 -60.98
N TYR B 3642 44.25 75.02 -61.67
CA TYR B 3642 45.20 75.13 -62.76
C TYR B 3642 46.60 75.32 -62.18
N ASN B 3643 47.55 75.73 -63.03
CA ASN B 3643 48.95 75.98 -62.67
C ASN B 3643 49.60 74.77 -61.96
N LEU B 3644 49.01 73.58 -62.13
CA LEU B 3644 49.50 72.31 -61.63
C LEU B 3644 50.09 71.49 -62.76
N PRO B 3645 51.07 70.63 -62.46
CA PRO B 3645 51.65 69.79 -63.53
C PRO B 3645 50.59 68.92 -64.19
N THR B 3646 50.71 68.78 -65.50
CA THR B 3646 49.70 68.03 -66.25
C THR B 3646 49.69 66.55 -65.86
N HIS B 3647 50.85 65.99 -65.53
CA HIS B 3647 50.89 64.59 -65.13
C HIS B 3647 50.15 64.37 -63.82
N ARG B 3648 50.27 65.31 -62.87
CA ARG B 3648 49.49 65.22 -61.64
C ARG B 3648 48.00 65.29 -61.92
N ALA B 3649 47.59 66.18 -62.82
CA ALA B 3649 46.18 66.29 -63.17
C ALA B 3649 45.67 65.00 -63.79
N CYS B 3650 46.46 64.39 -64.67
CA CYS B 3650 46.05 63.13 -65.28
C CYS B 3650 45.96 62.03 -64.24
N ASN B 3651 46.97 61.92 -63.36
CA ASN B 3651 46.96 60.89 -62.34
C ASN B 3651 45.86 61.09 -61.31
N MET B 3652 45.33 62.31 -61.20
CA MET B 3652 44.21 62.54 -60.30
C MET B 3652 42.85 62.32 -60.96
N PHE B 3653 42.67 62.79 -62.18
CA PHE B 3653 41.34 62.82 -62.79
C PHE B 3653 40.72 61.43 -62.87
N LEU B 3654 41.48 60.45 -63.33
CA LEU B 3654 40.96 59.09 -63.44
C LEU B 3654 40.64 58.49 -62.08
N GLU B 3655 41.21 59.04 -61.00
CA GLU B 3655 40.89 58.55 -59.67
C GLU B 3655 39.53 59.05 -59.21
N SER B 3656 38.99 60.07 -59.86
CA SER B 3656 37.70 60.66 -59.52
C SER B 3656 36.69 60.55 -60.66
N TYR B 3657 36.73 59.46 -61.42
CA TYR B 3657 35.90 59.31 -62.61
C TYR B 3657 34.47 58.94 -62.22
N LYS B 3658 33.75 59.92 -61.68
CA LYS B 3658 32.37 59.69 -61.25
C LYS B 3658 31.46 59.33 -62.41
N ALA B 3659 31.56 60.06 -63.52
CA ALA B 3659 30.63 59.85 -64.62
C ALA B 3659 30.68 58.42 -65.15
N ALA B 3660 31.82 57.76 -65.07
CA ALA B 3660 31.96 56.41 -65.61
C ALA B 3660 32.77 55.50 -64.69
N TRP B 3661 32.50 55.52 -63.40
CA TRP B 3661 33.10 54.49 -62.55
C TRP B 3661 32.38 53.17 -62.74
N ILE B 3662 32.72 52.21 -61.89
CA ILE B 3662 31.92 51.00 -61.73
C ILE B 3662 30.56 51.30 -61.09
N LEU B 3663 30.38 52.51 -60.57
CA LEU B 3663 29.14 52.84 -59.89
C LEU B 3663 28.02 53.13 -60.90
N THR B 3664 27.80 52.18 -61.80
CA THR B 3664 26.72 52.25 -62.78
C THR B 3664 26.07 50.89 -62.88
N GLU B 3665 24.75 50.87 -62.94
CA GLU B 3665 24.02 49.62 -63.05
C GLU B 3665 24.38 48.93 -64.36
N ASP B 3666 24.70 47.63 -64.26
CA ASP B 3666 25.07 46.86 -65.44
C ASP B 3666 24.05 45.75 -65.74
N HIS B 3667 23.82 44.84 -64.80
CA HIS B 3667 22.85 43.75 -64.95
C HIS B 3667 23.06 43.03 -66.28
N SER B 3668 24.31 42.71 -66.59
CA SER B 3668 24.64 42.07 -67.85
C SER B 3668 25.20 40.66 -67.71
N PHE B 3669 25.72 40.29 -66.54
CA PHE B 3669 26.32 38.98 -66.36
C PHE B 3669 25.88 38.39 -65.04
N GLU B 3670 24.63 38.60 -64.66
CA GLU B 3670 24.14 38.11 -63.39
C GLU B 3670 22.97 37.14 -63.52
N ASP B 3671 22.21 37.19 -64.61
CA ASP B 3671 21.07 36.29 -64.76
C ASP B 3671 21.09 35.59 -66.10
N ARG B 3672 21.69 36.22 -67.12
CA ARG B 3672 21.76 35.57 -68.41
C ARG B 3672 22.81 34.46 -68.43
N MET B 3673 23.85 34.58 -67.61
CA MET B 3673 24.90 33.56 -67.60
C MET B 3673 24.36 32.22 -67.12
N ILE B 3674 23.48 32.24 -66.11
CA ILE B 3674 23.00 30.98 -65.55
C ILE B 3674 22.21 30.20 -66.59
N ASP B 3675 21.26 30.86 -67.26
CA ASP B 3675 20.51 30.16 -68.29
C ASP B 3675 21.40 29.78 -69.46
N ASP B 3676 22.34 30.65 -69.83
CA ASP B 3676 23.24 30.32 -70.93
C ASP B 3676 24.04 29.06 -70.62
N LEU B 3677 24.51 28.93 -69.39
CA LEU B 3677 25.31 27.76 -69.02
C LEU B 3677 24.46 26.52 -68.81
N SER B 3678 23.19 26.68 -68.43
CA SER B 3678 22.40 25.49 -68.11
C SER B 3678 21.61 24.96 -69.30
N LYS B 3679 20.89 25.83 -70.01
CA LYS B 3679 20.04 25.37 -71.11
C LYS B 3679 20.86 24.76 -72.24
N ALA B 3680 22.01 25.36 -72.54
CA ALA B 3680 22.82 24.91 -73.67
C ALA B 3680 23.28 23.47 -73.53
N GLY B 3681 23.28 22.93 -72.31
CA GLY B 3681 23.69 21.55 -72.13
C GLY B 3681 22.87 20.58 -72.94
N GLU B 3682 21.62 20.94 -73.23
CA GLU B 3682 20.76 20.13 -74.11
C GLU B 3682 20.85 20.67 -75.53
N GLN B 3683 21.98 20.36 -76.18
CA GLN B 3683 22.18 20.78 -77.56
C GLN B 3683 21.25 20.01 -78.49
N GLU B 3684 21.09 20.54 -79.71
CA GLU B 3684 20.16 19.94 -80.66
C GLU B 3684 20.55 18.51 -81.00
N GLU B 3685 21.84 18.27 -81.26
CA GLU B 3685 22.32 16.93 -81.59
C GLU B 3685 22.80 16.15 -80.38
N GLU B 3686 22.79 16.75 -79.19
CA GLU B 3686 23.29 16.10 -77.98
C GLU B 3686 22.23 15.21 -77.33
N GLU B 3687 21.62 14.34 -78.12
CA GLU B 3687 20.66 13.35 -77.62
C GLU B 3687 21.01 12.02 -78.27
N GLU B 3688 21.89 11.26 -77.62
CA GLU B 3688 22.36 9.99 -78.15
C GLU B 3688 21.51 8.80 -77.70
N GLU B 3689 20.56 9.00 -76.80
CA GLU B 3689 19.69 7.93 -76.30
C GLU B 3689 20.51 6.77 -75.74
N VAL B 3690 21.57 7.10 -75.01
CA VAL B 3690 22.45 6.09 -74.42
C VAL B 3690 22.17 5.86 -72.94
N GLU B 3691 21.19 6.55 -72.36
CA GLU B 3691 20.82 6.40 -70.96
C GLU B 3691 22.00 6.66 -70.03
N GLU B 3692 22.89 7.58 -70.42
CA GLU B 3692 24.03 7.98 -69.60
C GLU B 3692 24.19 9.49 -69.77
N LYS B 3693 23.54 10.24 -68.89
CA LYS B 3693 23.54 11.70 -69.01
C LYS B 3693 24.93 12.27 -68.75
N LYS B 3694 25.29 13.27 -69.55
CA LYS B 3694 26.53 14.01 -69.33
C LYS B 3694 26.22 15.38 -68.74
N PRO B 3695 27.05 15.87 -67.82
CA PRO B 3695 26.72 17.12 -67.14
C PRO B 3695 26.70 18.32 -68.09
N ASP B 3696 25.75 19.21 -67.85
CA ASP B 3696 25.72 20.49 -68.52
C ASP B 3696 26.80 21.41 -67.93
N PRO B 3697 27.20 22.46 -68.66
CA PRO B 3697 28.39 23.22 -68.25
C PRO B 3697 28.38 23.72 -66.81
N LEU B 3698 27.24 24.19 -66.33
CA LEU B 3698 27.17 24.65 -64.94
C LEU B 3698 27.48 23.52 -63.98
N HIS B 3699 26.95 22.32 -64.26
CA HIS B 3699 27.26 21.18 -63.41
C HIS B 3699 28.74 20.84 -63.45
N GLN B 3700 29.36 20.91 -64.63
CA GLN B 3700 30.79 20.64 -64.72
C GLN B 3700 31.57 21.63 -63.86
N LEU B 3701 31.17 22.90 -63.89
CA LEU B 3701 31.82 23.89 -63.04
C LEU B 3701 31.66 23.55 -61.56
N VAL B 3702 30.46 23.13 -61.16
CA VAL B 3702 30.21 22.84 -59.76
C VAL B 3702 31.04 21.64 -59.30
N LEU B 3703 31.10 20.59 -60.12
CA LEU B 3703 31.97 19.47 -59.77
C LEU B 3703 33.43 19.88 -59.73
N HIS B 3704 33.87 20.77 -60.62
CA HIS B 3704 35.26 21.21 -60.55
C HIS B 3704 35.55 21.92 -59.23
N PHE B 3705 34.64 22.79 -58.80
CA PHE B 3705 34.84 23.48 -57.53
C PHE B 3705 34.82 22.51 -56.36
N SER B 3706 33.90 21.55 -56.35
CA SER B 3706 33.89 20.57 -55.28
C SER B 3706 35.16 19.73 -55.29
N ARG B 3707 35.69 19.43 -56.47
CA ARG B 3707 36.90 18.62 -56.57
C ARG B 3707 38.10 19.37 -56.00
N THR B 3708 38.27 20.64 -56.39
CA THR B 3708 39.37 21.40 -55.80
C THR B 3708 39.11 21.70 -54.33
N ALA B 3709 37.87 21.55 -53.87
CA ALA B 3709 37.60 21.66 -52.44
C ALA B 3709 38.01 20.41 -51.68
N LEU B 3710 37.84 19.24 -52.29
CA LEU B 3710 38.00 17.98 -51.57
C LEU B 3710 39.45 17.58 -51.37
N THR B 3711 40.40 18.28 -51.98
CA THR B 3711 41.80 17.92 -51.79
C THR B 3711 42.24 18.18 -50.35
N GLU B 3712 43.23 17.41 -49.91
CA GLU B 3712 43.71 17.48 -48.54
C GLU B 3712 44.88 18.45 -48.45
N LYS B 3713 44.75 19.46 -47.59
CA LYS B 3713 45.82 20.40 -47.32
C LYS B 3713 45.54 21.08 -45.99
N SER B 3714 46.59 21.68 -45.43
CA SER B 3714 46.45 22.38 -44.15
C SER B 3714 45.51 23.57 -44.28
N LYS B 3715 45.64 24.34 -45.35
CA LYS B 3715 44.76 25.47 -45.60
C LYS B 3715 44.64 25.65 -47.10
N LEU B 3716 43.58 26.34 -47.52
CA LEU B 3716 43.29 26.51 -48.93
C LEU B 3716 43.41 27.98 -49.32
N ASP B 3717 43.87 28.21 -50.54
CA ASP B 3717 44.17 29.55 -51.02
C ASP B 3717 42.89 30.35 -51.24
N GLU B 3718 43.07 31.63 -51.55
CA GLU B 3718 41.92 32.50 -51.76
C GLU B 3718 41.10 32.08 -52.98
N ASP B 3719 41.76 31.78 -54.09
CA ASP B 3719 41.10 31.29 -55.31
C ASP B 3719 40.06 32.30 -55.80
N TYR B 3720 40.57 33.45 -56.26
CA TYR B 3720 39.72 34.59 -56.59
C TYR B 3720 38.67 34.23 -57.65
N LEU B 3721 38.95 33.22 -58.49
CA LEU B 3721 37.94 32.81 -59.46
C LEU B 3721 36.68 32.31 -58.76
N TYR B 3722 36.84 31.52 -57.71
CA TYR B 3722 35.68 31.07 -56.96
C TYR B 3722 34.92 32.25 -56.37
N MET B 3723 35.63 33.25 -55.86
CA MET B 3723 34.96 34.42 -55.34
C MET B 3723 34.17 35.13 -56.42
N ALA B 3724 34.74 35.22 -57.62
CA ALA B 3724 34.04 35.89 -58.71
C ALA B 3724 32.82 35.12 -59.16
N TYR B 3725 32.82 33.80 -58.99
CA TYR B 3725 31.67 33.02 -59.46
C TYR B 3725 30.60 32.81 -58.39
N ALA B 3726 30.99 32.77 -57.11
CA ALA B 3726 30.01 32.57 -56.06
C ALA B 3726 29.05 33.76 -55.99
N ASP B 3727 29.55 34.97 -56.21
CA ASP B 3727 28.68 36.14 -56.23
C ASP B 3727 27.64 36.03 -57.33
N ILE B 3728 28.06 35.57 -58.51
CA ILE B 3728 27.10 35.40 -59.62
C ILE B 3728 26.06 34.35 -59.25
N MET B 3729 26.51 33.22 -58.70
CA MET B 3729 25.57 32.16 -58.35
C MET B 3729 24.58 32.63 -57.30
N ALA B 3730 25.05 33.42 -56.32
CA ALA B 3730 24.15 33.93 -55.29
C ALA B 3730 23.16 34.94 -55.87
N LYS B 3731 23.66 35.87 -56.70
CA LYS B 3731 22.79 36.88 -57.29
C LYS B 3731 21.79 36.27 -58.26
N SER B 3732 22.05 35.05 -58.74
CA SER B 3732 21.10 34.40 -59.64
C SER B 3732 19.75 34.19 -58.97
N CYS B 3733 19.76 33.77 -57.71
CA CYS B 3733 18.52 33.44 -57.00
C CYS B 3733 17.87 34.63 -56.32
N HIS B 3734 18.50 35.80 -56.33
CA HIS B 3734 17.94 36.98 -55.69
C HIS B 3734 17.30 37.93 -56.68
N LEU B 3735 17.07 37.49 -57.92
CA LEU B 3735 16.45 38.37 -58.91
C LEU B 3735 15.06 38.80 -58.48
N GLU B 3736 14.27 37.87 -57.94
CA GLU B 3736 12.96 38.20 -57.39
C GLU B 3736 12.99 38.43 -55.89
N GLU B 3737 13.87 37.72 -55.18
CA GLU B 3737 14.01 37.97 -53.74
C GLU B 3737 14.50 39.39 -53.47
N GLY B 3738 15.50 39.83 -54.22
CA GLY B 3738 15.94 41.20 -54.11
C GLY B 3738 15.01 42.17 -54.80
N GLY B 3739 15.09 43.43 -54.37
CA GLY B 3739 14.21 44.46 -54.95
C GLY B 3739 12.78 44.40 -54.47
N GLU B 3740 12.14 43.24 -54.57
CA GLU B 3740 10.78 43.08 -54.06
C GLU B 3740 10.74 43.27 -52.56
N ASN B 3741 11.72 42.72 -51.85
CA ASN B 3741 11.79 42.85 -50.40
C ASN B 3741 12.11 44.29 -49.99
N GLU B 3747 4.17 53.56 -52.02
CA GLU B 3747 2.98 54.20 -51.49
C GLU B 3747 1.89 53.16 -51.22
N GLU B 3748 0.88 53.13 -52.10
CA GLU B 3748 -0.22 52.18 -51.98
C GLU B 3748 0.15 50.84 -52.63
N VAL B 3749 1.16 50.20 -52.04
CA VAL B 3749 1.67 48.94 -52.55
C VAL B 3749 0.93 47.81 -51.86
N GLU B 3750 0.07 47.12 -52.61
CA GLU B 3750 -0.66 45.96 -52.12
C GLU B 3750 -0.43 44.80 -53.07
N VAL B 3751 -0.12 43.63 -52.52
CA VAL B 3751 0.16 42.43 -53.31
C VAL B 3751 -1.03 41.50 -53.24
N SER B 3752 -1.56 41.12 -54.40
CA SER B 3752 -2.68 40.20 -54.45
C SER B 3752 -2.22 38.78 -54.13
N PHE B 3753 -3.21 37.89 -53.95
CA PHE B 3753 -2.89 36.50 -53.65
C PHE B 3753 -2.13 35.85 -54.80
N GLU B 3754 -2.56 36.10 -56.04
CA GLU B 3754 -1.89 35.49 -57.19
C GLU B 3754 -0.46 35.98 -57.31
N GLU B 3755 -0.23 37.28 -57.12
CA GLU B 3755 1.14 37.80 -57.17
C GLU B 3755 1.99 37.19 -56.06
N LYS B 3756 1.43 37.05 -54.86
CA LYS B 3756 2.17 36.48 -53.75
C LYS B 3756 2.57 35.04 -54.03
N GLU B 3757 1.63 34.24 -54.54
CA GLU B 3757 1.96 32.84 -54.82
C GLU B 3757 2.91 32.72 -56.01
N MET B 3758 2.85 33.64 -56.96
CA MET B 3758 3.78 33.61 -58.07
C MET B 3758 5.19 33.98 -57.62
N GLU B 3759 5.30 34.96 -56.73
CA GLU B 3759 6.61 35.36 -56.21
C GLU B 3759 7.19 34.36 -55.23
N LYS B 3760 6.34 33.57 -54.57
CA LYS B 3760 6.86 32.44 -53.82
C LYS B 3760 7.54 31.45 -54.75
N GLN B 3761 6.93 31.21 -55.91
CA GLN B 3761 7.61 30.53 -57.00
C GLN B 3761 8.47 31.55 -57.74
N ARG B 3762 8.93 31.19 -58.95
CA ARG B 3762 9.79 32.05 -59.77
C ARG B 3762 11.16 32.21 -59.11
N LEU B 3763 11.30 31.69 -57.90
CA LEU B 3763 12.60 31.51 -57.27
C LEU B 3763 12.87 30.07 -56.88
N LEU B 3764 11.84 29.30 -56.55
CA LEU B 3764 12.03 27.86 -56.41
C LEU B 3764 12.54 27.27 -57.70
N TYR B 3765 12.01 27.70 -58.83
CA TYR B 3765 12.60 27.33 -60.11
C TYR B 3765 14.01 27.89 -60.22
N GLN B 3766 14.22 29.13 -59.77
CA GLN B 3766 15.56 29.70 -59.81
C GLN B 3766 16.52 28.91 -58.94
N GLN B 3767 16.09 28.52 -57.74
CA GLN B 3767 16.94 27.73 -56.86
C GLN B 3767 17.24 26.37 -57.47
N SER B 3768 16.24 25.73 -58.05
CA SER B 3768 16.46 24.43 -58.68
C SER B 3768 17.42 24.54 -59.86
N ARG B 3769 17.29 25.61 -60.64
CA ARG B 3769 18.20 25.82 -61.77
C ARG B 3769 19.63 26.01 -61.30
N LEU B 3770 19.82 26.46 -60.07
CA LEU B 3770 21.14 26.54 -59.47
C LEU B 3770 21.67 25.21 -59.07
N HIS B 3771 20.98 24.16 -59.54
CA HIS B 3771 21.41 22.78 -59.37
C HIS B 3771 21.55 22.44 -57.89
N THR B 3772 20.40 22.46 -57.21
CA THR B 3772 20.33 21.92 -55.85
C THR B 3772 20.91 20.52 -55.78
N ARG B 3773 20.95 19.80 -56.91
CA ARG B 3773 21.66 18.53 -56.96
C ARG B 3773 23.16 18.71 -56.77
N GLY B 3774 23.74 19.74 -57.40
CA GLY B 3774 25.17 19.92 -57.35
C GLY B 3774 25.66 20.92 -56.32
N ALA B 3775 25.00 22.08 -56.25
CA ALA B 3775 25.49 23.17 -55.41
C ALA B 3775 25.14 23.00 -53.94
N ALA B 3776 24.37 21.98 -53.57
CA ALA B 3776 23.99 21.82 -52.18
C ALA B 3776 25.19 21.55 -51.30
N GLU B 3777 26.10 20.69 -51.74
CA GLU B 3777 27.25 20.32 -50.94
C GLU B 3777 28.48 21.19 -51.21
N MET B 3778 28.41 22.09 -52.18
CA MET B 3778 29.54 22.98 -52.43
C MET B 3778 29.66 24.04 -51.35
N VAL B 3779 28.57 24.36 -50.67
CA VAL B 3779 28.61 25.32 -49.57
C VAL B 3779 28.74 24.58 -48.26
N LEU B 3780 29.01 23.28 -48.34
CA LEU B 3780 29.28 22.45 -47.17
C LEU B 3780 30.73 21.99 -47.11
N GLN B 3781 31.24 21.43 -48.20
CA GLN B 3781 32.62 20.95 -48.21
C GLN B 3781 33.58 22.09 -47.93
N MET B 3782 33.37 23.24 -48.57
CA MET B 3782 34.28 24.35 -48.38
C MET B 3782 34.09 25.09 -47.07
N ILE B 3783 32.89 25.02 -46.48
CA ILE B 3783 32.75 25.46 -45.10
C ILE B 3783 33.59 24.58 -44.19
N SER B 3784 33.57 23.27 -44.44
CA SER B 3784 34.40 22.36 -43.64
C SER B 3784 35.88 22.60 -43.87
N ALA B 3785 36.28 22.99 -45.08
CA ALA B 3785 37.70 23.15 -45.39
C ALA B 3785 38.35 24.22 -44.53
N CYS B 3786 37.93 25.47 -44.70
CA CYS B 3786 38.47 26.57 -43.90
C CYS B 3786 37.93 26.48 -42.48
N LYS B 3787 38.64 25.74 -41.63
CA LYS B 3787 38.12 25.42 -40.31
C LYS B 3787 37.98 26.66 -39.44
N GLY B 3788 39.04 27.47 -39.36
CA GLY B 3788 39.03 28.58 -38.43
C GLY B 3788 39.18 29.95 -39.06
N GLU B 3789 39.84 30.02 -40.21
CA GLU B 3789 40.16 31.31 -40.79
C GLU B 3789 38.89 32.00 -41.27
N THR B 3790 38.72 33.25 -40.86
CA THR B 3790 37.56 34.04 -41.23
C THR B 3790 37.87 34.94 -42.43
N GLY B 3791 38.29 34.31 -43.51
CA GLY B 3791 38.58 35.04 -44.72
C GLY B 3791 37.32 35.43 -45.47
N ALA B 3792 37.50 36.24 -46.52
CA ALA B 3792 36.37 36.64 -47.35
C ALA B 3792 35.74 35.45 -48.07
N MET B 3793 36.51 34.37 -48.24
CA MET B 3793 35.96 33.18 -48.88
C MET B 3793 34.80 32.61 -48.08
N VAL B 3794 34.92 32.59 -46.76
CA VAL B 3794 33.82 32.14 -45.92
C VAL B 3794 32.60 33.03 -46.13
N SER B 3795 32.83 34.34 -46.27
CA SER B 3795 31.71 35.25 -46.51
C SER B 3795 31.02 34.93 -47.83
N SER B 3796 31.79 34.64 -48.87
CA SER B 3796 31.18 34.30 -50.15
C SER B 3796 30.40 32.99 -50.05
N THR B 3797 30.96 31.99 -49.38
CA THR B 3797 30.25 30.73 -49.20
C THR B 3797 28.95 30.93 -48.45
N LEU B 3798 28.98 31.72 -47.38
CA LEU B 3798 27.76 31.94 -46.60
C LEU B 3798 26.73 32.74 -47.41
N LYS B 3799 27.19 33.67 -48.24
CA LYS B 3799 26.26 34.38 -49.11
C LYS B 3799 25.58 33.43 -50.08
N LEU B 3800 26.34 32.51 -50.66
CA LEU B 3800 25.73 31.52 -51.55
C LEU B 3800 24.74 30.65 -50.80
N GLY B 3801 25.11 30.20 -49.60
CA GLY B 3801 24.22 29.36 -48.82
C GLY B 3801 22.94 30.08 -48.45
N ILE B 3802 23.03 31.38 -48.15
CA ILE B 3802 21.84 32.17 -47.88
C ILE B 3802 20.98 32.27 -49.14
N SER B 3803 21.60 32.58 -50.28
CA SER B 3803 20.84 32.75 -51.51
C SER B 3803 20.17 31.46 -51.97
N ILE B 3804 20.70 30.31 -51.58
CA ILE B 3804 20.03 29.06 -51.93
C ILE B 3804 18.92 28.73 -50.94
N LEU B 3805 19.19 28.88 -49.64
CA LEU B 3805 18.25 28.54 -48.60
C LEU B 3805 17.33 29.70 -48.23
N ASN B 3806 17.10 30.65 -49.14
CA ASN B 3806 16.49 31.92 -48.79
C ASN B 3806 15.19 31.75 -48.00
N GLY B 3807 14.20 31.10 -48.60
CA GLY B 3807 12.95 30.89 -47.89
C GLY B 3807 12.55 29.43 -47.80
N GLY B 3808 12.57 28.88 -46.59
CA GLY B 3808 12.15 27.51 -46.40
C GLY B 3808 12.95 26.50 -47.21
N ASN B 3809 12.33 25.98 -48.26
CA ASN B 3809 12.97 25.06 -49.20
C ASN B 3809 13.45 23.80 -48.49
N ALA B 3810 12.47 23.02 -48.02
CA ALA B 3810 12.78 21.79 -47.30
C ALA B 3810 13.57 20.80 -48.15
N GLU B 3811 13.53 20.94 -49.48
CA GLU B 3811 14.26 20.02 -50.34
C GLU B 3811 15.76 20.10 -50.11
N VAL B 3812 16.32 21.31 -50.14
CA VAL B 3812 17.76 21.44 -49.98
C VAL B 3812 18.17 21.13 -48.55
N GLN B 3813 17.31 21.41 -47.57
CA GLN B 3813 17.61 21.00 -46.20
C GLN B 3813 17.69 19.48 -46.09
N GLN B 3814 16.77 18.77 -46.73
CA GLN B 3814 16.83 17.32 -46.74
C GLN B 3814 18.09 16.82 -47.43
N LYS B 3815 18.47 17.45 -48.54
CA LYS B 3815 19.70 17.07 -49.21
C LYS B 3815 20.92 17.27 -48.31
N MET B 3816 20.97 18.39 -47.60
CA MET B 3816 22.10 18.66 -46.71
C MET B 3816 22.17 17.64 -45.59
N LEU B 3817 21.02 17.32 -44.98
CA LEU B 3817 21.02 16.30 -43.93
C LEU B 3817 21.45 14.94 -44.47
N ASP B 3818 20.98 14.58 -45.67
CA ASP B 3818 21.39 13.31 -46.25
C ASP B 3818 22.89 13.26 -46.47
N TYR B 3819 23.47 14.34 -46.99
CA TYR B 3819 24.92 14.36 -47.20
C TYR B 3819 25.66 14.27 -45.88
N LEU B 3820 25.21 15.01 -44.86
CA LEU B 3820 25.89 14.97 -43.57
C LEU B 3820 25.84 13.59 -42.94
N LYS B 3821 24.68 12.93 -43.01
CA LYS B 3821 24.59 11.59 -42.45
C LYS B 3821 25.33 10.55 -43.31
N ASP B 3822 25.53 10.85 -44.59
CA ASP B 3822 26.24 9.91 -45.46
C ASP B 3822 27.74 10.00 -45.23
N LYS B 3823 28.33 11.17 -45.51
CA LYS B 3823 29.77 11.31 -45.34
C LYS B 3823 30.18 11.13 -43.89
N LYS B 3824 29.39 11.69 -42.95
CA LYS B 3824 29.53 11.41 -41.53
C LYS B 3824 30.93 11.74 -41.02
N GLU B 3825 31.26 13.02 -41.08
CA GLU B 3825 32.58 13.49 -40.66
C GLU B 3825 32.44 14.67 -39.72
N VAL B 3826 33.30 14.71 -38.72
CA VAL B 3826 33.37 15.86 -37.81
C VAL B 3826 34.22 16.93 -38.48
N GLY B 3827 34.21 18.14 -37.92
CA GLY B 3827 34.98 19.23 -38.49
C GLY B 3827 34.09 20.34 -39.00
N PHE B 3828 32.98 19.95 -39.66
CA PHE B 3828 32.01 20.94 -40.11
C PHE B 3828 31.47 21.75 -38.94
N PHE B 3829 30.98 21.07 -37.91
CA PHE B 3829 30.53 21.78 -36.72
C PHE B 3829 31.70 22.35 -35.95
N GLN B 3830 32.87 21.71 -36.02
CA GLN B 3830 34.06 22.31 -35.44
C GLN B 3830 34.38 23.63 -36.12
N SER B 3831 34.30 23.67 -37.45
CA SER B 3831 34.52 24.93 -38.16
C SER B 3831 33.47 25.95 -37.80
N ILE B 3832 32.21 25.52 -37.65
CA ILE B 3832 31.14 26.45 -37.31
C ILE B 3832 31.41 27.09 -35.96
N GLN B 3833 31.71 26.29 -34.95
CA GLN B 3833 31.93 26.86 -33.63
C GLN B 3833 33.20 27.70 -33.59
N ALA B 3834 34.24 27.28 -34.31
CA ALA B 3834 35.46 28.08 -34.37
C ALA B 3834 35.20 29.43 -35.00
N LEU B 3835 34.38 29.46 -36.04
CA LEU B 3835 33.98 30.74 -36.62
C LEU B 3835 33.21 31.57 -35.62
N MET B 3836 32.30 30.94 -34.87
CA MET B 3836 31.41 31.71 -34.01
C MET B 3836 32.15 32.30 -32.82
N GLN B 3837 33.17 31.61 -32.31
CA GLN B 3837 33.97 32.19 -31.24
C GLN B 3837 34.66 33.45 -31.70
N THR B 3838 35.19 33.45 -32.92
CA THR B 3838 35.88 34.62 -33.48
C THR B 3838 34.83 35.56 -34.07
N CYS B 3839 34.16 36.28 -33.18
CA CYS B 3839 33.15 37.25 -33.59
C CYS B 3839 33.29 38.49 -32.73
N SER B 3840 33.32 39.65 -33.38
CA SER B 3840 33.57 40.89 -32.66
C SER B 3840 32.40 41.24 -31.75
N VAL B 3841 32.73 41.79 -30.58
CA VAL B 3841 31.74 42.22 -29.61
C VAL B 3841 32.12 43.64 -29.19
N LEU B 3842 31.13 44.40 -28.74
CA LEU B 3842 31.35 45.80 -28.39
C LEU B 3842 32.43 45.93 -27.34
N ASP B 3843 33.38 46.85 -27.57
CA ASP B 3843 34.49 47.09 -26.66
C ASP B 3843 34.61 48.59 -26.43
N LEU B 3844 34.78 48.98 -25.17
CA LEU B 3844 34.84 50.40 -24.83
C LEU B 3844 36.17 51.01 -25.27
N ASN B 3845 37.27 50.26 -25.14
CA ASN B 3845 38.58 50.79 -25.48
C ASN B 3845 38.66 51.16 -26.96
N ALA B 3846 38.11 50.29 -27.83
CA ALA B 3846 38.07 50.62 -29.24
C ALA B 3846 37.24 51.85 -29.50
N PHE B 3847 36.13 52.01 -28.78
CA PHE B 3847 35.32 53.20 -28.93
C PHE B 3847 36.09 54.45 -28.54
N GLU B 3848 36.83 54.38 -27.43
CA GLU B 3848 37.64 55.53 -27.01
C GLU B 3848 38.70 55.86 -28.05
N ARG B 3849 39.35 54.83 -28.58
CA ARG B 3849 40.37 55.05 -29.60
C ARG B 3849 39.77 55.71 -30.83
N GLN B 3850 38.63 55.21 -31.29
CA GLN B 3850 37.99 55.78 -32.47
C GLN B 3850 37.56 57.22 -32.21
N ASN B 3851 37.01 57.49 -31.03
CA ASN B 3851 36.58 58.84 -30.70
C ASN B 3851 37.76 59.80 -30.67
N LYS B 3852 38.88 59.39 -30.06
CA LYS B 3852 40.05 60.26 -30.01
C LYS B 3852 40.62 60.48 -31.41
N ALA B 3853 40.63 59.44 -32.24
CA ALA B 3853 41.12 59.58 -33.60
C ALA B 3853 40.25 60.55 -34.39
N GLU B 3854 38.93 60.47 -34.22
CA GLU B 3854 38.04 61.43 -34.86
C GLU B 3854 38.30 62.84 -34.34
N GLY B 3855 38.53 62.97 -33.03
CA GLY B 3855 38.85 64.27 -32.47
C GLY B 3855 40.11 64.86 -33.09
N LEU B 3856 41.10 64.02 -33.37
CA LEU B 3856 42.28 64.46 -34.10
C LEU B 3856 42.03 64.39 -35.60
N GLY B 3857 40.93 65.01 -36.04
CA GLY B 3857 40.52 65.00 -37.43
C GLY B 3857 40.99 66.19 -38.25
N MET B 3858 41.96 66.95 -37.76
CA MET B 3858 42.47 68.12 -38.45
C MET B 3858 43.64 67.80 -39.37
N VAL B 3859 43.71 66.57 -39.88
CA VAL B 3859 44.83 66.19 -40.73
C VAL B 3859 44.84 67.03 -42.00
N ASN B 3860 46.03 67.14 -42.60
CA ASN B 3860 46.22 67.96 -43.79
C ASN B 3860 45.68 67.22 -45.02
N GLU B 3861 45.88 67.81 -46.19
CA GLU B 3861 45.39 67.21 -47.43
C GLU B 3861 46.13 65.91 -47.73
N ASP B 3862 45.48 65.07 -48.53
CA ASP B 3862 45.94 63.76 -48.97
C ASP B 3862 46.03 62.75 -47.83
N GLY B 3863 45.71 63.12 -46.61
CA GLY B 3863 45.73 62.20 -45.49
C GLY B 3863 44.47 62.25 -44.65
N THR B 3864 43.66 63.28 -44.86
CA THR B 3864 42.43 63.47 -44.10
C THR B 3864 41.20 62.87 -44.78
N VAL B 3865 41.37 62.17 -45.90
CA VAL B 3865 40.25 61.57 -46.61
C VAL B 3865 40.46 60.06 -46.70
N ILE B 3866 41.71 59.62 -46.63
CA ILE B 3866 42.02 58.19 -46.72
C ILE B 3866 41.48 57.47 -45.49
N ASN B 3867 41.73 58.02 -44.31
CA ASN B 3867 41.28 57.45 -43.05
C ASN B 3867 40.35 58.39 -42.32
N ARG B 3868 39.47 59.05 -43.07
CA ARG B 3868 38.54 60.00 -42.47
C ARG B 3868 37.50 59.29 -41.60
N GLN B 3869 36.89 58.23 -42.13
CA GLN B 3869 35.82 57.52 -41.43
C GLN B 3869 36.35 56.31 -40.66
N ASN B 3870 36.91 55.33 -41.37
CA ASN B 3870 37.38 54.07 -40.77
C ASN B 3870 36.29 53.46 -39.88
N GLY B 3871 35.07 53.41 -40.41
CA GLY B 3871 33.91 53.03 -39.63
C GLY B 3871 33.95 51.61 -39.10
N GLU B 3872 34.82 50.76 -39.64
CA GLU B 3872 34.91 49.37 -39.22
C GLU B 3872 35.91 49.18 -38.09
N LYS B 3873 36.14 50.21 -37.27
CA LYS B 3873 37.13 50.11 -36.20
C LYS B 3873 36.63 49.30 -35.01
N VAL B 3874 35.33 49.35 -34.73
CA VAL B 3874 34.81 48.77 -33.49
C VAL B 3874 34.41 47.31 -33.67
N MET B 3875 33.53 47.00 -34.63
CA MET B 3875 33.05 45.65 -34.82
C MET B 3875 33.50 45.04 -36.15
N ALA B 3876 33.17 45.67 -37.27
CA ALA B 3876 33.53 45.22 -38.61
C ALA B 3876 32.97 43.84 -38.96
N ASP B 3877 32.14 43.26 -38.09
CA ASP B 3877 31.55 41.95 -38.35
C ASP B 3877 30.04 42.02 -38.52
N ASP B 3878 29.48 43.22 -38.67
CA ASP B 3878 28.05 43.35 -38.88
C ASP B 3878 27.61 42.66 -40.16
N GLU B 3879 28.39 42.80 -41.23
CA GLU B 3879 28.09 42.14 -42.48
C GLU B 3879 28.38 40.64 -42.43
N PHE B 3880 28.96 40.15 -41.34
CA PHE B 3880 29.39 38.75 -41.25
C PHE B 3880 28.67 37.98 -40.18
N THR B 3881 28.58 38.51 -38.95
CA THR B 3881 27.91 37.79 -37.88
C THR B 3881 26.44 37.58 -38.20
N GLN B 3882 25.78 38.62 -38.73
CA GLN B 3882 24.40 38.47 -39.14
C GLN B 3882 24.26 37.41 -40.21
N ASP B 3883 25.18 37.38 -41.17
CA ASP B 3883 25.10 36.38 -42.22
C ASP B 3883 25.24 34.96 -41.66
N LEU B 3884 26.20 34.77 -40.76
CA LEU B 3884 26.40 33.43 -40.20
C LEU B 3884 25.20 32.98 -39.39
N PHE B 3885 24.67 33.86 -38.54
CA PHE B 3885 23.53 33.47 -37.72
C PHE B 3885 22.27 33.30 -38.56
N ARG B 3886 22.13 34.09 -39.62
CA ARG B 3886 21.00 33.92 -40.53
C ARG B 3886 21.09 32.58 -41.25
N PHE B 3887 22.30 32.18 -41.66
CA PHE B 3887 22.45 30.86 -42.25
C PHE B 3887 22.10 29.76 -41.25
N LEU B 3888 22.54 29.91 -40.01
CA LEU B 3888 22.22 28.90 -39.00
C LEU B 3888 20.72 28.82 -38.77
N GLN B 3889 20.03 29.96 -38.74
CA GLN B 3889 18.58 29.95 -38.60
C GLN B 3889 17.92 29.28 -39.81
N LEU B 3890 18.33 29.67 -41.01
CA LEU B 3890 17.73 29.15 -42.23
C LEU B 3890 18.00 27.67 -42.41
N LEU B 3891 19.00 27.13 -41.71
CA LEU B 3891 19.20 25.68 -41.72
C LEU B 3891 17.98 24.96 -41.16
N CYS B 3892 17.20 25.63 -40.32
CA CYS B 3892 15.99 25.07 -39.74
C CYS B 3892 14.83 26.05 -39.86
N GLU B 3893 14.71 26.71 -41.02
CA GLU B 3893 13.63 27.68 -41.20
C GLU B 3893 12.28 27.02 -41.04
N GLY B 3894 11.95 26.09 -41.92
CA GLY B 3894 10.82 25.22 -41.67
C GLY B 3894 11.10 24.32 -40.48
N HIS B 3895 10.02 23.97 -39.76
CA HIS B 3895 10.16 23.15 -38.56
C HIS B 3895 10.46 21.71 -38.99
N ASN B 3896 11.74 21.47 -39.30
CA ASN B 3896 12.15 20.18 -39.82
C ASN B 3896 12.00 19.08 -38.78
N ASN B 3897 12.26 19.39 -37.51
CA ASN B 3897 12.35 18.41 -36.43
C ASN B 3897 13.44 17.38 -36.66
N ASP B 3898 14.29 17.59 -37.67
CA ASP B 3898 15.46 16.77 -37.89
C ASP B 3898 16.73 17.58 -37.67
N PHE B 3899 16.87 18.72 -38.36
CA PHE B 3899 17.95 19.64 -38.05
C PHE B 3899 17.81 20.21 -36.65
N GLN B 3900 16.58 20.34 -36.14
CA GLN B 3900 16.40 20.82 -34.77
C GLN B 3900 16.99 19.84 -33.77
N ASN B 3901 17.07 18.56 -34.12
CA ASN B 3901 17.68 17.56 -33.25
C ASN B 3901 19.15 17.33 -33.56
N TYR B 3902 19.55 17.44 -34.83
CA TYR B 3902 20.94 17.23 -35.19
C TYR B 3902 21.84 18.25 -34.51
N LEU B 3903 21.43 19.52 -34.50
CA LEU B 3903 22.27 20.56 -33.94
C LEU B 3903 22.47 20.38 -32.45
N ARG B 3904 21.54 19.72 -31.77
CA ARG B 3904 21.73 19.46 -30.34
C ARG B 3904 22.83 18.41 -30.12
N THR B 3905 22.76 17.30 -30.85
CA THR B 3905 23.75 16.25 -30.74
C THR B 3905 23.78 15.46 -32.04
N GLN B 3906 24.96 14.98 -32.40
CA GLN B 3906 25.17 14.24 -33.62
C GLN B 3906 25.48 12.78 -33.26
N THR B 3907 24.55 11.89 -33.60
CA THR B 3907 24.74 10.48 -33.26
C THR B 3907 25.77 9.83 -34.17
N GLY B 3908 25.76 10.16 -35.46
CA GLY B 3908 26.66 9.50 -36.39
C GLY B 3908 28.12 9.80 -36.10
N ASN B 3909 28.46 11.06 -35.85
CA ASN B 3909 29.83 11.42 -35.59
C ASN B 3909 30.25 10.97 -34.19
N THR B 3910 31.57 10.86 -34.00
CA THR B 3910 32.11 10.36 -32.75
C THR B 3910 32.14 11.41 -31.65
N THR B 3911 31.96 12.69 -31.99
CA THR B 3911 32.00 13.75 -31.01
C THR B 3911 30.79 14.67 -31.20
N THR B 3912 30.45 15.38 -30.13
CA THR B 3912 29.28 16.25 -30.09
C THR B 3912 29.71 17.68 -29.83
N ILE B 3913 29.01 18.63 -30.44
CA ILE B 3913 29.36 20.04 -30.36
C ILE B 3913 28.29 20.86 -29.64
N ASN B 3914 27.01 20.61 -29.93
CA ASN B 3914 25.89 21.30 -29.29
C ASN B 3914 25.97 22.81 -29.53
N ILE B 3915 25.81 23.17 -30.81
CA ILE B 3915 25.98 24.56 -31.25
C ILE B 3915 25.02 25.50 -30.53
N ILE B 3916 23.86 25.00 -30.10
CA ILE B 3916 22.90 25.84 -29.40
C ILE B 3916 23.52 26.47 -28.17
N ILE B 3917 24.25 25.67 -27.39
CA ILE B 3917 24.90 26.19 -26.19
C ILE B 3917 25.91 27.26 -26.58
N CYS B 3918 26.63 27.07 -27.68
CA CYS B 3918 27.60 28.07 -28.12
C CYS B 3918 26.91 29.37 -28.50
N THR B 3919 25.74 29.28 -29.14
CA THR B 3919 24.97 30.48 -29.42
C THR B 3919 24.55 31.17 -28.12
N VAL B 3920 24.18 30.37 -27.11
CA VAL B 3920 23.81 30.95 -25.82
C VAL B 3920 24.99 31.71 -25.22
N ASP B 3921 26.18 31.12 -25.29
CA ASP B 3921 27.38 31.81 -24.77
C ASP B 3921 27.67 33.09 -25.54
N TYR B 3922 27.52 33.07 -26.86
CA TYR B 3922 27.73 34.30 -27.62
C TYR B 3922 26.73 35.36 -27.22
N LEU B 3923 25.47 34.96 -27.03
CA LEU B 3923 24.45 35.91 -26.56
C LEU B 3923 24.82 36.47 -25.19
N LEU B 3924 25.36 35.63 -24.31
CA LEU B 3924 25.78 36.10 -23.00
C LEU B 3924 26.91 37.12 -23.12
N ARG B 3925 27.84 36.89 -24.03
CA ARG B 3925 28.91 37.86 -24.25
C ARG B 3925 28.33 39.20 -24.73
N LEU B 3926 27.38 39.14 -25.66
CA LEU B 3926 26.72 40.36 -26.11
C LEU B 3926 26.02 41.07 -24.95
N GLN B 3927 25.38 40.29 -24.08
CA GLN B 3927 24.69 40.87 -22.93
C GLN B 3927 25.67 41.60 -22.02
N GLU B 3928 26.81 40.97 -21.73
CA GLU B 3928 27.79 41.61 -20.86
C GLU B 3928 28.32 42.89 -21.48
N SER B 3929 28.63 42.85 -22.78
CA SER B 3929 29.16 44.05 -23.42
C SER B 3929 28.13 45.17 -23.47
N ILE B 3930 26.86 44.83 -23.73
CA ILE B 3930 25.82 45.84 -23.77
C ILE B 3930 25.64 46.48 -22.39
N SER B 3931 25.66 45.67 -21.34
CA SER B 3931 25.55 46.21 -19.99
C SER B 3931 26.72 47.13 -19.68
N ASP B 3932 27.93 46.74 -20.08
CA ASP B 3932 29.09 47.61 -19.85
C ASP B 3932 28.95 48.93 -20.61
N PHE B 3933 28.46 48.87 -21.84
CA PHE B 3933 28.27 50.09 -22.62
C PHE B 3933 27.25 51.00 -21.95
N TYR B 3934 26.14 50.43 -21.48
CA TYR B 3934 25.15 51.24 -20.78
C TYR B 3934 25.73 51.86 -19.51
N TRP B 3935 26.52 51.09 -18.76
CA TRP B 3935 27.16 51.64 -17.57
C TRP B 3935 28.08 52.80 -17.92
N TYR B 3936 28.83 52.67 -19.01
CA TYR B 3936 29.71 53.77 -19.44
C TYR B 3936 28.91 55.00 -19.79
N TYR B 3937 27.79 54.84 -20.48
CA TYR B 3937 27.01 55.98 -20.94
C TYR B 3937 25.95 56.42 -19.94
N SER B 3938 25.91 55.83 -18.75
CA SER B 3938 24.89 56.19 -17.77
C SER B 3938 25.04 57.63 -17.31
N GLY B 3939 26.27 58.08 -17.08
CA GLY B 3939 26.46 59.43 -16.56
C GLY B 3939 26.03 60.52 -17.52
N LYS B 3940 26.40 60.37 -18.79
CA LYS B 3940 26.03 61.38 -19.78
C LYS B 3940 24.52 61.39 -20.00
N ASP B 3941 23.96 62.59 -20.12
CA ASP B 3941 22.54 62.74 -20.38
C ASP B 3941 22.21 62.74 -21.86
N VAL B 3942 23.18 63.10 -22.71
CA VAL B 3942 23.00 63.14 -24.15
C VAL B 3942 23.95 62.13 -24.77
N ILE B 3943 23.41 61.28 -25.65
CA ILE B 3943 24.18 60.25 -26.32
C ILE B 3943 24.81 60.86 -27.58
N GLU B 3944 26.11 60.68 -27.74
CA GLU B 3944 26.79 61.18 -28.92
C GLU B 3944 26.33 60.41 -30.15
N GLU B 3945 26.44 61.04 -31.32
CA GLU B 3945 25.90 60.46 -32.54
C GLU B 3945 26.57 59.14 -32.88
N GLN B 3946 27.89 59.05 -32.70
CA GLN B 3946 28.58 57.80 -33.00
C GLN B 3946 28.13 56.68 -32.08
N GLY B 3947 27.86 57.01 -30.81
CA GLY B 3947 27.34 56.00 -29.91
C GLY B 3947 26.01 55.43 -30.36
N LYS B 3948 25.11 56.30 -30.83
CA LYS B 3948 23.83 55.83 -31.34
C LYS B 3948 24.01 55.01 -32.63
N ARG B 3949 24.90 55.45 -33.52
CA ARG B 3949 25.15 54.71 -34.74
C ARG B 3949 25.65 53.31 -34.44
N ASN B 3950 26.55 53.19 -33.46
CA ASN B 3950 27.05 51.90 -33.03
C ASN B 3950 25.94 51.07 -32.38
N PHE B 3951 25.12 51.71 -31.55
CA PHE B 3951 24.04 51.01 -30.86
C PHE B 3951 23.06 50.40 -31.87
N SER B 3952 22.81 51.11 -32.97
CA SER B 3952 21.87 50.61 -33.97
C SER B 3952 22.30 49.25 -34.51
N LYS B 3953 23.56 49.15 -34.95
CA LYS B 3953 24.03 47.88 -35.51
C LYS B 3953 24.16 46.82 -34.42
N ALA B 3954 24.54 47.21 -33.20
CA ALA B 3954 24.60 46.23 -32.12
C ALA B 3954 23.22 45.63 -31.87
N MET B 3955 22.18 46.46 -31.83
CA MET B 3955 20.84 45.97 -31.62
C MET B 3955 20.35 45.14 -32.80
N SER B 3956 20.74 45.50 -34.02
CA SER B 3956 20.36 44.68 -35.17
C SER B 3956 20.95 43.28 -35.07
N VAL B 3957 22.23 43.19 -34.68
CA VAL B 3957 22.85 41.89 -34.51
C VAL B 3957 22.17 41.11 -33.39
N ALA B 3958 21.82 41.79 -32.30
CA ALA B 3958 21.11 41.13 -31.21
C ALA B 3958 19.76 40.60 -31.67
N LYS B 3959 19.05 41.37 -32.50
CA LYS B 3959 17.77 40.92 -33.03
C LYS B 3959 17.94 39.67 -33.88
N GLN B 3960 18.97 39.67 -34.73
CA GLN B 3960 19.22 38.49 -35.56
C GLN B 3960 19.52 37.26 -34.70
N VAL B 3961 20.34 37.45 -33.66
CA VAL B 3961 20.64 36.34 -32.75
C VAL B 3961 19.38 35.84 -32.08
N PHE B 3962 18.51 36.76 -31.66
CA PHE B 3962 17.27 36.36 -31.00
C PHE B 3962 16.39 35.56 -31.95
N ASN B 3963 16.28 35.99 -33.20
CA ASN B 3963 15.49 35.24 -34.17
C ASN B 3963 16.06 33.84 -34.38
N SER B 3964 17.39 33.74 -34.52
CA SER B 3964 18.00 32.43 -34.73
C SER B 3964 17.78 31.53 -33.52
N LEU B 3965 17.86 32.08 -32.32
CA LEU B 3965 17.60 31.28 -31.12
C LEU B 3965 16.15 30.82 -31.08
N THR B 3966 15.21 31.71 -31.44
CA THR B 3966 13.81 31.33 -31.42
C THR B 3966 13.52 30.21 -32.40
N GLU B 3967 14.19 30.23 -33.56
CA GLU B 3967 13.86 29.27 -34.61
C GLU B 3967 14.15 27.82 -34.22
N TYR B 3968 14.64 27.58 -33.01
CA TYR B 3968 14.86 26.22 -32.52
C TYR B 3968 13.73 25.71 -31.64
N ILE B 3969 13.25 26.54 -30.69
CA ILE B 3969 12.21 26.09 -29.77
C ILE B 3969 10.88 25.91 -30.49
N GLN B 3970 10.59 26.78 -31.45
CA GLN B 3970 9.30 26.74 -32.13
C GLN B 3970 9.09 25.37 -32.78
N GLY B 3971 7.89 24.83 -32.60
CA GLY B 3971 7.63 23.46 -32.96
C GLY B 3971 8.12 22.55 -31.86
N PRO B 3972 7.32 21.55 -31.49
CA PRO B 3972 7.66 20.74 -30.31
C PRO B 3972 8.97 20.00 -30.47
N CYS B 3973 9.96 20.39 -29.66
CA CYS B 3973 11.28 19.75 -29.65
C CYS B 3973 11.73 19.72 -28.20
N THR B 3974 11.50 18.59 -27.53
CA THR B 3974 11.73 18.50 -26.10
C THR B 3974 13.20 18.73 -25.75
N GLY B 3975 14.10 18.16 -26.55
CA GLY B 3975 15.52 18.26 -26.23
C GLY B 3975 16.02 19.70 -26.23
N ASN B 3976 15.66 20.46 -27.26
CA ASN B 3976 16.09 21.85 -27.32
C ASN B 3976 15.52 22.66 -26.17
N GLN B 3977 14.25 22.45 -25.84
CA GLN B 3977 13.64 23.18 -24.74
C GLN B 3977 14.34 22.86 -23.43
N GLN B 3978 14.62 21.58 -23.17
CA GLN B 3978 15.28 21.20 -21.93
C GLN B 3978 16.69 21.79 -21.86
N SER B 3979 17.43 21.70 -22.97
CA SER B 3979 18.80 22.22 -22.97
C SER B 3979 18.82 23.72 -22.73
N LEU B 3980 17.91 24.46 -23.37
CA LEU B 3980 17.84 25.89 -23.12
C LEU B 3980 17.35 26.21 -21.72
N ALA B 3981 16.52 25.34 -21.15
CA ALA B 3981 16.09 25.54 -19.77
C ALA B 3981 17.25 25.38 -18.79
N HIS B 3982 18.14 24.42 -19.05
CA HIS B 3982 19.25 24.17 -18.15
C HIS B 3982 20.48 25.01 -18.47
N SER B 3983 20.44 25.82 -19.53
CA SER B 3983 21.62 26.55 -19.97
C SER B 3983 21.75 27.85 -19.17
N ARG B 3984 22.66 28.72 -19.60
CA ARG B 3984 22.86 30.02 -19.00
C ARG B 3984 21.96 31.09 -19.60
N LEU B 3985 20.87 30.70 -20.24
CA LEU B 3985 19.98 31.66 -20.87
C LEU B 3985 19.34 32.59 -19.84
N TRP B 3986 19.07 32.08 -18.64
CA TRP B 3986 18.36 32.88 -17.64
C TRP B 3986 19.15 34.11 -17.24
N ASP B 3987 20.46 33.96 -17.04
CA ASP B 3987 21.28 35.12 -16.69
C ASP B 3987 21.27 36.14 -17.82
N ALA B 3988 21.38 35.68 -19.06
CA ALA B 3988 21.37 36.58 -20.19
C ALA B 3988 20.07 37.37 -20.25
N VAL B 3989 18.94 36.68 -20.08
CA VAL B 3989 17.65 37.36 -20.22
C VAL B 3989 17.40 38.30 -19.05
N VAL B 3990 17.81 37.93 -17.83
CA VAL B 3990 17.58 38.83 -16.70
C VAL B 3990 18.45 40.08 -16.83
N GLY B 3991 19.71 39.92 -17.23
CA GLY B 3991 20.53 41.09 -17.49
C GLY B 3991 19.96 41.94 -18.61
N PHE B 3992 19.38 41.29 -19.62
CA PHE B 3992 18.76 42.03 -20.69
C PHE B 3992 17.60 42.87 -20.19
N LEU B 3993 16.76 42.30 -19.32
CA LEU B 3993 15.66 43.08 -18.75
C LEU B 3993 16.19 44.27 -17.97
N HIS B 3994 17.24 44.04 -17.17
CA HIS B 3994 17.81 45.11 -16.37
C HIS B 3994 18.33 46.25 -17.24
N VAL B 3995 19.04 45.92 -18.32
CA VAL B 3995 19.53 46.99 -19.18
C VAL B 3995 18.37 47.64 -19.93
N PHE B 3996 17.37 46.86 -20.34
CA PHE B 3996 16.25 47.41 -21.10
C PHE B 3996 15.55 48.51 -20.32
N ALA B 3997 15.22 48.25 -19.06
CA ALA B 3997 14.38 49.18 -18.31
C ALA B 3997 15.06 50.54 -18.19
N HIS B 3998 16.29 50.55 -17.67
CA HIS B 3998 17.01 51.81 -17.51
C HIS B 3998 17.29 52.46 -18.86
N MET B 3999 17.65 51.67 -19.86
CA MET B 3999 18.02 52.24 -21.15
C MET B 3999 16.84 52.98 -21.76
N MET B 4000 15.66 52.36 -21.73
CA MET B 4000 14.49 53.00 -22.31
C MET B 4000 14.01 54.17 -21.45
N MET B 4001 14.12 54.08 -20.12
CA MET B 4001 13.73 55.21 -19.29
C MET B 4001 14.61 56.42 -19.56
N LYS B 4002 15.91 56.20 -19.75
CA LYS B 4002 16.79 57.32 -20.08
C LYS B 4002 16.53 57.83 -21.49
N LEU B 4003 16.18 56.93 -22.42
CA LEU B 4003 15.91 57.36 -23.78
C LEU B 4003 14.62 58.18 -23.88
N ALA B 4004 13.67 57.94 -22.98
CA ALA B 4004 12.36 58.56 -23.08
C ALA B 4004 12.34 60.02 -22.65
N GLN B 4005 13.49 60.67 -22.50
CA GLN B 4005 13.55 62.04 -22.00
C GLN B 4005 14.08 63.03 -23.03
N ASP B 4006 14.07 62.66 -24.31
CA ASP B 4006 14.51 63.59 -25.35
C ASP B 4006 13.82 63.23 -26.66
N SER B 4007 13.49 64.26 -27.45
CA SER B 4007 12.81 64.04 -28.71
C SER B 4007 13.74 63.51 -29.79
N SER B 4008 15.02 63.86 -29.75
CA SER B 4008 15.94 63.52 -30.82
C SER B 4008 16.47 62.08 -30.72
N GLN B 4009 16.14 61.35 -29.66
CA GLN B 4009 16.67 60.01 -29.45
C GLN B 4009 15.58 58.93 -29.52
N ILE B 4010 14.45 59.24 -30.16
CA ILE B 4010 13.41 58.23 -30.32
C ILE B 4010 13.79 57.16 -31.33
N GLU B 4011 14.71 57.47 -32.24
CA GLU B 4011 15.13 56.50 -33.25
C GLU B 4011 15.73 55.27 -32.59
N LEU B 4012 16.41 55.44 -31.46
CA LEU B 4012 16.91 54.28 -30.72
C LEU B 4012 15.79 53.60 -29.95
N LEU B 4013 14.83 54.37 -29.44
CA LEU B 4013 13.78 53.79 -28.60
C LEU B 4013 12.88 52.86 -29.41
N LYS B 4014 12.56 53.23 -30.67
CA LYS B 4014 11.71 52.36 -31.47
C LYS B 4014 12.40 51.03 -31.73
N GLU B 4015 13.69 51.05 -32.04
CA GLU B 4015 14.42 49.80 -32.25
C GLU B 4015 14.52 49.00 -30.95
N LEU B 4016 14.68 49.69 -29.81
CA LEU B 4016 14.71 48.99 -28.53
C LEU B 4016 13.40 48.29 -28.26
N LEU B 4017 12.28 48.93 -28.56
CA LEU B 4017 10.98 48.31 -28.39
C LEU B 4017 10.79 47.13 -29.34
N ASP B 4018 11.26 47.28 -30.57
CA ASP B 4018 11.21 46.16 -31.51
C ASP B 4018 11.98 44.97 -30.97
N LEU B 4019 13.17 45.22 -30.42
CA LEU B 4019 13.95 44.14 -29.85
C LEU B 4019 13.28 43.58 -28.60
N GLN B 4020 12.54 44.42 -27.86
CA GLN B 4020 11.73 43.92 -26.76
C GLN B 4020 10.74 42.86 -27.24
N LYS B 4021 10.03 43.18 -28.32
CA LYS B 4021 9.10 42.20 -28.88
C LYS B 4021 9.82 40.94 -29.32
N ASP B 4022 10.96 41.10 -30.00
CA ASP B 4022 11.71 39.94 -30.46
C ASP B 4022 12.16 39.07 -29.29
N MET B 4023 12.57 39.68 -28.19
CA MET B 4023 13.03 38.94 -27.03
C MET B 4023 11.87 38.19 -26.37
N VAL B 4024 10.76 38.88 -26.13
CA VAL B 4024 9.64 38.23 -25.46
C VAL B 4024 9.04 37.13 -26.32
N VAL B 4025 9.22 37.21 -27.64
CA VAL B 4025 8.77 36.12 -28.50
C VAL B 4025 9.49 34.83 -28.15
N MET B 4026 10.75 34.91 -27.74
CA MET B 4026 11.48 33.70 -27.36
C MET B 4026 10.81 33.03 -26.16
N LEU B 4027 10.47 33.80 -25.13
CA LEU B 4027 9.81 33.21 -23.97
C LEU B 4027 8.45 32.65 -24.34
N LEU B 4028 7.70 33.36 -25.19
CA LEU B 4028 6.41 32.85 -25.63
C LEU B 4028 6.57 31.51 -26.32
N SER B 4029 7.57 31.38 -27.18
CA SER B 4029 7.83 30.11 -27.83
C SER B 4029 8.29 29.05 -26.82
N LEU B 4030 9.05 29.47 -25.81
CA LEU B 4030 9.54 28.53 -24.82
C LEU B 4030 8.40 27.95 -23.99
N LEU B 4031 7.32 28.71 -23.82
CA LEU B 4031 6.15 28.16 -23.14
C LEU B 4031 5.58 26.97 -23.88
N GLU B 4032 5.06 27.21 -25.09
CA GLU B 4032 4.59 26.17 -26.02
C GLU B 4032 3.79 25.08 -25.31
N GLY B 4033 2.68 25.50 -24.72
CA GLY B 4033 1.71 24.56 -24.18
C GLY B 4033 2.27 23.61 -23.14
N ASN B 4034 3.03 24.15 -22.19
CA ASN B 4034 3.56 23.32 -21.12
C ASN B 4034 2.45 22.88 -20.18
N VAL B 4035 2.70 21.78 -19.48
CA VAL B 4035 1.75 21.30 -18.49
C VAL B 4035 1.57 22.36 -17.41
N VAL B 4036 0.39 22.37 -16.78
CA VAL B 4036 0.00 23.33 -15.75
C VAL B 4036 1.14 23.55 -14.76
N ASN B 4037 1.84 22.47 -14.41
CA ASN B 4037 3.01 22.52 -13.53
C ASN B 4037 4.21 21.87 -14.21
N GLY B 4038 4.47 22.26 -15.45
CA GLY B 4038 5.46 21.63 -16.29
C GLY B 4038 6.91 21.99 -16.01
N MET B 4039 7.18 22.72 -14.92
CA MET B 4039 8.52 23.00 -14.42
C MET B 4039 9.23 24.00 -15.31
N ILE B 4040 8.67 24.31 -16.48
CA ILE B 4040 9.17 25.41 -17.29
C ILE B 4040 8.52 26.73 -16.89
N ALA B 4041 7.20 26.70 -16.67
CA ALA B 4041 6.53 27.87 -16.12
C ALA B 4041 7.05 28.20 -14.73
N ARG B 4042 7.40 27.18 -13.95
CA ARG B 4042 7.97 27.42 -12.63
C ARG B 4042 9.27 28.21 -12.72
N GLN B 4043 10.16 27.80 -13.63
CA GLN B 4043 11.41 28.54 -13.79
C GLN B 4043 11.17 29.92 -14.40
N MET B 4044 10.12 30.06 -15.22
CA MET B 4044 9.78 31.38 -15.74
C MET B 4044 9.36 32.32 -14.60
N VAL B 4045 8.53 31.83 -13.69
CA VAL B 4045 8.15 32.62 -12.52
C VAL B 4045 9.37 32.92 -11.68
N ASP B 4046 10.28 31.94 -11.55
CA ASP B 4046 11.50 32.17 -10.77
C ASP B 4046 12.33 33.28 -11.38
N MET B 4047 12.55 33.25 -12.69
CA MET B 4047 13.27 34.33 -13.34
C MET B 4047 12.57 35.66 -13.14
N LEU B 4048 11.24 35.66 -13.21
CA LEU B 4048 10.51 36.92 -13.09
C LEU B 4048 10.70 37.51 -11.71
N VAL B 4049 10.66 36.69 -10.67
CA VAL B 4049 10.80 37.22 -9.31
C VAL B 4049 12.26 37.60 -9.02
N GLU B 4050 13.24 36.89 -9.60
CA GLU B 4050 14.62 37.35 -9.44
C GLU B 4050 14.84 38.71 -10.11
N SER B 4051 14.06 39.02 -11.13
CA SER B 4051 14.09 40.33 -11.77
C SER B 4051 12.92 41.18 -11.33
N SER B 4052 12.53 41.09 -10.06
CA SER B 4052 11.36 41.80 -9.58
C SER B 4052 11.50 43.30 -9.76
N SER B 4053 12.69 43.84 -9.46
CA SER B 4053 12.87 45.28 -9.59
C SER B 4053 12.69 45.72 -11.04
N ASN B 4054 13.29 45.01 -11.99
CA ASN B 4054 13.32 45.46 -13.37
C ASN B 4054 11.92 45.57 -13.96
N VAL B 4055 11.04 44.62 -13.63
CA VAL B 4055 9.70 44.61 -14.21
C VAL B 4055 8.91 45.85 -13.79
N GLU B 4056 9.21 46.40 -12.61
CA GLU B 4056 8.42 47.50 -12.09
C GLU B 4056 8.49 48.74 -12.98
N MET B 4057 9.68 49.17 -13.37
CA MET B 4057 9.77 50.40 -14.15
C MET B 4057 9.19 50.24 -15.54
N ILE B 4058 9.34 49.07 -16.18
CA ILE B 4058 8.74 48.90 -17.49
C ILE B 4058 7.22 48.91 -17.38
N LEU B 4059 6.66 48.16 -16.42
CA LEU B 4059 5.21 48.16 -16.26
C LEU B 4059 4.69 49.56 -15.94
N LYS B 4060 5.39 50.28 -15.07
CA LYS B 4060 4.96 51.61 -14.68
C LYS B 4060 5.05 52.58 -15.85
N PHE B 4061 6.10 52.47 -16.67
CA PHE B 4061 6.18 53.31 -17.87
C PHE B 4061 4.98 53.06 -18.78
N PHE B 4062 4.66 51.79 -18.99
CA PHE B 4062 3.51 51.46 -19.84
C PHE B 4062 2.23 52.07 -19.29
N ASP B 4063 1.97 51.88 -17.98
CA ASP B 4063 0.70 52.34 -17.46
C ASP B 4063 0.64 53.86 -17.34
N MET B 4064 1.75 54.53 -17.04
CA MET B 4064 1.73 55.99 -17.06
C MET B 4064 1.46 56.52 -18.45
N PHE B 4065 2.10 55.95 -19.47
CA PHE B 4065 1.86 56.48 -20.80
C PHE B 4065 0.49 56.12 -21.34
N LEU B 4066 -0.14 55.08 -20.79
CA LEU B 4066 -1.56 54.85 -21.10
C LEU B 4066 -2.45 55.88 -20.41
N LYS B 4067 -2.21 56.10 -19.11
CA LYS B 4067 -3.10 56.98 -18.35
C LYS B 4067 -2.94 58.43 -18.74
N LEU B 4068 -1.77 58.83 -19.24
CA LEU B 4068 -1.59 60.21 -19.67
C LEU B 4068 -2.50 60.54 -20.86
N LYS B 4069 -2.62 59.61 -21.81
CA LYS B 4069 -3.57 59.81 -22.90
C LYS B 4069 -4.99 59.58 -22.44
N ASP B 4070 -5.18 58.75 -21.41
CA ASP B 4070 -6.51 58.58 -20.85
C ASP B 4070 -7.04 59.89 -20.28
N ILE B 4071 -6.19 60.63 -19.56
CA ILE B 4071 -6.61 61.88 -18.95
C ILE B 4071 -6.85 62.95 -20.02
N VAL B 4072 -5.98 63.02 -21.02
CA VAL B 4072 -6.13 64.01 -22.07
C VAL B 4072 -7.41 63.71 -22.85
N GLY B 4073 -8.22 64.74 -23.05
CA GLY B 4073 -9.51 64.61 -23.68
C GLY B 4073 -10.68 64.58 -22.72
N SER B 4074 -10.44 64.29 -21.44
CA SER B 4074 -11.49 64.34 -20.44
C SER B 4074 -11.83 65.79 -20.12
N GLU B 4075 -13.09 66.02 -19.75
CA GLU B 4075 -13.52 67.37 -19.41
C GLU B 4075 -12.85 67.90 -18.16
N ALA B 4076 -12.32 67.01 -17.31
CA ALA B 4076 -11.64 67.44 -16.09
C ALA B 4076 -10.38 68.24 -16.41
N PHE B 4077 -9.64 67.83 -17.42
CA PHE B 4077 -8.39 68.49 -17.79
C PHE B 4077 -8.51 69.38 -19.02
N GLN B 4078 -9.29 68.96 -20.03
CA GLN B 4078 -9.37 69.74 -21.26
C GLN B 4078 -9.98 71.12 -21.04
N ASP B 4079 -10.68 71.32 -19.92
CA ASP B 4079 -11.27 72.62 -19.64
C ASP B 4079 -10.21 73.69 -19.42
N TYR B 4080 -8.96 73.31 -19.18
CA TYR B 4080 -7.91 74.25 -18.82
C TYR B 4080 -7.23 74.88 -20.03
N VAL B 4081 -7.67 74.57 -21.25
CA VAL B 4081 -7.08 75.18 -22.43
C VAL B 4081 -7.42 76.67 -22.44
N THR B 4082 -6.43 77.50 -22.74
CA THR B 4082 -6.60 78.94 -22.77
C THR B 4082 -6.04 79.58 -24.04
N ASP B 4083 -5.56 78.78 -24.99
CA ASP B 4083 -4.94 79.29 -26.20
C ASP B 4083 -5.51 78.54 -27.39
N PRO B 4084 -5.96 79.24 -28.43
CA PRO B 4084 -6.52 78.55 -29.60
C PRO B 4084 -5.53 77.62 -30.30
N ARG B 4085 -4.24 77.99 -30.33
CA ARG B 4085 -3.25 77.15 -30.98
C ARG B 4085 -3.11 75.81 -30.28
N GLY B 4086 -3.11 75.82 -28.95
CA GLY B 4086 -3.00 74.59 -28.19
C GLY B 4086 -2.02 74.70 -27.04
N LEU B 4087 -1.29 75.81 -26.97
CA LEU B 4087 -0.32 76.01 -25.90
C LEU B 4087 -1.02 76.06 -24.55
N ILE B 4088 -0.76 75.06 -23.71
CA ILE B 4088 -1.30 75.04 -22.36
C ILE B 4088 -0.34 75.78 -21.44
N SER B 4089 -0.82 76.14 -20.25
CA SER B 4089 0.05 76.79 -19.28
C SER B 4089 1.17 75.84 -18.87
N LYS B 4090 2.34 76.42 -18.57
CA LYS B 4090 3.48 75.61 -18.18
C LYS B 4090 3.23 74.88 -16.87
N LYS B 4091 2.40 75.44 -16.01
CA LYS B 4091 1.98 74.78 -14.78
C LYS B 4091 0.58 74.19 -14.89
N ASP B 4092 0.03 74.14 -16.10
CA ASP B 4092 -1.29 73.53 -16.29
C ASP B 4092 -1.27 72.05 -15.90
N PHE B 4093 -0.19 71.36 -16.25
CA PHE B 4093 -0.11 69.93 -15.94
C PHE B 4093 -0.19 69.68 -14.44
N GLN B 4094 0.53 70.48 -13.64
CA GLN B 4094 0.49 70.27 -12.20
C GLN B 4094 -0.91 70.47 -11.65
N LYS B 4095 -1.58 71.54 -12.07
CA LYS B 4095 -2.92 71.81 -11.57
C LYS B 4095 -3.90 70.71 -11.98
N ALA B 4096 -3.83 70.26 -13.23
CA ALA B 4096 -4.77 69.27 -13.73
C ALA B 4096 -4.41 67.85 -13.34
N MET B 4097 -3.22 67.64 -12.78
CA MET B 4097 -2.69 66.30 -12.58
C MET B 4097 -2.53 65.96 -11.12
N ASP B 4098 -1.93 66.86 -10.33
CA ASP B 4098 -1.81 66.62 -8.89
C ASP B 4098 -3.19 66.60 -8.24
N SER B 4099 -4.07 67.52 -8.66
CA SER B 4099 -5.40 67.57 -8.07
C SER B 4099 -6.16 66.26 -8.30
N GLN B 4100 -6.03 65.69 -9.48
CA GLN B 4100 -6.64 64.39 -9.75
C GLN B 4100 -5.90 63.30 -8.97
N LYS B 4101 -6.55 62.15 -8.87
CA LYS B 4101 -6.06 61.06 -8.05
C LYS B 4101 -5.11 60.18 -8.87
N GLN B 4102 -4.80 59.00 -8.32
CA GLN B 4102 -4.09 57.90 -8.98
C GLN B 4102 -2.69 58.27 -9.46
N PHE B 4103 -2.15 59.42 -9.06
CA PHE B 4103 -0.82 59.82 -9.49
C PHE B 4103 -0.04 60.39 -8.31
N THR B 4104 1.28 60.33 -8.42
CA THR B 4104 2.19 60.72 -7.35
C THR B 4104 3.03 61.92 -7.78
N GLY B 4105 3.53 62.64 -6.78
CA GLY B 4105 4.31 63.85 -6.99
C GLY B 4105 5.46 63.71 -7.98
N PRO B 4106 6.40 62.78 -7.72
CA PRO B 4106 7.52 62.62 -8.64
C PRO B 4106 7.11 62.31 -10.06
N GLU B 4107 5.99 61.60 -10.24
CA GLU B 4107 5.53 61.26 -11.58
C GLU B 4107 5.18 62.52 -12.37
N ILE B 4108 4.63 63.53 -11.71
CA ILE B 4108 4.26 64.76 -12.40
C ILE B 4108 5.49 65.45 -12.97
N GLN B 4109 6.54 65.55 -12.16
CA GLN B 4109 7.79 66.15 -12.62
C GLN B 4109 8.42 65.30 -13.72
N PHE B 4110 8.34 63.97 -13.59
CA PHE B 4110 8.89 63.10 -14.62
C PHE B 4110 8.18 63.32 -15.95
N LEU B 4111 6.84 63.40 -15.91
CA LEU B 4111 6.08 63.59 -17.14
C LEU B 4111 6.34 64.98 -17.73
N LEU B 4112 6.46 66.00 -16.89
CA LEU B 4112 6.78 67.33 -17.40
C LEU B 4112 8.16 67.33 -18.05
N SER B 4113 9.11 66.62 -17.45
CA SER B 4113 10.44 66.49 -18.06
C SER B 4113 10.36 65.79 -19.40
N CYS B 4114 9.56 64.73 -19.48
CA CYS B 4114 9.35 64.06 -20.77
C CYS B 4114 8.69 65.01 -21.77
N SER B 4115 7.75 65.83 -21.30
CA SER B 4115 7.17 66.85 -22.14
C SER B 4115 8.21 67.88 -22.53
N GLU B 4116 8.08 68.41 -23.74
CA GLU B 4116 9.01 69.41 -24.25
C GLU B 4116 8.48 70.80 -23.93
N ALA B 4117 9.23 71.53 -23.09
CA ALA B 4117 8.80 72.88 -22.72
C ALA B 4117 8.77 73.80 -23.93
N ASP B 4118 9.77 73.70 -24.81
CA ASP B 4118 9.85 74.50 -26.03
C ASP B 4118 9.82 76.00 -25.69
N GLU B 4119 10.86 76.43 -24.96
CA GLU B 4119 11.04 77.83 -24.55
C GLU B 4119 9.77 78.42 -23.94
N ASN B 4120 8.94 77.57 -23.34
CA ASN B 4120 7.65 77.97 -22.77
C ASN B 4120 6.79 78.67 -23.82
N GLU B 4121 6.82 78.15 -25.05
CA GLU B 4121 6.00 78.68 -26.13
C GLU B 4121 4.95 77.70 -26.64
N MET B 4122 5.20 76.39 -26.48
CA MET B 4122 4.24 75.39 -26.90
C MET B 4122 4.51 74.10 -26.15
N ILE B 4123 3.46 73.35 -25.85
CA ILE B 4123 3.58 72.03 -25.26
C ILE B 4123 2.84 71.03 -26.14
N ASN B 4124 1.81 71.51 -26.84
CA ASN B 4124 1.01 70.70 -27.75
C ASN B 4124 0.63 69.36 -27.11
N PHE B 4125 -0.16 69.44 -26.04
CA PHE B 4125 -0.59 68.25 -25.33
C PHE B 4125 -1.33 67.27 -26.23
N GLU B 4126 -1.97 67.78 -27.29
CA GLU B 4126 -2.74 66.91 -28.18
C GLU B 4126 -1.84 65.92 -28.91
N GLU B 4127 -0.78 66.41 -29.56
CA GLU B 4127 0.09 65.55 -30.36
C GLU B 4127 1.24 64.96 -29.56
N PHE B 4128 1.48 65.42 -28.34
CA PHE B 4128 2.52 64.85 -27.49
C PHE B 4128 2.00 63.75 -26.59
N ALA B 4129 0.72 63.41 -26.69
CA ALA B 4129 0.12 62.32 -25.93
C ALA B 4129 -0.16 61.10 -26.79
N ASN B 4130 0.26 61.10 -28.06
CA ASN B 4130 -0.12 60.05 -28.98
C ASN B 4130 1.08 59.42 -29.68
N ARG B 4131 2.17 60.18 -29.81
CA ARG B 4131 3.34 59.66 -30.53
C ARG B 4131 3.99 58.52 -29.79
N PHE B 4132 3.87 58.48 -28.47
CA PHE B 4132 4.51 57.45 -27.65
C PHE B 4132 3.60 56.26 -27.38
N GLN B 4133 2.40 56.25 -27.95
CA GLN B 4133 1.46 55.15 -27.75
C GLN B 4133 1.34 54.24 -28.96
N GLU B 4134 1.82 54.66 -30.13
CA GLU B 4134 1.74 53.85 -31.33
C GLU B 4134 2.78 52.72 -31.37
N PRO B 4135 4.08 53.01 -31.20
CA PRO B 4135 5.06 51.93 -31.34
C PRO B 4135 5.02 50.90 -30.22
N ALA B 4136 4.56 51.27 -29.03
CA ALA B 4136 4.62 50.37 -27.87
C ALA B 4136 3.47 49.39 -27.82
N ARG B 4137 2.53 49.45 -28.78
CA ARG B 4137 1.37 48.58 -28.71
C ARG B 4137 1.75 47.12 -28.83
N ASP B 4138 2.68 46.79 -29.72
CA ASP B 4138 3.08 45.40 -29.90
C ASP B 4138 3.67 44.83 -28.62
N ILE B 4139 4.56 45.58 -27.98
CA ILE B 4139 5.22 45.12 -26.76
C ILE B 4139 4.21 45.01 -25.63
N GLY B 4140 3.30 45.97 -25.53
CA GLY B 4140 2.27 45.88 -24.50
C GLY B 4140 1.40 44.65 -24.67
N PHE B 4141 0.99 44.38 -25.91
CA PHE B 4141 0.18 43.19 -26.17
C PHE B 4141 0.96 41.93 -25.84
N ASN B 4142 2.24 41.88 -26.22
CA ASN B 4142 3.04 40.69 -25.97
C ASN B 4142 3.22 40.44 -24.48
N VAL B 4143 3.51 41.50 -23.71
CA VAL B 4143 3.72 41.31 -22.27
C VAL B 4143 2.40 40.93 -21.60
N ALA B 4144 1.29 41.49 -22.06
CA ALA B 4144 -0.01 41.08 -21.52
C ALA B 4144 -0.27 39.61 -21.82
N VAL B 4145 0.06 39.17 -23.03
CA VAL B 4145 -0.12 37.77 -23.40
C VAL B 4145 0.72 36.88 -22.50
N LEU B 4146 1.98 37.27 -22.28
CA LEU B 4146 2.86 36.46 -21.44
C LEU B 4146 2.34 36.37 -20.01
N LEU B 4147 1.93 37.50 -19.45
CA LEU B 4147 1.41 37.49 -18.09
C LEU B 4147 0.15 36.64 -17.98
N THR B 4148 -0.76 36.78 -18.94
CA THR B 4148 -1.98 35.98 -18.91
C THR B 4148 -1.67 34.50 -19.03
N ASN B 4149 -0.72 34.15 -19.91
CA ASN B 4149 -0.38 32.76 -20.12
C ASN B 4149 0.20 32.15 -18.85
N LEU B 4150 1.12 32.86 -18.21
CA LEU B 4150 1.70 32.34 -16.97
C LEU B 4150 0.64 32.23 -15.87
N SER B 4151 -0.22 33.25 -15.74
CA SER B 4151 -1.24 33.20 -14.69
C SER B 4151 -2.20 32.04 -14.91
N GLU B 4152 -2.60 31.80 -16.16
CA GLU B 4152 -3.56 30.74 -16.43
C GLU B 4152 -2.95 29.36 -16.31
N HIS B 4153 -1.73 29.18 -16.84
CA HIS B 4153 -1.14 27.84 -16.86
C HIS B 4153 -0.83 27.34 -15.46
N VAL B 4154 -0.20 28.16 -14.62
CA VAL B 4154 0.13 27.78 -13.26
C VAL B 4154 -0.64 28.69 -12.30
N PRO B 4155 -1.54 28.16 -11.48
CA PRO B 4155 -2.22 28.99 -10.49
C PRO B 4155 -1.51 28.99 -9.15
N HIS B 4156 -2.03 29.75 -8.19
CA HIS B 4156 -1.53 29.77 -6.81
C HIS B 4156 -0.06 30.18 -6.77
N ASP B 4157 0.21 31.38 -7.29
CA ASP B 4157 1.56 31.96 -7.28
C ASP B 4157 1.47 33.34 -6.65
N PRO B 4158 1.60 33.41 -5.33
CA PRO B 4158 1.47 34.72 -4.64
C PRO B 4158 2.45 35.76 -5.16
N ARG B 4159 3.65 35.36 -5.53
CA ARG B 4159 4.59 36.31 -6.14
C ARG B 4159 4.05 36.83 -7.46
N LEU B 4160 3.46 35.95 -8.27
CA LEU B 4160 2.91 36.37 -9.55
C LEU B 4160 1.71 37.29 -9.37
N ARG B 4161 1.02 37.18 -8.23
CA ARG B 4161 -0.12 38.05 -7.98
C ARG B 4161 0.28 39.51 -7.94
N ASN B 4162 1.49 39.81 -7.48
CA ASN B 4162 1.97 41.19 -7.45
C ASN B 4162 2.02 41.77 -8.86
N PHE B 4163 2.63 41.03 -9.80
CA PHE B 4163 2.66 41.49 -11.18
C PHE B 4163 1.26 41.55 -11.78
N LEU B 4164 0.42 40.56 -11.45
CA LEU B 4164 -0.93 40.54 -12.00
C LEU B 4164 -1.69 41.80 -11.61
N GLU B 4165 -1.66 42.16 -10.33
CA GLU B 4165 -2.36 43.36 -9.88
C GLU B 4165 -1.65 44.63 -10.33
N LEU B 4166 -0.34 44.57 -10.58
CA LEU B 4166 0.39 45.75 -11.04
C LEU B 4166 0.12 46.08 -12.50
N ALA B 4167 -0.35 45.11 -13.28
CA ALA B 4167 -0.54 45.29 -14.71
C ALA B 4167 -2.03 45.28 -15.08
N GLU B 4168 -2.86 45.90 -14.24
CA GLU B 4168 -4.29 45.89 -14.49
C GLU B 4168 -4.67 46.83 -15.63
N SER B 4169 -4.07 48.03 -15.66
CA SER B 4169 -4.47 49.02 -16.65
C SER B 4169 -4.15 48.56 -18.07
N ILE B 4170 -2.97 47.99 -18.27
CA ILE B 4170 -2.60 47.55 -19.61
C ILE B 4170 -3.47 46.37 -20.05
N LEU B 4171 -3.78 45.46 -19.11
CA LEU B 4171 -4.67 44.35 -19.42
C LEU B 4171 -6.05 44.85 -19.82
N GLU B 4172 -6.57 45.84 -19.09
CA GLU B 4172 -7.89 46.38 -19.42
C GLU B 4172 -7.88 47.07 -20.77
N TYR B 4173 -6.81 47.79 -21.09
CA TYR B 4173 -6.72 48.42 -22.40
C TYR B 4173 -6.65 47.37 -23.51
N PHE B 4174 -5.96 46.27 -23.27
CA PHE B 4174 -5.76 45.25 -24.28
C PHE B 4174 -6.79 44.13 -24.22
N ARG B 4175 -7.82 44.26 -23.39
CA ARG B 4175 -8.87 43.25 -23.35
C ARG B 4175 -9.60 43.09 -24.68
N PRO B 4176 -10.02 44.14 -25.38
CA PRO B 4176 -10.76 43.95 -26.63
C PRO B 4176 -9.92 43.58 -27.84
N TYR B 4177 -8.67 43.18 -27.65
CA TYR B 4177 -7.82 42.79 -28.78
C TYR B 4177 -7.32 41.36 -28.67
N LEU B 4178 -6.91 40.93 -27.47
CA LEU B 4178 -6.48 39.55 -27.29
C LEU B 4178 -7.65 38.61 -27.49
N GLY B 4179 -7.37 37.48 -28.15
CA GLY B 4179 -8.41 36.49 -28.40
C GLY B 4179 -7.96 35.07 -28.13
N ARG B 4180 -8.65 34.38 -27.23
CA ARG B 4180 -8.31 33.01 -26.86
C ARG B 4180 -9.13 32.03 -27.66
N ILE B 4181 -8.47 30.97 -28.13
CA ILE B 4181 -9.15 29.80 -28.69
C ILE B 4181 -8.54 28.57 -28.02
N GLU B 4182 -9.13 27.41 -28.28
CA GLU B 4182 -8.65 26.17 -27.69
C GLU B 4182 -8.66 25.08 -28.75
N ILE B 4183 -7.51 24.45 -28.96
CA ILE B 4183 -7.37 23.36 -29.91
C ILE B 4183 -6.63 22.22 -29.23
N MET B 4184 -6.74 21.04 -29.84
CA MET B 4184 -6.03 19.85 -29.39
C MET B 4184 -5.44 19.15 -30.60
N GLY B 4185 -4.28 18.54 -30.40
CA GLY B 4185 -3.62 17.84 -31.49
C GLY B 4185 -2.14 17.62 -31.27
N ALA B 4186 -1.64 16.51 -31.80
CA ALA B 4186 -0.24 16.08 -31.75
C ALA B 4186 0.22 15.80 -30.33
N SER B 4187 -0.62 16.02 -29.32
CA SER B 4187 -0.31 15.71 -27.94
C SER B 4187 -1.45 15.02 -27.22
N ARG B 4188 -2.62 14.90 -27.84
CA ARG B 4188 -3.80 14.26 -27.24
C ARG B 4188 -4.17 14.92 -25.92
N ARG B 4189 -4.02 16.24 -25.86
CA ARG B 4189 -4.43 17.01 -24.70
C ARG B 4189 -4.79 18.41 -25.16
N ILE B 4190 -5.59 19.08 -24.35
CA ILE B 4190 -6.09 20.41 -24.72
C ILE B 4190 -4.97 21.44 -24.54
N GLU B 4191 -4.86 22.34 -25.51
CA GLU B 4191 -3.87 23.41 -25.47
C GLU B 4191 -4.55 24.74 -25.74
N ARG B 4192 -3.93 25.82 -25.25
CA ARG B 4192 -4.43 27.16 -25.45
C ARG B 4192 -3.65 27.87 -26.55
N ILE B 4193 -4.30 28.79 -27.23
CA ILE B 4193 -3.68 29.60 -28.26
C ILE B 4193 -4.01 31.06 -27.99
N TYR B 4194 -3.13 31.96 -28.44
CA TYR B 4194 -3.33 33.39 -28.29
C TYR B 4194 -2.92 34.07 -29.59
N PHE B 4195 -3.52 35.23 -29.85
CA PHE B 4195 -3.17 36.01 -31.03
C PHE B 4195 -3.78 37.40 -30.87
N GLU B 4196 -3.54 38.25 -31.85
CA GLU B 4196 -4.02 39.62 -31.85
C GLU B 4196 -5.14 39.77 -32.87
N ILE B 4197 -6.25 40.38 -32.45
CA ILE B 4197 -7.39 40.62 -33.31
C ILE B 4197 -7.32 42.06 -33.79
N SER B 4198 -7.08 42.23 -35.10
CA SER B 4198 -7.01 43.57 -35.66
C SER B 4198 -8.34 44.29 -35.46
N GLU B 4199 -8.26 45.58 -35.14
CA GLU B 4199 -9.47 46.33 -34.79
C GLU B 4199 -10.38 46.52 -35.99
N THR B 4200 -9.82 46.61 -37.19
CA THR B 4200 -10.67 46.78 -38.38
C THR B 4200 -11.58 45.58 -38.58
N ASN B 4201 -11.07 44.37 -38.33
CA ASN B 4201 -11.90 43.18 -38.45
C ASN B 4201 -13.05 43.20 -37.45
N ARG B 4202 -12.77 43.60 -36.20
CA ARG B 4202 -13.83 43.68 -35.21
C ARG B 4202 -14.86 44.74 -35.60
N ALA B 4203 -14.40 45.87 -36.13
CA ALA B 4203 -15.32 46.92 -36.56
C ALA B 4203 -16.20 46.44 -37.69
N GLN B 4204 -15.63 45.71 -38.65
CA GLN B 4204 -16.42 45.20 -39.77
C GLN B 4204 -17.23 43.96 -39.41
N TRP B 4205 -17.01 43.37 -38.24
CA TRP B 4205 -17.75 42.19 -37.84
C TRP B 4205 -19.23 42.51 -37.63
N GLU B 4206 -19.53 43.65 -37.01
CA GLU B 4206 -20.90 44.01 -36.67
C GLU B 4206 -21.53 44.80 -37.81
N MET B 4207 -21.72 44.11 -38.93
CA MET B 4207 -22.41 44.68 -40.08
C MET B 4207 -23.84 44.14 -40.15
N PRO B 4208 -24.77 44.89 -40.73
CA PRO B 4208 -26.16 44.41 -40.77
C PRO B 4208 -26.33 43.09 -41.49
N GLN B 4209 -25.57 42.87 -42.58
CA GLN B 4209 -25.70 41.61 -43.31
C GLN B 4209 -25.02 40.47 -42.56
N VAL B 4210 -23.88 40.75 -41.93
CA VAL B 4210 -23.11 39.68 -41.31
C VAL B 4210 -23.86 39.06 -40.15
N LYS B 4211 -24.49 39.88 -39.32
CA LYS B 4211 -25.19 39.35 -38.15
C LYS B 4211 -26.37 38.48 -38.57
N GLU B 4212 -27.16 38.93 -39.54
CA GLU B 4212 -28.28 38.11 -40.00
C GLU B 4212 -27.80 36.86 -40.70
N SER B 4213 -26.68 36.93 -41.43
CA SER B 4213 -26.13 35.72 -42.04
C SER B 4213 -25.71 34.73 -40.98
N LYS B 4214 -25.11 35.22 -39.89
CA LYS B 4214 -24.74 34.32 -38.80
C LYS B 4214 -25.97 33.68 -38.17
N ARG B 4215 -27.02 34.47 -37.97
CA ARG B 4215 -28.25 33.91 -37.40
C ARG B 4215 -28.83 32.83 -38.31
N GLN B 4216 -28.88 33.12 -39.61
CA GLN B 4216 -29.41 32.14 -40.55
C GLN B 4216 -28.55 30.88 -40.57
N PHE B 4217 -27.22 31.04 -40.53
CA PHE B 4217 -26.33 29.89 -40.54
C PHE B 4217 -26.53 29.02 -39.32
N ILE B 4218 -26.59 29.63 -38.14
CA ILE B 4218 -26.72 28.84 -36.92
C ILE B 4218 -28.08 28.14 -36.89
N PHE B 4219 -29.14 28.83 -37.30
CA PHE B 4219 -30.44 28.18 -37.35
C PHE B 4219 -30.44 27.00 -38.31
N ASP B 4220 -29.82 27.17 -39.48
CA ASP B 4220 -29.78 26.07 -40.45
C ASP B 4220 -28.98 24.89 -39.93
N VAL B 4221 -27.84 25.16 -39.30
CA VAL B 4221 -26.97 24.07 -38.86
C VAL B 4221 -27.61 23.29 -37.72
N VAL B 4222 -28.14 24.00 -36.72
CA VAL B 4222 -28.69 23.28 -35.56
C VAL B 4222 -29.96 22.53 -35.95
N ASN B 4223 -30.78 23.11 -36.83
CA ASN B 4223 -32.08 22.52 -37.12
C ASN B 4223 -31.98 21.37 -38.12
N GLU B 4224 -31.18 21.52 -39.18
CA GLU B 4224 -31.19 20.59 -40.29
C GLU B 4224 -30.37 19.33 -40.02
N GLY B 4225 -30.05 19.03 -38.77
CA GLY B 4225 -29.31 17.83 -38.45
C GLY B 4225 -27.82 17.98 -38.67
N GLY B 4226 -27.03 17.57 -37.68
CA GLY B 4226 -25.59 17.72 -37.76
C GLY B 4226 -24.84 16.64 -37.01
N GLU B 4227 -23.84 17.05 -36.23
CA GLU B 4227 -23.01 16.21 -35.37
C GLU B 4227 -22.03 15.36 -36.17
N ALA B 4228 -22.13 15.36 -37.51
CA ALA B 4228 -21.18 14.65 -38.36
C ALA B 4228 -20.45 15.60 -39.31
N GLU B 4229 -21.19 16.47 -39.99
CA GLU B 4229 -20.60 17.47 -40.88
C GLU B 4229 -20.67 18.88 -40.28
N LYS B 4230 -20.95 18.98 -38.98
CA LYS B 4230 -21.17 20.28 -38.37
C LYS B 4230 -19.94 21.18 -38.49
N MET B 4231 -18.77 20.66 -38.11
CA MET B 4231 -17.57 21.48 -38.15
C MET B 4231 -17.17 21.82 -39.57
N GLU B 4232 -17.39 20.88 -40.50
CA GLU B 4232 -17.11 21.17 -41.90
C GLU B 4232 -17.97 22.31 -42.40
N LEU B 4233 -19.25 22.31 -42.05
CA LEU B 4233 -20.12 23.41 -42.43
C LEU B 4233 -19.70 24.71 -41.76
N PHE B 4234 -19.21 24.62 -40.51
CA PHE B 4234 -18.70 25.81 -39.85
C PHE B 4234 -17.55 26.43 -40.64
N VAL B 4235 -16.56 25.60 -41.00
CA VAL B 4235 -15.40 26.11 -41.73
C VAL B 4235 -15.82 26.64 -43.10
N SER B 4236 -16.76 25.96 -43.75
CA SER B 4236 -17.27 26.44 -45.02
C SER B 4236 -17.90 27.81 -44.87
N PHE B 4237 -18.73 27.99 -43.84
CA PHE B 4237 -19.35 29.28 -43.60
C PHE B 4237 -18.31 30.36 -43.35
N CYS B 4238 -17.26 30.02 -42.60
CA CYS B 4238 -16.17 30.98 -42.41
C CYS B 4238 -15.57 31.40 -43.75
N GLU B 4239 -15.31 30.41 -44.61
CA GLU B 4239 -14.72 30.71 -45.91
C GLU B 4239 -15.63 31.61 -46.73
N ASP B 4240 -16.94 31.35 -46.69
CA ASP B 4240 -17.85 32.21 -47.46
C ASP B 4240 -17.93 33.61 -46.87
N THR B 4241 -18.05 33.72 -45.54
CA THR B 4241 -18.26 35.02 -44.95
C THR B 4241 -17.04 35.92 -45.13
N ILE B 4242 -15.85 35.33 -45.27
CA ILE B 4242 -14.70 36.15 -45.63
C ILE B 4242 -14.96 36.89 -46.93
N PHE B 4243 -15.73 36.30 -47.84
CA PHE B 4243 -15.92 36.91 -49.15
C PHE B 4243 -16.67 38.23 -49.07
N GLU B 4244 -17.82 38.27 -48.39
CA GLU B 4244 -18.46 39.58 -48.33
C GLU B 4244 -17.84 40.48 -47.29
N MET B 4245 -17.09 39.93 -46.33
CA MET B 4245 -16.22 40.80 -45.54
C MET B 4245 -15.27 41.56 -46.46
N GLN B 4246 -14.79 40.91 -47.51
CA GLN B 4246 -14.01 41.61 -48.53
C GLN B 4246 -14.87 42.56 -49.36
N ILE B 4247 -16.04 42.10 -49.78
CA ILE B 4247 -16.88 42.88 -50.69
C ILE B 4247 -17.37 44.16 -50.04
N ALA B 4248 -17.39 44.22 -48.71
CA ALA B 4248 -17.79 45.45 -48.03
C ALA B 4248 -16.81 46.59 -48.25
N ALA B 4249 -15.64 46.31 -48.82
CA ALA B 4249 -14.66 47.36 -49.05
C ALA B 4249 -15.18 48.42 -50.02
N GLN B 4250 -15.87 47.99 -51.08
CA GLN B 4250 -16.31 48.90 -52.13
C GLN B 4250 -17.54 49.71 -51.68
N ILE B 4251 -17.34 50.48 -50.62
CA ILE B 4251 -18.37 51.38 -50.10
C ILE B 4251 -17.85 52.78 -49.85
N SER B 4252 -16.60 53.07 -50.20
CA SER B 4252 -16.03 54.39 -49.94
C SER B 4252 -16.75 55.45 -50.76
N GLU B 4253 -16.95 56.60 -50.14
CA GLU B 4253 -17.62 57.72 -50.81
C GLU B 4253 -16.60 58.66 -51.43
N THR B 4323 -67.65 58.60 -41.73
CA THR B 4323 -67.59 58.14 -43.11
C THR B 4323 -66.52 57.09 -43.30
N ALA B 4324 -66.51 56.45 -44.47
CA ALA B 4324 -65.52 55.42 -44.74
C ALA B 4324 -64.11 55.98 -44.74
N ARG B 4325 -63.92 57.17 -45.32
CA ARG B 4325 -62.59 57.74 -45.42
C ARG B 4325 -61.98 57.97 -44.05
N GLU B 4326 -62.77 58.48 -43.10
CA GLU B 4326 -62.27 58.69 -41.75
C GLU B 4326 -61.85 57.37 -41.12
N ALA B 4327 -62.62 56.32 -41.34
CA ALA B 4327 -62.24 55.00 -40.82
C ALA B 4327 -61.03 54.44 -41.56
N ALA B 4328 -60.99 54.62 -42.88
CA ALA B 4328 -59.92 54.01 -43.67
C ALA B 4328 -58.55 54.55 -43.29
N THR B 4329 -58.44 55.87 -43.13
CA THR B 4329 -57.15 56.47 -42.79
C THR B 4329 -56.68 56.02 -41.42
N ALA B 4330 -57.58 55.98 -40.44
CA ALA B 4330 -57.20 55.58 -39.09
C ALA B 4330 -56.73 54.12 -39.07
N LEU B 4331 -57.47 53.24 -39.73
CA LEU B 4331 -57.08 51.83 -39.76
C LEU B 4331 -55.77 51.62 -40.50
N ALA B 4332 -55.61 52.28 -41.65
CA ALA B 4332 -54.40 52.09 -42.44
C ALA B 4332 -53.17 52.58 -41.68
N ALA B 4333 -53.30 53.71 -40.98
CA ALA B 4333 -52.17 54.24 -40.22
C ALA B 4333 -51.73 53.25 -39.14
N LEU B 4334 -52.69 52.61 -38.48
CA LEU B 4334 -52.34 51.61 -37.47
C LEU B 4334 -51.57 50.44 -38.08
N LEU B 4335 -52.04 49.95 -39.23
CA LEU B 4335 -51.37 48.82 -39.87
C LEU B 4335 -49.96 49.19 -40.29
N TRP B 4336 -49.81 50.38 -40.89
CA TRP B 4336 -48.48 50.81 -41.34
C TRP B 4336 -47.53 51.00 -40.17
N ALA B 4337 -48.01 51.56 -39.07
CA ALA B 4337 -47.13 51.87 -37.94
C ALA B 4337 -46.50 50.61 -37.36
N VAL B 4338 -47.30 49.55 -37.21
CA VAL B 4338 -46.76 48.31 -36.65
C VAL B 4338 -45.81 47.65 -37.64
N VAL B 4339 -46.03 47.84 -38.94
CA VAL B 4339 -45.15 47.24 -39.94
C VAL B 4339 -43.78 47.91 -39.93
N ALA B 4340 -43.77 49.25 -39.88
CA ALA B 4340 -42.50 49.96 -39.79
C ALA B 4340 -41.78 49.67 -38.48
N ARG B 4341 -42.52 49.34 -37.42
CA ARG B 4341 -41.92 48.96 -36.16
C ARG B 4341 -41.25 47.59 -36.22
N ALA B 4342 -41.56 46.79 -37.22
CA ALA B 4342 -40.98 45.45 -37.32
C ALA B 4342 -40.48 45.10 -38.72
N GLY B 4343 -40.52 46.02 -39.68
CA GLY B 4343 -40.05 45.74 -41.02
C GLY B 4343 -38.55 45.56 -41.10
N GLY B 4542 -13.94 57.62 -72.46
CA GLY B 4542 -13.05 56.80 -71.66
C GLY B 4542 -13.14 57.09 -70.18
N GLU B 4543 -12.70 58.29 -69.78
CA GLU B 4543 -12.77 58.68 -68.38
C GLU B 4543 -14.19 59.01 -67.95
N LEU B 4544 -15.11 59.19 -68.89
CA LEU B 4544 -16.49 59.50 -68.55
C LEU B 4544 -17.25 58.29 -68.02
N GLU B 4545 -16.78 57.09 -68.31
CA GLU B 4545 -17.44 55.87 -67.86
C GLU B 4545 -17.28 55.64 -66.36
N VAL B 4546 -16.38 56.36 -65.70
CA VAL B 4546 -16.17 56.15 -64.27
C VAL B 4546 -17.38 56.62 -63.47
N GLN B 4547 -18.01 57.72 -63.90
CA GLN B 4547 -19.19 58.23 -63.19
C GLN B 4547 -20.30 57.18 -63.12
N ARG B 4548 -20.37 56.29 -64.11
CA ARG B 4548 -21.33 55.21 -64.06
C ARG B 4548 -21.11 54.32 -62.84
N VAL B 4549 -19.86 53.94 -62.59
CA VAL B 4549 -19.55 53.14 -61.41
C VAL B 4549 -19.75 53.96 -60.14
N LYS B 4550 -19.41 55.25 -60.19
CA LYS B 4550 -19.62 56.09 -59.01
C LYS B 4550 -21.09 56.11 -58.60
N PHE B 4551 -22.00 56.24 -59.58
CA PHE B 4551 -23.42 56.27 -59.24
C PHE B 4551 -23.94 54.88 -58.90
N LEU B 4552 -23.43 53.85 -59.57
CA LEU B 4552 -23.94 52.50 -59.33
C LEU B 4552 -23.53 51.96 -57.96
N ASN B 4553 -22.36 52.38 -57.45
CA ASN B 4553 -21.94 51.93 -56.13
C ASN B 4553 -22.78 52.53 -55.02
N TYR B 4554 -23.58 53.56 -55.31
CA TYR B 4554 -24.45 54.14 -54.28
C TYR B 4554 -25.58 53.17 -53.92
N LEU B 4555 -26.08 52.42 -54.90
CA LEU B 4555 -27.23 51.55 -54.66
C LEU B 4555 -26.91 50.47 -53.63
N SER B 4556 -25.71 49.89 -53.71
CA SER B 4556 -25.36 48.80 -52.82
C SER B 4556 -25.28 49.28 -51.37
N ARG B 4557 -24.91 50.54 -51.15
CA ARG B 4557 -24.76 51.02 -49.78
C ARG B 4557 -26.08 50.97 -49.02
N ASN B 4558 -27.14 51.52 -49.61
CA ASN B 4558 -28.46 51.53 -49.00
C ASN B 4558 -29.39 50.76 -49.93
N PHE B 4559 -29.53 49.46 -49.66
CA PHE B 4559 -30.37 48.57 -50.45
C PHE B 4559 -31.69 48.26 -49.80
N TYR B 4560 -31.70 48.06 -48.47
CA TYR B 4560 -32.93 47.73 -47.78
C TYR B 4560 -33.94 48.87 -47.84
N THR B 4561 -33.46 50.12 -47.74
CA THR B 4561 -34.37 51.25 -47.79
C THR B 4561 -35.11 51.33 -49.10
N LEU B 4562 -34.50 50.85 -50.19
CA LEU B 4562 -35.22 50.81 -51.46
C LEU B 4562 -36.41 49.87 -51.37
N ARG B 4563 -36.24 48.70 -50.74
CA ARG B 4563 -37.37 47.79 -50.56
C ARG B 4563 -38.43 48.38 -49.64
N PHE B 4564 -37.98 49.07 -48.58
CA PHE B 4564 -38.93 49.76 -47.72
C PHE B 4564 -39.76 50.76 -48.50
N LEU B 4565 -39.12 51.53 -49.37
CA LEU B 4565 -39.82 52.50 -50.19
C LEU B 4565 -40.78 51.82 -51.16
N ALA B 4566 -40.37 50.68 -51.71
CA ALA B 4566 -41.26 49.95 -52.61
C ALA B 4566 -42.51 49.49 -51.89
N LEU B 4567 -42.36 48.96 -50.67
CA LEU B 4567 -43.54 48.57 -49.90
C LEU B 4567 -44.42 49.78 -49.60
N PHE B 4568 -43.81 50.91 -49.22
CA PHE B 4568 -44.59 52.10 -48.91
C PHE B 4568 -45.38 52.57 -50.13
N LEU B 4569 -44.73 52.55 -51.30
CA LEU B 4569 -45.41 52.97 -52.52
C LEU B 4569 -46.55 52.03 -52.87
N ALA B 4570 -46.35 50.73 -52.69
CA ALA B 4570 -47.44 49.78 -52.94
C ALA B 4570 -48.61 50.06 -52.01
N PHE B 4571 -48.32 50.31 -50.74
CA PHE B 4571 -49.38 50.63 -49.78
C PHE B 4571 -50.16 51.86 -50.21
N ALA B 4572 -49.44 52.93 -50.55
CA ALA B 4572 -50.11 54.18 -50.90
C ALA B 4572 -50.94 54.04 -52.17
N ILE B 4573 -50.38 53.36 -53.19
CA ILE B 4573 -51.11 53.23 -54.45
C ILE B 4573 -52.35 52.36 -54.26
N ASN B 4574 -52.27 51.33 -53.42
CA ASN B 4574 -53.46 50.52 -53.17
C ASN B 4574 -54.51 51.30 -52.39
N PHE B 4575 -54.08 52.07 -51.40
CA PHE B 4575 -55.05 52.87 -50.65
C PHE B 4575 -55.73 53.89 -51.56
N ILE B 4576 -54.99 54.47 -52.50
CA ILE B 4576 -55.62 55.34 -53.49
C ILE B 4576 -56.59 54.54 -54.36
N LEU B 4577 -56.18 53.34 -54.79
CA LEU B 4577 -57.04 52.49 -55.60
C LEU B 4577 -58.36 52.18 -54.90
N LEU B 4578 -58.37 52.22 -53.57
CA LEU B 4578 -59.59 51.91 -52.83
C LEU B 4578 -60.76 52.85 -53.13
N PHE B 4579 -60.59 53.83 -54.02
CA PHE B 4579 -61.64 54.81 -54.28
C PHE B 4579 -62.21 54.72 -55.69
N TYR B 4580 -62.04 53.60 -56.38
CA TYR B 4580 -62.54 53.51 -57.75
C TYR B 4580 -64.06 53.35 -57.77
N LYS B 4581 -64.60 53.34 -58.99
CA LYS B 4581 -66.03 53.25 -59.23
C LYS B 4581 -66.24 52.89 -60.69
N VAL B 4582 -67.39 52.31 -60.99
CA VAL B 4582 -67.74 51.91 -62.36
C VAL B 4582 -69.10 52.48 -62.68
N SER B 4583 -69.23 53.06 -63.87
CA SER B 4583 -70.49 53.62 -64.34
C SER B 4583 -70.84 53.06 -65.71
N ASP B 4584 -72.14 52.94 -65.98
CA ASP B 4584 -72.60 52.42 -67.25
C ASP B 4584 -72.41 53.41 -68.39
N SER B 4585 -72.17 54.68 -68.08
CA SER B 4585 -71.93 55.70 -69.09
C SER B 4585 -70.64 56.43 -68.78
N PRO B 4586 -69.93 56.91 -69.80
CA PRO B 4586 -68.72 57.67 -69.56
C PRO B 4586 -69.04 58.95 -68.79
N PRO B 4587 -68.11 59.43 -67.96
CA PRO B 4587 -68.32 60.62 -67.13
C PRO B 4587 -68.55 61.87 -67.96
N ASN B 4626 -69.34 48.64 -72.57
CA ASN B 4626 -69.32 50.10 -72.61
C ASN B 4626 -69.08 50.68 -71.22
N MET B 4627 -68.94 49.81 -70.22
CA MET B 4627 -68.69 50.26 -68.86
C MET B 4627 -67.35 50.97 -68.79
N VAL B 4628 -67.33 52.11 -68.10
CA VAL B 4628 -66.15 52.95 -68.00
C VAL B 4628 -65.65 52.92 -66.56
N TYR B 4629 -64.39 52.54 -66.37
CA TYR B 4629 -63.80 52.48 -65.05
C TYR B 4629 -63.33 53.86 -64.61
N TYR B 4630 -64.21 54.85 -64.63
CA TYR B 4630 -63.83 56.20 -64.26
C TYR B 4630 -63.57 56.28 -62.77
N PHE B 4631 -62.44 56.86 -62.40
CA PHE B 4631 -62.07 56.99 -61.00
C PHE B 4631 -62.70 58.25 -60.43
N LEU B 4632 -63.62 58.07 -59.48
CA LEU B 4632 -64.26 59.19 -58.81
C LEU B 4632 -63.50 59.46 -57.51
N GLU B 4633 -62.79 60.58 -57.48
CA GLU B 4633 -62.12 61.02 -56.26
C GLU B 4633 -63.17 61.59 -55.30
N GLU B 4634 -62.72 62.15 -54.19
CA GLU B 4634 -63.60 62.82 -53.27
C GLU B 4634 -63.89 64.23 -53.79
N SER B 4635 -64.46 65.09 -52.94
CA SER B 4635 -64.70 66.47 -53.34
C SER B 4635 -63.41 67.16 -53.74
N THR B 4636 -62.29 66.82 -53.09
CA THR B 4636 -61.00 67.37 -53.47
C THR B 4636 -60.60 66.84 -54.85
N GLY B 4637 -60.20 67.74 -55.73
CA GLY B 4637 -59.83 67.35 -57.08
C GLY B 4637 -58.42 66.82 -57.21
N TYR B 4638 -57.66 66.79 -56.13
CA TYR B 4638 -56.28 66.34 -56.17
C TYR B 4638 -56.24 64.81 -56.18
N MET B 4639 -55.05 64.24 -55.99
CA MET B 4639 -54.79 62.82 -55.82
C MET B 4639 -55.13 62.01 -57.08
N GLU B 4640 -55.63 62.67 -58.11
CA GLU B 4640 -55.84 61.96 -59.37
C GLU B 4640 -54.51 61.80 -60.13
N PRO B 4641 -53.75 62.88 -60.38
CA PRO B 4641 -52.44 62.69 -61.03
C PRO B 4641 -51.41 62.06 -60.10
N ALA B 4642 -51.64 62.13 -58.79
CA ALA B 4642 -50.73 61.47 -57.86
C ALA B 4642 -50.64 59.98 -58.15
N LEU B 4643 -51.74 59.37 -58.60
CA LEU B 4643 -51.69 57.98 -59.00
C LEU B 4643 -50.71 57.78 -60.16
N TRP B 4644 -50.76 58.67 -61.15
CA TRP B 4644 -49.86 58.55 -62.30
C TRP B 4644 -48.41 58.70 -61.87
N CYS B 4645 -48.13 59.71 -61.05
CA CYS B 4645 -46.74 59.93 -60.63
C CYS B 4645 -46.23 58.79 -59.77
N LEU B 4646 -47.07 58.29 -58.85
CA LEU B 4646 -46.64 57.16 -58.02
C LEU B 4646 -46.43 55.91 -58.84
N SER B 4647 -47.28 55.67 -59.85
CA SER B 4647 -47.08 54.51 -60.71
C SER B 4647 -45.77 54.63 -61.47
N LEU B 4648 -45.44 55.82 -61.96
CA LEU B 4648 -44.17 55.99 -62.66
C LEU B 4648 -43.00 55.83 -61.71
N LEU B 4649 -43.16 56.24 -60.45
CA LEU B 4649 -42.07 56.21 -59.49
C LEU B 4649 -41.80 54.79 -58.98
N HIS B 4650 -42.85 53.98 -58.84
CA HIS B 4650 -42.70 52.65 -58.26
C HIS B 4650 -41.83 51.75 -59.14
N THR B 4651 -42.05 51.80 -60.45
CA THR B 4651 -41.27 50.97 -61.35
C THR B 4651 -39.78 51.31 -61.25
N LEU B 4652 -39.46 52.60 -61.18
CA LEU B 4652 -38.07 53.01 -61.06
C LEU B 4652 -37.47 52.55 -59.74
N VAL B 4653 -38.20 52.73 -58.63
CA VAL B 4653 -37.63 52.36 -57.34
C VAL B 4653 -37.61 50.85 -57.13
N ALA B 4654 -38.25 50.09 -58.00
CA ALA B 4654 -38.06 48.64 -57.98
C ALA B 4654 -36.92 48.21 -58.90
N PHE B 4655 -36.77 48.89 -60.04
CA PHE B 4655 -35.62 48.62 -60.91
C PHE B 4655 -34.32 48.92 -60.19
N LEU B 4656 -34.32 49.93 -59.31
CA LEU B 4656 -33.14 50.19 -58.50
C LEU B 4656 -32.85 49.02 -57.58
N CYS B 4657 -33.88 48.40 -57.01
CA CYS B 4657 -33.68 47.20 -56.21
C CYS B 4657 -33.06 46.10 -57.03
N ILE B 4658 -33.54 45.91 -58.26
CA ILE B 4658 -33.01 44.86 -59.12
C ILE B 4658 -31.53 45.09 -59.38
N ILE B 4659 -31.16 46.34 -59.72
CA ILE B 4659 -29.77 46.66 -60.00
C ILE B 4659 -28.91 46.44 -58.77
N GLY B 4660 -29.41 46.86 -57.60
CA GLY B 4660 -28.65 46.66 -56.37
C GLY B 4660 -28.41 45.21 -56.07
N TYR B 4661 -29.43 44.37 -56.27
CA TYR B 4661 -29.24 42.94 -56.06
C TYR B 4661 -28.23 42.36 -57.05
N ASN B 4662 -28.32 42.77 -58.32
CA ASN B 4662 -27.36 42.30 -59.31
C ASN B 4662 -25.94 42.78 -59.00
N CYS B 4663 -25.81 43.86 -58.23
CA CYS B 4663 -24.49 44.36 -57.88
C CYS B 4663 -23.96 43.80 -56.57
N LEU B 4664 -24.82 43.34 -55.67
CA LEU B 4664 -24.41 43.03 -54.31
C LEU B 4664 -24.39 41.54 -54.00
N LYS B 4665 -25.49 40.83 -54.23
CA LYS B 4665 -25.63 39.50 -53.65
C LYS B 4665 -25.13 38.38 -54.55
N VAL B 4666 -25.18 38.54 -55.87
CA VAL B 4666 -24.85 37.44 -56.77
C VAL B 4666 -23.39 37.01 -56.70
N PRO B 4667 -22.43 37.88 -56.34
CA PRO B 4667 -21.07 37.35 -56.11
C PRO B 4667 -21.03 36.26 -55.05
N LEU B 4668 -21.86 36.35 -54.02
CA LEU B 4668 -21.87 35.32 -52.97
C LEU B 4668 -22.23 33.96 -53.54
N VAL B 4669 -23.34 33.87 -54.29
CA VAL B 4669 -23.77 32.58 -54.80
C VAL B 4669 -22.80 32.08 -55.87
N ILE B 4670 -22.29 32.99 -56.71
CA ILE B 4670 -21.32 32.57 -57.72
C ILE B 4670 -20.08 31.98 -57.05
N PHE B 4671 -19.57 32.66 -56.02
CA PHE B 4671 -18.40 32.17 -55.31
C PHE B 4671 -18.69 30.85 -54.61
N LYS B 4672 -19.89 30.71 -54.04
CA LYS B 4672 -20.24 29.47 -53.36
C LYS B 4672 -20.22 28.30 -54.35
N ARG B 4673 -20.83 28.48 -55.53
CA ARG B 4673 -20.82 27.41 -56.50
C ARG B 4673 -19.42 27.11 -57.00
N GLU B 4674 -18.62 28.14 -57.24
CA GLU B 4674 -17.24 27.92 -57.69
C GLU B 4674 -16.45 27.13 -56.66
N LYS B 4675 -16.58 27.52 -55.39
CA LYS B 4675 -15.84 26.84 -54.33
C LYS B 4675 -16.31 25.39 -54.18
N GLU B 4676 -17.62 25.16 -54.27
CA GLU B 4676 -18.11 23.79 -54.17
C GLU B 4676 -17.57 22.92 -55.30
N LEU B 4677 -17.58 23.46 -56.53
CA LEU B 4677 -17.06 22.69 -57.65
C LEU B 4677 -15.57 22.42 -57.50
N ALA B 4678 -14.81 23.41 -57.03
CA ALA B 4678 -13.38 23.21 -56.83
C ALA B 4678 -13.12 22.14 -55.78
N ARG B 4679 -13.89 22.15 -54.67
CA ARG B 4679 -13.74 21.12 -53.66
C ARG B 4679 -14.08 19.75 -54.21
N LYS B 4680 -15.16 19.67 -55.00
CA LYS B 4680 -15.55 18.38 -55.56
C LYS B 4680 -14.48 17.83 -56.50
N LEU B 4681 -13.85 18.69 -57.28
CA LEU B 4681 -12.83 18.23 -58.22
C LEU B 4681 -11.53 17.87 -57.50
N GLU B 4682 -11.14 18.64 -56.50
CA GLU B 4682 -9.86 18.41 -55.84
C GLU B 4682 -9.88 17.12 -55.03
N PHE B 4683 -10.90 16.93 -54.20
CA PHE B 4683 -10.97 15.81 -53.27
C PHE B 4683 -11.82 14.66 -53.78
N ASP B 4684 -12.25 14.71 -55.04
CA ASP B 4684 -13.04 13.63 -55.60
C ASP B 4684 -12.92 13.67 -57.12
N GLY B 4685 -13.23 12.54 -57.74
CA GLY B 4685 -13.16 12.44 -59.19
C GLY B 4685 -14.53 12.30 -59.82
N LEU B 4686 -15.51 13.06 -59.30
CA LEU B 4686 -16.89 12.92 -59.76
C LEU B 4686 -17.04 13.35 -61.22
N TYR B 4687 -16.12 14.18 -61.72
CA TYR B 4687 -16.17 14.60 -63.12
C TYR B 4687 -15.04 14.03 -63.95
N ILE B 4688 -14.12 13.29 -63.35
CA ILE B 4688 -13.05 12.62 -64.07
C ILE B 4688 -13.03 11.12 -63.83
N THR B 4689 -13.17 10.70 -62.58
CA THR B 4689 -12.92 9.31 -62.24
C THR B 4689 -14.12 8.41 -62.53
N GLU B 4690 -15.24 8.64 -61.84
CA GLU B 4690 -16.33 7.67 -61.94
C GLU B 4690 -17.38 8.02 -62.98
N GLN B 4691 -18.16 9.09 -62.75
CA GLN B 4691 -19.12 9.62 -63.72
C GLN B 4691 -19.82 10.83 -63.11
N PRO B 4692 -20.34 11.74 -63.92
CA PRO B 4692 -21.28 12.74 -63.40
C PRO B 4692 -22.57 12.09 -62.97
N GLY B 4693 -23.23 12.70 -61.98
CA GLY B 4693 -24.44 12.13 -61.41
C GLY B 4693 -25.58 12.00 -62.40
N ASP B 4694 -25.56 12.79 -63.48
CA ASP B 4694 -26.51 12.79 -64.59
C ASP B 4694 -27.98 12.69 -64.16
N ASP B 4695 -28.27 13.18 -62.95
CA ASP B 4695 -29.63 13.17 -62.44
C ASP B 4695 -30.02 14.47 -61.75
N ASP B 4696 -29.12 15.44 -61.66
CA ASP B 4696 -29.39 16.72 -61.03
C ASP B 4696 -29.06 17.83 -62.01
N VAL B 4697 -29.97 18.81 -62.12
CA VAL B 4697 -29.73 19.93 -63.03
C VAL B 4697 -28.50 20.71 -62.59
N LYS B 4698 -28.34 20.90 -61.28
CA LYS B 4698 -27.15 21.57 -60.79
C LYS B 4698 -25.89 20.76 -61.11
N GLY B 4699 -25.97 19.44 -61.01
CA GLY B 4699 -24.83 18.59 -61.30
C GLY B 4699 -24.54 18.38 -62.77
N GLN B 4700 -25.39 18.88 -63.66
CA GLN B 4700 -25.20 18.75 -65.09
C GLN B 4700 -24.91 20.06 -65.80
N TRP B 4701 -25.58 21.15 -65.39
CA TRP B 4701 -25.37 22.44 -66.03
C TRP B 4701 -23.94 22.93 -65.87
N ASP B 4702 -23.23 22.45 -64.85
CA ASP B 4702 -21.86 22.89 -64.61
C ASP B 4702 -20.85 22.25 -65.55
N ARG B 4703 -21.27 21.26 -66.36
CA ARG B 4703 -20.34 20.67 -67.32
C ARG B 4703 -19.95 21.62 -68.43
N LEU B 4704 -20.66 22.74 -68.58
CA LEU B 4704 -20.38 23.69 -69.64
C LEU B 4704 -19.37 24.76 -69.27
N VAL B 4705 -18.80 24.68 -68.07
CA VAL B 4705 -17.82 25.67 -67.62
C VAL B 4705 -16.43 25.06 -67.43
N LEU B 4706 -16.31 23.73 -67.42
CA LEU B 4706 -15.00 23.12 -67.19
C LEU B 4706 -14.02 23.46 -68.29
N ASN B 4707 -14.50 23.77 -69.49
CA ASN B 4707 -13.63 24.06 -70.62
C ASN B 4707 -13.23 25.52 -70.73
N THR B 4708 -13.83 26.40 -69.93
CA THR B 4708 -13.50 27.81 -70.03
C THR B 4708 -12.13 28.09 -69.41
N PRO B 4709 -11.43 29.12 -69.90
CA PRO B 4709 -10.12 29.45 -69.34
C PRO B 4709 -10.19 30.27 -68.05
N SER B 4710 -11.36 30.76 -67.66
CA SER B 4710 -11.51 31.61 -66.49
C SER B 4710 -12.50 31.02 -65.50
N PHE B 4711 -12.39 29.72 -65.25
CA PHE B 4711 -13.27 29.08 -64.28
C PHE B 4711 -13.11 29.62 -62.87
N PRO B 4712 -11.90 29.77 -62.32
CA PRO B 4712 -11.81 30.36 -60.97
C PRO B 4712 -11.85 31.89 -61.02
N SER B 4713 -13.01 32.43 -61.38
CA SER B 4713 -13.16 33.88 -61.50
C SER B 4713 -13.11 34.56 -60.14
N ASN B 4714 -13.76 33.98 -59.14
CA ASN B 4714 -13.88 34.61 -57.83
C ASN B 4714 -13.25 33.83 -56.69
N TYR B 4715 -13.12 32.52 -56.82
CA TYR B 4715 -12.46 31.75 -55.78
C TYR B 4715 -10.98 32.10 -55.72
N TRP B 4716 -10.41 31.99 -54.52
CA TRP B 4716 -9.02 32.39 -54.32
C TRP B 4716 -8.06 31.51 -55.12
N ASP B 4717 -8.28 30.20 -55.14
CA ASP B 4717 -7.37 29.30 -55.82
C ASP B 4717 -7.54 29.42 -57.33
N LYS B 4718 -6.86 30.38 -57.93
CA LYS B 4718 -6.98 30.66 -59.35
C LYS B 4718 -6.13 29.75 -60.22
N PHE B 4719 -5.37 28.83 -59.62
CA PHE B 4719 -4.59 27.84 -60.34
C PHE B 4719 -4.95 26.43 -59.91
N VAL B 4720 -6.21 26.22 -59.50
CA VAL B 4720 -6.63 24.94 -58.97
C VAL B 4720 -6.56 23.84 -60.03
N LYS B 4721 -6.45 24.21 -61.31
CA LYS B 4721 -6.38 23.20 -62.36
C LYS B 4721 -5.16 22.32 -62.23
N ARG B 4722 -4.09 22.83 -61.62
CA ARG B 4722 -2.87 22.03 -61.46
C ARG B 4722 -3.11 20.84 -60.54
N LYS B 4723 -3.89 21.02 -59.49
CA LYS B 4723 -4.01 19.99 -58.46
C LYS B 4723 -4.66 18.73 -59.01
N VAL B 4724 -5.73 18.88 -59.81
CA VAL B 4724 -6.44 17.70 -60.29
C VAL B 4724 -5.55 16.87 -61.22
N LEU B 4725 -4.82 17.52 -62.11
CA LEU B 4725 -3.94 16.78 -63.01
C LEU B 4725 -2.74 16.20 -62.25
N ASP B 4726 -2.26 16.89 -61.22
CA ASP B 4726 -1.16 16.34 -60.43
C ASP B 4726 -1.61 15.17 -59.57
N LYS B 4727 -2.89 15.09 -59.26
CA LYS B 4727 -3.39 14.02 -58.41
C LYS B 4727 -3.91 12.83 -59.19
N HIS B 4728 -4.45 13.04 -60.39
CA HIS B 4728 -5.04 11.95 -61.16
C HIS B 4728 -4.62 11.97 -62.63
N GLY B 4729 -3.70 12.83 -63.03
CA GLY B 4729 -3.30 12.89 -64.42
C GLY B 4729 -2.40 11.76 -64.88
N ASP B 4730 -1.87 10.96 -63.95
CA ASP B 4730 -1.04 9.82 -64.32
C ASP B 4730 -1.84 8.53 -64.38
N ILE B 4731 -2.70 8.28 -63.40
CA ILE B 4731 -3.55 7.10 -63.41
C ILE B 4731 -4.52 7.11 -64.59
N PHE B 4732 -4.86 8.29 -65.10
CA PHE B 4732 -5.70 8.42 -66.27
C PHE B 4732 -4.90 9.07 -67.40
N GLY B 4733 -5.53 9.16 -68.57
CA GLY B 4733 -4.90 9.79 -69.71
C GLY B 4733 -4.54 11.23 -69.43
N ARG B 4734 -3.25 11.53 -69.39
CA ARG B 4734 -2.82 12.90 -69.08
C ARG B 4734 -3.30 13.87 -70.14
N GLU B 4735 -3.28 13.47 -71.41
CA GLU B 4735 -3.84 14.31 -72.44
C GLU B 4735 -5.34 14.46 -72.27
N ARG B 4736 -6.04 13.38 -71.88
CA ARG B 4736 -7.47 13.47 -71.64
C ARG B 4736 -7.77 14.44 -70.49
N ILE B 4737 -7.00 14.36 -69.41
CA ILE B 4737 -7.20 15.27 -68.29
C ILE B 4737 -6.91 16.70 -68.71
N ALA B 4738 -5.81 16.92 -69.43
CA ALA B 4738 -5.42 18.25 -69.86
C ALA B 4738 -6.27 18.79 -71.00
N GLU B 4739 -7.15 17.97 -71.57
CA GLU B 4739 -8.10 18.47 -72.55
C GLU B 4739 -9.49 18.69 -71.96
N LEU B 4740 -9.87 17.92 -70.94
CA LEU B 4740 -11.19 18.10 -70.33
C LEU B 4740 -11.30 19.46 -69.66
N LEU B 4741 -10.25 19.89 -68.98
CA LEU B 4741 -10.26 21.15 -68.22
C LEU B 4741 -9.85 22.34 -69.06
N GLY B 4742 -10.01 22.28 -70.38
CA GLY B 4742 -9.45 23.32 -71.21
C GLY B 4742 -7.94 23.31 -71.08
N MET B 4743 -7.35 24.48 -70.86
CA MET B 4743 -5.93 24.68 -70.58
C MET B 4743 -5.00 23.74 -71.35
N ASP B 4744 -5.31 23.52 -72.63
CA ASP B 4744 -4.51 22.60 -73.43
C ASP B 4744 -3.08 23.13 -73.58
N LEU B 4745 -2.18 22.23 -73.98
CA LEU B 4745 -0.76 22.53 -74.11
C LEU B 4745 -0.18 23.03 -72.78
N ALA B 4746 -0.18 22.12 -71.82
CA ALA B 4746 0.33 22.41 -70.48
C ALA B 4746 1.80 22.78 -70.49
N SER B 4747 2.52 22.48 -71.57
CA SER B 4747 3.92 22.89 -71.67
C SER B 4747 4.06 24.40 -71.56
N LEU B 4748 3.15 25.15 -72.19
CA LEU B 4748 3.20 26.61 -72.08
C LEU B 4748 2.99 27.06 -70.64
N GLU B 4749 2.04 26.43 -69.93
CA GLU B 4749 1.81 26.79 -68.54
C GLU B 4749 3.03 26.48 -67.68
N ILE B 4750 3.69 25.35 -67.94
CA ILE B 4750 4.87 24.99 -67.17
C ILE B 4750 6.01 25.98 -67.45
N THR B 4751 6.21 26.34 -68.72
CA THR B 4751 7.32 27.19 -69.11
C THR B 4751 7.06 28.67 -68.89
N ALA B 4752 5.83 29.06 -68.54
CA ALA B 4752 5.55 30.46 -68.26
C ALA B 4752 6.40 30.97 -67.10
N HIS B 4753 6.54 30.18 -66.05
CA HIS B 4753 7.34 30.56 -64.89
C HIS B 4753 8.78 30.10 -65.03
N ASN B 4754 9.41 30.45 -66.15
CA ASN B 4754 10.80 30.08 -66.40
C ASN B 4754 11.72 31.28 -66.56
N GLU B 4755 11.39 32.20 -67.45
CA GLU B 4755 12.30 33.32 -67.74
C GLU B 4755 11.95 34.56 -66.91
N ARG B 4756 10.75 35.09 -67.09
CA ARG B 4756 10.32 36.31 -66.41
C ARG B 4756 8.81 36.42 -66.57
N LYS B 4757 8.27 37.58 -66.20
CA LYS B 4757 6.83 37.84 -66.32
C LYS B 4757 6.62 39.00 -67.29
N PRO B 4758 6.33 38.73 -68.56
CA PRO B 4758 6.12 39.83 -69.51
C PRO B 4758 4.81 40.56 -69.25
N ASP B 4759 4.77 41.82 -69.67
CA ASP B 4759 3.57 42.66 -69.53
C ASP B 4759 3.00 42.95 -70.91
N PRO B 4760 1.91 42.30 -71.32
CA PRO B 4760 1.35 42.57 -72.64
C PRO B 4760 0.78 43.98 -72.71
N PRO B 4761 0.77 44.59 -73.88
CA PRO B 4761 0.21 45.94 -73.99
C PRO B 4761 -1.27 45.93 -73.70
N PRO B 4762 -1.81 47.00 -73.11
CA PRO B 4762 -3.25 47.03 -72.82
C PRO B 4762 -4.07 47.19 -74.09
N GLY B 4763 -5.22 46.52 -74.12
CA GLY B 4763 -6.14 46.61 -75.23
C GLY B 4763 -7.48 47.18 -74.82
N LEU B 4764 -7.46 48.23 -74.01
CA LEU B 4764 -8.69 48.76 -73.44
C LEU B 4764 -9.65 49.22 -74.52
N LEU B 4765 -10.92 48.82 -74.39
CA LEU B 4765 -12.01 49.23 -75.28
C LEU B 4765 -11.79 48.83 -76.72
N THR B 4766 -10.89 47.88 -76.98
CA THR B 4766 -10.65 47.38 -78.33
C THR B 4766 -10.97 45.89 -78.46
N TRP B 4767 -10.41 45.05 -77.58
CA TRP B 4767 -10.65 43.62 -77.61
C TRP B 4767 -11.39 43.13 -76.37
N LEU B 4768 -11.97 44.04 -75.59
CA LEU B 4768 -12.70 43.64 -74.38
C LEU B 4768 -13.95 42.84 -74.71
N MET B 4769 -14.43 42.90 -75.95
CA MET B 4769 -15.60 42.11 -76.35
C MET B 4769 -15.33 40.62 -76.24
N SER B 4770 -14.09 40.20 -76.46
CA SER B 4770 -13.73 38.78 -76.44
C SER B 4770 -13.75 38.27 -75.01
N ILE B 4771 -14.87 37.63 -74.63
CA ILE B 4771 -15.01 37.04 -73.31
C ILE B 4771 -15.54 35.63 -73.47
N ASP B 4772 -15.35 34.83 -72.42
CA ASP B 4772 -15.74 33.42 -72.47
C ASP B 4772 -17.24 33.27 -72.61
N VAL B 4773 -17.70 32.88 -73.79
CA VAL B 4773 -19.13 32.73 -74.03
C VAL B 4773 -19.70 31.62 -73.16
N LYS B 4774 -18.98 30.51 -73.04
CA LYS B 4774 -19.44 29.41 -72.20
C LYS B 4774 -19.57 29.85 -70.75
N TYR B 4775 -18.58 30.59 -70.25
CA TYR B 4775 -18.64 31.06 -68.87
C TYR B 4775 -19.80 32.02 -68.67
N GLN B 4776 -20.04 32.91 -69.63
CA GLN B 4776 -21.16 33.82 -69.51
C GLN B 4776 -22.49 33.07 -69.49
N ILE B 4777 -22.64 32.06 -70.35
CA ILE B 4777 -23.87 31.28 -70.37
C ILE B 4777 -24.05 30.54 -69.05
N TRP B 4778 -22.98 29.94 -68.53
CA TRP B 4778 -23.08 29.23 -67.27
C TRP B 4778 -23.43 30.18 -66.12
N LYS B 4779 -22.83 31.36 -66.11
CA LYS B 4779 -23.15 32.33 -65.07
C LYS B 4779 -24.60 32.78 -65.17
N PHE B 4780 -25.10 33.00 -66.38
CA PHE B 4780 -26.50 33.37 -66.54
C PHE B 4780 -27.43 32.26 -66.07
N GLY B 4781 -27.06 31.01 -66.35
CA GLY B 4781 -27.84 29.90 -65.86
C GLY B 4781 -27.87 29.83 -64.36
N VAL B 4782 -26.72 30.06 -63.71
CA VAL B 4782 -26.68 30.06 -62.25
C VAL B 4782 -27.51 31.22 -61.71
N ILE B 4783 -27.50 32.36 -62.40
CA ILE B 4783 -28.30 33.50 -61.97
C ILE B 4783 -29.78 33.15 -62.00
N PHE B 4784 -30.24 32.61 -63.13
CA PHE B 4784 -31.67 32.40 -63.32
C PHE B 4784 -32.19 31.20 -62.53
N THR B 4785 -31.35 30.21 -62.26
CA THR B 4785 -31.80 29.08 -61.46
C THR B 4785 -32.04 29.46 -60.00
N ASP B 4786 -31.58 30.63 -59.56
CA ASP B 4786 -31.81 31.07 -58.20
C ASP B 4786 -33.28 31.44 -58.00
N ASN B 4787 -33.67 31.55 -56.73
CA ASN B 4787 -35.05 31.86 -56.39
C ASN B 4787 -35.27 33.31 -56.01
N SER B 4788 -34.36 33.91 -55.22
CA SER B 4788 -34.55 35.31 -54.82
C SER B 4788 -34.51 36.24 -56.01
N PHE B 4789 -33.55 36.05 -56.92
CA PHE B 4789 -33.48 36.89 -58.10
C PHE B 4789 -34.70 36.69 -58.99
N LEU B 4790 -35.19 35.45 -59.09
CA LEU B 4790 -36.40 35.20 -59.86
C LEU B 4790 -37.59 35.92 -59.24
N TYR B 4791 -37.66 35.94 -57.91
CA TYR B 4791 -38.74 36.66 -57.23
C TYR B 4791 -38.66 38.16 -57.52
N LEU B 4792 -37.45 38.72 -57.49
CA LEU B 4792 -37.30 40.13 -57.82
C LEU B 4792 -37.69 40.42 -59.26
N GLY B 4793 -37.34 39.52 -60.19
CA GLY B 4793 -37.75 39.70 -61.56
C GLY B 4793 -39.24 39.60 -61.75
N TRP B 4794 -39.89 38.73 -60.97
CA TRP B 4794 -41.35 38.65 -60.99
C TRP B 4794 -41.95 39.95 -60.51
N TYR B 4795 -41.37 40.53 -59.45
CA TYR B 4795 -41.79 41.85 -59.00
C TYR B 4795 -41.65 42.87 -60.12
N MET B 4796 -40.53 42.82 -60.84
CA MET B 4796 -40.32 43.71 -61.98
C MET B 4796 -41.44 43.57 -63.00
N VAL B 4797 -41.74 42.34 -63.40
CA VAL B 4797 -42.67 42.15 -64.51
C VAL B 4797 -44.08 42.55 -64.08
N MET B 4798 -44.46 42.28 -62.84
CA MET B 4798 -45.77 42.74 -62.39
C MET B 4798 -45.84 44.25 -62.28
N SER B 4799 -44.78 44.90 -61.81
CA SER B 4799 -44.77 46.35 -61.77
C SER B 4799 -44.90 46.93 -63.17
N LEU B 4800 -44.20 46.33 -64.13
CA LEU B 4800 -44.28 46.80 -65.51
C LEU B 4800 -45.68 46.61 -66.07
N LEU B 4801 -46.28 45.45 -65.84
CA LEU B 4801 -47.65 45.21 -66.29
C LEU B 4801 -48.66 46.09 -65.58
N GLY B 4802 -48.27 46.67 -64.44
CA GLY B 4802 -49.17 47.57 -63.75
C GLY B 4802 -49.57 48.77 -64.59
N HIS B 4803 -48.67 49.26 -65.44
CA HIS B 4803 -48.96 50.41 -66.29
C HIS B 4803 -49.86 50.06 -67.47
N TYR B 4804 -50.44 48.86 -67.48
CA TYR B 4804 -51.44 48.48 -68.47
C TYR B 4804 -52.82 49.03 -68.12
N ASN B 4805 -52.87 50.03 -67.26
CA ASN B 4805 -54.13 50.63 -66.79
C ASN B 4805 -54.99 49.57 -66.11
N ASN B 4806 -54.46 49.03 -65.01
CA ASN B 4806 -55.14 47.96 -64.30
C ASN B 4806 -54.76 48.01 -62.83
N PHE B 4807 -55.29 47.05 -62.07
CA PHE B 4807 -55.06 46.93 -60.64
C PHE B 4807 -53.87 46.05 -60.31
N PHE B 4808 -53.03 45.73 -61.29
CA PHE B 4808 -51.94 44.79 -61.07
C PHE B 4808 -51.05 45.21 -59.91
N PHE B 4809 -51.10 46.47 -59.48
CA PHE B 4809 -50.39 46.88 -58.29
C PHE B 4809 -50.94 46.24 -57.03
N ALA B 4810 -52.13 45.66 -57.08
CA ALA B 4810 -52.71 45.02 -55.91
C ALA B 4810 -52.08 43.67 -55.60
N ALA B 4811 -51.21 43.16 -56.47
CA ALA B 4811 -50.54 41.89 -56.25
C ALA B 4811 -49.14 42.06 -55.66
N HIS B 4812 -48.77 43.29 -55.31
CA HIS B 4812 -47.45 43.53 -54.73
C HIS B 4812 -47.48 43.48 -53.21
N LEU B 4813 -48.50 44.11 -52.63
CA LEU B 4813 -48.59 44.17 -51.18
C LEU B 4813 -48.30 42.83 -50.63
N LEU B 4814 -48.89 41.81 -51.23
CA LEU B 4814 -48.73 40.49 -50.69
C LEU B 4814 -47.29 40.19 -50.54
N ASP B 4815 -46.65 39.98 -51.67
CA ASP B 4815 -45.26 39.57 -51.62
C ASP B 4815 -44.48 40.31 -50.58
N ILE B 4816 -44.82 41.55 -50.34
CA ILE B 4816 -44.00 42.23 -49.38
C ILE B 4816 -44.57 41.93 -48.01
N ALA B 4817 -45.88 42.06 -47.85
CA ALA B 4817 -46.45 41.85 -46.54
C ALA B 4817 -45.78 40.66 -45.90
N MET B 4818 -45.56 39.60 -46.66
CA MET B 4818 -44.84 38.44 -46.14
C MET B 4818 -43.36 38.75 -46.03
N GLY B 4819 -43.01 39.70 -45.18
CA GLY B 4819 -41.62 40.00 -44.94
C GLY B 4819 -41.37 39.72 -43.49
N VAL B 4820 -42.35 40.01 -42.65
CA VAL B 4820 -42.22 39.73 -41.24
C VAL B 4820 -42.39 38.25 -41.01
N LYS B 4821 -41.36 37.60 -40.49
CA LYS B 4821 -41.40 36.15 -40.34
C LYS B 4821 -42.72 35.57 -39.88
N THR B 4822 -43.24 36.08 -38.78
CA THR B 4822 -44.46 35.48 -38.24
C THR B 4822 -45.54 35.27 -39.29
N LEU B 4823 -45.40 35.87 -40.46
CA LEU B 4823 -46.29 35.57 -41.59
C LEU B 4823 -45.65 34.64 -42.60
N ARG B 4824 -44.32 34.69 -42.75
CA ARG B 4824 -43.64 33.77 -43.66
C ARG B 4824 -43.78 32.33 -43.16
N THR B 4825 -43.75 32.13 -41.84
CA THR B 4825 -43.96 30.78 -41.32
C THR B 4825 -45.36 30.28 -41.63
N ILE B 4826 -46.36 31.16 -41.54
CA ILE B 4826 -47.73 30.78 -41.89
C ILE B 4826 -47.81 30.40 -43.37
N LEU B 4827 -47.19 31.20 -44.23
CA LEU B 4827 -47.23 30.91 -45.66
C LEU B 4827 -46.50 29.60 -45.98
N SER B 4828 -45.41 29.32 -45.28
CA SER B 4828 -44.68 28.07 -45.51
C SER B 4828 -45.38 26.87 -44.91
N SER B 4829 -46.23 27.05 -43.90
CA SER B 4829 -46.93 25.93 -43.30
C SER B 4829 -47.88 25.26 -44.29
N VAL B 4830 -48.37 25.99 -45.28
CA VAL B 4830 -49.31 25.41 -46.23
C VAL B 4830 -48.66 24.31 -47.04
N THR B 4831 -47.42 24.53 -47.50
CA THR B 4831 -46.71 23.56 -48.32
C THR B 4831 -45.69 22.75 -47.53
N HIS B 4832 -45.54 23.00 -46.24
CA HIS B 4832 -44.59 22.22 -45.45
C HIS B 4832 -45.00 20.75 -45.38
N ASN B 4833 -46.29 20.48 -45.24
CA ASN B 4833 -46.80 19.12 -45.09
C ASN B 4833 -47.80 18.78 -46.18
N GLY B 4834 -47.63 19.36 -47.38
CA GLY B 4834 -48.60 19.17 -48.44
C GLY B 4834 -48.61 17.78 -49.03
N LYS B 4835 -47.55 17.00 -48.83
CA LYS B 4835 -47.48 15.68 -49.43
C LYS B 4835 -48.58 14.76 -48.93
N GLN B 4836 -49.02 14.96 -47.69
CA GLN B 4836 -50.19 14.24 -47.18
C GLN B 4836 -51.48 15.02 -47.39
N LEU B 4837 -51.39 16.34 -47.49
CA LEU B 4837 -52.57 17.16 -47.71
C LEU B 4837 -53.22 16.81 -49.05
N VAL B 4838 -52.41 16.62 -50.09
CA VAL B 4838 -52.99 16.30 -51.39
C VAL B 4838 -53.66 14.92 -51.35
N MET B 4839 -53.05 13.95 -50.65
CA MET B 4839 -53.69 12.65 -50.52
C MET B 4839 -55.02 12.77 -49.80
N THR B 4840 -55.06 13.54 -48.72
CA THR B 4840 -56.32 13.69 -47.98
C THR B 4840 -57.38 14.37 -48.83
N VAL B 4841 -56.99 15.38 -49.61
CA VAL B 4841 -57.95 16.03 -50.49
C VAL B 4841 -58.49 15.04 -51.52
N GLY B 4842 -57.60 14.21 -52.08
CA GLY B 4842 -58.07 13.19 -53.01
C GLY B 4842 -59.03 12.21 -52.36
N LEU B 4843 -58.75 11.84 -51.11
CA LEU B 4843 -59.65 10.93 -50.41
C LEU B 4843 -61.03 11.57 -50.22
N LEU B 4844 -61.06 12.85 -49.86
CA LEU B 4844 -62.34 13.54 -49.75
C LEU B 4844 -63.07 13.55 -51.08
N ALA B 4845 -62.34 13.82 -52.17
CA ALA B 4845 -62.96 13.84 -53.49
C ALA B 4845 -63.57 12.51 -53.86
N VAL B 4846 -62.85 11.42 -53.63
CA VAL B 4846 -63.39 10.10 -53.97
C VAL B 4846 -64.56 9.73 -53.06
N VAL B 4847 -64.56 10.13 -51.79
CA VAL B 4847 -65.71 9.83 -50.94
C VAL B 4847 -66.95 10.58 -51.42
N VAL B 4848 -66.80 11.86 -51.76
CA VAL B 4848 -67.94 12.62 -52.25
C VAL B 4848 -68.44 12.00 -53.57
N TYR B 4849 -67.52 11.58 -54.43
CA TYR B 4849 -67.94 10.92 -55.67
C TYR B 4849 -68.69 9.63 -55.38
N LEU B 4850 -68.24 8.88 -54.39
CA LEU B 4850 -68.93 7.63 -54.03
C LEU B 4850 -70.36 7.92 -53.63
N TYR B 4851 -70.55 8.93 -52.78
CA TYR B 4851 -71.91 9.29 -52.40
C TYR B 4851 -72.70 9.78 -53.60
N THR B 4852 -72.04 10.46 -54.55
CA THR B 4852 -72.75 10.95 -55.72
C THR B 4852 -73.31 9.79 -56.55
N VAL B 4853 -72.47 8.78 -56.80
CA VAL B 4853 -72.97 7.66 -57.59
C VAL B 4853 -73.97 6.84 -56.80
N VAL B 4854 -73.87 6.84 -55.47
CA VAL B 4854 -74.87 6.14 -54.67
C VAL B 4854 -76.23 6.81 -54.81
N ALA B 4855 -76.26 8.14 -54.76
CA ALA B 4855 -77.51 8.88 -54.80
C ALA B 4855 -77.97 9.23 -56.21
N PHE B 4856 -77.19 8.90 -57.24
CA PHE B 4856 -77.57 9.26 -58.59
C PHE B 4856 -78.70 8.38 -59.11
N ASN B 4857 -78.65 7.09 -58.83
CA ASN B 4857 -79.63 6.16 -59.36
C ASN B 4857 -80.66 5.74 -58.33
N PHE B 4858 -80.73 6.42 -57.19
CA PHE B 4858 -81.67 6.04 -56.14
C PHE B 4858 -82.54 7.22 -55.72
N PHE B 4859 -82.00 8.43 -55.75
CA PHE B 4859 -82.66 9.60 -55.21
C PHE B 4859 -82.77 10.70 -56.25
N ARG B 4860 -83.20 10.34 -57.47
CA ARG B 4860 -83.34 11.33 -58.52
C ARG B 4860 -84.42 12.35 -58.18
N LYS B 4861 -85.54 11.89 -57.64
CA LYS B 4861 -86.71 12.77 -57.50
C LYS B 4861 -86.58 13.75 -56.36
N PHE B 4862 -85.44 13.88 -55.68
CA PHE B 4862 -85.28 14.83 -54.60
C PHE B 4862 -84.49 16.07 -55.01
N TYR B 4863 -83.45 15.90 -55.82
CA TYR B 4863 -82.55 17.00 -56.15
C TYR B 4863 -83.23 17.92 -57.14
N ASN B 4864 -83.97 18.90 -56.62
CA ASN B 4864 -84.50 19.97 -57.46
C ASN B 4864 -84.54 21.24 -56.65
N LYS B 4865 -84.66 22.37 -57.35
CA LYS B 4865 -84.61 23.68 -56.71
C LYS B 4865 -85.99 24.25 -56.42
N SER B 4866 -87.04 23.43 -56.51
CA SER B 4866 -88.39 23.81 -56.08
C SER B 4866 -88.90 25.04 -56.84
N GLU B 4867 -89.07 24.86 -58.14
CA GLU B 4867 -89.67 25.89 -59.00
C GLU B 4867 -91.08 25.45 -59.37
N ASP B 4868 -92.02 26.36 -59.20
CA ASP B 4868 -93.42 26.03 -59.44
C ASP B 4868 -93.67 25.79 -60.93
N GLU B 4869 -94.58 24.85 -61.21
CA GLU B 4869 -95.17 24.60 -62.52
C GLU B 4869 -94.15 24.22 -63.59
N ASP B 4870 -92.87 24.14 -63.22
CA ASP B 4870 -91.83 23.71 -64.15
C ASP B 4870 -90.55 23.49 -63.36
N GLU B 4871 -89.80 22.45 -63.73
CA GLU B 4871 -88.54 22.12 -63.08
C GLU B 4871 -87.47 21.91 -64.14
N PRO B 4872 -87.03 22.98 -64.79
CA PRO B 4872 -85.93 22.84 -65.76
C PRO B 4872 -84.60 22.51 -65.11
N ASP B 4873 -84.46 22.74 -63.81
CA ASP B 4873 -83.21 22.55 -63.09
C ASP B 4873 -83.29 21.28 -62.27
N MET B 4874 -82.53 20.27 -62.68
CA MET B 4874 -82.42 19.02 -61.93
C MET B 4874 -80.95 18.67 -61.82
N LYS B 4875 -80.43 18.64 -60.60
CA LYS B 4875 -79.02 18.33 -60.37
C LYS B 4875 -78.78 16.84 -60.16
N CYS B 4876 -79.64 15.99 -60.73
CA CYS B 4876 -79.48 14.55 -60.63
C CYS B 4876 -79.45 13.85 -61.98
N ASP B 4877 -79.86 14.51 -63.06
CA ASP B 4877 -79.91 13.88 -64.37
C ASP B 4877 -78.52 13.46 -64.83
N ASP B 4878 -77.64 14.43 -65.07
CA ASP B 4878 -76.29 14.10 -65.50
C ASP B 4878 -75.42 13.79 -64.28
N MET B 4879 -74.47 12.88 -64.48
CA MET B 4879 -73.51 12.60 -63.42
C MET B 4879 -72.62 13.80 -63.16
N MET B 4880 -72.20 14.50 -64.22
CA MET B 4880 -71.28 15.62 -64.05
C MET B 4880 -71.92 16.73 -63.22
N THR B 4881 -73.15 17.12 -63.55
CA THR B 4881 -73.81 18.18 -62.79
C THR B 4881 -74.06 17.75 -61.35
N CYS B 4882 -74.45 16.49 -61.14
CA CYS B 4882 -74.67 16.02 -59.78
C CYS B 4882 -73.39 16.06 -58.96
N TYR B 4883 -72.28 15.61 -59.55
CA TYR B 4883 -71.01 15.64 -58.84
C TYR B 4883 -70.58 17.07 -58.53
N LEU B 4884 -70.75 17.97 -59.50
CA LEU B 4884 -70.40 19.37 -59.24
C LEU B 4884 -71.26 19.95 -58.13
N PHE B 4885 -72.57 19.66 -58.16
CA PHE B 4885 -73.46 20.20 -57.15
C PHE B 4885 -73.07 19.70 -55.77
N HIS B 4886 -72.80 18.40 -55.65
CA HIS B 4886 -72.38 17.89 -54.35
C HIS B 4886 -71.08 18.53 -53.90
N MET B 4887 -70.06 18.51 -54.74
CA MET B 4887 -68.75 19.02 -54.35
C MET B 4887 -68.76 20.52 -54.08
N TYR B 4888 -69.74 21.26 -54.60
CA TYR B 4888 -69.77 22.70 -54.42
C TYR B 4888 -70.71 23.15 -53.31
N VAL B 4889 -71.74 22.38 -52.97
CA VAL B 4889 -72.71 22.76 -51.96
C VAL B 4889 -72.56 21.93 -50.70
N GLY B 4890 -72.51 20.61 -50.83
CA GLY B 4890 -72.59 19.76 -49.66
C GLY B 4890 -71.46 19.95 -48.68
N VAL B 4891 -70.24 20.16 -49.21
CA VAL B 4891 -69.09 20.31 -48.32
C VAL B 4891 -69.23 21.56 -47.46
N ARG B 4892 -69.65 22.63 -48.08
CA ARG B 4892 -69.87 23.80 -47.30
C ARG B 4892 -71.15 23.54 -46.58
N ALA B 4893 -71.89 24.57 -46.25
CA ALA B 4893 -73.11 24.39 -45.50
C ALA B 4893 -72.82 23.79 -44.14
N GLY B 4894 -73.79 23.89 -43.24
CA GLY B 4894 -73.62 23.33 -41.91
C GLY B 4894 -74.49 22.11 -41.91
N GLY B 4895 -73.86 20.96 -41.93
CA GLY B 4895 -74.64 19.76 -42.06
C GLY B 4895 -74.56 19.42 -43.51
N GLY B 4896 -74.64 18.15 -43.83
CA GLY B 4896 -74.50 17.76 -45.19
C GLY B 4896 -75.63 18.16 -46.07
N ILE B 4897 -75.82 17.40 -47.15
CA ILE B 4897 -76.83 17.74 -48.08
C ILE B 4897 -78.23 17.55 -47.55
N GLY B 4898 -78.47 17.77 -46.26
CA GLY B 4898 -79.83 17.69 -45.78
C GLY B 4898 -80.56 19.01 -45.69
N ASP B 4899 -79.90 20.13 -45.97
CA ASP B 4899 -80.51 21.43 -45.87
C ASP B 4899 -80.87 22.05 -47.21
N GLU B 4900 -80.50 21.42 -48.33
CA GLU B 4900 -80.66 22.04 -49.63
C GLU B 4900 -81.46 21.18 -50.62
N ILE B 4901 -82.15 20.15 -50.15
CA ILE B 4901 -82.92 19.28 -51.02
C ILE B 4901 -84.27 19.02 -50.36
N GLU B 4902 -85.10 18.24 -51.04
CA GLU B 4902 -86.47 18.03 -50.60
C GLU B 4902 -86.50 17.24 -49.28
N ASP B 4903 -87.57 17.45 -48.52
CA ASP B 4903 -87.74 16.74 -47.27
C ASP B 4903 -88.00 15.27 -47.53
N PRO B 4904 -87.44 14.38 -46.72
CA PRO B 4904 -87.67 12.94 -46.91
C PRO B 4904 -88.92 12.43 -46.22
N ALA B 4905 -89.86 13.33 -45.88
CA ALA B 4905 -91.05 12.93 -45.15
C ALA B 4905 -91.90 11.93 -45.92
N GLY B 4906 -91.71 11.82 -47.24
CA GLY B 4906 -92.44 10.84 -48.01
C GLY B 4906 -92.14 9.42 -47.53
N ASP B 4907 -93.15 8.56 -47.67
CA ASP B 4907 -93.06 7.21 -47.11
C ASP B 4907 -91.93 6.42 -47.75
N GLU B 4908 -91.78 6.50 -49.06
CA GLU B 4908 -90.79 5.69 -49.75
C GLU B 4908 -89.38 6.18 -49.44
N TYR B 4909 -88.50 5.25 -49.10
CA TYR B 4909 -87.06 5.50 -48.96
C TYR B 4909 -86.74 6.48 -47.84
N GLU B 4910 -87.66 6.71 -46.90
CA GLU B 4910 -87.37 7.66 -45.83
C GLU B 4910 -86.21 7.18 -44.97
N LEU B 4911 -86.29 5.95 -44.47
CA LEU B 4911 -85.19 5.40 -43.69
C LEU B 4911 -83.99 5.03 -44.54
N TYR B 4912 -84.14 4.98 -45.85
CA TYR B 4912 -83.01 4.74 -46.75
C TYR B 4912 -82.30 6.03 -47.13
N ARG B 4913 -82.80 7.18 -46.70
CA ARG B 4913 -82.15 8.45 -46.95
C ARG B 4913 -81.79 9.21 -45.68
N VAL B 4914 -82.48 8.97 -44.57
CA VAL B 4914 -82.05 9.58 -43.32
C VAL B 4914 -80.65 9.12 -42.96
N VAL B 4915 -80.39 7.82 -43.10
CA VAL B 4915 -79.05 7.31 -42.82
C VAL B 4915 -78.04 7.88 -43.82
N PHE B 4916 -78.45 8.10 -45.07
CA PHE B 4916 -77.56 8.71 -46.05
C PHE B 4916 -77.16 10.11 -45.61
N ASP B 4917 -78.14 10.92 -45.21
CA ASP B 4917 -77.85 12.27 -44.73
C ASP B 4917 -76.92 12.24 -43.52
N ILE B 4918 -77.23 11.37 -42.55
CA ILE B 4918 -76.45 11.35 -41.33
C ILE B 4918 -75.01 10.94 -41.60
N THR B 4919 -74.83 9.88 -42.40
CA THR B 4919 -73.46 9.43 -42.67
C THR B 4919 -72.72 10.43 -43.55
N PHE B 4920 -73.41 11.15 -44.43
CA PHE B 4920 -72.74 12.20 -45.19
C PHE B 4920 -72.26 13.31 -44.27
N PHE B 4921 -73.11 13.72 -43.32
CA PHE B 4921 -72.70 14.76 -42.38
C PHE B 4921 -71.57 14.27 -41.48
N PHE B 4922 -71.51 12.97 -41.23
CA PHE B 4922 -70.52 12.45 -40.30
C PHE B 4922 -69.18 12.10 -40.94
N PHE B 4923 -69.15 11.85 -42.25
CA PHE B 4923 -67.93 11.32 -42.84
C PHE B 4923 -67.13 12.34 -43.64
N VAL B 4924 -67.70 13.48 -44.02
CA VAL B 4924 -66.97 14.44 -44.83
C VAL B 4924 -67.02 15.83 -44.21
N ILE B 4925 -67.58 15.96 -43.02
CA ILE B 4925 -67.69 17.27 -42.40
C ILE B 4925 -67.05 17.26 -41.01
N VAL B 4926 -67.46 16.32 -40.17
CA VAL B 4926 -66.93 16.29 -38.79
C VAL B 4926 -65.66 15.48 -38.67
N ILE B 4927 -65.19 14.87 -39.75
CA ILE B 4927 -63.92 14.14 -39.68
C ILE B 4927 -62.96 14.64 -40.74
N LEU B 4928 -63.38 14.59 -42.01
CA LEU B 4928 -62.44 14.88 -43.10
C LEU B 4928 -62.01 16.34 -43.10
N LEU B 4929 -62.97 17.26 -43.06
CA LEU B 4929 -62.61 18.67 -42.99
C LEU B 4929 -61.85 18.98 -41.70
N ALA B 4930 -62.23 18.33 -40.60
CA ALA B 4930 -61.50 18.51 -39.36
C ALA B 4930 -60.05 18.08 -39.52
N ILE B 4931 -59.82 16.95 -40.19
CA ILE B 4931 -58.46 16.48 -40.41
C ILE B 4931 -57.68 17.46 -41.27
N ILE B 4932 -58.31 17.94 -42.36
CA ILE B 4932 -57.61 18.86 -43.25
C ILE B 4932 -57.24 20.15 -42.53
N GLN B 4933 -58.19 20.69 -41.76
CA GLN B 4933 -57.89 21.91 -41.00
C GLN B 4933 -56.81 21.65 -39.96
N GLY B 4934 -56.83 20.47 -39.35
CA GLY B 4934 -55.82 20.12 -38.37
C GLY B 4934 -54.43 20.02 -38.94
N LEU B 4935 -54.30 19.46 -40.14
CA LEU B 4935 -52.98 19.29 -40.74
C LEU B 4935 -52.27 20.62 -40.97
N ILE B 4936 -52.98 21.60 -41.52
CA ILE B 4936 -52.35 22.88 -41.83
C ILE B 4936 -52.05 23.65 -40.55
N ILE B 4937 -53.01 23.69 -39.62
CA ILE B 4937 -52.81 24.44 -38.39
C ILE B 4937 -51.69 23.85 -37.56
N ASP B 4938 -51.65 22.52 -37.45
CA ASP B 4938 -50.64 21.88 -36.61
C ASP B 4938 -49.24 22.06 -37.17
N ALA B 4939 -49.10 22.12 -38.50
CA ALA B 4939 -47.77 22.32 -39.08
C ALA B 4939 -47.20 23.67 -38.69
N PHE B 4940 -48.04 24.69 -38.63
CA PHE B 4940 -47.59 26.01 -38.20
C PHE B 4940 -47.10 25.97 -36.75
N GLY B 4941 -47.81 25.24 -35.89
CA GLY B 4941 -47.38 25.03 -34.53
C GLY B 4941 -46.05 24.32 -34.45
N GLU B 4942 -45.86 23.32 -35.32
CA GLU B 4942 -44.60 22.60 -35.38
C GLU B 4942 -43.46 23.53 -35.78
N LEU B 4943 -43.71 24.41 -36.74
CA LEU B 4943 -42.69 25.36 -37.17
C LEU B 4943 -42.32 26.30 -36.03
N ARG B 4944 -43.33 26.78 -35.30
CA ARG B 4944 -43.05 27.63 -34.15
C ARG B 4944 -42.23 26.89 -33.10
N ASP B 4945 -42.58 25.62 -32.84
CA ASP B 4945 -41.82 24.84 -31.87
C ASP B 4945 -40.38 24.62 -32.35
N GLN B 4946 -40.19 24.40 -33.64
CA GLN B 4946 -38.84 24.21 -34.17
C GLN B 4946 -38.01 25.47 -33.98
N GLN B 4947 -38.58 26.64 -34.26
CA GLN B 4947 -37.83 27.88 -34.07
C GLN B 4947 -37.52 28.10 -32.60
N GLU B 4948 -38.48 27.82 -31.71
CA GLU B 4948 -38.22 27.97 -30.29
C GLU B 4948 -37.12 27.03 -29.82
N GLN B 4949 -37.13 25.79 -30.31
CA GLN B 4949 -36.12 24.83 -29.91
C GLN B 4949 -34.75 25.21 -30.44
N VAL B 4950 -34.66 25.72 -31.67
CA VAL B 4950 -33.36 26.14 -32.18
C VAL B 4950 -32.86 27.35 -31.43
N LYS B 4951 -33.77 28.19 -30.92
CA LYS B 4951 -33.34 29.31 -30.09
C LYS B 4951 -32.85 28.84 -28.73
N GLU B 4952 -33.52 27.84 -28.15
CA GLU B 4952 -33.23 27.45 -26.77
C GLU B 4952 -32.07 26.47 -26.65
N ASP B 4953 -31.91 25.55 -27.61
CA ASP B 4953 -30.87 24.53 -27.51
C ASP B 4953 -29.49 25.15 -27.49
N MET B 4954 -29.27 26.17 -28.31
CA MET B 4954 -27.98 26.85 -28.32
C MET B 4954 -27.70 27.54 -26.99
N GLU B 4955 -28.74 27.82 -26.20
CA GLU B 4955 -28.57 28.41 -24.89
C GLU B 4955 -28.24 27.38 -23.80
N THR B 4956 -28.18 26.09 -24.14
CA THR B 4956 -27.82 25.06 -23.17
C THR B 4956 -26.64 24.22 -23.63
N LYS B 4957 -25.99 24.60 -24.73
CA LYS B 4957 -24.77 23.95 -25.19
C LYS B 4957 -23.85 25.02 -25.76
N CYS B 4958 -22.69 24.59 -26.26
CA CYS B 4958 -21.67 25.53 -26.69
C CYS B 4958 -21.41 25.53 -28.19
N PHE B 4959 -22.00 24.60 -28.94
CA PHE B 4959 -21.83 24.52 -30.39
C PHE B 4959 -20.41 24.12 -30.77
N ILE B 4960 -19.52 24.01 -29.78
CA ILE B 4960 -18.17 23.53 -30.01
C ILE B 4960 -17.89 22.39 -29.05
N CYS B 4961 -18.09 22.63 -27.76
CA CYS B 4961 -17.97 21.57 -26.78
C CYS B 4961 -19.09 20.55 -26.99
N GLY B 4962 -18.79 19.31 -26.62
CA GLY B 4962 -19.78 18.26 -26.72
C GLY B 4962 -20.58 18.08 -25.45
N ILE B 4963 -20.56 19.10 -24.59
CA ILE B 4963 -21.20 19.04 -23.29
C ILE B 4963 -22.05 20.28 -23.07
N GLY B 4964 -22.96 20.18 -22.10
CA GLY B 4964 -23.94 21.21 -21.86
C GLY B 4964 -23.52 22.19 -20.77
N SER B 4965 -24.50 22.97 -20.32
CA SER B 4965 -24.27 24.02 -19.33
C SER B 4965 -24.32 23.51 -17.90
N ASP B 4966 -24.78 22.28 -17.66
CA ASP B 4966 -24.94 21.80 -16.29
C ASP B 4966 -23.61 21.73 -15.57
N TYR B 4967 -22.56 21.26 -16.25
CA TYR B 4967 -21.27 21.11 -15.60
C TYR B 4967 -20.57 22.45 -15.41
N PHE B 4968 -20.79 23.41 -16.31
CA PHE B 4968 -20.23 24.74 -16.15
C PHE B 4968 -20.98 25.57 -15.12
N ASP B 4969 -22.18 25.16 -14.75
CA ASP B 4969 -22.99 25.92 -13.80
C ASP B 4969 -22.64 25.60 -12.35
N THR B 4970 -21.67 24.72 -12.12
CA THR B 4970 -21.21 24.45 -10.75
C THR B 4970 -20.54 25.67 -10.13
N THR B 4971 -20.19 26.67 -10.93
CA THR B 4971 -19.65 27.94 -10.49
C THR B 4971 -20.47 29.08 -11.06
N PRO B 4972 -20.62 30.18 -10.33
CA PRO B 4972 -21.42 31.30 -10.84
C PRO B 4972 -20.86 31.83 -12.15
N HIS B 4973 -21.78 32.20 -13.05
CA HIS B 4973 -21.44 32.73 -14.37
C HIS B 4973 -20.56 31.77 -15.16
N GLY B 4974 -20.73 30.46 -14.93
CA GLY B 4974 -19.87 29.49 -15.57
C GLY B 4974 -20.01 29.47 -17.08
N PHE B 4975 -21.25 29.54 -17.58
CA PHE B 4975 -21.45 29.43 -19.02
C PHE B 4975 -20.97 30.69 -19.73
N GLU B 4976 -21.14 31.86 -19.13
CA GLU B 4976 -20.59 33.07 -19.72
C GLU B 4976 -19.08 32.98 -19.82
N THR B 4977 -18.43 32.43 -18.78
CA THR B 4977 -16.98 32.23 -18.84
C THR B 4977 -16.60 31.24 -19.93
N HIS B 4978 -17.40 30.18 -20.11
CA HIS B 4978 -17.05 29.21 -21.14
C HIS B 4978 -17.40 29.69 -22.54
N THR B 4979 -18.19 30.75 -22.69
CA THR B 4979 -18.59 31.19 -24.02
C THR B 4979 -18.00 32.53 -24.45
N LEU B 4980 -17.48 33.34 -23.53
CA LEU B 4980 -17.08 34.69 -23.89
C LEU B 4980 -15.58 34.84 -24.09
N GLU B 4981 -14.77 34.20 -23.26
CA GLU B 4981 -13.32 34.21 -23.42
C GLU B 4981 -12.75 32.91 -23.96
N GLU B 4982 -13.37 31.77 -23.68
CA GLU B 4982 -12.98 30.53 -24.33
C GLU B 4982 -13.63 30.49 -25.71
N HIS B 4983 -13.66 29.32 -26.35
CA HIS B 4983 -14.15 29.21 -27.72
C HIS B 4983 -15.52 29.87 -27.85
N ASN B 4984 -15.58 30.91 -28.68
CA ASN B 4984 -16.67 31.88 -28.67
C ASN B 4984 -17.47 31.88 -29.97
N LEU B 4985 -17.10 31.04 -30.94
CA LEU B 4985 -17.76 30.96 -32.25
C LEU B 4985 -17.41 32.19 -33.09
N ALA B 4986 -16.73 33.15 -32.48
CA ALA B 4986 -16.22 34.31 -33.19
C ALA B 4986 -14.71 34.43 -33.14
N ASN B 4987 -14.07 33.86 -32.11
CA ASN B 4987 -12.61 33.85 -32.08
C ASN B 4987 -12.04 33.07 -33.25
N TYR B 4988 -12.66 31.94 -33.60
CA TYR B 4988 -12.23 31.19 -34.78
C TYR B 4988 -12.38 32.01 -36.04
N MET B 4989 -13.41 32.86 -36.10
CA MET B 4989 -13.58 33.75 -37.24
C MET B 4989 -12.38 34.64 -37.43
N PHE B 4990 -11.90 35.25 -36.34
CA PHE B 4990 -10.71 36.08 -36.45
C PHE B 4990 -9.46 35.24 -36.72
N PHE B 4991 -9.41 34.03 -36.16
CA PHE B 4991 -8.25 33.18 -36.33
C PHE B 4991 -8.04 32.80 -37.78
N LEU B 4992 -9.12 32.47 -38.49
CA LEU B 4992 -8.99 32.01 -39.87
C LEU B 4992 -8.41 33.11 -40.76
N MET B 4993 -8.86 34.35 -40.61
CA MET B 4993 -8.31 35.40 -41.44
C MET B 4993 -7.03 35.99 -40.87
N TYR B 4994 -6.69 35.69 -39.61
CA TYR B 4994 -5.40 36.08 -39.08
C TYR B 4994 -4.31 35.17 -39.59
N LEU B 4995 -4.61 33.88 -39.78
CA LEU B 4995 -3.66 32.97 -40.38
C LEU B 4995 -3.28 33.41 -41.78
N ILE B 4996 -4.24 33.95 -42.53
CA ILE B 4996 -3.99 34.34 -43.91
C ILE B 4996 -2.99 35.47 -43.97
N ASN B 4997 -3.12 36.47 -43.10
CA ASN B 4997 -2.28 37.65 -43.18
C ASN B 4997 -0.81 37.33 -42.91
N LYS B 4998 -0.54 36.52 -41.89
CA LYS B 4998 0.83 36.26 -41.49
C LYS B 4998 1.47 35.21 -42.40
N ASP B 4999 2.63 35.54 -42.96
CA ASP B 4999 3.30 34.65 -43.89
C ASP B 4999 3.77 33.37 -43.20
N GLU B 5000 3.91 32.32 -43.99
CA GLU B 5000 4.23 31.00 -43.45
C GLU B 5000 5.55 30.98 -42.71
N THR B 5001 6.45 31.91 -42.99
CA THR B 5001 7.75 31.91 -42.33
C THR B 5001 7.65 32.37 -40.88
N GLU B 5002 6.57 33.03 -40.49
CA GLU B 5002 6.42 33.55 -39.14
C GLU B 5002 5.42 32.78 -38.30
N HIS B 5003 4.83 31.72 -38.84
CA HIS B 5003 3.88 30.93 -38.06
C HIS B 5003 4.57 30.33 -36.83
N THR B 5004 3.88 30.36 -35.70
CA THR B 5004 4.42 29.80 -34.47
C THR B 5004 4.40 28.27 -34.56
N GLY B 5005 4.76 27.62 -33.46
CA GLY B 5005 4.81 26.17 -33.43
C GLY B 5005 3.45 25.50 -33.52
N GLN B 5006 2.37 26.25 -33.35
CA GLN B 5006 1.03 25.70 -33.46
C GLN B 5006 0.22 26.28 -34.61
N GLU B 5007 0.48 27.52 -35.01
CA GLU B 5007 -0.27 28.12 -36.11
C GLU B 5007 -0.07 27.32 -37.39
N SER B 5008 1.18 26.98 -37.72
CA SER B 5008 1.43 26.14 -38.87
C SER B 5008 0.81 24.75 -38.68
N TYR B 5009 0.78 24.28 -37.43
CA TYR B 5009 0.21 22.96 -37.16
C TYR B 5009 -1.26 22.90 -37.58
N VAL B 5010 -2.05 23.88 -37.16
CA VAL B 5010 -3.45 23.89 -37.53
C VAL B 5010 -3.62 24.27 -39.01
N TRP B 5011 -2.76 25.15 -39.52
CA TRP B 5011 -2.88 25.57 -40.91
C TRP B 5011 -2.69 24.41 -41.86
N LYS B 5012 -1.77 23.50 -41.53
CA LYS B 5012 -1.52 22.35 -42.40
C LYS B 5012 -2.76 21.48 -42.52
N MET B 5013 -3.42 21.18 -41.40
CA MET B 5013 -4.65 20.41 -41.46
C MET B 5013 -5.76 21.18 -42.18
N TYR B 5014 -5.84 22.49 -41.96
CA TYR B 5014 -6.87 23.27 -42.64
C TYR B 5014 -6.69 23.20 -44.14
N GLN B 5015 -5.45 23.26 -44.62
CA GLN B 5015 -5.21 23.08 -46.04
C GLN B 5015 -5.44 21.64 -46.47
N GLU B 5016 -5.30 20.68 -45.54
CA GLU B 5016 -5.54 19.28 -45.84
C GLU B 5016 -6.94 18.81 -45.46
N ARG B 5017 -7.78 19.69 -44.93
CA ARG B 5017 -9.18 19.39 -44.62
C ARG B 5017 -9.30 18.20 -43.65
N CYS B 5018 -8.78 18.41 -42.45
CA CYS B 5018 -8.95 17.46 -41.35
C CYS B 5018 -9.31 18.25 -40.10
N TRP B 5019 -10.50 18.01 -39.57
CA TRP B 5019 -11.05 18.81 -38.48
C TRP B 5019 -10.88 18.14 -37.13
N ASP B 5020 -9.75 17.47 -36.91
CA ASP B 5020 -9.47 16.90 -35.60
C ASP B 5020 -9.02 17.93 -34.59
N PHE B 5021 -8.66 19.14 -35.03
CA PHE B 5021 -8.10 20.11 -34.10
C PHE B 5021 -9.17 20.85 -33.29
N PHE B 5022 -10.45 20.69 -33.60
CA PHE B 5022 -11.48 21.22 -32.73
C PHE B 5022 -11.55 20.39 -31.45
N PRO B 5023 -11.79 21.01 -30.30
CA PRO B 5023 -11.73 20.28 -29.03
C PRO B 5023 -12.67 19.08 -28.97
N ALA B 5024 -13.97 19.33 -29.13
CA ALA B 5024 -14.98 18.27 -29.25
C ALA B 5024 -14.96 17.33 -28.04
N GLY B 5025 -15.29 17.88 -26.88
CA GLY B 5025 -15.48 17.04 -25.71
C GLY B 5025 -14.98 17.61 -24.39
N ASP B 5026 -13.97 18.47 -24.45
CA ASP B 5026 -13.39 19.03 -23.23
C ASP B 5026 -12.53 20.22 -23.60
N CYS B 5027 -12.64 21.29 -22.82
CA CYS B 5027 -11.97 22.56 -23.12
C CYS B 5027 -11.18 23.02 -21.89
N PHE B 5028 -9.96 22.51 -21.75
CA PHE B 5028 -8.94 22.99 -20.82
C PHE B 5028 -9.31 22.78 -19.36
N ARG B 5029 -10.51 22.30 -19.06
CA ARG B 5029 -10.95 22.15 -17.68
C ARG B 5029 -11.10 20.70 -17.26
N LYS B 5030 -11.68 19.85 -18.11
CA LYS B 5030 -11.70 18.42 -17.80
C LYS B 5030 -10.30 17.83 -17.74
N GLN B 5031 -9.38 18.39 -18.53
CA GLN B 5031 -8.01 17.90 -18.53
C GLN B 5031 -7.28 18.25 -17.24
N TYR B 5032 -7.56 19.41 -16.67
CA TYR B 5032 -6.81 19.94 -15.54
C TYR B 5032 -7.74 20.26 -14.37
N GLU B 5033 -8.63 19.32 -14.06
CA GLU B 5033 -9.56 19.54 -12.95
C GLU B 5033 -8.84 19.51 -11.61
N ASP B 5034 -7.98 18.51 -11.39
CA ASP B 5034 -7.31 18.38 -10.11
C ASP B 5034 -6.34 19.52 -9.86
N GLN B 5035 -5.50 19.83 -10.84
CA GLN B 5035 -4.51 20.89 -10.67
C GLN B 5035 -5.18 22.25 -10.51
N LEU B 5036 -6.21 22.52 -11.32
CA LEU B 5036 -6.93 23.77 -11.28
C LEU B 5036 -8.40 23.47 -11.04
N SER B 5037 -8.88 23.71 -9.83
CA SER B 5037 -10.27 23.48 -9.48
C SER B 5037 -10.95 24.78 -9.06
N GLN C 12 -3.93 -33.44 14.31
CA GLN C 12 -5.03 -32.97 15.12
C GLN C 12 -5.70 -34.11 15.87
N PHE C 13 -6.27 -35.04 15.11
CA PHE C 13 -6.96 -36.19 15.70
C PHE C 13 -6.88 -37.37 14.74
N LEU C 14 -7.06 -38.56 15.30
CA LEU C 14 -7.00 -39.77 14.50
C LEU C 14 -8.25 -39.90 13.63
N ARG C 15 -8.08 -40.57 12.48
CA ARG C 15 -9.16 -40.77 11.53
C ARG C 15 -9.01 -42.13 10.87
N THR C 16 -10.09 -42.62 10.28
CA THR C 16 -10.07 -43.91 9.61
C THR C 16 -9.27 -43.83 8.32
N ASP C 17 -9.07 -45.00 7.70
CA ASP C 17 -8.26 -45.18 6.50
C ASP C 17 -6.99 -44.34 6.54
N ASP C 18 -6.33 -44.31 7.70
CA ASP C 18 -5.14 -43.51 7.92
C ASP C 18 -4.05 -44.37 8.55
N GLU C 19 -2.80 -44.04 8.24
CA GLU C 19 -1.67 -44.80 8.75
C GLU C 19 -1.35 -44.38 10.18
N VAL C 20 -1.29 -45.37 11.09
CA VAL C 20 -0.93 -45.13 12.47
C VAL C 20 0.07 -46.19 12.89
N VAL C 21 0.86 -45.88 13.92
CA VAL C 21 1.81 -46.82 14.50
C VAL C 21 1.53 -46.93 15.99
N LEU C 22 1.39 -48.16 16.48
CA LEU C 22 1.15 -48.38 17.89
C LEU C 22 2.46 -48.25 18.67
N GLN C 23 2.39 -47.65 19.85
CA GLN C 23 3.59 -47.35 20.62
C GLN C 23 3.29 -47.48 22.10
N CYS C 24 4.36 -47.66 22.88
CA CYS C 24 4.26 -47.71 24.34
C CYS C 24 5.54 -47.15 24.92
N SER C 25 5.46 -46.74 26.19
CA SER C 25 6.61 -46.20 26.92
C SER C 25 6.53 -46.71 28.36
N ALA C 26 7.42 -47.62 28.72
CA ALA C 26 7.45 -48.21 30.06
C ALA C 26 8.91 -48.42 30.45
N THR C 27 9.44 -47.51 31.25
CA THR C 27 10.83 -47.59 31.72
C THR C 27 10.86 -48.16 33.13
N VAL C 28 11.73 -49.15 33.34
CA VAL C 28 11.87 -49.80 34.63
C VAL C 28 13.35 -49.92 35.01
N LEU C 29 14.23 -49.70 34.02
CA LEU C 29 15.66 -49.89 34.20
C LEU C 29 16.43 -48.57 34.11
N LYS C 30 15.81 -47.48 34.56
CA LYS C 30 16.39 -46.13 34.61
C LYS C 30 16.70 -45.58 33.23
N GLU C 31 16.20 -46.22 32.17
CA GLU C 31 16.34 -45.71 30.81
C GLU C 31 15.01 -45.85 30.11
N GLN C 32 14.63 -44.82 29.34
CA GLN C 32 13.34 -44.82 28.68
C GLN C 32 13.25 -45.93 27.64
N LEU C 33 12.13 -46.65 27.66
CA LEU C 33 11.88 -47.73 26.71
C LEU C 33 10.83 -47.26 25.71
N LYS C 34 11.18 -47.30 24.42
CA LYS C 34 10.28 -46.93 23.34
C LYS C 34 10.00 -48.18 22.52
N LEU C 35 8.79 -48.70 22.61
CA LEU C 35 8.41 -49.96 21.99
C LEU C 35 7.39 -49.72 20.88
N CYS C 36 7.52 -50.46 19.79
CA CYS C 36 6.57 -50.43 18.68
C CYS C 36 6.42 -51.87 18.20
N LEU C 37 5.43 -52.56 18.76
CA LEU C 37 5.26 -53.98 18.45
C LEU C 37 4.84 -54.17 17.01
N ALA C 38 5.28 -55.30 16.43
CA ALA C 38 5.04 -55.61 15.03
C ALA C 38 5.37 -57.08 14.81
N ALA C 39 5.32 -57.52 13.56
CA ALA C 39 5.66 -58.88 13.18
C ALA C 39 5.83 -58.93 11.68
N GLU C 40 6.67 -59.87 11.23
CA GLU C 40 6.79 -60.14 9.81
C GLU C 40 5.59 -60.92 9.27
N GLY C 41 4.84 -61.57 10.15
CA GLY C 41 3.67 -62.32 9.73
C GLY C 41 4.01 -63.67 9.13
N PHE C 42 4.61 -63.66 7.95
CA PHE C 42 4.99 -64.90 7.29
C PHE C 42 6.09 -65.60 8.08
N GLY C 43 5.91 -66.89 8.32
CA GLY C 43 6.85 -67.62 9.16
C GLY C 43 6.64 -67.43 10.64
N ASN C 44 6.54 -66.18 11.09
CA ASN C 44 6.29 -65.85 12.49
C ASN C 44 4.94 -65.12 12.55
N ARG C 45 3.87 -65.90 12.72
CA ARG C 45 2.55 -65.30 12.87
C ARG C 45 2.47 -64.44 14.12
N LEU C 46 3.06 -64.91 15.22
CA LEU C 46 3.05 -64.15 16.45
C LEU C 46 3.88 -62.89 16.31
N CYS C 47 3.54 -61.88 17.10
CA CYS C 47 4.24 -60.60 17.07
C CYS C 47 5.24 -60.52 18.22
N PHE C 48 6.11 -59.51 18.13
CA PHE C 48 7.14 -59.30 19.13
C PHE C 48 7.44 -57.81 19.21
N LEU C 49 7.99 -57.39 20.35
CA LEU C 49 8.35 -56.00 20.53
C LEU C 49 9.59 -55.66 19.72
N GLU C 50 9.61 -54.43 19.19
CA GLU C 50 10.77 -53.90 18.48
C GLU C 50 11.18 -52.60 19.19
N PRO C 51 12.10 -52.67 20.15
CA PRO C 51 12.52 -51.45 20.84
C PRO C 51 13.10 -50.43 19.88
N THR C 52 12.82 -49.16 20.14
CA THR C 52 13.26 -48.08 19.27
C THR C 52 13.83 -46.89 20.02
N SER C 53 13.93 -46.93 21.36
CA SER C 53 14.50 -45.82 22.10
C SER C 53 15.97 -45.63 21.74
N ASN C 54 16.72 -46.74 21.64
CA ASN C 54 18.14 -46.67 21.30
C ASN C 54 18.28 -46.64 19.77
N ALA C 55 17.85 -45.51 19.20
CA ALA C 55 17.86 -45.32 17.76
C ALA C 55 18.93 -44.37 17.27
N GLN C 56 19.59 -43.63 18.17
CA GLN C 56 20.63 -42.69 17.75
C GLN C 56 21.82 -43.42 17.13
N ASN C 57 22.19 -44.57 17.67
CA ASN C 57 23.32 -45.34 17.16
C ASN C 57 22.93 -46.33 16.07
N VAL C 58 21.64 -46.56 15.86
CA VAL C 58 21.18 -47.51 14.84
C VAL C 58 19.74 -47.21 14.46
N PRO C 59 19.45 -46.96 13.19
CA PRO C 59 18.06 -46.72 12.78
C PRO C 59 17.34 -48.02 12.49
N PRO C 60 16.27 -48.31 13.22
CA PRO C 60 15.47 -49.51 12.92
C PRO C 60 14.56 -49.30 11.72
N ASP C 61 14.16 -50.42 11.12
CA ASP C 61 13.31 -50.39 9.94
C ASP C 61 11.89 -49.96 10.31
N LEU C 62 11.16 -49.48 9.31
CA LEU C 62 9.84 -48.88 9.49
C LEU C 62 8.86 -49.45 8.48
N ALA C 63 8.82 -50.77 8.36
CA ALA C 63 7.92 -51.45 7.45
C ALA C 63 6.87 -52.29 8.15
N ILE C 64 7.29 -53.23 9.01
CA ILE C 64 6.35 -54.10 9.67
C ILE C 64 5.62 -53.42 10.82
N CYS C 65 6.15 -52.31 11.34
CA CYS C 65 5.50 -51.61 12.43
C CYS C 65 4.39 -50.68 11.99
N CYS C 66 4.31 -50.36 10.70
CA CYS C 66 3.26 -49.48 10.22
C CYS C 66 1.91 -50.19 10.21
N PHE C 67 0.85 -49.42 10.42
CA PHE C 67 -0.50 -49.94 10.40
C PHE C 67 -1.44 -48.90 9.82
N THR C 68 -2.55 -49.37 9.25
CA THR C 68 -3.56 -48.50 8.68
C THR C 68 -4.91 -48.87 9.24
N LEU C 69 -5.71 -47.85 9.55
CA LEU C 69 -7.05 -48.08 10.08
C LEU C 69 -7.96 -48.58 8.96
N GLU C 70 -8.74 -49.62 9.27
CA GLU C 70 -9.63 -50.22 8.28
C GLU C 70 -11.09 -49.99 8.62
N GLN C 71 -11.54 -50.40 9.79
CA GLN C 71 -12.92 -50.24 10.20
C GLN C 71 -12.99 -49.77 11.65
N SER C 72 -14.07 -49.07 11.97
CA SER C 72 -14.28 -48.59 13.33
C SER C 72 -15.77 -48.30 13.48
N LEU C 73 -16.44 -49.06 14.34
CA LEU C 73 -17.87 -48.92 14.55
C LEU C 73 -18.18 -48.98 16.03
N SER C 74 -19.42 -48.63 16.38
CA SER C 74 -19.87 -48.78 17.75
C SER C 74 -20.05 -50.25 18.09
N VAL C 75 -20.06 -50.55 19.39
CA VAL C 75 -20.07 -51.93 19.85
C VAL C 75 -21.36 -52.62 19.41
N ARG C 76 -22.50 -51.98 19.61
CA ARG C 76 -23.77 -52.63 19.29
C ARG C 76 -23.93 -52.83 17.79
N ALA C 77 -23.55 -51.83 16.99
CA ALA C 77 -23.67 -51.97 15.54
C ALA C 77 -22.78 -53.10 15.03
N LEU C 78 -21.56 -53.18 15.53
CA LEU C 78 -20.67 -54.27 15.14
C LEU C 78 -21.24 -55.62 15.56
N GLN C 79 -21.78 -55.71 16.77
CA GLN C 79 -22.34 -56.96 17.24
C GLN C 79 -23.51 -57.39 16.36
N GLU C 80 -24.35 -56.45 15.96
CA GLU C 80 -25.46 -56.77 15.09
C GLU C 80 -24.99 -57.19 13.70
N MET C 81 -23.96 -56.52 13.19
CA MET C 81 -23.46 -56.84 11.86
C MET C 81 -22.83 -58.23 11.84
N LEU C 82 -22.14 -58.61 12.92
CA LEU C 82 -21.49 -59.91 12.96
C LEU C 82 -22.50 -61.05 12.87
N ALA C 83 -23.63 -60.92 13.56
CA ALA C 83 -24.60 -62.01 13.65
C ALA C 83 -25.56 -62.06 12.47
N ASN C 84 -25.39 -61.21 11.47
CA ASN C 84 -26.27 -61.18 10.31
C ASN C 84 -26.34 -62.52 9.60
N GLY C 97 -16.12 -43.67 3.08
CA GLY C 97 -16.09 -44.42 4.31
C GLY C 97 -15.06 -43.91 5.30
N HIS C 98 -14.93 -42.58 5.36
CA HIS C 98 -13.96 -41.92 6.23
C HIS C 98 -14.70 -41.34 7.42
N ARG C 99 -14.62 -42.02 8.55
CA ARG C 99 -15.33 -41.63 9.76
C ARG C 99 -14.35 -41.01 10.76
N THR C 100 -14.87 -40.66 11.93
CA THR C 100 -14.08 -40.08 13.02
C THR C 100 -14.08 -41.06 14.19
N LEU C 101 -12.90 -41.27 14.76
CA LEU C 101 -12.77 -42.23 15.85
C LEU C 101 -13.32 -41.67 17.14
N LEU C 102 -14.00 -42.52 17.90
CA LEU C 102 -14.53 -42.17 19.22
C LEU C 102 -14.10 -43.22 20.23
N TYR C 103 -14.04 -42.81 21.49
CA TYR C 103 -13.69 -43.74 22.55
C TYR C 103 -14.78 -44.77 22.73
N GLY C 104 -14.43 -45.87 23.41
CA GLY C 104 -15.38 -46.94 23.62
C GLY C 104 -15.86 -47.58 22.34
N HIS C 105 -14.97 -47.72 21.36
CA HIS C 105 -15.32 -48.24 20.04
C HIS C 105 -14.48 -49.47 19.73
N ALA C 106 -15.08 -50.38 18.98
CA ALA C 106 -14.37 -51.52 18.43
C ALA C 106 -13.72 -51.13 17.11
N ILE C 107 -12.47 -51.55 16.92
CA ILE C 107 -11.68 -51.14 15.76
C ILE C 107 -11.05 -52.36 15.11
N LEU C 108 -10.67 -52.19 13.85
CA LEU C 108 -10.00 -53.22 13.06
C LEU C 108 -8.69 -52.68 12.54
N LEU C 109 -7.61 -53.42 12.76
CA LEU C 109 -6.27 -53.00 12.41
C LEU C 109 -5.78 -53.78 11.20
N ARG C 110 -5.30 -53.07 10.19
CA ARG C 110 -4.79 -53.69 8.97
C ARG C 110 -3.28 -53.52 8.91
N HIS C 111 -2.58 -54.63 8.67
CA HIS C 111 -1.14 -54.58 8.52
C HIS C 111 -0.76 -53.86 7.23
N ALA C 112 0.27 -53.02 7.31
CA ALA C 112 0.68 -52.25 6.16
C ALA C 112 1.21 -53.15 5.04
N HIS C 113 1.97 -54.18 5.40
CA HIS C 113 2.63 -55.05 4.44
C HIS C 113 2.12 -56.48 4.46
N SER C 114 1.99 -57.08 5.65
CA SER C 114 1.60 -58.48 5.74
C SER C 114 0.20 -58.72 5.18
N ARG C 115 -0.68 -57.71 5.30
CA ARG C 115 -2.05 -57.66 4.78
C ARG C 115 -3.06 -58.44 5.60
N MET C 116 -2.66 -59.13 6.67
CA MET C 116 -3.65 -59.68 7.58
C MET C 116 -3.85 -58.72 8.75
N TYR C 117 -4.63 -59.15 9.74
CA TYR C 117 -5.08 -58.28 10.81
C TYR C 117 -4.75 -58.89 12.16
N LEU C 118 -4.60 -58.01 13.15
CA LEU C 118 -4.35 -58.46 14.52
C LEU C 118 -5.58 -59.18 15.08
N SER C 119 -5.33 -60.10 16.00
CA SER C 119 -6.39 -60.85 16.65
C SER C 119 -5.82 -61.48 17.92
N CYS C 120 -6.59 -62.39 18.51
CA CYS C 120 -6.15 -63.15 19.68
C CYS C 120 -6.00 -64.61 19.30
N LEU C 121 -5.02 -65.26 19.92
CA LEU C 121 -4.70 -66.66 19.63
C LEU C 121 -4.81 -67.47 20.91
N THR C 122 -5.14 -68.76 20.75
CA THR C 122 -5.29 -69.66 21.89
C THR C 122 -4.00 -70.44 22.11
N THR C 123 -2.97 -69.71 22.51
CA THR C 123 -1.66 -70.27 22.76
C THR C 123 -1.08 -69.67 24.04
N SER C 124 -0.18 -70.42 24.68
CA SER C 124 0.46 -69.99 25.91
C SER C 124 1.97 -69.94 25.69
N ARG C 125 2.61 -68.91 26.24
CA ARG C 125 4.05 -68.72 26.12
C ARG C 125 4.60 -68.15 27.42
N SER C 126 5.91 -67.95 27.45
CA SER C 126 6.64 -67.43 28.61
C SER C 126 6.46 -68.31 29.85
N MET C 127 6.18 -69.60 29.64
CA MET C 127 5.99 -70.57 30.73
C MET C 127 4.91 -70.11 31.70
N THR C 128 3.89 -69.42 31.19
CA THR C 128 2.81 -68.95 32.05
C THR C 128 2.04 -70.12 32.66
N ASP C 129 1.75 -71.13 31.85
CA ASP C 129 0.99 -72.31 32.28
C ASP C 129 -0.37 -71.91 32.87
N LYS C 130 -0.98 -70.90 32.29
CA LYS C 130 -2.25 -70.37 32.75
C LYS C 130 -2.92 -69.67 31.56
N LEU C 131 -3.97 -68.89 31.85
CA LEU C 131 -4.67 -68.14 30.80
C LEU C 131 -3.76 -67.03 30.30
N ALA C 132 -3.16 -67.23 29.12
CA ALA C 132 -2.25 -66.27 28.53
C ALA C 132 -2.80 -65.70 27.23
N PHE C 133 -3.17 -66.56 26.28
CA PHE C 133 -3.77 -66.15 25.00
C PHE C 133 -2.83 -65.20 24.23
N ASP C 134 -1.70 -65.80 23.80
CA ASP C 134 -0.67 -65.04 23.09
C ASP C 134 -1.26 -64.31 21.87
N VAL C 135 -0.64 -63.18 21.55
CA VAL C 135 -1.12 -62.27 20.52
C VAL C 135 -0.28 -62.44 19.26
N GLY C 136 -0.93 -62.59 18.12
CA GLY C 136 -0.25 -62.66 16.85
C GLY C 136 -1.20 -62.55 15.67
N LEU C 137 -0.86 -61.71 14.70
CA LEU C 137 -1.75 -61.48 13.58
C LEU C 137 -1.84 -62.72 12.70
N GLN C 138 -2.97 -62.86 12.03
CA GLN C 138 -3.20 -63.99 11.13
C GLN C 138 -4.30 -63.60 10.15
N GLU C 139 -4.51 -64.47 9.16
CA GLU C 139 -5.55 -64.22 8.16
C GLU C 139 -6.91 -64.39 8.82
N ASP C 140 -7.40 -63.31 9.44
CA ASP C 140 -8.63 -63.36 10.22
C ASP C 140 -9.66 -62.40 9.66
N ALA C 141 -9.88 -62.44 8.34
CA ALA C 141 -10.87 -61.57 7.72
C ALA C 141 -12.22 -61.68 8.40
N THR C 142 -12.58 -62.89 8.84
CA THR C 142 -13.79 -63.05 9.63
C THR C 142 -13.67 -62.24 10.92
N GLY C 143 -14.73 -61.50 11.24
CA GLY C 143 -14.67 -60.53 12.33
C GLY C 143 -14.98 -61.09 13.69
N GLU C 144 -14.94 -62.42 13.83
CA GLU C 144 -15.32 -63.03 15.10
C GLU C 144 -14.40 -62.61 16.23
N ALA C 145 -13.08 -62.56 15.97
CA ALA C 145 -12.14 -62.31 17.05
C ALA C 145 -10.99 -61.39 16.63
N CYS C 146 -11.24 -60.47 15.71
CA CYS C 146 -10.20 -59.56 15.22
C CYS C 146 -10.58 -58.10 15.45
N TRP C 147 -11.08 -57.79 16.64
CA TRP C 147 -11.44 -56.42 16.99
C TRP C 147 -10.97 -56.13 18.41
N TRP C 148 -10.78 -54.83 18.69
CA TRP C 148 -10.37 -54.37 20.00
C TRP C 148 -11.22 -53.17 20.40
N THR C 149 -11.68 -53.16 21.65
CA THR C 149 -12.45 -52.05 22.16
C THR C 149 -11.52 -50.90 22.54
N MET C 150 -12.12 -49.78 22.96
CA MET C 150 -11.38 -48.61 23.37
C MET C 150 -11.84 -48.19 24.76
N HIS C 151 -10.95 -47.55 25.50
CA HIS C 151 -11.28 -47.12 26.86
C HIS C 151 -10.45 -45.90 27.22
N PRO C 152 -10.95 -45.03 28.09
CA PRO C 152 -10.19 -43.83 28.47
C PRO C 152 -9.04 -44.17 29.40
N ALA C 153 -8.08 -43.26 29.45
CA ALA C 153 -6.91 -43.45 30.31
C ALA C 153 -7.26 -43.27 31.78
N SER C 154 -8.02 -42.23 32.10
CA SER C 154 -8.37 -41.92 33.47
C SER C 154 -9.63 -41.06 33.46
N LYS C 155 -9.93 -40.43 34.61
CA LYS C 155 -11.08 -39.55 34.70
C LYS C 155 -10.94 -38.31 33.83
N GLN C 156 -9.75 -38.02 33.32
CA GLN C 156 -9.56 -36.84 32.46
C GLN C 156 -10.42 -36.91 31.21
N ARG C 157 -10.70 -38.11 30.72
CA ARG C 157 -11.56 -38.30 29.55
C ARG C 157 -12.60 -39.36 29.88
N SER C 158 -13.59 -39.49 29.01
CA SER C 158 -14.68 -40.43 29.22
C SER C 158 -15.21 -40.88 27.86
N GLU C 159 -16.27 -41.70 27.91
CA GLU C 159 -16.87 -42.22 26.69
C GLU C 159 -17.47 -41.07 25.87
N GLY C 160 -17.39 -41.22 24.55
CA GLY C 160 -17.90 -40.22 23.64
C GLY C 160 -16.96 -39.08 23.34
N GLU C 161 -15.82 -39.00 24.03
CA GLU C 161 -14.83 -37.97 23.72
C GLU C 161 -14.13 -38.30 22.41
N LYS C 162 -13.97 -37.29 21.57
CA LYS C 162 -13.24 -37.47 20.32
C LYS C 162 -11.78 -37.75 20.62
N VAL C 163 -11.22 -38.73 19.92
CA VAL C 163 -9.83 -39.11 20.15
C VAL C 163 -8.90 -38.02 19.62
N ARG C 164 -7.69 -37.95 20.18
CA ARG C 164 -6.70 -36.97 19.77
C ARG C 164 -5.36 -37.65 19.52
N VAL C 165 -4.31 -36.86 19.31
CA VAL C 165 -2.98 -37.38 19.03
C VAL C 165 -2.12 -37.21 20.27
N GLY C 166 -1.42 -38.27 20.66
CA GLY C 166 -0.52 -38.25 21.78
C GLY C 166 -1.11 -38.75 23.08
N ASP C 167 -2.44 -38.81 23.18
CA ASP C 167 -3.07 -39.30 24.40
C ASP C 167 -2.83 -40.80 24.55
N ASP C 168 -2.79 -41.24 25.79
CA ASP C 168 -2.62 -42.66 26.10
C ASP C 168 -3.98 -43.34 26.15
N LEU C 169 -4.07 -44.51 25.54
CA LEU C 169 -5.34 -45.19 25.38
C LEU C 169 -5.23 -46.63 25.87
N ILE C 170 -6.37 -47.32 25.86
CA ILE C 170 -6.50 -48.67 26.38
C ILE C 170 -7.03 -49.57 25.29
N LEU C 171 -6.42 -50.74 25.11
CA LEU C 171 -6.87 -51.76 24.17
C LEU C 171 -7.31 -52.99 24.96
N VAL C 172 -8.52 -53.47 24.67
CA VAL C 172 -9.07 -54.63 25.34
C VAL C 172 -9.64 -55.58 24.29
N SER C 173 -9.38 -56.87 24.48
CA SER C 173 -9.85 -57.87 23.52
C SER C 173 -11.37 -57.90 23.45
N VAL C 174 -11.89 -58.07 22.24
CA VAL C 174 -13.34 -58.13 22.05
C VAL C 174 -13.86 -59.53 22.33
N SER C 175 -13.32 -60.52 21.64
CA SER C 175 -13.80 -61.89 21.77
C SER C 175 -13.00 -62.72 22.76
N SER C 176 -12.02 -62.12 23.44
CA SER C 176 -11.22 -62.83 24.41
C SER C 176 -11.29 -62.23 25.81
N GLU C 177 -11.97 -61.09 25.97
CA GLU C 177 -12.22 -60.44 27.26
C GLU C 177 -10.93 -60.29 28.08
N ARG C 178 -9.79 -60.25 27.42
CA ARG C 178 -8.51 -60.02 28.07
C ARG C 178 -7.98 -58.64 27.72
N TYR C 179 -6.94 -58.23 28.44
CA TYR C 179 -6.35 -56.91 28.28
C TYR C 179 -4.93 -57.04 27.77
N LEU C 180 -4.63 -56.36 26.67
CA LEU C 180 -3.29 -56.36 26.10
C LEU C 180 -2.29 -55.86 27.14
N HIS C 181 -1.41 -56.74 27.59
CA HIS C 181 -0.57 -56.50 28.77
C HIS C 181 0.90 -56.67 28.41
N LEU C 182 1.72 -55.71 28.82
CA LEU C 182 3.16 -55.75 28.58
C LEU C 182 3.76 -56.77 29.53
N SER C 183 3.88 -58.01 29.06
CA SER C 183 4.30 -59.13 29.90
C SER C 183 5.78 -59.02 30.21
N THR C 184 6.10 -58.53 31.40
CA THR C 184 7.47 -58.52 31.92
C THR C 184 7.73 -59.74 32.79
N ALA C 185 7.47 -60.93 32.24
CA ALA C 185 7.59 -62.17 32.99
C ALA C 185 9.06 -62.48 33.26
N SER C 186 9.29 -63.65 33.87
CA SER C 186 10.65 -64.05 34.23
C SER C 186 11.56 -64.13 33.01
N GLY C 187 11.00 -64.46 31.85
CA GLY C 187 11.75 -64.50 30.62
C GLY C 187 11.86 -63.12 30.00
N GLU C 188 12.25 -63.10 28.72
CA GLU C 188 12.34 -61.84 28.00
C GLU C 188 10.96 -61.22 27.83
N LEU C 189 10.95 -59.90 27.72
CA LEU C 189 9.69 -59.16 27.61
C LEU C 189 8.92 -59.60 26.37
N GLN C 190 7.63 -59.86 26.54
CA GLN C 190 6.78 -60.33 25.44
C GLN C 190 5.44 -59.60 25.49
N VAL C 191 4.79 -59.54 24.35
CA VAL C 191 3.48 -58.91 24.22
C VAL C 191 2.40 -59.97 24.36
N ASP C 192 1.42 -59.70 25.21
CA ASP C 192 0.33 -60.65 25.43
C ASP C 192 -0.88 -59.89 25.96
N ALA C 193 -2.03 -60.55 25.92
CA ALA C 193 -3.27 -60.04 26.50
C ALA C 193 -3.64 -61.01 27.64
N SER C 194 -3.05 -60.80 28.80
CA SER C 194 -3.19 -61.74 29.90
C SER C 194 -3.86 -61.15 31.13
N PHE C 195 -3.36 -60.04 31.66
CA PHE C 195 -3.76 -59.62 33.01
C PHE C 195 -4.41 -58.25 33.06
N MET C 196 -3.75 -57.22 32.54
CA MET C 196 -4.15 -55.85 32.87
C MET C 196 -3.91 -54.94 31.67
N GLN C 197 -4.59 -53.81 31.67
CA GLN C 197 -4.64 -52.91 30.52
C GLN C 197 -3.45 -51.96 30.57
N THR C 198 -2.39 -52.30 29.82
CA THR C 198 -1.24 -51.42 29.71
C THR C 198 -1.59 -50.23 28.82
N LEU C 199 -0.94 -49.10 29.09
CA LEU C 199 -1.20 -47.89 28.31
C LEU C 199 -0.58 -48.01 26.92
N TRP C 200 -1.28 -47.47 25.93
CA TRP C 200 -0.78 -47.45 24.55
C TRP C 200 -1.27 -46.18 23.87
N ASN C 201 -0.38 -45.54 23.12
CA ASN C 201 -0.71 -44.33 22.37
C ASN C 201 -0.45 -44.57 20.89
N MET C 202 -1.45 -44.29 20.06
CA MET C 202 -1.35 -44.50 18.63
C MET C 202 -0.87 -43.21 17.97
N ASN C 203 0.40 -43.19 17.58
CA ASN C 203 0.98 -42.00 16.97
C ASN C 203 0.73 -42.01 15.47
N PRO C 204 0.23 -40.90 14.90
CA PRO C 204 -0.01 -40.86 13.45
C PRO C 204 1.32 -40.81 12.70
N ILE C 205 1.57 -41.85 11.90
CA ILE C 205 2.81 -41.93 11.13
C ILE C 205 2.67 -41.23 9.79
N CYS C 206 1.56 -41.44 9.10
CA CYS C 206 1.32 -40.82 7.79
C CYS C 206 -0.13 -40.35 7.74
N SER C 207 -0.59 -39.99 6.56
CA SER C 207 -1.98 -39.58 6.36
C SER C 207 -2.30 -39.61 4.87
N CYS C 208 -3.50 -39.15 4.53
CA CYS C 208 -3.92 -39.12 3.13
C CYS C 208 -3.15 -38.05 2.37
N CYS C 209 -2.60 -38.42 1.22
CA CYS C 209 -1.88 -37.49 0.37
C CYS C 209 -2.16 -37.84 -1.09
N GLU C 210 -2.09 -36.83 -1.95
CA GLU C 210 -2.35 -37.02 -3.36
C GLU C 210 -1.26 -37.87 -3.99
N GLU C 211 -1.62 -38.59 -5.04
CA GLU C 211 -0.68 -39.46 -5.73
C GLU C 211 0.37 -38.65 -6.48
N GLY C 212 1.49 -39.31 -6.80
CA GLY C 212 2.55 -38.72 -7.57
C GLY C 212 3.49 -37.84 -6.78
N TYR C 213 3.18 -37.54 -5.53
CA TYR C 213 3.99 -36.67 -4.70
C TYR C 213 4.65 -37.54 -3.63
N VAL C 214 5.97 -37.74 -3.76
CA VAL C 214 6.67 -38.73 -2.96
C VAL C 214 6.63 -38.35 -1.48
N THR C 215 6.41 -39.35 -0.63
CA THR C 215 6.37 -39.18 0.81
C THR C 215 7.29 -40.22 1.44
N GLY C 216 7.38 -40.18 2.78
CA GLY C 216 8.19 -41.15 3.48
C GLY C 216 7.63 -42.54 3.38
N GLY C 217 8.53 -43.53 3.36
CA GLY C 217 8.12 -44.92 3.25
C GLY C 217 7.83 -45.33 1.82
N HIS C 218 7.44 -44.36 1.00
CA HIS C 218 7.13 -44.61 -0.41
C HIS C 218 8.36 -45.13 -1.14
N VAL C 219 8.34 -46.40 -1.53
CA VAL C 219 9.49 -47.06 -2.12
C VAL C 219 9.33 -47.08 -3.63
N LEU C 220 10.26 -46.44 -4.33
CA LEU C 220 10.25 -46.45 -5.79
C LEU C 220 11.69 -46.36 -6.30
N ARG C 221 11.85 -46.62 -7.58
CA ARG C 221 13.16 -46.58 -8.23
C ARG C 221 13.34 -45.25 -8.94
N LEU C 222 14.54 -44.69 -8.80
CA LEU C 222 14.87 -43.38 -9.35
C LEU C 222 15.77 -43.56 -10.57
N PHE C 223 15.34 -43.00 -11.70
CA PHE C 223 16.12 -43.09 -12.93
C PHE C 223 17.33 -42.16 -12.86
N HIS C 224 18.08 -42.12 -13.96
CA HIS C 224 19.23 -41.25 -14.08
C HIS C 224 19.45 -40.96 -15.56
N GLY C 225 20.15 -39.85 -15.83
CA GLY C 225 20.34 -39.47 -17.21
C GLY C 225 19.03 -39.09 -17.89
N HIS C 226 18.94 -39.39 -19.18
CA HIS C 226 17.76 -39.04 -19.96
C HIS C 226 17.04 -40.25 -20.53
N MET C 227 17.75 -41.13 -21.25
CA MET C 227 17.07 -42.19 -22.00
C MET C 227 16.75 -43.39 -21.11
N ASP C 228 17.77 -44.06 -20.58
CA ASP C 228 17.54 -45.27 -19.78
C ASP C 228 18.78 -45.48 -18.90
N GLU C 229 18.66 -45.11 -17.63
CA GLU C 229 19.75 -45.30 -16.67
C GLU C 229 19.18 -45.15 -15.27
N CYS C 230 19.44 -46.12 -14.41
CA CYS C 230 18.90 -46.11 -13.06
C CYS C 230 19.97 -46.61 -12.09
N LEU C 231 19.80 -46.21 -10.83
CA LEU C 231 20.73 -46.61 -9.78
C LEU C 231 20.68 -48.12 -9.60
N THR C 232 21.83 -48.71 -9.27
CA THR C 232 21.99 -50.15 -9.36
C THR C 232 22.93 -50.63 -8.27
N ILE C 233 22.79 -51.92 -7.94
CA ILE C 233 23.75 -52.65 -7.12
C ILE C 233 24.05 -53.96 -7.85
N SER C 234 25.17 -54.58 -7.48
CA SER C 234 25.54 -55.86 -8.07
C SER C 234 24.58 -56.96 -7.60
N ALA C 235 24.52 -58.03 -8.37
CA ALA C 235 23.70 -59.18 -8.04
C ALA C 235 24.37 -60.00 -6.94
N ALA C 236 23.67 -61.02 -6.45
CA ALA C 236 24.21 -61.88 -5.42
C ALA C 236 25.39 -62.69 -5.96
N ASP C 237 26.08 -63.38 -5.05
CA ASP C 237 27.25 -64.20 -5.37
C ASP C 237 28.33 -63.36 -6.05
N SER C 238 28.61 -62.20 -5.47
CA SER C 238 29.63 -61.29 -5.95
C SER C 238 30.66 -61.05 -4.86
N ASP C 239 31.92 -60.83 -5.28
CA ASP C 239 33.00 -60.61 -4.34
C ASP C 239 32.83 -59.33 -3.54
N ASP C 240 32.04 -58.38 -4.04
CA ASP C 240 31.81 -57.11 -3.36
C ASP C 240 30.75 -57.21 -2.28
N GLN C 241 30.13 -58.38 -2.09
CA GLN C 241 29.03 -58.56 -1.14
C GLN C 241 27.89 -57.59 -1.43
N ARG C 242 27.78 -57.16 -2.69
CA ARG C 242 26.78 -56.17 -3.12
C ARG C 242 26.89 -54.90 -2.28
N ARG C 243 28.11 -54.57 -1.86
CA ARG C 243 28.35 -53.42 -0.99
C ARG C 243 28.96 -52.25 -1.75
N LEU C 244 28.93 -52.26 -3.07
CA LEU C 244 29.49 -51.19 -3.89
C LEU C 244 28.44 -50.73 -4.88
N VAL C 245 28.03 -49.47 -4.77
CA VAL C 245 26.98 -48.93 -5.62
C VAL C 245 27.52 -48.75 -7.04
N TYR C 246 26.76 -49.20 -8.03
CA TYR C 246 27.14 -49.09 -9.42
C TYR C 246 26.04 -48.41 -10.22
N TYR C 247 26.15 -48.45 -11.55
CA TYR C 247 25.11 -48.01 -12.46
C TYR C 247 24.76 -49.17 -13.40
N GLU C 248 23.80 -48.93 -14.28
CA GLU C 248 23.35 -49.93 -15.23
C GLU C 248 22.57 -49.23 -16.34
N GLY C 249 21.95 -50.02 -17.21
CA GLY C 249 21.11 -49.50 -18.26
C GLY C 249 19.64 -49.62 -17.90
N GLY C 250 18.98 -50.64 -18.42
CA GLY C 250 17.57 -50.86 -18.11
C GLY C 250 17.24 -52.29 -17.72
N ALA C 251 18.25 -53.16 -17.67
CA ALA C 251 18.00 -54.56 -17.36
C ALA C 251 17.69 -54.74 -15.88
N VAL C 252 18.63 -54.35 -15.01
CA VAL C 252 18.43 -54.51 -13.57
C VAL C 252 17.54 -53.41 -13.00
N CYS C 253 17.27 -52.36 -13.77
CA CYS C 253 16.47 -51.23 -13.30
C CYS C 253 15.03 -51.62 -12.99
N THR C 254 14.58 -52.80 -13.41
CA THR C 254 13.22 -53.28 -13.15
C THR C 254 13.25 -54.49 -12.24
N HIS C 255 14.09 -54.47 -11.21
CA HIS C 255 14.21 -55.57 -10.27
C HIS C 255 14.43 -54.99 -8.87
N ALA C 256 14.54 -55.89 -7.88
CA ALA C 256 14.64 -55.48 -6.49
C ALA C 256 15.94 -54.73 -6.19
N ARG C 257 16.98 -54.92 -7.01
CA ARG C 257 18.25 -54.25 -6.76
C ARG C 257 18.12 -52.75 -6.91
N SER C 258 17.35 -52.28 -7.88
CA SER C 258 17.29 -50.87 -8.23
C SER C 258 16.30 -50.08 -7.37
N LEU C 259 15.90 -50.59 -6.22
CA LEU C 259 14.90 -49.94 -5.38
C LEU C 259 15.50 -49.70 -4.00
N TRP C 260 15.20 -48.54 -3.42
CA TRP C 260 15.68 -48.19 -2.09
C TRP C 260 14.54 -47.65 -1.25
N ARG C 261 14.64 -47.86 0.06
CA ARG C 261 13.65 -47.38 1.02
C ARG C 261 14.21 -46.18 1.76
N LEU C 262 13.40 -45.13 1.85
CA LEU C 262 13.80 -43.86 2.44
C LEU C 262 12.89 -43.52 3.61
N GLU C 263 13.48 -43.01 4.69
CA GLU C 263 12.72 -42.60 5.86
C GLU C 263 13.48 -41.48 6.57
N PRO C 264 12.77 -40.51 7.15
CA PRO C 264 13.44 -39.44 7.89
C PRO C 264 13.85 -39.92 9.27
N LEU C 265 14.62 -39.07 9.96
CA LEU C 265 15.14 -39.42 11.27
C LEU C 265 14.05 -39.42 12.33
N ARG C 266 12.99 -38.64 12.14
CA ARG C 266 11.92 -38.59 13.13
C ARG C 266 11.08 -39.86 13.08
N ILE C 267 10.43 -40.15 14.21
CA ILE C 267 9.63 -41.37 14.33
C ILE C 267 8.19 -41.08 13.95
N SER C 268 7.53 -40.19 14.70
CA SER C 268 6.15 -39.83 14.40
C SER C 268 6.08 -38.91 13.20
N TRP C 269 4.96 -38.99 12.47
CA TRP C 269 4.70 -38.15 11.31
C TRP C 269 5.75 -38.33 10.22
N SER C 270 6.52 -39.42 10.27
CA SER C 270 7.58 -39.65 9.30
C SER C 270 7.04 -39.93 7.90
N GLY C 271 5.82 -40.44 7.80
CA GLY C 271 5.22 -40.70 6.51
C GLY C 271 4.74 -39.46 5.79
N SER C 272 4.95 -38.29 6.39
CA SER C 272 4.52 -37.04 5.77
C SER C 272 5.38 -36.73 4.55
N HIS C 273 4.90 -35.76 3.76
CA HIS C 273 5.66 -35.32 2.60
C HIS C 273 6.98 -34.71 3.03
N LEU C 274 8.03 -34.94 2.24
CA LEU C 274 9.36 -34.46 2.55
C LEU C 274 9.72 -33.26 1.68
N ARG C 275 10.18 -32.19 2.32
CA ARG C 275 10.59 -30.99 1.62
C ARG C 275 12.05 -31.11 1.20
N TRP C 276 12.54 -30.09 0.50
CA TRP C 276 13.94 -30.04 0.14
C TRP C 276 14.81 -29.93 1.39
N GLY C 277 15.93 -30.63 1.39
CA GLY C 277 16.85 -30.57 2.51
C GLY C 277 16.44 -31.35 3.73
N GLN C 278 15.46 -32.24 3.62
CA GLN C 278 15.02 -33.02 4.76
C GLN C 278 15.99 -34.17 5.00
N PRO C 279 16.56 -34.31 6.20
CA PRO C 279 17.48 -35.42 6.46
C PRO C 279 16.76 -36.76 6.45
N LEU C 280 17.49 -37.79 6.01
CA LEU C 280 16.94 -39.13 5.90
C LEU C 280 18.08 -40.13 5.79
N ARG C 281 17.74 -41.41 5.96
CA ARG C 281 18.70 -42.51 5.90
C ARG C 281 18.18 -43.54 4.91
N ILE C 282 18.75 -43.56 3.69
CA ILE C 282 18.32 -44.50 2.68
C ILE C 282 18.66 -45.92 3.12
N ARG C 283 17.70 -46.83 2.98
CA ARG C 283 17.88 -48.25 3.28
C ARG C 283 17.63 -49.04 2.01
N HIS C 284 18.56 -49.95 1.68
CA HIS C 284 18.37 -50.82 0.53
C HIS C 284 17.32 -51.87 0.86
N VAL C 285 16.33 -52.01 -0.03
CA VAL C 285 15.19 -52.87 0.26
C VAL C 285 15.60 -54.34 0.31
N THR C 286 16.43 -54.78 -0.62
CA THR C 286 16.74 -56.20 -0.73
C THR C 286 17.68 -56.64 0.38
N THR C 287 18.86 -56.03 0.46
CA THR C 287 19.84 -56.43 1.45
C THR C 287 19.45 -56.01 2.86
N GLY C 288 18.54 -55.05 3.00
CA GLY C 288 18.16 -54.56 4.30
C GLY C 288 19.28 -53.85 5.03
N ARG C 289 20.05 -53.02 4.32
CA ARG C 289 21.15 -52.29 4.92
C ARG C 289 21.21 -50.89 4.32
N TYR C 290 21.81 -49.98 5.07
CA TYR C 290 21.86 -48.58 4.70
C TYR C 290 23.12 -48.27 3.88
N LEU C 291 23.30 -47.00 3.55
CA LEU C 291 24.43 -46.54 2.77
C LEU C 291 25.24 -45.54 3.59
N ALA C 292 26.57 -45.65 3.53
CA ALA C 292 27.45 -44.75 4.26
C ALA C 292 28.87 -44.94 3.73
N LEU C 293 29.81 -44.24 4.37
CA LEU C 293 31.24 -44.35 4.09
C LEU C 293 31.96 -44.49 5.42
N THR C 294 32.69 -45.59 5.60
CA THR C 294 33.29 -45.86 6.90
C THR C 294 34.58 -45.09 7.10
N GLU C 295 35.63 -45.43 6.36
CA GLU C 295 36.87 -44.67 6.39
C GLU C 295 37.27 -44.14 5.01
N ASP C 296 37.46 -45.03 4.04
CA ASP C 296 37.84 -44.61 2.69
C ASP C 296 37.23 -45.47 1.59
N GLN C 297 36.36 -46.43 1.92
CA GLN C 297 35.89 -47.39 0.93
C GLN C 297 34.98 -46.75 -0.11
N GLY C 298 34.48 -45.54 0.14
CA GLY C 298 33.49 -44.95 -0.73
C GLY C 298 32.08 -45.23 -0.24
N LEU C 299 31.12 -44.83 -1.08
CA LEU C 299 29.71 -45.05 -0.76
C LEU C 299 29.44 -46.54 -0.81
N VAL C 300 29.31 -47.16 0.36
CA VAL C 300 29.20 -48.61 0.47
C VAL C 300 27.97 -48.98 1.29
N VAL C 301 27.48 -50.18 1.04
CA VAL C 301 26.36 -50.71 1.83
C VAL C 301 26.88 -51.08 3.21
N VAL C 302 26.25 -50.53 4.24
CA VAL C 302 26.72 -50.69 5.62
C VAL C 302 25.60 -51.30 6.45
N ASP C 303 25.98 -52.19 7.36
CA ASP C 303 25.01 -52.78 8.27
C ASP C 303 24.51 -51.71 9.24
N ALA C 304 23.31 -51.94 9.77
CA ALA C 304 22.68 -50.96 10.65
C ALA C 304 23.48 -50.73 11.91
N CYS C 305 24.30 -51.70 12.32
CA CYS C 305 25.13 -51.52 13.51
C CYS C 305 26.09 -50.35 13.34
N LYS C 306 26.73 -50.26 12.18
CA LYS C 306 27.61 -49.13 11.87
C LYS C 306 26.85 -48.03 11.15
N ALA C 307 25.71 -47.64 11.70
CA ALA C 307 24.90 -46.54 11.17
C ALA C 307 24.54 -45.64 12.35
N HIS C 308 25.44 -44.72 12.68
CA HIS C 308 25.27 -43.84 13.82
C HIS C 308 24.51 -42.57 13.48
N THR C 309 23.71 -42.59 12.40
CA THR C 309 22.89 -41.47 11.95
C THR C 309 23.71 -40.24 11.62
N LYS C 310 25.03 -40.35 11.49
CA LYS C 310 25.88 -39.23 11.14
C LYS C 310 26.54 -39.42 9.77
N ALA C 311 27.29 -40.50 9.59
CA ALA C 311 27.86 -40.81 8.29
C ALA C 311 26.87 -41.49 7.36
N THR C 312 25.77 -42.02 7.91
CA THR C 312 24.72 -42.64 7.13
C THR C 312 23.53 -41.73 6.91
N SER C 313 23.65 -40.45 7.24
CA SER C 313 22.58 -39.48 7.08
C SER C 313 22.77 -38.73 5.77
N PHE C 314 21.66 -38.52 5.06
CA PHE C 314 21.67 -37.83 3.77
C PHE C 314 20.46 -36.92 3.68
N CYS C 315 20.42 -36.13 2.61
CA CYS C 315 19.30 -35.24 2.33
C CYS C 315 19.23 -35.03 0.82
N PHE C 316 18.40 -34.07 0.40
CA PHE C 316 18.22 -33.81 -1.02
C PHE C 316 17.76 -32.36 -1.20
N ARG C 317 18.22 -31.75 -2.29
CA ARG C 317 17.89 -30.37 -2.60
C ARG C 317 18.10 -30.15 -4.09
N VAL C 318 17.61 -29.00 -4.57
CA VAL C 318 17.84 -28.63 -5.97
C VAL C 318 19.32 -28.45 -6.24
N SER C 319 20.00 -27.72 -5.36
CA SER C 319 21.44 -27.49 -5.48
C SER C 319 22.01 -27.26 -4.09
N LYS C 320 23.33 -27.35 -3.99
CA LYS C 320 24.03 -27.23 -2.72
C LYS C 320 25.05 -26.10 -2.76
N GLU C 321 24.65 -24.95 -3.30
CA GLU C 321 25.51 -23.79 -3.32
C GLU C 321 25.65 -23.21 -1.91
N LYS C 322 26.46 -22.15 -1.81
CA LYS C 322 26.75 -21.57 -0.50
C LYS C 322 25.54 -20.83 0.07
N LEU C 323 24.74 -21.53 0.86
CA LEU C 323 23.59 -20.95 1.52
C LEU C 323 23.97 -20.56 2.95
N ASP C 324 22.98 -20.12 3.72
CA ASP C 324 23.20 -19.75 5.12
C ASP C 324 23.09 -20.95 6.05
N THR C 325 22.86 -22.14 5.52
CA THR C 325 22.70 -23.37 6.32
C THR C 325 21.57 -23.21 7.34
N ALA C 326 20.40 -22.80 6.85
CA ALA C 326 19.23 -22.64 7.70
C ALA C 326 18.08 -23.47 7.15
N PRO C 327 18.32 -24.72 6.77
CA PRO C 327 17.23 -25.60 6.31
C PRO C 327 16.67 -26.53 7.39
N LYS C 328 17.17 -26.46 8.62
CA LYS C 328 16.71 -27.32 9.69
C LYS C 328 15.57 -26.64 10.44
N ARG C 329 14.41 -27.28 10.46
CA ARG C 329 13.25 -26.76 11.17
C ARG C 329 12.29 -27.90 11.45
N ASP C 330 11.69 -27.88 12.64
CA ASP C 330 10.77 -28.95 13.02
C ASP C 330 9.51 -28.90 12.15
N VAL C 331 8.99 -30.07 11.82
CA VAL C 331 7.76 -30.19 11.03
C VAL C 331 6.78 -31.06 11.82
N GLU C 332 5.52 -30.64 11.86
CA GLU C 332 4.46 -31.39 12.50
C GLU C 332 3.24 -31.58 11.61
N GLY C 333 2.89 -30.60 10.78
CA GLY C 333 1.76 -30.71 9.89
C GLY C 333 2.08 -31.50 8.64
N MET C 334 1.03 -31.80 7.88
CA MET C 334 1.19 -32.52 6.63
C MET C 334 2.03 -31.73 5.63
N GLY C 335 1.73 -30.44 5.48
CA GLY C 335 2.42 -29.61 4.52
C GLY C 335 1.98 -29.91 3.11
N PRO C 336 2.04 -28.91 2.23
CA PRO C 336 1.64 -29.10 0.84
C PRO C 336 2.74 -29.79 0.05
N PRO C 337 2.51 -31.01 -0.41
CA PRO C 337 3.51 -31.68 -1.24
C PRO C 337 3.64 -31.00 -2.59
N GLU C 338 4.88 -30.86 -3.06
CA GLU C 338 5.16 -30.13 -4.28
C GLU C 338 6.11 -30.83 -5.24
N ILE C 339 6.88 -31.81 -4.78
CA ILE C 339 7.84 -32.49 -5.66
C ILE C 339 7.11 -33.58 -6.44
N LYS C 340 7.16 -33.48 -7.76
CA LYS C 340 6.49 -34.41 -8.64
C LYS C 340 7.45 -35.50 -9.09
N TYR C 341 7.03 -36.32 -10.04
CA TYR C 341 7.85 -37.39 -10.60
C TYR C 341 8.21 -37.04 -12.04
N GLY C 342 9.50 -37.10 -12.35
CA GLY C 342 9.99 -36.72 -13.65
C GLY C 342 10.33 -35.25 -13.80
N GLU C 343 10.04 -34.43 -12.80
CA GLU C 343 10.35 -33.01 -12.84
C GLU C 343 10.99 -32.49 -11.56
N SER C 344 11.02 -33.27 -10.48
CA SER C 344 11.60 -32.79 -9.23
C SER C 344 13.09 -32.50 -9.37
N LEU C 345 13.82 -33.38 -10.07
CA LEU C 345 15.24 -33.19 -10.33
C LEU C 345 16.04 -33.01 -9.04
N CYS C 346 15.68 -33.79 -8.01
CA CYS C 346 16.35 -33.69 -6.73
C CYS C 346 17.76 -34.26 -6.81
N PHE C 347 18.66 -33.67 -6.01
CA PHE C 347 20.05 -34.10 -5.94
C PHE C 347 20.39 -34.42 -4.49
N VAL C 348 21.00 -35.59 -4.27
CA VAL C 348 21.29 -36.08 -2.92
C VAL C 348 22.73 -35.71 -2.57
N GLN C 349 22.94 -35.29 -1.33
CA GLN C 349 24.25 -34.85 -0.86
C GLN C 349 24.40 -35.22 0.61
N HIS C 350 25.59 -35.70 0.97
CA HIS C 350 25.85 -36.13 2.35
C HIS C 350 25.86 -34.92 3.28
N VAL C 351 25.04 -34.98 4.33
CA VAL C 351 24.89 -33.83 5.22
C VAL C 351 26.17 -33.58 6.00
N ALA C 352 26.80 -34.64 6.51
CA ALA C 352 28.01 -34.48 7.29
C ALA C 352 29.17 -33.98 6.44
N SER C 353 29.34 -34.58 5.25
CA SER C 353 30.47 -34.22 4.40
C SER C 353 30.25 -32.86 3.74
N GLY C 354 29.03 -32.59 3.30
CA GLY C 354 28.73 -31.34 2.62
C GLY C 354 29.09 -31.32 1.14
N LEU C 355 29.52 -32.43 0.58
CA LEU C 355 29.92 -32.50 -0.82
C LEU C 355 28.86 -33.21 -1.65
N TRP C 356 28.80 -32.84 -2.93
CA TRP C 356 27.82 -33.44 -3.83
C TRP C 356 28.13 -34.92 -4.06
N LEU C 357 27.08 -35.73 -4.18
CA LEU C 357 27.22 -37.16 -4.43
C LEU C 357 26.98 -37.41 -5.91
N THR C 358 28.05 -37.64 -6.65
CA THR C 358 27.99 -37.85 -8.09
C THR C 358 28.69 -39.15 -8.45
N TYR C 359 28.58 -39.52 -9.73
CA TYR C 359 29.27 -40.69 -10.23
C TYR C 359 30.78 -40.45 -10.27
N ALA C 360 31.54 -41.54 -10.17
CA ALA C 360 32.99 -41.47 -10.25
C ALA C 360 33.51 -41.48 -11.68
N ALA C 361 32.62 -41.57 -12.67
CA ALA C 361 32.97 -41.57 -14.08
C ALA C 361 33.99 -42.67 -14.40
N PRO C 362 33.81 -43.88 -13.87
CA PRO C 362 34.73 -44.96 -14.19
C PRO C 362 34.62 -45.37 -15.65
N ASP C 363 35.75 -45.83 -16.19
CA ASP C 363 35.82 -46.33 -17.56
C ASP C 363 36.53 -47.67 -17.59
N PRO C 364 35.95 -48.68 -16.93
CA PRO C 364 36.57 -50.01 -16.96
C PRO C 364 36.42 -50.67 -18.33
N LYS C 365 37.36 -51.55 -18.64
CA LYS C 365 37.29 -52.29 -19.90
C LYS C 365 36.08 -53.20 -19.94
N ALA C 366 35.82 -53.93 -18.85
CA ALA C 366 34.67 -54.83 -18.81
C ALA C 366 33.36 -54.06 -18.83
N LEU C 367 33.29 -52.95 -18.10
CA LEU C 367 32.06 -52.15 -18.08
C LEU C 367 31.78 -51.56 -19.45
N ARG C 368 32.80 -51.02 -20.12
CA ARG C 368 32.61 -50.46 -21.45
C ARG C 368 32.23 -51.54 -22.45
N LEU C 369 32.89 -52.70 -22.38
CA LEU C 369 32.61 -53.78 -23.32
C LEU C 369 31.28 -54.45 -23.01
N GLY C 370 30.85 -54.43 -21.75
CA GLY C 370 29.59 -55.06 -21.37
C GLY C 370 28.58 -54.07 -20.84
N VAL C 371 28.33 -54.11 -19.54
CA VAL C 371 27.36 -53.24 -18.88
C VAL C 371 28.13 -52.24 -18.02
N LEU C 372 27.82 -50.95 -18.20
CA LEU C 372 28.53 -49.90 -17.47
C LEU C 372 28.40 -50.11 -15.97
N LYS C 373 29.49 -49.89 -15.25
CA LYS C 373 29.56 -50.10 -13.81
C LYS C 373 30.41 -48.98 -13.20
N LYS C 374 29.74 -47.91 -12.80
CA LYS C 374 30.41 -46.77 -12.17
C LYS C 374 30.42 -46.96 -10.66
N LYS C 375 30.77 -45.92 -9.92
CA LYS C 375 30.80 -45.96 -8.46
C LYS C 375 30.29 -44.64 -7.93
N ALA C 376 29.15 -44.67 -7.23
CA ALA C 376 28.66 -43.46 -6.58
C ALA C 376 29.60 -43.06 -5.46
N ILE C 377 29.95 -41.78 -5.40
CA ILE C 377 30.92 -41.29 -4.43
C ILE C 377 30.72 -39.80 -4.27
N LEU C 378 30.98 -39.29 -3.08
CA LEU C 378 30.89 -37.86 -2.84
C LEU C 378 31.91 -37.12 -3.70
N HIS C 379 31.51 -35.97 -4.23
CA HIS C 379 32.34 -35.16 -5.10
C HIS C 379 32.33 -33.72 -4.61
N GLN C 380 33.49 -33.08 -4.66
CA GLN C 380 33.60 -31.71 -4.17
C GLN C 380 32.70 -30.76 -4.97
N GLU C 381 32.68 -30.92 -6.28
CA GLU C 381 31.79 -30.12 -7.11
C GLU C 381 30.92 -30.96 -8.03
N GLY C 382 31.44 -32.06 -8.57
CA GLY C 382 30.66 -32.90 -9.45
C GLY C 382 30.55 -32.34 -10.85
N HIS C 383 29.69 -32.98 -11.63
CA HIS C 383 29.41 -32.60 -13.01
C HIS C 383 27.96 -32.15 -13.11
N MET C 384 27.73 -30.98 -13.70
CA MET C 384 26.39 -30.44 -13.81
C MET C 384 25.62 -31.07 -14.97
N ASP C 385 25.60 -32.40 -15.02
CA ASP C 385 24.79 -33.09 -16.02
C ASP C 385 24.07 -34.31 -15.48
N ASP C 386 24.26 -34.67 -14.22
CA ASP C 386 23.68 -35.89 -13.66
C ASP C 386 22.38 -35.55 -12.92
N ALA C 387 21.38 -35.17 -13.70
CA ALA C 387 20.06 -34.91 -13.15
C ALA C 387 19.38 -36.22 -12.76
N LEU C 388 18.45 -36.13 -11.82
CA LEU C 388 17.77 -37.29 -11.26
C LEU C 388 16.26 -37.11 -11.40
N PHE C 389 15.65 -37.86 -12.30
CA PHE C 389 14.20 -37.93 -12.41
C PHE C 389 13.75 -39.33 -12.00
N LEU C 390 12.64 -39.38 -11.26
CA LEU C 390 12.18 -40.62 -10.64
C LEU C 390 10.75 -40.93 -11.07
N THR C 391 10.44 -42.22 -11.16
CA THR C 391 9.16 -42.66 -11.69
C THR C 391 8.41 -43.57 -10.72
N ARG C 392 7.32 -44.18 -11.21
CA ARG C 392 6.46 -45.00 -10.37
C ARG C 392 6.98 -46.43 -10.28
N CYS C 393 7.09 -46.94 -9.05
CA CYS C 393 7.29 -48.38 -8.82
C CYS C 393 6.48 -48.72 -7.56
N GLN C 394 5.22 -49.10 -7.77
CA GLN C 394 4.31 -49.41 -6.69
C GLN C 394 3.47 -50.62 -7.10
N GLN C 395 3.59 -51.70 -6.35
CA GLN C 395 2.90 -52.95 -6.63
C GLN C 395 3.11 -53.87 -5.43
N GLU C 396 2.65 -55.11 -5.54
CA GLU C 396 3.01 -56.14 -4.59
C GLU C 396 4.49 -56.52 -4.66
N GLU C 397 5.20 -56.05 -5.69
CA GLU C 397 6.63 -56.36 -5.80
C GLU C 397 7.42 -55.85 -4.61
N SER C 398 6.93 -54.80 -3.94
CA SER C 398 7.56 -54.38 -2.69
C SER C 398 7.44 -55.47 -1.64
N GLN C 399 6.25 -56.08 -1.53
CA GLN C 399 6.07 -57.22 -0.64
C GLN C 399 6.95 -58.38 -1.08
N ALA C 400 7.12 -58.55 -2.39
CA ALA C 400 8.01 -59.59 -2.89
C ALA C 400 9.45 -59.35 -2.44
N ALA C 401 9.90 -58.10 -2.51
CA ALA C 401 11.26 -57.78 -2.07
C ALA C 401 11.43 -58.00 -0.58
N ARG C 402 10.45 -57.57 0.22
CA ARG C 402 10.53 -57.82 1.65
C ARG C 402 10.53 -59.31 1.95
N MET C 403 9.75 -60.08 1.20
CA MET C 403 9.77 -61.53 1.32
C MET C 403 11.15 -62.09 1.00
N ILE C 404 11.77 -61.54 -0.05
CA ILE C 404 13.12 -61.97 -0.43
C ILE C 404 14.07 -61.75 0.74
N HIS C 405 14.03 -60.56 1.33
CA HIS C 405 14.94 -60.24 2.43
C HIS C 405 14.70 -61.17 3.62
N SER C 406 13.44 -61.37 4.01
CA SER C 406 13.15 -62.21 5.15
C SER C 406 13.53 -63.66 4.89
N THR C 407 13.24 -64.16 3.68
CA THR C 407 13.59 -65.53 3.34
C THR C 407 15.09 -65.73 3.34
N ALA C 408 15.84 -64.77 2.80
CA ALA C 408 17.30 -64.89 2.83
C ALA C 408 17.81 -64.88 4.26
N GLY C 409 17.28 -63.99 5.10
CA GLY C 409 17.71 -63.92 6.48
C GLY C 409 17.44 -65.22 7.24
N LEU C 410 16.29 -65.84 6.98
CA LEU C 410 15.99 -67.10 7.64
C LEU C 410 16.84 -68.24 7.08
N TYR C 411 16.98 -68.31 5.76
CA TYR C 411 17.65 -69.45 5.15
C TYR C 411 19.14 -69.44 5.41
N ASN C 412 19.76 -68.26 5.46
CA ASN C 412 21.19 -68.20 5.73
C ASN C 412 21.51 -68.74 7.12
N GLN C 413 20.74 -68.30 8.12
CA GLN C 413 20.99 -68.80 9.48
C GLN C 413 20.61 -70.26 9.60
N PHE C 414 19.59 -70.72 8.88
CA PHE C 414 19.28 -72.14 8.86
C PHE C 414 20.45 -72.94 8.31
N ILE C 415 21.05 -72.47 7.21
CA ILE C 415 22.18 -73.15 6.61
C ILE C 415 23.36 -73.18 7.57
N LYS C 416 23.63 -72.05 8.24
CA LYS C 416 24.75 -72.00 9.18
C LYS C 416 24.54 -72.97 10.33
N GLY C 417 23.36 -72.94 10.94
CA GLY C 417 23.08 -73.85 12.04
C GLY C 417 23.14 -75.30 11.63
N LEU C 418 22.71 -75.60 10.40
CA LEU C 418 22.83 -76.96 9.90
C LEU C 418 24.29 -77.36 9.71
N ASP C 419 25.09 -76.48 9.12
CA ASP C 419 26.49 -76.80 8.87
C ASP C 419 27.32 -76.85 10.14
N SER C 420 26.81 -76.30 11.25
CA SER C 420 27.58 -76.32 12.49
C SER C 420 27.83 -77.74 12.96
N PHE C 421 26.83 -78.61 12.90
CA PHE C 421 26.95 -79.99 13.37
C PHE C 421 27.11 -80.98 12.22
N SER C 422 27.71 -80.54 11.11
CA SER C 422 27.80 -81.39 9.92
C SER C 422 28.62 -82.64 10.20
N GLY C 423 29.72 -82.51 10.93
CA GLY C 423 30.62 -83.64 11.13
C GLY C 423 30.99 -83.92 12.57
N LYS C 424 30.04 -83.76 13.49
CA LYS C 424 30.27 -83.99 14.92
C LYS C 424 29.17 -84.90 15.45
N PRO C 425 29.26 -86.20 15.17
CA PRO C 425 28.25 -87.14 15.70
C PRO C 425 28.30 -87.24 17.21
N ARG C 426 27.25 -86.76 17.88
CA ARG C 426 27.18 -86.78 19.32
C ARG C 426 26.69 -88.15 19.81
N GLY C 427 26.80 -88.34 21.12
CA GLY C 427 26.28 -89.54 21.75
C GLY C 427 25.02 -89.26 22.55
N SER C 428 25.02 -89.65 23.82
CA SER C 428 23.89 -89.40 24.72
C SER C 428 24.24 -88.19 25.57
N GLY C 429 23.72 -87.02 25.18
CA GLY C 429 23.99 -85.80 25.90
C GLY C 429 23.56 -84.58 25.11
N PRO C 430 24.41 -83.56 25.08
CA PRO C 430 24.09 -82.34 24.33
C PRO C 430 24.24 -82.58 22.83
N PRO C 431 23.15 -82.52 22.07
CA PRO C 431 23.26 -82.81 20.64
C PRO C 431 23.92 -81.70 19.85
N ALA C 432 23.68 -80.45 20.21
CA ALA C 432 24.24 -79.31 19.51
C ALA C 432 24.21 -78.10 20.43
N GLY C 433 24.42 -76.91 19.86
CA GLY C 433 24.35 -75.69 20.61
C GLY C 433 23.03 -74.98 20.43
N PRO C 434 23.02 -73.95 19.58
CA PRO C 434 21.76 -73.26 19.28
C PRO C 434 20.75 -74.20 18.64
N ALA C 435 19.47 -73.99 18.97
CA ALA C 435 18.42 -74.85 18.45
C ALA C 435 18.18 -74.58 16.97
N LEU C 436 17.64 -75.58 16.29
CA LEU C 436 17.31 -75.47 14.87
C LEU C 436 15.94 -74.83 14.71
N PRO C 437 15.82 -73.70 14.01
CA PRO C 437 14.49 -73.15 13.73
C PRO C 437 13.74 -74.00 12.73
N ILE C 438 12.77 -74.78 13.21
CA ILE C 438 12.04 -75.75 12.39
C ILE C 438 10.65 -75.24 12.04
N GLU C 439 9.85 -74.89 13.04
CA GLU C 439 8.53 -74.33 12.78
C GLU C 439 8.64 -73.00 12.05
N ALA C 440 9.59 -72.16 12.46
CA ALA C 440 9.78 -70.86 11.83
C ALA C 440 10.16 -70.97 10.36
N VAL C 441 10.73 -72.10 9.95
CA VAL C 441 11.02 -72.29 8.54
C VAL C 441 9.93 -73.11 7.84
N ILE C 442 9.24 -73.98 8.56
CA ILE C 442 8.13 -74.73 7.96
C ILE C 442 7.01 -73.78 7.56
N LEU C 443 6.69 -72.81 8.43
CA LEU C 443 5.66 -71.84 8.11
C LEU C 443 6.05 -71.02 6.88
N SER C 444 7.32 -70.61 6.80
CA SER C 444 7.78 -69.87 5.63
C SER C 444 7.67 -70.72 4.37
N LEU C 445 8.03 -72.00 4.46
CA LEU C 445 7.92 -72.89 3.31
C LEU C 445 6.48 -72.99 2.84
N GLN C 446 5.55 -73.18 3.78
CA GLN C 446 4.14 -73.32 3.39
C GLN C 446 3.60 -72.01 2.81
N ASP C 447 3.98 -70.87 3.40
CA ASP C 447 3.53 -69.60 2.87
C ASP C 447 4.07 -69.35 1.47
N LEU C 448 5.33 -69.71 1.22
CA LEU C 448 5.89 -69.56 -0.12
C LEU C 448 5.23 -70.52 -1.10
N ILE C 449 4.89 -71.73 -0.65
CA ILE C 449 4.18 -72.68 -1.51
C ILE C 449 2.84 -72.10 -1.92
N GLY C 450 2.11 -71.53 -0.96
CA GLY C 450 0.83 -70.90 -1.28
C GLY C 450 0.99 -69.63 -2.11
N TYR C 451 2.14 -68.98 -2.00
CA TYR C 451 2.39 -67.75 -2.75
C TYR C 451 2.38 -68.02 -4.25
N PHE C 452 2.98 -69.12 -4.68
CA PHE C 452 3.18 -69.41 -6.10
C PHE C 452 2.16 -70.42 -6.63
N GLU C 453 0.96 -70.41 -6.09
CA GLU C 453 -0.07 -71.34 -6.56
C GLU C 453 -0.52 -70.97 -7.96
N PRO C 454 -0.50 -71.89 -8.93
CA PRO C 454 -0.94 -71.55 -10.27
C PRO C 454 -2.43 -71.24 -10.29
N PRO C 455 -2.88 -70.38 -11.18
CA PRO C 455 -4.31 -70.03 -11.23
C PRO C 455 -5.15 -71.22 -11.66
N SER C 456 -6.39 -71.24 -11.18
CA SER C 456 -7.32 -72.30 -11.51
C SER C 456 -7.86 -72.10 -12.92
N GLU C 457 -7.86 -73.18 -13.71
CA GLU C 457 -8.29 -73.10 -15.10
C GLU C 457 -9.78 -72.79 -15.23
N GLU C 458 -10.54 -72.95 -14.15
CA GLU C 458 -11.96 -72.64 -14.20
C GLU C 458 -12.25 -71.15 -14.33
N LEU C 459 -11.23 -70.31 -14.16
CA LEU C 459 -11.42 -68.86 -14.22
C LEU C 459 -11.68 -68.43 -15.67
N GLN C 460 -12.07 -67.17 -15.82
CA GLN C 460 -12.28 -66.59 -17.13
C GLN C 460 -10.94 -66.40 -17.84
N HIS C 461 -11.00 -66.19 -19.16
CA HIS C 461 -9.78 -66.16 -19.96
C HIS C 461 -8.89 -64.99 -19.58
N GLU C 462 -9.43 -63.78 -19.55
CA GLU C 462 -8.60 -62.60 -19.32
C GLU C 462 -8.03 -62.60 -17.89
N GLU C 463 -8.83 -63.02 -16.91
CA GLU C 463 -8.32 -63.09 -15.54
C GLU C 463 -7.20 -64.10 -15.43
N LYS C 464 -7.35 -65.26 -16.09
CA LYS C 464 -6.30 -66.26 -16.08
C LYS C 464 -5.04 -65.73 -16.73
N GLN C 465 -5.17 -65.02 -17.86
CA GLN C 465 -4.01 -64.46 -18.53
C GLN C 465 -3.29 -63.47 -17.62
N SER C 466 -4.04 -62.56 -17.00
CA SER C 466 -3.42 -61.57 -16.13
C SER C 466 -2.73 -62.24 -14.94
N LYS C 467 -3.39 -63.23 -14.33
CA LYS C 467 -2.80 -63.90 -13.17
C LYS C 467 -1.54 -64.65 -13.55
N LEU C 468 -1.53 -65.34 -14.69
CA LEU C 468 -0.34 -66.07 -15.08
C LEU C 468 0.79 -65.13 -15.47
N ARG C 469 0.47 -63.99 -16.09
CA ARG C 469 1.50 -63.00 -16.38
C ARG C 469 2.10 -62.46 -15.10
N SER C 470 1.27 -62.18 -14.10
CA SER C 470 1.79 -61.70 -12.82
C SER C 470 2.65 -62.76 -12.16
N LEU C 471 2.24 -64.03 -12.23
CA LEU C 471 3.04 -65.11 -11.66
C LEU C 471 4.40 -65.21 -12.35
N ARG C 472 4.42 -65.12 -13.68
CA ARG C 472 5.68 -65.15 -14.40
C ARG C 472 6.57 -63.97 -14.03
N ASN C 473 5.97 -62.78 -13.89
CA ASN C 473 6.74 -61.62 -13.51
C ASN C 473 7.36 -61.80 -12.12
N ARG C 474 6.59 -62.32 -11.18
CA ARG C 474 7.12 -62.55 -9.83
C ARG C 474 8.21 -63.63 -9.85
N GLN C 475 8.04 -64.66 -10.67
CA GLN C 475 9.08 -65.68 -10.81
C GLN C 475 10.37 -65.07 -11.34
N SER C 476 10.26 -64.22 -12.37
CA SER C 476 11.46 -63.58 -12.91
C SER C 476 12.09 -62.65 -11.89
N LEU C 477 11.27 -61.94 -11.11
CA LEU C 477 11.81 -61.08 -10.05
C LEU C 477 12.58 -61.89 -9.03
N PHE C 478 12.04 -63.06 -8.63
CA PHE C 478 12.77 -63.91 -7.70
C PHE C 478 14.05 -64.44 -8.31
N GLN C 479 14.02 -64.82 -9.58
CA GLN C 479 15.20 -65.41 -10.21
C GLN C 479 16.30 -64.40 -10.52
N GLU C 480 15.95 -63.12 -10.67
CA GLU C 480 16.98 -62.11 -10.90
C GLU C 480 17.91 -62.01 -9.70
N GLU C 481 17.35 -62.03 -8.50
CA GLU C 481 18.16 -62.17 -7.29
C GLU C 481 18.56 -63.63 -7.05
N GLY C 482 18.08 -64.55 -7.88
CA GLY C 482 18.37 -65.96 -7.78
C GLY C 482 17.45 -66.72 -6.83
N MET C 483 17.72 -66.64 -5.53
CA MET C 483 16.95 -67.37 -4.52
C MET C 483 16.67 -68.82 -4.90
N LEU C 484 17.56 -69.41 -5.67
CA LEU C 484 17.44 -70.80 -6.07
C LEU C 484 18.69 -71.61 -5.79
N SER C 485 19.87 -70.99 -5.96
CA SER C 485 21.12 -71.70 -5.68
C SER C 485 21.19 -72.08 -4.21
N LEU C 486 20.83 -71.17 -3.32
CA LEU C 486 20.80 -71.51 -1.89
C LEU C 486 19.75 -72.58 -1.61
N VAL C 487 18.66 -72.61 -2.39
CA VAL C 487 17.68 -73.67 -2.24
C VAL C 487 18.31 -75.02 -2.58
N LEU C 488 19.06 -75.07 -3.68
CA LEU C 488 19.72 -76.30 -4.08
C LEU C 488 20.75 -76.73 -3.04
N ASN C 489 21.49 -75.76 -2.48
CA ASN C 489 22.44 -76.08 -1.41
C ASN C 489 21.71 -76.64 -0.21
N CYS C 490 20.56 -76.07 0.14
CA CYS C 490 19.77 -76.59 1.25
C CYS C 490 19.34 -78.02 0.99
N ILE C 491 18.91 -78.33 -0.23
CA ILE C 491 18.56 -79.71 -0.58
C ILE C 491 19.77 -80.61 -0.40
N ASP C 492 20.91 -80.21 -0.96
CA ASP C 492 22.09 -81.08 -0.97
C ASP C 492 22.57 -81.36 0.44
N ARG C 493 22.53 -80.35 1.31
CA ARG C 493 22.99 -80.54 2.68
C ARG C 493 22.13 -81.57 3.42
N LEU C 494 20.83 -81.54 3.20
CA LEU C 494 19.94 -82.56 3.75
C LEU C 494 19.89 -83.82 2.91
N ASN C 495 20.51 -83.82 1.72
CA ASN C 495 20.30 -84.91 0.78
C ASN C 495 20.98 -86.19 1.23
N VAL C 496 22.18 -86.09 1.78
CA VAL C 496 23.01 -87.30 2.03
C VAL C 496 22.61 -87.82 3.41
N TYR C 497 21.47 -88.51 3.44
CA TYR C 497 21.00 -89.22 4.63
C TYR C 497 20.05 -90.29 4.14
N THR C 498 20.49 -91.56 4.15
CA THR C 498 19.70 -92.62 3.54
C THR C 498 18.48 -92.97 4.36
N THR C 499 18.64 -93.11 5.68
CA THR C 499 17.56 -93.60 6.53
C THR C 499 17.08 -92.60 7.56
N ALA C 500 17.96 -91.70 8.04
CA ALA C 500 17.68 -90.65 9.01
C ALA C 500 17.37 -91.19 10.40
N ALA C 501 17.30 -92.51 10.58
CA ALA C 501 17.13 -93.06 11.93
C ALA C 501 18.35 -92.74 12.78
N HIS C 502 19.54 -92.90 12.21
CA HIS C 502 20.77 -92.47 12.85
C HIS C 502 21.54 -91.43 12.03
N PHE C 503 21.32 -91.37 10.72
CA PHE C 503 21.97 -90.35 9.91
C PHE C 503 21.48 -88.96 10.27
N ALA C 504 20.18 -88.80 10.49
CA ALA C 504 19.66 -87.55 10.99
C ALA C 504 19.88 -87.38 12.49
N GLU C 505 20.36 -88.43 13.17
CA GLU C 505 20.70 -88.34 14.59
C GLU C 505 22.09 -87.71 14.75
N TYR C 506 22.22 -86.52 14.19
CA TYR C 506 23.39 -85.67 14.40
C TYR C 506 23.08 -84.43 15.21
N ALA C 507 21.86 -83.91 15.12
CA ALA C 507 21.35 -82.89 16.01
C ALA C 507 20.47 -83.48 17.09
N GLY C 508 20.57 -84.78 17.34
CA GLY C 508 19.72 -85.43 18.31
C GLY C 508 18.31 -85.62 17.78
N GLU C 509 17.37 -85.74 18.72
CA GLU C 509 15.96 -85.84 18.38
C GLU C 509 15.44 -84.43 18.06
N GLU C 510 14.12 -84.31 17.93
CA GLU C 510 13.43 -83.06 17.64
C GLU C 510 13.84 -82.47 16.29
N ALA C 511 14.60 -83.18 15.49
CA ALA C 511 14.95 -82.74 14.14
C ALA C 511 14.67 -83.81 13.09
N ALA C 512 14.88 -85.08 13.41
CA ALA C 512 14.63 -86.14 12.44
C ALA C 512 13.15 -86.33 12.15
N GLU C 513 12.28 -85.96 13.09
CA GLU C 513 10.85 -86.12 12.87
C GLU C 513 10.38 -85.28 11.69
N SER C 514 10.87 -84.06 11.57
CA SER C 514 10.44 -83.14 10.53
C SER C 514 11.30 -83.20 9.29
N TRP C 515 12.27 -84.12 9.21
CA TRP C 515 13.20 -84.14 8.09
C TRP C 515 12.47 -84.47 6.78
N LYS C 516 11.62 -85.50 6.80
CA LYS C 516 10.88 -85.87 5.60
C LYS C 516 9.97 -84.74 5.15
N GLU C 517 9.27 -84.12 6.09
CA GLU C 517 8.38 -83.02 5.74
C GLU C 517 9.17 -81.86 5.15
N ILE C 518 10.33 -81.54 5.74
CA ILE C 518 11.12 -80.42 5.27
C ILE C 518 11.63 -80.67 3.85
N VAL C 519 12.14 -81.87 3.59
CA VAL C 519 12.68 -82.13 2.27
C VAL C 519 11.56 -82.18 1.23
N ASN C 520 10.41 -82.74 1.60
CA ASN C 520 9.28 -82.74 0.67
C ASN C 520 8.82 -81.31 0.37
N LEU C 521 8.74 -80.46 1.39
CA LEU C 521 8.34 -79.08 1.17
C LEU C 521 9.33 -78.36 0.29
N LEU C 522 10.63 -78.62 0.49
CA LEU C 522 11.64 -78.01 -0.39
C LEU C 522 11.42 -78.45 -1.83
N TYR C 523 11.16 -79.73 -2.05
CA TYR C 523 10.94 -80.22 -3.41
C TYR C 523 9.73 -79.55 -4.04
N GLU C 524 8.62 -79.45 -3.30
CA GLU C 524 7.44 -78.79 -3.83
C GLU C 524 7.70 -77.32 -4.11
N LEU C 525 8.45 -76.65 -3.23
CA LEU C 525 8.73 -75.24 -3.43
C LEU C 525 9.52 -75.01 -4.70
N LEU C 526 10.59 -75.78 -4.90
CA LEU C 526 11.39 -75.59 -6.11
C LEU C 526 10.58 -75.95 -7.35
N ALA C 527 9.79 -77.03 -7.29
CA ALA C 527 8.99 -77.43 -8.43
C ALA C 527 8.00 -76.33 -8.81
N SER C 528 7.33 -75.76 -7.83
CA SER C 528 6.40 -74.68 -8.11
C SER C 528 7.13 -73.44 -8.63
N LEU C 529 8.33 -73.17 -8.12
CA LEU C 529 9.06 -72.00 -8.56
C LEU C 529 9.51 -72.12 -10.01
N ILE C 530 9.87 -73.32 -10.46
CA ILE C 530 10.34 -73.48 -11.84
C ILE C 530 9.18 -73.64 -12.82
N ARG C 531 7.96 -73.88 -12.33
CA ARG C 531 6.83 -74.18 -13.20
C ARG C 531 6.62 -73.10 -14.25
N GLY C 532 6.36 -73.52 -15.47
CA GLY C 532 5.98 -72.60 -16.54
C GLY C 532 7.06 -71.74 -17.15
N ASN C 533 7.86 -71.08 -16.33
CA ASN C 533 8.86 -70.13 -16.84
C ASN C 533 9.86 -70.85 -17.74
N ARG C 534 10.27 -70.15 -18.79
CA ARG C 534 11.22 -70.71 -19.74
C ARG C 534 12.66 -70.48 -19.31
N ALA C 535 12.98 -69.30 -18.77
CA ALA C 535 14.35 -69.01 -18.37
C ALA C 535 14.81 -69.90 -17.22
N ASN C 536 13.95 -70.09 -16.22
CA ASN C 536 14.29 -70.96 -15.10
C ASN C 536 14.48 -72.39 -15.57
N CYS C 537 13.64 -72.84 -16.50
CA CYS C 537 13.81 -74.17 -17.07
C CYS C 537 15.12 -74.29 -17.82
N ALA C 538 15.47 -73.24 -18.58
CA ALA C 538 16.66 -73.31 -19.42
C ALA C 538 17.94 -73.27 -18.60
N LEU C 539 17.96 -72.53 -17.49
CA LEU C 539 19.19 -72.43 -16.71
C LEU C 539 19.56 -73.74 -16.04
N PHE C 540 18.67 -74.74 -16.04
CA PHE C 540 18.98 -76.06 -15.54
C PHE C 540 19.65 -76.95 -16.59
N SER C 541 20.23 -76.35 -17.62
CA SER C 541 20.86 -77.13 -18.68
C SER C 541 22.05 -77.93 -18.16
N THR C 542 22.84 -77.33 -17.28
CA THR C 542 24.08 -77.95 -16.81
C THR C 542 23.88 -78.84 -15.59
N ASN C 543 22.65 -79.01 -15.11
CA ASN C 543 22.42 -79.73 -13.86
C ASN C 543 21.40 -80.86 -13.99
N LEU C 544 21.04 -81.26 -15.21
CA LEU C 544 20.10 -82.36 -15.36
C LEU C 544 20.67 -83.65 -14.79
N ASP C 545 21.96 -83.90 -15.01
CA ASP C 545 22.60 -85.05 -14.39
C ASP C 545 22.55 -84.94 -12.87
N TRP C 546 22.78 -83.75 -12.33
CA TRP C 546 22.65 -83.55 -10.89
C TRP C 546 21.23 -83.83 -10.42
N VAL C 547 20.24 -83.41 -11.19
CA VAL C 547 18.85 -83.64 -10.81
C VAL C 547 18.55 -85.13 -10.74
N VAL C 548 18.96 -85.87 -11.78
CA VAL C 548 18.68 -87.30 -11.80
C VAL C 548 19.56 -88.06 -10.82
N SER C 549 20.66 -87.44 -10.35
CA SER C 549 21.58 -88.15 -9.48
C SER C 549 20.97 -88.47 -8.13
N LYS C 550 20.29 -87.49 -7.52
CA LYS C 550 19.84 -87.65 -6.14
C LYS C 550 18.87 -88.81 -5.99
N LEU C 551 17.69 -88.71 -6.59
CA LEU C 551 16.70 -89.78 -6.71
C LEU C 551 16.71 -90.68 -5.47
N ASP C 552 16.45 -90.07 -4.32
CA ASP C 552 16.75 -90.66 -3.02
C ASP C 552 15.95 -91.92 -2.69
N ARG C 553 15.03 -92.30 -3.59
CA ARG C 553 14.35 -93.60 -3.55
C ARG C 553 13.32 -93.72 -2.42
N LEU C 554 13.29 -92.75 -1.51
CA LEU C 554 12.43 -92.85 -0.34
C LEU C 554 11.60 -91.62 -0.03
N GLU C 555 11.99 -90.44 -0.49
CA GLU C 555 11.26 -89.23 -0.16
C GLU C 555 10.96 -88.35 -1.37
N ALA C 556 11.35 -88.75 -2.57
CA ALA C 556 11.11 -87.94 -3.76
C ALA C 556 10.64 -88.77 -4.93
N SER C 557 10.14 -89.98 -4.70
CA SER C 557 9.65 -90.81 -5.80
C SER C 557 8.51 -90.13 -6.53
N SER C 558 7.59 -89.53 -5.79
CA SER C 558 6.51 -88.73 -6.37
C SER C 558 6.83 -87.24 -6.41
N GLY C 559 7.87 -86.80 -5.71
CA GLY C 559 8.18 -85.38 -5.65
C GLY C 559 9.15 -84.92 -6.72
N ILE C 560 10.32 -85.57 -6.81
CA ILE C 560 11.30 -85.16 -7.80
C ILE C 560 10.89 -85.57 -9.21
N LEU C 561 10.04 -86.58 -9.34
CA LEU C 561 9.52 -86.92 -10.66
C LEU C 561 8.72 -85.76 -11.23
N GLU C 562 7.97 -85.07 -10.38
CA GLU C 562 7.18 -83.93 -10.83
C GLU C 562 8.08 -82.82 -11.37
N VAL C 563 9.15 -82.50 -10.65
CA VAL C 563 10.03 -81.43 -11.12
C VAL C 563 10.79 -81.88 -12.36
N LEU C 564 11.12 -83.16 -12.46
CA LEU C 564 11.72 -83.65 -13.69
C LEU C 564 10.78 -83.48 -14.87
N TYR C 565 9.50 -83.77 -14.68
CA TYR C 565 8.53 -83.58 -15.75
C TYR C 565 8.38 -82.11 -16.10
N CYS C 566 8.36 -81.25 -15.08
CA CYS C 566 8.23 -79.82 -15.33
C CYS C 566 9.41 -79.28 -16.12
N VAL C 567 10.62 -79.71 -15.77
CA VAL C 567 11.82 -79.21 -16.44
C VAL C 567 12.00 -79.80 -17.83
N LEU C 568 11.21 -80.82 -18.20
CA LEU C 568 11.36 -81.48 -19.48
C LEU C 568 10.37 -81.00 -20.52
N ILE C 569 9.67 -79.90 -20.25
CA ILE C 569 8.67 -79.36 -21.18
C ILE C 569 8.99 -77.92 -21.56
N GLU C 570 9.25 -77.07 -20.56
CA GLU C 570 9.41 -75.65 -20.83
C GLU C 570 10.70 -75.29 -21.57
N SER C 571 11.64 -76.24 -21.69
CA SER C 571 12.91 -75.99 -22.38
C SER C 571 13.17 -77.11 -23.37
N PRO C 572 12.78 -76.94 -24.63
CA PRO C 572 12.99 -78.00 -25.62
C PRO C 572 14.46 -78.33 -25.88
N GLU C 573 15.38 -77.41 -25.61
CA GLU C 573 16.78 -77.65 -25.94
C GLU C 573 17.44 -78.62 -24.96
N VAL C 574 16.97 -78.67 -23.71
CA VAL C 574 17.56 -79.57 -22.73
C VAL C 574 17.36 -81.03 -23.13
N LEU C 575 16.39 -81.31 -23.99
CA LEU C 575 16.14 -82.69 -24.41
C LEU C 575 17.29 -83.29 -25.19
N ASN C 576 18.24 -82.48 -25.65
CA ASN C 576 19.29 -82.96 -26.55
C ASN C 576 20.66 -83.07 -25.85
N ILE C 577 20.66 -83.33 -24.54
CA ILE C 577 21.91 -83.51 -23.82
C ILE C 577 21.89 -84.81 -23.02
N ILE C 578 21.12 -85.79 -23.50
CA ILE C 578 20.99 -87.07 -22.81
C ILE C 578 22.07 -88.02 -23.31
N GLN C 579 22.63 -88.81 -22.39
CA GLN C 579 23.75 -89.69 -22.69
C GLN C 579 23.40 -91.16 -22.42
N GLU C 580 22.12 -91.50 -22.50
CA GLU C 580 21.64 -92.88 -22.47
C GLU C 580 21.76 -93.53 -21.10
N ASN C 581 22.43 -92.88 -20.15
CA ASN C 581 22.46 -93.38 -18.79
C ASN C 581 21.22 -92.97 -18.02
N HIS C 582 20.72 -91.76 -18.28
CA HIS C 582 19.51 -91.29 -17.61
C HIS C 582 18.31 -92.13 -18.00
N ILE C 583 18.25 -92.58 -19.25
CA ILE C 583 17.17 -93.48 -19.67
C ILE C 583 17.23 -94.77 -18.87
N LYS C 584 18.43 -95.32 -18.69
CA LYS C 584 18.57 -96.53 -17.89
C LYS C 584 18.11 -96.31 -16.45
N SER C 585 18.50 -95.18 -15.86
CA SER C 585 18.10 -94.89 -14.49
C SER C 585 16.58 -94.76 -14.38
N ILE C 586 15.96 -94.09 -15.36
CA ILE C 586 14.51 -93.91 -15.32
C ILE C 586 13.78 -95.24 -15.47
N ILE C 587 14.26 -96.10 -16.38
CA ILE C 587 13.63 -97.41 -16.53
C ILE C 587 13.82 -98.24 -15.27
N SER C 588 14.98 -98.13 -14.63
CA SER C 588 15.19 -98.79 -13.36
C SER C 588 14.21 -98.29 -12.30
N LEU C 589 13.98 -96.98 -12.28
CA LEU C 589 13.01 -96.42 -11.33
C LEU C 589 11.62 -96.98 -11.58
N LEU C 590 11.23 -97.07 -12.85
CA LEU C 590 9.93 -97.65 -13.17
C LEU C 590 9.85 -99.10 -12.70
N ASP C 591 10.92 -99.86 -12.90
CA ASP C 591 10.91 -101.27 -12.50
C ASP C 591 10.85 -101.41 -10.99
N LYS C 592 11.56 -100.55 -10.26
CA LYS C 592 11.69 -100.68 -8.82
C LYS C 592 10.51 -100.11 -8.05
N HIS C 593 9.55 -99.48 -8.73
CA HIS C 593 8.43 -98.85 -8.03
C HIS C 593 7.09 -99.25 -8.63
N GLY C 594 7.05 -100.33 -9.42
CA GLY C 594 5.80 -100.80 -9.96
C GLY C 594 5.28 -99.92 -11.08
N ARG C 595 4.08 -100.28 -11.53
CA ARG C 595 3.45 -99.54 -12.62
C ARG C 595 3.07 -98.14 -12.17
N ASN C 596 3.18 -97.19 -13.09
CA ASN C 596 2.84 -95.80 -12.82
C ASN C 596 2.73 -95.08 -14.15
N HIS C 597 1.75 -94.17 -14.25
CA HIS C 597 1.56 -93.45 -15.49
C HIS C 597 2.45 -92.22 -15.60
N LYS C 598 2.99 -91.74 -14.49
CA LYS C 598 3.85 -90.55 -14.54
C LYS C 598 5.12 -90.83 -15.34
N VAL C 599 5.70 -92.01 -15.16
CA VAL C 599 6.91 -92.36 -15.88
C VAL C 599 6.64 -92.43 -17.37
N LEU C 600 5.51 -93.02 -17.76
CA LEU C 600 5.15 -93.09 -19.17
C LEU C 600 4.92 -91.69 -19.73
N ASP C 601 4.28 -90.83 -18.96
CA ASP C 601 4.06 -89.45 -19.42
C ASP C 601 5.39 -88.72 -19.63
N VAL C 602 6.33 -88.86 -18.69
CA VAL C 602 7.59 -88.15 -18.85
C VAL C 602 8.39 -88.73 -20.01
N LEU C 603 8.32 -90.05 -20.23
CA LEU C 603 8.98 -90.62 -21.40
C LEU C 603 8.38 -90.09 -22.69
N CYS C 604 7.05 -89.99 -22.75
CA CYS C 604 6.42 -89.43 -23.94
C CYS C 604 6.84 -88.00 -24.17
N SER C 605 6.94 -87.21 -23.10
CA SER C 605 7.44 -85.84 -23.22
C SER C 605 8.87 -85.82 -23.74
N LEU C 606 9.70 -86.74 -23.25
CA LEU C 606 11.09 -86.78 -23.66
C LEU C 606 11.24 -87.18 -25.13
N CYS C 607 10.32 -87.99 -25.64
CA CYS C 607 10.46 -88.48 -27.01
C CYS C 607 10.39 -87.35 -28.03
N VAL C 608 9.47 -86.41 -27.84
CA VAL C 608 9.27 -85.30 -28.77
C VAL C 608 9.17 -84.01 -27.95
N CYS C 609 9.91 -82.99 -28.35
CA CYS C 609 9.95 -81.75 -27.58
C CYS C 609 8.84 -80.78 -28.01
N ASN C 610 8.91 -80.30 -29.25
CA ASN C 610 7.84 -79.45 -29.78
C ASN C 610 7.94 -79.48 -31.30
N GLY C 611 7.02 -80.18 -31.96
CA GLY C 611 7.02 -80.22 -33.40
C GLY C 611 8.17 -81.05 -33.94
N VAL C 612 9.39 -80.55 -33.73
CA VAL C 612 10.57 -81.27 -34.18
C VAL C 612 10.79 -82.47 -33.27
N ALA C 613 11.10 -83.62 -33.87
CA ALA C 613 11.30 -84.87 -33.14
C ALA C 613 12.79 -85.17 -33.04
N VAL C 614 13.23 -85.49 -31.84
CA VAL C 614 14.62 -85.90 -31.61
C VAL C 614 14.72 -87.41 -31.81
N ARG C 615 15.72 -87.84 -32.58
CA ARG C 615 15.82 -89.22 -33.03
C ARG C 615 16.70 -90.09 -32.16
N SER C 616 17.79 -89.53 -31.63
CA SER C 616 18.75 -90.35 -30.88
C SER C 616 18.08 -90.99 -29.66
N ASN C 617 17.62 -90.15 -28.73
CA ASN C 617 16.97 -90.67 -27.53
C ASN C 617 15.74 -91.49 -27.86
N GLN C 618 15.06 -91.17 -28.96
CA GLN C 618 13.93 -91.98 -29.39
C GLN C 618 14.36 -93.42 -29.70
N ASP C 619 15.44 -93.57 -30.47
CA ASP C 619 15.95 -94.90 -30.76
C ASP C 619 16.49 -95.58 -29.51
N LEU C 620 17.08 -94.81 -28.59
CA LEU C 620 17.51 -95.40 -27.33
C LEU C 620 16.33 -95.96 -26.55
N ILE C 621 15.21 -95.22 -26.54
CA ILE C 621 13.99 -95.71 -25.89
C ILE C 621 13.52 -96.98 -26.56
N THR C 622 13.51 -97.01 -27.89
CA THR C 622 13.08 -98.22 -28.59
C THR C 622 13.95 -99.41 -28.23
N GLU C 623 15.27 -99.21 -28.20
CA GLU C 623 16.18 -100.30 -27.86
C GLU C 623 15.96 -100.77 -26.43
N ASN C 624 15.76 -99.84 -25.51
CA ASN C 624 15.57 -100.19 -24.10
C ASN C 624 14.17 -100.70 -23.80
N LEU C 625 13.21 -100.54 -24.72
CA LEU C 625 11.93 -101.22 -24.58
C LEU C 625 12.16 -102.72 -24.64
N LEU C 626 11.87 -103.42 -23.55
CA LEU C 626 12.25 -104.81 -23.38
C LEU C 626 11.72 -105.68 -24.51
N PRO C 627 12.59 -106.21 -25.38
CA PRO C 627 12.14 -107.19 -26.37
C PRO C 627 11.73 -108.51 -25.77
N GLY C 628 11.98 -108.72 -24.48
CA GLY C 628 11.45 -109.86 -23.76
C GLY C 628 10.08 -109.64 -23.17
N ARG C 629 9.58 -108.40 -23.20
CA ARG C 629 8.23 -108.06 -22.75
C ARG C 629 7.99 -108.46 -21.31
N GLU C 630 9.03 -108.40 -20.48
CA GLU C 630 8.90 -108.74 -19.07
C GLU C 630 8.62 -107.52 -18.19
N LEU C 631 8.47 -106.34 -18.78
CA LEU C 631 8.17 -105.13 -18.03
C LEU C 631 6.92 -104.41 -18.50
N LEU C 632 6.57 -104.51 -19.77
CA LEU C 632 5.36 -103.91 -20.31
C LEU C 632 4.43 -105.03 -20.78
N LEU C 633 3.20 -105.03 -20.27
CA LEU C 633 2.25 -106.07 -20.61
C LEU C 633 1.78 -105.93 -22.05
N GLN C 634 1.76 -107.03 -22.78
CA GLN C 634 1.41 -107.05 -24.19
C GLN C 634 0.20 -107.95 -24.41
N THR C 635 -0.16 -108.17 -25.68
CA THR C 635 -1.37 -108.88 -26.02
C THR C 635 -1.21 -109.57 -27.36
N ASN C 636 -2.13 -110.49 -27.65
CA ASN C 636 -2.17 -111.25 -28.89
C ASN C 636 -3.54 -111.91 -28.99
N LEU C 637 -3.70 -112.82 -29.95
CA LEU C 637 -4.95 -113.52 -30.16
C LEU C 637 -4.85 -114.96 -29.67
N ILE C 638 -5.90 -115.44 -29.02
CA ILE C 638 -5.95 -116.78 -28.46
C ILE C 638 -7.30 -117.40 -28.77
N ASN C 639 -7.30 -118.70 -29.10
CA ASN C 639 -8.53 -119.44 -29.33
C ASN C 639 -9.05 -120.04 -28.03
N TYR C 640 -10.36 -120.31 -28.00
CA TYR C 640 -10.99 -120.92 -26.84
C TYR C 640 -10.71 -122.41 -26.79
N VAL C 641 -10.73 -122.96 -25.58
CA VAL C 641 -10.45 -124.37 -25.34
C VAL C 641 -11.59 -124.97 -24.53
N THR C 642 -12.03 -126.17 -24.91
CA THR C 642 -13.10 -126.87 -24.22
C THR C 642 -12.74 -128.35 -24.10
N SER C 643 -13.39 -129.01 -23.15
CA SER C 643 -13.19 -130.44 -22.90
C SER C 643 -14.54 -131.08 -22.60
N ILE C 644 -14.58 -132.41 -22.75
CA ILE C 644 -15.79 -133.19 -22.51
C ILE C 644 -15.48 -134.24 -21.45
N ARG C 645 -16.35 -134.36 -20.46
CA ARG C 645 -16.16 -135.27 -19.34
C ARG C 645 -17.30 -136.27 -19.25
N PRO C 646 -17.13 -137.49 -19.74
CA PRO C 646 -18.14 -138.53 -19.51
C PRO C 646 -18.28 -138.84 -18.03
N ASN C 647 -19.51 -139.14 -17.61
CA ASN C 647 -19.83 -139.36 -16.20
C ASN C 647 -19.32 -140.72 -15.76
N ILE C 648 -18.00 -140.83 -15.65
CA ILE C 648 -17.34 -142.04 -15.16
C ILE C 648 -16.28 -141.61 -14.16
N PHE C 649 -16.26 -142.27 -13.00
CA PHE C 649 -15.37 -141.91 -11.91
C PHE C 649 -14.70 -143.17 -11.36
N VAL C 650 -13.49 -142.99 -10.83
CA VAL C 650 -12.74 -144.11 -10.27
C VAL C 650 -11.74 -143.55 -9.27
N GLY C 651 -11.44 -144.34 -8.25
CA GLY C 651 -10.48 -143.93 -7.24
C GLY C 651 -10.07 -145.11 -6.38
N ARG C 652 -8.97 -144.94 -5.67
CA ARG C 652 -8.42 -145.97 -4.81
C ARG C 652 -8.66 -145.60 -3.35
N ALA C 653 -9.24 -146.54 -2.60
CA ALA C 653 -9.52 -146.34 -1.19
C ALA C 653 -9.58 -147.70 -0.51
N GLU C 654 -9.55 -147.68 0.82
CA GLU C 654 -9.60 -148.91 1.62
C GLU C 654 -11.02 -149.47 1.56
N GLY C 655 -11.32 -150.12 0.44
CA GLY C 655 -12.64 -150.68 0.23
C GLY C 655 -12.96 -150.89 -1.24
N SER C 656 -14.16 -150.47 -1.66
CA SER C 656 -14.54 -150.63 -3.05
C SER C 656 -13.66 -149.78 -3.95
N THR C 657 -13.18 -150.39 -5.04
CA THR C 657 -12.29 -149.70 -5.97
C THR C 657 -12.65 -149.91 -7.44
N GLN C 658 -13.58 -150.82 -7.76
CA GLN C 658 -14.01 -151.08 -9.14
C GLN C 658 -12.86 -151.53 -10.02
N TYR C 659 -11.82 -152.12 -9.41
CA TYR C 659 -10.68 -152.71 -10.10
C TYR C 659 -9.81 -151.66 -10.78
N GLY C 660 -10.25 -150.41 -10.76
CA GLY C 660 -9.51 -149.28 -11.28
C GLY C 660 -8.84 -149.47 -12.63
N LYS C 661 -9.48 -150.20 -13.53
CA LYS C 661 -8.91 -150.45 -14.85
C LYS C 661 -10.06 -150.59 -15.84
N TRP C 662 -10.23 -149.57 -16.68
CA TRP C 662 -11.32 -149.53 -17.66
C TRP C 662 -10.75 -149.18 -19.02
N TYR C 663 -11.37 -149.73 -20.06
CA TYR C 663 -10.91 -149.56 -21.43
C TYR C 663 -11.78 -148.55 -22.15
N PHE C 664 -11.15 -147.60 -22.84
CA PHE C 664 -11.85 -146.55 -23.57
C PHE C 664 -11.18 -146.35 -24.92
N GLU C 665 -11.99 -146.26 -25.98
CA GLU C 665 -11.51 -146.09 -27.34
C GLU C 665 -12.03 -144.78 -27.91
N VAL C 666 -11.14 -144.02 -28.53
CA VAL C 666 -11.48 -142.74 -29.15
C VAL C 666 -10.90 -142.70 -30.55
N MET C 667 -11.71 -142.28 -31.52
CA MET C 667 -11.30 -142.17 -32.91
C MET C 667 -11.48 -140.72 -33.34
N VAL C 668 -10.51 -140.21 -34.10
CA VAL C 668 -10.47 -138.81 -34.50
C VAL C 668 -10.87 -138.69 -35.96
N ASP C 669 -11.73 -137.72 -36.24
CA ASP C 669 -12.15 -137.45 -37.62
C ASP C 669 -12.49 -135.96 -37.70
N GLU C 670 -11.55 -135.16 -38.17
CA GLU C 670 -11.72 -133.72 -38.29
C GLU C 670 -11.69 -133.32 -39.76
N VAL C 671 -11.94 -132.04 -40.00
CA VAL C 671 -11.91 -131.50 -41.36
C VAL C 671 -11.01 -130.28 -41.51
N VAL C 672 -10.59 -129.62 -40.42
CA VAL C 672 -9.71 -128.47 -40.49
C VAL C 672 -8.51 -128.72 -39.59
N PRO C 673 -7.46 -129.38 -40.09
CA PRO C 673 -6.28 -129.62 -39.25
C PRO C 673 -5.62 -128.36 -38.74
N PHE C 674 -5.64 -127.29 -39.54
CA PHE C 674 -5.03 -126.02 -39.15
C PHE C 674 -6.02 -124.91 -39.48
N LEU C 675 -6.63 -124.34 -38.46
CA LEU C 675 -7.59 -123.26 -38.67
C LEU C 675 -6.89 -122.03 -39.23
N THR C 676 -7.65 -121.22 -39.97
CA THR C 676 -7.10 -120.00 -40.53
C THR C 676 -6.62 -119.04 -39.45
N ALA C 677 -7.18 -119.13 -38.25
CA ALA C 677 -6.78 -118.24 -37.16
C ALA C 677 -5.44 -118.66 -36.57
N GLN C 678 -5.36 -119.88 -36.04
CA GLN C 678 -4.18 -120.36 -35.35
C GLN C 678 -4.13 -121.87 -35.47
N ALA C 679 -3.28 -122.49 -34.66
CA ALA C 679 -3.15 -123.95 -34.64
C ALA C 679 -4.24 -124.56 -33.78
N THR C 680 -4.93 -125.56 -34.32
CA THR C 680 -5.99 -126.23 -33.59
C THR C 680 -5.41 -127.01 -32.41
N HIS C 681 -6.13 -126.97 -31.28
CA HIS C 681 -5.69 -127.62 -30.05
C HIS C 681 -6.46 -128.91 -29.86
N LEU C 682 -5.74 -129.99 -29.54
CA LEU C 682 -6.37 -131.29 -29.33
C LEU C 682 -5.45 -132.13 -28.46
N ARG C 683 -5.96 -132.60 -27.32
CA ARG C 683 -5.18 -133.39 -26.39
C ARG C 683 -6.10 -134.34 -25.63
N VAL C 684 -5.50 -135.39 -25.08
CA VAL C 684 -6.23 -136.40 -24.31
C VAL C 684 -5.50 -136.67 -23.01
N GLY C 685 -6.26 -137.08 -22.00
CA GLY C 685 -5.66 -137.35 -20.69
C GLY C 685 -6.72 -137.59 -19.64
N TRP C 686 -6.34 -137.33 -18.39
CA TRP C 686 -7.20 -137.58 -17.24
C TRP C 686 -7.19 -136.39 -16.29
N ALA C 687 -8.26 -136.25 -15.52
CA ALA C 687 -8.41 -135.19 -14.54
C ALA C 687 -8.85 -135.79 -13.21
N LEU C 688 -8.45 -135.16 -12.12
CA LEU C 688 -8.62 -135.74 -10.78
C LEU C 688 -9.60 -134.96 -9.91
N THR C 689 -10.71 -134.51 -10.52
CA THR C 689 -11.84 -133.84 -9.84
C THR C 689 -11.40 -132.64 -9.00
N GLU C 690 -10.15 -132.21 -9.20
CA GLU C 690 -9.67 -131.01 -8.52
C GLU C 690 -9.04 -130.13 -9.60
N GLY C 691 -9.00 -130.64 -10.83
CA GLY C 691 -8.39 -129.90 -11.92
C GLY C 691 -9.42 -129.34 -12.86
N TYR C 692 -10.69 -129.40 -12.47
CA TYR C 692 -11.70 -128.78 -13.27
C TYR C 692 -11.21 -127.38 -13.53
N SER C 693 -11.06 -127.02 -14.79
CA SER C 693 -10.52 -125.71 -15.09
C SER C 693 -11.14 -124.96 -16.25
N PRO C 694 -11.74 -125.67 -17.23
CA PRO C 694 -12.23 -124.86 -18.34
C PRO C 694 -13.14 -123.74 -17.90
N TYR C 695 -12.58 -122.53 -17.89
CA TYR C 695 -13.32 -121.32 -17.57
C TYR C 695 -13.09 -120.37 -18.73
N PRO C 696 -14.01 -120.35 -19.70
CA PRO C 696 -13.77 -119.58 -20.94
C PRO C 696 -13.25 -118.18 -20.67
N GLY C 697 -12.01 -117.93 -21.09
CA GLY C 697 -11.31 -116.71 -20.79
C GLY C 697 -9.83 -116.97 -20.69
N GLY C 698 -9.14 -116.16 -19.89
CA GLY C 698 -7.70 -116.28 -19.75
C GLY C 698 -7.34 -117.35 -18.73
N GLY C 699 -6.35 -118.18 -19.07
CA GLY C 699 -5.83 -119.19 -18.19
C GLY C 699 -4.56 -118.74 -17.49
N GLU C 700 -3.77 -119.72 -17.05
CA GLU C 700 -2.50 -119.41 -16.41
C GLU C 700 -1.43 -119.04 -17.43
N GLY C 701 -1.44 -119.68 -18.60
CA GLY C 701 -0.49 -119.33 -19.64
C GLY C 701 -1.08 -118.37 -20.64
N TRP C 702 -1.35 -118.86 -21.85
CA TRP C 702 -2.02 -118.09 -22.90
C TRP C 702 -3.17 -118.96 -23.39
N GLY C 703 -4.31 -118.87 -22.73
CA GLY C 703 -5.44 -119.71 -23.03
C GLY C 703 -5.63 -120.82 -22.02
N GLY C 704 -6.86 -120.97 -21.52
CA GLY C 704 -7.15 -121.95 -20.50
C GLY C 704 -7.34 -123.36 -21.05
N ASN C 705 -6.25 -124.00 -21.41
CA ASN C 705 -6.31 -125.33 -22.00
C ASN C 705 -6.94 -126.33 -21.04
N GLY C 706 -7.71 -127.27 -21.59
CA GLY C 706 -8.45 -128.19 -20.75
C GLY C 706 -7.56 -129.13 -19.96
N VAL C 707 -6.55 -129.70 -20.60
CA VAL C 707 -5.68 -130.68 -19.96
C VAL C 707 -4.23 -130.31 -20.22
N GLY C 708 -3.36 -130.81 -19.34
CA GLY C 708 -1.93 -130.75 -19.55
C GLY C 708 -1.26 -129.45 -19.19
N ASP C 709 -2.01 -128.43 -18.77
CA ASP C 709 -1.45 -127.14 -18.39
C ASP C 709 -1.62 -126.85 -16.91
N ASP C 710 -1.91 -127.88 -16.11
CA ASP C 710 -2.08 -127.71 -14.68
C ASP C 710 -1.73 -129.03 -13.99
N LEU C 711 -1.24 -128.93 -12.76
CA LEU C 711 -0.82 -130.11 -12.03
C LEU C 711 -1.99 -131.03 -11.68
N TYR C 712 -3.21 -130.51 -11.63
CA TYR C 712 -4.38 -131.31 -11.33
C TYR C 712 -4.95 -131.99 -12.57
N SER C 713 -4.17 -132.09 -13.63
CA SER C 713 -4.61 -132.77 -14.85
C SER C 713 -3.38 -133.30 -15.57
N TYR C 714 -3.60 -134.33 -16.39
CA TYR C 714 -2.56 -134.96 -17.17
C TYR C 714 -3.03 -135.10 -18.60
N GLY C 715 -2.12 -134.88 -19.55
CA GLY C 715 -2.48 -134.83 -20.95
C GLY C 715 -1.44 -135.45 -21.84
N PHE C 716 -1.87 -135.74 -23.07
CA PHE C 716 -1.00 -136.27 -24.12
C PHE C 716 -1.24 -135.48 -25.39
N ASP C 717 -0.16 -135.15 -26.09
CA ASP C 717 -0.22 -134.26 -27.25
C ASP C 717 0.15 -134.97 -28.55
N GLY C 718 -0.06 -136.28 -28.61
CA GLY C 718 0.27 -137.03 -29.82
C GLY C 718 1.75 -137.25 -30.02
N LEU C 719 2.55 -136.19 -29.97
CA LEU C 719 3.99 -136.30 -30.05
C LEU C 719 4.69 -135.70 -28.83
N HIS C 720 3.93 -135.24 -27.85
CA HIS C 720 4.49 -134.69 -26.62
C HIS C 720 3.56 -135.04 -25.46
N LEU C 721 4.06 -134.84 -24.25
CA LEU C 721 3.25 -134.94 -23.04
C LEU C 721 3.12 -133.56 -22.42
N TRP C 722 1.98 -133.30 -21.79
CA TRP C 722 1.68 -131.98 -21.25
C TRP C 722 1.36 -132.11 -19.77
N THR C 723 2.17 -131.49 -18.92
CA THR C 723 1.93 -131.42 -17.48
C THR C 723 2.31 -130.03 -17.01
N GLY C 724 1.31 -129.22 -16.65
CA GLY C 724 1.58 -127.92 -16.09
C GLY C 724 2.35 -126.98 -17.01
N HIS C 725 1.89 -126.87 -18.25
CA HIS C 725 2.50 -125.98 -19.25
C HIS C 725 3.93 -126.41 -19.57
N VAL C 726 4.16 -127.72 -19.62
CA VAL C 726 5.45 -128.28 -20.05
C VAL C 726 5.17 -129.31 -21.14
N ALA C 727 5.92 -129.23 -22.24
CA ALA C 727 5.64 -130.04 -23.41
C ALA C 727 6.83 -130.93 -23.77
N ARG C 728 7.39 -131.64 -22.81
CA ARG C 728 8.54 -132.49 -23.08
C ARG C 728 8.19 -133.55 -24.10
N PRO C 729 9.02 -133.76 -25.11
CA PRO C 729 8.69 -134.73 -26.16
C PRO C 729 8.91 -136.17 -25.71
N VAL C 730 8.23 -137.08 -26.41
CA VAL C 730 8.36 -138.51 -26.19
C VAL C 730 8.51 -139.18 -27.54
N THR C 731 9.52 -140.04 -27.66
CA THR C 731 9.82 -140.73 -28.91
C THR C 731 8.98 -142.01 -28.98
N SER C 732 7.97 -142.02 -29.84
CA SER C 732 7.08 -143.15 -30.00
C SER C 732 7.01 -143.55 -31.45
N PRO C 733 6.72 -144.83 -31.74
CA PRO C 733 6.57 -145.25 -33.14
C PRO C 733 5.49 -144.45 -33.84
N GLY C 734 5.76 -144.07 -35.10
CA GLY C 734 4.88 -143.18 -35.81
C GLY C 734 5.02 -141.75 -35.31
N GLN C 735 6.21 -141.19 -35.46
CA GLN C 735 6.50 -139.86 -34.93
C GLN C 735 5.84 -138.77 -35.78
N HIS C 736 4.65 -138.34 -35.37
CA HIS C 736 3.94 -137.26 -36.03
C HIS C 736 2.86 -136.75 -35.07
N LEU C 737 2.03 -135.83 -35.56
CA LEU C 737 1.00 -135.22 -34.74
C LEU C 737 -0.20 -136.16 -34.63
N LEU C 738 -1.28 -135.69 -34.00
CA LEU C 738 -2.52 -136.45 -33.87
C LEU C 738 -3.24 -136.41 -35.21
N ALA C 739 -2.77 -137.24 -36.13
CA ALA C 739 -3.36 -137.30 -37.46
C ALA C 739 -4.79 -137.82 -37.37
N PRO C 740 -5.69 -137.34 -38.24
CA PRO C 740 -7.07 -137.82 -38.22
C PRO C 740 -7.16 -139.28 -38.63
N GLU C 741 -8.35 -139.84 -38.46
CA GLU C 741 -8.63 -141.24 -38.79
C GLU C 741 -7.69 -142.18 -38.04
N ASP C 742 -7.48 -141.89 -36.76
CA ASP C 742 -6.65 -142.71 -35.89
C ASP C 742 -7.43 -143.04 -34.63
N VAL C 743 -7.04 -144.16 -34.00
CA VAL C 743 -7.68 -144.65 -32.79
C VAL C 743 -6.64 -144.70 -31.68
N VAL C 744 -6.99 -144.15 -30.52
CA VAL C 744 -6.11 -144.11 -29.35
C VAL C 744 -6.81 -144.83 -28.20
N SER C 745 -6.09 -145.74 -27.56
CA SER C 745 -6.62 -146.48 -26.42
C SER C 745 -6.21 -145.80 -25.13
N CYS C 746 -7.17 -145.58 -24.23
CA CYS C 746 -6.92 -144.95 -22.95
C CYS C 746 -6.52 -146.02 -21.94
N CYS C 747 -5.30 -145.90 -21.40
CA CYS C 747 -4.78 -146.85 -20.44
C CYS C 747 -4.95 -146.28 -19.04
N LEU C 748 -5.66 -147.02 -18.18
CA LEU C 748 -5.93 -146.59 -16.82
C LEU C 748 -5.28 -147.57 -15.85
N ASP C 749 -4.54 -147.04 -14.87
CA ASP C 749 -3.85 -147.86 -13.88
C ASP C 749 -4.10 -147.25 -12.50
N LEU C 750 -4.97 -147.88 -11.72
CA LEU C 750 -5.25 -147.43 -10.36
C LEU C 750 -4.57 -148.29 -9.30
N SER C 751 -4.47 -149.60 -9.53
CA SER C 751 -3.77 -150.47 -8.58
C SER C 751 -2.32 -150.04 -8.44
N VAL C 752 -1.67 -149.72 -9.55
CA VAL C 752 -0.38 -149.07 -9.57
C VAL C 752 -0.57 -147.69 -10.19
N PRO C 753 -0.09 -146.61 -9.59
CA PRO C 753 -0.29 -145.29 -10.18
C PRO C 753 0.51 -145.12 -11.46
N SER C 754 -0.17 -145.16 -12.60
CA SER C 754 0.49 -145.03 -13.89
C SER C 754 -0.54 -144.64 -14.94
N ILE C 755 -0.07 -144.01 -16.00
CA ILE C 755 -0.90 -143.65 -17.14
C ILE C 755 -0.12 -143.94 -18.41
N SER C 756 -0.58 -144.89 -19.20
CA SER C 756 0.07 -145.28 -20.44
C SER C 756 -0.76 -144.86 -21.64
N PHE C 757 -0.15 -144.97 -22.81
CA PHE C 757 -0.80 -144.56 -24.05
C PHE C 757 -0.45 -145.52 -25.18
N ARG C 758 -1.35 -145.60 -26.16
CA ARG C 758 -1.13 -146.35 -27.39
C ARG C 758 -1.54 -145.45 -28.54
N ILE C 759 -0.58 -145.08 -29.39
CA ILE C 759 -0.84 -144.09 -30.42
C ILE C 759 -1.84 -144.60 -31.44
N ASN C 760 -1.47 -145.62 -32.22
CA ASN C 760 -2.43 -146.35 -33.05
C ASN C 760 -2.46 -147.83 -32.70
N GLY C 761 -1.32 -148.50 -32.74
CA GLY C 761 -1.21 -149.87 -32.29
C GLY C 761 0.04 -150.08 -31.47
N CYS C 762 0.92 -149.07 -31.48
CA CYS C 762 2.23 -149.17 -30.84
C CYS C 762 2.23 -148.45 -29.50
N PRO C 763 2.94 -148.99 -28.52
CA PRO C 763 2.99 -148.36 -27.20
C PRO C 763 3.79 -147.06 -27.23
N VAL C 764 3.49 -146.21 -26.26
CA VAL C 764 4.16 -144.93 -26.09
C VAL C 764 5.08 -145.04 -24.88
N GLN C 765 6.36 -144.71 -25.08
CA GLN C 765 7.38 -144.92 -24.06
C GLN C 765 7.36 -143.86 -22.97
N GLY C 766 6.30 -143.07 -22.86
CA GLY C 766 6.16 -142.13 -21.77
C GLY C 766 4.97 -142.46 -20.89
N VAL C 767 5.22 -142.85 -19.64
CA VAL C 767 4.17 -143.25 -18.72
C VAL C 767 4.38 -142.52 -17.40
N PHE C 768 3.33 -141.88 -16.91
CA PHE C 768 3.39 -141.20 -15.63
C PHE C 768 3.36 -142.20 -14.48
N GLU C 769 3.68 -141.72 -13.28
CA GLU C 769 3.68 -142.56 -12.10
C GLU C 769 3.78 -141.65 -10.88
N ALA C 770 3.50 -142.24 -9.71
CA ALA C 770 3.70 -141.59 -8.41
C ALA C 770 2.99 -140.24 -8.34
N PHE C 771 1.74 -140.22 -8.80
CA PHE C 771 0.94 -139.00 -8.78
C PHE C 771 -0.09 -139.07 -7.65
N ASN C 772 -0.95 -138.07 -7.59
CA ASN C 772 -1.87 -137.93 -6.48
C ASN C 772 -2.96 -139.00 -6.55
N LEU C 773 -3.69 -139.16 -5.44
CA LEU C 773 -4.66 -140.23 -5.33
C LEU C 773 -6.04 -139.71 -4.90
N ASP C 774 -6.06 -138.65 -4.09
CA ASP C 774 -7.31 -138.16 -3.52
C ASP C 774 -8.13 -137.44 -4.59
N GLY C 775 -8.99 -138.21 -5.24
CA GLY C 775 -9.85 -137.67 -6.27
C GLY C 775 -10.28 -138.74 -7.24
N LEU C 776 -11.35 -138.42 -7.97
CA LEU C 776 -11.90 -139.33 -8.97
C LEU C 776 -11.40 -138.93 -10.35
N PHE C 777 -10.99 -139.93 -11.13
CA PHE C 777 -10.37 -139.70 -12.42
C PHE C 777 -11.37 -139.86 -13.55
N PHE C 778 -11.25 -138.99 -14.57
CA PHE C 778 -12.14 -139.02 -15.71
C PHE C 778 -11.34 -139.26 -16.99
N PRO C 779 -11.92 -139.98 -17.95
CA PRO C 779 -11.37 -139.97 -19.31
C PRO C 779 -11.80 -138.72 -20.03
N VAL C 780 -10.88 -137.78 -20.20
CA VAL C 780 -11.20 -136.45 -20.73
C VAL C 780 -10.33 -136.16 -21.95
N VAL C 781 -10.93 -135.51 -22.94
CA VAL C 781 -10.25 -135.12 -24.17
C VAL C 781 -10.33 -133.61 -24.29
N SER C 782 -9.18 -132.98 -24.55
CA SER C 782 -9.10 -131.54 -24.77
C SER C 782 -9.13 -131.27 -26.26
N PHE C 783 -9.94 -130.28 -26.66
CA PHE C 783 -10.14 -130.00 -28.07
C PHE C 783 -10.44 -128.53 -28.28
N SER C 784 -10.01 -128.01 -29.43
CA SER C 784 -10.30 -126.64 -29.81
C SER C 784 -11.58 -126.61 -30.65
N ALA C 785 -11.84 -125.48 -31.29
CA ALA C 785 -13.03 -125.35 -32.13
C ALA C 785 -12.86 -126.12 -33.43
N GLY C 786 -13.99 -126.47 -34.03
CA GLY C 786 -13.99 -127.17 -35.31
C GLY C 786 -13.42 -128.57 -35.26
N VAL C 787 -13.78 -129.36 -34.25
CA VAL C 787 -13.31 -130.73 -34.11
C VAL C 787 -14.51 -131.61 -33.77
N LYS C 788 -14.66 -132.72 -34.50
CA LYS C 788 -15.68 -133.72 -34.23
C LYS C 788 -15.01 -135.02 -33.84
N VAL C 789 -15.45 -135.60 -32.72
CA VAL C 789 -14.85 -136.80 -32.18
C VAL C 789 -15.96 -137.79 -31.82
N ARG C 790 -15.57 -139.07 -31.71
CA ARG C 790 -16.50 -140.15 -31.46
C ARG C 790 -16.03 -140.96 -30.25
N PHE C 791 -16.97 -141.31 -29.38
CA PHE C 791 -16.70 -142.15 -28.22
C PHE C 791 -17.18 -143.57 -28.50
N LEU C 792 -16.66 -144.51 -27.72
CA LEU C 792 -17.03 -145.92 -27.86
C LEU C 792 -17.26 -146.49 -26.47
N LEU C 793 -18.50 -146.90 -26.19
CA LEU C 793 -18.82 -147.49 -24.90
C LEU C 793 -18.09 -148.81 -24.70
N GLY C 794 -18.19 -149.71 -25.68
CA GLY C 794 -17.58 -151.01 -25.60
C GLY C 794 -18.47 -152.10 -25.06
N GLY C 795 -19.54 -151.75 -24.36
CA GLY C 795 -20.43 -152.74 -23.80
C GLY C 795 -21.84 -152.67 -24.33
N ARG C 796 -22.30 -151.47 -24.69
CA ARG C 796 -23.66 -151.27 -25.15
C ARG C 796 -23.73 -150.83 -26.61
N HIS C 797 -23.05 -149.75 -26.97
CA HIS C 797 -23.10 -149.26 -28.35
C HIS C 797 -21.74 -148.81 -28.86
N GLY C 798 -20.66 -149.24 -28.22
CA GLY C 798 -19.33 -148.88 -28.67
C GLY C 798 -18.61 -150.02 -29.34
N GLU C 799 -18.42 -149.93 -30.65
CA GLU C 799 -17.76 -150.99 -31.42
C GLU C 799 -16.26 -150.89 -31.16
N PHE C 800 -15.81 -151.51 -30.07
CA PHE C 800 -14.40 -151.51 -29.75
C PHE C 800 -13.60 -152.23 -30.84
N LYS C 801 -12.52 -151.60 -31.29
CA LYS C 801 -11.67 -152.16 -32.33
C LYS C 801 -10.34 -152.67 -31.77
N PHE C 802 -9.58 -151.82 -31.09
CA PHE C 802 -8.31 -152.24 -30.55
C PHE C 802 -8.50 -153.11 -29.32
N LEU C 803 -7.61 -154.08 -29.16
CA LEU C 803 -7.72 -155.03 -28.06
C LEU C 803 -7.52 -154.33 -26.72
N PRO C 804 -8.36 -154.59 -25.72
CA PRO C 804 -8.13 -153.98 -24.41
C PRO C 804 -6.93 -154.61 -23.73
N PRO C 805 -6.22 -153.84 -22.90
CA PRO C 805 -5.19 -154.46 -22.05
C PRO C 805 -5.82 -155.41 -21.07
N PRO C 806 -5.07 -156.42 -20.60
CA PRO C 806 -5.67 -157.42 -19.72
C PRO C 806 -6.21 -156.80 -18.43
N GLY C 807 -7.33 -157.33 -17.97
CA GLY C 807 -7.96 -156.85 -16.75
C GLY C 807 -8.51 -155.45 -16.83
N TYR C 808 -9.19 -155.11 -17.93
CA TYR C 808 -9.81 -153.80 -18.09
C TYR C 808 -11.30 -153.96 -18.35
N ALA C 809 -12.10 -153.10 -17.71
CA ALA C 809 -13.55 -153.23 -17.75
C ALA C 809 -14.13 -152.25 -18.74
N PRO C 810 -14.81 -152.70 -19.79
CA PRO C 810 -15.51 -151.78 -20.71
C PRO C 810 -16.93 -151.48 -20.25
N CYS C 811 -17.05 -150.89 -19.06
CA CYS C 811 -18.32 -150.48 -18.47
C CYS C 811 -19.26 -151.69 -18.32
N HIS C 812 -18.84 -152.61 -17.45
CA HIS C 812 -19.54 -153.88 -17.27
C HIS C 812 -20.18 -154.06 -15.91
N GLU C 813 -19.55 -153.60 -14.82
CA GLU C 813 -20.02 -153.95 -13.49
C GLU C 813 -21.05 -152.97 -12.95
N ALA C 814 -20.65 -151.70 -12.78
CA ALA C 814 -21.55 -150.70 -12.22
C ALA C 814 -21.05 -149.32 -12.65
N VAL C 815 -21.70 -148.75 -13.67
CA VAL C 815 -21.45 -147.38 -14.10
C VAL C 815 -22.80 -146.69 -14.24
N LEU C 816 -22.99 -145.59 -13.51
CA LEU C 816 -24.25 -144.85 -13.47
C LEU C 816 -25.38 -145.80 -13.08
N PRO C 817 -25.42 -146.26 -11.83
CA PRO C 817 -26.44 -147.27 -11.46
C PRO C 817 -27.87 -146.78 -11.63
N ARG C 818 -28.14 -145.50 -11.40
CA ARG C 818 -29.49 -144.96 -11.45
C ARG C 818 -29.71 -144.04 -12.64
N GLU C 819 -28.88 -144.15 -13.67
CA GLU C 819 -28.98 -143.28 -14.84
C GLU C 819 -28.26 -143.94 -16.00
N ARG C 820 -28.06 -143.19 -17.07
CA ARG C 820 -27.33 -143.66 -18.25
C ARG C 820 -26.13 -142.77 -18.51
N LEU C 821 -25.17 -143.30 -19.25
CA LEU C 821 -23.95 -142.55 -19.56
C LEU C 821 -24.27 -141.31 -20.36
N ARG C 822 -23.70 -140.17 -19.93
CA ARG C 822 -23.94 -138.90 -20.57
C ARG C 822 -22.64 -138.11 -20.66
N LEU C 823 -22.65 -137.08 -21.49
CA LEU C 823 -21.52 -136.18 -21.65
C LEU C 823 -21.95 -134.78 -21.22
N GLU C 824 -21.11 -134.14 -20.40
CA GLU C 824 -21.40 -132.78 -19.95
C GLU C 824 -20.10 -132.11 -19.54
N PRO C 825 -19.87 -130.86 -19.94
CA PRO C 825 -18.64 -130.18 -19.52
C PRO C 825 -18.63 -129.96 -18.01
N ILE C 826 -17.43 -129.99 -17.44
CA ILE C 826 -17.25 -129.84 -16.01
C ILE C 826 -17.41 -128.38 -15.62
N LYS C 827 -18.09 -128.14 -14.49
CA LYS C 827 -18.30 -126.80 -13.97
C LYS C 827 -18.96 -125.89 -15.00
N GLU C 828 -19.91 -126.44 -15.76
CA GLU C 828 -20.59 -125.67 -16.79
C GLU C 828 -21.57 -124.68 -16.16
N TYR C 829 -21.11 -123.44 -15.95
CA TYR C 829 -21.98 -122.44 -15.35
C TYR C 829 -22.94 -121.80 -16.35
N ARG C 830 -22.81 -122.11 -17.63
CA ARG C 830 -23.69 -121.56 -18.65
C ARG C 830 -24.09 -122.66 -19.62
N ARG C 831 -25.36 -122.67 -20.01
CA ARG C 831 -25.85 -123.62 -20.99
C ARG C 831 -27.11 -123.06 -21.64
N GLU C 832 -27.32 -123.46 -22.90
CA GLU C 832 -28.46 -122.96 -23.65
C GLU C 832 -29.74 -123.59 -23.15
N GLY C 833 -30.86 -123.02 -23.59
CA GLY C 833 -32.16 -123.54 -23.26
C GLY C 833 -33.18 -123.31 -24.36
N PRO C 834 -34.31 -124.01 -24.28
CA PRO C 834 -35.36 -123.81 -25.30
C PRO C 834 -35.88 -122.39 -25.37
N ARG C 835 -35.93 -121.68 -24.25
CA ARG C 835 -36.40 -120.31 -24.20
C ARG C 835 -35.25 -119.30 -24.15
N GLY C 836 -34.25 -119.57 -23.30
CA GLY C 836 -33.11 -118.69 -23.17
C GLY C 836 -31.98 -119.38 -22.44
N PRO C 837 -30.89 -118.65 -22.19
CA PRO C 837 -29.78 -119.23 -21.44
C PRO C 837 -30.21 -119.61 -20.04
N HIS C 838 -29.68 -120.74 -19.56
CA HIS C 838 -29.99 -121.24 -18.22
C HIS C 838 -28.67 -121.39 -17.46
N LEU C 839 -28.22 -120.31 -16.84
CA LEU C 839 -27.04 -120.37 -16.00
C LEU C 839 -27.34 -121.17 -14.73
N VAL C 840 -26.38 -121.99 -14.30
CA VAL C 840 -26.56 -122.87 -13.16
C VAL C 840 -25.44 -122.61 -12.15
N GLY C 841 -25.70 -123.01 -10.91
CA GLY C 841 -24.73 -122.86 -9.86
C GLY C 841 -23.76 -124.04 -9.82
N PRO C 842 -23.06 -124.20 -8.70
CA PRO C 842 -22.12 -125.31 -8.59
C PRO C 842 -22.84 -126.64 -8.54
N SER C 843 -22.13 -127.68 -8.98
CA SER C 843 -22.67 -129.03 -9.03
C SER C 843 -21.91 -129.92 -8.04
N ARG C 844 -22.66 -130.75 -7.31
CA ARG C 844 -22.07 -131.65 -6.34
C ARG C 844 -21.34 -132.80 -7.03
N ILE C 861 -23.15 -156.32 34.04
CA ILE C 861 -22.69 -157.52 33.36
C ILE C 861 -23.83 -158.52 33.23
N VAL C 862 -25.02 -158.02 32.90
CA VAL C 862 -26.21 -158.84 32.76
C VAL C 862 -26.83 -158.57 31.40
N LEU C 863 -27.07 -159.63 30.63
CA LEU C 863 -27.78 -159.51 29.36
C LEU C 863 -29.22 -159.94 29.57
N PRO C 864 -30.20 -159.05 29.40
CA PRO C 864 -31.61 -159.41 29.62
C PRO C 864 -32.00 -160.62 28.79
N PRO C 865 -32.44 -161.70 29.45
CA PRO C 865 -32.83 -162.91 28.71
C PRO C 865 -34.11 -162.76 27.91
N HIS C 866 -34.82 -161.63 28.04
CA HIS C 866 -36.02 -161.43 27.24
C HIS C 866 -35.70 -161.41 25.75
N LEU C 867 -34.64 -160.71 25.37
CA LEU C 867 -34.20 -160.71 23.98
C LEU C 867 -33.79 -162.12 23.56
N GLU C 868 -33.10 -162.85 24.45
CA GLU C 868 -32.64 -164.18 24.14
C GLU C 868 -33.80 -165.14 23.86
N ARG C 869 -34.87 -165.02 24.64
CA ARG C 869 -36.03 -165.87 24.40
C ARG C 869 -36.94 -165.34 23.30
N ILE C 870 -36.80 -164.08 22.91
CA ILE C 870 -37.69 -163.54 21.90
C ILE C 870 -37.13 -163.68 20.48
N ARG C 871 -35.80 -163.66 20.29
CA ARG C 871 -35.33 -163.73 18.91
C ARG C 871 -35.44 -165.15 18.35
N GLU C 872 -35.43 -166.16 19.22
CA GLU C 872 -35.75 -167.51 18.77
C GLU C 872 -37.16 -167.58 18.20
N LYS C 873 -38.13 -167.01 18.93
CA LYS C 873 -39.51 -167.00 18.44
C LYS C 873 -39.64 -166.14 17.19
N LEU C 874 -38.88 -165.05 17.11
CA LEU C 874 -38.91 -164.21 15.92
C LEU C 874 -38.40 -164.96 14.70
N ALA C 875 -37.28 -165.68 14.85
CA ALA C 875 -36.78 -166.51 13.74
C ALA C 875 -37.78 -167.60 13.39
N GLU C 876 -38.39 -168.22 14.40
CA GLU C 876 -39.39 -169.26 14.15
C GLU C 876 -40.55 -168.71 13.34
N ASN C 877 -41.02 -167.51 13.69
CA ASN C 877 -42.14 -166.90 12.98
C ASN C 877 -41.75 -166.51 11.56
N ILE C 878 -40.56 -165.92 11.37
CA ILE C 878 -40.19 -165.43 10.06
C ILE C 878 -39.87 -166.59 9.12
N HIS C 879 -39.45 -167.75 9.64
CA HIS C 879 -39.19 -168.88 8.76
C HIS C 879 -40.48 -169.41 8.14
N GLU C 880 -41.59 -169.39 8.88
CA GLU C 880 -42.86 -169.79 8.29
C GLU C 880 -43.25 -168.86 7.15
N LEU C 881 -43.06 -167.56 7.33
CA LEU C 881 -43.33 -166.61 6.25
C LEU C 881 -42.39 -166.83 5.08
N TRP C 882 -41.14 -167.19 5.36
CA TRP C 882 -40.19 -167.55 4.30
C TRP C 882 -40.71 -168.73 3.48
N ALA C 883 -41.13 -169.79 4.16
CA ALA C 883 -41.65 -170.96 3.47
C ALA C 883 -42.90 -170.63 2.67
N LEU C 884 -43.79 -169.81 3.25
CA LEU C 884 -45.00 -169.39 2.55
C LEU C 884 -44.66 -168.61 1.28
N THR C 885 -43.76 -167.63 1.40
CA THR C 885 -43.39 -166.84 0.23
C THR C 885 -42.74 -167.70 -0.84
N ARG C 886 -41.90 -168.66 -0.42
CA ARG C 886 -41.27 -169.55 -1.38
C ARG C 886 -42.31 -170.40 -2.11
N ILE C 887 -43.22 -171.01 -1.36
CA ILE C 887 -44.16 -171.93 -2.01
C ILE C 887 -45.17 -171.19 -2.89
N GLU C 888 -45.61 -169.99 -2.49
CA GLU C 888 -46.43 -169.21 -3.39
C GLU C 888 -45.64 -168.46 -4.45
N GLN C 889 -44.30 -168.52 -4.40
CA GLN C 889 -43.48 -167.99 -5.48
C GLN C 889 -43.20 -169.03 -6.56
N GLY C 890 -43.76 -170.23 -6.44
CA GLY C 890 -43.49 -171.31 -7.36
C GLY C 890 -42.45 -172.30 -6.90
N TRP C 891 -41.88 -172.11 -5.70
CA TRP C 891 -40.88 -173.03 -5.16
C TRP C 891 -41.59 -174.19 -4.48
N THR C 892 -42.10 -175.10 -5.30
CA THR C 892 -42.73 -176.30 -4.78
C THR C 892 -41.70 -177.21 -4.13
N TYR C 893 -42.15 -178.00 -3.16
CA TYR C 893 -41.25 -178.91 -2.46
C TYR C 893 -40.65 -179.91 -3.43
N GLY C 894 -39.33 -180.10 -3.33
CA GLY C 894 -38.63 -180.99 -4.22
C GLY C 894 -37.62 -181.86 -3.49
N PRO C 895 -37.44 -183.09 -3.97
CA PRO C 895 -36.47 -183.99 -3.33
C PRO C 895 -35.04 -183.47 -3.33
N VAL C 896 -34.64 -182.73 -4.36
CA VAL C 896 -33.26 -182.28 -4.53
C VAL C 896 -33.20 -180.78 -4.27
N ARG C 897 -32.18 -180.36 -3.52
CA ARG C 897 -31.95 -178.96 -3.21
C ARG C 897 -31.19 -178.32 -4.36
N ASP C 898 -31.92 -177.71 -5.28
CA ASP C 898 -31.33 -177.02 -6.43
C ASP C 898 -32.07 -175.71 -6.63
N ASP C 899 -31.37 -174.59 -6.44
CA ASP C 899 -31.99 -173.27 -6.62
C ASP C 899 -32.38 -173.05 -8.08
N ASN C 900 -31.55 -173.51 -9.01
CA ASN C 900 -31.88 -173.38 -10.43
C ASN C 900 -33.14 -174.17 -10.77
N LYS C 901 -33.27 -175.36 -10.19
CA LYS C 901 -34.47 -176.18 -10.40
C LYS C 901 -35.70 -175.58 -9.74
N ARG C 902 -35.55 -174.55 -8.91
CA ARG C 902 -36.60 -173.83 -8.20
C ARG C 902 -37.26 -174.68 -7.12
N LEU C 903 -36.85 -175.94 -6.95
CA LEU C 903 -37.40 -176.75 -5.88
C LEU C 903 -36.92 -176.24 -4.53
N HIS C 904 -37.80 -176.32 -3.53
CA HIS C 904 -37.53 -175.80 -2.19
C HIS C 904 -37.76 -176.89 -1.17
N PRO C 905 -36.77 -177.75 -0.94
CA PRO C 905 -36.87 -178.75 0.13
C PRO C 905 -36.77 -178.16 1.52
N CYS C 906 -36.66 -176.85 1.66
CA CYS C 906 -36.62 -176.18 2.95
C CYS C 906 -38.00 -175.92 3.53
N LEU C 907 -39.05 -176.45 2.91
CA LEU C 907 -40.40 -176.32 3.44
C LEU C 907 -40.63 -177.35 4.54
N VAL C 908 -39.75 -177.37 5.53
CA VAL C 908 -39.76 -178.36 6.60
C VAL C 908 -39.44 -177.65 7.91
N ASN C 909 -39.35 -178.43 8.98
CA ASN C 909 -39.08 -177.87 10.29
C ASN C 909 -37.63 -177.39 10.40
N PHE C 910 -37.34 -176.71 11.51
CA PHE C 910 -36.04 -176.04 11.67
C PHE C 910 -34.92 -177.05 11.83
N HIS C 911 -35.13 -178.08 12.65
CA HIS C 911 -34.10 -179.11 12.81
C HIS C 911 -33.86 -179.85 11.50
N SER C 912 -34.88 -179.94 10.65
CA SER C 912 -34.73 -180.55 9.33
C SER C 912 -34.04 -179.62 8.34
N LEU C 913 -34.02 -178.32 8.61
CA LEU C 913 -33.32 -177.39 7.74
C LEU C 913 -31.82 -177.62 7.82
N PRO C 914 -31.08 -177.27 6.77
CA PRO C 914 -29.61 -177.35 6.84
C PRO C 914 -29.05 -176.43 7.92
N GLU C 915 -27.97 -176.89 8.54
CA GLU C 915 -27.32 -176.09 9.58
C GLU C 915 -26.90 -174.69 9.12
N PRO C 916 -26.34 -174.50 7.91
CA PRO C 916 -25.98 -173.13 7.51
C PRO C 916 -27.15 -172.15 7.51
N GLU C 917 -28.35 -172.59 7.13
CA GLU C 917 -29.49 -171.68 7.11
C GLU C 917 -29.91 -171.28 8.52
N ARG C 918 -29.90 -172.24 9.45
CA ARG C 918 -30.22 -171.91 10.84
C ARG C 918 -29.16 -170.99 11.44
N ASN C 919 -27.89 -171.23 11.10
CA ASN C 919 -26.83 -170.33 11.55
C ASN C 919 -27.02 -168.94 10.98
N TYR C 920 -27.45 -168.85 9.72
CA TYR C 920 -27.73 -167.55 9.11
C TYR C 920 -28.86 -166.84 9.84
N ASN C 921 -29.92 -167.57 10.19
CA ASN C 921 -31.02 -166.98 10.94
C ASN C 921 -30.53 -166.46 12.28
N LEU C 922 -29.76 -167.27 13.00
CA LEU C 922 -29.28 -166.86 14.32
C LEU C 922 -28.37 -165.64 14.22
N GLN C 923 -27.46 -165.62 13.25
CA GLN C 923 -26.53 -164.50 13.13
C GLN C 923 -27.25 -163.24 12.69
N MET C 924 -28.26 -163.35 11.81
CA MET C 924 -28.99 -162.17 11.40
C MET C 924 -29.81 -161.62 12.58
N SER C 925 -30.40 -162.50 13.38
CA SER C 925 -31.10 -162.04 14.57
C SER C 925 -30.15 -161.33 15.53
N GLY C 926 -28.96 -161.91 15.74
CA GLY C 926 -27.99 -161.29 16.62
C GLY C 926 -27.52 -159.93 16.11
N GLU C 927 -27.29 -159.83 14.80
CA GLU C 927 -26.87 -158.56 14.22
C GLU C 927 -27.98 -157.52 14.32
N THR C 928 -29.22 -157.91 14.10
CA THR C 928 -30.33 -156.98 14.28
C THR C 928 -30.43 -156.50 15.71
N LEU C 929 -30.25 -157.42 16.67
CA LEU C 929 -30.26 -157.03 18.08
C LEU C 929 -29.13 -156.06 18.39
N LYS C 930 -27.93 -156.33 17.87
CA LYS C 930 -26.79 -155.45 18.12
C LYS C 930 -27.02 -154.07 17.51
N THR C 931 -27.56 -154.01 16.29
CA THR C 931 -27.84 -152.73 15.66
C THR C 931 -28.91 -151.97 16.43
N LEU C 932 -29.96 -152.67 16.89
CA LEU C 932 -30.97 -152.02 17.70
C LEU C 932 -30.39 -151.49 19.01
N LEU C 933 -29.39 -152.19 19.56
CA LEU C 933 -28.67 -151.67 20.71
C LEU C 933 -27.90 -150.40 20.38
N ALA C 934 -27.57 -150.19 19.11
CA ALA C 934 -26.85 -148.99 18.69
C ALA C 934 -27.80 -147.87 18.28
N LEU C 935 -28.72 -147.53 19.20
CA LEU C 935 -29.66 -146.44 18.97
C LEU C 935 -29.79 -145.47 20.13
N GLY C 936 -29.38 -145.83 21.33
CA GLY C 936 -29.52 -144.98 22.49
C GLY C 936 -30.89 -144.99 23.14
N CYS C 937 -31.82 -145.79 22.63
CA CYS C 937 -33.17 -145.86 23.17
C CYS C 937 -33.34 -147.13 24.01
N HIS C 938 -34.50 -147.22 24.66
CA HIS C 938 -34.82 -148.33 25.54
C HIS C 938 -35.76 -149.30 24.84
N VAL C 939 -35.45 -150.59 24.93
CA VAL C 939 -36.23 -151.64 24.27
C VAL C 939 -36.62 -152.67 25.32
N GLY C 940 -37.89 -153.06 25.33
CA GLY C 940 -38.34 -154.05 26.30
C GLY C 940 -39.82 -154.33 26.12
N MET C 941 -40.37 -155.07 27.08
CA MET C 941 -41.78 -155.41 27.05
C MET C 941 -42.65 -154.17 27.20
N ALA C 942 -43.79 -154.18 26.51
CA ALA C 942 -44.77 -153.11 26.59
C ALA C 942 -46.14 -153.58 27.04
N ASP C 943 -46.61 -154.71 26.53
CA ASP C 943 -47.92 -155.24 26.90
C ASP C 943 -47.88 -156.69 27.35
N GLU C 944 -47.01 -157.51 26.77
CA GLU C 944 -46.93 -158.95 27.07
C GLU C 944 -48.26 -159.66 26.79
N LYS C 945 -49.07 -159.11 25.88
CA LYS C 945 -50.33 -159.69 25.50
C LYS C 945 -50.46 -159.96 24.01
N ALA C 946 -49.54 -159.44 23.19
CA ALA C 946 -49.60 -159.69 21.76
C ALA C 946 -49.42 -161.18 21.44
N GLU C 947 -48.53 -161.85 22.16
CA GLU C 947 -48.38 -163.29 22.00
C GLU C 947 -49.66 -164.01 22.40
N ASP C 948 -50.32 -163.55 23.46
CA ASP C 948 -51.60 -164.11 23.86
C ASP C 948 -52.70 -163.79 22.86
N ASN C 949 -52.50 -162.79 22.00
CA ASN C 949 -53.48 -162.40 21.01
C ASN C 949 -53.11 -162.86 19.61
N LEU C 950 -52.29 -163.91 19.50
CA LEU C 950 -51.88 -164.42 18.19
C LEU C 950 -53.08 -164.98 17.44
N LYS C 951 -53.12 -164.71 16.14
CA LYS C 951 -54.19 -165.20 15.28
C LYS C 951 -53.66 -165.37 13.88
N LYS C 952 -54.39 -166.16 13.08
CA LYS C 952 -54.05 -166.43 11.69
C LYS C 952 -55.20 -166.02 10.79
N THR C 953 -54.86 -165.42 9.66
CA THR C 953 -55.88 -165.01 8.70
C THR C 953 -56.49 -166.24 8.02
N LYS C 954 -57.72 -166.07 7.53
CA LYS C 954 -58.40 -167.16 6.85
C LYS C 954 -57.70 -167.49 5.54
N LEU C 955 -57.43 -168.76 5.32
CA LEU C 955 -56.74 -169.21 4.12
C LEU C 955 -57.45 -170.41 3.51
N PRO C 956 -57.42 -170.54 2.20
CA PRO C 956 -58.02 -171.70 1.54
C PRO C 956 -57.05 -172.87 1.48
N LYS C 957 -57.59 -174.04 1.15
CA LYS C 957 -56.77 -175.24 1.04
C LYS C 957 -55.88 -175.22 -0.20
N THR C 958 -56.19 -174.36 -1.18
CA THR C 958 -55.36 -174.27 -2.38
C THR C 958 -53.99 -173.69 -2.06
N TYR C 959 -53.92 -172.74 -1.15
CA TYR C 959 -52.67 -172.08 -0.79
C TYR C 959 -51.95 -172.76 0.36
N MET C 960 -52.50 -173.84 0.90
CA MET C 960 -51.86 -174.55 2.00
C MET C 960 -50.57 -175.22 1.51
N MET C 961 -49.53 -175.12 2.33
CA MET C 961 -48.20 -175.53 1.90
C MET C 961 -48.10 -177.06 1.83
N SER C 962 -47.40 -177.53 0.80
CA SER C 962 -47.55 -178.93 0.38
C SER C 962 -47.18 -179.91 1.48
N ASN C 963 -46.09 -179.66 2.20
CA ASN C 963 -45.65 -180.62 3.22
C ASN C 963 -46.57 -180.67 4.43
N GLY C 964 -47.51 -179.73 4.56
CA GLY C 964 -48.45 -179.74 5.65
C GLY C 964 -48.05 -178.92 6.86
N TYR C 965 -46.79 -178.49 6.95
CA TYR C 965 -46.37 -177.63 8.05
C TYR C 965 -46.96 -176.23 7.84
N LYS C 966 -48.10 -175.97 8.46
CA LYS C 966 -48.83 -174.74 8.18
C LYS C 966 -48.03 -173.53 8.62
N PRO C 967 -47.93 -172.49 7.79
CA PRO C 967 -47.25 -171.26 8.22
C PRO C 967 -48.01 -170.60 9.36
N ALA C 968 -47.26 -169.89 10.21
CA ALA C 968 -47.82 -169.20 11.36
C ALA C 968 -47.39 -167.74 11.33
N PRO C 969 -47.95 -166.95 10.43
CA PRO C 969 -47.58 -165.53 10.36
C PRO C 969 -48.14 -164.76 11.56
N LEU C 970 -47.46 -163.67 11.89
CA LEU C 970 -47.91 -162.76 12.95
C LEU C 970 -48.87 -161.76 12.31
N ASP C 971 -50.17 -161.99 12.45
CA ASP C 971 -51.17 -161.12 11.86
C ASP C 971 -51.14 -159.78 12.56
N LEU C 972 -50.57 -158.77 11.88
CA LEU C 972 -50.47 -157.41 12.40
C LEU C 972 -51.15 -156.48 11.41
N SER C 973 -52.46 -156.32 11.57
CA SER C 973 -53.23 -155.50 10.64
C SER C 973 -52.85 -154.03 10.75
N HIS C 974 -52.63 -153.53 11.97
CA HIS C 974 -52.38 -152.11 12.19
C HIS C 974 -51.25 -151.88 13.17
N VAL C 975 -50.31 -152.82 13.26
CA VAL C 975 -49.19 -152.71 14.20
C VAL C 975 -48.04 -152.06 13.43
N ARG C 976 -48.01 -150.73 13.45
CA ARG C 976 -46.96 -149.95 12.80
C ARG C 976 -46.60 -148.78 13.69
N LEU C 977 -45.35 -148.74 14.15
CA LEU C 977 -44.96 -147.74 15.15
C LEU C 977 -44.61 -146.40 14.49
N THR C 978 -43.59 -146.38 13.63
CA THR C 978 -43.11 -145.16 13.01
C THR C 978 -42.11 -145.48 11.91
N PRO C 979 -42.07 -144.69 10.83
CA PRO C 979 -41.07 -144.92 9.78
C PRO C 979 -39.64 -144.63 10.21
N ALA C 980 -39.44 -143.97 11.36
CA ALA C 980 -38.08 -143.69 11.82
C ALA C 980 -37.33 -144.97 12.17
N GLN C 981 -38.00 -145.88 12.89
CA GLN C 981 -37.38 -147.17 13.17
C GLN C 981 -37.19 -147.96 11.89
N THR C 982 -38.10 -147.82 10.93
CA THR C 982 -37.92 -148.46 9.64
C THR C 982 -36.67 -147.95 8.94
N THR C 983 -36.43 -146.64 9.01
CA THR C 983 -35.21 -146.07 8.41
C THR C 983 -33.97 -146.54 9.13
N LEU C 984 -34.02 -146.64 10.46
CA LEU C 984 -32.88 -147.16 11.21
C LEU C 984 -32.58 -148.61 10.82
N VAL C 985 -33.62 -149.42 10.70
CA VAL C 985 -33.43 -150.81 10.28
C VAL C 985 -32.91 -150.88 8.85
N ASP C 986 -33.36 -149.95 8.00
CA ASP C 986 -32.85 -149.89 6.63
C ASP C 986 -31.36 -149.55 6.62
N ARG C 987 -30.95 -148.62 7.48
CA ARG C 987 -29.53 -148.28 7.57
C ARG C 987 -28.72 -149.47 8.07
N LEU C 988 -29.26 -150.20 9.05
CA LEU C 988 -28.57 -151.40 9.53
C LEU C 988 -28.46 -152.44 8.42
N ALA C 989 -29.53 -152.63 7.65
CA ALA C 989 -29.50 -153.58 6.54
C ALA C 989 -28.51 -153.16 5.47
N GLU C 990 -28.43 -151.84 5.20
CA GLU C 990 -27.44 -151.35 4.24
C GLU C 990 -26.03 -151.60 4.72
N ASN C 991 -25.78 -151.38 6.01
CA ASN C 991 -24.46 -151.65 6.56
C ASN C 991 -24.12 -153.14 6.46
N GLY C 992 -25.09 -154.01 6.78
CA GLY C 992 -24.86 -155.44 6.63
C GLY C 992 -24.60 -155.84 5.19
N HIS C 993 -25.35 -155.27 4.26
CA HIS C 993 -25.14 -155.55 2.85
C HIS C 993 -23.75 -155.10 2.40
N ASN C 994 -23.32 -153.92 2.84
CA ASN C 994 -22.01 -153.42 2.47
C ASN C 994 -20.89 -154.29 3.04
N VAL C 995 -21.00 -154.70 4.30
CA VAL C 995 -19.95 -155.52 4.89
C VAL C 995 -19.95 -156.90 4.23
N TRP C 996 -21.12 -157.44 3.91
CA TRP C 996 -21.18 -158.71 3.18
C TRP C 996 -20.51 -158.58 1.82
N ALA C 997 -20.77 -157.47 1.11
CA ALA C 997 -20.19 -157.28 -0.20
C ALA C 997 -18.68 -157.22 -0.13
N ARG C 998 -18.15 -156.37 0.76
CA ARG C 998 -16.70 -156.23 0.86
C ARG C 998 -16.05 -157.51 1.37
N ASP C 999 -16.76 -158.31 2.16
CA ASP C 999 -16.18 -159.56 2.64
C ASP C 999 -16.18 -160.64 1.57
N ARG C 1000 -17.24 -160.72 0.76
CA ARG C 1000 -17.41 -161.84 -0.17
C ARG C 1000 -17.04 -161.48 -1.61
N VAL C 1001 -17.70 -160.49 -2.19
CA VAL C 1001 -17.55 -160.26 -3.63
C VAL C 1001 -16.33 -159.41 -3.95
N ALA C 1002 -15.80 -158.66 -2.98
CA ALA C 1002 -14.58 -157.90 -3.23
C ALA C 1002 -13.41 -158.82 -3.51
N GLN C 1003 -13.33 -159.94 -2.80
CA GLN C 1003 -12.27 -160.92 -3.01
C GLN C 1003 -12.69 -162.08 -3.91
N GLY C 1004 -13.99 -162.29 -4.11
CA GLY C 1004 -14.44 -163.40 -4.94
C GLY C 1004 -14.04 -163.23 -6.39
N TRP C 1005 -14.24 -162.04 -6.95
CA TRP C 1005 -13.95 -161.76 -8.35
C TRP C 1005 -14.67 -162.76 -9.27
N SER C 1006 -15.91 -163.06 -8.94
CA SER C 1006 -16.68 -164.02 -9.72
C SER C 1006 -16.98 -163.46 -11.10
N TYR C 1007 -17.01 -164.35 -12.09
CA TYR C 1007 -17.25 -163.98 -13.48
C TYR C 1007 -18.73 -163.64 -13.64
N SER C 1008 -19.10 -162.45 -13.17
CA SER C 1008 -20.48 -161.99 -13.24
C SER C 1008 -20.49 -160.47 -13.35
N ALA C 1009 -21.59 -159.94 -13.86
CA ALA C 1009 -21.75 -158.50 -14.02
C ALA C 1009 -22.24 -157.86 -12.73
N ARG C 1020 -21.47 -158.88 -7.69
CA ARG C 1020 -20.63 -157.85 -8.29
C ARG C 1020 -21.34 -156.50 -8.26
N LEU C 1021 -21.39 -155.88 -7.09
CA LEU C 1021 -22.05 -154.59 -6.93
C LEU C 1021 -21.14 -153.59 -6.22
N VAL C 1022 -21.69 -152.45 -5.83
CA VAL C 1022 -20.92 -151.37 -5.23
C VAL C 1022 -21.47 -151.05 -3.85
N PRO C 1023 -20.90 -150.09 -3.13
CA PRO C 1023 -21.39 -149.79 -1.78
C PRO C 1023 -22.86 -149.40 -1.78
N TYR C 1024 -23.57 -149.83 -0.74
CA TYR C 1024 -25.02 -149.68 -0.65
C TYR C 1024 -25.45 -148.39 0.02
N ARG C 1025 -24.51 -147.50 0.36
CA ARG C 1025 -24.90 -146.24 0.98
C ARG C 1025 -25.77 -145.41 0.04
N LEU C 1026 -25.39 -145.32 -1.22
CA LEU C 1026 -26.17 -144.63 -2.25
C LEU C 1026 -26.18 -145.46 -3.52
N LEU C 1027 -26.43 -146.76 -3.37
CA LEU C 1027 -26.27 -147.70 -4.47
C LEU C 1027 -27.33 -147.47 -5.56
N ASP C 1028 -28.59 -147.68 -5.22
CA ASP C 1028 -29.67 -147.61 -6.21
C ASP C 1028 -31.00 -147.58 -5.44
N GLU C 1029 -32.09 -147.73 -6.18
CA GLU C 1029 -33.44 -147.76 -5.60
C GLU C 1029 -34.07 -149.14 -5.63
N ALA C 1030 -34.06 -149.81 -6.80
CA ALA C 1030 -34.74 -151.10 -6.92
C ALA C 1030 -34.08 -152.15 -6.05
N THR C 1031 -32.75 -152.29 -6.14
CA THR C 1031 -32.05 -153.27 -5.33
C THR C 1031 -32.14 -152.92 -3.85
N LYS C 1032 -31.99 -151.64 -3.51
CA LYS C 1032 -32.09 -151.24 -2.11
C LYS C 1032 -33.49 -151.47 -1.56
N ARG C 1033 -34.51 -151.18 -2.37
CA ARG C 1033 -35.88 -151.43 -1.93
C ARG C 1033 -36.14 -152.93 -1.76
N SER C 1034 -35.59 -153.75 -2.66
CA SER C 1034 -35.75 -155.19 -2.54
C SER C 1034 -35.09 -155.71 -1.28
N ASN C 1035 -33.91 -155.19 -0.94
CA ASN C 1035 -33.26 -155.56 0.31
C ASN C 1035 -34.04 -155.07 1.51
N ARG C 1036 -34.66 -153.89 1.39
CA ARG C 1036 -35.34 -153.27 2.53
C ARG C 1036 -36.66 -153.97 2.85
N ASP C 1037 -37.43 -154.32 1.82
CA ASP C 1037 -38.78 -154.85 2.07
C ASP C 1037 -38.74 -156.21 2.75
N SER C 1038 -37.70 -157.01 2.47
CA SER C 1038 -37.59 -158.31 3.12
C SER C 1038 -37.43 -158.16 4.63
N LEU C 1039 -36.59 -157.22 5.06
CA LEU C 1039 -36.41 -156.95 6.47
C LEU C 1039 -37.53 -156.11 7.07
N CYS C 1040 -38.35 -155.48 6.23
CA CYS C 1040 -39.49 -154.72 6.75
C CYS C 1040 -40.45 -155.63 7.50
N GLN C 1041 -40.72 -156.82 6.95
CA GLN C 1041 -41.60 -157.76 7.63
C GLN C 1041 -40.98 -158.25 8.94
N ALA C 1042 -39.66 -158.46 8.95
CA ALA C 1042 -39.00 -158.87 10.18
C ALA C 1042 -39.11 -157.80 11.25
N VAL C 1043 -38.94 -156.53 10.86
CA VAL C 1043 -39.08 -155.44 11.82
C VAL C 1043 -40.52 -155.32 12.30
N ARG C 1044 -41.48 -155.56 11.40
CA ARG C 1044 -42.89 -155.55 11.79
C ARG C 1044 -43.16 -156.63 12.83
N THR C 1045 -42.64 -157.84 12.61
CA THR C 1045 -42.81 -158.91 13.58
C THR C 1045 -42.10 -158.61 14.90
N LEU C 1046 -40.93 -157.96 14.84
CA LEU C 1046 -40.26 -157.53 16.05
C LEU C 1046 -41.12 -156.56 16.85
N LEU C 1047 -41.74 -155.59 16.16
CA LEU C 1047 -42.62 -154.65 16.83
C LEU C 1047 -43.88 -155.33 17.37
N GLY C 1048 -44.36 -156.35 16.68
CA GLY C 1048 -45.60 -157.01 17.06
C GLY C 1048 -45.54 -157.88 18.29
N TYR C 1049 -44.41 -157.90 19.00
CA TYR C 1049 -44.28 -158.65 20.24
C TYR C 1049 -43.99 -157.71 21.42
N GLY C 1050 -44.69 -156.59 21.48
CA GLY C 1050 -44.55 -155.67 22.59
C GLY C 1050 -43.24 -154.91 22.62
N TYR C 1051 -42.57 -154.77 21.49
CA TYR C 1051 -41.30 -154.05 21.41
C TYR C 1051 -41.54 -152.72 20.70
N ASN C 1052 -41.49 -151.63 21.46
CA ASN C 1052 -41.67 -150.28 20.92
C ASN C 1052 -40.43 -149.47 21.26
N ILE C 1053 -39.65 -149.14 20.24
CA ILE C 1053 -38.45 -148.32 20.39
C ILE C 1053 -38.54 -147.17 19.39
N GLU C 1054 -38.31 -145.95 19.88
CA GLU C 1054 -38.37 -144.74 19.06
C GLU C 1054 -39.74 -144.60 18.39
N ASP C 1070 -18.69 -126.12 -3.46
CA ASP C 1070 -19.07 -126.09 -2.06
C ASP C 1070 -19.37 -124.66 -1.60
N ARG C 1071 -19.69 -123.80 -2.57
CA ARG C 1071 -19.97 -122.40 -2.30
C ARG C 1071 -21.17 -121.97 -3.13
N VAL C 1072 -21.40 -120.66 -3.22
CA VAL C 1072 -22.53 -120.10 -3.95
C VAL C 1072 -21.98 -119.13 -4.99
N ARG C 1073 -22.44 -119.29 -6.23
CA ARG C 1073 -22.06 -118.38 -7.31
C ARG C 1073 -22.94 -117.14 -7.28
N ILE C 1074 -22.32 -115.99 -7.51
CA ILE C 1074 -23.00 -114.70 -7.50
C ILE C 1074 -22.90 -114.09 -8.88
N PHE C 1075 -24.03 -113.60 -9.40
CA PHE C 1075 -24.09 -113.04 -10.74
C PHE C 1075 -24.66 -111.63 -10.68
N ARG C 1076 -24.09 -110.74 -11.50
CA ARG C 1076 -24.54 -109.35 -11.54
C ARG C 1076 -24.01 -108.71 -12.80
N ALA C 1077 -24.64 -107.59 -13.19
CA ALA C 1077 -24.14 -106.82 -14.31
C ALA C 1077 -22.86 -106.08 -13.91
N GLU C 1078 -22.18 -105.53 -14.91
CA GLU C 1078 -20.95 -104.81 -14.64
C GLU C 1078 -21.25 -103.41 -14.11
N LYS C 1079 -20.25 -102.81 -13.47
CA LYS C 1079 -20.45 -101.56 -12.76
C LYS C 1079 -20.89 -100.41 -13.66
N SER C 1080 -20.61 -100.50 -14.96
CA SER C 1080 -20.94 -99.39 -15.85
C SER C 1080 -22.45 -99.20 -15.98
N TYR C 1081 -23.22 -100.29 -15.90
CA TYR C 1081 -24.67 -100.22 -16.06
C TYR C 1081 -25.39 -99.75 -14.81
N THR C 1082 -24.67 -99.18 -13.84
CA THR C 1082 -25.30 -98.74 -12.60
C THR C 1082 -26.34 -97.67 -12.89
N VAL C 1083 -27.49 -97.80 -12.25
CA VAL C 1083 -28.60 -96.87 -12.40
C VAL C 1083 -28.72 -96.03 -11.13
N GLN C 1084 -28.75 -94.71 -11.30
CA GLN C 1084 -28.71 -93.78 -10.18
C GLN C 1084 -30.08 -93.33 -9.71
N SER C 1085 -31.06 -93.22 -10.61
CA SER C 1085 -32.37 -92.73 -10.25
C SER C 1085 -33.40 -93.35 -11.20
N GLY C 1086 -34.61 -92.80 -11.19
CA GLY C 1086 -35.67 -93.34 -12.00
C GLY C 1086 -36.28 -94.58 -11.38
N ARG C 1087 -37.05 -95.29 -12.21
CA ARG C 1087 -37.74 -96.49 -11.78
C ARG C 1087 -37.55 -97.58 -12.83
N TRP C 1088 -37.30 -98.81 -12.37
CA TRP C 1088 -36.97 -99.90 -13.27
C TRP C 1088 -37.52 -101.20 -12.70
N TYR C 1089 -37.61 -102.21 -13.58
CA TYR C 1089 -38.15 -103.51 -13.22
C TYR C 1089 -37.48 -104.58 -14.06
N PHE C 1090 -37.38 -105.78 -13.48
CA PHE C 1090 -36.88 -106.96 -14.19
C PHE C 1090 -37.48 -108.20 -13.55
N GLU C 1091 -37.40 -109.32 -14.26
CA GLU C 1091 -37.99 -110.56 -13.82
C GLU C 1091 -36.97 -111.68 -13.85
N PHE C 1092 -37.17 -112.68 -13.00
CA PHE C 1092 -36.26 -113.81 -12.86
C PHE C 1092 -37.06 -115.09 -12.75
N GLU C 1093 -36.49 -116.19 -13.24
CA GLU C 1093 -37.11 -117.50 -13.19
C GLU C 1093 -36.14 -118.50 -12.57
N ALA C 1094 -36.69 -119.43 -11.79
CA ALA C 1094 -35.90 -120.49 -11.15
C ALA C 1094 -36.57 -121.82 -11.47
N VAL C 1095 -35.97 -122.56 -12.41
CA VAL C 1095 -36.55 -123.85 -12.81
C VAL C 1095 -36.58 -124.81 -11.61
N THR C 1096 -35.47 -124.90 -10.89
CA THR C 1096 -35.44 -125.71 -9.68
C THR C 1096 -36.07 -124.94 -8.53
N THR C 1097 -36.16 -125.59 -7.37
CA THR C 1097 -36.77 -125.00 -6.18
C THR C 1097 -35.83 -125.16 -4.99
N GLY C 1098 -34.56 -124.83 -5.19
CA GLY C 1098 -33.59 -124.90 -4.11
C GLY C 1098 -33.52 -123.62 -3.32
N GLU C 1099 -32.31 -123.10 -3.12
CA GLU C 1099 -32.09 -121.87 -2.37
C GLU C 1099 -31.31 -120.89 -3.23
N MET C 1100 -31.85 -119.68 -3.38
CA MET C 1100 -31.17 -118.62 -4.10
C MET C 1100 -31.76 -117.29 -3.68
N ARG C 1101 -31.03 -116.22 -4.00
CA ARG C 1101 -31.40 -114.87 -3.59
C ARG C 1101 -31.48 -113.97 -4.81
N VAL C 1102 -32.52 -113.14 -4.88
CA VAL C 1102 -32.77 -112.24 -5.99
C VAL C 1102 -33.08 -110.86 -5.46
N GLY C 1103 -32.49 -109.84 -6.07
CA GLY C 1103 -32.75 -108.47 -5.64
C GLY C 1103 -31.80 -107.49 -6.28
N TRP C 1104 -31.57 -106.38 -5.59
CA TRP C 1104 -30.66 -105.34 -6.04
C TRP C 1104 -29.50 -105.24 -5.06
N ALA C 1105 -28.35 -104.82 -5.59
CA ALA C 1105 -27.14 -104.74 -4.79
C ALA C 1105 -26.42 -103.42 -5.05
N ARG C 1106 -25.62 -103.02 -4.08
CA ARG C 1106 -24.79 -101.83 -4.23
C ARG C 1106 -23.73 -102.08 -5.30
N PRO C 1107 -23.22 -101.02 -5.95
CA PRO C 1107 -22.25 -101.23 -7.03
C PRO C 1107 -21.01 -101.99 -6.58
N GLU C 1108 -20.54 -101.74 -5.36
CA GLU C 1108 -19.38 -102.44 -4.82
C GLU C 1108 -19.89 -103.58 -3.94
N LEU C 1109 -20.07 -104.75 -4.56
CA LEU C 1109 -20.52 -105.95 -3.86
C LEU C 1109 -19.32 -106.85 -3.63
N ARG C 1110 -18.85 -106.90 -2.39
CA ARG C 1110 -17.69 -107.72 -2.08
C ARG C 1110 -18.10 -109.19 -2.05
N PRO C 1111 -17.40 -110.06 -2.78
CA PRO C 1111 -17.67 -111.50 -2.68
C PRO C 1111 -17.13 -112.06 -1.36
N ASP C 1112 -17.14 -113.38 -1.23
CA ASP C 1112 -16.73 -114.09 -0.02
C ASP C 1112 -17.64 -113.79 1.17
N VAL C 1113 -18.89 -113.41 0.89
CA VAL C 1113 -19.90 -113.23 1.92
C VAL C 1113 -21.27 -113.46 1.27
N GLU C 1114 -22.14 -114.16 1.99
CA GLU C 1114 -23.44 -114.48 1.44
C GLU C 1114 -24.25 -113.20 1.20
N LEU C 1115 -25.05 -113.22 0.14
CA LEU C 1115 -25.77 -112.03 -0.26
C LEU C 1115 -26.76 -111.61 0.81
N GLY C 1116 -26.82 -110.30 1.08
CA GLY C 1116 -27.73 -109.76 2.06
C GLY C 1116 -27.21 -109.75 3.48
N ALA C 1117 -26.02 -110.31 3.72
CA ALA C 1117 -25.47 -110.31 5.08
C ALA C 1117 -25.18 -108.90 5.57
N ASP C 1118 -24.62 -108.06 4.70
CA ASP C 1118 -24.27 -106.69 5.04
C ASP C 1118 -25.23 -105.73 4.33
N GLU C 1119 -24.94 -104.44 4.46
CA GLU C 1119 -25.79 -103.40 3.87
C GLU C 1119 -25.64 -103.30 2.36
N LEU C 1120 -24.67 -104.00 1.77
CA LEU C 1120 -24.39 -103.88 0.34
C LEU C 1120 -25.31 -104.72 -0.53
N ALA C 1121 -26.47 -105.14 -0.02
CA ALA C 1121 -27.38 -105.95 -0.81
C ALA C 1121 -28.81 -105.71 -0.36
N TYR C 1122 -29.75 -106.05 -1.24
CA TYR C 1122 -31.18 -106.00 -0.93
C TYR C 1122 -31.84 -107.12 -1.73
N VAL C 1123 -31.99 -108.29 -1.10
CA VAL C 1123 -32.47 -109.49 -1.77
C VAL C 1123 -33.58 -110.13 -0.96
N PHE C 1124 -34.34 -111.01 -1.61
CA PHE C 1124 -35.42 -111.75 -0.99
C PHE C 1124 -35.21 -113.23 -1.28
N ASN C 1125 -35.03 -114.03 -0.23
CA ASN C 1125 -34.83 -115.46 -0.36
C ASN C 1125 -36.20 -116.13 -0.41
N GLY C 1126 -36.57 -116.65 -1.58
CA GLY C 1126 -37.86 -117.26 -1.77
C GLY C 1126 -37.94 -118.74 -1.48
N HIS C 1127 -36.91 -119.33 -0.88
CA HIS C 1127 -36.98 -120.74 -0.52
C HIS C 1127 -38.09 -120.99 0.50
N ARG C 1128 -38.23 -120.10 1.47
CA ARG C 1128 -39.27 -120.21 2.48
C ARG C 1128 -40.13 -118.96 2.61
N GLY C 1129 -39.84 -117.92 1.83
CA GLY C 1129 -40.60 -116.68 1.93
C GLY C 1129 -40.05 -115.76 2.99
N GLN C 1130 -38.76 -115.47 2.92
CA GLN C 1130 -38.10 -114.62 3.90
C GLN C 1130 -37.16 -113.66 3.19
N ARG C 1131 -37.31 -112.37 3.47
CA ARG C 1131 -36.43 -111.38 2.89
C ARG C 1131 -35.08 -111.40 3.61
N TRP C 1132 -34.08 -110.77 2.98
CA TRP C 1132 -32.70 -110.83 3.47
C TRP C 1132 -32.08 -109.44 3.34
N HIS C 1133 -31.87 -108.78 4.49
CA HIS C 1133 -31.08 -107.55 4.54
C HIS C 1133 -30.55 -107.42 5.97
N LEU C 1134 -29.28 -107.80 6.16
CA LEU C 1134 -28.68 -107.87 7.49
C LEU C 1134 -29.47 -108.79 8.42
N GLY C 1135 -30.09 -109.81 7.87
CA GLY C 1135 -30.88 -110.74 8.65
C GLY C 1135 -32.00 -111.31 7.82
N SER C 1136 -32.74 -112.23 8.43
CA SER C 1136 -33.83 -112.93 7.79
C SER C 1136 -35.15 -112.52 8.43
N GLU C 1137 -36.09 -112.08 7.60
CA GLU C 1137 -37.42 -111.70 8.06
C GLU C 1137 -38.44 -112.35 7.12
N PRO C 1138 -39.40 -113.11 7.63
CA PRO C 1138 -40.36 -113.79 6.76
C PRO C 1138 -41.16 -112.81 5.93
N PHE C 1139 -41.43 -113.17 4.68
CA PHE C 1139 -42.14 -112.30 3.76
C PHE C 1139 -42.73 -113.15 2.64
N GLY C 1140 -44.05 -113.25 2.59
CA GLY C 1140 -44.70 -113.94 1.50
C GLY C 1140 -44.54 -115.45 1.56
N ARG C 1141 -44.86 -116.08 0.43
CA ARG C 1141 -44.92 -117.52 0.20
C ARG C 1141 -43.64 -118.00 -0.49
N PRO C 1142 -43.28 -119.27 -0.29
CA PRO C 1142 -42.07 -119.80 -0.95
C PRO C 1142 -42.29 -120.12 -2.42
N TRP C 1143 -41.28 -120.71 -3.06
CA TRP C 1143 -41.33 -120.98 -4.49
C TRP C 1143 -42.16 -122.22 -4.81
N GLN C 1144 -42.18 -122.56 -6.09
CA GLN C 1144 -42.75 -123.80 -6.60
C GLN C 1144 -42.00 -124.15 -7.89
N SER C 1145 -42.57 -125.04 -8.69
CA SER C 1145 -41.98 -125.37 -9.98
C SER C 1145 -41.98 -124.15 -10.89
N GLY C 1146 -40.78 -123.65 -11.20
CA GLY C 1146 -40.64 -122.47 -12.04
C GLY C 1146 -40.82 -121.18 -11.28
N ASP C 1147 -42.07 -120.81 -11.01
CA ASP C 1147 -42.42 -119.66 -10.16
C ASP C 1147 -41.61 -118.42 -10.52
N VAL C 1148 -41.89 -117.91 -11.72
CA VAL C 1148 -41.25 -116.69 -12.23
C VAL C 1148 -41.37 -115.58 -11.20
N VAL C 1149 -40.22 -115.02 -10.78
CA VAL C 1149 -40.16 -113.98 -9.77
C VAL C 1149 -39.84 -112.66 -10.45
N GLY C 1150 -40.63 -111.64 -10.13
CA GLY C 1150 -40.35 -110.30 -10.63
C GLY C 1150 -39.90 -109.37 -9.53
N CYS C 1151 -38.70 -108.79 -9.69
CA CYS C 1151 -38.15 -107.86 -8.72
C CYS C 1151 -38.36 -106.44 -9.22
N MET C 1152 -38.72 -105.55 -8.30
CA MET C 1152 -39.21 -104.23 -8.65
C MET C 1152 -38.46 -103.19 -7.84
N ILE C 1153 -38.19 -102.02 -8.44
CA ILE C 1153 -37.47 -100.96 -7.76
C ILE C 1153 -37.98 -99.61 -8.24
N ASP C 1154 -37.83 -98.60 -7.39
CA ASP C 1154 -38.16 -97.22 -7.75
C ASP C 1154 -37.35 -96.31 -6.85
N LEU C 1155 -36.36 -95.62 -7.42
CA LEU C 1155 -35.49 -94.75 -6.65
C LEU C 1155 -36.17 -93.43 -6.27
N THR C 1156 -37.28 -93.08 -6.93
CA THR C 1156 -37.97 -91.84 -6.60
C THR C 1156 -38.52 -91.88 -5.17
N GLU C 1157 -39.15 -93.00 -4.80
CA GLU C 1157 -39.69 -93.17 -3.46
C GLU C 1157 -38.82 -94.04 -2.57
N ASN C 1158 -37.68 -94.51 -3.08
CA ASN C 1158 -36.70 -95.25 -2.28
C ASN C 1158 -37.32 -96.50 -1.66
N THR C 1159 -38.03 -97.27 -2.48
CA THR C 1159 -38.64 -98.52 -2.04
C THR C 1159 -38.46 -99.59 -3.12
N ILE C 1160 -38.58 -100.84 -2.71
CA ILE C 1160 -38.49 -101.97 -3.62
C ILE C 1160 -39.69 -102.87 -3.39
N ILE C 1161 -40.02 -103.65 -4.43
CA ILE C 1161 -41.16 -104.56 -4.41
C ILE C 1161 -40.71 -105.88 -5.03
N PHE C 1162 -41.23 -106.98 -4.49
CA PHE C 1162 -40.99 -108.31 -5.04
C PHE C 1162 -42.32 -108.90 -5.46
N THR C 1163 -42.40 -109.37 -6.70
CA THR C 1163 -43.62 -109.94 -7.25
C THR C 1163 -43.40 -111.40 -7.59
N LEU C 1164 -44.31 -112.27 -7.18
CA LEU C 1164 -44.22 -113.70 -7.40
C LEU C 1164 -45.37 -114.13 -8.32
N ASN C 1165 -45.02 -114.70 -9.47
CA ASN C 1165 -46.00 -115.18 -10.45
C ASN C 1165 -47.00 -114.08 -10.81
N GLY C 1166 -46.50 -112.87 -11.02
CA GLY C 1166 -47.33 -111.76 -11.44
C GLY C 1166 -48.38 -111.35 -10.42
N GLU C 1167 -47.99 -111.21 -9.16
CA GLU C 1167 -48.88 -110.68 -8.14
C GLU C 1167 -48.05 -110.02 -7.05
N VAL C 1168 -48.62 -108.98 -6.44
CA VAL C 1168 -47.94 -108.30 -5.35
C VAL C 1168 -47.80 -109.23 -4.16
N LEU C 1169 -46.79 -108.96 -3.34
CA LEU C 1169 -46.50 -109.76 -2.16
C LEU C 1169 -46.57 -108.90 -0.91
N MET C 1170 -47.20 -109.43 0.13
CA MET C 1170 -47.42 -108.71 1.37
C MET C 1170 -46.46 -109.20 2.45
N SER C 1171 -46.18 -108.32 3.40
CA SER C 1171 -45.35 -108.68 4.53
C SER C 1171 -46.18 -109.42 5.58
N ASP C 1172 -45.51 -109.86 6.65
CA ASP C 1172 -46.23 -110.46 7.76
C ASP C 1172 -47.17 -109.47 8.44
N SER C 1173 -46.77 -108.21 8.49
CA SER C 1173 -47.62 -107.13 9.01
C SER C 1173 -48.44 -106.46 7.94
N GLY C 1174 -48.36 -106.91 6.69
CA GLY C 1174 -49.10 -106.31 5.61
C GLY C 1174 -48.44 -105.12 4.96
N SER C 1175 -47.13 -104.98 5.09
CA SER C 1175 -46.43 -103.87 4.46
C SER C 1175 -46.47 -104.01 2.94
N GLU C 1176 -46.71 -102.89 2.25
CA GLU C 1176 -46.77 -102.92 0.80
C GLU C 1176 -45.38 -102.98 0.17
N THR C 1177 -44.37 -102.47 0.86
CA THR C 1177 -43.01 -102.47 0.35
C THR C 1177 -42.05 -102.94 1.42
N ALA C 1178 -40.90 -103.45 1.00
CA ALA C 1178 -39.88 -103.95 1.89
C ALA C 1178 -38.66 -103.05 1.85
N PHE C 1179 -38.06 -102.83 3.02
CA PHE C 1179 -36.86 -101.99 3.17
C PHE C 1179 -37.12 -100.57 2.64
N ARG C 1180 -38.03 -99.88 3.32
CA ARG C 1180 -38.40 -98.54 2.91
C ARG C 1180 -37.26 -97.55 3.18
N GLU C 1181 -37.30 -96.42 2.47
CA GLU C 1181 -36.36 -95.31 2.64
C GLU C 1181 -34.92 -95.78 2.39
N ILE C 1182 -34.67 -96.18 1.14
CA ILE C 1182 -33.34 -96.62 0.72
C ILE C 1182 -32.53 -95.39 0.33
N GLU C 1183 -31.32 -95.27 0.87
CA GLU C 1183 -30.43 -94.19 0.48
C GLU C 1183 -29.96 -94.38 -0.96
N ILE C 1184 -29.87 -93.28 -1.70
CA ILE C 1184 -29.46 -93.35 -3.10
C ILE C 1184 -28.05 -93.90 -3.20
N GLY C 1185 -27.14 -93.39 -2.37
CA GLY C 1185 -25.77 -93.86 -2.40
C GLY C 1185 -25.12 -93.52 -3.74
N ASP C 1186 -24.63 -94.54 -4.42
CA ASP C 1186 -24.00 -94.42 -5.73
C ASP C 1186 -24.65 -95.37 -6.72
N GLY C 1187 -25.98 -95.37 -6.75
CA GLY C 1187 -26.72 -96.20 -7.67
C GLY C 1187 -26.99 -97.58 -7.12
N PHE C 1188 -27.61 -98.41 -7.97
CA PHE C 1188 -27.94 -99.78 -7.60
C PHE C 1188 -27.81 -100.66 -8.82
N LEU C 1189 -27.61 -101.96 -8.57
CA LEU C 1189 -27.29 -102.91 -9.61
C LEU C 1189 -28.10 -104.18 -9.42
N PRO C 1190 -28.59 -104.78 -10.51
CA PRO C 1190 -29.25 -106.08 -10.39
C PRO C 1190 -28.26 -107.16 -9.99
N VAL C 1191 -28.75 -108.14 -9.25
CA VAL C 1191 -27.90 -109.22 -8.75
C VAL C 1191 -28.75 -110.48 -8.61
N CYS C 1192 -28.11 -111.62 -8.80
CA CYS C 1192 -28.76 -112.92 -8.67
C CYS C 1192 -27.87 -113.84 -7.83
N SER C 1193 -28.41 -115.00 -7.51
CA SER C 1193 -27.67 -116.01 -6.75
C SER C 1193 -28.14 -117.39 -7.19
N LEU C 1194 -27.29 -118.38 -6.97
CA LEU C 1194 -27.61 -119.75 -7.32
C LEU C 1194 -26.88 -120.68 -6.37
N GLY C 1195 -27.63 -121.51 -5.64
CA GLY C 1195 -27.05 -122.46 -4.75
C GLY C 1195 -26.52 -123.67 -5.49
N PRO C 1196 -25.93 -124.61 -4.73
CA PRO C 1196 -25.44 -125.84 -5.35
C PRO C 1196 -26.58 -126.61 -6.01
N GLY C 1197 -26.31 -127.14 -7.20
CA GLY C 1197 -27.29 -127.92 -7.92
C GLY C 1197 -28.58 -127.18 -8.19
N GLN C 1198 -28.50 -125.92 -8.58
CA GLN C 1198 -29.68 -125.11 -8.87
C GLN C 1198 -29.62 -124.59 -10.29
N VAL C 1199 -30.80 -124.42 -10.90
CA VAL C 1199 -30.93 -123.93 -12.26
C VAL C 1199 -31.86 -122.73 -12.25
N GLY C 1200 -31.46 -121.68 -12.94
CA GLY C 1200 -32.26 -120.47 -13.03
C GLY C 1200 -32.00 -119.74 -14.32
N HIS C 1201 -33.02 -119.03 -14.81
CA HIS C 1201 -32.91 -118.19 -16.00
C HIS C 1201 -33.53 -116.84 -15.70
N LEU C 1202 -32.84 -115.77 -16.10
CA LEU C 1202 -33.30 -114.42 -15.86
C LEU C 1202 -33.36 -113.66 -17.17
N ASN C 1203 -34.40 -112.84 -17.32
CA ASN C 1203 -34.60 -112.03 -18.50
C ASN C 1203 -34.61 -110.56 -18.09
N LEU C 1204 -33.70 -109.76 -18.66
CA LEU C 1204 -33.62 -108.34 -18.34
C LEU C 1204 -34.39 -107.49 -19.33
N GLY C 1205 -35.43 -108.04 -19.94
CA GLY C 1205 -36.30 -107.26 -20.79
C GLY C 1205 -35.69 -106.73 -22.06
N GLN C 1206 -34.86 -107.53 -22.74
CA GLN C 1206 -34.39 -107.12 -24.05
C GLN C 1206 -35.55 -107.04 -25.04
N ASP C 1207 -36.47 -107.99 -24.98
CA ASP C 1207 -37.64 -108.03 -25.84
C ASP C 1207 -38.89 -107.95 -24.98
N VAL C 1208 -39.80 -107.03 -25.33
CA VAL C 1208 -41.04 -106.88 -24.58
C VAL C 1208 -41.86 -108.15 -24.66
N SER C 1209 -41.95 -108.76 -25.84
CA SER C 1209 -42.70 -110.00 -25.99
C SER C 1209 -42.06 -111.13 -25.19
N SER C 1210 -40.76 -111.04 -24.91
CA SER C 1210 -40.08 -112.05 -24.11
C SER C 1210 -40.39 -111.92 -22.62
N LEU C 1211 -41.00 -110.82 -22.20
CA LEU C 1211 -41.35 -110.67 -20.80
C LEU C 1211 -42.42 -111.67 -20.41
N ARG C 1212 -42.29 -112.24 -19.20
CA ARG C 1212 -43.23 -113.24 -18.73
C ARG C 1212 -44.63 -112.66 -18.59
N PHE C 1213 -44.81 -111.71 -17.67
CA PHE C 1213 -46.09 -111.04 -17.50
C PHE C 1213 -46.02 -109.55 -17.83
N PHE C 1214 -45.18 -108.79 -17.11
CA PHE C 1214 -45.10 -107.34 -17.24
C PHE C 1214 -46.47 -106.69 -17.41
N ALA C 1215 -47.47 -107.17 -16.66
CA ALA C 1215 -48.81 -106.64 -16.80
C ALA C 1215 -49.48 -106.44 -15.45
N ILE C 1216 -48.69 -106.37 -14.37
CA ILE C 1216 -49.22 -106.24 -13.01
C ILE C 1216 -48.64 -105.03 -12.30
N CYS C 1217 -47.32 -104.84 -12.38
CA CYS C 1217 -46.65 -103.76 -11.66
C CYS C 1217 -45.89 -102.79 -12.55
N GLY C 1218 -45.74 -103.09 -13.84
CA GLY C 1218 -44.95 -102.22 -14.69
C GLY C 1218 -45.61 -101.85 -16.00
N LEU C 1219 -46.78 -102.43 -16.27
CA LEU C 1219 -47.43 -102.17 -17.55
C LEU C 1219 -47.99 -100.76 -17.62
N GLN C 1220 -48.51 -100.24 -16.51
CA GLN C 1220 -49.17 -98.94 -16.52
C GLN C 1220 -48.77 -98.10 -15.31
N GLU C 1221 -47.52 -98.24 -14.86
CA GLU C 1221 -47.03 -97.53 -13.69
C GLU C 1221 -45.75 -96.76 -13.95
N GLY C 1222 -45.35 -96.60 -15.21
CA GLY C 1222 -44.16 -95.85 -15.55
C GLY C 1222 -42.86 -96.62 -15.46
N PHE C 1223 -42.91 -97.90 -15.13
CA PHE C 1223 -41.71 -98.71 -14.99
C PHE C 1223 -41.34 -99.35 -16.31
N GLU C 1224 -40.05 -99.34 -16.63
CA GLU C 1224 -39.54 -99.92 -17.86
C GLU C 1224 -38.43 -100.90 -17.54
N PRO C 1225 -38.29 -101.97 -18.33
CA PRO C 1225 -37.18 -102.91 -18.12
C PRO C 1225 -35.85 -102.27 -18.46
N PHE C 1226 -34.78 -102.96 -18.07
CA PHE C 1226 -33.43 -102.45 -18.31
C PHE C 1226 -33.15 -102.31 -19.80
N ALA C 1227 -33.13 -103.44 -20.51
CA ALA C 1227 -32.71 -103.45 -21.91
C ALA C 1227 -33.86 -103.00 -22.82
N ILE C 1228 -34.33 -101.78 -22.57
CA ILE C 1228 -35.41 -101.23 -23.39
C ILE C 1228 -34.90 -100.89 -24.78
N ASN C 1229 -33.72 -100.26 -24.86
CA ASN C 1229 -33.07 -99.95 -26.14
C ASN C 1229 -31.60 -100.31 -25.98
N MET C 1230 -31.25 -101.56 -26.26
CA MET C 1230 -29.88 -102.04 -26.11
C MET C 1230 -29.59 -103.02 -27.24
N GLN C 1231 -28.70 -102.64 -28.16
CA GLN C 1231 -28.39 -103.50 -29.29
C GLN C 1231 -27.61 -104.73 -28.88
N ARG C 1232 -27.03 -104.74 -27.68
CA ARG C 1232 -26.21 -105.85 -27.23
C ARG C 1232 -26.64 -106.30 -25.84
N PRO C 1233 -26.39 -107.55 -25.48
CA PRO C 1233 -26.71 -108.00 -24.12
C PRO C 1233 -25.75 -107.45 -23.09
N VAL C 1234 -25.90 -107.88 -21.84
CA VAL C 1234 -25.09 -107.40 -20.74
C VAL C 1234 -23.94 -108.37 -20.49
N THR C 1235 -22.83 -107.84 -19.97
CA THR C 1235 -21.66 -108.68 -19.70
C THR C 1235 -21.95 -109.70 -18.61
N THR C 1236 -22.66 -109.28 -17.55
CA THR C 1236 -23.06 -110.16 -16.45
C THR C 1236 -21.83 -110.81 -15.78
N TRP C 1237 -21.03 -109.95 -15.15
CA TRP C 1237 -19.88 -110.41 -14.39
C TRP C 1237 -20.31 -111.40 -13.32
N PHE C 1238 -19.58 -112.50 -13.22
CA PHE C 1238 -19.86 -113.55 -12.24
C PHE C 1238 -18.69 -113.68 -11.27
N SER C 1239 -18.82 -114.60 -10.33
CA SER C 1239 -17.86 -114.77 -9.25
C SER C 1239 -16.96 -115.97 -9.50
N LYS C 1240 -15.66 -115.75 -9.43
CA LYS C 1240 -14.67 -116.81 -9.60
C LYS C 1240 -14.41 -117.51 -8.27
N SER C 1241 -13.90 -118.73 -8.36
CA SER C 1241 -13.58 -119.53 -7.20
C SER C 1241 -12.09 -119.84 -7.05
N LEU C 1242 -11.27 -119.42 -8.00
CA LEU C 1242 -9.84 -119.68 -7.93
C LEU C 1242 -9.16 -118.66 -7.03
N PRO C 1243 -8.45 -119.09 -5.99
CA PRO C 1243 -7.78 -118.14 -5.06
C PRO C 1243 -6.49 -117.56 -5.61
N GLN C 1244 -6.63 -116.50 -6.41
CA GLN C 1244 -5.47 -115.87 -7.02
C GLN C 1244 -4.79 -114.92 -6.03
N PHE C 1245 -3.62 -114.42 -6.44
CA PHE C 1245 -2.82 -113.57 -5.57
C PHE C 1245 -3.48 -112.21 -5.39
N GLU C 1246 -3.26 -111.60 -4.22
CA GLU C 1246 -3.79 -110.27 -3.94
C GLU C 1246 -2.91 -109.57 -2.90
N PRO C 1247 -2.67 -108.27 -3.05
CA PRO C 1247 -1.96 -107.54 -2.01
C PRO C 1247 -2.80 -107.36 -0.77
N VAL C 1248 -2.12 -107.18 0.36
CA VAL C 1248 -2.83 -106.94 1.63
C VAL C 1248 -3.34 -105.50 1.65
N PRO C 1249 -4.61 -105.28 1.98
CA PRO C 1249 -5.11 -103.92 2.11
C PRO C 1249 -4.51 -103.24 3.32
N PRO C 1250 -4.04 -101.99 3.17
CA PRO C 1250 -3.47 -101.29 4.32
C PRO C 1250 -4.46 -101.05 5.45
N GLU C 1251 -5.76 -101.08 5.16
CA GLU C 1251 -6.79 -100.84 6.16
C GLU C 1251 -7.46 -102.13 6.61
N HIS C 1252 -6.79 -103.27 6.44
CA HIS C 1252 -7.38 -104.54 6.84
C HIS C 1252 -7.64 -104.54 8.34
N PRO C 1253 -8.76 -105.08 8.80
CA PRO C 1253 -9.11 -104.98 10.22
C PRO C 1253 -8.12 -105.64 11.16
N HIS C 1254 -7.85 -106.93 10.97
CA HIS C 1254 -7.02 -107.69 11.90
C HIS C 1254 -5.84 -108.36 11.20
N TYR C 1255 -5.33 -107.74 10.14
CA TYR C 1255 -4.16 -108.25 9.43
C TYR C 1255 -3.35 -107.05 8.94
N GLU C 1256 -2.32 -106.69 9.69
CA GLU C 1256 -1.51 -105.52 9.38
C GLU C 1256 -0.04 -105.91 9.30
N VAL C 1257 0.68 -105.30 8.36
CA VAL C 1257 2.09 -105.60 8.15
C VAL C 1257 2.91 -104.33 8.36
N ALA C 1258 4.22 -104.43 8.20
CA ALA C 1258 5.09 -103.27 8.35
C ALA C 1258 6.30 -103.43 7.46
N ARG C 1259 6.91 -102.29 7.10
CA ARG C 1259 8.11 -102.23 6.27
C ARG C 1259 9.07 -101.24 6.93
N MET C 1260 9.91 -101.73 7.84
CA MET C 1260 10.86 -100.88 8.54
C MET C 1260 12.16 -100.77 7.75
N ASP C 1261 12.71 -99.56 7.71
CA ASP C 1261 13.94 -99.32 6.97
C ASP C 1261 15.10 -100.07 7.61
N GLY C 1262 16.08 -100.43 6.78
CA GLY C 1262 17.23 -101.15 7.28
C GLY C 1262 18.07 -100.30 8.23
N THR C 1263 18.65 -100.95 9.22
CA THR C 1263 19.51 -100.30 10.20
C THR C 1263 20.96 -100.68 9.95
N VAL C 1264 21.86 -99.99 10.66
CA VAL C 1264 23.28 -100.29 10.56
C VAL C 1264 23.58 -101.68 11.09
N ASP C 1265 22.96 -102.03 12.23
CA ASP C 1265 23.21 -103.32 12.87
C ASP C 1265 22.32 -104.44 12.34
N THR C 1266 21.31 -104.14 11.53
CA THR C 1266 20.44 -105.19 11.04
C THR C 1266 19.83 -104.81 9.70
N PRO C 1267 19.71 -105.75 8.78
CA PRO C 1267 19.08 -105.46 7.48
C PRO C 1267 17.57 -105.30 7.64
N PRO C 1268 16.90 -104.68 6.67
CA PRO C 1268 15.47 -104.43 6.81
C PRO C 1268 14.65 -105.72 6.82
N CYS C 1269 13.50 -105.65 7.47
CA CYS C 1269 12.61 -106.80 7.58
C CYS C 1269 11.16 -106.32 7.56
N LEU C 1270 10.27 -107.24 7.21
CA LEU C 1270 8.83 -106.98 7.17
C LEU C 1270 8.17 -107.78 8.29
N ARG C 1271 7.49 -107.08 9.19
CA ARG C 1271 6.82 -107.70 10.32
C ARG C 1271 5.34 -107.92 10.04
N LEU C 1272 4.74 -108.77 10.85
CA LEU C 1272 3.31 -109.04 10.78
C LEU C 1272 2.72 -108.99 12.17
N ALA C 1273 1.49 -108.50 12.27
CA ALA C 1273 0.81 -108.37 13.55
C ALA C 1273 -0.63 -108.85 13.40
N HIS C 1274 -1.20 -109.28 14.53
CA HIS C 1274 -2.57 -109.78 14.57
C HIS C 1274 -3.30 -109.12 15.73
N ARG C 1275 -4.61 -108.95 15.57
CA ARG C 1275 -5.44 -108.35 16.61
C ARG C 1275 -5.56 -109.33 17.77
N THR C 1276 -4.78 -109.09 18.83
CA THR C 1276 -4.75 -109.99 19.99
C THR C 1276 -5.88 -109.62 20.95
N TRP C 1277 -7.09 -109.97 20.54
CA TRP C 1277 -8.29 -109.73 21.32
C TRP C 1277 -9.30 -110.83 20.98
N GLY C 1278 -10.57 -110.60 21.30
CA GLY C 1278 -11.62 -111.53 20.96
C GLY C 1278 -12.08 -111.39 19.52
N SER C 1279 -11.13 -111.09 18.63
CA SER C 1279 -11.42 -110.88 17.22
C SER C 1279 -11.23 -112.18 16.44
N GLN C 1280 -11.23 -112.08 15.12
CA GLN C 1280 -11.06 -113.26 14.26
C GLN C 1280 -9.64 -113.80 14.35
N ASN C 1281 -9.53 -115.12 14.45
CA ASN C 1281 -8.25 -115.83 14.42
C ASN C 1281 -8.38 -116.93 13.37
N SER C 1282 -8.04 -116.60 12.12
CA SER C 1282 -8.22 -117.52 11.02
C SER C 1282 -7.09 -118.55 10.99
N LEU C 1283 -7.18 -119.48 10.05
CA LEU C 1283 -6.21 -120.55 9.90
C LEU C 1283 -4.98 -120.02 9.16
N VAL C 1284 -4.10 -120.93 8.73
CA VAL C 1284 -2.92 -120.55 7.97
C VAL C 1284 -3.36 -119.88 6.68
N GLU C 1285 -2.93 -118.64 6.48
CA GLU C 1285 -3.13 -117.93 5.23
C GLU C 1285 -1.81 -117.87 4.48
N MET C 1286 -1.84 -118.24 3.19
CA MET C 1286 -0.61 -118.32 2.41
C MET C 1286 -0.26 -116.94 1.89
N LEU C 1287 0.78 -116.34 2.46
CA LEU C 1287 1.20 -114.99 2.11
C LEU C 1287 2.41 -115.05 1.19
N PHE C 1288 2.30 -114.36 0.06
CA PHE C 1288 3.30 -114.40 -1.01
C PHE C 1288 4.06 -113.08 -1.03
N LEU C 1289 5.05 -112.99 -1.91
CA LEU C 1289 5.75 -111.75 -2.14
C LEU C 1289 5.27 -111.14 -3.46
N ARG C 1290 5.93 -110.05 -3.88
CA ARG C 1290 5.55 -109.38 -5.11
C ARG C 1290 6.42 -109.84 -6.29
N LEU C 1291 7.72 -109.67 -6.19
CA LEU C 1291 8.60 -110.01 -7.29
C LEU C 1291 8.73 -111.52 -7.45
N SER C 1292 9.20 -111.92 -8.63
CA SER C 1292 9.38 -113.33 -8.97
C SER C 1292 10.86 -113.62 -9.22
N LEU C 1293 11.22 -114.89 -9.06
CA LEU C 1293 12.61 -115.32 -9.19
C LEU C 1293 12.79 -116.20 -10.42
N PRO C 1294 13.42 -115.70 -11.49
CA PRO C 1294 13.82 -116.59 -12.58
C PRO C 1294 15.18 -117.22 -12.30
N VAL C 1295 15.35 -118.43 -12.83
CA VAL C 1295 16.63 -119.12 -12.63
C VAL C 1295 17.74 -118.39 -13.36
N GLN C 1296 18.97 -118.60 -12.90
CA GLN C 1296 20.13 -117.98 -13.52
C GLN C 1296 20.52 -118.78 -14.75
N PHE C 1297 21.66 -118.44 -15.35
CA PHE C 1297 22.11 -119.07 -16.57
C PHE C 1297 23.60 -118.86 -16.79
N THR C 1430 21.56 -126.91 -9.19
CA THR C 1430 22.66 -126.14 -9.74
C THR C 1430 22.18 -124.83 -10.33
N THR C 1431 23.06 -124.18 -11.10
CA THR C 1431 22.83 -122.92 -11.80
C THR C 1431 22.67 -121.76 -10.81
N THR C 1432 22.66 -122.03 -9.51
CA THR C 1432 22.60 -121.00 -8.48
C THR C 1432 23.70 -121.19 -7.43
N TYR C 1433 24.66 -122.07 -7.69
CA TYR C 1433 25.81 -122.39 -6.86
C TYR C 1433 25.45 -123.10 -5.57
N TYR C 1434 24.17 -123.30 -5.28
CA TYR C 1434 23.75 -123.99 -4.06
C TYR C 1434 22.27 -124.30 -4.15
N TYR C 1435 21.85 -125.34 -3.42
CA TYR C 1435 20.43 -125.65 -3.22
C TYR C 1435 20.32 -126.34 -1.86
N SER C 1436 20.05 -125.55 -0.83
CA SER C 1436 20.01 -126.09 0.53
C SER C 1436 19.17 -125.18 1.40
N VAL C 1437 18.72 -125.73 2.52
CA VAL C 1437 17.97 -125.00 3.55
C VAL C 1437 18.64 -125.24 4.87
N ARG C 1438 19.12 -124.18 5.51
CA ARG C 1438 19.85 -124.26 6.77
C ARG C 1438 19.02 -123.59 7.87
N VAL C 1439 18.91 -124.25 9.02
CA VAL C 1439 18.11 -123.70 10.10
C VAL C 1439 18.89 -122.66 10.90
N PHE C 1440 20.03 -123.04 11.47
CA PHE C 1440 20.89 -122.08 12.14
C PHE C 1440 22.26 -122.03 11.48
N ALA C 1441 22.92 -123.18 11.39
CA ALA C 1441 24.22 -123.28 10.75
C ALA C 1441 24.40 -124.56 9.96
N GLY C 1442 23.39 -125.43 9.88
CA GLY C 1442 23.52 -126.67 9.14
C GLY C 1442 22.27 -127.52 9.23
N GLN C 1443 21.85 -128.07 8.10
CA GLN C 1443 20.67 -128.92 8.04
C GLN C 1443 20.78 -129.81 6.81
N GLU C 1444 19.94 -130.85 6.79
CA GLU C 1444 19.92 -131.82 5.69
C GLU C 1444 18.49 -131.92 5.16
N PRO C 1445 18.04 -130.92 4.41
CA PRO C 1445 16.67 -130.94 3.87
C PRO C 1445 16.54 -131.56 2.49
N SER C 1446 17.65 -131.77 1.78
CA SER C 1446 17.63 -132.21 0.39
C SER C 1446 16.80 -131.25 -0.47
N CYS C 1447 17.25 -130.00 -0.51
CA CYS C 1447 16.53 -128.96 -1.24
C CYS C 1447 16.40 -129.33 -2.70
N VAL C 1448 15.21 -129.10 -3.24
CA VAL C 1448 14.86 -129.54 -4.58
C VAL C 1448 15.00 -128.37 -5.55
N TRP C 1449 15.83 -128.55 -6.57
CA TRP C 1449 16.01 -127.57 -7.64
C TRP C 1449 15.69 -128.25 -8.97
N VAL C 1450 14.99 -127.53 -9.84
CA VAL C 1450 14.48 -128.11 -11.08
C VAL C 1450 15.45 -127.90 -12.24
N GLY C 1451 16.14 -126.76 -12.28
CA GLY C 1451 17.11 -126.50 -13.33
C GLY C 1451 16.54 -125.98 -14.63
N TRP C 1452 15.23 -125.95 -14.80
CA TRP C 1452 14.62 -125.39 -16.00
C TRP C 1452 14.42 -123.89 -15.81
N VAL C 1453 13.69 -123.25 -16.73
CA VAL C 1453 13.46 -121.81 -16.64
C VAL C 1453 12.69 -121.48 -15.36
N THR C 1454 11.46 -122.01 -15.25
CA THR C 1454 10.67 -122.09 -14.01
C THR C 1454 10.76 -120.84 -13.14
N PRO C 1455 10.15 -119.72 -13.54
CA PRO C 1455 10.18 -118.53 -12.68
C PRO C 1455 9.64 -118.82 -11.27
N ASP C 1456 10.52 -118.72 -10.28
CA ASP C 1456 10.17 -119.04 -8.90
C ASP C 1456 9.45 -117.85 -8.26
N TYR C 1457 9.03 -118.02 -7.01
CA TYR C 1457 8.31 -117.00 -6.29
C TYR C 1457 8.53 -117.17 -4.79
N HIS C 1458 8.92 -116.09 -4.12
CA HIS C 1458 9.08 -116.15 -2.67
C HIS C 1458 7.74 -116.45 -2.01
N GLN C 1459 7.76 -117.36 -1.04
CA GLN C 1459 6.52 -117.77 -0.39
C GLN C 1459 6.82 -118.29 1.00
N HIS C 1460 5.78 -118.31 1.83
CA HIS C 1460 5.79 -118.88 3.16
C HIS C 1460 4.37 -118.89 3.69
N ASP C 1461 4.01 -119.95 4.41
CA ASP C 1461 2.66 -120.13 4.94
C ASP C 1461 2.71 -120.21 6.46
N MET C 1462 1.85 -119.44 7.11
CA MET C 1462 1.81 -119.41 8.57
C MET C 1462 0.43 -118.93 9.02
N ASN C 1463 0.13 -119.17 10.29
CA ASN C 1463 -1.07 -118.68 10.93
C ASN C 1463 -0.70 -117.84 12.15
N PHE C 1464 -1.72 -117.28 12.79
CA PHE C 1464 -1.54 -116.44 13.97
C PHE C 1464 -2.12 -117.17 15.16
N ASP C 1465 -1.31 -117.35 16.21
CA ASP C 1465 -1.74 -117.95 17.47
C ASP C 1465 -2.01 -116.87 18.52
N LEU C 1466 -2.58 -115.74 18.08
CA LEU C 1466 -2.81 -114.58 18.94
C LEU C 1466 -1.50 -114.09 19.54
N SER C 1467 -0.43 -114.13 18.74
CA SER C 1467 0.91 -113.80 19.17
C SER C 1467 1.37 -112.50 18.54
N LYS C 1468 2.65 -112.16 18.79
CA LYS C 1468 3.16 -110.84 18.41
C LYS C 1468 3.61 -110.80 16.95
N VAL C 1469 4.65 -111.56 16.60
CA VAL C 1469 5.38 -111.32 15.37
C VAL C 1469 5.72 -112.64 14.68
N ARG C 1470 5.59 -112.65 13.35
CA ARG C 1470 6.14 -113.70 12.47
C ARG C 1470 6.66 -112.97 11.24
N ALA C 1471 7.92 -112.57 11.29
CA ALA C 1471 8.49 -111.62 10.33
C ALA C 1471 9.33 -112.31 9.27
N VAL C 1472 9.58 -111.58 8.19
CA VAL C 1472 10.44 -112.02 7.10
C VAL C 1472 11.53 -110.97 6.92
N THR C 1473 12.79 -111.41 6.91
CA THR C 1473 13.93 -110.52 6.87
C THR C 1473 14.79 -110.82 5.64
N VAL C 1474 15.21 -109.76 4.96
CA VAL C 1474 16.19 -109.88 3.90
C VAL C 1474 17.57 -109.97 4.51
N THR C 1475 18.33 -110.99 4.13
CA THR C 1475 19.65 -111.25 4.71
C THR C 1475 20.71 -111.32 3.62
N MET C 1476 21.85 -110.69 3.89
CA MET C 1476 22.99 -110.68 2.97
C MET C 1476 24.19 -111.11 3.82
N GLY C 1477 24.55 -112.38 3.72
CA GLY C 1477 25.55 -112.98 4.59
C GLY C 1477 26.97 -112.59 4.22
N ASP C 1478 27.92 -113.35 4.78
CA ASP C 1478 29.33 -113.05 4.53
C ASP C 1478 29.67 -113.17 3.04
N GLU C 1479 29.19 -114.23 2.39
CA GLU C 1479 29.40 -114.39 0.96
C GLU C 1479 28.16 -114.94 0.27
N GLN C 1480 26.99 -114.84 0.89
CA GLN C 1480 25.77 -115.40 0.31
C GLN C 1480 24.57 -114.72 0.95
N GLY C 1481 23.72 -114.09 0.13
CA GLY C 1481 22.49 -113.54 0.64
C GLY C 1481 21.51 -114.63 1.04
N ASN C 1482 20.64 -114.30 1.99
CA ASN C 1482 19.75 -115.29 2.57
C ASN C 1482 18.35 -114.72 2.71
N VAL C 1483 17.37 -115.62 2.77
CA VAL C 1483 15.98 -115.25 2.99
C VAL C 1483 15.60 -115.64 4.41
N HIS C 1484 15.77 -114.74 5.36
CA HIS C 1484 15.52 -115.04 6.76
C HIS C 1484 14.04 -114.95 7.07
N SER C 1485 13.59 -115.84 7.97
CA SER C 1485 12.21 -115.85 8.45
C SER C 1485 12.25 -116.00 9.97
N SER C 1486 12.34 -114.87 10.67
CA SER C 1486 12.37 -114.91 12.12
C SER C 1486 11.02 -115.34 12.66
N LEU C 1487 11.02 -116.33 13.55
CA LEU C 1487 9.79 -116.89 14.09
C LEU C 1487 9.93 -117.06 15.60
N LYS C 1488 8.83 -116.84 16.31
CA LYS C 1488 8.80 -117.04 17.76
C LYS C 1488 7.58 -117.78 18.26
N CYS C 1489 6.48 -117.81 17.52
CA CYS C 1489 5.18 -118.19 18.09
C CYS C 1489 4.85 -119.67 17.91
N SER C 1490 4.72 -120.11 16.66
CA SER C 1490 4.09 -121.41 16.42
C SER C 1490 4.55 -121.93 15.06
N ASN C 1491 3.84 -122.93 14.54
CA ASN C 1491 4.23 -123.60 13.31
C ASN C 1491 4.12 -122.65 12.11
N CYS C 1492 5.21 -122.52 11.37
CA CYS C 1492 5.26 -121.69 10.18
C CYS C 1492 6.08 -122.40 9.12
N TYR C 1493 5.60 -122.37 7.88
CA TYR C 1493 6.26 -123.05 6.78
C TYR C 1493 6.96 -122.02 5.90
N MET C 1494 8.23 -122.25 5.61
CA MET C 1494 9.04 -121.31 4.83
C MET C 1494 9.62 -122.06 3.64
N VAL C 1495 8.93 -121.98 2.50
CA VAL C 1495 9.34 -122.66 1.28
C VAL C 1495 9.07 -121.76 0.08
N TRP C 1496 10.01 -121.72 -0.85
CA TRP C 1496 9.81 -120.95 -2.07
C TRP C 1496 8.62 -121.49 -2.84
N GLY C 1497 7.78 -120.58 -3.36
CA GLY C 1497 6.55 -120.95 -4.02
C GLY C 1497 6.69 -120.89 -5.54
N GLY C 1498 5.88 -121.70 -6.21
CA GLY C 1498 5.81 -121.64 -7.66
C GLY C 1498 4.78 -120.64 -8.14
N ASP C 1499 4.77 -120.42 -9.46
CA ASP C 1499 3.80 -119.50 -10.03
C ASP C 1499 2.40 -120.11 -10.03
N PHE C 1500 2.28 -121.38 -10.42
CA PHE C 1500 1.00 -122.07 -10.55
C PHE C 1500 0.34 -122.35 -9.21
N VAL C 1501 0.89 -121.87 -8.09
CA VAL C 1501 0.33 -122.17 -6.77
C VAL C 1501 -1.07 -121.57 -6.66
N SER C 1502 -2.07 -122.43 -6.60
CA SER C 1502 -3.45 -122.00 -6.37
C SER C 1502 -4.25 -123.11 -5.68
N PRO C 1503 -3.81 -123.58 -4.51
CA PRO C 1503 -4.53 -124.68 -3.86
C PRO C 1503 -5.65 -124.17 -2.95
N GLY C 1504 -6.31 -125.08 -2.24
CA GLY C 1504 -7.29 -124.70 -1.26
C GLY C 1504 -6.66 -124.26 0.05
N GLN C 1505 -7.26 -124.65 1.17
CA GLN C 1505 -6.73 -124.32 2.49
C GLN C 1505 -6.84 -125.55 3.38
N GLN C 1506 -6.58 -125.35 4.67
CA GLN C 1506 -6.68 -126.36 5.72
C GLN C 1506 -5.69 -127.51 5.54
N GLY C 1507 -4.72 -127.35 4.63
CA GLY C 1507 -3.71 -128.38 4.43
C GLY C 1507 -2.61 -127.92 3.50
N ARG C 1508 -1.35 -128.14 3.91
CA ARG C 1508 -0.20 -127.73 3.11
C ARG C 1508 0.65 -128.92 2.70
N ILE C 1509 0.07 -130.11 2.65
CA ILE C 1509 0.76 -131.32 2.23
C ILE C 1509 -0.11 -132.04 1.22
N SER C 1510 0.38 -133.19 0.75
CA SER C 1510 -0.34 -134.04 -0.21
C SER C 1510 -0.62 -133.29 -1.51
N HIS C 1511 0.45 -132.84 -2.15
CA HIS C 1511 0.39 -132.16 -3.44
C HIS C 1511 1.49 -132.78 -4.32
N THR C 1512 1.17 -133.86 -5.01
CA THR C 1512 2.15 -134.58 -5.82
C THR C 1512 1.59 -134.79 -7.22
N ASP C 1513 2.42 -134.50 -8.22
CA ASP C 1513 2.08 -134.69 -9.63
C ASP C 1513 3.35 -134.45 -10.44
N LEU C 1514 3.22 -134.52 -11.76
CA LEU C 1514 4.29 -134.20 -12.70
C LEU C 1514 5.56 -135.00 -12.39
N VAL C 1515 5.39 -136.27 -12.03
CA VAL C 1515 6.51 -137.17 -11.79
C VAL C 1515 6.85 -137.85 -13.10
N ILE C 1516 8.03 -137.52 -13.63
CA ILE C 1516 8.44 -138.04 -14.94
C ILE C 1516 8.77 -139.52 -14.82
N GLY C 1517 8.15 -140.33 -15.68
CA GLY C 1517 8.40 -141.75 -15.69
C GLY C 1517 8.60 -142.29 -17.09
N CYS C 1518 9.15 -141.46 -17.97
CA CYS C 1518 9.40 -141.86 -19.35
C CYS C 1518 10.52 -142.90 -19.39
N LEU C 1519 10.28 -143.99 -20.12
CA LEU C 1519 11.26 -145.05 -20.23
C LEU C 1519 10.98 -145.87 -21.49
N VAL C 1520 12.05 -146.44 -22.05
CA VAL C 1520 11.96 -147.23 -23.26
C VAL C 1520 11.90 -148.70 -22.88
N ASP C 1521 11.58 -149.55 -23.86
CA ASP C 1521 11.36 -150.97 -23.59
C ASP C 1521 12.60 -151.62 -22.98
N LEU C 1522 13.75 -151.45 -23.61
CA LEU C 1522 14.99 -152.04 -23.11
C LEU C 1522 15.75 -151.07 -22.20
N ALA C 1523 15.02 -150.50 -21.23
CA ALA C 1523 15.57 -149.57 -20.24
C ALA C 1523 16.40 -148.45 -20.88
N THR C 1524 16.13 -148.13 -22.15
CA THR C 1524 16.88 -147.08 -22.82
C THR C 1524 16.43 -145.70 -22.36
N GLY C 1525 15.15 -145.56 -22.01
CA GLY C 1525 14.62 -144.29 -21.56
C GLY C 1525 14.94 -144.02 -20.11
N LEU C 1526 16.19 -143.66 -19.81
CA LEU C 1526 16.62 -143.37 -18.45
C LEU C 1526 16.90 -141.87 -18.34
N MET C 1527 15.84 -141.11 -18.03
CA MET C 1527 15.98 -139.74 -17.56
C MET C 1527 15.09 -139.55 -16.34
N THR C 1528 15.63 -138.88 -15.32
CA THR C 1528 14.88 -138.56 -14.12
C THR C 1528 15.52 -137.33 -13.48
N PHE C 1529 14.70 -136.37 -13.09
CA PHE C 1529 15.17 -135.13 -12.49
C PHE C 1529 14.25 -134.79 -11.32
N THR C 1530 14.35 -133.55 -10.85
CA THR C 1530 13.51 -133.07 -9.74
C THR C 1530 12.11 -132.84 -10.28
N ALA C 1531 11.32 -133.91 -10.31
CA ALA C 1531 9.98 -133.88 -10.89
C ALA C 1531 9.07 -133.04 -10.01
N ASN C 1532 8.62 -131.90 -10.56
CA ASN C 1532 7.70 -130.98 -9.88
C ASN C 1532 8.30 -130.51 -8.55
N GLY C 1533 9.39 -129.75 -8.67
CA GLY C 1533 9.99 -129.16 -7.50
C GLY C 1533 9.34 -127.85 -7.14
N LYS C 1534 8.39 -127.89 -6.21
CA LYS C 1534 7.59 -126.72 -5.86
C LYS C 1534 7.85 -126.24 -4.44
N GLU C 1535 7.72 -127.11 -3.42
CA GLU C 1535 7.97 -126.72 -2.03
C GLU C 1535 8.42 -127.98 -1.29
N SER C 1536 9.71 -128.04 -0.94
CA SER C 1536 10.20 -129.04 -0.01
C SER C 1536 9.83 -128.58 1.40
N ASN C 1537 8.57 -128.85 1.75
CA ASN C 1537 7.93 -128.23 2.91
C ASN C 1537 8.69 -128.48 4.20
N THR C 1538 9.25 -127.42 4.77
CA THR C 1538 9.85 -127.47 6.10
C THR C 1538 8.81 -127.03 7.13
N PHE C 1539 8.97 -127.54 8.35
CA PHE C 1539 8.00 -127.29 9.41
C PHE C 1539 8.71 -126.83 10.66
N PHE C 1540 8.12 -125.83 11.33
CA PHE C 1540 8.61 -125.38 12.63
C PHE C 1540 8.48 -126.46 13.69
N GLN C 1541 7.60 -127.44 13.48
CA GLN C 1541 7.40 -128.55 14.40
C GLN C 1541 8.21 -129.78 14.01
N VAL C 1542 9.04 -129.69 12.98
CA VAL C 1542 9.81 -130.83 12.49
C VAL C 1542 11.30 -130.68 12.81
N GLU C 1543 11.92 -129.59 12.34
CA GLU C 1543 13.35 -129.42 12.56
C GLU C 1543 13.73 -129.32 14.03
N PRO C 1544 13.10 -128.47 14.86
CA PRO C 1544 13.42 -128.46 16.28
C PRO C 1544 12.50 -129.36 17.09
N ASN C 1545 12.98 -129.73 18.27
CA ASN C 1545 12.22 -130.61 19.17
C ASN C 1545 12.63 -130.28 20.60
N THR C 1546 11.78 -129.50 21.29
CA THR C 1546 12.04 -129.11 22.67
C THR C 1546 10.73 -128.62 23.28
N LYS C 1547 10.77 -128.35 24.59
CA LYS C 1547 9.62 -127.84 25.33
C LYS C 1547 10.08 -126.61 26.10
N LEU C 1548 10.03 -125.45 25.45
CA LEU C 1548 10.48 -124.18 26.03
C LEU C 1548 9.93 -123.07 25.14
N PHE C 1549 10.41 -121.85 25.36
CA PHE C 1549 10.03 -120.68 24.57
C PHE C 1549 11.28 -119.96 24.08
N PRO C 1550 12.05 -120.57 23.17
CA PRO C 1550 13.22 -119.90 22.62
C PRO C 1550 12.90 -119.10 21.37
N ALA C 1551 13.92 -118.50 20.74
CA ALA C 1551 13.76 -117.80 19.49
C ALA C 1551 14.21 -118.69 18.33
N VAL C 1552 13.53 -118.53 17.19
CA VAL C 1552 13.80 -119.33 16.00
C VAL C 1552 14.12 -118.38 14.85
N PHE C 1553 15.19 -118.69 14.12
CA PHE C 1553 15.64 -117.86 13.00
C PHE C 1553 16.05 -118.79 11.86
N VAL C 1554 15.08 -119.12 11.00
CA VAL C 1554 15.31 -120.00 9.86
C VAL C 1554 15.81 -119.17 8.69
N LEU C 1555 16.93 -119.57 8.10
CA LEU C 1555 17.58 -118.83 7.02
C LEU C 1555 17.87 -119.75 5.84
N PRO C 1556 16.85 -120.08 5.05
CA PRO C 1556 17.08 -120.85 3.82
C PRO C 1556 17.41 -119.98 2.62
N THR C 1557 18.43 -120.39 1.88
CA THR C 1557 18.81 -119.68 0.66
C THR C 1557 19.55 -120.64 -0.26
N HIS C 1558 19.46 -120.35 -1.56
CA HIS C 1558 20.18 -121.14 -2.56
C HIS C 1558 20.83 -120.31 -3.66
N GLN C 1559 20.48 -119.03 -3.80
CA GLN C 1559 21.00 -118.21 -4.89
C GLN C 1559 22.42 -117.74 -4.60
N ASN C 1560 23.34 -118.03 -5.52
CA ASN C 1560 24.72 -117.59 -5.39
C ASN C 1560 25.39 -117.62 -6.75
N VAL C 1561 26.23 -116.61 -7.02
CA VAL C 1561 26.99 -116.54 -8.25
C VAL C 1561 28.36 -115.93 -7.98
N ILE C 1562 29.17 -115.80 -9.02
CA ILE C 1562 30.50 -115.22 -8.88
C ILE C 1562 30.37 -113.74 -8.58
N GLN C 1563 31.06 -113.29 -7.52
CA GLN C 1563 31.01 -111.88 -7.14
C GLN C 1563 32.38 -111.34 -6.76
N PHE C 1564 33.45 -112.09 -6.95
CA PHE C 1564 34.79 -111.65 -6.59
C PHE C 1564 35.49 -111.00 -7.79
N MET C 1573 24.65 -111.75 -5.07
CA MET C 1573 24.57 -112.39 -3.75
C MET C 1573 23.32 -112.00 -2.96
N PRO C 1574 23.04 -110.70 -2.78
CA PRO C 1574 21.86 -110.32 -1.98
C PRO C 1574 20.57 -110.63 -2.72
N LEU C 1575 19.48 -110.59 -1.97
CA LEU C 1575 18.17 -110.89 -2.55
C LEU C 1575 17.75 -109.85 -3.57
N SER C 1576 18.10 -108.59 -3.33
CA SER C 1576 17.62 -107.51 -4.19
C SER C 1576 18.16 -107.66 -5.61
N ALA C 1577 19.44 -108.00 -5.76
CA ALA C 1577 20.05 -108.09 -7.08
C ALA C 1577 19.55 -109.28 -7.89
N ALA C 1578 18.80 -110.19 -7.27
CA ALA C 1578 18.37 -111.41 -7.96
C ALA C 1578 17.25 -111.17 -8.97
N MET C 1579 16.45 -110.11 -8.81
CA MET C 1579 15.32 -109.88 -9.69
C MET C 1579 15.39 -108.59 -10.47
N PHE C 1580 15.81 -107.48 -9.85
CA PHE C 1580 15.69 -106.18 -10.49
C PHE C 1580 16.59 -106.02 -11.71
N LEU C 1581 17.65 -106.81 -11.82
CA LEU C 1581 18.54 -106.87 -12.98
C LEU C 1581 19.18 -105.53 -13.33
N SER C 1582 18.97 -104.50 -12.51
CA SER C 1582 19.59 -103.20 -12.74
C SER C 1582 20.66 -102.86 -11.71
N GLU C 1583 20.74 -103.60 -10.62
CA GLU C 1583 21.77 -103.42 -9.59
C GLU C 1583 22.38 -104.77 -9.23
N ARG C 1584 22.64 -105.59 -10.24
CA ARG C 1584 23.21 -106.91 -9.99
C ARG C 1584 24.61 -106.80 -9.37
N LYS C 1585 25.39 -105.82 -9.83
CA LYS C 1585 26.74 -105.64 -9.27
C LYS C 1585 26.68 -105.26 -7.80
N ASN C 1586 25.73 -104.41 -7.42
CA ASN C 1586 25.66 -103.93 -6.05
C ASN C 1586 25.31 -105.09 -5.11
N PRO C 1587 26.10 -105.32 -4.07
CA PRO C 1587 25.80 -106.40 -3.12
C PRO C 1587 25.01 -105.98 -1.89
N ALA C 1588 24.75 -104.70 -1.71
CA ALA C 1588 23.98 -104.24 -0.55
C ALA C 1588 22.50 -104.48 -0.81
N PRO C 1589 21.81 -105.25 0.04
CA PRO C 1589 20.38 -105.50 -0.19
C PRO C 1589 19.55 -104.24 0.00
N GLN C 1590 18.45 -104.16 -0.76
CA GLN C 1590 17.51 -103.06 -0.67
C GLN C 1590 16.09 -103.62 -0.70
N CYS C 1591 15.14 -102.79 -0.26
CA CYS C 1591 13.72 -103.13 -0.26
C CYS C 1591 12.96 -102.02 -0.95
N PRO C 1592 12.93 -102.01 -2.29
CA PRO C 1592 12.22 -100.97 -3.02
C PRO C 1592 10.72 -101.05 -2.77
N PRO C 1593 10.00 -99.94 -2.91
CA PRO C 1593 8.58 -99.93 -2.56
C PRO C 1593 7.73 -100.90 -3.37
N ARG C 1594 8.18 -101.28 -4.57
CA ARG C 1594 7.39 -102.19 -5.39
C ARG C 1594 7.23 -103.54 -4.71
N LEU C 1595 8.26 -104.01 -4.02
CA LEU C 1595 8.20 -105.29 -3.33
C LEU C 1595 7.32 -105.16 -2.10
N GLU C 1596 6.17 -105.81 -2.12
CA GLU C 1596 5.23 -105.79 -1.00
C GLU C 1596 4.66 -107.18 -0.78
N VAL C 1597 4.26 -107.45 0.46
CA VAL C 1597 3.68 -108.76 0.78
C VAL C 1597 2.29 -108.87 0.14
N GLN C 1598 1.82 -110.11 0.04
CA GLN C 1598 0.54 -110.40 -0.59
C GLN C 1598 -0.12 -111.54 0.16
N MET C 1599 -1.30 -111.95 -0.34
CA MET C 1599 -2.02 -113.11 0.17
C MET C 1599 -3.05 -113.49 -0.88
N LEU C 1600 -3.77 -114.60 -0.64
CA LEU C 1600 -4.78 -115.06 -1.57
C LEU C 1600 -6.11 -115.24 -0.84
N MET C 1601 -7.19 -114.82 -1.49
CA MET C 1601 -8.54 -115.10 -1.03
C MET C 1601 -9.26 -115.97 -2.05
N PRO C 1602 -10.14 -116.88 -1.60
CA PRO C 1602 -10.70 -117.87 -2.52
C PRO C 1602 -11.59 -117.30 -3.61
N VAL C 1603 -12.17 -116.12 -3.42
CA VAL C 1603 -13.20 -115.62 -4.32
C VAL C 1603 -12.77 -114.28 -4.90
N SER C 1604 -12.98 -114.12 -6.20
CA SER C 1604 -12.71 -112.86 -6.88
C SER C 1604 -13.68 -112.72 -8.05
N TRP C 1605 -13.88 -111.48 -8.50
CA TRP C 1605 -14.78 -111.21 -9.59
C TRP C 1605 -14.14 -111.58 -10.93
N SER C 1606 -14.98 -111.75 -11.93
CA SER C 1606 -14.53 -112.06 -13.29
C SER C 1606 -15.66 -111.79 -14.26
N ARG C 1607 -15.36 -111.93 -15.55
CA ARG C 1607 -16.29 -111.60 -16.62
C ARG C 1607 -16.53 -112.83 -17.49
N MET C 1608 -17.79 -113.02 -17.92
CA MET C 1608 -18.04 -114.12 -18.83
C MET C 1608 -18.12 -113.62 -20.26
N PRO C 1609 -17.70 -114.43 -21.23
CA PRO C 1609 -17.74 -114.01 -22.62
C PRO C 1609 -19.17 -113.80 -23.11
N ASN C 1610 -19.30 -112.90 -24.08
CA ASN C 1610 -20.60 -112.62 -24.68
C ASN C 1610 -21.09 -113.74 -25.59
N HIS C 1611 -20.23 -114.71 -25.91
CA HIS C 1611 -20.60 -115.83 -26.75
C HIS C 1611 -19.94 -117.10 -26.21
N PHE C 1612 -20.31 -118.23 -26.79
CA PHE C 1612 -19.77 -119.52 -26.39
C PHE C 1612 -19.74 -120.44 -27.59
N LEU C 1613 -19.02 -121.55 -27.44
CA LEU C 1613 -18.91 -122.52 -28.51
C LEU C 1613 -20.27 -123.15 -28.80
N GLN C 1614 -20.46 -123.56 -30.05
CA GLN C 1614 -21.74 -124.14 -30.47
C GLN C 1614 -22.04 -125.42 -29.70
N VAL C 1615 -21.04 -126.29 -29.56
CA VAL C 1615 -21.21 -127.53 -28.80
C VAL C 1615 -20.00 -127.73 -27.89
N GLU C 1622 -26.52 -136.46 -29.48
CA GLU C 1622 -25.25 -137.17 -29.57
C GLU C 1622 -25.47 -138.68 -29.50
N ARG C 1623 -25.87 -139.27 -30.63
CA ARG C 1623 -26.11 -140.70 -30.74
C ARG C 1623 -25.00 -141.36 -31.52
N LEU C 1624 -25.02 -142.70 -31.53
CA LEU C 1624 -24.02 -143.51 -32.21
C LEU C 1624 -22.61 -143.17 -31.68
N GLY C 1625 -22.41 -143.46 -30.41
CA GLY C 1625 -21.15 -143.19 -29.77
C GLY C 1625 -20.98 -141.77 -29.26
N TRP C 1626 -22.05 -140.99 -29.20
CA TRP C 1626 -22.04 -139.64 -28.63
C TRP C 1626 -21.07 -138.72 -29.38
N ALA C 1627 -21.35 -138.53 -30.67
CA ALA C 1627 -20.55 -137.61 -31.46
C ALA C 1627 -20.86 -136.16 -31.07
N VAL C 1628 -19.84 -135.31 -31.16
CA VAL C 1628 -19.96 -133.89 -30.88
C VAL C 1628 -19.60 -133.12 -32.15
N GLN C 1629 -20.47 -132.22 -32.56
CA GLN C 1629 -20.31 -131.47 -33.80
C GLN C 1629 -19.80 -130.07 -33.50
N CYS C 1630 -18.68 -129.71 -34.12
CA CYS C 1630 -18.10 -128.37 -33.96
C CYS C 1630 -17.61 -127.91 -35.32
N GLN C 1631 -18.18 -126.80 -35.81
CA GLN C 1631 -17.82 -126.29 -37.11
C GLN C 1631 -17.48 -124.80 -37.07
N ASP C 1632 -18.10 -124.07 -36.14
CA ASP C 1632 -17.93 -122.63 -36.07
C ASP C 1632 -16.83 -122.27 -35.07
N PRO C 1633 -15.76 -121.62 -35.50
CA PRO C 1633 -14.71 -121.19 -34.57
C PRO C 1633 -15.03 -119.83 -33.96
N LEU C 1634 -14.31 -119.52 -32.88
CA LEU C 1634 -14.47 -118.26 -32.19
C LEU C 1634 -13.14 -117.87 -31.55
N THR C 1635 -12.81 -116.59 -31.63
CA THR C 1635 -11.54 -116.07 -31.15
C THR C 1635 -11.78 -114.97 -30.13
N MET C 1636 -10.71 -114.58 -29.44
CA MET C 1636 -10.79 -113.61 -28.35
C MET C 1636 -9.39 -113.09 -28.08
N MET C 1637 -9.27 -111.77 -27.97
CA MET C 1637 -7.98 -111.13 -27.72
C MET C 1637 -7.75 -110.98 -26.22
N ALA C 1638 -6.52 -111.24 -25.80
CA ALA C 1638 -6.20 -111.26 -24.38
C ALA C 1638 -4.81 -110.71 -24.15
N LEU C 1639 -4.59 -110.18 -22.95
CA LEU C 1639 -3.31 -109.64 -22.54
C LEU C 1639 -2.78 -110.42 -21.35
N HIS C 1640 -1.45 -110.47 -21.23
CA HIS C 1640 -0.79 -111.34 -20.27
C HIS C 1640 0.23 -110.52 -19.48
N ILE C 1641 0.05 -110.46 -18.17
CA ILE C 1641 1.04 -109.80 -17.31
C ILE C 1641 2.29 -110.67 -17.23
N PRO C 1642 3.47 -110.14 -17.48
CA PRO C 1642 4.67 -110.98 -17.49
C PRO C 1642 5.17 -111.35 -16.11
N GLU C 1643 5.07 -110.41 -15.16
CA GLU C 1643 5.62 -110.64 -13.83
C GLU C 1643 4.93 -111.81 -13.14
N GLU C 1644 3.59 -111.83 -13.18
CA GLU C 1644 2.83 -112.93 -12.59
C GLU C 1644 2.59 -114.08 -13.55
N ASN C 1645 2.78 -113.85 -14.85
CA ASN C 1645 2.61 -114.87 -15.87
C ASN C 1645 1.25 -115.55 -15.77
N ARG C 1646 0.21 -114.74 -15.96
CA ARG C 1646 -1.16 -115.24 -16.01
C ARG C 1646 -1.96 -114.46 -17.03
N CYS C 1647 -2.78 -115.17 -17.80
CA CYS C 1647 -3.57 -114.54 -18.84
C CYS C 1647 -4.77 -113.82 -18.25
N MET C 1648 -5.38 -112.95 -19.06
CA MET C 1648 -6.54 -112.18 -18.63
C MET C 1648 -7.21 -111.60 -19.86
N ASP C 1649 -8.54 -111.68 -19.88
CA ASP C 1649 -9.30 -111.10 -20.99
C ASP C 1649 -9.26 -109.58 -20.91
N ILE C 1650 -9.07 -108.94 -22.06
CA ILE C 1650 -8.83 -107.50 -22.09
C ILE C 1650 -10.08 -106.73 -21.69
N LEU C 1651 -11.26 -107.28 -21.96
CA LEU C 1651 -12.49 -106.54 -21.69
C LEU C 1651 -12.71 -106.28 -20.21
N GLU C 1652 -12.02 -107.00 -19.33
CA GLU C 1652 -12.13 -106.77 -17.89
C GLU C 1652 -11.59 -105.41 -17.49
N LEU C 1653 -10.83 -104.74 -18.37
CA LEU C 1653 -10.38 -103.40 -18.06
C LEU C 1653 -11.53 -102.41 -17.93
N SER C 1654 -12.71 -102.75 -18.48
CA SER C 1654 -13.88 -101.91 -18.29
C SER C 1654 -14.31 -101.86 -16.83
N GLU C 1655 -13.84 -102.79 -16.01
CA GLU C 1655 -14.10 -102.80 -14.58
C GLU C 1655 -12.86 -102.56 -13.75
N ARG C 1656 -11.69 -102.95 -14.23
CA ARG C 1656 -10.48 -102.81 -13.43
C ARG C 1656 -10.19 -101.36 -13.09
N LEU C 1657 -10.33 -100.47 -14.07
CA LEU C 1657 -10.22 -99.03 -13.91
C LEU C 1657 -8.86 -98.58 -13.38
N ASP C 1658 -7.89 -99.49 -13.27
CA ASP C 1658 -6.54 -99.11 -12.91
C ASP C 1658 -5.53 -99.47 -13.99
N LEU C 1659 -5.58 -100.72 -14.48
CA LEU C 1659 -4.73 -101.09 -15.61
C LEU C 1659 -5.17 -100.41 -16.89
N GLN C 1660 -6.41 -99.91 -16.95
CA GLN C 1660 -6.87 -99.21 -18.15
C GLN C 1660 -6.05 -97.94 -18.37
N ARG C 1661 -5.82 -97.17 -17.31
CA ARG C 1661 -5.02 -95.95 -17.45
C ARG C 1661 -3.59 -96.28 -17.89
N PHE C 1662 -2.99 -97.29 -17.28
CA PHE C 1662 -1.63 -97.67 -17.64
C PHE C 1662 -1.54 -98.13 -19.08
N HIS C 1663 -2.52 -98.91 -19.53
CA HIS C 1663 -2.47 -99.39 -20.91
C HIS C 1663 -2.73 -98.26 -21.90
N SER C 1664 -3.62 -97.33 -21.56
CA SER C 1664 -3.81 -96.17 -22.42
C SER C 1664 -2.53 -95.35 -22.55
N HIS C 1665 -1.83 -95.15 -21.42
CA HIS C 1665 -0.58 -94.42 -21.49
C HIS C 1665 0.49 -95.20 -22.25
N THR C 1666 0.47 -96.54 -22.16
CA THR C 1666 1.40 -97.34 -22.94
C THR C 1666 1.14 -97.19 -24.44
N LEU C 1667 -0.14 -97.16 -24.82
CA LEU C 1667 -0.46 -96.90 -26.22
C LEU C 1667 -0.02 -95.50 -26.63
N ARG C 1668 -0.14 -94.53 -25.73
CA ARG C 1668 0.35 -93.20 -26.02
C ARG C 1668 1.86 -93.22 -26.26
N LEU C 1669 2.59 -93.97 -25.46
CA LEU C 1669 4.04 -94.09 -25.68
C LEU C 1669 4.34 -94.78 -27.00
N TYR C 1670 3.59 -95.82 -27.35
CA TYR C 1670 3.79 -96.47 -28.63
C TYR C 1670 3.60 -95.49 -29.78
N ARG C 1671 2.56 -94.66 -29.69
CA ARG C 1671 2.33 -93.66 -30.73
C ARG C 1671 3.45 -92.63 -30.76
N ALA C 1672 3.87 -92.15 -29.59
CA ALA C 1672 4.88 -91.10 -29.55
C ALA C 1672 6.23 -91.59 -30.09
N VAL C 1673 6.59 -92.83 -29.77
CA VAL C 1673 7.87 -93.37 -30.21
C VAL C 1673 7.96 -93.42 -31.72
N CYS C 1674 6.90 -93.87 -32.39
CA CYS C 1674 6.84 -93.84 -33.85
C CYS C 1674 6.47 -92.42 -34.29
N ALA C 1675 7.38 -91.50 -34.02
CA ALA C 1675 7.15 -90.09 -34.27
C ALA C 1675 7.19 -89.81 -35.78
N LEU C 1676 7.08 -88.54 -36.13
CA LEU C 1676 7.11 -88.15 -37.53
C LEU C 1676 8.48 -88.46 -38.13
N GLY C 1677 8.48 -89.05 -39.32
CA GLY C 1677 9.69 -89.27 -40.07
C GLY C 1677 10.51 -90.48 -39.66
N ASN C 1678 10.06 -91.25 -38.68
CA ASN C 1678 10.76 -92.46 -38.25
C ASN C 1678 9.98 -93.68 -38.75
N ASN C 1679 10.68 -94.60 -39.40
CA ASN C 1679 10.02 -95.76 -39.97
C ASN C 1679 10.75 -97.05 -39.62
N ARG C 1680 12.05 -96.98 -39.36
CA ARG C 1680 12.76 -98.16 -38.91
C ARG C 1680 12.22 -98.65 -37.59
N VAL C 1681 11.78 -97.74 -36.73
CA VAL C 1681 11.17 -98.12 -35.46
C VAL C 1681 9.81 -98.74 -35.67
N ALA C 1682 9.05 -98.25 -36.66
CA ALA C 1682 7.70 -98.75 -36.87
C ALA C 1682 7.68 -100.23 -37.22
N HIS C 1683 8.68 -100.68 -37.98
CA HIS C 1683 8.74 -102.09 -38.32
C HIS C 1683 8.99 -102.94 -37.07
N ALA C 1684 9.83 -102.46 -36.15
CA ALA C 1684 9.99 -103.16 -34.88
C ALA C 1684 8.69 -103.14 -34.09
N LEU C 1685 7.97 -102.02 -34.13
CA LEU C 1685 6.71 -101.91 -33.40
C LEU C 1685 5.69 -102.91 -33.91
N CYS C 1686 5.64 -103.12 -35.23
CA CYS C 1686 4.68 -104.03 -35.82
C CYS C 1686 4.90 -105.47 -35.39
N SER C 1687 6.05 -105.78 -34.78
CA SER C 1687 6.22 -107.10 -34.16
C SER C 1687 5.34 -107.25 -32.93
N HIS C 1688 5.28 -106.20 -32.09
CA HIS C 1688 4.52 -106.29 -30.85
C HIS C 1688 3.03 -106.45 -31.11
N VAL C 1689 2.49 -105.73 -32.08
CA VAL C 1689 1.08 -105.77 -32.41
C VAL C 1689 0.92 -106.25 -33.86
N ASP C 1690 0.09 -107.27 -34.06
CA ASP C 1690 -0.12 -107.82 -35.38
C ASP C 1690 -1.16 -107.02 -36.15
N GLN C 1691 -1.05 -107.04 -37.47
CA GLN C 1691 -2.03 -106.33 -38.28
C GLN C 1691 -3.41 -106.95 -38.14
N ALA C 1692 -3.48 -108.28 -38.02
CA ALA C 1692 -4.77 -108.92 -37.75
C ALA C 1692 -5.31 -108.51 -36.39
N GLN C 1693 -4.42 -108.37 -35.40
CA GLN C 1693 -4.83 -107.89 -34.09
C GLN C 1693 -5.43 -106.50 -34.17
N LEU C 1694 -4.78 -105.61 -34.91
CA LEU C 1694 -5.30 -104.25 -35.07
C LEU C 1694 -6.63 -104.26 -35.82
N LEU C 1695 -6.75 -105.11 -36.83
CA LEU C 1695 -8.02 -105.20 -37.57
C LEU C 1695 -9.15 -105.68 -36.65
N HIS C 1696 -8.87 -106.68 -35.82
CA HIS C 1696 -9.88 -107.16 -34.89
C HIS C 1696 -10.27 -106.09 -33.89
N ALA C 1697 -9.29 -105.36 -33.35
CA ALA C 1697 -9.59 -104.29 -32.41
C ALA C 1697 -10.41 -103.20 -33.08
N LEU C 1698 -10.13 -102.93 -34.36
CA LEU C 1698 -10.93 -101.98 -35.12
C LEU C 1698 -12.36 -102.47 -35.26
N GLU C 1699 -12.55 -103.76 -35.55
CA GLU C 1699 -13.89 -104.29 -35.79
C GLU C 1699 -14.69 -104.40 -34.49
N ASP C 1700 -14.02 -104.60 -33.36
CA ASP C 1700 -14.71 -104.86 -32.12
C ASP C 1700 -15.53 -103.65 -31.68
N ALA C 1701 -16.59 -103.93 -30.93
CA ALA C 1701 -17.43 -102.90 -30.34
C ALA C 1701 -17.39 -102.91 -28.82
N HIS C 1702 -17.29 -104.08 -28.21
CA HIS C 1702 -17.21 -104.20 -26.75
C HIS C 1702 -15.79 -103.84 -26.32
N LEU C 1703 -15.51 -102.54 -26.30
CA LEU C 1703 -14.20 -102.05 -25.90
C LEU C 1703 -14.38 -101.01 -24.80
N PRO C 1704 -13.40 -100.88 -23.90
CA PRO C 1704 -13.61 -100.08 -22.70
C PRO C 1704 -13.63 -98.57 -22.91
N GLY C 1705 -13.62 -98.12 -24.17
CA GLY C 1705 -13.69 -96.70 -24.43
C GLY C 1705 -12.37 -96.12 -24.92
N PRO C 1706 -11.64 -95.45 -24.03
CA PRO C 1706 -10.41 -94.76 -24.46
C PRO C 1706 -9.43 -95.66 -25.17
N LEU C 1707 -9.38 -96.95 -24.83
CA LEU C 1707 -8.51 -97.86 -25.56
C LEU C 1707 -8.90 -97.95 -27.03
N ARG C 1708 -10.18 -97.80 -27.35
CA ARG C 1708 -10.59 -97.82 -28.75
C ARG C 1708 -9.97 -96.66 -29.51
N ALA C 1709 -10.09 -95.45 -28.97
CA ALA C 1709 -9.49 -94.29 -29.61
C ALA C 1709 -7.98 -94.42 -29.68
N GLY C 1710 -7.37 -94.95 -28.62
CA GLY C 1710 -5.93 -95.17 -28.63
C GLY C 1710 -5.50 -96.11 -29.74
N TYR C 1711 -6.23 -97.22 -29.91
CA TYR C 1711 -5.88 -98.18 -30.95
C TYR C 1711 -6.10 -97.59 -32.35
N TYR C 1712 -7.18 -96.84 -32.53
CA TYR C 1712 -7.39 -96.20 -33.83
C TYR C 1712 -6.27 -95.23 -34.15
N ASP C 1713 -5.88 -94.40 -33.18
CA ASP C 1713 -4.81 -93.45 -33.42
C ASP C 1713 -3.47 -94.15 -33.62
N LEU C 1714 -3.25 -95.27 -32.94
CA LEU C 1714 -2.02 -96.04 -33.17
C LEU C 1714 -1.99 -96.59 -34.58
N LEU C 1715 -3.12 -97.13 -35.05
CA LEU C 1715 -3.16 -97.63 -36.42
C LEU C 1715 -2.92 -96.50 -37.42
N ILE C 1716 -3.53 -95.34 -37.19
CA ILE C 1716 -3.32 -94.23 -38.11
C ILE C 1716 -1.91 -93.68 -38.02
N SER C 1717 -1.20 -93.92 -36.92
CA SER C 1717 0.14 -93.39 -36.72
C SER C 1717 1.22 -94.43 -36.92
N ILE C 1718 0.89 -95.57 -37.52
CA ILE C 1718 1.85 -96.63 -37.81
C ILE C 1718 1.95 -96.89 -39.30
N HIS C 1719 0.81 -97.06 -39.97
CA HIS C 1719 0.77 -97.44 -41.36
C HIS C 1719 0.27 -96.35 -42.28
N LEU C 1720 -0.09 -95.18 -41.75
CA LEU C 1720 -0.61 -94.12 -42.61
C LEU C 1720 -0.07 -92.73 -42.30
N GLU C 1721 0.64 -92.53 -41.19
CA GLU C 1721 1.07 -91.18 -40.83
C GLU C 1721 2.05 -90.62 -41.84
N SER C 1722 2.98 -91.45 -42.32
CA SER C 1722 4.07 -90.94 -43.15
C SER C 1722 3.56 -90.35 -44.46
N ALA C 1723 2.66 -91.06 -45.13
CA ALA C 1723 2.25 -90.64 -46.47
C ALA C 1723 1.35 -89.41 -46.46
N CYS C 1724 0.66 -89.15 -45.35
CA CYS C 1724 -0.32 -88.06 -45.33
C CYS C 1724 0.34 -86.71 -45.52
N ARG C 1725 1.48 -86.47 -44.87
CA ARG C 1725 2.15 -85.18 -44.99
C ARG C 1725 2.59 -84.92 -46.43
N SER C 1726 3.21 -85.93 -47.05
CA SER C 1726 3.64 -85.77 -48.44
C SER C 1726 2.44 -85.56 -49.36
N ARG C 1727 1.34 -86.28 -49.10
CA ARG C 1727 0.16 -86.10 -49.92
C ARG C 1727 -0.39 -84.69 -49.81
N ARG C 1728 -0.43 -84.13 -48.61
CA ARG C 1728 -0.88 -82.75 -48.46
C ARG C 1728 0.05 -81.78 -49.19
N SER C 1729 1.35 -81.95 -49.01
CA SER C 1729 2.32 -81.03 -49.59
C SER C 1729 2.22 -81.03 -51.11
N MET C 1730 2.10 -82.21 -51.72
CA MET C 1730 1.91 -82.26 -53.17
C MET C 1730 0.49 -81.91 -53.57
N LEU C 1731 -0.46 -81.96 -52.63
CA LEU C 1731 -1.82 -81.53 -52.93
C LEU C 1731 -1.88 -80.03 -53.17
N SER C 1732 -1.11 -79.26 -52.39
CA SER C 1732 -1.13 -77.81 -52.60
C SER C 1732 -0.12 -77.36 -53.65
N GLU C 1733 -0.13 -77.99 -54.83
CA GLU C 1733 0.74 -77.59 -55.93
C GLU C 1733 0.01 -77.27 -57.22
N TYR C 1734 -0.88 -78.16 -57.67
CA TYR C 1734 -1.70 -77.96 -58.86
C TYR C 1734 -0.84 -77.76 -60.11
N ILE C 1735 -0.12 -78.83 -60.48
CA ILE C 1735 0.62 -78.90 -61.73
C ILE C 1735 -0.11 -79.86 -62.66
N VAL C 1736 -0.29 -79.46 -63.92
CA VAL C 1736 -1.05 -80.27 -64.87
C VAL C 1736 -0.29 -80.41 -66.18
N PRO C 1737 -0.20 -81.61 -66.74
CA PRO C 1737 0.41 -81.78 -68.07
C PRO C 1737 -0.60 -81.71 -69.20
N LEU C 1738 -0.13 -81.80 -70.44
CA LEU C 1738 -1.00 -81.82 -71.62
C LEU C 1738 -1.18 -83.27 -72.07
N THR C 1739 -2.35 -83.83 -71.81
CA THR C 1739 -2.70 -85.17 -72.23
C THR C 1739 -4.04 -85.13 -72.94
N PRO C 1740 -4.31 -86.10 -73.82
CA PRO C 1740 -5.64 -86.16 -74.45
C PRO C 1740 -6.77 -86.27 -73.45
N GLU C 1741 -6.54 -86.97 -72.33
CA GLU C 1741 -7.55 -87.02 -71.28
C GLU C 1741 -7.77 -85.64 -70.67
N THR C 1742 -6.70 -84.85 -70.55
CA THR C 1742 -6.82 -83.51 -69.99
C THR C 1742 -7.70 -82.61 -70.86
N ARG C 1743 -7.79 -82.90 -72.14
CA ARG C 1743 -8.55 -82.03 -73.05
C ARG C 1743 -10.03 -82.02 -72.69
N ALA C 1744 -10.59 -83.18 -72.35
CA ALA C 1744 -12.03 -83.30 -72.11
C ALA C 1744 -12.38 -83.05 -70.65
N ILE C 1745 -12.00 -81.87 -70.17
CA ILE C 1745 -12.32 -81.42 -68.81
C ILE C 1745 -13.09 -80.11 -68.94
N THR C 1746 -14.29 -80.07 -68.37
CA THR C 1746 -15.16 -78.91 -68.48
C THR C 1746 -16.16 -78.93 -67.32
N LEU C 1747 -17.20 -78.11 -67.42
CA LEU C 1747 -18.24 -78.09 -66.41
C LEU C 1747 -18.92 -79.43 -66.25
N PHE C 1748 -18.83 -80.30 -67.26
CA PHE C 1748 -19.40 -81.65 -67.26
C PHE C 1748 -20.92 -81.54 -67.12
N PRO C 1749 -21.61 -81.15 -68.18
CA PRO C 1749 -23.07 -81.24 -68.21
C PRO C 1749 -23.51 -82.65 -68.58
N PRO C 1750 -24.10 -83.38 -67.64
CA PRO C 1750 -24.60 -84.73 -67.95
C PRO C 1750 -26.09 -84.74 -68.27
N GLY C 1751 -26.44 -85.51 -69.30
CA GLY C 1751 -27.84 -85.74 -69.59
C GLY C 1751 -28.48 -84.64 -70.42
N ARG C 1752 -29.15 -83.71 -69.74
CA ARG C 1752 -29.81 -82.58 -70.38
C ARG C 1752 -28.83 -81.55 -70.91
N LYS C 1753 -27.52 -81.76 -70.74
CA LYS C 1753 -26.49 -80.83 -71.19
C LYS C 1753 -26.72 -79.44 -70.62
N GLY C 1754 -27.12 -79.38 -69.35
CA GLY C 1754 -27.43 -78.13 -68.69
C GLY C 1754 -26.83 -78.02 -67.31
N GLY C 1755 -25.62 -78.56 -67.13
CA GLY C 1755 -25.00 -78.57 -65.83
C GLY C 1755 -24.86 -77.19 -65.21
N ASN C 1756 -24.78 -76.15 -66.04
CA ASN C 1756 -24.84 -74.78 -65.52
C ASN C 1756 -26.23 -74.47 -64.98
N ALA C 1757 -27.27 -74.78 -65.77
CA ALA C 1757 -28.63 -74.56 -65.32
C ALA C 1757 -29.06 -75.60 -64.29
N ARG C 1758 -28.71 -76.86 -64.54
CA ARG C 1758 -29.07 -77.95 -63.63
C ARG C 1758 -27.94 -78.13 -62.60
N ARG C 1759 -27.97 -79.25 -61.88
CA ARG C 1759 -26.92 -79.53 -60.91
C ARG C 1759 -25.57 -79.66 -61.62
N HIS C 1760 -24.56 -78.97 -61.08
CA HIS C 1760 -23.24 -79.02 -61.68
C HIS C 1760 -22.63 -80.41 -61.61
N GLY C 1761 -22.76 -81.07 -60.48
CA GLY C 1761 -22.20 -82.40 -60.31
C GLY C 1761 -21.80 -82.63 -58.87
N LEU C 1762 -21.21 -83.81 -58.64
CA LEU C 1762 -20.78 -84.22 -57.31
C LEU C 1762 -19.29 -83.93 -57.14
N PRO C 1763 -18.89 -83.28 -56.05
CA PRO C 1763 -17.48 -82.94 -55.87
C PRO C 1763 -16.61 -84.17 -55.69
N GLY C 1764 -15.41 -84.10 -56.24
CA GLY C 1764 -14.42 -85.15 -56.04
C GLY C 1764 -14.83 -86.52 -56.53
N VAL C 1765 -15.47 -86.58 -57.69
CA VAL C 1765 -15.85 -87.87 -58.28
C VAL C 1765 -15.25 -88.09 -59.66
N GLY C 1766 -14.81 -87.04 -60.36
CA GLY C 1766 -14.25 -87.17 -61.68
C GLY C 1766 -12.77 -87.45 -61.64
N VAL C 1767 -12.16 -87.41 -62.82
CA VAL C 1767 -10.72 -87.65 -62.95
C VAL C 1767 -9.96 -86.42 -62.50
N THR C 1768 -8.81 -86.66 -61.87
CA THR C 1768 -7.99 -85.57 -61.33
C THR C 1768 -7.07 -84.96 -62.39
N THR C 1769 -6.37 -85.80 -63.14
CA THR C 1769 -5.44 -85.41 -64.20
C THR C 1769 -4.29 -84.55 -63.70
N SER C 1770 -4.13 -84.39 -62.38
CA SER C 1770 -3.02 -83.64 -61.83
C SER C 1770 -1.78 -84.53 -61.78
N LEU C 1771 -0.74 -84.09 -61.08
CA LEU C 1771 0.50 -84.84 -60.95
C LEU C 1771 0.77 -85.07 -59.47
N ARG C 1772 0.63 -86.31 -59.01
CA ARG C 1772 0.84 -86.68 -57.63
C ARG C 1772 1.74 -87.91 -57.56
N PRO C 1773 2.83 -87.86 -56.80
CA PRO C 1773 3.70 -89.04 -56.69
C PRO C 1773 3.03 -90.14 -55.91
N PRO C 1774 3.41 -91.39 -56.14
CA PRO C 1774 2.87 -92.50 -55.35
C PRO C 1774 3.47 -92.53 -53.96
N HIS C 1775 3.11 -93.56 -53.20
CA HIS C 1775 3.48 -93.68 -51.79
C HIS C 1775 4.68 -94.60 -51.56
N HIS C 1776 4.80 -95.68 -52.32
CA HIS C 1776 5.93 -96.60 -52.25
C HIS C 1776 6.08 -97.19 -50.83
N PHE C 1777 5.07 -97.97 -50.47
CA PHE C 1777 5.09 -98.69 -49.20
C PHE C 1777 6.14 -99.80 -49.23
N SER C 1778 6.25 -100.52 -48.13
CA SER C 1778 7.22 -101.61 -48.04
C SER C 1778 6.70 -102.72 -47.12
N PRO C 1779 6.53 -103.93 -47.63
CA PRO C 1779 6.04 -105.04 -46.79
C PRO C 1779 7.01 -105.33 -45.66
N PRO C 1780 6.49 -105.69 -44.48
CA PRO C 1780 7.36 -105.99 -43.34
C PRO C 1780 7.77 -107.46 -43.29
N CYS C 1781 8.99 -107.67 -42.80
CA CYS C 1781 9.51 -109.02 -42.63
C CYS C 1781 10.59 -109.00 -41.58
N PHE C 1782 10.84 -110.17 -40.99
CA PHE C 1782 11.85 -110.28 -39.95
C PHE C 1782 12.83 -111.42 -40.24
N VAL C 1783 12.34 -112.50 -40.85
CA VAL C 1783 13.20 -113.62 -41.20
C VAL C 1783 14.17 -113.29 -42.32
N ALA C 1784 14.03 -112.12 -42.94
CA ALA C 1784 14.94 -111.71 -44.00
C ALA C 1784 16.35 -111.51 -43.44
N ALA C 1785 17.34 -111.59 -44.33
CA ALA C 1785 18.73 -111.45 -43.94
C ALA C 1785 18.97 -110.08 -43.31
N LEU C 1786 19.66 -110.07 -42.18
CA LEU C 1786 19.95 -108.82 -41.49
C LEU C 1786 20.90 -107.97 -42.33
N PRO C 1787 20.58 -106.71 -42.59
CA PRO C 1787 21.48 -105.87 -43.39
C PRO C 1787 22.80 -105.63 -42.68
N ALA C 1788 23.85 -105.46 -43.48
CA ALA C 1788 25.18 -105.22 -42.96
C ALA C 1788 25.42 -103.73 -42.77
N GLU C 1793 24.89 -95.47 -46.30
CA GLU C 1793 24.07 -95.66 -45.11
C GLU C 1793 22.61 -95.29 -45.38
N ALA C 1794 22.06 -95.82 -46.47
CA ALA C 1794 20.67 -95.55 -46.81
C ALA C 1794 19.74 -96.18 -45.77
N PRO C 1795 18.63 -95.53 -45.45
CA PRO C 1795 17.69 -96.12 -44.47
C PRO C 1795 17.17 -97.47 -44.90
N ALA C 1796 16.93 -97.68 -46.20
CA ALA C 1796 16.46 -98.93 -46.77
C ALA C 1796 15.08 -99.33 -46.24
N ARG C 1797 14.48 -98.48 -45.42
CA ARG C 1797 13.13 -98.71 -44.90
C ARG C 1797 12.26 -97.52 -45.25
N LEU C 1798 11.13 -97.78 -45.91
CA LEU C 1798 10.19 -96.72 -46.25
C LEU C 1798 9.11 -96.58 -45.20
N SER C 1799 8.31 -97.64 -44.98
CA SER C 1799 7.30 -97.72 -43.94
C SER C 1799 6.67 -99.11 -43.96
N PRO C 1800 6.14 -99.59 -42.84
CA PRO C 1800 5.41 -100.85 -42.86
C PRO C 1800 4.19 -100.76 -43.75
N ALA C 1801 3.87 -101.86 -44.41
CA ALA C 1801 2.77 -101.92 -45.37
C ALA C 1801 1.58 -102.65 -44.78
N ILE C 1802 0.44 -102.51 -45.45
CA ILE C 1802 -0.81 -103.14 -45.03
C ILE C 1802 -1.79 -103.08 -46.20
N PRO C 1803 -2.52 -104.16 -46.48
CA PRO C 1803 -3.51 -104.11 -47.56
C PRO C 1803 -4.56 -103.04 -47.29
N LEU C 1804 -4.99 -102.37 -48.36
CA LEU C 1804 -5.87 -101.21 -48.23
C LEU C 1804 -7.30 -101.48 -48.68
N GLU C 1805 -7.50 -102.30 -49.71
CA GLU C 1805 -8.86 -102.53 -50.21
C GLU C 1805 -9.75 -103.13 -49.14
N ALA C 1806 -9.27 -104.18 -48.47
CA ALA C 1806 -10.03 -104.75 -47.37
C ALA C 1806 -10.22 -103.74 -46.26
N LEU C 1807 -9.16 -102.99 -45.93
CA LEU C 1807 -9.28 -101.96 -44.90
C LEU C 1807 -10.27 -100.88 -45.30
N ARG C 1808 -10.26 -100.48 -46.57
CA ARG C 1808 -11.19 -99.46 -47.05
C ARG C 1808 -12.62 -99.94 -46.92
N ASP C 1809 -12.90 -101.16 -47.37
CA ASP C 1809 -14.25 -101.71 -47.26
C ASP C 1809 -14.67 -101.83 -45.80
N LYS C 1810 -13.75 -102.28 -44.94
CA LYS C 1810 -14.05 -102.42 -43.52
C LYS C 1810 -14.42 -101.07 -42.92
N ALA C 1811 -13.65 -100.03 -43.23
CA ALA C 1811 -13.93 -98.72 -42.68
C ALA C 1811 -15.26 -98.19 -43.18
N LEU C 1812 -15.54 -98.35 -44.48
CA LEU C 1812 -16.79 -97.85 -45.02
C LEU C 1812 -17.99 -98.53 -44.37
N ARG C 1813 -17.96 -99.86 -44.30
CA ARG C 1813 -19.09 -100.57 -43.71
C ARG C 1813 -19.19 -100.31 -42.22
N MET C 1814 -18.06 -100.08 -41.54
CA MET C 1814 -18.11 -99.74 -40.13
C MET C 1814 -18.76 -98.39 -39.90
N LEU C 1815 -18.43 -97.40 -40.72
CA LEU C 1815 -19.09 -96.11 -40.60
C LEU C 1815 -20.58 -96.23 -40.89
N GLY C 1816 -20.94 -97.02 -41.91
CA GLY C 1816 -22.35 -97.23 -42.18
C GLY C 1816 -23.08 -97.86 -41.00
N GLU C 1817 -22.48 -98.89 -40.39
CA GLU C 1817 -23.10 -99.54 -39.25
C GLU C 1817 -23.21 -98.59 -38.07
N ALA C 1818 -22.19 -97.76 -37.86
CA ALA C 1818 -22.24 -96.79 -36.77
C ALA C 1818 -23.37 -95.78 -36.99
N VAL C 1819 -23.55 -95.33 -38.24
CA VAL C 1819 -24.65 -94.43 -38.54
C VAL C 1819 -25.98 -95.10 -38.28
N ARG C 1820 -26.11 -96.37 -38.71
CA ARG C 1820 -27.35 -97.10 -38.47
C ARG C 1820 -27.65 -97.23 -36.98
N ASP C 1821 -26.62 -97.55 -36.18
CA ASP C 1821 -26.81 -97.68 -34.75
C ASP C 1821 -27.19 -96.34 -34.11
N GLY C 1822 -26.53 -95.25 -34.55
CA GLY C 1822 -26.89 -93.95 -34.03
C GLY C 1822 -28.29 -93.52 -34.40
N GLY C 1823 -28.79 -94.00 -35.55
CA GLY C 1823 -30.14 -93.68 -35.94
C GLY C 1823 -31.20 -94.23 -35.00
N GLN C 1824 -30.84 -95.18 -34.15
CA GLN C 1824 -31.78 -95.77 -33.21
C GLN C 1824 -31.78 -95.07 -31.85
N HIS C 1825 -30.72 -94.35 -31.52
CA HIS C 1825 -30.60 -93.63 -30.25
C HIS C 1825 -30.77 -94.57 -29.06
N ALA C 1826 -29.84 -95.53 -28.97
CA ALA C 1826 -29.87 -96.52 -27.91
C ALA C 1826 -29.36 -95.91 -26.61
N ARG C 1827 -29.16 -96.76 -25.59
CA ARG C 1827 -28.69 -96.31 -24.30
C ARG C 1827 -27.28 -96.78 -23.96
N ASP C 1828 -26.68 -97.63 -24.79
CA ASP C 1828 -25.34 -98.15 -24.55
C ASP C 1828 -24.50 -97.92 -25.80
N PRO C 1829 -24.07 -96.68 -26.02
CA PRO C 1829 -23.25 -96.39 -27.20
C PRO C 1829 -21.91 -97.12 -27.13
N VAL C 1830 -21.39 -97.48 -28.30
CA VAL C 1830 -20.11 -98.18 -28.36
C VAL C 1830 -19.03 -97.28 -27.78
N GLY C 1831 -18.24 -97.84 -26.87
CA GLY C 1831 -17.20 -97.09 -26.20
C GLY C 1831 -17.64 -96.34 -24.97
N GLY C 1832 -18.93 -96.34 -24.65
CA GLY C 1832 -19.42 -95.72 -23.44
C GLY C 1832 -20.09 -94.37 -23.62
N SER C 1833 -19.90 -93.73 -24.77
CA SER C 1833 -20.54 -92.45 -25.03
C SER C 1833 -20.61 -92.22 -26.53
N VAL C 1834 -21.43 -91.25 -26.93
CA VAL C 1834 -21.61 -90.95 -28.33
C VAL C 1834 -20.31 -90.43 -28.93
N GLU C 1835 -19.55 -89.65 -28.16
CA GLU C 1835 -18.29 -89.09 -28.67
C GLU C 1835 -17.32 -90.19 -29.05
N PHE C 1836 -17.27 -91.26 -28.27
CA PHE C 1836 -16.40 -92.39 -28.56
C PHE C 1836 -17.00 -93.33 -29.60
N GLN C 1837 -18.21 -93.05 -30.08
CA GLN C 1837 -18.81 -93.86 -31.13
C GLN C 1837 -18.39 -93.31 -32.49
N PHE C 1838 -18.73 -92.05 -32.76
CA PHE C 1838 -18.18 -91.32 -33.90
C PHE C 1838 -16.79 -90.82 -33.51
N VAL C 1839 -15.95 -91.80 -33.19
CA VAL C 1839 -14.65 -91.66 -32.54
C VAL C 1839 -13.67 -91.30 -33.66
N PRO C 1840 -12.38 -91.23 -33.41
CA PRO C 1840 -11.40 -91.18 -34.50
C PRO C 1840 -11.62 -92.16 -35.65
N VAL C 1841 -12.65 -93.02 -35.61
CA VAL C 1841 -13.09 -93.67 -36.85
C VAL C 1841 -13.31 -92.63 -37.93
N LEU C 1842 -13.86 -91.47 -37.56
CA LEU C 1842 -13.96 -90.36 -38.51
C LEU C 1842 -12.59 -89.88 -38.93
N LYS C 1843 -11.63 -89.84 -38.00
CA LYS C 1843 -10.28 -89.46 -38.36
C LYS C 1843 -9.68 -90.41 -39.38
N LEU C 1844 -9.88 -91.71 -39.19
CA LEU C 1844 -9.36 -92.70 -40.12
C LEU C 1844 -10.02 -92.57 -41.48
N VAL C 1845 -11.33 -92.39 -41.52
CA VAL C 1845 -12.00 -92.28 -42.81
C VAL C 1845 -11.57 -91.01 -43.54
N SER C 1846 -11.36 -89.92 -42.79
CA SER C 1846 -10.89 -88.69 -43.42
C SER C 1846 -9.46 -88.83 -43.94
N THR C 1847 -8.59 -89.50 -43.17
CA THR C 1847 -7.23 -89.71 -43.61
C THR C 1847 -7.20 -90.58 -44.88
N LEU C 1848 -8.00 -91.63 -44.90
CA LEU C 1848 -8.10 -92.44 -46.11
C LEU C 1848 -8.65 -91.63 -47.28
N LEU C 1849 -9.58 -90.71 -47.00
CA LEU C 1849 -10.16 -89.89 -48.05
C LEU C 1849 -9.12 -88.94 -48.65
N VAL C 1850 -8.32 -88.30 -47.81
CA VAL C 1850 -7.35 -87.34 -48.30
C VAL C 1850 -6.19 -88.02 -49.00
N MET C 1851 -5.97 -89.31 -48.73
CA MET C 1851 -4.89 -90.04 -49.37
C MET C 1851 -5.26 -90.57 -50.74
N GLY C 1852 -6.50 -90.35 -51.18
CA GLY C 1852 -6.93 -90.80 -52.49
C GLY C 1852 -6.97 -92.31 -52.66
N ILE C 1853 -7.50 -93.02 -51.67
CA ILE C 1853 -7.58 -94.47 -51.74
C ILE C 1853 -8.97 -94.87 -52.23
N PHE C 1854 -9.97 -94.08 -51.88
CA PHE C 1854 -11.34 -94.37 -52.27
C PHE C 1854 -11.52 -94.15 -53.77
N GLY C 1855 -12.36 -95.00 -54.37
CA GLY C 1855 -12.73 -94.86 -55.76
C GLY C 1855 -13.95 -93.98 -55.93
N ASP C 1856 -14.42 -93.90 -57.19
CA ASP C 1856 -15.60 -93.10 -57.49
C ASP C 1856 -16.83 -93.65 -56.77
N GLU C 1857 -17.00 -94.97 -56.78
CA GLU C 1857 -18.13 -95.57 -56.07
C GLU C 1857 -18.01 -95.34 -54.57
N ASP C 1858 -16.79 -95.43 -54.03
CA ASP C 1858 -16.60 -95.25 -52.60
C ASP C 1858 -16.96 -93.84 -52.17
N VAL C 1859 -16.48 -92.83 -52.92
CA VAL C 1859 -16.82 -91.46 -52.55
C VAL C 1859 -18.30 -91.18 -52.81
N LYS C 1860 -18.88 -91.82 -53.82
CA LYS C 1860 -20.32 -91.69 -54.02
C LYS C 1860 -21.10 -92.22 -52.82
N GLN C 1861 -20.67 -93.35 -52.27
CA GLN C 1861 -21.32 -93.89 -51.08
C GLN C 1861 -21.11 -93.00 -49.87
N ILE C 1862 -19.89 -92.48 -49.70
CA ILE C 1862 -19.61 -91.65 -48.54
C ILE C 1862 -20.40 -90.34 -48.63
N LEU C 1863 -20.69 -89.87 -49.84
CA LEU C 1863 -21.58 -88.74 -49.99
C LEU C 1863 -23.04 -89.14 -49.81
N LYS C 1864 -23.40 -90.37 -50.20
CA LYS C 1864 -24.75 -90.86 -49.96
C LYS C 1864 -25.04 -90.92 -48.46
N MET C 1865 -23.99 -91.06 -47.64
CA MET C 1865 -24.16 -90.99 -46.20
C MET C 1865 -24.73 -89.64 -45.77
N ILE C 1866 -24.58 -88.60 -46.59
CA ILE C 1866 -25.16 -87.29 -46.32
C ILE C 1866 -26.30 -86.95 -47.27
N GLU C 1867 -26.48 -87.74 -48.33
CA GLU C 1867 -27.40 -87.54 -49.46
C GLU C 1867 -28.77 -86.97 -49.13
N PRO C 1868 -29.42 -87.34 -47.99
CA PRO C 1868 -30.70 -86.70 -47.65
C PRO C 1868 -30.73 -85.20 -47.84
N GLU C 1869 -29.58 -84.55 -47.63
CA GLU C 1869 -29.42 -83.14 -47.98
C GLU C 1869 -28.75 -82.92 -49.32
N VAL C 1870 -27.82 -83.80 -49.70
CA VAL C 1870 -27.18 -83.68 -51.01
C VAL C 1870 -28.19 -83.93 -52.12
N PHE C 1871 -29.04 -84.96 -51.95
CA PHE C 1871 -30.06 -85.32 -52.94
C PHE C 1871 -29.43 -85.62 -54.30
N THR C 1872 -28.64 -86.70 -54.32
CA THR C 1872 -27.93 -87.10 -55.52
C THR C 1872 -28.91 -87.32 -56.67
N GLU C 1873 -28.53 -86.83 -57.86
CA GLU C 1873 -29.43 -86.89 -59.01
C GLU C 1873 -29.73 -88.33 -59.40
N GLU C 1874 -28.71 -89.19 -59.40
CA GLU C 1874 -28.85 -90.59 -59.77
C GLU C 1874 -29.48 -90.76 -61.15
N LEU C 1922 -36.59 -93.04 -41.34
CA LEU C 1922 -35.90 -92.00 -42.10
C LEU C 1922 -34.40 -92.06 -41.86
N GLU C 1923 -33.64 -92.33 -42.92
CA GLU C 1923 -32.18 -92.40 -42.83
C GLU C 1923 -31.58 -91.02 -43.02
N GLU C 1924 -31.66 -90.21 -41.96
CA GLU C 1924 -31.19 -88.85 -42.01
C GLU C 1924 -29.66 -88.80 -42.09
N GLY C 1925 -29.15 -87.67 -42.55
CA GLY C 1925 -27.71 -87.50 -42.69
C GLY C 1925 -27.03 -87.22 -41.36
N LEU C 1926 -25.70 -87.29 -41.40
CA LEU C 1926 -24.91 -87.19 -40.17
C LEU C 1926 -24.99 -85.79 -39.56
N LEU C 1927 -25.32 -84.79 -40.38
CA LEU C 1927 -25.43 -83.44 -39.84
C LEU C 1927 -26.77 -83.19 -39.16
N GLN C 1928 -27.68 -84.16 -39.17
CA GLN C 1928 -29.02 -83.92 -38.66
C GLN C 1928 -29.07 -83.99 -37.13
N MET C 1929 -28.66 -85.13 -36.56
CA MET C 1929 -28.80 -85.30 -35.12
C MET C 1929 -27.82 -84.42 -34.36
N LYS C 1930 -28.18 -84.08 -33.14
CA LYS C 1930 -27.32 -83.26 -32.29
C LYS C 1930 -26.03 -83.99 -31.97
N LEU C 1931 -24.92 -83.26 -32.02
CA LEU C 1931 -23.60 -83.85 -31.85
C LEU C 1931 -22.76 -82.99 -30.93
N PRO C 1932 -21.81 -83.57 -30.22
CA PRO C 1932 -20.88 -82.77 -29.42
C PRO C 1932 -19.86 -82.04 -30.29
N GLU C 1933 -18.93 -81.33 -29.68
CA GLU C 1933 -18.04 -80.43 -30.44
C GLU C 1933 -17.04 -81.20 -31.27
N SER C 1934 -16.47 -82.28 -30.73
CA SER C 1934 -15.36 -82.95 -31.40
C SER C 1934 -15.79 -83.51 -32.76
N VAL C 1935 -16.96 -84.13 -32.82
CA VAL C 1935 -17.43 -84.65 -34.09
C VAL C 1935 -17.74 -83.53 -35.06
N LYS C 1936 -18.21 -82.38 -34.56
CA LYS C 1936 -18.40 -81.23 -35.43
C LYS C 1936 -17.07 -80.79 -36.06
N LEU C 1937 -16.01 -80.74 -35.25
CA LEU C 1937 -14.71 -80.37 -35.76
C LEU C 1937 -14.22 -81.37 -36.81
N GLN C 1938 -14.43 -82.67 -36.55
CA GLN C 1938 -14.04 -83.68 -37.52
C GLN C 1938 -14.83 -83.55 -38.81
N MET C 1939 -16.13 -83.23 -38.71
CA MET C 1939 -16.95 -83.04 -39.90
C MET C 1939 -16.45 -81.86 -40.72
N CYS C 1940 -16.09 -80.76 -40.05
CA CYS C 1940 -15.55 -79.61 -40.78
C CYS C 1940 -14.24 -79.97 -41.46
N ASN C 1941 -13.37 -80.70 -40.75
CA ASN C 1941 -12.10 -81.13 -41.35
C ASN C 1941 -12.35 -82.01 -42.56
N LEU C 1942 -13.39 -82.83 -42.52
CA LEU C 1942 -13.73 -83.65 -43.68
C LEU C 1942 -14.23 -82.79 -44.84
N LEU C 1943 -15.11 -81.84 -44.55
CA LEU C 1943 -15.71 -81.02 -45.62
C LEU C 1943 -14.67 -80.14 -46.30
N GLU C 1944 -13.61 -79.76 -45.58
CA GLU C 1944 -12.56 -78.98 -46.21
C GLU C 1944 -11.95 -79.73 -47.39
N TYR C 1945 -11.85 -81.06 -47.28
CA TYR C 1945 -11.32 -81.85 -48.40
C TYR C 1945 -12.20 -81.73 -49.63
N PHE C 1946 -13.52 -81.79 -49.45
CA PHE C 1946 -14.42 -81.66 -50.59
C PHE C 1946 -14.31 -80.29 -51.22
N CYS C 1947 -14.19 -79.24 -50.39
CA CYS C 1947 -14.01 -77.91 -50.95
C CYS C 1947 -12.72 -77.83 -51.77
N ASP C 1948 -11.64 -78.41 -51.26
CA ASP C 1948 -10.38 -78.41 -52.00
C ASP C 1948 -10.51 -79.18 -53.31
N GLN C 1949 -11.24 -80.29 -53.29
CA GLN C 1949 -11.44 -81.04 -54.53
C GLN C 1949 -12.21 -80.21 -55.55
N GLU C 1950 -13.21 -79.47 -55.10
CA GLU C 1950 -13.93 -78.59 -56.02
C GLU C 1950 -13.00 -77.55 -56.62
N LEU C 1951 -12.14 -76.94 -55.80
CA LEU C 1951 -11.20 -75.94 -56.32
C LEU C 1951 -10.26 -76.55 -57.35
N GLN C 1952 -9.74 -77.76 -57.07
CA GLN C 1952 -8.85 -78.41 -58.01
C GLN C 1952 -9.56 -78.71 -59.33
N HIS C 1953 -10.82 -79.16 -59.25
CA HIS C 1953 -11.58 -79.39 -60.47
C HIS C 1953 -11.74 -78.11 -61.27
N ARG C 1954 -12.00 -76.99 -60.57
CA ARG C 1954 -12.14 -75.72 -61.27
C ARG C 1954 -10.86 -75.35 -62.01
N VAL C 1955 -9.72 -75.44 -61.33
CA VAL C 1955 -8.48 -75.01 -61.97
C VAL C 1955 -8.12 -75.95 -63.12
N GLU C 1956 -8.40 -77.24 -62.96
CA GLU C 1956 -8.14 -78.18 -64.05
C GLU C 1956 -8.99 -77.85 -65.27
N SER C 1957 -10.27 -77.54 -65.04
CA SER C 1957 -11.14 -77.19 -66.16
C SER C 1957 -10.65 -75.92 -66.86
N LEU C 1958 -10.21 -74.94 -66.08
CA LEU C 1958 -9.70 -73.70 -66.68
C LEU C 1958 -8.49 -73.99 -67.56
N ALA C 1959 -7.56 -74.81 -67.06
CA ALA C 1959 -6.38 -75.14 -67.86
C ALA C 1959 -6.77 -75.90 -69.13
N ALA C 1960 -7.73 -76.82 -69.00
CA ALA C 1960 -8.18 -77.59 -70.16
C ALA C 1960 -8.75 -76.69 -71.24
N PHE C 1961 -9.59 -75.72 -70.84
CA PHE C 1961 -10.10 -74.77 -71.83
C PHE C 1961 -8.98 -73.93 -72.42
N ALA C 1962 -8.04 -73.50 -71.58
CA ALA C 1962 -6.99 -72.60 -72.03
C ALA C 1962 -6.13 -73.27 -73.09
N GLU C 1963 -5.88 -74.57 -72.96
CA GLU C 1963 -5.04 -75.25 -73.94
C GLU C 1963 -5.64 -75.16 -75.34
N ARG C 1964 -6.90 -75.55 -75.50
CA ARG C 1964 -7.52 -75.50 -76.81
C ARG C 1964 -7.69 -74.06 -77.30
N TYR C 1965 -7.96 -73.13 -76.38
CA TYR C 1965 -8.13 -71.74 -76.83
C TYR C 1965 -6.82 -71.17 -77.36
N VAL C 1966 -5.69 -71.45 -76.69
CA VAL C 1966 -4.44 -70.94 -77.20
C VAL C 1966 -4.04 -71.65 -78.49
N ASP C 1967 -4.39 -72.92 -78.64
CA ASP C 1967 -4.15 -73.61 -79.91
C ASP C 1967 -4.89 -72.91 -81.04
N LYS C 1968 -6.18 -72.61 -80.82
CA LYS C 1968 -6.96 -71.94 -81.85
C LYS C 1968 -6.43 -70.54 -82.12
N LEU C 1969 -6.00 -69.83 -81.07
CA LEU C 1969 -5.44 -68.50 -81.26
C LEU C 1969 -4.16 -68.54 -82.08
N GLN C 1970 -3.29 -69.52 -81.82
CA GLN C 1970 -2.06 -69.65 -82.60
C GLN C 1970 -2.38 -69.97 -84.05
N ALA C 1971 -3.36 -70.84 -84.29
CA ALA C 1971 -3.76 -71.12 -85.67
C ALA C 1971 -4.26 -69.87 -86.38
N ASN C 1972 -5.10 -69.08 -85.69
CA ASN C 1972 -5.60 -67.85 -86.28
C ASN C 1972 -4.49 -66.86 -86.57
N GLN C 1973 -3.52 -66.76 -85.65
CA GLN C 1973 -2.39 -65.87 -85.88
C GLN C 1973 -1.57 -66.32 -87.08
N ARG C 1974 -1.37 -67.63 -87.23
CA ARG C 1974 -0.67 -68.14 -88.40
C ARG C 1974 -1.39 -67.76 -89.68
N SER C 1975 -2.72 -67.96 -89.71
CA SER C 1975 -3.49 -67.64 -90.90
C SER C 1975 -3.43 -66.15 -91.22
N ARG C 1976 -3.56 -65.30 -90.19
CA ARG C 1976 -3.54 -63.87 -90.41
C ARG C 1976 -2.17 -63.39 -90.89
N TYR C 1977 -1.09 -63.95 -90.32
CA TYR C 1977 0.25 -63.57 -90.77
C TYR C 1977 0.48 -64.00 -92.20
N ALA C 1978 0.00 -65.19 -92.58
CA ALA C 1978 0.12 -65.64 -93.96
C ALA C 1978 -0.64 -64.70 -94.89
N LEU C 1979 -1.85 -64.30 -94.49
CA LEU C 1979 -2.63 -63.37 -95.31
C LEU C 1979 -1.91 -62.04 -95.46
N LEU C 1980 -1.34 -61.52 -94.37
CA LEU C 1980 -0.61 -60.26 -94.44
C LEU C 1980 0.61 -60.39 -95.35
N MET C 1981 1.34 -61.51 -95.26
CA MET C 1981 2.51 -61.69 -96.11
C MET C 1981 2.11 -61.76 -97.58
N ARG C 1982 1.03 -62.46 -97.90
CA ARG C 1982 0.61 -62.58 -99.29
C ARG C 1982 0.04 -61.27 -99.83
N ALA C 1983 -0.35 -60.35 -98.96
CA ALA C 1983 -0.97 -59.09 -99.34
C ALA C 1983 -0.35 -57.93 -98.59
N PHE C 1984 0.98 -57.85 -98.61
CA PHE C 1984 1.70 -56.88 -97.80
C PHE C 1984 1.22 -55.45 -98.07
N THR C 1985 1.28 -55.04 -99.34
CA THR C 1985 0.83 -53.71 -99.78
C THR C 1985 1.36 -52.61 -98.85
N MET C 1986 2.68 -52.47 -98.88
CA MET C 1986 3.43 -51.62 -97.97
C MET C 1986 2.77 -50.26 -97.78
N SER C 1987 2.43 -49.95 -96.53
CA SER C 1987 1.79 -48.69 -96.17
C SER C 1987 1.98 -48.47 -94.67
N ALA C 1988 1.28 -47.47 -94.13
CA ALA C 1988 1.40 -47.18 -92.70
C ALA C 1988 0.84 -48.30 -91.85
N ALA C 1989 -0.32 -48.84 -92.24
CA ALA C 1989 -0.93 -49.90 -91.45
C ALA C 1989 -0.08 -51.17 -91.46
N GLU C 1990 0.49 -51.52 -92.61
CA GLU C 1990 1.36 -52.69 -92.68
C GLU C 1990 2.61 -52.50 -91.83
N THR C 1991 3.19 -51.30 -91.85
CA THR C 1991 4.36 -51.02 -91.01
C THR C 1991 4.00 -51.11 -89.53
N ALA C 1992 2.83 -50.58 -89.16
CA ALA C 1992 2.39 -50.68 -87.77
C ALA C 1992 2.21 -52.14 -87.35
N ARG C 1993 1.61 -52.95 -88.22
CA ARG C 1993 1.44 -54.37 -87.92
C ARG C 1993 2.78 -55.06 -87.76
N ARG C 1994 3.74 -54.76 -88.65
CA ARG C 1994 5.06 -55.36 -88.55
C ARG C 1994 5.75 -54.96 -87.25
N THR C 1995 5.64 -53.68 -86.86
CA THR C 1995 6.25 -53.23 -85.62
C THR C 1995 5.63 -53.90 -84.40
N ARG C 1996 4.30 -54.03 -84.39
CA ARG C 1996 3.65 -54.63 -83.23
C ARG C 1996 3.89 -56.14 -83.17
N GLU C 1997 4.10 -56.79 -84.32
CA GLU C 1997 4.33 -58.22 -84.30
C GLU C 1997 5.80 -58.55 -84.01
N PHE C 1998 6.70 -58.16 -84.93
CA PHE C 1998 8.09 -58.59 -84.80
C PHE C 1998 8.85 -57.78 -83.75
N ARG C 1999 8.59 -56.48 -83.66
CA ARG C 1999 9.35 -55.59 -82.79
C ARG C 1999 8.77 -55.49 -81.38
N SER C 2000 7.76 -56.31 -81.07
CA SER C 2000 7.18 -56.35 -79.74
C SER C 2000 7.11 -57.80 -79.28
N PRO C 2001 7.41 -58.07 -78.01
CA PRO C 2001 7.37 -59.44 -77.52
C PRO C 2001 5.95 -59.97 -77.54
N PRO C 2002 5.76 -61.28 -77.67
CA PRO C 2002 4.40 -61.83 -77.71
C PRO C 2002 3.59 -61.55 -76.46
N GLN C 2003 4.24 -61.28 -75.33
CA GLN C 2003 3.50 -60.97 -74.10
C GLN C 2003 2.55 -59.79 -74.31
N GLU C 2004 3.08 -58.68 -74.82
CA GLU C 2004 2.24 -57.52 -75.09
C GLU C 2004 1.21 -57.82 -76.16
N GLN C 2005 1.55 -58.71 -77.10
CA GLN C 2005 0.60 -59.05 -78.16
C GLN C 2005 -0.62 -59.76 -77.59
N ILE C 2006 -0.40 -60.75 -76.73
CA ILE C 2006 -1.52 -61.45 -76.10
C ILE C 2006 -2.28 -60.50 -75.19
N ASN C 2007 -1.56 -59.63 -74.46
CA ASN C 2007 -2.24 -58.67 -73.60
C ASN C 2007 -3.19 -57.78 -74.41
N MET C 2008 -2.68 -57.24 -75.52
CA MET C 2008 -3.51 -56.37 -76.36
C MET C 2008 -4.67 -57.14 -76.98
N LEU C 2009 -4.43 -58.37 -77.43
CA LEU C 2009 -5.49 -59.16 -78.04
C LEU C 2009 -6.60 -59.44 -77.04
N LEU C 2010 -6.25 -59.85 -75.82
CA LEU C 2010 -7.27 -60.15 -74.83
C LEU C 2010 -7.97 -58.89 -74.33
N HIS C 2011 -7.26 -57.75 -74.30
CA HIS C 2011 -7.92 -56.49 -73.99
C HIS C 2011 -8.92 -56.13 -75.08
N PHE C 2012 -8.56 -56.36 -76.35
CA PHE C 2012 -9.49 -56.19 -77.45
C PHE C 2012 -10.69 -57.12 -77.30
N LYS C 2013 -10.47 -58.31 -76.74
CA LYS C 2013 -11.56 -59.26 -76.60
C LYS C 2013 -12.65 -58.74 -75.67
N ASP C 2014 -12.27 -58.10 -74.56
CA ASP C 2014 -13.21 -57.66 -73.54
C ASP C 2014 -13.14 -56.15 -73.40
N GLU C 2015 -14.26 -55.48 -73.66
CA GLU C 2015 -14.37 -54.04 -73.46
C GLU C 2015 -15.83 -53.67 -73.32
N ALA C 2016 -16.09 -52.47 -72.80
CA ALA C 2016 -17.45 -51.98 -72.60
C ALA C 2016 -18.01 -51.49 -73.94
N ASP C 2017 -18.32 -52.45 -74.81
CA ASP C 2017 -18.86 -52.23 -76.14
C ASP C 2017 -17.94 -51.41 -77.03
N GLU C 2018 -16.72 -51.15 -76.59
CA GLU C 2018 -15.73 -50.40 -77.37
C GLU C 2018 -14.53 -51.28 -77.67
N GLU C 2019 -14.80 -52.54 -78.02
CA GLU C 2019 -13.71 -53.51 -78.22
C GLU C 2019 -12.82 -53.11 -79.39
N ASP C 2020 -13.41 -52.89 -80.55
CA ASP C 2020 -12.67 -52.66 -81.79
C ASP C 2020 -11.63 -53.75 -82.00
N CYS C 2021 -12.03 -54.99 -81.72
CA CYS C 2021 -11.09 -56.10 -81.73
C CYS C 2021 -10.65 -56.42 -83.15
N PRO C 2022 -9.39 -56.80 -83.36
CA PRO C 2022 -8.93 -57.14 -84.71
C PRO C 2022 -9.36 -58.54 -85.13
N LEU C 2023 -9.39 -59.47 -84.18
CA LEU C 2023 -9.74 -60.84 -84.48
C LEU C 2023 -11.25 -60.99 -84.66
N PRO C 2024 -11.69 -62.03 -85.37
CA PRO C 2024 -13.12 -62.20 -85.61
C PRO C 2024 -13.90 -62.36 -84.31
N GLU C 2025 -15.12 -61.82 -84.31
CA GLU C 2025 -15.99 -61.91 -83.14
C GLU C 2025 -16.72 -63.24 -83.11
N ASP C 2026 -15.97 -64.33 -83.26
CA ASP C 2026 -16.50 -65.69 -83.14
C ASP C 2026 -15.86 -66.45 -82.00
N ILE C 2027 -14.53 -66.40 -81.89
CA ILE C 2027 -13.85 -67.00 -80.76
C ILE C 2027 -14.20 -66.27 -79.48
N ARG C 2028 -14.37 -64.95 -79.56
CA ARG C 2028 -14.75 -64.17 -78.38
C ARG C 2028 -16.10 -64.59 -77.86
N GLN C 2029 -17.01 -65.05 -78.73
CA GLN C 2029 -18.32 -65.51 -78.28
C GLN C 2029 -18.19 -66.71 -77.37
N ASP C 2030 -17.42 -67.72 -77.80
CA ASP C 2030 -17.27 -68.90 -76.95
C ASP C 2030 -16.42 -68.60 -75.73
N LEU C 2031 -15.48 -67.66 -75.83
CA LEU C 2031 -14.73 -67.25 -74.64
C LEU C 2031 -15.66 -66.63 -73.60
N GLN C 2032 -16.56 -65.75 -74.04
CA GLN C 2032 -17.52 -65.15 -73.12
C GLN C 2032 -18.46 -66.21 -72.56
N ASP C 2033 -18.86 -67.17 -73.39
CA ASP C 2033 -19.71 -68.25 -72.91
C ASP C 2033 -19.02 -69.06 -71.83
N PHE C 2034 -17.74 -69.39 -72.04
CA PHE C 2034 -16.98 -70.11 -71.04
C PHE C 2034 -16.82 -69.30 -69.76
N HIS C 2035 -16.57 -68.00 -69.89
CA HIS C 2035 -16.42 -67.16 -68.71
C HIS C 2035 -17.73 -67.10 -67.92
N GLN C 2036 -18.85 -66.98 -68.62
CA GLN C 2036 -20.15 -67.00 -67.95
C GLN C 2036 -20.40 -68.34 -67.27
N ASP C 2037 -20.03 -69.44 -67.93
CA ASP C 2037 -20.19 -70.75 -67.33
C ASP C 2037 -19.35 -70.88 -66.06
N LEU C 2038 -18.10 -70.41 -66.11
CA LEU C 2038 -17.25 -70.46 -64.93
C LEU C 2038 -17.82 -69.62 -63.79
N LEU C 2039 -18.29 -68.41 -64.12
CA LEU C 2039 -18.89 -67.56 -63.09
C LEU C 2039 -20.11 -68.22 -62.47
N ALA C 2040 -20.95 -68.84 -63.31
CA ALA C 2040 -22.12 -69.54 -62.79
C ALA C 2040 -21.71 -70.72 -61.90
N HIS C 2041 -20.63 -71.41 -62.28
CA HIS C 2041 -20.11 -72.47 -61.41
C HIS C 2041 -19.67 -71.90 -60.07
N CYS C 2042 -19.11 -70.70 -60.06
CA CYS C 2042 -18.83 -70.02 -58.81
C CYS C 2042 -20.14 -69.59 -58.14
N GLY C 2043 -20.03 -69.20 -56.88
CA GLY C 2043 -21.21 -68.87 -56.10
C GLY C 2043 -21.86 -67.55 -56.49
N ILE C 2044 -22.21 -67.41 -57.77
CA ILE C 2044 -22.89 -66.23 -58.28
C ILE C 2044 -24.08 -66.70 -59.11
N GLN C 2045 -25.23 -66.05 -58.92
CA GLN C 2045 -26.43 -66.38 -59.67
C GLN C 2045 -26.30 -66.07 -61.15
N LEU C 2046 -25.29 -65.30 -61.56
CA LEU C 2046 -25.04 -64.98 -62.96
C LEU C 2046 -26.22 -64.23 -63.59
N GLU C 2047 -26.98 -63.52 -62.78
CA GLU C 2047 -28.10 -62.72 -63.27
C GLU C 2047 -27.64 -61.29 -63.60
N GLY C 2048 -26.62 -61.19 -64.44
CA GLY C 2048 -26.05 -59.91 -64.80
C GLY C 2048 -24.90 -59.50 -63.91
N LYS C 2089 -36.95 -74.38 -50.77
CA LYS C 2089 -36.08 -73.80 -49.75
C LYS C 2089 -34.93 -74.74 -49.43
N LYS C 2090 -34.92 -75.91 -50.08
CA LYS C 2090 -33.86 -76.87 -49.86
C LYS C 2090 -32.54 -76.32 -50.41
N PRO C 2091 -31.41 -76.70 -49.80
CA PRO C 2091 -30.11 -76.22 -50.29
C PRO C 2091 -29.85 -76.62 -51.74
N GLN C 2092 -29.92 -77.92 -52.03
CA GLN C 2092 -29.77 -78.44 -53.39
C GLN C 2092 -28.40 -78.10 -53.99
N SER C 2093 -27.47 -77.63 -53.15
CA SER C 2093 -26.13 -77.32 -53.62
C SER C 2093 -25.18 -77.35 -52.42
N LEU C 2094 -23.91 -77.62 -52.70
CA LEU C 2094 -22.93 -77.77 -51.63
C LEU C 2094 -22.74 -76.47 -50.86
N GLN C 2095 -22.53 -75.37 -51.59
CA GLN C 2095 -22.23 -74.10 -50.93
C GLN C 2095 -23.42 -73.62 -50.11
N GLU C 2096 -24.63 -73.73 -50.64
CA GLU C 2096 -25.81 -73.37 -49.88
C GLU C 2096 -25.95 -74.26 -48.65
N LEU C 2097 -25.70 -75.56 -48.82
CA LEU C 2097 -25.78 -76.49 -47.70
C LEU C 2097 -24.86 -76.07 -46.57
N VAL C 2098 -23.59 -75.84 -46.88
CA VAL C 2098 -22.63 -75.53 -45.81
C VAL C 2098 -22.90 -74.16 -45.23
N SER C 2099 -23.27 -73.19 -46.07
CA SER C 2099 -23.55 -71.85 -45.56
C SER C 2099 -24.72 -71.87 -44.57
N HIS C 2100 -25.78 -72.60 -44.90
CA HIS C 2100 -26.88 -72.73 -43.95
C HIS C 2100 -26.46 -73.52 -42.72
N MET C 2101 -25.66 -74.56 -42.91
CA MET C 2101 -25.34 -75.48 -41.83
C MET C 2101 -24.47 -74.81 -40.77
N VAL C 2102 -23.46 -74.06 -41.19
CA VAL C 2102 -22.56 -73.46 -40.20
C VAL C 2102 -23.27 -72.38 -39.40
N VAL C 2103 -24.11 -71.57 -40.05
CA VAL C 2103 -24.84 -70.55 -39.32
C VAL C 2103 -25.88 -71.18 -38.40
N ARG C 2104 -26.47 -72.31 -38.81
CA ARG C 2104 -27.38 -73.02 -37.92
C ARG C 2104 -26.63 -73.54 -36.69
N TRP C 2105 -25.41 -74.05 -36.89
CA TRP C 2105 -24.59 -74.48 -35.76
C TRP C 2105 -24.30 -73.33 -34.82
N ALA C 2106 -23.93 -72.17 -35.38
CA ALA C 2106 -23.63 -71.02 -34.54
C ALA C 2106 -24.86 -70.51 -33.81
N GLN C 2107 -26.04 -70.64 -34.41
CA GLN C 2107 -27.27 -70.23 -33.75
C GLN C 2107 -27.62 -71.09 -32.57
N GLU C 2108 -26.97 -72.25 -32.40
CA GLU C 2108 -27.17 -73.10 -31.24
C GLU C 2108 -26.42 -72.50 -30.06
N ASP C 2109 -26.24 -73.29 -29.00
CA ASP C 2109 -25.63 -72.80 -27.78
C ASP C 2109 -24.23 -72.23 -28.04
N TYR C 2110 -23.77 -71.43 -27.08
CA TYR C 2110 -22.45 -70.82 -27.16
C TYR C 2110 -21.38 -71.89 -27.34
N VAL C 2111 -20.46 -71.63 -28.27
CA VAL C 2111 -19.51 -72.64 -28.71
C VAL C 2111 -18.16 -72.38 -28.06
N GLN C 2112 -17.66 -73.37 -27.32
CA GLN C 2112 -16.31 -73.34 -26.78
C GLN C 2112 -15.37 -74.03 -27.77
N SER C 2113 -14.16 -74.38 -27.31
CA SER C 2113 -13.17 -75.06 -28.14
C SER C 2113 -12.82 -74.19 -29.33
N PRO C 2114 -12.05 -73.12 -29.13
CA PRO C 2114 -11.87 -72.11 -30.19
C PRO C 2114 -11.33 -72.66 -31.50
N GLU C 2115 -10.59 -73.78 -31.49
CA GLU C 2115 -10.12 -74.34 -32.74
C GLU C 2115 -11.29 -74.72 -33.64
N LEU C 2116 -12.36 -75.25 -33.05
CA LEU C 2116 -13.56 -75.55 -33.84
C LEU C 2116 -14.15 -74.27 -34.42
N VAL C 2117 -14.14 -73.18 -33.65
CA VAL C 2117 -14.66 -71.91 -34.15
C VAL C 2117 -13.82 -71.45 -35.35
N ARG C 2118 -12.50 -71.56 -35.24
CA ARG C 2118 -11.63 -71.15 -36.34
C ARG C 2118 -11.91 -71.98 -37.58
N ALA C 2119 -12.04 -73.30 -37.41
CA ALA C 2119 -12.32 -74.16 -38.55
C ALA C 2119 -13.64 -73.78 -39.21
N MET C 2120 -14.68 -73.60 -38.40
CA MET C 2120 -15.99 -73.26 -38.95
C MET C 2120 -15.94 -71.95 -39.73
N PHE C 2121 -15.34 -70.93 -39.14
CA PHE C 2121 -15.37 -69.62 -39.79
C PHE C 2121 -14.51 -69.59 -41.03
N SER C 2122 -13.33 -70.23 -41.00
CA SER C 2122 -12.51 -70.29 -42.20
C SER C 2122 -13.23 -71.04 -43.31
N LEU C 2123 -13.86 -72.16 -42.98
CA LEU C 2123 -14.56 -72.93 -44.00
C LEU C 2123 -15.74 -72.15 -44.58
N LEU C 2124 -16.46 -71.42 -43.72
CA LEU C 2124 -17.57 -70.60 -44.20
C LEU C 2124 -17.07 -69.50 -45.14
N HIS C 2125 -15.99 -68.81 -44.74
CA HIS C 2125 -15.45 -67.75 -45.58
C HIS C 2125 -14.95 -68.29 -46.91
N ARG C 2126 -14.48 -69.54 -46.92
CA ARG C 2126 -14.07 -70.16 -48.19
C ARG C 2126 -15.23 -70.36 -49.15
N GLN C 2127 -16.46 -70.24 -48.68
CA GLN C 2127 -17.64 -70.56 -49.47
C GLN C 2127 -18.24 -69.36 -50.19
N TYR C 2128 -17.65 -68.18 -50.08
CA TYR C 2128 -18.20 -66.99 -50.71
C TYR C 2128 -17.27 -66.37 -51.73
N ASP C 2129 -16.00 -66.18 -51.39
CA ASP C 2129 -15.02 -65.61 -52.33
C ASP C 2129 -14.41 -66.72 -53.17
N GLY C 2130 -15.28 -67.47 -53.85
CA GLY C 2130 -14.81 -68.57 -54.69
C GLY C 2130 -13.88 -68.09 -55.78
N LEU C 2131 -14.27 -67.03 -56.48
CA LEU C 2131 -13.36 -66.43 -57.46
C LEU C 2131 -12.10 -65.90 -56.77
N GLY C 2132 -12.25 -65.36 -55.55
CA GLY C 2132 -11.09 -64.89 -54.83
C GLY C 2132 -10.14 -66.00 -54.44
N GLU C 2133 -10.68 -67.11 -53.94
CA GLU C 2133 -9.82 -68.24 -53.57
C GLU C 2133 -9.18 -68.86 -54.80
N LEU C 2134 -9.90 -68.88 -55.92
CA LEU C 2134 -9.29 -69.39 -57.15
C LEU C 2134 -8.19 -68.46 -57.63
N LEU C 2135 -8.37 -67.15 -57.49
CA LEU C 2135 -7.31 -66.21 -57.80
C LEU C 2135 -6.09 -66.46 -56.92
N ARG C 2136 -6.32 -66.70 -55.63
CA ARG C 2136 -5.21 -66.97 -54.72
C ARG C 2136 -4.48 -68.24 -55.10
N ALA C 2137 -5.22 -69.27 -55.53
CA ALA C 2137 -4.60 -70.52 -55.92
C ALA C 2137 -3.94 -70.48 -57.29
N LEU C 2138 -4.33 -69.54 -58.14
CA LEU C 2138 -3.83 -69.52 -59.51
C LEU C 2138 -2.30 -69.40 -59.62
N PRO C 2139 -1.62 -68.52 -58.89
CA PRO C 2139 -0.17 -68.38 -59.09
C PRO C 2139 0.61 -69.66 -58.82
N ARG C 2140 0.07 -70.57 -58.02
CA ARG C 2140 0.74 -71.85 -57.81
C ARG C 2140 0.49 -72.83 -58.94
N ALA C 2141 -0.47 -72.58 -59.81
CA ALA C 2141 -0.74 -73.47 -60.93
C ALA C 2141 0.30 -73.30 -62.02
N TYR C 2142 0.51 -74.37 -62.78
CA TYR C 2142 1.50 -74.38 -63.85
C TYR C 2142 1.11 -75.45 -64.85
N THR C 2143 1.65 -75.33 -66.06
CA THR C 2143 1.39 -76.28 -67.13
C THR C 2143 2.72 -76.69 -67.75
N ILE C 2144 2.91 -78.00 -67.94
CA ILE C 2144 4.12 -78.53 -68.54
C ILE C 2144 3.74 -79.48 -69.67
N SER C 2145 4.56 -79.50 -70.71
CA SER C 2145 4.32 -80.38 -71.84
C SER C 2145 4.61 -81.84 -71.43
N PRO C 2146 3.97 -82.80 -72.10
CA PRO C 2146 4.25 -84.21 -71.80
C PRO C 2146 5.64 -84.64 -72.21
N SER C 2147 5.94 -85.93 -72.07
CA SER C 2147 7.20 -86.58 -72.38
C SER C 2147 8.31 -86.20 -71.40
N SER C 2148 8.03 -85.33 -70.43
CA SER C 2148 8.98 -85.01 -69.37
C SER C 2148 8.38 -85.26 -68.00
N VAL C 2149 7.35 -86.11 -67.93
CA VAL C 2149 6.60 -86.28 -66.69
C VAL C 2149 7.42 -87.01 -65.64
N GLU C 2150 8.12 -88.08 -66.02
CA GLU C 2150 8.82 -88.89 -65.04
C GLU C 2150 9.93 -88.12 -64.34
N ASP C 2151 10.61 -87.23 -65.05
CA ASP C 2151 11.59 -86.37 -64.43
C ASP C 2151 10.94 -85.48 -63.37
N THR C 2152 9.74 -84.97 -63.67
CA THR C 2152 9.02 -84.17 -62.68
C THR C 2152 8.61 -85.02 -61.48
N MET C 2153 8.23 -86.28 -61.71
CA MET C 2153 7.91 -87.15 -60.58
C MET C 2153 9.13 -87.37 -59.70
N SER C 2154 10.29 -87.59 -60.30
CA SER C 2154 11.51 -87.77 -59.52
C SER C 2154 11.83 -86.51 -58.72
N LEU C 2155 11.72 -85.35 -59.36
CA LEU C 2155 11.99 -84.09 -58.68
C LEU C 2155 11.03 -83.87 -57.53
N LEU C 2156 9.74 -84.16 -57.75
CA LEU C 2156 8.75 -84.00 -56.69
C LEU C 2156 9.00 -84.95 -55.54
N GLU C 2157 9.40 -86.19 -55.85
CA GLU C 2157 9.71 -87.14 -54.78
C GLU C 2157 10.88 -86.67 -53.95
N CYS C 2158 11.93 -86.16 -54.60
CA CYS C 2158 13.07 -85.64 -53.85
C CYS C 2158 12.68 -84.42 -53.02
N LEU C 2159 11.86 -83.55 -53.58
CA LEU C 2159 11.39 -82.38 -52.83
C LEU C 2159 10.57 -82.80 -51.62
N GLY C 2160 9.73 -83.82 -51.78
CA GLY C 2160 8.97 -84.31 -50.65
C GLY C 2160 9.85 -84.93 -49.59
N GLN C 2161 10.91 -85.63 -50.02
CA GLN C 2161 11.86 -86.17 -49.05
C GLN C 2161 12.51 -85.06 -48.24
N ILE C 2162 12.93 -83.99 -48.92
CA ILE C 2162 13.55 -82.87 -48.23
C ILE C 2162 12.55 -82.22 -47.28
N ARG C 2163 11.31 -82.03 -47.75
CA ARG C 2163 10.29 -81.40 -46.92
C ARG C 2163 10.00 -82.22 -45.67
N SER C 2164 9.89 -83.54 -45.82
CA SER C 2164 9.70 -84.40 -44.65
C SER C 2164 10.91 -84.36 -43.74
N LEU C 2165 12.11 -84.17 -44.31
CA LEU C 2165 13.32 -84.14 -43.50
C LEU C 2165 13.58 -82.79 -42.84
N LEU C 2166 12.85 -81.74 -43.23
CA LEU C 2166 13.08 -80.45 -42.57
C LEU C 2166 12.39 -80.36 -41.22
N ILE C 2167 11.49 -81.30 -40.89
CA ILE C 2167 10.75 -81.24 -39.63
C ILE C 2167 11.45 -81.98 -38.50
N VAL C 2168 12.43 -82.81 -38.79
CA VAL C 2168 13.09 -83.62 -37.79
C VAL C 2168 14.37 -82.92 -37.35
N GLN C 2169 14.84 -83.28 -36.17
CA GLN C 2169 16.12 -82.80 -35.66
C GLN C 2169 17.22 -83.34 -36.56
N MET C 2170 18.21 -82.50 -36.90
CA MET C 2170 19.21 -82.96 -37.88
C MET C 2170 20.00 -84.13 -37.32
N GLY C 2171 20.24 -85.12 -38.19
CA GLY C 2171 21.02 -86.28 -37.84
C GLY C 2171 21.97 -86.69 -38.95
N PRO C 2172 22.98 -87.51 -38.60
CA PRO C 2172 23.97 -87.91 -39.62
C PRO C 2172 23.38 -88.58 -40.85
N GLN C 2173 22.36 -89.42 -40.68
CA GLN C 2173 21.71 -90.01 -41.84
C GLN C 2173 20.98 -88.95 -42.66
N GLU C 2174 20.35 -87.99 -41.98
CA GLU C 2174 19.51 -87.02 -42.66
C GLU C 2174 20.32 -86.10 -43.56
N GLU C 2175 21.50 -85.66 -43.11
CA GLU C 2175 22.31 -84.78 -43.94
C GLU C 2175 22.78 -85.50 -45.20
N ASN C 2176 23.17 -86.77 -45.07
CA ASN C 2176 23.55 -87.54 -46.25
C ASN C 2176 22.37 -87.70 -47.19
N LEU C 2177 21.20 -88.00 -46.65
CA LEU C 2177 20.03 -88.19 -47.49
C LEU C 2177 19.66 -86.90 -48.24
N MET C 2178 19.68 -85.76 -47.55
CA MET C 2178 19.32 -84.52 -48.22
C MET C 2178 20.39 -84.10 -49.23
N ILE C 2179 21.66 -84.37 -48.95
CA ILE C 2179 22.70 -84.07 -49.93
C ILE C 2179 22.52 -84.93 -51.17
N GLN C 2180 22.19 -86.21 -50.97
CA GLN C 2180 21.91 -87.08 -52.11
C GLN C 2180 20.73 -86.58 -52.92
N SER C 2181 19.68 -86.12 -52.23
CA SER C 2181 18.52 -85.58 -52.94
C SER C 2181 18.89 -84.35 -53.75
N ILE C 2182 19.70 -83.46 -53.16
CA ILE C 2182 20.11 -82.26 -53.88
C ILE C 2182 20.94 -82.63 -55.11
N GLY C 2183 21.86 -83.58 -54.94
CA GLY C 2183 22.63 -84.04 -56.09
C GLY C 2183 21.76 -84.64 -57.17
N ASN C 2184 20.74 -85.39 -56.78
CA ASN C 2184 19.83 -85.99 -57.76
C ASN C 2184 19.05 -84.91 -58.51
N ILE C 2185 18.57 -83.89 -57.81
CA ILE C 2185 17.78 -82.87 -58.48
C ILE C 2185 18.67 -81.97 -59.34
N MET C 2186 19.96 -81.88 -59.01
CA MET C 2186 20.85 -81.04 -59.80
C MET C 2186 20.98 -81.52 -61.24
N ASN C 2187 20.95 -82.83 -61.47
CA ASN C 2187 21.22 -83.41 -62.79
C ASN C 2187 19.95 -83.96 -63.44
N ASN C 2188 18.84 -83.26 -63.27
CA ASN C 2188 17.58 -83.69 -63.86
C ASN C 2188 17.32 -83.09 -65.23
N LYS C 2189 18.00 -82.00 -65.58
CA LYS C 2189 17.86 -81.28 -66.84
C LYS C 2189 16.48 -80.67 -67.03
N VAL C 2190 15.62 -80.71 -66.01
CA VAL C 2190 14.36 -79.98 -66.03
C VAL C 2190 14.32 -78.87 -64.99
N PHE C 2191 15.20 -78.92 -63.99
CA PHE C 2191 15.33 -77.81 -63.06
C PHE C 2191 15.78 -76.53 -63.77
N TYR C 2192 16.47 -76.68 -64.89
CA TYR C 2192 16.91 -75.52 -65.67
C TYR C 2192 15.88 -75.08 -66.70
N GLN C 2193 15.05 -76.00 -67.19
CA GLN C 2193 14.13 -75.67 -68.27
C GLN C 2193 13.09 -74.64 -67.84
N HIS C 2194 12.53 -74.79 -66.64
CA HIS C 2194 11.44 -73.93 -66.17
C HIS C 2194 11.78 -73.38 -64.79
N PRO C 2195 12.70 -72.42 -64.72
CA PRO C 2195 13.01 -71.80 -63.42
C PRO C 2195 11.82 -71.10 -62.80
N ASN C 2196 10.89 -70.59 -63.61
CA ASN C 2196 9.70 -69.95 -63.06
C ASN C 2196 8.86 -70.95 -62.26
N LEU C 2197 8.71 -72.17 -62.77
CA LEU C 2197 7.98 -73.20 -62.04
C LEU C 2197 8.68 -73.54 -60.74
N MET C 2198 10.02 -73.62 -60.77
CA MET C 2198 10.77 -73.87 -59.56
C MET C 2198 10.54 -72.76 -58.54
N ARG C 2199 10.51 -71.51 -59.00
CA ARG C 2199 10.23 -70.39 -58.12
C ARG C 2199 8.84 -70.50 -57.52
N ALA C 2200 7.86 -70.90 -58.33
CA ALA C 2200 6.50 -71.06 -57.83
C ALA C 2200 6.44 -72.15 -56.76
N LEU C 2201 7.16 -73.25 -56.97
CA LEU C 2201 7.24 -74.27 -55.93
C LEU C 2201 7.96 -73.73 -54.69
N GLY C 2202 8.95 -72.87 -54.90
CA GLY C 2202 9.65 -72.24 -53.79
C GLY C 2202 10.45 -73.16 -52.92
N MET C 2203 11.21 -74.08 -53.51
CA MET C 2203 12.07 -74.94 -52.71
C MET C 2203 13.28 -74.19 -52.16
N HIS C 2204 13.67 -73.07 -52.79
CA HIS C 2204 14.79 -72.30 -52.28
C HIS C 2204 14.52 -71.80 -50.87
N GLU C 2205 13.27 -71.44 -50.59
CA GLU C 2205 12.91 -71.04 -49.23
C GLU C 2205 13.15 -72.19 -48.26
N THR C 2206 12.76 -73.40 -48.64
CA THR C 2206 12.96 -74.55 -47.76
C THR C 2206 14.44 -74.81 -47.52
N VAL C 2207 15.26 -74.74 -48.57
CA VAL C 2207 16.69 -74.97 -48.42
C VAL C 2207 17.30 -73.91 -47.50
N MET C 2208 16.91 -72.65 -47.71
CA MET C 2208 17.43 -71.58 -46.88
C MET C 2208 16.99 -71.73 -45.43
N GLU C 2209 15.75 -72.20 -45.22
CA GLU C 2209 15.26 -72.40 -43.87
C GLU C 2209 16.00 -73.53 -43.15
N VAL C 2210 16.23 -74.65 -43.85
CA VAL C 2210 16.96 -75.72 -43.20
C VAL C 2210 18.40 -75.29 -42.95
N MET C 2211 18.96 -74.44 -43.81
CA MET C 2211 20.33 -73.96 -43.59
C MET C 2211 20.40 -73.07 -42.35
N VAL C 2212 19.47 -72.13 -42.21
CA VAL C 2212 19.51 -71.29 -41.02
C VAL C 2212 19.23 -72.12 -39.78
N ASN C 2213 18.41 -73.16 -39.91
CA ASN C 2213 18.19 -74.06 -38.77
C ASN C 2213 19.47 -74.78 -38.38
N VAL C 2214 20.22 -75.31 -39.36
CA VAL C 2214 21.38 -76.12 -39.00
C VAL C 2214 22.49 -75.26 -38.44
N LEU C 2215 22.75 -74.08 -39.02
CA LEU C 2215 23.83 -73.27 -38.49
C LEU C 2215 23.40 -72.35 -37.35
N GLY C 2216 22.12 -72.27 -37.04
CA GLY C 2216 21.66 -71.36 -36.02
C GLY C 2216 22.00 -71.83 -34.61
N GLY C 2217 21.78 -70.93 -33.66
CA GLY C 2217 21.98 -71.24 -32.26
C GLY C 2217 23.36 -70.90 -31.74
N GLY C 2218 24.37 -71.67 -32.17
CA GLY C 2218 25.72 -71.45 -31.70
C GLY C 2218 26.45 -70.36 -32.44
N GLU C 2219 26.59 -69.20 -31.79
CA GLU C 2219 27.27 -68.07 -32.43
C GLU C 2219 28.74 -68.36 -32.66
N THR C 2220 29.41 -68.95 -31.67
CA THR C 2220 30.83 -69.22 -31.78
C THR C 2220 31.24 -70.61 -31.30
N LYS C 2221 30.39 -71.36 -30.62
CA LYS C 2221 30.73 -72.67 -30.10
C LYS C 2221 30.10 -73.81 -30.90
N GLU C 2222 28.80 -73.74 -31.14
CA GLU C 2222 28.09 -74.79 -31.85
C GLU C 2222 28.11 -74.48 -33.35
N ILE C 2223 29.11 -75.02 -34.04
CA ILE C 2223 29.21 -74.88 -35.48
C ILE C 2223 29.23 -76.27 -36.08
N ARG C 2224 28.54 -77.20 -35.41
CA ARG C 2224 28.56 -78.59 -35.83
C ARG C 2224 27.85 -78.77 -37.17
N PHE C 2225 27.85 -80.01 -37.65
CA PHE C 2225 27.25 -80.38 -38.92
C PHE C 2225 27.72 -79.52 -40.10
N PRO C 2226 29.02 -79.51 -40.40
CA PRO C 2226 29.49 -78.87 -41.64
C PRO C 2226 29.36 -79.84 -42.81
N LYS C 2227 29.93 -79.48 -43.96
CA LYS C 2227 30.01 -80.36 -45.11
C LYS C 2227 28.64 -80.52 -45.77
N MET C 2228 27.59 -79.99 -45.12
CA MET C 2228 26.26 -79.95 -45.71
C MET C 2228 25.76 -78.54 -45.96
N VAL C 2229 26.14 -77.58 -45.11
CA VAL C 2229 25.86 -76.18 -45.39
C VAL C 2229 26.57 -75.74 -46.65
N THR C 2230 27.76 -76.28 -46.90
CA THR C 2230 28.48 -75.96 -48.13
C THR C 2230 27.71 -76.43 -49.35
N SER C 2231 27.15 -77.64 -49.30
CA SER C 2231 26.33 -78.12 -50.42
C SER C 2231 25.10 -77.25 -50.61
N CYS C 2232 24.46 -76.84 -49.51
CA CYS C 2232 23.31 -75.96 -49.61
C CYS C 2232 23.67 -74.64 -50.27
N CYS C 2233 24.78 -74.04 -49.86
CA CYS C 2233 25.18 -72.75 -50.43
C CYS C 2233 25.57 -72.90 -51.90
N ARG C 2234 26.23 -74.00 -52.25
CA ARG C 2234 26.55 -74.24 -53.66
C ARG C 2234 25.28 -74.38 -54.49
N PHE C 2235 24.29 -75.10 -53.96
CA PHE C 2235 23.02 -75.22 -54.67
C PHE C 2235 22.35 -73.87 -54.82
N LEU C 2236 22.38 -73.05 -53.76
CA LEU C 2236 21.77 -71.73 -53.84
C LEU C 2236 22.45 -70.86 -54.88
N CYS C 2237 23.78 -70.89 -54.93
CA CYS C 2237 24.51 -70.12 -55.93
C CYS C 2237 24.14 -70.59 -57.33
N TYR C 2238 24.15 -71.90 -57.55
CA TYR C 2238 23.83 -72.42 -58.88
C TYR C 2238 22.40 -72.09 -59.27
N PHE C 2239 21.48 -72.06 -58.30
CA PHE C 2239 20.10 -71.72 -58.59
C PHE C 2239 19.98 -70.25 -58.97
N CYS C 2240 20.64 -69.37 -58.21
CA CYS C 2240 20.53 -67.94 -58.49
C CYS C 2240 21.22 -67.58 -59.80
N ARG C 2241 22.26 -68.31 -60.19
CA ARG C 2241 22.98 -67.97 -61.41
C ARG C 2241 22.10 -68.17 -62.65
N ILE C 2242 21.49 -69.34 -62.78
CA ILE C 2242 20.75 -69.68 -64.00
C ILE C 2242 19.31 -69.26 -63.77
N SER C 2243 19.03 -67.98 -64.03
CA SER C 2243 17.70 -67.42 -63.93
C SER C 2243 17.77 -65.95 -64.35
N ARG C 2244 16.60 -65.36 -64.52
CA ARG C 2244 16.47 -63.93 -64.74
C ARG C 2244 15.73 -63.21 -63.63
N GLN C 2245 14.84 -63.90 -62.91
CA GLN C 2245 14.08 -63.31 -61.82
C GLN C 2245 14.46 -63.85 -60.46
N ASN C 2246 14.91 -65.11 -60.39
CA ASN C 2246 15.19 -65.73 -59.09
C ASN C 2246 16.32 -65.00 -58.36
N GLN C 2247 17.19 -64.31 -59.09
CA GLN C 2247 18.21 -63.51 -58.44
C GLN C 2247 17.57 -62.44 -57.57
N ARG C 2248 16.51 -61.80 -58.06
CA ARG C 2248 15.79 -60.84 -57.24
C ARG C 2248 15.15 -61.51 -56.03
N SER C 2249 14.61 -62.71 -56.21
CA SER C 2249 13.98 -63.42 -55.10
C SER C 2249 14.98 -63.69 -54.00
N MET C 2250 16.18 -64.15 -54.35
CA MET C 2250 17.19 -64.38 -53.32
C MET C 2250 17.77 -63.07 -52.81
N PHE C 2251 17.75 -62.02 -53.64
CA PHE C 2251 18.20 -60.71 -53.21
C PHE C 2251 17.33 -60.18 -52.08
N ASP C 2252 16.02 -60.42 -52.17
CA ASP C 2252 15.09 -59.86 -51.20
C ASP C 2252 15.39 -60.31 -49.78
N HIS C 2253 16.06 -61.45 -49.59
CA HIS C 2253 16.38 -61.96 -48.26
C HIS C 2253 17.83 -61.69 -47.86
N LEU C 2254 18.55 -60.85 -48.61
CA LEU C 2254 19.99 -60.76 -48.41
C LEU C 2254 20.35 -60.15 -47.06
N SER C 2255 19.51 -59.24 -46.54
CA SER C 2255 19.82 -58.62 -45.25
C SER C 2255 19.89 -59.66 -44.14
N TYR C 2256 18.84 -60.48 -44.03
CA TYR C 2256 18.83 -61.51 -43.00
C TYR C 2256 19.78 -62.64 -43.34
N LEU C 2257 20.07 -62.85 -44.64
CA LEU C 2257 21.10 -63.79 -45.02
C LEU C 2257 22.46 -63.37 -44.48
N LEU C 2258 22.79 -62.10 -44.61
CA LEU C 2258 24.04 -61.59 -44.05
C LEU C 2258 24.00 -61.57 -42.54
N GLU C 2259 22.81 -61.38 -41.96
CA GLU C 2259 22.68 -61.48 -40.51
C GLU C 2259 23.08 -62.87 -40.03
N ASN C 2260 22.62 -63.91 -40.73
CA ASN C 2260 23.05 -65.27 -40.40
C ASN C 2260 24.53 -65.46 -40.70
N SER C 2261 25.01 -64.90 -41.81
CA SER C 2261 26.41 -65.07 -42.20
C SER C 2261 27.35 -64.48 -41.16
N GLY C 2262 26.92 -63.42 -40.48
CA GLY C 2262 27.75 -62.83 -39.44
C GLY C 2262 28.01 -63.77 -38.28
N ILE C 2263 27.13 -64.75 -38.08
CA ILE C 2263 27.31 -65.76 -37.04
C ILE C 2263 28.10 -66.92 -37.62
N GLY C 2264 28.59 -66.77 -38.84
CA GLY C 2264 29.37 -67.81 -39.48
C GLY C 2264 30.83 -67.44 -39.65
N LEU C 2265 31.21 -67.07 -40.88
CA LEU C 2265 32.56 -66.68 -41.26
C LEU C 2265 33.62 -67.60 -40.65
N GLY C 2266 33.30 -68.88 -40.50
CA GLY C 2266 34.18 -69.82 -39.84
C GLY C 2266 35.38 -70.26 -40.66
N MET C 2267 35.12 -70.97 -41.76
CA MET C 2267 36.18 -71.57 -42.56
C MET C 2267 35.81 -71.51 -44.04
N GLN C 2268 36.64 -72.15 -44.86
CA GLN C 2268 36.49 -72.11 -46.31
C GLN C 2268 35.26 -72.88 -46.78
N GLY C 2269 34.81 -72.57 -47.99
CA GLY C 2269 33.79 -73.37 -48.66
C GLY C 2269 32.39 -72.79 -48.60
N SER C 2270 32.01 -72.08 -49.66
CA SER C 2270 30.66 -71.59 -49.88
C SER C 2270 30.00 -71.03 -48.62
N THR C 2271 30.59 -69.99 -48.05
CA THR C 2271 29.97 -69.33 -46.91
C THR C 2271 28.70 -68.61 -47.39
N PRO C 2272 27.77 -68.34 -46.48
CA PRO C 2272 26.52 -67.67 -46.90
C PRO C 2272 26.76 -66.32 -47.55
N LEU C 2273 27.83 -65.60 -47.16
CA LEU C 2273 28.13 -64.34 -47.83
C LEU C 2273 28.47 -64.55 -49.29
N ASP C 2274 29.00 -65.71 -49.64
CA ASP C 2274 29.29 -66.01 -51.05
C ASP C 2274 28.01 -66.02 -51.87
N VAL C 2275 26.96 -66.66 -51.36
CA VAL C 2275 25.70 -66.65 -52.10
C VAL C 2275 25.01 -65.31 -51.99
N ALA C 2276 25.27 -64.56 -50.91
CA ALA C 2276 24.74 -63.21 -50.82
C ALA C 2276 25.30 -62.33 -51.92
N ALA C 2277 26.62 -62.42 -52.15
CA ALA C 2277 27.23 -61.65 -53.22
C ALA C 2277 26.86 -62.20 -54.60
N ALA C 2278 26.67 -63.52 -54.71
CA ALA C 2278 26.35 -64.11 -56.00
C ALA C 2278 25.01 -63.63 -56.54
N SER C 2279 24.15 -63.09 -55.68
CA SER C 2279 22.88 -62.54 -56.14
C SER C 2279 23.01 -61.15 -56.76
N VAL C 2280 24.17 -60.50 -56.59
CA VAL C 2280 24.33 -59.12 -57.01
C VAL C 2280 25.06 -58.99 -58.33
N ILE C 2281 25.47 -60.11 -58.95
CA ILE C 2281 26.15 -60.04 -60.24
C ILE C 2281 25.25 -59.43 -61.29
N ASP C 2282 23.95 -59.73 -61.23
CA ASP C 2282 22.99 -59.09 -62.12
C ASP C 2282 22.75 -57.65 -61.65
N ASN C 2283 23.75 -56.80 -61.81
CA ASN C 2283 23.72 -55.47 -61.23
C ASN C 2283 22.84 -54.55 -62.08
N ASN C 2284 22.95 -53.25 -61.82
CA ASN C 2284 22.28 -52.15 -62.52
C ASN C 2284 20.75 -52.29 -62.51
N GLU C 2285 20.22 -53.23 -61.75
CA GLU C 2285 18.78 -53.34 -61.54
C GLU C 2285 18.52 -53.47 -60.05
N LEU C 2286 19.47 -54.07 -59.35
CA LEU C 2286 19.41 -54.26 -57.90
C LEU C 2286 20.54 -53.57 -57.17
N ALA C 2287 21.76 -53.65 -57.69
CA ALA C 2287 22.89 -52.99 -57.04
C ALA C 2287 22.65 -51.51 -56.91
N LEU C 2288 22.03 -50.90 -57.93
CA LEU C 2288 21.68 -49.49 -57.84
C LEU C 2288 20.69 -49.24 -56.71
N ALA C 2289 19.69 -50.09 -56.58
CA ALA C 2289 18.68 -49.95 -55.54
C ALA C 2289 19.04 -50.70 -54.26
N LEU C 2290 20.20 -51.33 -54.21
CA LEU C 2290 20.62 -52.04 -53.01
C LEU C 2290 20.80 -51.06 -51.86
N GLN C 2291 20.23 -51.40 -50.70
CA GLN C 2291 20.22 -50.48 -49.59
C GLN C 2291 21.59 -50.36 -48.95
N GLU C 2292 21.83 -49.19 -48.34
CA GLU C 2292 23.10 -48.94 -47.67
C GLU C 2292 23.20 -49.63 -46.31
N GLN C 2293 22.08 -50.13 -45.77
CA GLN C 2293 22.12 -50.78 -44.47
C GLN C 2293 23.02 -52.00 -44.48
N ASP C 2294 22.93 -52.81 -45.52
CA ASP C 2294 23.82 -53.96 -45.65
C ASP C 2294 25.27 -53.52 -45.73
N LEU C 2295 25.54 -52.45 -46.47
CA LEU C 2295 26.91 -51.95 -46.61
C LEU C 2295 27.49 -51.50 -45.27
N GLU C 2296 26.73 -50.70 -44.52
CA GLU C 2296 27.24 -50.23 -43.24
C GLU C 2296 27.38 -51.40 -42.27
N LYS C 2297 26.46 -52.36 -42.30
CA LYS C 2297 26.58 -53.53 -41.44
C LYS C 2297 27.84 -54.34 -41.76
N VAL C 2298 28.12 -54.55 -43.06
CA VAL C 2298 29.27 -55.37 -43.42
C VAL C 2298 30.56 -54.65 -43.13
N VAL C 2299 30.61 -53.32 -43.28
CA VAL C 2299 31.85 -52.65 -42.93
C VAL C 2299 32.03 -52.61 -41.41
N SER C 2300 30.92 -52.54 -40.66
CA SER C 2300 31.03 -52.67 -39.22
C SER C 2300 31.58 -54.03 -38.82
N TYR C 2301 31.14 -55.08 -39.52
CA TYR C 2301 31.71 -56.41 -39.30
C TYR C 2301 33.19 -56.43 -39.62
N LEU C 2302 33.58 -55.80 -40.73
CA LEU C 2302 34.99 -55.72 -41.10
C LEU C 2302 35.79 -54.96 -40.05
N ALA C 2303 35.16 -54.03 -39.35
CA ALA C 2303 35.84 -53.28 -38.30
C ALA C 2303 36.34 -54.18 -37.17
N GLY C 2304 35.74 -55.36 -37.01
CA GLY C 2304 36.22 -56.31 -36.02
C GLY C 2304 37.47 -57.07 -36.41
N CYS C 2305 37.93 -56.92 -37.64
CA CYS C 2305 39.15 -57.60 -38.08
C CYS C 2305 40.39 -57.07 -37.37
N GLY C 2306 40.30 -55.90 -36.74
CA GLY C 2306 41.42 -55.35 -36.01
C GLY C 2306 41.66 -55.95 -34.64
N LEU C 2307 40.77 -56.85 -34.20
CA LEU C 2307 40.93 -57.54 -32.92
C LEU C 2307 40.93 -59.05 -33.05
N GLN C 2308 40.09 -59.60 -33.93
CA GLN C 2308 40.07 -61.04 -34.13
C GLN C 2308 41.34 -61.48 -34.84
N SER C 2309 41.98 -62.52 -34.32
CA SER C 2309 43.29 -62.97 -34.79
C SER C 2309 43.22 -64.37 -35.42
N CYS C 2310 42.05 -64.74 -35.95
CA CYS C 2310 41.82 -66.07 -36.50
C CYS C 2310 42.11 -67.13 -35.44
N PRO C 2311 41.26 -67.25 -34.42
CA PRO C 2311 41.56 -68.19 -33.34
C PRO C 2311 41.67 -69.64 -33.77
N MET C 2312 41.06 -70.01 -34.89
CA MET C 2312 41.15 -71.38 -35.37
C MET C 2312 42.60 -71.77 -35.68
N LEU C 2313 43.31 -70.90 -36.39
CA LEU C 2313 44.71 -71.11 -36.69
C LEU C 2313 45.64 -70.50 -35.66
N LEU C 2314 45.09 -69.79 -34.67
CA LEU C 2314 45.91 -69.24 -33.59
C LEU C 2314 46.56 -70.36 -32.78
N ALA C 2315 45.79 -71.41 -32.46
CA ALA C 2315 46.28 -72.52 -31.67
C ALA C 2315 47.01 -73.57 -32.51
N LYS C 2316 47.05 -73.41 -33.83
CA LYS C 2316 47.73 -74.37 -34.69
C LYS C 2316 49.25 -74.29 -34.57
N GLY C 2317 49.78 -73.28 -33.90
CA GLY C 2317 51.22 -73.09 -33.83
C GLY C 2317 51.70 -72.00 -34.75
N TYR C 2318 50.98 -70.88 -34.76
CA TYR C 2318 51.23 -69.76 -35.65
C TYR C 2318 51.51 -68.51 -34.83
N PRO C 2319 52.19 -67.51 -35.43
CA PRO C 2319 52.49 -66.29 -34.68
C PRO C 2319 51.25 -65.57 -34.15
N ASP C 2320 50.12 -65.70 -34.84
CA ASP C 2320 48.83 -65.18 -34.37
C ASP C 2320 48.86 -63.65 -34.20
N ILE C 2321 49.09 -62.96 -35.32
CA ILE C 2321 49.05 -61.51 -35.31
C ILE C 2321 47.63 -61.05 -35.03
N GLY C 2322 47.50 -59.82 -34.50
CA GLY C 2322 46.21 -59.35 -34.02
C GLY C 2322 45.14 -59.34 -35.08
N TRP C 2323 45.49 -58.93 -36.30
CA TRP C 2323 44.54 -58.89 -37.40
C TRP C 2323 44.52 -60.23 -38.13
N ASN C 2324 43.48 -60.42 -38.94
CA ASN C 2324 43.27 -61.68 -39.66
C ASN C 2324 43.33 -61.43 -41.16
N PRO C 2325 44.43 -61.77 -41.83
CA PRO C 2325 44.46 -61.63 -43.30
C PRO C 2325 43.41 -62.46 -44.00
N CYS C 2326 43.12 -63.66 -43.48
CA CYS C 2326 42.09 -64.50 -44.10
C CYS C 2326 40.70 -63.87 -43.96
N GLY C 2327 40.40 -63.34 -42.77
CA GLY C 2327 39.11 -62.68 -42.58
C GLY C 2327 38.94 -61.47 -43.47
N GLY C 2328 40.01 -60.69 -43.65
CA GLY C 2328 39.95 -59.58 -44.57
C GLY C 2328 39.81 -60.03 -46.01
N GLU C 2329 40.46 -61.13 -46.38
CA GLU C 2329 40.34 -61.64 -47.75
C GLU C 2329 38.92 -62.10 -48.03
N ARG C 2330 38.29 -62.79 -47.08
CA ARG C 2330 36.89 -63.18 -47.26
C ARG C 2330 36.00 -61.96 -47.39
N TYR C 2331 36.22 -60.95 -46.57
CA TYR C 2331 35.56 -59.67 -46.75
C TYR C 2331 36.17 -58.94 -47.94
N LEU C 2332 35.62 -57.77 -48.27
CA LEU C 2332 36.10 -56.87 -49.30
C LEU C 2332 35.97 -57.45 -50.70
N ASP C 2333 35.54 -58.70 -50.84
CA ASP C 2333 35.29 -59.26 -52.16
C ASP C 2333 33.83 -59.08 -52.57
N PHE C 2334 32.92 -59.21 -51.61
CA PHE C 2334 31.53 -58.83 -51.84
C PHE C 2334 31.43 -57.33 -52.12
N LEU C 2335 32.21 -56.53 -51.39
CA LEU C 2335 32.18 -55.08 -51.61
C LEU C 2335 32.60 -54.73 -53.02
N ARG C 2336 33.67 -55.35 -53.51
CA ARG C 2336 34.06 -55.13 -54.90
C ARG C 2336 33.02 -55.68 -55.86
N PHE C 2337 32.48 -56.86 -55.55
CA PHE C 2337 31.49 -57.48 -56.42
C PHE C 2337 30.22 -56.65 -56.53
N ALA C 2338 30.02 -55.70 -55.61
CA ALA C 2338 28.89 -54.78 -55.75
C ALA C 2338 28.99 -53.95 -57.02
N VAL C 2339 30.20 -53.62 -57.46
CA VAL C 2339 30.39 -52.78 -58.64
C VAL C 2339 31.38 -53.43 -59.60
N PHE C 2340 31.64 -54.73 -59.43
CA PHE C 2340 32.72 -55.39 -60.17
C PHE C 2340 32.28 -55.79 -61.58
N VAL C 2341 31.26 -56.67 -61.67
CA VAL C 2341 30.90 -57.26 -62.95
C VAL C 2341 30.48 -56.20 -63.95
N ASN C 2342 29.67 -55.25 -63.52
CA ASN C 2342 29.28 -54.16 -64.40
C ASN C 2342 30.46 -53.24 -64.64
N GLY C 2343 30.74 -52.94 -65.91
CA GLY C 2343 31.76 -51.95 -66.21
C GLY C 2343 31.30 -50.55 -65.84
N GLU C 2344 32.28 -49.65 -65.70
CA GLU C 2344 32.02 -48.27 -65.30
C GLU C 2344 31.30 -48.22 -63.96
N SER C 2345 32.04 -48.65 -62.93
CA SER C 2345 31.48 -48.83 -61.60
C SER C 2345 30.80 -47.56 -61.11
N VAL C 2346 29.65 -47.74 -60.44
CA VAL C 2346 28.88 -46.60 -59.98
C VAL C 2346 29.64 -45.83 -58.91
N GLU C 2347 29.16 -44.62 -58.63
CA GLU C 2347 29.82 -43.73 -57.68
C GLU C 2347 29.08 -43.60 -56.35
N GLU C 2348 27.76 -43.60 -56.36
CA GLU C 2348 27.00 -43.44 -55.12
C GLU C 2348 27.31 -44.55 -54.14
N ASN C 2349 27.30 -45.80 -54.62
CA ASN C 2349 27.77 -46.91 -53.79
C ASN C 2349 29.24 -46.72 -53.44
N ALA C 2350 30.05 -46.29 -54.41
CA ALA C 2350 31.44 -45.99 -54.12
C ALA C 2350 31.56 -44.87 -53.11
N ASN C 2351 30.72 -43.84 -53.23
CA ASN C 2351 30.77 -42.71 -52.30
C ASN C 2351 30.49 -43.18 -50.88
N VAL C 2352 29.41 -43.92 -50.68
CA VAL C 2352 29.06 -44.33 -49.32
C VAL C 2352 30.09 -45.33 -48.78
N VAL C 2353 30.59 -46.23 -49.63
CA VAL C 2353 31.54 -47.21 -49.12
C VAL C 2353 32.85 -46.55 -48.71
N VAL C 2354 33.33 -45.58 -49.51
CA VAL C 2354 34.56 -44.90 -49.13
C VAL C 2354 34.33 -43.90 -48.00
N ARG C 2355 33.09 -43.51 -47.75
CA ARG C 2355 32.82 -42.68 -46.58
C ARG C 2355 32.86 -43.52 -45.30
N LEU C 2356 32.05 -44.59 -45.23
CA LEU C 2356 32.04 -45.42 -44.03
C LEU C 2356 33.35 -46.18 -43.84
N LEU C 2357 34.09 -46.46 -44.91
CA LEU C 2357 35.38 -47.14 -44.77
C LEU C 2357 36.43 -46.22 -44.18
N ILE C 2358 36.22 -44.90 -44.24
CA ILE C 2358 37.14 -43.95 -43.61
C ILE C 2358 36.57 -43.39 -42.31
N ARG C 2359 35.29 -43.65 -42.00
CA ARG C 2359 34.74 -43.18 -40.74
C ARG C 2359 35.47 -43.82 -39.55
N LYS C 2360 35.76 -45.11 -39.64
CA LYS C 2360 36.53 -45.79 -38.61
C LYS C 2360 37.93 -46.10 -39.12
N PRO C 2361 38.97 -45.50 -38.53
CA PRO C 2361 40.33 -45.86 -38.96
C PRO C 2361 40.71 -47.30 -38.63
N GLU C 2362 39.99 -47.95 -37.72
CA GLU C 2362 40.36 -49.30 -37.30
C GLU C 2362 40.28 -50.28 -38.46
N CYS C 2363 39.24 -50.18 -39.29
CA CYS C 2363 39.06 -51.11 -40.39
C CYS C 2363 40.16 -50.99 -41.44
N PHE C 2364 40.96 -49.93 -41.41
CA PHE C 2364 42.07 -49.78 -42.34
C PHE C 2364 43.15 -50.80 -42.00
N GLY C 2365 44.18 -50.85 -42.84
CA GLY C 2365 45.30 -51.72 -42.62
C GLY C 2365 46.09 -51.32 -41.37
N PRO C 2366 46.79 -52.29 -40.77
CA PRO C 2366 47.56 -51.99 -39.56
C PRO C 2366 48.62 -50.93 -39.77
N ALA C 2367 49.23 -50.88 -40.95
CA ALA C 2367 50.28 -49.92 -41.22
C ALA C 2367 49.78 -48.54 -41.63
N LEU C 2368 48.50 -48.43 -42.00
CA LEU C 2368 47.97 -47.15 -42.48
C LEU C 2368 47.60 -46.21 -41.35
N ARG C 2369 46.66 -46.61 -40.50
CA ARG C 2369 46.09 -45.74 -39.49
C ARG C 2369 46.86 -45.77 -38.17
N GLY C 2370 48.14 -46.13 -38.21
CA GLY C 2370 48.92 -46.17 -36.99
C GLY C 2370 49.19 -44.78 -36.43
N GLU C 2371 49.67 -44.77 -35.18
CA GLU C 2371 50.01 -43.51 -34.53
C GLU C 2371 51.10 -42.77 -35.28
N GLY C 2372 51.97 -43.51 -35.99
CA GLY C 2372 52.98 -42.91 -36.84
C GLY C 2372 52.83 -43.41 -38.27
N GLY C 2373 53.53 -42.73 -39.17
CA GLY C 2373 53.49 -43.09 -40.58
C GLY C 2373 54.31 -44.32 -40.88
N SER C 2374 53.87 -45.47 -40.36
CA SER C 2374 54.59 -46.72 -40.61
C SER C 2374 54.52 -47.07 -42.09
N GLY C 2375 55.65 -47.48 -42.65
CA GLY C 2375 55.77 -47.71 -44.07
C GLY C 2375 54.91 -48.83 -44.61
N LEU C 2376 53.90 -48.49 -45.41
CA LEU C 2376 53.07 -49.50 -46.05
C LEU C 2376 53.91 -50.36 -46.99
N LEU C 2377 54.74 -49.72 -47.81
CA LEU C 2377 55.69 -50.46 -48.63
C LEU C 2377 56.62 -51.29 -47.76
N ALA C 2378 57.11 -50.71 -46.66
CA ALA C 2378 57.94 -51.46 -45.73
C ALA C 2378 57.17 -52.61 -45.10
N ALA C 2379 55.90 -52.38 -44.75
CA ALA C 2379 55.10 -53.44 -44.14
C ALA C 2379 54.92 -54.62 -45.09
N ILE C 2380 54.57 -54.34 -46.34
CA ILE C 2380 54.34 -55.45 -47.27
C ILE C 2380 55.67 -56.10 -47.66
N GLU C 2381 56.76 -55.35 -47.70
CA GLU C 2381 58.07 -55.96 -47.94
C GLU C 2381 58.45 -56.89 -46.81
N GLU C 2382 58.19 -56.48 -45.57
CA GLU C 2382 58.44 -57.35 -44.42
C GLU C 2382 57.57 -58.60 -44.49
N ALA C 2383 56.31 -58.44 -44.91
CA ALA C 2383 55.44 -59.59 -45.09
C ALA C 2383 55.98 -60.54 -46.14
N ILE C 2384 56.50 -60.00 -47.24
CA ILE C 2384 57.08 -60.83 -48.29
C ILE C 2384 58.30 -61.57 -47.76
N ARG C 2385 59.14 -60.88 -46.99
CA ARG C 2385 60.32 -61.52 -46.40
C ARG C 2385 59.91 -62.63 -45.45
N ILE C 2386 58.86 -62.42 -44.65
CA ILE C 2386 58.36 -63.46 -43.75
C ILE C 2386 57.85 -64.65 -44.56
N SER C 2387 57.18 -64.37 -45.68
CA SER C 2387 56.70 -65.45 -46.53
C SER C 2387 57.87 -66.25 -47.10
N GLU C 2388 58.95 -65.57 -47.51
CA GLU C 2388 60.11 -66.24 -48.05
C GLU C 2388 60.99 -66.87 -46.98
N ASP C 2389 60.76 -66.57 -45.71
CA ASP C 2389 61.51 -67.18 -44.61
C ASP C 2389 60.60 -68.15 -43.88
N PRO C 2390 60.82 -69.46 -43.98
CA PRO C 2390 59.87 -70.42 -43.38
C PRO C 2390 59.90 -70.42 -41.87
N ALA C 2391 59.39 -69.35 -41.26
CA ALA C 2391 59.29 -69.23 -39.82
C ALA C 2391 57.90 -69.53 -39.30
N ARG C 2392 56.97 -69.93 -40.18
CA ARG C 2392 55.60 -70.21 -39.77
C ARG C 2392 55.17 -71.64 -40.08
N ASP C 2393 56.00 -72.42 -40.76
CA ASP C 2393 55.68 -73.81 -41.09
C ASP C 2393 56.86 -74.70 -40.76
N GLY C 2394 56.57 -75.96 -40.43
CA GLY C 2394 57.59 -76.92 -40.10
C GLY C 2394 58.29 -77.46 -41.32
N PRO C 2395 59.35 -78.25 -41.08
CA PRO C 2395 60.15 -78.85 -42.17
C PRO C 2395 60.10 -80.37 -42.15
N ASN C 2414 50.59 -75.72 -43.07
CA ASN C 2414 49.45 -76.50 -43.51
C ASN C 2414 48.83 -75.90 -44.78
N ARG C 2415 49.62 -75.86 -45.85
CA ARG C 2415 49.23 -75.31 -47.15
C ARG C 2415 48.85 -73.84 -47.08
N VAL C 2416 49.19 -73.15 -46.00
CA VAL C 2416 48.83 -71.75 -45.80
C VAL C 2416 50.09 -70.97 -45.48
N HIS C 2417 50.28 -69.86 -46.17
CA HIS C 2417 51.42 -68.97 -45.96
C HIS C 2417 50.90 -67.63 -45.45
N LEU C 2418 51.46 -67.18 -44.32
CA LEU C 2418 50.99 -65.95 -43.70
C LEU C 2418 51.24 -64.75 -44.61
N GLY C 2419 52.44 -64.65 -45.18
CA GLY C 2419 52.74 -63.54 -46.06
C GLY C 2419 51.87 -63.56 -47.31
N HIS C 2420 51.55 -64.75 -47.81
CA HIS C 2420 50.64 -64.86 -48.94
C HIS C 2420 49.27 -64.28 -48.60
N ALA C 2421 48.75 -64.60 -47.42
CA ALA C 2421 47.46 -64.06 -47.00
C ALA C 2421 47.53 -62.56 -46.82
N ILE C 2422 48.62 -62.06 -46.24
CA ILE C 2422 48.75 -60.61 -46.01
C ILE C 2422 48.78 -59.87 -47.35
N MET C 2423 49.58 -60.35 -48.30
CA MET C 2423 49.64 -59.70 -49.59
C MET C 2423 48.34 -59.83 -50.35
N SER C 2424 47.62 -60.95 -50.18
CA SER C 2424 46.32 -61.08 -50.80
C SER C 2424 45.34 -60.06 -50.24
N PHE C 2425 45.34 -59.88 -48.92
CA PHE C 2425 44.47 -58.88 -48.31
C PHE C 2425 44.79 -57.49 -48.81
N TYR C 2426 46.08 -57.14 -48.88
CA TYR C 2426 46.44 -55.80 -49.32
C TYR C 2426 46.10 -55.60 -50.80
N ALA C 2427 46.31 -56.62 -51.63
CA ALA C 2427 45.93 -56.51 -53.03
C ALA C 2427 44.43 -56.34 -53.18
N ALA C 2428 43.64 -57.05 -52.37
CA ALA C 2428 42.20 -56.88 -52.40
C ALA C 2428 41.81 -55.47 -51.95
N LEU C 2429 42.51 -54.93 -50.97
CA LEU C 2429 42.23 -53.56 -50.51
C LEU C 2429 42.47 -52.56 -51.63
N ILE C 2430 43.61 -52.68 -52.32
CA ILE C 2430 43.86 -51.74 -53.42
C ILE C 2430 42.89 -51.98 -54.57
N ASP C 2431 42.47 -53.23 -54.80
CA ASP C 2431 41.48 -53.50 -55.83
C ASP C 2431 40.15 -52.83 -55.51
N LEU C 2432 39.72 -52.91 -54.25
CA LEU C 2432 38.50 -52.23 -53.84
C LEU C 2432 38.65 -50.72 -54.00
N LEU C 2433 39.78 -50.16 -53.59
CA LEU C 2433 39.97 -48.72 -53.73
C LEU C 2433 40.04 -48.29 -55.18
N GLY C 2434 40.47 -49.18 -56.07
CA GLY C 2434 40.49 -48.88 -57.49
C GLY C 2434 39.12 -48.92 -58.12
N ARG C 2435 38.41 -50.05 -57.96
CA ARG C 2435 37.08 -50.18 -58.53
C ARG C 2435 36.08 -49.22 -57.92
N CYS C 2436 36.38 -48.67 -56.74
CA CYS C 2436 35.54 -47.67 -56.09
C CYS C 2436 36.05 -46.27 -56.34
N ALA C 2437 36.54 -46.02 -57.55
CA ALA C 2437 37.16 -44.75 -57.89
C ALA C 2437 36.18 -43.60 -57.68
N PRO C 2438 36.68 -42.42 -57.31
CA PRO C 2438 35.77 -41.27 -57.09
C PRO C 2438 34.97 -40.93 -58.32
N GLU C 2439 35.54 -41.13 -59.51
CA GLU C 2439 34.83 -40.85 -60.75
C GLU C 2439 35.61 -41.48 -61.88
N MET C 2440 34.96 -41.59 -63.03
CA MET C 2440 35.62 -41.93 -64.27
C MET C 2440 36.01 -40.64 -64.98
N HIS C 2441 36.51 -40.75 -66.22
CA HIS C 2441 36.81 -39.57 -67.00
C HIS C 2441 35.56 -38.74 -67.29
N LEU C 2442 34.38 -39.36 -67.23
CA LEU C 2442 33.15 -38.70 -67.64
C LEU C 2442 32.85 -37.48 -66.76
N ILE C 2443 32.59 -37.72 -65.47
CA ILE C 2443 32.11 -36.65 -64.61
C ILE C 2443 33.22 -35.91 -63.87
N GLN C 2444 34.47 -36.38 -63.96
CA GLN C 2444 35.56 -35.64 -63.34
C GLN C 2444 35.85 -34.35 -64.06
N ALA C 2445 35.53 -34.28 -65.36
CA ALA C 2445 35.80 -33.06 -66.13
C ALA C 2445 34.85 -31.94 -65.74
N GLY C 2446 33.57 -32.26 -65.54
CA GLY C 2446 32.57 -31.23 -65.29
C GLY C 2446 31.90 -31.28 -63.94
N LYS C 2447 32.65 -31.57 -62.89
CA LYS C 2447 32.09 -31.58 -61.54
C LYS C 2447 33.23 -31.39 -60.54
N GLY C 2448 32.85 -31.04 -59.32
CA GLY C 2448 33.81 -30.81 -58.26
C GLY C 2448 33.70 -31.80 -57.11
N GLU C 2449 32.49 -32.29 -56.86
CA GLU C 2449 32.29 -33.24 -55.76
C GLU C 2449 33.06 -34.53 -56.01
N ALA C 2450 33.06 -35.01 -57.25
CA ALA C 2450 33.86 -36.17 -57.59
C ALA C 2450 35.33 -35.90 -57.32
N LEU C 2451 35.82 -34.73 -57.73
CA LEU C 2451 37.19 -34.35 -57.40
C LEU C 2451 37.36 -34.12 -55.91
N ARG C 2452 36.29 -33.71 -55.21
CA ARG C 2452 36.38 -33.57 -53.77
C ARG C 2452 36.65 -34.90 -53.10
N ILE C 2453 36.02 -35.97 -53.58
CA ILE C 2453 36.32 -37.31 -53.09
C ILE C 2453 37.71 -37.73 -53.54
N ARG C 2454 38.08 -37.39 -54.79
CA ARG C 2454 39.35 -37.81 -55.33
C ARG C 2454 40.53 -37.23 -54.55
N ALA C 2455 40.38 -36.00 -54.05
CA ALA C 2455 41.45 -35.40 -53.27
C ALA C 2455 41.77 -36.25 -52.04
N ILE C 2456 40.74 -36.61 -51.28
CA ILE C 2456 40.94 -37.45 -50.10
C ILE C 2456 41.52 -38.81 -50.51
N LEU C 2457 40.93 -39.42 -51.54
CA LEU C 2457 41.33 -40.77 -51.90
C LEU C 2457 42.77 -40.82 -52.38
N ARG C 2458 43.25 -39.73 -53.01
CA ARG C 2458 44.68 -39.60 -53.26
C ARG C 2458 45.44 -39.34 -51.97
N SER C 2459 44.81 -38.66 -51.00
CA SER C 2459 45.50 -38.33 -49.77
C SER C 2459 45.89 -39.57 -48.97
N LEU C 2460 45.01 -40.58 -48.93
CA LEU C 2460 45.38 -41.77 -48.16
C LEU C 2460 46.62 -42.45 -48.71
N VAL C 2461 46.64 -42.74 -50.02
CA VAL C 2461 47.72 -43.52 -50.62
C VAL C 2461 48.56 -42.60 -51.49
N PRO C 2462 49.84 -42.41 -51.19
CA PRO C 2462 50.71 -41.64 -52.08
C PRO C 2462 51.20 -42.49 -53.25
N LEU C 2463 51.82 -41.80 -54.21
CA LEU C 2463 52.33 -42.45 -55.40
C LEU C 2463 53.73 -43.03 -55.11
N ASP C 2464 54.41 -43.48 -56.16
CA ASP C 2464 55.77 -44.01 -56.12
C ASP C 2464 55.89 -45.30 -55.32
N ASP C 2465 54.77 -45.87 -54.87
CA ASP C 2465 54.79 -47.14 -54.15
C ASP C 2465 54.57 -48.32 -55.09
N LEU C 2466 53.76 -48.13 -56.13
CA LEU C 2466 53.51 -49.21 -57.08
C LEU C 2466 54.79 -49.59 -57.83
N VAL C 2467 55.62 -48.60 -58.16
CA VAL C 2467 56.88 -48.90 -58.83
C VAL C 2467 57.81 -49.67 -57.89
N GLY C 2468 57.80 -49.33 -56.61
CA GLY C 2468 58.62 -50.05 -55.65
C GLY C 2468 58.16 -51.49 -55.45
N ILE C 2469 56.84 -51.70 -55.40
CA ILE C 2469 56.35 -53.06 -55.15
C ILE C 2469 56.41 -53.90 -56.43
N ILE C 2470 56.30 -53.28 -57.60
CA ILE C 2470 56.31 -54.04 -58.85
C ILE C 2470 57.69 -54.63 -59.13
N SER C 2471 58.74 -54.08 -58.52
CA SER C 2471 60.10 -54.59 -58.71
C SER C 2471 60.34 -55.70 -57.69
N LEU C 2472 59.83 -56.89 -58.00
CA LEU C 2472 60.06 -58.08 -57.18
C LEU C 2472 59.91 -59.32 -58.06
N PRO C 2473 60.89 -59.58 -58.92
CA PRO C 2473 60.85 -60.81 -59.72
C PRO C 2473 61.13 -62.03 -58.86
N LEU C 2474 60.59 -63.16 -59.29
CA LEU C 2474 60.79 -64.43 -58.61
C LEU C 2474 61.19 -65.49 -59.63
N GLN C 2475 61.86 -66.52 -59.13
CA GLN C 2475 62.38 -67.57 -60.00
C GLN C 2475 61.23 -68.27 -60.73
N ILE C 2476 61.38 -68.41 -62.04
CA ILE C 2476 60.38 -69.12 -62.84
C ILE C 2476 60.40 -70.60 -62.45
N PRO C 2477 59.26 -71.27 -62.33
CA PRO C 2477 59.26 -72.68 -61.94
C PRO C 2477 59.82 -73.57 -63.04
N THR C 2478 61.10 -73.41 -63.36
CA THR C 2478 61.78 -74.21 -64.36
C THR C 2478 62.92 -74.96 -63.70
N LEU C 2479 62.98 -76.26 -63.93
CA LEU C 2479 64.02 -77.10 -63.33
C LEU C 2479 65.10 -77.44 -64.35
N GLN C 2487 65.27 -73.56 -57.90
CA GLN C 2487 64.77 -72.93 -59.11
C GLN C 2487 63.25 -73.02 -59.28
N PRO C 2488 62.64 -74.20 -59.07
CA PRO C 2488 61.17 -74.27 -59.12
C PRO C 2488 60.54 -73.46 -58.00
N LYS C 2489 59.35 -72.92 -58.29
CA LYS C 2489 58.63 -72.12 -57.32
C LYS C 2489 57.16 -72.53 -57.33
N MET C 2490 56.49 -72.28 -56.20
CA MET C 2490 55.09 -72.64 -56.01
C MET C 2490 54.24 -71.39 -55.94
N SER C 2491 53.04 -71.45 -56.50
CA SER C 2491 52.11 -70.33 -56.50
C SER C 2491 51.26 -70.31 -55.23
N ALA C 2492 51.91 -70.38 -54.07
CA ALA C 2492 51.19 -70.40 -52.81
C ALA C 2492 51.77 -69.48 -51.75
N SER C 2493 52.96 -68.92 -51.93
CA SER C 2493 53.56 -67.99 -50.98
C SER C 2493 53.52 -66.54 -51.44
N PHE C 2494 53.67 -66.30 -52.74
CA PHE C 2494 53.55 -64.96 -53.30
C PHE C 2494 52.79 -65.05 -54.61
N VAL C 2495 52.06 -63.99 -54.93
CA VAL C 2495 51.25 -63.91 -56.13
C VAL C 2495 51.79 -62.78 -57.00
N PRO C 2496 52.61 -63.10 -58.00
CA PRO C 2496 52.98 -62.06 -58.99
C PRO C 2496 51.79 -61.56 -59.78
N ASP C 2497 50.69 -62.32 -59.83
CA ASP C 2497 49.45 -61.82 -60.39
C ASP C 2497 48.92 -60.65 -59.58
N HIS C 2498 49.02 -60.73 -58.25
CA HIS C 2498 48.61 -59.62 -57.39
C HIS C 2498 49.43 -58.37 -57.63
N LYS C 2499 50.64 -58.50 -58.16
CA LYS C 2499 51.45 -57.32 -58.46
C LYS C 2499 50.84 -56.48 -59.57
N ALA C 2500 50.14 -57.12 -60.51
CA ALA C 2500 49.50 -56.38 -61.59
C ALA C 2500 48.26 -55.63 -61.13
N SER C 2501 47.81 -55.85 -59.89
CA SER C 2501 46.60 -55.18 -59.40
C SER C 2501 46.77 -53.66 -59.35
N MET C 2502 48.00 -53.18 -59.19
CA MET C 2502 48.23 -51.74 -59.14
C MET C 2502 48.02 -51.06 -60.48
N VAL C 2503 47.90 -51.82 -61.57
CA VAL C 2503 47.74 -51.23 -62.89
C VAL C 2503 46.48 -50.38 -62.94
N LEU C 2504 45.35 -50.97 -62.55
CA LEU C 2504 44.09 -50.22 -62.57
C LEU C 2504 44.08 -49.13 -61.50
N PHE C 2505 44.73 -49.38 -60.37
CA PHE C 2505 44.80 -48.37 -59.32
C PHE C 2505 45.47 -47.10 -59.83
N LEU C 2506 46.60 -47.25 -60.55
CA LEU C 2506 47.23 -46.10 -61.16
C LEU C 2506 46.37 -45.52 -62.28
N ASP C 2507 45.79 -46.39 -63.10
CA ASP C 2507 45.01 -45.93 -64.25
C ASP C 2507 43.77 -45.15 -63.83
N ARG C 2508 43.30 -45.32 -62.60
CA ARG C 2508 42.08 -44.68 -62.13
C ARG C 2508 42.31 -43.54 -61.16
N VAL C 2509 43.27 -43.68 -60.24
CA VAL C 2509 43.43 -42.67 -59.19
C VAL C 2509 44.18 -41.45 -59.70
N TYR C 2510 45.43 -41.63 -60.11
CA TYR C 2510 46.26 -40.51 -60.55
C TYR C 2510 46.39 -40.46 -62.07
N GLY C 2511 46.85 -41.55 -62.68
CA GLY C 2511 47.04 -41.58 -64.12
C GLY C 2511 48.33 -40.88 -64.52
N ILE C 2512 49.10 -41.49 -65.40
CA ILE C 2512 50.35 -40.90 -65.88
C ILE C 2512 50.04 -39.95 -67.02
N GLU C 2513 50.43 -38.69 -66.86
CA GLU C 2513 50.08 -37.64 -67.82
C GLU C 2513 51.17 -37.39 -68.85
N ASN C 2514 52.35 -36.95 -68.42
CA ASN C 2514 53.34 -36.41 -69.34
C ASN C 2514 54.65 -37.18 -69.36
N GLN C 2515 55.31 -37.37 -68.21
CA GLN C 2515 56.68 -37.87 -68.20
C GLN C 2515 56.90 -39.11 -67.36
N ASP C 2516 56.01 -39.42 -66.41
CA ASP C 2516 56.22 -40.61 -65.58
C ASP C 2516 56.08 -41.90 -66.38
N PHE C 2517 55.56 -41.84 -67.60
CA PHE C 2517 55.45 -43.04 -68.43
C PHE C 2517 56.82 -43.63 -68.73
N LEU C 2518 57.80 -42.77 -69.02
CA LEU C 2518 59.16 -43.25 -69.30
C LEU C 2518 59.75 -43.94 -68.08
N LEU C 2519 59.60 -43.34 -66.91
CA LEU C 2519 60.10 -43.96 -65.68
C LEU C 2519 59.40 -45.30 -65.44
N HIS C 2520 58.08 -45.34 -65.63
CA HIS C 2520 57.32 -46.56 -65.39
C HIS C 2520 57.75 -47.68 -66.32
N VAL C 2521 57.89 -47.39 -67.61
CA VAL C 2521 58.29 -48.42 -68.55
C VAL C 2521 59.73 -48.86 -68.29
N LEU C 2522 60.60 -47.90 -67.93
CA LEU C 2522 61.99 -48.24 -67.67
C LEU C 2522 62.11 -49.18 -66.47
N ASP C 2523 61.40 -48.89 -65.39
CA ASP C 2523 61.50 -49.75 -64.21
C ASP C 2523 60.74 -51.06 -64.42
N VAL C 2524 59.67 -51.05 -65.22
CA VAL C 2524 58.91 -52.27 -65.44
C VAL C 2524 59.69 -53.25 -66.31
N GLY C 2525 60.40 -52.74 -67.33
CA GLY C 2525 60.98 -53.56 -68.38
C GLY C 2525 61.64 -54.85 -67.97
N PHE C 2526 62.12 -54.92 -66.73
CA PHE C 2526 62.60 -56.20 -66.20
C PHE C 2526 61.47 -57.22 -66.12
N LEU C 2527 60.28 -56.77 -65.73
CA LEU C 2527 59.15 -57.69 -65.61
C LEU C 2527 58.75 -58.32 -66.94
N PRO C 2528 58.59 -57.58 -68.04
CA PRO C 2528 58.42 -58.26 -69.34
C PRO C 2528 59.60 -59.15 -69.69
N ASP C 2529 60.82 -58.72 -69.35
CA ASP C 2529 61.99 -59.56 -69.59
C ASP C 2529 61.93 -60.84 -68.78
N MET C 2530 61.52 -60.74 -67.51
CA MET C 2530 61.36 -61.94 -66.69
C MET C 2530 60.29 -62.85 -67.25
N ARG C 2531 59.17 -62.28 -67.68
CA ARG C 2531 58.11 -63.06 -68.31
C ARG C 2531 58.52 -63.56 -69.70
N ALA C 2532 59.44 -62.87 -70.37
CA ALA C 2532 59.89 -63.29 -71.69
C ALA C 2532 60.62 -64.63 -71.64
N ALA C 2533 61.11 -65.03 -70.46
CA ALA C 2533 61.85 -66.28 -70.34
C ALA C 2533 60.92 -67.47 -70.19
N ALA C 2534 59.96 -67.59 -71.11
CA ALA C 2534 59.06 -68.75 -71.11
C ALA C 2534 58.50 -68.88 -72.54
N SER C 2535 59.09 -69.79 -73.32
CA SER C 2535 58.59 -70.09 -74.66
C SER C 2535 58.13 -71.53 -74.78
N LEU C 2536 58.99 -72.49 -74.44
CA LEU C 2536 58.61 -73.91 -74.53
C LEU C 2536 59.19 -74.74 -73.38
N ASP C 2537 59.74 -74.10 -72.35
CA ASP C 2537 60.38 -74.83 -71.26
C ASP C 2537 59.47 -74.97 -70.04
N THR C 2538 59.00 -73.85 -69.49
CA THR C 2538 58.20 -73.90 -68.28
C THR C 2538 56.73 -74.21 -68.58
N ALA C 2539 56.06 -73.31 -69.29
CA ALA C 2539 54.67 -73.50 -69.73
C ALA C 2539 53.73 -73.83 -68.58
N THR C 2540 54.08 -73.40 -67.37
CA THR C 2540 53.24 -73.66 -66.21
C THR C 2540 52.86 -72.40 -65.45
N PHE C 2541 53.77 -71.44 -65.34
CA PHE C 2541 53.49 -70.19 -64.63
C PHE C 2541 52.95 -69.13 -65.58
N SER C 2542 51.89 -69.49 -66.32
CA SER C 2542 51.31 -68.61 -67.32
C SER C 2542 50.20 -67.72 -66.78
N THR C 2543 49.77 -67.93 -65.53
CA THR C 2543 48.73 -67.09 -64.97
C THR C 2543 49.19 -65.65 -64.82
N THR C 2544 50.39 -65.45 -64.27
CA THR C 2544 50.90 -64.10 -64.08
C THR C 2544 51.22 -63.44 -65.41
N GLU C 2545 51.76 -64.20 -66.36
CA GLU C 2545 52.01 -63.64 -67.68
C GLU C 2545 50.71 -63.24 -68.37
N MET C 2546 49.66 -64.05 -68.21
CA MET C 2546 48.36 -63.70 -68.76
C MET C 2546 47.82 -62.43 -68.12
N ALA C 2547 47.97 -62.32 -66.80
CA ALA C 2547 47.50 -61.12 -66.10
C ALA C 2547 48.26 -59.89 -66.57
N LEU C 2548 49.57 -59.99 -66.72
CA LEU C 2548 50.35 -58.84 -67.19
C LEU C 2548 50.01 -58.49 -68.63
N ALA C 2549 49.74 -59.50 -69.46
CA ALA C 2549 49.29 -59.22 -70.82
C ALA C 2549 47.92 -58.55 -70.82
N LEU C 2550 47.09 -58.85 -69.82
CA LEU C 2550 45.79 -58.21 -69.69
C LEU C 2550 45.87 -56.85 -69.01
N ASN C 2551 46.98 -56.54 -68.34
CA ASN C 2551 47.12 -55.29 -67.61
C ASN C 2551 48.14 -54.35 -68.23
N ARG C 2552 48.52 -54.58 -69.48
CA ARG C 2552 49.45 -53.71 -70.19
C ARG C 2552 48.73 -52.61 -70.97
N TYR C 2553 47.40 -52.66 -71.07
CA TYR C 2553 46.67 -51.72 -71.90
C TYR C 2553 46.77 -50.29 -71.38
N LEU C 2554 47.12 -50.09 -70.11
CA LEU C 2554 47.22 -48.73 -69.58
C LEU C 2554 48.35 -47.97 -70.26
N CYS C 2555 49.42 -48.66 -70.67
CA CYS C 2555 50.45 -48.01 -71.46
C CYS C 2555 50.02 -47.84 -72.91
N LEU C 2556 49.23 -48.78 -73.43
CA LEU C 2556 48.80 -48.70 -74.82
C LEU C 2556 47.86 -47.51 -75.04
N ALA C 2557 47.01 -47.22 -74.07
CA ALA C 2557 46.06 -46.13 -74.22
C ALA C 2557 46.78 -44.79 -74.36
N VAL C 2558 47.81 -44.56 -73.56
CA VAL C 2558 48.56 -43.32 -73.62
C VAL C 2558 49.62 -43.42 -74.72
N LEU C 2559 49.88 -42.29 -75.38
CA LEU C 2559 50.91 -42.21 -76.42
C LEU C 2559 51.82 -41.01 -76.16
N PRO C 2560 52.53 -40.98 -75.03
CA PRO C 2560 53.48 -39.90 -74.79
C PRO C 2560 54.88 -40.26 -75.27
N LEU C 2561 55.84 -39.37 -75.04
CA LEU C 2561 57.25 -39.62 -75.32
C LEU C 2561 57.48 -40.02 -76.77
N ILE C 2562 56.86 -39.25 -77.68
CA ILE C 2562 57.09 -39.44 -79.11
C ILE C 2562 58.35 -38.72 -79.60
N THR C 2563 59.03 -37.99 -78.72
CA THR C 2563 60.24 -37.27 -79.11
C THR C 2563 61.40 -38.19 -79.44
N LYS C 2564 61.33 -39.46 -79.02
CA LYS C 2564 62.35 -40.46 -79.33
C LYS C 2564 63.73 -40.03 -78.82
N CYS C 2565 63.80 -39.81 -77.51
CA CYS C 2565 65.04 -39.41 -76.86
C CYS C 2565 65.77 -40.61 -76.24
N ALA C 2566 65.12 -41.29 -75.30
CA ALA C 2566 65.74 -42.42 -74.62
C ALA C 2566 65.60 -43.70 -75.44
N PRO C 2567 66.63 -44.54 -75.45
CA PRO C 2567 66.56 -45.79 -76.23
C PRO C 2567 65.42 -46.69 -75.74
N LEU C 2568 64.76 -47.34 -76.69
CA LEU C 2568 63.65 -48.24 -76.40
C LEU C 2568 63.88 -49.62 -77.01
N PHE C 2569 65.15 -50.03 -77.10
CA PHE C 2569 65.46 -51.33 -77.68
C PHE C 2569 64.92 -52.48 -76.83
N ALA C 2570 64.84 -52.29 -75.51
CA ALA C 2570 64.29 -53.33 -74.65
C ALA C 2570 62.82 -53.58 -74.95
N GLY C 2571 62.04 -52.52 -75.14
CA GLY C 2571 60.64 -52.69 -75.48
C GLY C 2571 60.44 -53.37 -76.81
N THR C 2572 61.26 -53.00 -77.80
CA THR C 2572 61.17 -53.65 -79.10
C THR C 2572 61.55 -55.13 -79.00
N GLU C 2573 62.59 -55.45 -78.23
CA GLU C 2573 62.98 -56.84 -78.05
C GLU C 2573 61.86 -57.63 -77.37
N HIS C 2574 61.23 -57.03 -76.36
CA HIS C 2574 60.06 -57.65 -75.75
C HIS C 2574 58.99 -57.93 -76.81
N ARG C 2575 58.53 -56.88 -77.50
CA ARG C 2575 57.49 -57.04 -78.50
C ARG C 2575 57.83 -58.15 -79.48
N ALA C 2576 59.09 -58.22 -79.92
CA ALA C 2576 59.51 -59.32 -80.78
C ALA C 2576 59.34 -60.65 -80.07
N ILE C 2577 59.65 -60.71 -78.78
CA ILE C 2577 59.58 -61.97 -78.04
C ILE C 2577 58.15 -62.49 -77.98
N MET C 2578 57.21 -61.62 -77.59
CA MET C 2578 55.82 -62.08 -77.48
C MET C 2578 55.01 -61.93 -78.78
N VAL C 2579 55.62 -61.54 -79.89
CA VAL C 2579 54.97 -61.78 -81.17
C VAL C 2579 55.54 -63.03 -81.82
N ASP C 2580 56.75 -63.42 -81.40
CA ASP C 2580 57.38 -64.63 -81.89
C ASP C 2580 57.09 -65.84 -81.01
N SER C 2581 56.38 -65.65 -79.90
CA SER C 2581 56.09 -66.74 -78.97
C SER C 2581 54.77 -67.44 -79.36
N MET C 2582 54.75 -67.92 -80.61
CA MET C 2582 53.58 -68.63 -81.10
C MET C 2582 53.51 -70.07 -80.59
N LEU C 2583 54.61 -70.59 -80.04
CA LEU C 2583 54.60 -71.96 -79.54
C LEU C 2583 53.74 -72.10 -78.28
N HIS C 2584 53.50 -71.02 -77.55
CA HIS C 2584 52.66 -71.04 -76.37
C HIS C 2584 51.19 -70.98 -76.80
N THR C 2585 50.30 -70.74 -75.84
CA THR C 2585 48.89 -70.59 -76.15
C THR C 2585 48.68 -69.43 -77.11
N VAL C 2586 47.80 -69.64 -78.10
CA VAL C 2586 47.56 -68.60 -79.11
C VAL C 2586 46.95 -67.37 -78.45
N TYR C 2587 46.06 -67.57 -77.47
CA TYR C 2587 45.49 -66.48 -76.67
C TYR C 2587 44.90 -65.40 -77.58
N ARG C 2588 43.83 -65.80 -78.29
CA ARG C 2588 43.24 -64.93 -79.31
C ARG C 2588 42.96 -63.54 -78.77
N LEU C 2589 42.45 -63.44 -77.55
CA LEU C 2589 42.26 -62.14 -76.91
C LEU C 2589 43.60 -61.46 -76.69
N SER C 2590 44.56 -62.18 -76.11
CA SER C 2590 45.89 -61.59 -75.91
C SER C 2590 46.61 -61.38 -77.22
N ARG C 2591 46.34 -62.21 -78.23
CA ARG C 2591 46.91 -61.99 -79.55
C ARG C 2591 46.43 -60.67 -80.14
N GLY C 2592 45.12 -60.43 -80.07
CA GLY C 2592 44.59 -59.14 -80.52
C GLY C 2592 45.12 -57.99 -79.70
N ARG C 2593 45.30 -58.21 -78.40
CA ARG C 2593 45.88 -57.17 -77.54
C ARG C 2593 47.30 -56.82 -77.98
N SER C 2594 48.10 -57.84 -78.30
CA SER C 2594 49.47 -57.60 -78.75
C SER C 2594 49.49 -56.90 -80.10
N LEU C 2595 48.58 -57.30 -81.01
CA LEU C 2595 48.51 -56.62 -82.30
C LEU C 2595 48.12 -55.15 -82.13
N THR C 2596 47.17 -54.87 -81.24
CA THR C 2596 46.80 -53.50 -80.96
C THR C 2596 47.95 -52.73 -80.33
N LYS C 2597 48.72 -53.38 -79.45
CA LYS C 2597 49.88 -52.74 -78.87
C LYS C 2597 50.90 -52.37 -79.93
N ALA C 2598 51.17 -53.27 -80.87
CA ALA C 2598 52.09 -52.97 -81.97
C ALA C 2598 51.57 -51.83 -82.83
N GLN C 2599 50.27 -51.85 -83.15
CA GLN C 2599 49.70 -50.79 -83.96
C GLN C 2599 49.81 -49.44 -83.26
N ARG C 2600 49.53 -49.40 -81.95
CA ARG C 2600 49.64 -48.15 -81.21
C ARG C 2600 51.08 -47.68 -81.13
N ASP C 2601 52.02 -48.58 -80.89
CA ASP C 2601 53.43 -48.21 -80.85
C ASP C 2601 53.93 -47.74 -82.22
N VAL C 2602 53.27 -48.16 -83.29
CA VAL C 2602 53.64 -47.68 -84.63
C VAL C 2602 53.33 -46.20 -84.84
N ILE C 2603 52.66 -45.56 -83.89
CA ILE C 2603 52.30 -44.15 -84.02
C ILE C 2603 53.21 -43.23 -83.21
N GLU C 2604 53.95 -43.76 -82.24
CA GLU C 2604 54.83 -42.96 -81.38
C GLU C 2604 56.30 -43.23 -81.70
N ASP C 2605 56.60 -43.40 -82.98
CA ASP C 2605 57.97 -43.66 -83.43
C ASP C 2605 58.35 -42.66 -84.51
N CYS C 2606 59.59 -42.19 -84.45
CA CYS C 2606 60.13 -41.20 -85.39
C CYS C 2606 61.33 -41.76 -86.13
N LEU C 2607 61.26 -43.03 -86.52
CA LEU C 2607 62.33 -43.72 -87.24
C LEU C 2607 63.63 -43.69 -86.44
N MET C 2608 63.58 -44.25 -85.24
CA MET C 2608 64.77 -44.33 -84.39
C MET C 2608 64.99 -45.75 -83.90
N ALA C 2609 63.92 -46.52 -83.75
CA ALA C 2609 64.01 -47.84 -83.11
C ALA C 2609 64.75 -48.80 -84.03
N LEU C 2610 66.08 -48.82 -83.92
CA LEU C 2610 66.90 -49.63 -84.81
C LEU C 2610 66.58 -51.11 -84.66
N CYS C 2611 66.28 -51.57 -83.45
CA CYS C 2611 65.88 -52.95 -83.25
C CYS C 2611 64.61 -53.27 -84.04
N ARG C 2612 63.64 -52.35 -84.01
CA ARG C 2612 62.39 -52.56 -84.75
C ARG C 2612 62.60 -52.54 -86.26
N TYR C 2613 63.69 -51.94 -86.74
CA TYR C 2613 63.95 -51.87 -88.17
C TYR C 2613 64.92 -52.94 -88.65
N ILE C 2614 65.61 -53.61 -87.73
CA ILE C 2614 66.27 -54.88 -88.06
C ILE C 2614 65.30 -56.05 -87.89
N ARG C 2615 64.23 -55.87 -87.11
CA ARG C 2615 63.21 -56.89 -86.97
C ARG C 2615 62.63 -57.40 -88.28
N PRO C 2616 62.33 -56.55 -89.28
CA PRO C 2616 61.86 -57.12 -90.56
C PRO C 2616 62.81 -58.12 -91.17
N SER C 2617 64.11 -57.79 -91.24
CA SER C 2617 65.08 -58.73 -91.78
C SER C 2617 65.21 -59.95 -90.88
N MET C 2618 65.17 -59.77 -89.56
CA MET C 2618 65.39 -60.88 -88.64
C MET C 2618 64.25 -61.88 -88.68
N LEU C 2619 63.01 -61.40 -88.70
CA LEU C 2619 61.84 -62.27 -88.59
C LEU C 2619 60.95 -62.21 -89.82
N GLN C 2620 60.55 -61.01 -90.26
CA GLN C 2620 59.63 -60.91 -91.39
C GLN C 2620 60.23 -61.49 -92.65
N HIS C 2621 61.50 -61.21 -92.92
CA HIS C 2621 62.20 -61.89 -94.00
C HIS C 2621 62.30 -63.38 -93.73
N LEU C 2622 62.57 -63.76 -92.47
CA LEU C 2622 62.59 -65.16 -92.10
C LEU C 2622 61.21 -65.79 -92.23
N LEU C 2623 60.17 -65.08 -91.82
CA LEU C 2623 58.81 -65.60 -91.87
C LEU C 2623 58.36 -65.71 -93.31
N ARG C 2624 58.33 -66.93 -93.84
CA ARG C 2624 57.90 -67.18 -95.21
C ARG C 2624 56.41 -67.50 -95.28
N ARG C 2625 55.58 -66.66 -94.65
CA ARG C 2625 54.14 -66.83 -94.61
C ARG C 2625 53.77 -68.26 -94.18
N LEU C 2626 54.45 -68.74 -93.13
CA LEU C 2626 54.34 -70.13 -92.72
C LEU C 2626 52.93 -70.50 -92.27
N VAL C 2627 52.48 -69.92 -91.16
CA VAL C 2627 51.17 -70.28 -90.61
C VAL C 2627 50.33 -69.02 -90.40
N PHE C 2628 50.81 -68.12 -89.53
CA PHE C 2628 50.06 -66.92 -89.17
C PHE C 2628 50.95 -65.69 -89.24
N ASP C 2629 51.96 -65.71 -90.13
CA ASP C 2629 52.82 -64.55 -90.33
C ASP C 2629 52.17 -63.49 -91.22
N VAL C 2630 51.01 -63.78 -91.81
CA VAL C 2630 50.35 -62.80 -92.68
C VAL C 2630 49.96 -61.54 -91.93
N PRO C 2631 49.31 -61.60 -90.76
CA PRO C 2631 49.02 -60.34 -90.03
C PRO C 2631 50.27 -59.58 -89.63
N ILE C 2632 51.33 -60.29 -89.23
CA ILE C 2632 52.57 -59.62 -88.85
C ILE C 2632 53.17 -58.89 -90.06
N LEU C 2633 53.19 -59.56 -91.22
CA LEU C 2633 53.69 -58.93 -92.43
C LEU C 2633 52.83 -57.74 -92.83
N ASN C 2634 51.51 -57.86 -92.69
CA ASN C 2634 50.62 -56.74 -93.01
C ASN C 2634 50.90 -55.54 -92.11
N GLU C 2635 51.09 -55.79 -90.81
CA GLU C 2635 51.41 -54.70 -89.89
C GLU C 2635 52.76 -54.08 -90.24
N PHE C 2636 53.77 -54.90 -90.52
CA PHE C 2636 55.10 -54.40 -90.82
C PHE C 2636 55.16 -53.71 -92.18
N ALA C 2637 54.18 -53.95 -93.05
CA ALA C 2637 54.10 -53.22 -94.31
C ALA C 2637 53.26 -51.96 -94.19
N LYS C 2638 52.25 -51.95 -93.32
CA LYS C 2638 51.45 -50.75 -93.11
C LYS C 2638 52.19 -49.71 -92.26
N MET C 2639 53.09 -50.15 -91.39
CA MET C 2639 53.81 -49.22 -90.53
C MET C 2639 54.64 -48.19 -91.31
N PRO C 2640 55.46 -48.55 -92.30
CA PRO C 2640 56.27 -47.54 -92.99
C PRO C 2640 55.53 -46.77 -94.07
N LEU C 2641 54.22 -46.93 -94.20
CA LEU C 2641 53.46 -46.19 -95.20
C LEU C 2641 53.42 -44.70 -94.92
N LYS C 2642 53.77 -44.28 -93.70
CA LYS C 2642 53.82 -42.87 -93.34
C LYS C 2642 55.18 -42.24 -93.59
N LEU C 2643 56.12 -42.99 -94.16
CA LEU C 2643 57.46 -42.50 -94.45
C LEU C 2643 57.60 -41.95 -95.86
N LEU C 2644 56.49 -41.84 -96.60
CA LEU C 2644 56.56 -41.34 -97.97
C LEU C 2644 56.98 -39.87 -97.98
N THR C 2645 57.85 -39.52 -98.94
CA THR C 2645 58.29 -38.16 -99.23
C THR C 2645 58.66 -37.37 -97.97
N ASN C 2646 59.09 -38.08 -96.92
CA ASN C 2646 59.55 -37.43 -95.70
C ASN C 2646 60.32 -38.44 -94.88
N HIS C 2647 61.11 -37.91 -93.94
CA HIS C 2647 61.88 -38.72 -93.00
C HIS C 2647 62.78 -39.72 -93.73
N TYR C 2648 63.71 -39.18 -94.51
CA TYR C 2648 64.65 -40.02 -95.25
C TYR C 2648 65.47 -40.87 -94.30
N GLU C 2649 65.58 -42.16 -94.62
CA GLU C 2649 66.25 -43.11 -93.76
C GLU C 2649 67.74 -43.18 -94.13
N ARG C 2650 68.46 -44.14 -93.55
CA ARG C 2650 69.88 -44.31 -93.80
C ARG C 2650 70.10 -45.35 -94.90
N CYS C 2651 71.36 -45.54 -95.28
CA CYS C 2651 71.69 -46.49 -96.34
C CYS C 2651 71.39 -47.92 -95.93
N TRP C 2652 71.48 -48.23 -94.64
CA TRP C 2652 71.17 -49.58 -94.18
C TRP C 2652 69.71 -49.92 -94.43
N LYS C 2653 68.79 -48.99 -94.15
CA LYS C 2653 67.38 -49.21 -94.44
C LYS C 2653 67.14 -49.30 -95.94
N TYR C 2654 67.81 -48.44 -96.72
CA TYR C 2654 67.65 -48.45 -98.17
C TYR C 2654 68.20 -49.72 -98.80
N TYR C 2655 69.12 -50.41 -98.12
CA TYR C 2655 69.60 -51.70 -98.58
C TYR C 2655 68.74 -52.84 -98.07
N CYS C 2656 68.12 -52.68 -96.90
CA CYS C 2656 67.24 -53.72 -96.38
C CYS C 2656 65.90 -53.74 -97.12
N LEU C 2657 65.47 -52.61 -97.67
CA LEU C 2657 64.20 -52.57 -98.38
C LEU C 2657 64.15 -53.53 -99.56
N PRO C 2658 65.12 -53.57 -100.48
CA PRO C 2658 65.07 -54.58 -101.54
C PRO C 2658 65.13 -56.00 -101.01
N THR C 2659 65.82 -56.23 -99.89
CA THR C 2659 65.82 -57.55 -99.28
C THR C 2659 64.42 -57.96 -98.85
N GLY C 2660 63.69 -57.04 -98.20
CA GLY C 2660 62.32 -57.34 -97.84
C GLY C 2660 61.43 -57.57 -99.03
N TRP C 2661 61.61 -56.76 -100.09
CA TRP C 2661 60.82 -56.94 -101.31
C TRP C 2661 61.10 -58.30 -101.93
N ALA C 2662 62.37 -58.71 -101.99
CA ALA C 2662 62.71 -60.00 -102.55
C ALA C 2662 62.16 -61.14 -101.71
N ASN C 2663 62.21 -61.01 -100.38
CA ASN C 2663 61.65 -62.02 -99.51
C ASN C 2663 60.16 -62.17 -99.75
N PHE C 2664 59.44 -61.04 -99.83
CA PHE C 2664 58.01 -61.09 -100.06
C PHE C 2664 57.69 -61.71 -101.42
N GLY C 2665 58.42 -61.32 -102.45
CA GLY C 2665 58.18 -61.88 -103.77
C GLY C 2665 58.43 -63.38 -103.83
N VAL C 2666 59.53 -63.83 -103.21
CA VAL C 2666 59.85 -65.25 -103.20
C VAL C 2666 58.80 -66.04 -102.43
N THR C 2667 58.38 -65.53 -101.27
CA THR C 2667 57.46 -66.27 -100.43
C THR C 2667 56.00 -66.11 -100.86
N SER C 2668 55.71 -65.24 -101.82
CA SER C 2668 54.35 -65.09 -102.32
C SER C 2668 54.14 -65.67 -103.71
N GLU C 2669 55.05 -65.42 -104.65
CA GLU C 2669 54.81 -65.83 -106.02
C GLU C 2669 54.94 -67.33 -106.19
N GLU C 2670 55.99 -67.93 -105.62
CA GLU C 2670 56.24 -69.35 -105.79
C GLU C 2670 56.11 -70.15 -104.50
N GLU C 2671 55.55 -69.56 -103.46
CA GLU C 2671 55.36 -70.27 -102.20
C GLU C 2671 53.93 -70.24 -101.71
N LEU C 2672 53.22 -69.13 -101.90
CA LEU C 2672 51.84 -69.02 -101.44
C LEU C 2672 50.91 -69.86 -102.31
N HIS C 2673 49.78 -70.23 -101.74
CA HIS C 2673 48.78 -71.03 -102.44
C HIS C 2673 47.87 -70.10 -103.26
N LEU C 2674 46.76 -70.65 -103.75
CA LEU C 2674 45.82 -69.89 -104.58
C LEU C 2674 44.78 -69.14 -103.76
N THR C 2675 44.84 -69.21 -102.44
CA THR C 2675 43.89 -68.48 -101.60
C THR C 2675 44.02 -66.98 -101.84
N ARG C 2676 43.03 -66.38 -102.48
CA ARG C 2676 43.09 -64.95 -102.79
C ARG C 2676 43.13 -64.11 -101.52
N LYS C 2677 42.36 -64.51 -100.50
CA LYS C 2677 42.37 -63.79 -99.23
C LYS C 2677 43.74 -63.85 -98.58
N LEU C 2678 44.39 -65.02 -98.62
CA LEU C 2678 45.72 -65.15 -98.03
C LEU C 2678 46.71 -64.22 -98.71
N PHE C 2679 46.70 -64.16 -100.04
CA PHE C 2679 47.61 -63.28 -100.76
C PHE C 2679 47.29 -61.81 -100.50
N TRP C 2680 46.00 -61.46 -100.45
CA TRP C 2680 45.61 -60.08 -100.22
C TRP C 2680 45.89 -59.63 -98.79
N GLY C 2681 45.98 -60.56 -97.84
CA GLY C 2681 46.26 -60.19 -96.47
C GLY C 2681 47.63 -59.58 -96.26
N ILE C 2682 48.57 -59.86 -97.17
CA ILE C 2682 49.92 -59.31 -97.07
C ILE C 2682 50.28 -58.61 -98.37
N PHE C 2683 49.26 -58.22 -99.14
CA PHE C 2683 49.46 -57.54 -100.41
C PHE C 2683 49.63 -56.05 -100.15
N ASP C 2684 50.86 -55.56 -100.25
CA ASP C 2684 51.16 -54.15 -99.98
C ASP C 2684 52.35 -53.72 -100.81
N SER C 2685 52.48 -52.42 -101.01
CA SER C 2685 53.60 -51.87 -101.76
C SER C 2685 54.83 -51.75 -100.88
N LEU C 2686 54.75 -50.94 -99.82
CA LEU C 2686 55.84 -50.72 -98.88
C LEU C 2686 57.12 -50.26 -99.58
N ALA C 2687 56.96 -49.37 -100.56
CA ALA C 2687 58.07 -48.84 -101.33
C ALA C 2687 57.94 -47.33 -101.42
N HIS C 2688 58.94 -46.61 -100.89
CA HIS C 2688 58.96 -45.16 -100.96
C HIS C 2688 60.34 -44.63 -101.35
N LYS C 2689 61.20 -45.48 -101.88
CA LYS C 2689 62.54 -45.08 -102.30
C LYS C 2689 62.46 -44.34 -103.63
N LYS C 2690 63.63 -44.07 -104.22
CA LYS C 2690 63.69 -43.33 -105.47
C LYS C 2690 63.41 -44.26 -106.65
N TYR C 2691 63.47 -43.70 -107.85
CA TYR C 2691 63.24 -44.44 -109.08
C TYR C 2691 64.51 -44.70 -109.86
N ASP C 2692 65.31 -43.65 -110.11
CA ASP C 2692 66.57 -43.84 -110.82
C ASP C 2692 67.55 -44.68 -110.01
N GLN C 2693 67.61 -44.46 -108.71
CA GLN C 2693 68.51 -45.18 -107.82
C GLN C 2693 67.70 -45.96 -106.79
N GLU C 2694 68.00 -47.24 -106.65
CA GLU C 2694 67.32 -48.10 -105.70
C GLU C 2694 68.26 -48.66 -104.65
N LEU C 2695 69.41 -49.21 -105.05
CA LEU C 2695 70.39 -49.77 -104.13
C LEU C 2695 71.78 -49.29 -104.52
N TYR C 2696 72.55 -48.87 -103.51
CA TYR C 2696 73.95 -48.47 -103.71
C TYR C 2696 74.73 -49.04 -102.52
N ARG C 2697 75.25 -50.24 -102.69
CA ARG C 2697 75.96 -50.94 -101.62
C ARG C 2697 77.02 -51.83 -102.26
N MET C 2698 77.54 -52.78 -101.48
CA MET C 2698 78.55 -53.69 -102.00
C MET C 2698 77.99 -54.58 -103.09
N ALA C 2699 78.79 -54.82 -104.12
CA ALA C 2699 78.36 -55.67 -105.23
C ALA C 2699 78.18 -57.11 -104.76
N MET C 2700 77.10 -57.74 -105.25
CA MET C 2700 76.76 -59.10 -104.88
C MET C 2700 76.49 -59.91 -106.14
N PRO C 2701 77.53 -60.19 -106.94
CA PRO C 2701 77.32 -61.01 -108.14
C PRO C 2701 76.82 -62.41 -107.84
N CYS C 2702 77.22 -62.99 -106.70
CA CYS C 2702 76.81 -64.33 -106.31
C CYS C 2702 75.91 -64.25 -105.09
N LEU C 2703 74.76 -64.89 -105.16
CA LEU C 2703 73.81 -64.90 -104.06
C LEU C 2703 72.94 -66.15 -104.09
N SER C 2950 71.79 -52.38 -111.23
CA SER C 2950 71.28 -53.74 -111.40
C SER C 2950 69.98 -53.94 -110.63
N ILE C 2951 69.95 -53.44 -109.39
CA ILE C 2951 68.74 -53.54 -108.59
C ILE C 2951 67.62 -52.72 -109.19
N GLU C 2952 67.94 -51.53 -109.70
CA GLU C 2952 66.93 -50.69 -110.34
C GLU C 2952 66.32 -51.34 -111.57
N LYS C 2953 67.04 -52.27 -112.22
CA LYS C 2953 66.55 -52.98 -113.38
C LYS C 2953 66.01 -54.36 -113.06
N ARG C 2954 65.88 -54.69 -111.77
CA ARG C 2954 65.45 -56.02 -111.36
C ARG C 2954 63.94 -56.23 -111.50
N PHE C 2955 63.18 -55.19 -111.83
CA PHE C 2955 61.75 -55.30 -111.99
C PHE C 2955 61.32 -55.68 -113.39
N ALA C 2956 62.28 -55.88 -114.31
CA ALA C 2956 61.95 -56.10 -115.71
C ALA C 2956 61.75 -57.56 -116.05
N PHE C 2957 62.67 -58.43 -115.61
CA PHE C 2957 62.66 -59.82 -116.07
C PHE C 2957 61.46 -60.58 -115.50
N GLY C 2958 61.09 -60.31 -114.25
CA GLY C 2958 60.06 -61.12 -113.60
C GLY C 2958 58.70 -60.98 -114.26
N PHE C 2959 58.24 -59.74 -114.44
CA PHE C 2959 56.92 -59.52 -115.00
C PHE C 2959 56.83 -59.99 -116.44
N LEU C 2960 57.82 -59.64 -117.26
CA LEU C 2960 57.80 -60.06 -118.66
C LEU C 2960 57.88 -61.57 -118.78
N GLN C 2961 58.73 -62.22 -117.99
CA GLN C 2961 58.85 -63.67 -118.04
C GLN C 2961 57.56 -64.34 -117.60
N GLN C 2962 56.93 -63.83 -116.55
CA GLN C 2962 55.66 -64.41 -116.10
C GLN C 2962 54.57 -64.24 -117.13
N LEU C 2963 54.51 -63.06 -117.77
CA LEU C 2963 53.45 -62.81 -118.74
C LEU C 2963 53.65 -63.62 -120.02
N LEU C 2964 54.91 -63.78 -120.45
CA LEU C 2964 55.18 -64.56 -121.66
C LEU C 2964 55.00 -66.05 -121.44
N ARG C 2965 54.96 -66.50 -120.19
CA ARG C 2965 54.79 -67.91 -119.86
C ARG C 2965 53.37 -68.25 -119.41
N TRP C 2966 52.46 -67.28 -119.42
CA TRP C 2966 51.09 -67.54 -118.98
C TRP C 2966 50.33 -68.38 -119.99
N MET C 2967 50.47 -68.07 -121.29
CA MET C 2967 49.79 -68.83 -122.32
C MET C 2967 50.32 -70.26 -122.42
N ASP C 2968 51.54 -70.51 -121.93
CA ASP C 2968 52.07 -71.87 -121.95
C ASP C 2968 51.24 -72.81 -121.07
N ILE C 2969 50.83 -72.34 -119.90
CA ILE C 2969 49.99 -73.14 -119.02
C ILE C 2969 48.50 -72.90 -119.24
N SER C 2970 48.12 -71.80 -119.92
CA SER C 2970 46.72 -71.57 -120.23
C SER C 2970 46.14 -72.61 -121.17
N GLN C 2971 47.00 -73.27 -121.96
CA GLN C 2971 46.52 -74.28 -122.90
C GLN C 2971 45.90 -75.47 -122.19
N GLU C 2972 46.30 -75.72 -120.94
CA GLU C 2972 45.69 -76.82 -120.19
C GLU C 2972 44.20 -76.57 -119.96
N PHE C 2973 43.84 -75.32 -119.65
CA PHE C 2973 42.45 -74.98 -119.38
C PHE C 2973 41.66 -74.61 -120.63
N ILE C 2974 42.30 -74.03 -121.65
CA ILE C 2974 41.59 -73.59 -122.84
C ILE C 2974 41.51 -74.67 -123.91
N ALA C 2975 42.17 -75.81 -123.72
CA ALA C 2975 42.14 -76.91 -124.68
C ALA C 2975 41.73 -78.18 -123.95
N HIS C 2976 40.54 -78.68 -124.26
CA HIS C 2976 40.03 -79.90 -123.64
C HIS C 2976 38.94 -80.54 -124.49
N ILE C 2995 40.95 -70.91 -112.10
CA ILE C 2995 41.27 -69.64 -111.45
C ILE C 2995 42.53 -69.80 -110.61
N LYS C 2996 42.76 -71.01 -110.09
CA LYS C 2996 43.95 -71.27 -109.29
C LYS C 2996 45.21 -71.06 -110.12
N PHE C 2997 45.25 -71.67 -111.31
CA PHE C 2997 46.35 -71.39 -112.23
C PHE C 2997 46.37 -69.92 -112.61
N PHE C 2998 45.19 -69.33 -112.82
CA PHE C 2998 45.11 -67.90 -113.09
C PHE C 2998 45.54 -67.08 -111.89
N ALA C 2999 45.23 -67.54 -110.67
CA ALA C 2999 45.70 -66.86 -109.48
C ALA C 2999 47.23 -66.86 -109.43
N LYS C 3000 47.86 -67.97 -109.83
CA LYS C 3000 49.30 -67.96 -110.01
C LYS C 3000 49.72 -66.99 -111.09
N ILE C 3001 48.93 -66.90 -112.17
CA ILE C 3001 49.23 -65.95 -113.25
C ILE C 3001 48.97 -64.52 -112.78
N LEU C 3002 47.86 -64.30 -112.07
CA LEU C 3002 47.46 -62.96 -111.66
C LEU C 3002 48.16 -62.48 -110.39
N LEU C 3003 49.27 -63.11 -110.02
CA LEU C 3003 50.03 -62.64 -108.86
C LEU C 3003 50.52 -61.20 -108.99
N PRO C 3004 51.07 -60.73 -110.10
CA PRO C 3004 51.56 -59.35 -110.18
C PRO C 3004 50.46 -58.30 -110.34
N LEU C 3005 49.20 -58.65 -110.12
CA LEU C 3005 48.14 -57.66 -110.24
C LEU C 3005 48.29 -56.54 -109.22
N ILE C 3006 48.69 -56.89 -107.99
CA ILE C 3006 48.86 -55.87 -106.95
C ILE C 3006 49.98 -54.91 -107.33
N ASN C 3007 51.10 -55.45 -107.84
CA ASN C 3007 52.23 -54.60 -108.23
C ASN C 3007 52.02 -53.89 -109.56
N GLN C 3008 51.02 -54.28 -110.33
CA GLN C 3008 50.74 -53.58 -111.59
C GLN C 3008 50.40 -52.11 -111.33
N TYR C 3009 49.58 -51.84 -110.33
CA TYR C 3009 49.24 -50.47 -109.97
C TYR C 3009 50.20 -49.84 -108.97
N PHE C 3010 51.12 -50.64 -108.39
CA PHE C 3010 52.07 -50.09 -107.43
C PHE C 3010 53.05 -49.14 -108.10
N THR C 3011 53.51 -49.47 -109.30
CA THR C 3011 54.47 -48.62 -110.01
C THR C 3011 53.87 -47.28 -110.40
N ASN C 3012 52.53 -47.17 -110.42
CA ASN C 3012 51.91 -45.88 -110.68
C ASN C 3012 52.27 -44.87 -109.60
N HIS C 3013 52.09 -45.25 -108.33
CA HIS C 3013 52.48 -44.37 -107.24
C HIS C 3013 54.00 -44.34 -107.07
N CYS C 3014 54.66 -45.49 -107.20
CA CYS C 3014 56.11 -45.54 -107.00
C CYS C 3014 56.84 -44.74 -108.07
N LEU C 3015 56.39 -44.82 -109.32
CA LEU C 3015 57.04 -44.15 -110.45
C LEU C 3015 55.96 -43.41 -111.24
N TYR C 3016 55.76 -42.14 -110.92
CA TYR C 3016 54.84 -41.27 -111.64
C TYR C 3016 55.53 -40.09 -112.30
N PHE C 3017 56.44 -39.43 -111.59
CA PHE C 3017 57.21 -38.32 -112.14
C PHE C 3017 58.59 -38.76 -112.63
N LEU C 3018 58.69 -39.98 -113.14
CA LEU C 3018 59.94 -40.54 -113.64
C LEU C 3018 60.29 -40.04 -115.04
N SER C 3019 59.64 -38.99 -115.52
CA SER C 3019 59.89 -38.52 -116.88
C SER C 3019 61.16 -37.68 -116.95
N THR C 3020 61.31 -36.71 -116.05
CA THR C 3020 62.38 -35.72 -116.20
C THR C 3020 63.75 -36.29 -115.84
N PRO C 3021 63.96 -36.82 -114.62
CA PRO C 3021 65.31 -37.36 -114.40
C PRO C 3021 65.45 -38.83 -114.74
N ALA C 3022 64.37 -39.60 -114.67
CA ALA C 3022 64.40 -41.03 -114.91
C ALA C 3022 64.00 -41.32 -116.35
N LYS C 3023 63.77 -42.60 -116.64
CA LYS C 3023 63.35 -43.09 -117.95
C LYS C 3023 64.38 -42.77 -119.03
N VAL C 3024 65.66 -42.74 -118.66
CA VAL C 3024 66.71 -42.51 -119.63
C VAL C 3024 66.77 -43.67 -120.62
N LEU C 3025 66.70 -44.90 -120.12
CA LEU C 3025 66.70 -46.09 -120.95
C LEU C 3025 65.62 -47.09 -120.57
N GLY C 3026 64.86 -46.83 -119.51
CA GLY C 3026 63.88 -47.79 -119.05
C GLY C 3026 62.63 -47.87 -119.91
N SER C 3027 62.30 -46.81 -120.65
CA SER C 3027 61.05 -46.79 -121.40
C SER C 3027 60.98 -47.90 -122.43
N GLY C 3028 62.08 -48.15 -123.14
CA GLY C 3028 62.13 -49.24 -124.09
C GLY C 3028 62.75 -50.48 -123.51
N GLY C 3029 63.67 -50.29 -122.55
CA GLY C 3029 64.35 -51.44 -121.97
C GLY C 3029 63.43 -52.33 -121.15
N HIS C 3030 62.58 -51.74 -120.32
CA HIS C 3030 61.73 -52.49 -119.41
C HIS C 3030 60.24 -52.23 -119.64
N ALA C 3031 59.85 -50.95 -119.75
CA ALA C 3031 58.43 -50.63 -119.87
C ALA C 3031 57.83 -51.19 -121.15
N SER C 3032 58.55 -51.07 -122.26
CA SER C 3032 58.03 -51.54 -123.54
C SER C 3032 58.02 -53.05 -123.66
N ASN C 3033 58.65 -53.77 -122.72
CA ASN C 3033 58.72 -55.22 -122.82
C ASN C 3033 57.35 -55.86 -122.75
N LYS C 3034 56.49 -55.40 -121.84
CA LYS C 3034 55.20 -56.01 -121.61
C LYS C 3034 54.09 -55.44 -122.50
N GLU C 3035 54.41 -54.45 -123.34
CA GLU C 3035 53.38 -53.83 -124.16
C GLU C 3035 52.78 -54.81 -125.17
N LYS C 3036 53.62 -55.63 -125.78
CA LYS C 3036 53.14 -56.53 -126.83
C LYS C 3036 52.28 -57.67 -126.30
N GLU C 3037 52.32 -57.93 -125.00
CA GLU C 3037 51.59 -59.06 -124.44
C GLU C 3037 50.08 -58.86 -124.44
N MET C 3038 49.59 -57.64 -124.67
CA MET C 3038 48.16 -57.38 -124.64
C MET C 3038 47.43 -57.96 -125.85
N ILE C 3039 48.16 -58.30 -126.92
CA ILE C 3039 47.52 -58.76 -128.14
C ILE C 3039 46.83 -60.11 -127.90
N THR C 3040 47.51 -61.04 -127.23
CA THR C 3040 46.98 -62.39 -127.07
C THR C 3040 45.74 -62.42 -126.19
N SER C 3041 45.55 -61.42 -125.33
CA SER C 3041 44.38 -61.37 -124.46
C SER C 3041 43.24 -60.54 -125.03
N LEU C 3042 43.42 -59.96 -126.22
CA LEU C 3042 42.37 -59.14 -126.82
C LEU C 3042 41.16 -59.99 -127.18
N PHE C 3043 41.37 -61.20 -127.67
CA PHE C 3043 40.29 -62.09 -128.10
C PHE C 3043 40.09 -63.28 -127.19
N CYS C 3044 41.17 -63.88 -126.69
CA CYS C 3044 41.05 -65.02 -125.78
C CYS C 3044 40.39 -64.57 -124.48
N LYS C 3045 39.42 -65.36 -124.02
CA LYS C 3045 38.69 -65.02 -122.81
C LYS C 3045 39.52 -65.35 -121.58
N LEU C 3046 39.62 -64.38 -120.66
CA LEU C 3046 40.38 -64.56 -119.43
C LEU C 3046 39.79 -63.65 -118.36
N ALA C 3047 40.09 -63.98 -117.10
CA ALA C 3047 39.52 -63.29 -115.95
C ALA C 3047 40.46 -62.21 -115.40
N ALA C 3048 41.27 -61.59 -116.27
CA ALA C 3048 42.21 -60.56 -115.83
C ALA C 3048 41.49 -59.20 -115.79
N LEU C 3049 42.25 -58.15 -115.51
CA LEU C 3049 41.73 -56.79 -115.46
C LEU C 3049 42.17 -56.02 -116.70
N VAL C 3050 41.82 -54.74 -116.74
CA VAL C 3050 42.07 -53.92 -117.92
C VAL C 3050 43.34 -53.09 -117.81
N ARG C 3051 43.87 -52.90 -116.62
CA ARG C 3051 45.04 -52.05 -116.37
C ARG C 3051 46.36 -52.67 -116.85
N HIS C 3052 46.30 -53.79 -117.56
CA HIS C 3052 47.49 -54.59 -117.87
C HIS C 3052 48.58 -53.82 -118.60
N ARG C 3053 48.29 -53.32 -119.81
CA ARG C 3053 49.33 -52.79 -120.68
C ARG C 3053 49.17 -51.30 -120.97
N VAL C 3054 48.08 -50.90 -121.62
CA VAL C 3054 47.95 -49.53 -122.11
C VAL C 3054 46.69 -48.84 -121.63
N SER C 3055 45.68 -49.55 -121.14
CA SER C 3055 44.44 -48.90 -120.72
C SER C 3055 44.69 -47.99 -119.52
N LEU C 3056 45.46 -48.44 -118.54
CA LEU C 3056 45.76 -47.65 -117.36
C LEU C 3056 47.24 -47.32 -117.25
N PHE C 3057 48.11 -48.33 -117.24
CA PHE C 3057 49.53 -48.08 -117.05
C PHE C 3057 50.15 -47.36 -118.23
N GLY C 3058 49.85 -47.84 -119.45
CA GLY C 3058 50.43 -47.23 -120.64
C GLY C 3058 49.84 -45.88 -121.00
N THR C 3059 48.71 -45.51 -120.38
CA THR C 3059 48.08 -44.24 -120.69
C THR C 3059 48.81 -43.05 -120.05
N ASP C 3060 49.50 -43.27 -118.94
CA ASP C 3060 50.14 -42.19 -118.20
C ASP C 3060 51.62 -42.43 -117.91
N ALA C 3061 52.01 -43.66 -117.58
CA ALA C 3061 53.39 -43.90 -117.19
C ALA C 3061 54.39 -43.61 -118.31
N PRO C 3062 54.21 -44.09 -119.56
CA PRO C 3062 55.19 -43.76 -120.60
C PRO C 3062 55.02 -42.37 -121.18
N ALA C 3063 53.79 -41.87 -121.28
CA ALA C 3063 53.54 -40.54 -121.82
C ALA C 3063 52.21 -39.96 -121.33
N VAL C 3134 60.74 -39.46 -126.52
CA VAL C 3134 61.26 -40.79 -126.24
C VAL C 3134 60.90 -41.75 -127.37
N ALA C 3135 60.58 -41.19 -128.54
CA ALA C 3135 60.20 -42.00 -129.68
C ALA C 3135 61.37 -42.81 -130.25
N LEU C 3136 62.59 -42.52 -129.85
CA LEU C 3136 63.77 -43.22 -130.37
C LEU C 3136 64.22 -44.24 -129.34
N LEU C 3137 64.32 -45.50 -129.77
CA LEU C 3137 64.78 -46.61 -128.93
C LEU C 3137 65.87 -47.36 -129.68
N PRO C 3138 67.08 -46.79 -129.75
CA PRO C 3138 68.15 -47.45 -130.52
C PRO C 3138 68.53 -48.82 -130.01
N VAL C 3139 68.42 -49.06 -128.70
CA VAL C 3139 68.90 -50.31 -128.12
C VAL C 3139 68.12 -51.51 -128.64
N LEU C 3140 66.80 -51.39 -128.70
CA LEU C 3140 65.92 -52.50 -129.06
C LEU C 3140 65.27 -52.24 -130.42
N THR C 3141 64.74 -53.30 -131.00
CA THR C 3141 64.02 -53.23 -132.27
C THR C 3141 62.53 -53.06 -132.10
N THR C 3142 62.04 -52.95 -130.86
CA THR C 3142 60.61 -52.79 -130.62
C THR C 3142 60.09 -51.43 -131.07
N LEU C 3143 60.98 -50.49 -131.41
CA LEU C 3143 60.54 -49.16 -131.84
C LEU C 3143 59.73 -49.21 -133.13
N PHE C 3144 59.84 -50.29 -133.90
CA PHE C 3144 59.05 -50.46 -135.11
C PHE C 3144 58.09 -51.64 -135.04
N GLN C 3145 58.18 -52.48 -134.01
CA GLN C 3145 57.25 -53.61 -133.88
C GLN C 3145 55.84 -53.12 -133.59
N HIS C 3146 55.70 -52.04 -132.80
CA HIS C 3146 54.40 -51.52 -132.45
C HIS C 3146 53.66 -50.92 -133.64
N ILE C 3147 54.36 -50.65 -134.74
CA ILE C 3147 53.71 -50.08 -135.92
C ILE C 3147 52.69 -51.06 -136.49
N ALA C 3148 52.86 -52.35 -136.22
CA ALA C 3148 51.90 -53.34 -136.71
C ALA C 3148 50.52 -53.16 -136.10
N GLN C 3149 50.41 -52.41 -135.00
CA GLN C 3149 49.11 -52.21 -134.36
C GLN C 3149 48.14 -51.47 -135.28
N HIS C 3150 48.65 -50.57 -136.12
CA HIS C 3150 47.77 -49.80 -137.00
C HIS C 3150 47.01 -50.73 -137.94
N GLN C 3151 47.71 -51.68 -138.55
CA GLN C 3151 47.06 -52.66 -139.41
C GLN C 3151 46.33 -53.73 -138.63
N PHE C 3152 46.76 -54.01 -137.39
CA PHE C 3152 46.15 -55.07 -136.60
C PHE C 3152 44.80 -54.66 -136.02
N GLY C 3153 44.60 -53.37 -135.76
CA GLY C 3153 43.38 -52.93 -135.11
C GLY C 3153 42.23 -52.62 -136.05
N ASP C 3154 42.53 -51.90 -137.13
CA ASP C 3154 41.46 -51.36 -137.99
C ASP C 3154 40.66 -52.47 -138.64
N ASP C 3155 41.34 -53.52 -139.13
CA ASP C 3155 40.63 -54.59 -139.81
C ASP C 3155 39.63 -55.27 -138.87
N VAL C 3156 40.09 -55.62 -137.66
CA VAL C 3156 39.22 -56.30 -136.70
C VAL C 3156 38.07 -55.39 -136.28
N ILE C 3157 38.37 -54.11 -136.03
CA ILE C 3157 37.33 -53.19 -135.57
C ILE C 3157 36.28 -53.00 -136.65
N LEU C 3158 36.70 -52.81 -137.90
CA LEU C 3158 35.75 -52.60 -138.99
C LEU C 3158 34.96 -53.87 -139.28
N ASP C 3159 35.59 -55.04 -139.15
CA ASP C 3159 34.86 -56.29 -139.30
C ASP C 3159 33.78 -56.42 -138.23
N ASP C 3160 34.11 -56.06 -136.99
CA ASP C 3160 33.12 -56.08 -135.92
C ASP C 3160 32.00 -55.09 -136.19
N VAL C 3161 32.34 -53.90 -136.70
CA VAL C 3161 31.33 -52.88 -136.98
C VAL C 3161 30.37 -53.35 -138.07
N GLN C 3162 30.91 -53.92 -139.14
CA GLN C 3162 30.07 -54.38 -140.24
C GLN C 3162 29.20 -55.57 -139.84
N VAL C 3163 29.55 -56.28 -138.78
CA VAL C 3163 28.75 -57.39 -138.30
C VAL C 3163 27.48 -56.88 -137.63
N CYS C 3170 18.59 -53.75 -131.47
CA CYS C 3170 19.01 -52.71 -130.53
C CYS C 3170 19.06 -53.25 -129.11
N SER C 3171 18.75 -54.53 -128.94
CA SER C 3171 18.76 -55.15 -127.63
C SER C 3171 20.17 -55.60 -127.22
N ILE C 3172 20.74 -56.52 -127.99
CA ILE C 3172 22.07 -57.03 -127.69
C ILE C 3172 22.93 -57.01 -128.94
N TYR C 3173 22.30 -56.83 -130.09
CA TYR C 3173 23.02 -56.78 -131.37
C TYR C 3173 23.72 -55.43 -131.46
N SER C 3174 25.00 -55.40 -131.08
CA SER C 3174 25.77 -54.16 -131.04
C SER C 3174 27.25 -54.51 -131.06
N LEU C 3175 28.09 -53.53 -130.76
CA LEU C 3175 29.54 -53.64 -130.82
C LEU C 3175 30.16 -53.77 -129.43
N GLY C 3176 29.54 -54.55 -128.55
CA GLY C 3176 30.06 -54.68 -127.19
C GLY C 3176 31.47 -55.20 -127.15
N THR C 3177 31.83 -56.11 -128.06
CA THR C 3177 33.21 -56.57 -128.15
C THR C 3177 34.14 -55.43 -128.53
N THR C 3178 33.70 -54.55 -129.42
CA THR C 3178 34.49 -53.39 -129.82
C THR C 3178 34.55 -52.34 -128.73
N LYS C 3179 33.60 -52.35 -127.78
CA LYS C 3179 33.60 -51.34 -126.73
C LYS C 3179 34.84 -51.45 -125.85
N ASN C 3180 35.26 -52.67 -125.53
CA ASN C 3180 36.45 -52.84 -124.70
C ASN C 3180 37.70 -52.32 -125.39
N THR C 3181 37.82 -52.56 -126.70
CA THR C 3181 38.99 -52.08 -127.44
C THR C 3181 38.90 -50.60 -127.77
N TYR C 3182 37.70 -50.00 -127.69
CA TYR C 3182 37.58 -48.58 -128.02
C TYR C 3182 38.39 -47.71 -127.07
N VAL C 3183 38.38 -48.03 -125.78
CA VAL C 3183 39.11 -47.20 -124.82
C VAL C 3183 40.60 -47.18 -125.14
N GLU C 3184 41.14 -48.34 -125.56
CA GLU C 3184 42.52 -48.37 -126.01
C GLU C 3184 42.70 -47.64 -127.34
N LYS C 3185 41.68 -47.67 -128.21
CA LYS C 3185 41.76 -46.97 -129.48
C LYS C 3185 41.87 -45.46 -129.28
N LEU C 3186 41.10 -44.92 -128.35
CA LEU C 3186 41.15 -43.49 -128.06
C LEU C 3186 42.34 -43.20 -127.15
N ARG C 3187 43.34 -42.50 -127.70
CA ARG C 3187 44.54 -42.10 -126.96
C ARG C 3187 44.85 -40.63 -127.25
N PRO C 3188 44.05 -39.72 -126.69
CA PRO C 3188 44.29 -38.29 -126.95
C PRO C 3188 45.63 -37.79 -126.46
N ALA C 3189 46.13 -38.33 -125.34
CA ALA C 3189 47.31 -37.77 -124.67
C ALA C 3189 48.61 -38.44 -125.06
N LEU C 3190 48.58 -39.66 -125.60
CA LEU C 3190 49.81 -40.33 -126.02
C LEU C 3190 50.16 -40.04 -127.48
N GLY C 3191 50.35 -38.77 -127.82
CA GLY C 3191 50.91 -38.44 -129.11
C GLY C 3191 52.35 -37.96 -128.96
N GLU C 3192 53.30 -38.85 -129.19
CA GLU C 3192 54.73 -38.57 -129.03
C GLU C 3192 55.55 -38.92 -130.26
N CYS C 3193 55.22 -40.00 -130.95
CA CYS C 3193 56.01 -40.49 -132.06
C CYS C 3193 55.34 -40.14 -133.38
N LEU C 3194 55.90 -40.64 -134.48
CA LEU C 3194 55.40 -40.39 -135.83
C LEU C 3194 54.66 -41.58 -136.42
N ALA C 3195 55.18 -42.79 -136.26
CA ALA C 3195 54.60 -44.05 -136.70
C ALA C 3195 54.54 -44.20 -138.21
N ARG C 3196 54.98 -43.21 -138.98
CA ARG C 3196 55.02 -43.28 -140.43
C ARG C 3196 53.65 -43.55 -141.04
N LEU C 3197 52.58 -43.11 -140.37
CA LEU C 3197 51.22 -43.24 -140.86
C LEU C 3197 50.68 -41.85 -141.15
N ALA C 3198 50.20 -41.64 -142.38
CA ALA C 3198 49.74 -40.33 -142.81
C ALA C 3198 48.25 -40.31 -143.13
N ALA C 3199 47.79 -41.19 -144.01
CA ALA C 3199 46.39 -41.20 -144.42
C ALA C 3199 45.73 -42.57 -144.38
N ALA C 3200 46.49 -43.66 -144.32
CA ALA C 3200 45.89 -44.98 -144.25
C ALA C 3200 45.09 -45.16 -142.96
N MET C 3201 45.62 -44.64 -141.85
CA MET C 3201 44.93 -44.80 -140.57
C MET C 3201 43.68 -43.93 -140.46
N PRO C 3202 43.76 -42.60 -140.59
CA PRO C 3202 42.58 -41.79 -140.24
C PRO C 3202 41.44 -41.90 -141.22
N VAL C 3203 41.72 -41.96 -142.53
CA VAL C 3203 40.64 -41.97 -143.52
C VAL C 3203 39.86 -43.29 -143.44
N ALA C 3204 40.56 -44.40 -143.20
CA ALA C 3204 39.91 -45.70 -143.14
C ALA C 3204 38.93 -45.81 -141.97
N PHE C 3205 39.00 -44.89 -141.02
CA PHE C 3205 37.99 -44.81 -139.95
C PHE C 3205 37.01 -43.67 -140.16
N LEU C 3206 37.46 -42.57 -140.76
CA LEU C 3206 36.55 -41.45 -141.02
C LEU C 3206 35.47 -41.82 -142.02
N GLU C 3207 35.84 -42.53 -143.09
CA GLU C 3207 34.86 -42.88 -144.11
C GLU C 3207 33.74 -43.76 -143.59
N PRO C 3208 33.99 -44.85 -142.85
CA PRO C 3208 32.86 -45.66 -142.37
C PRO C 3208 31.90 -44.91 -141.47
N GLN C 3209 32.40 -43.97 -140.65
CA GLN C 3209 31.53 -43.24 -139.74
C GLN C 3209 30.65 -42.24 -140.49
N LEU C 3210 31.21 -41.60 -141.52
CA LEU C 3210 30.47 -40.56 -142.22
C LEU C 3210 29.38 -41.12 -143.12
N ASN C 3211 29.53 -42.35 -143.60
CA ASN C 3211 28.61 -42.95 -144.55
C ASN C 3211 27.65 -43.95 -143.91
N GLU C 3212 27.55 -43.98 -142.59
CA GLU C 3212 26.70 -44.92 -141.88
C GLU C 3212 25.76 -44.18 -140.94
N TYR C 3213 25.11 -43.14 -141.45
CA TYR C 3213 24.14 -42.39 -140.66
C TYR C 3213 22.97 -43.28 -140.24
N ASN C 3214 22.48 -44.11 -141.16
CA ASN C 3214 21.35 -44.99 -140.89
C ASN C 3214 21.84 -46.35 -140.41
N ALA C 3215 20.89 -47.25 -140.13
CA ALA C 3215 21.26 -48.59 -139.69
C ALA C 3215 22.00 -49.34 -140.80
N CYS C 3216 21.42 -49.38 -142.00
CA CYS C 3216 21.99 -50.04 -143.18
C CYS C 3216 22.63 -51.38 -142.84
N SER C 3217 21.90 -52.20 -142.08
CA SER C 3217 22.33 -53.52 -141.64
C SER C 3217 23.62 -53.48 -140.83
N VAL C 3218 23.95 -52.31 -140.29
CA VAL C 3218 25.15 -52.12 -139.47
C VAL C 3218 24.71 -51.62 -138.11
N TYR C 3219 25.23 -52.25 -137.06
CA TYR C 3219 24.89 -51.84 -135.70
C TYR C 3219 25.20 -50.36 -135.50
N THR C 3220 24.17 -49.57 -135.21
CA THR C 3220 24.35 -48.14 -135.03
C THR C 3220 25.21 -47.88 -133.79
N THR C 3221 25.95 -46.77 -133.84
CA THR C 3221 26.89 -46.44 -132.77
C THR C 3221 26.12 -46.16 -131.49
N LYS C 3222 26.18 -47.09 -130.53
CA LYS C 3222 25.57 -46.86 -129.23
C LYS C 3222 26.24 -45.70 -128.51
N SER C 3223 27.57 -45.62 -128.60
CA SER C 3223 28.32 -44.51 -128.02
C SER C 3223 28.83 -43.62 -129.14
N PRO C 3224 28.33 -42.37 -129.24
CA PRO C 3224 28.89 -41.46 -130.25
C PRO C 3224 30.35 -41.17 -130.05
N ARG C 3225 30.88 -41.36 -128.84
CA ARG C 3225 32.30 -41.18 -128.59
C ARG C 3225 33.15 -42.20 -129.34
N GLU C 3226 32.55 -43.32 -129.77
CA GLU C 3226 33.28 -44.27 -130.61
C GLU C 3226 33.75 -43.63 -131.90
N ARG C 3227 33.00 -42.64 -132.39
CA ARG C 3227 33.41 -41.85 -133.54
C ARG C 3227 34.14 -40.57 -133.14
N ALA C 3228 34.41 -40.37 -131.85
CA ALA C 3228 35.13 -39.21 -131.37
C ALA C 3228 36.60 -39.48 -131.15
N ILE C 3229 37.11 -40.64 -131.60
CA ILE C 3229 38.53 -40.92 -131.51
C ILE C 3229 39.33 -39.89 -132.30
N LEU C 3230 38.72 -39.29 -133.32
CA LEU C 3230 39.34 -38.24 -134.11
C LEU C 3230 39.30 -36.89 -133.41
N GLY C 3231 39.07 -36.85 -132.10
CA GLY C 3231 39.09 -35.61 -131.36
C GLY C 3231 40.50 -35.07 -131.22
N LEU C 3232 41.16 -34.92 -132.35
CA LEU C 3232 42.53 -34.43 -132.47
C LEU C 3232 42.57 -33.50 -133.67
N PRO C 3233 43.59 -32.65 -133.78
CA PRO C 3233 43.71 -31.81 -134.98
C PRO C 3233 44.18 -32.61 -136.19
N ASN C 3234 43.57 -33.77 -136.41
CA ASN C 3234 43.86 -34.74 -137.48
C ASN C 3234 45.35 -34.84 -137.77
N SER C 3235 46.18 -34.82 -136.73
CA SER C 3235 47.62 -34.76 -136.89
C SER C 3235 48.30 -35.89 -136.15
N VAL C 3236 49.35 -36.44 -136.76
CA VAL C 3236 50.21 -37.43 -136.13
C VAL C 3236 51.58 -36.78 -136.01
N GLU C 3237 51.57 -35.46 -135.75
CA GLU C 3237 52.74 -34.60 -135.76
C GLU C 3237 53.31 -34.41 -137.16
N GLU C 3238 52.52 -34.72 -138.19
CA GLU C 3238 52.92 -34.48 -139.58
C GLU C 3238 51.66 -34.48 -140.44
N MET C 3239 51.61 -33.55 -141.39
CA MET C 3239 50.48 -33.43 -142.32
C MET C 3239 51.01 -33.03 -143.69
N CYS C 3240 50.91 -33.94 -144.65
CA CYS C 3240 51.34 -33.69 -146.03
C CYS C 3240 50.19 -34.07 -146.95
N PRO C 3241 49.20 -33.17 -147.12
CA PRO C 3241 48.04 -33.50 -147.95
C PRO C 3241 48.42 -33.74 -149.40
N ASP C 3242 47.66 -34.63 -150.04
CA ASP C 3242 47.75 -34.99 -151.45
C ASP C 3242 49.07 -35.67 -151.82
N ILE C 3243 49.91 -36.01 -150.84
CA ILE C 3243 51.17 -36.70 -151.10
C ILE C 3243 50.94 -38.19 -151.35
N PRO C 3244 50.26 -38.94 -150.45
CA PRO C 3244 50.15 -40.38 -150.66
C PRO C 3244 48.95 -40.79 -151.52
N VAL C 3245 47.97 -39.89 -151.64
CA VAL C 3245 46.75 -40.24 -152.38
C VAL C 3245 47.03 -40.37 -153.87
N LEU C 3246 47.99 -39.61 -154.39
CA LEU C 3246 48.32 -39.63 -155.82
C LEU C 3246 49.74 -40.15 -156.10
N ASP C 3247 50.70 -39.81 -155.25
CA ASP C 3247 52.06 -40.30 -155.40
C ASP C 3247 52.27 -41.48 -154.45
N ARG C 3248 52.59 -42.64 -155.01
CA ARG C 3248 52.74 -43.85 -154.22
C ARG C 3248 54.01 -44.63 -154.55
N LEU C 3249 54.80 -44.20 -155.54
CA LEU C 3249 56.02 -44.92 -155.88
C LEU C 3249 57.16 -44.52 -154.94
N MET C 3250 57.56 -43.25 -154.98
CA MET C 3250 58.64 -42.79 -154.12
C MET C 3250 58.22 -42.71 -152.67
N ALA C 3251 56.95 -42.41 -152.40
CA ALA C 3251 56.47 -42.34 -151.04
C ALA C 3251 56.55 -43.70 -150.36
N ASP C 3252 56.15 -44.76 -151.07
CA ASP C 3252 56.22 -46.10 -150.49
C ASP C 3252 57.65 -46.63 -150.49
N ILE C 3253 58.41 -46.35 -151.55
CA ILE C 3253 59.80 -46.83 -151.61
C ILE C 3253 60.64 -46.17 -150.53
N GLY C 3254 60.50 -44.87 -150.36
CA GLY C 3254 61.27 -44.14 -149.37
C GLY C 3254 62.35 -43.27 -149.97
N ALA C 3261 60.86 -39.21 -147.16
CA ALA C 3261 59.61 -38.69 -147.70
C ALA C 3261 59.38 -37.25 -147.27
N ARG C 3262 59.15 -36.37 -148.25
CA ARG C 3262 58.91 -34.95 -147.98
C ARG C 3262 57.52 -34.81 -147.37
N TYR C 3263 57.48 -34.64 -146.05
CA TYR C 3263 56.21 -34.54 -145.31
C TYR C 3263 56.15 -33.21 -144.58
N THR C 3264 54.96 -32.59 -144.61
CA THR C 3264 54.68 -31.33 -143.91
C THR C 3264 55.53 -30.18 -144.42
N GLU C 3265 56.13 -30.31 -145.61
CA GLU C 3265 56.94 -29.24 -146.17
C GLU C 3265 56.64 -28.95 -147.64
N MET C 3266 56.09 -29.89 -148.40
CA MET C 3266 55.79 -29.66 -149.81
C MET C 3266 54.54 -28.79 -149.98
N PRO C 3267 53.37 -29.19 -149.44
CA PRO C 3267 52.17 -28.36 -149.68
C PRO C 3267 52.02 -27.23 -148.66
N HIS C 3268 52.81 -26.17 -148.86
CA HIS C 3268 52.77 -25.04 -147.94
C HIS C 3268 51.42 -24.33 -147.99
N VAL C 3269 50.85 -24.16 -149.18
CA VAL C 3269 49.60 -23.43 -149.33
C VAL C 3269 48.59 -24.29 -150.06
N ILE C 3270 48.71 -25.61 -149.92
CA ILE C 3270 47.80 -26.54 -150.57
C ILE C 3270 47.19 -27.47 -149.52
N GLU C 3271 47.04 -26.97 -148.29
CA GLU C 3271 46.60 -27.79 -147.18
C GLU C 3271 45.09 -27.74 -146.97
N ILE C 3272 44.55 -26.54 -146.72
CA ILE C 3272 43.16 -26.39 -146.32
C ILE C 3272 42.33 -26.20 -147.59
N THR C 3273 41.94 -27.32 -148.20
CA THR C 3273 41.00 -27.31 -149.31
C THR C 3273 39.75 -28.13 -149.01
N LEU C 3274 39.90 -29.36 -148.55
CA LEU C 3274 38.79 -30.22 -148.13
C LEU C 3274 38.28 -29.85 -146.75
N PRO C 3275 39.15 -29.49 -145.78
CA PRO C 3275 38.62 -29.01 -144.49
C PRO C 3275 37.67 -27.83 -144.65
N MET C 3276 37.96 -26.91 -145.57
CA MET C 3276 37.05 -25.79 -145.80
C MET C 3276 35.70 -26.29 -146.26
N LEU C 3277 35.68 -27.26 -147.19
CA LEU C 3277 34.41 -27.78 -147.70
C LEU C 3277 33.61 -28.47 -146.60
N CYS C 3278 34.26 -29.33 -145.81
CA CYS C 3278 33.51 -30.05 -144.79
C CYS C 3278 33.12 -29.16 -143.62
N SER C 3279 33.83 -28.03 -143.42
CA SER C 3279 33.40 -27.07 -142.42
C SER C 3279 32.23 -26.23 -142.91
N TYR C 3280 32.22 -25.88 -144.20
CA TYR C 3280 31.14 -25.09 -144.76
C TYR C 3280 29.89 -25.92 -145.03
N LEU C 3281 30.02 -27.24 -145.12
CA LEU C 3281 28.85 -28.08 -145.34
C LEU C 3281 27.77 -27.90 -144.28
N PRO C 3282 28.07 -27.92 -142.97
CA PRO C 3282 27.04 -27.62 -141.98
C PRO C 3282 26.87 -26.15 -141.64
N ARG C 3283 27.52 -25.25 -142.38
CA ARG C 3283 27.39 -23.81 -142.09
C ARG C 3283 25.96 -23.34 -142.26
N TRP C 3284 25.28 -23.80 -143.31
CA TRP C 3284 23.89 -23.47 -143.55
C TRP C 3284 22.93 -24.48 -142.96
N TRP C 3285 23.40 -25.32 -142.03
CA TRP C 3285 22.60 -26.38 -141.44
C TRP C 3285 22.01 -25.89 -140.12
N GLU C 3286 20.69 -25.93 -140.02
CA GLU C 3286 19.98 -25.51 -138.81
C GLU C 3286 18.89 -26.52 -138.48
N ARG C 3287 19.24 -27.80 -138.52
CA ARG C 3287 18.29 -28.86 -138.19
C ARG C 3287 17.89 -28.76 -136.71
N GLY C 3288 16.60 -28.88 -136.45
CA GLY C 3288 16.09 -28.75 -135.11
C GLY C 3288 16.47 -29.91 -134.20
N PRO C 3289 15.91 -31.08 -134.45
CA PRO C 3289 16.29 -32.26 -133.66
C PRO C 3289 17.73 -32.66 -133.94
N GLU C 3290 18.34 -33.30 -132.94
CA GLU C 3290 19.71 -33.76 -133.07
C GLU C 3290 19.82 -35.11 -133.79
N ALA C 3291 18.72 -35.82 -133.96
CA ALA C 3291 18.76 -37.08 -134.71
C ALA C 3291 19.13 -36.88 -136.18
N PRO C 3292 18.55 -35.93 -136.92
CA PRO C 3292 18.94 -35.77 -138.33
C PRO C 3292 20.42 -35.47 -138.51
N PRO C 3293 21.06 -34.75 -137.58
CA PRO C 3293 22.53 -34.77 -137.52
C PRO C 3293 23.03 -35.80 -136.53
N PRO C 3294 23.00 -37.10 -136.86
CA PRO C 3294 23.37 -38.11 -135.86
C PRO C 3294 24.87 -38.19 -135.62
N ALA C 3295 25.66 -38.08 -136.68
CA ALA C 3295 27.11 -38.14 -136.59
C ALA C 3295 27.76 -36.78 -136.70
N LEU C 3296 26.96 -35.71 -136.70
CA LEU C 3296 27.54 -34.36 -136.71
C LEU C 3296 28.47 -34.08 -135.52
N PRO C 3297 28.14 -34.46 -134.28
CA PRO C 3297 29.10 -34.21 -133.19
C PRO C 3297 30.45 -34.85 -133.41
N ALA C 3298 30.52 -35.96 -134.12
CA ALA C 3298 31.81 -36.54 -134.48
C ALA C 3298 32.47 -35.76 -135.63
N GLY C 3299 31.68 -35.24 -136.56
CA GLY C 3299 32.22 -34.59 -137.72
C GLY C 3299 32.88 -33.24 -137.50
N ALA C 3300 32.08 -32.23 -137.13
CA ALA C 3300 32.53 -30.85 -137.06
C ALA C 3300 33.27 -30.48 -135.77
N PRO C 3301 32.74 -30.80 -134.58
CA PRO C 3301 33.36 -30.27 -133.34
C PRO C 3301 34.82 -30.63 -133.18
N PRO C 3302 35.24 -31.89 -133.39
CA PRO C 3302 36.63 -32.25 -133.07
C PRO C 3302 37.64 -31.47 -133.89
N PRO C 3303 37.60 -31.52 -135.25
CA PRO C 3303 38.70 -30.87 -136.00
C PRO C 3303 38.58 -29.36 -136.07
N CYS C 3304 37.35 -28.85 -136.22
CA CYS C 3304 37.17 -27.43 -136.48
C CYS C 3304 37.70 -26.57 -135.35
N THR C 3305 37.64 -27.06 -134.12
CA THR C 3305 38.17 -26.34 -132.96
C THR C 3305 39.61 -26.73 -132.64
N ALA C 3306 40.20 -27.64 -133.40
CA ALA C 3306 41.54 -28.14 -133.11
C ALA C 3306 42.54 -27.93 -134.24
N VAL C 3307 42.13 -28.13 -135.49
CA VAL C 3307 43.07 -28.02 -136.60
C VAL C 3307 43.52 -26.57 -136.77
N THR C 3308 42.63 -25.60 -136.53
CA THR C 3308 43.01 -24.21 -136.63
C THR C 3308 43.86 -23.74 -135.45
N SER C 3309 43.86 -24.50 -134.35
CA SER C 3309 44.71 -24.15 -133.22
C SER C 3309 46.17 -24.22 -133.59
N ASP C 3310 46.57 -25.26 -134.33
CA ASP C 3310 47.94 -25.36 -134.80
C ASP C 3310 48.24 -24.24 -135.79
N HIS C 3311 49.45 -23.69 -135.68
CA HIS C 3311 49.92 -22.56 -136.49
C HIS C 3311 48.83 -21.50 -136.64
N LEU C 3312 48.33 -21.03 -135.48
CA LEU C 3312 47.24 -20.07 -135.48
C LEU C 3312 47.67 -18.74 -136.09
N ASN C 3313 48.96 -18.43 -136.07
CA ASN C 3313 49.44 -17.23 -136.73
C ASN C 3313 49.21 -17.29 -138.24
N SER C 3314 49.47 -18.46 -138.84
CA SER C 3314 49.21 -18.63 -140.27
C SER C 3314 47.73 -18.64 -140.57
N LEU C 3315 46.93 -19.27 -139.71
CA LEU C 3315 45.48 -19.39 -139.91
C LEU C 3315 44.79 -18.55 -138.84
N LEU C 3316 44.61 -17.25 -139.14
CA LEU C 3316 44.06 -16.30 -138.20
C LEU C 3316 42.56 -16.08 -138.41
N GLY C 3317 42.14 -15.78 -139.64
CA GLY C 3317 40.73 -15.61 -139.90
C GLY C 3317 39.95 -16.91 -139.91
N ASN C 3318 40.63 -18.04 -140.10
CA ASN C 3318 39.95 -19.33 -140.14
C ASN C 3318 39.30 -19.65 -138.79
N ILE C 3319 40.05 -19.47 -137.70
CA ILE C 3319 39.47 -19.70 -136.38
C ILE C 3319 38.42 -18.65 -136.07
N LEU C 3320 38.64 -17.41 -136.53
CA LEU C 3320 37.67 -16.35 -136.30
C LEU C 3320 36.32 -16.69 -136.91
N ARG C 3321 36.32 -17.26 -138.12
CA ARG C 3321 35.07 -17.69 -138.73
C ARG C 3321 34.54 -18.97 -138.13
N ILE C 3322 35.45 -19.89 -137.76
CA ILE C 3322 35.03 -21.20 -137.26
C ILE C 3322 34.30 -21.07 -135.92
N ILE C 3323 34.81 -20.21 -135.04
CA ILE C 3323 34.19 -20.06 -133.73
C ILE C 3323 32.78 -19.48 -133.84
N VAL C 3324 32.62 -18.45 -134.68
CA VAL C 3324 31.29 -17.87 -134.84
C VAL C 3324 30.35 -18.84 -135.55
N ASN C 3325 30.87 -19.64 -136.49
CA ASN C 3325 30.04 -20.66 -137.12
C ASN C 3325 29.59 -21.71 -136.10
N ASN C 3326 30.50 -22.11 -135.21
CA ASN C 3326 30.15 -23.06 -134.17
C ASN C 3326 29.10 -22.48 -133.24
N LEU C 3327 29.23 -21.20 -132.89
CA LEU C 3327 28.23 -20.55 -132.04
C LEU C 3327 26.88 -20.52 -132.74
N GLY C 3328 26.86 -20.19 -134.03
CA GLY C 3328 25.60 -20.19 -134.77
C GLY C 3328 24.97 -21.57 -134.84
N ILE C 3329 25.80 -22.60 -135.04
CA ILE C 3329 25.30 -23.97 -135.10
C ILE C 3329 24.71 -24.38 -133.76
N ASP C 3330 25.43 -24.10 -132.67
CA ASP C 3330 24.93 -24.44 -131.35
C ASP C 3330 23.74 -23.58 -130.94
N GLU C 3331 23.52 -22.45 -131.62
CA GLU C 3331 22.33 -21.65 -131.38
C GLU C 3331 21.06 -22.35 -131.81
N ALA C 3332 21.16 -23.46 -132.54
CA ALA C 3332 19.98 -24.24 -132.94
C ALA C 3332 19.25 -24.84 -131.77
N THR C 3333 19.85 -24.88 -130.58
CA THR C 3333 19.21 -25.35 -129.37
C THR C 3333 18.75 -24.20 -128.47
N TRP C 3334 18.32 -23.10 -129.08
CA TRP C 3334 17.98 -21.90 -128.30
C TRP C 3334 16.67 -22.07 -127.52
N MET C 3335 15.77 -22.92 -128.00
CA MET C 3335 14.48 -23.08 -127.34
C MET C 3335 14.66 -23.78 -125.99
N LYS C 3336 13.61 -23.66 -125.16
CA LYS C 3336 13.68 -24.17 -123.79
C LYS C 3336 13.76 -25.69 -123.76
N ARG C 3337 12.97 -26.37 -124.59
CA ARG C 3337 12.86 -27.83 -124.56
C ARG C 3337 13.12 -28.38 -125.95
N LEU C 3338 14.30 -28.98 -126.15
CA LEU C 3338 14.60 -29.72 -127.37
C LEU C 3338 14.82 -31.19 -127.09
N ALA C 3339 15.77 -31.53 -126.23
CA ALA C 3339 16.11 -32.89 -125.84
C ALA C 3339 17.17 -32.82 -124.76
N VAL C 3340 17.27 -33.88 -123.96
CA VAL C 3340 18.27 -33.99 -122.91
C VAL C 3340 19.13 -35.23 -123.06
N PHE C 3341 19.07 -35.89 -124.22
CA PHE C 3341 19.84 -37.12 -124.42
C PHE C 3341 21.30 -36.82 -124.72
N ALA C 3342 21.56 -35.93 -125.68
CA ALA C 3342 22.91 -35.58 -126.08
C ALA C 3342 23.20 -34.10 -125.98
N GLN C 3343 22.24 -33.28 -125.56
CA GLN C 3343 22.50 -31.85 -125.41
C GLN C 3343 23.61 -31.55 -124.40
N PRO C 3344 23.63 -32.13 -123.19
CA PRO C 3344 24.81 -31.93 -122.34
C PRO C 3344 26.09 -32.45 -122.95
N ILE C 3345 26.02 -33.57 -123.69
CA ILE C 3345 27.22 -34.14 -124.29
C ILE C 3345 27.80 -33.19 -125.33
N VAL C 3346 26.95 -32.65 -126.21
CA VAL C 3346 27.45 -31.72 -127.22
C VAL C 3346 27.86 -30.41 -126.59
N SER C 3347 27.21 -29.99 -125.50
CA SER C 3347 27.57 -28.75 -124.84
C SER C 3347 28.96 -28.86 -124.19
N ARG C 3348 29.25 -30.00 -123.57
CA ARG C 3348 30.53 -30.20 -122.89
C ARG C 3348 31.59 -30.85 -123.77
N ALA C 3349 31.27 -31.15 -125.03
CA ALA C 3349 32.23 -31.80 -125.91
C ALA C 3349 33.46 -30.93 -126.13
N ARG C 3350 33.26 -29.68 -126.54
CA ARG C 3350 34.38 -28.79 -126.77
C ARG C 3350 33.94 -27.32 -126.77
N PRO C 3351 33.64 -26.74 -125.62
CA PRO C 3351 33.33 -25.29 -125.56
C PRO C 3351 34.60 -24.45 -125.45
N GLU C 3352 35.41 -24.47 -126.51
CA GLU C 3352 36.71 -23.82 -126.53
C GLU C 3352 36.72 -22.68 -127.54
N LEU C 3353 37.37 -21.59 -127.18
CA LEU C 3353 37.57 -20.45 -128.07
C LEU C 3353 38.84 -19.73 -127.65
N LEU C 3354 39.57 -19.20 -128.62
CA LEU C 3354 40.87 -18.59 -128.38
C LEU C 3354 40.87 -17.08 -128.57
N HIS C 3355 40.49 -16.61 -129.76
CA HIS C 3355 40.54 -15.18 -130.06
C HIS C 3355 39.30 -14.74 -130.82
N SER C 3356 38.15 -15.32 -130.48
CA SER C 3356 36.89 -14.98 -131.13
C SER C 3356 35.79 -14.81 -130.09
N HIS C 3357 36.09 -14.05 -129.05
CA HIS C 3357 35.12 -13.80 -127.98
C HIS C 3357 34.15 -12.70 -128.41
N PHE C 3358 33.38 -12.18 -127.46
CA PHE C 3358 32.38 -11.17 -127.78
C PHE C 3358 33.02 -9.90 -128.32
N ILE C 3359 34.18 -9.52 -127.79
CA ILE C 3359 34.88 -8.32 -128.25
C ILE C 3359 35.54 -8.58 -129.60
N PRO C 3360 36.35 -9.63 -129.77
CA PRO C 3360 36.90 -9.89 -131.11
C PRO C 3360 35.83 -10.16 -132.15
N THR C 3361 34.70 -10.75 -131.75
CA THR C 3361 33.58 -11.04 -132.64
C THR C 3361 32.34 -10.41 -132.04
N ILE C 3362 32.01 -9.20 -132.50
CA ILE C 3362 30.78 -8.53 -132.05
C ILE C 3362 29.56 -9.36 -132.41
N GLY C 3363 29.64 -10.14 -133.49
CA GLY C 3363 28.58 -11.08 -133.79
C GLY C 3363 28.38 -12.09 -132.68
N ARG C 3364 29.47 -12.54 -132.07
CA ARG C 3364 29.36 -13.44 -130.92
C ARG C 3364 28.69 -12.74 -129.74
N LEU C 3365 28.98 -11.46 -129.53
CA LEU C 3365 28.32 -10.70 -128.48
C LEU C 3365 26.82 -10.62 -128.74
N ARG C 3366 26.43 -10.32 -129.98
CA ARG C 3366 25.01 -10.25 -130.31
C ARG C 3366 24.34 -11.61 -130.17
N LYS C 3367 25.03 -12.68 -130.56
CA LYS C 3367 24.47 -14.02 -130.42
C LYS C 3367 24.29 -14.39 -128.96
N ARG C 3368 25.25 -14.04 -128.10
CA ARG C 3368 25.12 -14.30 -126.68
C ARG C 3368 23.96 -13.50 -126.07
N ALA C 3369 23.82 -12.24 -126.48
CA ALA C 3369 22.69 -11.43 -126.00
C ALA C 3369 21.36 -12.04 -126.44
N GLY C 3370 21.27 -12.50 -127.68
CA GLY C 3370 20.06 -13.14 -128.15
C GLY C 3370 19.77 -14.44 -127.43
N LYS C 3371 20.83 -15.21 -127.13
CA LYS C 3371 20.65 -16.44 -126.38
C LYS C 3371 20.15 -16.16 -124.97
N VAL C 3372 20.65 -15.11 -124.34
CA VAL C 3372 20.17 -14.71 -123.02
C VAL C 3372 18.72 -14.28 -123.09
N VAL C 3373 18.36 -13.52 -124.13
CA VAL C 3373 16.98 -13.08 -124.29
C VAL C 3373 16.06 -14.29 -124.50
N ALA C 3374 16.54 -15.30 -125.24
CA ALA C 3374 15.74 -16.51 -125.43
C ALA C 3374 15.59 -17.29 -124.14
N GLU C 3375 16.68 -17.43 -123.37
CA GLU C 3375 16.62 -18.12 -122.09
C GLU C 3375 15.82 -17.35 -121.06
N GLU C 3376 15.54 -16.06 -121.30
CA GLU C 3376 14.66 -15.32 -120.40
C GLU C 3376 13.29 -15.97 -120.30
N GLU C 3377 12.88 -16.72 -121.31
CA GLU C 3377 11.62 -17.45 -121.23
C GLU C 3377 11.60 -18.46 -120.09
N GLN C 3378 12.76 -18.93 -119.65
CA GLN C 3378 12.82 -19.86 -118.52
C GLN C 3378 12.29 -19.22 -117.24
N LEU C 3379 12.31 -17.90 -117.14
CA LEU C 3379 11.77 -17.23 -115.95
C LEU C 3379 10.28 -17.48 -115.80
N ARG C 3380 9.54 -17.47 -116.92
CA ARG C 3380 8.11 -17.71 -116.87
C ARG C 3380 7.79 -19.14 -116.40
N LEU C 3381 8.74 -20.06 -116.52
CA LEU C 3381 8.51 -21.42 -116.02
C LEU C 3381 8.33 -21.41 -114.51
N GLU C 3382 9.07 -20.55 -113.80
CA GLU C 3382 8.91 -20.45 -112.36
C GLU C 3382 7.49 -20.00 -111.99
N ALA C 3383 6.97 -19.00 -112.70
CA ALA C 3383 5.61 -18.55 -112.45
C ALA C 3383 4.60 -19.64 -112.80
N LYS C 3384 4.83 -20.35 -113.90
CA LYS C 3384 3.91 -21.43 -114.29
C LYS C 3384 3.87 -22.54 -113.23
N ALA C 3385 5.04 -22.90 -112.69
CA ALA C 3385 5.08 -23.93 -111.66
C ALA C 3385 4.47 -23.41 -110.35
N GLU C 3386 4.69 -22.13 -110.03
CA GLU C 3386 4.13 -21.56 -108.82
C GLU C 3386 2.60 -21.51 -108.87
N ALA C 3387 2.04 -21.19 -110.03
CA ALA C 3387 0.60 -21.08 -110.15
C ALA C 3387 -0.09 -22.41 -109.88
N GLU C 3388 0.50 -23.51 -110.35
CA GLU C 3388 -0.09 -24.84 -110.15
C GLU C 3388 -0.03 -25.31 -108.72
N GLU C 3389 0.74 -24.65 -107.85
CA GLU C 3389 0.87 -25.05 -106.46
C GLU C 3389 -0.16 -24.37 -105.55
N GLY C 3390 -1.31 -23.99 -106.10
CA GLY C 3390 -2.32 -23.31 -105.32
C GLY C 3390 -3.30 -24.24 -104.65
N GLU C 3391 -3.09 -24.49 -103.35
CA GLU C 3391 -3.97 -25.32 -102.53
C GLU C 3391 -4.13 -26.72 -103.08
N LEU C 3392 -3.08 -27.26 -103.70
CA LEU C 3392 -3.07 -28.60 -104.27
C LEU C 3392 -4.23 -28.79 -105.26
N LEU C 3393 -4.24 -27.91 -106.27
CA LEU C 3393 -5.31 -27.95 -107.26
C LEU C 3393 -5.30 -29.26 -108.04
N VAL C 3394 -4.12 -29.72 -108.44
CA VAL C 3394 -3.95 -30.92 -109.24
C VAL C 3394 -2.75 -31.70 -108.70
N ARG C 3395 -2.45 -32.81 -109.37
CA ARG C 3395 -1.31 -33.64 -108.98
C ARG C 3395 -0.01 -32.96 -109.41
N ASP C 3396 0.54 -32.13 -108.53
CA ASP C 3396 1.76 -31.39 -108.85
C ASP C 3396 2.99 -32.29 -108.94
N GLU C 3397 2.90 -33.55 -108.53
CA GLU C 3397 4.06 -34.44 -108.57
C GLU C 3397 4.54 -34.62 -110.01
N PHE C 3398 3.63 -34.82 -110.95
CA PHE C 3398 4.01 -35.03 -112.34
C PHE C 3398 4.40 -33.73 -113.05
N SER C 3399 3.77 -32.62 -112.68
CA SER C 3399 3.91 -31.37 -113.44
C SER C 3399 4.93 -30.41 -112.82
N VAL C 3400 4.71 -30.02 -111.57
CA VAL C 3400 5.59 -29.04 -110.93
C VAL C 3400 7.00 -29.60 -110.77
N LEU C 3401 7.12 -30.86 -110.35
CA LEU C 3401 8.43 -31.45 -110.17
C LEU C 3401 9.18 -31.56 -111.49
N CYS C 3402 8.47 -31.84 -112.59
CA CYS C 3402 9.11 -31.92 -113.89
C CYS C 3402 9.39 -30.55 -114.50
N ARG C 3403 8.67 -29.51 -114.07
CA ARG C 3403 8.82 -28.18 -114.67
C ARG C 3403 10.24 -27.65 -114.45
N ASP C 3404 10.63 -27.48 -113.19
CA ASP C 3404 11.97 -26.97 -112.91
C ASP C 3404 13.05 -27.93 -113.36
N LEU C 3405 12.74 -29.24 -113.40
CA LEU C 3405 13.70 -30.22 -113.91
C LEU C 3405 14.01 -29.95 -115.38
N TYR C 3406 12.96 -29.82 -116.20
CA TYR C 3406 13.15 -29.52 -117.61
C TYR C 3406 13.68 -28.11 -117.83
N ALA C 3407 13.48 -27.21 -116.86
CA ALA C 3407 14.08 -25.89 -116.98
C ALA C 3407 15.58 -25.93 -116.75
N LEU C 3408 16.03 -26.66 -115.73
CA LEU C 3408 17.44 -26.71 -115.38
C LEU C 3408 18.23 -27.71 -116.21
N TYR C 3409 17.55 -28.62 -116.92
CA TYR C 3409 18.28 -29.58 -117.77
C TYR C 3409 19.11 -28.90 -118.85
N PRO C 3410 18.57 -27.95 -119.66
CA PRO C 3410 19.41 -27.32 -120.67
C PRO C 3410 20.12 -26.07 -120.16
N LEU C 3411 19.65 -25.53 -119.04
CA LEU C 3411 20.25 -24.32 -118.49
C LEU C 3411 21.70 -24.55 -118.09
N LEU C 3412 21.99 -25.70 -117.49
CA LEU C 3412 23.36 -26.00 -117.10
C LEU C 3412 24.27 -26.20 -118.31
N ILE C 3413 23.70 -26.57 -119.46
CA ILE C 3413 24.51 -26.86 -120.64
C ILE C 3413 25.22 -25.59 -121.12
N ARG C 3414 24.50 -24.47 -121.17
CA ARG C 3414 25.07 -23.24 -121.71
C ARG C 3414 26.00 -22.53 -120.73
N TYR C 3415 26.02 -22.93 -119.46
CA TYR C 3415 26.85 -22.24 -118.48
C TYR C 3415 28.33 -22.52 -118.71
N VAL C 3416 28.67 -23.72 -119.19
CA VAL C 3416 30.07 -24.06 -119.46
C VAL C 3416 30.63 -23.18 -120.56
N ASP C 3417 29.80 -22.82 -121.54
CA ASP C 3417 30.26 -21.96 -122.62
C ASP C 3417 30.73 -20.61 -122.08
N ASN C 3418 29.99 -20.03 -121.14
CA ASN C 3418 30.43 -18.81 -120.50
C ASN C 3418 31.67 -19.06 -119.65
N ASN C 3419 31.61 -20.06 -118.77
CA ASN C 3419 32.68 -20.29 -117.82
C ASN C 3419 34.01 -20.61 -118.49
N ARG C 3420 33.98 -21.07 -119.74
CA ARG C 3420 35.20 -21.39 -120.46
C ARG C 3420 36.08 -20.15 -120.64
N ALA C 3421 35.59 -19.15 -121.36
CA ALA C 3421 36.41 -17.99 -121.65
C ALA C 3421 35.69 -16.65 -121.65
N HIS C 3422 34.39 -16.59 -121.35
CA HIS C 3422 33.72 -15.30 -121.31
C HIS C 3422 34.23 -14.43 -120.17
N TRP C 3423 34.81 -15.04 -119.13
CA TRP C 3423 35.41 -14.27 -118.06
C TRP C 3423 36.64 -13.49 -118.52
N LEU C 3424 37.21 -13.86 -119.66
CA LEU C 3424 38.38 -13.15 -120.17
C LEU C 3424 38.01 -11.81 -120.80
N THR C 3425 36.80 -11.70 -121.36
CA THR C 3425 36.43 -10.51 -122.11
C THR C 3425 35.22 -9.77 -121.54
N GLU C 3426 34.13 -10.48 -121.24
CA GLU C 3426 32.90 -9.80 -120.82
C GLU C 3426 33.09 -8.95 -119.58
N PRO C 3427 33.69 -9.42 -118.49
CA PRO C 3427 33.94 -8.53 -117.35
C PRO C 3427 35.19 -7.68 -117.48
N ASN C 3428 35.94 -7.82 -118.57
CA ASN C 3428 37.12 -7.00 -118.80
C ASN C 3428 36.86 -5.84 -119.75
N ALA C 3429 35.82 -5.93 -120.58
CA ALA C 3429 35.47 -4.81 -121.44
C ALA C 3429 34.96 -3.62 -120.64
N ASN C 3430 34.34 -3.87 -119.48
CA ASN C 3430 33.87 -2.78 -118.64
C ASN C 3430 35.03 -1.99 -118.06
N ALA C 3431 36.17 -2.63 -117.83
CA ALA C 3431 37.36 -1.91 -117.38
C ALA C 3431 37.78 -0.86 -118.40
N GLU C 3432 37.80 -1.23 -119.67
CA GLU C 3432 38.06 -0.24 -120.73
C GLU C 3432 36.93 0.79 -120.80
N GLU C 3433 35.69 0.33 -120.71
CA GLU C 3433 34.54 1.24 -120.74
C GLU C 3433 33.35 0.51 -120.11
N LEU C 3434 32.81 1.08 -119.03
CA LEU C 3434 31.80 0.38 -118.24
C LEU C 3434 30.50 0.14 -119.00
N PHE C 3435 30.28 0.83 -120.11
CA PHE C 3435 29.05 0.67 -120.88
C PHE C 3435 29.18 -0.35 -122.01
N ARG C 3436 30.32 -1.04 -122.09
CA ARG C 3436 30.52 -2.02 -123.16
C ARG C 3436 29.55 -3.19 -123.05
N MET C 3437 29.28 -3.65 -121.83
CA MET C 3437 28.47 -4.84 -121.60
C MET C 3437 27.32 -4.51 -120.65
N VAL C 3438 26.60 -3.41 -120.94
CA VAL C 3438 25.45 -3.04 -120.13
C VAL C 3438 24.38 -4.12 -120.21
N GLY C 3439 24.21 -4.73 -121.39
CA GLY C 3439 23.26 -5.82 -121.52
C GLY C 3439 23.63 -7.01 -120.66
N GLU C 3440 24.93 -7.32 -120.57
CA GLU C 3440 25.38 -8.42 -119.72
C GLU C 3440 25.04 -8.16 -118.26
N ILE C 3441 25.23 -6.91 -117.80
CA ILE C 3441 24.81 -6.55 -116.46
C ILE C 3441 23.29 -6.72 -116.31
N PHE C 3442 22.54 -6.27 -117.31
CA PHE C 3442 21.10 -6.48 -117.31
C PHE C 3442 20.78 -7.98 -117.39
N ILE C 3443 21.53 -8.72 -118.18
CA ILE C 3443 21.27 -10.15 -118.33
C ILE C 3443 21.65 -10.89 -117.05
N TYR C 3444 21.13 -12.11 -116.93
CA TYR C 3444 21.39 -13.00 -115.79
C TYR C 3444 20.95 -12.36 -114.47
N TRP C 3445 19.95 -11.48 -114.52
CA TRP C 3445 19.45 -10.82 -113.31
C TRP C 3445 18.28 -11.58 -112.70
N SER C 3446 17.20 -11.73 -113.45
CA SER C 3446 16.04 -12.47 -112.94
C SER C 3446 16.32 -13.96 -112.85
N LYS C 3447 17.10 -14.50 -113.79
CA LYS C 3447 17.43 -15.93 -113.74
C LYS C 3447 18.22 -16.27 -112.49
N SER C 3448 19.17 -15.40 -112.10
CA SER C 3448 19.91 -15.63 -110.88
C SER C 3448 19.00 -15.58 -109.66
N HIS C 3449 18.07 -14.63 -109.64
CA HIS C 3449 17.11 -14.54 -108.54
C HIS C 3449 16.15 -15.72 -108.51
N ASN C 3450 15.95 -16.40 -109.64
CA ASN C 3450 15.05 -17.54 -109.67
C ASN C 3450 15.54 -18.67 -108.77
N PHE C 3451 16.86 -18.80 -108.60
CA PHE C 3451 17.38 -19.82 -107.70
C PHE C 3451 17.03 -19.53 -106.25
N LYS C 3452 16.82 -18.27 -105.90
CA LYS C 3452 16.44 -17.91 -104.53
C LYS C 3452 15.12 -18.56 -104.16
N ARG C 3453 14.05 -18.20 -104.87
CA ARG C 3453 12.75 -18.81 -104.66
C ARG C 3453 12.73 -20.18 -105.35
N GLU C 3454 11.56 -20.82 -105.36
CA GLU C 3454 11.37 -22.13 -105.99
C GLU C 3454 12.36 -23.16 -105.40
N GLU C 3455 12.15 -23.43 -104.10
CA GLU C 3455 13.02 -24.32 -103.36
C GLU C 3455 13.10 -25.72 -103.96
N GLN C 3456 12.26 -26.05 -104.94
CA GLN C 3456 12.32 -27.36 -105.58
C GLN C 3456 13.52 -27.52 -106.50
N ASN C 3457 14.27 -26.44 -106.77
CA ASN C 3457 15.41 -26.53 -107.68
C ASN C 3457 16.58 -27.32 -107.08
N PHE C 3458 16.61 -27.50 -105.76
CA PHE C 3458 17.75 -28.16 -105.13
C PHE C 3458 17.87 -29.61 -105.57
N VAL C 3459 16.76 -30.34 -105.59
CA VAL C 3459 16.83 -31.75 -105.94
C VAL C 3459 17.27 -31.94 -107.38
N VAL C 3460 16.76 -31.12 -108.31
CA VAL C 3460 17.18 -31.26 -109.70
C VAL C 3460 18.62 -30.83 -109.89
N GLN C 3461 19.05 -29.77 -109.19
CA GLN C 3461 20.43 -29.34 -109.29
C GLN C 3461 21.39 -30.41 -108.77
N ASN C 3462 20.98 -31.15 -107.74
CA ASN C 3462 21.82 -32.23 -107.25
C ASN C 3462 21.79 -33.43 -108.20
N GLU C 3463 20.62 -33.76 -108.74
CA GLU C 3463 20.49 -34.97 -109.55
C GLU C 3463 21.15 -34.81 -110.91
N ILE C 3464 21.20 -33.59 -111.46
CA ILE C 3464 21.90 -33.40 -112.73
C ILE C 3464 23.40 -33.61 -112.55
N ASN C 3465 23.94 -33.16 -111.41
CA ASN C 3465 25.34 -33.44 -111.10
C ASN C 3465 25.56 -34.93 -110.85
N ASN C 3466 24.60 -35.59 -110.19
CA ASN C 3466 24.73 -37.01 -109.95
C ASN C 3466 24.76 -37.80 -111.26
N MET C 3467 23.87 -37.44 -112.19
CA MET C 3467 23.84 -38.14 -113.48
C MET C 3467 24.98 -37.71 -114.38
N SER C 3468 25.36 -36.44 -114.32
CA SER C 3468 26.43 -35.88 -115.15
C SER C 3468 26.19 -36.13 -116.64
N VAL C 3511 25.50 -30.22 -101.81
CA VAL C 3511 26.80 -30.05 -102.44
C VAL C 3511 26.97 -28.60 -102.88
N ALA C 3512 28.02 -27.96 -102.36
CA ALA C 3512 28.34 -26.57 -102.68
C ALA C 3512 29.12 -26.52 -104.00
N THR C 3513 28.41 -26.86 -105.08
CA THR C 3513 29.00 -26.89 -106.41
C THR C 3513 28.79 -25.55 -107.10
N LEU C 3514 29.07 -25.49 -108.40
CA LEU C 3514 28.91 -24.26 -109.17
C LEU C 3514 27.45 -23.88 -109.38
N LYS C 3515 26.51 -24.79 -109.08
CA LYS C 3515 25.10 -24.48 -109.28
C LYS C 3515 24.64 -23.31 -108.40
N LYS C 3516 25.26 -23.15 -107.23
CA LYS C 3516 24.90 -22.03 -106.37
C LYS C 3516 25.52 -20.73 -106.86
N MET C 3517 26.75 -20.79 -107.36
CA MET C 3517 27.52 -19.60 -107.74
C MET C 3517 27.63 -19.46 -109.25
N LEU C 3518 26.56 -19.77 -109.97
CA LEU C 3518 26.58 -19.62 -111.43
C LEU C 3518 26.89 -18.20 -111.87
N PRO C 3519 26.26 -17.15 -111.35
CA PRO C 3519 26.60 -15.79 -111.79
C PRO C 3519 27.64 -15.08 -110.92
N ILE C 3520 28.29 -15.79 -110.00
CA ILE C 3520 29.24 -15.15 -109.09
C ILE C 3520 30.39 -14.53 -109.86
N GLY C 3521 30.92 -15.25 -110.85
CA GLY C 3521 32.04 -14.75 -111.63
C GLY C 3521 31.76 -13.46 -112.37
N LEU C 3522 30.49 -13.17 -112.65
CA LEU C 3522 30.11 -11.94 -113.32
C LEU C 3522 29.45 -10.91 -112.41
N ASN C 3523 28.96 -11.33 -111.25
CA ASN C 3523 28.30 -10.40 -110.33
C ASN C 3523 29.27 -9.47 -109.63
N MET C 3524 30.58 -9.72 -109.72
CA MET C 3524 31.55 -8.93 -108.98
C MET C 3524 31.59 -7.50 -109.46
N CYS C 3525 31.72 -7.30 -110.77
CA CYS C 3525 31.91 -5.96 -111.33
C CYS C 3525 30.87 -5.56 -112.36
N ALA C 3526 30.39 -6.49 -113.17
CA ALA C 3526 29.45 -6.15 -114.23
C ALA C 3526 28.19 -5.44 -113.74
N PRO C 3527 27.47 -5.93 -112.71
CA PRO C 3527 26.24 -5.23 -112.31
C PRO C 3527 26.50 -4.08 -111.36
N THR C 3528 27.59 -4.14 -110.61
CA THR C 3528 27.88 -3.08 -109.63
C THR C 3528 28.36 -1.81 -110.31
N ASP C 3529 29.24 -1.94 -111.30
CA ASP C 3529 29.84 -0.78 -111.97
C ASP C 3529 28.95 -0.31 -113.12
N GLN C 3530 27.70 0.01 -112.78
CA GLN C 3530 26.73 0.52 -113.74
C GLN C 3530 26.26 1.92 -113.42
N ASP C 3531 25.79 2.15 -112.19
CA ASP C 3531 25.32 3.47 -111.77
C ASP C 3531 25.64 3.65 -110.30
N LEU C 3532 25.61 4.91 -109.85
CA LEU C 3532 25.96 5.29 -108.49
C LEU C 3532 27.36 4.77 -108.14
N ILE C 3533 28.34 5.34 -108.85
CA ILE C 3533 29.70 4.82 -108.83
C ILE C 3533 30.23 4.76 -107.39
N MET C 3534 30.09 5.87 -106.66
CA MET C 3534 30.45 5.90 -105.24
C MET C 3534 29.39 6.72 -104.51
N LEU C 3535 28.34 6.05 -104.06
CA LEU C 3535 27.33 6.69 -103.22
C LEU C 3535 27.00 5.88 -101.99
N ALA C 3536 26.97 4.56 -102.09
CA ALA C 3536 26.70 3.63 -100.99
C ALA C 3536 25.34 3.86 -100.34
N LYS C 3537 24.49 4.71 -100.92
CA LYS C 3537 23.16 4.92 -100.38
C LYS C 3537 22.28 3.69 -100.59
N THR C 3538 22.48 2.98 -101.69
CA THR C 3538 21.71 1.76 -101.94
C THR C 3538 21.96 0.73 -100.85
N ARG C 3539 23.23 0.43 -100.57
CA ARG C 3539 23.55 -0.52 -99.51
C ARG C 3539 23.08 0.00 -98.15
N TYR C 3540 22.96 1.32 -98.00
CA TYR C 3540 22.50 1.88 -96.74
C TYR C 3540 21.00 1.65 -96.54
N ALA C 3541 20.20 1.89 -97.58
CA ALA C 3541 18.74 1.87 -97.46
C ALA C 3541 18.12 0.58 -97.98
N LEU C 3542 18.35 0.25 -99.25
CA LEU C 3542 17.67 -0.88 -99.85
C LEU C 3542 18.04 -2.19 -99.17
N LYS C 3543 19.26 -2.30 -98.66
CA LYS C 3543 19.63 -3.49 -97.90
C LYS C 3543 18.77 -3.63 -96.65
N ASP C 3544 18.49 -2.50 -95.98
CA ASP C 3544 17.55 -2.53 -94.86
C ASP C 3544 16.15 -2.89 -95.33
N THR C 3545 15.74 -2.39 -96.49
CA THR C 3545 14.44 -2.73 -97.03
C THR C 3545 14.33 -4.20 -97.45
N ASP C 3546 15.44 -4.92 -97.53
CA ASP C 3546 15.41 -6.33 -97.89
C ASP C 3546 14.89 -7.15 -96.71
N GLU C 3547 13.58 -7.08 -96.47
CA GLU C 3547 12.92 -7.74 -95.34
C GLU C 3547 11.72 -8.53 -95.83
N GLU C 3548 11.94 -9.34 -96.87
CA GLU C 3548 10.88 -10.14 -97.50
C GLU C 3548 9.79 -9.23 -98.08
N VAL C 3549 10.20 -8.08 -98.60
CA VAL C 3549 9.28 -7.17 -99.27
C VAL C 3549 9.24 -7.50 -100.75
N ARG C 3550 8.20 -7.01 -101.43
CA ARG C 3550 8.09 -7.19 -102.86
C ARG C 3550 9.03 -6.23 -103.59
N GLU C 3551 9.25 -6.52 -104.88
CA GLU C 3551 10.12 -5.67 -105.69
C GLU C 3551 9.52 -4.29 -105.87
N PHE C 3552 8.19 -4.17 -105.83
CA PHE C 3552 7.56 -2.86 -105.95
C PHE C 3552 7.93 -1.95 -104.79
N LEU C 3553 8.01 -2.50 -103.58
CA LEU C 3553 8.36 -1.70 -102.41
C LEU C 3553 9.76 -1.12 -102.55
N GLN C 3554 10.73 -1.96 -102.92
CA GLN C 3554 12.10 -1.47 -103.09
C GLN C 3554 12.20 -0.50 -104.26
N ASN C 3555 11.47 -0.76 -105.35
CA ASN C 3555 11.48 0.16 -106.49
C ASN C 3555 10.93 1.52 -106.10
N ASN C 3556 9.86 1.55 -105.31
CA ASN C 3556 9.32 2.82 -104.84
C ASN C 3556 10.30 3.52 -103.90
N LEU C 3557 10.93 2.77 -102.99
CA LEU C 3557 11.83 3.38 -102.03
C LEU C 3557 13.17 3.77 -102.62
N HIS C 3558 13.50 3.30 -103.83
CA HIS C 3558 14.72 3.73 -104.49
C HIS C 3558 14.69 5.21 -104.81
N LEU C 3559 13.53 5.72 -105.25
CA LEU C 3559 13.42 7.09 -105.74
C LEU C 3559 13.23 8.12 -104.64
N GLN C 3560 13.17 7.70 -103.37
CA GLN C 3560 13.01 8.67 -102.30
C GLN C 3560 14.22 9.60 -102.21
N GLY C 3561 15.42 9.06 -102.35
CA GLY C 3561 16.63 9.86 -102.30
C GLY C 3561 17.04 10.24 -100.88
N ARG C 3570 39.48 5.30 -99.28
CA ARG C 3570 38.40 5.55 -100.23
C ARG C 3570 37.42 6.58 -99.67
N TRP C 3571 36.23 6.61 -100.28
CA TRP C 3571 35.12 7.50 -99.89
C TRP C 3571 35.43 8.94 -100.29
N GLN C 3572 36.68 9.19 -100.68
CA GLN C 3572 37.08 10.48 -101.24
C GLN C 3572 37.68 10.32 -102.63
N MET C 3573 38.62 9.38 -102.80
CA MET C 3573 39.22 9.12 -104.10
C MET C 3573 38.30 8.32 -105.01
N ALA C 3574 37.27 7.69 -104.47
CA ALA C 3574 36.34 6.93 -105.31
C ALA C 3574 35.61 7.85 -106.27
N LEU C 3575 35.19 9.03 -105.80
CA LEU C 3575 34.53 9.99 -106.68
C LEU C 3575 35.46 10.44 -107.81
N TYR C 3576 36.73 10.66 -107.49
CA TYR C 3576 37.70 11.13 -108.46
C TYR C 3576 38.30 10.00 -109.29
N ARG C 3577 37.93 8.75 -109.03
CA ARG C 3577 38.44 7.61 -109.79
C ARG C 3577 37.36 6.97 -110.65
N GLY C 3578 36.26 6.53 -110.04
CA GLY C 3578 35.22 5.85 -110.80
C GLY C 3578 34.48 6.77 -111.75
N LEU C 3579 34.12 7.97 -111.29
CA LEU C 3579 33.38 8.90 -112.13
C LEU C 3579 34.15 9.33 -113.38
N PRO C 3580 35.44 9.70 -113.30
CA PRO C 3580 36.17 9.99 -114.56
C PRO C 3580 36.21 8.81 -115.51
N GLY C 3581 36.22 7.58 -115.00
CA GLY C 3581 36.17 6.42 -115.88
C GLY C 3581 34.90 6.38 -116.71
N ARG C 3582 33.77 6.71 -116.10
CA ARG C 3582 32.51 6.79 -116.84
C ARG C 3582 32.51 8.04 -117.71
N GLU C 3583 32.39 7.84 -119.02
CA GLU C 3583 32.46 8.95 -119.95
C GLU C 3583 31.33 9.95 -119.73
N GLU C 3584 30.12 9.45 -119.51
CA GLU C 3584 28.96 10.32 -119.27
C GLU C 3584 28.00 9.56 -118.36
N ASP C 3585 28.08 9.83 -117.06
CA ASP C 3585 27.18 9.17 -116.11
C ASP C 3585 25.76 9.68 -116.27
N ALA C 3586 24.81 8.75 -116.23
CA ALA C 3586 23.39 9.08 -116.31
C ALA C 3586 22.89 9.33 -114.89
N ASP C 3587 23.06 10.56 -114.42
CA ASP C 3587 22.64 10.94 -113.07
C ASP C 3587 21.14 11.25 -113.10
N ASP C 3588 20.35 10.19 -113.03
CA ASP C 3588 18.90 10.29 -113.03
C ASP C 3588 18.32 9.48 -111.88
N PRO C 3589 17.17 9.91 -111.34
CA PRO C 3589 16.57 9.14 -110.23
C PRO C 3589 16.25 7.70 -110.60
N GLU C 3590 15.81 7.47 -111.84
CA GLU C 3590 15.49 6.11 -112.27
C GLU C 3590 16.68 5.38 -112.89
N LYS C 3591 17.69 6.11 -113.34
CA LYS C 3591 18.89 5.45 -113.85
C LYS C 3591 19.60 4.69 -112.75
N ILE C 3592 19.69 5.29 -111.55
CA ILE C 3592 20.28 4.60 -110.41
C ILE C 3592 19.38 3.51 -109.84
N VAL C 3593 18.12 3.46 -110.27
CA VAL C 3593 17.22 2.40 -109.81
C VAL C 3593 17.70 1.04 -110.30
N ARG C 3594 18.26 1.00 -111.52
CA ARG C 3594 18.80 -0.25 -112.03
C ARG C 3594 19.94 -0.76 -111.15
N ARG C 3595 20.84 0.13 -110.75
CA ARG C 3595 21.93 -0.28 -109.86
C ARG C 3595 21.40 -0.67 -108.49
N VAL C 3596 20.41 0.08 -107.98
CA VAL C 3596 19.85 -0.23 -106.67
C VAL C 3596 19.08 -1.55 -106.68
N GLN C 3597 18.64 -1.99 -107.86
CA GLN C 3597 17.93 -3.27 -107.95
C GLN C 3597 18.81 -4.45 -107.58
N GLU C 3598 20.13 -4.27 -107.55
CA GLU C 3598 21.04 -5.32 -107.09
C GLU C 3598 20.88 -5.63 -105.61
N VAL C 3599 20.05 -4.87 -104.89
CA VAL C 3599 19.79 -5.17 -103.48
C VAL C 3599 19.13 -6.53 -103.34
N SER C 3600 18.27 -6.91 -104.29
CA SER C 3600 17.67 -8.24 -104.24
C SER C 3600 18.72 -9.33 -104.35
N ALA C 3601 19.68 -9.17 -105.27
CA ALA C 3601 20.76 -10.14 -105.40
C ALA C 3601 21.63 -10.16 -104.16
N VAL C 3602 21.88 -8.99 -103.57
CA VAL C 3602 22.66 -8.93 -102.34
C VAL C 3602 21.95 -9.67 -101.22
N LEU C 3603 20.63 -9.48 -101.10
CA LEU C 3603 19.86 -10.18 -100.10
C LEU C 3603 19.89 -11.69 -100.34
N TYR C 3604 19.79 -12.11 -101.60
CA TYR C 3604 19.88 -13.54 -101.92
C TYR C 3604 21.23 -14.11 -101.52
N HIS C 3605 22.31 -13.37 -101.80
CA HIS C 3605 23.64 -13.82 -101.40
C HIS C 3605 23.76 -13.90 -99.89
N LEU C 3606 23.17 -12.93 -99.18
CA LEU C 3606 23.17 -12.96 -97.72
C LEU C 3606 22.43 -14.19 -97.19
N GLU C 3607 21.28 -14.49 -97.79
CA GLU C 3607 20.57 -15.72 -97.43
C GLU C 3607 21.34 -16.97 -97.83
N GLN C 3608 22.29 -16.84 -98.76
CA GLN C 3608 23.11 -17.97 -99.18
C GLN C 3608 24.30 -18.22 -98.26
N THR C 3609 24.44 -17.43 -97.19
CA THR C 3609 25.58 -17.61 -96.29
C THR C 3609 25.55 -18.98 -95.63
N GLU C 3610 24.38 -19.44 -95.21
CA GLU C 3610 24.24 -20.75 -94.60
C GLU C 3610 23.49 -21.70 -95.53
N PRO C 3612 20.43 -20.70 -96.10
CA PRO C 3612 19.46 -20.18 -95.13
C PRO C 3612 19.86 -18.81 -94.58
N TYR C 3613 20.74 -18.78 -93.60
CA TYR C 3613 21.20 -17.54 -93.00
C TYR C 3613 22.21 -16.84 -93.91
N THR C 3639 9.53 -61.83 -82.82
CA THR C 3639 9.09 -63.22 -82.88
C THR C 3639 7.57 -63.32 -82.90
N PRO C 3640 7.03 -64.01 -83.90
CA PRO C 3640 5.57 -64.10 -84.02
C PRO C 3640 4.95 -64.85 -82.85
N LEU C 3641 3.68 -64.56 -82.61
CA LEU C 3641 2.97 -65.19 -81.49
C LEU C 3641 2.91 -66.70 -81.65
N TYR C 3642 2.74 -67.18 -82.88
CA TYR C 3642 2.69 -68.60 -83.14
C TYR C 3642 4.10 -69.17 -83.13
N ASN C 3643 4.27 -70.40 -83.63
CA ASN C 3643 5.55 -71.12 -83.72
C ASN C 3643 6.26 -71.19 -82.36
N LEU C 3644 5.51 -71.01 -81.26
CA LEU C 3644 5.96 -71.13 -79.88
C LEU C 3644 5.44 -72.42 -79.27
N PRO C 3645 6.17 -72.99 -78.31
CA PRO C 3645 5.69 -74.23 -77.67
C PRO C 3645 4.33 -74.01 -77.02
N THR C 3646 3.48 -75.04 -77.14
CA THR C 3646 2.12 -74.92 -76.61
C THR C 3646 2.10 -74.78 -75.10
N HIS C 3647 3.05 -75.43 -74.41
CA HIS C 3647 3.09 -75.31 -72.95
C HIS C 3647 3.43 -73.89 -72.53
N ARG C 3648 4.33 -73.22 -73.24
CA ARG C 3648 4.61 -71.82 -72.96
C ARG C 3648 3.39 -70.95 -73.18
N ALA C 3649 2.65 -71.20 -74.26
CA ALA C 3649 1.44 -70.44 -74.52
C ALA C 3649 0.41 -70.64 -73.42
N CYS C 3650 0.25 -71.88 -72.96
CA CYS C 3650 -0.69 -72.13 -71.87
C CYS C 3650 -0.24 -71.44 -70.59
N ASN C 3651 1.04 -71.56 -70.24
CA ASN C 3651 1.55 -70.94 -69.02
C ASN C 3651 1.52 -69.42 -69.09
N MET C 3652 1.45 -68.84 -70.29
CA MET C 3652 1.33 -67.40 -70.41
C MET C 3652 -0.12 -66.92 -70.41
N PHE C 3653 -1.00 -67.60 -71.13
CA PHE C 3653 -2.35 -67.08 -71.36
C PHE C 3653 -3.10 -66.83 -70.06
N LEU C 3654 -3.06 -67.79 -69.15
CA LEU C 3654 -3.76 -67.62 -67.88
C LEU C 3654 -3.16 -66.50 -67.04
N GLU C 3655 -1.92 -66.10 -67.32
CA GLU C 3655 -1.32 -64.99 -66.59
C GLU C 3655 -1.87 -63.66 -67.08
N SER C 3656 -2.50 -63.64 -68.25
CA SER C 3656 -3.06 -62.42 -68.83
C SER C 3656 -4.57 -62.51 -69.01
N TYR C 3657 -5.27 -63.18 -68.10
CA TYR C 3657 -6.70 -63.44 -68.25
C TYR C 3657 -7.51 -62.19 -67.89
N LYS C 3658 -7.46 -61.21 -68.79
CA LYS C 3658 -8.17 -59.95 -68.57
C LYS C 3658 -9.67 -60.14 -68.51
N ALA C 3659 -10.23 -60.93 -69.44
CA ALA C 3659 -11.68 -61.05 -69.51
C ALA C 3659 -12.28 -61.59 -68.22
N ALA C 3660 -11.55 -62.41 -67.48
CA ALA C 3660 -12.08 -63.02 -66.26
C ALA C 3660 -11.04 -63.04 -65.14
N TRP C 3661 -10.33 -61.94 -64.91
CA TRP C 3661 -9.52 -61.88 -63.70
C TRP C 3661 -10.41 -61.63 -62.49
N ILE C 3662 -9.77 -61.37 -61.37
CA ILE C 3662 -10.45 -60.80 -60.20
C ILE C 3662 -10.90 -59.37 -60.45
N LEU C 3663 -10.45 -58.76 -61.54
CA LEU C 3663 -10.79 -57.37 -61.81
C LEU C 3663 -12.21 -57.26 -62.36
N THR C 3664 -13.17 -57.82 -61.63
CA THR C 3664 -14.58 -57.72 -61.97
C THR C 3664 -15.36 -57.47 -60.70
N GLU C 3665 -16.34 -56.57 -60.78
CA GLU C 3665 -17.16 -56.26 -59.62
C GLU C 3665 -17.94 -57.50 -59.18
N ASP C 3666 -17.88 -57.79 -57.88
CA ASP C 3666 -18.58 -58.94 -57.33
C ASP C 3666 -19.70 -58.54 -56.38
N HIS C 3667 -19.39 -57.80 -55.31
CA HIS C 3667 -20.38 -57.33 -54.34
C HIS C 3667 -21.29 -58.48 -53.89
N SER C 3668 -20.67 -59.60 -53.56
CA SER C 3668 -21.43 -60.78 -53.16
C SER C 3668 -21.21 -61.22 -51.72
N PHE C 3669 -20.10 -60.81 -51.10
CA PHE C 3669 -19.80 -61.24 -49.74
C PHE C 3669 -19.32 -60.06 -48.92
N GLU C 3670 -19.90 -58.89 -49.14
CA GLU C 3670 -19.46 -57.70 -48.43
C GLU C 3670 -20.55 -57.06 -47.58
N ASP C 3671 -21.82 -57.28 -47.90
CA ASP C 3671 -22.89 -56.66 -47.12
C ASP C 3671 -23.93 -57.68 -46.70
N ARG C 3672 -24.09 -58.75 -47.48
CA ARG C 3672 -25.05 -59.77 -47.11
C ARG C 3672 -24.54 -60.63 -45.95
N MET C 3673 -23.22 -60.79 -45.85
CA MET C 3673 -22.67 -61.62 -44.78
C MET C 3673 -22.97 -61.03 -43.41
N ILE C 3674 -22.89 -59.70 -43.28
CA ILE C 3674 -23.08 -59.09 -41.97
C ILE C 3674 -24.49 -59.34 -41.46
N ASP C 3675 -25.49 -59.06 -42.30
CA ASP C 3675 -26.86 -59.32 -41.87
C ASP C 3675 -27.11 -60.80 -41.68
N ASP C 3676 -26.54 -61.64 -42.55
CA ASP C 3676 -26.72 -63.09 -42.39
C ASP C 3676 -26.19 -63.56 -41.04
N LEU C 3677 -25.03 -63.05 -40.63
CA LEU C 3677 -24.43 -63.47 -39.37
C LEU C 3677 -25.12 -62.84 -38.17
N SER C 3678 -25.72 -61.66 -38.33
CA SER C 3678 -26.28 -60.98 -37.15
C SER C 3678 -27.75 -61.31 -36.93
N LYS C 3679 -28.58 -61.21 -37.96
CA LYS C 3679 -30.02 -61.42 -37.78
C LYS C 3679 -30.33 -62.86 -37.37
N ALA C 3680 -29.63 -63.83 -37.94
CA ALA C 3680 -29.92 -65.23 -37.68
C ALA C 3680 -29.77 -65.60 -36.21
N GLY C 3681 -29.02 -64.79 -35.43
CA GLY C 3681 -28.87 -65.09 -34.02
C GLY C 3681 -30.19 -65.17 -33.29
N GLU C 3682 -31.20 -64.46 -33.78
CA GLU C 3682 -32.55 -64.54 -33.22
C GLU C 3682 -33.37 -65.54 -34.03
N GLN C 3683 -33.08 -66.82 -33.78
CA GLN C 3683 -33.81 -67.89 -34.46
C GLN C 3683 -35.25 -67.95 -33.95
N GLU C 3684 -36.10 -68.64 -34.72
CA GLU C 3684 -37.51 -68.70 -34.39
C GLU C 3684 -37.74 -69.35 -33.03
N GLU C 3685 -37.06 -70.47 -32.77
CA GLU C 3685 -37.20 -71.18 -31.50
C GLU C 3685 -36.17 -70.75 -30.46
N GLU C 3686 -35.26 -69.85 -30.81
CA GLU C 3686 -34.19 -69.43 -29.89
C GLU C 3686 -34.66 -68.31 -28.97
N GLU C 3687 -35.79 -68.51 -28.31
CA GLU C 3687 -36.31 -67.57 -27.31
C GLU C 3687 -36.76 -68.41 -26.11
N GLU C 3688 -35.83 -68.65 -25.18
CA GLU C 3688 -36.10 -69.48 -24.01
C GLU C 3688 -36.61 -68.68 -22.82
N GLU C 3689 -36.63 -67.35 -22.90
CA GLU C 3689 -37.09 -66.49 -21.80
C GLU C 3689 -36.35 -66.80 -20.50
N VAL C 3690 -35.04 -67.00 -20.61
CA VAL C 3690 -34.21 -67.32 -19.45
C VAL C 3690 -33.43 -66.11 -18.95
N GLU C 3691 -33.59 -64.94 -19.57
CA GLU C 3691 -32.92 -63.71 -19.17
C GLU C 3691 -31.40 -63.87 -19.15
N GLU C 3692 -30.88 -64.68 -20.08
CA GLU C 3692 -29.44 -64.88 -20.23
C GLU C 3692 -29.15 -64.96 -21.73
N LYS C 3693 -28.86 -63.82 -22.33
CA LYS C 3693 -28.68 -63.76 -23.78
C LYS C 3693 -27.42 -64.51 -24.19
N LYS C 3694 -27.52 -65.23 -25.31
CA LYS C 3694 -26.37 -65.88 -25.91
C LYS C 3694 -25.92 -65.12 -27.15
N PRO C 3695 -24.62 -65.02 -27.39
CA PRO C 3695 -24.15 -64.19 -28.50
C PRO C 3695 -24.59 -64.72 -29.86
N ASP C 3696 -24.93 -63.79 -30.75
CA ASP C 3696 -25.16 -64.11 -32.14
C ASP C 3696 -23.83 -64.37 -32.85
N PRO C 3697 -23.86 -65.06 -33.99
CA PRO C 3697 -22.60 -65.56 -34.58
C PRO C 3697 -21.52 -64.50 -34.78
N LEU C 3698 -21.90 -63.30 -35.21
CA LEU C 3698 -20.91 -62.24 -35.39
C LEU C 3698 -20.25 -61.89 -34.07
N HIS C 3699 -21.03 -61.84 -32.99
CA HIS C 3699 -20.45 -61.56 -31.69
C HIS C 3699 -19.50 -62.68 -31.27
N GLN C 3700 -19.86 -63.93 -31.53
CA GLN C 3700 -18.97 -65.03 -31.20
C GLN C 3700 -17.65 -64.89 -31.94
N LEU C 3701 -17.71 -64.51 -33.22
CA LEU C 3701 -16.48 -64.28 -33.97
C LEU C 3701 -15.64 -63.16 -33.35
N VAL C 3702 -16.29 -62.07 -32.94
CA VAL C 3702 -15.55 -60.95 -32.38
C VAL C 3702 -14.88 -61.33 -31.07
N LEU C 3703 -15.60 -62.05 -30.20
CA LEU C 3703 -14.96 -62.53 -28.98
C LEU C 3703 -13.83 -63.50 -29.28
N HIS C 3704 -13.96 -64.34 -30.30
CA HIS C 3704 -12.86 -65.24 -30.62
C HIS C 3704 -11.62 -64.45 -31.04
N PHE C 3705 -11.80 -63.42 -31.86
CA PHE C 3705 -10.66 -62.61 -32.27
C PHE C 3705 -10.05 -61.87 -31.09
N SER C 3706 -10.87 -61.31 -30.21
CA SER C 3706 -10.32 -60.65 -29.04
C SER C 3706 -9.59 -61.63 -28.14
N ARG C 3707 -10.09 -62.87 -28.04
CA ARG C 3707 -9.46 -63.87 -27.19
C ARG C 3707 -8.08 -64.25 -27.74
N THR C 3708 -8.00 -64.52 -29.04
CA THR C 3708 -6.67 -64.81 -29.60
C THR C 3708 -5.79 -63.58 -29.62
N ALA C 3709 -6.37 -62.39 -29.45
CA ALA C 3709 -5.56 -61.18 -29.29
C ALA C 3709 -4.98 -61.07 -27.89
N LEU C 3710 -5.74 -61.49 -26.88
CA LEU C 3710 -5.37 -61.22 -25.49
C LEU C 3710 -4.29 -62.15 -24.97
N THR C 3711 -3.91 -63.18 -25.71
CA THR C 3711 -2.86 -64.08 -25.24
C THR C 3711 -1.52 -63.36 -25.17
N GLU C 3712 -0.66 -63.84 -24.27
CA GLU C 3712 0.63 -63.20 -24.03
C GLU C 3712 1.69 -63.88 -24.89
N LYS C 3713 2.38 -63.08 -25.71
CA LYS C 3713 3.50 -63.56 -26.51
C LYS C 3713 4.34 -62.37 -26.92
N SER C 3714 5.57 -62.67 -27.33
CA SER C 3714 6.48 -61.60 -27.76
C SER C 3714 5.96 -60.91 -29.02
N LYS C 3715 5.46 -61.68 -29.98
CA LYS C 3715 4.88 -61.12 -31.19
C LYS C 3715 3.80 -62.07 -31.67
N LEU C 3716 2.90 -61.54 -32.50
CA LEU C 3716 1.75 -62.30 -32.97
C LEU C 3716 1.85 -62.52 -34.47
N ASP C 3717 1.37 -63.67 -34.91
CA ASP C 3717 1.51 -64.09 -36.30
C ASP C 3717 0.61 -63.26 -37.21
N GLU C 3718 0.76 -63.48 -38.51
CA GLU C 3718 -0.03 -62.73 -39.48
C GLU C 3718 -1.52 -63.04 -39.36
N ASP C 3719 -1.88 -64.31 -39.25
CA ASP C 3719 -3.27 -64.74 -39.06
C ASP C 3719 -4.16 -64.25 -40.21
N TYR C 3720 -3.89 -64.82 -41.39
CA TYR C 3720 -4.51 -64.34 -42.63
C TYR C 3720 -6.04 -64.36 -42.56
N LEU C 3721 -6.61 -65.25 -41.72
CA LEU C 3721 -8.06 -65.26 -41.58
C LEU C 3721 -8.56 -63.92 -41.03
N TYR C 3722 -7.86 -63.37 -40.04
CA TYR C 3722 -8.25 -62.07 -39.52
C TYR C 3722 -8.16 -61.00 -40.60
N MET C 3723 -7.13 -61.06 -41.44
CA MET C 3723 -7.01 -60.10 -42.52
C MET C 3723 -8.18 -60.23 -43.47
N ALA C 3724 -8.59 -61.46 -43.77
CA ALA C 3724 -9.70 -61.67 -44.69
C ALA C 3724 -11.02 -61.18 -44.11
N TYR C 3725 -11.15 -61.20 -42.78
CA TYR C 3725 -12.42 -60.78 -42.19
C TYR C 3725 -12.48 -59.30 -41.83
N ALA C 3726 -11.34 -58.69 -41.51
CA ALA C 3726 -11.34 -57.27 -41.17
C ALA C 3726 -11.74 -56.43 -42.38
N ASP C 3727 -11.32 -56.84 -43.58
CA ASP C 3727 -11.72 -56.10 -44.77
C ASP C 3727 -13.23 -56.15 -44.96
N ILE C 3728 -13.83 -57.32 -44.72
CA ILE C 3728 -15.29 -57.43 -44.84
C ILE C 3728 -15.97 -56.53 -43.80
N MET C 3729 -15.48 -56.58 -42.56
CA MET C 3729 -16.11 -55.77 -41.51
C MET C 3729 -15.99 -54.29 -41.83
N ALA C 3730 -14.84 -53.86 -42.37
CA ALA C 3730 -14.67 -52.46 -42.72
C ALA C 3730 -15.57 -52.07 -43.89
N LYS C 3731 -15.62 -52.90 -44.93
CA LYS C 3731 -16.45 -52.60 -46.09
C LYS C 3731 -17.93 -52.63 -45.75
N SER C 3732 -18.30 -53.26 -44.64
CA SER C 3732 -19.71 -53.29 -44.25
C SER C 3732 -20.24 -51.88 -43.99
N CYS C 3733 -19.44 -51.04 -43.33
CA CYS C 3733 -19.89 -49.71 -42.94
C CYS C 3733 -19.66 -48.65 -44.01
N HIS C 3734 -19.00 -48.99 -45.11
CA HIS C 3734 -18.74 -48.04 -46.18
C HIS C 3734 -19.69 -48.18 -47.35
N LEU C 3735 -20.78 -48.92 -47.18
CA LEU C 3735 -21.73 -49.10 -48.28
C LEU C 3735 -22.33 -47.76 -48.70
N GLU C 3736 -22.69 -46.92 -47.73
CA GLU C 3736 -23.18 -45.57 -48.03
C GLU C 3736 -22.08 -44.53 -47.96
N GLU C 3737 -21.10 -44.72 -47.06
CA GLU C 3737 -19.97 -43.79 -47.00
C GLU C 3737 -19.18 -43.81 -48.30
N GLY C 3738 -18.91 -45.00 -48.83
CA GLY C 3738 -18.26 -45.10 -50.12
C GLY C 3738 -19.21 -44.83 -51.26
N GLY C 3739 -18.63 -44.48 -52.40
CA GLY C 3739 -19.45 -44.15 -53.58
C GLY C 3739 -20.14 -42.81 -53.52
N GLU C 3740 -20.87 -42.54 -52.44
CA GLU C 3740 -21.51 -41.23 -52.27
C GLU C 3740 -20.47 -40.13 -52.15
N ASN C 3741 -19.39 -40.39 -51.42
CA ASN C 3741 -18.32 -39.41 -51.25
C ASN C 3741 -17.55 -39.21 -52.55
N GLU C 3747 -22.79 -34.10 -62.53
CA GLU C 3747 -23.14 -32.83 -63.12
C GLU C 3747 -23.92 -31.96 -62.13
N GLU C 3748 -25.23 -31.86 -62.34
CA GLU C 3748 -26.10 -31.09 -61.45
C GLU C 3748 -26.53 -31.94 -60.25
N VAL C 3749 -25.55 -32.30 -59.45
CA VAL C 3749 -25.77 -33.15 -58.28
C VAL C 3749 -26.03 -32.25 -57.08
N GLU C 3750 -27.27 -32.23 -56.62
CA GLU C 3750 -27.66 -31.48 -55.43
C GLU C 3750 -28.38 -32.42 -54.47
N VAL C 3751 -28.00 -32.37 -53.20
CA VAL C 3751 -28.57 -33.24 -52.17
C VAL C 3751 -29.53 -32.43 -51.32
N SER C 3752 -30.77 -32.91 -51.21
CA SER C 3752 -31.77 -32.24 -50.40
C SER C 3752 -31.49 -32.47 -48.91
N PHE C 3753 -32.22 -31.74 -48.08
CA PHE C 3753 -32.06 -31.89 -46.64
C PHE C 3753 -32.43 -33.29 -46.18
N GLU C 3754 -33.54 -33.83 -46.69
CA GLU C 3754 -33.97 -35.17 -46.29
C GLU C 3754 -32.96 -36.22 -46.70
N GLU C 3755 -32.42 -36.12 -47.92
CA GLU C 3755 -31.40 -37.08 -48.35
C GLU C 3755 -30.15 -36.97 -47.48
N LYS C 3756 -29.75 -35.74 -47.14
CA LYS C 3756 -28.57 -35.55 -46.31
C LYS C 3756 -28.75 -36.17 -44.93
N GLU C 3757 -29.91 -35.94 -44.31
CA GLU C 3757 -30.13 -36.50 -42.98
C GLU C 3757 -30.30 -38.02 -43.04
N MET C 3758 -30.83 -38.55 -44.14
CA MET C 3758 -30.94 -39.99 -44.26
C MET C 3758 -29.58 -40.63 -44.45
N GLU C 3759 -28.70 -39.99 -45.22
CA GLU C 3759 -27.36 -40.52 -45.43
C GLU C 3759 -26.46 -40.33 -44.21
N LYS C 3760 -26.75 -39.36 -43.36
CA LYS C 3760 -26.08 -39.31 -42.07
C LYS C 3760 -26.43 -40.54 -41.25
N GLN C 3761 -27.70 -40.94 -41.29
CA GLN C 3761 -28.10 -42.25 -40.80
C GLN C 3761 -27.81 -43.28 -41.89
N ARG C 3762 -28.39 -44.48 -41.75
CA ARG C 3762 -28.18 -45.58 -42.69
C ARG C 3762 -26.74 -46.08 -42.63
N LEU C 3763 -25.91 -45.38 -41.87
CA LEU C 3763 -24.59 -45.88 -41.49
C LEU C 3763 -24.40 -45.94 -39.99
N LEU C 3764 -25.05 -45.06 -39.24
CA LEU C 3764 -25.09 -45.23 -37.79
C LEU C 3764 -25.72 -46.56 -37.43
N TYR C 3765 -26.80 -46.93 -38.12
CA TYR C 3765 -27.32 -48.28 -37.98
C TYR C 3765 -26.31 -49.30 -38.45
N GLN C 3766 -25.62 -49.01 -39.56
CA GLN C 3766 -24.60 -49.94 -40.04
C GLN C 3766 -23.47 -50.08 -39.03
N GLN C 3767 -23.03 -48.97 -38.44
CA GLN C 3767 -21.97 -49.04 -37.44
C GLN C 3767 -22.43 -49.81 -36.20
N SER C 3768 -23.66 -49.57 -35.76
CA SER C 3768 -24.18 -50.29 -34.60
C SER C 3768 -24.29 -51.78 -34.89
N ARG C 3769 -24.72 -52.14 -36.10
CA ARG C 3769 -24.82 -53.55 -36.47
C ARG C 3769 -23.45 -54.21 -36.47
N LEU C 3770 -22.39 -53.44 -36.65
CA LEU C 3770 -21.04 -53.96 -36.53
C LEU C 3770 -20.64 -54.18 -35.11
N HIS C 3771 -21.64 -54.12 -34.22
CA HIS C 3771 -21.48 -54.44 -32.81
C HIS C 3771 -20.43 -53.54 -32.17
N THR C 3772 -20.77 -52.25 -32.13
CA THR C 3772 -19.98 -51.30 -31.34
C THR C 3772 -19.79 -51.80 -29.91
N ARG C 3773 -20.67 -52.69 -29.44
CA ARG C 3773 -20.45 -53.35 -28.16
C ARG C 3773 -19.22 -54.26 -28.20
N GLY C 3774 -19.06 -55.01 -29.30
CA GLY C 3774 -17.98 -55.98 -29.37
C GLY C 3774 -16.75 -55.51 -30.11
N ALA C 3775 -16.94 -54.88 -31.27
CA ALA C 3775 -15.82 -54.53 -32.14
C ALA C 3775 -15.09 -53.27 -31.70
N ALA C 3776 -15.57 -52.57 -30.68
CA ALA C 3776 -14.91 -51.33 -30.26
C ALA C 3776 -13.51 -51.59 -29.74
N GLU C 3777 -13.34 -52.65 -28.94
CA GLU C 3777 -12.05 -52.94 -28.34
C GLU C 3777 -11.21 -53.91 -29.16
N MET C 3778 -11.76 -54.45 -30.25
CA MET C 3778 -10.97 -55.34 -31.09
C MET C 3778 -9.94 -54.57 -31.90
N VAL C 3779 -10.18 -53.29 -32.15
CA VAL C 3779 -9.22 -52.45 -32.87
C VAL C 3779 -8.37 -51.70 -31.87
N LEU C 3780 -8.47 -52.08 -30.60
CA LEU C 3780 -7.63 -51.53 -29.54
C LEU C 3780 -6.66 -52.56 -28.99
N GLN C 3781 -7.16 -53.74 -28.62
CA GLN C 3781 -6.29 -54.77 -28.07
C GLN C 3781 -5.20 -55.14 -29.06
N MET C 3782 -5.57 -55.33 -30.33
CA MET C 3782 -4.60 -55.75 -31.32
C MET C 3782 -3.70 -54.62 -31.79
N ILE C 3783 -4.15 -53.36 -31.68
CA ILE C 3783 -3.22 -52.26 -31.84
C ILE C 3783 -2.16 -52.30 -30.75
N SER C 3784 -2.59 -52.59 -29.52
CA SER C 3784 -1.64 -52.70 -28.41
C SER C 3784 -0.70 -53.89 -28.60
N ALA C 3785 -1.18 -54.98 -29.20
CA ALA C 3785 -0.37 -56.19 -29.32
C ALA C 3785 0.88 -55.95 -30.16
N CYS C 3786 0.70 -55.64 -31.44
CA CYS C 3786 1.83 -55.37 -32.32
C CYS C 3786 2.41 -54.00 -31.98
N LYS C 3787 3.36 -53.97 -31.05
CA LYS C 3787 3.84 -52.71 -30.50
C LYS C 3787 4.58 -51.89 -31.55
N GLY C 3788 5.52 -52.51 -32.25
CA GLY C 3788 6.36 -51.74 -33.16
C GLY C 3788 6.29 -52.15 -34.61
N GLU C 3789 5.98 -53.42 -34.86
CA GLU C 3789 6.04 -53.93 -36.23
C GLU C 3789 4.96 -53.30 -37.08
N THR C 3790 5.35 -52.77 -38.23
CA THR C 3790 4.42 -52.13 -39.15
C THR C 3790 3.99 -53.10 -40.25
N GLY C 3791 3.42 -54.22 -39.83
CA GLY C 3791 2.93 -55.19 -40.76
C GLY C 3791 1.60 -54.79 -41.37
N ALA C 3792 1.16 -55.57 -42.36
CA ALA C 3792 -0.12 -55.31 -42.99
C ALA C 3792 -1.28 -55.48 -42.02
N MET C 3793 -1.07 -56.25 -40.94
CA MET C 3793 -2.12 -56.42 -39.95
C MET C 3793 -2.48 -55.10 -39.30
N VAL C 3794 -1.49 -54.26 -39.01
CA VAL C 3794 -1.78 -52.94 -38.47
C VAL C 3794 -2.61 -52.14 -39.46
N SER C 3795 -2.30 -52.26 -40.75
CA SER C 3795 -3.08 -51.56 -41.77
C SER C 3795 -4.53 -52.01 -41.75
N SER C 3796 -4.76 -53.32 -41.64
CA SER C 3796 -6.14 -53.81 -41.60
C SER C 3796 -6.86 -53.32 -40.35
N THR C 3797 -6.19 -53.34 -39.20
CA THR C 3797 -6.80 -52.84 -37.98
C THR C 3797 -7.17 -51.37 -38.10
N LEU C 3798 -6.26 -50.57 -38.66
CA LEU C 3798 -6.54 -49.14 -38.80
C LEU C 3798 -7.66 -48.90 -39.81
N LYS C 3799 -7.74 -49.71 -40.86
CA LYS C 3799 -8.86 -49.59 -41.78
C LYS C 3799 -10.18 -49.87 -41.09
N LEU C 3800 -10.21 -50.91 -40.26
CA LEU C 3800 -11.45 -51.20 -39.51
C LEU C 3800 -11.79 -50.05 -38.57
N GLY C 3801 -10.78 -49.52 -37.87
CA GLY C 3801 -11.03 -48.42 -36.95
C GLY C 3801 -11.54 -47.19 -37.66
N ILE C 3802 -11.03 -46.92 -38.86
CA ILE C 3802 -11.54 -45.81 -39.66
C ILE C 3802 -12.98 -46.07 -40.07
N SER C 3803 -13.27 -47.27 -40.55
CA SER C 3803 -14.62 -47.58 -41.02
C SER C 3803 -15.65 -47.55 -39.90
N ILE C 3804 -15.22 -47.76 -38.65
CA ILE C 3804 -16.17 -47.66 -37.54
C ILE C 3804 -16.33 -46.22 -37.10
N LEU C 3805 -15.22 -45.49 -36.97
CA LEU C 3805 -15.23 -44.12 -36.48
C LEU C 3805 -15.40 -43.10 -37.60
N ASN C 3806 -16.01 -43.47 -38.72
CA ASN C 3806 -15.96 -42.67 -39.94
C ASN C 3806 -16.36 -41.22 -39.70
N GLY C 3807 -17.59 -41.00 -39.24
CA GLY C 3807 -18.02 -39.64 -38.98
C GLY C 3807 -18.51 -39.43 -37.56
N GLY C 3808 -17.77 -38.66 -36.78
CA GLY C 3808 -18.19 -38.36 -35.42
C GLY C 3808 -18.37 -39.59 -34.55
N ASN C 3809 -19.63 -39.94 -34.30
CA ASN C 3809 -20.00 -41.13 -33.54
C ASN C 3809 -19.41 -41.10 -32.13
N ALA C 3810 -19.91 -40.15 -31.34
CA ALA C 3810 -19.44 -39.99 -29.97
C ALA C 3810 -19.65 -41.24 -29.13
N GLU C 3811 -20.57 -42.13 -29.54
CA GLU C 3811 -20.82 -43.33 -28.76
C GLU C 3811 -19.59 -44.23 -28.70
N VAL C 3812 -18.99 -44.53 -29.84
CA VAL C 3812 -17.84 -45.42 -29.85
C VAL C 3812 -16.63 -44.75 -29.23
N GLN C 3813 -16.51 -43.42 -29.37
CA GLN C 3813 -15.44 -42.72 -28.67
C GLN C 3813 -15.59 -42.85 -27.16
N GLN C 3814 -16.82 -42.72 -26.66
CA GLN C 3814 -17.04 -42.90 -25.23
C GLN C 3814 -16.73 -44.32 -24.81
N LYS C 3815 -17.10 -45.31 -25.62
CA LYS C 3815 -16.77 -46.69 -25.30
C LYS C 3815 -15.26 -46.90 -25.23
N MET C 3816 -14.53 -46.33 -26.18
CA MET C 3816 -13.07 -46.49 -26.20
C MET C 3816 -12.44 -45.85 -24.97
N LEU C 3817 -12.89 -44.64 -24.62
CA LEU C 3817 -12.36 -44.01 -23.41
C LEU C 3817 -12.69 -44.83 -22.16
N ASP C 3818 -13.91 -45.36 -22.08
CA ASP C 3818 -14.26 -46.18 -20.92
C ASP C 3818 -13.36 -47.40 -20.82
N TYR C 3819 -13.11 -48.07 -21.95
CA TYR C 3819 -12.23 -49.24 -21.91
C TYR C 3819 -10.82 -48.86 -21.51
N LEU C 3820 -10.30 -47.75 -22.06
CA LEU C 3820 -8.94 -47.34 -21.72
C LEU C 3820 -8.81 -47.00 -20.25
N LYS C 3821 -9.79 -46.29 -19.69
CA LYS C 3821 -9.72 -45.96 -18.27
C LYS C 3821 -9.98 -47.19 -17.39
N ASP C 3822 -10.67 -48.19 -17.92
CA ASP C 3822 -10.94 -49.40 -17.13
C ASP C 3822 -9.71 -50.29 -17.08
N LYS C 3823 -9.27 -50.79 -18.24
CA LYS C 3823 -8.12 -51.68 -18.25
C LYS C 3823 -6.87 -50.97 -17.76
N LYS C 3824 -6.67 -49.71 -18.16
CA LYS C 3824 -5.65 -48.84 -17.59
C LYS C 3824 -4.25 -49.45 -17.73
N GLU C 3825 -3.83 -49.60 -18.97
CA GLU C 3825 -2.52 -50.20 -19.26
C GLU C 3825 -1.76 -49.32 -20.24
N VAL C 3826 -0.45 -49.23 -20.02
CA VAL C 3826 0.44 -48.53 -20.95
C VAL C 3826 0.76 -49.50 -22.08
N GLY C 3827 1.37 -48.99 -23.15
CA GLY C 3827 1.72 -49.82 -24.28
C GLY C 3827 0.96 -49.44 -25.52
N PHE C 3828 -0.35 -49.16 -25.35
CA PHE C 3828 -1.15 -48.69 -26.47
C PHE C 3828 -0.57 -47.41 -27.06
N PHE C 3829 -0.34 -46.40 -26.22
CA PHE C 3829 0.29 -45.18 -26.70
C PHE C 3829 1.75 -45.42 -27.04
N GLN C 3830 2.41 -46.36 -26.35
CA GLN C 3830 3.75 -46.75 -26.74
C GLN C 3830 3.76 -47.31 -28.15
N SER C 3831 2.79 -48.19 -28.46
CA SER C 3831 2.69 -48.72 -29.82
C SER C 3831 2.39 -47.61 -30.81
N ILE C 3832 1.53 -46.66 -30.44
CA ILE C 3832 1.18 -45.57 -31.35
C ILE C 3832 2.42 -44.76 -31.69
N GLN C 3833 3.18 -44.34 -30.68
CA GLN C 3833 4.35 -43.52 -30.96
C GLN C 3833 5.43 -44.32 -31.70
N ALA C 3834 5.58 -45.60 -31.36
CA ALA C 3834 6.55 -46.42 -32.07
C ALA C 3834 6.19 -46.55 -33.54
N LEU C 3835 4.90 -46.70 -33.83
CA LEU C 3835 4.46 -46.69 -35.22
C LEU C 3835 4.76 -45.37 -35.89
N MET C 3836 4.52 -44.26 -35.18
CA MET C 3836 4.63 -42.95 -35.81
C MET C 3836 6.08 -42.58 -36.11
N GLN C 3837 7.02 -43.02 -35.26
CA GLN C 3837 8.42 -42.78 -35.56
C GLN C 3837 8.83 -43.47 -36.85
N THR C 3838 8.36 -44.70 -37.05
CA THR C 3838 8.68 -45.46 -38.26
C THR C 3838 7.71 -45.04 -39.37
N CYS C 3839 7.98 -43.88 -39.94
CA CYS C 3839 7.17 -43.36 -41.03
C CYS C 3839 8.10 -42.73 -42.07
N SER C 3840 7.89 -43.09 -43.33
CA SER C 3840 8.80 -42.65 -44.38
C SER C 3840 8.67 -41.15 -44.62
N VAL C 3841 9.80 -40.51 -44.90
CA VAL C 3841 9.85 -39.09 -45.18
C VAL C 3841 10.67 -38.93 -46.46
N LEU C 3842 10.42 -37.84 -47.18
CA LEU C 3842 11.08 -37.62 -48.46
C LEU C 3842 12.59 -37.64 -48.31
N ASP C 3843 13.26 -38.38 -49.19
CA ASP C 3843 14.71 -38.51 -49.18
C ASP C 3843 15.24 -38.29 -50.59
N LEU C 3844 16.30 -37.49 -50.70
CA LEU C 3844 16.84 -37.17 -52.02
C LEU C 3844 17.59 -38.35 -52.62
N ASN C 3845 18.31 -39.11 -51.79
CA ASN C 3845 19.09 -40.23 -52.30
C ASN C 3845 18.20 -41.28 -52.95
N ALA C 3846 17.06 -41.58 -52.31
CA ALA C 3846 16.12 -42.51 -52.91
C ALA C 3846 15.59 -41.98 -54.23
N PHE C 3847 15.34 -40.68 -54.31
CA PHE C 3847 14.88 -40.09 -55.55
C PHE C 3847 15.92 -40.24 -56.64
N GLU C 3848 17.20 -39.99 -56.31
CA GLU C 3848 18.27 -40.17 -57.30
C GLU C 3848 18.36 -41.61 -57.76
N ARG C 3849 18.26 -42.55 -56.81
CA ARG C 3849 18.32 -43.96 -57.17
C ARG C 3849 17.17 -44.33 -58.10
N GLN C 3850 15.96 -43.89 -57.78
CA GLN C 3850 14.81 -44.21 -58.62
C GLN C 3850 14.96 -43.59 -59.99
N ASN C 3851 15.43 -42.34 -60.06
CA ASN C 3851 15.61 -41.67 -61.34
C ASN C 3851 16.64 -42.39 -62.20
N LYS C 3852 17.76 -42.80 -61.60
CA LYS C 3852 18.78 -43.51 -62.37
C LYS C 3852 18.27 -44.88 -62.83
N ALA C 3853 17.51 -45.56 -61.97
CA ALA C 3853 16.94 -46.84 -62.35
C ALA C 3853 15.97 -46.69 -63.52
N GLU C 3854 15.14 -45.64 -63.49
CA GLU C 3854 14.26 -45.36 -64.61
C GLU C 3854 15.06 -45.05 -65.87
N GLY C 3855 16.15 -44.28 -65.72
CA GLY C 3855 17.00 -44.00 -66.85
C GLY C 3855 17.57 -45.26 -67.48
N LEU C 3856 17.92 -46.24 -66.64
CA LEU C 3856 18.32 -47.54 -67.15
C LEU C 3856 17.11 -48.42 -67.40
N GLY C 3857 16.15 -47.89 -68.17
CA GLY C 3857 14.91 -48.57 -68.46
C GLY C 3857 14.89 -49.36 -69.76
N MET C 3858 16.06 -49.63 -70.34
CA MET C 3858 16.16 -50.36 -71.59
C MET C 3858 16.29 -51.86 -71.39
N VAL C 3859 15.75 -52.39 -70.28
CA VAL C 3859 15.88 -53.82 -70.01
C VAL C 3859 15.18 -54.63 -71.08
N ASN C 3860 15.62 -55.87 -71.24
CA ASN C 3860 15.09 -56.77 -72.26
C ASN C 3860 13.73 -57.31 -71.82
N GLU C 3861 13.18 -58.22 -72.62
CA GLU C 3861 11.87 -58.80 -72.32
C GLU C 3861 11.94 -59.66 -71.06
N ASP C 3862 10.78 -59.83 -70.43
CA ASP C 3862 10.56 -60.60 -69.21
C ASP C 3862 11.21 -59.96 -67.99
N GLY C 3863 11.89 -58.84 -68.13
CA GLY C 3863 12.50 -58.17 -67.01
C GLY C 3863 12.21 -56.68 -66.97
N THR C 3864 11.68 -56.15 -68.07
CA THR C 3864 11.37 -54.73 -68.19
C THR C 3864 9.94 -54.39 -67.80
N VAL C 3865 9.16 -55.37 -67.34
CA VAL C 3865 7.77 -55.13 -66.96
C VAL C 3865 7.57 -55.48 -65.49
N ILE C 3866 8.42 -56.37 -64.97
CA ILE C 3866 8.30 -56.78 -63.57
C ILE C 3866 8.64 -55.61 -62.65
N ASN C 3867 9.72 -54.91 -62.94
CA ASN C 3867 10.17 -53.77 -62.16
C ASN C 3867 10.19 -52.51 -62.99
N ARG C 3868 9.18 -52.35 -63.85
CA ARG C 3868 9.12 -51.16 -64.71
C ARG C 3868 8.85 -49.90 -63.90
N GLN C 3869 7.86 -49.94 -63.01
CA GLN C 3869 7.46 -48.76 -62.25
C GLN C 3869 8.13 -48.71 -60.88
N ASN C 3870 7.86 -49.70 -60.03
CA ASN C 3870 8.36 -49.73 -58.65
C ASN C 3870 8.09 -48.41 -57.94
N GLY C 3871 6.86 -47.91 -58.08
CA GLY C 3871 6.51 -46.58 -57.62
C GLY C 3871 6.64 -46.37 -56.12
N GLU C 3872 6.72 -47.45 -55.35
CA GLU C 3872 6.81 -47.36 -53.90
C GLU C 3872 8.26 -47.30 -53.42
N LYS C 3873 9.17 -46.79 -54.25
CA LYS C 3873 10.58 -46.75 -53.87
C LYS C 3873 10.90 -45.65 -52.88
N VAL C 3874 10.19 -44.52 -52.95
CA VAL C 3874 10.56 -43.35 -52.17
C VAL C 3874 9.89 -43.33 -50.80
N MET C 3875 8.55 -43.41 -50.75
CA MET C 3875 7.83 -43.33 -49.50
C MET C 3875 7.12 -44.63 -49.14
N ALA C 3876 6.24 -45.12 -50.00
CA ALA C 3876 5.49 -46.36 -49.81
C ALA C 3876 4.60 -46.34 -48.56
N ASP C 3877 4.50 -45.20 -47.87
CA ASP C 3877 3.67 -45.09 -46.68
C ASP C 3877 2.50 -44.12 -46.89
N ASP C 3878 2.22 -43.73 -48.13
CA ASP C 3878 1.11 -42.84 -48.39
C ASP C 3878 -0.21 -43.49 -48.00
N GLU C 3879 -0.38 -44.77 -48.30
CA GLU C 3879 -1.57 -45.50 -47.92
C GLU C 3879 -1.61 -45.82 -46.43
N PHE C 3880 -0.54 -45.52 -45.69
CA PHE C 3880 -0.45 -45.90 -44.28
C PHE C 3880 -0.36 -44.71 -43.35
N THR C 3881 0.52 -43.74 -43.63
CA THR C 3881 0.65 -42.58 -42.76
C THR C 3881 -0.64 -41.78 -42.71
N GLN C 3882 -1.27 -41.59 -43.87
CA GLN C 3882 -2.56 -40.91 -43.90
C GLN C 3882 -3.58 -41.66 -43.08
N ASP C 3883 -3.60 -42.99 -43.19
CA ASP C 3883 -4.57 -43.76 -42.43
C ASP C 3883 -4.35 -43.61 -40.93
N LEU C 3884 -3.09 -43.68 -40.49
CA LEU C 3884 -2.81 -43.56 -39.06
C LEU C 3884 -3.19 -42.18 -38.53
N PHE C 3885 -2.81 -41.13 -39.25
CA PHE C 3885 -3.12 -39.78 -38.78
C PHE C 3885 -4.62 -39.50 -38.87
N ARG C 3886 -5.30 -40.06 -39.86
CA ARG C 3886 -6.75 -39.91 -39.95
C ARG C 3886 -7.43 -40.61 -38.77
N PHE C 3887 -6.94 -41.79 -38.39
CA PHE C 3887 -7.48 -42.44 -37.20
C PHE C 3887 -7.25 -41.60 -35.95
N LEU C 3888 -6.06 -41.02 -35.82
CA LEU C 3888 -5.78 -40.20 -34.65
C LEU C 3888 -6.69 -38.98 -34.62
N GLN C 3889 -6.94 -38.36 -35.78
CA GLN C 3889 -7.87 -37.24 -35.83
C GLN C 3889 -9.28 -37.68 -35.46
N LEU C 3890 -9.74 -38.76 -36.06
CA LEU C 3890 -11.10 -39.25 -35.84
C LEU C 3890 -11.31 -39.71 -34.41
N LEU C 3891 -10.23 -39.98 -33.68
CA LEU C 3891 -10.37 -40.26 -32.25
C LEU C 3891 -10.97 -39.08 -31.51
N CYS C 3892 -10.82 -37.87 -32.05
CA CYS C 3892 -11.37 -36.67 -31.46
C CYS C 3892 -12.09 -35.83 -32.51
N GLU C 3893 -12.85 -36.49 -33.40
CA GLU C 3893 -13.55 -35.76 -34.46
C GLU C 3893 -14.51 -34.75 -33.86
N GLY C 3894 -15.52 -35.23 -33.15
CA GLY C 3894 -16.30 -34.34 -32.32
C GLY C 3894 -15.46 -33.79 -31.19
N HIS C 3895 -15.79 -32.56 -30.77
CA HIS C 3895 -15.02 -31.90 -29.72
C HIS C 3895 -15.37 -32.56 -28.38
N ASN C 3896 -14.73 -33.69 -28.12
CA ASN C 3896 -15.04 -34.47 -26.94
C ASN C 3896 -14.64 -33.74 -25.66
N ASN C 3897 -13.53 -33.01 -25.69
CA ASN C 3897 -12.90 -32.42 -24.51
C ASN C 3897 -12.49 -33.45 -23.49
N ASP C 3898 -12.55 -34.73 -23.84
CA ASP C 3898 -12.03 -35.81 -23.01
C ASP C 3898 -10.84 -36.47 -23.67
N PHE C 3899 -11.00 -36.94 -24.91
CA PHE C 3899 -9.85 -37.40 -25.68
C PHE C 3899 -8.89 -36.26 -25.97
N GLN C 3900 -9.37 -35.03 -26.07
CA GLN C 3900 -8.48 -33.90 -26.28
C GLN C 3900 -7.55 -33.71 -25.09
N ASN C 3901 -7.97 -34.13 -23.90
CA ASN C 3901 -7.14 -34.06 -22.71
C ASN C 3901 -6.36 -35.34 -22.45
N TYR C 3902 -6.93 -36.50 -22.79
CA TYR C 3902 -6.24 -37.76 -22.56
C TYR C 3902 -4.95 -37.83 -23.37
N LEU C 3903 -5.00 -37.40 -24.63
CA LEU C 3903 -3.82 -37.50 -25.48
C LEU C 3903 -2.69 -36.62 -25.00
N ARG C 3904 -3.00 -35.55 -24.28
CA ARG C 3904 -1.94 -34.72 -23.72
C ARG C 3904 -1.21 -35.44 -22.58
N THR C 3905 -1.97 -36.01 -21.65
CA THR C 3905 -1.40 -36.74 -20.53
C THR C 3905 -2.41 -37.74 -20.02
N GLN C 3906 -1.92 -38.87 -19.55
CA GLN C 3906 -2.75 -39.95 -19.05
C GLN C 3906 -2.56 -40.06 -17.54
N THR C 3907 -3.61 -39.72 -16.79
CA THR C 3907 -3.51 -39.76 -15.34
C THR C 3907 -3.53 -41.19 -14.81
N GLY C 3908 -4.36 -42.05 -15.40
CA GLY C 3908 -4.49 -43.40 -14.89
C GLY C 3908 -3.22 -44.21 -15.02
N ASN C 3909 -2.57 -44.15 -16.19
CA ASN C 3909 -1.36 -44.91 -16.40
C ASN C 3909 -0.19 -44.27 -15.65
N THR C 3910 0.85 -45.08 -15.42
CA THR C 3910 1.99 -44.64 -14.64
C THR C 3910 2.97 -43.79 -15.45
N THR C 3911 2.85 -43.77 -16.78
CA THR C 3911 3.74 -43.02 -17.62
C THR C 3911 2.94 -42.20 -18.63
N THR C 3912 3.57 -41.14 -19.13
CA THR C 3912 2.94 -40.20 -20.04
C THR C 3912 3.69 -40.19 -21.37
N ILE C 3913 2.95 -40.02 -22.46
CA ILE C 3913 3.51 -40.09 -23.81
C ILE C 3913 3.41 -38.74 -24.53
N ASN C 3914 2.27 -38.06 -24.42
CA ASN C 3914 2.05 -36.75 -25.04
C ASN C 3914 2.22 -36.83 -26.56
N ILE C 3915 1.30 -37.57 -27.18
CA ILE C 3915 1.37 -37.87 -28.61
C ILE C 3915 1.37 -36.60 -29.45
N ILE C 3916 0.76 -35.52 -28.95
CA ILE C 3916 0.72 -34.27 -29.70
C ILE C 3916 2.12 -33.78 -30.02
N ILE C 3917 3.02 -33.84 -29.04
CA ILE C 3917 4.40 -33.41 -29.26
C ILE C 3917 5.04 -34.29 -30.33
N CYS C 3918 4.75 -35.59 -30.31
CA CYS C 3918 5.32 -36.48 -31.31
C CYS C 3918 4.82 -36.14 -32.71
N THR C 3919 3.54 -35.77 -32.82
CA THR C 3919 3.03 -35.29 -34.10
C THR C 3919 3.76 -34.02 -34.54
N VAL C 3920 4.04 -33.14 -33.59
CA VAL C 3920 4.77 -31.92 -33.91
C VAL C 3920 6.16 -32.26 -34.46
N ASP C 3921 6.84 -33.21 -33.82
CA ASP C 3921 8.17 -33.62 -34.31
C ASP C 3921 8.08 -34.25 -35.70
N TYR C 3922 7.06 -35.06 -35.95
CA TYR C 3922 6.91 -35.63 -37.30
C TYR C 3922 6.69 -34.53 -38.32
N LEU C 3923 5.87 -33.55 -37.97
CA LEU C 3923 5.65 -32.41 -38.87
C LEU C 3923 6.95 -31.66 -39.12
N LEU C 3924 7.77 -31.51 -38.09
CA LEU C 3924 9.06 -30.85 -38.26
C LEU C 3924 9.96 -31.63 -39.20
N ARG C 3925 9.95 -32.95 -39.10
CA ARG C 3925 10.72 -33.76 -40.03
C ARG C 3925 10.24 -33.56 -41.46
N LEU C 3926 8.92 -33.54 -41.66
CA LEU C 3926 8.38 -33.27 -42.98
C LEU C 3926 8.82 -31.90 -43.49
N GLN C 3927 8.82 -30.90 -42.60
CA GLN C 3927 9.23 -29.56 -42.98
C GLN C 3927 10.68 -29.55 -43.45
N GLU C 3928 11.57 -30.21 -42.70
CA GLU C 3928 12.98 -30.24 -43.08
C GLU C 3928 13.16 -30.92 -44.42
N SER C 3929 12.47 -32.05 -44.63
CA SER C 3929 12.63 -32.77 -45.89
C SER C 3929 12.08 -31.96 -47.06
N ILE C 3930 10.95 -31.27 -46.86
CA ILE C 3930 10.38 -30.46 -47.93
C ILE C 3930 11.32 -29.31 -48.29
N SER C 3931 11.90 -28.67 -47.28
CA SER C 3931 12.85 -27.60 -47.55
C SER C 3931 14.06 -28.12 -48.31
N ASP C 3932 14.56 -29.30 -47.94
CA ASP C 3932 15.70 -29.87 -48.66
C ASP C 3932 15.33 -30.18 -50.11
N PHE C 3933 14.13 -30.70 -50.33
CA PHE C 3933 13.69 -30.98 -51.70
C PHE C 3933 13.60 -29.71 -52.52
N TYR C 3934 13.04 -28.65 -51.94
CA TYR C 3934 12.97 -27.38 -52.65
C TYR C 3934 14.37 -26.84 -52.97
N TRP C 3935 15.30 -26.96 -52.02
CA TRP C 3935 16.67 -26.52 -52.27
C TRP C 3935 17.29 -27.31 -53.42
N TYR C 3936 17.04 -28.61 -53.46
CA TYR C 3936 17.56 -29.43 -54.56
C TYR C 3936 17.00 -28.98 -55.89
N TYR C 3937 15.70 -28.69 -55.94
CA TYR C 3937 15.06 -28.35 -57.20
C TYR C 3937 15.08 -26.85 -57.50
N SER C 3938 15.76 -26.06 -56.68
CA SER C 3938 15.78 -24.61 -56.90
C SER C 3938 16.47 -24.26 -58.21
N GLY C 3939 17.57 -24.92 -58.53
CA GLY C 3939 18.32 -24.57 -59.72
C GLY C 3939 17.56 -24.83 -61.01
N LYS C 3940 16.92 -25.99 -61.10
CA LYS C 3940 16.17 -26.32 -62.31
C LYS C 3940 14.96 -25.40 -62.46
N ASP C 3941 14.71 -24.97 -63.69
CA ASP C 3941 13.56 -24.13 -63.98
C ASP C 3941 12.32 -24.93 -64.30
N VAL C 3942 12.48 -26.17 -64.76
CA VAL C 3942 11.37 -27.05 -65.10
C VAL C 3942 11.42 -28.26 -64.17
N ILE C 3943 10.28 -28.57 -63.56
CA ILE C 3943 10.17 -29.69 -62.64
C ILE C 3943 9.86 -30.95 -63.44
N GLU C 3944 10.64 -32.00 -63.22
CA GLU C 3944 10.39 -33.27 -63.90
C GLU C 3944 9.08 -33.87 -63.42
N GLU C 3945 8.48 -34.70 -64.27
CA GLU C 3945 7.15 -35.23 -63.97
C GLU C 3945 7.14 -36.07 -62.71
N GLN C 3946 8.17 -36.89 -62.50
CA GLN C 3946 8.22 -37.71 -61.29
C GLN C 3946 8.32 -36.85 -60.04
N GLY C 3947 9.06 -35.75 -60.13
CA GLY C 3947 9.13 -34.84 -59.00
C GLY C 3947 7.78 -34.27 -58.62
N LYS C 3948 6.99 -33.88 -59.61
CA LYS C 3948 5.65 -33.37 -59.34
C LYS C 3948 4.74 -34.48 -58.79
N ARG C 3949 4.83 -35.69 -59.34
CA ARG C 3949 4.03 -36.79 -58.84
C ARG C 3949 4.33 -37.07 -57.38
N ASN C 3950 5.61 -37.05 -57.02
CA ASN C 3950 6.02 -37.22 -55.63
C ASN C 3950 5.53 -36.05 -54.76
N PHE C 3951 5.64 -34.83 -55.27
CA PHE C 3951 5.22 -33.66 -54.52
C PHE C 3951 3.73 -33.73 -54.19
N SER C 3952 2.93 -34.25 -55.12
CA SER C 3952 1.49 -34.32 -54.89
C SER C 3952 1.17 -35.14 -53.65
N LYS C 3953 1.73 -36.35 -53.55
CA LYS C 3953 1.44 -37.20 -52.39
C LYS C 3953 2.08 -36.64 -51.13
N ALA C 3954 3.26 -36.01 -51.25
CA ALA C 3954 3.86 -35.39 -50.06
C ALA C 3954 2.95 -34.30 -49.51
N MET C 3955 2.40 -33.46 -50.39
CA MET C 3955 1.51 -32.40 -49.95
C MET C 3955 0.20 -32.96 -49.40
N SER C 3956 -0.29 -34.06 -49.98
CA SER C 3956 -1.50 -34.67 -49.43
C SER C 3956 -1.28 -35.15 -48.01
N VAL C 3957 -0.13 -35.80 -47.76
CA VAL C 3957 0.18 -36.24 -46.41
C VAL C 3957 0.33 -35.05 -45.47
N ALA C 3958 0.95 -33.98 -45.94
CA ALA C 3958 1.08 -32.78 -45.12
C ALA C 3958 -0.28 -32.20 -44.78
N LYS C 3959 -1.21 -32.20 -45.75
CA LYS C 3959 -2.56 -31.70 -45.49
C LYS C 3959 -3.26 -32.54 -44.43
N GLN C 3960 -3.12 -33.86 -44.53
CA GLN C 3960 -3.73 -34.73 -43.53
C GLN C 3960 -3.16 -34.47 -42.14
N VAL C 3961 -1.83 -34.30 -42.06
CA VAL C 3961 -1.20 -33.99 -40.77
C VAL C 3961 -1.72 -32.67 -40.23
N PHE C 3962 -1.87 -31.67 -41.10
CA PHE C 3962 -2.37 -30.38 -40.66
C PHE C 3962 -3.78 -30.49 -40.12
N ASN C 3963 -4.64 -31.25 -40.80
CA ASN C 3963 -6.00 -31.44 -40.31
C ASN C 3963 -6.00 -32.12 -38.95
N SER C 3964 -5.19 -33.17 -38.79
CA SER C 3964 -5.14 -33.88 -37.52
C SER C 3964 -4.64 -32.96 -36.41
N LEU C 3965 -3.65 -32.13 -36.70
CA LEU C 3965 -3.17 -31.18 -35.70
C LEU C 3965 -4.25 -30.18 -35.33
N THR C 3966 -4.98 -29.68 -36.33
CA THR C 3966 -6.02 -28.70 -36.05
C THR C 3966 -7.11 -29.29 -35.16
N GLU C 3967 -7.43 -30.57 -35.37
CA GLU C 3967 -8.56 -31.16 -34.67
C GLU C 3967 -8.37 -31.24 -33.16
N TYR C 3968 -7.24 -30.76 -32.64
CA TYR C 3968 -6.99 -30.71 -31.20
C TYR C 3968 -7.28 -29.34 -30.61
N ILE C 3969 -6.81 -28.26 -31.25
CA ILE C 3969 -6.99 -26.93 -30.70
C ILE C 3969 -8.45 -26.50 -30.75
N GLN C 3970 -9.16 -26.87 -31.81
CA GLN C 3970 -10.54 -26.45 -31.99
C GLN C 3970 -11.39 -26.88 -30.80
N GLY C 3971 -12.21 -25.96 -30.31
CA GLY C 3971 -12.89 -26.16 -29.06
C GLY C 3971 -11.96 -25.83 -27.92
N PRO C 3972 -12.45 -25.10 -26.92
CA PRO C 3972 -11.56 -24.59 -25.87
C PRO C 3972 -10.89 -25.71 -25.10
N CYS C 3973 -9.57 -25.81 -25.24
CA CYS C 3973 -8.75 -26.79 -24.54
C CYS C 3973 -7.45 -26.10 -24.19
N THR C 3974 -7.36 -25.58 -22.96
CA THR C 3974 -6.23 -24.75 -22.58
C THR C 3974 -4.92 -25.53 -22.63
N GLY C 3975 -4.93 -26.78 -22.18
CA GLY C 3975 -3.70 -27.55 -22.12
C GLY C 3975 -3.08 -27.77 -23.49
N ASN C 3976 -3.90 -28.16 -24.46
CA ASN C 3976 -3.38 -28.38 -25.81
C ASN C 3976 -2.83 -27.09 -26.41
N GLN C 3977 -3.55 -25.98 -26.22
CA GLN C 3977 -3.07 -24.70 -26.75
C GLN C 3977 -1.75 -24.31 -26.13
N GLN C 3978 -1.61 -24.46 -24.81
CA GLN C 3978 -0.36 -24.10 -24.15
C GLN C 3978 0.78 -24.99 -24.62
N SER C 3979 0.53 -26.30 -24.71
CA SER C 3979 1.58 -27.22 -25.13
C SER C 3979 2.04 -26.92 -26.55
N LEU C 3980 1.10 -26.65 -27.46
CA LEU C 3980 1.49 -26.29 -28.81
C LEU C 3980 2.17 -24.93 -28.87
N ALA C 3981 1.82 -24.03 -27.96
CA ALA C 3981 2.50 -22.74 -27.91
C ALA C 3981 3.95 -22.90 -27.48
N HIS C 3982 4.22 -23.78 -26.53
CA HIS C 3982 5.57 -23.98 -26.04
C HIS C 3982 6.37 -25.00 -26.84
N SER C 3983 5.77 -25.63 -27.85
CA SER C 3983 6.43 -26.70 -28.58
C SER C 3983 7.31 -26.11 -29.68
N ARG C 3984 7.82 -26.97 -30.56
CA ARG C 3984 8.62 -26.57 -31.70
C ARG C 3984 7.77 -26.25 -32.92
N LEU C 3985 6.49 -25.96 -32.73
CA LEU C 3985 5.62 -25.67 -33.86
C LEU C 3985 6.05 -24.41 -34.60
N TRP C 3986 6.59 -23.43 -33.88
CA TRP C 3986 6.92 -22.15 -34.50
C TRP C 3986 7.98 -22.31 -35.58
N ASP C 3987 9.02 -23.12 -35.31
CA ASP C 3987 10.05 -23.34 -36.32
C ASP C 3987 9.46 -24.03 -37.54
N ALA C 3988 8.60 -25.01 -37.33
CA ALA C 3988 7.98 -25.71 -38.44
C ALA C 3988 7.18 -24.75 -39.31
N VAL C 3989 6.37 -23.90 -38.68
CA VAL C 3989 5.50 -23.01 -39.45
C VAL C 3989 6.30 -21.92 -40.15
N VAL C 3990 7.36 -21.41 -39.51
CA VAL C 3990 8.14 -20.37 -40.18
C VAL C 3990 8.89 -20.95 -41.38
N GLY C 3991 9.48 -22.14 -41.22
CA GLY C 3991 10.09 -22.78 -42.36
C GLY C 3991 9.08 -23.08 -43.46
N PHE C 3992 7.85 -23.44 -43.06
CA PHE C 3992 6.82 -23.68 -44.04
C PHE C 3992 6.51 -22.42 -44.83
N LEU C 3993 6.41 -21.28 -44.16
CA LEU C 3993 6.18 -20.03 -44.87
C LEU C 3993 7.30 -19.74 -45.85
N HIS C 3994 8.55 -19.95 -45.39
CA HIS C 3994 9.70 -19.68 -46.24
C HIS C 3994 9.67 -20.55 -47.50
N VAL C 3995 9.38 -21.84 -47.35
CA VAL C 3995 9.33 -22.69 -48.53
C VAL C 3995 8.12 -22.33 -49.40
N PHE C 3996 6.99 -21.97 -48.78
CA PHE C 3996 5.78 -21.66 -49.54
C PHE C 3996 6.03 -20.52 -50.51
N ALA C 3997 6.62 -19.43 -50.02
CA ALA C 3997 6.72 -18.22 -50.83
C ALA C 3997 7.54 -18.48 -52.10
N HIS C 3998 8.76 -18.98 -51.92
CA HIS C 3998 9.61 -19.27 -53.07
C HIS C 3998 9.00 -20.34 -53.97
N MET C 3999 8.42 -21.38 -53.37
CA MET C 3999 7.89 -22.48 -54.16
C MET C 3999 6.79 -22.00 -55.08
N MET C 4000 5.86 -21.21 -54.54
CA MET C 4000 4.76 -20.72 -55.37
C MET C 4000 5.24 -19.67 -56.37
N MET C 4001 6.21 -18.83 -56.00
CA MET C 4001 6.71 -17.86 -56.96
C MET C 4001 7.38 -18.55 -58.15
N LYS C 4002 8.11 -19.63 -57.88
CA LYS C 4002 8.72 -20.37 -58.99
C LYS C 4002 7.66 -21.12 -59.79
N LEU C 4003 6.62 -21.61 -59.12
CA LEU C 4003 5.56 -22.33 -59.83
C LEU C 4003 4.75 -21.41 -60.73
N ALA C 4004 4.65 -20.13 -60.37
CA ALA C 4004 3.77 -19.21 -61.09
C ALA C 4004 4.33 -18.74 -62.43
N GLN C 4005 5.37 -19.40 -62.96
CA GLN C 4005 6.01 -18.95 -64.19
C GLN C 4005 5.86 -19.95 -65.34
N ASP C 4006 4.91 -20.88 -65.23
CA ASP C 4006 4.67 -21.83 -66.32
C ASP C 4006 3.22 -22.29 -66.28
N SER C 4007 2.64 -22.51 -67.46
CA SER C 4007 1.25 -22.93 -67.55
C SER C 4007 1.07 -24.39 -67.19
N SER C 4008 2.06 -25.23 -67.44
CA SER C 4008 1.90 -26.67 -67.26
C SER C 4008 2.07 -27.11 -65.80
N GLN C 4009 2.44 -26.21 -64.90
CA GLN C 4009 2.70 -26.57 -63.51
C GLN C 4009 1.69 -25.96 -62.54
N ILE C 4010 0.51 -25.57 -63.04
CA ILE C 4010 -0.52 -25.04 -62.15
C ILE C 4010 -1.15 -26.12 -61.28
N GLU C 4011 -1.07 -27.38 -61.71
CA GLU C 4011 -1.65 -28.48 -60.94
C GLU C 4011 -1.00 -28.56 -59.56
N LEU C 4012 0.28 -28.24 -59.46
CA LEU C 4012 0.92 -28.18 -58.15
C LEU C 4012 0.54 -26.92 -57.39
N LEU C 4013 0.36 -25.81 -58.11
CA LEU C 4013 0.09 -24.53 -57.44
C LEU C 4013 -1.28 -24.55 -56.75
N LYS C 4014 -2.29 -25.16 -57.39
CA LYS C 4014 -3.60 -25.21 -56.75
C LYS C 4014 -3.55 -26.00 -55.46
N GLU C 4015 -2.84 -27.13 -55.46
CA GLU C 4015 -2.71 -27.92 -54.24
C GLU C 4015 -1.90 -27.16 -53.18
N LEU C 4016 -0.87 -26.41 -53.62
CA LEU C 4016 -0.10 -25.61 -52.68
C LEU C 4016 -0.97 -24.56 -52.02
N LEU C 4017 -1.85 -23.91 -52.78
CA LEU C 4017 -2.75 -22.92 -52.22
C LEU C 4017 -3.76 -23.58 -51.27
N ASP C 4018 -4.25 -24.75 -51.64
CA ASP C 4018 -5.14 -25.48 -50.73
C ASP C 4018 -4.45 -25.77 -49.41
N LEU C 4019 -3.19 -26.20 -49.47
CA LEU C 4019 -2.45 -26.46 -48.24
C LEU C 4019 -2.17 -25.17 -47.49
N GLN C 4020 -2.03 -24.04 -48.21
CA GLN C 4020 -1.93 -22.74 -47.56
C GLN C 4020 -3.15 -22.49 -46.68
N LYS C 4021 -4.33 -22.71 -47.25
CA LYS C 4021 -5.56 -22.53 -46.47
C LYS C 4021 -5.58 -23.47 -45.27
N ASP C 4022 -5.22 -24.74 -45.50
CA ASP C 4022 -5.23 -25.71 -44.40
C ASP C 4022 -4.27 -25.30 -43.29
N MET C 4023 -3.11 -24.76 -43.65
CA MET C 4023 -2.14 -24.34 -42.65
C MET C 4023 -2.64 -23.13 -41.86
N VAL C 4024 -3.12 -22.11 -42.57
CA VAL C 4024 -3.57 -20.92 -41.86
C VAL C 4024 -4.79 -21.19 -41.00
N VAL C 4025 -5.55 -22.23 -41.33
CA VAL C 4025 -6.67 -22.63 -40.47
C VAL C 4025 -6.16 -23.01 -39.09
N MET C 4026 -4.97 -23.62 -39.01
CA MET C 4026 -4.42 -23.98 -37.70
C MET C 4026 -4.20 -22.75 -36.85
N LEU C 4027 -3.59 -21.70 -37.42
CA LEU C 4027 -3.36 -20.48 -36.65
C LEU C 4027 -4.68 -19.83 -36.26
N LEU C 4028 -5.65 -19.82 -37.17
CA LEU C 4028 -6.95 -19.26 -36.85
C LEU C 4028 -7.57 -19.99 -35.66
N SER C 4029 -7.49 -21.31 -35.65
CA SER C 4029 -7.98 -22.07 -34.51
C SER C 4029 -7.17 -21.80 -33.25
N LEU C 4030 -5.86 -21.59 -33.41
CA LEU C 4030 -5.01 -21.33 -32.26
C LEU C 4030 -5.35 -20.01 -31.60
N LEU C 4031 -5.85 -19.04 -32.37
CA LEU C 4031 -6.30 -17.78 -31.77
C LEU C 4031 -7.44 -18.02 -30.80
N GLU C 4032 -8.59 -18.48 -31.30
CA GLU C 4032 -9.75 -18.89 -30.51
C GLU C 4032 -10.03 -17.93 -29.35
N GLY C 4033 -10.33 -16.69 -29.71
CA GLY C 4033 -10.81 -15.71 -28.75
C GLY C 4033 -9.89 -15.48 -27.58
N ASN C 4034 -8.60 -15.31 -27.86
CA ASN C 4034 -7.64 -15.02 -26.81
C ASN C 4034 -7.86 -13.61 -26.26
N VAL C 4035 -7.41 -13.41 -25.03
CA VAL C 4035 -7.49 -12.09 -24.42
C VAL C 4035 -6.67 -11.11 -25.26
N VAL C 4036 -7.07 -9.83 -25.21
CA VAL C 4036 -6.45 -8.74 -25.97
C VAL C 4036 -4.93 -8.84 -25.91
N ASN C 4037 -4.40 -9.19 -24.74
CA ASN C 4037 -2.97 -9.40 -24.54
C ASN C 4037 -2.71 -10.79 -23.96
N GLY C 4038 -3.31 -11.81 -24.58
CA GLY C 4038 -3.31 -13.15 -24.07
C GLY C 4038 -2.03 -13.95 -24.26
N MET C 4039 -0.96 -13.31 -24.75
CA MET C 4039 0.37 -13.88 -24.83
C MET C 4039 0.46 -14.91 -25.95
N ILE C 4040 -0.69 -15.30 -26.52
CA ILE C 4040 -0.68 -16.12 -27.72
C ILE C 4040 -0.62 -15.25 -28.97
N ALA C 4041 -1.40 -14.16 -28.98
CA ALA C 4041 -1.28 -13.18 -30.06
C ALA C 4041 0.11 -12.55 -30.07
N ARG C 4042 0.70 -12.35 -28.89
CA ARG C 4042 2.05 -11.81 -28.83
C ARG C 4042 3.04 -12.72 -29.54
N GLN C 4043 2.97 -14.03 -29.26
CA GLN C 4043 3.87 -14.95 -29.94
C GLN C 4043 3.55 -15.07 -31.42
N MET C 4044 2.27 -14.89 -31.79
CA MET C 4044 1.93 -14.88 -33.21
C MET C 4044 2.59 -13.70 -33.92
N VAL C 4045 2.54 -12.52 -33.31
CA VAL C 4045 3.22 -11.36 -33.88
C VAL C 4045 4.72 -11.61 -33.92
N ASP C 4046 5.26 -12.25 -32.89
CA ASP C 4046 6.69 -12.55 -32.87
C ASP C 4046 7.07 -13.46 -34.03
N MET C 4047 6.31 -14.54 -34.25
CA MET C 4047 6.57 -15.40 -35.39
C MET C 4047 6.47 -14.63 -36.69
N LEU C 4048 5.48 -13.74 -36.79
CA LEU C 4048 5.30 -13.02 -38.04
C LEU C 4048 6.49 -12.13 -38.34
N VAL C 4049 7.02 -11.45 -37.32
CA VAL C 4049 8.15 -10.56 -37.56
C VAL C 4049 9.44 -11.34 -37.78
N GLU C 4050 9.60 -12.51 -37.15
CA GLU C 4050 10.77 -13.34 -37.47
C GLU C 4050 10.72 -13.83 -38.92
N SER C 4051 9.52 -13.96 -39.48
CA SER C 4051 9.35 -14.30 -40.88
C SER C 4051 8.99 -13.08 -41.71
N SER C 4052 9.58 -11.93 -41.38
CA SER C 4052 9.21 -10.69 -42.05
C SER C 4052 9.47 -10.77 -43.55
N SER C 4053 10.61 -11.35 -43.94
CA SER C 4053 10.92 -11.43 -45.36
C SER C 4053 9.88 -12.27 -46.10
N ASN C 4054 9.52 -13.43 -45.55
CA ASN C 4054 8.67 -14.37 -46.27
C ASN C 4054 7.30 -13.78 -46.58
N VAL C 4055 6.74 -13.02 -45.65
CA VAL C 4055 5.40 -12.47 -45.84
C VAL C 4055 5.36 -11.50 -47.02
N GLU C 4056 6.49 -10.84 -47.30
CA GLU C 4056 6.50 -9.81 -48.32
C GLU C 4056 6.16 -10.36 -49.70
N MET C 4057 6.81 -11.43 -50.13
CA MET C 4057 6.56 -11.92 -51.48
C MET C 4057 5.17 -12.50 -51.64
N ILE C 4058 4.63 -13.16 -50.62
CA ILE C 4058 3.27 -13.67 -50.75
C ILE C 4058 2.27 -12.52 -50.83
N LEU C 4059 2.40 -11.52 -49.95
CA LEU C 4059 1.49 -10.38 -50.01
C LEU C 4059 1.62 -9.65 -51.34
N LYS C 4060 2.84 -9.47 -51.83
CA LYS C 4060 3.05 -8.77 -53.08
C LYS C 4060 2.49 -9.55 -54.26
N PHE C 4061 2.64 -10.88 -54.25
CA PHE C 4061 2.03 -11.69 -55.30
C PHE C 4061 0.53 -11.50 -55.32
N PHE C 4062 -0.09 -11.54 -54.14
CA PHE C 4062 -1.54 -11.36 -54.06
C PHE C 4062 -1.95 -10.00 -54.63
N ASP C 4063 -1.26 -8.93 -54.20
CA ASP C 4063 -1.71 -7.61 -54.63
C ASP C 4063 -1.39 -7.34 -56.09
N MET C 4064 -0.28 -7.85 -56.61
CA MET C 4064 -0.03 -7.72 -58.05
C MET C 4064 -1.08 -8.44 -58.87
N PHE C 4065 -1.44 -9.66 -58.47
CA PHE C 4065 -2.42 -10.37 -59.27
C PHE C 4065 -3.82 -9.81 -59.11
N LEU C 4066 -4.08 -9.08 -58.03
CA LEU C 4066 -5.33 -8.32 -57.96
C LEU C 4066 -5.29 -7.10 -58.88
N LYS C 4067 -4.19 -6.34 -58.82
CA LYS C 4067 -4.12 -5.09 -59.58
C LYS C 4067 -4.01 -5.33 -61.07
N LEU C 4068 -3.46 -6.48 -61.48
CA LEU C 4068 -3.37 -6.77 -62.91
C LEU C 4068 -4.76 -6.93 -63.52
N LYS C 4069 -5.67 -7.60 -62.82
CA LYS C 4069 -7.06 -7.67 -63.29
C LYS C 4069 -7.78 -6.36 -63.06
N ASP C 4070 -7.36 -5.58 -62.06
CA ASP C 4070 -7.94 -4.26 -61.86
C ASP C 4070 -7.68 -3.36 -63.07
N ILE C 4071 -6.44 -3.39 -63.59
CA ILE C 4071 -6.09 -2.55 -64.72
C ILE C 4071 -6.79 -3.02 -65.99
N VAL C 4072 -6.85 -4.33 -66.20
CA VAL C 4072 -7.50 -4.87 -67.39
C VAL C 4072 -8.99 -4.53 -67.34
N GLY C 4073 -9.50 -3.99 -68.44
CA GLY C 4073 -10.86 -3.53 -68.52
C GLY C 4073 -11.03 -2.03 -68.37
N SER C 4074 -10.04 -1.34 -67.82
CA SER C 4074 -10.08 0.11 -67.73
C SER C 4074 -9.83 0.71 -69.11
N GLU C 4075 -10.42 1.88 -69.34
CA GLU C 4075 -10.23 2.56 -70.62
C GLU C 4075 -8.80 3.01 -70.84
N ALA C 4076 -8.02 3.14 -69.77
CA ALA C 4076 -6.62 3.55 -69.91
C ALA C 4076 -5.80 2.51 -70.66
N PHE C 4077 -6.06 1.23 -70.42
CA PHE C 4077 -5.31 0.16 -71.06
C PHE C 4077 -6.07 -0.52 -72.18
N GLN C 4078 -7.38 -0.72 -72.03
CA GLN C 4078 -8.15 -1.44 -73.04
C GLN C 4078 -8.16 -0.72 -74.39
N ASP C 4079 -7.85 0.57 -74.40
CA ASP C 4079 -7.83 1.32 -75.65
C ASP C 4079 -6.73 0.82 -76.59
N TYR C 4080 -5.76 0.07 -76.09
CA TYR C 4080 -4.60 -0.33 -76.87
C TYR C 4080 -4.84 -1.59 -77.69
N VAL C 4081 -6.04 -2.17 -77.65
CA VAL C 4081 -6.33 -3.36 -78.45
C VAL C 4081 -6.29 -2.98 -79.93
N THR C 4082 -5.64 -3.81 -80.73
CA THR C 4082 -5.52 -3.57 -82.16
C THR C 4082 -5.88 -4.80 -83.01
N ASP C 4083 -6.34 -5.87 -82.38
CA ASP C 4083 -6.64 -7.11 -83.08
C ASP C 4083 -8.00 -7.61 -82.62
N PRO C 4084 -8.90 -7.95 -83.55
CA PRO C 4084 -10.23 -8.44 -83.14
C PRO C 4084 -10.18 -9.72 -82.32
N ARG C 4085 -9.23 -10.62 -82.60
CA ARG C 4085 -9.14 -11.86 -81.85
C ARG C 4085 -8.81 -11.60 -80.39
N GLY C 4086 -7.89 -10.66 -80.12
CA GLY C 4086 -7.52 -10.34 -78.76
C GLY C 4086 -6.02 -10.21 -78.58
N LEU C 4087 -5.25 -10.57 -79.60
CA LEU C 4087 -3.81 -10.49 -79.53
C LEU C 4087 -3.35 -9.05 -79.35
N ILE C 4088 -2.79 -8.75 -78.19
CA ILE C 4088 -2.24 -7.41 -77.93
C ILE C 4088 -0.79 -7.38 -78.40
N SER C 4089 -0.25 -6.18 -78.54
CA SER C 4089 1.15 -6.05 -78.93
C SER C 4089 2.05 -6.65 -77.85
N LYS C 4090 3.18 -7.22 -78.28
CA LYS C 4090 4.09 -7.84 -77.34
C LYS C 4090 4.68 -6.82 -76.38
N LYS C 4091 4.79 -5.57 -76.81
CA LYS C 4091 5.22 -4.48 -75.94
C LYS C 4091 4.06 -3.61 -75.48
N ASP C 4092 2.82 -4.07 -75.70
CA ASP C 4092 1.65 -3.33 -75.23
C ASP C 4092 1.66 -3.22 -73.71
N PHE C 4093 2.05 -4.29 -73.03
CA PHE C 4093 2.05 -4.28 -71.56
C PHE C 4093 2.98 -3.19 -71.03
N GLN C 4094 4.18 -3.07 -71.60
CA GLN C 4094 5.10 -2.05 -71.11
C GLN C 4094 4.54 -0.66 -71.28
N LYS C 4095 3.98 -0.37 -72.46
CA LYS C 4095 3.42 0.95 -72.71
C LYS C 4095 2.25 1.26 -71.78
N ALA C 4096 1.36 0.28 -71.59
CA ALA C 4096 0.17 0.50 -70.78
C ALA C 4096 0.43 0.38 -69.29
N MET C 4097 1.60 -0.09 -68.89
CA MET C 4097 1.86 -0.45 -67.51
C MET C 4097 2.92 0.42 -66.87
N ASP C 4098 4.05 0.64 -67.55
CA ASP C 4098 5.08 1.53 -67.03
C ASP C 4098 4.55 2.96 -66.97
N SER C 4099 3.82 3.39 -68.00
CA SER C 4099 3.30 4.75 -68.02
C SER C 4099 2.36 5.00 -66.84
N GLN C 4100 1.53 4.02 -66.50
CA GLN C 4100 0.68 4.14 -65.33
C GLN C 4100 1.53 4.06 -64.06
N LYS C 4101 0.93 4.47 -62.96
CA LYS C 4101 1.63 4.60 -61.69
C LYS C 4101 1.57 3.27 -60.94
N GLN C 4102 1.95 3.31 -59.65
CA GLN C 4102 1.79 2.24 -58.66
C GLN C 4102 2.51 0.95 -59.03
N PHE C 4103 3.37 0.96 -60.04
CA PHE C 4103 4.09 -0.25 -60.43
C PHE C 4103 5.55 0.08 -60.71
N THR C 4104 6.40 -0.94 -60.59
CA THR C 4104 7.84 -0.80 -60.70
C THR C 4104 8.36 -1.57 -61.90
N GLY C 4105 9.53 -1.17 -62.37
CA GLY C 4105 10.17 -1.75 -63.54
C GLY C 4105 10.27 -3.26 -63.53
N PRO C 4106 10.93 -3.83 -62.51
CA PRO C 4106 11.06 -5.30 -62.47
C PRO C 4106 9.73 -6.03 -62.48
N GLU C 4107 8.69 -5.43 -61.89
CA GLU C 4107 7.39 -6.07 -61.86
C GLU C 4107 6.83 -6.25 -63.26
N ILE C 4108 7.09 -5.30 -64.16
CA ILE C 4108 6.58 -5.40 -65.53
C ILE C 4108 7.19 -6.60 -66.23
N GLN C 4109 8.50 -6.78 -66.10
CA GLN C 4109 9.17 -7.92 -66.70
C GLN C 4109 8.70 -9.22 -66.05
N PHE C 4110 8.49 -9.20 -64.73
CA PHE C 4110 8.00 -10.40 -64.05
C PHE C 4110 6.63 -10.80 -64.57
N LEU C 4111 5.73 -9.82 -64.73
CA LEU C 4111 4.39 -10.11 -65.22
C LEU C 4111 4.42 -10.58 -66.67
N LEU C 4112 5.27 -9.98 -67.49
CA LEU C 4112 5.40 -10.43 -68.88
C LEU C 4112 5.92 -11.86 -68.92
N SER C 4113 6.87 -12.19 -68.05
CA SER C 4113 7.36 -13.57 -67.96
C SER C 4113 6.25 -14.52 -67.55
N CYS C 4114 5.43 -14.11 -66.58
CA CYS C 4114 4.28 -14.92 -66.19
C CYS C 4114 3.30 -15.06 -67.36
N SER C 4115 3.12 -13.99 -68.13
CA SER C 4115 2.32 -14.07 -69.33
C SER C 4115 2.99 -14.98 -70.35
N GLU C 4116 2.16 -15.68 -71.12
CA GLU C 4116 2.65 -16.60 -72.15
C GLU C 4116 2.76 -15.87 -73.47
N ALA C 4117 3.99 -15.73 -73.97
CA ALA C 4117 4.20 -15.04 -75.24
C ALA C 4117 3.52 -15.78 -76.39
N ASP C 4118 3.60 -17.11 -76.40
CA ASP C 4118 2.97 -17.94 -77.43
C ASP C 4118 3.46 -17.54 -78.82
N GLU C 4119 4.77 -17.72 -79.03
CA GLU C 4119 5.45 -17.43 -80.30
C GLU C 4119 5.08 -16.05 -80.84
N ASN C 4120 4.75 -15.13 -79.94
CA ASN C 4120 4.31 -13.77 -80.30
C ASN C 4120 3.12 -13.82 -81.25
N GLU C 4121 2.19 -14.75 -80.99
CA GLU C 4121 0.98 -14.88 -81.78
C GLU C 4121 -0.29 -14.58 -80.98
N MET C 4122 -0.26 -14.78 -79.66
CA MET C 4122 -1.41 -14.49 -78.82
C MET C 4122 -0.94 -14.28 -77.39
N ILE C 4123 -1.62 -13.40 -76.67
CA ILE C 4123 -1.37 -13.20 -75.25
C ILE C 4123 -2.68 -13.39 -74.50
N ASN C 4124 -3.80 -13.09 -75.17
CA ASN C 4124 -5.13 -13.25 -74.61
C ASN C 4124 -5.21 -12.66 -73.20
N PHE C 4125 -5.02 -11.34 -73.12
CA PHE C 4125 -5.06 -10.66 -71.84
C PHE C 4125 -6.38 -10.86 -71.11
N GLU C 4126 -7.46 -11.09 -71.86
CA GLU C 4126 -8.77 -11.25 -71.23
C GLU C 4126 -8.82 -12.50 -70.36
N GLU C 4127 -8.43 -13.65 -70.90
CA GLU C 4127 -8.53 -14.91 -70.17
C GLU C 4127 -7.28 -15.23 -69.35
N PHE C 4128 -6.19 -14.51 -69.55
CA PHE C 4128 -4.98 -14.70 -68.75
C PHE C 4128 -4.94 -13.81 -67.52
N ALA C 4129 -5.97 -13.01 -67.30
CA ALA C 4129 -6.07 -12.16 -66.11
C ALA C 4129 -7.09 -12.67 -65.12
N ASN C 4130 -7.66 -13.86 -65.35
CA ASN C 4130 -8.77 -14.34 -64.53
C ASN C 4130 -8.52 -15.73 -63.98
N ARG C 4131 -7.70 -16.53 -64.67
CA ARG C 4131 -7.47 -17.91 -64.23
C ARG C 4131 -6.71 -17.96 -62.92
N PHE C 4132 -5.90 -16.96 -62.63
CA PHE C 4132 -5.08 -16.95 -61.42
C PHE C 4132 -5.76 -16.23 -60.27
N GLN C 4133 -6.99 -15.77 -60.44
CA GLN C 4133 -7.73 -15.07 -59.39
C GLN C 4133 -8.80 -15.92 -58.75
N GLU C 4134 -9.19 -17.04 -59.36
CA GLU C 4134 -10.23 -17.89 -58.82
C GLU C 4134 -9.73 -18.77 -57.66
N PRO C 4135 -8.65 -19.55 -57.82
CA PRO C 4135 -8.26 -20.44 -56.73
C PRO C 4135 -7.72 -19.73 -55.51
N ALA C 4136 -7.15 -18.54 -55.66
CA ALA C 4136 -6.48 -17.86 -54.54
C ALA C 4136 -7.44 -17.10 -53.64
N ARG C 4137 -8.74 -17.10 -53.95
CA ARG C 4137 -9.68 -16.32 -53.17
C ARG C 4137 -9.76 -16.81 -51.73
N ASP C 4138 -9.78 -18.12 -51.53
CA ASP C 4138 -9.88 -18.67 -50.18
C ASP C 4138 -8.70 -18.25 -49.33
N ILE C 4139 -7.49 -18.36 -49.88
CA ILE C 4139 -6.28 -18.02 -49.14
C ILE C 4139 -6.23 -16.53 -48.87
N GLY C 4140 -6.62 -15.71 -49.85
CA GLY C 4140 -6.65 -14.28 -49.62
C GLY C 4140 -7.61 -13.90 -48.51
N PHE C 4141 -8.80 -14.50 -48.52
CA PHE C 4141 -9.77 -14.22 -47.46
C PHE C 4141 -9.24 -14.67 -46.11
N ASN C 4142 -8.60 -15.85 -46.06
CA ASN C 4142 -8.09 -16.35 -44.79
C ASN C 4142 -6.99 -15.46 -44.24
N VAL C 4143 -6.06 -15.03 -45.10
CA VAL C 4143 -4.96 -14.19 -44.61
C VAL C 4143 -5.50 -12.83 -44.19
N ALA C 4144 -6.49 -12.29 -44.90
CA ALA C 4144 -7.11 -11.04 -44.48
C ALA C 4144 -7.77 -11.20 -43.12
N VAL C 4145 -8.46 -12.33 -42.91
CA VAL C 4145 -9.10 -12.60 -41.62
C VAL C 4145 -8.05 -12.65 -40.52
N LEU C 4146 -6.94 -13.35 -40.78
CA LEU C 4146 -5.90 -13.47 -39.76
C LEU C 4146 -5.30 -12.12 -39.42
N LEU C 4147 -5.00 -11.32 -40.44
CA LEU C 4147 -4.42 -10.00 -40.19
C LEU C 4147 -5.39 -9.12 -39.41
N THR C 4148 -6.66 -9.12 -39.81
CA THR C 4148 -7.65 -8.32 -39.10
C THR C 4148 -7.79 -8.77 -37.65
N ASN C 4149 -7.80 -10.08 -37.42
CA ASN C 4149 -7.96 -10.61 -36.08
C ASN C 4149 -6.79 -10.19 -35.20
N LEU C 4150 -5.57 -10.33 -35.71
CA LEU C 4150 -4.41 -9.92 -34.91
C LEU C 4150 -4.42 -8.41 -34.65
N SER C 4151 -4.75 -7.61 -35.67
CA SER C 4151 -4.75 -6.16 -35.48
C SER C 4151 -5.79 -5.75 -34.45
N GLU C 4152 -6.98 -6.36 -34.50
CA GLU C 4152 -8.03 -5.97 -33.58
C GLU C 4152 -7.78 -6.46 -32.16
N HIS C 4153 -7.32 -7.70 -32.01
CA HIS C 4153 -7.18 -8.27 -30.67
C HIS C 4153 -6.09 -7.56 -29.88
N VAL C 4154 -4.92 -7.34 -30.48
CA VAL C 4154 -3.82 -6.66 -29.81
C VAL C 4154 -3.53 -5.36 -30.55
N PRO C 4155 -3.70 -4.20 -29.93
CA PRO C 4155 -3.34 -2.94 -30.59
C PRO C 4155 -1.92 -2.51 -30.27
N HIS C 4156 -1.49 -1.39 -30.85
CA HIS C 4156 -0.19 -0.79 -30.57
C HIS C 4156 0.95 -1.76 -30.86
N ASP C 4157 1.01 -2.20 -32.13
CA ASP C 4157 2.07 -3.09 -32.60
C ASP C 4157 2.70 -2.45 -33.83
N PRO C 4158 3.72 -1.62 -33.63
CA PRO C 4158 4.34 -0.92 -34.78
C PRO C 4158 4.86 -1.87 -35.84
N ARG C 4159 5.38 -3.03 -35.45
CA ARG C 4159 5.80 -4.02 -36.44
C ARG C 4159 4.61 -4.51 -37.25
N LEU C 4160 3.47 -4.75 -36.58
CA LEU C 4160 2.28 -5.21 -37.29
C LEU C 4160 1.74 -4.14 -38.22
N ARG C 4161 2.02 -2.87 -37.93
CA ARG C 4161 1.55 -1.80 -38.81
C ARG C 4161 2.13 -1.92 -40.20
N ASN C 4162 3.35 -2.42 -40.32
CA ASN C 4162 3.96 -2.61 -41.64
C ASN C 4162 3.14 -3.57 -42.49
N PHE C 4163 2.79 -4.73 -41.91
CA PHE C 4163 1.95 -5.67 -42.64
C PHE C 4163 0.56 -5.09 -42.90
N LEU C 4164 0.01 -4.37 -41.92
CA LEU C 4164 -1.31 -3.79 -42.10
C LEU C 4164 -1.35 -2.85 -43.30
N GLU C 4165 -0.38 -1.95 -43.40
CA GLU C 4165 -0.34 -1.03 -44.53
C GLU C 4165 0.09 -1.72 -45.81
N LEU C 4166 0.83 -2.83 -45.72
CA LEU C 4166 1.25 -3.55 -46.92
C LEU C 4166 0.12 -4.34 -47.54
N ALA C 4167 -0.93 -4.65 -46.79
CA ALA C 4167 -2.02 -5.50 -47.26
C ALA C 4167 -3.32 -4.71 -47.42
N GLU C 4168 -3.21 -3.47 -47.91
CA GLU C 4168 -4.39 -2.63 -48.04
C GLU C 4168 -5.26 -3.06 -49.22
N SER C 4169 -4.64 -3.39 -50.36
CA SER C 4169 -5.41 -3.71 -51.55
C SER C 4169 -6.25 -4.97 -51.36
N ILE C 4170 -5.66 -6.01 -50.77
CA ILE C 4170 -6.40 -7.25 -50.58
C ILE C 4170 -7.54 -7.05 -49.57
N LEU C 4171 -7.28 -6.26 -48.52
CA LEU C 4171 -8.33 -5.96 -47.55
C LEU C 4171 -9.48 -5.20 -48.21
N GLU C 4172 -9.16 -4.23 -49.06
CA GLU C 4172 -10.21 -3.47 -49.75
C GLU C 4172 -11.00 -4.36 -50.68
N TYR C 4173 -10.33 -5.27 -51.39
CA TYR C 4173 -11.06 -6.19 -52.26
C TYR C 4173 -11.96 -7.11 -51.45
N PHE C 4174 -11.52 -7.54 -50.28
CA PHE C 4174 -12.26 -8.49 -49.48
C PHE C 4174 -13.15 -7.83 -48.43
N ARG C 4175 -13.28 -6.50 -48.46
CA ARG C 4175 -14.19 -5.83 -47.54
C ARG C 4175 -15.64 -6.26 -47.69
N PRO C 4176 -16.22 -6.35 -48.88
CA PRO C 4176 -17.64 -6.71 -48.99
C PRO C 4176 -17.94 -8.19 -48.83
N TYR C 4177 -17.01 -8.99 -48.32
CA TYR C 4177 -17.25 -10.41 -48.10
C TYR C 4177 -17.10 -10.83 -46.66
N LEU C 4178 -16.07 -10.33 -45.97
CA LEU C 4178 -15.90 -10.64 -44.55
C LEU C 4178 -17.04 -10.04 -43.75
N GLY C 4179 -17.50 -10.80 -42.75
CA GLY C 4179 -18.59 -10.34 -41.90
C GLY C 4179 -18.35 -10.61 -40.43
N ARG C 4180 -18.35 -9.56 -39.63
CA ARG C 4180 -18.11 -9.67 -38.19
C ARG C 4180 -19.42 -9.74 -37.44
N ILE C 4181 -19.48 -10.64 -36.46
CA ILE C 4181 -20.56 -10.67 -35.47
C ILE C 4181 -19.90 -10.75 -34.10
N GLU C 4182 -20.71 -10.63 -33.06
CA GLU C 4182 -20.20 -10.67 -31.70
C GLU C 4182 -21.14 -11.51 -30.84
N ILE C 4183 -20.59 -12.54 -30.19
CA ILE C 4183 -21.35 -13.40 -29.31
C ILE C 4183 -20.58 -13.57 -28.01
N MET C 4184 -21.29 -14.02 -26.99
CA MET C 4184 -20.71 -14.33 -25.69
C MET C 4184 -21.25 -15.66 -25.21
N GLY C 4185 -20.42 -16.40 -24.50
CA GLY C 4185 -20.83 -17.69 -23.99
C GLY C 4185 -19.69 -18.61 -23.63
N ALA C 4186 -19.90 -19.45 -22.62
CA ALA C 4186 -18.97 -20.45 -22.10
C ALA C 4186 -17.72 -19.81 -21.51
N SER C 4187 -17.58 -18.49 -21.59
CA SER C 4187 -16.47 -17.78 -20.98
C SER C 4187 -16.91 -16.53 -20.24
N ARG C 4188 -18.18 -16.15 -20.32
CA ARG C 4188 -18.71 -14.96 -19.65
C ARG C 4188 -17.94 -13.70 -20.05
N ARG C 4189 -17.55 -13.64 -21.32
CA ARG C 4189 -16.90 -12.46 -21.87
C ARG C 4189 -17.20 -12.40 -23.35
N ILE C 4190 -17.08 -11.19 -23.90
CA ILE C 4190 -17.44 -10.97 -25.30
C ILE C 4190 -16.34 -11.54 -26.20
N GLU C 4191 -16.75 -12.20 -27.27
CA GLU C 4191 -15.83 -12.76 -28.25
C GLU C 4191 -16.25 -12.35 -29.64
N ARG C 4192 -15.28 -12.34 -30.56
CA ARG C 4192 -15.52 -12.00 -31.94
C ARG C 4192 -15.59 -13.25 -32.80
N ILE C 4193 -16.34 -13.18 -33.89
CA ILE C 4193 -16.46 -14.26 -34.84
C ILE C 4193 -16.23 -13.70 -36.23
N TYR C 4194 -15.76 -14.55 -37.15
CA TYR C 4194 -15.53 -14.17 -38.53
C TYR C 4194 -16.00 -15.30 -39.43
N PHE C 4195 -16.38 -14.94 -40.65
CA PHE C 4195 -16.81 -15.93 -41.64
C PHE C 4195 -16.86 -15.26 -42.99
N GLU C 4196 -17.21 -16.03 -44.01
CA GLU C 4196 -17.30 -15.55 -45.38
C GLU C 4196 -18.75 -15.46 -45.80
N ILE C 4197 -19.13 -14.32 -46.38
CA ILE C 4197 -20.48 -14.09 -46.86
C ILE C 4197 -20.48 -14.34 -48.37
N SER C 4198 -21.18 -15.40 -48.78
CA SER C 4198 -21.27 -15.71 -50.20
C SER C 4198 -21.93 -14.57 -50.95
N GLU C 4199 -21.41 -14.27 -52.14
CA GLU C 4199 -21.88 -13.10 -52.88
C GLU C 4199 -23.31 -13.27 -53.36
N THR C 4200 -23.73 -14.50 -53.65
CA THR C 4200 -25.11 -14.71 -54.11
C THR C 4200 -26.11 -14.32 -53.04
N ASN C 4201 -25.81 -14.62 -51.77
CA ASN C 4201 -26.70 -14.23 -50.69
C ASN C 4201 -26.81 -12.72 -50.58
N ARG C 4202 -25.68 -12.01 -50.70
CA ARG C 4202 -25.73 -10.55 -50.65
C ARG C 4202 -26.53 -10.00 -51.83
N ALA C 4203 -26.35 -10.58 -53.02
CA ALA C 4203 -27.10 -10.13 -54.18
C ALA C 4203 -28.59 -10.34 -54.00
N GLN C 4204 -28.98 -11.48 -53.44
CA GLN C 4204 -30.39 -11.76 -53.22
C GLN C 4204 -30.95 -11.05 -51.99
N TRP C 4205 -30.10 -10.45 -51.16
CA TRP C 4205 -30.57 -9.75 -49.97
C TRP C 4205 -31.40 -8.53 -50.33
N GLU C 4206 -30.97 -7.78 -51.35
CA GLU C 4206 -31.64 -6.53 -51.72
C GLU C 4206 -32.72 -6.80 -52.76
N MET C 4207 -33.75 -7.52 -52.32
CA MET C 4207 -34.92 -7.78 -53.15
C MET C 4207 -36.07 -6.87 -52.73
N PRO C 4208 -36.98 -6.54 -53.64
CA PRO C 4208 -38.07 -5.62 -53.27
C PRO C 4208 -38.93 -6.14 -52.13
N GLN C 4209 -39.19 -7.45 -52.09
CA GLN C 4209 -40.02 -8.00 -51.01
C GLN C 4209 -39.24 -8.07 -49.71
N VAL C 4210 -37.95 -8.41 -49.78
CA VAL C 4210 -37.19 -8.63 -48.56
C VAL C 4210 -37.03 -7.34 -47.77
N LYS C 4211 -36.75 -6.24 -48.44
CA LYS C 4211 -36.54 -4.98 -47.74
C LYS C 4211 -37.82 -4.52 -47.04
N GLU C 4212 -38.96 -4.60 -47.73
CA GLU C 4212 -40.21 -4.19 -47.10
C GLU C 4212 -40.59 -5.15 -45.98
N SER C 4213 -40.29 -6.44 -46.12
CA SER C 4213 -40.55 -7.38 -45.03
C SER C 4213 -39.71 -7.03 -43.82
N LYS C 4214 -38.45 -6.65 -44.04
CA LYS C 4214 -37.60 -6.24 -42.92
C LYS C 4214 -38.16 -4.99 -42.24
N ARG C 4215 -38.61 -4.02 -43.04
CA ARG C 4215 -39.19 -2.81 -42.46
C ARG C 4215 -40.42 -3.14 -41.63
N GLN C 4216 -41.29 -3.98 -42.17
CA GLN C 4216 -42.50 -4.36 -41.44
C GLN C 4216 -42.14 -5.10 -40.16
N PHE C 4217 -41.15 -6.01 -40.22
CA PHE C 4217 -40.75 -6.76 -39.04
C PHE C 4217 -40.22 -5.84 -37.96
N ILE C 4218 -39.33 -4.91 -38.32
CA ILE C 4218 -38.74 -4.05 -37.31
C ILE C 4218 -39.79 -3.13 -36.71
N PHE C 4219 -40.70 -2.61 -37.53
CA PHE C 4219 -41.76 -1.78 -36.99
C PHE C 4219 -42.64 -2.57 -36.03
N ASP C 4220 -42.98 -3.80 -36.39
CA ASP C 4220 -43.82 -4.62 -35.51
C ASP C 4220 -43.13 -4.93 -34.20
N VAL C 4221 -41.84 -5.28 -34.26
CA VAL C 4221 -41.13 -5.69 -33.06
C VAL C 4221 -40.95 -4.52 -32.10
N VAL C 4222 -40.50 -3.37 -32.63
CA VAL C 4222 -40.23 -2.24 -31.73
C VAL C 4222 -41.52 -1.69 -31.16
N ASN C 4223 -42.59 -1.67 -31.95
CA ASN C 4223 -43.82 -1.01 -31.52
C ASN C 4223 -44.65 -1.88 -30.59
N GLU C 4224 -44.79 -3.17 -30.90
CA GLU C 4224 -45.73 -4.04 -30.20
C GLU C 4224 -45.20 -4.55 -28.87
N GLY C 4225 -44.17 -3.93 -28.31
CA GLY C 4225 -43.66 -4.35 -27.02
C GLY C 4225 -42.74 -5.55 -27.12
N GLY C 4226 -41.58 -5.46 -26.47
CA GLY C 4226 -40.59 -6.52 -26.54
C GLY C 4226 -39.76 -6.63 -25.28
N GLU C 4227 -38.44 -6.75 -25.46
CA GLU C 4227 -37.42 -6.83 -24.42
C GLU C 4227 -37.44 -8.16 -23.68
N ALA C 4228 -38.43 -9.02 -23.96
CA ALA C 4228 -38.48 -10.36 -23.38
C ALA C 4228 -38.45 -11.44 -24.45
N GLU C 4229 -39.26 -11.31 -25.48
CA GLU C 4229 -39.28 -12.26 -26.60
C GLU C 4229 -38.66 -11.66 -27.86
N LYS C 4230 -37.94 -10.54 -27.72
CA LYS C 4230 -37.43 -9.82 -28.88
C LYS C 4230 -36.48 -10.70 -29.70
N MET C 4231 -35.50 -11.31 -29.04
CA MET C 4231 -34.52 -12.11 -29.78
C MET C 4231 -35.16 -13.36 -30.37
N GLU C 4232 -36.13 -13.94 -29.65
CA GLU C 4232 -36.84 -15.10 -30.20
C GLU C 4232 -37.57 -14.72 -31.47
N LEU C 4233 -38.23 -13.57 -31.48
CA LEU C 4233 -38.89 -13.10 -32.69
C LEU C 4233 -37.89 -12.81 -33.80
N PHE C 4234 -36.72 -12.30 -33.43
CA PHE C 4234 -35.68 -12.08 -34.42
C PHE C 4234 -35.29 -13.38 -35.11
N VAL C 4235 -35.01 -14.42 -34.32
CA VAL C 4235 -34.59 -15.70 -34.88
C VAL C 4235 -35.73 -16.31 -35.70
N SER C 4236 -36.97 -16.16 -35.23
CA SER C 4236 -38.11 -16.64 -35.99
C SER C 4236 -38.19 -15.95 -37.34
N PHE C 4237 -38.03 -14.63 -37.35
CA PHE C 4237 -38.06 -13.90 -38.61
C PHE C 4237 -36.96 -14.35 -39.55
N CYS C 4238 -35.77 -14.62 -39.00
CA CYS C 4238 -34.70 -15.16 -39.83
C CYS C 4238 -35.12 -16.48 -40.47
N GLU C 4239 -35.71 -17.36 -39.66
CA GLU C 4239 -36.13 -18.66 -40.18
C GLU C 4239 -37.17 -18.50 -41.28
N ASP C 4240 -38.11 -17.57 -41.10
CA ASP C 4240 -39.11 -17.38 -42.15
C ASP C 4240 -38.50 -16.78 -43.41
N THR C 4241 -37.65 -15.75 -43.25
CA THR C 4241 -37.15 -15.06 -44.43
C THR C 4241 -36.25 -15.96 -45.26
N ILE C 4242 -35.62 -16.96 -44.64
CA ILE C 4242 -34.91 -17.95 -45.44
C ILE C 4242 -35.84 -18.60 -46.44
N PHE C 4243 -37.12 -18.75 -46.09
CA PHE C 4243 -38.04 -19.47 -46.96
C PHE C 4243 -38.26 -18.75 -48.29
N GLU C 4244 -38.60 -17.46 -48.26
CA GLU C 4244 -38.76 -16.84 -49.57
C GLU C 4244 -37.44 -16.47 -50.20
N MET C 4245 -36.35 -16.38 -49.42
CA MET C 4245 -35.04 -16.36 -50.06
C MET C 4245 -34.86 -17.60 -50.93
N GLN C 4246 -35.37 -18.74 -50.47
CA GLN C 4246 -35.39 -19.93 -51.31
C GLN C 4246 -36.39 -19.81 -52.46
N ILE C 4247 -37.59 -19.32 -52.17
CA ILE C 4247 -38.66 -19.29 -53.17
C ILE C 4247 -38.32 -18.36 -54.32
N ALA C 4248 -37.41 -17.41 -54.12
CA ALA C 4248 -36.99 -16.53 -55.21
C ALA C 4248 -36.24 -17.27 -56.30
N ALA C 4249 -35.86 -18.53 -56.07
CA ALA C 4249 -35.13 -19.28 -57.08
C ALA C 4249 -35.97 -19.48 -58.34
N GLN C 4250 -37.26 -19.78 -58.18
CA GLN C 4250 -38.12 -20.11 -59.31
C GLN C 4250 -38.52 -18.85 -60.08
N ILE C 4251 -37.51 -18.17 -60.61
CA ILE C 4251 -37.71 -17.00 -61.45
C ILE C 4251 -36.91 -17.04 -62.74
N SER C 4252 -36.22 -18.15 -63.01
CA SER C 4252 -35.40 -18.25 -64.21
C SER C 4252 -36.26 -18.21 -65.47
N GLU C 4253 -35.76 -17.52 -66.48
CA GLU C 4253 -36.49 -17.41 -67.75
C GLU C 4253 -36.01 -18.47 -68.73
N THR C 4323 -65.22 24.49 -69.99
CA THR C 4323 -66.22 23.44 -69.82
C THR C 4323 -65.78 22.45 -68.75
N ALA C 4324 -66.70 21.56 -68.37
CA ALA C 4324 -66.38 20.57 -67.34
C ALA C 4324 -65.29 19.62 -67.80
N ARG C 4325 -65.33 19.21 -69.08
CA ARG C 4325 -64.36 18.25 -69.57
C ARG C 4325 -62.95 18.79 -69.48
N GLU C 4326 -62.76 20.07 -69.84
CA GLU C 4326 -61.44 20.67 -69.74
C GLU C 4326 -60.95 20.68 -68.29
N ALA C 4327 -61.84 20.98 -67.36
CA ALA C 4327 -61.47 20.94 -65.94
C ALA C 4327 -61.23 19.51 -65.47
N ALA C 4328 -62.07 18.58 -65.90
CA ALA C 4328 -61.98 17.21 -65.40
C ALA C 4328 -60.66 16.56 -65.76
N THR C 4329 -60.23 16.72 -67.01
CA THR C 4329 -58.97 16.10 -67.44
C THR C 4329 -57.78 16.68 -66.70
N ALA C 4330 -57.75 18.00 -66.52
CA ALA C 4330 -56.63 18.63 -65.84
C ALA C 4330 -56.56 18.17 -64.38
N LEU C 4331 -57.69 18.15 -63.70
CA LEU C 4331 -57.71 17.72 -62.30
C LEU C 4331 -57.34 16.26 -62.16
N ALA C 4332 -57.89 15.40 -63.03
CA ALA C 4332 -57.62 13.97 -62.93
C ALA C 4332 -56.14 13.68 -63.17
N ALA C 4333 -55.54 14.37 -64.14
CA ALA C 4333 -54.13 14.14 -64.43
C ALA C 4333 -53.26 14.49 -63.22
N LEU C 4334 -53.60 15.58 -62.52
CA LEU C 4334 -52.84 15.93 -61.32
C LEU C 4334 -52.95 14.85 -60.25
N LEU C 4335 -54.16 14.33 -60.03
CA LEU C 4335 -54.34 13.30 -59.01
C LEU C 4335 -53.56 12.04 -59.37
N TRP C 4336 -53.65 11.63 -60.65
CA TRP C 4336 -52.94 10.42 -61.07
C TRP C 4336 -51.44 10.58 -60.96
N ALA C 4337 -50.91 11.75 -61.32
CA ALA C 4337 -49.46 11.94 -61.34
C ALA C 4337 -48.86 11.78 -59.94
N VAL C 4338 -49.51 12.35 -58.93
CA VAL C 4338 -48.98 12.23 -57.57
C VAL C 4338 -49.12 10.79 -57.07
N VAL C 4339 -50.13 10.07 -57.52
CA VAL C 4339 -50.31 8.69 -57.08
C VAL C 4339 -49.22 7.79 -57.65
N ALA C 4340 -48.92 7.95 -58.94
CA ALA C 4340 -47.84 7.18 -59.54
C ALA C 4340 -46.49 7.55 -58.95
N ARG C 4341 -46.34 8.79 -58.47
CA ARG C 4341 -45.12 9.21 -57.80
C ARG C 4341 -44.95 8.56 -56.43
N ALA C 4342 -46.01 8.00 -55.87
CA ALA C 4342 -45.92 7.39 -54.54
C ALA C 4342 -46.60 6.02 -54.45
N GLY C 4343 -47.11 5.48 -55.55
CA GLY C 4343 -47.75 4.18 -55.51
C GLY C 4343 -46.79 3.04 -55.25
N GLY C 4542 -48.79 -35.15 -71.76
CA GLY C 4542 -47.77 -35.29 -70.74
C GLY C 4542 -46.75 -34.17 -70.74
N GLU C 4543 -45.95 -34.09 -71.80
CA GLU C 4543 -44.96 -33.02 -71.91
C GLU C 4543 -45.60 -31.68 -72.22
N LEU C 4544 -46.86 -31.68 -72.66
CA LEU C 4544 -47.54 -30.42 -72.98
C LEU C 4544 -47.93 -29.63 -71.74
N GLU C 4545 -48.03 -30.29 -70.59
CA GLU C 4545 -48.42 -29.62 -69.35
C GLU C 4545 -47.32 -28.71 -68.81
N VAL C 4546 -46.09 -28.81 -69.33
CA VAL C 4546 -45.00 -27.99 -68.82
C VAL C 4546 -45.21 -26.52 -69.20
N GLN C 4547 -45.75 -26.27 -70.40
CA GLN C 4547 -46.00 -24.90 -70.83
C GLN C 4547 -46.92 -24.16 -69.87
N ARG C 4548 -47.82 -24.89 -69.20
CA ARG C 4548 -48.66 -24.27 -68.19
C ARG C 4548 -47.83 -23.67 -67.07
N VAL C 4549 -46.85 -24.42 -66.56
CA VAL C 4549 -45.97 -23.89 -65.52
C VAL C 4549 -45.09 -22.77 -66.08
N LYS C 4550 -44.64 -22.92 -67.33
CA LYS C 4550 -43.83 -21.88 -67.93
C LYS C 4550 -44.57 -20.54 -67.96
N PHE C 4551 -45.85 -20.57 -68.34
CA PHE C 4551 -46.62 -19.33 -68.39
C PHE C 4551 -47.01 -18.85 -67.00
N LEU C 4552 -47.30 -19.78 -66.09
CA LEU C 4552 -47.74 -19.38 -64.76
C LEU C 4552 -46.62 -18.77 -63.94
N ASN C 4553 -45.37 -19.20 -64.16
CA ASN C 4553 -44.26 -18.62 -63.43
C ASN C 4553 -43.97 -17.19 -63.85
N TYR C 4554 -44.54 -16.73 -64.96
CA TYR C 4554 -44.34 -15.34 -65.38
C TYR C 4554 -45.06 -14.38 -64.44
N LEU C 4555 -46.23 -14.78 -63.93
CA LEU C 4555 -47.03 -13.88 -63.10
C LEU C 4555 -46.30 -13.49 -61.83
N SER C 4556 -45.62 -14.46 -61.20
CA SER C 4556 -44.96 -14.19 -59.93
C SER C 4556 -43.82 -13.18 -60.10
N ARG C 4557 -43.18 -13.17 -61.26
CA ARG C 4557 -42.04 -12.27 -61.45
C ARG C 4557 -42.45 -10.81 -61.33
N ASN C 4558 -43.50 -10.42 -62.05
CA ASN C 4558 -44.01 -9.05 -62.03
C ASN C 4558 -45.45 -9.12 -61.52
N PHE C 4559 -45.60 -8.96 -60.21
CA PHE C 4559 -46.90 -9.02 -59.55
C PHE C 4559 -47.44 -7.64 -59.20
N TYR C 4560 -46.57 -6.72 -58.74
CA TYR C 4560 -47.02 -5.40 -58.36
C TYR C 4560 -47.57 -4.63 -59.55
N THR C 4561 -46.92 -4.77 -60.71
CA THR C 4561 -47.37 -4.04 -61.89
C THR C 4561 -48.79 -4.43 -62.28
N LEU C 4562 -49.20 -5.67 -61.99
CA LEU C 4562 -50.58 -6.05 -62.25
C LEU C 4562 -51.53 -5.23 -61.39
N ARG C 4563 -51.20 -5.03 -60.11
CA ARG C 4563 -52.04 -4.20 -59.26
C ARG C 4563 -52.04 -2.75 -59.71
N PHE C 4564 -50.87 -2.25 -60.15
CA PHE C 4564 -50.81 -0.91 -60.71
C PHE C 4564 -51.75 -0.77 -61.90
N LEU C 4565 -51.75 -1.76 -62.79
CA LEU C 4565 -52.62 -1.72 -63.94
C LEU C 4565 -54.09 -1.80 -63.53
N ALA C 4566 -54.40 -2.59 -62.50
CA ALA C 4566 -55.77 -2.66 -62.03
C ALA C 4566 -56.25 -1.31 -61.51
N LEU C 4567 -55.40 -0.62 -60.74
CA LEU C 4567 -55.77 0.72 -60.28
C LEU C 4567 -55.96 1.67 -61.46
N PHE C 4568 -55.06 1.62 -62.45
CA PHE C 4568 -55.17 2.50 -63.60
C PHE C 4568 -56.48 2.25 -64.35
N LEU C 4569 -56.83 0.97 -64.53
CA LEU C 4569 -58.06 0.64 -65.23
C LEU C 4569 -59.28 1.11 -64.45
N ALA C 4570 -59.26 0.97 -63.13
CA ALA C 4570 -60.38 1.48 -62.32
C ALA C 4570 -60.50 2.98 -62.49
N PHE C 4571 -59.38 3.69 -62.46
CA PHE C 4571 -59.41 5.14 -62.64
C PHE C 4571 -60.02 5.51 -63.98
N ALA C 4572 -59.55 4.87 -65.05
CA ALA C 4572 -60.02 5.22 -66.39
C ALA C 4572 -61.51 4.91 -66.55
N ILE C 4573 -61.94 3.74 -66.06
CA ILE C 4573 -63.34 3.36 -66.23
C ILE C 4573 -64.25 4.29 -65.43
N ASN C 4574 -63.80 4.72 -64.24
CA ASN C 4574 -64.63 5.65 -63.48
C ASN C 4574 -64.68 7.02 -64.15
N PHE C 4575 -63.55 7.49 -64.68
CA PHE C 4575 -63.57 8.77 -65.37
C PHE C 4575 -64.48 8.72 -66.59
N ILE C 4576 -64.50 7.59 -67.30
CA ILE C 4576 -65.46 7.43 -68.39
C ILE C 4576 -66.88 7.43 -67.85
N LEU C 4577 -67.12 6.73 -66.73
CA LEU C 4577 -68.44 6.69 -66.12
C LEU C 4577 -68.94 8.08 -65.76
N LEU C 4578 -68.03 9.02 -65.53
CA LEU C 4578 -68.44 10.38 -65.16
C LEU C 4578 -69.28 11.08 -66.22
N PHE C 4579 -69.59 10.44 -67.34
CA PHE C 4579 -70.32 11.09 -68.41
C PHE C 4579 -71.71 10.51 -68.65
N TYR C 4580 -72.27 9.79 -67.68
CA TYR C 4580 -73.59 9.18 -67.90
C TYR C 4580 -74.70 10.23 -67.85
N LYS C 4581 -75.92 9.76 -68.12
CA LYS C 4581 -77.10 10.60 -68.17
C LYS C 4581 -78.32 9.69 -68.12
N VAL C 4582 -79.44 10.24 -67.69
CA VAL C 4582 -80.70 9.49 -67.60
C VAL C 4582 -81.78 10.29 -68.31
N SER C 4583 -82.58 9.61 -69.12
CA SER C 4583 -83.68 10.23 -69.84
C SER C 4583 -84.97 9.47 -69.59
N ASP C 4584 -86.08 10.19 -69.61
CA ASP C 4584 -87.38 9.57 -69.39
C ASP C 4584 -87.85 8.74 -70.57
N SER C 4585 -87.23 8.91 -71.73
CA SER C 4585 -87.56 8.13 -72.92
C SER C 4585 -86.31 7.51 -73.49
N PRO C 4586 -86.42 6.33 -74.11
CA PRO C 4586 -85.25 5.72 -74.74
C PRO C 4586 -84.72 6.61 -75.85
N PRO C 4587 -83.40 6.58 -76.09
CA PRO C 4587 -82.76 7.43 -77.10
C PRO C 4587 -83.25 7.12 -78.51
N ASN C 4626 -89.45 3.18 -66.55
CA ASN C 4626 -89.19 3.28 -67.98
C ASN C 4626 -87.96 4.14 -68.26
N MET C 4627 -87.34 4.65 -67.19
CA MET C 4627 -86.15 5.47 -67.35
C MET C 4627 -85.01 4.64 -67.94
N VAL C 4628 -84.32 5.22 -68.91
CA VAL C 4628 -83.26 4.53 -69.65
C VAL C 4628 -81.94 5.18 -69.29
N TYR C 4629 -80.99 4.38 -68.80
CA TYR C 4629 -79.67 4.88 -68.44
C TYR C 4629 -78.78 4.99 -69.67
N TYR C 4630 -79.24 5.70 -70.70
CA TYR C 4630 -78.46 5.81 -71.92
C TYR C 4630 -77.23 6.68 -71.68
N PHE C 4631 -76.08 6.19 -72.10
CA PHE C 4631 -74.83 6.92 -71.92
C PHE C 4631 -74.65 7.89 -73.08
N LEU C 4632 -74.68 9.18 -72.78
CA LEU C 4632 -74.46 10.22 -73.77
C LEU C 4632 -72.98 10.61 -73.73
N GLU C 4633 -72.25 10.24 -74.77
CA GLU C 4633 -70.87 10.66 -74.91
C GLU C 4633 -70.83 12.13 -75.35
N GLU C 4634 -69.65 12.64 -75.64
CA GLU C 4634 -69.51 13.97 -76.17
C GLU C 4634 -69.81 13.95 -77.67
N SER C 4635 -69.47 15.03 -78.38
CA SER C 4635 -69.65 15.05 -79.82
C SER C 4635 -68.88 13.93 -80.50
N THR C 4636 -67.72 13.56 -79.96
CA THR C 4636 -66.98 12.43 -80.49
C THR C 4636 -67.73 11.13 -80.22
N GLY C 4637 -67.90 10.32 -81.26
CA GLY C 4637 -68.63 9.08 -81.13
C GLY C 4637 -67.83 7.93 -80.54
N TYR C 4638 -66.56 8.15 -80.25
CA TYR C 4638 -65.71 7.09 -79.72
C TYR C 4638 -65.98 6.91 -78.23
N MET C 4639 -65.11 6.14 -77.56
CA MET C 4639 -65.08 5.95 -76.12
C MET C 4639 -66.33 5.23 -75.60
N GLU C 4640 -67.27 4.92 -76.49
CA GLU C 4640 -68.41 4.12 -76.06
C GLU C 4640 -68.03 2.64 -75.97
N PRO C 4641 -67.47 2.03 -77.02
CA PRO C 4641 -67.03 0.63 -76.88
C PRO C 4641 -65.79 0.48 -76.02
N ALA C 4642 -65.03 1.57 -75.84
CA ALA C 4642 -63.88 1.51 -74.95
C ALA C 4642 -64.29 1.10 -73.55
N LEU C 4643 -65.49 1.50 -73.11
CA LEU C 4643 -65.99 1.05 -71.83
C LEU C 4643 -66.13 -0.47 -71.80
N TRP C 4644 -66.69 -1.04 -72.87
CA TRP C 4644 -66.86 -2.49 -72.93
C TRP C 4644 -65.52 -3.20 -72.90
N CYS C 4645 -64.57 -2.74 -73.71
CA CYS C 4645 -63.27 -3.40 -73.75
C CYS C 4645 -62.53 -3.27 -72.43
N LEU C 4646 -62.58 -2.09 -71.80
CA LEU C 4646 -61.92 -1.92 -70.51
C LEU C 4646 -62.57 -2.77 -69.43
N SER C 4647 -63.90 -2.89 -69.46
CA SER C 4647 -64.57 -3.74 -68.48
C SER C 4647 -64.15 -5.19 -68.67
N LEU C 4648 -64.04 -5.65 -69.91
CA LEU C 4648 -63.60 -7.03 -70.14
C LEU C 4648 -62.15 -7.20 -69.71
N LEU C 4649 -61.32 -6.18 -69.87
CA LEU C 4649 -59.90 -6.29 -69.58
C LEU C 4649 -59.63 -6.25 -68.07
N HIS C 4650 -60.41 -5.49 -67.32
CA HIS C 4650 -60.16 -5.32 -65.89
C HIS C 4650 -60.32 -6.63 -65.14
N THR C 4651 -61.37 -7.39 -65.46
CA THR C 4651 -61.59 -8.66 -64.77
C THR C 4651 -60.41 -9.59 -65.00
N LEU C 4652 -59.90 -9.66 -66.22
CA LEU C 4652 -58.77 -10.52 -66.51
C LEU C 4652 -57.52 -10.07 -65.75
N VAL C 4653 -57.24 -8.76 -65.76
CA VAL C 4653 -56.02 -8.31 -65.10
C VAL C 4653 -56.15 -8.31 -63.58
N ALA C 4654 -57.34 -8.54 -63.05
CA ALA C 4654 -57.46 -8.81 -61.62
C ALA C 4654 -57.37 -10.30 -61.31
N PHE C 4655 -57.92 -11.14 -62.20
CA PHE C 4655 -57.76 -12.58 -62.03
C PHE C 4655 -56.30 -12.98 -62.10
N LEU C 4656 -55.50 -12.26 -62.91
CA LEU C 4656 -54.07 -12.51 -62.93
C LEU C 4656 -53.45 -12.18 -61.58
N CYS C 4657 -53.91 -11.11 -60.92
CA CYS C 4657 -53.44 -10.81 -59.58
C CYS C 4657 -53.77 -11.93 -58.62
N ILE C 4658 -54.99 -12.47 -58.72
CA ILE C 4658 -55.40 -13.56 -57.83
C ILE C 4658 -54.50 -14.76 -58.01
N ILE C 4659 -54.24 -15.13 -59.28
CA ILE C 4659 -53.40 -16.28 -59.56
C ILE C 4659 -51.99 -16.05 -59.04
N GLY C 4660 -51.45 -14.84 -59.25
CA GLY C 4660 -50.12 -14.54 -58.76
C GLY C 4660 -50.01 -14.64 -57.26
N TYR C 4661 -51.02 -14.14 -56.55
CA TYR C 4661 -51.01 -14.27 -55.10
C TYR C 4661 -51.09 -15.73 -54.66
N ASN C 4662 -51.95 -16.51 -55.33
CA ASN C 4662 -52.04 -17.93 -55.01
C ASN C 4662 -50.75 -18.68 -55.33
N CYS C 4663 -49.92 -18.13 -56.21
CA CYS C 4663 -48.66 -18.77 -56.55
C CYS C 4663 -47.49 -18.28 -55.70
N LEU C 4664 -47.57 -17.08 -55.13
CA LEU C 4664 -46.40 -16.46 -54.53
C LEU C 4664 -46.46 -16.41 -53.00
N LYS C 4665 -47.51 -15.85 -52.43
CA LYS C 4665 -47.47 -15.47 -51.02
C LYS C 4665 -47.94 -16.57 -50.07
N VAL C 4666 -48.86 -17.44 -50.50
CA VAL C 4666 -49.45 -18.41 -49.58
C VAL C 4666 -48.45 -19.43 -49.05
N PRO C 4667 -47.36 -19.78 -49.77
CA PRO C 4667 -46.36 -20.64 -49.12
C PRO C 4667 -45.80 -20.03 -47.84
N LEU C 4668 -45.66 -18.70 -47.77
CA LEU C 4668 -45.14 -18.08 -46.56
C LEU C 4668 -46.04 -18.35 -45.36
N VAL C 4669 -47.35 -18.09 -45.50
CA VAL C 4669 -48.25 -18.27 -44.37
C VAL C 4669 -48.39 -19.75 -44.03
N ILE C 4670 -48.44 -20.61 -45.05
CA ILE C 4670 -48.53 -22.05 -44.79
C ILE C 4670 -47.31 -22.51 -44.00
N PHE C 4671 -46.12 -22.09 -44.42
CA PHE C 4671 -44.90 -22.47 -43.72
C PHE C 4671 -44.87 -21.90 -42.31
N LYS C 4672 -45.34 -20.67 -42.14
CA LYS C 4672 -45.36 -20.07 -40.81
C LYS C 4672 -46.24 -20.88 -39.87
N ARG C 4673 -47.44 -21.26 -40.32
CA ARG C 4673 -48.31 -22.05 -39.47
C ARG C 4673 -47.72 -23.42 -39.18
N GLU C 4674 -47.13 -24.07 -40.19
CA GLU C 4674 -46.51 -25.37 -39.97
C GLU C 4674 -45.40 -25.29 -38.95
N LYS C 4675 -44.54 -24.27 -39.08
CA LYS C 4675 -43.42 -24.12 -38.15
C LYS C 4675 -43.92 -23.83 -36.74
N GLU C 4676 -44.94 -22.98 -36.61
CA GLU C 4676 -45.47 -22.69 -35.29
C GLU C 4676 -46.04 -23.95 -34.63
N LEU C 4677 -46.79 -24.75 -35.40
CA LEU C 4677 -47.33 -25.98 -34.84
C LEU C 4677 -46.24 -26.95 -34.45
N ALA C 4678 -45.19 -27.07 -35.28
CA ALA C 4678 -44.09 -27.96 -34.95
C ALA C 4678 -43.39 -27.51 -33.67
N ARG C 4679 -43.16 -26.20 -33.52
CA ARG C 4679 -42.55 -25.70 -32.30
C ARG C 4679 -43.43 -25.97 -31.09
N LYS C 4680 -44.75 -25.78 -31.24
CA LYS C 4680 -45.65 -26.01 -30.12
C LYS C 4680 -45.64 -27.47 -29.69
N LEU C 4681 -45.57 -28.39 -30.66
CA LEU C 4681 -45.59 -29.81 -30.32
C LEU C 4681 -44.25 -30.26 -29.74
N GLU C 4682 -43.14 -29.76 -30.28
CA GLU C 4682 -41.84 -30.24 -29.83
C GLU C 4682 -41.53 -29.78 -28.41
N PHE C 4683 -41.72 -28.49 -28.13
CA PHE C 4683 -41.34 -27.90 -26.84
C PHE C 4683 -42.50 -27.77 -25.88
N ASP C 4684 -43.66 -28.34 -26.21
CA ASP C 4684 -44.80 -28.28 -25.31
C ASP C 4684 -45.74 -29.42 -25.65
N GLY C 4685 -46.61 -29.74 -24.69
CA GLY C 4685 -47.57 -30.81 -24.88
C GLY C 4685 -48.99 -30.29 -24.96
N LEU C 4686 -49.18 -29.16 -25.66
CA LEU C 4686 -50.49 -28.52 -25.71
C LEU C 4686 -51.51 -29.39 -26.43
N TYR C 4687 -51.07 -30.31 -27.28
CA TYR C 4687 -51.98 -31.21 -27.98
C TYR C 4687 -51.87 -32.65 -27.52
N ILE C 4688 -50.94 -32.96 -26.60
CA ILE C 4688 -50.81 -34.29 -26.03
C ILE C 4688 -50.91 -34.28 -24.52
N THR C 4689 -50.23 -33.34 -23.87
CA THR C 4689 -50.08 -33.41 -22.42
C THR C 4689 -51.29 -32.85 -21.68
N GLU C 4690 -51.56 -31.55 -21.83
CA GLU C 4690 -52.58 -30.95 -20.97
C GLU C 4690 -53.97 -30.90 -21.60
N GLN C 4691 -54.15 -30.09 -22.64
CA GLN C 4691 -55.39 -30.02 -23.41
C GLN C 4691 -55.25 -28.98 -24.52
N PRO C 4692 -56.00 -29.09 -25.60
CA PRO C 4692 -56.11 -27.97 -26.53
C PRO C 4692 -56.84 -26.81 -25.89
N GLY C 4693 -56.51 -25.60 -26.34
CA GLY C 4693 -57.08 -24.40 -25.74
C GLY C 4693 -58.58 -24.29 -25.89
N ASP C 4694 -59.16 -24.98 -26.88
CA ASP C 4694 -60.59 -25.08 -27.16
C ASP C 4694 -61.34 -23.75 -27.07
N ASP C 4695 -60.63 -22.65 -27.32
CA ASP C 4695 -61.24 -21.33 -27.30
C ASP C 4695 -60.80 -20.45 -28.46
N ASP C 4696 -59.91 -20.93 -29.33
CA ASP C 4696 -59.43 -20.17 -30.47
C ASP C 4696 -59.67 -20.98 -31.74
N VAL C 4697 -60.20 -20.33 -32.77
CA VAL C 4697 -60.45 -21.02 -34.03
C VAL C 4697 -59.14 -21.51 -34.63
N LYS C 4698 -58.09 -20.69 -34.54
CA LYS C 4698 -56.78 -21.13 -35.02
C LYS C 4698 -56.27 -22.32 -34.22
N GLY C 4699 -56.51 -22.32 -32.91
CA GLY C 4699 -56.06 -23.41 -32.07
C GLY C 4699 -56.91 -24.67 -32.13
N GLN C 4700 -58.03 -24.64 -32.86
CA GLN C 4700 -58.90 -25.79 -33.00
C GLN C 4700 -58.94 -26.36 -34.41
N TRP C 4701 -58.93 -25.49 -35.43
CA TRP C 4701 -58.98 -25.97 -36.81
C TRP C 4701 -57.77 -26.82 -37.17
N ASP C 4702 -56.66 -26.66 -36.45
CA ASP C 4702 -55.45 -27.42 -36.74
C ASP C 4702 -55.51 -28.85 -36.24
N ARG C 4703 -56.54 -29.23 -35.46
CA ARG C 4703 -56.66 -30.60 -35.01
C ARG C 4703 -56.97 -31.56 -36.15
N LEU C 4704 -57.36 -31.06 -37.32
CA LEU C 4704 -57.72 -31.90 -38.43
C LEU C 4704 -56.55 -32.26 -39.34
N VAL C 4705 -55.34 -31.83 -38.98
CA VAL C 4705 -54.16 -32.12 -39.80
C VAL C 4705 -53.16 -33.03 -39.08
N LEU C 4706 -53.32 -33.23 -37.77
CA LEU C 4706 -52.36 -34.06 -37.04
C LEU C 4706 -52.37 -35.49 -37.53
N ASN C 4707 -53.47 -35.96 -38.11
CA ASN C 4707 -53.58 -37.34 -38.56
C ASN C 4707 -53.10 -37.55 -39.98
N THR C 4708 -52.81 -36.48 -40.73
CA THR C 4708 -52.38 -36.65 -42.10
C THR C 4708 -50.94 -37.16 -42.17
N PRO C 4709 -50.59 -37.90 -43.22
CA PRO C 4709 -49.23 -38.40 -43.36
C PRO C 4709 -48.24 -37.38 -43.89
N SER C 4710 -48.70 -36.23 -44.38
CA SER C 4710 -47.84 -35.22 -44.98
C SER C 4710 -47.96 -33.88 -44.27
N PHE C 4711 -47.96 -33.92 -42.94
CA PHE C 4711 -48.03 -32.68 -42.17
C PHE C 4711 -46.85 -31.75 -42.42
N PRO C 4712 -45.59 -32.21 -42.37
CA PRO C 4712 -44.50 -31.27 -42.67
C PRO C 4712 -44.27 -31.13 -44.18
N SER C 4713 -45.23 -30.51 -44.85
CA SER C 4713 -45.15 -30.35 -46.30
C SER C 4713 -44.05 -29.37 -46.69
N ASN C 4714 -43.93 -28.26 -45.97
CA ASN C 4714 -43.00 -27.21 -46.33
C ASN C 4714 -41.92 -26.93 -45.29
N TYR C 4715 -42.16 -27.24 -44.03
CA TYR C 4715 -41.13 -27.05 -43.03
C TYR C 4715 -39.98 -28.02 -43.27
N TRP C 4716 -38.77 -27.60 -42.88
CA TRP C 4716 -37.59 -28.41 -43.14
C TRP C 4716 -37.62 -29.73 -42.38
N ASP C 4717 -38.04 -29.71 -41.12
CA ASP C 4717 -38.04 -30.92 -40.31
C ASP C 4717 -39.18 -31.85 -40.75
N LYS C 4718 -38.92 -32.66 -41.76
CA LYS C 4718 -39.94 -33.53 -42.33
C LYS C 4718 -40.10 -34.83 -41.55
N PHE C 4719 -39.33 -35.04 -40.49
CA PHE C 4719 -39.46 -36.20 -39.62
C PHE C 4719 -39.68 -35.77 -38.18
N VAL C 4720 -40.33 -34.62 -37.97
CA VAL C 4720 -40.50 -34.08 -36.63
C VAL C 4720 -41.38 -34.97 -35.77
N LYS C 4721 -42.11 -35.91 -36.38
CA LYS C 4721 -42.97 -36.78 -35.60
C LYS C 4721 -42.19 -37.65 -34.64
N ARG C 4722 -40.92 -37.94 -34.95
CA ARG C 4722 -40.11 -38.76 -34.06
C ARG C 4722 -39.87 -38.07 -32.72
N LYS C 4723 -39.66 -36.76 -32.73
CA LYS C 4723 -39.23 -36.05 -31.53
C LYS C 4723 -40.31 -36.10 -30.45
N VAL C 4724 -41.57 -35.89 -30.82
CA VAL C 4724 -42.62 -35.83 -29.81
C VAL C 4724 -42.79 -37.19 -29.13
N LEU C 4725 -42.77 -38.27 -29.90
CA LEU C 4725 -42.90 -39.60 -29.30
C LEU C 4725 -41.65 -39.97 -28.51
N ASP C 4726 -40.48 -39.53 -28.94
CA ASP C 4726 -39.27 -39.81 -28.18
C ASP C 4726 -39.21 -39.01 -26.89
N LYS C 4727 -39.91 -37.87 -26.83
CA LYS C 4727 -39.87 -37.04 -25.64
C LYS C 4727 -41.00 -37.33 -24.67
N HIS C 4728 -42.17 -37.77 -25.15
CA HIS C 4728 -43.32 -37.99 -24.28
C HIS C 4728 -44.03 -39.31 -24.56
N GLY C 4729 -43.49 -40.17 -25.43
CA GLY C 4729 -44.16 -41.42 -25.74
C GLY C 4729 -44.05 -42.48 -24.67
N ASP C 4730 -43.19 -42.28 -23.67
CA ASP C 4730 -43.07 -43.24 -22.57
C ASP C 4730 -43.92 -42.84 -21.37
N ILE C 4731 -43.90 -41.56 -20.99
CA ILE C 4731 -44.72 -41.10 -19.89
C ILE C 4731 -46.21 -41.23 -20.20
N PHE C 4732 -46.58 -41.23 -21.47
CA PHE C 4732 -47.95 -41.44 -21.89
C PHE C 4732 -48.04 -42.72 -22.71
N GLY C 4733 -49.27 -43.09 -23.07
CA GLY C 4733 -49.49 -44.27 -23.87
C GLY C 4733 -48.78 -44.19 -25.20
N ARG C 4734 -47.78 -45.05 -25.41
CA ARG C 4734 -47.02 -45.00 -26.65
C ARG C 4734 -47.90 -45.31 -27.85
N GLU C 4735 -48.83 -46.25 -27.71
CA GLU C 4735 -49.78 -46.49 -28.77
C GLU C 4735 -50.69 -45.30 -28.98
N ARG C 4736 -51.11 -44.64 -27.89
CA ARG C 4736 -51.93 -43.44 -28.02
C ARG C 4736 -51.18 -42.33 -28.76
N ILE C 4737 -49.90 -42.13 -28.41
CA ILE C 4737 -49.10 -41.12 -29.09
C ILE C 4737 -48.92 -41.48 -30.56
N ALA C 4738 -48.60 -42.74 -30.84
CA ALA C 4738 -48.37 -43.19 -32.21
C ALA C 4738 -49.65 -43.33 -33.02
N GLU C 4739 -50.82 -43.19 -32.39
CA GLU C 4739 -52.06 -43.14 -33.13
C GLU C 4739 -52.60 -41.72 -33.31
N LEU C 4740 -52.30 -40.82 -32.38
CA LEU C 4740 -52.78 -39.44 -32.52
C LEU C 4740 -52.15 -38.76 -33.72
N LEU C 4741 -50.86 -38.99 -33.95
CA LEU C 4741 -50.11 -38.33 -35.02
C LEU C 4741 -50.17 -39.10 -36.33
N GLY C 4742 -51.21 -39.90 -36.55
CA GLY C 4742 -51.18 -40.79 -37.69
C GLY C 4742 -50.03 -41.76 -37.55
N MET C 4743 -49.26 -41.92 -38.62
CA MET C 4743 -48.02 -42.71 -38.67
C MET C 4743 -48.08 -43.99 -37.84
N ASP C 4744 -49.22 -44.69 -37.90
CA ASP C 4744 -49.38 -45.91 -37.12
C ASP C 4744 -48.38 -46.97 -37.57
N LEU C 4745 -48.18 -47.98 -36.72
CA LEU C 4745 -47.22 -49.05 -36.95
C LEU C 4745 -45.81 -48.48 -37.13
N ALA C 4746 -45.32 -47.90 -36.04
CA ALA C 4746 -43.99 -47.30 -36.03
C ALA C 4746 -42.89 -48.31 -36.30
N SER C 4747 -43.18 -49.60 -36.18
CA SER C 4747 -42.19 -50.63 -36.50
C SER C 4747 -41.73 -50.50 -37.95
N LEU C 4748 -42.67 -50.22 -38.87
CA LEU C 4748 -42.29 -50.04 -40.27
C LEU C 4748 -41.36 -48.84 -40.43
N GLU C 4749 -41.65 -47.73 -39.74
CA GLU C 4749 -40.79 -46.56 -39.83
C GLU C 4749 -39.41 -46.86 -39.28
N ILE C 4750 -39.33 -47.61 -38.18
CA ILE C 4750 -38.04 -47.95 -37.60
C ILE C 4750 -37.25 -48.86 -38.55
N THR C 4751 -37.92 -49.85 -39.15
CA THR C 4751 -37.24 -50.83 -39.98
C THR C 4751 -37.00 -50.35 -41.40
N ALA C 4752 -37.55 -49.20 -41.79
CA ALA C 4752 -37.29 -48.68 -43.12
C ALA C 4752 -35.80 -48.42 -43.33
N HIS C 4753 -35.13 -47.85 -42.34
CA HIS C 4753 -33.70 -47.57 -42.43
C HIS C 4753 -32.87 -48.74 -41.91
N ASN C 4754 -33.13 -49.93 -42.44
CA ASN C 4754 -32.39 -51.12 -42.03
C ASN C 4754 -31.64 -51.77 -43.19
N GLU C 4755 -32.31 -52.07 -44.29
CA GLU C 4755 -31.66 -52.81 -45.38
C GLU C 4755 -31.10 -51.87 -46.44
N ARG C 4756 -31.96 -51.09 -47.08
CA ARG C 4756 -31.58 -50.19 -48.16
C ARG C 4756 -32.72 -49.22 -48.40
N LYS C 4757 -32.63 -48.46 -49.49
CA LYS C 4757 -33.68 -47.50 -49.86
C LYS C 4757 -34.27 -47.92 -51.21
N PRO C 4758 -35.40 -48.62 -51.22
CA PRO C 4758 -35.99 -49.03 -52.49
C PRO C 4758 -36.60 -47.85 -53.24
N ASP C 4759 -36.68 -47.99 -54.56
CA ASP C 4759 -37.27 -46.97 -55.42
C ASP C 4759 -38.57 -47.50 -56.03
N PRO C 4760 -39.73 -47.08 -55.54
CA PRO C 4760 -40.99 -47.57 -56.11
C PRO C 4760 -41.16 -47.08 -57.53
N PRO C 4761 -41.87 -47.83 -58.37
CA PRO C 4761 -42.08 -47.38 -59.75
C PRO C 4761 -42.93 -46.13 -59.77
N PRO C 4762 -42.70 -45.23 -60.74
CA PRO C 4762 -43.50 -44.01 -60.80
C PRO C 4762 -44.92 -44.29 -61.26
N GLY C 4763 -45.88 -43.56 -60.69
CA GLY C 4763 -47.27 -43.68 -61.05
C GLY C 4763 -47.82 -42.39 -61.61
N LEU C 4764 -47.06 -41.73 -62.48
CA LEU C 4764 -47.43 -40.41 -62.96
C LEU C 4764 -48.76 -40.44 -63.69
N LEU C 4765 -49.63 -39.49 -63.35
CA LEU C 4765 -50.93 -39.29 -64.00
C LEU C 4765 -51.85 -40.50 -63.88
N THR C 4766 -51.56 -41.41 -62.95
CA THR C 4766 -52.42 -42.57 -62.72
C THR C 4766 -53.01 -42.58 -61.31
N TRP C 4767 -52.17 -42.44 -60.28
CA TRP C 4767 -52.63 -42.44 -58.89
C TRP C 4767 -52.39 -41.10 -58.22
N LEU C 4768 -52.09 -40.04 -58.98
CA LEU C 4768 -51.85 -38.72 -58.40
C LEU C 4768 -53.10 -38.15 -57.76
N MET C 4769 -54.28 -38.67 -58.10
CA MET C 4769 -55.52 -38.19 -57.48
C MET C 4769 -55.53 -38.45 -55.99
N SER C 4770 -54.90 -39.52 -55.54
CA SER C 4770 -54.90 -39.91 -54.13
C SER C 4770 -54.03 -38.94 -53.34
N ILE C 4771 -54.66 -37.94 -52.71
CA ILE C 4771 -53.97 -36.97 -51.88
C ILE C 4771 -54.71 -36.85 -50.57
N ASP C 4772 -54.02 -36.33 -49.56
CA ASP C 4772 -54.58 -36.23 -48.22
C ASP C 4772 -55.76 -35.27 -48.20
N VAL C 4773 -56.96 -35.81 -48.09
CA VAL C 4773 -58.16 -34.98 -48.08
C VAL C 4773 -58.17 -34.07 -46.85
N LYS C 4774 -57.80 -34.61 -45.69
CA LYS C 4774 -57.75 -33.80 -44.48
C LYS C 4774 -56.76 -32.65 -44.63
N TYR C 4775 -55.58 -32.93 -45.19
CA TYR C 4775 -54.59 -31.88 -45.37
C TYR C 4775 -55.09 -30.82 -46.34
N GLN C 4776 -55.75 -31.24 -47.43
CA GLN C 4776 -56.28 -30.28 -48.37
C GLN C 4776 -57.34 -29.39 -47.71
N ILE C 4777 -58.22 -29.99 -46.91
CA ILE C 4777 -59.25 -29.21 -46.23
C ILE C 4777 -58.61 -28.22 -45.25
N TRP C 4778 -57.60 -28.68 -44.49
CA TRP C 4778 -56.95 -27.80 -43.55
C TRP C 4778 -56.23 -26.66 -44.27
N LYS C 4779 -55.58 -26.95 -45.39
CA LYS C 4779 -54.91 -25.91 -46.15
C LYS C 4779 -55.91 -24.89 -46.69
N PHE C 4780 -57.05 -25.37 -47.19
CA PHE C 4780 -58.07 -24.46 -47.67
C PHE C 4780 -58.61 -23.58 -46.55
N GLY C 4781 -58.78 -24.16 -45.36
CA GLY C 4781 -59.20 -23.37 -44.22
C GLY C 4781 -58.20 -22.30 -43.86
N VAL C 4782 -56.91 -22.65 -43.88
CA VAL C 4782 -55.87 -21.66 -43.59
C VAL C 4782 -55.87 -20.58 -44.66
N ILE C 4783 -56.12 -20.96 -45.92
CA ILE C 4783 -56.18 -19.98 -46.99
C ILE C 4783 -57.31 -18.99 -46.76
N PHE C 4784 -58.50 -19.50 -46.48
CA PHE C 4784 -59.68 -18.64 -46.41
C PHE C 4784 -59.73 -17.83 -45.11
N THR C 4785 -59.13 -18.34 -44.03
CA THR C 4785 -59.11 -17.57 -42.80
C THR C 4785 -58.21 -16.34 -42.89
N ASP C 4786 -57.36 -16.25 -43.92
CA ASP C 4786 -56.51 -15.09 -44.08
C ASP C 4786 -57.33 -13.87 -44.50
N ASN C 4787 -56.71 -12.69 -44.38
CA ASN C 4787 -57.39 -11.45 -44.71
C ASN C 4787 -57.01 -10.89 -46.06
N SER C 4788 -55.72 -10.93 -46.43
CA SER C 4788 -55.32 -10.38 -47.73
C SER C 4788 -55.93 -11.15 -48.88
N PHE C 4789 -55.91 -12.48 -48.81
CA PHE C 4789 -56.52 -13.28 -49.86
C PHE C 4789 -58.02 -13.04 -49.92
N LEU C 4790 -58.67 -12.89 -48.77
CA LEU C 4790 -60.09 -12.60 -48.75
C LEU C 4790 -60.38 -11.25 -49.41
N TYR C 4791 -59.51 -10.26 -49.16
CA TYR C 4791 -59.66 -8.96 -49.80
C TYR C 4791 -59.53 -9.08 -51.32
N LEU C 4792 -58.55 -9.86 -51.78
CA LEU C 4792 -58.40 -10.05 -53.22
C LEU C 4792 -59.61 -10.76 -53.82
N GLY C 4793 -60.17 -11.74 -53.10
CA GLY C 4793 -61.37 -12.40 -53.58
C GLY C 4793 -62.56 -11.46 -53.61
N TRP C 4794 -62.65 -10.56 -52.64
CA TRP C 4794 -63.70 -9.54 -52.67
C TRP C 4794 -63.56 -8.65 -53.89
N TYR C 4795 -62.31 -8.27 -54.20
CA TYR C 4795 -62.05 -7.53 -55.43
C TYR C 4795 -62.53 -8.31 -56.64
N MET C 4796 -62.25 -9.61 -56.66
CA MET C 4796 -62.72 -10.47 -57.75
C MET C 4796 -64.23 -10.41 -57.89
N VAL C 4797 -64.95 -10.60 -56.78
CA VAL C 4797 -66.40 -10.72 -56.88
C VAL C 4797 -67.02 -9.39 -57.28
N MET C 4798 -66.48 -8.27 -56.79
CA MET C 4798 -67.01 -6.98 -57.23
C MET C 4798 -66.70 -6.72 -58.69
N SER C 4799 -65.50 -7.06 -59.16
CA SER C 4799 -65.21 -6.92 -60.57
C SER C 4799 -66.14 -7.75 -61.43
N LEU C 4800 -66.43 -8.97 -60.99
CA LEU C 4800 -67.34 -9.83 -61.73
C LEU C 4800 -68.75 -9.25 -61.75
N LEU C 4801 -69.23 -8.76 -60.60
CA LEU C 4801 -70.54 -8.15 -60.55
C LEU C 4801 -70.60 -6.84 -61.33
N GLY C 4802 -69.44 -6.27 -61.65
CA GLY C 4802 -69.42 -5.06 -62.45
C GLY C 4802 -70.06 -5.25 -63.81
N HIS C 4803 -69.92 -6.43 -64.40
CA HIS C 4803 -70.50 -6.71 -65.72
C HIS C 4803 -72.00 -6.93 -65.67
N TYR C 4804 -72.64 -6.64 -64.54
CA TYR C 4804 -74.09 -6.66 -64.42
C TYR C 4804 -74.72 -5.39 -64.98
N ASN C 4805 -73.97 -4.65 -65.79
CA ASN C 4805 -74.42 -3.38 -66.36
C ASN C 4805 -74.76 -2.38 -65.25
N ASN C 4806 -73.73 -2.05 -64.46
CA ASN C 4806 -73.92 -1.17 -63.31
C ASN C 4806 -72.64 -0.41 -63.04
N PHE C 4807 -72.67 0.40 -61.99
CA PHE C 4807 -71.55 1.23 -61.57
C PHE C 4807 -70.65 0.53 -60.57
N PHE C 4808 -70.79 -0.79 -60.40
CA PHE C 4808 -70.05 -1.49 -59.37
C PHE C 4808 -68.55 -1.28 -59.48
N PHE C 4809 -68.06 -0.82 -60.64
CA PHE C 4809 -66.66 -0.45 -60.75
C PHE C 4809 -66.30 0.76 -59.91
N ALA C 4810 -67.28 1.52 -59.42
CA ALA C 4810 -67.00 2.68 -58.60
C ALA C 4810 -66.60 2.32 -57.18
N ALA C 4811 -66.69 1.04 -56.80
CA ALA C 4811 -66.30 0.60 -55.48
C ALA C 4811 -64.88 0.04 -55.43
N HIS C 4812 -64.14 0.14 -56.54
CA HIS C 4812 -62.78 -0.37 -56.57
C HIS C 4812 -61.77 0.71 -56.22
N LEU C 4813 -61.97 1.89 -56.78
CA LEU C 4813 -61.02 2.98 -56.56
C LEU C 4813 -60.69 3.03 -55.12
N LEU C 4814 -61.70 2.93 -54.28
CA LEU C 4814 -61.47 3.07 -52.87
C LEU C 4814 -60.41 2.11 -52.46
N ASP C 4815 -60.78 0.85 -52.43
CA ASP C 4815 -59.85 -0.14 -51.94
C ASP C 4815 -58.44 0.11 -52.40
N ILE C 4816 -58.28 0.64 -53.59
CA ILE C 4816 -56.93 0.79 -54.01
C ILE C 4816 -56.44 2.13 -53.47
N ALA C 4817 -57.22 3.18 -53.65
CA ALA C 4817 -56.76 4.47 -53.22
C ALA C 4817 -56.07 4.33 -51.89
N MET C 4818 -56.65 3.54 -50.99
CA MET C 4818 -55.99 3.29 -49.71
C MET C 4818 -54.82 2.35 -49.89
N GLY C 4819 -53.82 2.79 -50.62
CA GLY C 4819 -52.62 1.99 -50.78
C GLY C 4819 -51.50 2.80 -50.20
N VAL C 4820 -51.56 4.11 -50.38
CA VAL C 4820 -50.55 4.97 -49.82
C VAL C 4820 -50.79 5.11 -48.33
N LYS C 4821 -49.83 4.68 -47.53
CA LYS C 4821 -50.03 4.68 -46.09
C LYS C 4821 -50.75 5.88 -45.51
N THR C 4822 -50.26 7.06 -45.82
CA THR C 4822 -50.86 8.24 -45.20
C THR C 4822 -52.38 8.25 -45.27
N LEU C 4823 -52.98 7.39 -46.09
CA LEU C 4823 -54.42 7.21 -46.08
C LEU C 4823 -54.85 5.96 -45.33
N ARG C 4824 -54.01 4.92 -45.33
CA ARG C 4824 -54.32 3.72 -44.56
C ARG C 4824 -54.35 4.02 -43.07
N THR C 4825 -53.46 4.91 -42.61
CA THR C 4825 -53.50 5.28 -41.20
C THR C 4825 -54.79 6.01 -40.86
N ILE C 4826 -55.27 6.87 -41.76
CA ILE C 4826 -56.54 7.56 -41.55
C ILE C 4826 -57.68 6.55 -41.48
N LEU C 4827 -57.69 5.58 -42.39
CA LEU C 4827 -58.75 4.58 -42.40
C LEU C 4827 -58.71 3.72 -41.14
N SER C 4828 -57.51 3.40 -40.65
CA SER C 4828 -57.38 2.61 -39.43
C SER C 4828 -57.70 3.40 -38.18
N SER C 4829 -57.57 4.73 -38.22
CA SER C 4829 -57.85 5.54 -37.04
C SER C 4829 -59.32 5.45 -36.64
N VAL C 4830 -60.22 5.18 -37.59
CA VAL C 4830 -61.63 5.13 -37.28
C VAL C 4830 -61.94 3.98 -36.32
N THR C 4831 -61.34 2.82 -36.55
CA THR C 4831 -61.59 1.64 -35.72
C THR C 4831 -60.48 1.39 -34.70
N HIS C 4832 -59.44 2.22 -34.67
CA HIS C 4832 -58.38 2.02 -33.69
C HIS C 4832 -58.89 2.21 -32.27
N ASN C 4833 -59.75 3.20 -32.06
CA ASN C 4833 -60.27 3.54 -30.74
C ASN C 4833 -61.78 3.45 -30.69
N GLY C 4834 -62.37 2.55 -31.48
CA GLY C 4834 -63.82 2.47 -31.58
C GLY C 4834 -64.49 1.94 -30.33
N LYS C 4835 -63.76 1.25 -29.46
CA LYS C 4835 -64.37 0.65 -28.29
C LYS C 4835 -64.96 1.70 -27.36
N GLN C 4836 -64.39 2.89 -27.33
CA GLN C 4836 -64.99 4.00 -26.60
C GLN C 4836 -65.90 4.85 -27.48
N LEU C 4837 -65.65 4.84 -28.79
CA LEU C 4837 -66.49 5.61 -29.71
C LEU C 4837 -67.92 5.10 -29.68
N VAL C 4838 -68.10 3.78 -29.66
CA VAL C 4838 -69.47 3.25 -29.64
C VAL C 4838 -70.17 3.60 -28.33
N MET C 4839 -69.45 3.58 -27.20
CA MET C 4839 -70.05 4.00 -25.94
C MET C 4839 -70.46 5.47 -25.99
N THR C 4840 -69.60 6.32 -26.54
CA THR C 4840 -69.95 7.74 -26.61
C THR C 4840 -71.15 7.97 -27.51
N VAL C 4841 -71.23 7.24 -28.64
CA VAL C 4841 -72.39 7.37 -29.51
C VAL C 4841 -73.65 6.93 -28.78
N GLY C 4842 -73.57 5.84 -28.02
CA GLY C 4842 -74.73 5.41 -27.25
C GLY C 4842 -75.14 6.45 -26.23
N LEU C 4843 -74.15 7.10 -25.59
CA LEU C 4843 -74.47 8.14 -24.62
C LEU C 4843 -75.20 9.30 -25.30
N LEU C 4844 -74.73 9.71 -26.47
CA LEU C 4844 -75.42 10.76 -27.21
C LEU C 4844 -76.85 10.34 -27.54
N ALA C 4845 -77.03 9.09 -27.97
CA ALA C 4845 -78.37 8.62 -28.29
C ALA C 4845 -79.30 8.66 -27.10
N VAL C 4846 -78.84 8.20 -25.94
CA VAL C 4846 -79.70 8.22 -24.76
C VAL C 4846 -79.97 9.65 -24.29
N VAL C 4847 -79.02 10.57 -24.43
CA VAL C 4847 -79.30 11.95 -24.04
C VAL C 4847 -80.36 12.57 -24.94
N VAL C 4848 -80.25 12.35 -26.25
CA VAL C 4848 -81.25 12.89 -27.17
C VAL C 4848 -82.61 12.26 -26.86
N TYR C 4849 -82.64 10.97 -26.57
CA TYR C 4849 -83.91 10.34 -26.20
C TYR C 4849 -84.49 10.94 -24.92
N LEU C 4850 -83.63 11.24 -23.96
CA LEU C 4850 -84.10 11.86 -22.72
C LEU C 4850 -84.77 13.18 -23.01
N TYR C 4851 -84.13 14.01 -23.84
CA TYR C 4851 -84.76 15.28 -24.20
C TYR C 4851 -86.05 15.05 -24.97
N THR C 4852 -86.11 13.98 -25.78
CA THR C 4852 -87.32 13.71 -26.54
C THR C 4852 -88.50 13.41 -25.61
N VAL C 4853 -88.27 12.55 -24.62
CA VAL C 4853 -89.38 12.24 -23.71
C VAL C 4853 -89.69 13.42 -22.82
N VAL C 4854 -88.70 14.28 -22.55
CA VAL C 4854 -88.99 15.48 -21.77
C VAL C 4854 -89.91 16.41 -22.54
N ALA C 4855 -89.65 16.60 -23.83
CA ALA C 4855 -90.42 17.53 -24.64
C ALA C 4855 -91.64 16.91 -25.29
N PHE C 4856 -91.86 15.61 -25.12
CA PHE C 4856 -92.99 14.96 -25.77
C PHE C 4856 -94.31 15.32 -25.09
N ASN C 4857 -94.32 15.35 -23.77
CA ASN C 4857 -95.55 15.58 -23.03
C ASN C 4857 -95.64 17.00 -22.48
N PHE C 4858 -94.79 17.91 -22.91
CA PHE C 4858 -94.79 19.27 -22.40
C PHE C 4858 -94.90 20.29 -23.52
N PHE C 4859 -94.31 20.00 -24.67
CA PHE C 4859 -94.18 20.97 -25.76
C PHE C 4859 -94.77 20.42 -27.05
N ARG C 4860 -95.97 19.84 -26.96
CA ARG C 4860 -96.61 19.31 -28.16
C ARG C 4860 -96.94 20.41 -29.15
N LYS C 4861 -97.45 21.53 -28.67
CA LYS C 4861 -98.00 22.54 -29.57
C LYS C 4861 -96.95 23.34 -30.30
N PHE C 4862 -95.66 23.02 -30.21
CA PHE C 4862 -94.62 23.76 -30.91
C PHE C 4862 -94.12 23.03 -32.16
N TYR C 4863 -93.98 21.71 -32.09
CA TYR C 4863 -93.37 20.95 -33.17
C TYR C 4863 -94.35 20.83 -34.31
N ASN C 4864 -94.33 21.80 -35.21
CA ASN C 4864 -95.09 21.70 -36.46
C ASN C 4864 -94.31 22.42 -37.54
N LYS C 4865 -94.67 22.13 -38.79
CA LYS C 4865 -93.95 22.67 -39.94
C LYS C 4865 -94.61 23.90 -40.53
N SER C 4866 -95.56 24.51 -39.81
CA SER C 4866 -96.15 25.80 -40.19
C SER C 4866 -96.79 25.75 -41.57
N GLU C 4867 -97.85 24.94 -41.68
CA GLU C 4867 -98.66 24.87 -42.89
C GLU C 4867 -99.98 25.57 -42.62
N ASP C 4868 -100.36 26.44 -43.54
CA ASP C 4868 -101.57 27.23 -43.36
C ASP C 4868 -102.82 26.35 -43.43
N GLU C 4869 -103.82 26.70 -42.63
CA GLU C 4869 -105.19 26.18 -42.69
C GLU C 4869 -105.27 24.67 -42.46
N ASP C 4870 -104.14 24.02 -42.23
CA ASP C 4870 -104.13 22.59 -41.92
C ASP C 4870 -102.72 22.22 -41.47
N GLU C 4871 -102.64 21.32 -40.48
CA GLU C 4871 -101.38 20.85 -39.95
C GLU C 4871 -101.39 19.33 -39.88
N PRO C 4872 -101.33 18.66 -41.04
CA PRO C 4872 -101.25 17.20 -41.02
C PRO C 4872 -99.93 16.68 -40.48
N ASP C 4873 -98.90 17.51 -40.43
CA ASP C 4873 -97.56 17.10 -40.03
C ASP C 4873 -97.28 17.61 -38.62
N MET C 4874 -97.23 16.69 -37.67
CA MET C 4874 -96.87 17.02 -36.29
C MET C 4874 -95.82 16.01 -35.84
N LYS C 4875 -94.63 16.49 -35.53
CA LYS C 4875 -93.54 15.63 -35.09
C LYS C 4875 -93.50 15.46 -33.58
N CYS C 4876 -94.66 15.59 -32.92
CA CYS C 4876 -94.74 15.40 -31.47
C CYS C 4876 -95.78 14.37 -31.06
N ASP C 4877 -96.69 13.98 -31.95
CA ASP C 4877 -97.74 13.03 -31.60
C ASP C 4877 -97.16 11.68 -31.19
N ASP C 4878 -96.52 10.99 -32.13
CA ASP C 4878 -95.93 9.70 -31.81
C ASP C 4878 -94.55 9.90 -31.20
N MET C 4879 -94.18 9.00 -30.30
CA MET C 4879 -92.83 9.03 -29.75
C MET C 4879 -91.80 8.70 -30.81
N MET C 4880 -92.11 7.73 -31.69
CA MET C 4880 -91.14 7.31 -32.69
C MET C 4880 -90.81 8.45 -33.65
N THR C 4881 -91.83 9.13 -34.17
CA THR C 4881 -91.57 10.23 -35.09
C THR C 4881 -90.84 11.37 -34.40
N CYS C 4882 -91.20 11.67 -33.15
CA CYS C 4882 -90.51 12.73 -32.43
C CYS C 4882 -89.04 12.39 -32.23
N TYR C 4883 -88.75 11.15 -31.84
CA TYR C 4883 -87.36 10.75 -31.64
C TYR C 4883 -86.58 10.81 -32.95
N LEU C 4884 -87.19 10.34 -34.04
CA LEU C 4884 -86.51 10.40 -35.33
C LEU C 4884 -86.25 11.85 -35.73
N PHE C 4885 -87.24 12.72 -35.54
CA PHE C 4885 -87.07 14.11 -35.92
C PHE C 4885 -85.94 14.76 -35.13
N HIS C 4886 -85.91 14.52 -33.82
CA HIS C 4886 -84.82 15.08 -33.02
C HIS C 4886 -83.48 14.54 -33.48
N MET C 4887 -83.34 13.22 -33.56
CA MET C 4887 -82.06 12.62 -33.90
C MET C 4887 -81.61 12.96 -35.32
N TYR C 4888 -82.51 13.36 -36.20
CA TYR C 4888 -82.13 13.65 -37.58
C TYR C 4888 -81.95 15.13 -37.85
N VAL C 4889 -82.58 16.02 -37.10
CA VAL C 4889 -82.50 17.46 -37.33
C VAL C 4889 -81.68 18.15 -36.26
N GLY C 4890 -81.99 17.90 -34.99
CA GLY C 4890 -81.40 18.69 -33.93
C GLY C 4890 -79.89 18.58 -33.85
N VAL C 4891 -79.36 17.38 -34.08
CA VAL C 4891 -77.91 17.20 -33.97
C VAL C 4891 -77.19 18.01 -35.03
N ARG C 4892 -77.71 17.99 -36.23
CA ARG C 4892 -77.11 18.81 -37.23
C ARG C 4892 -77.56 20.19 -36.91
N ALA C 4893 -77.66 21.03 -37.91
CA ALA C 4893 -78.04 22.41 -37.66
C ALA C 4893 -77.01 23.10 -36.77
N GLY C 4894 -77.05 24.43 -36.76
CA GLY C 4894 -76.13 25.18 -35.93
C GLY C 4894 -76.97 25.66 -34.80
N GLY C 4895 -76.75 25.11 -33.63
CA GLY C 4895 -77.62 25.46 -32.53
C GLY C 4895 -78.62 24.35 -32.49
N GLY C 4896 -79.13 24.07 -31.31
CA GLY C 4896 -80.04 22.96 -31.20
C GLY C 4896 -81.37 23.19 -31.84
N ILE C 4897 -82.38 22.50 -31.32
CA ILE C 4897 -83.67 22.60 -31.91
C ILE C 4897 -84.32 23.95 -31.70
N GLY C 4898 -83.56 25.04 -31.68
CA GLY C 4898 -84.21 26.33 -31.59
C GLY C 4898 -84.40 27.04 -32.91
N ASP C 4899 -83.93 26.47 -34.02
CA ASP C 4899 -84.05 27.11 -35.31
C ASP C 4899 -85.10 26.49 -36.20
N GLU C 4900 -85.73 25.39 -35.79
CA GLU C 4900 -86.62 24.65 -36.67
C GLU C 4900 -88.02 24.44 -36.08
N ILE C 4901 -88.38 25.16 -35.02
CA ILE C 4901 -89.68 25.02 -34.40
C ILE C 4901 -90.22 26.40 -34.09
N GLU C 4902 -91.42 26.45 -33.52
CA GLU C 4902 -92.11 27.71 -33.31
C GLU C 4902 -91.38 28.57 -32.28
N ASP C 4903 -91.57 29.88 -32.40
CA ASP C 4903 -90.96 30.81 -31.47
C ASP C 4903 -91.60 30.68 -30.09
N PRO C 4904 -90.81 30.75 -29.02
CA PRO C 4904 -91.38 30.64 -27.67
C PRO C 4904 -91.88 31.96 -27.12
N ALA C 4905 -92.13 32.95 -27.99
CA ALA C 4905 -92.54 34.26 -27.52
C ALA C 4905 -93.86 34.23 -26.76
N GLY C 4906 -94.64 33.16 -26.90
CA GLY C 4906 -95.87 33.05 -26.14
C GLY C 4906 -95.60 33.04 -24.65
N ASP C 4907 -96.57 33.57 -23.89
CA ASP C 4907 -96.37 33.77 -22.46
C ASP C 4907 -96.16 32.44 -21.74
N GLU C 4908 -96.94 31.43 -22.07
CA GLU C 4908 -96.87 30.17 -21.36
C GLU C 4908 -95.58 29.43 -21.68
N TYR C 4909 -94.90 28.95 -20.65
CA TYR C 4909 -93.75 28.06 -20.77
C TYR C 4909 -92.56 28.70 -21.48
N GLU C 4910 -92.52 30.03 -21.58
CA GLU C 4910 -91.41 30.67 -22.27
C GLU C 4910 -90.09 30.40 -21.56
N LEU C 4911 -90.03 30.68 -20.27
CA LEU C 4911 -88.83 30.40 -19.50
C LEU C 4911 -88.64 28.92 -19.23
N TYR C 4912 -89.66 28.10 -19.46
CA TYR C 4912 -89.52 26.66 -19.33
C TYR C 4912 -89.04 26.00 -20.61
N ARG C 4913 -88.89 26.78 -21.69
CA ARG C 4913 -88.36 26.27 -22.94
C ARG C 4913 -87.10 26.96 -23.40
N VAL C 4914 -86.87 28.21 -23.00
CA VAL C 4914 -85.59 28.85 -23.31
C VAL C 4914 -84.45 28.05 -22.70
N VAL C 4915 -84.61 27.64 -21.44
CA VAL C 4915 -83.56 26.83 -20.80
C VAL C 4915 -83.44 25.48 -21.49
N PHE C 4916 -84.54 24.92 -21.98
CA PHE C 4916 -84.47 23.66 -22.71
C PHE C 4916 -83.63 23.82 -23.98
N ASP C 4917 -83.89 24.88 -24.74
CA ASP C 4917 -83.10 25.13 -25.95
C ASP C 4917 -81.63 25.32 -25.63
N ILE C 4918 -81.34 26.13 -24.60
CA ILE C 4918 -79.96 26.43 -24.28
C ILE C 4918 -79.22 25.18 -23.84
N THR C 4919 -79.83 24.39 -22.96
CA THR C 4919 -79.14 23.19 -22.49
C THR C 4919 -79.03 22.14 -23.59
N PHE C 4920 -79.99 22.08 -24.51
CA PHE C 4920 -79.84 21.19 -25.64
C PHE C 4920 -78.67 21.60 -26.52
N PHE C 4921 -78.54 22.90 -26.78
CA PHE C 4921 -77.41 23.36 -27.58
C PHE C 4921 -76.09 23.15 -26.86
N PHE C 4922 -76.12 23.15 -25.53
CA PHE C 4922 -74.88 23.05 -24.77
C PHE C 4922 -74.45 21.62 -24.47
N PHE C 4923 -75.37 20.66 -24.49
CA PHE C 4923 -75.02 19.33 -24.01
C PHE C 4923 -74.81 18.30 -25.11
N VAL C 4924 -75.26 18.56 -26.35
CA VAL C 4924 -75.13 17.56 -27.40
C VAL C 4924 -74.48 18.17 -28.64
N ILE C 4925 -74.03 19.40 -28.56
CA ILE C 4925 -73.43 20.04 -29.72
C ILE C 4925 -72.03 20.56 -29.39
N VAL C 4926 -71.91 21.35 -28.33
CA VAL C 4926 -70.61 21.93 -28.00
C VAL C 4926 -69.78 21.04 -27.09
N ILE C 4927 -70.30 19.89 -26.69
CA ILE C 4927 -69.51 18.97 -25.87
C ILE C 4927 -69.47 17.60 -26.52
N LEU C 4928 -70.64 17.00 -26.75
CA LEU C 4928 -70.68 15.60 -27.19
C LEU C 4928 -70.10 15.44 -28.59
N LEU C 4929 -70.58 16.24 -29.54
CA LEU C 4929 -70.01 16.17 -30.88
C LEU C 4929 -68.54 16.56 -30.88
N ALA C 4930 -68.17 17.54 -30.04
CA ALA C 4930 -66.77 17.90 -29.93
C ALA C 4930 -65.94 16.72 -29.45
N ILE C 4931 -66.45 15.98 -28.46
CA ILE C 4931 -65.73 14.82 -27.96
C ILE C 4931 -65.60 13.75 -29.04
N ILE C 4932 -66.69 13.49 -29.77
CA ILE C 4932 -66.64 12.45 -30.80
C ILE C 4932 -65.65 12.83 -31.89
N GLN C 4933 -65.68 14.09 -32.33
CA GLN C 4933 -64.73 14.52 -33.35
C GLN C 4933 -63.30 14.46 -32.82
N GLY C 4934 -63.11 14.79 -31.55
CA GLY C 4934 -61.80 14.72 -30.94
C GLY C 4934 -61.23 13.32 -30.86
N LEU C 4935 -62.07 12.34 -30.56
CA LEU C 4935 -61.59 10.97 -30.43
C LEU C 4935 -61.00 10.44 -31.72
N ILE C 4936 -61.69 10.65 -32.84
CA ILE C 4936 -61.22 10.11 -34.11
C ILE C 4936 -59.98 10.87 -34.59
N ILE C 4937 -60.01 12.20 -34.50
CA ILE C 4937 -58.89 13.00 -34.98
C ILE C 4937 -57.64 12.72 -34.16
N ASP C 4938 -57.79 12.64 -32.83
CA ASP C 4938 -56.63 12.45 -31.97
C ASP C 4938 -55.99 11.09 -32.18
N ALA C 4939 -56.79 10.06 -32.49
CA ALA C 4939 -56.22 8.73 -32.71
C ALA C 4939 -55.30 8.73 -33.92
N PHE C 4940 -55.66 9.47 -34.97
CA PHE C 4940 -54.80 9.58 -36.14
C PHE C 4940 -53.47 10.24 -35.78
N GLY C 4941 -53.51 11.27 -34.93
CA GLY C 4941 -52.31 11.90 -34.43
C GLY C 4941 -51.46 10.94 -33.63
N GLU C 4942 -52.11 10.10 -32.82
CA GLU C 4942 -51.39 9.10 -32.04
C GLU C 4942 -50.70 8.10 -32.96
N LEU C 4943 -51.38 7.69 -34.04
CA LEU C 4943 -50.77 6.76 -34.99
C LEU C 4943 -49.55 7.39 -35.64
N ARG C 4944 -49.67 8.66 -36.04
CA ARG C 4944 -48.52 9.34 -36.62
C ARG C 4944 -47.37 9.41 -35.63
N ASP C 4945 -47.67 9.73 -34.36
CA ASP C 4945 -46.62 9.79 -33.35
C ASP C 4945 -45.98 8.42 -33.14
N GLN C 4946 -46.77 7.35 -33.17
CA GLN C 4946 -46.22 6.02 -33.01
C GLN C 4946 -45.27 5.68 -34.15
N GLN C 4947 -45.65 6.00 -35.38
CA GLN C 4947 -44.76 5.72 -36.51
C GLN C 4947 -43.49 6.55 -36.41
N GLU C 4948 -43.60 7.82 -36.02
CA GLU C 4948 -42.42 8.65 -35.87
C GLU C 4948 -41.50 8.10 -34.79
N GLN C 4949 -42.08 7.65 -33.67
CA GLN C 4949 -41.26 7.12 -32.59
C GLN C 4949 -40.60 5.81 -32.98
N VAL C 4950 -41.29 4.95 -33.72
CA VAL C 4950 -40.65 3.71 -34.14
C VAL C 4950 -39.55 4.00 -35.15
N LYS C 4951 -39.68 5.07 -35.92
CA LYS C 4951 -38.60 5.46 -36.83
C LYS C 4951 -37.41 6.01 -36.06
N GLU C 4952 -37.67 6.80 -35.01
CA GLU C 4952 -36.59 7.52 -34.33
C GLU C 4952 -35.88 6.69 -33.27
N ASP C 4953 -36.60 5.81 -32.56
CA ASP C 4953 -35.99 5.05 -31.48
C ASP C 4953 -34.89 4.14 -31.99
N MET C 4954 -35.11 3.50 -33.14
CA MET C 4954 -34.08 2.65 -33.73
C MET C 4954 -32.84 3.46 -34.10
N GLU C 4955 -32.98 4.77 -34.29
CA GLU C 4955 -31.85 5.62 -34.59
C GLU C 4955 -31.07 6.05 -33.35
N THR C 4956 -31.50 5.65 -32.15
CA THR C 4956 -30.77 5.96 -30.93
C THR C 4956 -30.42 4.73 -30.13
N LYS C 4957 -30.64 3.53 -30.68
CA LYS C 4957 -30.22 2.29 -30.05
C LYS C 4957 -29.77 1.34 -31.16
N CYS C 4958 -29.37 0.13 -30.76
CA CYS C 4958 -28.78 -0.81 -31.70
C CYS C 4958 -29.63 -2.04 -31.99
N PHE C 4959 -30.74 -2.24 -31.27
CA PHE C 4959 -31.63 -3.38 -31.46
C PHE C 4959 -30.96 -4.69 -31.06
N ILE C 4960 -29.68 -4.63 -30.69
CA ILE C 4960 -28.97 -5.80 -30.19
C ILE C 4960 -28.33 -5.44 -28.86
N CYS C 4961 -27.54 -4.37 -28.85
CA CYS C 4961 -26.98 -3.87 -27.61
C CYS C 4961 -28.10 -3.33 -26.73
N GLY C 4962 -27.87 -3.40 -25.42
CA GLY C 4962 -28.84 -2.87 -24.48
C GLY C 4962 -28.55 -1.43 -24.09
N ILE C 4963 -27.76 -0.75 -24.92
CA ILE C 4963 -27.33 0.61 -24.64
C ILE C 4963 -27.54 1.48 -25.87
N GLY C 4964 -27.54 2.80 -25.63
CA GLY C 4964 -27.86 3.76 -26.66
C GLY C 4964 -26.64 4.32 -27.37
N SER C 4965 -26.87 5.41 -28.10
CA SER C 4965 -25.83 6.04 -28.91
C SER C 4965 -24.97 7.02 -28.13
N ASP C 4966 -25.37 7.39 -26.91
CA ASP C 4966 -24.63 8.41 -26.18
C ASP C 4966 -23.21 7.97 -25.88
N TYR C 4967 -23.03 6.70 -25.49
CA TYR C 4967 -21.71 6.23 -25.13
C TYR C 4967 -20.83 6.00 -26.35
N PHE C 4968 -21.43 5.61 -27.49
CA PHE C 4968 -20.67 5.46 -28.72
C PHE C 4968 -20.34 6.78 -29.37
N ASP C 4969 -21.01 7.86 -28.98
CA ASP C 4969 -20.78 9.17 -29.58
C ASP C 4969 -19.60 9.90 -28.95
N THR C 4970 -18.92 9.29 -27.98
CA THR C 4970 -17.71 9.90 -27.42
C THR C 4970 -16.58 9.97 -28.45
N THR C 4971 -16.71 9.26 -29.56
CA THR C 4971 -15.78 9.32 -30.68
C THR C 4971 -16.54 9.61 -31.96
N PRO C 4972 -15.94 10.33 -32.90
CA PRO C 4972 -16.64 10.65 -34.14
C PRO C 4972 -17.04 9.39 -34.89
N HIS C 4973 -18.24 9.45 -35.49
CA HIS C 4973 -18.81 8.33 -36.25
C HIS C 4973 -18.91 7.07 -35.42
N GLY C 4974 -19.12 7.22 -34.10
CA GLY C 4974 -19.13 6.06 -33.22
C GLY C 4974 -20.27 5.11 -33.52
N PHE C 4975 -21.47 5.65 -33.76
CA PHE C 4975 -22.62 4.77 -33.96
C PHE C 4975 -22.54 4.05 -35.30
N GLU C 4976 -22.03 4.72 -36.33
CA GLU C 4976 -21.82 4.03 -37.60
C GLU C 4976 -20.85 2.88 -37.44
N THR C 4977 -19.78 3.09 -36.65
CA THR C 4977 -18.84 2.01 -36.38
C THR C 4977 -19.51 0.88 -35.60
N HIS C 4978 -20.39 1.21 -34.65
CA HIS C 4978 -21.04 0.15 -33.89
C HIS C 4978 -22.15 -0.53 -34.66
N THR C 4979 -22.61 0.03 -35.77
CA THR C 4979 -23.72 -0.57 -36.50
C THR C 4979 -23.35 -1.16 -37.86
N LEU C 4980 -22.21 -0.80 -38.44
CA LEU C 4980 -21.92 -1.22 -39.80
C LEU C 4980 -20.98 -2.41 -39.89
N GLU C 4981 -19.96 -2.46 -39.04
CA GLU C 4981 -19.04 -3.59 -38.99
C GLU C 4981 -19.26 -4.51 -37.79
N GLU C 4982 -19.72 -3.98 -36.67
CA GLU C 4982 -20.12 -4.83 -35.56
C GLU C 4982 -21.53 -5.34 -35.84
N HIS C 4983 -22.21 -5.88 -34.82
CA HIS C 4983 -23.52 -6.50 -35.03
C HIS C 4983 -24.45 -5.56 -35.78
N ASN C 4984 -24.86 -5.99 -36.96
CA ASN C 4984 -25.44 -5.12 -37.98
C ASN C 4984 -26.90 -5.46 -38.30
N LEU C 4985 -27.46 -6.48 -37.65
CA LEU C 4985 -28.83 -6.94 -37.88
C LEU C 4985 -28.94 -7.65 -39.22
N ALA C 4986 -27.87 -7.61 -40.00
CA ALA C 4986 -27.77 -8.36 -41.24
C ALA C 4986 -26.65 -9.38 -41.25
N ASN C 4987 -25.61 -9.18 -40.44
CA ASN C 4987 -24.56 -10.19 -40.33
C ASN C 4987 -25.11 -11.49 -39.77
N TYR C 4988 -26.00 -11.40 -38.77
CA TYR C 4988 -26.64 -12.60 -38.25
C TYR C 4988 -27.47 -13.30 -39.31
N MET C 4989 -28.06 -12.52 -40.22
CA MET C 4989 -28.81 -13.11 -41.33
C MET C 4989 -27.92 -14.01 -42.17
N PHE C 4990 -26.73 -13.53 -42.51
CA PHE C 4990 -25.81 -14.37 -43.27
C PHE C 4990 -25.28 -15.53 -42.43
N PHE C 4991 -25.08 -15.29 -41.12
CA PHE C 4991 -24.54 -16.32 -40.25
C PHE C 4991 -25.46 -17.51 -40.16
N LEU C 4992 -26.77 -17.27 -40.05
CA LEU C 4992 -27.72 -18.38 -39.87
C LEU C 4992 -27.71 -19.30 -41.08
N MET C 4993 -27.70 -18.76 -42.29
CA MET C 4993 -27.68 -19.63 -43.45
C MET C 4993 -26.28 -20.08 -43.84
N TYR C 4994 -25.24 -19.47 -43.26
CA TYR C 4994 -23.89 -19.97 -43.46
C TYR C 4994 -23.64 -21.19 -42.60
N LEU C 4995 -24.23 -21.23 -41.40
CA LEU C 4995 -24.13 -22.42 -40.57
C LEU C 4995 -24.75 -23.62 -41.26
N ILE C 4996 -25.84 -23.41 -41.99
CA ILE C 4996 -26.54 -24.52 -42.63
C ILE C 4996 -25.67 -25.16 -43.69
N ASN C 4997 -24.97 -24.36 -44.50
CA ASN C 4997 -24.22 -24.90 -45.62
C ASN C 4997 -23.06 -25.78 -45.15
N LYS C 4998 -22.32 -25.34 -44.14
CA LYS C 4998 -21.13 -26.06 -43.72
C LYS C 4998 -21.51 -27.24 -42.83
N ASP C 4999 -21.01 -28.43 -43.20
CA ASP C 4999 -21.35 -29.64 -42.47
C ASP C 4999 -20.78 -29.61 -41.05
N GLU C 5000 -21.43 -30.36 -40.17
CA GLU C 5000 -21.08 -30.34 -38.76
C GLU C 5000 -19.64 -30.76 -38.50
N THR C 5001 -19.03 -31.52 -39.41
CA THR C 5001 -17.67 -31.97 -39.19
C THR C 5001 -16.65 -30.84 -39.36
N GLU C 5002 -17.02 -29.74 -39.99
CA GLU C 5002 -16.10 -28.64 -40.24
C GLU C 5002 -16.37 -27.42 -39.38
N HIS C 5003 -17.35 -27.48 -38.49
CA HIS C 5003 -17.63 -26.34 -37.63
C HIS C 5003 -16.42 -26.03 -36.75
N THR C 5004 -16.12 -24.75 -36.59
CA THR C 5004 -15.00 -24.33 -35.77
C THR C 5004 -15.36 -24.52 -34.29
N GLY C 5005 -14.47 -24.07 -33.41
CA GLY C 5005 -14.69 -24.22 -31.99
C GLY C 5005 -15.83 -23.38 -31.44
N GLN C 5006 -16.33 -22.44 -32.20
CA GLN C 5006 -17.45 -21.61 -31.77
C GLN C 5006 -18.70 -21.78 -32.62
N GLU C 5007 -18.56 -22.13 -33.90
CA GLU C 5007 -19.74 -22.31 -34.75
C GLU C 5007 -20.62 -23.42 -34.22
N SER C 5008 -20.03 -24.57 -33.87
CA SER C 5008 -20.81 -25.63 -33.26
C SER C 5008 -21.37 -25.19 -31.91
N TYR C 5009 -20.63 -24.35 -31.20
CA TYR C 5009 -21.08 -23.88 -29.89
C TYR C 5009 -22.41 -23.14 -30.00
N VAL C 5010 -22.49 -22.19 -30.93
CA VAL C 5010 -23.74 -21.46 -31.11
C VAL C 5010 -24.80 -22.33 -31.78
N TRP C 5011 -24.38 -23.21 -32.69
CA TRP C 5011 -25.35 -24.06 -33.39
C TRP C 5011 -26.08 -24.97 -32.43
N LYS C 5012 -25.37 -25.47 -31.42
CA LYS C 5012 -26.01 -26.38 -30.46
C LYS C 5012 -27.13 -25.67 -29.71
N MET C 5013 -26.88 -24.44 -29.23
CA MET C 5013 -27.93 -23.68 -28.57
C MET C 5013 -29.06 -23.33 -29.54
N TYR C 5014 -28.72 -22.99 -30.78
CA TYR C 5014 -29.76 -22.66 -31.75
C TYR C 5014 -30.68 -23.84 -31.96
N GLN C 5015 -30.12 -25.05 -32.04
CA GLN C 5015 -30.97 -26.23 -32.13
C GLN C 5015 -31.70 -26.50 -30.82
N GLU C 5016 -31.14 -26.05 -29.70
CA GLU C 5016 -31.77 -26.23 -28.40
C GLU C 5016 -32.58 -25.02 -27.96
N ARG C 5017 -32.64 -23.96 -28.76
CA ARG C 5017 -33.47 -22.79 -28.49
C ARG C 5017 -33.11 -22.14 -27.15
N CYS C 5018 -31.88 -21.64 -27.08
CA CYS C 5018 -31.42 -20.85 -25.94
C CYS C 5018 -30.67 -19.65 -26.49
N TRP C 5019 -31.19 -18.45 -26.22
CA TRP C 5019 -30.68 -17.22 -26.81
C TRP C 5019 -29.75 -16.47 -25.88
N ASP C 5020 -28.94 -17.18 -25.11
CA ASP C 5020 -27.95 -16.52 -24.27
C ASP C 5020 -26.74 -16.02 -25.05
N PHE C 5021 -26.56 -16.47 -26.29
CA PHE C 5021 -25.35 -16.12 -27.02
C PHE C 5021 -25.41 -14.74 -27.65
N PHE C 5022 -26.55 -14.06 -27.63
CA PHE C 5022 -26.57 -12.67 -28.05
C PHE C 5022 -25.90 -11.80 -26.98
N PRO C 5023 -25.16 -10.77 -27.38
CA PRO C 5023 -24.39 -10.00 -26.40
C PRO C 5023 -25.23 -9.41 -25.28
N ALA C 5024 -26.21 -8.57 -25.64
CA ALA C 5024 -27.20 -8.04 -24.69
C ALA C 5024 -26.53 -7.31 -23.53
N GLY C 5025 -25.86 -6.20 -23.85
CA GLY C 5025 -25.34 -5.33 -22.81
C GLY C 5025 -23.98 -4.71 -23.07
N ASP C 5026 -23.15 -5.38 -23.86
CA ASP C 5026 -21.80 -4.89 -24.12
C ASP C 5026 -21.23 -5.64 -25.30
N CYS C 5027 -20.57 -4.92 -26.20
CA CYS C 5027 -20.06 -5.48 -27.45
C CYS C 5027 -18.59 -5.13 -27.61
N PHE C 5028 -17.72 -5.95 -27.01
CA PHE C 5028 -16.28 -5.97 -27.22
C PHE C 5028 -15.58 -4.72 -26.75
N ARG C 5029 -16.30 -3.70 -26.30
CA ARG C 5029 -15.69 -2.44 -25.90
C ARG C 5029 -15.78 -2.18 -24.41
N LYS C 5030 -16.93 -2.45 -23.78
CA LYS C 5030 -17.00 -2.35 -22.33
C LYS C 5030 -16.09 -3.36 -21.65
N GLN C 5031 -15.87 -4.51 -22.30
CA GLN C 5031 -15.01 -5.53 -21.73
C GLN C 5031 -13.54 -5.11 -21.77
N TYR C 5032 -13.13 -4.40 -22.80
CA TYR C 5032 -11.73 -4.09 -23.05
C TYR C 5032 -11.52 -2.58 -23.19
N GLU C 5033 -12.10 -1.83 -22.26
CA GLU C 5033 -11.96 -0.38 -22.31
C GLU C 5033 -10.54 0.05 -21.97
N ASP C 5034 -9.97 -0.51 -20.89
CA ASP C 5034 -8.64 -0.09 -20.46
C ASP C 5034 -7.57 -0.50 -21.47
N GLN C 5035 -7.60 -1.75 -21.91
CA GLN C 5035 -6.59 -2.23 -22.85
C GLN C 5035 -6.70 -1.52 -24.19
N LEU C 5036 -7.93 -1.32 -24.68
CA LEU C 5036 -8.17 -0.65 -25.94
C LEU C 5036 -9.10 0.52 -25.70
N SER C 5037 -8.55 1.73 -25.72
CA SER C 5037 -9.34 2.94 -25.51
C SER C 5037 -9.28 3.83 -26.74
N GLN D 12 0.82 9.54 35.31
CA GLN D 12 0.69 10.94 34.94
C GLN D 12 0.52 11.82 36.16
N PHE D 13 -0.58 11.60 36.88
CA PHE D 13 -0.87 12.39 38.08
C PHE D 13 -1.70 11.55 39.05
N LEU D 14 -1.66 11.95 40.31
CA LEU D 14 -2.40 11.24 41.34
C LEU D 14 -3.90 11.50 41.21
N ARG D 15 -4.69 10.52 41.65
CA ARG D 15 -6.14 10.60 41.58
C ARG D 15 -6.74 9.90 42.79
N THR D 16 -7.99 10.21 43.08
CA THR D 16 -8.68 9.60 44.21
C THR D 16 -8.99 8.14 43.92
N ASP D 17 -9.49 7.45 44.95
CA ASP D 17 -9.78 6.01 44.95
C ASP D 17 -8.70 5.23 44.21
N ASP D 18 -7.44 5.57 44.46
CA ASP D 18 -6.31 4.96 43.80
C ASP D 18 -5.27 4.54 44.83
N GLU D 19 -4.54 3.47 44.53
CA GLU D 19 -3.54 2.95 45.45
C GLU D 19 -2.25 3.77 45.35
N VAL D 20 -1.77 4.26 46.49
CA VAL D 20 -0.52 4.99 46.56
C VAL D 20 0.27 4.48 47.75
N VAL D 21 1.59 4.67 47.70
CA VAL D 21 2.48 4.31 48.79
C VAL D 21 3.29 5.53 49.18
N LEU D 22 3.29 5.85 50.47
CA LEU D 22 4.05 6.99 50.96
C LEU D 22 5.53 6.62 51.08
N GLN D 23 6.40 7.55 50.72
CA GLN D 23 7.83 7.26 50.66
C GLN D 23 8.61 8.50 51.06
N CYS D 24 9.87 8.28 51.46
CA CYS D 24 10.79 9.35 51.79
C CYS D 24 12.20 8.91 51.45
N SER D 25 13.08 9.90 51.30
CA SER D 25 14.49 9.64 50.99
C SER D 25 15.33 10.65 51.77
N ALA D 26 16.03 10.17 52.79
CA ALA D 26 16.86 11.04 53.64
C ALA D 26 18.11 10.26 54.02
N THR D 27 19.22 10.53 53.32
CA THR D 27 20.49 9.86 53.58
C THR D 27 21.38 10.77 54.42
N VAL D 28 21.95 10.20 55.49
CA VAL D 28 22.82 10.95 56.39
C VAL D 28 24.08 10.15 56.68
N LEU D 29 24.07 8.86 56.33
CA LEU D 29 25.16 7.94 56.63
C LEU D 29 25.89 7.48 55.37
N LYS D 30 25.97 8.33 54.37
CA LYS D 30 26.65 8.09 53.09
C LYS D 30 26.03 6.95 52.30
N GLU D 31 24.83 6.50 52.67
CA GLU D 31 24.09 5.50 51.91
C GLU D 31 22.65 5.94 51.82
N GLN D 32 22.05 5.78 50.64
CA GLN D 32 20.69 6.23 50.42
C GLN D 32 19.71 5.46 51.29
N LEU D 33 18.79 6.20 51.93
CA LEU D 33 17.76 5.61 52.78
C LEU D 33 16.43 5.69 52.06
N LYS D 34 15.78 4.54 51.86
CA LYS D 34 14.47 4.47 51.22
C LYS D 34 13.48 3.96 52.26
N LEU D 35 12.60 4.84 52.71
CA LEU D 35 11.67 4.56 53.79
C LEU D 35 10.24 4.53 53.27
N CYS D 36 9.44 3.59 53.78
CA CYS D 36 8.01 3.49 53.47
C CYS D 36 7.31 3.13 54.77
N LEU D 37 6.87 4.16 55.50
CA LEU D 37 6.27 3.93 56.81
C LEU D 37 4.95 3.20 56.68
N ALA D 38 4.65 2.38 57.69
CA ALA D 38 3.47 1.54 57.70
C ALA D 38 3.28 1.00 59.11
N ALA D 39 2.29 0.13 59.29
CA ALA D 39 2.02 -0.51 60.57
C ALA D 39 1.10 -1.69 60.33
N GLU D 40 1.20 -2.69 61.21
CA GLU D 40 0.26 -3.80 61.19
C GLU D 40 -1.09 -3.39 61.77
N GLY D 41 -1.15 -2.31 62.54
CA GLY D 41 -2.39 -1.85 63.11
C GLY D 41 -2.81 -2.64 64.33
N PHE D 42 -3.20 -3.89 64.13
CA PHE D 42 -3.62 -4.75 65.23
C PHE D 42 -2.44 -5.03 66.14
N GLY D 43 -2.64 -4.86 67.44
CA GLY D 43 -1.54 -5.02 68.38
C GLY D 43 -0.63 -3.82 68.47
N ASN D 44 -0.16 -3.31 67.34
CA ASN D 44 0.68 -2.12 67.28
C ASN D 44 -0.09 -1.05 66.49
N ARG D 45 -0.87 -0.24 67.22
CA ARG D 45 -1.58 0.85 66.58
C ARG D 45 -0.61 1.86 65.98
N LEU D 46 0.46 2.17 66.70
CA LEU D 46 1.45 3.11 66.21
C LEU D 46 2.17 2.54 65.00
N CYS D 47 2.66 3.43 64.15
CA CYS D 47 3.37 3.04 62.94
C CYS D 47 4.88 3.14 63.15
N PHE D 48 5.62 2.57 62.20
CA PHE D 48 7.07 2.55 62.26
C PHE D 48 7.61 2.54 60.84
N LEU D 49 8.86 2.99 60.70
CA LEU D 49 9.50 3.00 59.39
C LEU D 49 9.87 1.58 58.98
N GLU D 50 9.75 1.31 57.68
CA GLU D 50 10.18 0.05 57.09
C GLU D 50 11.19 0.38 55.99
N PRO D 51 12.48 0.39 56.30
CA PRO D 51 13.49 0.70 55.28
C PRO D 51 13.43 -0.29 54.13
N THR D 52 13.65 0.22 52.92
CA THR D 52 13.56 -0.60 51.72
C THR D 52 14.70 -0.37 50.74
N SER D 53 15.67 0.49 51.05
CA SER D 53 16.80 0.71 50.15
C SER D 53 17.62 -0.56 49.99
N ASN D 54 17.87 -1.27 51.10
CA ASN D 54 18.64 -2.52 51.06
C ASN D 54 17.70 -3.67 50.73
N ALA D 55 17.22 -3.66 49.48
CA ALA D 55 16.26 -4.65 49.01
C ALA D 55 16.87 -5.66 48.05
N GLN D 56 18.08 -5.43 47.55
CA GLN D 56 18.70 -6.36 46.62
C GLN D 56 18.97 -7.72 47.28
N ASN D 57 19.39 -7.71 48.54
CA ASN D 57 19.69 -8.94 49.26
C ASN D 57 18.48 -9.52 49.98
N VAL D 58 17.39 -8.78 50.09
CA VAL D 58 16.18 -9.26 50.78
C VAL D 58 14.97 -8.47 50.32
N PRO D 59 13.94 -9.13 49.80
CA PRO D 59 12.73 -8.41 49.39
C PRO D 59 11.78 -8.23 50.56
N PRO D 60 11.47 -6.98 50.92
CA PRO D 60 10.48 -6.74 51.98
C PRO D 60 9.06 -6.91 51.48
N ASP D 61 8.16 -7.16 52.42
CA ASP D 61 6.76 -7.38 52.10
C ASP D 61 6.09 -6.07 51.67
N LEU D 62 4.98 -6.21 50.95
CA LEU D 62 4.30 -5.09 50.31
C LEU D 62 2.80 -5.15 50.61
N ALA D 63 2.45 -5.34 51.88
CA ALA D 63 1.05 -5.40 52.30
C ALA D 63 0.65 -4.25 53.19
N ILE D 64 1.36 -4.04 54.31
CA ILE D 64 0.99 -2.99 55.24
C ILE D 64 1.39 -1.60 54.75
N CYS D 65 2.33 -1.51 53.80
CA CYS D 65 2.75 -0.22 53.30
C CYS D 65 1.84 0.35 52.23
N CYS D 66 0.96 -0.47 51.65
CA CYS D 66 0.05 0.03 50.63
C CYS D 66 -1.03 0.91 51.23
N PHE D 67 -1.48 1.88 50.45
CA PHE D 67 -2.55 2.78 50.88
C PHE D 67 -3.41 3.13 49.68
N THR D 68 -4.67 3.48 49.96
CA THR D 68 -5.61 3.88 48.93
C THR D 68 -6.24 5.20 49.32
N LEU D 69 -6.40 6.08 48.33
CA LEU D 69 -7.02 7.37 48.57
C LEU D 69 -8.52 7.19 48.78
N GLU D 70 -9.05 7.85 49.81
CA GLU D 70 -10.46 7.74 50.14
C GLU D 70 -11.22 9.03 49.89
N GLN D 71 -10.80 10.13 50.49
CA GLN D 71 -11.47 11.41 50.33
C GLN D 71 -10.43 12.52 50.16
N SER D 72 -10.83 13.57 49.47
CA SER D 72 -9.96 14.72 49.26
C SER D 72 -10.85 15.91 48.91
N LEU D 73 -10.87 16.92 49.78
CA LEU D 73 -11.71 18.09 49.59
C LEU D 73 -10.91 19.33 49.94
N SER D 74 -11.48 20.49 49.58
CA SER D 74 -10.88 21.75 49.98
C SER D 74 -11.05 21.98 51.47
N VAL D 75 -10.22 22.87 52.02
CA VAL D 75 -10.17 23.06 53.46
C VAL D 75 -11.51 23.59 53.97
N ARG D 76 -12.05 24.62 53.31
CA ARG D 76 -13.28 25.22 53.80
C ARG D 76 -14.46 24.27 53.69
N ALA D 77 -14.57 23.54 52.57
CA ALA D 77 -15.66 22.60 52.41
C ALA D 77 -15.61 21.50 53.46
N LEU D 78 -14.42 20.97 53.72
CA LEU D 78 -14.27 19.96 54.77
C LEU D 78 -14.63 20.53 56.14
N GLN D 79 -14.19 21.74 56.43
CA GLN D 79 -14.50 22.35 57.72
C GLN D 79 -16.00 22.53 57.88
N GLU D 80 -16.69 22.94 56.83
CA GLU D 80 -18.13 23.09 56.90
C GLU D 80 -18.84 21.75 57.06
N MET D 81 -18.34 20.71 56.37
CA MET D 81 -18.96 19.40 56.44
C MET D 81 -18.79 18.81 57.84
N LEU D 82 -17.64 19.04 58.47
CA LEU D 82 -17.40 18.48 59.80
C LEU D 82 -18.38 19.02 60.83
N ALA D 83 -18.68 20.31 60.77
CA ALA D 83 -19.49 20.96 61.78
C ALA D 83 -20.99 20.81 61.54
N ASN D 84 -21.40 20.07 60.51
CA ASN D 84 -22.81 19.90 60.19
C ASN D 84 -23.59 19.30 61.36
N GLY D 97 -17.38 9.34 42.27
CA GLY D 97 -16.64 10.11 43.26
C GLY D 97 -15.15 10.12 43.02
N HIS D 98 -14.76 10.20 41.75
CA HIS D 98 -13.36 10.18 41.34
C HIS D 98 -12.95 11.60 40.96
N ARG D 99 -12.25 12.27 41.86
CA ARG D 99 -11.84 13.66 41.67
C ARG D 99 -10.36 13.71 41.33
N THR D 100 -9.85 14.93 41.19
CA THR D 100 -8.44 15.19 40.90
C THR D 100 -7.82 15.91 42.08
N LEU D 101 -6.64 15.46 42.48
CA LEU D 101 -5.98 16.02 43.65
C LEU D 101 -5.37 17.38 43.32
N LEU D 102 -5.49 18.31 44.27
CA LEU D 102 -4.89 19.63 44.15
C LEU D 102 -4.09 19.94 45.41
N TYR D 103 -3.11 20.81 45.27
CA TYR D 103 -2.30 21.22 46.40
C TYR D 103 -3.14 22.02 47.39
N GLY D 104 -2.63 22.13 48.61
CA GLY D 104 -3.35 22.85 49.64
C GLY D 104 -4.69 22.23 49.98
N HIS D 105 -4.77 20.90 49.97
CA HIS D 105 -6.01 20.19 50.20
C HIS D 105 -5.87 19.25 51.39
N ALA D 106 -6.98 19.06 52.10
CA ALA D 106 -7.06 18.06 53.15
C ALA D 106 -7.44 16.72 52.54
N ILE D 107 -6.77 15.66 52.99
CA ILE D 107 -6.94 14.33 52.40
C ILE D 107 -7.17 13.32 53.51
N LEU D 108 -7.74 12.18 53.11
CA LEU D 108 -8.00 11.06 54.01
C LEU D 108 -7.34 9.81 53.46
N LEU D 109 -6.57 9.13 54.29
CA LEU D 109 -5.79 7.97 53.90
C LEU D 109 -6.42 6.71 54.46
N ARG D 110 -6.65 5.73 53.59
CA ARG D 110 -7.24 4.46 53.97
C ARG D 110 -6.19 3.36 53.90
N HIS D 111 -6.07 2.59 54.97
CA HIS D 111 -5.15 1.46 54.99
C HIS D 111 -5.64 0.37 54.05
N ALA D 112 -4.70 -0.22 53.31
CA ALA D 112 -5.06 -1.25 52.36
C ALA D 112 -5.63 -2.49 53.05
N HIS D 113 -5.04 -2.88 54.18
CA HIS D 113 -5.40 -4.10 54.87
C HIS D 113 -6.01 -3.86 56.25
N SER D 114 -5.40 -3.00 57.06
CA SER D 114 -5.87 -2.79 58.42
C SER D 114 -7.28 -2.22 58.45
N ARG D 115 -7.63 -1.41 57.44
CA ARG D 115 -8.94 -0.81 57.20
C ARG D 115 -9.23 0.42 58.06
N MET D 116 -8.35 0.81 58.98
CA MET D 116 -8.52 2.10 59.63
C MET D 116 -7.67 3.15 58.91
N TYR D 117 -7.62 4.35 59.48
CA TYR D 117 -7.04 5.50 58.81
C TYR D 117 -6.00 6.16 59.70
N LEU D 118 -5.04 6.83 59.06
CA LEU D 118 -4.01 7.56 59.78
C LEU D 118 -4.62 8.75 60.52
N SER D 119 -3.98 9.13 61.62
CA SER D 119 -4.43 10.26 62.42
C SER D 119 -3.28 10.68 63.32
N CYS D 120 -3.58 11.55 64.29
CA CYS D 120 -2.61 11.99 65.29
C CYS D 120 -3.04 11.47 66.65
N LEU D 121 -2.05 11.14 67.47
CA LEU D 121 -2.28 10.58 68.80
C LEU D 121 -1.63 11.47 69.85
N THR D 122 -2.21 11.47 71.05
CA THR D 122 -1.71 12.29 72.15
C THR D 122 -0.79 11.45 73.04
N THR D 123 0.34 11.06 72.47
CA THR D 123 1.33 10.26 73.16
C THR D 123 2.73 10.80 72.86
N SER D 124 3.66 10.54 73.78
CA SER D 124 5.03 10.98 73.65
C SER D 124 5.95 9.77 73.65
N ARG D 125 6.98 9.80 72.79
CA ARG D 125 7.94 8.72 72.68
C ARG D 125 9.32 9.28 72.42
N SER D 126 10.30 8.39 72.32
CA SER D 126 11.71 8.74 72.09
C SER D 126 12.27 9.64 73.18
N MET D 127 11.69 9.57 74.38
CA MET D 127 12.12 10.38 75.54
C MET D 127 12.12 11.86 75.21
N THR D 128 11.18 12.30 74.37
CA THR D 128 11.09 13.72 74.01
C THR D 128 10.75 14.57 75.23
N ASP D 129 9.80 14.11 76.04
CA ASP D 129 9.35 14.85 77.24
C ASP D 129 8.88 16.25 76.87
N LYS D 130 8.23 16.37 75.72
CA LYS D 130 7.75 17.65 75.21
C LYS D 130 6.59 17.36 74.25
N LEU D 131 6.20 18.37 73.48
CA LEU D 131 5.13 18.22 72.50
C LEU D 131 5.63 17.33 71.36
N ALA D 132 5.21 16.07 71.37
CA ALA D 132 5.62 15.10 70.36
C ALA D 132 4.45 14.63 69.51
N PHE D 133 3.38 14.15 70.13
CA PHE D 133 2.16 13.72 69.44
C PHE D 133 2.47 12.61 68.42
N ASP D 134 2.85 11.45 68.99
CA ASP D 134 3.23 10.30 68.17
C ASP D 134 2.12 9.93 67.17
N VAL D 135 2.54 9.38 66.05
CA VAL D 135 1.66 9.09 64.92
C VAL D 135 1.36 7.60 64.89
N GLY D 136 0.08 7.25 64.76
CA GLY D 136 -0.32 5.87 64.62
C GLY D 136 -1.78 5.73 64.22
N LEU D 137 -2.04 4.90 63.22
CA LEU D 137 -3.40 4.76 62.71
C LEU D 137 -4.29 4.09 63.75
N GLN D 138 -5.58 4.41 63.68
CA GLN D 138 -6.57 3.84 64.59
C GLN D 138 -7.94 3.96 63.94
N GLU D 139 -8.93 3.34 64.58
CA GLU D 139 -10.30 3.41 64.06
C GLU D 139 -10.83 4.82 64.27
N ASP D 140 -10.55 5.70 63.31
CA ASP D 140 -10.88 7.11 63.44
C ASP D 140 -11.82 7.54 62.32
N ALA D 141 -12.88 6.78 62.08
CA ALA D 141 -13.84 7.12 61.04
C ALA D 141 -14.34 8.55 61.20
N THR D 142 -14.52 8.99 62.44
CA THR D 142 -14.86 10.39 62.68
C THR D 142 -13.74 11.28 62.16
N GLY D 143 -14.13 12.33 61.44
CA GLY D 143 -13.15 13.14 60.71
C GLY D 143 -12.54 14.26 61.51
N GLU D 144 -12.66 14.20 62.84
CA GLU D 144 -12.17 15.30 63.67
C GLU D 144 -10.67 15.47 63.54
N ALA D 145 -9.91 14.37 63.52
CA ALA D 145 -8.46 14.48 63.55
C ALA D 145 -7.78 13.46 62.64
N CYS D 146 -8.42 13.08 61.54
CA CYS D 146 -7.84 12.09 60.63
C CYS D 146 -7.68 12.66 59.22
N TRP D 147 -7.16 13.88 59.12
CA TRP D 147 -6.92 14.51 57.84
C TRP D 147 -5.56 15.19 57.86
N TRP D 148 -4.99 15.38 56.66
CA TRP D 148 -3.71 16.05 56.50
C TRP D 148 -3.81 17.05 55.35
N THR D 149 -3.28 18.25 55.57
CA THR D 149 -3.25 19.26 54.53
C THR D 149 -2.13 18.98 53.54
N MET D 150 -2.05 19.80 52.50
CA MET D 150 -1.03 19.68 51.48
C MET D 150 -0.32 21.02 51.32
N HIS D 151 0.93 20.97 50.90
CA HIS D 151 1.72 22.19 50.73
C HIS D 151 2.78 21.97 49.66
N PRO D 152 3.18 23.01 48.96
CA PRO D 152 4.20 22.86 47.91
C PRO D 152 5.59 22.66 48.50
N ALA D 153 6.46 22.10 47.68
CA ALA D 153 7.84 21.86 48.11
C ALA D 153 8.64 23.15 48.21
N SER D 154 8.52 24.01 47.21
CA SER D 154 9.27 25.25 47.16
C SER D 154 8.54 26.22 46.24
N LYS D 155 9.24 27.29 45.83
CA LYS D 155 8.66 28.27 44.91
C LYS D 155 8.39 27.68 43.53
N GLN D 156 8.92 26.50 43.23
CA GLN D 156 8.69 25.88 41.92
C GLN D 156 7.22 25.61 41.67
N ARG D 157 6.46 25.35 42.73
CA ARG D 157 5.02 25.12 42.63
C ARG D 157 4.31 25.99 43.67
N SER D 158 3.00 26.07 43.55
CA SER D 158 2.20 26.90 44.44
C SER D 158 0.81 26.29 44.58
N GLU D 159 -0.05 26.99 45.32
CA GLU D 159 -1.41 26.51 45.55
C GLU D 159 -2.18 26.47 44.23
N GLY D 160 -3.06 25.48 44.11
CA GLY D 160 -3.86 25.31 42.92
C GLY D 160 -3.19 24.54 41.80
N GLU D 161 -1.90 24.22 41.94
CA GLU D 161 -1.22 23.40 40.93
C GLU D 161 -1.69 21.96 41.03
N LYS D 162 -1.97 21.36 39.88
CA LYS D 162 -2.35 19.95 39.86
C LYS D 162 -1.17 19.09 40.28
N VAL D 163 -1.44 18.11 41.14
CA VAL D 163 -0.38 17.24 41.65
C VAL D 163 0.12 16.33 40.53
N ARG D 164 1.36 15.87 40.66
CA ARG D 164 1.96 14.98 39.68
C ARG D 164 2.60 13.79 40.38
N VAL D 165 3.34 12.97 39.63
CA VAL D 165 3.98 11.78 40.17
C VAL D 165 5.48 12.06 40.30
N GLY D 166 6.04 11.72 41.47
CA GLY D 166 7.44 11.88 41.73
C GLY D 166 7.82 13.15 42.44
N ASP D 167 6.95 14.16 42.43
CA ASP D 167 7.25 15.41 43.12
C ASP D 167 7.25 15.20 44.63
N ASP D 168 8.05 15.99 45.31
CA ASP D 168 8.11 15.95 46.77
C ASP D 168 7.06 16.89 47.36
N LEU D 169 6.36 16.41 48.37
CA LEU D 169 5.23 17.13 48.93
C LEU D 169 5.37 17.26 50.44
N ILE D 170 4.44 17.99 51.04
CA ILE D 170 4.46 18.32 52.46
C ILE D 170 3.16 17.85 53.09
N LEU D 171 3.26 17.17 54.23
CA LEU D 171 2.10 16.73 55.01
C LEU D 171 2.10 17.48 56.34
N VAL D 172 0.96 18.08 56.67
CA VAL D 172 0.82 18.83 57.90
C VAL D 172 -0.48 18.41 58.59
N SER D 173 -0.41 18.23 59.90
CA SER D 173 -1.58 17.80 60.66
C SER D 173 -2.70 18.83 60.58
N VAL D 174 -3.93 18.33 60.47
CA VAL D 174 -5.09 19.22 60.39
C VAL D 174 -5.53 19.65 61.79
N SER D 175 -5.80 18.69 62.65
CA SER D 175 -6.31 18.99 63.99
C SER D 175 -5.23 19.03 65.05
N SER D 176 -3.96 18.87 64.66
CA SER D 176 -2.86 18.91 65.60
C SER D 176 -1.84 19.99 65.29
N GLU D 177 -2.00 20.70 64.16
CA GLU D 177 -1.16 21.84 63.77
C GLU D 177 0.34 21.52 63.87
N ARG D 178 0.69 20.25 63.77
CA ARG D 178 2.08 19.83 63.76
C ARG D 178 2.47 19.33 62.38
N TYR D 179 3.77 19.14 62.18
CA TYR D 179 4.33 18.74 60.90
C TYR D 179 4.95 17.36 61.02
N LEU D 180 4.53 16.45 60.16
CA LEU D 180 5.08 15.10 60.12
C LEU D 180 6.59 15.17 59.91
N HIS D 181 7.36 14.78 60.92
CA HIS D 181 8.80 15.02 60.97
C HIS D 181 9.56 13.71 61.16
N LEU D 182 10.59 13.51 60.35
CA LEU D 182 11.43 12.32 60.44
C LEU D 182 12.31 12.46 61.67
N SER D 183 11.84 11.92 62.79
CA SER D 183 12.50 12.10 64.08
C SER D 183 13.78 11.28 64.13
N THR D 184 14.91 11.94 63.91
CA THR D 184 16.23 11.33 64.09
C THR D 184 16.78 11.63 65.48
N ALA D 185 15.99 11.31 66.51
CA ALA D 185 16.37 11.64 67.88
C ALA D 185 17.53 10.76 68.34
N SER D 186 17.89 10.90 69.61
CA SER D 186 19.01 10.15 70.16
C SER D 186 18.80 8.64 70.05
N GLY D 187 17.55 8.20 70.11
CA GLY D 187 17.22 6.80 69.95
C GLY D 187 17.13 6.43 68.48
N GLU D 188 16.54 5.26 68.23
CA GLU D 188 16.33 4.81 66.86
C GLU D 188 15.37 5.73 66.14
N LEU D 189 15.53 5.79 64.81
CA LEU D 189 14.71 6.68 63.99
C LEU D 189 13.24 6.31 64.13
N GLN D 190 12.39 7.33 64.33
CA GLN D 190 10.96 7.11 64.52
C GLN D 190 10.19 8.17 63.73
N VAL D 191 8.95 7.84 63.40
CA VAL D 191 8.07 8.74 62.67
C VAL D 191 7.21 9.50 63.67
N ASP D 192 7.15 10.82 63.51
CA ASP D 192 6.36 11.65 64.41
C ASP D 192 6.02 12.95 63.70
N ALA D 193 5.05 13.67 64.26
CA ALA D 193 4.69 15.02 63.80
C ALA D 193 5.02 15.97 64.95
N SER D 194 6.28 16.39 65.02
CA SER D 194 6.76 17.16 66.15
C SER D 194 7.24 18.56 65.78
N PHE D 195 8.16 18.68 64.83
CA PHE D 195 8.88 19.94 64.66
C PHE D 195 8.72 20.57 63.29
N MET D 196 9.02 19.84 62.22
CA MET D 196 9.22 20.48 60.93
C MET D 196 8.74 19.56 59.81
N GLN D 197 8.46 20.16 58.66
CA GLN D 197 7.81 19.47 57.55
C GLN D 197 8.86 18.76 56.70
N THR D 198 9.03 17.46 56.96
CA THR D 198 9.92 16.65 56.14
C THR D 198 9.29 16.39 54.78
N LEU D 199 10.14 16.22 53.77
CA LEU D 199 9.65 15.98 52.42
C LEU D 199 9.11 14.56 52.30
N TRP D 200 8.03 14.42 51.52
CA TRP D 200 7.44 13.10 51.26
C TRP D 200 6.88 13.10 49.85
N ASN D 201 7.10 12.00 49.13
CA ASN D 201 6.58 11.83 47.78
C ASN D 201 5.70 10.59 47.73
N MET D 202 4.48 10.74 47.23
CA MET D 202 3.53 9.65 47.15
C MET D 202 3.66 8.98 45.80
N ASN D 203 4.28 7.81 45.77
CA ASN D 203 4.49 7.09 44.53
C ASN D 203 3.28 6.22 44.22
N PRO D 204 2.75 6.28 42.99
CA PRO D 204 1.59 5.44 42.64
C PRO D 204 2.02 3.98 42.53
N ILE D 205 1.45 3.14 43.40
CA ILE D 205 1.78 1.72 43.40
C ILE D 205 0.89 0.94 42.44
N CYS D 206 -0.41 1.23 42.43
CA CYS D 206 -1.35 0.55 41.55
C CYS D 206 -2.32 1.59 40.99
N SER D 207 -3.39 1.13 40.37
CA SER D 207 -4.42 2.01 39.84
C SER D 207 -5.67 1.19 39.55
N CYS D 208 -6.66 1.85 38.96
CA CYS D 208 -7.91 1.17 38.62
C CYS D 208 -7.70 0.21 37.47
N CYS D 209 -8.17 -1.03 37.64
CA CYS D 209 -8.08 -2.05 36.60
C CYS D 209 -9.34 -2.90 36.63
N GLU D 210 -9.69 -3.45 35.48
CA GLU D 210 -10.88 -4.27 35.37
C GLU D 210 -10.70 -5.57 36.14
N GLU D 211 -11.82 -6.12 36.61
CA GLU D 211 -11.79 -7.35 37.38
C GLU D 211 -11.42 -8.54 36.51
N GLY D 212 -10.98 -9.62 37.16
CA GLY D 212 -10.65 -10.85 36.49
C GLY D 212 -9.28 -10.88 35.86
N TYR D 213 -8.58 -9.76 35.80
CA TYR D 213 -7.28 -9.67 35.16
C TYR D 213 -6.25 -9.48 36.27
N VAL D 214 -5.45 -10.52 36.53
CA VAL D 214 -4.59 -10.55 37.69
C VAL D 214 -3.53 -9.45 37.61
N THR D 215 -3.29 -8.80 38.75
CA THR D 215 -2.30 -7.75 38.87
C THR D 215 -1.41 -8.06 40.08
N GLY D 216 -0.42 -7.19 40.31
CA GLY D 216 0.45 -7.37 41.45
C GLY D 216 -0.28 -7.17 42.75
N GLY D 217 0.16 -7.92 43.78
CA GLY D 217 -0.46 -7.85 45.08
C GLY D 217 -1.73 -8.67 45.18
N HIS D 218 -2.39 -8.88 44.04
CA HIS D 218 -3.61 -9.66 43.98
C HIS D 218 -3.35 -11.10 44.42
N VAL D 219 -3.87 -11.48 45.59
CA VAL D 219 -3.59 -12.78 46.19
C VAL D 219 -4.74 -13.71 45.89
N LEU D 220 -4.45 -14.81 45.19
CA LEU D 220 -5.46 -15.82 44.90
C LEU D 220 -4.78 -17.18 44.80
N ARG D 221 -5.60 -18.22 44.81
CA ARG D 221 -5.12 -19.59 44.73
C ARG D 221 -5.23 -20.09 43.30
N LEU D 222 -4.19 -20.79 42.85
CA LEU D 222 -4.09 -21.28 41.48
C LEU D 222 -4.33 -22.79 41.47
N PHE D 223 -5.31 -23.22 40.67
CA PHE D 223 -5.61 -24.64 40.56
C PHE D 223 -4.54 -25.35 39.74
N HIS D 224 -4.77 -26.65 39.53
CA HIS D 224 -3.88 -27.47 38.73
C HIS D 224 -4.69 -28.63 38.16
N GLY D 225 -4.18 -29.21 37.07
CA GLY D 225 -4.91 -30.27 36.44
C GLY D 225 -6.22 -29.78 35.84
N HIS D 226 -7.23 -30.65 35.87
CA HIS D 226 -8.53 -30.33 35.29
C HIS D 226 -9.66 -30.33 36.32
N MET D 227 -9.82 -31.42 37.07
CA MET D 227 -11.01 -31.56 37.93
C MET D 227 -10.85 -30.82 39.25
N ASP D 228 -9.90 -31.25 40.08
CA ASP D 228 -9.72 -30.64 41.41
C ASP D 228 -8.30 -30.93 41.87
N GLU D 229 -7.43 -29.92 41.75
CA GLU D 229 -6.05 -30.04 42.20
C GLU D 229 -5.46 -28.64 42.30
N CYS D 230 -4.87 -28.33 43.44
CA CYS D 230 -4.32 -27.00 43.67
C CYS D 230 -2.99 -27.12 44.41
N LEU D 231 -2.17 -26.08 44.26
CA LEU D 231 -0.88 -26.05 44.93
C LEU D 231 -1.07 -26.04 46.44
N THR D 232 -0.14 -26.67 47.16
CA THR D 232 -0.36 -26.99 48.55
C THR D 232 0.96 -26.95 49.31
N ILE D 233 0.84 -26.74 50.62
CA ILE D 233 1.94 -26.92 51.56
C ILE D 233 1.41 -27.76 52.72
N SER D 234 2.33 -28.37 53.47
CA SER D 234 1.95 -29.15 54.62
C SER D 234 1.39 -28.25 55.73
N ALA D 235 0.62 -28.86 56.62
CA ALA D 235 0.06 -28.16 57.76
C ALA D 235 1.14 -27.94 58.82
N ALA D 236 0.79 -27.21 59.87
CA ALA D 236 1.71 -26.95 60.95
C ALA D 236 2.02 -28.24 61.72
N ASP D 237 3.00 -28.16 62.62
CA ASP D 237 3.44 -29.30 63.43
C ASP D 237 3.90 -30.45 62.54
N SER D 238 4.71 -30.13 61.53
CA SER D 238 5.26 -31.11 60.61
C SER D 238 6.78 -31.05 60.67
N ASP D 239 7.42 -32.22 60.45
CA ASP D 239 8.87 -32.31 60.49
C ASP D 239 9.54 -31.50 59.39
N ASP D 240 8.81 -31.19 58.31
CA ASP D 240 9.36 -30.44 57.19
C ASP D 240 9.33 -28.94 57.43
N GLN D 241 8.81 -28.49 58.57
CA GLN D 241 8.66 -27.06 58.87
C GLN D 241 7.83 -26.36 57.79
N ARG D 242 6.97 -27.12 57.11
CA ARG D 242 6.17 -26.62 56.00
C ARG D 242 7.06 -25.98 54.94
N ARG D 243 8.26 -26.52 54.77
CA ARG D 243 9.24 -25.98 53.83
C ARG D 243 9.37 -26.82 52.58
N LEU D 244 8.44 -27.72 52.33
CA LEU D 244 8.47 -28.59 51.15
C LEU D 244 7.13 -28.49 50.43
N VAL D 245 7.16 -28.00 49.20
CA VAL D 245 5.94 -27.80 48.43
C VAL D 245 5.38 -29.16 48.00
N TYR D 246 4.08 -29.35 48.20
CA TYR D 246 3.41 -30.58 47.84
C TYR D 246 2.22 -30.30 46.94
N TYR D 247 1.38 -31.31 46.72
CA TYR D 247 0.10 -31.16 46.04
C TYR D 247 -1.00 -31.68 46.96
N GLU D 248 -2.24 -31.59 46.49
CA GLU D 248 -3.40 -32.03 47.25
C GLU D 248 -4.57 -32.19 46.29
N GLY D 249 -5.76 -32.43 46.85
CA GLY D 249 -6.98 -32.52 46.08
C GLY D 249 -7.78 -31.24 46.17
N GLY D 250 -8.79 -31.23 47.03
CA GLY D 250 -9.61 -30.04 47.21
C GLY D 250 -9.84 -29.67 48.66
N ALA D 251 -9.26 -30.44 49.58
CA ALA D 251 -9.48 -30.18 51.01
C ALA D 251 -8.72 -28.94 51.46
N VAL D 252 -7.39 -28.95 51.31
CA VAL D 252 -6.57 -27.83 51.74
C VAL D 252 -6.59 -26.70 50.72
N CYS D 253 -7.12 -26.94 49.52
CA CYS D 253 -7.14 -25.94 48.47
C CYS D 253 -8.02 -24.73 48.82
N THR D 254 -8.85 -24.83 49.86
CA THR D 254 -9.71 -23.73 50.29
C THR D 254 -9.29 -23.23 51.66
N HIS D 255 -7.99 -23.11 51.90
CA HIS D 255 -7.46 -22.63 53.17
C HIS D 255 -6.24 -21.76 52.90
N ALA D 256 -5.65 -21.24 53.99
CA ALA D 256 -4.55 -20.30 53.87
C ALA D 256 -3.29 -20.93 53.28
N ARG D 257 -3.16 -22.26 53.37
CA ARG D 257 -1.97 -22.93 52.85
C ARG D 257 -1.88 -22.79 51.34
N SER D 258 -3.00 -22.88 50.64
CA SER D 258 -3.02 -22.94 49.18
C SER D 258 -2.98 -21.56 48.52
N LEU D 259 -2.56 -20.53 49.22
CA LEU D 259 -2.56 -19.17 48.69
C LEU D 259 -1.15 -18.59 48.77
N TRP D 260 -0.75 -17.87 47.74
CA TRP D 260 0.57 -17.25 47.69
C TRP D 260 0.44 -15.80 47.26
N ARG D 261 1.38 -14.98 47.73
CA ARG D 261 1.43 -13.56 47.40
C ARG D 261 2.55 -13.32 46.40
N LEU D 262 2.25 -12.58 45.34
CA LEU D 262 3.17 -12.33 44.25
C LEU D 262 3.39 -10.84 44.10
N GLU D 263 4.65 -10.45 43.85
CA GLU D 263 4.99 -9.06 43.64
C GLU D 263 6.22 -8.99 42.73
N PRO D 264 6.31 -7.99 41.86
CA PRO D 264 7.48 -7.85 41.00
C PRO D 264 8.63 -7.20 41.78
N LEU D 265 9.81 -7.20 41.12
CA LEU D 265 11.00 -6.69 41.77
C LEU D 265 10.97 -5.17 41.91
N ARG D 266 10.24 -4.48 41.05
CA ARG D 266 10.17 -3.02 41.12
C ARG D 266 9.31 -2.58 42.30
N ILE D 267 9.58 -1.36 42.77
CA ILE D 267 8.87 -0.83 43.93
C ILE D 267 7.65 -0.05 43.48
N SER D 268 7.87 1.03 42.72
CA SER D 268 6.77 1.84 42.22
C SER D 268 6.06 1.14 41.07
N TRP D 269 4.76 1.41 40.94
CA TRP D 269 3.93 0.87 39.87
C TRP D 269 3.89 -0.66 39.89
N SER D 270 4.26 -1.27 41.02
CA SER D 270 4.29 -2.72 41.11
C SER D 270 2.90 -3.34 41.07
N GLY D 271 1.88 -2.59 41.48
CA GLY D 271 0.53 -3.09 41.43
C GLY D 271 -0.07 -3.14 40.04
N SER D 272 0.70 -2.76 39.03
CA SER D 272 0.22 -2.77 37.65
C SER D 272 0.03 -4.19 37.16
N HIS D 273 -0.66 -4.32 36.03
CA HIS D 273 -0.84 -5.62 35.42
C HIS D 273 0.50 -6.20 34.99
N LEU D 274 0.64 -7.52 35.12
CA LEU D 274 1.89 -8.20 34.80
C LEU D 274 1.76 -8.93 33.48
N ARG D 275 2.72 -8.72 32.59
CA ARG D 275 2.75 -9.38 31.30
C ARG D 275 3.47 -10.72 31.42
N TRP D 276 3.53 -11.45 30.31
CA TRP D 276 4.27 -12.70 30.28
C TRP D 276 5.76 -12.43 30.48
N GLY D 277 6.42 -13.29 31.24
CA GLY D 277 7.84 -13.15 31.46
C GLY D 277 8.25 -12.09 32.45
N GLN D 278 7.31 -11.56 33.23
CA GLN D 278 7.64 -10.52 34.20
C GLN D 278 8.27 -11.16 35.43
N PRO D 279 9.48 -10.74 35.84
CA PRO D 279 10.09 -11.32 37.04
C PRO D 279 9.32 -10.94 38.31
N LEU D 280 9.35 -11.87 39.27
CA LEU D 280 8.63 -11.68 40.52
C LEU D 280 9.17 -12.67 41.55
N ARG D 281 8.81 -12.43 42.81
CA ARG D 281 9.24 -13.26 43.93
C ARG D 281 8.00 -13.68 44.71
N ILE D 282 7.56 -14.93 44.52
CA ILE D 282 6.39 -15.43 45.21
C ILE D 282 6.66 -15.50 46.71
N ARG D 283 5.73 -15.00 47.51
CA ARG D 283 5.79 -15.07 48.97
C ARG D 283 4.60 -15.85 49.48
N HIS D 284 4.85 -16.83 50.35
CA HIS D 284 3.77 -17.58 50.96
C HIS D 284 3.06 -16.71 51.98
N VAL D 285 1.73 -16.64 51.88
CA VAL D 285 0.96 -15.71 52.71
C VAL D 285 1.01 -16.10 54.18
N THR D 286 0.87 -17.39 54.48
CA THR D 286 0.75 -17.82 55.87
C THR D 286 2.09 -17.76 56.58
N THR D 287 3.08 -18.49 56.07
CA THR D 287 4.38 -18.52 56.72
C THR D 287 5.15 -17.22 56.57
N GLY D 288 4.79 -16.39 55.60
CA GLY D 288 5.51 -15.16 55.37
C GLY D 288 6.93 -15.37 54.88
N ARG D 289 7.14 -16.34 53.99
CA ARG D 289 8.45 -16.63 53.46
C ARG D 289 8.35 -16.96 51.98
N TYR D 290 9.46 -16.77 51.27
CA TYR D 290 9.50 -16.93 49.83
C TYR D 290 9.87 -18.36 49.45
N LEU D 291 10.01 -18.60 48.15
CA LEU D 291 10.36 -19.90 47.62
C LEU D 291 11.68 -19.81 46.85
N ALA D 292 12.55 -20.79 47.03
CA ALA D 292 13.84 -20.83 46.36
C ALA D 292 14.44 -22.22 46.53
N LEU D 293 15.67 -22.37 46.04
CA LEU D 293 16.46 -23.59 46.17
C LEU D 293 17.85 -23.19 46.63
N THR D 294 18.28 -23.68 47.79
CA THR D 294 19.55 -23.22 48.35
C THR D 294 20.74 -23.92 47.71
N GLU D 295 20.89 -25.22 47.97
CA GLU D 295 21.93 -26.01 47.31
C GLU D 295 21.36 -27.20 46.54
N ASP D 296 20.66 -28.10 47.23
CA ASP D 296 20.09 -29.27 46.58
C ASP D 296 18.74 -29.69 47.15
N GLN D 297 18.18 -28.94 48.10
CA GLN D 297 16.98 -29.39 48.81
C GLN D 297 15.75 -29.41 47.92
N GLY D 298 15.80 -28.77 46.75
CA GLY D 298 14.62 -28.61 45.94
C GLY D 298 13.91 -27.30 46.22
N LEU D 299 12.74 -27.16 45.60
CA LEU D 299 11.93 -25.97 45.79
C LEU D 299 11.42 -25.95 47.22
N VAL D 300 12.02 -25.10 48.05
CA VAL D 300 11.74 -25.09 49.49
C VAL D 300 11.37 -23.68 49.93
N VAL D 301 10.63 -23.62 51.02
CA VAL D 301 10.29 -22.33 51.63
C VAL D 301 11.53 -21.77 52.30
N VAL D 302 11.90 -20.55 51.93
CA VAL D 302 13.14 -19.93 52.39
C VAL D 302 12.82 -18.62 53.08
N ASP D 303 13.54 -18.34 54.16
CA ASP D 303 13.38 -17.07 54.85
C ASP D 303 13.89 -15.94 53.97
N ALA D 304 13.36 -14.74 54.23
CA ALA D 304 13.71 -13.58 53.41
C ALA D 304 15.19 -13.25 53.48
N CYS D 305 15.86 -13.63 54.57
CA CYS D 305 17.29 -13.37 54.68
C CYS D 305 18.07 -14.06 53.57
N LYS D 306 17.74 -15.32 53.29
CA LYS D 306 18.35 -16.05 52.18
C LYS D 306 17.53 -15.91 50.91
N ALA D 307 17.19 -14.67 50.57
CA ALA D 307 16.46 -14.36 49.33
C ALA D 307 17.19 -13.20 48.66
N HIS D 308 18.21 -13.51 47.89
CA HIS D 308 19.05 -12.51 47.25
C HIS D 308 18.51 -12.08 45.88
N THR D 309 17.21 -12.28 45.64
CA THR D 309 16.53 -11.91 44.40
C THR D 309 17.11 -12.60 43.18
N LYS D 310 17.93 -13.63 43.36
CA LYS D 310 18.49 -14.37 42.24
C LYS D 310 17.98 -15.81 42.20
N ALA D 311 18.18 -16.57 43.27
CA ALA D 311 17.63 -17.92 43.34
C ALA D 311 16.17 -17.93 43.76
N THR D 312 15.67 -16.82 44.31
CA THR D 312 14.29 -16.69 44.70
C THR D 312 13.47 -15.90 43.69
N SER D 313 14.02 -15.63 42.51
CA SER D 313 13.34 -14.89 41.46
C SER D 313 12.71 -15.87 40.47
N PHE D 314 11.48 -15.56 40.06
CA PHE D 314 10.74 -16.40 39.13
C PHE D 314 9.99 -15.52 38.14
N CYS D 315 9.38 -16.16 37.15
CA CYS D 315 8.56 -15.47 36.16
C CYS D 315 7.52 -16.45 35.64
N PHE D 316 6.83 -16.07 34.56
CA PHE D 316 5.78 -16.91 34.01
C PHE D 316 5.60 -16.57 32.53
N ARG D 317 5.29 -17.60 31.75
CA ARG D 317 5.10 -17.44 30.31
C ARG D 317 4.26 -18.61 29.81
N VAL D 318 3.81 -18.49 28.56
CA VAL D 318 3.08 -19.59 27.93
C VAL D 318 3.97 -20.82 27.80
N SER D 319 5.18 -20.61 27.30
CA SER D 319 6.15 -21.69 27.14
C SER D 319 7.55 -21.10 27.24
N LYS D 320 8.53 -21.98 27.43
CA LYS D 320 9.92 -21.58 27.61
C LYS D 320 10.82 -22.22 26.57
N GLU D 321 10.38 -22.20 25.31
CA GLU D 321 11.19 -22.72 24.22
C GLU D 321 12.36 -21.77 23.95
N LYS D 322 13.20 -22.17 22.99
CA LYS D 322 14.42 -21.40 22.70
C LYS D 322 14.09 -20.08 22.01
N LEU D 323 13.94 -19.02 22.80
CA LEU D 323 13.69 -17.69 22.29
C LEU D 323 15.02 -16.92 22.22
N ASP D 324 14.94 -15.65 21.88
CA ASP D 324 16.11 -14.78 21.82
C ASP D 324 16.45 -14.17 23.17
N THR D 325 15.70 -14.50 24.22
CA THR D 325 15.91 -13.95 25.56
C THR D 325 15.85 -12.42 25.54
N ALA D 326 14.77 -11.89 24.97
CA ALA D 326 14.56 -10.45 24.90
C ALA D 326 13.22 -10.10 25.53
N PRO D 327 12.89 -10.65 26.70
CA PRO D 327 11.65 -10.29 27.40
C PRO D 327 11.82 -9.23 28.48
N LYS D 328 13.03 -8.72 28.69
CA LYS D 328 13.28 -7.72 29.73
C LYS D 328 13.13 -6.33 29.13
N ARG D 329 12.20 -5.55 29.68
CA ARG D 329 11.98 -4.18 29.25
C ARG D 329 11.28 -3.42 30.36
N ASP D 330 11.68 -2.17 30.54
CA ASP D 330 11.10 -1.34 31.60
C ASP D 330 9.62 -1.06 31.30
N VAL D 331 8.81 -1.03 32.35
CA VAL D 331 7.39 -0.71 32.23
C VAL D 331 7.07 0.44 33.17
N GLU D 332 6.30 1.39 32.68
CA GLU D 332 5.85 2.53 33.48
C GLU D 332 4.35 2.75 33.41
N GLY D 333 3.72 2.51 32.26
CA GLY D 333 2.29 2.69 32.12
C GLY D 333 1.50 1.50 32.66
N MET D 334 0.19 1.69 32.73
CA MET D 334 -0.69 0.64 33.20
C MET D 334 -0.64 -0.58 32.28
N GLY D 335 -0.71 -0.35 30.96
CA GLY D 335 -0.73 -1.43 30.01
C GLY D 335 -2.07 -2.13 29.99
N PRO D 336 -2.44 -2.68 28.84
CA PRO D 336 -3.71 -3.40 28.72
C PRO D 336 -3.61 -4.79 29.31
N PRO D 337 -4.32 -5.07 30.39
CA PRO D 337 -4.31 -6.43 30.94
C PRO D 337 -5.02 -7.40 30.02
N GLU D 338 -4.44 -8.59 29.87
CA GLU D 338 -4.94 -9.57 28.92
C GLU D 338 -5.07 -10.98 29.48
N ILE D 339 -4.40 -11.31 30.58
CA ILE D 339 -4.45 -12.66 31.13
C ILE D 339 -5.71 -12.80 31.99
N LYS D 340 -6.56 -13.75 31.63
CA LYS D 340 -7.81 -13.97 32.32
C LYS D 340 -7.64 -15.08 33.36
N TYR D 341 -8.75 -15.52 33.94
CA TYR D 341 -8.76 -16.59 34.93
C TYR D 341 -9.43 -17.82 34.32
N GLY D 342 -8.75 -18.96 34.40
CA GLY D 342 -9.23 -20.18 33.80
C GLY D 342 -8.82 -20.38 32.36
N GLU D 343 -8.18 -19.40 31.73
CA GLU D 343 -7.72 -19.51 30.36
C GLU D 343 -6.29 -19.02 30.14
N SER D 344 -5.68 -18.36 31.12
CA SER D 344 -4.32 -17.85 30.95
C SER D 344 -3.32 -18.98 30.72
N LEU D 345 -3.46 -20.07 31.50
CA LEU D 345 -2.60 -21.24 31.35
C LEU D 345 -1.11 -20.88 31.49
N CYS D 346 -0.81 -19.99 32.43
CA CYS D 346 0.56 -19.56 32.63
C CYS D 346 1.39 -20.67 33.26
N PHE D 347 2.68 -20.70 32.90
CA PHE D 347 3.63 -21.67 33.43
C PHE D 347 4.80 -20.93 34.05
N VAL D 348 5.17 -21.32 35.28
CA VAL D 348 6.20 -20.64 36.05
C VAL D 348 7.53 -21.37 35.85
N GLN D 349 8.60 -20.61 35.70
CA GLN D 349 9.93 -21.17 35.45
C GLN D 349 10.97 -20.29 36.11
N HIS D 350 11.97 -20.93 36.73
CA HIS D 350 13.01 -20.19 37.44
C HIS D 350 13.88 -19.43 36.45
N VAL D 351 14.01 -18.12 36.67
CA VAL D 351 14.74 -17.28 35.71
C VAL D 351 16.23 -17.62 35.71
N ALA D 352 16.82 -17.81 36.89
CA ALA D 352 18.24 -18.10 36.96
C ALA D 352 18.55 -19.48 36.38
N SER D 353 17.75 -20.49 36.74
CA SER D 353 18.03 -21.84 36.28
C SER D 353 17.67 -22.02 34.81
N GLY D 354 16.56 -21.43 34.38
CA GLY D 354 16.12 -21.58 33.00
C GLY D 354 15.36 -22.86 32.71
N LEU D 355 15.07 -23.67 33.71
CA LEU D 355 14.38 -24.94 33.53
C LEU D 355 12.93 -24.84 33.98
N TRP D 356 12.08 -25.65 33.36
CA TRP D 356 10.65 -25.64 33.70
C TRP D 356 10.44 -26.16 35.12
N LEU D 357 9.47 -25.59 35.82
CA LEU D 357 9.13 -26.00 37.18
C LEU D 357 7.89 -26.88 37.11
N THR D 358 8.10 -28.19 37.26
CA THR D 358 7.03 -29.17 37.17
C THR D 358 7.03 -30.04 38.41
N TYR D 359 6.00 -30.89 38.51
CA TYR D 359 5.92 -31.85 39.60
C TYR D 359 7.00 -32.91 39.46
N ALA D 360 7.40 -33.49 40.59
CA ALA D 360 8.38 -34.57 40.59
C ALA D 360 7.76 -35.94 40.35
N ALA D 361 6.44 -36.01 40.18
CA ALA D 361 5.71 -37.25 39.92
C ALA D 361 6.00 -38.29 41.00
N PRO D 362 6.01 -37.91 42.27
CA PRO D 362 6.24 -38.89 43.33
C PRO D 362 5.08 -39.88 43.43
N ASP D 363 5.42 -41.10 43.84
CA ASP D 363 4.44 -42.16 44.05
C ASP D 363 4.66 -42.81 45.41
N PRO D 364 4.52 -42.04 46.49
CA PRO D 364 4.68 -42.62 47.83
C PRO D 364 3.52 -43.54 48.18
N LYS D 365 3.80 -44.50 49.05
CA LYS D 365 2.75 -45.41 49.51
C LYS D 365 1.70 -44.67 50.32
N ALA D 366 2.13 -43.80 51.23
CA ALA D 366 1.18 -43.03 52.04
C ALA D 366 0.38 -42.05 51.20
N LEU D 367 1.05 -41.38 50.26
CA LEU D 367 0.35 -40.42 49.41
C LEU D 367 -0.68 -41.12 48.53
N ARG D 368 -0.32 -42.25 47.94
CA ARG D 368 -1.26 -42.99 47.11
C ARG D 368 -2.42 -43.53 47.94
N LEU D 369 -2.12 -44.07 49.13
CA LEU D 369 -3.17 -44.63 49.98
C LEU D 369 -4.02 -43.53 50.61
N GLY D 370 -3.45 -42.35 50.82
CA GLY D 370 -4.19 -41.25 51.43
C GLY D 370 -4.35 -40.07 50.50
N VAL D 371 -3.64 -38.98 50.79
CA VAL D 371 -3.70 -37.75 50.01
C VAL D 371 -2.39 -37.60 49.25
N LEU D 372 -2.48 -37.38 47.94
CA LEU D 372 -1.29 -37.26 47.10
C LEU D 372 -0.39 -36.15 47.60
N LYS D 373 0.91 -36.40 47.60
CA LYS D 373 1.91 -35.46 48.10
C LYS D 373 3.13 -35.53 47.18
N LYS D 374 3.14 -34.68 46.17
CA LYS D 374 4.26 -34.61 45.22
C LYS D 374 5.26 -33.57 45.72
N LYS D 375 6.21 -33.20 44.87
CA LYS D 375 7.23 -32.20 45.20
C LYS D 375 7.48 -31.34 43.99
N ALA D 376 7.15 -30.05 44.08
CA ALA D 376 7.48 -29.13 43.00
C ALA D 376 8.99 -28.97 42.90
N ILE D 377 9.51 -29.06 41.68
CA ILE D 377 10.95 -29.02 41.45
C ILE D 377 11.20 -28.62 40.01
N LEU D 378 12.30 -27.93 39.78
CA LEU D 378 12.66 -27.56 38.41
C LEU D 378 12.93 -28.80 37.58
N HIS D 379 12.50 -28.78 36.33
CA HIS D 379 12.64 -29.90 35.42
C HIS D 379 13.24 -29.41 34.11
N GLN D 380 14.14 -30.21 33.54
CA GLN D 380 14.81 -29.80 32.31
C GLN D 380 13.81 -29.64 31.16
N GLU D 381 12.86 -30.54 31.06
CA GLU D 381 11.81 -30.42 30.05
C GLU D 381 10.41 -30.53 30.63
N GLY D 382 10.20 -31.38 31.63
CA GLY D 382 8.89 -31.53 32.23
C GLY D 382 7.96 -32.37 31.39
N HIS D 383 6.70 -32.37 31.81
CA HIS D 383 5.63 -33.10 31.14
C HIS D 383 4.62 -32.10 30.59
N MET D 384 4.28 -32.24 29.31
CA MET D 384 3.36 -31.31 28.68
C MET D 384 1.91 -31.63 29.01
N ASP D 385 1.60 -31.78 30.30
CA ASP D 385 0.22 -31.98 30.72
C ASP D 385 -0.15 -31.21 31.98
N ASP D 386 0.79 -30.50 32.59
CA ASP D 386 0.54 -29.81 33.86
C ASP D 386 0.20 -28.34 33.60
N ALA D 387 -0.97 -28.14 33.00
CA ALA D 387 -1.47 -26.79 32.77
C ALA D 387 -1.92 -26.16 34.08
N LEU D 388 -1.91 -24.84 34.13
CA LEU D 388 -2.23 -24.08 35.33
C LEU D 388 -3.34 -23.09 35.03
N PHE D 389 -4.54 -23.36 35.54
CA PHE D 389 -5.64 -22.41 35.49
C PHE D 389 -5.94 -21.94 36.91
N LEU D 390 -6.22 -20.65 37.05
CA LEU D 390 -6.35 -20.01 38.35
C LEU D 390 -7.71 -19.32 38.47
N THR D 391 -8.22 -19.29 39.70
CA THR D 391 -9.57 -18.79 39.95
C THR D 391 -9.61 -17.68 40.98
N ARG D 392 -10.82 -17.31 41.41
CA ARG D 392 -11.00 -16.18 42.32
C ARG D 392 -10.84 -16.63 43.77
N CYS D 393 -10.02 -15.90 44.53
CA CYS D 393 -9.98 -16.02 45.99
C CYS D 393 -9.75 -14.60 46.52
N GLN D 394 -10.85 -13.89 46.77
CA GLN D 394 -10.81 -12.52 47.24
C GLN D 394 -11.90 -12.33 48.28
N GLN D 395 -11.51 -11.99 49.49
CA GLN D 395 -12.41 -11.82 50.62
C GLN D 395 -11.61 -11.23 51.77
N GLU D 396 -12.25 -11.10 52.93
CA GLU D 396 -11.53 -10.79 54.16
C GLU D 396 -10.62 -11.92 54.60
N GLU D 397 -10.74 -13.09 53.98
CA GLU D 397 -9.87 -14.22 54.35
C GLU D 397 -8.40 -13.89 54.15
N SER D 398 -8.08 -12.98 53.22
CA SER D 398 -6.71 -12.51 53.11
C SER D 398 -6.27 -11.79 54.37
N GLN D 399 -7.15 -10.94 54.91
CA GLN D 399 -6.87 -10.30 56.20
C GLN D 399 -6.78 -11.35 57.30
N ALA D 400 -7.59 -12.40 57.21
CA ALA D 400 -7.50 -13.48 58.19
C ALA D 400 -6.13 -14.15 58.14
N ALA D 401 -5.63 -14.41 56.93
CA ALA D 401 -4.32 -15.04 56.79
C ALA D 401 -3.21 -14.13 57.31
N ARG D 402 -3.28 -12.84 56.99
CA ARG D 402 -2.28 -11.92 57.53
C ARG D 402 -2.35 -11.85 59.05
N MET D 403 -3.56 -11.90 59.60
CA MET D 403 -3.73 -11.97 61.04
C MET D 403 -3.10 -13.23 61.61
N ILE D 404 -3.27 -14.35 60.91
CA ILE D 404 -2.67 -15.61 61.34
C ILE D 404 -1.16 -15.45 61.41
N HIS D 405 -0.56 -14.89 60.37
CA HIS D 405 0.90 -14.74 60.34
C HIS D 405 1.37 -13.83 61.47
N SER D 406 0.72 -12.68 61.66
CA SER D 406 1.14 -11.76 62.69
C SER D 406 0.96 -12.35 64.08
N THR D 407 -0.17 -13.03 64.30
CA THR D 407 -0.41 -13.65 65.60
C THR D 407 0.60 -14.74 65.90
N ALA D 408 0.94 -15.55 64.90
CA ALA D 408 1.96 -16.58 65.11
C ALA D 408 3.31 -15.94 65.42
N GLY D 409 3.67 -14.90 64.68
CA GLY D 409 4.94 -14.23 64.92
C GLY D 409 5.03 -13.64 66.33
N LEU D 410 3.92 -13.06 66.81
CA LEU D 410 3.93 -12.51 68.15
C LEU D 410 3.94 -13.61 69.21
N TYR D 411 3.11 -14.64 69.02
CA TYR D 411 2.94 -15.65 70.05
C TYR D 411 4.18 -16.53 70.20
N ASN D 412 4.86 -16.82 69.09
CA ASN D 412 6.06 -17.64 69.17
C ASN D 412 7.14 -16.94 70.01
N GLN D 413 7.38 -15.66 69.73
CA GLN D 413 8.39 -14.93 70.50
C GLN D 413 7.93 -14.72 71.93
N PHE D 414 6.63 -14.54 72.16
CA PHE D 414 6.14 -14.47 73.54
C PHE D 414 6.44 -15.77 74.29
N ILE D 415 6.19 -16.91 73.64
CA ILE D 415 6.44 -18.20 74.26
C ILE D 415 7.93 -18.37 74.55
N LYS D 416 8.78 -17.99 73.60
CA LYS D 416 10.22 -18.12 73.81
C LYS D 416 10.69 -17.26 74.98
N GLY D 417 10.28 -15.99 75.00
CA GLY D 417 10.67 -15.11 76.09
C GLY D 417 10.16 -15.58 77.43
N LEU D 418 8.96 -16.16 77.44
CA LEU D 418 8.44 -16.73 78.68
C LEU D 418 9.26 -17.94 79.13
N ASP D 419 9.59 -18.83 78.20
CA ASP D 419 10.34 -20.04 78.55
C ASP D 419 11.78 -19.74 78.91
N SER D 420 12.29 -18.55 78.56
CA SER D 420 13.68 -18.23 78.88
C SER D 420 13.92 -18.22 80.38
N PHE D 421 13.00 -17.64 81.15
CA PHE D 421 13.15 -17.53 82.60
C PHE D 421 12.29 -18.54 83.35
N SER D 422 12.03 -19.70 82.74
CA SER D 422 11.12 -20.67 83.34
C SER D 422 11.66 -21.18 84.67
N GLY D 423 12.96 -21.44 84.76
CA GLY D 423 13.51 -22.04 85.96
C GLY D 423 14.70 -21.33 86.54
N LYS D 424 14.70 -20.00 86.51
CA LYS D 424 15.80 -19.18 87.03
C LYS D 424 15.23 -18.12 87.97
N PRO D 425 14.85 -18.50 89.19
CA PRO D 425 14.33 -17.51 90.14
C PRO D 425 15.39 -16.50 90.54
N ARG D 426 15.19 -15.25 90.14
CA ARG D 426 16.13 -14.19 90.45
C ARG D 426 15.87 -13.63 91.85
N GLY D 427 16.81 -12.81 92.32
CA GLY D 427 16.66 -12.12 93.58
C GLY D 427 16.38 -10.64 93.38
N SER D 428 17.17 -9.79 94.02
CA SER D 428 17.05 -8.34 93.89
C SER D 428 18.10 -7.87 92.89
N GLY D 429 17.69 -7.66 91.64
CA GLY D 429 18.59 -7.23 90.61
C GLY D 429 17.98 -7.37 89.23
N PRO D 430 18.75 -7.88 88.28
CA PRO D 430 18.24 -8.07 86.92
C PRO D 430 17.27 -9.24 86.86
N PRO D 431 15.99 -8.99 86.58
CA PRO D 431 15.03 -10.10 86.59
C PRO D 431 15.16 -11.02 85.38
N ALA D 432 15.47 -10.47 84.22
CA ALA D 432 15.59 -11.25 83.00
C ALA D 432 16.43 -10.47 82.00
N GLY D 433 16.41 -10.89 80.74
CA GLY D 433 17.11 -10.21 79.69
C GLY D 433 16.19 -9.33 78.87
N PRO D 434 15.79 -9.81 77.70
CA PRO D 434 14.82 -9.06 76.88
C PRO D 434 13.50 -8.88 77.60
N ALA D 435 12.87 -7.73 77.39
CA ALA D 435 11.62 -7.43 78.05
C ALA D 435 10.48 -8.27 77.47
N LEU D 436 9.44 -8.45 78.28
CA LEU D 436 8.26 -9.20 77.87
C LEU D 436 7.31 -8.29 77.12
N PRO D 437 6.95 -8.58 75.87
CA PRO D 437 5.93 -7.77 75.19
C PRO D 437 4.56 -8.02 75.78
N ILE D 438 4.06 -7.08 76.57
CA ILE D 438 2.81 -7.23 77.30
C ILE D 438 1.68 -6.44 76.65
N GLU D 439 1.88 -5.14 76.46
CA GLU D 439 0.87 -4.33 75.78
C GLU D 439 0.70 -4.78 74.33
N ALA D 440 1.80 -5.10 73.66
CA ALA D 440 1.75 -5.54 72.27
C ALA D 440 0.99 -6.85 72.11
N VAL D 441 0.89 -7.65 73.17
CA VAL D 441 0.09 -8.86 73.09
C VAL D 441 -1.31 -8.65 73.67
N ILE D 442 -1.46 -7.75 74.63
CA ILE D 442 -2.79 -7.45 75.17
C ILE D 442 -3.67 -6.84 74.09
N LEU D 443 -3.12 -5.92 73.30
CA LEU D 443 -3.89 -5.32 72.22
C LEU D 443 -4.30 -6.37 71.20
N SER D 444 -3.39 -7.29 70.86
CA SER D 444 -3.73 -8.36 69.93
C SER D 444 -4.83 -9.24 70.50
N LEU D 445 -4.75 -9.56 71.79
CA LEU D 445 -5.79 -10.36 72.43
C LEU D 445 -7.15 -9.69 72.34
N GLN D 446 -7.19 -8.39 72.65
CA GLN D 446 -8.47 -7.67 72.62
C GLN D 446 -9.00 -7.57 71.19
N ASP D 447 -8.12 -7.32 70.22
CA ASP D 447 -8.56 -7.25 68.84
C ASP D 447 -9.10 -8.58 68.35
N LEU D 448 -8.45 -9.69 68.74
CA LEU D 448 -8.96 -11.01 68.35
C LEU D 448 -10.27 -11.32 69.05
N ILE D 449 -10.43 -10.88 70.31
CA ILE D 449 -11.69 -11.07 71.01
C ILE D 449 -12.80 -10.35 70.27
N GLY D 450 -12.55 -9.10 69.87
CA GLY D 450 -13.55 -8.36 69.11
C GLY D 450 -13.77 -8.93 67.71
N TYR D 451 -12.77 -9.61 67.17
CA TYR D 451 -12.87 -10.18 65.83
C TYR D 451 -13.96 -11.25 65.79
N PHE D 452 -14.04 -12.09 66.83
CA PHE D 452 -14.93 -13.24 66.84
C PHE D 452 -16.20 -12.99 67.65
N GLU D 453 -16.67 -11.76 67.67
CA GLU D 453 -17.89 -11.46 68.42
C GLU D 453 -19.10 -12.08 67.74
N PRO D 454 -19.92 -12.85 68.45
CA PRO D 454 -21.09 -13.44 67.83
C PRO D 454 -22.09 -12.37 67.43
N PRO D 455 -22.86 -12.59 66.37
CA PRO D 455 -23.83 -11.58 65.93
C PRO D 455 -24.94 -11.41 66.95
N SER D 456 -25.49 -10.19 66.99
CA SER D 456 -26.57 -9.86 67.90
C SER D 456 -27.87 -10.45 67.39
N GLU D 457 -28.62 -11.11 68.29
CA GLU D 457 -29.86 -11.76 67.90
C GLU D 457 -30.93 -10.76 67.47
N GLU D 458 -30.77 -9.49 67.80
CA GLU D 458 -31.74 -8.49 67.40
C GLU D 458 -31.75 -8.23 65.89
N LEU D 459 -30.76 -8.75 65.17
CA LEU D 459 -30.67 -8.52 63.73
C LEU D 459 -31.76 -9.30 63.00
N GLN D 460 -31.90 -9.00 61.71
CA GLN D 460 -32.84 -9.72 60.88
C GLN D 460 -32.35 -11.14 60.63
N HIS D 461 -33.26 -12.00 60.16
CA HIS D 461 -32.95 -13.42 60.04
C HIS D 461 -31.84 -13.68 59.04
N GLU D 462 -31.97 -13.16 57.82
CA GLU D 462 -31.01 -13.47 56.77
C GLU D 462 -29.63 -12.89 57.09
N GLU D 463 -29.60 -11.67 57.65
CA GLU D 463 -28.31 -11.07 58.02
C GLU D 463 -27.65 -11.89 59.11
N LYS D 464 -28.42 -12.35 60.10
CA LYS D 464 -27.86 -13.19 61.14
C LYS D 464 -27.32 -14.49 60.58
N GLN D 465 -28.06 -15.11 59.65
CA GLN D 465 -27.60 -16.35 59.04
C GLN D 465 -26.28 -16.13 58.30
N SER D 466 -26.21 -15.08 57.49
CA SER D 466 -24.99 -14.81 56.73
C SER D 466 -23.81 -14.54 57.67
N LYS D 467 -24.04 -13.74 58.72
CA LYS D 467 -22.96 -13.41 59.64
C LYS D 467 -22.48 -14.65 60.38
N LEU D 468 -23.38 -15.52 60.83
CA LEU D 468 -22.95 -16.70 61.54
C LEU D 468 -22.25 -17.68 60.61
N ARG D 469 -22.69 -17.78 59.36
CA ARG D 469 -21.97 -18.61 58.40
C ARG D 469 -20.57 -18.10 58.17
N SER D 470 -20.42 -16.78 58.03
CA SER D 470 -19.08 -16.20 57.86
C SER D 470 -18.22 -16.46 59.08
N LEU D 471 -18.80 -16.34 60.29
CA LEU D 471 -18.05 -16.61 61.51
C LEU D 471 -17.59 -18.07 61.55
N ARG D 472 -18.47 -19.00 61.19
CA ARG D 472 -18.08 -20.41 61.17
C ARG D 472 -16.98 -20.66 60.14
N ASN D 473 -17.09 -20.03 58.97
CA ASN D 473 -16.06 -20.19 57.96
C ASN D 473 -14.71 -19.67 58.45
N ARG D 474 -14.70 -18.51 59.11
CA ARG D 474 -13.45 -17.98 59.63
C ARG D 474 -12.90 -18.88 60.75
N GLN D 475 -13.77 -19.43 61.58
CA GLN D 475 -13.32 -20.36 62.62
C GLN D 475 -12.67 -21.58 61.99
N SER D 476 -13.29 -22.14 60.96
CA SER D 476 -12.70 -23.31 60.29
C SER D 476 -11.38 -22.95 59.64
N LEU D 477 -11.29 -21.76 59.04
CA LEU D 477 -10.03 -21.32 58.45
C LEU D 477 -8.94 -21.22 59.50
N PHE D 478 -9.26 -20.68 60.68
CA PHE D 478 -8.27 -20.63 61.75
C PHE D 478 -7.89 -22.02 62.23
N GLN D 479 -8.85 -22.92 62.34
CA GLN D 479 -8.57 -24.25 62.87
C GLN D 479 -7.82 -25.14 61.89
N GLU D 480 -7.93 -24.88 60.58
CA GLU D 480 -7.17 -25.68 59.62
C GLU D 480 -5.68 -25.49 59.81
N GLU D 481 -5.25 -24.26 60.05
CA GLU D 481 -3.88 -23.99 60.48
C GLU D 481 -3.70 -24.25 61.97
N GLY D 482 -4.78 -24.58 62.67
CA GLY D 482 -4.77 -24.85 64.10
C GLY D 482 -4.91 -23.62 64.97
N MET D 483 -3.81 -22.88 65.17
CA MET D 483 -3.79 -21.71 66.04
C MET D 483 -4.53 -21.92 67.35
N LEU D 484 -4.54 -23.15 67.84
CA LEU D 484 -5.16 -23.47 69.11
C LEU D 484 -4.24 -24.24 70.03
N SER D 485 -3.41 -25.14 69.48
CA SER D 485 -2.47 -25.89 70.30
C SER D 485 -1.48 -24.96 70.98
N LEU D 486 -0.96 -23.98 70.24
CA LEU D 486 -0.06 -23.01 70.85
C LEU D 486 -0.81 -22.17 71.89
N VAL D 487 -2.11 -21.94 71.69
CA VAL D 487 -2.90 -21.24 72.70
C VAL D 487 -2.94 -22.06 73.99
N LEU D 488 -3.18 -23.37 73.87
CA LEU D 488 -3.22 -24.23 75.03
C LEU D 488 -1.86 -24.28 75.72
N ASN D 489 -0.78 -24.32 74.94
CA ASN D 489 0.56 -24.27 75.53
C ASN D 489 0.78 -22.97 76.27
N CYS D 490 0.31 -21.85 75.71
CA CYS D 490 0.43 -20.57 76.38
C CYS D 490 -0.32 -20.59 77.71
N ILE D 491 -1.53 -21.16 77.73
CA ILE D 491 -2.26 -21.29 78.99
C ILE D 491 -1.46 -22.11 79.99
N ASP D 492 -0.97 -23.27 79.56
CA ASP D 492 -0.32 -24.20 80.48
C ASP D 492 0.94 -23.59 81.07
N ARG D 493 1.70 -22.85 80.25
CA ARG D 493 2.93 -22.24 80.75
C ARG D 493 2.64 -21.21 81.85
N LEU D 494 1.58 -20.44 81.69
CA LEU D 494 1.14 -19.52 82.74
C LEU D 494 0.29 -20.21 83.80
N ASN D 495 -0.08 -21.46 83.60
CA ASN D 495 -1.08 -22.08 84.46
C ASN D 495 -0.54 -22.38 85.85
N VAL D 496 0.71 -22.83 85.94
CA VAL D 496 1.24 -23.36 87.22
C VAL D 496 1.80 -22.16 87.98
N TYR D 497 0.90 -21.40 88.59
CA TYR D 497 1.25 -20.31 89.49
C TYR D 497 0.04 -20.08 90.38
N THR D 498 0.12 -20.50 91.65
CA THR D 498 -1.05 -20.48 92.51
C THR D 498 -1.41 -19.07 92.94
N THR D 499 -0.42 -18.28 93.35
CA THR D 499 -0.68 -16.97 93.94
C THR D 499 -0.12 -15.81 93.13
N ALA D 500 0.99 -16.02 92.41
CA ALA D 500 1.66 -15.03 91.56
C ALA D 500 2.29 -13.90 92.34
N ALA D 501 2.12 -13.84 93.66
CA ALA D 501 2.83 -12.84 94.46
C ALA D 501 4.32 -13.07 94.40
N HIS D 502 4.75 -14.32 94.52
CA HIS D 502 6.13 -14.72 94.30
C HIS D 502 6.30 -15.73 93.17
N PHE D 503 5.25 -16.49 92.84
CA PHE D 503 5.35 -17.42 91.72
C PHE D 503 5.50 -16.68 90.40
N ALA D 504 4.77 -15.59 90.21
CA ALA D 504 4.99 -14.75 89.05
C ALA D 504 6.21 -13.85 89.20
N GLU D 505 6.82 -13.81 90.39
CA GLU D 505 8.04 -13.05 90.61
C GLU D 505 9.24 -13.86 90.12
N TYR D 506 9.18 -14.24 88.84
CA TYR D 506 10.30 -14.84 88.13
C TYR D 506 10.88 -13.93 87.06
N ALA D 507 10.05 -13.08 86.45
CA ALA D 507 10.50 -11.99 85.61
C ALA D 507 10.50 -10.67 86.34
N GLY D 508 10.50 -10.69 87.67
CA GLY D 508 10.45 -9.48 88.45
C GLY D 508 9.06 -8.86 88.44
N GLU D 509 9.02 -7.55 88.69
CA GLU D 509 7.79 -6.80 88.62
C GLU D 509 7.46 -6.51 87.15
N GLU D 510 6.47 -5.65 86.92
CA GLU D 510 6.02 -5.26 85.59
C GLU D 510 5.49 -6.43 84.77
N ALA D 511 5.34 -7.60 85.36
CA ALA D 511 4.74 -8.74 84.68
C ALA D 511 3.63 -9.38 85.49
N ALA D 512 3.76 -9.43 86.81
CA ALA D 512 2.72 -10.03 87.64
C ALA D 512 1.44 -9.21 87.68
N GLU D 513 1.54 -7.90 87.44
CA GLU D 513 0.36 -7.05 87.46
C GLU D 513 -0.63 -7.46 86.38
N SER D 514 -0.13 -7.78 85.19
CA SER D 514 -0.97 -8.11 84.06
C SER D 514 -1.24 -9.59 83.92
N TRP D 515 -0.78 -10.42 84.86
CA TRP D 515 -0.91 -11.87 84.72
C TRP D 515 -2.38 -12.30 84.73
N LYS D 516 -3.15 -11.78 85.69
CA LYS D 516 -4.57 -12.14 85.77
C LYS D 516 -5.31 -11.69 84.51
N GLU D 517 -5.04 -10.48 84.05
CA GLU D 517 -5.70 -9.98 82.84
C GLU D 517 -5.33 -10.84 81.64
N ILE D 518 -4.05 -11.22 81.53
CA ILE D 518 -3.61 -12.00 80.38
C ILE D 518 -4.27 -13.37 80.38
N VAL D 519 -4.31 -14.04 81.54
CA VAL D 519 -4.89 -15.37 81.56
C VAL D 519 -6.40 -15.31 81.32
N ASN D 520 -7.06 -14.29 81.87
CA ASN D 520 -8.50 -14.14 81.61
C ASN D 520 -8.75 -13.89 80.13
N LEU D 521 -7.95 -13.03 79.49
CA LEU D 521 -8.12 -12.76 78.07
C LEU D 521 -7.90 -14.01 77.25
N LEU D 522 -6.90 -14.82 77.63
CA LEU D 522 -6.68 -16.09 76.93
C LEU D 522 -7.90 -16.98 77.05
N TYR D 523 -8.48 -17.08 78.25
CA TYR D 523 -9.66 -17.92 78.44
C TYR D 523 -10.82 -17.43 77.57
N GLU D 524 -11.06 -16.12 77.56
CA GLU D 524 -12.14 -15.59 76.73
C GLU D 524 -11.87 -15.83 75.25
N LEU D 525 -10.62 -15.68 74.83
CA LEU D 525 -10.29 -15.88 73.42
C LEU D 525 -10.57 -17.31 73.00
N LEU D 526 -10.09 -18.28 73.78
CA LEU D 526 -10.33 -19.67 73.40
C LEU D 526 -11.81 -20.00 73.45
N ALA D 527 -12.53 -19.50 74.47
CA ALA D 527 -13.95 -19.78 74.58
C ALA D 527 -14.70 -19.23 73.37
N SER D 528 -14.39 -18.01 72.96
CA SER D 528 -15.03 -17.45 71.79
C SER D 528 -14.65 -18.20 70.52
N LEU D 529 -13.41 -18.67 70.44
CA LEU D 529 -12.97 -19.39 69.24
C LEU D 529 -13.68 -20.72 69.10
N ILE D 530 -13.96 -21.41 70.21
CA ILE D 530 -14.61 -22.73 70.12
C ILE D 530 -16.13 -22.61 70.00
N ARG D 531 -16.69 -21.42 70.25
CA ARG D 531 -18.14 -21.26 70.30
C ARG D 531 -18.80 -21.74 69.02
N GLY D 532 -19.91 -22.45 69.17
CA GLY D 532 -20.73 -22.83 68.04
C GLY D 532 -20.24 -23.94 67.14
N ASN D 533 -18.98 -23.87 66.71
CA ASN D 533 -18.46 -24.84 65.75
C ASN D 533 -18.50 -26.24 66.33
N ARG D 534 -18.81 -27.21 65.46
CA ARG D 534 -18.90 -28.60 65.88
C ARG D 534 -17.54 -29.30 65.83
N ALA D 535 -16.73 -29.03 64.81
CA ALA D 535 -15.44 -29.70 64.70
C ALA D 535 -14.50 -29.30 65.82
N ASN D 536 -14.45 -28.02 66.15
CA ASN D 536 -13.60 -27.57 67.25
C ASN D 536 -14.06 -28.16 68.57
N CYS D 537 -15.37 -28.26 68.77
CA CYS D 537 -15.89 -28.90 69.97
C CYS D 537 -15.51 -30.37 70.01
N ALA D 538 -15.59 -31.05 68.86
CA ALA D 538 -15.34 -32.49 68.83
C ALA D 538 -13.87 -32.82 69.05
N LEU D 539 -12.96 -31.99 68.54
CA LEU D 539 -11.54 -32.31 68.68
C LEU D 539 -11.07 -32.23 70.12
N PHE D 540 -11.88 -31.69 71.03
CA PHE D 540 -11.57 -31.69 72.45
C PHE D 540 -11.98 -32.98 73.15
N SER D 541 -12.17 -34.07 72.40
CA SER D 541 -12.60 -35.32 72.99
C SER D 541 -11.56 -35.88 73.95
N THR D 542 -10.28 -35.76 73.59
CA THR D 542 -9.21 -36.37 74.37
C THR D 542 -8.68 -35.47 75.47
N ASN D 543 -9.24 -34.28 75.66
CA ASN D 543 -8.68 -33.31 76.60
C ASN D 543 -9.69 -32.79 77.61
N LEU D 544 -10.87 -33.42 77.73
CA LEU D 544 -11.83 -32.97 78.72
C LEU D 544 -11.28 -33.10 80.13
N ASP D 545 -10.58 -34.19 80.41
CA ASP D 545 -9.91 -34.33 81.70
C ASP D 545 -8.89 -33.22 81.90
N TRP D 546 -8.13 -32.88 80.85
CA TRP D 546 -7.20 -31.77 80.94
C TRP D 546 -7.92 -30.46 81.22
N VAL D 547 -9.07 -30.26 80.59
CA VAL D 547 -9.82 -29.02 80.80
C VAL D 547 -10.27 -28.91 82.25
N VAL D 548 -10.83 -29.99 82.79
CA VAL D 548 -11.31 -29.95 84.17
C VAL D 548 -10.15 -29.97 85.16
N SER D 549 -8.95 -30.36 84.72
CA SER D 549 -7.83 -30.48 85.65
C SER D 549 -7.40 -29.12 86.19
N LYS D 550 -7.27 -28.12 85.32
CA LYS D 550 -6.67 -26.85 85.73
C LYS D 550 -7.46 -26.18 86.83
N LEU D 551 -8.68 -25.75 86.53
CA LEU D 551 -9.66 -25.23 87.49
C LEU D 551 -8.98 -24.46 88.62
N ASP D 552 -8.25 -23.41 88.24
CA ASP D 552 -7.26 -22.78 89.10
C ASP D 552 -7.84 -22.10 90.34
N ARG D 553 -9.17 -22.12 90.47
CA ARG D 553 -9.86 -21.73 91.71
C ARG D 553 -9.83 -20.22 91.98
N LEU D 554 -9.05 -19.47 91.21
CA LEU D 554 -8.86 -18.05 91.49
C LEU D 554 -9.00 -17.13 90.30
N GLU D 555 -8.82 -17.61 89.08
CA GLU D 555 -8.88 -16.75 87.91
C GLU D 555 -9.76 -17.29 86.79
N ALA D 556 -10.39 -18.46 86.97
CA ALA D 556 -11.22 -19.03 85.92
C ALA D 556 -12.51 -19.60 86.47
N SER D 557 -12.93 -19.20 87.67
CA SER D 557 -14.18 -19.70 88.23
C SER D 557 -15.36 -19.34 87.34
N SER D 558 -15.39 -18.11 86.84
CA SER D 558 -16.40 -17.68 85.88
C SER D 558 -15.91 -17.78 84.43
N GLY D 559 -14.62 -17.99 84.21
CA GLY D 559 -14.10 -18.03 82.86
C GLY D 559 -14.07 -19.42 82.25
N ILE D 560 -13.43 -20.37 82.94
CA ILE D 560 -13.34 -21.72 82.41
C ILE D 560 -14.67 -22.45 82.50
N LEU D 561 -15.55 -22.04 83.41
CA LEU D 561 -16.88 -22.62 83.44
C LEU D 561 -17.63 -22.34 82.15
N GLU D 562 -17.44 -21.15 81.59
CA GLU D 562 -18.09 -20.79 80.33
C GLU D 562 -17.62 -21.70 79.20
N VAL D 563 -16.31 -21.93 79.10
CA VAL D 563 -15.82 -22.77 78.01
C VAL D 563 -16.22 -24.22 78.25
N LEU D 564 -16.30 -24.65 79.51
CA LEU D 564 -16.81 -26.00 79.78
C LEU D 564 -18.25 -26.13 79.31
N TYR D 565 -19.07 -25.11 79.56
CA TYR D 565 -20.45 -25.15 79.09
C TYR D 565 -20.53 -25.15 77.58
N CYS D 566 -19.68 -24.34 76.93
CA CYS D 566 -19.68 -24.28 75.48
C CYS D 566 -19.29 -25.62 74.87
N VAL D 567 -18.27 -26.28 75.44
CA VAL D 567 -17.80 -27.55 74.89
C VAL D 567 -18.74 -28.70 75.20
N LEU D 568 -19.73 -28.50 76.07
CA LEU D 568 -20.63 -29.57 76.47
C LEU D 568 -21.96 -29.54 75.73
N ILE D 569 -22.06 -28.75 74.66
CA ILE D 569 -23.29 -28.64 73.88
C ILE D 569 -23.06 -28.99 72.42
N GLU D 570 -22.03 -28.40 71.80
CA GLU D 570 -21.84 -28.56 70.37
C GLU D 570 -21.38 -29.95 69.96
N SER D 571 -20.97 -30.80 70.92
CA SER D 571 -20.52 -32.15 70.62
C SER D 571 -21.22 -33.14 71.54
N PRO D 572 -22.33 -33.72 71.09
CA PRO D 572 -23.06 -34.68 71.94
C PRO D 572 -22.27 -35.93 72.30
N GLU D 573 -21.26 -36.30 71.52
CA GLU D 573 -20.55 -37.54 71.78
C GLU D 573 -19.60 -37.42 72.96
N VAL D 574 -19.07 -36.23 73.23
CA VAL D 574 -18.16 -36.04 74.35
C VAL D 574 -18.84 -36.32 75.68
N LEU D 575 -20.17 -36.26 75.72
CA LEU D 575 -20.89 -36.51 76.97
C LEU D 575 -20.73 -37.93 77.47
N ASN D 576 -20.23 -38.85 76.65
CA ASN D 576 -20.19 -40.27 77.00
C ASN D 576 -18.77 -40.76 77.34
N ILE D 577 -17.93 -39.87 77.86
CA ILE D 577 -16.58 -40.27 78.26
C ILE D 577 -16.30 -39.82 79.69
N ILE D 578 -17.34 -39.71 80.50
CA ILE D 578 -17.20 -39.26 81.88
C ILE D 578 -16.97 -40.46 82.78
N GLN D 579 -16.09 -40.29 83.77
CA GLN D 579 -15.67 -41.38 84.65
C GLN D 579 -16.00 -41.09 86.12
N GLU D 580 -17.03 -40.27 86.35
CA GLU D 580 -17.60 -40.04 87.68
C GLU D 580 -16.70 -39.24 88.59
N ASN D 581 -15.45 -38.98 88.18
CA ASN D 581 -14.59 -38.10 88.95
C ASN D 581 -14.86 -36.65 88.63
N HIS D 582 -15.16 -36.36 87.36
CA HIS D 582 -15.46 -34.99 86.95
C HIS D 582 -16.73 -34.49 87.62
N ILE D 583 -17.71 -35.36 87.81
CA ILE D 583 -18.92 -34.98 88.53
C ILE D 583 -18.58 -34.59 89.96
N LYS D 584 -17.71 -35.36 90.61
CA LYS D 584 -17.29 -35.03 91.97
C LYS D 584 -16.59 -33.68 92.01
N SER D 585 -15.69 -33.43 91.04
CA SER D 585 -14.99 -32.16 91.01
C SER D 585 -15.95 -30.99 90.81
N ILE D 586 -16.94 -31.17 89.92
CA ILE D 586 -17.89 -30.10 89.66
C ILE D 586 -18.75 -29.81 90.88
N ILE D 587 -19.20 -30.87 91.57
CA ILE D 587 -19.99 -30.66 92.78
C ILE D 587 -19.15 -29.99 93.85
N SER D 588 -17.87 -30.36 93.95
CA SER D 588 -16.98 -29.68 94.87
C SER D 588 -16.84 -28.20 94.53
N LEU D 589 -16.74 -27.89 93.24
CA LEU D 589 -16.68 -26.49 92.82
C LEU D 589 -17.92 -25.73 93.22
N LEU D 590 -19.09 -26.35 93.03
CA LEU D 590 -20.33 -25.71 93.46
C LEU D 590 -20.34 -25.47 94.95
N ASP D 591 -19.86 -26.44 95.73
CA ASP D 591 -19.86 -26.29 97.19
C ASP D 591 -18.89 -25.21 97.63
N LYS D 592 -17.73 -25.12 96.97
CA LYS D 592 -16.67 -24.21 97.40
C LYS D 592 -16.86 -22.78 96.92
N HIS D 593 -17.89 -22.51 96.11
CA HIS D 593 -18.08 -21.17 95.56
C HIS D 593 -19.51 -20.68 95.75
N GLY D 594 -20.27 -21.30 96.64
CA GLY D 594 -21.61 -20.84 96.91
C GLY D 594 -22.58 -21.18 95.80
N ARG D 595 -23.80 -20.67 95.98
CA ARG D 595 -24.86 -20.92 94.99
C ARG D 595 -24.55 -20.19 93.69
N ASN D 596 -24.92 -20.83 92.59
CA ASN D 596 -24.72 -20.26 91.26
C ASN D 596 -25.58 -21.04 90.28
N HIS D 597 -26.17 -20.33 89.31
CA HIS D 597 -27.02 -20.99 88.35
C HIS D 597 -26.24 -21.58 87.18
N LYS D 598 -25.00 -21.14 86.96
CA LYS D 598 -24.21 -21.66 85.85
C LYS D 598 -23.92 -23.15 86.04
N VAL D 599 -23.61 -23.55 87.27
CA VAL D 599 -23.32 -24.95 87.54
C VAL D 599 -24.55 -25.81 87.29
N LEU D 600 -25.72 -25.33 87.73
CA LEU D 600 -26.95 -26.07 87.48
C LEU D 600 -27.24 -26.17 85.99
N ASP D 601 -26.99 -25.09 85.26
CA ASP D 601 -27.21 -25.12 83.81
C ASP D 601 -26.29 -26.13 83.14
N VAL D 602 -25.01 -26.16 83.52
CA VAL D 602 -24.09 -27.10 82.87
C VAL D 602 -24.44 -28.53 83.26
N LEU D 603 -24.89 -28.76 84.50
CA LEU D 603 -25.33 -30.10 84.87
C LEU D 603 -26.55 -30.53 84.05
N CYS D 604 -27.50 -29.62 83.86
CA CYS D 604 -28.66 -29.95 83.03
C CYS D 604 -28.25 -30.27 81.61
N SER D 605 -27.29 -29.52 81.06
CA SER D 605 -26.78 -29.82 79.73
C SER D 605 -26.12 -31.18 79.70
N LEU D 606 -25.38 -31.53 80.75
CA LEU D 606 -24.69 -32.81 80.80
C LEU D 606 -25.66 -33.98 80.90
N CYS D 607 -26.82 -33.76 81.53
CA CYS D 607 -27.75 -34.87 81.75
C CYS D 607 -28.28 -35.41 80.43
N VAL D 608 -28.63 -34.54 79.50
CA VAL D 608 -29.20 -34.94 78.20
C VAL D 608 -28.47 -34.17 77.11
N CYS D 609 -28.03 -34.88 76.07
CA CYS D 609 -27.24 -34.25 75.02
C CYS D 609 -28.13 -33.67 73.91
N ASN D 610 -28.84 -34.53 73.20
CA ASN D 610 -29.80 -34.07 72.19
C ASN D 610 -30.78 -35.20 71.92
N GLY D 611 -32.01 -35.07 72.41
CA GLY D 611 -33.01 -36.08 72.17
C GLY D 611 -32.73 -37.36 72.94
N VAL D 612 -31.64 -38.04 72.57
CA VAL D 612 -31.24 -39.25 73.27
C VAL D 612 -30.69 -38.89 74.64
N ALA D 613 -31.10 -39.64 75.66
CA ALA D 613 -30.70 -39.39 77.04
C ALA D 613 -29.64 -40.41 77.45
N VAL D 614 -28.56 -39.91 78.03
CA VAL D 614 -27.50 -40.77 78.57
C VAL D 614 -27.85 -41.14 80.01
N ARG D 615 -27.76 -42.42 80.33
CA ARG D 615 -28.26 -42.94 81.60
C ARG D 615 -27.20 -43.04 82.68
N SER D 616 -25.97 -43.39 82.31
CA SER D 616 -24.94 -43.62 83.33
C SER D 616 -24.68 -42.36 84.15
N ASN D 617 -24.21 -41.31 83.49
CA ASN D 617 -23.94 -40.06 84.20
C ASN D 617 -25.19 -39.49 84.85
N GLN D 618 -26.36 -39.75 84.28
CA GLN D 618 -27.60 -39.33 84.91
C GLN D 618 -27.78 -39.99 86.28
N ASP D 619 -27.57 -41.31 86.34
CA ASP D 619 -27.67 -42.00 87.62
C ASP D 619 -26.56 -41.58 88.57
N LEU D 620 -25.37 -41.28 88.04
CA LEU D 620 -24.31 -40.76 88.90
C LEU D 620 -24.71 -39.43 89.52
N ILE D 621 -25.35 -38.56 88.73
CA ILE D 621 -25.85 -37.29 89.26
C ILE D 621 -26.88 -37.54 90.34
N THR D 622 -27.80 -38.47 90.10
CA THR D 622 -28.81 -38.77 91.11
C THR D 622 -28.18 -39.25 92.41
N GLU D 623 -27.19 -40.14 92.30
CA GLU D 623 -26.53 -40.66 93.50
C GLU D 623 -25.78 -39.55 94.23
N ASN D 624 -25.12 -38.67 93.49
CA ASN D 624 -24.35 -37.59 94.10
C ASN D 624 -25.22 -36.44 94.57
N LEU D 625 -26.49 -36.39 94.17
CA LEU D 625 -27.42 -35.45 94.78
C LEU D 625 -27.59 -35.80 96.25
N LEU D 626 -27.18 -34.90 97.13
CA LEU D 626 -27.05 -35.19 98.55
C LEU D 626 -28.36 -35.68 99.14
N PRO D 627 -28.44 -36.96 99.54
CA PRO D 627 -29.63 -37.43 100.27
C PRO D 627 -29.75 -36.85 101.66
N GLY D 628 -28.72 -36.14 102.14
CA GLY D 628 -28.82 -35.37 103.36
C GLY D 628 -29.33 -33.96 103.18
N ARG D 629 -29.47 -33.51 101.92
CA ARG D 629 -30.05 -32.21 101.59
C ARG D 629 -29.30 -31.07 102.26
N GLU D 630 -27.99 -31.22 102.44
CA GLU D 630 -27.18 -30.18 103.04
C GLU D 630 -26.54 -29.25 102.01
N LEU D 631 -26.83 -29.43 100.73
CA LEU D 631 -26.30 -28.59 99.68
C LEU D 631 -27.37 -27.96 98.80
N LEU D 632 -28.51 -28.61 98.62
CA LEU D 632 -29.62 -28.06 97.85
C LEU D 632 -30.80 -27.84 98.79
N LEU D 633 -31.31 -26.62 98.81
CA LEU D 633 -32.41 -26.28 99.70
C LEU D 633 -33.70 -26.94 99.24
N GLN D 634 -34.42 -27.55 100.17
CA GLN D 634 -35.64 -28.28 99.88
C GLN D 634 -36.81 -27.66 100.64
N THR D 635 -37.97 -28.31 100.58
CA THR D 635 -39.19 -27.76 101.13
C THR D 635 -40.13 -28.88 101.55
N ASN D 636 -41.14 -28.52 102.33
CA ASN D 636 -42.17 -29.43 102.82
C ASN D 636 -43.32 -28.59 103.36
N LEU D 637 -44.27 -29.24 104.04
CA LEU D 637 -45.42 -28.56 104.61
C LEU D 637 -45.28 -28.43 106.12
N ILE D 638 -45.66 -27.28 106.65
CA ILE D 638 -45.56 -26.99 108.07
C ILE D 638 -46.84 -26.31 108.53
N ASN D 639 -47.30 -26.66 109.73
CA ASN D 639 -48.46 -26.02 110.33
C ASN D 639 -48.05 -24.81 111.15
N TYR D 640 -49.00 -23.89 111.33
CA TYR D 640 -48.76 -22.69 112.12
C TYR D 640 -48.81 -22.99 113.61
N VAL D 641 -48.09 -22.18 114.38
CA VAL D 641 -48.00 -22.35 115.83
C VAL D 641 -48.36 -21.04 116.50
N THR D 642 -49.15 -21.11 117.57
CA THR D 642 -49.56 -19.94 118.33
C THR D 642 -49.50 -20.25 119.82
N SER D 643 -49.43 -19.19 120.62
CA SER D 643 -49.39 -19.30 122.07
C SER D 643 -50.24 -18.20 122.67
N ILE D 644 -50.62 -18.40 123.94
CA ILE D 644 -51.45 -17.45 124.67
C ILE D 644 -50.71 -17.03 125.94
N ARG D 645 -50.66 -15.73 126.19
CA ARG D 645 -49.92 -15.17 127.32
C ARG D 645 -50.85 -14.40 128.24
N PRO D 646 -51.29 -14.98 129.35
CA PRO D 646 -52.04 -14.21 130.35
C PRO D 646 -51.18 -13.10 130.94
N ASN D 647 -51.82 -11.97 131.24
CA ASN D 647 -51.11 -10.78 131.71
C ASN D 647 -50.70 -10.96 133.17
N ILE D 648 -49.72 -11.83 133.38
CA ILE D 648 -49.15 -12.08 134.70
C ILE D 648 -47.64 -12.08 134.55
N PHE D 649 -46.95 -11.35 135.42
CA PHE D 649 -45.50 -11.19 135.35
C PHE D 649 -44.90 -11.40 136.73
N VAL D 650 -43.65 -11.87 136.75
CA VAL D 650 -42.94 -12.12 138.00
C VAL D 650 -41.45 -12.07 137.72
N GLY D 651 -40.69 -11.66 138.72
CA GLY D 651 -39.24 -11.59 138.58
C GLY D 651 -38.59 -11.40 139.93
N ARG D 652 -37.29 -11.66 139.97
CA ARG D 652 -36.50 -11.55 141.19
C ARG D 652 -35.61 -10.32 141.11
N ALA D 653 -35.67 -9.48 142.14
CA ALA D 653 -34.87 -8.28 142.21
C ALA D 653 -34.69 -7.89 143.67
N GLU D 654 -33.76 -6.98 143.92
CA GLU D 654 -33.47 -6.51 145.28
C GLU D 654 -34.61 -5.59 145.72
N GLY D 655 -35.72 -6.22 146.12
CA GLY D 655 -36.89 -5.49 146.54
C GLY D 655 -38.17 -6.31 146.43
N SER D 656 -39.22 -5.72 145.86
CA SER D 656 -40.47 -6.43 145.71
C SER D 656 -40.32 -7.60 144.75
N THR D 657 -40.84 -8.76 145.16
CA THR D 657 -40.72 -9.97 144.36
C THR D 657 -42.02 -10.77 144.24
N GLN D 658 -43.06 -10.42 145.01
CA GLN D 658 -44.36 -11.10 144.96
C GLN D 658 -44.25 -12.58 145.29
N TYR D 659 -43.20 -12.94 146.06
CA TYR D 659 -42.99 -14.29 146.57
C TYR D 659 -42.65 -15.29 145.47
N GLY D 660 -42.71 -14.83 144.22
CA GLY D 660 -42.34 -15.62 143.05
C GLY D 660 -42.83 -17.06 143.02
N LYS D 661 -44.03 -17.30 143.51
CA LYS D 661 -44.59 -18.65 143.53
C LYS D 661 -46.10 -18.54 143.39
N TRP D 662 -46.61 -18.90 142.21
CA TRP D 662 -48.03 -18.81 141.91
C TRP D 662 -48.51 -20.13 141.32
N TYR D 663 -49.76 -20.47 141.62
CA TYR D 663 -50.34 -21.74 141.21
C TYR D 663 -51.26 -21.53 140.01
N PHE D 664 -51.11 -22.37 138.99
CA PHE D 664 -51.91 -22.28 137.78
C PHE D 664 -52.33 -23.67 137.35
N GLU D 665 -53.61 -23.83 137.00
CA GLU D 665 -54.17 -25.10 136.59
C GLU D 665 -54.69 -25.01 135.16
N VAL D 666 -54.35 -26.00 134.35
CA VAL D 666 -54.77 -26.06 132.95
C VAL D 666 -55.32 -27.46 132.67
N MET D 667 -56.48 -27.51 132.02
CA MET D 667 -57.12 -28.77 131.65
C MET D 667 -57.28 -28.81 130.14
N VAL D 668 -57.02 -29.97 129.55
CA VAL D 668 -57.00 -30.14 128.10
C VAL D 668 -58.26 -30.86 127.67
N ASP D 669 -58.88 -30.36 126.61
CA ASP D 669 -60.07 -31.00 126.04
C ASP D 669 -60.09 -30.67 124.55
N GLU D 670 -59.60 -31.58 123.73
CA GLU D 670 -59.53 -31.41 122.29
C GLU D 670 -60.44 -32.42 121.60
N VAL D 671 -60.55 -32.29 120.28
CA VAL D 671 -61.36 -33.20 119.48
C VAL D 671 -60.60 -33.83 118.32
N VAL D 672 -59.44 -33.30 117.92
CA VAL D 672 -58.65 -33.86 116.84
C VAL D 672 -57.23 -34.11 117.34
N PRO D 673 -56.96 -35.26 117.96
CA PRO D 673 -55.60 -35.54 118.44
C PRO D 673 -54.56 -35.53 117.35
N PHE D 674 -54.92 -35.97 116.14
CA PHE D 674 -53.98 -36.00 115.02
C PHE D 674 -54.69 -35.43 113.80
N LEU D 675 -54.32 -34.21 113.41
CA LEU D 675 -54.93 -33.58 112.25
C LEU D 675 -54.60 -34.35 110.98
N THR D 676 -55.49 -34.25 109.99
CA THR D 676 -55.26 -34.92 108.72
C THR D 676 -54.00 -34.42 108.03
N ALA D 677 -53.59 -33.18 108.32
CA ALA D 677 -52.40 -32.62 107.70
C ALA D 677 -51.12 -33.20 108.31
N GLN D 678 -50.94 -33.00 109.62
CA GLN D 678 -49.72 -33.41 110.30
C GLN D 678 -50.05 -33.66 111.76
N ALA D 679 -49.01 -33.77 112.58
CA ALA D 679 -49.18 -33.99 114.02
C ALA D 679 -49.47 -32.67 114.71
N THR D 680 -50.51 -32.65 115.54
CA THR D 680 -50.88 -31.46 116.28
C THR D 680 -49.80 -31.12 117.31
N HIS D 681 -49.53 -29.82 117.45
CA HIS D 681 -48.50 -29.33 118.36
C HIS D 681 -49.15 -28.78 119.61
N LEU D 682 -48.63 -29.17 120.77
CA LEU D 682 -49.16 -28.70 122.05
C LEU D 682 -48.08 -28.83 123.11
N ARG D 683 -47.74 -27.72 123.76
CA ARG D 683 -46.70 -27.70 124.77
C ARG D 683 -47.01 -26.61 125.79
N VAL D 684 -46.40 -26.74 126.97
CA VAL D 684 -46.58 -25.79 128.06
C VAL D 684 -45.22 -25.43 128.63
N GLY D 685 -45.13 -24.23 129.19
CA GLY D 685 -43.87 -23.77 129.75
C GLY D 685 -43.93 -22.30 130.13
N TRP D 686 -42.76 -21.66 130.15
CA TRP D 686 -42.62 -20.28 130.58
C TRP D 686 -41.74 -19.51 129.60
N ALA D 687 -41.94 -18.20 129.55
CA ALA D 687 -41.17 -17.30 128.71
C ALA D 687 -40.68 -16.12 129.53
N LEU D 688 -39.53 -15.58 129.15
CA LEU D 688 -38.84 -14.59 129.98
C LEU D 688 -38.79 -13.20 129.33
N THR D 689 -39.89 -12.80 128.69
CA THR D 689 -40.10 -11.46 128.11
C THR D 689 -38.99 -11.08 127.13
N GLU D 690 -38.17 -12.05 126.75
CA GLU D 690 -37.14 -11.80 125.74
C GLU D 690 -37.27 -12.92 124.71
N GLY D 691 -38.18 -13.86 124.96
CA GLY D 691 -38.36 -14.97 124.06
C GLY D 691 -39.63 -14.84 123.26
N TYR D 692 -40.27 -13.68 123.31
CA TYR D 692 -41.41 -13.46 122.48
C TYR D 692 -40.98 -13.86 121.09
N SER D 693 -41.67 -14.81 120.49
CA SER D 693 -41.26 -15.27 119.19
C SER D 693 -42.35 -15.57 118.18
N PRO D 694 -43.57 -15.90 118.64
CA PRO D 694 -44.53 -16.25 117.59
C PRO D 694 -44.66 -15.18 116.53
N TYR D 695 -44.03 -15.46 115.39
CA TYR D 695 -44.11 -14.59 114.22
C TYR D 695 -44.57 -15.47 113.08
N PRO D 696 -45.87 -15.50 112.80
CA PRO D 696 -46.41 -16.46 111.82
C PRO D 696 -45.60 -16.51 110.53
N GLY D 697 -44.97 -17.65 110.28
CA GLY D 697 -44.04 -17.82 109.19
C GLY D 697 -42.98 -18.83 109.56
N GLY D 698 -41.80 -18.68 108.98
CA GLY D 698 -40.71 -19.61 109.22
C GLY D 698 -39.96 -19.26 110.49
N GLY D 699 -39.66 -20.28 111.29
CA GLY D 699 -38.87 -20.13 112.49
C GLY D 699 -37.42 -20.51 112.27
N GLU D 700 -36.74 -20.84 113.37
CA GLU D 700 -35.35 -21.27 113.28
C GLU D 700 -35.24 -22.71 112.78
N GLY D 701 -36.16 -23.58 113.17
CA GLY D 701 -36.15 -24.94 112.68
C GLY D 701 -37.07 -25.13 111.51
N TRP D 702 -38.18 -25.83 111.72
CA TRP D 702 -39.23 -26.01 110.72
C TRP D 702 -40.53 -25.63 111.39
N GLY D 703 -40.86 -24.35 111.36
CA GLY D 703 -42.03 -23.84 112.06
C GLY D 703 -41.67 -23.10 113.33
N GLY D 704 -42.22 -21.90 113.50
CA GLY D 704 -41.90 -21.07 114.65
C GLY D 704 -42.68 -21.47 115.89
N ASN D 705 -42.27 -22.55 116.52
CA ASN D 705 -42.98 -23.05 117.70
C ASN D 705 -42.94 -22.03 118.83
N GLY D 706 -44.04 -21.96 119.59
CA GLY D 706 -44.16 -20.94 120.61
C GLY D 706 -43.17 -21.10 121.74
N VAL D 707 -43.00 -22.33 122.24
CA VAL D 707 -42.14 -22.59 123.38
C VAL D 707 -41.22 -23.76 123.06
N GLY D 708 -40.11 -23.81 123.78
CA GLY D 708 -39.23 -24.96 123.77
C GLY D 708 -38.27 -25.06 122.61
N ASP D 709 -38.32 -24.14 121.65
CA ASP D 709 -37.42 -24.15 120.50
C ASP D 709 -36.47 -22.97 120.51
N ASP D 710 -36.32 -22.30 121.65
CA ASP D 710 -35.42 -21.16 121.77
C ASP D 710 -34.95 -21.06 123.22
N LEU D 711 -33.74 -20.54 123.39
CA LEU D 711 -33.17 -20.44 124.73
C LEU D 711 -33.91 -19.47 125.62
N TYR D 712 -34.64 -18.50 125.04
CA TYR D 712 -35.40 -17.54 125.82
C TYR D 712 -36.79 -18.07 126.19
N SER D 713 -36.99 -19.37 126.13
CA SER D 713 -38.26 -19.98 126.52
C SER D 713 -37.99 -21.40 126.97
N TYR D 714 -38.90 -21.91 127.80
CA TYR D 714 -38.82 -23.27 128.32
C TYR D 714 -40.16 -23.95 128.14
N GLY D 715 -40.13 -25.24 127.79
CA GLY D 715 -41.34 -25.95 127.44
C GLY D 715 -41.34 -27.38 127.93
N PHE D 716 -42.54 -27.96 127.95
CA PHE D 716 -42.75 -29.35 128.31
C PHE D 716 -43.65 -29.99 127.26
N ASP D 717 -43.30 -31.22 126.87
CA ASP D 717 -43.97 -31.90 125.76
C ASP D 717 -44.74 -33.14 126.23
N GLY D 718 -45.17 -33.15 127.48
CA GLY D 718 -45.91 -34.31 127.99
C GLY D 718 -45.05 -35.53 128.26
N LEU D 719 -44.26 -35.95 127.29
CA LEU D 719 -43.32 -37.04 127.47
C LEU D 719 -41.88 -36.63 127.17
N HIS D 720 -41.65 -35.35 126.87
CA HIS D 720 -40.31 -34.84 126.61
C HIS D 720 -40.24 -33.41 127.13
N LEU D 721 -39.01 -32.89 127.21
CA LEU D 721 -38.78 -31.49 127.50
C LEU D 721 -38.18 -30.83 126.26
N TRP D 722 -38.50 -29.56 126.06
CA TRP D 722 -38.09 -28.84 124.86
C TRP D 722 -37.32 -27.58 125.26
N THR D 723 -36.06 -27.51 124.88
CA THR D 723 -35.23 -26.33 125.09
C THR D 723 -34.37 -26.13 123.85
N GLY D 724 -34.68 -25.09 123.07
CA GLY D 724 -33.86 -24.77 121.92
C GLY D 724 -33.77 -25.86 120.87
N HIS D 725 -34.93 -26.39 120.48
CA HIS D 725 -35.02 -27.43 119.45
C HIS D 725 -34.32 -28.71 119.90
N VAL D 726 -34.43 -29.05 121.18
CA VAL D 726 -33.93 -30.31 121.73
C VAL D 726 -35.06 -30.97 122.50
N ALA D 727 -35.28 -32.26 122.24
CA ALA D 727 -36.43 -32.96 122.79
C ALA D 727 -36.01 -34.14 123.65
N ARG D 728 -35.09 -33.94 124.58
CA ARG D 728 -34.62 -35.02 125.43
C ARG D 728 -35.78 -35.59 126.24
N PRO D 729 -35.93 -36.91 126.30
CA PRO D 729 -37.05 -37.50 127.01
C PRO D 729 -36.86 -37.48 128.52
N VAL D 730 -37.99 -37.57 129.23
CA VAL D 730 -38.01 -37.65 130.68
C VAL D 730 -38.96 -38.77 131.08
N THR D 731 -38.49 -39.66 131.96
CA THR D 731 -39.28 -40.81 132.40
C THR D 731 -40.15 -40.39 133.59
N SER D 732 -41.45 -40.27 133.36
CA SER D 732 -42.40 -39.85 134.37
C SER D 732 -43.52 -40.87 134.47
N PRO D 733 -44.16 -40.98 135.64
CA PRO D 733 -45.30 -41.89 135.76
C PRO D 733 -46.40 -41.54 134.77
N GLY D 734 -47.00 -42.57 134.17
CA GLY D 734 -47.93 -42.36 133.09
C GLY D 734 -47.23 -41.97 131.81
N GLN D 735 -46.39 -42.87 131.30
CA GLN D 735 -45.58 -42.58 130.13
C GLN D 735 -46.42 -42.59 128.85
N HIS D 736 -46.89 -41.42 128.44
CA HIS D 736 -47.65 -41.27 127.20
C HIS D 736 -47.65 -39.79 126.83
N LEU D 737 -48.39 -39.45 125.78
CA LEU D 737 -48.44 -38.09 125.28
C LEU D 737 -49.38 -37.25 126.14
N LEU D 738 -49.62 -36.01 125.74
CA LEU D 738 -50.54 -35.11 126.43
C LEU D 738 -51.96 -35.53 126.08
N ALA D 739 -52.42 -36.59 126.74
CA ALA D 739 -53.76 -37.10 126.49
C ALA D 739 -54.80 -36.08 126.92
N PRO D 740 -55.94 -36.00 126.22
CA PRO D 740 -56.99 -35.05 126.61
C PRO D 740 -57.60 -35.42 127.95
N GLU D 741 -58.43 -34.51 128.45
CA GLU D 741 -59.12 -34.68 129.74
C GLU D 741 -58.11 -34.91 130.86
N ASP D 742 -57.03 -34.13 130.85
CA ASP D 742 -56.00 -34.20 131.88
C ASP D 742 -55.74 -32.80 132.41
N VAL D 743 -55.25 -32.74 133.65
CA VAL D 743 -54.96 -31.49 134.33
C VAL D 743 -53.47 -31.46 134.68
N VAL D 744 -52.82 -30.35 134.34
CA VAL D 744 -51.39 -30.15 134.60
C VAL D 744 -51.23 -28.92 135.48
N SER D 745 -50.46 -29.06 136.55
CA SER D 745 -50.18 -27.97 137.47
C SER D 745 -48.88 -27.29 137.09
N CYS D 746 -48.90 -25.96 137.00
CA CYS D 746 -47.72 -25.19 136.65
C CYS D 746 -46.95 -24.87 137.92
N CYS D 747 -45.70 -25.34 137.99
CA CYS D 747 -44.85 -25.14 139.15
C CYS D 747 -43.90 -23.98 138.87
N LEU D 748 -43.95 -22.96 139.71
CA LEU D 748 -43.12 -21.76 139.55
C LEU D 748 -42.18 -21.64 140.74
N ASP D 749 -40.90 -21.43 140.47
CA ASP D 749 -39.88 -21.31 141.51
C ASP D 749 -38.99 -20.11 141.17
N LEU D 750 -39.18 -19.00 141.89
CA LEU D 750 -38.37 -17.81 141.71
C LEU D 750 -37.32 -17.64 142.80
N SER D 751 -37.66 -17.99 144.05
CA SER D 751 -36.68 -17.91 145.13
C SER D 751 -35.48 -18.81 144.83
N VAL D 752 -35.73 -20.01 144.34
CA VAL D 752 -34.71 -20.87 143.78
C VAL D 752 -35.01 -21.04 142.29
N PRO D 753 -34.06 -20.86 141.40
CA PRO D 753 -34.36 -20.99 139.97
C PRO D 753 -34.64 -22.44 139.60
N SER D 754 -35.91 -22.76 139.37
CA SER D 754 -36.31 -24.12 139.02
C SER D 754 -37.68 -24.07 138.37
N ILE D 755 -37.97 -25.10 137.57
CA ILE D 755 -39.26 -25.26 136.93
C ILE D 755 -39.64 -26.73 137.01
N SER D 756 -40.69 -27.05 137.75
CA SER D 756 -41.15 -28.42 137.93
C SER D 756 -42.48 -28.63 137.22
N PHE D 757 -42.88 -29.89 137.13
CA PHE D 757 -44.11 -30.25 136.44
C PHE D 757 -44.82 -31.39 137.17
N ARG D 758 -46.14 -31.44 137.00
CA ARG D 758 -46.97 -32.53 137.50
C ARG D 758 -47.88 -32.95 136.36
N ILE D 759 -47.72 -34.19 135.89
CA ILE D 759 -48.43 -34.63 134.70
C ILE D 759 -49.93 -34.68 134.93
N ASN D 760 -50.39 -35.59 135.80
CA ASN D 760 -51.77 -35.56 136.28
C ASN D 760 -51.83 -35.43 137.79
N GLY D 761 -51.18 -36.34 138.52
CA GLY D 761 -51.05 -36.23 139.95
C GLY D 761 -49.65 -36.56 140.40
N CYS D 762 -48.85 -37.10 139.47
CA CYS D 762 -47.51 -37.59 139.77
C CYS D 762 -46.45 -36.58 139.34
N PRO D 763 -45.38 -36.46 140.12
CA PRO D 763 -44.32 -35.51 139.77
C PRO D 763 -43.54 -35.97 138.54
N VAL D 764 -42.92 -34.99 137.88
CA VAL D 764 -42.10 -35.23 136.71
C VAL D 764 -40.64 -35.05 137.12
N GLN D 765 -39.81 -36.06 136.84
CA GLN D 765 -38.44 -36.09 137.31
C GLN D 765 -37.50 -35.21 136.49
N GLY D 766 -38.03 -34.31 135.68
CA GLY D 766 -37.20 -33.35 134.97
C GLY D 766 -37.50 -31.94 135.39
N VAL D 767 -36.54 -31.28 136.04
CA VAL D 767 -36.71 -29.92 136.55
C VAL D 767 -35.52 -29.08 136.11
N PHE D 768 -35.80 -27.93 135.51
CA PHE D 768 -34.75 -27.01 135.11
C PHE D 768 -34.17 -26.29 136.32
N GLU D 769 -33.03 -25.64 136.11
CA GLU D 769 -32.38 -24.88 137.17
C GLU D 769 -31.30 -24.02 136.54
N ALA D 770 -30.80 -23.06 137.32
CA ALA D 770 -29.66 -22.23 136.96
C ALA D 770 -29.85 -21.55 135.62
N PHE D 771 -31.04 -20.98 135.42
CA PHE D 771 -31.36 -20.28 134.18
C PHE D 771 -31.32 -18.77 134.41
N ASN D 772 -31.69 -18.02 133.39
CA ASN D 772 -31.55 -16.57 133.41
C ASN D 772 -32.56 -15.95 134.37
N LEU D 773 -32.34 -14.68 134.71
CA LEU D 773 -33.16 -14.02 135.72
C LEU D 773 -33.73 -12.69 135.21
N ASP D 774 -32.99 -12.01 134.33
CA ASP D 774 -33.38 -10.66 133.89
C ASP D 774 -34.56 -10.77 132.92
N GLY D 775 -35.75 -10.70 133.48
CA GLY D 775 -36.96 -10.75 132.69
C GLY D 775 -38.14 -11.22 133.52
N LEU D 776 -39.33 -10.94 132.99
CA LEU D 776 -40.57 -11.34 133.65
C LEU D 776 -41.10 -12.62 133.01
N PHE D 777 -41.52 -13.56 133.85
CA PHE D 777 -41.93 -14.88 133.41
C PHE D 777 -43.44 -14.97 133.27
N PHE D 778 -43.89 -15.68 132.23
CA PHE D 778 -45.31 -15.85 131.97
C PHE D 778 -45.67 -17.33 132.00
N PRO D 779 -46.87 -17.67 132.47
CA PRO D 779 -47.42 -19.00 132.23
C PRO D 779 -47.99 -19.08 130.83
N VAL D 780 -47.28 -19.77 129.94
CA VAL D 780 -47.62 -19.77 128.52
C VAL D 780 -47.79 -21.21 128.04
N VAL D 781 -48.77 -21.41 127.17
CA VAL D 781 -49.06 -22.72 126.58
C VAL D 781 -48.92 -22.60 125.07
N SER D 782 -48.17 -23.54 124.48
CA SER D 782 -47.99 -23.61 123.03
C SER D 782 -48.99 -24.60 122.47
N PHE D 783 -49.65 -24.21 121.37
CA PHE D 783 -50.71 -25.03 120.80
C PHE D 783 -50.78 -24.82 119.30
N SER D 784 -51.17 -25.86 118.59
CA SER D 784 -51.38 -25.80 117.16
C SER D 784 -52.86 -25.48 116.88
N ALA D 785 -53.27 -25.63 115.62
CA ALA D 785 -54.66 -25.37 115.25
C ALA D 785 -55.57 -26.47 115.76
N GLY D 786 -56.85 -26.12 115.91
CA GLY D 786 -57.86 -27.09 116.34
C GLY D 786 -57.69 -27.59 117.75
N VAL D 787 -57.39 -26.70 118.70
CA VAL D 787 -57.22 -27.07 120.10
C VAL D 787 -58.00 -26.07 120.95
N LYS D 788 -58.80 -26.58 121.88
CA LYS D 788 -59.53 -25.76 122.84
C LYS D 788 -59.03 -26.09 124.24
N VAL D 789 -58.68 -25.05 125.00
CA VAL D 789 -58.11 -25.22 126.33
C VAL D 789 -58.83 -24.28 127.30
N ARG D 790 -58.72 -24.60 128.59
CA ARG D 790 -59.40 -23.86 129.64
C ARG D 790 -58.39 -23.44 130.70
N PHE D 791 -58.52 -22.20 131.16
CA PHE D 791 -57.69 -21.66 132.23
C PHE D 791 -58.48 -21.65 133.53
N LEU D 792 -57.76 -21.57 134.64
CA LEU D 792 -58.38 -21.54 135.97
C LEU D 792 -57.69 -20.46 136.79
N LEU D 793 -58.45 -19.43 137.17
CA LEU D 793 -57.90 -18.35 137.98
C LEU D 793 -57.50 -18.86 139.35
N GLY D 794 -58.40 -19.56 140.03
CA GLY D 794 -58.17 -20.07 141.36
C GLY D 794 -58.62 -19.16 142.48
N GLY D 795 -58.83 -17.88 142.21
CA GLY D 795 -59.25 -16.95 143.23
C GLY D 795 -60.59 -16.32 142.97
N ARG D 796 -60.94 -16.13 141.69
CA ARG D 796 -62.17 -15.46 141.31
C ARG D 796 -63.15 -16.39 140.59
N HIS D 797 -62.72 -17.02 139.50
CA HIS D 797 -63.60 -17.90 138.74
C HIS D 797 -62.92 -19.18 138.29
N GLY D 798 -61.80 -19.54 138.91
CA GLY D 798 -61.10 -20.76 138.55
C GLY D 798 -61.27 -21.85 139.58
N GLU D 799 -62.02 -22.89 139.24
CA GLU D 799 -62.28 -24.00 140.16
C GLU D 799 -61.04 -24.87 140.21
N PHE D 800 -60.08 -24.49 141.06
CA PHE D 800 -58.87 -25.27 141.22
C PHE D 800 -59.20 -26.66 141.75
N LYS D 801 -58.63 -27.68 141.12
CA LYS D 801 -58.85 -29.07 141.51
C LYS D 801 -57.63 -29.67 142.21
N PHE D 802 -56.47 -29.65 141.57
CA PHE D 802 -55.28 -30.22 142.16
C PHE D 802 -54.73 -29.30 143.25
N LEU D 803 -54.18 -29.92 144.28
CA LEU D 803 -53.69 -29.16 145.42
C LEU D 803 -52.49 -28.31 145.02
N PRO D 804 -52.44 -27.03 145.42
CA PRO D 804 -51.27 -26.22 145.11
C PRO D 804 -50.07 -26.66 145.93
N PRO D 805 -48.86 -26.51 145.40
CA PRO D 805 -47.67 -26.71 146.23
C PRO D 805 -47.61 -25.66 147.32
N PRO D 806 -46.96 -25.97 148.45
CA PRO D 806 -46.95 -25.02 149.57
C PRO D 806 -46.34 -23.68 149.19
N GLY D 807 -46.91 -22.62 149.73
CA GLY D 807 -46.42 -21.27 149.46
C GLY D 807 -46.61 -20.80 148.04
N TYR D 808 -47.77 -21.05 147.44
CA TYR D 808 -48.07 -20.60 146.09
C TYR D 808 -49.32 -19.74 146.11
N ALA D 809 -49.29 -18.64 145.33
CA ALA D 809 -50.36 -17.66 145.36
C ALA D 809 -51.27 -17.84 144.17
N PRO D 810 -52.55 -18.13 144.35
CA PRO D 810 -53.50 -18.19 143.23
C PRO D 810 -54.12 -16.83 142.93
N CYS D 811 -53.28 -15.86 142.59
CA CYS D 811 -53.69 -14.51 142.23
C CYS D 811 -54.47 -13.85 143.38
N HIS D 812 -53.75 -13.64 144.48
CA HIS D 812 -54.36 -13.14 145.71
C HIS D 812 -53.91 -11.75 146.12
N GLU D 813 -52.63 -11.39 145.93
CA GLU D 813 -52.11 -10.16 146.51
C GLU D 813 -52.28 -8.96 145.59
N ALA D 814 -51.64 -9.00 144.41
CA ALA D 814 -51.70 -7.88 143.49
C ALA D 814 -51.39 -8.39 142.08
N VAL D 815 -52.44 -8.58 141.28
CA VAL D 815 -52.31 -8.93 139.87
C VAL D 815 -53.22 -8.01 139.08
N LEU D 816 -52.64 -7.26 138.14
CA LEU D 816 -53.37 -6.27 137.35
C LEU D 816 -54.07 -5.29 138.28
N PRO D 817 -53.33 -4.43 138.98
CA PRO D 817 -53.97 -3.54 139.97
C PRO D 817 -55.01 -2.60 139.37
N ARG D 818 -54.80 -2.12 138.15
CA ARG D 818 -55.68 -1.15 137.53
C ARG D 818 -56.48 -1.73 136.37
N GLU D 819 -56.63 -3.06 136.32
CA GLU D 819 -57.34 -3.71 135.23
C GLU D 819 -57.75 -5.10 135.69
N ARG D 820 -58.21 -5.93 134.76
CA ARG D 820 -58.59 -7.30 135.02
C ARG D 820 -57.76 -8.25 134.18
N LEU D 821 -57.69 -9.50 134.62
CA LEU D 821 -56.91 -10.51 133.90
C LEU D 821 -57.45 -10.71 132.50
N ARG D 822 -56.54 -10.72 131.51
CA ARG D 822 -56.92 -10.87 130.12
C ARG D 822 -55.91 -11.77 129.42
N LEU D 823 -56.30 -12.25 128.25
CA LEU D 823 -55.45 -13.07 127.40
C LEU D 823 -55.19 -12.34 126.09
N GLU D 824 -53.92 -12.30 125.68
CA GLU D 824 -53.56 -11.64 124.43
C GLU D 824 -52.24 -12.22 123.94
N PRO D 825 -52.12 -12.54 122.66
CA PRO D 825 -50.84 -13.05 122.15
C PRO D 825 -49.75 -11.98 122.23
N ILE D 826 -48.53 -12.44 122.46
CA ILE D 826 -47.39 -11.55 122.61
C ILE D 826 -46.96 -11.02 121.25
N LYS D 827 -46.62 -9.74 121.20
CA LYS D 827 -46.16 -9.08 119.98
C LYS D 827 -47.16 -9.24 118.84
N GLU D 828 -48.45 -9.15 119.17
CA GLU D 828 -49.49 -9.32 118.17
C GLU D 828 -49.56 -8.09 117.26
N TYR D 829 -48.87 -8.15 116.12
CA TYR D 829 -48.87 -7.02 115.20
C TYR D 829 -50.12 -6.97 114.32
N ARG D 830 -50.96 -7.99 114.37
CA ARG D 830 -52.17 -8.03 113.58
C ARG D 830 -53.33 -8.52 114.43
N ARG D 831 -54.49 -7.89 114.28
CA ARG D 831 -55.69 -8.32 114.99
C ARG D 831 -56.91 -7.84 114.22
N GLU D 832 -58.00 -8.60 114.34
CA GLU D 832 -59.22 -8.27 113.64
C GLU D 832 -59.90 -7.07 114.27
N GLY D 833 -60.88 -6.53 113.56
CA GLY D 833 -61.66 -5.43 114.04
C GLY D 833 -63.09 -5.46 113.53
N PRO D 834 -63.97 -4.66 114.16
CA PRO D 834 -65.36 -4.62 113.70
C PRO D 834 -65.51 -4.16 112.26
N ARG D 835 -64.64 -3.27 111.79
CA ARG D 835 -64.68 -2.77 110.43
C ARG D 835 -63.65 -3.45 109.53
N GLY D 836 -62.42 -3.59 110.02
CA GLY D 836 -61.37 -4.23 109.26
C GLY D 836 -60.20 -4.58 110.15
N PRO D 837 -59.12 -5.11 109.56
CA PRO D 837 -57.93 -5.43 110.35
C PRO D 837 -57.35 -4.18 110.97
N HIS D 838 -56.85 -4.33 112.20
CA HIS D 838 -56.24 -3.22 112.94
C HIS D 838 -54.83 -3.64 113.33
N LEU D 839 -53.88 -3.42 112.43
CA LEU D 839 -52.48 -3.68 112.73
C LEU D 839 -51.98 -2.66 113.75
N VAL D 840 -51.16 -3.12 114.69
CA VAL D 840 -50.66 -2.28 115.77
C VAL D 840 -49.14 -2.34 115.80
N GLY D 841 -48.54 -1.33 116.42
CA GLY D 841 -47.11 -1.27 116.55
C GLY D 841 -46.63 -2.04 117.76
N PRO D 842 -45.39 -1.77 118.19
CA PRO D 842 -44.86 -2.47 119.36
C PRO D 842 -45.58 -2.06 120.62
N SER D 843 -45.59 -2.97 121.60
CA SER D 843 -46.25 -2.75 122.88
C SER D 843 -45.20 -2.68 123.99
N ARG D 844 -45.38 -1.72 124.90
CA ARG D 844 -44.47 -1.55 126.01
C ARG D 844 -44.64 -2.66 127.04
N ILE D 861 -22.10 25.03 158.16
CA ILE D 861 -22.48 24.11 159.23
C ILE D 861 -23.55 24.73 160.11
N VAL D 862 -24.52 25.40 159.48
CA VAL D 862 -25.61 26.06 160.18
C VAL D 862 -26.93 25.57 159.60
N LEU D 863 -27.82 25.11 160.46
CA LEU D 863 -29.17 24.74 160.04
C LEU D 863 -30.12 25.86 160.42
N PRO D 864 -30.75 26.52 159.44
CA PRO D 864 -31.66 27.64 159.76
C PRO D 864 -32.73 27.22 160.75
N PRO D 865 -32.79 27.89 161.91
CA PRO D 865 -33.80 27.53 162.91
C PRO D 865 -35.22 27.89 162.52
N HIS D 866 -35.42 28.60 161.40
CA HIS D 866 -36.77 28.91 160.96
C HIS D 866 -37.57 27.65 160.68
N LEU D 867 -36.95 26.69 159.97
CA LEU D 867 -37.60 25.41 159.73
C LEU D 867 -37.86 24.69 161.05
N GLU D 868 -36.91 24.75 161.98
CA GLU D 868 -37.04 24.08 163.26
C GLU D 868 -38.22 24.62 164.06
N ARG D 869 -38.42 25.93 164.03
CA ARG D 869 -39.56 26.50 164.74
C ARG D 869 -40.85 26.43 163.94
N ILE D 870 -40.79 26.18 162.64
CA ILE D 870 -42.01 26.16 161.85
C ILE D 870 -42.61 24.75 161.74
N ARG D 871 -41.81 23.69 161.77
CA ARG D 871 -42.44 22.38 161.59
C ARG D 871 -43.16 21.93 162.86
N GLU D 872 -42.75 22.43 164.02
CA GLU D 872 -43.54 22.21 165.23
C GLU D 872 -44.93 22.81 165.09
N LYS D 873 -45.01 24.06 164.62
CA LYS D 873 -46.31 24.70 164.42
C LYS D 873 -47.09 24.00 163.32
N LEU D 874 -46.41 23.51 162.29
CA LEU D 874 -47.09 22.78 161.23
C LEU D 874 -47.72 21.49 161.75
N ALA D 875 -46.97 20.74 162.56
CA ALA D 875 -47.53 19.53 163.18
C ALA D 875 -48.67 19.88 164.11
N GLU D 876 -48.53 20.96 164.88
CA GLU D 876 -49.59 21.39 165.78
C GLU D 876 -50.86 21.71 165.01
N ASN D 877 -50.72 22.40 163.87
CA ASN D 877 -51.89 22.75 163.06
C ASN D 877 -52.52 21.52 162.42
N ILE D 878 -51.70 20.61 161.89
CA ILE D 878 -52.25 19.47 161.17
C ILE D 878 -52.89 18.48 162.13
N HIS D 879 -52.45 18.44 163.39
CA HIS D 879 -53.08 17.53 164.34
C HIS D 879 -54.52 17.95 164.66
N GLU D 880 -54.78 19.26 164.71
CA GLU D 880 -56.15 19.71 164.90
C GLU D 880 -57.04 19.29 163.74
N LEU D 881 -56.54 19.40 162.51
CA LEU D 881 -57.29 18.92 161.35
C LEU D 881 -57.48 17.42 161.40
N TRP D 882 -56.47 16.69 161.88
CA TRP D 882 -56.60 15.24 162.08
C TRP D 882 -57.75 14.93 163.03
N ALA D 883 -57.77 15.60 164.19
CA ALA D 883 -58.83 15.37 165.16
C ALA D 883 -60.20 15.73 164.59
N LEU D 884 -60.27 16.84 163.85
CA LEU D 884 -61.53 17.25 163.22
C LEU D 884 -62.02 16.20 162.23
N THR D 885 -61.12 15.74 161.35
CA THR D 885 -61.51 14.74 160.36
C THR D 885 -61.95 13.45 161.03
N ARG D 886 -61.25 13.06 162.11
CA ARG D 886 -61.64 11.85 162.82
C ARG D 886 -63.02 11.99 163.44
N ILE D 887 -63.27 13.11 164.14
CA ILE D 887 -64.54 13.23 164.85
C ILE D 887 -65.72 13.40 163.88
N GLU D 888 -65.52 14.11 162.76
CA GLU D 888 -66.58 14.14 161.76
C GLU D 888 -66.60 12.91 160.87
N GLN D 889 -65.64 11.99 161.02
CA GLN D 889 -65.71 10.70 160.34
C GLN D 889 -66.45 9.65 161.16
N GLY D 890 -66.99 10.02 162.32
CA GLY D 890 -67.63 9.07 163.21
C GLY D 890 -66.77 8.56 164.33
N TRP D 891 -65.52 9.02 164.43
CA TRP D 891 -64.61 8.59 165.49
C TRP D 891 -64.86 9.47 166.72
N THR D 892 -65.95 9.16 167.41
CA THR D 892 -66.26 9.85 168.65
C THR D 892 -65.26 9.49 169.74
N TYR D 893 -65.06 10.41 170.68
CA TYR D 893 -64.12 10.18 171.77
C TYR D 893 -64.54 8.98 172.58
N GLY D 894 -63.58 8.09 172.87
CA GLY D 894 -63.87 6.88 173.61
C GLY D 894 -62.82 6.60 174.67
N PRO D 895 -63.26 6.01 175.79
CA PRO D 895 -62.30 5.69 176.86
C PRO D 895 -61.21 4.72 176.44
N VAL D 896 -61.49 3.79 175.54
CA VAL D 896 -60.55 2.74 175.15
C VAL D 896 -60.05 3.02 173.74
N ARG D 897 -58.74 2.86 173.55
CA ARG D 897 -58.11 3.06 172.25
C ARG D 897 -58.24 1.77 171.45
N ASP D 898 -59.28 1.71 170.62
CA ASP D 898 -59.52 0.55 169.75
C ASP D 898 -59.93 1.06 168.38
N ASP D 899 -59.10 0.81 167.37
CA ASP D 899 -59.41 1.25 166.01
C ASP D 899 -60.65 0.53 165.47
N ASN D 900 -60.79 -0.75 165.79
CA ASN D 900 -61.97 -1.50 165.35
C ASN D 900 -63.24 -0.92 165.98
N LYS D 901 -63.15 -0.54 167.25
CA LYS D 901 -64.29 0.09 167.94
C LYS D 901 -64.60 1.48 167.40
N ARG D 902 -63.73 2.05 166.57
CA ARG D 902 -63.84 3.36 165.95
C ARG D 902 -63.72 4.51 166.95
N LEU D 903 -63.55 4.21 168.24
CA LEU D 903 -63.35 5.27 169.22
C LEU D 903 -61.99 5.92 169.02
N HIS D 904 -61.94 7.23 169.24
CA HIS D 904 -60.73 8.03 169.01
C HIS D 904 -60.39 8.80 170.27
N PRO D 905 -59.70 8.16 171.22
CA PRO D 905 -59.23 8.90 172.41
C PRO D 905 -58.09 9.85 172.12
N CYS D 906 -57.68 10.00 170.87
CA CYS D 906 -56.63 10.94 170.48
C CYS D 906 -57.15 12.34 170.25
N LEU D 907 -58.41 12.60 170.58
CA LEU D 907 -58.98 13.94 170.47
C LEU D 907 -58.58 14.78 171.69
N VAL D 908 -57.28 14.84 171.96
CA VAL D 908 -56.74 15.50 173.13
C VAL D 908 -55.48 16.26 172.72
N ASN D 909 -54.83 16.87 173.71
CA ASN D 909 -53.63 17.65 173.44
C ASN D 909 -52.45 16.74 173.08
N PHE D 910 -51.36 17.38 172.67
CA PHE D 910 -50.22 16.63 172.13
C PHE D 910 -49.50 15.84 173.22
N HIS D 911 -49.28 16.47 174.38
CA HIS D 911 -48.64 15.75 175.47
C HIS D 911 -49.51 14.60 175.96
N SER D 912 -50.83 14.72 175.81
CA SER D 912 -51.74 13.63 176.15
C SER D 912 -51.77 12.54 175.09
N LEU D 913 -51.31 12.84 173.87
CA LEU D 913 -51.26 11.83 172.83
C LEU D 913 -50.18 10.80 173.17
N PRO D 914 -50.32 9.57 172.66
CA PRO D 914 -49.26 8.57 172.85
C PRO D 914 -47.96 9.01 172.20
N GLU D 915 -46.85 8.64 172.84
CA GLU D 915 -45.53 8.99 172.31
C GLU D 915 -45.29 8.50 170.88
N PRO D 916 -45.69 7.27 170.48
CA PRO D 916 -45.46 6.88 169.09
C PRO D 916 -46.10 7.80 168.06
N GLU D 917 -47.28 8.34 168.33
CA GLU D 917 -47.93 9.22 167.37
C GLU D 917 -47.18 10.55 167.24
N ARG D 918 -46.71 11.10 168.36
CA ARG D 918 -45.92 12.32 168.30
C ARG D 918 -44.60 12.08 167.58
N ASN D 919 -43.98 10.93 167.83
CA ASN D 919 -42.76 10.58 167.11
C ASN D 919 -43.02 10.44 165.62
N TYR D 920 -44.17 9.87 165.25
CA TYR D 920 -44.54 9.77 163.84
C TYR D 920 -44.71 11.16 163.22
N ASN D 921 -45.35 12.08 163.94
CA ASN D 921 -45.50 13.44 163.44
C ASN D 921 -44.13 14.08 163.24
N LEU D 922 -43.25 13.96 164.22
CA LEU D 922 -41.92 14.58 164.11
C LEU D 922 -41.13 13.98 162.97
N GLN D 923 -41.15 12.66 162.81
CA GLN D 923 -40.37 12.03 161.75
C GLN D 923 -40.95 12.35 160.38
N MET D 924 -42.27 12.44 160.25
CA MET D 924 -42.85 12.79 158.96
C MET D 924 -42.52 14.24 158.61
N SER D 925 -42.54 15.14 159.59
CA SER D 925 -42.13 16.52 159.34
C SER D 925 -40.67 16.59 158.90
N GLY D 926 -39.80 15.83 159.58
CA GLY D 926 -38.40 15.82 159.21
C GLY D 926 -38.16 15.26 157.82
N GLU D 927 -38.89 14.19 157.47
CA GLU D 927 -38.75 13.60 156.13
C GLU D 927 -39.26 14.56 155.07
N THR D 928 -40.36 15.26 155.33
CA THR D 928 -40.85 16.25 154.38
C THR D 928 -39.84 17.38 154.19
N LEU D 929 -39.23 17.82 155.30
CA LEU D 929 -38.19 18.86 155.20
C LEU D 929 -37.01 18.36 154.38
N LYS D 930 -36.57 17.12 154.62
CA LYS D 930 -35.44 16.57 153.89
C LYS D 930 -35.76 16.44 152.40
N THR D 931 -36.96 15.98 152.06
CA THR D 931 -37.36 15.87 150.66
C THR D 931 -37.44 17.24 150.00
N LEU D 932 -37.99 18.23 150.72
CA LEU D 932 -38.02 19.58 150.18
C LEU D 932 -36.61 20.14 149.96
N LEU D 933 -35.67 19.74 150.82
CA LEU D 933 -34.27 20.09 150.59
C LEU D 933 -33.72 19.43 149.33
N ALA D 934 -34.32 18.34 148.89
CA ALA D 934 -33.88 17.64 147.68
C ALA D 934 -34.61 18.14 146.44
N LEU D 935 -34.57 19.46 146.23
CA LEU D 935 -35.18 20.08 145.06
C LEU D 935 -34.30 21.07 144.34
N GLY D 936 -33.25 21.59 144.96
CA GLY D 936 -32.40 22.58 144.36
C GLY D 936 -32.91 24.00 144.40
N CYS D 937 -34.06 24.23 145.03
CA CYS D 937 -34.66 25.55 145.11
C CYS D 937 -34.44 26.14 146.51
N HIS D 938 -34.82 27.41 146.66
CA HIS D 938 -34.65 28.15 147.90
C HIS D 938 -35.97 28.23 148.65
N VAL D 939 -35.93 27.94 149.95
CA VAL D 939 -37.13 27.94 150.79
C VAL D 939 -36.87 28.84 151.98
N GLY D 940 -37.83 29.71 152.29
CA GLY D 940 -37.67 30.61 153.41
C GLY D 940 -38.88 31.51 153.56
N MET D 941 -38.75 32.50 154.44
CA MET D 941 -39.82 33.44 154.68
C MET D 941 -40.10 34.28 153.44
N ALA D 942 -41.38 34.61 153.24
CA ALA D 942 -41.81 35.47 152.14
C ALA D 942 -42.55 36.70 152.61
N ASP D 943 -43.44 36.57 153.58
CA ASP D 943 -44.21 37.70 154.09
C ASP D 943 -44.14 37.86 155.60
N GLU D 944 -44.09 36.75 156.34
CA GLU D 944 -44.09 36.77 157.81
C GLU D 944 -45.35 37.44 158.36
N LYS D 945 -46.43 37.44 157.59
CA LYS D 945 -47.69 38.01 158.00
C LYS D 945 -48.85 37.03 157.96
N ALA D 946 -48.68 35.86 157.35
CA ALA D 946 -49.75 34.87 157.30
C ALA D 946 -50.12 34.39 158.70
N GLU D 947 -49.12 34.19 159.56
CA GLU D 947 -49.40 33.83 160.95
C GLU D 947 -50.16 34.94 161.65
N ASP D 948 -49.81 36.20 161.37
CA ASP D 948 -50.54 37.33 161.92
C ASP D 948 -51.94 37.45 161.33
N ASN D 949 -52.20 36.80 160.20
CA ASN D 949 -53.50 36.84 159.55
C ASN D 949 -54.28 35.56 159.75
N LEU D 950 -53.99 34.80 160.80
CA LEU D 950 -54.68 33.55 161.06
C LEU D 950 -56.15 33.82 161.38
N LYS D 951 -57.02 32.96 160.85
CA LYS D 951 -58.45 33.08 161.09
C LYS D 951 -59.08 31.70 161.01
N LYS D 952 -60.28 31.59 161.58
CA LYS D 952 -61.05 30.35 161.58
C LYS D 952 -62.40 30.57 160.93
N THR D 953 -62.83 29.60 160.13
CA THR D 953 -64.13 29.69 159.48
C THR D 953 -65.25 29.52 160.50
N LYS D 954 -66.41 30.07 160.17
CA LYS D 954 -67.57 29.98 161.05
C LYS D 954 -68.04 28.54 161.15
N LEU D 955 -68.23 28.06 162.37
CA LEU D 955 -68.65 26.69 162.61
C LEU D 955 -69.80 26.66 163.61
N PRO D 956 -70.71 25.70 163.48
CA PRO D 956 -71.80 25.56 164.44
C PRO D 956 -71.37 24.71 165.64
N LYS D 957 -72.20 24.75 166.69
CA LYS D 957 -71.92 23.97 167.89
C LYS D 957 -72.15 22.49 167.67
N THR D 958 -72.87 22.10 166.61
CA THR D 958 -73.10 20.69 166.34
C THR D 958 -71.81 19.99 165.92
N TYR D 959 -70.95 20.68 165.18
CA TYR D 959 -69.71 20.10 164.69
C TYR D 959 -68.54 20.33 165.63
N MET D 960 -68.76 20.99 166.76
CA MET D 960 -67.69 21.23 167.72
C MET D 960 -67.24 19.92 168.35
N MET D 961 -65.93 19.76 168.49
CA MET D 961 -65.36 18.48 168.89
C MET D 961 -65.62 18.21 170.37
N SER D 962 -65.94 16.94 170.68
CA SER D 962 -66.59 16.62 171.95
C SER D 962 -65.76 17.03 173.15
N ASN D 963 -64.45 16.79 173.12
CA ASN D 963 -63.62 17.09 174.29
C ASN D 963 -63.44 18.59 174.53
N GLY D 964 -63.84 19.44 173.58
CA GLY D 964 -63.75 20.87 173.74
C GLY D 964 -62.49 21.51 173.21
N TYR D 965 -61.46 20.72 172.88
CA TYR D 965 -60.25 21.27 172.29
C TYR D 965 -60.55 21.67 170.85
N LYS D 966 -60.87 22.94 170.64
CA LYS D 966 -61.35 23.39 169.34
C LYS D 966 -60.25 23.24 168.29
N PRO D 967 -60.56 22.69 167.12
CA PRO D 967 -59.56 22.63 166.05
C PRO D 967 -59.18 24.03 165.58
N ALA D 968 -57.95 24.17 165.10
CA ALA D 968 -57.42 25.44 164.62
C ALA D 968 -56.86 25.24 163.22
N PRO D 969 -57.73 25.09 162.22
CA PRO D 969 -57.25 24.93 160.85
C PRO D 969 -56.68 26.22 160.30
N LEU D 970 -55.77 26.08 159.35
CA LEU D 970 -55.19 27.23 158.64
C LEU D 970 -56.11 27.55 157.47
N ASP D 971 -56.97 28.56 157.65
CA ASP D 971 -57.92 28.94 156.61
C ASP D 971 -57.17 29.53 155.44
N LEU D 972 -57.05 28.76 154.36
CA LEU D 972 -56.36 29.18 153.14
C LEU D 972 -57.35 29.06 151.99
N SER D 973 -58.12 30.11 151.78
CA SER D 973 -59.15 30.08 150.74
C SER D 973 -58.53 30.04 149.35
N HIS D 974 -57.45 30.79 149.12
CA HIS D 974 -56.86 30.89 147.79
C HIS D 974 -55.34 30.80 147.83
N VAL D 975 -54.80 30.11 148.84
CA VAL D 975 -53.35 29.98 148.98
C VAL D 975 -52.95 28.70 148.27
N ARG D 976 -52.66 28.81 146.97
CA ARG D 976 -52.23 27.69 146.15
C ARG D 976 -51.14 28.18 145.20
N LEU D 977 -49.94 27.61 145.34
CA LEU D 977 -48.80 28.13 144.59
C LEU D 977 -48.75 27.55 143.17
N THR D 978 -48.62 26.23 143.05
CA THR D 978 -48.48 25.58 141.75
C THR D 978 -48.59 24.06 141.91
N PRO D 979 -49.16 23.36 140.93
CA PRO D 979 -49.22 21.89 141.00
C PRO D 979 -47.87 21.21 140.90
N ALA D 980 -46.81 21.94 140.50
CA ALA D 980 -45.49 21.31 140.40
C ALA D 980 -44.96 20.91 141.77
N GLN D 981 -45.10 21.80 142.76
CA GLN D 981 -44.72 21.43 144.12
C GLN D 981 -45.61 20.32 144.65
N THR D 982 -46.89 20.31 144.26
CA THR D 982 -47.77 19.22 144.64
C THR D 982 -47.27 17.89 144.08
N THR D 983 -46.82 17.89 142.82
CA THR D 983 -46.27 16.67 142.22
C THR D 983 -44.98 16.25 142.92
N LEU D 984 -44.13 17.21 143.27
CA LEU D 984 -42.91 16.87 144.00
C LEU D 984 -43.23 16.25 145.36
N VAL D 985 -44.20 16.81 146.07
CA VAL D 985 -44.62 16.26 147.35
C VAL D 985 -45.24 14.88 147.16
N ASP D 986 -45.97 14.69 146.06
CA ASP D 986 -46.54 13.38 145.76
C ASP D 986 -45.44 12.36 145.51
N ARG D 987 -44.39 12.75 144.80
CA ARG D 987 -43.26 11.85 144.59
C ARG D 987 -42.58 11.50 145.90
N LEU D 988 -42.41 12.50 146.78
CA LEU D 988 -41.83 12.23 148.09
C LEU D 988 -42.71 11.28 148.89
N ALA D 989 -44.02 11.48 148.85
CA ALA D 989 -44.94 10.59 149.56
C ALA D 989 -44.90 9.18 148.99
N GLU D 990 -44.78 9.06 147.66
CA GLU D 990 -44.66 7.74 147.05
C GLU D 990 -43.38 7.05 147.48
N ASN D 991 -42.28 7.80 147.54
CA ASN D 991 -41.02 7.22 148.00
C ASN D 991 -41.14 6.76 149.46
N GLY D 992 -41.76 7.58 150.30
CA GLY D 992 -41.97 7.18 151.69
C GLY D 992 -42.85 5.95 151.81
N HIS D 993 -43.91 5.89 151.01
CA HIS D 993 -44.78 4.73 151.02
C HIS D 993 -44.03 3.47 150.58
N ASN D 994 -43.21 3.59 149.55
CA ASN D 994 -42.44 2.45 149.06
C ASN D 994 -41.43 1.97 150.10
N VAL D 995 -40.72 2.89 150.74
CA VAL D 995 -39.74 2.46 151.74
C VAL D 995 -40.44 1.88 152.95
N TRP D 996 -41.58 2.44 153.34
CA TRP D 996 -42.36 1.85 154.43
C TRP D 996 -42.80 0.43 154.08
N ALA D 997 -43.26 0.24 152.84
CA ALA D 997 -43.72 -1.08 152.42
C ALA D 997 -42.60 -2.09 152.47
N ARG D 998 -41.46 -1.76 151.85
CA ARG D 998 -40.35 -2.71 151.83
C ARG D 998 -39.78 -2.94 153.22
N ASP D 999 -39.89 -1.96 154.12
CA ASP D 999 -39.38 -2.16 155.47
C ASP D 999 -40.32 -3.01 156.32
N ARG D 1000 -41.64 -2.84 156.16
CA ARG D 1000 -42.60 -3.48 157.06
C ARG D 1000 -43.26 -4.70 156.45
N VAL D 1001 -43.94 -4.55 155.31
CA VAL D 1001 -44.79 -5.64 154.82
C VAL D 1001 -43.99 -6.64 153.99
N ALA D 1002 -42.81 -6.27 153.49
CA ALA D 1002 -41.99 -7.23 152.77
C ALA D 1002 -41.52 -8.35 153.70
N GLN D 1003 -41.19 -8.01 154.94
CA GLN D 1003 -40.77 -9.01 155.92
C GLN D 1003 -41.90 -9.45 156.84
N GLY D 1004 -42.99 -8.69 156.93
CA GLY D 1004 -44.08 -9.07 157.81
C GLY D 1004 -44.77 -10.34 157.39
N TRP D 1005 -45.07 -10.47 156.09
CA TRP D 1005 -45.78 -11.63 155.56
C TRP D 1005 -47.10 -11.86 156.31
N SER D 1006 -47.80 -10.77 156.59
CA SER D 1006 -49.06 -10.87 157.32
C SER D 1006 -50.11 -11.57 156.48
N TYR D 1007 -50.98 -12.32 157.15
CA TYR D 1007 -52.03 -13.09 156.49
C TYR D 1007 -53.12 -12.11 156.03
N SER D 1008 -52.84 -11.41 154.94
CA SER D 1008 -53.77 -10.44 154.39
C SER D 1008 -53.56 -10.36 152.88
N ALA D 1009 -54.59 -9.89 152.19
CA ALA D 1009 -54.54 -9.75 150.74
C ALA D 1009 -53.88 -8.44 150.34
N ARG D 1020 -50.07 -5.56 152.40
CA ARG D 1020 -49.70 -6.47 151.32
C ARG D 1020 -49.93 -5.83 149.97
N LEU D 1021 -49.04 -4.91 149.59
CA LEU D 1021 -49.16 -4.21 148.31
C LEU D 1021 -47.83 -4.25 147.55
N VAL D 1022 -47.75 -3.48 146.47
CA VAL D 1022 -46.59 -3.51 145.58
C VAL D 1022 -45.97 -2.12 145.52
N PRO D 1023 -44.89 -1.92 144.76
CA PRO D 1023 -44.26 -0.61 144.71
C PRO D 1023 -45.21 0.47 144.23
N TYR D 1024 -45.08 1.66 144.81
CA TYR D 1024 -46.01 2.77 144.59
C TYR D 1024 -45.60 3.66 143.43
N ARG D 1025 -44.55 3.33 142.69
CA ARG D 1025 -44.16 4.15 141.56
C ARG D 1025 -45.26 4.20 140.50
N LEU D 1026 -45.84 3.04 140.19
CA LEU D 1026 -46.96 2.95 139.26
C LEU D 1026 -48.00 2.00 139.82
N LEU D 1027 -48.32 2.16 141.10
CA LEU D 1027 -49.14 1.18 141.81
C LEU D 1027 -50.58 1.19 141.30
N ASP D 1028 -51.28 2.30 141.49
CA ASP D 1028 -52.70 2.38 141.16
C ASP D 1028 -53.10 3.86 141.19
N GLU D 1029 -54.41 4.11 141.12
CA GLU D 1029 -54.96 5.46 141.18
C GLU D 1029 -55.68 5.75 142.49
N ALA D 1030 -56.60 4.87 142.90
CA ALA D 1030 -57.40 5.13 144.09
C ALA D 1030 -56.54 5.18 145.34
N THR D 1031 -55.70 4.16 145.54
CA THR D 1031 -54.83 4.14 146.71
C THR D 1031 -53.81 5.27 146.66
N LYS D 1032 -53.23 5.53 145.49
CA LYS D 1032 -52.26 6.60 145.37
C LYS D 1032 -52.92 7.95 145.61
N ARG D 1033 -54.13 8.15 145.10
CA ARG D 1033 -54.84 9.41 145.35
C ARG D 1033 -55.18 9.56 146.84
N SER D 1034 -55.57 8.46 147.49
CA SER D 1034 -55.87 8.52 148.91
C SER D 1034 -54.63 8.88 149.72
N ASN D 1035 -53.48 8.32 149.35
CA ASN D 1035 -52.23 8.70 150.01
C ASN D 1035 -51.86 10.15 149.72
N ARG D 1036 -52.16 10.62 148.50
CA ARG D 1036 -51.74 11.95 148.08
C ARG D 1036 -52.58 13.05 148.74
N ASP D 1037 -53.90 12.84 148.83
CA ASP D 1037 -54.77 13.92 149.31
C ASP D 1037 -54.53 14.24 150.78
N SER D 1038 -54.14 13.23 151.57
CA SER D 1038 -53.86 13.48 152.98
C SER D 1038 -52.68 14.42 153.14
N LEU D 1039 -51.62 14.22 152.37
CA LEU D 1039 -50.47 15.12 152.40
C LEU D 1039 -50.69 16.41 151.63
N CYS D 1040 -51.72 16.46 150.79
CA CYS D 1040 -52.03 17.71 150.08
C CYS D 1040 -52.36 18.82 151.06
N GLN D 1041 -53.15 18.51 152.09
CA GLN D 1041 -53.47 19.53 153.09
C GLN D 1041 -52.23 19.95 153.87
N ALA D 1042 -51.33 19.00 154.17
CA ALA D 1042 -50.10 19.35 154.85
C ALA D 1042 -49.25 20.28 154.01
N VAL D 1043 -49.16 20.01 152.70
CA VAL D 1043 -48.39 20.88 151.82
C VAL D 1043 -49.05 22.26 151.72
N ARG D 1044 -50.39 22.29 151.70
CA ARG D 1044 -51.10 23.56 151.68
C ARG D 1044 -50.79 24.37 152.93
N THR D 1045 -50.79 23.73 154.10
CA THR D 1045 -50.45 24.43 155.33
C THR D 1045 -48.99 24.88 155.35
N LEU D 1046 -48.09 24.07 154.77
CA LEU D 1046 -46.70 24.48 154.64
C LEU D 1046 -46.58 25.74 153.80
N LEU D 1047 -47.31 25.79 152.68
CA LEU D 1047 -47.29 26.97 151.83
C LEU D 1047 -47.93 28.18 152.52
N GLY D 1048 -48.94 27.94 153.35
CA GLY D 1048 -49.67 29.01 153.99
C GLY D 1048 -48.94 29.75 155.09
N TYR D 1049 -47.67 29.45 155.33
CA TYR D 1049 -46.86 30.14 156.31
C TYR D 1049 -45.67 30.85 155.66
N GLY D 1050 -45.91 31.50 154.52
CA GLY D 1050 -44.88 32.27 153.86
C GLY D 1050 -43.80 31.44 153.20
N TYR D 1051 -44.07 30.18 152.89
CA TYR D 1051 -43.10 29.30 152.25
C TYR D 1051 -43.51 29.10 150.79
N ASN D 1052 -42.75 29.70 149.88
CA ASN D 1052 -42.99 29.58 148.44
C ASN D 1052 -41.75 29.02 147.79
N ILE D 1053 -41.83 27.78 147.32
CA ILE D 1053 -40.73 27.11 146.62
C ILE D 1053 -41.26 26.59 145.29
N GLU D 1054 -40.54 26.89 144.22
CA GLU D 1054 -40.93 26.48 142.86
C GLU D 1054 -42.32 27.00 142.50
N ASP D 1070 -39.08 -1.39 121.40
CA ASP D 1070 -38.38 -0.14 121.62
C ASP D 1070 -38.01 0.52 120.31
N ARG D 1071 -38.74 0.16 119.25
CA ARG D 1071 -38.49 0.68 117.91
C ARG D 1071 -39.82 0.99 117.25
N VAL D 1072 -39.80 1.22 115.94
CA VAL D 1072 -40.99 1.56 115.17
C VAL D 1072 -41.14 0.55 114.05
N ARG D 1073 -42.35 -0.01 113.93
CA ARG D 1073 -42.65 -0.95 112.85
C ARG D 1073 -43.02 -0.19 111.58
N ILE D 1074 -42.52 -0.67 110.45
CA ILE D 1074 -42.75 -0.06 109.15
C ILE D 1074 -43.51 -1.03 108.29
N PHE D 1075 -44.57 -0.55 107.63
CA PHE D 1075 -45.43 -1.38 106.80
C PHE D 1075 -45.53 -0.81 105.40
N ARG D 1076 -45.52 -1.69 104.40
CA ARG D 1076 -45.60 -1.27 103.01
C ARG D 1076 -45.99 -2.46 102.16
N ALA D 1077 -46.48 -2.18 100.96
CA ALA D 1077 -46.76 -3.24 100.01
C ALA D 1077 -45.45 -3.80 99.45
N GLU D 1078 -45.55 -4.93 98.75
CA GLU D 1078 -44.37 -5.54 98.18
C GLU D 1078 -43.95 -4.81 96.90
N LYS D 1079 -42.70 -5.03 96.51
CA LYS D 1079 -42.11 -4.26 95.41
C LYS D 1079 -42.83 -4.47 94.08
N SER D 1080 -43.54 -5.59 93.92
CA SER D 1080 -44.17 -5.86 92.64
C SER D 1080 -45.29 -4.87 92.34
N TYR D 1081 -45.98 -4.37 93.37
CA TYR D 1081 -47.09 -3.45 93.17
C TYR D 1081 -46.65 -2.02 92.91
N THR D 1082 -45.38 -1.80 92.60
CA THR D 1082 -44.89 -0.44 92.38
C THR D 1082 -45.61 0.20 91.21
N VAL D 1083 -46.00 1.45 91.39
CA VAL D 1083 -46.72 2.22 90.38
C VAL D 1083 -45.77 3.27 89.81
N GLN D 1084 -45.66 3.30 88.48
CA GLN D 1084 -44.69 4.15 87.80
C GLN D 1084 -45.25 5.49 87.36
N SER D 1085 -46.53 5.57 87.01
CA SER D 1085 -47.12 6.80 86.52
C SER D 1085 -48.60 6.80 86.87
N GLY D 1086 -49.34 7.72 86.26
CA GLY D 1086 -50.75 7.85 86.56
C GLY D 1086 -50.98 8.60 87.85
N ARG D 1087 -52.22 8.50 88.33
CA ARG D 1087 -52.64 9.17 89.55
C ARG D 1087 -53.43 8.20 90.41
N TRP D 1088 -53.16 8.22 91.72
CA TRP D 1088 -53.76 7.26 92.63
C TRP D 1088 -54.00 7.91 93.98
N TYR D 1089 -54.86 7.27 94.78
CA TYR D 1089 -55.23 7.77 96.09
C TYR D 1089 -55.53 6.61 97.02
N PHE D 1090 -55.29 6.82 98.31
CA PHE D 1090 -55.65 5.87 99.35
C PHE D 1090 -55.86 6.62 100.65
N GLU D 1091 -56.50 5.95 101.61
CA GLU D 1091 -56.84 6.56 102.88
C GLU D 1091 -56.36 5.70 104.03
N PHE D 1092 -56.11 6.35 105.16
CA PHE D 1092 -55.58 5.69 106.35
C PHE D 1092 -56.30 6.21 107.58
N GLU D 1093 -56.45 5.35 108.59
CA GLU D 1093 -57.09 5.70 109.84
C GLU D 1093 -56.17 5.35 111.01
N ALA D 1094 -56.20 6.20 112.03
CA ALA D 1094 -55.40 5.98 113.25
C ALA D 1094 -56.34 6.10 114.44
N VAL D 1095 -56.71 4.94 115.02
CA VAL D 1095 -57.62 4.95 116.16
C VAL D 1095 -57.00 5.71 117.34
N THR D 1096 -55.75 5.42 117.64
CA THR D 1096 -55.05 6.17 118.68
C THR D 1096 -54.55 7.49 118.12
N THR D 1097 -53.94 8.31 118.98
CA THR D 1097 -53.44 9.63 118.60
C THR D 1097 -52.00 9.78 119.06
N GLY D 1098 -51.18 8.77 118.78
CA GLY D 1098 -49.77 8.83 119.13
C GLY D 1098 -48.93 9.46 118.03
N GLU D 1099 -47.85 8.78 117.65
CA GLU D 1099 -46.95 9.27 116.61
C GLU D 1099 -46.81 8.22 115.53
N MET D 1100 -47.07 8.61 114.28
CA MET D 1100 -46.89 7.73 113.14
C MET D 1100 -46.76 8.57 111.89
N ARG D 1101 -46.28 7.93 110.82
CA ARG D 1101 -46.00 8.61 109.56
C ARG D 1101 -46.72 7.91 108.43
N VAL D 1102 -47.34 8.69 107.54
CA VAL D 1102 -48.12 8.16 106.42
C VAL D 1102 -47.71 8.89 105.16
N GLY D 1103 -47.52 8.14 104.08
CA GLY D 1103 -47.16 8.76 102.81
C GLY D 1103 -46.74 7.73 101.78
N TRP D 1104 -45.91 8.16 100.85
CA TRP D 1104 -45.38 7.30 99.80
C TRP D 1104 -43.87 7.17 99.98
N ALA D 1105 -43.35 6.03 99.53
CA ALA D 1105 -41.93 5.74 99.70
C ALA D 1105 -41.36 5.18 98.40
N ARG D 1106 -40.06 5.32 98.25
CA ARG D 1106 -39.36 4.74 97.11
C ARG D 1106 -39.39 3.22 97.21
N PRO D 1107 -39.29 2.51 96.08
CA PRO D 1107 -39.38 1.05 96.12
C PRO D 1107 -38.35 0.41 97.03
N GLU D 1108 -37.13 0.95 97.07
CA GLU D 1108 -36.07 0.43 97.93
C GLU D 1108 -36.04 1.30 99.19
N LEU D 1109 -36.81 0.88 100.20
CA LEU D 1109 -36.87 1.58 101.48
C LEU D 1109 -36.04 0.80 102.49
N ARG D 1110 -34.87 1.32 102.82
CA ARG D 1110 -33.99 0.64 103.76
C ARG D 1110 -34.53 0.81 105.18
N PRO D 1111 -34.72 -0.28 105.92
CA PRO D 1111 -35.10 -0.15 107.33
C PRO D 1111 -33.92 0.32 108.18
N ASP D 1112 -34.08 0.30 109.49
CA ASP D 1112 -33.09 0.78 110.46
C ASP D 1112 -32.87 2.29 110.34
N VAL D 1113 -33.86 3.01 109.83
CA VAL D 1113 -33.83 4.47 109.80
C VAL D 1113 -35.27 4.96 109.81
N GLU D 1114 -35.53 6.02 110.59
CA GLU D 1114 -36.88 6.52 110.70
C GLU D 1114 -37.37 7.05 109.35
N LEU D 1115 -38.66 6.88 109.11
CA LEU D 1115 -39.23 7.23 107.81
C LEU D 1115 -39.11 8.72 107.56
N GLY D 1116 -38.72 9.07 106.33
CA GLY D 1116 -38.59 10.45 105.93
C GLY D 1116 -37.24 11.07 106.24
N ALA D 1117 -36.34 10.35 106.91
CA ALA D 1117 -35.03 10.91 107.22
C ALA D 1117 -34.22 11.18 105.96
N ASP D 1118 -34.27 10.26 105.00
CA ASP D 1118 -33.54 10.38 103.76
C ASP D 1118 -34.51 10.66 102.61
N GLU D 1119 -33.98 10.67 101.39
CA GLU D 1119 -34.79 10.96 100.21
C GLU D 1119 -35.70 9.81 99.82
N LEU D 1120 -35.56 8.64 100.44
CA LEU D 1120 -36.32 7.46 100.06
C LEU D 1120 -37.72 7.42 100.65
N ALA D 1121 -38.26 8.55 101.09
CA ALA D 1121 -39.60 8.57 101.66
C ALA D 1121 -40.24 9.93 101.42
N TYR D 1122 -41.57 9.94 101.52
CA TYR D 1122 -42.36 11.18 101.44
C TYR D 1122 -43.58 10.97 102.34
N VAL D 1123 -43.47 11.40 103.59
CA VAL D 1123 -44.49 11.16 104.60
C VAL D 1123 -44.84 12.46 105.32
N PHE D 1124 -45.98 12.46 106.00
CA PHE D 1124 -46.45 13.59 106.78
C PHE D 1124 -46.78 13.09 108.18
N ASN D 1125 -46.08 13.61 109.18
CA ASN D 1125 -46.30 13.25 110.57
C ASN D 1125 -47.42 14.12 111.13
N GLY D 1126 -48.58 13.51 111.38
CA GLY D 1126 -49.73 14.23 111.85
C GLY D 1126 -49.87 14.35 113.35
N HIS D 1127 -48.84 13.98 114.12
CA HIS D 1127 -48.90 14.14 115.57
C HIS D 1127 -49.03 15.62 115.94
N ARG D 1128 -48.29 16.48 115.26
CA ARG D 1128 -48.36 17.91 115.50
C ARG D 1128 -48.64 18.73 114.24
N GLY D 1129 -48.77 18.09 113.10
CA GLY D 1129 -49.01 18.81 111.85
C GLY D 1129 -47.72 19.26 111.20
N GLN D 1130 -46.81 18.32 110.99
CA GLN D 1130 -45.51 18.62 110.39
C GLN D 1130 -45.16 17.55 109.37
N ARG D 1131 -44.83 17.98 108.15
CA ARG D 1131 -44.42 17.04 107.13
C ARG D 1131 -42.99 16.58 107.38
N TRP D 1132 -42.60 15.50 106.70
CA TRP D 1132 -41.30 14.87 106.95
C TRP D 1132 -40.70 14.48 105.60
N HIS D 1133 -39.64 15.18 105.21
CA HIS D 1133 -38.82 14.77 104.06
C HIS D 1133 -37.44 15.41 104.25
N LEU D 1134 -36.49 14.61 104.75
CA LEU D 1134 -35.17 15.11 105.12
C LEU D 1134 -35.26 16.22 106.15
N GLY D 1135 -36.26 16.18 107.00
CA GLY D 1135 -36.45 17.19 108.01
C GLY D 1135 -37.92 17.35 108.34
N SER D 1136 -38.18 18.22 109.31
CA SER D 1136 -39.53 18.47 109.79
C SER D 1136 -39.94 19.89 109.44
N GLU D 1137 -41.08 20.03 108.78
CA GLU D 1137 -41.64 21.33 108.42
C GLU D 1137 -43.11 21.33 108.80
N PRO D 1138 -43.58 22.30 109.58
CA PRO D 1138 -44.98 22.29 110.01
C PRO D 1138 -45.93 22.38 108.83
N PHE D 1139 -47.04 21.66 108.92
CA PHE D 1139 -48.01 21.61 107.84
C PHE D 1139 -49.35 21.16 108.40
N GLY D 1140 -50.33 22.06 108.41
CA GLY D 1140 -51.67 21.69 108.83
C GLY D 1140 -51.80 21.47 110.33
N ARG D 1141 -52.92 20.84 110.69
CA ARG D 1141 -53.38 20.58 112.05
C ARG D 1141 -53.05 19.15 112.46
N PRO D 1142 -52.90 18.91 113.77
CA PRO D 1142 -52.60 17.54 114.23
C PRO D 1142 -53.83 16.64 114.24
N TRP D 1143 -53.67 15.42 114.75
CA TRP D 1143 -54.73 14.43 114.72
C TRP D 1143 -55.77 14.68 115.81
N GLN D 1144 -56.72 13.77 115.89
CA GLN D 1144 -57.70 13.69 116.96
C GLN D 1144 -58.12 12.24 117.10
N SER D 1145 -59.25 11.98 117.77
CA SER D 1145 -59.78 10.63 117.87
C SER D 1145 -60.18 10.11 116.49
N GLY D 1146 -59.45 9.10 116.02
CA GLY D 1146 -59.72 8.52 114.70
C GLY D 1146 -59.07 9.31 113.58
N ASP D 1147 -59.70 10.42 113.20
CA ASP D 1147 -59.15 11.37 112.22
C ASP D 1147 -58.59 10.66 110.99
N VAL D 1148 -59.52 10.07 110.23
CA VAL D 1148 -59.19 9.39 108.98
C VAL D 1148 -58.35 10.30 108.09
N VAL D 1149 -57.16 9.83 107.71
CA VAL D 1149 -56.23 10.59 106.90
C VAL D 1149 -56.23 10.02 105.49
N GLY D 1150 -56.36 10.89 104.50
CA GLY D 1150 -56.26 10.49 103.11
C GLY D 1150 -55.02 11.02 102.45
N CYS D 1151 -54.18 10.12 101.93
CA CYS D 1151 -52.95 10.50 101.25
C CYS D 1151 -53.17 10.43 99.75
N MET D 1152 -52.63 11.41 99.04
CA MET D 1152 -52.97 11.64 97.64
C MET D 1152 -51.69 11.78 96.84
N ILE D 1153 -51.70 11.28 95.60
CA ILE D 1153 -50.53 11.35 94.74
C ILE D 1153 -50.96 11.50 93.29
N ASP D 1154 -50.08 12.10 92.49
CA ASP D 1154 -50.31 12.21 91.05
C ASP D 1154 -48.94 12.35 90.38
N LEU D 1155 -48.52 11.32 89.66
CA LEU D 1155 -47.21 11.33 89.02
C LEU D 1155 -47.18 12.20 87.77
N THR D 1156 -48.35 12.56 87.22
CA THR D 1156 -48.37 13.41 86.03
C THR D 1156 -47.79 14.79 86.32
N GLU D 1157 -48.18 15.38 87.44
CA GLU D 1157 -47.67 16.69 87.84
C GLU D 1157 -46.61 16.60 88.93
N ASN D 1158 -46.25 15.40 89.36
CA ASN D 1158 -45.15 15.19 90.31
C ASN D 1158 -45.40 15.94 91.62
N THR D 1159 -46.60 15.79 92.16
CA THR D 1159 -46.96 16.42 93.43
C THR D 1159 -47.78 15.43 94.26
N ILE D 1160 -47.81 15.68 95.57
CA ILE D 1160 -48.58 14.87 96.50
C ILE D 1160 -49.44 15.79 97.34
N ILE D 1161 -50.53 15.22 97.87
CA ILE D 1161 -51.49 15.95 98.69
C ILE D 1161 -51.84 15.08 99.89
N PHE D 1162 -52.04 15.72 101.04
CA PHE D 1162 -52.50 15.03 102.25
C PHE D 1162 -53.83 15.63 102.66
N THR D 1163 -54.83 14.78 102.86
CA THR D 1163 -56.17 15.20 103.23
C THR D 1163 -56.52 14.66 104.60
N LEU D 1164 -57.04 15.51 105.48
CA LEU D 1164 -57.40 15.15 106.83
C LEU D 1164 -58.92 15.28 106.99
N ASN D 1165 -59.58 14.18 107.34
CA ASN D 1165 -61.02 14.14 107.55
C ASN D 1165 -61.77 14.70 106.34
N GLY D 1166 -61.33 14.33 105.15
CA GLY D 1166 -62.00 14.73 103.93
C GLY D 1166 -61.96 16.22 103.66
N GLU D 1167 -60.79 16.83 103.80
CA GLU D 1167 -60.62 18.23 103.44
C GLU D 1167 -59.16 18.47 103.06
N VAL D 1168 -58.95 19.41 102.13
CA VAL D 1168 -57.60 19.74 101.72
C VAL D 1168 -56.85 20.39 102.88
N LEU D 1169 -55.53 20.27 102.85
CA LEU D 1169 -54.67 20.82 103.89
C LEU D 1169 -53.70 21.82 103.29
N MET D 1170 -53.52 22.94 103.98
CA MET D 1170 -52.69 24.04 103.51
C MET D 1170 -51.37 24.06 104.27
N SER D 1171 -50.35 24.61 103.61
CA SER D 1171 -49.06 24.77 104.25
C SER D 1171 -49.06 26.03 105.13
N ASP D 1172 -47.93 26.25 105.81
CA ASP D 1172 -47.79 27.48 106.58
C ASP D 1172 -47.80 28.71 105.69
N SER D 1173 -47.25 28.60 104.49
CA SER D 1173 -47.29 29.67 103.49
C SER D 1173 -48.47 29.56 102.56
N GLY D 1174 -49.36 28.59 102.76
CA GLY D 1174 -50.51 28.42 101.91
C GLY D 1174 -50.27 27.61 100.66
N SER D 1175 -49.23 26.79 100.63
CA SER D 1175 -48.97 25.96 99.46
C SER D 1175 -50.07 24.91 99.29
N GLU D 1176 -50.50 24.71 98.04
CA GLU D 1176 -51.54 23.73 97.77
C GLU D 1176 -51.01 22.30 97.80
N THR D 1177 -49.73 22.12 97.51
CA THR D 1177 -49.13 20.79 97.49
C THR D 1177 -47.80 20.82 98.22
N ALA D 1178 -47.39 19.66 98.71
CA ALA D 1178 -46.14 19.51 99.45
C ALA D 1178 -45.15 18.71 98.64
N PHE D 1179 -43.88 19.12 98.69
CA PHE D 1179 -42.78 18.46 97.98
C PHE D 1179 -43.06 18.41 96.47
N ARG D 1180 -43.10 19.59 95.87
CA ARG D 1180 -43.39 19.70 94.45
C ARG D 1180 -42.22 19.18 93.61
N GLU D 1181 -42.53 18.82 92.37
CA GLU D 1181 -41.55 18.38 91.38
C GLU D 1181 -40.79 17.14 91.87
N ILE D 1182 -41.54 16.05 92.03
CA ILE D 1182 -40.98 14.78 92.46
C ILE D 1182 -40.46 14.04 91.24
N GLU D 1183 -39.21 13.57 91.31
CA GLU D 1183 -38.66 12.78 90.23
C GLU D 1183 -39.35 11.42 90.16
N ILE D 1184 -39.59 10.94 88.93
CA ILE D 1184 -40.27 9.67 88.75
C ILE D 1184 -39.45 8.54 89.35
N GLY D 1185 -38.15 8.53 89.09
CA GLY D 1185 -37.29 7.49 89.63
C GLY D 1185 -37.69 6.13 89.07
N ASP D 1186 -38.01 5.20 89.96
CA ASP D 1186 -38.44 3.86 89.61
C ASP D 1186 -39.76 3.54 90.30
N GLY D 1187 -40.71 4.46 90.21
CA GLY D 1187 -42.02 4.26 90.80
C GLY D 1187 -42.09 4.70 92.24
N PHE D 1188 -43.26 4.46 92.84
CA PHE D 1188 -43.50 4.82 94.23
C PHE D 1188 -44.41 3.79 94.85
N LEU D 1189 -44.34 3.70 96.18
CA LEU D 1189 -45.01 2.65 96.93
C LEU D 1189 -45.69 3.23 98.15
N PRO D 1190 -46.89 2.77 98.49
CA PRO D 1190 -47.51 3.19 99.75
C PRO D 1190 -46.75 2.66 100.94
N VAL D 1191 -46.76 3.43 102.02
CA VAL D 1191 -46.03 3.07 103.23
C VAL D 1191 -46.76 3.65 104.43
N CYS D 1192 -46.66 2.96 105.55
CA CYS D 1192 -47.27 3.38 106.81
C CYS D 1192 -46.24 3.25 107.93
N SER D 1193 -46.61 3.74 109.10
CA SER D 1193 -45.76 3.65 110.28
C SER D 1193 -46.65 3.55 111.51
N LEU D 1194 -46.09 3.00 112.58
CA LEU D 1194 -46.81 2.84 113.83
C LEU D 1194 -45.82 2.90 114.98
N GLY D 1195 -46.00 3.87 115.88
CA GLY D 1195 -45.16 3.98 117.03
C GLY D 1195 -45.52 2.97 118.10
N PRO D 1196 -44.76 2.99 119.20
CA PRO D 1196 -45.07 2.10 120.32
C PRO D 1196 -46.47 2.37 120.86
N GLY D 1197 -47.19 1.29 121.16
CA GLY D 1197 -48.52 1.41 121.72
C GLY D 1197 -49.48 2.21 120.86
N GLN D 1198 -49.45 2.00 119.55
CA GLN D 1198 -50.33 2.71 118.62
C GLN D 1198 -51.17 1.73 117.84
N VAL D 1199 -52.38 2.16 117.47
CA VAL D 1199 -53.32 1.35 116.72
C VAL D 1199 -53.74 2.13 115.48
N GLY D 1200 -53.73 1.46 114.34
CA GLY D 1200 -54.13 2.08 113.09
C GLY D 1200 -54.70 1.07 112.13
N HIS D 1201 -55.62 1.52 111.27
CA HIS D 1201 -56.20 0.69 110.23
C HIS D 1201 -56.18 1.47 108.93
N LEU D 1202 -55.77 0.81 107.85
CA LEU D 1202 -55.67 1.43 106.54
C LEU D 1202 -56.48 0.63 105.53
N ASN D 1203 -57.15 1.35 104.63
CA ASN D 1203 -57.95 0.74 103.58
C ASN D 1203 -57.40 1.18 102.24
N LEU D 1204 -57.00 0.22 101.40
CA LEU D 1204 -56.46 0.51 100.08
C LEU D 1204 -57.53 0.45 99.00
N GLY D 1205 -58.78 0.70 99.35
CA GLY D 1205 -59.83 0.82 98.36
C GLY D 1205 -60.18 -0.46 97.62
N GLN D 1206 -60.21 -1.60 98.32
CA GLN D 1206 -60.70 -2.81 97.69
C GLN D 1206 -62.18 -2.67 97.34
N ASP D 1207 -62.96 -2.07 98.22
CA ASP D 1207 -64.38 -1.84 98.01
C ASP D 1207 -64.66 -0.35 98.03
N VAL D 1208 -65.36 0.13 97.00
CA VAL D 1208 -65.69 1.56 96.93
C VAL D 1208 -66.56 1.97 98.10
N SER D 1209 -67.55 1.14 98.45
CA SER D 1209 -68.41 1.45 99.59
C SER D 1209 -67.62 1.45 100.89
N SER D 1210 -66.50 0.73 100.94
CA SER D 1210 -65.66 0.71 102.13
C SER D 1210 -64.83 1.97 102.28
N LEU D 1211 -64.76 2.81 101.26
CA LEU D 1211 -64.02 4.06 101.37
C LEU D 1211 -64.69 5.00 102.36
N ARG D 1212 -63.88 5.68 103.17
CA ARG D 1212 -64.40 6.59 104.17
C ARG D 1212 -65.18 7.73 103.54
N PHE D 1213 -64.49 8.59 102.79
CA PHE D 1213 -65.15 9.68 102.08
C PHE D 1213 -65.05 9.54 100.57
N PHE D 1214 -63.82 9.53 100.03
CA PHE D 1214 -63.58 9.52 98.59
C PHE D 1214 -64.54 10.44 97.83
N ALA D 1215 -64.82 11.62 98.38
CA ALA D 1215 -65.75 12.52 97.75
C ALA D 1215 -65.26 13.96 97.78
N ILE D 1216 -63.95 14.17 97.98
CA ILE D 1216 -63.37 15.50 98.10
C ILE D 1216 -62.25 15.71 97.09
N CYS D 1217 -61.34 14.74 96.97
CA CYS D 1217 -60.18 14.87 96.11
C CYS D 1217 -60.07 13.80 95.03
N GLY D 1218 -60.90 12.76 95.07
CA GLY D 1218 -60.77 11.69 94.10
C GLY D 1218 -62.07 11.29 93.43
N LEU D 1219 -63.18 11.86 93.87
CA LEU D 1219 -64.47 11.46 93.32
C LEU D 1219 -64.65 11.94 91.89
N GLN D 1220 -64.15 13.14 91.57
CA GLN D 1220 -64.38 13.73 90.26
C GLN D 1220 -63.11 14.37 89.71
N GLU D 1221 -61.95 13.78 90.02
CA GLU D 1221 -60.67 14.32 89.58
C GLU D 1221 -59.81 13.30 88.86
N GLY D 1222 -60.36 12.16 88.48
CA GLY D 1222 -59.62 11.15 87.75
C GLY D 1222 -58.79 10.22 88.61
N PHE D 1223 -58.83 10.35 89.93
CA PHE D 1223 -58.04 9.52 90.81
C PHE D 1223 -58.81 8.27 91.21
N GLU D 1224 -58.12 7.14 91.21
CA GLU D 1224 -58.72 5.86 91.56
C GLU D 1224 -57.90 5.20 92.66
N PRO D 1225 -58.55 4.46 93.55
CA PRO D 1225 -57.80 3.72 94.58
C PRO D 1225 -56.98 2.60 93.98
N PHE D 1226 -56.09 2.05 94.80
CA PHE D 1226 -55.21 0.98 94.34
C PHE D 1226 -56.01 -0.26 93.92
N ALA D 1227 -56.70 -0.88 94.88
CA ALA D 1227 -57.37 -2.15 94.64
C ALA D 1227 -58.72 -1.93 93.94
N ILE D 1228 -58.65 -1.30 92.77
CA ILE D 1228 -59.86 -1.05 92.00
C ILE D 1228 -60.40 -2.36 91.42
N ASN D 1229 -59.51 -3.18 90.86
CA ASN D 1229 -59.87 -4.51 90.35
C ASN D 1229 -58.79 -5.48 90.83
N MET D 1230 -58.98 -6.04 92.01
CA MET D 1230 -57.99 -6.95 92.60
C MET D 1230 -58.76 -8.04 93.35
N GLN D 1231 -58.69 -9.28 92.85
CA GLN D 1231 -59.41 -10.37 93.49
C GLN D 1231 -58.81 -10.76 94.82
N ARG D 1232 -57.58 -10.33 95.11
CA ARG D 1232 -56.90 -10.71 96.33
C ARG D 1232 -56.33 -9.47 97.02
N PRO D 1233 -56.14 -9.52 98.33
CA PRO D 1233 -55.52 -8.39 99.03
C PRO D 1233 -54.03 -8.30 98.76
N VAL D 1234 -53.36 -7.36 99.42
CA VAL D 1234 -51.94 -7.12 99.22
C VAL D 1234 -51.15 -7.85 100.29
N THR D 1235 -49.92 -8.22 99.95
CA THR D 1235 -49.07 -8.94 100.90
C THR D 1235 -48.70 -8.07 102.10
N THR D 1236 -48.40 -6.79 101.86
CA THR D 1236 -48.09 -5.83 102.91
C THR D 1236 -46.89 -6.29 103.76
N TRP D 1237 -45.74 -6.34 103.09
CA TRP D 1237 -44.49 -6.66 103.77
C TRP D 1237 -44.24 -5.71 104.93
N PHE D 1238 -43.87 -6.26 106.07
CA PHE D 1238 -43.59 -5.48 107.28
C PHE D 1238 -42.12 -5.65 107.67
N SER D 1239 -41.74 -4.99 108.76
CA SER D 1239 -40.35 -4.93 109.20
C SER D 1239 -40.13 -5.86 110.38
N LYS D 1240 -39.12 -6.71 110.26
CA LYS D 1240 -38.74 -7.63 111.33
C LYS D 1240 -37.77 -6.96 112.29
N SER D 1241 -37.71 -7.51 113.50
CA SER D 1241 -36.83 -7.00 114.54
C SER D 1241 -35.74 -7.98 114.96
N LEU D 1242 -35.74 -9.19 114.41
CA LEU D 1242 -34.74 -10.18 114.78
C LEU D 1242 -33.44 -9.92 114.00
N PRO D 1243 -32.32 -9.75 114.68
CA PRO D 1243 -31.03 -9.48 113.98
C PRO D 1243 -30.39 -10.72 113.38
N GLN D 1244 -30.84 -11.07 112.17
CA GLN D 1244 -30.33 -12.26 111.51
C GLN D 1244 -28.99 -11.97 110.82
N PHE D 1245 -28.36 -13.03 110.33
CA PHE D 1245 -27.04 -12.91 109.72
C PHE D 1245 -27.13 -12.18 108.38
N GLU D 1246 -26.05 -11.46 108.04
CA GLU D 1246 -25.98 -10.76 106.77
C GLU D 1246 -24.52 -10.58 106.35
N PRO D 1247 -24.22 -10.74 105.06
CA PRO D 1247 -22.86 -10.45 104.60
C PRO D 1247 -22.57 -8.96 104.62
N VAL D 1248 -21.28 -8.64 104.71
CA VAL D 1248 -20.86 -7.23 104.68
C VAL D 1248 -20.94 -6.71 103.25
N PRO D 1249 -21.56 -5.56 103.02
CA PRO D 1249 -21.57 -4.98 101.68
C PRO D 1249 -20.19 -4.50 101.30
N PRO D 1250 -19.73 -4.81 100.08
CA PRO D 1250 -18.41 -4.35 99.66
C PRO D 1250 -18.28 -2.84 99.59
N GLU D 1251 -19.40 -2.12 99.47
CA GLU D 1251 -19.39 -0.66 99.38
C GLU D 1251 -19.80 0.00 100.69
N HIS D 1252 -19.66 -0.70 101.81
CA HIS D 1252 -20.04 -0.13 103.10
C HIS D 1252 -19.18 1.10 103.38
N PRO D 1253 -19.76 2.17 103.93
CA PRO D 1253 -19.01 3.42 104.09
C PRO D 1253 -17.79 3.30 104.99
N HIS D 1254 -17.97 2.86 106.23
CA HIS D 1254 -16.90 2.84 107.21
C HIS D 1254 -16.67 1.46 107.80
N TYR D 1255 -16.92 0.41 107.02
CA TYR D 1255 -16.68 -0.96 107.45
C TYR D 1255 -16.23 -1.76 106.23
N GLU D 1256 -14.92 -1.94 106.09
CA GLU D 1256 -14.35 -2.61 104.93
C GLU D 1256 -13.45 -3.75 105.40
N VAL D 1257 -13.47 -4.85 104.66
CA VAL D 1257 -12.67 -6.03 105.00
C VAL D 1257 -11.72 -6.34 103.85
N ALA D 1258 -10.93 -7.39 104.00
CA ALA D 1258 -10.00 -7.79 102.95
C ALA D 1258 -9.79 -9.29 103.01
N ARG D 1259 -9.40 -9.86 101.86
CA ARG D 1259 -9.11 -11.28 101.72
C ARG D 1259 -7.80 -11.40 100.94
N MET D 1260 -6.68 -11.41 101.65
CA MET D 1260 -5.37 -11.51 101.02
C MET D 1260 -4.98 -12.98 100.85
N ASP D 1261 -4.39 -13.28 99.69
CA ASP D 1261 -4.00 -14.65 99.39
C ASP D 1261 -2.87 -15.10 100.32
N GLY D 1262 -2.82 -16.41 100.57
CA GLY D 1262 -1.81 -16.94 101.44
C GLY D 1262 -0.42 -16.80 100.86
N THR D 1263 0.56 -16.57 101.73
CA THR D 1263 1.95 -16.43 101.34
C THR D 1263 2.74 -17.67 101.76
N VAL D 1264 3.98 -17.75 101.28
CA VAL D 1264 4.85 -18.85 101.65
C VAL D 1264 5.17 -18.82 103.13
N ASP D 1265 5.45 -17.63 103.67
CA ASP D 1265 5.83 -17.48 105.07
C ASP D 1265 4.63 -17.33 106.00
N THR D 1266 3.42 -17.15 105.49
CA THR D 1266 2.27 -16.98 106.36
C THR D 1266 0.99 -17.44 105.67
N PRO D 1267 0.10 -18.10 106.40
CA PRO D 1267 -1.18 -18.52 105.82
C PRO D 1267 -2.10 -17.33 105.60
N PRO D 1268 -3.12 -17.48 104.75
CA PRO D 1268 -3.98 -16.34 104.44
C PRO D 1268 -4.80 -15.88 105.65
N CYS D 1269 -5.14 -14.60 105.65
CA CYS D 1269 -5.90 -14.00 106.73
C CYS D 1269 -6.85 -12.95 106.17
N LEU D 1270 -7.89 -12.64 106.94
CA LEU D 1270 -8.87 -11.63 106.59
C LEU D 1270 -8.72 -10.45 107.54
N ARG D 1271 -8.45 -9.27 107.00
CA ARG D 1271 -8.25 -8.07 107.79
C ARG D 1271 -9.53 -7.24 107.86
N LEU D 1272 -9.56 -6.33 108.81
CA LEU D 1272 -10.66 -5.40 108.97
C LEU D 1272 -10.11 -4.00 109.16
N ALA D 1273 -10.81 -3.00 108.62
CA ALA D 1273 -10.39 -1.62 108.71
C ALA D 1273 -11.59 -0.75 109.05
N HIS D 1274 -11.30 0.40 109.66
CA HIS D 1274 -12.32 1.36 110.08
C HIS D 1274 -11.92 2.75 109.62
N ARG D 1275 -12.91 3.58 109.34
CA ARG D 1275 -12.67 4.95 108.90
C ARG D 1275 -12.15 5.75 110.08
N THR D 1276 -10.82 5.97 110.12
CA THR D 1276 -10.17 6.67 111.23
C THR D 1276 -10.24 8.18 110.99
N TRP D 1277 -11.44 8.71 111.17
CA TRP D 1277 -11.70 10.13 111.02
C TRP D 1277 -12.85 10.50 111.95
N GLY D 1278 -13.47 11.65 111.71
CA GLY D 1278 -14.62 12.07 112.49
C GLY D 1278 -15.90 11.40 112.03
N SER D 1279 -15.79 10.13 111.63
CA SER D 1279 -16.93 9.37 111.12
C SER D 1279 -17.57 8.57 112.25
N GLN D 1280 -18.46 7.65 111.88
CA GLN D 1280 -19.15 6.82 112.87
C GLN D 1280 -18.19 5.82 113.51
N ASN D 1281 -18.29 5.69 114.83
CA ASN D 1281 -17.55 4.69 115.60
C ASN D 1281 -18.56 3.94 116.45
N SER D 1282 -19.12 2.86 115.90
CA SER D 1282 -20.18 2.13 116.57
C SER D 1282 -19.60 1.21 117.64
N LEU D 1283 -20.48 0.53 118.36
CA LEU D 1283 -20.10 -0.38 119.44
C LEU D 1283 -19.65 -1.71 118.84
N VAL D 1284 -19.49 -2.72 119.71
CA VAL D 1284 -19.11 -4.05 119.26
C VAL D 1284 -20.18 -4.58 118.31
N GLU D 1285 -19.79 -4.90 117.09
CA GLU D 1285 -20.66 -5.57 116.13
C GLU D 1285 -20.24 -7.02 116.01
N MET D 1286 -21.20 -7.93 116.11
CA MET D 1286 -20.90 -9.36 116.11
C MET D 1286 -20.75 -9.83 114.68
N LEU D 1287 -19.52 -10.11 114.27
CA LEU D 1287 -19.20 -10.53 112.91
C LEU D 1287 -19.00 -12.03 112.86
N PHE D 1288 -19.73 -12.69 111.96
CA PHE D 1288 -19.76 -14.14 111.84
C PHE D 1288 -19.00 -14.56 110.59
N LEU D 1289 -18.89 -15.87 110.39
CA LEU D 1289 -18.32 -16.41 109.18
C LEU D 1289 -19.45 -16.94 108.28
N ARG D 1290 -19.08 -17.59 107.18
CA ARG D 1290 -20.06 -18.11 106.25
C ARG D 1290 -20.35 -19.60 106.52
N LEU D 1291 -19.33 -20.43 106.47
CA LEU D 1291 -19.53 -21.86 106.62
C LEU D 1291 -19.84 -22.21 108.08
N SER D 1292 -20.39 -23.41 108.27
CA SER D 1292 -20.76 -23.91 109.58
C SER D 1292 -19.95 -25.16 109.91
N LEU D 1293 -19.83 -25.43 111.21
CA LEU D 1293 -19.02 -26.54 111.70
C LEU D 1293 -19.90 -27.62 112.32
N PRO D 1294 -20.10 -28.76 111.66
CA PRO D 1294 -20.74 -29.89 112.33
C PRO D 1294 -19.71 -30.72 113.09
N VAL D 1295 -20.17 -31.33 114.19
CA VAL D 1295 -19.27 -32.16 114.98
C VAL D 1295 -18.85 -33.40 114.19
N GLN D 1296 -17.71 -33.96 114.57
CA GLN D 1296 -17.21 -35.15 113.91
C GLN D 1296 -17.93 -36.37 114.47
N PHE D 1297 -17.47 -37.56 114.09
CA PHE D 1297 -18.11 -38.80 114.49
C PHE D 1297 -17.18 -39.99 114.33
N THR D 1430 -14.90 -34.01 123.60
CA THR D 1430 -14.36 -35.11 122.81
C THR D 1430 -14.86 -35.06 121.38
N THR D 1431 -14.65 -36.14 120.64
CA THR D 1431 -15.05 -36.35 119.26
C THR D 1431 -14.27 -35.43 118.31
N THR D 1432 -13.43 -34.54 118.84
CA THR D 1432 -12.58 -33.68 118.03
C THR D 1432 -11.12 -33.74 118.50
N TYR D 1433 -10.79 -34.69 119.37
CA TYR D 1433 -9.47 -34.96 119.92
C TYR D 1433 -8.96 -33.87 120.85
N TYR D 1434 -9.70 -32.78 121.02
CA TYR D 1434 -9.29 -31.70 121.91
C TYR D 1434 -10.45 -30.74 122.10
N TYR D 1435 -10.44 -30.04 123.24
CA TYR D 1435 -11.35 -28.92 123.49
C TYR D 1435 -10.63 -27.96 124.43
N SER D 1436 -9.96 -26.97 123.85
CA SER D 1436 -9.16 -26.04 124.65
C SER D 1436 -8.98 -24.75 123.88
N VAL D 1437 -8.63 -23.69 124.62
CA VAL D 1437 -8.32 -22.38 124.06
C VAL D 1437 -6.97 -21.96 124.61
N ARG D 1438 -6.00 -21.75 123.72
CA ARG D 1438 -4.64 -21.39 124.10
C ARG D 1438 -4.35 -19.98 123.61
N VAL D 1439 -3.75 -19.15 124.48
CA VAL D 1439 -3.47 -17.77 124.11
C VAL D 1439 -2.18 -17.67 123.30
N PHE D 1440 -1.06 -18.12 123.86
CA PHE D 1440 0.18 -18.17 123.11
C PHE D 1440 0.71 -19.59 123.02
N ALA D 1441 0.89 -20.24 124.17
CA ALA D 1441 1.34 -21.62 124.22
C ALA D 1441 0.69 -22.43 125.33
N GLY D 1442 -0.24 -21.85 126.09
CA GLY D 1442 -0.89 -22.57 127.17
C GLY D 1442 -1.86 -21.71 127.94
N GLN D 1443 -3.04 -22.25 128.22
CA GLN D 1443 -4.06 -21.53 128.97
C GLN D 1443 -5.00 -22.56 129.59
N GLU D 1444 -5.79 -22.08 130.55
CA GLU D 1444 -6.75 -22.93 131.28
C GLU D 1444 -8.13 -22.30 131.18
N PRO D 1445 -8.78 -22.41 130.02
CA PRO D 1445 -10.11 -21.82 129.84
C PRO D 1445 -11.27 -22.75 130.17
N SER D 1446 -11.02 -24.05 130.30
CA SER D 1446 -12.07 -25.05 130.45
C SER D 1446 -13.06 -24.97 129.29
N CYS D 1447 -12.54 -25.19 128.08
CA CYS D 1447 -13.35 -25.09 126.88
C CYS D 1447 -14.52 -26.06 126.94
N VAL D 1448 -15.68 -25.57 126.53
CA VAL D 1448 -16.93 -26.30 126.67
C VAL D 1448 -17.28 -26.96 125.33
N TRP D 1449 -17.43 -28.28 125.36
CA TRP D 1449 -17.86 -29.06 124.20
C TRP D 1449 -19.12 -29.83 124.57
N VAL D 1450 -20.07 -29.87 123.65
CA VAL D 1450 -21.39 -30.43 123.94
C VAL D 1450 -21.47 -31.91 123.56
N GLY D 1451 -20.80 -32.32 122.49
CA GLY D 1451 -20.79 -33.71 122.09
C GLY D 1451 -21.99 -34.17 121.28
N TRP D 1452 -23.02 -33.35 121.13
CA TRP D 1452 -24.17 -33.70 120.30
C TRP D 1452 -23.90 -33.28 118.86
N VAL D 1453 -24.92 -33.35 118.01
CA VAL D 1453 -24.75 -32.98 116.60
C VAL D 1453 -24.35 -31.51 116.49
N THR D 1454 -25.23 -30.60 116.95
CA THR D 1454 -24.96 -29.20 117.22
C THR D 1454 -24.06 -28.53 116.18
N PRO D 1455 -24.55 -28.26 114.96
CA PRO D 1455 -23.72 -27.56 113.98
C PRO D 1455 -23.19 -26.23 114.51
N ASP D 1456 -21.87 -26.15 114.67
CA ASP D 1456 -21.23 -24.97 115.23
C ASP D 1456 -21.07 -23.90 114.15
N TYR D 1457 -20.54 -22.75 114.55
CA TYR D 1457 -20.36 -21.63 113.64
C TYR D 1457 -19.21 -20.76 114.12
N HIS D 1458 -18.27 -20.46 113.23
CA HIS D 1458 -17.17 -19.57 113.59
C HIS D 1458 -17.71 -18.19 113.93
N GLN D 1459 -17.21 -17.61 115.01
CA GLN D 1459 -17.71 -16.32 115.46
C GLN D 1459 -16.64 -15.61 116.28
N HIS D 1460 -16.81 -14.29 116.39
CA HIS D 1460 -15.98 -13.42 117.22
C HIS D 1460 -16.62 -12.05 117.25
N ASP D 1461 -16.58 -11.39 118.40
CA ASP D 1461 -17.20 -10.09 118.60
C ASP D 1461 -16.14 -9.07 118.99
N MET D 1462 -16.15 -7.93 118.31
CA MET D 1462 -15.17 -6.87 118.57
C MET D 1462 -15.74 -5.54 118.10
N ASN D 1463 -15.12 -4.47 118.57
CA ASN D 1463 -15.44 -3.11 118.14
C ASN D 1463 -14.18 -2.45 117.59
N PHE D 1464 -14.35 -1.23 117.10
CA PHE D 1464 -13.25 -0.44 116.53
C PHE D 1464 -12.99 0.74 117.45
N ASP D 1465 -11.73 0.87 117.88
CA ASP D 1465 -11.27 2.00 118.70
C ASP D 1465 -10.55 3.03 117.84
N LEU D 1466 -11.04 3.23 116.61
CA LEU D 1466 -10.39 4.11 115.63
C LEU D 1466 -8.96 3.65 115.36
N SER D 1467 -8.77 2.33 115.30
CA SER D 1467 -7.47 1.71 115.16
C SER D 1467 -7.33 1.07 113.78
N LYS D 1468 -6.21 0.37 113.58
CA LYS D 1468 -5.86 -0.13 112.25
C LYS D 1468 -6.54 -1.46 111.94
N VAL D 1469 -6.19 -2.51 112.68
CA VAL D 1469 -6.48 -3.88 112.26
C VAL D 1469 -6.96 -4.73 113.43
N ARG D 1470 -7.97 -5.56 113.16
CA ARG D 1470 -8.38 -6.66 114.05
C ARG D 1470 -8.72 -7.83 113.12
N ALA D 1471 -7.73 -8.65 112.81
CA ALA D 1471 -7.81 -9.63 111.73
C ALA D 1471 -8.09 -11.03 112.25
N VAL D 1472 -8.51 -11.89 111.33
CA VAL D 1472 -8.74 -13.31 111.60
C VAL D 1472 -7.90 -14.10 110.61
N THR D 1473 -7.10 -15.04 111.12
CA THR D 1473 -6.16 -15.80 110.31
C THR D 1473 -6.46 -17.29 110.42
N VAL D 1474 -6.43 -17.96 109.27
CA VAL D 1474 -6.50 -19.41 109.23
C VAL D 1474 -5.12 -19.98 109.53
N THR D 1475 -5.04 -20.88 110.51
CA THR D 1475 -3.76 -21.43 110.95
C THR D 1475 -3.78 -22.94 110.87
N MET D 1476 -2.68 -23.51 110.38
CA MET D 1476 -2.51 -24.96 110.26
C MET D 1476 -1.16 -25.26 110.93
N GLY D 1477 -1.21 -25.71 112.18
CA GLY D 1477 -0.02 -25.86 113.00
C GLY D 1477 0.79 -27.09 112.64
N ASP D 1478 1.70 -27.45 113.55
CA ASP D 1478 2.57 -28.59 113.30
C ASP D 1478 1.77 -29.88 113.14
N GLU D 1479 0.79 -30.10 114.02
CA GLU D 1479 -0.08 -31.27 113.90
C GLU D 1479 -1.53 -30.92 114.22
N GLN D 1480 -1.90 -29.65 114.17
CA GLN D 1480 -3.26 -29.24 114.52
C GLN D 1480 -3.54 -27.88 113.91
N GLY D 1481 -4.58 -27.79 113.07
CA GLY D 1481 -4.99 -26.51 112.56
C GLY D 1481 -5.61 -25.64 113.64
N ASN D 1482 -5.51 -24.32 113.46
CA ASN D 1482 -5.93 -23.39 114.49
C ASN D 1482 -6.70 -22.24 113.86
N VAL D 1483 -7.52 -21.59 114.69
CA VAL D 1483 -8.27 -20.42 114.29
C VAL D 1483 -7.64 -19.19 114.93
N HIS D 1484 -6.69 -18.56 114.25
CA HIS D 1484 -5.97 -17.45 114.81
C HIS D 1484 -6.77 -16.16 114.69
N SER D 1485 -6.64 -15.30 115.71
CA SER D 1485 -7.29 -13.99 115.73
C SER D 1485 -6.24 -12.97 116.18
N SER D 1486 -5.49 -12.44 115.23
CA SER D 1486 -4.47 -11.45 115.55
C SER D 1486 -5.13 -10.15 116.00
N LEU D 1487 -4.70 -9.63 117.14
CA LEU D 1487 -5.30 -8.43 117.73
C LEU D 1487 -4.20 -7.50 118.20
N LYS D 1488 -4.44 -6.20 118.06
CA LYS D 1488 -3.50 -5.19 118.55
C LYS D 1488 -4.16 -4.04 119.29
N CYS D 1489 -5.45 -3.78 119.10
CA CYS D 1489 -6.03 -2.50 119.50
C CYS D 1489 -6.67 -2.53 120.89
N SER D 1490 -7.70 -3.35 121.06
CA SER D 1490 -8.55 -3.20 122.24
C SER D 1490 -9.26 -4.54 122.51
N ASN D 1491 -10.30 -4.48 123.34
CA ASN D 1491 -11.00 -5.69 123.76
C ASN D 1491 -11.72 -6.35 122.60
N CYS D 1492 -11.44 -7.63 122.38
CA CYS D 1492 -12.07 -8.42 121.34
C CYS D 1492 -12.35 -9.81 121.88
N TYR D 1493 -13.53 -10.33 121.56
CA TYR D 1493 -13.96 -11.64 122.05
C TYR D 1493 -13.87 -12.64 120.91
N MET D 1494 -13.22 -13.77 121.16
CA MET D 1494 -13.01 -14.80 120.14
C MET D 1494 -13.57 -16.12 120.67
N VAL D 1495 -14.82 -16.42 120.31
CA VAL D 1495 -15.49 -17.62 120.76
C VAL D 1495 -16.34 -18.18 119.62
N TRP D 1496 -16.31 -19.50 119.46
CA TRP D 1496 -17.15 -20.14 118.45
C TRP D 1496 -18.61 -19.87 118.74
N GLY D 1497 -19.38 -19.56 117.70
CA GLY D 1497 -20.77 -19.18 117.85
C GLY D 1497 -21.71 -20.33 117.50
N GLY D 1498 -22.89 -20.31 118.10
CA GLY D 1498 -23.93 -21.27 117.74
C GLY D 1498 -24.80 -20.78 116.60
N ASP D 1499 -25.66 -21.66 116.13
CA ASP D 1499 -26.57 -21.29 115.05
C ASP D 1499 -27.66 -20.36 115.56
N PHE D 1500 -28.25 -20.67 116.71
CA PHE D 1500 -29.36 -19.92 117.28
C PHE D 1500 -28.96 -18.54 117.78
N VAL D 1501 -27.72 -18.10 117.57
CA VAL D 1501 -27.26 -16.81 118.09
C VAL D 1501 -28.05 -15.69 117.44
N SER D 1502 -28.88 -15.02 118.22
CA SER D 1502 -29.60 -13.83 117.77
C SER D 1502 -29.91 -12.91 118.93
N PRO D 1503 -28.88 -12.43 119.66
CA PRO D 1503 -29.14 -11.57 120.82
C PRO D 1503 -29.21 -10.10 120.43
N GLY D 1504 -29.35 -9.22 121.42
CA GLY D 1504 -29.30 -7.80 121.19
C GLY D 1504 -27.87 -7.30 121.06
N GLN D 1505 -27.60 -6.13 121.63
CA GLN D 1505 -26.26 -5.55 121.60
C GLN D 1505 -25.96 -4.97 122.97
N GLN D 1506 -24.85 -4.23 123.05
CA GLN D 1506 -24.39 -3.52 124.25
C GLN D 1506 -24.03 -4.46 125.39
N GLY D 1507 -23.94 -5.77 125.13
CA GLY D 1507 -23.57 -6.72 126.15
C GLY D 1507 -23.34 -8.11 125.59
N ARG D 1508 -22.22 -8.74 125.96
CA ARG D 1508 -21.89 -10.07 125.47
C ARG D 1508 -21.79 -11.08 126.61
N ILE D 1509 -22.46 -10.82 127.73
CA ILE D 1509 -22.49 -11.72 128.87
C ILE D 1509 -23.93 -11.89 129.31
N SER D 1510 -24.12 -12.66 130.38
CA SER D 1510 -25.45 -12.90 130.97
C SER D 1510 -26.39 -13.54 129.95
N HIS D 1511 -26.00 -14.70 129.46
CA HIS D 1511 -26.80 -15.50 128.53
C HIS D 1511 -26.75 -16.95 129.03
N THR D 1512 -27.65 -17.31 129.93
CA THR D 1512 -27.65 -18.63 130.53
C THR D 1512 -29.05 -19.24 130.42
N ASP D 1513 -29.09 -20.50 129.99
CA ASP D 1513 -30.34 -21.26 129.87
C ASP D 1513 -29.95 -22.71 129.55
N LEU D 1514 -30.97 -23.54 129.35
CA LEU D 1514 -30.80 -24.93 128.92
C LEU D 1514 -29.85 -25.69 129.84
N VAL D 1515 -29.96 -25.45 131.14
CA VAL D 1515 -29.17 -26.15 132.14
C VAL D 1515 -29.96 -27.38 132.56
N ILE D 1516 -29.43 -28.56 132.22
CA ILE D 1516 -30.15 -29.81 132.48
C ILE D 1516 -30.10 -30.10 133.98
N GLY D 1517 -31.28 -30.34 134.56
CA GLY D 1517 -31.38 -30.66 135.96
C GLY D 1517 -32.30 -31.84 136.22
N CYS D 1518 -32.36 -32.76 135.26
CA CYS D 1518 -33.21 -33.94 135.40
C CYS D 1518 -32.65 -34.86 136.48
N LEU D 1519 -33.52 -35.31 137.38
CA LEU D 1519 -33.11 -36.19 138.46
C LEU D 1519 -34.32 -36.95 138.99
N VAL D 1520 -34.06 -38.15 139.50
CA VAL D 1520 -35.10 -39.00 140.02
C VAL D 1520 -35.16 -38.84 141.53
N ASP D 1521 -36.22 -39.38 142.15
CA ASP D 1521 -36.45 -39.17 143.58
C ASP D 1521 -35.28 -39.68 144.41
N LEU D 1522 -34.87 -40.93 144.19
CA LEU D 1522 -33.77 -41.52 144.95
C LEU D 1522 -32.43 -41.32 144.24
N ALA D 1523 -32.17 -40.07 143.82
CA ALA D 1523 -30.93 -39.69 143.15
C ALA D 1523 -30.58 -40.61 141.98
N THR D 1524 -31.59 -41.27 141.40
CA THR D 1524 -31.32 -42.17 140.28
C THR D 1524 -31.07 -41.40 139.00
N GLY D 1525 -31.70 -40.23 138.85
CA GLY D 1525 -31.52 -39.42 137.66
C GLY D 1525 -30.24 -38.60 137.71
N LEU D 1526 -29.10 -39.25 137.50
CA LEU D 1526 -27.81 -38.58 137.52
C LEU D 1526 -27.25 -38.55 136.09
N MET D 1527 -27.64 -37.51 135.34
CA MET D 1527 -26.97 -37.14 134.11
C MET D 1527 -26.72 -35.64 134.11
N THR D 1528 -25.51 -35.25 133.69
CA THR D 1528 -25.15 -33.85 133.57
C THR D 1528 -24.04 -33.74 132.54
N PHE D 1529 -24.17 -32.79 131.63
CA PHE D 1529 -23.19 -32.58 130.56
C PHE D 1529 -22.97 -31.09 130.41
N THR D 1530 -22.35 -30.70 129.29
CA THR D 1530 -22.08 -29.29 129.00
C THR D 1530 -23.39 -28.65 128.57
N ALA D 1531 -24.16 -28.21 129.56
CA ALA D 1531 -25.50 -27.66 129.33
C ALA D 1531 -25.39 -26.32 128.63
N ASN D 1532 -25.86 -26.28 127.37
CA ASN D 1532 -25.86 -25.06 126.56
C ASN D 1532 -24.44 -24.52 126.40
N GLY D 1533 -23.62 -25.30 125.70
CA GLY D 1533 -22.28 -24.85 125.40
C GLY D 1533 -22.25 -24.00 124.15
N LYS D 1534 -22.28 -22.68 124.31
CA LYS D 1534 -22.38 -21.76 123.19
C LYS D 1534 -21.14 -20.91 123.02
N GLU D 1535 -20.70 -20.19 124.07
CA GLU D 1535 -19.49 -19.37 123.98
C GLU D 1535 -18.90 -19.28 125.39
N SER D 1536 -17.76 -19.96 125.60
CA SER D 1536 -16.97 -19.76 126.80
C SER D 1536 -16.18 -18.46 126.60
N ASN D 1537 -16.87 -17.35 126.86
CA ASN D 1537 -16.40 -16.02 126.44
C ASN D 1537 -15.04 -15.68 127.00
N THR D 1538 -14.05 -15.58 126.11
CA THR D 1538 -12.73 -15.09 126.46
C THR D 1538 -12.66 -13.59 126.18
N PHE D 1539 -11.81 -12.89 126.93
CA PHE D 1539 -11.72 -11.45 126.84
C PHE D 1539 -10.27 -11.02 126.68
N PHE D 1540 -10.05 -10.05 125.80
CA PHE D 1540 -8.72 -9.44 125.65
C PHE D 1540 -8.29 -8.71 126.92
N GLN D 1541 -9.23 -8.33 127.77
CA GLN D 1541 -8.95 -7.65 129.03
C GLN D 1541 -8.87 -8.62 130.20
N VAL D 1542 -8.98 -9.92 129.96
CA VAL D 1542 -8.99 -10.92 131.03
C VAL D 1542 -7.70 -11.74 131.04
N GLU D 1543 -7.38 -12.40 129.92
CA GLU D 1543 -6.19 -13.24 129.89
C GLU D 1543 -4.90 -12.47 130.11
N PRO D 1544 -4.62 -11.36 129.41
CA PRO D 1544 -3.41 -10.60 129.70
C PRO D 1544 -3.67 -9.47 130.68
N ASN D 1545 -2.59 -9.02 131.32
CA ASN D 1545 -2.67 -7.94 132.31
C ASN D 1545 -1.34 -7.19 132.30
N THR D 1546 -1.31 -6.04 131.62
CA THR D 1546 -0.11 -5.22 131.53
C THR D 1546 -0.53 -3.82 131.10
N LYS D 1547 0.45 -2.91 131.10
CA LYS D 1547 0.25 -1.52 130.67
C LYS D 1547 1.34 -1.19 129.65
N LEU D 1548 1.07 -1.50 128.39
CA LEU D 1548 2.02 -1.29 127.29
C LEU D 1548 1.23 -1.42 125.99
N PHE D 1549 1.95 -1.48 124.87
CA PHE D 1549 1.35 -1.65 123.55
C PHE D 1549 2.04 -2.81 122.82
N PRO D 1550 1.83 -4.05 123.29
CA PRO D 1550 2.40 -5.20 122.59
C PRO D 1550 1.47 -5.77 121.54
N ALA D 1551 1.87 -6.87 120.90
CA ALA D 1551 1.03 -7.57 119.95
C ALA D 1551 0.38 -8.78 120.62
N VAL D 1552 -0.85 -9.08 120.19
CA VAL D 1552 -1.63 -10.18 120.75
C VAL D 1552 -2.02 -11.12 119.61
N PHE D 1553 -1.82 -12.42 119.83
CA PHE D 1553 -2.13 -13.44 118.82
C PHE D 1553 -2.80 -14.61 119.53
N VAL D 1554 -4.12 -14.56 119.62
CA VAL D 1554 -4.91 -15.61 120.27
C VAL D 1554 -5.21 -16.69 119.25
N LEU D 1555 -4.91 -17.94 119.60
CA LEU D 1555 -5.05 -19.08 118.70
C LEU D 1555 -5.83 -20.20 119.38
N PRO D 1556 -7.15 -20.06 119.47
CA PRO D 1556 -7.97 -21.16 120.00
C PRO D 1556 -8.40 -22.15 118.93
N THR D 1557 -8.28 -23.43 119.24
CA THR D 1557 -8.71 -24.48 118.33
C THR D 1557 -9.01 -25.74 119.13
N HIS D 1558 -9.90 -26.56 118.59
CA HIS D 1558 -10.23 -27.85 119.20
C HIS D 1558 -10.38 -28.99 118.21
N GLN D 1559 -10.48 -28.72 116.91
CA GLN D 1559 -10.71 -29.77 115.92
C GLN D 1559 -9.43 -30.53 115.61
N ASN D 1560 -9.47 -31.85 115.77
CA ASN D 1560 -8.32 -32.69 115.45
C ASN D 1560 -8.79 -34.12 115.25
N VAL D 1561 -8.20 -34.81 114.26
CA VAL D 1561 -8.51 -36.20 114.00
C VAL D 1561 -7.24 -36.92 113.54
N ILE D 1562 -7.36 -38.21 113.26
CA ILE D 1562 -6.22 -39.00 112.81
C ILE D 1562 -5.82 -38.55 111.41
N GLN D 1563 -4.53 -38.26 111.23
CA GLN D 1563 -4.04 -37.82 109.93
C GLN D 1563 -2.71 -38.47 109.55
N PHE D 1564 -2.23 -39.43 110.33
CA PHE D 1564 -0.97 -40.09 110.05
C PHE D 1564 -1.18 -41.36 109.22
N MET D 1573 -7.06 -31.85 109.81
CA MET D 1573 -6.33 -30.94 110.69
C MET D 1573 -6.59 -29.46 110.39
N PRO D 1574 -6.42 -29.01 109.14
CA PRO D 1574 -6.63 -27.59 108.85
C PRO D 1574 -8.11 -27.22 108.92
N LEU D 1575 -8.35 -25.91 108.97
CA LEU D 1575 -9.72 -25.42 109.06
C LEU D 1575 -10.53 -25.73 107.80
N SER D 1576 -9.88 -25.69 106.64
CA SER D 1576 -10.60 -25.85 105.38
C SER D 1576 -11.23 -27.24 105.28
N ALA D 1577 -10.50 -28.28 105.67
CA ALA D 1577 -10.99 -29.64 105.53
C ALA D 1577 -12.12 -29.97 106.49
N ALA D 1578 -12.39 -29.10 107.46
CA ALA D 1578 -13.40 -29.39 108.48
C ALA D 1578 -14.82 -29.28 107.98
N MET D 1579 -15.08 -28.49 106.93
CA MET D 1579 -16.45 -28.29 106.45
C MET D 1579 -16.69 -28.76 105.04
N PHE D 1580 -15.76 -28.52 104.11
CA PHE D 1580 -16.04 -28.75 102.70
C PHE D 1580 -16.21 -30.22 102.35
N LEU D 1581 -15.69 -31.13 103.17
CA LEU D 1581 -15.88 -32.57 103.06
C LEU D 1581 -15.42 -33.14 101.72
N SER D 1582 -14.80 -32.32 100.86
CA SER D 1582 -14.29 -32.80 99.59
C SER D 1582 -12.76 -32.80 99.52
N GLU D 1583 -12.09 -32.17 100.48
CA GLU D 1583 -10.64 -32.16 100.57
C GLU D 1583 -10.20 -32.47 102.00
N ARG D 1584 -10.87 -33.44 102.62
CA ARG D 1584 -10.55 -33.81 103.99
C ARG D 1584 -9.12 -34.35 104.10
N LYS D 1585 -8.70 -35.13 103.10
CA LYS D 1585 -7.34 -35.68 103.13
C LYS D 1585 -6.30 -34.57 103.04
N ASN D 1586 -6.55 -33.55 102.23
CA ASN D 1586 -5.56 -32.50 102.03
C ASN D 1586 -5.38 -31.71 103.32
N PRO D 1587 -4.15 -31.56 103.82
CA PRO D 1587 -3.92 -30.79 105.04
C PRO D 1587 -3.54 -29.33 104.82
N ALA D 1588 -3.36 -28.89 103.59
CA ALA D 1588 -3.03 -27.50 103.33
C ALA D 1588 -4.28 -26.65 103.41
N PRO D 1589 -4.33 -25.64 104.29
CA PRO D 1589 -5.54 -24.81 104.40
C PRO D 1589 -5.76 -23.97 103.15
N GLN D 1590 -7.04 -23.71 102.86
CA GLN D 1590 -7.43 -22.87 101.73
C GLN D 1590 -8.55 -21.95 102.18
N CYS D 1591 -8.76 -20.89 101.40
CA CYS D 1591 -9.82 -19.91 101.64
C CYS D 1591 -10.63 -19.74 100.37
N PRO D 1592 -11.56 -20.66 100.09
CA PRO D 1592 -12.37 -20.56 98.89
C PRO D 1592 -13.27 -19.34 98.91
N PRO D 1593 -13.66 -18.81 97.75
CA PRO D 1593 -14.41 -17.56 97.72
C PRO D 1593 -15.75 -17.62 98.46
N ARG D 1594 -16.33 -18.82 98.62
CA ARG D 1594 -17.62 -18.91 99.29
C ARG D 1594 -17.52 -18.45 100.74
N LEU D 1595 -16.41 -18.75 101.40
CA LEU D 1595 -16.21 -18.36 102.79
C LEU D 1595 -15.96 -16.85 102.85
N GLU D 1596 -16.91 -16.11 103.41
CA GLU D 1596 -16.79 -14.66 103.55
C GLU D 1596 -17.30 -14.24 104.91
N VAL D 1597 -16.78 -13.12 105.41
CA VAL D 1597 -17.21 -12.61 106.71
C VAL D 1597 -18.65 -12.09 106.61
N GLN D 1598 -19.28 -11.94 107.77
CA GLN D 1598 -20.66 -11.50 107.84
C GLN D 1598 -20.83 -10.62 109.06
N MET D 1599 -22.08 -10.17 109.28
CA MET D 1599 -22.45 -9.42 110.47
C MET D 1599 -23.97 -9.46 110.57
N LEU D 1600 -24.51 -8.89 111.66
CA LEU D 1600 -25.95 -8.85 111.86
C LEU D 1600 -26.41 -7.43 112.10
N MET D 1601 -27.54 -7.08 111.48
CA MET D 1601 -28.23 -5.83 111.76
C MET D 1601 -29.60 -6.11 112.36
N PRO D 1602 -30.07 -5.27 113.28
CA PRO D 1602 -31.28 -5.61 114.04
C PRO D 1602 -32.55 -5.68 113.21
N VAL D 1603 -32.61 -5.03 112.05
CA VAL D 1603 -33.85 -4.87 111.32
C VAL D 1603 -33.70 -5.45 109.92
N SER D 1604 -34.72 -6.20 109.49
CA SER D 1604 -34.75 -6.74 108.14
C SER D 1604 -36.21 -6.86 107.70
N TRP D 1605 -36.42 -6.90 106.39
CA TRP D 1605 -37.76 -7.01 105.84
C TRP D 1605 -38.30 -8.43 105.98
N SER D 1606 -39.61 -8.55 105.89
CA SER D 1606 -40.28 -9.85 105.95
C SER D 1606 -41.69 -9.70 105.41
N ARG D 1607 -42.39 -10.83 105.31
CA ARG D 1607 -43.72 -10.89 104.72
C ARG D 1607 -44.72 -11.45 105.73
N MET D 1608 -45.93 -10.87 105.75
CA MET D 1608 -46.95 -11.43 106.63
C MET D 1608 -47.89 -12.33 105.85
N PRO D 1609 -48.41 -13.37 106.48
CA PRO D 1609 -49.32 -14.28 105.78
C PRO D 1609 -50.61 -13.59 105.38
N ASN D 1610 -51.21 -14.09 104.29
CA ASN D 1610 -52.48 -13.56 103.83
C ASN D 1610 -53.65 -13.96 104.70
N HIS D 1611 -53.45 -14.88 105.64
CA HIS D 1611 -54.50 -15.31 106.55
C HIS D 1611 -53.90 -15.53 107.94
N PHE D 1612 -54.77 -15.78 108.90
CA PHE D 1612 -54.36 -16.01 110.28
C PHE D 1612 -55.34 -16.96 110.94
N LEU D 1613 -54.93 -17.47 112.10
CA LEU D 1613 -55.78 -18.39 112.84
C LEU D 1613 -57.04 -17.69 113.31
N GLN D 1614 -58.11 -18.47 113.45
CA GLN D 1614 -59.40 -17.91 113.85
C GLN D 1614 -59.33 -17.28 115.24
N VAL D 1615 -58.69 -17.98 116.18
CA VAL D 1615 -58.52 -17.45 117.53
C VAL D 1615 -57.08 -17.69 117.99
N GLU D 1622 -64.39 -15.03 125.78
CA GLU D 1622 -63.69 -16.06 126.55
C GLU D 1622 -64.09 -16.00 128.02
N ARG D 1623 -65.24 -16.57 128.34
CA ARG D 1623 -65.76 -16.61 129.70
C ARG D 1623 -65.64 -18.01 130.26
N LEU D 1624 -65.91 -18.12 131.57
CA LEU D 1624 -65.83 -19.39 132.29
C LEU D 1624 -64.41 -19.99 132.16
N GLY D 1625 -63.45 -19.26 132.71
CA GLY D 1625 -62.07 -19.69 132.65
C GLY D 1625 -61.34 -19.32 131.37
N TRP D 1626 -61.91 -18.44 130.56
CA TRP D 1626 -61.25 -17.92 129.35
C TRP D 1626 -60.92 -19.04 128.37
N ALA D 1627 -61.96 -19.72 127.90
CA ALA D 1627 -61.77 -20.75 126.90
C ALA D 1627 -61.45 -20.12 125.54
N VAL D 1628 -60.64 -20.83 124.76
CA VAL D 1628 -60.26 -20.40 123.41
C VAL D 1628 -60.73 -21.47 122.43
N GLN D 1629 -61.46 -21.05 121.41
CA GLN D 1629 -62.06 -21.97 120.44
C GLN D 1629 -61.24 -21.98 119.17
N CYS D 1630 -60.81 -23.17 118.76
CA CYS D 1630 -60.03 -23.34 117.52
C CYS D 1630 -60.54 -24.59 116.82
N GLN D 1631 -61.07 -24.42 115.61
CA GLN D 1631 -61.62 -25.55 114.87
C GLN D 1631 -61.07 -25.60 113.45
N ASP D 1632 -60.73 -24.45 112.87
CA ASP D 1632 -60.30 -24.37 111.49
C ASP D 1632 -58.77 -24.43 111.41
N PRO D 1633 -58.19 -25.42 110.76
CA PRO D 1633 -56.74 -25.47 110.59
C PRO D 1633 -56.28 -24.69 109.37
N LEU D 1634 -54.98 -24.42 109.33
CA LEU D 1634 -54.38 -23.70 108.22
C LEU D 1634 -52.94 -24.15 108.06
N THR D 1635 -52.52 -24.32 106.81
CA THR D 1635 -51.20 -24.83 106.48
C THR D 1635 -50.46 -23.84 105.59
N MET D 1636 -49.16 -24.08 105.42
CA MET D 1636 -48.29 -23.18 104.69
C MET D 1636 -47.02 -23.93 104.32
N MET D 1637 -46.62 -23.81 103.06
CA MET D 1637 -45.42 -24.49 102.57
C MET D 1637 -44.20 -23.59 102.73
N ALA D 1638 -43.10 -24.18 103.15
CA ALA D 1638 -41.90 -23.42 103.48
C ALA D 1638 -40.66 -24.20 103.07
N LEU D 1639 -39.59 -23.46 102.81
CA LEU D 1639 -38.30 -24.03 102.44
C LEU D 1639 -37.26 -23.65 103.48
N HIS D 1640 -36.26 -24.51 103.64
CA HIS D 1640 -35.29 -24.40 104.72
C HIS D 1640 -33.89 -24.49 104.15
N ILE D 1641 -33.09 -23.44 104.34
CA ILE D 1641 -31.69 -23.47 103.93
C ILE D 1641 -30.92 -24.39 104.88
N PRO D 1642 -30.16 -25.36 104.39
CA PRO D 1642 -29.48 -26.30 105.28
C PRO D 1642 -28.25 -25.72 105.95
N GLU D 1643 -27.49 -24.89 105.22
CA GLU D 1643 -26.24 -24.37 105.75
C GLU D 1643 -26.47 -23.52 106.98
N GLU D 1644 -27.44 -22.60 106.90
CA GLU D 1644 -27.77 -21.75 108.05
C GLU D 1644 -28.81 -22.37 108.97
N ASN D 1645 -29.53 -23.39 108.50
CA ASN D 1645 -30.54 -24.08 109.28
C ASN D 1645 -31.56 -23.11 109.87
N ARG D 1646 -32.27 -22.43 108.97
CA ARG D 1646 -33.36 -21.53 109.37
C ARG D 1646 -34.47 -21.61 108.35
N CYS D 1647 -35.71 -21.63 108.83
CA CYS D 1647 -36.86 -21.74 107.96
C CYS D 1647 -37.17 -20.40 107.30
N MET D 1648 -37.99 -20.46 106.25
CA MET D 1648 -38.36 -19.26 105.51
C MET D 1648 -39.57 -19.58 104.65
N ASP D 1649 -40.54 -18.66 104.64
CA ASP D 1649 -41.72 -18.84 103.80
C ASP D 1649 -41.35 -18.67 102.33
N ILE D 1650 -41.89 -19.55 101.49
CA ILE D 1650 -41.47 -19.59 100.09
C ILE D 1650 -41.93 -18.36 99.33
N LEU D 1651 -43.05 -17.76 99.74
CA LEU D 1651 -43.59 -16.63 98.99
C LEU D 1651 -42.68 -15.41 99.02
N GLU D 1652 -41.72 -15.36 99.95
CA GLU D 1652 -40.77 -14.26 100.01
C GLU D 1652 -39.86 -14.22 98.79
N LEU D 1653 -39.81 -15.31 98.01
CA LEU D 1653 -39.02 -15.29 96.79
C LEU D 1653 -39.57 -14.28 95.78
N SER D 1654 -40.83 -13.87 95.93
CA SER D 1654 -41.37 -12.83 95.07
C SER D 1654 -40.66 -11.50 95.28
N GLU D 1655 -39.94 -11.35 96.39
CA GLU D 1655 -39.14 -10.16 96.66
C GLU D 1655 -37.65 -10.43 96.67
N ARG D 1656 -37.23 -11.64 97.04
CA ARG D 1656 -35.80 -11.92 97.14
C ARG D 1656 -35.10 -11.76 95.80
N LEU D 1657 -35.70 -12.25 94.73
CA LEU D 1657 -35.25 -12.08 93.36
C LEU D 1657 -33.84 -12.63 93.12
N ASP D 1658 -33.26 -13.32 94.09
CA ASP D 1658 -31.99 -13.99 93.88
C ASP D 1658 -32.10 -15.50 94.08
N LEU D 1659 -32.70 -15.93 95.20
CA LEU D 1659 -32.94 -17.35 95.38
C LEU D 1659 -34.00 -17.87 94.44
N GLN D 1660 -34.82 -16.99 93.86
CA GLN D 1660 -35.83 -17.43 92.90
C GLN D 1660 -35.18 -18.05 91.67
N ARG D 1661 -34.14 -17.39 91.14
CA ARG D 1661 -33.45 -17.94 89.98
C ARG D 1661 -32.81 -19.29 90.30
N PHE D 1662 -32.16 -19.39 91.45
CA PHE D 1662 -31.52 -20.64 91.83
C PHE D 1662 -32.54 -21.76 92.00
N HIS D 1663 -33.68 -21.45 92.61
CA HIS D 1663 -34.68 -22.49 92.81
C HIS D 1663 -35.33 -22.89 91.49
N SER D 1664 -35.54 -21.94 90.59
CA SER D 1664 -36.06 -22.29 89.27
C SER D 1664 -35.09 -23.19 88.53
N HIS D 1665 -33.79 -22.90 88.60
CA HIS D 1665 -32.83 -23.77 87.95
C HIS D 1665 -32.74 -25.12 88.64
N THR D 1666 -32.94 -25.17 89.96
CA THR D 1666 -32.97 -26.46 90.64
C THR D 1666 -34.16 -27.30 90.18
N LEU D 1667 -35.31 -26.67 89.99
CA LEU D 1667 -36.45 -27.39 89.43
C LEU D 1667 -36.16 -27.85 88.01
N ARG D 1668 -35.45 -27.04 87.24
CA ARG D 1668 -35.05 -27.46 85.91
C ARG D 1668 -34.16 -28.70 85.98
N LEU D 1669 -33.24 -28.74 86.92
CA LEU D 1669 -32.39 -29.93 87.09
C LEU D 1669 -33.21 -31.13 87.51
N TYR D 1670 -34.18 -30.94 88.41
CA TYR D 1670 -35.04 -32.04 88.81
C TYR D 1670 -35.78 -32.61 87.60
N ARG D 1671 -36.30 -31.74 86.74
CA ARG D 1671 -36.98 -32.21 85.54
C ARG D 1671 -36.03 -32.92 84.60
N ALA D 1672 -34.84 -32.36 84.39
CA ALA D 1672 -33.90 -32.94 83.44
C ALA D 1672 -33.42 -34.31 83.89
N VAL D 1673 -33.18 -34.47 85.20
CA VAL D 1673 -32.68 -35.74 85.72
C VAL D 1673 -33.67 -36.86 85.47
N CYS D 1674 -34.95 -36.62 85.70
CA CYS D 1674 -35.99 -37.59 85.38
C CYS D 1674 -36.29 -37.50 83.88
N ALA D 1675 -35.29 -37.87 83.09
CA ALA D 1675 -35.37 -37.75 81.65
C ALA D 1675 -36.32 -38.80 81.08
N LEU D 1676 -36.40 -38.84 79.76
CA LEU D 1676 -37.26 -39.82 79.09
C LEU D 1676 -36.77 -41.22 79.37
N GLY D 1677 -37.70 -42.12 79.71
CA GLY D 1677 -37.41 -43.52 79.85
C GLY D 1677 -36.77 -43.93 81.16
N ASN D 1678 -36.56 -43.00 82.09
CA ASN D 1678 -36.01 -43.31 83.40
C ASN D 1678 -37.11 -43.23 84.44
N ASN D 1679 -37.25 -44.27 85.25
CA ASN D 1679 -38.32 -44.31 86.23
C ASN D 1679 -37.81 -44.71 87.62
N ARG D 1680 -36.71 -45.44 87.67
CA ARG D 1680 -36.12 -45.75 88.97
C ARG D 1680 -35.68 -44.49 89.68
N VAL D 1681 -35.23 -43.49 88.93
CA VAL D 1681 -34.85 -42.20 89.51
C VAL D 1681 -36.07 -41.45 90.00
N ALA D 1682 -37.19 -41.56 89.27
CA ALA D 1682 -38.38 -40.78 89.63
C ALA D 1682 -38.91 -41.17 91.00
N HIS D 1683 -38.82 -42.45 91.36
CA HIS D 1683 -39.27 -42.87 92.67
C HIS D 1683 -38.40 -42.25 93.77
N ALA D 1684 -37.08 -42.16 93.54
CA ALA D 1684 -36.23 -41.45 94.49
C ALA D 1684 -36.60 -39.98 94.54
N LEU D 1685 -36.92 -39.38 93.39
CA LEU D 1685 -37.28 -37.97 93.35
C LEU D 1685 -38.54 -37.70 94.16
N CYS D 1686 -39.51 -38.61 94.10
CA CYS D 1686 -40.77 -38.43 94.81
C CYS D 1686 -40.58 -38.42 96.32
N SER D 1687 -39.42 -38.84 96.81
CA SER D 1687 -39.12 -38.66 98.24
C SER D 1687 -38.92 -37.19 98.57
N HIS D 1688 -38.19 -36.46 97.72
CA HIS D 1688 -37.88 -35.06 98.01
C HIS D 1688 -39.15 -34.20 98.02
N VAL D 1689 -40.05 -34.43 97.08
CA VAL D 1689 -41.28 -33.66 96.96
C VAL D 1689 -42.47 -34.61 97.13
N ASP D 1690 -43.39 -34.26 98.03
CA ASP D 1690 -44.54 -35.09 98.30
C ASP D 1690 -45.65 -34.80 97.29
N GLN D 1691 -46.49 -35.82 97.05
CA GLN D 1691 -47.60 -35.62 96.13
C GLN D 1691 -48.59 -34.60 96.68
N ALA D 1692 -48.80 -34.59 98.00
CA ALA D 1692 -49.64 -33.55 98.60
C ALA D 1692 -49.01 -32.18 98.44
N GLN D 1693 -47.68 -32.10 98.55
CA GLN D 1693 -46.98 -30.85 98.32
C GLN D 1693 -47.20 -30.35 96.90
N LEU D 1694 -47.08 -31.24 95.93
CA LEU D 1694 -47.30 -30.85 94.53
C LEU D 1694 -48.75 -30.43 94.31
N LEU D 1695 -49.69 -31.14 94.92
CA LEU D 1695 -51.11 -30.76 94.79
C LEU D 1695 -51.36 -29.36 95.36
N HIS D 1696 -50.78 -29.08 96.53
CA HIS D 1696 -50.94 -27.76 97.12
C HIS D 1696 -50.32 -26.68 96.25
N ALA D 1697 -49.12 -26.93 95.71
CA ALA D 1697 -48.49 -25.96 94.83
C ALA D 1697 -49.33 -25.74 93.58
N LEU D 1698 -49.96 -26.80 93.08
CA LEU D 1698 -50.87 -26.67 91.94
C LEU D 1698 -52.06 -25.80 92.30
N GLU D 1699 -52.63 -26.01 93.50
CA GLU D 1699 -53.84 -25.26 93.88
C GLU D 1699 -53.53 -23.81 94.20
N ASP D 1700 -52.31 -23.51 94.66
CA ASP D 1700 -52.00 -22.18 95.12
C ASP D 1700 -52.05 -21.17 93.97
N ALA D 1701 -52.33 -19.92 94.33
CA ALA D 1701 -52.32 -18.81 93.39
C ALA D 1701 -51.25 -17.78 93.70
N HIS D 1702 -50.98 -17.54 94.97
CA HIS D 1702 -49.94 -16.59 95.39
C HIS D 1702 -48.58 -17.26 95.22
N LEU D 1703 -48.13 -17.32 93.97
CA LEU D 1703 -46.85 -17.92 93.65
C LEU D 1703 -46.02 -16.92 92.84
N PRO D 1704 -44.69 -16.98 92.97
CA PRO D 1704 -43.86 -15.91 92.41
C PRO D 1704 -43.74 -15.91 90.89
N GLY D 1705 -44.51 -16.74 90.20
CA GLY D 1705 -44.47 -16.74 88.75
C GLY D 1705 -43.78 -17.96 88.17
N PRO D 1706 -42.53 -17.79 87.74
CA PRO D 1706 -41.84 -18.90 87.06
C PRO D 1706 -41.80 -20.18 87.86
N LEU D 1707 -41.77 -20.10 89.19
CA LEU D 1707 -41.83 -21.31 89.99
C LEU D 1707 -43.12 -22.07 89.76
N ARG D 1708 -44.22 -21.37 89.46
CA ARG D 1708 -45.47 -22.06 89.18
C ARG D 1708 -45.35 -22.92 87.93
N ALA D 1709 -44.83 -22.34 86.85
CA ALA D 1709 -44.64 -23.10 85.62
C ALA D 1709 -43.64 -24.23 85.83
N GLY D 1710 -42.59 -23.98 86.61
CA GLY D 1710 -41.62 -25.03 86.91
C GLY D 1710 -42.26 -26.19 87.64
N TYR D 1711 -43.10 -25.90 88.64
CA TYR D 1711 -43.74 -26.98 89.39
C TYR D 1711 -44.75 -27.74 88.52
N TYR D 1712 -45.49 -27.03 87.68
CA TYR D 1712 -46.41 -27.72 86.78
C TYR D 1712 -45.66 -28.65 85.84
N ASP D 1713 -44.56 -28.16 85.25
CA ASP D 1713 -43.80 -29.00 84.34
C ASP D 1713 -43.13 -30.16 85.07
N LEU D 1714 -42.72 -29.94 86.31
CA LEU D 1714 -42.16 -31.05 87.10
C LEU D 1714 -43.21 -32.11 87.36
N LEU D 1715 -44.43 -31.69 87.72
CA LEU D 1715 -45.49 -32.67 87.93
C LEU D 1715 -45.80 -33.43 86.64
N ILE D 1716 -45.85 -32.73 85.51
CA ILE D 1716 -46.12 -33.40 84.25
C ILE D 1716 -44.97 -34.29 83.82
N SER D 1717 -43.76 -34.04 84.33
CA SER D 1717 -42.58 -34.81 83.93
C SER D 1717 -42.16 -35.82 84.98
N ILE D 1718 -43.01 -36.10 85.96
CA ILE D 1718 -42.74 -37.09 86.99
C ILE D 1718 -43.74 -38.23 86.95
N HIS D 1719 -45.03 -37.91 86.92
CA HIS D 1719 -46.09 -38.90 87.01
C HIS D 1719 -46.86 -39.07 85.72
N LEU D 1720 -46.54 -38.34 84.66
CA LEU D 1720 -47.29 -38.46 83.42
C LEU D 1720 -46.44 -38.49 82.16
N GLU D 1721 -45.14 -38.20 82.23
CA GLU D 1721 -44.34 -38.13 81.01
C GLU D 1721 -44.24 -39.47 80.33
N SER D 1722 -44.07 -40.55 81.10
CA SER D 1722 -43.78 -41.85 80.50
C SER D 1722 -44.93 -42.34 79.63
N ALA D 1723 -46.15 -42.24 80.13
CA ALA D 1723 -47.29 -42.84 79.42
C ALA D 1723 -47.68 -42.08 78.17
N CYS D 1724 -47.35 -40.79 78.09
CA CYS D 1724 -47.82 -39.98 76.97
C CYS D 1724 -47.24 -40.45 75.65
N ARG D 1725 -45.94 -40.78 75.62
CA ARG D 1725 -45.32 -41.22 74.38
C ARG D 1725 -45.95 -42.51 73.87
N SER D 1726 -46.13 -43.48 74.76
CA SER D 1726 -46.75 -44.74 74.36
C SER D 1726 -48.18 -44.51 73.90
N ARG D 1727 -48.91 -43.62 74.58
CA ARG D 1727 -50.28 -43.34 74.16
C ARG D 1727 -50.32 -42.73 72.77
N ARG D 1728 -49.42 -41.81 72.46
CA ARG D 1728 -49.38 -41.25 71.11
C ARG D 1728 -49.04 -42.32 70.08
N SER D 1729 -48.03 -43.14 70.37
CA SER D 1729 -47.58 -44.14 69.41
C SER D 1729 -48.69 -45.14 69.10
N MET D 1730 -49.42 -45.59 70.12
CA MET D 1730 -50.56 -46.47 69.87
C MET D 1730 -51.76 -45.71 69.35
N LEU D 1731 -51.79 -44.39 69.53
CA LEU D 1731 -52.88 -43.59 68.97
C LEU D 1731 -52.80 -43.58 67.45
N SER D 1732 -51.58 -43.50 66.90
CA SER D 1732 -51.47 -43.49 65.43
C SER D 1732 -51.40 -44.89 64.85
N GLU D 1733 -52.33 -45.78 65.23
CA GLU D 1733 -52.40 -47.12 64.67
C GLU D 1733 -53.74 -47.47 64.06
N TYR D 1734 -54.84 -47.24 64.78
CA TYR D 1734 -56.20 -47.47 64.29
C TYR D 1734 -56.42 -48.94 63.90
N ILE D 1735 -56.36 -49.80 64.91
CA ILE D 1735 -56.72 -51.21 64.78
C ILE D 1735 -58.04 -51.44 65.49
N VAL D 1736 -58.96 -52.15 64.83
CA VAL D 1736 -60.30 -52.36 65.38
C VAL D 1736 -60.69 -53.82 65.31
N PRO D 1737 -61.24 -54.40 66.38
CA PRO D 1737 -61.75 -55.77 66.31
C PRO D 1737 -63.23 -55.84 65.95
N LEU D 1738 -63.77 -57.04 65.83
CA LEU D 1738 -65.19 -57.26 65.55
C LEU D 1738 -65.89 -57.58 66.87
N THR D 1739 -66.64 -56.63 67.39
CA THR D 1739 -67.43 -56.80 68.59
C THR D 1739 -68.85 -56.35 68.33
N PRO D 1740 -69.83 -56.86 69.08
CA PRO D 1740 -71.21 -56.36 68.92
C PRO D 1740 -71.33 -54.88 69.16
N GLU D 1741 -70.53 -54.32 70.09
CA GLU D 1741 -70.53 -52.88 70.28
C GLU D 1741 -70.01 -52.16 69.04
N THR D 1742 -69.03 -52.76 68.36
CA THR D 1742 -68.48 -52.16 67.15
C THR D 1742 -69.52 -52.05 66.05
N ARG D 1743 -70.52 -52.92 66.06
CA ARG D 1743 -71.51 -52.92 64.99
C ARG D 1743 -72.31 -51.62 64.95
N ALA D 1744 -72.68 -51.10 66.11
CA ALA D 1744 -73.56 -49.92 66.19
C ALA D 1744 -72.74 -48.63 66.22
N ILE D 1745 -71.93 -48.45 65.18
CA ILE D 1745 -71.14 -47.23 64.99
C ILE D 1745 -71.52 -46.64 63.64
N THR D 1746 -71.97 -45.39 63.64
CA THR D 1746 -72.44 -44.75 62.43
C THR D 1746 -72.35 -43.24 62.62
N LEU D 1747 -72.99 -42.48 61.73
CA LEU D 1747 -73.02 -41.03 61.84
C LEU D 1747 -73.64 -40.57 63.15
N PHE D 1748 -74.43 -41.43 63.80
CA PHE D 1748 -75.08 -41.15 65.08
C PHE D 1748 -76.04 -39.96 64.90
N PRO D 1749 -77.18 -40.19 64.27
CA PRO D 1749 -78.24 -39.17 64.25
C PRO D 1749 -79.07 -39.25 65.53
N PRO D 1750 -78.97 -38.25 66.40
CA PRO D 1750 -79.79 -38.25 67.62
C PRO D 1750 -81.06 -37.42 67.47
N GLY D 1751 -82.16 -37.96 67.99
CA GLY D 1751 -83.39 -37.19 68.07
C GLY D 1751 -84.19 -37.21 66.79
N ARG D 1752 -84.02 -36.17 65.98
CA ARG D 1752 -84.71 -36.04 64.70
C ARG D 1752 -84.20 -37.01 63.64
N LYS D 1753 -83.20 -37.84 63.97
CA LYS D 1753 -82.62 -38.79 63.04
C LYS D 1753 -82.12 -38.10 61.77
N GLY D 1754 -81.52 -36.93 61.95
CA GLY D 1754 -81.06 -36.12 60.84
C GLY D 1754 -79.66 -35.57 61.05
N GLY D 1755 -78.79 -36.35 61.69
CA GLY D 1755 -77.46 -35.87 62.00
C GLY D 1755 -76.68 -35.41 60.78
N ASN D 1756 -77.00 -35.95 59.60
CA ASN D 1756 -76.43 -35.41 58.37
C ASN D 1756 -76.98 -34.02 58.09
N ALA D 1757 -78.31 -33.87 58.15
CA ALA D 1757 -78.91 -32.56 57.95
C ALA D 1757 -78.70 -31.64 59.15
N ARG D 1758 -78.86 -32.18 60.35
CA ARG D 1758 -78.69 -31.40 61.57
C ARG D 1758 -77.23 -31.51 62.02
N ARG D 1759 -76.96 -31.09 63.26
CA ARG D 1759 -75.62 -31.19 63.80
C ARG D 1759 -75.18 -32.64 63.87
N HIS D 1760 -73.97 -32.91 63.37
CA HIS D 1760 -73.46 -34.28 63.38
C HIS D 1760 -73.25 -34.79 64.79
N GLY D 1761 -72.68 -33.98 65.66
CA GLY D 1761 -72.43 -34.38 67.02
C GLY D 1761 -71.20 -33.69 67.57
N LEU D 1762 -70.85 -34.06 68.80
CA LEU D 1762 -69.70 -33.48 69.50
C LEU D 1762 -68.49 -34.37 69.34
N PRO D 1763 -67.34 -33.83 68.95
CA PRO D 1763 -66.16 -34.68 68.75
C PRO D 1763 -65.65 -35.29 70.04
N GLY D 1764 -65.18 -36.52 69.94
CA GLY D 1764 -64.53 -37.18 71.07
C GLY D 1764 -65.42 -37.37 72.28
N VAL D 1765 -66.68 -37.73 72.07
CA VAL D 1765 -67.59 -38.00 73.19
C VAL D 1765 -68.16 -39.41 73.16
N GLY D 1766 -68.14 -40.10 72.03
CA GLY D 1766 -68.67 -41.44 71.92
C GLY D 1766 -67.65 -42.49 72.30
N VAL D 1767 -68.03 -43.75 72.07
CA VAL D 1767 -67.16 -44.88 72.37
C VAL D 1767 -66.08 -44.98 71.30
N THR D 1768 -64.88 -45.38 71.74
CA THR D 1768 -63.73 -45.48 70.84
C THR D 1768 -63.70 -46.81 70.09
N THR D 1769 -63.88 -47.91 70.80
CA THR D 1769 -63.88 -49.27 70.27
C THR D 1769 -62.57 -49.66 69.60
N SER D 1770 -61.53 -48.83 69.72
CA SER D 1770 -60.22 -49.16 69.16
C SER D 1770 -59.49 -50.10 70.13
N LEU D 1771 -58.20 -50.30 69.89
CA LEU D 1771 -57.37 -51.16 70.74
C LEU D 1771 -56.20 -50.34 71.28
N ARG D 1772 -56.23 -50.05 72.57
CA ARG D 1772 -55.20 -49.26 73.22
C ARG D 1772 -54.74 -49.97 74.49
N PRO D 1773 -53.45 -50.20 74.68
CA PRO D 1773 -52.99 -50.86 75.90
C PRO D 1773 -53.13 -49.95 77.09
N PRO D 1774 -53.25 -50.50 78.30
CA PRO D 1774 -53.30 -49.67 79.50
C PRO D 1774 -51.92 -49.12 79.85
N HIS D 1775 -51.85 -48.44 80.99
CA HIS D 1775 -50.64 -47.73 81.41
C HIS D 1775 -49.81 -48.51 82.43
N HIS D 1776 -50.46 -49.23 83.34
CA HIS D 1776 -49.78 -50.07 84.33
C HIS D 1776 -48.81 -49.24 85.20
N PHE D 1777 -49.42 -48.35 85.97
CA PHE D 1777 -48.67 -47.55 86.93
C PHE D 1777 -48.16 -48.43 88.08
N SER D 1778 -47.46 -47.80 89.01
CA SER D 1778 -46.93 -48.53 90.16
C SER D 1778 -46.86 -47.62 91.39
N PRO D 1779 -47.56 -47.98 92.46
CA PRO D 1779 -47.53 -47.15 93.68
C PRO D 1779 -46.13 -47.08 94.25
N PRO D 1780 -45.75 -45.92 94.81
CA PRO D 1780 -44.42 -45.78 95.39
C PRO D 1780 -44.37 -46.18 96.85
N CYS D 1781 -43.21 -46.71 97.24
CA CYS D 1781 -42.99 -47.09 98.63
C CYS D 1781 -41.50 -47.12 98.89
N PHE D 1782 -41.14 -47.00 100.16
CA PHE D 1782 -39.73 -47.00 100.55
C PHE D 1782 -39.46 -48.01 101.66
N VAL D 1783 -40.43 -48.20 102.56
CA VAL D 1783 -40.27 -49.16 103.65
C VAL D 1783 -40.29 -50.60 103.16
N ALA D 1784 -40.60 -50.82 101.89
CA ALA D 1784 -40.61 -52.16 101.33
C ALA D 1784 -39.20 -52.75 101.34
N ALA D 1785 -39.14 -54.08 101.30
CA ALA D 1785 -37.86 -54.78 101.33
C ALA D 1785 -37.01 -54.38 100.13
N LEU D 1786 -35.74 -54.08 100.40
CA LEU D 1786 -34.83 -53.68 99.33
C LEU D 1786 -34.58 -54.86 98.39
N PRO D 1787 -34.74 -54.69 97.08
CA PRO D 1787 -34.51 -55.80 96.16
C PRO D 1787 -33.05 -56.22 96.15
N ALA D 1788 -32.83 -57.51 95.90
CA ALA D 1788 -31.49 -58.07 95.85
C ALA D 1788 -30.91 -57.96 94.45
N GLU D 1793 -32.17 -59.25 85.63
CA GLU D 1793 -31.97 -57.86 86.00
C GLU D 1793 -33.11 -56.97 85.49
N ALA D 1794 -34.34 -57.40 85.76
CA ALA D 1794 -35.50 -56.62 85.34
C ALA D 1794 -35.55 -55.30 86.10
N PRO D 1795 -35.99 -54.22 85.46
CA PRO D 1795 -36.09 -52.93 86.17
C PRO D 1795 -37.00 -52.99 87.38
N ALA D 1796 -38.10 -53.75 87.30
CA ALA D 1796 -39.06 -53.93 88.38
C ALA D 1796 -39.73 -52.63 88.79
N ARG D 1797 -39.44 -51.54 88.08
CA ARG D 1797 -40.07 -50.25 88.33
C ARG D 1797 -40.70 -49.76 87.03
N LEU D 1798 -42.00 -49.44 87.09
CA LEU D 1798 -42.69 -48.91 85.92
C LEU D 1798 -42.70 -47.38 85.93
N SER D 1799 -43.31 -46.79 86.95
CA SER D 1799 -43.32 -45.35 87.18
C SER D 1799 -44.04 -45.05 88.49
N PRO D 1800 -43.73 -43.94 89.15
CA PRO D 1800 -44.49 -43.55 90.34
C PRO D 1800 -45.94 -43.30 89.99
N ALA D 1801 -46.83 -43.65 90.91
CA ALA D 1801 -48.27 -43.54 90.71
C ALA D 1801 -48.84 -42.35 91.47
N ILE D 1802 -50.07 -42.00 91.12
CA ILE D 1802 -50.78 -40.88 91.74
C ILE D 1802 -52.26 -40.99 91.38
N PRO D 1803 -53.17 -40.78 92.33
CA PRO D 1803 -54.60 -40.83 92.01
C PRO D 1803 -54.95 -39.79 90.95
N LEU D 1804 -55.86 -40.17 90.05
CA LEU D 1804 -56.18 -39.35 88.89
C LEU D 1804 -57.53 -38.66 88.97
N GLU D 1805 -58.54 -39.32 89.55
CA GLU D 1805 -59.88 -38.74 89.59
C GLU D 1805 -59.88 -37.41 90.33
N ALA D 1806 -59.28 -37.39 91.52
CA ALA D 1806 -59.16 -36.14 92.26
C ALA D 1806 -58.35 -35.13 91.48
N LEU D 1807 -57.23 -35.58 90.88
CA LEU D 1807 -56.42 -34.67 90.07
C LEU D 1807 -57.19 -34.15 88.87
N ARG D 1808 -57.98 -35.02 88.22
CA ARG D 1808 -58.77 -34.59 87.07
C ARG D 1808 -59.78 -33.52 87.47
N ASP D 1809 -60.51 -33.75 88.56
CA ASP D 1809 -61.48 -32.77 89.03
C ASP D 1809 -60.80 -31.47 89.41
N LYS D 1810 -59.65 -31.56 90.08
CA LYS D 1810 -58.91 -30.37 90.49
C LYS D 1810 -58.51 -29.56 89.27
N ALA D 1811 -57.98 -30.22 88.24
CA ALA D 1811 -57.55 -29.51 87.05
C ALA D 1811 -58.74 -28.87 86.34
N LEU D 1812 -59.85 -29.59 86.22
CA LEU D 1812 -61.01 -29.03 85.54
C LEU D 1812 -61.53 -27.80 86.26
N ARG D 1813 -61.71 -27.89 87.58
CA ARG D 1813 -62.23 -26.75 88.32
C ARG D 1813 -61.23 -25.61 88.36
N MET D 1814 -59.93 -25.92 88.34
CA MET D 1814 -58.93 -24.87 88.30
C MET D 1814 -58.98 -24.11 86.98
N LEU D 1815 -59.13 -24.82 85.86
CA LEU D 1815 -59.26 -24.15 84.58
C LEU D 1815 -60.53 -23.31 84.54
N GLY D 1816 -61.63 -23.84 85.09
CA GLY D 1816 -62.85 -23.05 85.16
C GLY D 1816 -62.67 -21.77 85.96
N GLU D 1817 -62.02 -21.87 87.13
CA GLU D 1817 -61.80 -20.70 87.95
C GLU D 1817 -60.88 -19.70 87.25
N ALA D 1818 -59.86 -20.20 86.55
CA ALA D 1818 -58.97 -19.30 85.82
C ALA D 1818 -59.73 -18.56 84.71
N VAL D 1819 -60.63 -19.26 84.01
CA VAL D 1819 -61.44 -18.61 83.00
C VAL D 1819 -62.33 -17.55 83.62
N ARG D 1820 -62.94 -17.87 84.77
CA ARG D 1820 -63.79 -16.90 85.45
C ARG D 1820 -63.00 -15.66 85.86
N ASP D 1821 -61.79 -15.87 86.40
CA ASP D 1821 -60.96 -14.74 86.80
C ASP D 1821 -60.54 -13.90 85.59
N GLY D 1822 -60.17 -14.56 84.49
CA GLY D 1822 -59.82 -13.82 83.29
C GLY D 1822 -60.99 -13.05 82.71
N GLY D 1823 -62.21 -13.54 82.91
CA GLY D 1823 -63.37 -12.82 82.44
C GLY D 1823 -63.57 -11.47 83.10
N GLN D 1824 -62.91 -11.22 84.22
CA GLN D 1824 -63.04 -9.95 84.92
C GLN D 1824 -61.98 -8.94 84.52
N HIS D 1825 -60.86 -9.39 83.95
CA HIS D 1825 -59.77 -8.52 83.50
C HIS D 1825 -59.25 -7.66 84.65
N ALA D 1826 -58.72 -8.34 85.66
CA ALA D 1826 -58.19 -7.68 86.84
C ALA D 1826 -56.83 -7.07 86.54
N ARG D 1827 -56.15 -6.59 87.59
CA ARG D 1827 -54.85 -5.97 87.44
C ARG D 1827 -53.71 -6.79 88.05
N ASP D 1828 -54.02 -7.88 88.76
CA ASP D 1828 -53.01 -8.70 89.40
C ASP D 1828 -53.24 -10.15 88.97
N PRO D 1829 -52.85 -10.49 87.75
CA PRO D 1829 -53.03 -11.87 87.28
C PRO D 1829 -52.18 -12.84 88.10
N VAL D 1830 -52.69 -14.06 88.25
CA VAL D 1830 -51.96 -15.07 89.00
C VAL D 1830 -50.64 -15.35 88.31
N GLY D 1831 -49.56 -15.33 89.09
CA GLY D 1831 -48.23 -15.53 88.55
C GLY D 1831 -47.55 -14.28 88.04
N GLY D 1832 -48.24 -13.14 88.02
CA GLY D 1832 -47.64 -11.89 87.62
C GLY D 1832 -47.98 -11.41 86.23
N SER D 1833 -48.52 -12.28 85.38
CA SER D 1833 -48.90 -11.89 84.04
C SER D 1833 -49.94 -12.86 83.51
N VAL D 1834 -50.61 -12.46 82.42
CA VAL D 1834 -51.64 -13.30 81.84
C VAL D 1834 -51.04 -14.58 81.30
N GLU D 1835 -49.83 -14.51 80.74
CA GLU D 1835 -49.19 -15.70 80.17
C GLU D 1835 -48.98 -16.76 81.23
N PHE D 1836 -48.61 -16.35 82.44
CA PHE D 1836 -48.41 -17.29 83.54
C PHE D 1836 -49.72 -17.68 84.21
N GLN D 1837 -50.85 -17.14 83.76
CA GLN D 1837 -52.14 -17.53 84.31
C GLN D 1837 -52.68 -18.71 83.52
N PHE D 1838 -52.87 -18.53 82.21
CA PHE D 1838 -53.12 -19.65 81.31
C PHE D 1838 -51.79 -20.32 80.98
N VAL D 1839 -51.16 -20.78 82.06
CA VAL D 1839 -49.78 -21.24 82.14
C VAL D 1839 -49.79 -22.67 81.62
N PRO D 1840 -48.70 -23.41 81.68
CA PRO D 1840 -48.76 -24.86 81.48
C PRO D 1840 -49.88 -25.61 82.20
N VAL D 1841 -50.74 -24.92 82.98
CA VAL D 1841 -52.02 -25.54 83.34
C VAL D 1841 -52.72 -26.05 82.09
N LEU D 1842 -52.64 -25.28 80.99
CA LEU D 1842 -53.15 -25.76 79.72
C LEU D 1842 -52.39 -26.99 79.25
N LYS D 1843 -51.06 -27.01 79.46
CA LYS D 1843 -50.29 -28.19 79.09
C LYS D 1843 -50.75 -29.42 79.86
N LEU D 1844 -51.00 -29.27 81.15
CA LEU D 1844 -51.46 -30.38 81.97
C LEU D 1844 -52.84 -30.86 81.53
N VAL D 1845 -53.75 -29.93 81.26
CA VAL D 1845 -55.09 -30.35 80.85
C VAL D 1845 -55.04 -31.03 79.49
N SER D 1846 -54.18 -30.56 78.59
CA SER D 1846 -54.05 -31.21 77.29
C SER D 1846 -53.43 -32.60 77.42
N THR D 1847 -52.42 -32.74 78.28
CA THR D 1847 -51.81 -34.04 78.49
C THR D 1847 -52.81 -35.03 79.08
N LEU D 1848 -53.60 -34.58 80.05
CA LEU D 1848 -54.64 -35.43 80.59
C LEU D 1848 -55.69 -35.78 79.53
N LEU D 1849 -55.97 -34.83 78.63
CA LEU D 1849 -56.95 -35.08 77.58
C LEU D 1849 -56.45 -36.15 76.60
N VAL D 1850 -55.19 -36.06 76.19
CA VAL D 1850 -54.67 -37.00 75.22
C VAL D 1850 -54.46 -38.38 75.82
N MET D 1851 -54.36 -38.48 77.14
CA MET D 1851 -54.17 -39.75 77.81
C MET D 1851 -55.48 -40.50 78.01
N GLY D 1852 -56.61 -39.91 77.64
CA GLY D 1852 -57.90 -40.56 77.79
C GLY D 1852 -58.33 -40.80 79.22
N ILE D 1853 -58.14 -39.80 80.09
CA ILE D 1853 -58.52 -39.94 81.49
C ILE D 1853 -59.91 -39.33 81.68
N PHE D 1854 -60.22 -38.29 80.92
CA PHE D 1854 -61.51 -37.63 81.04
C PHE D 1854 -62.63 -38.53 80.51
N GLY D 1855 -63.79 -38.43 81.17
CA GLY D 1855 -64.98 -39.13 80.72
C GLY D 1855 -65.79 -38.31 79.75
N ASP D 1856 -66.96 -38.84 79.40
CA ASP D 1856 -67.85 -38.13 78.48
C ASP D 1856 -68.32 -36.81 79.08
N GLU D 1857 -68.70 -36.82 80.36
CA GLU D 1857 -69.11 -35.59 81.01
C GLU D 1857 -67.96 -34.60 81.10
N ASP D 1858 -66.75 -35.10 81.37
CA ASP D 1858 -65.60 -34.21 81.49
C ASP D 1858 -65.28 -33.52 80.18
N VAL D 1859 -65.28 -34.28 79.08
CA VAL D 1859 -65.01 -33.66 77.78
C VAL D 1859 -66.17 -32.76 77.37
N LYS D 1860 -67.40 -33.12 77.76
CA LYS D 1860 -68.52 -32.22 77.49
C LYS D 1860 -68.34 -30.88 78.20
N GLN D 1861 -67.88 -30.92 79.45
CA GLN D 1861 -67.61 -29.68 80.17
C GLN D 1861 -66.47 -28.89 79.55
N ILE D 1862 -65.39 -29.59 79.16
CA ILE D 1862 -64.25 -28.89 78.59
C ILE D 1862 -64.62 -28.27 77.25
N LEU D 1863 -65.57 -28.86 76.53
CA LEU D 1863 -66.09 -28.23 75.33
C LEU D 1863 -67.06 -27.10 75.68
N LYS D 1864 -67.81 -27.25 76.77
CA LYS D 1864 -68.68 -26.16 77.21
C LYS D 1864 -67.87 -24.92 77.56
N MET D 1865 -66.60 -25.11 77.92
CA MET D 1865 -65.71 -23.97 78.13
C MET D 1865 -65.56 -23.14 76.86
N ILE D 1866 -65.83 -23.71 75.69
CA ILE D 1866 -65.80 -22.98 74.43
C ILE D 1866 -67.20 -22.81 73.83
N GLU D 1867 -68.20 -23.50 74.38
CA GLU D 1867 -69.58 -23.61 73.90
C GLU D 1867 -70.21 -22.36 73.32
N PRO D 1868 -69.96 -21.14 73.86
CA PRO D 1868 -70.51 -19.93 73.23
C PRO D 1868 -70.37 -19.90 71.72
N GLU D 1869 -69.30 -20.50 71.20
CA GLU D 1869 -69.16 -20.72 69.77
C GLU D 1869 -69.57 -22.11 69.33
N VAL D 1870 -69.34 -23.12 70.16
CA VAL D 1870 -69.77 -24.48 69.83
C VAL D 1870 -71.29 -24.56 69.78
N PHE D 1871 -71.96 -23.95 70.77
CA PHE D 1871 -73.43 -23.94 70.86
C PHE D 1871 -73.97 -25.37 70.92
N THR D 1872 -73.63 -26.04 72.02
CA THR D 1872 -74.04 -27.43 72.22
C THR D 1872 -75.56 -27.56 72.13
N GLU D 1873 -76.01 -28.61 71.44
CA GLU D 1873 -77.44 -28.79 71.21
C GLU D 1873 -78.19 -28.99 72.52
N GLU D 1874 -77.64 -29.79 73.43
CA GLU D 1874 -78.26 -30.09 74.71
C GLU D 1874 -79.68 -30.62 74.57
N LEU D 1922 -71.49 -11.96 80.32
CA LEU D 1922 -71.34 -12.88 79.19
C LEU D 1922 -70.12 -13.78 79.40
N GLU D 1923 -70.37 -15.09 79.49
CA GLU D 1923 -69.30 -16.07 79.68
C GLU D 1923 -68.75 -16.49 78.32
N GLU D 1924 -67.93 -15.62 77.74
CA GLU D 1924 -67.37 -15.85 76.43
C GLU D 1924 -66.34 -16.98 76.46
N GLY D 1925 -66.09 -17.56 75.30
CA GLY D 1925 -65.14 -18.66 75.20
C GLY D 1925 -63.70 -18.19 75.24
N LEU D 1926 -62.80 -19.17 75.38
CA LEU D 1926 -61.39 -18.85 75.58
C LEU D 1926 -60.77 -18.24 74.33
N LEU D 1927 -61.37 -18.48 73.17
CA LEU D 1927 -60.83 -17.89 71.94
C LEU D 1927 -61.25 -16.45 71.75
N GLN D 1928 -62.08 -15.90 72.64
CA GLN D 1928 -62.63 -14.57 72.42
C GLN D 1928 -61.62 -13.48 72.79
N MET D 1929 -61.16 -13.47 74.05
CA MET D 1929 -60.30 -12.38 74.49
C MET D 1929 -58.92 -12.47 73.85
N LYS D 1930 -58.27 -11.32 73.74
CA LYS D 1930 -56.94 -11.26 73.16
C LYS D 1930 -55.94 -12.03 74.03
N LEU D 1931 -55.06 -12.78 73.37
CA LEU D 1931 -54.13 -13.65 74.06
C LEU D 1931 -52.75 -13.52 73.46
N PRO D 1932 -51.70 -13.75 74.24
CA PRO D 1932 -50.35 -13.78 73.68
C PRO D 1932 -50.10 -15.04 72.85
N GLU D 1933 -48.88 -15.20 72.34
CA GLU D 1933 -48.62 -16.27 71.37
C GLU D 1933 -48.63 -17.64 72.02
N SER D 1934 -48.06 -17.76 73.21
CA SER D 1934 -47.87 -19.09 73.81
C SER D 1934 -49.20 -19.79 74.05
N VAL D 1935 -50.19 -19.06 74.57
CA VAL D 1935 -51.49 -19.66 74.80
C VAL D 1935 -52.16 -20.02 73.49
N LYS D 1936 -51.93 -19.22 72.43
CA LYS D 1936 -52.45 -19.59 71.12
C LYS D 1936 -51.86 -20.92 70.65
N LEU D 1937 -50.56 -21.10 70.83
CA LEU D 1937 -49.92 -22.35 70.45
C LEU D 1937 -50.49 -23.52 71.25
N GLN D 1938 -50.69 -23.32 72.55
CA GLN D 1938 -51.28 -24.37 73.37
C GLN D 1938 -52.69 -24.70 72.93
N MET D 1939 -53.47 -23.68 72.56
CA MET D 1939 -54.84 -23.91 72.09
C MET D 1939 -54.83 -24.72 70.80
N CYS D 1940 -53.91 -24.41 69.88
CA CYS D 1940 -53.81 -25.18 68.64
C CYS D 1940 -53.43 -26.62 68.95
N ASN D 1941 -52.47 -26.81 69.85
CA ASN D 1941 -52.07 -28.17 70.24
C ASN D 1941 -53.24 -28.93 70.84
N LEU D 1942 -54.10 -28.24 71.58
CA LEU D 1942 -55.29 -28.89 72.12
C LEU D 1942 -56.27 -29.27 71.03
N LEU D 1943 -56.52 -28.35 70.09
CA LEU D 1943 -57.51 -28.59 69.04
C LEU D 1943 -57.09 -29.72 68.12
N GLU D 1944 -55.78 -29.92 67.95
CA GLU D 1944 -55.33 -31.04 67.13
C GLU D 1944 -55.85 -32.36 67.67
N TYR D 1945 -55.95 -32.49 68.99
CA TYR D 1945 -56.49 -33.72 69.57
C TYR D 1945 -57.94 -33.95 69.16
N PHE D 1946 -58.75 -32.89 69.17
CA PHE D 1946 -60.15 -33.04 68.76
C PHE D 1946 -60.24 -33.42 67.29
N CYS D 1947 -59.39 -32.83 66.45
CA CYS D 1947 -59.40 -33.22 65.05
C CYS D 1947 -59.05 -34.69 64.88
N ASP D 1948 -58.04 -35.16 65.62
CA ASP D 1948 -57.67 -36.57 65.55
C ASP D 1948 -58.80 -37.48 66.03
N GLN D 1949 -59.51 -37.05 67.07
CA GLN D 1949 -60.64 -37.84 67.55
C GLN D 1949 -61.73 -37.93 66.48
N GLU D 1950 -61.98 -36.83 65.78
CA GLU D 1950 -62.95 -36.87 64.69
C GLU D 1950 -62.52 -37.86 63.62
N LEU D 1951 -61.23 -37.83 63.24
CA LEU D 1951 -60.75 -38.76 62.22
C LEU D 1951 -60.91 -40.21 62.67
N GLN D 1952 -60.58 -40.50 63.94
CA GLN D 1952 -60.72 -41.85 64.44
C GLN D 1952 -62.18 -42.30 64.43
N HIS D 1953 -63.09 -41.40 64.80
CA HIS D 1953 -64.51 -41.73 64.74
C HIS D 1953 -64.93 -42.05 63.31
N ARG D 1954 -64.43 -41.27 62.34
CA ARG D 1954 -64.76 -41.53 60.95
C ARG D 1954 -64.31 -42.92 60.52
N VAL D 1955 -63.06 -43.27 60.82
CA VAL D 1955 -62.54 -44.55 60.35
C VAL D 1955 -63.26 -45.71 61.06
N GLU D 1956 -63.59 -45.52 62.34
CA GLU D 1956 -64.33 -46.56 63.05
C GLU D 1956 -65.70 -46.77 62.43
N SER D 1957 -66.39 -45.67 62.09
CA SER D 1957 -67.70 -45.81 61.47
C SER D 1957 -67.60 -46.52 60.12
N LEU D 1958 -66.57 -46.19 59.35
CA LEU D 1958 -66.39 -46.85 58.05
C LEU D 1958 -66.20 -48.35 58.23
N ALA D 1959 -65.35 -48.74 59.19
CA ALA D 1959 -65.14 -50.17 59.43
C ALA D 1959 -66.43 -50.85 59.89
N ALA D 1960 -67.19 -50.17 60.75
CA ALA D 1960 -68.44 -50.74 61.25
C ALA D 1960 -69.42 -51.00 60.11
N PHE D 1961 -69.55 -50.04 59.19
CA PHE D 1961 -70.41 -50.27 58.03
C PHE D 1961 -69.87 -51.39 57.16
N ALA D 1962 -68.55 -51.43 56.97
CA ALA D 1962 -67.96 -52.41 56.07
C ALA D 1962 -68.21 -53.82 56.57
N GLU D 1963 -68.18 -54.03 57.88
CA GLU D 1963 -68.39 -55.38 58.41
C GLU D 1963 -69.76 -55.92 58.00
N ARG D 1964 -70.83 -55.17 58.26
CA ARG D 1964 -72.15 -55.64 57.91
C ARG D 1964 -72.34 -55.72 56.40
N TYR D 1965 -71.73 -54.80 55.65
CA TYR D 1965 -71.89 -54.87 54.20
C TYR D 1965 -71.23 -56.11 53.61
N VAL D 1966 -70.03 -56.47 54.09
CA VAL D 1966 -69.40 -57.66 53.57
C VAL D 1966 -70.14 -58.92 54.04
N ASP D 1967 -70.73 -58.89 55.23
CA ASP D 1967 -71.56 -60.02 55.65
C ASP D 1967 -72.73 -60.22 54.70
N LYS D 1968 -73.43 -59.12 54.37
CA LYS D 1968 -74.56 -59.21 53.45
C LYS D 1968 -74.11 -59.66 52.06
N LEU D 1969 -72.95 -59.16 51.61
CA LEU D 1969 -72.44 -59.55 50.31
C LEU D 1969 -72.11 -61.04 50.26
N GLN D 1970 -71.51 -61.56 51.34
CA GLN D 1970 -71.20 -62.99 51.39
C GLN D 1970 -72.49 -63.81 51.38
N ALA D 1971 -73.50 -63.37 52.12
CA ALA D 1971 -74.78 -64.08 52.10
C ALA D 1971 -75.39 -64.10 50.70
N ASN D 1972 -75.35 -62.94 50.01
CA ASN D 1972 -75.88 -62.88 48.66
C ASN D 1972 -75.11 -63.78 47.70
N GLN D 1973 -73.78 -63.81 47.85
CA GLN D 1973 -72.98 -64.68 47.01
C GLN D 1973 -73.31 -66.15 47.26
N ARG D 1974 -73.51 -66.52 48.52
CA ARG D 1974 -73.92 -67.89 48.83
C ARG D 1974 -75.24 -68.23 48.16
N SER D 1975 -76.23 -67.33 48.27
CA SER D 1975 -77.53 -67.59 47.66
C SER D 1975 -77.43 -67.71 46.15
N ARG D 1976 -76.66 -66.82 45.51
CA ARG D 1976 -76.52 -66.84 44.07
C ARG D 1976 -75.80 -68.10 43.60
N TYR D 1977 -74.76 -68.53 44.32
CA TYR D 1977 -74.06 -69.75 43.95
C TYR D 1977 -74.96 -70.96 44.10
N ALA D 1978 -75.77 -70.99 45.15
CA ALA D 1978 -76.72 -72.09 45.32
C ALA D 1978 -77.72 -72.10 44.17
N LEU D 1979 -78.22 -70.93 43.78
CA LEU D 1979 -79.16 -70.86 42.66
C LEU D 1979 -78.51 -71.34 41.37
N LEU D 1980 -77.26 -70.94 41.12
CA LEU D 1980 -76.56 -71.39 39.92
C LEU D 1980 -76.36 -72.90 39.94
N MET D 1981 -75.99 -73.46 41.10
CA MET D 1981 -75.78 -74.90 41.18
C MET D 1981 -77.08 -75.65 40.92
N ARG D 1982 -78.19 -75.17 41.49
CA ARG D 1982 -79.47 -75.86 41.29
C ARG D 1982 -80.00 -75.71 39.87
N ALA D 1983 -79.50 -74.74 39.12
CA ALA D 1983 -79.96 -74.44 37.76
C ALA D 1983 -78.79 -74.24 36.83
N PHE D 1984 -77.86 -75.19 36.83
CA PHE D 1984 -76.61 -75.04 36.09
C PHE D 1984 -76.87 -74.76 34.61
N THR D 1985 -77.62 -75.64 33.95
CA THR D 1985 -77.99 -75.49 32.54
C THR D 1985 -76.78 -75.12 31.68
N MET D 1986 -75.84 -76.06 31.62
CA MET D 1986 -74.53 -75.87 31.02
C MET D 1986 -74.61 -75.14 29.68
N SER D 1987 -73.93 -74.00 29.61
CA SER D 1987 -73.90 -73.18 28.41
C SER D 1987 -72.70 -72.24 28.52
N ALA D 1988 -72.62 -71.27 27.60
CA ALA D 1988 -71.51 -70.33 27.61
C ALA D 1988 -71.52 -69.44 28.84
N ALA D 1989 -72.71 -68.94 29.22
CA ALA D 1989 -72.80 -68.06 30.37
C ALA D 1989 -72.43 -68.80 31.66
N GLU D 1990 -72.90 -70.04 31.81
CA GLU D 1990 -72.55 -70.82 33.00
C GLU D 1990 -71.05 -71.09 33.06
N THR D 1991 -70.44 -71.40 31.92
CA THR D 1991 -68.99 -71.61 31.89
C THR D 1991 -68.24 -70.33 32.25
N ALA D 1992 -68.71 -69.18 31.74
CA ALA D 1992 -68.08 -67.92 32.09
C ALA D 1992 -68.19 -67.64 33.59
N ARG D 1993 -69.36 -67.90 34.16
CA ARG D 1993 -69.54 -67.70 35.60
C ARG D 1993 -68.62 -68.62 36.39
N ARG D 1994 -68.50 -69.89 35.98
CA ARG D 1994 -67.62 -70.81 36.67
C ARG D 1994 -66.16 -70.35 36.59
N THR D 1995 -65.73 -69.88 35.41
CA THR D 1995 -64.37 -69.41 35.26
C THR D 1995 -64.10 -68.18 36.11
N ARG D 1996 -65.05 -67.24 36.15
CA ARG D 1996 -64.81 -66.03 36.94
C ARG D 1996 -64.89 -66.30 38.44
N GLU D 1997 -65.65 -67.32 38.86
CA GLU D 1997 -65.74 -67.61 40.28
C GLU D 1997 -64.58 -68.48 40.75
N PHE D 1998 -64.50 -69.72 40.24
CA PHE D 1998 -63.51 -70.66 40.77
C PHE D 1998 -62.11 -70.38 40.25
N ARG D 1999 -61.99 -70.01 38.98
CA ARG D 1999 -60.69 -69.86 38.33
C ARG D 1999 -60.12 -68.45 38.48
N SER D 2000 -60.76 -67.59 39.27
CA SER D 2000 -60.26 -66.26 39.54
C SER D 2000 -60.27 -66.03 41.05
N PRO D 2001 -59.23 -65.38 41.59
CA PRO D 2001 -59.18 -65.14 43.03
C PRO D 2001 -60.30 -64.20 43.45
N PRO D 2002 -60.75 -64.28 44.69
CA PRO D 2002 -61.84 -63.40 45.13
C PRO D 2002 -61.51 -61.92 45.06
N GLN D 2003 -60.22 -61.57 45.06
CA GLN D 2003 -59.83 -60.17 44.96
C GLN D 2003 -60.43 -59.52 43.70
N GLU D 2004 -60.19 -60.14 42.55
CA GLU D 2004 -60.76 -59.62 41.30
C GLU D 2004 -62.27 -59.67 41.32
N GLN D 2005 -62.85 -60.66 42.02
CA GLN D 2005 -64.30 -60.76 42.08
C GLN D 2005 -64.90 -59.56 42.81
N ILE D 2006 -64.34 -59.21 43.96
CA ILE D 2006 -64.83 -58.05 44.70
C ILE D 2006 -64.55 -56.77 43.91
N ASN D 2007 -63.39 -56.69 43.25
CA ASN D 2007 -63.09 -55.52 42.44
C ASN D 2007 -64.15 -55.33 41.35
N MET D 2008 -64.46 -56.41 40.62
CA MET D 2008 -65.45 -56.32 39.55
C MET D 2008 -66.83 -56.01 40.11
N LEU D 2009 -67.20 -56.61 41.24
CA LEU D 2009 -68.52 -56.36 41.82
C LEU D 2009 -68.67 -54.90 42.22
N LEU D 2010 -67.66 -54.35 42.89
CA LEU D 2010 -67.74 -52.95 43.32
C LEU D 2010 -67.66 -51.99 42.15
N HIS D 2011 -66.92 -52.36 41.08
CA HIS D 2011 -66.94 -51.55 39.87
C HIS D 2011 -68.33 -51.57 39.24
N PHE D 2012 -68.98 -52.73 39.23
CA PHE D 2012 -70.36 -52.82 38.78
C PHE D 2012 -71.28 -51.96 39.64
N LYS D 2013 -70.97 -51.84 40.93
CA LYS D 2013 -71.81 -51.06 41.82
C LYS D 2013 -71.84 -49.59 41.43
N ASP D 2014 -70.69 -49.03 41.05
CA ASP D 2014 -70.57 -47.60 40.76
C ASP D 2014 -70.14 -47.40 39.32
N GLU D 2015 -70.98 -46.73 38.54
CA GLU D 2015 -70.65 -46.37 37.17
C GLU D 2015 -71.52 -45.20 36.74
N ALA D 2016 -71.11 -44.54 35.65
CA ALA D 2016 -71.84 -43.39 35.13
C ALA D 2016 -73.06 -43.88 34.34
N ASP D 2017 -74.05 -44.36 35.09
CA ASP D 2017 -75.31 -44.88 34.58
C ASP D 2017 -75.12 -46.08 33.65
N GLU D 2018 -73.92 -46.61 33.56
CA GLU D 2018 -73.61 -47.78 32.73
C GLU D 2018 -73.14 -48.93 33.62
N GLU D 2019 -73.80 -49.10 34.76
CA GLU D 2019 -73.36 -50.11 35.74
C GLU D 2019 -73.46 -51.52 35.17
N ASP D 2020 -74.64 -51.89 34.68
CA ASP D 2020 -74.92 -53.27 34.25
C ASP D 2020 -74.54 -54.26 35.35
N CYS D 2021 -74.86 -53.89 36.59
CA CYS D 2021 -74.42 -54.67 37.73
C CYS D 2021 -75.14 -56.01 37.78
N PRO D 2022 -74.46 -57.08 38.20
CA PRO D 2022 -75.14 -58.39 38.29
C PRO D 2022 -75.99 -58.51 39.55
N LEU D 2023 -75.53 -57.92 40.64
CA LEU D 2023 -76.24 -58.01 41.90
C LEU D 2023 -77.45 -57.08 41.91
N PRO D 2024 -78.44 -57.36 42.76
CA PRO D 2024 -79.65 -56.53 42.79
C PRO D 2024 -79.33 -55.09 43.15
N GLU D 2025 -80.09 -54.18 42.55
CA GLU D 2025 -79.91 -52.75 42.81
C GLU D 2025 -80.65 -52.34 44.07
N ASP D 2026 -80.43 -53.08 45.16
CA ASP D 2026 -80.98 -52.75 46.48
C ASP D 2026 -79.88 -52.48 47.49
N ILE D 2027 -78.87 -53.34 47.55
CA ILE D 2027 -77.72 -53.10 48.41
C ILE D 2027 -76.95 -51.88 47.92
N ARG D 2028 -76.88 -51.69 46.61
CA ARG D 2028 -76.19 -50.52 46.06
C ARG D 2028 -76.86 -49.23 46.49
N GLN D 2029 -78.19 -49.25 46.70
CA GLN D 2029 -78.88 -48.05 47.16
C GLN D 2029 -78.39 -47.62 48.53
N ASP D 2030 -78.33 -48.57 49.48
CA ASP D 2030 -77.87 -48.19 50.81
C ASP D 2030 -76.37 -47.91 50.81
N LEU D 2031 -75.60 -48.56 49.93
CA LEU D 2031 -74.19 -48.22 49.82
C LEU D 2031 -74.01 -46.77 49.36
N GLN D 2032 -74.77 -46.36 48.36
CA GLN D 2032 -74.71 -44.98 47.90
C GLN D 2032 -75.18 -44.02 48.98
N ASP D 2033 -76.22 -44.41 49.73
CA ASP D 2033 -76.68 -43.57 50.83
C ASP D 2033 -75.61 -43.39 51.88
N PHE D 2034 -74.91 -44.48 52.24
CA PHE D 2034 -73.83 -44.39 53.20
C PHE D 2034 -72.69 -43.53 52.67
N HIS D 2035 -72.36 -43.68 51.39
CA HIS D 2035 -71.28 -42.87 50.81
C HIS D 2035 -71.65 -41.39 50.83
N GLN D 2036 -72.89 -41.07 50.50
CA GLN D 2036 -73.35 -39.68 50.57
C GLN D 2036 -73.31 -39.16 52.00
N ASP D 2037 -73.70 -39.99 52.97
CA ASP D 2037 -73.65 -39.58 54.36
C ASP D 2037 -72.22 -39.30 54.80
N LEU D 2038 -71.28 -40.17 54.41
CA LEU D 2038 -69.89 -39.96 54.75
C LEU D 2038 -69.35 -38.68 54.12
N LEU D 2039 -69.68 -38.46 52.84
CA LEU D 2039 -69.23 -37.23 52.18
C LEU D 2039 -69.79 -36.00 52.86
N ALA D 2040 -71.07 -36.04 53.26
CA ALA D 2040 -71.67 -34.93 53.97
C ALA D 2040 -70.98 -34.71 55.32
N HIS D 2041 -70.61 -35.81 55.99
CA HIS D 2041 -69.85 -35.67 57.23
C HIS D 2041 -68.51 -34.99 56.98
N CYS D 2042 -67.89 -35.26 55.83
CA CYS D 2042 -66.71 -34.53 55.44
C CYS D 2042 -67.09 -33.10 55.07
N GLY D 2043 -66.07 -32.24 54.95
CA GLY D 2043 -66.31 -30.84 54.71
C GLY D 2043 -66.78 -30.52 53.30
N ILE D 2044 -67.88 -31.15 52.89
CA ILE D 2044 -68.49 -30.91 51.58
C ILE D 2044 -69.98 -30.69 51.80
N GLN D 2045 -70.53 -29.68 51.13
CA GLN D 2045 -71.96 -29.39 51.22
C GLN D 2045 -72.83 -30.48 50.64
N LEU D 2046 -72.26 -31.41 49.86
CA LEU D 2046 -72.98 -32.53 49.28
C LEU D 2046 -74.10 -32.06 48.35
N GLU D 2047 -73.95 -30.88 47.77
CA GLU D 2047 -74.92 -30.36 46.82
C GLU D 2047 -74.56 -30.77 45.39
N GLY D 2048 -74.40 -32.08 45.19
CA GLY D 2048 -74.01 -32.61 43.89
C GLY D 2048 -72.51 -32.76 43.75
N LYS D 2089 -74.73 -16.48 60.16
CA LYS D 2089 -73.31 -16.33 59.85
C LYS D 2089 -72.46 -17.01 60.91
N LYS D 2090 -73.11 -17.59 61.93
CA LYS D 2090 -72.40 -18.28 62.97
C LYS D 2090 -71.75 -19.55 62.41
N PRO D 2091 -70.61 -19.96 62.97
CA PRO D 2091 -69.94 -21.18 62.49
C PRO D 2091 -70.83 -22.41 62.60
N GLN D 2092 -71.32 -22.70 63.81
CA GLN D 2092 -72.25 -23.80 64.06
C GLN D 2092 -71.63 -25.15 63.69
N SER D 2093 -70.32 -25.18 63.47
CA SER D 2093 -69.64 -26.43 63.16
C SER D 2093 -68.15 -26.27 63.49
N LEU D 2094 -67.51 -27.39 63.77
CA LEU D 2094 -66.11 -27.36 64.20
C LEU D 2094 -65.20 -26.83 63.09
N GLN D 2095 -65.35 -27.38 61.89
CA GLN D 2095 -64.45 -27.00 60.80
C GLN D 2095 -64.63 -25.53 60.42
N GLU D 2096 -65.87 -25.07 60.34
CA GLU D 2096 -66.11 -23.66 60.06
C GLU D 2096 -65.53 -22.79 61.17
N LEU D 2097 -65.71 -23.21 62.42
CA LEU D 2097 -65.18 -22.46 63.55
C LEU D 2097 -63.67 -22.28 63.42
N VAL D 2098 -62.94 -23.38 63.22
CA VAL D 2098 -61.48 -23.28 63.20
C VAL D 2098 -61.01 -22.55 61.95
N SER D 2099 -61.67 -22.78 60.82
CA SER D 2099 -61.26 -22.10 59.59
C SER D 2099 -61.41 -20.58 59.73
N HIS D 2100 -62.52 -20.12 60.31
CA HIS D 2100 -62.66 -18.69 60.56
C HIS D 2100 -61.67 -18.21 61.60
N MET D 2101 -61.44 -19.02 62.64
CA MET D 2101 -60.64 -18.58 63.77
C MET D 2101 -59.18 -18.38 63.38
N VAL D 2102 -58.61 -19.31 62.63
CA VAL D 2102 -57.19 -19.21 62.30
C VAL D 2102 -56.93 -18.05 61.36
N VAL D 2103 -57.83 -17.83 60.39
CA VAL D 2103 -57.64 -16.70 59.49
C VAL D 2103 -57.86 -15.38 60.22
N ARG D 2104 -58.77 -15.36 61.21
CA ARG D 2104 -58.93 -14.16 62.02
C ARG D 2104 -57.65 -13.88 62.82
N TRP D 2105 -57.03 -14.94 63.36
CA TRP D 2105 -55.76 -14.77 64.06
C TRP D 2105 -54.69 -14.21 63.14
N ALA D 2106 -54.60 -14.75 61.92
CA ALA D 2106 -53.60 -14.27 60.98
C ALA D 2106 -53.86 -12.83 60.56
N GLN D 2107 -55.13 -12.43 60.48
CA GLN D 2107 -55.47 -11.05 60.13
C GLN D 2107 -55.06 -10.06 61.20
N GLU D 2108 -54.70 -10.52 62.40
CA GLU D 2108 -54.21 -9.65 63.46
C GLU D 2108 -52.76 -9.30 63.15
N ASP D 2109 -52.05 -8.76 64.15
CA ASP D 2109 -50.69 -8.30 63.95
C ASP D 2109 -49.79 -9.41 63.43
N TYR D 2110 -48.65 -8.99 62.87
CA TYR D 2110 -47.67 -9.93 62.34
C TYR D 2110 -47.24 -10.92 63.42
N VAL D 2111 -47.18 -12.19 63.05
CA VAL D 2111 -47.00 -13.28 64.00
C VAL D 2111 -45.56 -13.75 63.96
N GLN D 2112 -44.88 -13.68 65.11
CA GLN D 2112 -43.56 -14.25 65.28
C GLN D 2112 -43.71 -15.68 65.81
N SER D 2113 -42.61 -16.25 66.32
CA SER D 2113 -42.61 -17.60 66.88
C SER D 2113 -43.02 -18.60 65.82
N PRO D 2114 -42.14 -18.90 64.86
CA PRO D 2114 -42.56 -19.67 63.67
C PRO D 2114 -43.18 -21.02 63.98
N GLU D 2115 -42.86 -21.63 65.13
CA GLU D 2115 -43.50 -22.90 65.46
C GLU D 2115 -45.01 -22.76 65.57
N LEU D 2116 -45.45 -21.63 66.14
CA LEU D 2116 -46.89 -21.36 66.19
C LEU D 2116 -47.46 -21.22 64.79
N VAL D 2117 -46.73 -20.58 63.88
CA VAL D 2117 -47.20 -20.44 62.50
C VAL D 2117 -47.34 -21.82 61.87
N ARG D 2118 -46.36 -22.69 62.08
CA ARG D 2118 -46.43 -24.04 61.51
C ARG D 2118 -47.63 -24.79 62.07
N ALA D 2119 -47.85 -24.71 63.38
CA ALA D 2119 -48.99 -25.39 63.97
C ALA D 2119 -50.30 -24.87 63.39
N MET D 2120 -50.45 -23.55 63.30
CA MET D 2120 -51.68 -22.98 62.78
C MET D 2120 -51.94 -23.43 61.35
N PHE D 2121 -50.92 -23.35 60.50
CA PHE D 2121 -51.14 -23.65 59.09
C PHE D 2121 -51.38 -25.13 58.86
N SER D 2122 -50.65 -26.00 59.58
CA SER D 2122 -50.91 -27.42 59.45
C SER D 2122 -52.32 -27.77 59.91
N LEU D 2123 -52.75 -27.20 61.03
CA LEU D 2123 -54.08 -27.49 61.53
C LEU D 2123 -55.16 -26.98 60.58
N LEU D 2124 -54.94 -25.80 59.99
CA LEU D 2124 -55.90 -25.27 59.02
C LEU D 2124 -55.98 -26.17 57.79
N HIS D 2125 -54.83 -26.59 57.26
CA HIS D 2125 -54.82 -27.45 56.10
C HIS D 2125 -55.49 -28.79 56.39
N ARG D 2126 -55.40 -29.26 57.64
CA ARG D 2126 -56.09 -30.48 58.02
C ARG D 2126 -57.61 -30.36 57.94
N GLN D 2127 -58.13 -29.15 57.85
CA GLN D 2127 -59.56 -28.90 57.92
C GLN D 2127 -60.25 -28.86 56.57
N TYR D 2128 -59.54 -29.08 55.47
CA TYR D 2128 -60.14 -29.01 54.15
C TYR D 2128 -60.07 -30.33 53.40
N ASP D 2129 -58.91 -30.98 53.36
CA ASP D 2129 -58.76 -32.26 52.68
C ASP D 2129 -59.12 -33.40 53.63
N GLY D 2130 -60.34 -33.33 54.17
CA GLY D 2130 -60.78 -34.35 55.11
C GLY D 2130 -60.79 -35.73 54.48
N LEU D 2131 -61.35 -35.84 53.28
CA LEU D 2131 -61.27 -37.11 52.56
C LEU D 2131 -59.81 -37.47 52.26
N GLY D 2132 -58.98 -36.46 51.96
CA GLY D 2132 -57.58 -36.73 51.72
C GLY D 2132 -56.85 -37.24 52.95
N GLU D 2133 -57.10 -36.62 54.10
CA GLU D 2133 -56.45 -37.07 55.33
C GLU D 2133 -56.96 -38.45 55.73
N LEU D 2134 -58.24 -38.73 55.48
CA LEU D 2134 -58.75 -40.07 55.77
C LEU D 2134 -58.13 -41.09 54.84
N LEU D 2135 -57.92 -40.73 53.57
CA LEU D 2135 -57.21 -41.61 52.66
C LEU D 2135 -55.80 -41.89 53.16
N ARG D 2136 -55.12 -40.85 53.63
CA ARG D 2136 -53.77 -41.02 54.15
C ARG D 2136 -53.75 -41.93 55.36
N ALA D 2137 -54.76 -41.81 56.24
CA ALA D 2137 -54.82 -42.64 57.43
C ALA D 2137 -55.30 -44.06 57.15
N LEU D 2138 -55.98 -44.29 56.04
CA LEU D 2138 -56.56 -45.60 55.77
C LEU D 2138 -55.54 -46.75 55.73
N PRO D 2139 -54.39 -46.63 55.06
CA PRO D 2139 -53.49 -47.79 54.98
C PRO D 2139 -53.00 -48.28 56.33
N ARG D 2140 -53.00 -47.42 57.35
CA ARG D 2140 -52.62 -47.88 58.68
C ARG D 2140 -53.75 -48.59 59.40
N ALA D 2141 -54.98 -48.49 58.92
CA ALA D 2141 -56.11 -49.16 59.54
C ALA D 2141 -56.09 -50.65 59.23
N TYR D 2142 -56.67 -51.42 60.14
CA TYR D 2142 -56.71 -52.88 59.99
C TYR D 2142 -57.87 -53.41 60.82
N THR D 2143 -58.29 -54.62 60.49
CA THR D 2143 -59.39 -55.28 61.19
C THR D 2143 -58.97 -56.70 61.55
N ILE D 2144 -59.21 -57.09 62.80
CA ILE D 2144 -58.87 -58.42 63.28
C ILE D 2144 -60.09 -59.03 63.95
N SER D 2145 -60.23 -60.34 63.82
CA SER D 2145 -61.34 -61.04 64.44
C SER D 2145 -61.12 -61.11 65.96
N PRO D 2146 -62.22 -61.21 66.73
CA PRO D 2146 -62.07 -61.33 68.18
C PRO D 2146 -61.46 -62.65 68.61
N SER D 2147 -61.39 -62.89 69.92
CA SER D 2147 -60.85 -64.07 70.57
C SER D 2147 -59.32 -64.13 70.47
N SER D 2148 -58.69 -63.17 69.80
CA SER D 2148 -57.24 -63.07 69.76
C SER D 2148 -56.76 -61.71 70.24
N VAL D 2149 -57.60 -61.01 71.02
CA VAL D 2149 -57.30 -59.63 71.38
C VAL D 2149 -56.14 -59.55 72.37
N GLU D 2150 -56.11 -60.42 73.37
CA GLU D 2150 -55.09 -60.30 74.42
C GLU D 2150 -53.69 -60.53 73.86
N ASP D 2151 -53.54 -61.42 72.89
CA ASP D 2151 -52.26 -61.60 72.25
C ASP D 2151 -51.82 -60.31 71.55
N THR D 2152 -52.78 -59.62 70.91
CA THR D 2152 -52.46 -58.35 70.29
C THR D 2152 -52.08 -57.30 71.33
N MET D 2153 -52.73 -57.31 72.48
CA MET D 2153 -52.35 -56.39 73.54
C MET D 2153 -50.93 -56.65 74.01
N SER D 2154 -50.57 -57.92 74.19
CA SER D 2154 -49.20 -58.25 74.60
C SER D 2154 -48.20 -57.80 73.54
N LEU D 2155 -48.50 -58.06 72.27
CA LEU D 2155 -47.60 -57.65 71.19
C LEU D 2155 -47.45 -56.14 71.15
N LEU D 2156 -48.56 -55.41 71.31
CA LEU D 2156 -48.50 -53.95 71.30
C LEU D 2156 -47.72 -53.42 72.47
N GLU D 2157 -47.87 -54.04 73.65
CA GLU D 2157 -47.10 -53.60 74.82
C GLU D 2157 -45.61 -53.80 74.59
N CYS D 2158 -45.23 -54.96 74.03
CA CYS D 2158 -43.82 -55.20 73.75
C CYS D 2158 -43.30 -54.21 72.70
N LEU D 2159 -44.09 -53.93 71.68
CA LEU D 2159 -43.69 -52.97 70.66
C LEU D 2159 -43.51 -51.59 71.26
N GLY D 2160 -44.40 -51.20 72.17
CA GLY D 2160 -44.26 -49.92 72.83
C GLY D 2160 -43.02 -49.86 73.71
N GLN D 2161 -42.70 -50.97 74.37
CA GLN D 2161 -41.47 -51.03 75.16
C GLN D 2161 -40.25 -50.82 74.27
N ILE D 2162 -40.22 -51.49 73.12
CA ILE D 2162 -39.10 -51.33 72.20
C ILE D 2162 -39.03 -49.90 71.69
N ARG D 2163 -40.19 -49.32 71.34
CA ARG D 2163 -40.22 -47.96 70.81
C ARG D 2163 -39.71 -46.97 71.85
N SER D 2164 -40.14 -47.12 73.11
CA SER D 2164 -39.64 -46.26 74.17
C SER D 2164 -38.15 -46.47 74.39
N LEU D 2165 -37.66 -47.70 74.17
CA LEU D 2165 -36.25 -47.99 74.38
C LEU D 2165 -35.36 -47.58 73.21
N LEU D 2166 -35.95 -47.24 72.05
CA LEU D 2166 -35.10 -46.81 70.94
C LEU D 2166 -34.64 -45.37 71.08
N ILE D 2167 -35.22 -44.60 72.01
CA ILE D 2167 -34.85 -43.19 72.16
C ILE D 2167 -33.73 -42.96 73.15
N VAL D 2168 -33.39 -43.94 73.97
CA VAL D 2168 -32.40 -43.79 75.00
C VAL D 2168 -31.07 -44.32 74.49
N GLN D 2169 -29.99 -43.87 75.11
CA GLN D 2169 -28.65 -44.37 74.82
C GLN D 2169 -28.59 -45.83 75.24
N MET D 2170 -27.98 -46.68 74.41
CA MET D 2170 -28.04 -48.12 74.72
C MET D 2170 -27.32 -48.41 76.04
N GLY D 2171 -27.93 -49.29 76.84
CA GLY D 2171 -27.36 -49.70 78.10
C GLY D 2171 -27.53 -51.19 78.34
N PRO D 2172 -26.73 -51.75 79.28
CA PRO D 2172 -26.81 -53.20 79.53
C PRO D 2172 -28.20 -53.70 79.89
N GLN D 2173 -28.96 -52.94 80.68
CA GLN D 2173 -30.32 -53.35 80.99
C GLN D 2173 -31.20 -53.30 79.74
N GLU D 2174 -30.99 -52.29 78.90
CA GLU D 2174 -31.86 -52.07 77.76
C GLU D 2174 -31.74 -53.18 76.73
N GLU D 2175 -30.53 -53.66 76.47
CA GLU D 2175 -30.36 -54.73 75.49
C GLU D 2175 -31.03 -56.02 75.97
N ASN D 2176 -30.90 -56.33 77.26
CA ASN D 2176 -31.59 -57.50 77.80
C ASN D 2176 -33.10 -57.33 77.70
N LEU D 2177 -33.60 -56.15 78.02
CA LEU D 2177 -35.04 -55.93 77.96
C LEU D 2177 -35.57 -56.07 76.53
N MET D 2178 -34.87 -55.49 75.55
CA MET D 2178 -35.35 -55.58 74.18
C MET D 2178 -35.22 -57.00 73.64
N ILE D 2179 -34.18 -57.73 74.04
CA ILE D 2179 -34.06 -59.13 73.62
C ILE D 2179 -35.21 -59.95 74.20
N GLN D 2180 -35.54 -59.69 75.47
CA GLN D 2180 -36.68 -60.38 76.08
C GLN D 2180 -37.97 -60.06 75.35
N SER D 2181 -38.16 -58.79 74.96
CA SER D 2181 -39.35 -58.41 74.23
C SER D 2181 -39.42 -59.12 72.88
N ILE D 2182 -38.29 -59.19 72.18
CA ILE D 2182 -38.26 -59.88 70.89
C ILE D 2182 -38.60 -61.36 71.06
N GLY D 2183 -38.01 -61.98 72.08
CA GLY D 2183 -38.34 -63.38 72.35
C GLY D 2183 -39.81 -63.57 72.66
N ASN D 2184 -40.39 -62.65 73.41
CA ASN D 2184 -41.82 -62.75 73.74
C ASN D 2184 -42.68 -62.61 72.49
N ILE D 2185 -42.34 -61.67 71.60
CA ILE D 2185 -43.17 -61.50 70.42
C ILE D 2185 -42.97 -62.64 69.42
N MET D 2186 -41.82 -63.31 69.48
CA MET D 2186 -41.58 -64.42 68.55
C MET D 2186 -42.57 -65.56 68.75
N ASN D 2187 -42.99 -65.82 69.97
CA ASN D 2187 -43.82 -66.99 70.30
C ASN D 2187 -45.25 -66.60 70.62
N ASN D 2188 -45.79 -65.62 69.90
CA ASN D 2188 -47.16 -65.19 70.13
C ASN D 2188 -48.17 -65.91 69.25
N LYS D 2189 -47.73 -66.52 68.15
CA LYS D 2189 -48.56 -67.24 67.19
C LYS D 2189 -49.55 -66.33 66.46
N VAL D 2190 -49.46 -65.01 66.65
CA VAL D 2190 -50.22 -64.07 65.85
C VAL D 2190 -49.32 -63.20 64.98
N PHE D 2191 -48.03 -63.14 65.28
CA PHE D 2191 -47.09 -62.46 64.39
C PHE D 2191 -47.03 -63.15 63.03
N TYR D 2192 -47.34 -64.44 62.99
CA TYR D 2192 -47.35 -65.19 61.73
C TYR D 2192 -48.69 -65.13 61.03
N GLN D 2193 -49.79 -64.98 61.78
CA GLN D 2193 -51.12 -65.05 61.17
C GLN D 2193 -51.36 -63.91 60.19
N HIS D 2194 -50.96 -62.69 60.55
CA HIS D 2194 -51.24 -61.51 59.73
C HIS D 2194 -49.95 -60.73 59.49
N PRO D 2195 -49.07 -61.23 58.62
CA PRO D 2195 -47.85 -60.49 58.30
C PRO D 2195 -48.13 -59.14 57.66
N ASN D 2196 -49.24 -59.00 56.94
CA ASN D 2196 -49.58 -57.71 56.35
C ASN D 2196 -49.80 -56.65 57.43
N LEU D 2197 -50.49 -57.02 58.51
CA LEU D 2197 -50.69 -56.09 59.62
C LEU D 2197 -49.37 -55.72 60.26
N MET D 2198 -48.47 -56.70 60.42
CA MET D 2198 -47.15 -56.41 60.95
C MET D 2198 -46.40 -55.42 60.06
N ARG D 2199 -46.52 -55.60 58.74
CA ARG D 2199 -45.89 -54.68 57.80
C ARG D 2199 -46.48 -53.28 57.94
N ALA D 2200 -47.80 -53.19 58.10
CA ALA D 2200 -48.44 -51.90 58.28
C ALA D 2200 -47.95 -51.22 59.55
N LEU D 2201 -47.80 -51.98 60.64
CA LEU D 2201 -47.22 -51.41 61.84
C LEU D 2201 -45.76 -51.00 61.61
N GLY D 2202 -45.05 -51.76 60.80
CA GLY D 2202 -43.68 -51.42 60.44
C GLY D 2202 -42.68 -51.47 61.57
N MET D 2203 -42.73 -52.51 62.40
CA MET D 2203 -41.74 -52.65 63.45
C MET D 2203 -40.37 -53.05 62.90
N HIS D 2204 -40.32 -53.65 61.71
CA HIS D 2204 -39.04 -54.02 61.13
C HIS D 2204 -38.16 -52.79 60.91
N GLU D 2205 -38.79 -51.68 60.53
CA GLU D 2205 -38.03 -50.44 60.40
C GLU D 2205 -37.41 -50.03 61.73
N THR D 2206 -38.17 -50.15 62.81
CA THR D 2206 -37.64 -49.78 64.12
C THR D 2206 -36.48 -50.69 64.52
N VAL D 2207 -36.62 -52.00 64.29
CA VAL D 2207 -35.55 -52.92 64.64
C VAL D 2207 -34.30 -52.61 63.82
N MET D 2208 -34.47 -52.36 62.53
CA MET D 2208 -33.34 -52.05 61.68
C MET D 2208 -32.68 -50.73 62.09
N GLU D 2209 -33.49 -49.76 62.52
CA GLU D 2209 -32.95 -48.47 62.95
C GLU D 2209 -32.15 -48.62 64.24
N VAL D 2210 -32.68 -49.37 65.21
CA VAL D 2210 -31.92 -49.55 66.44
C VAL D 2210 -30.65 -50.35 66.16
N MET D 2211 -30.69 -51.27 65.20
CA MET D 2211 -29.49 -52.04 64.86
C MET D 2211 -28.42 -51.15 64.24
N VAL D 2212 -28.80 -50.29 63.29
CA VAL D 2212 -27.80 -49.40 62.71
C VAL D 2212 -27.30 -48.42 63.75
N ASN D 2213 -28.16 -48.02 64.69
CA ASN D 2213 -27.70 -47.17 65.78
C ASN D 2213 -26.67 -47.87 66.65
N VAL D 2214 -26.92 -49.13 67.02
CA VAL D 2214 -26.00 -49.78 67.96
C VAL D 2214 -24.68 -50.09 67.30
N LEU D 2215 -24.68 -50.57 66.04
CA LEU D 2215 -23.39 -50.89 65.43
C LEU D 2215 -22.74 -49.70 64.73
N GLY D 2216 -23.41 -48.57 64.63
CA GLY D 2216 -22.87 -47.44 63.92
C GLY D 2216 -21.75 -46.75 64.68
N GLY D 2217 -21.08 -45.83 63.97
CA GLY D 2217 -20.04 -45.02 64.57
C GLY D 2217 -18.65 -45.61 64.44
N GLY D 2218 -18.38 -46.70 65.17
CA GLY D 2218 -17.06 -47.31 65.14
C GLY D 2218 -16.86 -48.23 63.96
N GLU D 2219 -16.10 -47.77 62.97
CA GLU D 2219 -15.85 -48.58 61.78
C GLU D 2219 -15.03 -49.81 62.11
N THR D 2220 -13.99 -49.66 62.93
CA THR D 2220 -13.11 -50.77 63.27
C THR D 2220 -12.76 -50.86 64.75
N LYS D 2221 -13.03 -49.85 65.56
CA LYS D 2221 -12.67 -49.86 66.96
C LYS D 2221 -13.88 -50.08 67.88
N GLU D 2222 -14.95 -49.32 67.68
CA GLU D 2222 -16.13 -49.41 68.52
C GLU D 2222 -17.09 -50.44 67.92
N ILE D 2223 -16.96 -51.69 68.37
CA ILE D 2223 -17.85 -52.75 67.95
C ILE D 2223 -18.51 -53.31 69.19
N ARG D 2224 -18.71 -52.45 70.19
CA ARG D 2224 -19.24 -52.90 71.47
C ARG D 2224 -20.70 -53.35 71.33
N PHE D 2225 -21.26 -53.81 72.44
CA PHE D 2225 -22.62 -54.31 72.51
C PHE D 2225 -22.94 -55.38 71.46
N PRO D 2226 -22.23 -56.50 71.48
CA PRO D 2226 -22.64 -57.64 70.64
C PRO D 2226 -23.71 -58.46 71.34
N LYS D 2227 -24.03 -59.63 70.79
CA LYS D 2227 -24.94 -60.59 71.42
C LYS D 2227 -26.38 -60.09 71.36
N MET D 2228 -26.57 -58.84 70.91
CA MET D 2228 -27.90 -58.30 70.66
C MET D 2228 -28.16 -57.99 69.21
N VAL D 2229 -27.13 -57.57 68.46
CA VAL D 2229 -27.26 -57.42 67.02
C VAL D 2229 -27.54 -58.77 66.38
N THR D 2230 -26.98 -59.84 66.94
CA THR D 2230 -27.26 -61.18 66.42
C THR D 2230 -28.73 -61.53 66.58
N SER D 2231 -29.31 -61.21 67.74
CA SER D 2231 -30.74 -61.46 67.94
C SER D 2231 -31.57 -60.64 66.97
N CYS D 2232 -31.19 -59.38 66.75
CA CYS D 2232 -31.91 -58.54 65.79
C CYS D 2232 -31.86 -59.14 64.39
N CYS D 2233 -30.68 -59.58 63.96
CA CYS D 2233 -30.55 -60.14 62.62
C CYS D 2233 -31.32 -61.45 62.49
N ARG D 2234 -31.30 -62.28 63.54
CA ARG D 2234 -32.09 -63.51 63.51
C ARG D 2234 -33.57 -63.20 63.40
N PHE D 2235 -34.04 -62.20 64.14
CA PHE D 2235 -35.44 -61.81 64.04
C PHE D 2235 -35.77 -61.30 62.64
N LEU D 2236 -34.87 -60.51 62.06
CA LEU D 2236 -35.10 -60.00 60.71
C LEU D 2236 -35.18 -61.12 59.69
N CYS D 2237 -34.28 -62.11 59.80
CA CYS D 2237 -34.31 -63.25 58.90
C CYS D 2237 -35.62 -64.01 59.05
N TYR D 2238 -36.01 -64.30 60.29
CA TYR D 2238 -37.24 -65.05 60.51
C TYR D 2238 -38.46 -64.27 60.02
N PHE D 2239 -38.43 -62.94 60.12
CA PHE D 2239 -39.54 -62.13 59.64
C PHE D 2239 -39.61 -62.17 58.12
N CYS D 2240 -38.46 -62.03 57.45
CA CYS D 2240 -38.46 -62.00 55.99
C CYS D 2240 -38.80 -63.37 55.42
N ARG D 2241 -38.48 -64.45 56.13
CA ARG D 2241 -38.75 -65.78 55.59
C ARG D 2241 -40.25 -66.04 55.48
N ILE D 2242 -40.99 -65.82 56.57
CA ILE D 2242 -42.41 -66.18 56.60
C ILE D 2242 -43.19 -64.95 56.14
N SER D 2243 -43.32 -64.81 54.83
CA SER D 2243 -44.09 -63.75 54.21
C SER D 2243 -44.05 -63.95 52.70
N ARG D 2244 -44.87 -63.18 52.01
CA ARG D 2244 -44.85 -63.10 50.56
C ARG D 2244 -44.47 -61.73 50.03
N GLN D 2245 -44.74 -60.67 50.79
CA GLN D 2245 -44.41 -59.31 50.39
C GLN D 2245 -43.31 -58.68 51.22
N ASN D 2246 -43.18 -59.06 52.49
CA ASN D 2246 -42.21 -58.43 53.37
C ASN D 2246 -40.78 -58.64 52.87
N GLN D 2247 -40.54 -59.70 52.11
CA GLN D 2247 -39.22 -59.90 51.52
C GLN D 2247 -38.88 -58.73 50.61
N ARG D 2248 -39.84 -58.25 49.82
CA ARG D 2248 -39.59 -57.08 49.00
C ARG D 2248 -39.34 -55.84 49.85
N SER D 2249 -40.07 -55.71 50.96
CA SER D 2249 -39.88 -54.56 51.83
C SER D 2249 -38.47 -54.51 52.39
N MET D 2250 -37.96 -55.66 52.84
CA MET D 2250 -36.58 -55.67 53.34
C MET D 2250 -35.59 -55.60 52.19
N PHE D 2251 -35.97 -56.07 51.00
CA PHE D 2251 -35.11 -55.96 49.83
C PHE D 2251 -34.85 -54.50 49.49
N ASP D 2252 -35.88 -53.66 49.62
CA ASP D 2252 -35.76 -52.27 49.21
C ASP D 2252 -34.65 -51.52 49.95
N HIS D 2253 -34.27 -51.99 51.15
CA HIS D 2253 -33.23 -51.34 51.93
C HIS D 2253 -31.88 -52.04 51.84
N LEU D 2254 -31.73 -53.00 50.92
CA LEU D 2254 -30.56 -53.88 50.96
C LEU D 2254 -29.28 -53.13 50.66
N SER D 2255 -29.34 -52.09 49.82
CA SER D 2255 -28.12 -51.34 49.49
C SER D 2255 -27.50 -50.72 50.74
N TYR D 2256 -28.32 -49.98 51.50
CA TYR D 2256 -27.81 -49.35 52.70
C TYR D 2256 -27.59 -50.38 53.81
N LEU D 2257 -28.31 -51.50 53.76
CA LEU D 2257 -28.03 -52.60 54.68
C LEU D 2257 -26.63 -53.14 54.46
N LEU D 2258 -26.25 -53.34 53.21
CA LEU D 2258 -24.89 -53.79 52.91
C LEU D 2258 -23.87 -52.70 53.19
N GLU D 2259 -24.28 -51.43 53.04
CA GLU D 2259 -23.39 -50.33 53.42
C GLU D 2259 -23.04 -50.43 54.90
N ASN D 2260 -24.04 -50.68 55.75
CA ASN D 2260 -23.77 -50.89 57.17
C ASN D 2260 -22.96 -52.17 57.39
N SER D 2261 -23.29 -53.24 56.66
CA SER D 2261 -22.60 -54.51 56.83
C SER D 2261 -21.12 -54.39 56.52
N GLY D 2262 -20.75 -53.51 55.60
CA GLY D 2262 -19.35 -53.32 55.28
C GLY D 2262 -18.55 -52.78 56.45
N ILE D 2263 -19.21 -52.11 57.39
CA ILE D 2263 -18.56 -51.62 58.60
C ILE D 2263 -18.61 -52.69 59.67
N GLY D 2264 -19.08 -53.87 59.31
CA GLY D 2264 -19.17 -54.97 60.24
C GLY D 2264 -18.19 -56.09 59.94
N LEU D 2265 -18.70 -57.19 59.36
CA LEU D 2265 -17.94 -58.38 58.99
C LEU D 2265 -16.94 -58.79 60.08
N GLY D 2266 -17.31 -58.58 61.34
CA GLY D 2266 -16.41 -58.84 62.45
C GLY D 2266 -16.22 -60.30 62.79
N MET D 2267 -17.28 -60.95 63.25
CA MET D 2267 -17.20 -62.33 63.74
C MET D 2267 -18.47 -63.08 63.36
N GLN D 2268 -18.56 -64.31 63.87
CA GLN D 2268 -19.66 -65.21 63.53
C GLN D 2268 -20.99 -64.75 64.12
N GLY D 2269 -22.09 -65.24 63.54
CA GLY D 2269 -23.40 -65.06 64.13
C GLY D 2269 -24.24 -63.98 63.47
N SER D 2270 -25.11 -64.38 62.54
CA SER D 2270 -26.11 -63.52 61.94
C SER D 2270 -25.61 -62.12 61.60
N THR D 2271 -24.60 -62.04 60.74
CA THR D 2271 -24.14 -60.74 60.28
C THR D 2271 -25.22 -60.11 59.40
N PRO D 2272 -25.20 -58.78 59.26
CA PRO D 2272 -26.23 -58.13 58.43
C PRO D 2272 -26.26 -58.62 57.00
N LEU D 2273 -25.11 -59.03 56.44
CA LEU D 2273 -25.12 -59.59 55.10
C LEU D 2273 -25.93 -60.88 55.03
N ASP D 2274 -26.01 -61.61 56.13
CA ASP D 2274 -26.83 -62.82 56.16
C ASP D 2274 -28.30 -62.49 55.92
N VAL D 2275 -28.81 -61.46 56.59
CA VAL D 2275 -30.20 -61.08 56.35
C VAL D 2275 -30.35 -60.38 55.02
N ALA D 2276 -29.29 -59.74 54.52
CA ALA D 2276 -29.35 -59.17 53.18
C ALA D 2276 -29.55 -60.25 52.13
N ALA D 2277 -28.80 -61.35 52.25
CA ALA D 2277 -28.95 -62.46 51.33
C ALA D 2277 -30.26 -63.20 51.57
N ALA D 2278 -30.72 -63.29 52.82
CA ALA D 2278 -31.94 -64.01 53.12
C ALA D 2278 -33.16 -63.40 52.46
N SER D 2279 -33.08 -62.14 52.05
CA SER D 2279 -34.18 -61.50 51.34
C SER D 2279 -34.26 -61.89 49.87
N VAL D 2280 -33.21 -62.54 49.34
CA VAL D 2280 -33.12 -62.80 47.91
C VAL D 2280 -33.49 -64.24 47.57
N ILE D 2281 -33.83 -65.07 48.56
CA ILE D 2281 -34.23 -66.44 48.28
C ILE D 2281 -35.47 -66.48 47.41
N ASP D 2282 -36.40 -65.55 47.63
CA ASP D 2282 -37.57 -65.42 46.77
C ASP D 2282 -37.15 -64.79 45.45
N ASN D 2283 -36.39 -65.52 44.64
CA ASN D 2283 -35.77 -64.97 43.46
C ASN D 2283 -36.79 -64.85 42.33
N ASN D 2284 -36.30 -64.61 41.12
CA ASN D 2284 -37.05 -64.52 39.86
C ASN D 2284 -38.13 -63.45 39.90
N GLU D 2285 -38.16 -62.63 40.94
CA GLU D 2285 -39.05 -61.48 40.99
C GLU D 2285 -38.24 -60.27 41.40
N LEU D 2286 -37.19 -60.51 42.19
CA LEU D 2286 -36.29 -59.47 42.66
C LEU D 2286 -34.86 -59.69 42.21
N ALA D 2287 -34.37 -60.93 42.26
CA ALA D 2287 -33.01 -61.21 41.82
C ALA D 2287 -32.81 -60.81 40.38
N LEU D 2288 -33.83 -61.02 39.55
CA LEU D 2288 -33.75 -60.58 38.16
C LEU D 2288 -33.62 -59.06 38.08
N ALA D 2289 -34.40 -58.33 38.88
CA ALA D 2289 -34.36 -56.88 38.88
C ALA D 2289 -33.37 -56.32 39.89
N LEU D 2290 -32.64 -57.17 40.60
CA LEU D 2290 -31.66 -56.70 41.55
C LEU D 2290 -30.56 -55.93 40.84
N GLN D 2291 -30.22 -54.75 41.37
CA GLN D 2291 -29.30 -53.87 40.69
C GLN D 2291 -27.87 -54.39 40.79
N GLU D 2292 -27.07 -54.02 39.79
CA GLU D 2292 -25.67 -54.42 39.75
C GLU D 2292 -24.79 -53.61 40.71
N GLN D 2293 -25.31 -52.49 41.24
CA GLN D 2293 -24.50 -51.67 42.13
C GLN D 2293 -24.10 -52.43 43.38
N ASP D 2294 -25.03 -53.18 43.96
CA ASP D 2294 -24.71 -54.01 45.12
C ASP D 2294 -23.67 -55.05 44.76
N LEU D 2295 -23.78 -55.66 43.58
CA LEU D 2295 -22.83 -56.68 43.16
C LEU D 2295 -21.42 -56.11 43.02
N GLU D 2296 -21.29 -54.97 42.33
CA GLU D 2296 -19.96 -54.39 42.17
C GLU D 2296 -19.41 -53.92 43.52
N LYS D 2297 -20.26 -53.39 44.39
CA LYS D 2297 -19.80 -52.98 45.71
C LYS D 2297 -19.29 -54.18 46.52
N VAL D 2298 -20.02 -55.30 46.48
CA VAL D 2298 -19.62 -56.45 47.29
C VAL D 2298 -18.37 -57.09 46.72
N VAL D 2299 -18.19 -57.11 45.40
CA VAL D 2299 -16.95 -57.68 44.89
C VAL D 2299 -15.79 -56.74 45.17
N SER D 2300 -16.03 -55.42 45.19
CA SER D 2300 -14.99 -54.50 45.60
C SER D 2300 -14.59 -54.74 47.05
N TYR D 2301 -15.58 -55.03 47.91
CA TYR D 2301 -15.27 -55.40 49.28
C TYR D 2301 -14.45 -56.68 49.34
N LEU D 2302 -14.83 -57.67 48.52
CA LEU D 2302 -14.07 -58.92 48.46
C LEU D 2302 -12.64 -58.67 47.99
N ALA D 2303 -12.43 -57.65 47.17
CA ALA D 2303 -11.09 -57.33 46.69
C ALA D 2303 -10.14 -56.98 47.83
N GLY D 2304 -10.67 -56.56 48.98
CA GLY D 2304 -9.83 -56.30 50.14
C GLY D 2304 -9.36 -57.53 50.88
N CYS D 2305 -9.86 -58.71 50.52
CA CYS D 2305 -9.42 -59.94 51.17
C CYS D 2305 -7.97 -60.27 50.88
N GLY D 2306 -7.38 -59.66 49.85
CA GLY D 2306 -5.99 -59.89 49.53
C GLY D 2306 -4.99 -59.17 50.41
N LEU D 2307 -5.48 -58.31 51.32
CA LEU D 2307 -4.62 -57.60 52.26
C LEU D 2307 -5.00 -57.83 53.71
N GLN D 2308 -6.29 -57.91 54.02
CA GLN D 2308 -6.71 -58.17 55.39
C GLN D 2308 -6.39 -59.61 55.76
N SER D 2309 -5.77 -59.80 56.92
CA SER D 2309 -5.27 -61.10 57.35
C SER D 2309 -6.00 -61.62 58.58
N CYS D 2310 -7.26 -61.21 58.77
CA CYS D 2310 -8.05 -61.56 59.94
C CYS D 2310 -7.32 -61.13 61.20
N PRO D 2311 -7.24 -59.82 61.47
CA PRO D 2311 -6.45 -59.36 62.63
C PRO D 2311 -6.95 -59.89 63.97
N MET D 2312 -8.22 -60.28 64.06
CA MET D 2312 -8.74 -60.81 65.32
C MET D 2312 -8.01 -62.08 65.72
N LEU D 2313 -7.83 -63.00 64.77
CA LEU D 2313 -7.09 -64.23 65.02
C LEU D 2313 -5.62 -64.10 64.68
N LEU D 2314 -5.19 -62.95 64.15
CA LEU D 2314 -3.77 -62.73 63.88
C LEU D 2314 -2.97 -62.73 65.19
N ALA D 2315 -3.49 -62.07 66.22
CA ALA D 2315 -2.81 -61.97 67.50
C ALA D 2315 -3.07 -63.17 68.41
N LYS D 2316 -3.91 -64.11 67.99
CA LYS D 2316 -4.21 -65.29 68.79
C LYS D 2316 -3.05 -66.27 68.84
N GLY D 2317 -2.02 -66.08 68.02
CA GLY D 2317 -0.93 -67.03 67.94
C GLY D 2317 -1.02 -67.91 66.72
N TYR D 2318 -1.33 -67.30 65.58
CA TYR D 2318 -1.55 -67.99 64.32
C TYR D 2318 -0.55 -67.50 63.28
N PRO D 2319 -0.30 -68.29 62.23
CA PRO D 2319 0.65 -67.87 61.20
C PRO D 2319 0.28 -66.55 60.53
N ASP D 2320 -1.02 -66.24 60.44
CA ASP D 2320 -1.50 -64.95 59.95
C ASP D 2320 -1.07 -64.71 58.49
N ILE D 2321 -1.56 -65.58 57.60
CA ILE D 2321 -1.30 -65.41 56.18
C ILE D 2321 -2.02 -64.16 55.70
N GLY D 2322 -1.52 -63.57 54.60
CA GLY D 2322 -2.00 -62.27 54.15
C GLY D 2322 -3.49 -62.26 53.85
N TRP D 2323 -4.00 -63.33 53.23
CA TRP D 2323 -5.42 -63.42 52.91
C TRP D 2323 -6.19 -64.04 54.08
N ASN D 2324 -7.50 -63.89 54.04
CA ASN D 2324 -8.38 -64.36 55.11
C ASN D 2324 -9.32 -65.43 54.56
N PRO D 2325 -9.08 -66.71 54.84
CA PRO D 2325 -10.04 -67.74 54.40
C PRO D 2325 -11.41 -67.57 55.01
N CYS D 2326 -11.48 -67.12 56.27
CA CYS D 2326 -12.79 -66.90 56.90
C CYS D 2326 -13.55 -65.76 56.22
N GLY D 2327 -12.84 -64.66 55.92
CA GLY D 2327 -13.50 -63.55 55.23
C GLY D 2327 -14.00 -63.93 53.86
N GLY D 2328 -13.22 -64.74 53.14
CA GLY D 2328 -13.69 -65.24 51.86
C GLY D 2328 -14.87 -66.18 52.00
N GLU D 2329 -14.86 -67.02 53.04
CA GLU D 2329 -15.99 -67.93 53.26
C GLU D 2329 -17.27 -67.17 53.56
N ARG D 2330 -17.18 -66.12 54.38
CA ARG D 2330 -18.36 -65.29 54.64
C ARG D 2330 -18.86 -64.64 53.37
N TYR D 2331 -17.94 -64.12 52.55
CA TYR D 2331 -18.29 -63.66 51.23
C TYR D 2331 -18.55 -64.86 50.31
N LEU D 2332 -18.94 -64.57 49.07
CA LEU D 2332 -19.14 -65.55 48.01
C LEU D 2332 -20.30 -66.49 48.29
N ASP D 2333 -20.93 -66.41 49.46
CA ASP D 2333 -22.12 -67.21 49.72
C ASP D 2333 -23.39 -66.44 49.37
N PHE D 2334 -23.39 -65.12 49.64
CA PHE D 2334 -24.46 -64.27 49.13
C PHE D 2334 -24.44 -64.25 47.60
N LEU D 2335 -23.25 -64.22 47.01
CA LEU D 2335 -23.14 -64.21 45.55
C LEU D 2335 -23.76 -65.46 44.95
N ARG D 2336 -23.46 -66.62 45.52
CA ARG D 2336 -24.09 -67.85 45.05
C ARG D 2336 -25.58 -67.83 45.34
N PHE D 2337 -25.97 -67.35 46.51
CA PHE D 2337 -27.39 -67.31 46.88
C PHE D 2337 -28.20 -66.41 45.97
N ALA D 2338 -27.53 -65.53 45.21
CA ALA D 2338 -28.24 -64.74 44.22
C ALA D 2338 -28.89 -65.61 43.15
N VAL D 2339 -28.28 -66.75 42.82
CA VAL D 2339 -28.80 -67.63 41.78
C VAL D 2339 -28.89 -69.07 42.28
N PHE D 2340 -28.83 -69.25 43.60
CA PHE D 2340 -28.71 -70.60 44.17
C PHE D 2340 -30.05 -71.31 44.25
N VAL D 2341 -30.99 -70.74 45.02
CA VAL D 2341 -32.24 -71.44 45.32
C VAL D 2341 -33.02 -71.73 44.06
N ASN D 2342 -33.12 -70.76 43.16
CA ASN D 2342 -33.80 -71.00 41.89
C ASN D 2342 -32.95 -71.91 41.02
N GLY D 2343 -33.58 -72.97 40.49
CA GLY D 2343 -32.88 -73.81 39.53
C GLY D 2343 -32.69 -73.08 38.21
N GLU D 2344 -31.74 -73.59 37.42
CA GLU D 2344 -31.39 -73.00 36.13
C GLU D 2344 -30.96 -71.55 36.31
N SER D 2345 -29.82 -71.39 36.99
CA SER D 2345 -29.33 -70.09 37.39
C SER D 2345 -29.23 -69.14 36.20
N VAL D 2346 -29.61 -67.88 36.43
CA VAL D 2346 -29.63 -66.89 35.36
C VAL D 2346 -28.21 -66.61 34.88
N GLU D 2347 -28.13 -65.96 33.72
CA GLU D 2347 -26.85 -65.67 33.08
C GLU D 2347 -26.43 -64.21 33.18
N GLU D 2348 -27.37 -63.28 33.09
CA GLU D 2348 -27.02 -61.85 33.13
C GLU D 2348 -26.33 -61.50 34.44
N ASN D 2349 -26.91 -61.94 35.57
CA ASN D 2349 -26.21 -61.81 36.84
C ASN D 2349 -24.90 -62.59 36.82
N ALA D 2350 -24.92 -63.80 36.25
CA ALA D 2350 -23.68 -64.56 36.11
C ALA D 2350 -22.70 -63.82 35.23
N ASN D 2351 -23.18 -63.22 34.14
CA ASN D 2351 -22.30 -62.50 33.23
C ASN D 2351 -21.60 -61.35 33.95
N VAL D 2352 -22.37 -60.51 34.65
CA VAL D 2352 -21.75 -59.36 35.30
C VAL D 2352 -20.85 -59.81 36.45
N VAL D 2353 -21.24 -60.84 37.19
CA VAL D 2353 -20.41 -61.25 38.32
C VAL D 2353 -19.09 -61.83 37.83
N VAL D 2354 -19.11 -62.63 36.76
CA VAL D 2354 -17.86 -63.18 36.25
C VAL D 2354 -17.06 -62.13 35.48
N ARG D 2355 -17.69 -61.03 35.07
CA ARG D 2355 -16.92 -59.94 34.48
C ARG D 2355 -16.17 -59.17 35.56
N LEU D 2356 -16.89 -58.64 36.56
CA LEU D 2356 -16.23 -57.88 37.61
C LEU D 2356 -15.32 -58.75 38.48
N LEU D 2357 -15.59 -60.05 38.59
CA LEU D 2357 -14.72 -60.93 39.36
C LEU D 2357 -13.40 -61.17 38.65
N ILE D 2358 -13.34 -60.94 37.33
CA ILE D 2358 -12.09 -61.05 36.59
C ILE D 2358 -11.49 -59.69 36.27
N ARG D 2359 -12.22 -58.59 36.50
CA ARG D 2359 -11.66 -57.27 36.26
C ARG D 2359 -10.45 -57.02 37.17
N LYS D 2360 -10.54 -57.42 38.43
CA LYS D 2360 -9.42 -57.31 39.36
C LYS D 2360 -8.85 -58.69 39.65
N PRO D 2361 -7.60 -58.96 39.25
CA PRO D 2361 -7.00 -60.25 39.60
C PRO D 2361 -6.78 -60.44 41.09
N GLU D 2362 -6.78 -59.35 41.86
CA GLU D 2362 -6.49 -59.45 43.30
C GLU D 2362 -7.52 -60.30 44.02
N CYS D 2363 -8.80 -60.13 43.68
CA CYS D 2363 -9.86 -60.86 44.36
C CYS D 2363 -9.79 -62.37 44.10
N PHE D 2364 -9.01 -62.80 43.12
CA PHE D 2364 -8.84 -64.22 42.86
C PHE D 2364 -8.03 -64.86 44.00
N GLY D 2365 -7.90 -66.18 43.94
CA GLY D 2365 -7.12 -66.90 44.91
C GLY D 2365 -5.65 -66.55 44.82
N PRO D 2366 -4.92 -66.73 45.93
CA PRO D 2366 -3.49 -66.39 45.93
C PRO D 2366 -2.69 -67.19 44.92
N ALA D 2367 -3.07 -68.44 44.67
CA ALA D 2367 -2.33 -69.28 43.74
C ALA D 2367 -2.71 -69.08 42.28
N LEU D 2368 -3.84 -68.41 42.02
CA LEU D 2368 -4.31 -68.26 40.64
C LEU D 2368 -3.61 -67.12 39.92
N ARG D 2369 -3.76 -65.89 40.43
CA ARG D 2369 -3.30 -64.70 39.74
C ARG D 2369 -1.87 -64.33 40.08
N GLY D 2370 -1.06 -65.29 40.51
CA GLY D 2370 0.32 -65.00 40.84
C GLY D 2370 1.16 -64.67 39.61
N GLU D 2371 2.35 -64.13 39.89
CA GLU D 2371 3.27 -63.79 38.80
C GLU D 2371 3.66 -65.03 38.00
N GLY D 2372 3.65 -66.21 38.63
CA GLY D 2372 3.89 -67.46 37.95
C GLY D 2372 2.71 -68.40 38.13
N GLY D 2373 2.70 -69.46 37.34
CA GLY D 2373 1.64 -70.45 37.40
C GLY D 2373 1.78 -71.35 38.60
N SER D 2374 1.62 -70.80 39.80
CA SER D 2374 1.71 -71.60 41.01
C SER D 2374 0.58 -72.62 41.06
N GLY D 2375 0.92 -73.85 41.42
CA GLY D 2375 -0.02 -74.95 41.37
C GLY D 2375 -1.20 -74.82 42.30
N LEU D 2376 -2.40 -74.64 41.74
CA LEU D 2376 -3.61 -74.59 42.54
C LEU D 2376 -3.83 -75.93 43.25
N LEU D 2377 -3.69 -77.03 42.51
CA LEU D 2377 -3.72 -78.35 43.14
C LEU D 2377 -2.62 -78.48 44.18
N ALA D 2378 -1.42 -78.00 43.86
CA ALA D 2378 -0.33 -78.01 44.84
C ALA D 2378 -0.66 -77.14 46.04
N ALA D 2379 -1.27 -75.97 45.80
CA ALA D 2379 -1.61 -75.08 46.91
C ALA D 2379 -2.61 -75.73 47.86
N ILE D 2380 -3.66 -76.33 47.31
CA ILE D 2380 -4.67 -76.93 48.20
C ILE D 2380 -4.13 -78.20 48.84
N GLU D 2381 -3.25 -78.93 48.17
CA GLU D 2381 -2.61 -80.08 48.80
C GLU D 2381 -1.74 -79.65 49.96
N GLU D 2382 -0.99 -78.56 49.79
CA GLU D 2382 -0.19 -78.02 50.89
C GLU D 2382 -1.08 -77.57 52.04
N ALA D 2383 -2.22 -76.96 51.72
CA ALA D 2383 -3.17 -76.58 52.76
C ALA D 2383 -3.69 -77.79 53.51
N ILE D 2384 -3.99 -78.88 52.79
CA ILE D 2384 -4.45 -80.10 53.43
C ILE D 2384 -3.37 -80.67 54.34
N ARG D 2385 -2.12 -80.65 53.87
CA ARG D 2385 -1.01 -81.14 54.69
C ARG D 2385 -0.85 -80.29 55.94
N ILE D 2386 -1.00 -78.97 55.82
CA ILE D 2386 -0.93 -78.10 56.99
C ILE D 2386 -2.06 -78.41 57.96
N SER D 2387 -3.25 -78.68 57.42
CA SER D 2387 -4.37 -79.05 58.28
C SER D 2387 -4.09 -80.36 59.01
N GLU D 2388 -3.48 -81.34 58.34
CA GLU D 2388 -3.17 -82.61 58.96
C GLU D 2388 -1.93 -82.55 59.84
N ASP D 2389 -1.17 -81.45 59.79
CA ASP D 2389 0.00 -81.28 60.66
C ASP D 2389 -0.32 -80.22 61.70
N PRO D 2390 -0.48 -80.57 62.97
CA PRO D 2390 -0.91 -79.58 63.97
C PRO D 2390 0.15 -78.54 64.27
N ALA D 2391 0.40 -77.65 63.31
CA ALA D 2391 1.35 -76.56 63.48
C ALA D 2391 0.67 -75.24 63.79
N ARG D 2392 -0.66 -75.23 63.94
CA ARG D 2392 -1.40 -74.01 64.22
C ARG D 2392 -2.17 -74.05 65.52
N ASP D 2393 -2.20 -75.20 66.21
CA ASP D 2393 -2.92 -75.34 67.47
C ASP D 2393 -2.02 -76.03 68.49
N GLY D 2394 -2.24 -75.71 69.77
CA GLY D 2394 -1.48 -76.30 70.83
C GLY D 2394 -1.92 -77.70 71.16
N PRO D 2395 -1.16 -78.36 72.05
CA PRO D 2395 -1.46 -79.73 72.47
C PRO D 2395 -1.77 -79.84 73.95
N ASN D 2414 -8.21 -73.30 68.61
CA ASN D 2414 -9.46 -72.87 69.22
C ASN D 2414 -10.65 -73.26 68.34
N ARG D 2415 -10.82 -74.56 68.13
CA ARG D 2415 -11.89 -75.15 67.31
C ARG D 2415 -11.83 -74.68 65.86
N VAL D 2416 -10.72 -74.10 65.43
CA VAL D 2416 -10.58 -73.57 64.08
C VAL D 2416 -9.32 -74.17 63.46
N HIS D 2417 -9.46 -74.68 62.24
CA HIS D 2417 -8.35 -75.25 61.49
C HIS D 2417 -8.11 -74.40 60.25
N LEU D 2418 -6.86 -73.96 60.07
CA LEU D 2418 -6.53 -73.07 58.96
C LEU D 2418 -6.76 -73.76 57.62
N GLY D 2419 -6.29 -75.00 57.49
CA GLY D 2419 -6.48 -75.73 56.25
C GLY D 2419 -7.94 -75.99 55.96
N HIS D 2420 -8.73 -76.23 57.00
CA HIS D 2420 -10.18 -76.38 56.82
C HIS D 2420 -10.79 -75.12 56.24
N ALA D 2421 -10.41 -73.95 56.76
CA ALA D 2421 -10.92 -72.69 56.23
C ALA D 2421 -10.47 -72.47 54.80
N ILE D 2422 -9.21 -72.79 54.50
CA ILE D 2422 -8.70 -72.59 53.13
C ILE D 2422 -9.46 -73.46 52.15
N MET D 2423 -9.63 -74.74 52.48
CA MET D 2423 -10.36 -75.63 51.59
C MET D 2423 -11.81 -75.25 51.48
N SER D 2424 -12.41 -74.73 52.56
CA SER D 2424 -13.78 -74.25 52.48
C SER D 2424 -13.89 -73.06 51.53
N PHE D 2425 -12.95 -72.13 51.63
CA PHE D 2425 -12.96 -70.98 50.71
C PHE D 2425 -12.82 -71.43 49.27
N TYR D 2426 -11.89 -72.35 49.00
CA TYR D 2426 -11.69 -72.79 47.63
C TYR D 2426 -12.91 -73.56 47.11
N ALA D 2427 -13.52 -74.39 47.95
CA ALA D 2427 -14.73 -75.09 47.54
C ALA D 2427 -15.86 -74.11 47.24
N ALA D 2428 -15.98 -73.06 48.06
CA ALA D 2428 -16.99 -72.03 47.79
C ALA D 2428 -16.69 -71.31 46.48
N LEU D 2429 -15.42 -71.07 46.19
CA LEU D 2429 -15.05 -70.42 44.93
C LEU D 2429 -15.46 -71.27 43.74
N ILE D 2430 -15.16 -72.57 43.79
CA ILE D 2430 -15.56 -73.43 42.67
C ILE D 2430 -17.07 -73.57 42.61
N ASP D 2431 -17.76 -73.55 43.76
CA ASP D 2431 -19.22 -73.60 43.75
C ASP D 2431 -19.81 -72.37 43.07
N LEU D 2432 -19.26 -71.19 43.38
CA LEU D 2432 -19.70 -69.97 42.71
C LEU D 2432 -19.43 -70.04 41.22
N LEU D 2433 -18.25 -70.51 40.82
CA LEU D 2433 -17.94 -70.59 39.41
C LEU D 2433 -18.81 -71.62 38.70
N GLY D 2434 -19.28 -72.62 39.41
CA GLY D 2434 -20.19 -73.61 38.84
C GLY D 2434 -21.59 -73.08 38.67
N ARG D 2435 -22.19 -72.57 39.75
CA ARG D 2435 -23.54 -72.04 39.68
C ARG D 2435 -23.64 -70.80 38.80
N CYS D 2436 -22.51 -70.15 38.52
CA CYS D 2436 -22.48 -69.00 37.62
C CYS D 2436 -22.03 -69.40 36.23
N ALA D 2437 -22.47 -70.57 35.78
CA ALA D 2437 -22.03 -71.13 34.51
C ALA D 2437 -22.36 -70.17 33.36
N PRO D 2438 -21.53 -70.15 32.31
CA PRO D 2438 -21.80 -69.24 31.18
C PRO D 2438 -23.14 -69.51 30.54
N GLU D 2439 -23.60 -70.75 30.54
CA GLU D 2439 -24.89 -71.09 29.97
C GLU D 2439 -25.25 -72.50 30.41
N MET D 2440 -26.52 -72.85 30.25
CA MET D 2440 -26.96 -74.22 30.37
C MET D 2440 -26.93 -74.86 29.00
N HIS D 2441 -27.46 -76.09 28.89
CA HIS D 2441 -27.57 -76.74 27.59
C HIS D 2441 -28.49 -75.97 26.65
N LEU D 2442 -29.39 -75.15 27.19
CA LEU D 2442 -30.41 -74.50 26.38
C LEU D 2442 -29.79 -73.56 25.35
N ILE D 2443 -29.13 -72.50 25.82
CA ILE D 2443 -28.67 -71.45 24.92
C ILE D 2443 -27.25 -71.65 24.42
N GLN D 2444 -26.52 -72.64 24.93
CA GLN D 2444 -25.19 -72.91 24.41
C GLN D 2444 -25.24 -73.50 23.01
N ALA D 2445 -26.35 -74.18 22.66
CA ALA D 2445 -26.46 -74.78 21.34
C ALA D 2445 -26.65 -73.72 20.26
N GLY D 2446 -27.47 -72.71 20.53
CA GLY D 2446 -27.81 -71.73 19.51
C GLY D 2446 -27.36 -70.31 19.79
N LYS D 2447 -26.17 -70.15 20.33
CA LYS D 2447 -25.63 -68.81 20.57
C LYS D 2447 -24.11 -68.90 20.66
N GLY D 2448 -23.48 -67.73 20.54
CA GLY D 2448 -22.03 -67.66 20.59
C GLY D 2448 -21.50 -66.87 21.78
N GLU D 2449 -22.27 -65.88 22.24
CA GLU D 2449 -21.84 -65.07 23.37
C GLU D 2449 -21.70 -65.92 24.63
N ALA D 2450 -22.65 -66.82 24.85
CA ALA D 2450 -22.54 -67.75 25.97
C ALA D 2450 -21.27 -68.57 25.85
N LEU D 2451 -20.99 -69.09 24.66
CA LEU D 2451 -19.73 -69.80 24.44
C LEU D 2451 -18.54 -68.85 24.53
N ARG D 2452 -18.74 -67.57 24.20
CA ARG D 2452 -17.66 -66.61 24.35
C ARG D 2452 -17.25 -66.46 25.81
N ILE D 2453 -18.23 -66.44 26.72
CA ILE D 2453 -17.93 -66.45 28.14
C ILE D 2453 -17.34 -67.80 28.56
N ARG D 2454 -17.88 -68.89 28.00
CA ARG D 2454 -17.43 -70.23 28.38
C ARG D 2454 -15.96 -70.44 28.04
N ALA D 2455 -15.49 -69.88 26.93
CA ALA D 2455 -14.09 -70.03 26.57
C ALA D 2455 -13.18 -69.48 27.67
N ILE D 2456 -13.45 -68.25 28.11
CA ILE D 2456 -12.66 -67.66 29.18
C ILE D 2456 -12.79 -68.48 30.46
N LEU D 2457 -14.02 -68.85 30.82
CA LEU D 2457 -14.25 -69.51 32.09
C LEU D 2457 -13.57 -70.87 32.13
N ARG D 2458 -13.46 -71.54 30.97
CA ARG D 2458 -12.61 -72.72 30.88
C ARG D 2458 -11.14 -72.34 30.93
N SER D 2459 -10.79 -71.14 30.43
CA SER D 2459 -9.39 -70.74 30.39
C SER D 2459 -8.80 -70.58 31.79
N LEU D 2460 -9.58 -70.03 32.73
CA LEU D 2460 -9.02 -69.86 34.07
C LEU D 2460 -8.65 -71.20 34.71
N VAL D 2461 -9.59 -72.15 34.73
CA VAL D 2461 -9.38 -73.41 35.44
C VAL D 2461 -9.23 -74.52 34.42
N PRO D 2462 -8.09 -75.21 34.38
CA PRO D 2462 -7.94 -76.37 33.50
C PRO D 2462 -8.56 -77.62 34.12
N LEU D 2463 -8.65 -78.66 33.30
CA LEU D 2463 -9.23 -79.92 33.73
C LEU D 2463 -8.16 -80.76 34.44
N ASP D 2464 -8.49 -82.03 34.72
CA ASP D 2464 -7.61 -83.01 35.33
C ASP D 2464 -7.22 -82.66 36.76
N ASP D 2465 -7.80 -81.60 37.33
CA ASP D 2465 -7.52 -81.25 38.72
C ASP D 2465 -8.55 -81.85 39.68
N LEU D 2466 -9.79 -82.00 39.23
CA LEU D 2466 -10.82 -82.58 40.08
C LEU D 2466 -10.51 -84.05 40.38
N VAL D 2467 -9.97 -84.77 39.40
CA VAL D 2467 -9.60 -86.16 39.64
C VAL D 2467 -8.45 -86.24 40.64
N GLY D 2468 -7.51 -85.30 40.56
CA GLY D 2468 -6.41 -85.29 41.51
C GLY D 2468 -6.87 -84.96 42.93
N ILE D 2469 -7.79 -84.01 43.07
CA ILE D 2469 -8.22 -83.62 44.40
C ILE D 2469 -9.21 -84.63 44.98
N ILE D 2470 -9.98 -85.32 44.13
CA ILE D 2470 -10.97 -86.27 44.62
C ILE D 2470 -10.31 -87.50 45.23
N SER D 2471 -9.05 -87.77 44.88
CA SER D 2471 -8.33 -88.91 45.43
C SER D 2471 -7.66 -88.48 46.73
N LEU D 2472 -8.46 -88.45 47.81
CA LEU D 2472 -7.95 -88.16 49.15
C LEU D 2472 -8.89 -88.78 50.17
N PRO D 2473 -8.84 -90.11 50.32
CA PRO D 2473 -9.65 -90.76 51.35
C PRO D 2473 -9.09 -90.47 52.74
N LEU D 2474 -9.97 -90.50 53.72
CA LEU D 2474 -9.61 -90.28 55.11
C LEU D 2474 -10.22 -91.38 55.97
N GLN D 2475 -9.60 -91.61 57.12
CA GLN D 2475 -10.03 -92.69 58.01
C GLN D 2475 -11.47 -92.45 58.47
N ILE D 2476 -12.29 -93.49 58.35
CA ILE D 2476 -13.67 -93.41 58.83
C ILE D 2476 -13.67 -93.30 60.35
N PRO D 2477 -14.52 -92.46 60.95
CA PRO D 2477 -14.51 -92.33 62.41
C PRO D 2477 -15.04 -93.58 63.10
N THR D 2478 -14.33 -94.69 62.96
CA THR D 2478 -14.69 -95.96 63.58
C THR D 2478 -13.57 -96.38 64.52
N LEU D 2479 -13.93 -96.70 65.75
CA LEU D 2479 -12.95 -97.10 66.76
C LEU D 2479 -12.96 -98.61 66.95
N GLN D 2487 -7.68 -93.86 64.46
CA GLN D 2487 -8.75 -94.29 63.58
C GLN D 2487 -9.94 -93.33 63.54
N PRO D 2488 -10.45 -92.87 64.69
CA PRO D 2488 -11.53 -91.87 64.65
C PRO D 2488 -11.05 -90.56 64.05
N LYS D 2489 -11.98 -89.87 63.39
CA LYS D 2489 -11.68 -88.60 62.75
C LYS D 2489 -12.79 -87.61 63.06
N MET D 2490 -12.45 -86.33 62.99
CA MET D 2490 -13.36 -85.24 63.30
C MET D 2490 -13.67 -84.46 62.03
N SER D 2491 -14.91 -84.00 61.91
CA SER D 2491 -15.36 -83.23 60.75
C SER D 2491 -15.08 -81.75 60.93
N ALA D 2492 -13.84 -81.40 61.27
CA ALA D 2492 -13.48 -80.01 61.50
C ALA D 2492 -12.17 -79.59 60.85
N SER D 2493 -11.36 -80.51 60.34
CA SER D 2493 -10.11 -80.17 59.67
C SER D 2493 -10.18 -80.33 58.15
N PHE D 2494 -10.92 -81.32 57.66
CA PHE D 2494 -11.14 -81.49 56.24
C PHE D 2494 -12.60 -81.88 56.01
N VAL D 2495 -13.12 -81.48 54.86
CA VAL D 2495 -14.50 -81.74 54.49
C VAL D 2495 -14.51 -82.63 53.25
N PRO D 2496 -14.68 -83.94 53.41
CA PRO D 2496 -14.91 -84.79 52.22
C PRO D 2496 -16.19 -84.44 51.49
N ASP D 2497 -17.14 -83.78 52.16
CA ASP D 2497 -18.31 -83.24 51.48
C ASP D 2497 -17.91 -82.19 50.46
N HIS D 2498 -16.93 -81.34 50.82
CA HIS D 2498 -16.43 -80.33 49.88
C HIS D 2498 -15.78 -80.96 48.66
N LYS D 2499 -15.32 -82.21 48.75
CA LYS D 2499 -14.73 -82.87 47.59
C LYS D 2499 -15.76 -83.13 46.51
N ALA D 2500 -17.02 -83.36 46.90
CA ALA D 2500 -18.08 -83.59 45.92
C ALA D 2500 -18.49 -82.31 45.20
N SER D 2501 -18.00 -81.15 45.64
CA SER D 2501 -18.38 -79.89 45.01
C SER D 2501 -17.95 -79.82 43.54
N MET D 2502 -16.88 -80.54 43.18
CA MET D 2502 -16.42 -80.52 41.80
C MET D 2502 -17.36 -81.25 40.85
N VAL D 2503 -18.33 -82.00 41.37
CA VAL D 2503 -19.24 -82.75 40.51
C VAL D 2503 -20.01 -81.80 39.59
N LEU D 2504 -20.64 -80.79 40.17
CA LEU D 2504 -21.40 -79.84 39.36
C LEU D 2504 -20.47 -78.97 38.51
N PHE D 2505 -19.28 -78.68 39.02
CA PHE D 2505 -18.32 -77.89 38.25
C PHE D 2505 -17.96 -78.60 36.95
N LEU D 2506 -17.69 -79.90 37.02
CA LEU D 2506 -17.45 -80.68 35.81
C LEU D 2506 -18.71 -80.80 34.97
N ASP D 2507 -19.85 -81.04 35.62
CA ASP D 2507 -21.10 -81.24 34.89
C ASP D 2507 -21.54 -80.00 34.13
N ARG D 2508 -21.05 -78.82 34.51
CA ARG D 2508 -21.48 -77.57 33.90
C ARG D 2508 -20.43 -76.94 33.00
N VAL D 2509 -19.15 -76.99 33.38
CA VAL D 2509 -18.13 -76.27 32.62
C VAL D 2509 -17.72 -77.04 31.37
N TYR D 2510 -17.16 -78.24 31.54
CA TYR D 2510 -16.67 -79.02 30.41
C TYR D 2510 -17.62 -80.17 30.07
N GLY D 2511 -17.92 -81.02 31.04
CA GLY D 2511 -18.77 -82.18 30.79
C GLY D 2511 -18.01 -83.30 30.11
N ILE D 2512 -18.19 -84.52 30.58
CA ILE D 2512 -17.53 -85.68 29.99
C ILE D 2512 -18.36 -86.16 28.81
N GLU D 2513 -17.74 -86.21 27.63
CA GLU D 2513 -18.45 -86.53 26.39
C GLU D 2513 -18.34 -88.00 26.01
N ASN D 2514 -17.13 -88.49 25.74
CA ASN D 2514 -16.97 -89.79 25.09
C ASN D 2514 -16.21 -90.81 25.93
N GLN D 2515 -14.99 -90.49 26.38
CA GLN D 2515 -14.12 -91.50 26.96
C GLN D 2515 -13.61 -91.19 28.36
N ASP D 2516 -13.64 -89.92 28.80
CA ASP D 2516 -13.15 -89.60 30.14
C ASP D 2516 -14.04 -90.19 31.23
N PHE D 2517 -15.23 -90.67 30.89
CA PHE D 2517 -16.10 -91.28 31.90
C PHE D 2517 -15.45 -92.53 32.50
N LEU D 2518 -14.81 -93.34 31.66
CA LEU D 2518 -14.13 -94.54 32.16
C LEU D 2518 -13.01 -94.18 33.12
N LEU D 2519 -12.20 -93.19 32.75
CA LEU D 2519 -11.12 -92.75 33.64
C LEU D 2519 -11.70 -92.22 34.96
N HIS D 2520 -12.76 -91.42 34.87
CA HIS D 2520 -13.36 -90.83 36.06
C HIS D 2520 -13.90 -91.90 37.00
N VAL D 2521 -14.64 -92.87 36.46
CA VAL D 2521 -15.20 -93.90 37.31
C VAL D 2521 -14.09 -94.78 37.88
N LEU D 2522 -13.05 -95.06 37.08
CA LEU D 2522 -11.96 -95.90 37.55
C LEU D 2522 -11.23 -95.24 38.71
N ASP D 2523 -10.93 -93.95 38.60
CA ASP D 2523 -10.21 -93.29 39.68
C ASP D 2523 -11.13 -93.02 40.88
N VAL D 2524 -12.43 -92.81 40.63
CA VAL D 2524 -13.34 -92.55 41.73
C VAL D 2524 -13.58 -93.81 42.57
N GLY D 2525 -13.68 -94.97 41.91
CA GLY D 2525 -14.15 -96.20 42.54
C GLY D 2525 -13.65 -96.50 43.92
N PHE D 2526 -12.47 -95.98 44.28
CA PHE D 2526 -12.01 -96.08 45.66
C PHE D 2526 -12.94 -95.32 46.60
N LEU D 2527 -13.43 -94.16 46.17
CA LEU D 2527 -14.31 -93.36 47.02
C LEU D 2527 -15.62 -94.07 47.34
N PRO D 2528 -16.35 -94.65 46.38
CA PRO D 2528 -17.49 -95.51 46.78
C PRO D 2528 -17.06 -96.67 47.66
N ASP D 2529 -15.90 -97.26 47.38
CA ASP D 2529 -15.40 -98.34 48.23
C ASP D 2529 -15.12 -97.85 49.64
N MET D 2530 -14.52 -96.66 49.77
CA MET D 2530 -14.28 -96.09 51.09
C MET D 2530 -15.59 -95.81 51.80
N ARG D 2531 -16.57 -95.27 51.09
CA ARG D 2531 -17.89 -95.04 51.66
C ARG D 2531 -18.65 -96.34 51.89
N ALA D 2532 -18.34 -97.39 51.14
CA ALA D 2532 -19.01 -98.68 51.32
C ALA D 2532 -18.71 -99.29 52.68
N ALA D 2533 -17.63 -98.86 53.34
CA ALA D 2533 -17.26 -99.41 54.64
C ALA D 2533 -18.04 -98.77 55.77
N ALA D 2534 -19.37 -98.74 55.64
CA ALA D 2534 -20.21 -98.22 56.71
C ALA D 2534 -21.61 -98.82 56.52
N SER D 2535 -21.90 -99.88 57.29
CA SER D 2535 -23.23 -100.49 57.28
C SER D 2535 -23.91 -100.39 58.64
N LEU D 2536 -23.25 -100.85 59.70
CA LEU D 2536 -23.84 -100.79 61.04
C LEU D 2536 -22.81 -100.47 62.12
N ASP D 2537 -21.59 -100.08 61.74
CA ASP D 2537 -20.53 -99.84 62.72
C ASP D 2537 -20.36 -98.36 63.04
N THR D 2538 -20.10 -97.53 62.03
CA THR D 2538 -19.84 -96.12 62.27
C THR D 2538 -21.14 -95.33 62.42
N ALA D 2539 -21.92 -95.26 61.34
CA ALA D 2539 -23.24 -94.60 61.36
C ALA D 2539 -23.17 -93.16 61.85
N THR D 2540 -22.01 -92.52 61.70
CA THR D 2540 -21.85 -91.14 62.13
C THR D 2540 -21.36 -90.22 61.03
N PHE D 2541 -20.47 -90.69 60.16
CA PHE D 2541 -19.95 -89.88 59.07
C PHE D 2541 -20.78 -90.05 57.80
N SER D 2542 -22.09 -89.85 57.94
CA SER D 2542 -23.03 -90.06 56.85
C SER D 2542 -23.27 -88.81 56.02
N THR D 2543 -22.75 -87.65 56.44
CA THR D 2543 -22.95 -86.44 55.66
C THR D 2543 -22.25 -86.52 54.32
N THR D 2544 -20.99 -86.97 54.31
CA THR D 2544 -20.25 -87.06 53.06
C THR D 2544 -20.81 -88.16 52.17
N GLU D 2545 -21.23 -89.28 52.76
CA GLU D 2545 -21.85 -90.33 51.96
C GLU D 2545 -23.17 -89.85 51.35
N MET D 2546 -23.94 -89.07 52.11
CA MET D 2546 -25.17 -88.50 51.56
C MET D 2546 -24.88 -87.54 50.42
N ALA D 2547 -23.84 -86.71 50.58
CA ALA D 2547 -23.46 -85.78 49.52
C ALA D 2547 -23.03 -86.52 48.28
N LEU D 2548 -22.23 -87.57 48.43
CA LEU D 2548 -21.79 -88.33 47.26
C LEU D 2548 -22.95 -89.07 46.61
N ALA D 2549 -23.89 -89.56 47.41
CA ALA D 2549 -25.10 -90.16 46.83
C ALA D 2549 -25.93 -89.12 46.09
N LEU D 2550 -25.89 -87.87 46.53
CA LEU D 2550 -26.59 -86.79 45.85
C LEU D 2550 -25.81 -86.24 44.66
N ASN D 2551 -24.52 -86.53 44.56
CA ASN D 2551 -23.68 -86.00 43.50
C ASN D 2551 -23.21 -87.06 42.52
N ARG D 2552 -23.84 -88.23 42.52
CA ARG D 2552 -23.53 -89.30 41.59
C ARG D 2552 -24.36 -89.23 40.31
N TYR D 2553 -25.36 -88.36 40.26
CA TYR D 2553 -26.27 -88.33 39.12
C TYR D 2553 -25.58 -87.90 37.83
N LEU D 2554 -24.43 -87.24 37.91
CA LEU D 2554 -23.74 -86.81 36.70
C LEU D 2554 -23.27 -88.01 35.88
N CYS D 2555 -22.92 -89.12 36.55
CA CYS D 2555 -22.62 -90.34 35.82
C CYS D 2555 -23.89 -91.04 35.34
N LEU D 2556 -24.98 -90.92 36.10
CA LEU D 2556 -26.22 -91.59 35.71
C LEU D 2556 -26.81 -90.96 34.45
N ALA D 2557 -26.69 -89.64 34.31
CA ALA D 2557 -27.25 -88.97 33.15
C ALA D 2557 -26.59 -89.45 31.86
N VAL D 2558 -25.28 -89.60 31.86
CA VAL D 2558 -24.55 -90.06 30.68
C VAL D 2558 -24.59 -91.59 30.63
N LEU D 2559 -24.65 -92.12 29.41
CA LEU D 2559 -24.63 -93.57 29.18
C LEU D 2559 -23.58 -93.92 28.12
N PRO D 2560 -22.30 -93.63 28.37
CA PRO D 2560 -21.27 -94.03 27.42
C PRO D 2560 -20.68 -95.40 27.77
N LEU D 2561 -19.68 -95.83 27.00
CA LEU D 2561 -18.93 -97.05 27.29
C LEU D 2561 -19.84 -98.26 27.39
N ILE D 2562 -20.75 -98.38 26.42
CA ILE D 2562 -21.61 -99.56 26.33
C ILE D 2562 -20.93 -100.72 25.62
N THR D 2563 -19.71 -100.52 25.12
CA THR D 2563 -18.99 -101.58 24.41
C THR D 2563 -18.58 -102.73 25.32
N LYS D 2564 -18.58 -102.51 26.64
CA LYS D 2564 -18.27 -103.54 27.63
C LYS D 2564 -16.87 -104.12 27.39
N CYS D 2565 -15.87 -103.24 27.44
CA CYS D 2565 -14.48 -103.63 27.27
C CYS D 2565 -13.77 -103.83 28.61
N ALA D 2566 -13.70 -102.78 29.42
CA ALA D 2566 -13.01 -102.85 30.71
C ALA D 2566 -13.91 -103.44 31.78
N PRO D 2567 -13.35 -104.26 32.67
CA PRO D 2567 -14.17 -104.88 33.73
C PRO D 2567 -14.80 -103.82 34.63
N LEU D 2568 -16.04 -104.07 35.04
CA LEU D 2568 -16.79 -103.18 35.90
C LEU D 2568 -17.30 -103.90 37.14
N PHE D 2569 -16.55 -104.90 37.61
CA PHE D 2569 -16.97 -105.65 38.79
C PHE D 2569 -16.99 -104.78 40.04
N ALA D 2570 -16.10 -103.79 40.12
CA ALA D 2570 -16.09 -102.90 41.27
C ALA D 2570 -17.37 -102.09 41.36
N GLY D 2571 -17.85 -101.57 40.23
CA GLY D 2571 -19.09 -100.82 40.24
C GLY D 2571 -20.29 -101.68 40.62
N THR D 2572 -20.32 -102.92 40.12
CA THR D 2572 -21.40 -103.83 40.49
C THR D 2572 -21.34 -104.17 41.98
N GLU D 2573 -20.14 -104.40 42.51
CA GLU D 2573 -20.00 -104.69 43.94
C GLU D 2573 -20.47 -103.49 44.77
N HIS D 2574 -20.10 -102.28 44.35
CA HIS D 2574 -20.63 -101.09 45.00
C HIS D 2574 -22.15 -101.10 44.99
N ARG D 2575 -22.75 -101.15 43.80
CA ARG D 2575 -24.20 -101.13 43.69
C ARG D 2575 -24.85 -102.16 44.60
N ALA D 2576 -24.27 -103.37 44.66
CA ALA D 2576 -24.77 -104.37 45.59
C ALA D 2576 -24.66 -103.89 47.02
N ILE D 2577 -23.56 -103.21 47.36
CA ILE D 2577 -23.34 -102.77 48.74
C ILE D 2577 -24.40 -101.76 49.16
N MET D 2578 -24.62 -100.74 48.33
CA MET D 2578 -25.62 -99.72 48.71
C MET D 2578 -27.05 -100.04 48.26
N VAL D 2579 -27.31 -101.21 47.69
CA VAL D 2579 -28.70 -101.66 47.62
C VAL D 2579 -28.97 -102.64 48.75
N ASP D 2580 -27.91 -103.24 49.29
CA ASP D 2580 -28.03 -104.16 50.42
C ASP D 2580 -27.85 -103.45 51.76
N SER D 2581 -27.56 -102.15 51.76
CA SER D 2581 -27.33 -101.40 52.99
C SER D 2581 -28.65 -100.81 53.51
N MET D 2582 -29.61 -101.71 53.73
CA MET D 2582 -30.91 -101.29 54.25
C MET D 2582 -30.87 -101.03 55.75
N LEU D 2583 -29.82 -101.47 56.44
CA LEU D 2583 -29.73 -101.25 57.88
C LEU D 2583 -29.50 -99.78 58.21
N HIS D 2584 -28.97 -98.99 57.28
CA HIS D 2584 -28.75 -97.57 57.49
C HIS D 2584 -30.07 -96.83 57.25
N THR D 2585 -29.99 -95.50 57.16
CA THR D 2585 -31.16 -94.70 56.86
C THR D 2585 -31.76 -95.11 55.51
N VAL D 2586 -33.09 -95.20 55.47
CA VAL D 2586 -33.76 -95.63 54.23
C VAL D 2586 -33.51 -94.63 53.12
N TYR D 2587 -33.49 -93.32 53.46
CA TYR D 2587 -33.14 -92.26 52.51
C TYR D 2587 -33.98 -92.38 51.24
N ARG D 2588 -35.29 -92.14 51.42
CA ARG D 2588 -36.24 -92.36 50.32
C ARG D 2588 -35.81 -91.64 49.06
N LEU D 2589 -35.31 -90.41 49.18
CA LEU D 2589 -34.77 -89.71 48.02
C LEU D 2589 -33.54 -90.44 47.48
N SER D 2590 -32.60 -90.79 48.36
CA SER D 2590 -31.42 -91.52 47.91
C SER D 2590 -31.78 -92.94 47.49
N ARG D 2591 -32.82 -93.53 48.08
CA ARG D 2591 -33.28 -94.84 47.64
C ARG D 2591 -33.78 -94.78 46.20
N GLY D 2592 -34.60 -93.78 45.89
CA GLY D 2592 -35.04 -93.60 44.51
C GLY D 2592 -33.89 -93.29 43.58
N ARG D 2593 -32.91 -92.52 44.07
CA ARG D 2593 -31.73 -92.24 43.26
C ARG D 2593 -30.96 -93.52 42.93
N SER D 2594 -30.81 -94.41 43.91
CA SER D 2594 -30.11 -95.67 43.67
C SER D 2594 -30.90 -96.56 42.72
N LEU D 2595 -32.23 -96.59 42.87
CA LEU D 2595 -33.04 -97.37 41.94
C LEU D 2595 -32.93 -96.84 40.51
N THR D 2596 -32.93 -95.52 40.36
CA THR D 2596 -32.74 -94.92 39.05
C THR D 2596 -31.35 -95.23 38.50
N LYS D 2597 -30.33 -95.22 39.36
CA LYS D 2597 -28.99 -95.57 38.92
C LYS D 2597 -28.94 -97.00 38.41
N ALA D 2598 -29.57 -97.94 39.12
CA ALA D 2598 -29.61 -99.31 38.67
C ALA D 2598 -30.36 -99.45 37.34
N GLN D 2599 -31.49 -98.75 37.22
CA GLN D 2599 -32.26 -98.81 35.98
C GLN D 2599 -31.45 -98.27 34.81
N ARG D 2600 -30.74 -97.15 35.02
CA ARG D 2600 -29.92 -96.59 33.95
C ARG D 2600 -28.76 -97.51 33.59
N ASP D 2601 -28.10 -98.10 34.59
CA ASP D 2601 -27.02 -99.03 34.32
C ASP D 2601 -27.52 -100.29 33.62
N VAL D 2602 -28.80 -100.62 33.78
CA VAL D 2602 -29.37 -101.77 33.06
C VAL D 2602 -29.45 -101.56 31.56
N ILE D 2603 -29.15 -100.35 31.07
CA ILE D 2603 -29.23 -100.05 29.64
C ILE D 2603 -27.86 -100.04 28.97
N GLU D 2604 -26.77 -99.94 29.73
CA GLU D 2604 -25.42 -99.89 29.18
C GLU D 2604 -24.66 -101.18 29.46
N ASP D 2605 -25.35 -102.31 29.40
CA ASP D 2605 -24.75 -103.61 29.65
C ASP D 2605 -25.03 -104.54 28.48
N CYS D 2606 -24.03 -105.33 28.11
CA CYS D 2606 -24.12 -106.27 26.99
C CYS D 2606 -23.89 -107.70 27.46
N LEU D 2607 -24.45 -108.04 28.63
CA LEU D 2607 -24.32 -109.38 29.22
C LEU D 2607 -22.85 -109.73 29.43
N MET D 2608 -22.16 -108.91 30.23
CA MET D 2608 -20.76 -109.17 30.55
C MET D 2608 -20.53 -109.12 32.05
N ALA D 2609 -21.32 -108.33 32.77
CA ALA D 2609 -21.07 -108.08 34.18
C ALA D 2609 -21.36 -109.33 34.99
N LEU D 2610 -20.35 -110.21 35.11
CA LEU D 2610 -20.54 -111.49 35.78
C LEU D 2610 -20.94 -111.30 37.24
N CYS D 2611 -20.41 -110.29 37.90
CA CYS D 2611 -20.81 -110.00 39.28
C CYS D 2611 -22.30 -109.68 39.35
N ARG D 2612 -22.79 -108.88 38.39
CA ARG D 2612 -24.22 -108.53 38.37
C ARG D 2612 -25.10 -109.73 38.06
N TYR D 2613 -24.56 -110.78 37.44
CA TYR D 2613 -25.34 -111.96 37.11
C TYR D 2613 -25.19 -113.08 38.12
N ILE D 2614 -24.20 -113.00 39.00
CA ILE D 2614 -24.20 -113.82 40.22
C ILE D 2614 -24.98 -113.12 41.34
N ARG D 2615 -25.17 -111.80 41.24
CA ARG D 2615 -25.97 -111.08 42.21
C ARG D 2615 -27.38 -111.64 42.40
N PRO D 2616 -28.12 -112.04 41.36
CA PRO D 2616 -29.43 -112.65 41.63
C PRO D 2616 -29.37 -113.85 42.54
N SER D 2617 -28.45 -114.79 42.29
CA SER D 2617 -28.31 -115.95 43.17
C SER D 2617 -27.83 -115.53 44.55
N MET D 2618 -26.91 -114.56 44.63
CA MET D 2618 -26.34 -114.19 45.91
C MET D 2618 -27.35 -113.50 46.81
N LEU D 2619 -28.15 -112.58 46.26
CA LEU D 2619 -29.05 -111.76 47.05
C LEU D 2619 -30.52 -111.99 46.69
N GLN D 2620 -30.88 -111.90 45.41
CA GLN D 2620 -32.28 -112.02 45.02
C GLN D 2620 -32.83 -113.39 45.38
N HIS D 2621 -32.07 -114.45 45.13
CA HIS D 2621 -32.45 -115.77 45.62
C HIS D 2621 -32.47 -115.79 47.14
N LEU D 2622 -31.48 -115.14 47.77
CA LEU D 2622 -31.48 -115.03 49.22
C LEU D 2622 -32.66 -114.21 49.73
N LEU D 2623 -32.97 -113.11 49.04
CA LEU D 2623 -34.06 -112.23 49.46
C LEU D 2623 -35.38 -112.93 49.24
N ARG D 2624 -36.00 -113.39 50.33
CA ARG D 2624 -37.29 -114.07 50.27
C ARG D 2624 -38.44 -113.10 50.47
N ARG D 2625 -38.43 -111.99 49.73
CA ARG D 2625 -39.46 -110.95 49.81
C ARG D 2625 -39.68 -110.53 51.27
N LEU D 2626 -38.57 -110.33 51.99
CA LEU D 2626 -38.63 -110.10 53.42
C LEU D 2626 -39.38 -108.82 53.79
N VAL D 2627 -38.82 -107.66 53.42
CA VAL D 2627 -39.43 -106.39 53.79
C VAL D 2627 -39.64 -105.53 52.56
N PHE D 2628 -38.54 -105.17 51.88
CA PHE D 2628 -38.60 -104.27 50.73
C PHE D 2628 -37.79 -104.84 49.57
N ASP D 2629 -37.70 -106.17 49.47
CA ASP D 2629 -37.02 -106.81 48.36
C ASP D 2629 -37.88 -106.87 47.10
N VAL D 2630 -39.16 -106.48 47.19
CA VAL D 2630 -40.03 -106.53 46.02
C VAL D 2630 -39.56 -105.60 44.91
N PRO D 2631 -39.22 -104.33 45.16
CA PRO D 2631 -38.69 -103.50 44.06
C PRO D 2631 -37.39 -104.03 43.47
N ILE D 2632 -36.51 -104.57 44.32
CA ILE D 2632 -35.25 -105.12 43.81
C ILE D 2632 -35.52 -106.32 42.90
N LEU D 2633 -36.43 -107.20 43.33
CA LEU D 2633 -36.79 -108.34 42.50
C LEU D 2633 -37.45 -107.90 41.19
N ASN D 2634 -38.30 -106.88 41.26
CA ASN D 2634 -38.94 -106.37 40.05
C ASN D 2634 -37.90 -105.81 39.07
N GLU D 2635 -36.92 -105.07 39.59
CA GLU D 2635 -35.86 -104.55 38.73
C GLU D 2635 -35.03 -105.68 38.13
N PHE D 2636 -34.67 -106.67 38.95
CA PHE D 2636 -33.85 -107.78 38.48
C PHE D 2636 -34.61 -108.71 37.54
N ALA D 2637 -35.95 -108.64 37.53
CA ALA D 2637 -36.73 -109.39 36.56
C ALA D 2637 -37.00 -108.59 35.30
N LYS D 2638 -37.11 -107.27 35.40
CA LYS D 2638 -37.30 -106.44 34.22
C LYS D 2638 -36.01 -106.27 33.42
N MET D 2639 -34.86 -106.34 34.09
CA MET D 2639 -33.59 -106.18 33.39
C MET D 2639 -33.35 -107.20 32.28
N PRO D 2640 -33.52 -108.51 32.49
CA PRO D 2640 -33.23 -109.46 31.42
C PRO D 2640 -34.36 -109.62 30.40
N LEU D 2641 -35.40 -108.79 30.45
CA LEU D 2641 -36.47 -108.89 29.47
C LEU D 2641 -36.03 -108.52 28.07
N LYS D 2642 -34.87 -107.87 27.93
CA LYS D 2642 -34.32 -107.51 26.62
C LYS D 2642 -33.43 -108.60 26.04
N LEU D 2643 -33.29 -109.73 26.72
CA LEU D 2643 -32.46 -110.83 26.27
C LEU D 2643 -33.23 -111.86 25.46
N LEU D 2644 -34.50 -111.60 25.13
CA LEU D 2644 -35.29 -112.55 24.37
C LEU D 2644 -34.73 -112.71 22.96
N THR D 2645 -34.71 -113.96 22.49
CA THR D 2645 -34.35 -114.34 21.12
C THR D 2645 -33.08 -113.65 20.62
N ASN D 2646 -32.19 -113.29 21.55
CA ASN D 2646 -30.90 -112.70 21.20
C ASN D 2646 -29.98 -112.77 22.40
N HIS D 2647 -28.69 -112.63 22.12
CA HIS D 2647 -27.65 -112.59 23.15
C HIS D 2647 -27.71 -113.83 24.04
N TYR D 2648 -27.49 -114.99 23.41
CA TYR D 2648 -27.50 -116.25 24.15
C TYR D 2648 -26.43 -116.25 25.23
N GLU D 2649 -26.81 -116.67 26.43
CA GLU D 2649 -25.92 -116.65 27.57
C GLU D 2649 -25.15 -117.97 27.66
N ARG D 2650 -24.42 -118.16 28.76
CA ARG D 2650 -23.63 -119.36 28.97
C ARG D 2650 -24.42 -120.39 29.78
N CYS D 2651 -23.84 -121.57 29.96
CA CYS D 2651 -24.51 -122.64 30.70
C CYS D 2651 -24.71 -122.27 32.17
N TRP D 2652 -23.81 -121.46 32.73
CA TRP D 2652 -23.97 -121.05 34.12
C TRP D 2652 -25.24 -120.23 34.31
N LYS D 2653 -25.51 -119.29 33.40
CA LYS D 2653 -26.74 -118.52 33.47
C LYS D 2653 -27.96 -119.40 33.23
N TYR D 2654 -27.86 -120.34 32.29
CA TYR D 2654 -28.97 -121.24 32.00
C TYR D 2654 -29.26 -122.19 33.14
N TYR D 2655 -28.27 -122.43 34.01
CA TYR D 2655 -28.49 -123.22 35.21
C TYR D 2655 -28.96 -122.37 36.38
N CYS D 2656 -28.56 -121.09 36.42
CA CYS D 2656 -29.02 -120.21 37.48
C CYS D 2656 -30.47 -119.78 37.27
N LEU D 2657 -30.93 -119.75 36.02
CA LEU D 2657 -32.31 -119.34 35.76
C LEU D 2657 -33.34 -120.21 36.46
N PRO D 2658 -33.30 -121.55 36.37
CA PRO D 2658 -34.25 -122.36 37.14
C PRO D 2658 -34.10 -122.16 38.64
N THR D 2659 -32.89 -121.89 39.13
CA THR D 2659 -32.72 -121.60 40.55
C THR D 2659 -33.49 -120.34 40.94
N GLY D 2660 -33.38 -119.29 40.13
CA GLY D 2660 -34.15 -118.08 40.41
C GLY D 2660 -35.64 -118.31 40.33
N TRP D 2661 -36.09 -119.10 39.34
CA TRP D 2661 -37.51 -119.41 39.23
C TRP D 2661 -38.00 -120.17 40.45
N ALA D 2662 -37.23 -121.16 40.92
CA ALA D 2662 -37.61 -121.92 42.09
C ALA D 2662 -37.63 -121.05 43.34
N ASN D 2663 -36.65 -120.14 43.48
CA ASN D 2663 -36.65 -119.23 44.61
C ASN D 2663 -37.88 -118.36 44.61
N PHE D 2664 -38.23 -117.79 43.44
CA PHE D 2664 -39.41 -116.95 43.35
C PHE D 2664 -40.68 -117.73 43.67
N GLY D 2665 -40.80 -118.94 43.12
CA GLY D 2665 -41.98 -119.74 43.39
C GLY D 2665 -42.13 -120.10 44.86
N VAL D 2666 -41.01 -120.49 45.49
CA VAL D 2666 -41.05 -120.85 46.90
C VAL D 2666 -41.40 -119.64 47.77
N THR D 2667 -40.80 -118.49 47.48
CA THR D 2667 -41.01 -117.32 48.31
C THR D 2667 -42.30 -116.57 47.97
N SER D 2668 -43.00 -116.95 46.91
CA SER D 2668 -44.27 -116.32 46.57
C SER D 2668 -45.49 -117.20 46.85
N GLU D 2669 -45.44 -118.48 46.48
CA GLU D 2669 -46.63 -119.32 46.58
C GLU D 2669 -46.94 -119.66 48.03
N GLU D 2670 -45.92 -120.06 48.80
CA GLU D 2670 -46.13 -120.50 50.17
C GLU D 2670 -45.48 -119.59 51.20
N GLU D 2671 -45.05 -118.40 50.80
CA GLU D 2671 -44.44 -117.45 51.73
C GLU D 2671 -45.12 -116.09 51.70
N LEU D 2672 -45.54 -115.62 50.54
CA LEU D 2672 -46.16 -114.31 50.43
C LEU D 2672 -47.57 -114.34 51.02
N HIS D 2673 -48.05 -113.17 51.43
CA HIS D 2673 -49.37 -113.02 52.00
C HIS D 2673 -50.41 -112.87 50.87
N LEU D 2674 -51.63 -112.48 51.23
CA LEU D 2674 -52.71 -112.32 50.27
C LEU D 2674 -52.74 -110.94 49.63
N THR D 2675 -51.81 -110.06 49.97
CA THR D 2675 -51.76 -108.73 49.36
C THR D 2675 -51.55 -108.85 47.86
N ARG D 2676 -52.58 -108.53 47.08
CA ARG D 2676 -52.48 -108.65 45.63
C ARG D 2676 -51.42 -107.71 45.06
N LYS D 2677 -51.33 -106.49 45.61
CA LYS D 2677 -50.32 -105.54 45.16
C LYS D 2677 -48.92 -106.07 45.43
N LEU D 2678 -48.71 -106.67 46.61
CA LEU D 2678 -47.40 -107.21 46.94
C LEU D 2678 -46.99 -108.30 45.96
N PHE D 2679 -47.91 -109.22 45.64
CA PHE D 2679 -47.60 -110.28 44.69
C PHE D 2679 -47.37 -109.73 43.28
N TRP D 2680 -48.18 -108.74 42.87
CA TRP D 2680 -48.03 -108.17 41.54
C TRP D 2680 -46.78 -107.33 41.40
N GLY D 2681 -46.23 -106.82 42.51
CA GLY D 2681 -45.02 -106.03 42.45
C GLY D 2681 -43.80 -106.79 41.98
N ILE D 2682 -43.81 -108.12 42.13
CA ILE D 2682 -42.70 -108.95 41.69
C ILE D 2682 -43.21 -110.05 40.77
N PHE D 2683 -44.38 -109.83 40.17
CA PHE D 2683 -44.98 -110.79 39.27
C PHE D 2683 -44.41 -110.58 37.87
N ASP D 2684 -43.52 -111.48 37.45
CA ASP D 2684 -42.86 -111.36 36.15
C ASP D 2684 -42.52 -112.75 35.64
N SER D 2685 -42.32 -112.85 34.33
CA SER D 2685 -41.95 -114.12 33.72
C SER D 2685 -40.45 -114.36 33.86
N LEU D 2686 -39.63 -113.48 33.27
CA LEU D 2686 -38.18 -113.58 33.32
C LEU D 2686 -37.68 -114.93 32.81
N ALA D 2687 -38.30 -115.42 31.73
CA ALA D 2687 -37.95 -116.69 31.13
C ALA D 2687 -37.81 -116.51 29.62
N HIS D 2688 -36.62 -116.78 29.09
CA HIS D 2688 -36.37 -116.70 27.66
C HIS D 2688 -35.58 -117.89 27.15
N LYS D 2689 -35.50 -118.97 27.93
CA LYS D 2689 -34.77 -120.17 27.54
C LYS D 2689 -35.60 -120.98 26.55
N LYS D 2690 -35.13 -122.18 26.24
CA LYS D 2690 -35.81 -123.03 25.27
C LYS D 2690 -36.99 -123.75 25.93
N TYR D 2691 -37.67 -124.58 25.14
CA TYR D 2691 -38.81 -125.35 25.60
C TYR D 2691 -38.50 -126.81 25.78
N ASP D 2692 -37.92 -127.46 24.76
CA ASP D 2692 -37.55 -128.86 24.88
C ASP D 2692 -36.47 -129.07 25.92
N GLN D 2693 -35.49 -128.18 25.98
CA GLN D 2693 -34.38 -128.27 26.92
C GLN D 2693 -34.39 -127.06 27.83
N GLU D 2694 -34.33 -127.29 29.13
CA GLU D 2694 -34.31 -126.23 30.12
C GLU D 2694 -33.03 -126.21 30.94
N LEU D 2695 -32.61 -127.37 31.47
CA LEU D 2695 -31.39 -127.47 32.26
C LEU D 2695 -30.59 -128.68 31.80
N TYR D 2696 -29.28 -128.49 31.65
CA TYR D 2696 -28.35 -129.57 31.30
C TYR D 2696 -27.10 -129.35 32.15
N ARG D 2697 -27.07 -129.95 33.33
CA ARG D 2697 -25.97 -129.79 34.27
C ARG D 2697 -25.83 -131.06 35.08
N MET D 2698 -25.11 -130.99 36.19
CA MET D 2698 -24.92 -132.15 37.05
C MET D 2698 -26.24 -132.60 37.66
N ALA D 2699 -26.42 -133.91 37.74
CA ALA D 2699 -27.65 -134.46 38.32
C ALA D 2699 -27.72 -134.15 39.81
N MET D 2700 -28.93 -133.78 40.26
CA MET D 2700 -29.17 -133.41 41.65
C MET D 2700 -30.38 -134.19 42.16
N PRO D 2701 -30.25 -135.50 42.34
CA PRO D 2701 -31.37 -136.28 42.89
C PRO D 2701 -31.78 -135.85 44.29
N CYS D 2702 -30.83 -135.39 45.11
CA CYS D 2702 -31.10 -134.96 46.47
C CYS D 2702 -30.88 -133.46 46.58
N LEU D 2703 -31.86 -132.75 47.12
CA LEU D 2703 -31.77 -131.31 47.29
C LEU D 2703 -32.63 -130.84 48.45
N SER D 2950 -35.77 -133.68 33.48
CA SER D 2950 -36.50 -133.57 34.74
C SER D 2950 -36.92 -132.13 35.00
N ILE D 2951 -36.00 -131.19 34.77
CA ILE D 2951 -36.31 -129.77 34.95
C ILE D 2951 -37.36 -129.33 33.96
N GLU D 2952 -37.27 -129.80 32.71
CA GLU D 2952 -38.25 -129.45 31.70
C GLU D 2952 -39.65 -129.94 32.05
N LYS D 2953 -39.76 -130.99 32.87
CA LYS D 2953 -41.04 -131.53 33.30
C LYS D 2953 -41.45 -131.05 34.67
N ARG D 2954 -40.72 -130.08 35.25
CA ARG D 2954 -40.99 -129.63 36.61
C ARG D 2954 -42.18 -128.67 36.69
N PHE D 2955 -42.75 -128.26 35.56
CA PHE D 2955 -43.89 -127.37 35.54
C PHE D 2955 -45.23 -128.09 35.60
N ALA D 2956 -45.21 -129.42 35.67
CA ALA D 2956 -46.45 -130.19 35.58
C ALA D 2956 -47.10 -130.43 36.94
N PHE D 2957 -46.31 -130.86 37.93
CA PHE D 2957 -46.90 -131.30 39.19
C PHE D 2957 -47.49 -130.13 39.97
N GLY D 2958 -46.84 -128.97 39.94
CA GLY D 2958 -47.27 -127.87 40.80
C GLY D 2958 -48.65 -127.35 40.44
N PHE D 2959 -48.87 -127.03 39.17
CA PHE D 2959 -50.14 -126.46 38.75
C PHE D 2959 -51.28 -127.45 38.92
N LEU D 2960 -51.08 -128.69 38.47
CA LEU D 2960 -52.13 -129.69 38.60
C LEU D 2960 -52.44 -129.98 40.06
N GLN D 2961 -51.42 -130.09 40.90
CA GLN D 2961 -51.64 -130.36 42.32
C GLN D 2961 -52.38 -129.21 42.98
N GLN D 2962 -52.00 -127.97 42.66
CA GLN D 2962 -52.69 -126.81 43.23
C GLN D 2962 -54.13 -126.75 42.79
N LEU D 2963 -54.40 -127.03 41.51
CA LEU D 2963 -55.76 -126.93 41.00
C LEU D 2963 -56.65 -128.05 41.54
N LEU D 2964 -56.09 -129.26 41.70
CA LEU D 2964 -56.87 -130.37 42.23
C LEU D 2964 -57.13 -130.23 43.72
N ARG D 2965 -56.38 -129.37 44.41
CA ARG D 2965 -56.54 -129.16 45.84
C ARG D 2965 -57.29 -127.87 46.17
N TRP D 2966 -57.75 -127.13 45.16
CA TRP D 2966 -58.46 -125.88 45.42
C TRP D 2966 -59.85 -126.14 45.99
N MET D 2967 -60.58 -127.11 45.44
CA MET D 2967 -61.91 -127.42 45.93
C MET D 2967 -61.88 -128.00 47.34
N ASP D 2968 -60.73 -128.55 47.76
CA ASP D 2968 -60.62 -129.07 49.12
C ASP D 2968 -60.78 -127.96 50.16
N ILE D 2969 -60.18 -126.80 49.91
CA ILE D 2969 -60.31 -125.67 50.81
C ILE D 2969 -61.47 -124.75 50.44
N SER D 2970 -61.99 -124.85 49.21
CA SER D 2970 -63.15 -124.05 48.82
C SER D 2970 -64.39 -124.40 49.62
N GLN D 2971 -64.46 -125.62 50.16
CA GLN D 2971 -65.63 -126.04 50.92
C GLN D 2971 -65.80 -125.22 52.20
N GLU D 2972 -64.71 -124.65 52.72
CA GLU D 2972 -64.82 -123.80 53.90
C GLU D 2972 -65.66 -122.56 53.61
N PHE D 2973 -65.47 -121.97 52.43
CA PHE D 2973 -66.19 -120.75 52.06
C PHE D 2973 -67.54 -121.04 51.40
N ILE D 2974 -67.69 -122.15 50.67
CA ILE D 2974 -68.92 -122.43 49.95
C ILE D 2974 -69.91 -123.23 50.78
N ALA D 2975 -69.53 -123.68 51.98
CA ALA D 2975 -70.42 -124.43 52.86
C ALA D 2975 -70.45 -123.75 54.23
N HIS D 2976 -71.58 -123.17 54.57
CA HIS D 2976 -71.74 -122.48 55.86
C HIS D 2976 -73.21 -122.38 56.25
N ILE D 2995 -61.49 -114.22 49.44
CA ILE D 2995 -60.58 -113.86 48.36
C ILE D 2995 -59.15 -114.19 48.76
N LYS D 2996 -58.86 -114.11 50.07
CA LYS D 2996 -57.52 -114.42 50.56
C LYS D 2996 -57.17 -115.87 50.27
N PHE D 2997 -58.07 -116.79 50.62
CA PHE D 2997 -57.88 -118.18 50.23
C PHE D 2997 -57.85 -118.32 48.72
N PHE D 2998 -58.71 -117.57 48.03
CA PHE D 2998 -58.69 -117.57 46.57
C PHE D 2998 -57.41 -116.95 46.04
N ALA D 2999 -56.87 -115.92 46.71
CA ALA D 2999 -55.59 -115.36 46.31
C ALA D 2999 -54.49 -116.41 46.42
N LYS D 3000 -54.53 -117.24 47.47
CA LYS D 3000 -53.64 -118.39 47.52
C LYS D 3000 -53.91 -119.35 46.37
N ILE D 3001 -55.19 -119.54 46.02
CA ILE D 3001 -55.54 -120.40 44.89
C ILE D 3001 -55.13 -119.75 43.58
N LEU D 3002 -55.38 -118.46 43.43
CA LEU D 3002 -55.13 -117.75 42.18
C LEU D 3002 -53.67 -117.31 42.01
N LEU D 3003 -52.76 -117.90 42.77
CA LEU D 3003 -51.34 -117.59 42.59
C LEU D 3003 -50.81 -117.87 41.19
N PRO D 3004 -51.11 -119.01 40.55
CA PRO D 3004 -50.57 -119.28 39.21
C PRO D 3004 -51.24 -118.51 38.08
N LEU D 3005 -52.05 -117.49 38.38
CA LEU D 3005 -52.69 -116.73 37.32
C LEU D 3005 -51.67 -116.02 36.44
N ILE D 3006 -50.61 -115.47 37.06
CA ILE D 3006 -49.58 -114.77 36.29
C ILE D 3006 -48.88 -115.74 35.34
N ASN D 3007 -48.55 -116.94 35.83
CA ASN D 3007 -47.86 -117.93 35.00
C ASN D 3007 -48.79 -118.64 34.03
N GLN D 3008 -50.10 -118.50 34.19
CA GLN D 3008 -51.03 -119.12 33.24
C GLN D 3008 -50.81 -118.56 31.82
N TYR D 3009 -50.64 -117.25 31.71
CA TYR D 3009 -50.38 -116.63 30.42
C TYR D 3009 -48.90 -116.55 30.07
N PHE D 3010 -48.01 -116.87 31.02
CA PHE D 3010 -46.58 -116.82 30.74
C PHE D 3010 -46.17 -117.89 29.74
N THR D 3011 -46.74 -119.09 29.86
CA THR D 3011 -46.39 -120.18 28.94
C THR D 3011 -46.83 -119.89 27.51
N ASN D 3012 -47.76 -118.95 27.31
CA ASN D 3012 -48.14 -118.57 25.97
C ASN D 3012 -46.96 -117.97 25.22
N HIS D 3013 -46.28 -117.00 25.83
CA HIS D 3013 -45.09 -116.43 25.21
C HIS D 3013 -43.90 -117.37 25.32
N CYS D 3014 -43.74 -118.04 26.46
CA CYS D 3014 -42.60 -118.94 26.64
C CYS D 3014 -42.67 -120.13 25.68
N LEU D 3015 -43.86 -120.69 25.49
CA LEU D 3015 -44.06 -121.87 24.65
C LEU D 3015 -45.22 -121.59 23.69
N TYR D 3016 -44.90 -121.10 22.50
CA TYR D 3016 -45.88 -120.87 21.46
C TYR D 3016 -45.63 -121.70 20.21
N PHE D 3017 -44.37 -121.79 19.76
CA PHE D 3017 -44.01 -122.61 18.62
C PHE D 3017 -43.45 -123.98 19.04
N LEU D 3018 -43.97 -124.52 20.14
CA LEU D 3018 -43.53 -125.81 20.67
C LEU D 3018 -44.15 -126.98 19.92
N SER D 3019 -44.75 -126.76 18.75
CA SER D 3019 -45.42 -127.84 18.04
C SER D 3019 -44.42 -128.71 17.28
N THR D 3020 -43.50 -128.09 16.52
CA THR D 3020 -42.67 -128.85 15.60
C THR D 3020 -41.58 -129.64 16.31
N PRO D 3021 -40.69 -128.99 17.09
CA PRO D 3021 -39.69 -129.84 17.74
C PRO D 3021 -40.10 -130.32 19.13
N ALA D 3022 -40.95 -129.58 19.82
CA ALA D 3022 -41.37 -129.91 21.17
C ALA D 3022 -42.69 -130.66 21.14
N LYS D 3023 -43.29 -130.82 22.32
CA LYS D 3023 -44.58 -131.48 22.51
C LYS D 3023 -44.54 -132.94 22.05
N VAL D 3024 -43.37 -133.58 22.17
CA VAL D 3024 -43.26 -134.99 21.81
C VAL D 3024 -44.12 -135.83 22.75
N LEU D 3025 -44.05 -135.55 24.05
CA LEU D 3025 -44.84 -136.25 25.05
C LEU D 3025 -45.53 -135.31 26.03
N GLY D 3026 -45.29 -134.01 25.95
CA GLY D 3026 -45.84 -133.08 26.91
C GLY D 3026 -47.32 -132.81 26.75
N SER D 3027 -47.86 -132.99 25.54
CA SER D 3027 -49.25 -132.62 25.28
C SER D 3027 -50.21 -133.40 26.17
N GLY D 3028 -49.97 -134.70 26.33
CA GLY D 3028 -50.80 -135.50 27.21
C GLY D 3028 -50.20 -135.66 28.58
N GLY D 3029 -48.86 -135.63 28.65
CA GLY D 3029 -48.19 -135.80 29.93
C GLY D 3029 -48.45 -134.68 30.90
N HIS D 3030 -48.36 -133.44 30.44
CA HIS D 3030 -48.47 -132.27 31.30
C HIS D 3030 -49.62 -131.35 30.91
N ALA D 3031 -49.74 -131.03 29.61
CA ALA D 3031 -50.76 -130.07 29.18
C ALA D 3031 -52.17 -130.59 29.43
N SER D 3032 -52.40 -131.87 29.13
CA SER D 3032 -53.73 -132.44 29.31
C SER D 3032 -54.10 -132.67 30.76
N ASN D 3033 -53.15 -132.52 31.69
CA ASN D 3033 -53.44 -132.79 33.09
C ASN D 3033 -54.47 -131.82 33.65
N LYS D 3034 -54.36 -130.54 33.33
CA LYS D 3034 -55.23 -129.52 33.88
C LYS D 3034 -56.51 -129.30 33.07
N GLU D 3035 -56.68 -130.01 31.96
CA GLU D 3035 -57.85 -129.80 31.12
C GLU D 3035 -59.14 -130.17 31.84
N LYS D 3036 -59.13 -131.28 32.58
CA LYS D 3036 -60.36 -131.76 33.21
C LYS D 3036 -60.81 -130.88 34.37
N GLU D 3037 -59.94 -130.03 34.90
CA GLU D 3037 -60.28 -129.23 36.07
C GLU D 3037 -61.31 -128.14 35.78
N MET D 3038 -61.57 -127.84 34.50
CA MET D 3038 -62.52 -126.77 34.16
C MET D 3038 -63.96 -127.15 34.44
N ILE D 3039 -64.25 -128.46 34.60
CA ILE D 3039 -65.62 -128.90 34.77
C ILE D 3039 -66.19 -128.38 36.09
N THR D 3040 -65.43 -128.48 37.18
CA THR D 3040 -65.94 -128.13 38.49
C THR D 3040 -66.22 -126.64 38.62
N SER D 3041 -65.58 -125.80 37.80
CA SER D 3041 -65.78 -124.35 37.85
C SER D 3041 -66.83 -123.87 36.86
N LEU D 3042 -67.40 -124.77 36.06
CA LEU D 3042 -68.41 -124.37 35.08
C LEU D 3042 -69.66 -123.84 35.76
N PHE D 3043 -70.07 -124.45 36.86
CA PHE D 3043 -71.29 -124.07 37.57
C PHE D 3043 -71.03 -123.41 38.91
N CYS D 3044 -70.04 -123.89 39.66
CA CYS D 3044 -69.72 -123.27 40.94
C CYS D 3044 -69.21 -121.85 40.73
N LYS D 3045 -69.72 -120.92 41.53
CA LYS D 3045 -69.33 -119.52 41.40
C LYS D 3045 -67.96 -119.29 42.01
N LEU D 3046 -67.08 -118.62 41.26
CA LEU D 3046 -65.74 -118.31 41.73
C LEU D 3046 -65.24 -117.06 41.02
N ALA D 3047 -64.24 -116.43 41.61
CA ALA D 3047 -63.71 -115.16 41.13
C ALA D 3047 -62.47 -115.33 40.25
N ALA D 3048 -62.39 -116.45 39.52
CA ALA D 3048 -61.24 -116.71 38.66
C ALA D 3048 -61.45 -116.03 37.30
N LEU D 3049 -60.54 -116.28 36.37
CA LEU D 3049 -60.61 -115.75 35.02
C LEU D 3049 -61.01 -116.86 34.05
N VAL D 3050 -61.04 -116.51 32.77
CA VAL D 3050 -61.53 -117.42 31.74
C VAL D 3050 -60.40 -118.18 31.03
N ARG D 3051 -59.17 -117.70 31.12
CA ARG D 3051 -58.02 -118.27 30.41
C ARG D 3051 -57.54 -119.60 31.01
N HIS D 3052 -58.28 -120.16 31.95
CA HIS D 3052 -57.82 -121.30 32.75
C HIS D 3052 -57.41 -122.51 31.92
N ARG D 3053 -58.35 -123.10 31.18
CA ARG D 3053 -58.11 -124.39 30.54
C ARG D 3053 -58.14 -124.34 29.02
N VAL D 3054 -59.29 -123.99 28.43
CA VAL D 3054 -59.45 -124.10 26.98
C VAL D 3054 -59.88 -122.80 26.32
N SER D 3055 -60.39 -121.81 27.05
CA SER D 3055 -60.85 -120.58 26.42
C SER D 3055 -59.68 -119.83 25.79
N LEU D 3056 -58.55 -119.74 26.47
CA LEU D 3056 -57.38 -119.04 25.96
C LEU D 3056 -56.20 -119.98 25.75
N PHE D 3057 -55.77 -120.70 26.80
CA PHE D 3057 -54.59 -121.54 26.68
C PHE D 3057 -54.84 -122.74 25.78
N GLY D 3058 -55.97 -123.43 25.99
CA GLY D 3058 -56.27 -124.61 25.19
C GLY D 3058 -56.68 -124.31 23.76
N THR D 3059 -56.98 -123.05 23.45
CA THR D 3059 -57.40 -122.69 22.10
C THR D 3059 -56.23 -122.64 21.12
N ASP D 3060 -55.02 -122.38 21.60
CA ASP D 3060 -53.85 -122.21 20.73
C ASP D 3060 -52.66 -123.07 21.12
N ALA D 3061 -52.39 -123.24 22.42
CA ALA D 3061 -51.20 -123.98 22.82
C ALA D 3061 -51.22 -125.44 22.37
N PRO D 3062 -52.29 -126.23 22.57
CA PRO D 3062 -52.25 -127.63 22.11
C PRO D 3062 -52.51 -127.77 20.62
N ALA D 3063 -53.34 -126.91 20.04
CA ALA D 3063 -53.65 -126.99 18.61
C ALA D 3063 -54.13 -125.65 18.06
N VAL D 3134 -51.62 -135.27 17.07
CA VAL D 3134 -51.31 -135.57 18.46
C VAL D 3134 -52.51 -136.20 19.15
N ALA D 3135 -53.43 -136.74 18.35
CA ALA D 3135 -54.64 -137.35 18.89
C ALA D 3135 -54.37 -138.65 19.64
N LEU D 3136 -53.17 -139.21 19.52
CA LEU D 3136 -52.83 -140.46 20.17
C LEU D 3136 -52.00 -140.17 21.41
N LEU D 3137 -52.46 -140.67 22.56
CA LEU D 3137 -51.77 -140.51 23.84
C LEU D 3137 -51.66 -141.88 24.49
N PRO D 3138 -50.76 -142.73 23.99
CA PRO D 3138 -50.66 -144.10 24.56
C PRO D 3138 -50.29 -144.14 26.03
N VAL D 3139 -49.52 -143.17 26.51
CA VAL D 3139 -49.01 -143.23 27.88
C VAL D 3139 -50.14 -143.15 28.90
N LEU D 3140 -51.09 -142.24 28.69
CA LEU D 3140 -52.16 -141.99 29.64
C LEU D 3140 -53.50 -142.44 29.07
N THR D 3141 -54.47 -142.58 29.96
CA THR D 3141 -55.83 -142.95 29.60
C THR D 3141 -56.73 -141.75 29.36
N THR D 3142 -56.21 -140.53 29.48
CA THR D 3142 -57.01 -139.33 29.27
C THR D 3142 -57.43 -139.15 27.82
N LEU D 3143 -56.87 -139.92 26.89
CA LEU D 3143 -57.22 -139.79 25.48
C LEU D 3143 -58.68 -140.12 25.22
N PHE D 3144 -59.34 -140.84 26.13
CA PHE D 3144 -60.76 -141.14 26.00
C PHE D 3144 -61.61 -140.52 27.11
N GLN D 3145 -60.99 -139.95 28.14
CA GLN D 3145 -61.76 -139.31 29.20
C GLN D 3145 -62.47 -138.06 28.69
N HIS D 3146 -61.82 -137.31 27.79
CA HIS D 3146 -62.40 -136.09 27.27
C HIS D 3146 -63.62 -136.33 26.39
N ILE D 3147 -63.83 -137.57 25.95
CA ILE D 3147 -65.00 -137.89 25.12
C ILE D 3147 -66.29 -137.65 25.90
N ALA D 3148 -66.22 -137.71 27.23
CA ALA D 3148 -67.41 -137.47 28.04
C ALA D 3148 -67.94 -136.05 27.89
N GLN D 3149 -67.12 -135.13 27.37
CA GLN D 3149 -67.56 -133.74 27.21
C GLN D 3149 -68.73 -133.62 26.25
N HIS D 3150 -68.78 -134.48 25.23
CA HIS D 3150 -69.86 -134.40 24.25
C HIS D 3150 -71.21 -134.61 24.92
N GLN D 3151 -71.32 -135.62 25.77
CA GLN D 3151 -72.55 -135.86 26.51
C GLN D 3151 -72.72 -134.90 27.67
N PHE D 3152 -71.62 -134.37 28.22
CA PHE D 3152 -71.71 -133.48 29.37
C PHE D 3152 -72.18 -132.08 29.01
N GLY D 3153 -71.90 -131.63 27.78
CA GLY D 3153 -72.23 -130.27 27.41
C GLY D 3153 -73.62 -130.08 26.84
N ASP D 3154 -74.02 -130.98 25.94
CA ASP D 3154 -75.26 -130.77 25.18
C ASP D 3154 -76.48 -130.76 26.08
N ASP D 3155 -76.54 -131.69 27.04
CA ASP D 3155 -77.70 -131.76 27.91
C ASP D 3155 -77.88 -130.47 28.70
N VAL D 3156 -76.79 -129.98 29.32
CA VAL D 3156 -76.87 -128.76 30.11
C VAL D 3156 -77.22 -127.56 29.23
N ILE D 3157 -76.60 -127.47 28.05
CA ILE D 3157 -76.84 -126.33 27.19
C ILE D 3157 -78.29 -126.32 26.71
N LEU D 3158 -78.81 -127.48 26.30
CA LEU D 3158 -80.19 -127.54 25.82
C LEU D 3158 -81.18 -127.30 26.95
N ASP D 3159 -80.87 -127.77 28.16
CA ASP D 3159 -81.72 -127.48 29.31
C ASP D 3159 -81.76 -125.99 29.58
N ASP D 3160 -80.61 -125.31 29.50
CA ASP D 3160 -80.58 -123.87 29.67
C ASP D 3160 -81.37 -123.16 28.57
N VAL D 3161 -81.26 -123.65 27.33
CA VAL D 3161 -81.97 -123.03 26.21
C VAL D 3161 -83.47 -123.16 26.40
N GLN D 3162 -83.94 -124.34 26.77
CA GLN D 3162 -85.37 -124.55 26.95
C GLN D 3162 -85.93 -123.77 28.13
N VAL D 3163 -85.09 -123.35 29.06
CA VAL D 3163 -85.53 -122.56 30.19
C VAL D 3163 -85.86 -121.14 29.75
N CYS D 3170 -87.29 -110.23 27.35
CA CYS D 3170 -86.16 -109.77 26.55
C CYS D 3170 -85.24 -108.87 27.36
N SER D 3171 -85.59 -108.65 28.63
CA SER D 3171 -84.79 -107.79 29.50
C SER D 3171 -83.61 -108.56 30.11
N ILE D 3172 -83.91 -109.60 30.90
CA ILE D 3172 -82.86 -110.38 31.55
C ILE D 3172 -83.11 -111.86 31.33
N TYR D 3173 -84.31 -112.20 30.88
CA TYR D 3173 -84.68 -113.59 30.61
C TYR D 3173 -83.99 -114.02 29.32
N SER D 3174 -82.83 -114.66 29.45
CA SER D 3174 -82.03 -115.06 28.30
C SER D 3174 -81.07 -116.16 28.74
N LEU D 3175 -80.09 -116.45 27.88
CA LEU D 3175 -79.13 -117.53 28.08
C LEU D 3175 -77.77 -117.01 28.52
N GLY D 3176 -77.74 -116.04 29.42
CA GLY D 3176 -76.47 -115.46 29.86
C GLY D 3176 -75.54 -116.49 30.46
N THR D 3177 -76.10 -117.47 31.19
CA THR D 3177 -75.27 -118.55 31.71
C THR D 3177 -74.66 -119.36 30.58
N THR D 3178 -75.43 -119.59 29.51
CA THR D 3178 -74.92 -120.32 28.35
C THR D 3178 -73.93 -119.49 27.55
N LYS D 3179 -73.95 -118.16 27.68
CA LYS D 3179 -73.05 -117.33 26.91
C LYS D 3179 -71.59 -117.61 27.27
N ASN D 3180 -71.30 -117.79 28.56
CA ASN D 3180 -69.93 -118.07 28.96
C ASN D 3180 -69.43 -119.39 28.39
N THR D 3181 -70.28 -120.42 28.38
CA THR D 3181 -69.89 -121.72 27.83
C THR D 3181 -69.90 -121.74 26.31
N TYR D 3182 -70.57 -120.79 25.67
CA TYR D 3182 -70.62 -120.78 24.20
C TYR D 3182 -69.24 -120.61 23.59
N VAL D 3183 -68.41 -119.73 24.17
CA VAL D 3183 -67.09 -119.50 23.60
C VAL D 3183 -66.26 -120.78 23.61
N GLU D 3184 -66.39 -121.57 24.69
CA GLU D 3184 -65.73 -122.87 24.72
C GLU D 3184 -66.38 -123.85 23.75
N LYS D 3185 -67.70 -123.73 23.54
CA LYS D 3185 -68.38 -124.61 22.61
C LYS D 3185 -67.89 -124.40 21.18
N LEU D 3186 -67.68 -123.15 20.79
CA LEU D 3186 -67.19 -122.85 19.45
C LEU D 3186 -65.67 -123.03 19.43
N ARG D 3187 -65.22 -124.05 18.70
CA ARG D 3187 -63.79 -124.35 18.53
C ARG D 3187 -63.50 -124.63 17.05
N PRO D 3188 -63.50 -123.58 16.22
CA PRO D 3188 -63.25 -123.79 14.79
C PRO D 3188 -61.87 -124.35 14.48
N ALA D 3189 -60.85 -123.98 15.27
CA ALA D 3189 -59.46 -124.29 14.93
C ALA D 3189 -58.94 -125.56 15.59
N LEU D 3190 -59.56 -126.03 16.68
CA LEU D 3190 -59.11 -127.26 17.32
C LEU D 3190 -59.82 -128.50 16.78
N GLY D 3191 -59.68 -128.75 15.48
CA GLY D 3191 -60.10 -130.01 14.92
C GLY D 3191 -58.90 -130.88 14.58
N GLU D 3192 -58.57 -131.80 15.47
CA GLU D 3192 -57.40 -132.68 15.31
C GLU D 3192 -57.73 -134.15 15.46
N CYS D 3193 -58.64 -134.50 16.36
CA CYS D 3193 -58.93 -135.88 16.67
C CYS D 3193 -60.24 -136.30 16.01
N LEU D 3194 -60.70 -137.52 16.32
CA LEU D 3194 -61.93 -138.08 15.77
C LEU D 3194 -63.08 -138.08 16.77
N ALA D 3195 -62.83 -138.46 18.02
CA ALA D 3195 -63.78 -138.47 19.13
C ALA D 3195 -64.88 -139.49 18.97
N ARG D 3196 -64.92 -140.25 17.87
CA ARG D 3196 -65.90 -141.31 17.65
C ARG D 3196 -67.33 -140.79 17.70
N LEU D 3197 -67.54 -139.51 17.34
CA LEU D 3197 -68.86 -138.90 17.28
C LEU D 3197 -69.18 -138.59 15.83
N ALA D 3198 -70.31 -139.09 15.35
CA ALA D 3198 -70.69 -138.94 13.95
C ALA D 3198 -71.96 -138.10 13.77
N ALA D 3199 -73.05 -138.48 14.43
CA ALA D 3199 -74.32 -137.77 14.27
C ALA D 3199 -75.01 -137.40 15.57
N ALA D 3200 -74.63 -138.01 16.69
CA ALA D 3200 -75.25 -137.67 17.97
C ALA D 3200 -74.96 -136.22 18.34
N MET D 3201 -73.73 -135.76 18.09
CA MET D 3201 -73.37 -134.39 18.47
C MET D 3201 -74.00 -133.35 17.56
N PRO D 3202 -73.80 -133.38 16.23
CA PRO D 3202 -74.22 -132.21 15.44
C PRO D 3202 -75.73 -132.09 15.27
N VAL D 3203 -76.44 -133.21 15.08
CA VAL D 3203 -77.87 -133.14 14.83
C VAL D 3203 -78.62 -132.66 16.08
N ALA D 3204 -78.17 -133.10 17.27
CA ALA D 3204 -78.82 -132.72 18.50
C ALA D 3204 -78.74 -131.22 18.78
N PHE D 3205 -77.86 -130.51 18.09
CA PHE D 3205 -77.82 -129.05 18.15
C PHE D 3205 -78.44 -128.38 16.93
N LEU D 3206 -78.33 -129.02 15.76
CA LEU D 3206 -78.93 -128.44 14.56
C LEU D 3206 -80.45 -128.41 14.65
N GLU D 3207 -81.06 -129.49 15.16
CA GLU D 3207 -82.51 -129.54 15.23
C GLU D 3207 -83.11 -128.47 16.13
N PRO D 3208 -82.63 -128.24 17.36
CA PRO D 3208 -83.24 -127.17 18.17
C PRO D 3208 -83.15 -125.80 17.56
N GLN D 3209 -82.07 -125.49 16.83
CA GLN D 3209 -81.92 -124.17 16.25
C GLN D 3209 -82.86 -123.97 15.07
N LEU D 3210 -83.06 -125.02 14.26
CA LEU D 3210 -83.87 -124.88 13.06
C LEU D 3210 -85.36 -124.79 13.36
N ASN D 3211 -85.81 -125.36 14.48
CA ASN D 3211 -87.22 -125.43 14.81
C ASN D 3211 -87.64 -124.40 15.85
N GLU D 3212 -86.81 -123.41 16.14
CA GLU D 3212 -87.09 -122.40 17.15
C GLU D 3212 -86.97 -121.00 16.55
N TYR D 3213 -87.59 -120.80 15.39
CA TYR D 3213 -87.58 -119.48 14.76
C TYR D 3213 -88.28 -118.45 15.64
N ASN D 3214 -89.41 -118.82 16.23
CA ASN D 3214 -90.18 -117.92 17.07
C ASN D 3214 -89.76 -118.06 18.53
N ALA D 3215 -90.41 -117.29 19.41
CA ALA D 3215 -90.10 -117.37 20.83
C ALA D 3215 -90.48 -118.74 21.39
N CYS D 3216 -91.72 -119.17 21.15
CA CYS D 3216 -92.25 -120.46 21.59
C CYS D 3216 -91.82 -120.81 23.02
N SER D 3217 -91.96 -119.84 23.92
CA SER D 3217 -91.61 -119.96 25.33
C SER D 3217 -90.14 -120.32 25.53
N VAL D 3218 -89.31 -120.06 24.52
CA VAL D 3218 -87.87 -120.32 24.57
C VAL D 3218 -87.16 -119.00 24.33
N TYR D 3219 -86.18 -118.70 25.19
CA TYR D 3219 -85.42 -117.46 25.04
C TYR D 3219 -84.78 -117.40 23.65
N THR D 3220 -85.16 -116.40 22.87
CA THR D 3220 -84.64 -116.25 21.52
C THR D 3220 -83.14 -115.97 21.57
N THR D 3221 -82.44 -116.43 20.53
CA THR D 3221 -80.99 -116.31 20.48
C THR D 3221 -80.60 -114.85 20.41
N LYS D 3222 -80.07 -114.31 21.51
CA LYS D 3222 -79.56 -112.95 21.51
C LYS D 3222 -78.38 -112.81 20.57
N SER D 3223 -77.49 -113.80 20.55
CA SER D 3223 -76.36 -113.83 19.64
C SER D 3223 -76.60 -114.87 18.57
N PRO D 3224 -76.79 -114.48 17.30
CA PRO D 3224 -76.93 -115.49 16.24
C PRO D 3224 -75.70 -116.36 16.09
N ARG D 3225 -74.54 -115.90 16.55
CA ARG D 3225 -73.33 -116.72 16.52
C ARG D 3225 -73.45 -117.94 17.42
N GLU D 3226 -74.37 -117.93 18.39
CA GLU D 3226 -74.61 -119.12 19.20
C GLU D 3226 -75.05 -120.29 18.35
N ARG D 3227 -75.72 -120.01 17.23
CA ARG D 3227 -76.08 -121.03 16.25
C ARG D 3227 -75.06 -121.15 15.13
N ALA D 3228 -73.94 -120.41 15.21
CA ALA D 3228 -72.89 -120.48 14.21
C ALA D 3228 -71.75 -121.39 14.62
N ILE D 3229 -71.93 -122.18 15.69
CA ILE D 3229 -70.92 -123.16 16.07
C ILE D 3229 -70.70 -124.17 14.97
N LEU D 3230 -71.72 -124.39 14.14
CA LEU D 3230 -71.63 -125.28 12.99
C LEU D 3230 -70.93 -124.64 11.81
N GLY D 3231 -70.18 -123.55 12.02
CA GLY D 3231 -69.43 -122.93 10.95
C GLY D 3231 -68.24 -123.78 10.54
N LEU D 3232 -68.52 -125.03 10.21
CA LEU D 3232 -67.55 -126.03 9.79
C LEU D 3232 -68.17 -126.81 8.65
N PRO D 3233 -67.37 -127.53 7.86
CA PRO D 3233 -67.96 -128.36 6.81
C PRO D 3233 -68.61 -129.62 7.38
N ASN D 3234 -69.41 -129.45 8.43
CA ASN D 3234 -70.11 -130.50 9.18
C ASN D 3234 -69.29 -131.78 9.31
N SER D 3235 -67.99 -131.63 9.56
CA SER D 3235 -67.07 -132.76 9.55
C SER D 3235 -66.30 -132.82 10.86
N VAL D 3236 -66.08 -134.06 11.33
CA VAL D 3236 -65.23 -134.32 12.48
C VAL D 3236 -64.07 -135.14 11.96
N GLU D 3237 -63.65 -134.83 10.73
CA GLU D 3237 -62.67 -135.58 9.96
C GLU D 3237 -63.20 -136.95 9.52
N GLU D 3238 -64.52 -137.14 9.57
CA GLU D 3238 -65.15 -138.36 9.09
C GLU D 3238 -66.62 -138.08 8.83
N MET D 3239 -67.14 -138.61 7.73
CA MET D 3239 -68.55 -138.45 7.35
C MET D 3239 -69.03 -139.74 6.72
N CYS D 3240 -69.94 -140.43 7.41
CA CYS D 3240 -70.54 -141.67 6.92
C CYS D 3240 -72.05 -141.54 7.03
N PRO D 3241 -72.69 -140.87 6.06
CA PRO D 3241 -74.13 -140.66 6.13
C PRO D 3241 -74.92 -141.97 6.10
N ASP D 3242 -76.06 -141.96 6.80
CA ASP D 3242 -77.03 -143.05 6.87
C ASP D 3242 -76.48 -144.30 7.54
N ILE D 3243 -75.28 -144.24 8.13
CA ILE D 3243 -74.70 -145.38 8.83
C ILE D 3243 -75.31 -145.53 10.22
N PRO D 3244 -75.31 -144.50 11.09
CA PRO D 3244 -75.81 -144.72 12.45
C PRO D 3244 -77.31 -144.50 12.60
N VAL D 3245 -77.92 -143.81 11.63
CA VAL D 3245 -79.35 -143.49 11.75
C VAL D 3245 -80.20 -144.75 11.60
N LEU D 3246 -79.74 -145.73 10.81
CA LEU D 3246 -80.49 -146.95 10.57
C LEU D 3246 -79.79 -148.20 11.11
N ASP D 3247 -78.47 -148.26 11.01
CA ASP D 3247 -77.70 -149.37 11.54
C ASP D 3247 -77.13 -148.97 12.90
N ARG D 3248 -77.50 -149.70 13.94
CA ARG D 3248 -77.08 -149.38 15.29
C ARG D 3248 -76.56 -150.58 16.07
N LEU D 3249 -76.61 -151.79 15.50
CA LEU D 3249 -76.12 -152.96 16.22
C LEU D 3249 -74.60 -153.08 16.09
N MET D 3250 -74.10 -153.26 14.86
CA MET D 3250 -72.67 -153.39 14.66
C MET D 3250 -71.95 -152.06 14.84
N ALA D 3251 -72.61 -150.95 14.52
CA ALA D 3251 -71.99 -149.65 14.70
C ALA D 3251 -71.73 -149.36 16.17
N ASP D 3252 -72.69 -149.68 17.04
CA ASP D 3252 -72.49 -149.46 18.47
C ASP D 3252 -71.59 -150.52 19.08
N ILE D 3253 -71.73 -151.77 18.64
CA ILE D 3253 -70.89 -152.84 19.18
C ILE D 3253 -69.43 -152.63 18.81
N GLY D 3254 -69.17 -152.28 17.56
CA GLY D 3254 -67.81 -152.05 17.10
C GLY D 3254 -67.30 -153.17 16.20
N ALA D 3261 -65.66 -149.75 12.70
CA ALA D 3261 -66.81 -149.19 12.00
C ALA D 3261 -66.41 -148.58 10.66
N ARG D 3262 -67.07 -149.02 9.59
CA ARG D 3262 -66.79 -148.53 8.25
C ARG D 3262 -67.32 -147.10 8.13
N TYR D 3263 -66.42 -146.13 8.23
CA TYR D 3263 -66.78 -144.71 8.20
C TYR D 3263 -66.08 -144.03 7.04
N THR D 3264 -66.82 -143.15 6.36
CA THR D 3264 -66.30 -142.33 5.25
C THR D 3264 -65.83 -143.18 4.07
N GLU D 3265 -66.25 -144.45 4.00
CA GLU D 3265 -65.88 -145.31 2.90
C GLU D 3265 -67.04 -146.10 2.30
N MET D 3266 -68.12 -146.33 3.03
CA MET D 3266 -69.26 -147.08 2.51
C MET D 3266 -70.09 -146.23 1.54
N PRO D 3267 -70.62 -145.06 1.96
CA PRO D 3267 -71.47 -144.29 1.03
C PRO D 3267 -70.66 -143.37 0.11
N HIS D 3268 -70.05 -143.97 -0.91
CA HIS D 3268 -69.23 -143.18 -1.83
C HIS D 3268 -70.07 -142.19 -2.62
N VAL D 3269 -71.26 -142.60 -3.07
CA VAL D 3269 -72.11 -141.76 -3.89
C VAL D 3269 -73.48 -141.62 -3.25
N ILE D 3270 -73.55 -141.74 -1.93
CA ILE D 3270 -74.81 -141.64 -1.21
C ILE D 3270 -74.69 -140.57 -0.13
N GLU D 3271 -73.86 -139.56 -0.39
CA GLU D 3271 -73.55 -138.55 0.62
C GLU D 3271 -74.46 -137.33 0.51
N ILE D 3272 -74.44 -136.66 -0.65
CA ILE D 3272 -75.12 -135.37 -0.80
C ILE D 3272 -76.54 -135.66 -1.29
N THR D 3273 -77.44 -135.91 -0.34
CA THR D 3273 -78.86 -136.02 -0.64
C THR D 3273 -79.69 -135.00 0.14
N LEU D 3274 -79.49 -134.90 1.45
CA LEU D 3274 -80.15 -133.92 2.29
C LEU D 3274 -79.49 -132.55 2.19
N PRO D 3275 -78.14 -132.45 2.08
CA PRO D 3275 -77.54 -131.13 1.83
C PRO D 3275 -78.09 -130.45 0.59
N MET D 3276 -78.35 -131.21 -0.48
CA MET D 3276 -78.94 -130.62 -1.67
C MET D 3276 -80.31 -130.03 -1.36
N LEU D 3277 -81.13 -130.76 -0.61
CA LEU D 3277 -82.47 -130.27 -0.27
C LEU D 3277 -82.41 -129.00 0.57
N CYS D 3278 -81.56 -128.99 1.61
CA CYS D 3278 -81.53 -127.81 2.46
C CYS D 3278 -80.83 -126.63 1.80
N SER D 3279 -79.99 -126.89 0.79
CA SER D 3279 -79.42 -125.79 0.02
C SER D 3279 -80.42 -125.22 -0.97
N TYR D 3280 -81.25 -126.09 -1.57
CA TYR D 3280 -82.25 -125.63 -2.53
C TYR D 3280 -83.47 -125.02 -1.85
N LEU D 3281 -83.68 -125.29 -0.57
CA LEU D 3281 -84.82 -124.71 0.13
C LEU D 3281 -84.81 -123.18 0.10
N PRO D 3282 -83.70 -122.48 0.40
CA PRO D 3282 -83.69 -121.03 0.24
C PRO D 3282 -83.30 -120.53 -1.14
N ARG D 3283 -83.19 -121.43 -2.13
CA ARG D 3283 -82.81 -120.99 -3.48
C ARG D 3283 -83.84 -120.05 -4.07
N TRP D 3284 -85.12 -120.34 -3.87
CA TRP D 3284 -86.21 -119.49 -4.34
C TRP D 3284 -86.66 -118.50 -3.29
N TRP D 3285 -85.85 -118.27 -2.25
CA TRP D 3285 -86.21 -117.38 -1.15
C TRP D 3285 -85.62 -116.00 -1.40
N GLU D 3286 -86.48 -114.99 -1.43
CA GLU D 3286 -86.07 -113.61 -1.63
C GLU D 3286 -86.80 -112.70 -0.65
N ARG D 3287 -86.83 -113.11 0.61
CA ARG D 3287 -87.46 -112.29 1.65
C ARG D 3287 -86.71 -110.98 1.83
N GLY D 3288 -87.46 -109.89 1.92
CA GLY D 3288 -86.87 -108.57 2.02
C GLY D 3288 -86.20 -108.33 3.36
N PRO D 3289 -86.99 -108.21 4.42
CA PRO D 3289 -86.39 -108.04 5.76
C PRO D 3289 -85.65 -109.30 6.19
N GLU D 3290 -84.65 -109.10 7.05
CA GLU D 3290 -83.87 -110.21 7.56
C GLU D 3290 -84.53 -110.92 8.74
N ALA D 3291 -85.56 -110.33 9.33
CA ALA D 3291 -86.28 -111.00 10.42
C ALA D 3291 -87.00 -112.27 9.95
N PRO D 3292 -87.73 -112.28 8.84
CA PRO D 3292 -88.40 -113.53 8.42
C PRO D 3292 -87.42 -114.67 8.19
N PRO D 3293 -86.20 -114.41 7.71
CA PRO D 3293 -85.13 -115.41 7.83
C PRO D 3293 -84.29 -115.17 9.07
N PRO D 3294 -84.78 -115.51 10.28
CA PRO D 3294 -84.02 -115.17 11.49
C PRO D 3294 -82.82 -116.07 11.71
N ALA D 3295 -82.98 -117.36 11.44
CA ALA D 3295 -81.91 -118.34 11.61
C ALA D 3295 -81.27 -118.74 10.30
N LEU D 3296 -81.63 -118.07 9.20
CA LEU D 3296 -80.98 -118.36 7.92
C LEU D 3296 -79.46 -118.16 7.94
N PRO D 3297 -78.91 -117.09 8.54
CA PRO D 3297 -77.43 -116.99 8.58
C PRO D 3297 -76.76 -118.16 9.24
N ALA D 3298 -77.41 -118.81 10.20
CA ALA D 3298 -76.86 -120.04 10.77
C ALA D 3298 -77.04 -121.23 9.82
N GLY D 3299 -78.13 -121.28 9.07
CA GLY D 3299 -78.43 -122.42 8.23
C GLY D 3299 -77.56 -122.58 7.01
N ALA D 3300 -77.68 -121.67 6.04
CA ALA D 3300 -77.06 -121.80 4.74
C ALA D 3300 -75.59 -121.38 4.68
N PRO D 3301 -75.20 -120.21 5.19
CA PRO D 3301 -73.81 -119.74 4.96
C PRO D 3301 -72.74 -120.69 5.45
N PRO D 3302 -72.83 -121.26 6.67
CA PRO D 3302 -71.70 -122.05 7.17
C PRO D 3302 -71.40 -123.27 6.31
N PRO D 3303 -72.38 -124.19 6.08
CA PRO D 3303 -72.00 -125.43 5.37
C PRO D 3303 -71.85 -125.25 3.87
N CYS D 3304 -72.72 -124.44 3.25
CA CYS D 3304 -72.76 -124.35 1.80
C CYS D 3304 -71.45 -123.86 1.22
N THR D 3305 -70.74 -123.00 1.95
CA THR D 3305 -69.44 -122.50 1.51
C THR D 3305 -68.28 -123.33 2.04
N ALA D 3306 -68.56 -124.37 2.82
CA ALA D 3306 -67.51 -125.17 3.46
C ALA D 3306 -67.55 -126.64 3.09
N VAL D 3307 -68.73 -127.25 3.01
CA VAL D 3307 -68.81 -128.68 2.73
C VAL D 3307 -68.33 -128.97 1.31
N THR D 3308 -68.62 -128.08 0.36
CA THR D 3308 -68.16 -128.29 -1.00
C THR D 3308 -66.67 -128.02 -1.16
N SER D 3309 -66.05 -127.32 -0.20
CA SER D 3309 -64.61 -127.10 -0.26
C SER D 3309 -63.86 -128.40 -0.17
N ASP D 3310 -64.28 -129.30 0.72
CA ASP D 3310 -63.65 -130.61 0.81
C ASP D 3310 -63.91 -131.41 -0.47
N HIS D 3311 -62.89 -132.14 -0.90
CA HIS D 3311 -62.90 -132.92 -2.14
C HIS D 3311 -63.57 -132.16 -3.27
N LEU D 3312 -63.04 -130.95 -3.53
CA LEU D 3312 -63.63 -130.08 -4.54
C LEU D 3312 -63.50 -130.68 -5.94
N ASN D 3313 -62.51 -131.55 -6.15
CA ASN D 3313 -62.41 -132.24 -7.43
C ASN D 3313 -63.62 -133.13 -7.69
N SER D 3314 -64.07 -133.84 -6.65
CA SER D 3314 -65.26 -134.68 -6.78
C SER D 3314 -66.51 -133.84 -6.93
N LEU D 3315 -66.60 -132.74 -6.20
CA LEU D 3315 -67.78 -131.86 -6.20
C LEU D 3315 -67.37 -130.54 -6.86
N LEU D 3316 -67.46 -130.50 -8.20
CA LEU D 3316 -67.02 -129.35 -8.97
C LEU D 3316 -68.18 -128.42 -9.33
N GLY D 3317 -69.26 -128.95 -9.90
CA GLY D 3317 -70.41 -128.13 -10.21
C GLY D 3317 -71.20 -127.70 -8.99
N ASN D 3318 -71.06 -128.43 -7.88
CA ASN D 3318 -71.81 -128.09 -6.67
C ASN D 3318 -71.40 -126.72 -6.13
N ILE D 3319 -70.09 -126.47 -6.03
CA ILE D 3319 -69.63 -125.16 -5.58
C ILE D 3319 -69.96 -124.10 -6.62
N LEU D 3320 -69.89 -124.46 -7.91
CA LEU D 3320 -70.22 -123.50 -8.96
C LEU D 3320 -71.65 -123.01 -8.83
N ARG D 3321 -72.58 -123.90 -8.52
CA ARG D 3321 -73.96 -123.49 -8.31
C ARG D 3321 -74.16 -122.82 -6.96
N ILE D 3322 -73.44 -123.29 -5.93
CA ILE D 3322 -73.64 -122.78 -4.57
C ILE D 3322 -73.20 -121.32 -4.48
N ILE D 3323 -72.08 -120.97 -5.11
CA ILE D 3323 -71.59 -119.60 -5.03
C ILE D 3323 -72.55 -118.63 -5.72
N VAL D 3324 -73.04 -118.99 -6.90
CA VAL D 3324 -73.98 -118.11 -7.59
C VAL D 3324 -75.31 -118.04 -6.84
N ASN D 3325 -75.74 -119.13 -6.22
CA ASN D 3325 -76.95 -119.09 -5.40
C ASN D 3325 -76.76 -118.16 -4.20
N ASN D 3326 -75.58 -118.22 -3.56
CA ASN D 3326 -75.29 -117.34 -2.45
C ASN D 3326 -75.28 -115.88 -2.89
N LEU D 3327 -74.71 -115.61 -4.07
CA LEU D 3327 -74.70 -114.25 -4.60
C LEU D 3327 -76.13 -113.77 -4.86
N GLY D 3328 -76.97 -114.63 -5.44
CA GLY D 3328 -78.36 -114.25 -5.67
C GLY D 3328 -79.11 -113.99 -4.38
N ILE D 3329 -78.85 -114.82 -3.35
CA ILE D 3329 -79.51 -114.64 -2.06
C ILE D 3329 -79.08 -113.33 -1.42
N ASP D 3330 -77.77 -113.04 -1.44
CA ASP D 3330 -77.28 -111.80 -0.87
C ASP D 3330 -77.67 -110.59 -1.70
N GLU D 3331 -78.08 -110.80 -2.96
CA GLU D 3331 -78.60 -109.71 -3.77
C GLU D 3331 -79.92 -109.18 -3.25
N ALA D 3332 -80.55 -109.87 -2.30
CA ALA D 3332 -81.80 -109.38 -1.71
C ALA D 3332 -81.63 -108.10 -0.92
N THR D 3333 -80.39 -107.70 -0.61
CA THR D 3333 -80.10 -106.45 0.05
C THR D 3333 -79.59 -105.38 -0.92
N TRP D 3334 -80.11 -105.39 -2.15
CA TRP D 3334 -79.59 -104.50 -3.19
C TRP D 3334 -80.00 -103.04 -2.95
N MET D 3335 -81.13 -102.82 -2.27
CA MET D 3335 -81.60 -101.46 -2.06
C MET D 3335 -80.68 -100.71 -1.10
N LYS D 3336 -80.82 -99.37 -1.11
CA LYS D 3336 -79.93 -98.52 -0.34
C LYS D 3336 -80.14 -98.70 1.16
N ARG D 3337 -81.40 -98.79 1.61
CA ARG D 3337 -81.72 -98.83 3.04
C ARG D 3337 -82.60 -100.04 3.31
N LEU D 3338 -82.02 -101.07 3.93
CA LEU D 3338 -82.78 -102.21 4.42
C LEU D 3338 -82.71 -102.30 5.94
N ALA D 3339 -81.51 -102.41 6.50
CA ALA D 3339 -81.27 -102.52 7.93
C ALA D 3339 -79.77 -102.50 8.15
N VAL D 3340 -79.35 -102.12 9.35
CA VAL D 3340 -77.95 -102.11 9.73
C VAL D 3340 -77.67 -102.95 10.97
N PHE D 3341 -78.63 -103.77 11.38
CA PHE D 3341 -78.46 -104.58 12.59
C PHE D 3341 -77.59 -105.80 12.33
N ALA D 3342 -77.90 -106.56 11.28
CA ALA D 3342 -77.16 -107.77 10.95
C ALA D 3342 -76.60 -107.76 9.54
N GLN D 3343 -76.84 -106.71 8.76
CA GLN D 3343 -76.28 -106.65 7.41
C GLN D 3343 -74.76 -106.70 7.39
N PRO D 3344 -74.02 -105.93 8.20
CA PRO D 3344 -72.57 -106.15 8.25
C PRO D 3344 -72.19 -107.53 8.72
N ILE D 3345 -72.95 -108.10 9.66
CA ILE D 3345 -72.64 -109.43 10.17
C ILE D 3345 -72.76 -110.48 9.07
N VAL D 3346 -73.86 -110.44 8.32
CA VAL D 3346 -74.03 -111.41 7.24
C VAL D 3346 -73.06 -111.14 6.10
N SER D 3347 -72.70 -109.87 5.88
CA SER D 3347 -71.75 -109.54 4.82
C SER D 3347 -70.36 -110.08 5.14
N ARG D 3348 -69.94 -109.97 6.40
CA ARG D 3348 -68.61 -110.42 6.81
C ARG D 3348 -68.60 -111.85 7.34
N ALA D 3349 -69.74 -112.53 7.36
CA ALA D 3349 -69.79 -113.89 7.89
C ALA D 3349 -68.91 -114.83 7.07
N ARG D 3350 -69.10 -114.85 5.75
CA ARG D 3350 -68.30 -115.72 4.90
C ARG D 3350 -68.34 -115.27 3.44
N PRO D 3351 -67.65 -114.20 3.09
CA PRO D 3351 -67.56 -113.79 1.66
C PRO D 3351 -66.43 -114.53 0.94
N GLU D 3352 -66.60 -115.85 0.80
CA GLU D 3352 -65.58 -116.72 0.25
C GLU D 3352 -66.05 -117.32 -1.07
N LEU D 3353 -65.14 -117.43 -2.02
CA LEU D 3353 -65.40 -118.09 -3.30
C LEU D 3353 -64.08 -118.62 -3.84
N LEU D 3354 -64.14 -119.77 -4.51
CA LEU D 3354 -62.95 -120.46 -4.97
C LEU D 3354 -62.80 -120.45 -6.49
N HIS D 3355 -63.80 -120.96 -7.21
CA HIS D 3355 -63.69 -121.07 -8.67
C HIS D 3355 -65.01 -120.68 -9.32
N SER D 3356 -65.69 -119.68 -8.77
CA SER D 3356 -66.95 -119.20 -9.31
C SER D 3356 -66.98 -117.68 -9.33
N HIS D 3357 -65.91 -117.09 -9.85
CA HIS D 3357 -65.81 -115.64 -9.95
C HIS D 3357 -66.59 -115.15 -11.16
N PHE D 3358 -66.38 -113.89 -11.53
CA PHE D 3358 -67.11 -113.30 -12.65
C PHE D 3358 -66.79 -114.01 -13.96
N ILE D 3359 -65.55 -114.42 -14.15
CA ILE D 3359 -65.14 -115.12 -15.37
C ILE D 3359 -65.65 -116.56 -15.34
N PRO D 3360 -65.40 -117.36 -14.30
CA PRO D 3360 -65.99 -118.71 -14.28
C PRO D 3360 -67.50 -118.70 -14.29
N THR D 3361 -68.13 -117.68 -13.70
CA THR D 3361 -69.58 -117.54 -13.67
C THR D 3361 -69.92 -116.17 -14.25
N ILE D 3362 -70.25 -116.15 -15.55
CA ILE D 3362 -70.67 -114.90 -16.19
C ILE D 3362 -71.94 -114.36 -15.53
N GLY D 3363 -72.76 -115.25 -14.98
CA GLY D 3363 -73.89 -114.80 -14.19
C GLY D 3363 -73.46 -113.98 -12.99
N ARG D 3364 -72.35 -114.37 -12.36
CA ARG D 3364 -71.81 -113.57 -11.26
C ARG D 3364 -71.34 -112.21 -11.74
N LEU D 3365 -70.76 -112.15 -12.94
CA LEU D 3365 -70.35 -110.87 -13.51
C LEU D 3365 -71.57 -109.97 -13.74
N ARG D 3366 -72.64 -110.54 -14.30
CA ARG D 3366 -73.85 -109.76 -14.53
C ARG D 3366 -74.48 -109.30 -13.22
N LYS D 3367 -74.46 -110.18 -12.20
CA LYS D 3367 -75.01 -109.82 -10.90
C LYS D 3367 -74.20 -108.70 -10.26
N ARG D 3368 -72.87 -108.75 -10.36
CA ARG D 3368 -72.04 -107.69 -9.84
C ARG D 3368 -72.29 -106.37 -10.57
N ALA D 3369 -72.43 -106.43 -11.90
CA ALA D 3369 -72.74 -105.21 -12.66
C ALA D 3369 -74.09 -104.64 -12.23
N GLY D 3370 -75.09 -105.49 -12.04
CA GLY D 3370 -76.39 -105.01 -11.59
C GLY D 3370 -76.34 -104.44 -10.19
N LYS D 3371 -75.54 -105.05 -9.30
CA LYS D 3371 -75.37 -104.52 -7.97
C LYS D 3371 -74.71 -103.15 -7.99
N VAL D 3372 -73.72 -102.97 -8.86
CA VAL D 3372 -73.08 -101.67 -9.01
C VAL D 3372 -74.07 -100.64 -9.54
N VAL D 3373 -74.89 -101.04 -10.51
CA VAL D 3373 -75.89 -100.13 -11.07
C VAL D 3373 -76.90 -99.74 -9.98
N ALA D 3374 -77.26 -100.69 -9.12
CA ALA D 3374 -78.18 -100.38 -8.03
C ALA D 3374 -77.54 -99.45 -7.01
N GLU D 3375 -76.28 -99.70 -6.65
CA GLU D 3375 -75.57 -98.83 -5.73
C GLU D 3375 -75.28 -97.46 -6.32
N GLU D 3376 -75.40 -97.31 -7.64
CA GLU D 3376 -75.26 -95.99 -8.25
C GLU D 3376 -76.28 -95.00 -7.68
N GLU D 3377 -77.40 -95.49 -7.17
CA GLU D 3377 -78.37 -94.62 -6.52
C GLU D 3377 -77.79 -93.90 -5.31
N GLN D 3378 -76.76 -94.47 -4.69
CA GLN D 3378 -76.12 -93.81 -3.55
C GLN D 3378 -75.48 -92.48 -3.95
N LEU D 3379 -75.16 -92.29 -5.22
CA LEU D 3379 -74.59 -91.02 -5.67
C LEU D 3379 -75.59 -89.88 -5.49
N ARG D 3380 -76.87 -90.13 -5.78
CA ARG D 3380 -77.88 -89.11 -5.62
C ARG D 3380 -78.06 -88.69 -4.15
N LEU D 3381 -77.64 -89.53 -3.21
CA LEU D 3381 -77.71 -89.16 -1.80
C LEU D 3381 -76.80 -87.98 -1.52
N GLU D 3382 -75.63 -87.92 -2.17
CA GLU D 3382 -74.74 -86.79 -1.98
C GLU D 3382 -75.40 -85.49 -2.44
N ALA D 3383 -76.07 -85.52 -3.60
CA ALA D 3383 -76.76 -84.33 -4.07
C ALA D 3383 -77.92 -83.96 -3.14
N LYS D 3384 -78.64 -84.96 -2.65
CA LYS D 3384 -79.76 -84.69 -1.74
C LYS D 3384 -79.27 -84.04 -0.45
N ALA D 3385 -78.14 -84.52 0.09
CA ALA D 3385 -77.59 -83.92 1.31
C ALA D 3385 -77.03 -82.53 1.03
N GLU D 3386 -76.42 -82.33 -0.14
CA GLU D 3386 -75.87 -81.04 -0.49
C GLU D 3386 -76.97 -79.98 -0.65
N ALA D 3387 -78.10 -80.37 -1.24
CA ALA D 3387 -79.18 -79.41 -1.46
C ALA D 3387 -79.72 -78.86 -0.15
N GLU D 3388 -79.83 -79.71 0.87
CA GLU D 3388 -80.37 -79.29 2.17
C GLU D 3388 -79.43 -78.38 2.93
N GLU D 3389 -78.17 -78.26 2.50
CA GLU D 3389 -77.19 -77.42 3.18
C GLU D 3389 -77.17 -75.99 2.63
N GLY D 3390 -78.28 -75.52 2.07
CA GLY D 3390 -78.33 -74.19 1.50
C GLY D 3390 -78.73 -73.11 2.49
N GLU D 3391 -77.73 -72.38 3.00
CA GLU D 3391 -77.94 -71.26 3.92
C GLU D 3391 -78.70 -71.67 5.18
N LEU D 3392 -78.49 -72.90 5.64
CA LEU D 3392 -79.12 -73.43 6.84
C LEU D 3392 -80.65 -73.33 6.75
N LEU D 3393 -81.19 -73.93 5.69
CA LEU D 3393 -82.63 -73.87 5.46
C LEU D 3393 -83.40 -74.56 6.58
N VAL D 3394 -82.94 -75.71 7.03
CA VAL D 3394 -83.59 -76.51 8.05
C VAL D 3394 -82.52 -77.06 9.00
N ARG D 3395 -82.97 -77.84 9.97
CA ARG D 3395 -82.06 -78.47 10.94
C ARG D 3395 -81.31 -79.62 10.27
N ASP D 3396 -80.17 -79.31 9.67
CA ASP D 3396 -79.39 -80.33 8.96
C ASP D 3396 -78.76 -81.36 9.89
N GLU D 3397 -78.77 -81.11 11.21
CA GLU D 3397 -78.16 -82.07 12.14
C GLU D 3397 -78.84 -83.43 12.06
N PHE D 3398 -80.17 -83.45 12.00
CA PHE D 3398 -80.89 -84.72 11.96
C PHE D 3398 -80.86 -85.36 10.57
N SER D 3399 -80.84 -84.55 9.52
CA SER D 3399 -81.03 -85.06 8.15
C SER D 3399 -79.71 -85.25 7.41
N VAL D 3400 -78.93 -84.19 7.26
CA VAL D 3400 -77.70 -84.27 6.49
C VAL D 3400 -76.70 -85.22 7.15
N LEU D 3401 -76.56 -85.13 8.48
CA LEU D 3401 -75.63 -85.99 9.18
C LEU D 3401 -76.02 -87.45 9.07
N CYS D 3402 -77.33 -87.75 9.08
CA CYS D 3402 -77.80 -89.11 8.93
C CYS D 3402 -77.76 -89.60 7.49
N ARG D 3403 -77.78 -88.69 6.51
CA ARG D 3403 -77.83 -89.09 5.11
C ARG D 3403 -76.59 -89.89 4.72
N ASP D 3404 -75.42 -89.28 4.83
CA ASP D 3404 -74.18 -89.98 4.47
C ASP D 3404 -73.92 -91.15 5.39
N LEU D 3405 -74.41 -91.08 6.64
CA LEU D 3405 -74.27 -92.21 7.56
C LEU D 3405 -75.01 -93.44 7.02
N TYR D 3406 -76.29 -93.25 6.66
CA TYR D 3406 -77.06 -94.35 6.10
C TYR D 3406 -76.58 -94.73 4.71
N ALA D 3407 -75.89 -93.83 4.02
CA ALA D 3407 -75.29 -94.20 2.74
C ALA D 3407 -74.09 -95.12 2.91
N LEU D 3408 -73.21 -94.79 3.86
CA LEU D 3408 -71.99 -95.55 4.08
C LEU D 3408 -72.19 -96.79 4.94
N TYR D 3409 -73.33 -96.89 5.64
CA TYR D 3409 -73.58 -98.09 6.45
C TYR D 3409 -73.61 -99.37 5.62
N PRO D 3410 -74.37 -99.46 4.50
CA PRO D 3410 -74.36 -100.71 3.74
C PRO D 3410 -73.28 -100.73 2.66
N LEU D 3411 -72.74 -99.56 2.33
CA LEU D 3411 -71.71 -99.49 1.29
C LEU D 3411 -70.46 -100.26 1.69
N LEU D 3412 -70.06 -100.16 2.95
CA LEU D 3412 -68.88 -100.88 3.41
C LEU D 3412 -69.11 -102.40 3.42
N ILE D 3413 -70.37 -102.83 3.52
CA ILE D 3413 -70.67 -104.25 3.61
C ILE D 3413 -70.26 -104.97 2.33
N ARG D 3414 -70.59 -104.39 1.17
CA ARG D 3414 -70.34 -105.05 -0.10
C ARG D 3414 -68.88 -104.96 -0.54
N TYR D 3415 -68.06 -104.12 0.11
CA TYR D 3415 -66.68 -103.96 -0.32
C TYR D 3415 -65.84 -105.20 0.01
N VAL D 3416 -66.16 -105.89 1.10
CA VAL D 3416 -65.42 -107.10 1.47
C VAL D 3416 -65.63 -108.18 0.43
N ASP D 3417 -66.82 -108.24 -0.18
CA ASP D 3417 -67.07 -109.24 -1.20
C ASP D 3417 -66.12 -109.06 -2.38
N ASN D 3418 -65.89 -107.83 -2.81
CA ASN D 3418 -64.91 -107.58 -3.85
C ASN D 3418 -63.49 -107.89 -3.35
N ASN D 3419 -63.13 -107.32 -2.20
CA ASN D 3419 -61.76 -107.44 -1.71
C ASN D 3419 -61.35 -108.89 -1.45
N ARG D 3420 -62.31 -109.78 -1.26
CA ARG D 3420 -62.01 -111.18 -1.01
C ARG D 3420 -61.29 -111.81 -2.20
N ALA D 3421 -61.94 -111.87 -3.36
CA ALA D 3421 -61.34 -112.54 -4.50
C ALA D 3421 -61.60 -111.89 -5.85
N HIS D 3422 -62.30 -110.76 -5.93
CA HIS D 3422 -62.50 -110.13 -7.23
C HIS D 3422 -61.19 -109.62 -7.81
N TRP D 3423 -60.19 -109.36 -6.97
CA TRP D 3423 -58.89 -108.96 -7.48
C TRP D 3423 -58.19 -110.07 -8.25
N LEU D 3424 -58.64 -111.32 -8.08
CA LEU D 3424 -58.04 -112.43 -8.80
C LEU D 3424 -58.48 -112.48 -10.26
N THR D 3425 -59.69 -112.00 -10.56
CA THR D 3425 -60.25 -112.15 -11.90
C THR D 3425 -60.57 -110.82 -12.58
N GLU D 3426 -61.26 -109.91 -11.90
CA GLU D 3426 -61.71 -108.68 -12.56
C GLU D 3426 -60.56 -107.85 -13.13
N PRO D 3427 -59.48 -107.57 -12.41
CA PRO D 3427 -58.36 -106.86 -13.04
C PRO D 3427 -57.41 -107.76 -13.81
N ASN D 3428 -57.66 -109.07 -13.84
CA ASN D 3428 -56.83 -109.99 -14.62
C ASN D 3428 -57.45 -110.35 -15.96
N ALA D 3429 -58.77 -110.20 -16.11
CA ALA D 3429 -59.40 -110.45 -17.40
C ALA D 3429 -58.98 -109.41 -18.43
N ASN D 3430 -58.67 -108.19 -17.99
CA ASN D 3430 -58.22 -107.15 -18.92
C ASN D 3430 -56.85 -107.50 -19.51
N ALA D 3431 -56.02 -108.21 -18.75
CA ALA D 3431 -54.74 -108.66 -19.30
C ALA D 3431 -54.95 -109.58 -20.50
N GLU D 3432 -55.88 -110.52 -20.39
CA GLU D 3432 -56.23 -111.34 -21.55
C GLU D 3432 -56.89 -110.50 -22.65
N GLU D 3433 -57.78 -109.59 -22.27
CA GLU D 3433 -58.44 -108.71 -23.23
C GLU D 3433 -58.98 -107.50 -22.47
N LEU D 3434 -58.51 -106.31 -22.84
CA LEU D 3434 -58.81 -105.10 -22.07
C LEU D 3434 -60.28 -104.74 -22.06
N PHE D 3435 -61.07 -105.29 -22.98
CA PHE D 3435 -62.49 -104.97 -23.05
C PHE D 3435 -63.37 -105.95 -22.27
N ARG D 3436 -62.76 -106.88 -21.54
CA ARG D 3436 -63.54 -107.87 -20.79
C ARG D 3436 -64.35 -107.22 -19.68
N MET D 3437 -63.80 -106.22 -19.00
CA MET D 3437 -64.43 -105.58 -17.85
C MET D 3437 -64.52 -104.08 -18.05
N VAL D 3438 -65.02 -103.68 -19.23
CA VAL D 3438 -65.20 -102.26 -19.51
C VAL D 3438 -66.21 -101.66 -18.54
N GLY D 3439 -67.26 -102.42 -18.19
CA GLY D 3439 -68.21 -101.94 -17.21
C GLY D 3439 -67.59 -101.71 -15.85
N GLU D 3440 -66.67 -102.61 -15.45
CA GLU D 3440 -65.98 -102.44 -14.17
C GLU D 3440 -65.16 -101.15 -14.15
N ILE D 3441 -64.49 -100.85 -15.27
CA ILE D 3441 -63.79 -99.58 -15.38
C ILE D 3441 -64.78 -98.42 -15.28
N PHE D 3442 -65.91 -98.54 -15.97
CA PHE D 3442 -66.96 -97.53 -15.85
C PHE D 3442 -67.52 -97.50 -14.43
N ILE D 3443 -67.68 -98.67 -13.81
CA ILE D 3443 -68.23 -98.73 -12.46
C ILE D 3443 -67.22 -98.17 -11.46
N TYR D 3444 -67.73 -97.84 -10.27
CA TYR D 3444 -66.94 -97.31 -9.16
C TYR D 3444 -66.22 -96.02 -9.54
N TRP D 3445 -66.79 -95.25 -10.48
CA TRP D 3445 -66.19 -93.99 -10.92
C TRP D 3445 -66.73 -92.81 -10.12
N SER D 3446 -68.04 -92.58 -10.20
CA SER D 3446 -68.64 -91.48 -9.45
C SER D 3446 -68.66 -91.76 -7.95
N LYS D 3447 -68.86 -93.01 -7.56
CA LYS D 3447 -68.86 -93.36 -6.14
C LYS D 3447 -67.51 -93.07 -5.51
N SER D 3448 -66.41 -93.39 -6.21
CA SER D 3448 -65.09 -93.08 -5.70
C SER D 3448 -64.88 -91.58 -5.56
N HIS D 3449 -65.35 -90.82 -6.55
CA HIS D 3449 -65.25 -89.36 -6.48
C HIS D 3449 -66.13 -88.78 -5.37
N ASN D 3450 -67.17 -89.49 -4.95
CA ASN D 3450 -68.04 -88.98 -3.90
C ASN D 3450 -67.28 -88.81 -2.58
N PHE D 3451 -66.27 -89.64 -2.34
CA PHE D 3451 -65.47 -89.48 -1.12
C PHE D 3451 -64.67 -88.20 -1.14
N LYS D 3452 -64.34 -87.67 -2.32
CA LYS D 3452 -63.60 -86.42 -2.41
C LYS D 3452 -64.39 -85.28 -1.79
N ARG D 3453 -65.57 -84.98 -2.35
CA ARG D 3453 -66.44 -83.97 -1.79
C ARG D 3453 -67.19 -84.57 -0.60
N GLU D 3454 -68.14 -83.82 -0.05
CA GLU D 3454 -68.95 -84.25 1.09
C GLU D 3454 -68.05 -84.64 2.28
N GLU D 3455 -67.35 -83.61 2.79
CA GLU D 3455 -66.40 -83.79 3.87
C GLU D 3455 -67.01 -84.40 5.12
N GLN D 3456 -68.33 -84.52 5.20
CA GLN D 3456 -68.98 -85.14 6.35
C GLN D 3456 -68.80 -86.65 6.40
N ASN D 3457 -68.25 -87.26 5.33
CA ASN D 3457 -68.09 -88.72 5.31
C ASN D 3457 -67.01 -89.20 6.28
N PHE D 3458 -66.12 -88.31 6.72
CA PHE D 3458 -65.00 -88.75 7.57
C PHE D 3458 -65.49 -89.29 8.91
N VAL D 3459 -66.43 -88.59 9.54
CA VAL D 3459 -66.88 -89.01 10.86
C VAL D 3459 -67.59 -90.36 10.78
N VAL D 3460 -68.44 -90.56 9.76
CA VAL D 3460 -69.12 -91.84 9.65
C VAL D 3460 -68.16 -92.95 9.28
N GLN D 3461 -67.18 -92.66 8.41
CA GLN D 3461 -66.20 -93.68 8.06
C GLN D 3461 -65.37 -94.09 9.27
N ASN D 3462 -65.09 -93.16 10.18
CA ASN D 3462 -64.36 -93.52 11.39
C ASN D 3462 -65.26 -94.27 12.36
N GLU D 3463 -66.52 -93.85 12.50
CA GLU D 3463 -67.38 -94.45 13.51
C GLU D 3463 -67.83 -95.85 13.12
N ILE D 3464 -67.94 -96.15 11.83
CA ILE D 3464 -68.30 -97.51 11.43
C ILE D 3464 -67.15 -98.47 11.77
N ASN D 3465 -65.90 -98.01 11.59
CA ASN D 3465 -64.76 -98.82 12.01
C ASN D 3465 -64.72 -98.95 13.54
N ASN D 3466 -65.06 -97.87 14.25
CA ASN D 3466 -65.07 -97.93 15.70
C ASN D 3466 -66.09 -98.94 16.21
N MET D 3467 -67.29 -98.93 15.62
CA MET D 3467 -68.32 -99.86 16.04
C MET D 3467 -68.07 -101.27 15.51
N SER D 3468 -67.52 -101.38 14.30
CA SER D 3468 -67.23 -102.66 13.66
C SER D 3468 -68.47 -103.55 13.59
N VAL D 3511 -57.67 -92.13 10.75
CA VAL D 3511 -57.16 -93.47 10.53
C VAL D 3511 -57.07 -93.76 9.04
N ALA D 3512 -55.85 -94.09 8.59
CA ALA D 3512 -55.59 -94.40 7.18
C ALA D 3512 -55.94 -95.86 6.92
N THR D 3513 -57.24 -96.15 6.99
CA THR D 3513 -57.74 -97.50 6.79
C THR D 3513 -58.12 -97.69 5.33
N LEU D 3514 -58.80 -98.80 5.03
CA LEU D 3514 -59.21 -99.11 3.66
C LEU D 3514 -60.32 -98.19 3.16
N LYS D 3515 -60.94 -97.40 4.04
CA LYS D 3515 -62.01 -96.51 3.61
C LYS D 3515 -61.50 -95.46 2.61
N LYS D 3516 -60.24 -95.06 2.73
CA LYS D 3516 -59.68 -94.09 1.78
C LYS D 3516 -59.35 -94.75 0.45
N MET D 3517 -58.83 -95.98 0.49
CA MET D 3517 -58.34 -96.67 -0.70
C MET D 3517 -59.27 -97.79 -1.14
N LEU D 3518 -60.58 -97.56 -1.04
CA LEU D 3518 -61.53 -98.58 -1.48
C LEU D 3518 -61.35 -98.98 -2.94
N PRO D 3519 -61.25 -98.06 -3.90
CA PRO D 3519 -61.05 -98.48 -5.30
C PRO D 3519 -59.59 -98.54 -5.74
N ILE D 3520 -58.63 -98.43 -4.83
CA ILE D 3520 -57.23 -98.40 -5.21
C ILE D 3520 -56.83 -99.70 -5.90
N GLY D 3521 -57.27 -100.83 -5.36
CA GLY D 3521 -56.93 -102.13 -5.93
C GLY D 3521 -57.39 -102.32 -7.35
N LEU D 3522 -58.42 -101.59 -7.77
CA LEU D 3522 -58.92 -101.67 -9.14
C LEU D 3522 -58.57 -100.46 -10.00
N ASN D 3523 -58.19 -99.34 -9.39
CA ASN D 3523 -57.85 -98.14 -10.16
C ASN D 3523 -56.51 -98.25 -10.86
N MET D 3524 -55.70 -99.26 -10.55
CA MET D 3524 -54.36 -99.36 -11.12
C MET D 3524 -54.40 -99.59 -12.62
N CYS D 3525 -55.17 -100.57 -13.07
CA CYS D 3525 -55.16 -100.97 -14.47
C CYS D 3525 -56.53 -100.91 -15.13
N ALA D 3526 -57.60 -101.22 -14.41
CA ALA D 3526 -58.93 -101.27 -15.03
C ALA D 3526 -59.34 -99.97 -15.70
N PRO D 3527 -59.22 -98.78 -15.06
CA PRO D 3527 -59.68 -97.57 -15.75
C PRO D 3527 -58.64 -96.97 -16.67
N THR D 3528 -57.36 -97.22 -16.38
CA THR D 3528 -56.30 -96.65 -17.20
C THR D 3528 -56.19 -97.34 -18.55
N ASP D 3529 -56.27 -98.67 -18.57
CA ASP D 3529 -56.09 -99.44 -19.79
C ASP D 3529 -57.42 -99.57 -20.55
N GLN D 3530 -58.00 -98.42 -20.87
CA GLN D 3530 -59.25 -98.36 -21.62
C GLN D 3530 -59.10 -97.66 -22.96
N ASP D 3531 -58.54 -96.45 -22.97
CA ASP D 3531 -58.34 -95.69 -24.20
C ASP D 3531 -57.07 -94.88 -24.06
N LEU D 3532 -56.55 -94.43 -25.21
CA LEU D 3532 -55.29 -93.68 -25.28
C LEU D 3532 -54.17 -94.48 -24.61
N ILE D 3533 -53.86 -95.61 -25.25
CA ILE D 3533 -52.98 -96.61 -24.65
C ILE D 3533 -51.64 -95.99 -24.27
N MET D 3534 -51.03 -95.28 -25.22
CA MET D 3534 -49.79 -94.53 -24.94
C MET D 3534 -49.88 -93.19 -25.66
N LEU D 3535 -50.43 -92.20 -24.98
CA LEU D 3535 -50.45 -90.84 -25.50
C LEU D 3535 -49.99 -89.82 -24.48
N ALA D 3536 -50.32 -90.00 -23.21
CA ALA D 3536 -49.94 -89.12 -22.10
C ALA D 3536 -50.40 -87.68 -22.29
N LYS D 3537 -51.24 -87.40 -23.29
CA LYS D 3537 -51.76 -86.06 -23.47
C LYS D 3537 -52.75 -85.70 -22.37
N THR D 3538 -53.50 -86.69 -21.88
CA THR D 3538 -54.44 -86.43 -20.79
C THR D 3538 -53.71 -85.95 -19.55
N ARG D 3539 -52.68 -86.68 -19.12
CA ARG D 3539 -51.90 -86.26 -17.96
C ARG D 3539 -51.20 -84.93 -18.22
N TYR D 3540 -50.94 -84.61 -19.49
CA TYR D 3540 -50.29 -83.34 -19.81
C TYR D 3540 -51.25 -82.17 -19.64
N ALA D 3541 -52.48 -82.31 -20.13
CA ALA D 3541 -53.43 -81.19 -20.19
C ALA D 3541 -54.46 -81.23 -19.07
N LEU D 3542 -55.23 -82.32 -18.99
CA LEU D 3542 -56.34 -82.36 -18.04
C LEU D 3542 -55.86 -82.28 -16.60
N LYS D 3543 -54.66 -82.79 -16.32
CA LYS D 3543 -54.10 -82.64 -14.98
C LYS D 3543 -53.88 -81.18 -14.65
N ASP D 3544 -53.40 -80.40 -15.63
CA ASP D 3544 -53.30 -78.96 -15.44
C ASP D 3544 -54.67 -78.33 -15.27
N THR D 3545 -55.67 -78.81 -16.02
CA THR D 3545 -57.02 -78.28 -15.87
C THR D 3545 -57.65 -78.63 -14.53
N ASP D 3546 -57.06 -79.55 -13.78
CA ASP D 3546 -57.60 -79.91 -12.47
C ASP D 3546 -57.30 -78.81 -11.46
N GLU D 3547 -58.05 -77.71 -11.57
CA GLU D 3547 -57.85 -76.51 -10.74
C GLU D 3547 -59.18 -76.08 -10.14
N GLU D 3548 -59.89 -77.04 -9.54
CA GLU D 3548 -61.22 -76.81 -8.96
C GLU D 3548 -62.21 -76.34 -10.03
N VAL D 3549 -62.07 -76.89 -11.23
CA VAL D 3549 -63.00 -76.62 -12.32
C VAL D 3549 -64.11 -77.66 -12.30
N ARG D 3550 -65.21 -77.35 -12.97
CA ARG D 3550 -66.31 -78.29 -13.10
C ARG D 3550 -65.97 -79.37 -14.12
N GLU D 3551 -66.76 -80.46 -14.08
CA GLU D 3551 -66.54 -81.55 -15.02
C GLU D 3551 -66.83 -81.12 -16.44
N PHE D 3552 -67.72 -80.14 -16.64
CA PHE D 3552 -68.00 -79.65 -17.98
C PHE D 3552 -66.77 -79.01 -18.61
N LEU D 3553 -65.98 -78.27 -17.82
CA LEU D 3553 -64.78 -77.63 -18.35
C LEU D 3553 -63.79 -78.67 -18.86
N GLN D 3554 -63.52 -79.70 -18.05
CA GLN D 3554 -62.59 -80.74 -18.48
C GLN D 3554 -63.14 -81.53 -19.65
N ASN D 3555 -64.45 -81.80 -19.66
CA ASN D 3555 -65.04 -82.52 -20.79
C ASN D 3555 -64.91 -81.72 -22.08
N ASN D 3556 -65.12 -80.40 -22.02
CA ASN D 3556 -64.93 -79.56 -23.19
C ASN D 3556 -63.47 -79.54 -23.63
N LEU D 3557 -62.54 -79.43 -22.68
CA LEU D 3557 -61.13 -79.33 -23.02
C LEU D 3557 -60.53 -80.66 -23.43
N HIS D 3558 -61.22 -81.78 -23.19
CA HIS D 3558 -60.73 -83.07 -23.67
C HIS D 3558 -60.70 -83.12 -25.19
N LEU D 3559 -61.72 -82.56 -25.84
CA LEU D 3559 -61.88 -82.69 -27.29
C LEU D 3559 -61.06 -81.69 -28.09
N GLN D 3560 -60.31 -80.80 -27.43
CA GLN D 3560 -59.50 -79.85 -28.17
C GLN D 3560 -58.42 -80.55 -28.99
N GLY D 3561 -57.77 -81.55 -28.41
CA GLY D 3561 -56.74 -82.30 -29.10
C GLY D 3561 -55.40 -81.56 -29.16
N ARG D 3570 -39.47 -96.83 -22.58
CA ARG D 3570 -40.83 -96.70 -23.09
C ARG D 3570 -40.95 -95.52 -24.04
N TRP D 3571 -42.19 -95.10 -24.27
CA TRP D 3571 -42.54 -93.95 -25.13
C TRP D 3571 -42.33 -94.31 -26.60
N GLN D 3572 -41.67 -95.44 -26.84
CA GLN D 3572 -41.53 -96.00 -28.19
C GLN D 3572 -42.09 -97.41 -28.27
N MET D 3573 -41.73 -98.28 -27.33
CA MET D 3573 -42.25 -99.64 -27.30
C MET D 3573 -43.67 -99.70 -26.76
N ALA D 3574 -44.14 -98.65 -26.09
CA ALA D 3574 -45.51 -98.66 -25.58
C ALA D 3574 -46.51 -98.72 -26.72
N LEU D 3575 -46.27 -97.98 -27.80
CA LEU D 3575 -47.15 -98.04 -28.96
C LEU D 3575 -47.19 -99.44 -29.57
N TYR D 3576 -46.04 -100.09 -29.64
CA TYR D 3576 -45.94 -101.41 -30.23
C TYR D 3576 -46.29 -102.53 -29.25
N ARG D 3577 -46.61 -102.20 -28.00
CA ARG D 3577 -46.99 -103.21 -27.01
C ARG D 3577 -48.46 -103.11 -26.63
N GLY D 3578 -48.89 -101.95 -26.14
CA GLY D 3578 -50.27 -101.81 -25.70
C GLY D 3578 -51.28 -101.85 -26.84
N LEU D 3579 -50.98 -101.16 -27.94
CA LEU D 3579 -51.91 -101.13 -29.06
C LEU D 3579 -52.14 -102.50 -29.69
N PRO D 3580 -51.12 -103.33 -29.95
CA PRO D 3580 -51.41 -104.69 -30.43
C PRO D 3580 -52.25 -105.51 -29.47
N GLY D 3581 -52.13 -105.28 -28.17
CA GLY D 3581 -52.99 -105.96 -27.22
C GLY D 3581 -54.45 -105.65 -27.42
N ARG D 3582 -54.77 -104.39 -27.70
CA ARG D 3582 -56.14 -104.01 -28.01
C ARG D 3582 -56.51 -104.49 -29.40
N GLU D 3583 -57.54 -105.34 -29.48
CA GLU D 3583 -57.91 -105.94 -30.75
C GLU D 3583 -58.37 -104.89 -31.75
N GLU D 3584 -59.16 -103.92 -31.30
CA GLU D 3584 -59.65 -102.85 -32.17
C GLU D 3584 -59.84 -101.61 -31.30
N ASP D 3585 -58.84 -100.73 -31.30
CA ASP D 3585 -58.94 -99.49 -30.53
C ASP D 3585 -59.96 -98.55 -31.14
N ALA D 3586 -60.77 -97.93 -30.29
CA ALA D 3586 -61.76 -96.95 -30.72
C ALA D 3586 -61.09 -95.58 -30.71
N ASP D 3587 -60.42 -95.25 -31.81
CA ASP D 3587 -59.72 -93.98 -31.94
C ASP D 3587 -60.73 -92.90 -32.34
N ASP D 3588 -61.43 -92.39 -31.34
CA ASP D 3588 -62.43 -91.36 -31.53
C ASP D 3588 -62.20 -90.22 -30.55
N PRO D 3589 -62.56 -88.99 -30.93
CA PRO D 3589 -62.36 -87.86 -30.00
C PRO D 3589 -63.11 -88.03 -28.69
N GLU D 3590 -64.32 -88.61 -28.73
CA GLU D 3590 -65.09 -88.82 -27.51
C GLU D 3590 -64.81 -90.16 -26.85
N LYS D 3591 -64.28 -91.13 -27.59
CA LYS D 3591 -63.91 -92.39 -26.97
C LYS D 3591 -62.79 -92.20 -25.96
N ILE D 3592 -61.80 -91.37 -26.29
CA ILE D 3592 -60.73 -91.05 -25.35
C ILE D 3592 -61.18 -90.13 -24.24
N VAL D 3593 -62.36 -89.54 -24.35
CA VAL D 3593 -62.88 -88.68 -23.28
C VAL D 3593 -63.13 -89.50 -22.02
N ARG D 3594 -63.59 -90.75 -22.19
CA ARG D 3594 -63.79 -91.61 -21.03
C ARG D 3594 -62.48 -91.85 -20.28
N ARG D 3595 -61.41 -92.13 -21.02
CA ARG D 3595 -60.10 -92.32 -20.37
C ARG D 3595 -59.61 -91.03 -19.75
N VAL D 3596 -59.81 -89.90 -20.44
CA VAL D 3596 -59.37 -88.61 -19.91
C VAL D 3596 -60.16 -88.20 -18.67
N GLN D 3597 -61.36 -88.74 -18.50
CA GLN D 3597 -62.17 -88.44 -17.32
C GLN D 3597 -61.51 -88.92 -16.03
N GLU D 3598 -60.53 -89.81 -16.12
CA GLU D 3598 -59.77 -90.24 -14.95
C GLU D 3598 -58.93 -89.12 -14.35
N VAL D 3599 -58.87 -87.96 -15.00
CA VAL D 3599 -58.14 -86.82 -14.45
C VAL D 3599 -58.76 -86.38 -13.13
N SER D 3600 -60.09 -86.48 -13.00
CA SER D 3600 -60.72 -86.15 -11.73
C SER D 3600 -60.27 -87.08 -10.62
N ALA D 3601 -60.19 -88.38 -10.90
CA ALA D 3601 -59.71 -89.34 -9.91
C ALA D 3601 -58.25 -89.08 -9.59
N VAL D 3602 -57.45 -88.74 -10.59
CA VAL D 3602 -56.04 -88.42 -10.35
C VAL D 3602 -55.91 -87.20 -9.45
N LEU D 3603 -56.72 -86.17 -9.70
CA LEU D 3603 -56.71 -84.99 -8.86
C LEU D 3603 -57.13 -85.33 -7.43
N TYR D 3604 -58.15 -86.18 -7.29
CA TYR D 3604 -58.57 -86.61 -5.95
C TYR D 3604 -57.45 -87.34 -5.22
N HIS D 3605 -56.75 -88.23 -5.93
CA HIS D 3605 -55.62 -88.93 -5.33
C HIS D 3605 -54.52 -87.97 -4.93
N LEU D 3606 -54.27 -86.96 -5.78
CA LEU D 3606 -53.27 -85.95 -5.45
C LEU D 3606 -53.65 -85.18 -4.20
N GLU D 3607 -54.93 -84.81 -4.10
CA GLU D 3607 -55.41 -84.17 -2.87
C GLU D 3607 -55.38 -85.12 -1.68
N GLN D 3608 -55.33 -86.43 -1.93
CA GLN D 3608 -55.25 -87.41 -0.86
C GLN D 3608 -53.83 -87.64 -0.35
N THR D 3609 -52.85 -86.91 -0.90
CA THR D 3609 -51.47 -87.11 -0.47
C THR D 3609 -51.29 -86.76 1.00
N GLU D 3610 -51.91 -85.68 1.46
CA GLU D 3610 -51.83 -85.28 2.86
C GLU D 3610 -53.17 -85.49 3.55
N PRO D 3612 -55.52 -83.62 2.26
CA PRO D 3612 -55.44 -82.21 1.88
C PRO D 3612 -54.53 -81.98 0.68
N TYR D 3613 -53.23 -81.91 0.91
CA TYR D 3613 -52.26 -81.70 -0.16
C TYR D 3613 -52.05 -82.98 -0.96
N THR D 3639 -61.75 -70.61 44.43
CA THR D 3639 -62.36 -70.48 45.76
C THR D 3639 -63.46 -69.41 45.75
N PRO D 3640 -64.66 -69.81 46.18
CA PRO D 3640 -65.78 -68.86 46.16
C PRO D 3640 -65.55 -67.68 47.08
N LEU D 3641 -66.23 -66.57 46.77
CA LEU D 3641 -66.07 -65.35 47.56
C LEU D 3641 -66.51 -65.57 49.00
N TYR D 3642 -67.56 -66.36 49.21
CA TYR D 3642 -68.05 -66.64 50.55
C TYR D 3642 -67.14 -67.69 51.20
N ASN D 3643 -67.61 -68.28 52.31
CA ASN D 3643 -66.90 -69.30 53.08
C ASN D 3643 -65.48 -68.87 53.47
N LEU D 3644 -65.22 -67.56 53.47
CA LEU D 3644 -63.98 -66.93 53.89
C LEU D 3644 -64.17 -66.26 55.24
N PRO D 3645 -63.10 -66.16 56.03
CA PRO D 3645 -63.23 -65.49 57.34
C PRO D 3645 -63.69 -64.05 57.18
N THR D 3646 -64.56 -63.63 58.10
CA THR D 3646 -65.14 -62.29 58.00
C THR D 3646 -64.08 -61.20 58.17
N HIS D 3647 -63.07 -61.45 59.00
CA HIS D 3647 -62.02 -60.45 59.18
C HIS D 3647 -61.22 -60.26 57.90
N ARG D 3648 -60.96 -61.34 57.16
CA ARG D 3648 -60.30 -61.20 55.86
C ARG D 3648 -61.15 -60.40 54.89
N ALA D 3649 -62.45 -60.67 54.87
CA ALA D 3649 -63.34 -59.92 53.99
C ALA D 3649 -63.35 -58.43 54.34
N CYS D 3650 -63.37 -58.11 55.64
CA CYS D 3650 -63.33 -56.71 56.05
C CYS D 3650 -62.01 -56.07 55.65
N ASN D 3651 -60.89 -56.76 55.92
CA ASN D 3651 -59.58 -56.20 55.60
C ASN D 3651 -59.37 -56.08 54.09
N MET D 3652 -60.13 -56.81 53.29
CA MET D 3652 -60.03 -56.67 51.85
C MET D 3652 -60.95 -55.59 51.28
N PHE D 3653 -62.20 -55.53 51.75
CA PHE D 3653 -63.21 -54.69 51.11
C PHE D 3653 -62.79 -53.23 51.07
N LEU D 3654 -62.31 -52.71 52.19
CA LEU D 3654 -61.90 -51.31 52.24
C LEU D 3654 -60.70 -51.05 51.35
N GLU D 3655 -59.94 -52.08 50.99
CA GLU D 3655 -58.82 -51.89 50.09
C GLU D 3655 -59.28 -51.71 48.65
N SER D 3656 -60.53 -52.07 48.36
CA SER D 3656 -61.09 -51.96 47.02
C SER D 3656 -62.30 -51.03 46.97
N TYR D 3657 -62.29 -49.96 47.76
CA TYR D 3657 -63.44 -49.08 47.89
C TYR D 3657 -63.53 -48.13 46.69
N LYS D 3658 -63.93 -48.70 45.55
CA LYS D 3658 -64.05 -47.93 44.32
C LYS D 3658 -65.10 -46.83 44.43
N ALA D 3659 -66.27 -47.16 44.97
CA ALA D 3659 -67.36 -46.20 44.98
C ALA D 3659 -66.99 -44.93 45.73
N ALA D 3660 -66.13 -45.01 46.73
CA ALA D 3660 -65.78 -43.84 47.54
C ALA D 3660 -64.28 -43.79 47.85
N TRP D 3661 -63.42 -44.03 46.87
CA TRP D 3661 -62.01 -43.75 47.10
C TRP D 3661 -61.76 -42.25 47.04
N ILE D 3662 -60.48 -41.89 47.05
CA ILE D 3662 -60.05 -40.54 46.69
C ILE D 3662 -60.28 -40.26 45.21
N LEU D 3663 -60.60 -41.28 44.42
CA LEU D 3663 -60.76 -41.10 42.99
C LEU D 3663 -62.11 -40.46 42.68
N THR D 3664 -62.39 -39.32 43.31
CA THR D 3664 -63.59 -38.55 43.06
C THR D 3664 -63.23 -37.09 43.02
N GLU D 3665 -63.79 -36.36 42.06
CA GLU D 3665 -63.52 -34.94 41.93
C GLU D 3665 -64.00 -34.20 43.18
N ASP D 3666 -63.12 -33.36 43.73
CA ASP D 3666 -63.45 -32.59 44.92
C ASP D 3666 -63.51 -31.09 44.65
N HIS D 3667 -62.42 -30.50 44.17
CA HIS D 3667 -62.36 -29.07 43.84
C HIS D 3667 -62.90 -28.22 44.99
N SER D 3668 -62.45 -28.54 46.19
CA SER D 3668 -62.93 -27.84 47.38
C SER D 3668 -61.87 -27.04 48.11
N PHE D 3669 -60.58 -27.34 47.91
CA PHE D 3669 -59.52 -26.65 48.62
C PHE D 3669 -58.40 -26.30 47.66
N GLU D 3670 -58.73 -25.93 46.43
CA GLU D 3670 -57.72 -25.63 45.44
C GLU D 3670 -57.78 -24.21 44.91
N ASP D 3671 -58.93 -23.54 44.98
CA ASP D 3671 -59.03 -22.18 44.47
C ASP D 3671 -59.67 -21.25 45.48
N ARG D 3672 -60.52 -21.80 46.36
CA ARG D 3672 -61.13 -20.94 47.37
C ARG D 3672 -60.13 -20.59 48.48
N MET D 3673 -59.16 -21.46 48.74
CA MET D 3673 -58.20 -21.19 49.80
C MET D 3673 -57.36 -19.96 49.48
N ILE D 3674 -56.96 -19.80 48.21
CA ILE D 3674 -56.08 -18.69 47.86
C ILE D 3674 -56.77 -17.36 48.12
N ASP D 3675 -58.00 -17.21 47.62
CA ASP D 3675 -58.72 -15.96 47.86
C ASP D 3675 -59.04 -15.79 49.34
N ASP D 3676 -59.39 -16.88 50.02
CA ASP D 3676 -59.68 -16.79 51.46
C ASP D 3676 -58.47 -16.27 52.22
N LEU D 3677 -57.28 -16.75 51.88
CA LEU D 3677 -56.07 -16.34 52.58
C LEU D 3677 -55.61 -14.95 52.16
N SER D 3678 -55.92 -14.52 50.94
CA SER D 3678 -55.38 -13.25 50.47
C SER D 3678 -56.32 -12.07 50.75
N LYS D 3679 -57.59 -12.19 50.39
CA LYS D 3679 -58.52 -11.07 50.54
C LYS D 3679 -58.72 -10.69 52.01
N ALA D 3680 -58.80 -11.69 52.89
CA ALA D 3680 -59.09 -11.44 54.29
C ALA D 3680 -58.04 -10.55 54.95
N GLY D 3681 -56.84 -10.46 54.37
CA GLY D 3681 -55.82 -9.61 54.95
C GLY D 3681 -56.25 -8.17 55.09
N GLU D 3682 -57.17 -7.73 54.24
CA GLU D 3682 -57.75 -6.39 54.34
C GLU D 3682 -59.07 -6.48 55.11
N GLN D 3683 -58.93 -6.63 56.43
CA GLN D 3683 -60.11 -6.69 57.29
C GLN D 3683 -60.78 -5.32 57.36
N GLU D 3684 -62.03 -5.32 57.83
CA GLU D 3684 -62.81 -4.09 57.86
C GLU D 3684 -62.16 -3.05 58.75
N GLU D 3685 -61.71 -3.45 59.95
CA GLU D 3685 -61.07 -2.53 60.88
C GLU D 3685 -59.56 -2.50 60.73
N GLU D 3686 -58.99 -3.30 59.84
CA GLU D 3686 -57.53 -3.37 59.68
C GLU D 3686 -57.01 -2.29 58.75
N GLU D 3687 -57.39 -1.05 59.00
CA GLU D 3687 -56.89 0.11 58.26
C GLU D 3687 -56.54 1.19 59.28
N GLU D 3688 -55.29 1.16 59.76
CA GLU D 3688 -54.84 2.08 60.79
C GLU D 3688 -54.23 3.36 60.22
N GLU D 3689 -54.04 3.44 58.90
CA GLU D 3689 -53.46 4.62 58.25
C GLU D 3689 -52.10 4.97 58.86
N VAL D 3690 -51.30 3.95 59.12
CA VAL D 3690 -49.97 4.14 59.72
C VAL D 3690 -48.85 4.06 58.68
N GLU D 3691 -49.18 3.85 57.40
CA GLU D 3691 -48.20 3.77 56.33
C GLU D 3691 -47.15 2.69 56.58
N GLU D 3692 -47.57 1.59 57.23
CA GLU D 3692 -46.70 0.45 57.48
C GLU D 3692 -47.55 -0.81 57.28
N LYS D 3693 -47.54 -1.33 56.06
CA LYS D 3693 -48.39 -2.46 55.72
C LYS D 3693 -47.94 -3.73 56.45
N LYS D 3694 -48.91 -4.49 56.93
CA LYS D 3694 -48.63 -5.80 57.51
C LYS D 3694 -49.03 -6.90 56.55
N PRO D 3695 -48.26 -7.99 56.48
CA PRO D 3695 -48.54 -9.02 55.48
C PRO D 3695 -49.88 -9.70 55.70
N ASP D 3696 -50.55 -10.00 54.60
CA ASP D 3696 -51.73 -10.83 54.62
C ASP D 3696 -51.33 -12.29 54.81
N PRO D 3697 -52.27 -13.14 55.26
CA PRO D 3697 -51.88 -14.49 55.71
C PRO D 3697 -51.06 -15.28 54.70
N LEU D 3698 -51.40 -15.21 53.41
CA LEU D 3698 -50.63 -15.93 52.40
C LEU D 3698 -49.20 -15.45 52.37
N HIS D 3699 -48.99 -14.13 52.48
CA HIS D 3699 -47.63 -13.61 52.52
C HIS D 3699 -46.89 -14.10 53.75
N GLN D 3700 -47.56 -14.15 54.90
CA GLN D 3700 -46.91 -14.65 56.10
C GLN D 3700 -46.46 -16.09 55.90
N LEU D 3701 -47.31 -16.91 55.27
CA LEU D 3701 -46.92 -18.28 54.97
C LEU D 3701 -45.70 -18.33 54.05
N VAL D 3702 -45.67 -17.48 53.03
CA VAL D 3702 -44.56 -17.51 52.09
C VAL D 3702 -43.26 -17.10 52.77
N LEU D 3703 -43.30 -16.06 53.60
CA LEU D 3703 -42.10 -15.70 54.35
C LEU D 3703 -41.69 -16.81 55.32
N HIS D 3704 -42.65 -17.51 55.92
CA HIS D 3704 -42.26 -18.60 56.81
C HIS D 3704 -41.53 -19.70 56.03
N PHE D 3705 -42.03 -20.04 54.85
CA PHE D 3705 -41.35 -21.06 54.05
C PHE D 3705 -39.98 -20.60 53.60
N SER D 3706 -39.84 -19.34 53.18
CA SER D 3706 -38.53 -18.85 52.80
C SER D 3706 -37.58 -18.83 53.99
N ARG D 3707 -38.10 -18.53 55.19
CA ARG D 3707 -37.26 -18.49 56.37
C ARG D 3707 -36.74 -19.88 56.72
N THR D 3708 -37.63 -20.88 56.73
CA THR D 3708 -37.13 -22.23 56.99
C THR D 3708 -36.29 -22.75 55.84
N ALA D 3709 -36.37 -22.11 54.67
CA ALA D 3709 -35.46 -22.46 53.58
C ALA D 3709 -34.07 -21.88 53.78
N LEU D 3710 -33.99 -20.67 54.34
CA LEU D 3710 -32.73 -19.93 54.39
C LEU D 3710 -31.78 -20.43 55.47
N THR D 3711 -32.22 -21.32 56.35
CA THR D 3711 -31.32 -21.81 57.39
C THR D 3711 -30.20 -22.65 56.79
N GLU D 3712 -29.07 -22.67 57.49
CA GLU D 3712 -27.88 -23.36 57.00
C GLU D 3712 -27.85 -24.78 57.56
N LYS D 3713 -27.78 -25.76 56.66
CA LYS D 3713 -27.63 -27.16 57.04
C LYS D 3713 -27.10 -27.93 55.85
N SER D 3714 -26.57 -29.12 56.13
CA SER D 3714 -26.03 -29.97 55.06
C SER D 3714 -27.13 -30.40 54.10
N LYS D 3715 -28.29 -30.79 54.63
CA LYS D 3715 -29.42 -31.18 53.80
C LYS D 3715 -30.69 -30.84 54.56
N LEU D 3716 -31.79 -30.72 53.82
CA LEU D 3716 -33.06 -30.32 54.40
C LEU D 3716 -34.07 -31.45 54.31
N ASP D 3717 -34.92 -31.53 55.33
CA ASP D 3717 -35.85 -32.64 55.46
C ASP D 3717 -36.96 -32.56 54.41
N GLU D 3718 -37.79 -33.59 54.38
CA GLU D 3718 -38.87 -33.64 53.40
C GLU D 3718 -39.89 -32.53 53.63
N ASP D 3719 -40.30 -32.32 54.87
CA ASP D 3719 -41.23 -31.25 55.24
C ASP D 3719 -42.55 -31.38 54.47
N TYR D 3720 -43.28 -32.44 54.81
CA TYR D 3720 -44.47 -32.82 54.05
C TYR D 3720 -45.50 -31.69 53.99
N LEU D 3721 -45.50 -30.79 54.99
CA LEU D 3721 -46.42 -29.66 54.93
C LEU D 3721 -46.14 -28.79 53.70
N TYR D 3722 -44.87 -28.54 53.42
CA TYR D 3722 -44.54 -27.78 52.22
C TYR D 3722 -45.02 -28.49 50.97
N MET D 3723 -44.88 -29.82 50.92
CA MET D 3723 -45.37 -30.56 49.77
C MET D 3723 -46.87 -30.41 49.63
N ALA D 3724 -47.59 -30.45 50.75
CA ALA D 3724 -49.04 -30.32 50.69
C ALA D 3724 -49.47 -28.93 50.26
N TYR D 3725 -48.65 -27.91 50.53
CA TYR D 3725 -49.06 -26.56 50.16
C TYR D 3725 -48.58 -26.13 48.77
N ALA D 3726 -47.44 -26.65 48.32
CA ALA D 3726 -46.95 -26.28 47.00
C ALA D 3726 -47.90 -26.76 45.91
N ASP D 3727 -48.51 -27.93 46.09
CA ASP D 3727 -49.47 -28.41 45.11
C ASP D 3727 -50.67 -27.47 45.03
N ILE D 3728 -51.15 -26.99 46.17
CA ILE D 3728 -52.27 -26.05 46.16
C ILE D 3728 -51.87 -24.76 45.45
N MET D 3729 -50.68 -24.24 45.78
CA MET D 3729 -50.25 -22.99 45.16
C MET D 3729 -50.11 -23.15 43.66
N ALA D 3730 -49.60 -24.30 43.20
CA ALA D 3730 -49.45 -24.53 41.77
C ALA D 3730 -50.82 -24.67 41.09
N LYS D 3731 -51.72 -25.45 41.70
CA LYS D 3731 -53.04 -25.64 41.12
C LYS D 3731 -53.85 -24.35 41.12
N SER D 3732 -53.47 -23.37 41.94
CA SER D 3732 -54.20 -22.10 41.95
C SER D 3732 -54.13 -21.41 40.59
N CYS D 3733 -52.96 -21.44 39.96
CA CYS D 3733 -52.76 -20.72 38.70
C CYS D 3733 -53.13 -21.52 37.47
N HIS D 3734 -53.49 -22.79 37.63
CA HIS D 3734 -53.86 -23.63 36.49
C HIS D 3734 -55.36 -23.79 36.34
N LEU D 3735 -56.15 -22.97 37.03
CA LEU D 3735 -57.60 -23.08 36.92
C LEU D 3735 -58.06 -22.82 35.49
N GLU D 3736 -57.50 -21.81 34.84
CA GLU D 3736 -57.79 -21.54 33.43
C GLU D 3736 -56.77 -22.17 32.50
N GLU D 3737 -55.51 -22.25 32.92
CA GLU D 3737 -54.50 -22.92 32.10
C GLU D 3737 -54.84 -24.40 31.91
N GLY D 3738 -55.23 -25.07 32.98
CA GLY D 3738 -55.68 -26.44 32.87
C GLY D 3738 -57.08 -26.54 32.31
N GLY D 3739 -57.39 -27.71 31.77
CA GLY D 3739 -58.71 -27.92 31.16
C GLY D 3739 -58.90 -27.26 29.82
N GLU D 3740 -58.63 -25.96 29.72
CA GLU D 3740 -58.72 -25.27 28.44
C GLU D 3740 -57.70 -25.82 27.45
N ASN D 3741 -56.49 -26.09 27.92
CA ASN D 3741 -55.43 -26.64 27.07
C ASN D 3741 -55.75 -28.07 26.67
N GLU D 3747 -65.33 -30.83 19.33
CA GLU D 3747 -65.75 -30.87 17.94
C GLU D 3747 -65.44 -29.54 17.25
N GLU D 3748 -66.49 -28.75 17.02
CA GLU D 3748 -66.35 -27.44 16.39
C GLU D 3748 -65.99 -26.38 17.44
N VAL D 3749 -64.81 -26.55 18.02
CA VAL D 3749 -64.32 -25.66 19.06
C VAL D 3749 -63.51 -24.55 18.40
N GLU D 3750 -64.07 -23.34 18.40
CA GLU D 3750 -63.38 -22.16 17.89
C GLU D 3750 -63.41 -21.08 18.94
N VAL D 3751 -62.26 -20.45 19.18
CA VAL D 3751 -62.11 -19.41 20.20
C VAL D 3751 -62.05 -18.06 19.52
N SER D 3752 -62.94 -17.15 19.93
CA SER D 3752 -62.95 -15.81 19.37
C SER D 3752 -61.78 -14.99 19.91
N PHE D 3753 -61.59 -13.82 19.32
CA PHE D 3753 -60.51 -12.94 19.76
C PHE D 3753 -60.72 -12.49 21.21
N GLU D 3754 -61.95 -12.12 21.55
CA GLU D 3754 -62.23 -11.66 22.91
C GLU D 3754 -61.99 -12.77 23.93
N GLU D 3755 -62.44 -13.99 23.62
CA GLU D 3755 -62.20 -15.11 24.54
C GLU D 3755 -60.70 -15.37 24.68
N LYS D 3756 -59.95 -15.30 23.58
CA LYS D 3756 -58.52 -15.54 23.63
C LYS D 3756 -57.82 -14.51 24.51
N GLU D 3757 -58.16 -13.23 24.33
CA GLU D 3757 -57.51 -12.20 25.13
C GLU D 3757 -57.95 -12.26 26.59
N MET D 3758 -59.18 -12.71 26.85
CA MET D 3758 -59.61 -12.86 28.23
C MET D 3758 -58.90 -14.02 28.91
N GLU D 3759 -58.70 -15.12 28.18
CA GLU D 3759 -57.99 -16.27 28.75
C GLU D 3759 -56.49 -16.04 28.86
N LYS D 3760 -55.93 -15.14 28.06
CA LYS D 3760 -54.56 -14.72 28.32
C LYS D 3760 -54.47 -14.01 29.67
N GLN D 3761 -55.46 -13.17 29.97
CA GLN D 3761 -55.66 -12.68 31.32
C GLN D 3761 -56.40 -13.74 32.12
N ARG D 3762 -56.93 -13.35 33.29
CA ARG D 3762 -57.64 -14.27 34.19
C ARG D 3762 -56.68 -15.29 34.78
N LEU D 3763 -55.44 -15.28 34.30
CA LEU D 3763 -54.35 -16.00 34.95
C LEU D 3763 -53.20 -15.09 35.33
N LEU D 3764 -52.97 -14.02 34.57
CA LEU D 3764 -52.03 -13.00 35.03
C LEU D 3764 -52.48 -12.43 36.36
N TYR D 3765 -53.77 -12.18 36.51
CA TYR D 3765 -54.30 -11.84 37.83
C TYR D 3765 -54.10 -12.99 38.79
N GLN D 3766 -54.33 -14.22 38.33
CA GLN D 3766 -54.11 -15.38 39.21
C GLN D 3766 -52.66 -15.48 39.63
N GLN D 3767 -51.73 -15.28 38.69
CA GLN D 3767 -50.31 -15.33 39.02
C GLN D 3767 -49.93 -14.22 39.99
N SER D 3768 -50.44 -13.02 39.77
CA SER D 3768 -50.15 -11.91 40.67
C SER D 3768 -50.70 -12.18 42.07
N ARG D 3769 -51.90 -12.75 42.14
CA ARG D 3769 -52.49 -13.08 43.44
C ARG D 3769 -51.66 -14.10 44.18
N LEU D 3770 -50.89 -14.91 43.46
CA LEU D 3770 -49.95 -15.83 44.08
C LEU D 3770 -48.74 -15.15 44.60
N HIS D 3771 -48.82 -13.81 44.66
CA HIS D 3771 -47.80 -12.97 45.26
C HIS D 3771 -46.45 -13.18 44.58
N THR D 3772 -46.42 -12.79 43.30
CA THR D 3772 -45.15 -12.70 42.59
C THR D 3772 -44.13 -11.89 43.37
N ARG D 3773 -44.58 -11.02 44.27
CA ARG D 3773 -43.68 -10.35 45.19
C ARG D 3773 -43.02 -11.34 46.15
N GLY D 3774 -43.80 -12.29 46.68
CA GLY D 3774 -43.27 -13.20 47.68
C GLY D 3774 -42.82 -14.54 47.15
N ALA D 3775 -43.64 -15.15 46.29
CA ALA D 3775 -43.38 -16.52 45.84
C ALA D 3775 -42.33 -16.61 44.75
N ALA D 3776 -41.83 -15.49 44.24
CA ALA D 3776 -40.86 -15.54 43.16
C ALA D 3776 -39.56 -16.20 43.60
N GLU D 3777 -39.09 -15.87 44.80
CA GLU D 3777 -37.83 -16.39 45.29
C GLU D 3777 -37.98 -17.66 46.13
N MET D 3778 -39.21 -18.08 46.41
CA MET D 3778 -39.41 -19.31 47.16
C MET D 3778 -39.10 -20.53 46.31
N VAL D 3779 -39.19 -20.41 44.99
CA VAL D 3779 -38.86 -21.51 44.09
C VAL D 3779 -37.43 -21.34 43.61
N LEU D 3780 -36.70 -20.42 44.23
CA LEU D 3780 -35.28 -20.22 43.96
C LEU D 3780 -34.42 -20.63 45.14
N GLN D 3781 -34.74 -20.13 46.33
CA GLN D 3781 -33.94 -20.46 47.50
C GLN D 3781 -33.93 -21.96 47.74
N MET D 3782 -35.09 -22.60 47.65
CA MET D 3782 -35.17 -24.03 47.92
C MET D 3782 -34.64 -24.88 46.78
N ILE D 3783 -34.65 -24.37 45.54
CA ILE D 3783 -33.90 -25.03 44.49
C ILE D 3783 -32.42 -25.02 44.82
N SER D 3784 -31.93 -23.88 45.32
CA SER D 3784 -30.52 -23.80 45.71
C SER D 3784 -30.21 -24.71 46.90
N ALA D 3785 -31.17 -24.91 47.81
CA ALA D 3785 -30.91 -25.67 49.02
C ALA D 3785 -30.56 -27.12 48.70
N CYS D 3786 -31.50 -27.85 48.13
CA CYS D 3786 -31.26 -29.25 47.76
C CYS D 3786 -30.37 -29.29 46.52
N LYS D 3787 -29.06 -29.30 46.74
CA LYS D 3787 -28.11 -29.14 45.66
C LYS D 3787 -28.16 -30.32 44.69
N GLY D 3788 -28.09 -31.53 45.21
CA GLY D 3788 -27.98 -32.69 44.33
C GLY D 3788 -29.10 -33.69 44.44
N GLU D 3789 -29.73 -33.78 45.61
CA GLU D 3789 -30.72 -34.82 45.84
C GLU D 3789 -31.95 -34.58 44.98
N THR D 3790 -32.36 -35.62 44.26
CA THR D 3790 -33.53 -35.54 43.39
C THR D 3790 -34.77 -36.10 44.09
N GLY D 3791 -35.09 -35.50 45.23
CA GLY D 3791 -36.26 -35.90 45.96
C GLY D 3791 -37.53 -35.35 45.36
N ALA D 3792 -38.67 -35.80 45.89
CA ALA D 3792 -39.96 -35.31 45.43
C ALA D 3792 -40.13 -33.82 45.72
N MET D 3793 -39.39 -33.30 46.70
CA MET D 3793 -39.47 -31.88 47.00
C MET D 3793 -39.04 -31.03 45.82
N VAL D 3794 -37.99 -31.45 45.12
CA VAL D 3794 -37.57 -30.75 43.91
C VAL D 3794 -38.68 -30.77 42.88
N SER D 3795 -39.38 -31.90 42.76
CA SER D 3795 -40.49 -31.99 41.82
C SER D 3795 -41.59 -31.00 42.17
N SER D 3796 -41.91 -30.88 43.46
CA SER D 3796 -42.94 -29.93 43.86
C SER D 3796 -42.50 -28.49 43.59
N THR D 3797 -41.25 -28.17 43.88
CA THR D 3797 -40.74 -26.83 43.60
C THR D 3797 -40.81 -26.52 42.11
N LEU D 3798 -40.41 -27.47 41.28
CA LEU D 3798 -40.43 -27.24 39.83
C LEU D 3798 -41.87 -27.12 39.32
N LYS D 3799 -42.79 -27.87 39.90
CA LYS D 3799 -44.19 -27.72 39.52
C LYS D 3799 -44.70 -26.32 39.86
N LEU D 3800 -44.34 -25.82 41.04
CA LEU D 3800 -44.75 -24.45 41.39
C LEU D 3800 -44.13 -23.44 40.43
N GLY D 3801 -42.84 -23.62 40.12
CA GLY D 3801 -42.18 -22.69 39.21
C GLY D 3801 -42.80 -22.70 37.83
N ILE D 3802 -43.21 -23.88 37.36
CA ILE D 3802 -43.91 -23.97 36.09
C ILE D 3802 -45.25 -23.26 36.17
N SER D 3803 -46.01 -23.50 37.23
CA SER D 3803 -47.34 -22.91 37.34
C SER D 3803 -47.28 -21.39 37.48
N ILE D 3804 -46.17 -20.84 37.96
CA ILE D 3804 -46.05 -19.38 38.02
C ILE D 3804 -45.59 -18.82 36.69
N LEU D 3805 -44.59 -19.45 36.08
CA LEU D 3805 -44.01 -18.97 34.84
C LEU D 3805 -44.70 -19.53 33.60
N ASN D 3806 -45.97 -19.92 33.70
CA ASN D 3806 -46.62 -20.72 32.68
C ASN D 3806 -46.46 -20.13 31.28
N GLY D 3807 -46.98 -18.92 31.08
CA GLY D 3807 -46.84 -18.30 29.77
C GLY D 3807 -46.17 -16.94 29.83
N GLY D 3808 -44.97 -16.84 29.28
CA GLY D 3808 -44.28 -15.57 29.22
C GLY D 3808 -44.04 -14.95 30.59
N ASN D 3809 -44.81 -13.90 30.90
CA ASN D 3809 -44.78 -13.24 32.20
C ASN D 3809 -43.38 -12.67 32.49
N ALA D 3810 -43.02 -11.67 31.68
CA ALA D 3810 -41.72 -11.03 31.83
C ALA D 3810 -41.52 -10.41 33.21
N GLU D 3811 -42.61 -10.14 33.94
CA GLU D 3811 -42.48 -9.53 35.26
C GLU D 3811 -41.74 -10.45 36.22
N VAL D 3812 -42.16 -11.70 36.33
CA VAL D 3812 -41.53 -12.61 37.27
C VAL D 3812 -40.12 -12.96 36.82
N GLN D 3813 -39.88 -13.02 35.50
CA GLN D 3813 -38.52 -13.23 35.02
C GLN D 3813 -37.62 -12.08 35.44
N GLN D 3814 -38.11 -10.84 35.34
CA GLN D 3814 -37.32 -9.70 35.79
C GLN D 3814 -37.07 -9.77 37.28
N LYS D 3815 -38.08 -10.17 38.06
CA LYS D 3815 -37.89 -10.31 39.50
C LYS D 3815 -36.82 -11.36 39.81
N MET D 3816 -36.85 -12.48 39.11
CA MET D 3816 -35.87 -13.54 39.35
C MET D 3816 -34.47 -13.07 39.01
N LEU D 3817 -34.31 -12.39 37.88
CA LEU D 3817 -32.99 -11.86 37.54
C LEU D 3817 -32.51 -10.83 38.57
N ASP D 3818 -33.41 -9.96 39.02
CA ASP D 3818 -33.02 -8.99 40.03
C ASP D 3818 -32.54 -9.67 41.31
N TYR D 3819 -33.27 -10.70 41.75
CA TYR D 3819 -32.85 -11.41 42.96
C TYR D 3819 -31.51 -12.10 42.75
N LEU D 3820 -31.31 -12.74 41.60
CA LEU D 3820 -30.05 -13.43 41.35
C LEU D 3820 -28.88 -12.46 41.32
N LYS D 3821 -29.05 -11.31 40.67
CA LYS D 3821 -27.97 -10.33 40.64
C LYS D 3821 -27.77 -9.65 42.00
N ASP D 3822 -28.81 -9.63 42.84
CA ASP D 3822 -28.68 -9.00 44.15
C ASP D 3822 -27.95 -9.92 45.11
N LYS D 3823 -28.53 -11.09 45.40
CA LYS D 3823 -27.90 -12.01 46.34
C LYS D 3823 -26.55 -12.48 45.82
N LYS D 3824 -26.45 -12.78 44.52
CA LYS D 3824 -25.18 -13.02 43.85
C LYS D 3824 -24.41 -14.16 44.51
N GLU D 3825 -24.99 -15.35 44.44
CA GLU D 3825 -24.38 -16.53 45.05
C GLU D 3825 -24.36 -17.67 44.04
N VAL D 3826 -23.28 -18.45 44.08
CA VAL D 3826 -23.16 -19.65 43.27
C VAL D 3826 -23.89 -20.77 44.01
N GLY D 3827 -24.10 -21.90 43.33
CA GLY D 3827 -24.78 -23.02 43.94
C GLY D 3827 -26.10 -23.30 43.27
N PHE D 3828 -26.84 -22.23 42.94
CA PHE D 3828 -28.09 -22.40 42.21
C PHE D 3828 -27.85 -23.10 40.87
N PHE D 3829 -26.92 -22.58 40.08
CA PHE D 3829 -26.58 -23.24 38.83
C PHE D 3829 -25.83 -24.54 39.09
N GLN D 3830 -25.07 -24.61 40.18
CA GLN D 3830 -24.47 -25.87 40.58
C GLN D 3830 -25.54 -26.92 40.84
N SER D 3831 -26.59 -26.54 41.58
CA SER D 3831 -27.69 -27.45 41.82
C SER D 3831 -28.38 -27.84 40.52
N ILE D 3832 -28.55 -26.88 39.61
CA ILE D 3832 -29.22 -27.16 38.34
C ILE D 3832 -28.44 -28.20 37.55
N GLN D 3833 -27.13 -27.99 37.39
CA GLN D 3833 -26.35 -28.94 36.61
C GLN D 3833 -26.24 -30.29 37.31
N ALA D 3834 -26.14 -30.29 38.64
CA ALA D 3834 -26.11 -31.55 39.37
C ALA D 3834 -27.39 -32.33 39.17
N LEU D 3835 -28.53 -31.63 39.17
CA LEU D 3835 -29.79 -32.30 38.86
C LEU D 3835 -29.79 -32.84 37.45
N MET D 3836 -29.26 -32.07 36.49
CA MET D 3836 -29.38 -32.46 35.10
C MET D 3836 -28.49 -33.66 34.77
N GLN D 3837 -27.33 -33.77 35.43
CA GLN D 3837 -26.51 -34.96 35.23
C GLN D 3837 -27.23 -36.22 35.67
N THR D 3838 -27.93 -36.15 36.80
CA THR D 3838 -28.69 -37.29 37.32
C THR D 3838 -30.04 -37.33 36.62
N CYS D 3839 -30.03 -37.82 35.39
CA CYS D 3839 -31.25 -37.96 34.61
C CYS D 3839 -31.19 -39.27 33.85
N SER D 3840 -32.28 -40.05 33.93
CA SER D 3840 -32.28 -41.37 33.35
C SER D 3840 -32.25 -41.30 31.83
N VAL D 3841 -31.53 -42.24 31.22
CA VAL D 3841 -31.42 -42.34 29.78
C VAL D 3841 -31.70 -43.80 29.42
N LEU D 3842 -32.16 -44.02 28.19
CA LEU D 3842 -32.54 -45.36 27.76
C LEU D 3842 -31.38 -46.33 27.90
N ASP D 3843 -31.64 -47.49 28.49
CA ASP D 3843 -30.64 -48.52 28.71
C ASP D 3843 -31.20 -49.86 28.25
N LEU D 3844 -30.39 -50.61 27.52
CA LEU D 3844 -30.85 -51.88 26.97
C LEU D 3844 -30.96 -52.95 28.05
N ASN D 3845 -30.03 -52.95 29.01
CA ASN D 3845 -30.03 -53.97 30.05
C ASN D 3845 -31.30 -53.89 30.90
N ALA D 3846 -31.72 -52.67 31.24
CA ALA D 3846 -32.97 -52.50 31.97
C ALA D 3846 -34.15 -53.00 31.15
N PHE D 3847 -34.13 -52.75 29.85
CA PHE D 3847 -35.20 -53.24 28.99
C PHE D 3847 -35.24 -54.76 28.99
N GLU D 3848 -34.08 -55.41 28.90
CA GLU D 3848 -34.03 -56.87 28.94
C GLU D 3848 -34.55 -57.40 30.26
N ARG D 3849 -34.15 -56.76 31.36
CA ARG D 3849 -34.62 -57.19 32.68
C ARG D 3849 -36.13 -57.07 32.78
N GLN D 3850 -36.68 -55.94 32.33
CA GLN D 3850 -38.12 -55.73 32.40
C GLN D 3850 -38.85 -56.74 31.53
N ASN D 3851 -38.33 -57.00 30.33
CA ASN D 3851 -38.96 -57.96 29.43
C ASN D 3851 -38.96 -59.36 30.02
N LYS D 3852 -37.83 -59.77 30.62
CA LYS D 3852 -37.78 -61.10 31.22
C LYS D 3852 -38.71 -61.19 32.43
N ALA D 3853 -38.79 -60.12 33.23
CA ALA D 3853 -39.69 -60.11 34.37
C ALA D 3853 -41.14 -60.22 33.92
N GLU D 3854 -41.51 -59.52 32.85
CA GLU D 3854 -42.85 -59.64 32.29
C GLU D 3854 -43.09 -61.06 31.78
N GLY D 3855 -42.08 -61.65 31.13
CA GLY D 3855 -42.20 -63.02 30.68
C GLY D 3855 -42.47 -63.98 31.83
N LEU D 3856 -41.83 -63.74 32.98
CA LEU D 3856 -42.14 -64.51 34.17
C LEU D 3856 -43.33 -63.91 34.90
N GLY D 3857 -44.43 -63.70 34.17
CA GLY D 3857 -45.63 -63.11 34.69
C GLY D 3857 -46.68 -64.07 35.20
N MET D 3858 -46.31 -65.33 35.43
CA MET D 3858 -47.24 -66.35 35.90
C MET D 3858 -47.29 -66.45 37.42
N VAL D 3859 -47.01 -65.35 38.12
CA VAL D 3859 -46.99 -65.38 39.58
C VAL D 3859 -48.38 -65.72 40.12
N ASN D 3860 -48.40 -66.26 41.33
CA ASN D 3860 -49.65 -66.68 41.96
C ASN D 3860 -50.40 -65.47 42.49
N GLU D 3861 -51.51 -65.72 43.18
CA GLU D 3861 -52.33 -64.64 43.72
C GLU D 3861 -51.57 -63.89 44.83
N ASP D 3862 -51.99 -62.65 45.04
CA ASP D 3862 -51.45 -61.71 46.02
C ASP D 3862 -50.04 -61.26 45.69
N GLY D 3863 -49.45 -61.74 44.61
CA GLY D 3863 -48.12 -61.31 44.22
C GLY D 3863 -48.02 -60.93 42.75
N THR D 3864 -49.05 -61.27 41.98
CA THR D 3864 -49.08 -61.00 40.55
C THR D 3864 -49.76 -59.69 40.20
N VAL D 3865 -50.17 -58.90 41.20
CA VAL D 3865 -50.84 -57.63 40.95
C VAL D 3865 -50.04 -56.50 41.58
N ILE D 3866 -49.25 -56.82 42.61
CA ILE D 3866 -48.45 -55.80 43.28
C ILE D 3866 -47.36 -55.28 42.35
N ASN D 3867 -46.67 -56.19 41.67
CA ASN D 3867 -45.60 -55.84 40.74
C ASN D 3867 -45.93 -56.32 39.34
N ARG D 3868 -47.19 -56.18 38.95
CA ARG D 3868 -47.60 -56.63 37.61
C ARG D 3868 -47.00 -55.76 36.52
N GLN D 3869 -47.10 -54.44 36.67
CA GLN D 3869 -46.63 -53.51 35.65
C GLN D 3869 -45.21 -53.02 35.92
N ASN D 3870 -45.00 -52.32 37.05
CA ASN D 3870 -43.71 -51.72 37.38
C ASN D 3870 -43.16 -50.91 36.21
N GLY D 3871 -44.03 -50.08 35.62
CA GLY D 3871 -43.71 -49.39 34.38
C GLY D 3871 -42.56 -48.41 34.50
N GLU D 3872 -42.17 -48.03 35.71
CA GLU D 3872 -41.09 -47.08 35.92
C GLU D 3872 -39.73 -47.76 36.04
N LYS D 3873 -39.57 -48.93 35.44
CA LYS D 3873 -38.31 -49.67 35.57
C LYS D 3873 -37.20 -49.09 34.71
N VAL D 3874 -37.54 -48.53 33.55
CA VAL D 3874 -36.52 -48.13 32.58
C VAL D 3874 -36.05 -46.70 32.79
N MET D 3875 -36.97 -45.72 32.80
CA MET D 3875 -36.60 -44.33 32.93
C MET D 3875 -37.09 -43.69 34.22
N ALA D 3876 -38.40 -43.72 34.48
CA ALA D 3876 -39.02 -43.18 35.67
C ALA D 3876 -38.79 -41.68 35.85
N ASP D 3877 -38.17 -41.02 34.87
CA ASP D 3877 -37.92 -39.58 34.94
C ASP D 3877 -38.70 -38.80 33.89
N ASP D 3878 -39.67 -39.44 33.23
CA ASP D 3878 -40.47 -38.74 32.24
C ASP D 3878 -41.25 -37.59 32.87
N GLU D 3879 -41.81 -37.81 34.05
CA GLU D 3879 -42.52 -36.77 34.77
C GLU D 3879 -41.58 -35.73 35.37
N PHE D 3880 -40.27 -35.95 35.30
CA PHE D 3880 -39.31 -35.07 35.95
C PHE D 3880 -38.39 -34.36 34.98
N THR D 3881 -37.78 -35.09 34.04
CA THR D 3881 -36.87 -34.46 33.09
C THR D 3881 -37.60 -33.44 32.23
N GLN D 3882 -38.80 -33.78 31.77
CA GLN D 3882 -39.59 -32.82 31.02
C GLN D 3882 -39.89 -31.60 31.85
N ASP D 3883 -40.23 -31.79 33.13
CA ASP D 3883 -40.53 -30.64 33.98
C ASP D 3883 -39.32 -29.73 34.14
N LEU D 3884 -38.15 -30.33 34.38
CA LEU D 3884 -36.94 -29.51 34.56
C LEU D 3884 -36.59 -28.75 33.30
N PHE D 3885 -36.62 -29.42 32.15
CA PHE D 3885 -36.27 -28.74 30.91
C PHE D 3885 -37.32 -27.71 30.52
N ARG D 3886 -38.58 -27.97 30.82
CA ARG D 3886 -39.64 -26.99 30.57
C ARG D 3886 -39.44 -25.76 31.44
N PHE D 3887 -39.05 -25.95 32.70
CA PHE D 3887 -38.74 -24.80 33.54
C PHE D 3887 -37.56 -24.01 32.98
N LEU D 3888 -36.53 -24.71 32.53
CA LEU D 3888 -35.38 -24.01 31.97
C LEU D 3888 -35.77 -23.23 30.73
N GLN D 3889 -36.62 -23.79 29.88
CA GLN D 3889 -37.10 -23.07 28.71
C GLN D 3889 -37.92 -21.85 29.12
N LEU D 3890 -38.86 -22.04 30.04
CA LEU D 3890 -39.75 -20.97 30.46
C LEU D 3890 -39.00 -19.87 31.19
N LEU D 3891 -37.79 -20.15 31.67
CA LEU D 3891 -36.96 -19.08 32.22
C LEU D 3891 -36.65 -18.02 31.18
N CYS D 3892 -36.69 -18.39 29.90
CA CYS D 3892 -36.45 -17.47 28.80
C CYS D 3892 -37.52 -17.62 27.73
N GLU D 3893 -38.79 -17.77 28.14
CA GLU D 3893 -39.87 -17.93 27.18
C GLU D 3893 -39.95 -16.74 26.25
N GLY D 3894 -40.26 -15.57 26.79
CA GLY D 3894 -40.07 -14.35 26.04
C GLY D 3894 -38.60 -14.10 25.78
N HIS D 3895 -38.31 -13.46 24.64
CA HIS D 3895 -36.93 -13.20 24.26
C HIS D 3895 -36.38 -12.09 25.15
N ASN D 3896 -35.96 -12.47 26.35
CA ASN D 3896 -35.51 -11.50 27.33
C ASN D 3896 -34.22 -10.82 26.89
N ASN D 3897 -33.32 -11.56 26.25
CA ASN D 3897 -31.96 -11.12 25.95
C ASN D 3897 -31.16 -10.80 27.19
N ASP D 3898 -31.68 -11.12 28.37
CA ASP D 3898 -30.95 -11.01 29.62
C ASP D 3898 -30.69 -12.39 30.21
N PHE D 3899 -31.74 -13.18 30.41
CA PHE D 3899 -31.55 -14.58 30.78
C PHE D 3899 -30.86 -15.36 29.67
N GLN D 3900 -31.04 -14.97 28.41
CA GLN D 3900 -30.34 -15.63 27.32
C GLN D 3900 -28.84 -15.44 27.43
N ASN D 3901 -28.40 -14.36 28.06
CA ASN D 3901 -26.98 -14.11 28.28
C ASN D 3901 -26.49 -14.60 29.63
N TYR D 3902 -27.34 -14.54 30.66
CA TYR D 3902 -26.94 -15.00 31.98
C TYR D 3902 -26.61 -16.49 31.98
N LEU D 3903 -27.42 -17.29 31.30
CA LEU D 3903 -27.20 -18.73 31.30
C LEU D 3903 -25.91 -19.11 30.61
N ARG D 3904 -25.43 -18.28 29.69
CA ARG D 3904 -24.14 -18.56 29.06
C ARG D 3904 -22.99 -18.35 30.03
N THR D 3905 -22.99 -17.22 30.73
CA THR D 3905 -21.95 -16.91 31.70
C THR D 3905 -22.50 -15.93 32.72
N GLN D 3906 -22.04 -16.07 33.96
CA GLN D 3906 -22.49 -15.23 35.06
C GLN D 3906 -21.33 -14.32 35.48
N THR D 3907 -21.50 -13.02 35.23
CA THR D 3907 -20.43 -12.08 35.57
C THR D 3907 -20.35 -11.84 37.07
N GLY D 3908 -21.50 -11.75 37.74
CA GLY D 3908 -21.50 -11.43 39.15
C GLY D 3908 -20.84 -12.50 39.99
N ASN D 3909 -21.18 -13.77 39.74
CA ASN D 3909 -20.61 -14.85 40.52
C ASN D 3909 -19.15 -15.08 40.13
N THR D 3910 -18.42 -15.74 41.03
CA THR D 3910 -17.00 -15.97 40.82
C THR D 3910 -16.71 -17.14 39.90
N THR D 3911 -17.71 -17.97 39.61
CA THR D 3911 -17.52 -19.14 38.75
C THR D 3911 -18.62 -19.19 37.70
N THR D 3912 -18.33 -19.88 36.61
CA THR D 3912 -19.22 -19.98 35.47
C THR D 3912 -19.60 -21.44 35.23
N ILE D 3913 -20.84 -21.66 34.81
CA ILE D 3913 -21.38 -23.01 34.63
C ILE D 3913 -21.70 -23.31 33.17
N ASN D 3914 -22.30 -22.36 32.45
CA ASN D 3914 -22.63 -22.51 31.03
C ASN D 3914 -23.57 -23.70 30.82
N ILE D 3915 -24.78 -23.55 31.36
CA ILE D 3915 -25.77 -24.63 31.36
C ILE D 3915 -26.11 -25.09 29.95
N ILE D 3916 -25.99 -24.21 28.96
CA ILE D 3916 -26.30 -24.58 27.59
C ILE D 3916 -25.44 -25.75 27.14
N ILE D 3917 -24.15 -25.71 27.44
CA ILE D 3917 -23.26 -26.80 27.07
C ILE D 3917 -23.70 -28.09 27.76
N CYS D 3918 -24.14 -27.99 29.01
CA CYS D 3918 -24.59 -29.18 29.72
C CYS D 3918 -25.84 -29.77 29.07
N THR D 3919 -26.75 -28.91 28.61
CA THR D 3919 -27.89 -29.39 27.85
C THR D 3919 -27.44 -30.09 26.57
N VAL D 3920 -26.43 -29.54 25.92
CA VAL D 3920 -25.90 -30.17 24.71
C VAL D 3920 -25.37 -31.56 25.02
N ASP D 3921 -24.64 -31.71 26.12
CA ASP D 3921 -24.12 -33.02 26.51
C ASP D 3921 -25.25 -33.99 26.83
N TYR D 3922 -26.29 -33.52 27.51
CA TYR D 3922 -27.42 -34.41 27.79
C TYR D 3922 -28.08 -34.86 26.50
N LEU D 3923 -28.23 -33.94 25.55
CA LEU D 3923 -28.79 -34.30 24.24
C LEU D 3923 -27.91 -35.32 23.55
N LEU D 3924 -26.59 -35.17 23.65
CA LEU D 3924 -25.68 -36.14 23.06
C LEU D 3924 -25.85 -37.51 23.69
N ARG D 3925 -26.03 -37.56 25.00
CA ARG D 3925 -26.27 -38.84 25.66
C ARG D 3925 -27.56 -39.48 25.14
N LEU D 3926 -28.61 -38.68 25.00
CA LEU D 3926 -29.85 -39.20 24.43
C LEU D 3926 -29.64 -39.72 23.02
N GLN D 3927 -28.84 -39.00 22.23
CA GLN D 3927 -28.56 -39.43 20.87
C GLN D 3927 -27.86 -40.79 20.85
N GLU D 3928 -26.85 -40.96 21.70
CA GLU D 3928 -26.13 -42.23 21.75
C GLU D 3928 -27.05 -43.36 22.16
N SER D 3929 -27.89 -43.13 23.18
CA SER D 3929 -28.77 -44.19 23.63
C SER D 3929 -29.82 -44.54 22.57
N ILE D 3930 -30.34 -43.53 21.87
CA ILE D 3930 -31.33 -43.79 20.82
C ILE D 3930 -30.70 -44.60 19.69
N SER D 3931 -29.48 -44.25 19.30
CA SER D 3931 -28.79 -45.00 18.26
C SER D 3931 -28.56 -46.45 18.69
N ASP D 3932 -28.18 -46.65 19.95
CA ASP D 3932 -27.98 -48.01 20.44
C ASP D 3932 -29.30 -48.79 20.43
N PHE D 3933 -30.39 -48.15 20.81
CA PHE D 3933 -31.69 -48.82 20.79
C PHE D 3933 -32.07 -49.21 19.37
N TYR D 3934 -31.87 -48.31 18.42
CA TYR D 3934 -32.17 -48.63 17.03
C TYR D 3934 -31.31 -49.79 16.53
N TRP D 3935 -30.02 -49.79 16.89
CA TRP D 3935 -29.15 -50.90 16.51
C TRP D 3935 -29.65 -52.22 17.08
N TYR D 3936 -30.10 -52.20 18.34
CA TYR D 3936 -30.64 -53.41 18.94
C TYR D 3936 -31.87 -53.90 18.20
N TYR D 3937 -32.76 -52.99 17.83
CA TYR D 3937 -34.01 -53.38 17.20
C TYR D 3937 -33.92 -53.46 15.68
N SER D 3938 -32.73 -53.29 15.11
CA SER D 3938 -32.60 -53.32 13.65
C SER D 3938 -32.95 -54.69 13.09
N GLY D 3939 -32.51 -55.76 13.74
CA GLY D 3939 -32.74 -57.09 13.20
C GLY D 3939 -34.21 -57.48 13.15
N LYS D 3940 -34.94 -57.20 14.22
CA LYS D 3940 -36.35 -57.54 14.26
C LYS D 3940 -37.14 -56.70 13.26
N ASP D 3941 -38.08 -57.34 12.57
CA ASP D 3941 -38.93 -56.65 11.62
C ASP D 3941 -40.18 -56.07 12.26
N VAL D 3942 -40.61 -56.63 13.39
CA VAL D 3942 -41.78 -56.16 14.11
C VAL D 3942 -41.34 -55.66 15.48
N ILE D 3943 -41.77 -54.46 15.83
CA ILE D 3943 -41.43 -53.85 17.11
C ILE D 3943 -42.44 -54.30 18.16
N GLU D 3944 -41.93 -54.80 19.28
CA GLU D 3944 -42.81 -55.23 20.36
C GLU D 3944 -43.51 -54.02 20.97
N GLU D 3945 -44.68 -54.27 21.57
CA GLU D 3945 -45.51 -53.17 22.06
C GLU D 3945 -44.80 -52.36 23.14
N GLN D 3946 -44.08 -53.03 24.05
CA GLN D 3946 -43.38 -52.30 25.09
C GLN D 3946 -42.29 -51.42 24.51
N GLY D 3947 -41.62 -51.90 23.46
CA GLY D 3947 -40.62 -51.07 22.80
C GLY D 3947 -41.21 -49.78 22.24
N LYS D 3948 -42.37 -49.88 21.60
CA LYS D 3948 -43.03 -48.69 21.08
C LYS D 3948 -43.50 -47.77 22.21
N ARG D 3949 -44.03 -48.34 23.29
CA ARG D 3949 -44.47 -47.53 24.42
C ARG D 3949 -43.30 -46.75 25.00
N ASN D 3950 -42.15 -47.41 25.13
CA ASN D 3950 -40.94 -46.74 25.61
C ASN D 3950 -40.47 -45.67 24.61
N PHE D 3951 -40.51 -45.99 23.32
CA PHE D 3951 -40.08 -45.05 22.30
C PHE D 3951 -40.91 -43.77 22.33
N SER D 3952 -42.20 -43.90 22.61
CA SER D 3952 -43.07 -42.73 22.63
C SER D 3952 -42.59 -41.70 23.67
N LYS D 3953 -42.36 -42.16 24.90
CA LYS D 3953 -41.93 -41.23 25.94
C LYS D 3953 -40.50 -40.75 25.69
N ALA D 3954 -39.64 -41.60 25.13
CA ALA D 3954 -38.29 -41.14 24.80
C ALA D 3954 -38.35 -40.00 23.78
N MET D 3955 -39.18 -40.15 22.75
CA MET D 3955 -39.30 -39.11 21.75
C MET D 3955 -39.95 -37.85 22.32
N SER D 3956 -40.90 -38.01 23.24
CA SER D 3956 -41.49 -36.83 23.87
C SER D 3956 -40.44 -36.04 24.65
N VAL D 3957 -39.59 -36.74 25.40
CA VAL D 3957 -38.52 -36.06 26.13
C VAL D 3957 -37.55 -35.39 25.16
N ALA D 3958 -37.24 -36.07 24.06
CA ALA D 3958 -36.36 -35.47 23.06
C ALA D 3958 -36.97 -34.20 22.47
N LYS D 3959 -38.29 -34.22 22.22
CA LYS D 3959 -38.96 -33.03 21.70
C LYS D 3959 -38.89 -31.88 22.69
N GLN D 3960 -39.11 -32.18 23.97
CA GLN D 3960 -39.01 -31.13 24.98
C GLN D 3960 -37.61 -30.54 25.04
N VAL D 3961 -36.59 -31.41 24.97
CA VAL D 3961 -35.21 -30.93 24.97
C VAL D 3961 -34.95 -30.05 23.76
N PHE D 3962 -35.47 -30.46 22.59
CA PHE D 3962 -35.27 -29.67 21.38
C PHE D 3962 -35.92 -28.30 21.51
N ASN D 3963 -37.13 -28.24 22.07
CA ASN D 3963 -37.78 -26.96 22.26
C ASN D 3963 -36.98 -26.07 23.20
N SER D 3964 -36.49 -26.64 24.31
CA SER D 3964 -35.72 -25.85 25.26
C SER D 3964 -34.43 -25.34 24.62
N LEU D 3965 -33.78 -26.16 23.81
CA LEU D 3965 -32.58 -25.72 23.12
C LEU D 3965 -32.89 -24.60 22.14
N THR D 3966 -34.00 -24.73 21.40
CA THR D 3966 -34.36 -23.70 20.44
C THR D 3966 -34.62 -22.37 21.13
N GLU D 3967 -35.23 -22.41 22.31
CA GLU D 3967 -35.65 -21.17 22.96
C GLU D 3967 -34.49 -20.26 23.35
N TYR D 3968 -33.26 -20.67 23.06
CA TYR D 3968 -32.09 -19.83 23.31
C TYR D 3968 -31.62 -19.06 22.07
N ILE D 3969 -31.53 -19.74 20.92
CA ILE D 3969 -31.03 -19.10 19.71
C ILE D 3969 -32.01 -18.06 19.19
N GLN D 3970 -33.30 -18.33 19.30
CA GLN D 3970 -34.32 -17.44 18.76
C GLN D 3970 -34.18 -16.05 19.37
N GLY D 3971 -34.25 -15.03 18.51
CA GLY D 3971 -33.91 -13.70 18.92
C GLY D 3971 -32.40 -13.53 18.88
N PRO D 3972 -31.93 -12.41 18.34
CA PRO D 3972 -30.49 -12.26 18.11
C PRO D 3972 -29.69 -12.31 19.41
N CYS D 3973 -28.88 -13.37 19.55
CA CYS D 3973 -28.00 -13.53 20.71
C CYS D 3973 -26.72 -14.15 20.19
N THR D 3974 -25.72 -13.30 19.93
CA THR D 3974 -24.51 -13.75 19.27
C THR D 3974 -23.77 -14.79 20.10
N GLY D 3975 -23.71 -14.60 21.41
CA GLY D 3975 -22.94 -15.50 22.26
C GLY D 3975 -23.49 -16.92 22.23
N ASN D 3976 -24.81 -17.06 22.37
CA ASN D 3976 -25.41 -18.39 22.34
C ASN D 3976 -25.19 -19.06 21.00
N GLN D 3977 -25.36 -18.32 19.91
CA GLN D 3977 -25.15 -18.90 18.58
C GLN D 3977 -23.72 -19.37 18.41
N GLN D 3978 -22.74 -18.56 18.83
CA GLN D 3978 -21.35 -18.95 18.69
C GLN D 3978 -21.03 -20.17 19.54
N SER D 3979 -21.52 -20.18 20.79
CA SER D 3979 -21.24 -21.31 21.66
C SER D 3979 -21.83 -22.60 21.12
N LEU D 3980 -23.06 -22.54 20.61
CA LEU D 3980 -23.66 -23.73 20.02
C LEU D 3980 -22.96 -24.12 18.72
N ALA D 3981 -22.42 -23.15 18.00
CA ALA D 3981 -21.67 -23.47 16.79
C ALA D 3981 -20.38 -24.22 17.12
N HIS D 3982 -19.70 -23.84 18.20
CA HIS D 3982 -18.46 -24.47 18.57
C HIS D 3982 -18.64 -25.69 19.46
N SER D 3983 -19.86 -26.02 19.84
CA SER D 3983 -20.11 -27.12 20.78
C SER D 3983 -20.13 -28.45 20.03
N ARG D 3984 -20.54 -29.51 20.74
CA ARG D 3984 -20.68 -30.83 20.17
C ARG D 3984 -22.06 -31.05 19.56
N LEU D 3985 -22.78 -29.99 19.22
CA LEU D 3985 -24.11 -30.12 18.66
C LEU D 3985 -24.08 -30.83 17.31
N TRP D 3986 -23.02 -30.61 16.53
CA TRP D 3986 -22.98 -31.16 15.17
C TRP D 3986 -23.00 -32.68 15.18
N ASP D 3987 -22.24 -33.30 16.09
CA ASP D 3987 -22.25 -34.76 16.17
C ASP D 3987 -23.64 -35.27 16.56
N ALA D 3988 -24.28 -34.60 17.51
CA ALA D 3988 -25.61 -35.01 17.93
C ALA D 3988 -26.58 -34.95 16.76
N VAL D 3989 -26.56 -33.85 16.01
CA VAL D 3989 -27.54 -33.69 14.93
C VAL D 3989 -27.25 -34.64 13.78
N VAL D 3990 -25.97 -34.90 13.47
CA VAL D 3990 -25.69 -35.81 12.37
C VAL D 3990 -26.09 -37.24 12.74
N GLY D 3991 -25.79 -37.66 13.98
CA GLY D 3991 -26.27 -38.95 14.42
C GLY D 3991 -27.78 -39.03 14.42
N PHE D 3992 -28.44 -37.92 14.77
CA PHE D 3992 -29.88 -37.90 14.74
C PHE D 3992 -30.41 -38.10 13.34
N LEU D 3993 -29.81 -37.45 12.35
CA LEU D 3993 -30.23 -37.67 10.97
C LEU D 3993 -30.05 -39.12 10.57
N HIS D 3994 -28.90 -39.71 10.94
CA HIS D 3994 -28.63 -41.09 10.58
C HIS D 3994 -29.67 -42.03 11.18
N VAL D 3995 -30.02 -41.84 12.45
CA VAL D 3995 -31.02 -42.71 13.04
C VAL D 3995 -32.40 -42.43 12.43
N PHE D 3996 -32.70 -41.16 12.14
CA PHE D 3996 -34.01 -40.81 11.60
C PHE D 3996 -34.29 -41.55 10.31
N ALA D 3997 -33.34 -41.52 9.38
CA ALA D 3997 -33.60 -42.03 8.04
C ALA D 3997 -33.94 -43.53 8.09
N HIS D 3998 -33.06 -44.32 8.70
CA HIS D 3998 -33.30 -45.75 8.80
C HIS D 3998 -34.55 -46.05 9.63
N MET D 3999 -34.74 -45.32 10.72
CA MET D 3999 -35.86 -45.61 11.61
C MET D 3999 -37.18 -45.42 10.89
N MET D 4000 -37.31 -44.31 10.16
CA MET D 4000 -38.55 -44.06 9.45
C MET D 4000 -38.71 -44.99 8.25
N MET D 4001 -37.62 -45.34 7.56
CA MET D 4001 -37.75 -46.28 6.46
C MET D 4001 -38.22 -47.65 6.94
N LYS D 4002 -37.73 -48.09 8.09
CA LYS D 4002 -38.20 -49.36 8.63
C LYS D 4002 -39.63 -49.25 9.14
N LEU D 4003 -40.00 -48.08 9.69
CA LEU D 4003 -41.36 -47.91 10.17
C LEU D 4003 -42.38 -47.86 9.04
N ALA D 4004 -41.97 -47.43 7.86
CA ALA D 4004 -42.90 -47.21 6.76
C ALA D 4004 -43.34 -48.50 6.07
N GLN D 4005 -43.10 -49.67 6.67
CA GLN D 4005 -43.42 -50.95 6.03
C GLN D 4005 -44.49 -51.73 6.77
N ASP D 4006 -45.26 -51.07 7.64
CA ASP D 4006 -46.35 -51.76 8.33
C ASP D 4006 -47.43 -50.74 8.70
N SER D 4007 -48.69 -51.18 8.64
CA SER D 4007 -49.80 -50.30 8.94
C SER D 4007 -49.96 -50.05 10.43
N SER D 4008 -49.59 -51.02 11.27
CA SER D 4008 -49.84 -50.92 12.70
C SER D 4008 -48.81 -50.07 13.43
N GLN D 4009 -47.76 -49.60 12.76
CA GLN D 4009 -46.69 -48.86 13.41
C GLN D 4009 -46.62 -47.40 12.93
N ILE D 4010 -47.72 -46.87 12.38
CA ILE D 4010 -47.73 -45.47 11.97
C ILE D 4010 -47.78 -44.53 13.17
N GLU D 4011 -48.26 -45.01 14.31
CA GLU D 4011 -48.33 -44.16 15.50
C GLU D 4011 -46.95 -43.66 15.90
N LEU D 4012 -45.92 -44.47 15.69
CA LEU D 4012 -44.56 -44.01 15.94
C LEU D 4012 -44.08 -43.08 14.83
N LEU D 4013 -44.48 -43.35 13.59
CA LEU D 4013 -43.98 -42.57 12.46
C LEU D 4013 -44.47 -41.12 12.53
N LYS D 4014 -45.73 -40.91 12.94
CA LYS D 4014 -46.22 -39.54 13.03
C LYS D 4014 -45.45 -38.75 14.07
N GLU D 4015 -45.16 -39.36 15.21
CA GLU D 4015 -44.37 -38.68 16.24
C GLU D 4015 -42.94 -38.44 15.76
N LEU D 4016 -42.38 -39.40 15.00
CA LEU D 4016 -41.04 -39.21 14.46
C LEU D 4016 -41.00 -38.03 13.50
N LEU D 4017 -42.02 -37.88 12.66
CA LEU D 4017 -42.08 -36.75 11.75
C LEU D 4017 -42.26 -35.43 12.52
N ASP D 4018 -43.08 -35.46 13.56
CA ASP D 4018 -43.22 -34.26 14.40
C ASP D 4018 -41.88 -33.86 14.99
N LEU D 4019 -41.12 -34.83 15.48
CA LEU D 4019 -39.81 -34.53 16.03
C LEU D 4019 -38.85 -34.08 14.93
N GLN D 4020 -39.03 -34.57 13.70
CA GLN D 4020 -38.27 -34.06 12.57
C GLN D 4020 -38.48 -32.56 12.41
N LYS D 4021 -39.74 -32.14 12.44
CA LYS D 4021 -40.03 -30.70 12.35
C LYS D 4021 -39.40 -29.94 13.51
N ASP D 4022 -39.54 -30.48 14.72
CA ASP D 4022 -38.98 -29.80 15.88
C ASP D 4022 -37.47 -29.67 15.77
N MET D 4023 -36.79 -30.69 15.25
CA MET D 4023 -35.35 -30.64 15.10
C MET D 4023 -34.93 -29.62 14.05
N VAL D 4024 -35.56 -29.67 12.87
CA VAL D 4024 -35.17 -28.74 11.82
C VAL D 4024 -35.48 -27.30 12.19
N VAL D 4025 -36.45 -27.09 13.08
CA VAL D 4025 -36.71 -25.74 13.58
C VAL D 4025 -35.48 -25.17 14.26
N MET D 4026 -34.70 -26.01 14.94
CA MET D 4026 -33.49 -25.53 15.59
C MET D 4026 -32.52 -24.97 14.57
N LEU D 4027 -32.28 -25.70 13.48
CA LEU D 4027 -31.36 -25.20 12.45
C LEU D 4027 -31.90 -23.93 11.81
N LEU D 4028 -33.21 -23.88 11.55
CA LEU D 4028 -33.80 -22.68 10.99
C LEU D 4028 -33.55 -21.48 11.90
N SER D 4029 -33.73 -21.66 13.20
CA SER D 4029 -33.44 -20.59 14.14
C SER D 4029 -31.95 -20.26 14.18
N LEU D 4030 -31.10 -21.28 14.02
CA LEU D 4030 -29.66 -21.05 14.06
C LEU D 4030 -29.20 -20.22 12.87
N LEU D 4031 -29.91 -20.31 11.75
CA LEU D 4031 -29.58 -19.45 10.61
C LEU D 4031 -29.75 -17.99 10.96
N GLU D 4032 -30.99 -17.57 11.23
CA GLU D 4032 -31.34 -16.24 11.72
C GLU D 4032 -30.56 -15.13 11.00
N GLY D 4033 -30.78 -15.05 9.69
CA GLY D 4033 -30.28 -13.94 8.90
C GLY D 4033 -28.78 -13.76 8.97
N ASN D 4034 -28.04 -14.85 8.83
CA ASN D 4034 -26.59 -14.77 8.81
C ASN D 4034 -26.11 -14.08 7.54
N VAL D 4035 -24.90 -13.53 7.61
CA VAL D 4035 -24.29 -12.92 6.44
C VAL D 4035 -24.11 -13.99 5.36
N VAL D 4036 -24.12 -13.55 4.09
CA VAL D 4036 -24.00 -14.41 2.92
C VAL D 4036 -22.91 -15.46 3.12
N ASN D 4037 -21.80 -15.06 3.74
CA ASN D 4037 -20.70 -15.96 4.08
C ASN D 4037 -20.38 -15.86 5.56
N GLY D 4038 -21.41 -15.97 6.40
CA GLY D 4038 -21.31 -15.74 7.82
C GLY D 4038 -20.70 -16.86 8.64
N MET D 4039 -20.16 -17.90 7.98
CA MET D 4039 -19.39 -18.96 8.61
C MET D 4039 -20.29 -19.90 9.40
N ILE D 4040 -21.55 -19.52 9.59
CA ILE D 4040 -22.53 -20.45 10.15
C ILE D 4040 -23.18 -21.28 9.05
N ALA D 4041 -23.54 -20.63 7.93
CA ALA D 4041 -24.01 -21.37 6.78
C ALA D 4041 -22.92 -22.30 6.25
N ARG D 4042 -21.66 -21.88 6.32
CA ARG D 4042 -20.57 -22.74 5.89
C ARG D 4042 -20.53 -24.02 6.70
N GLN D 4043 -20.63 -23.91 8.03
CA GLN D 4043 -20.64 -25.11 8.86
C GLN D 4043 -21.91 -25.92 8.66
N MET D 4044 -23.02 -25.26 8.32
CA MET D 4044 -24.24 -26.00 8.01
C MET D 4044 -24.04 -26.86 6.75
N VAL D 4045 -23.44 -26.28 5.72
CA VAL D 4045 -23.13 -27.04 4.52
C VAL D 4045 -22.16 -28.17 4.84
N ASP D 4046 -21.18 -27.89 5.71
CA ASP D 4046 -20.22 -28.93 6.10
C ASP D 4046 -20.92 -30.09 6.78
N MET D 4047 -21.81 -29.81 7.74
CA MET D 4047 -22.57 -30.87 8.37
C MET D 4047 -23.39 -31.63 7.36
N LEU D 4048 -23.99 -30.92 6.40
CA LEU D 4048 -24.84 -31.59 5.43
C LEU D 4048 -24.04 -32.56 4.58
N VAL D 4049 -22.84 -32.16 4.15
CA VAL D 4049 -22.05 -33.04 3.30
C VAL D 4049 -21.44 -34.19 4.11
N GLU D 4050 -21.11 -33.97 5.39
CA GLU D 4050 -20.67 -35.10 6.21
C GLU D 4050 -21.79 -36.12 6.39
N SER D 4051 -23.04 -35.69 6.33
CA SER D 4051 -24.19 -36.57 6.37
C SER D 4051 -24.78 -36.78 4.99
N SER D 4052 -23.93 -36.85 3.97
CA SER D 4052 -24.41 -36.95 2.60
C SER D 4052 -25.28 -38.18 2.40
N SER D 4053 -24.85 -39.32 2.96
CA SER D 4053 -25.62 -40.54 2.77
C SER D 4053 -27.02 -40.40 3.38
N ASN D 4054 -27.11 -39.87 4.60
CA ASN D 4054 -28.38 -39.86 5.32
C ASN D 4054 -29.44 -39.05 4.59
N VAL D 4055 -29.05 -37.93 4.00
CA VAL D 4055 -30.03 -37.06 3.34
C VAL D 4055 -30.68 -37.76 2.15
N GLU D 4056 -29.96 -38.69 1.52
CA GLU D 4056 -30.46 -39.31 0.31
C GLU D 4056 -31.75 -40.09 0.55
N MET D 4057 -31.79 -40.96 1.55
CA MET D 4057 -32.98 -41.77 1.74
C MET D 4057 -34.17 -40.95 2.19
N ILE D 4058 -33.98 -39.92 3.01
CA ILE D 4058 -35.12 -39.10 3.39
C ILE D 4058 -35.66 -38.34 2.18
N LEU D 4059 -34.78 -37.71 1.39
CA LEU D 4059 -35.24 -37.00 0.21
C LEU D 4059 -35.93 -37.95 -0.76
N LYS D 4060 -35.37 -39.14 -0.96
CA LYS D 4060 -35.95 -40.09 -1.89
C LYS D 4060 -37.31 -40.60 -1.39
N PHE D 4061 -37.44 -40.83 -0.08
CA PHE D 4061 -38.74 -41.21 0.46
C PHE D 4061 -39.78 -40.13 0.18
N PHE D 4062 -39.40 -38.88 0.42
CA PHE D 4062 -40.33 -37.78 0.16
C PHE D 4062 -40.76 -37.75 -1.31
N ASP D 4063 -39.78 -37.83 -2.23
CA ASP D 4063 -40.15 -37.68 -3.63
C ASP D 4063 -40.88 -38.91 -4.17
N MET D 4064 -40.55 -40.12 -3.70
CA MET D 4064 -41.33 -41.28 -4.11
C MET D 4064 -42.77 -41.17 -3.63
N PHE D 4065 -42.97 -40.76 -2.38
CA PHE D 4065 -44.35 -40.69 -1.91
C PHE D 4065 -45.12 -39.53 -2.52
N LEU D 4066 -44.42 -38.52 -3.03
CA LEU D 4066 -45.10 -37.52 -3.84
C LEU D 4066 -45.48 -38.07 -5.21
N LYS D 4067 -44.53 -38.74 -5.87
CA LYS D 4067 -44.77 -39.19 -7.24
C LYS D 4067 -45.76 -40.34 -7.30
N LEU D 4068 -45.87 -41.12 -6.22
CA LEU D 4068 -46.84 -42.22 -6.22
C LEU D 4068 -48.27 -41.67 -6.28
N LYS D 4069 -48.55 -40.60 -5.54
CA LYS D 4069 -49.86 -39.96 -5.66
C LYS D 4069 -49.96 -39.15 -6.94
N ASP D 4070 -48.84 -38.67 -7.46
CA ASP D 4070 -48.86 -38.00 -8.76
C ASP D 4070 -49.34 -38.94 -9.86
N ILE D 4071 -48.84 -40.19 -9.86
CA ILE D 4071 -49.20 -41.14 -10.88
C ILE D 4071 -50.66 -41.58 -10.72
N VAL D 4072 -51.09 -41.81 -9.49
CA VAL D 4072 -52.46 -42.23 -9.25
C VAL D 4072 -53.41 -41.11 -9.66
N GLY D 4073 -54.43 -41.46 -10.44
CA GLY D 4073 -55.35 -40.50 -10.99
C GLY D 4073 -55.09 -40.14 -12.44
N SER D 4074 -53.88 -40.38 -12.94
CA SER D 4074 -53.59 -40.16 -14.34
C SER D 4074 -54.24 -41.24 -15.19
N GLU D 4075 -54.59 -40.87 -16.42
CA GLU D 4075 -55.21 -41.83 -17.33
C GLU D 4075 -54.27 -42.96 -17.72
N ALA D 4076 -52.96 -42.75 -17.58
CA ALA D 4076 -52.00 -43.80 -17.92
C ALA D 4076 -52.14 -45.01 -17.01
N PHE D 4077 -52.39 -44.78 -15.72
CA PHE D 4077 -52.50 -45.86 -14.76
C PHE D 4077 -53.94 -46.17 -14.36
N GLN D 4078 -54.79 -45.15 -14.22
CA GLN D 4078 -56.16 -45.39 -13.77
C GLN D 4078 -56.96 -46.25 -14.74
N ASP D 4079 -56.51 -46.35 -15.99
CA ASP D 4079 -57.21 -47.17 -16.97
C ASP D 4079 -57.18 -48.65 -16.60
N TYR D 4080 -56.30 -49.06 -15.70
CA TYR D 4080 -56.09 -50.47 -15.39
C TYR D 4080 -57.05 -50.99 -14.34
N VAL D 4081 -57.98 -50.17 -13.84
CA VAL D 4081 -58.95 -50.64 -12.86
C VAL D 4081 -59.87 -51.67 -13.53
N THR D 4082 -60.13 -52.78 -12.84
CA THR D 4082 -60.98 -53.84 -13.35
C THR D 4082 -62.04 -54.28 -12.35
N ASP D 4083 -62.13 -53.63 -11.20
CA ASP D 4083 -63.06 -54.02 -10.15
C ASP D 4083 -63.79 -52.78 -9.65
N PRO D 4084 -65.12 -52.83 -9.57
CA PRO D 4084 -65.87 -51.65 -9.09
C PRO D 4084 -65.50 -51.23 -7.67
N ARG D 4085 -65.20 -52.19 -6.79
CA ARG D 4085 -64.85 -51.85 -5.42
C ARG D 4085 -63.56 -51.04 -5.36
N GLY D 4086 -62.57 -51.41 -6.16
CA GLY D 4086 -61.31 -50.69 -6.18
C GLY D 4086 -60.11 -51.61 -6.17
N LEU D 4087 -60.34 -52.91 -5.97
CA LEU D 4087 -59.26 -53.87 -5.94
C LEU D 4087 -58.54 -53.93 -7.29
N ILE D 4088 -57.30 -53.49 -7.32
CA ILE D 4088 -56.48 -53.57 -8.53
C ILE D 4088 -55.79 -54.92 -8.57
N SER D 4089 -55.28 -55.29 -9.73
CA SER D 4089 -54.54 -56.54 -9.85
C SER D 4089 -53.28 -56.48 -8.99
N LYS D 4090 -52.89 -57.64 -8.45
CA LYS D 4090 -51.71 -57.69 -7.60
C LYS D 4090 -50.45 -57.34 -8.36
N LYS D 4091 -50.43 -57.60 -9.66
CA LYS D 4091 -49.33 -57.18 -10.53
C LYS D 4091 -49.67 -55.95 -11.35
N ASP D 4092 -50.77 -55.28 -11.03
CA ASP D 4092 -51.13 -54.05 -11.74
C ASP D 4092 -50.07 -52.98 -11.54
N PHE D 4093 -49.52 -52.88 -10.33
CA PHE D 4093 -48.51 -51.87 -10.05
C PHE D 4093 -47.29 -52.04 -10.94
N GLN D 4094 -46.82 -53.28 -11.10
CA GLN D 4094 -45.64 -53.49 -11.94
C GLN D 4094 -45.90 -53.08 -13.37
N LYS D 4095 -47.04 -53.48 -13.92
CA LYS D 4095 -47.36 -53.13 -15.30
C LYS D 4095 -47.48 -51.62 -15.49
N ALA D 4096 -48.16 -50.94 -14.55
CA ALA D 4096 -48.40 -49.52 -14.68
C ALA D 4096 -47.21 -48.67 -14.25
N MET D 4097 -46.20 -49.27 -13.64
CA MET D 4097 -45.14 -48.52 -12.98
C MET D 4097 -43.80 -48.74 -13.65
N ASP D 4098 -43.44 -50.00 -13.92
CA ASP D 4098 -42.18 -50.28 -14.63
C ASP D 4098 -42.25 -49.72 -16.04
N SER D 4099 -43.39 -49.88 -16.71
CA SER D 4099 -43.52 -49.39 -18.08
C SER D 4099 -43.31 -47.88 -18.15
N GLN D 4100 -43.85 -47.15 -17.18
CA GLN D 4100 -43.62 -45.72 -17.11
C GLN D 4100 -42.16 -45.44 -16.72
N LYS D 4101 -41.75 -44.20 -16.95
CA LYS D 4101 -40.36 -43.81 -16.77
C LYS D 4101 -40.14 -43.36 -15.32
N GLN D 4102 -38.98 -42.73 -15.08
CA GLN D 4102 -38.62 -42.03 -13.85
C GLN D 4102 -38.61 -42.93 -12.61
N PHE D 4103 -38.69 -44.24 -12.77
CA PHE D 4103 -38.68 -45.14 -11.62
C PHE D 4103 -37.78 -46.34 -11.91
N THR D 4104 -37.30 -46.95 -10.83
CA THR D 4104 -36.33 -48.04 -10.90
C THR D 4104 -36.93 -49.32 -10.35
N GLY D 4105 -36.36 -50.44 -10.76
CA GLY D 4105 -36.83 -51.77 -10.39
C GLY D 4105 -37.03 -51.98 -8.90
N PRO D 4106 -35.97 -51.79 -8.10
CA PRO D 4106 -36.13 -51.99 -6.65
C PRO D 4106 -37.21 -51.13 -6.02
N GLU D 4107 -37.42 -49.92 -6.56
CA GLU D 4107 -38.43 -49.04 -6.00
C GLU D 4107 -39.82 -49.64 -6.14
N ILE D 4108 -40.08 -50.36 -7.24
CA ILE D 4108 -41.39 -50.96 -7.45
C ILE D 4108 -41.68 -52.00 -6.37
N GLN D 4109 -40.70 -52.87 -6.10
CA GLN D 4109 -40.85 -53.86 -5.05
C GLN D 4109 -40.98 -53.20 -3.68
N PHE D 4110 -40.22 -52.13 -3.45
CA PHE D 4110 -40.32 -51.42 -2.17
C PHE D 4110 -41.71 -50.85 -1.97
N LEU D 4111 -42.27 -50.23 -3.02
CA LEU D 4111 -43.60 -49.65 -2.92
C LEU D 4111 -44.67 -50.73 -2.75
N LEU D 4112 -44.52 -51.85 -3.45
CA LEU D 4112 -45.46 -52.96 -3.28
C LEU D 4112 -45.40 -53.50 -1.85
N SER D 4113 -44.19 -53.59 -1.30
CA SER D 4113 -44.04 -54.01 0.10
C SER D 4113 -44.72 -53.03 1.04
N CYS D 4114 -44.55 -51.73 0.78
CA CYS D 4114 -45.25 -50.72 1.58
C CYS D 4114 -46.76 -50.86 1.42
N SER D 4115 -47.22 -51.16 0.21
CA SER D 4115 -48.62 -51.45 -0.01
C SER D 4115 -49.02 -52.71 0.72
N GLU D 4116 -50.26 -52.73 1.19
CA GLU D 4116 -50.80 -53.89 1.92
C GLU D 4116 -51.49 -54.82 0.94
N ALA D 4117 -50.94 -56.03 0.79
CA ALA D 4117 -51.54 -57.00 -0.12
C ALA D 4117 -52.95 -57.39 0.32
N ASP D 4118 -53.14 -57.58 1.62
CA ASP D 4118 -54.45 -57.93 2.19
C ASP D 4118 -54.99 -59.22 1.55
N GLU D 4119 -54.25 -60.31 1.77
CA GLU D 4119 -54.59 -61.65 1.27
C GLU D 4119 -54.96 -61.63 -0.21
N ASN D 4120 -54.40 -60.68 -0.95
CA ASN D 4120 -54.70 -60.49 -2.37
C ASN D 4120 -56.20 -60.31 -2.59
N GLU D 4121 -56.84 -59.56 -1.69
CA GLU D 4121 -58.26 -59.26 -1.80
C GLU D 4121 -58.55 -57.78 -2.01
N MET D 4122 -57.66 -56.90 -1.56
CA MET D 4122 -57.84 -55.47 -1.75
C MET D 4122 -56.48 -54.78 -1.63
N ILE D 4123 -56.30 -53.71 -2.39
CA ILE D 4123 -55.12 -52.88 -2.29
C ILE D 4123 -55.55 -51.44 -2.03
N ASN D 4124 -56.75 -51.09 -2.53
CA ASN D 4124 -57.33 -49.77 -2.35
C ASN D 4124 -56.31 -48.67 -2.65
N PHE D 4125 -55.87 -48.62 -3.90
CA PHE D 4125 -54.88 -47.63 -4.32
C PHE D 4125 -55.35 -46.21 -4.06
N GLU D 4126 -56.67 -45.99 -4.05
CA GLU D 4126 -57.19 -44.63 -3.85
C GLU D 4126 -56.86 -44.11 -2.46
N GLU D 4127 -57.17 -44.88 -1.42
CA GLU D 4127 -56.97 -44.41 -0.05
C GLU D 4127 -55.60 -44.76 0.51
N PHE D 4128 -54.83 -45.60 -0.17
CA PHE D 4128 -53.47 -45.92 0.26
C PHE D 4128 -52.43 -45.01 -0.36
N ALA D 4129 -52.85 -44.04 -1.17
CA ALA D 4129 -51.95 -43.06 -1.77
C ALA D 4129 -52.08 -41.69 -1.13
N ASN D 4130 -52.85 -41.56 -0.05
CA ASN D 4130 -53.16 -40.25 0.51
C ASN D 4130 -52.87 -40.18 2.00
N ARG D 4131 -52.92 -41.33 2.69
CA ARG D 4131 -52.71 -41.31 4.14
C ARG D 4131 -51.29 -40.94 4.51
N PHE D 4132 -50.33 -41.22 3.63
CA PHE D 4132 -48.93 -40.95 3.91
C PHE D 4132 -48.47 -39.59 3.40
N GLN D 4133 -49.38 -38.80 2.84
CA GLN D 4133 -49.04 -37.47 2.32
C GLN D 4133 -49.51 -36.34 3.21
N GLU D 4134 -50.41 -36.60 4.15
CA GLU D 4134 -50.93 -35.57 5.04
C GLU D 4134 -49.94 -35.20 6.16
N PRO D 4135 -49.45 -36.15 6.95
CA PRO D 4135 -48.59 -35.75 8.07
C PRO D 4135 -47.23 -35.22 7.66
N ALA D 4136 -46.71 -35.61 6.50
CA ALA D 4136 -45.35 -35.24 6.10
C ALA D 4136 -45.26 -33.86 5.48
N ARG D 4137 -46.39 -33.15 5.33
CA ARG D 4137 -46.37 -31.86 4.66
C ARG D 4137 -45.53 -30.85 5.43
N ASP D 4138 -45.65 -30.82 6.75
CA ASP D 4138 -44.90 -29.86 7.55
C ASP D 4138 -43.41 -30.06 7.38
N ILE D 4139 -42.96 -31.31 7.46
CA ILE D 4139 -41.53 -31.62 7.35
C ILE D 4139 -41.04 -31.33 5.95
N GLY D 4140 -41.83 -31.65 4.93
CA GLY D 4140 -41.42 -31.33 3.57
C GLY D 4140 -41.26 -29.83 3.37
N PHE D 4141 -42.22 -29.06 3.87
CA PHE D 4141 -42.12 -27.61 3.75
C PHE D 4141 -40.90 -27.09 4.50
N ASN D 4142 -40.64 -27.62 5.70
CA ASN D 4142 -39.51 -27.14 6.47
C ASN D 4142 -38.18 -27.45 5.79
N VAL D 4143 -38.04 -28.67 5.25
CA VAL D 4143 -36.78 -29.02 4.60
C VAL D 4143 -36.61 -28.22 3.32
N ALA D 4144 -37.70 -27.96 2.59
CA ALA D 4144 -37.61 -27.10 1.41
C ALA D 4144 -37.17 -25.70 1.80
N VAL D 4145 -37.72 -25.18 2.90
CA VAL D 4145 -37.33 -23.85 3.38
C VAL D 4145 -35.85 -23.83 3.72
N LEU D 4146 -35.38 -24.86 4.42
CA LEU D 4146 -33.97 -24.90 4.81
C LEU D 4146 -33.06 -24.95 3.59
N LEU D 4147 -33.40 -25.80 2.63
CA LEU D 4147 -32.58 -25.91 1.43
C LEU D 4147 -32.57 -24.59 0.66
N THR D 4148 -33.73 -23.97 0.50
CA THR D 4148 -33.78 -22.69 -0.20
C THR D 4148 -32.97 -21.63 0.51
N ASN D 4149 -33.06 -21.59 1.85
CA ASN D 4149 -32.35 -20.59 2.62
C ASN D 4149 -30.85 -20.76 2.46
N LEU D 4150 -30.37 -22.00 2.57
CA LEU D 4150 -28.93 -22.22 2.41
C LEU D 4150 -28.48 -21.89 0.99
N SER D 4151 -29.26 -22.29 -0.02
CA SER D 4151 -28.86 -22.02 -1.40
C SER D 4151 -28.80 -20.52 -1.67
N GLU D 4152 -29.78 -19.77 -1.15
CA GLU D 4152 -29.82 -18.34 -1.42
C GLU D 4152 -28.76 -17.58 -0.64
N HIS D 4153 -28.57 -17.92 0.64
CA HIS D 4153 -27.65 -17.14 1.47
C HIS D 4153 -26.21 -17.29 1.00
N VAL D 4154 -25.76 -18.52 0.75
CA VAL D 4154 -24.40 -18.76 0.29
C VAL D 4154 -24.47 -19.36 -1.12
N PRO D 4155 -23.94 -18.69 -2.14
CA PRO D 4155 -23.91 -19.28 -3.47
C PRO D 4155 -22.61 -20.03 -3.74
N HIS D 4156 -22.50 -20.63 -4.92
CA HIS D 4156 -21.28 -21.30 -5.38
C HIS D 4156 -20.86 -22.41 -4.41
N ASP D 4157 -21.76 -23.37 -4.23
CA ASP D 4157 -21.52 -24.54 -3.39
C ASP D 4157 -21.80 -25.78 -4.22
N PRO D 4158 -20.79 -26.28 -4.93
CA PRO D 4158 -21.01 -27.46 -5.80
C PRO D 4158 -21.55 -28.66 -5.05
N ARG D 4159 -21.13 -28.87 -3.81
CA ARG D 4159 -21.70 -29.95 -3.01
C ARG D 4159 -23.19 -29.72 -2.77
N LEU D 4160 -23.57 -28.48 -2.48
CA LEU D 4160 -24.98 -28.17 -2.24
C LEU D 4160 -25.81 -28.33 -3.51
N ARG D 4161 -25.17 -28.21 -4.68
CA ARG D 4161 -25.90 -28.38 -5.93
C ARG D 4161 -26.48 -29.78 -6.06
N ASN D 4162 -25.79 -30.78 -5.51
CA ASN D 4162 -26.30 -32.15 -5.55
C ASN D 4162 -27.64 -32.25 -4.83
N PHE D 4163 -27.71 -31.71 -3.61
CA PHE D 4163 -28.97 -31.72 -2.88
C PHE D 4163 -30.02 -30.86 -3.59
N LEU D 4164 -29.60 -29.72 -4.14
CA LEU D 4164 -30.54 -28.84 -4.83
C LEU D 4164 -31.22 -29.57 -5.99
N GLU D 4165 -30.44 -30.24 -6.83
CA GLU D 4165 -31.01 -30.96 -7.95
C GLU D 4165 -31.72 -32.23 -7.50
N LEU D 4166 -31.35 -32.80 -6.36
CA LEU D 4166 -32.01 -34.00 -5.87
C LEU D 4166 -33.39 -33.72 -5.29
N ALA D 4167 -33.66 -32.48 -4.90
CA ALA D 4167 -34.90 -32.11 -4.24
C ALA D 4167 -35.78 -31.23 -5.13
N GLU D 4168 -35.81 -31.53 -6.43
CA GLU D 4168 -36.57 -30.70 -7.35
C GLU D 4168 -38.07 -30.95 -7.22
N SER D 4169 -38.48 -32.22 -7.08
CA SER D 4169 -39.90 -32.53 -7.07
C SER D 4169 -40.59 -31.93 -5.85
N ILE D 4170 -39.97 -32.04 -4.68
CA ILE D 4170 -40.60 -31.50 -3.47
C ILE D 4170 -40.66 -29.97 -3.54
N LEU D 4171 -39.61 -29.34 -4.09
CA LEU D 4171 -39.63 -27.89 -4.25
C LEU D 4171 -40.74 -27.47 -5.19
N GLU D 4172 -40.92 -28.19 -6.29
CA GLU D 4172 -41.98 -27.85 -7.24
C GLU D 4172 -43.35 -28.03 -6.61
N TYR D 4173 -43.54 -29.08 -5.82
CA TYR D 4173 -44.81 -29.27 -5.15
C TYR D 4173 -45.07 -28.15 -4.14
N PHE D 4174 -44.04 -27.69 -3.45
CA PHE D 4174 -44.18 -26.69 -2.41
C PHE D 4174 -43.96 -25.27 -2.91
N ARG D 4175 -43.83 -25.07 -4.22
CA ARG D 4175 -43.70 -23.72 -4.75
C ARG D 4175 -44.91 -22.83 -4.45
N PRO D 4176 -46.16 -23.26 -4.64
CA PRO D 4176 -47.29 -22.36 -4.40
C PRO D 4176 -47.67 -22.19 -2.94
N TYR D 4177 -46.81 -22.57 -1.99
CA TYR D 4177 -47.11 -22.38 -0.58
C TYR D 4177 -46.08 -21.52 0.13
N LEU D 4178 -44.80 -21.72 -0.15
CA LEU D 4178 -43.75 -20.88 0.44
C LEU D 4178 -43.89 -19.44 -0.05
N GLY D 4179 -43.68 -18.51 0.86
CA GLY D 4179 -43.77 -17.10 0.51
C GLY D 4179 -42.64 -16.27 1.08
N ARG D 4180 -41.89 -15.59 0.22
CA ARG D 4180 -40.76 -14.78 0.63
C ARG D 4180 -41.18 -13.33 0.77
N ILE D 4181 -40.71 -12.68 1.84
CA ILE D 4181 -40.80 -11.24 1.99
C ILE D 4181 -39.41 -10.76 2.39
N GLU D 4182 -39.24 -9.44 2.43
CA GLU D 4182 -37.96 -8.85 2.78
C GLU D 4182 -38.18 -7.67 3.71
N ILE D 4183 -37.54 -7.71 4.88
CA ILE D 4183 -37.63 -6.63 5.86
C ILE D 4183 -36.23 -6.29 6.33
N MET D 4184 -36.11 -5.11 6.93
CA MET D 4184 -34.87 -4.66 7.53
C MET D 4184 -35.17 -4.06 8.89
N GLY D 4185 -34.23 -4.23 9.81
CA GLY D 4185 -34.42 -3.71 11.15
C GLY D 4185 -33.54 -4.36 12.19
N ALA D 4186 -33.16 -3.58 13.20
CA ALA D 4186 -32.33 -3.98 14.34
C ALA D 4186 -30.93 -4.39 13.92
N SER D 4187 -30.63 -4.41 12.62
CA SER D 4187 -29.30 -4.70 12.11
C SER D 4187 -28.87 -3.75 11.02
N ARG D 4188 -29.74 -2.88 10.54
CA ARG D 4188 -29.43 -1.91 9.48
C ARG D 4188 -28.93 -2.62 8.23
N ARG D 4189 -29.52 -3.78 7.93
CA ARG D 4189 -29.22 -4.50 6.71
C ARG D 4189 -30.44 -5.32 6.33
N ILE D 4190 -30.51 -5.67 5.05
CA ILE D 4190 -31.67 -6.38 4.54
C ILE D 4190 -31.63 -7.83 4.98
N GLU D 4191 -32.78 -8.36 5.39
CA GLU D 4191 -32.91 -9.74 5.80
C GLU D 4191 -34.08 -10.39 5.09
N ARG D 4192 -34.02 -11.71 4.95
CA ARG D 4192 -35.08 -12.48 4.33
C ARG D 4192 -35.95 -13.15 5.38
N ILE D 4193 -37.22 -13.37 5.04
CA ILE D 4193 -38.16 -14.05 5.90
C ILE D 4193 -38.85 -15.13 5.08
N TYR D 4194 -39.30 -16.19 5.76
CA TYR D 4194 -40.02 -17.28 5.13
C TYR D 4194 -41.18 -17.69 6.02
N PHE D 4195 -42.22 -18.23 5.40
CA PHE D 4195 -43.38 -18.71 6.14
C PHE D 4195 -44.22 -19.56 5.21
N GLU D 4196 -45.31 -20.10 5.74
CA GLU D 4196 -46.22 -20.95 4.99
C GLU D 4196 -47.52 -20.20 4.72
N ILE D 4197 -47.97 -20.23 3.47
CA ILE D 4197 -49.21 -19.58 3.06
C ILE D 4197 -50.29 -20.65 3.00
N SER D 4198 -51.26 -20.55 3.91
CA SER D 4198 -52.35 -21.51 3.93
C SER D 4198 -53.12 -21.45 2.61
N GLU D 4199 -53.52 -22.62 2.12
CA GLU D 4199 -54.14 -22.69 0.80
C GLU D 4199 -55.50 -22.04 0.77
N THR D 4200 -56.23 -22.06 1.89
CA THR D 4200 -57.55 -21.43 1.92
C THR D 4200 -57.44 -19.93 1.69
N ASN D 4201 -56.42 -19.29 2.25
CA ASN D 4201 -56.23 -17.87 2.03
C ASN D 4201 -55.95 -17.56 0.57
N ARG D 4202 -55.11 -18.37 -0.08
CA ARG D 4202 -54.83 -18.17 -1.50
C ARG D 4202 -56.10 -18.37 -2.33
N ALA D 4203 -56.90 -19.38 -1.98
CA ALA D 4203 -58.14 -19.62 -2.71
C ALA D 4203 -59.10 -18.46 -2.56
N GLN D 4204 -59.20 -17.90 -1.36
CA GLN D 4204 -60.10 -16.77 -1.13
C GLN D 4204 -59.51 -15.44 -1.61
N TRP D 4205 -58.23 -15.42 -1.98
CA TRP D 4205 -57.62 -14.18 -2.45
C TRP D 4205 -58.22 -13.73 -3.77
N GLU D 4206 -58.48 -14.66 -4.68
CA GLU D 4206 -58.96 -14.33 -6.02
C GLU D 4206 -60.49 -14.32 -6.03
N MET D 4207 -61.05 -13.36 -5.31
CA MET D 4207 -62.48 -13.13 -5.29
C MET D 4207 -62.83 -11.93 -6.18
N PRO D 4208 -64.04 -11.89 -6.74
CA PRO D 4208 -64.38 -10.77 -7.63
C PRO D 4208 -64.30 -9.42 -6.95
N GLN D 4209 -64.70 -9.33 -5.68
CA GLN D 4209 -64.64 -8.04 -4.98
C GLN D 4209 -63.21 -7.69 -4.60
N VAL D 4210 -62.42 -8.68 -4.20
CA VAL D 4210 -61.08 -8.40 -3.69
C VAL D 4210 -60.19 -7.82 -4.78
N LYS D 4211 -60.25 -8.39 -5.98
CA LYS D 4211 -59.38 -7.92 -7.05
C LYS D 4211 -59.71 -6.49 -7.44
N GLU D 4212 -61.00 -6.17 -7.58
CA GLU D 4212 -61.37 -4.80 -7.92
C GLU D 4212 -61.05 -3.84 -6.79
N SER D 4213 -61.18 -4.28 -5.53
CA SER D 4213 -60.79 -3.43 -4.42
C SER D 4213 -59.30 -3.14 -4.46
N LYS D 4214 -58.49 -4.14 -4.79
CA LYS D 4214 -57.05 -3.93 -4.92
C LYS D 4214 -56.75 -2.94 -6.04
N ARG D 4215 -57.43 -3.09 -7.18
CA ARG D 4215 -57.21 -2.15 -8.28
C ARG D 4215 -57.57 -0.73 -7.87
N GLN D 4216 -58.71 -0.57 -7.21
CA GLN D 4216 -59.12 0.76 -6.77
C GLN D 4216 -58.13 1.33 -5.77
N PHE D 4217 -57.65 0.50 -4.83
CA PHE D 4217 -56.70 0.96 -3.84
C PHE D 4217 -55.41 1.43 -4.48
N ILE D 4218 -54.86 0.64 -5.40
CA ILE D 4218 -53.59 1.01 -6.01
C ILE D 4218 -53.75 2.26 -6.85
N PHE D 4219 -54.85 2.38 -7.59
CA PHE D 4219 -55.07 3.60 -8.36
C PHE D 4219 -55.18 4.82 -7.45
N ASP D 4220 -55.89 4.68 -6.33
CA ASP D 4220 -56.03 5.81 -5.42
C ASP D 4220 -54.70 6.20 -4.80
N VAL D 4221 -53.90 5.22 -4.39
CA VAL D 4221 -52.66 5.52 -3.70
C VAL D 4221 -51.65 6.16 -4.64
N VAL D 4222 -51.49 5.59 -5.84
CA VAL D 4222 -50.47 6.13 -6.75
C VAL D 4222 -50.88 7.51 -7.25
N ASN D 4223 -52.17 7.71 -7.51
CA ASN D 4223 -52.61 8.95 -8.14
C ASN D 4223 -52.72 10.11 -7.15
N GLU D 4224 -53.27 9.86 -5.96
CA GLU D 4224 -53.62 10.93 -5.04
C GLU D 4224 -52.42 11.44 -4.24
N GLY D 4225 -51.20 11.16 -4.67
CA GLY D 4225 -50.04 11.66 -3.96
C GLY D 4225 -49.68 10.82 -2.75
N GLY D 4226 -48.41 10.46 -2.64
CA GLY D 4226 -47.95 9.61 -1.55
C GLY D 4226 -46.53 9.88 -1.13
N GLU D 4227 -45.75 8.80 -0.97
CA GLU D 4227 -44.33 8.81 -0.62
C GLU D 4227 -44.09 9.21 0.83
N ALA D 4228 -45.13 9.63 1.55
CA ALA D 4228 -45.02 9.95 2.97
C ALA D 4228 -45.93 9.07 3.82
N GLU D 4229 -47.20 8.94 3.43
CA GLU D 4229 -48.15 8.08 4.13
C GLU D 4229 -48.47 6.81 3.33
N LYS D 4230 -47.65 6.51 2.32
CA LYS D 4230 -47.96 5.41 1.41
C LYS D 4230 -48.02 4.08 2.16
N MET D 4231 -46.99 3.78 2.95
CA MET D 4231 -46.96 2.50 3.65
C MET D 4231 -48.05 2.42 4.72
N GLU D 4232 -48.35 3.54 5.37
CA GLU D 4232 -49.44 3.55 6.34
C GLU D 4232 -50.75 3.21 5.67
N LEU D 4233 -51.01 3.80 4.50
CA LEU D 4233 -52.22 3.48 3.76
C LEU D 4233 -52.22 2.01 3.31
N PHE D 4234 -51.05 1.49 2.97
CA PHE D 4234 -50.96 0.07 2.61
C PHE D 4234 -51.41 -0.81 3.78
N VAL D 4235 -50.85 -0.55 4.97
CA VAL D 4235 -51.19 -1.36 6.14
C VAL D 4235 -52.67 -1.19 6.49
N SER D 4236 -53.18 0.03 6.36
CA SER D 4236 -54.60 0.26 6.61
C SER D 4236 -55.46 -0.55 5.66
N PHE D 4237 -55.10 -0.55 4.37
CA PHE D 4237 -55.85 -1.33 3.40
C PHE D 4237 -55.80 -2.82 3.73
N CYS D 4238 -54.64 -3.30 4.17
CA CYS D 4238 -54.56 -4.70 4.61
C CYS D 4238 -55.54 -4.97 5.74
N GLU D 4239 -55.57 -4.07 6.72
CA GLU D 4239 -56.46 -4.26 7.86
C GLU D 4239 -57.91 -4.28 7.42
N ASP D 4240 -58.28 -3.40 6.49
CA ASP D 4240 -59.67 -3.40 6.03
C ASP D 4240 -59.99 -4.65 5.22
N THR D 4241 -59.10 -5.05 4.31
CA THR D 4241 -59.42 -6.16 3.43
C THR D 4241 -59.53 -7.47 4.20
N ILE D 4242 -58.85 -7.57 5.34
CA ILE D 4242 -59.08 -8.74 6.20
C ILE D 4242 -60.55 -8.83 6.57
N PHE D 4243 -61.23 -7.70 6.70
CA PHE D 4243 -62.62 -7.72 7.17
C PHE D 4243 -63.55 -8.42 6.19
N GLU D 4244 -63.52 -8.04 4.92
CA GLU D 4244 -64.42 -8.77 4.03
C GLU D 4244 -63.86 -10.12 3.63
N MET D 4245 -62.54 -10.34 3.76
CA MET D 4245 -62.05 -11.72 3.70
C MET D 4245 -62.76 -12.58 4.75
N GLN D 4246 -63.01 -12.00 5.93
CA GLN D 4246 -63.83 -12.69 6.92
C GLN D 4246 -65.29 -12.77 6.51
N ILE D 4247 -65.85 -11.67 6.01
CA ILE D 4247 -67.28 -11.61 5.72
C ILE D 4247 -67.65 -12.56 4.59
N ALA D 4248 -66.70 -12.97 3.77
CA ALA D 4248 -66.98 -13.95 2.72
C ALA D 4248 -67.35 -15.32 3.27
N ALA D 4249 -67.16 -15.54 4.57
CA ALA D 4249 -67.49 -16.84 5.15
C ALA D 4249 -68.97 -17.14 5.04
N GLN D 4250 -69.83 -16.15 5.28
CA GLN D 4250 -71.27 -16.36 5.32
C GLN D 4250 -71.85 -16.49 3.90
N ILE D 4251 -71.37 -17.51 3.20
CA ILE D 4251 -71.87 -17.84 1.87
C ILE D 4251 -72.20 -19.32 1.71
N SER D 4252 -72.11 -20.10 2.78
CA SER D 4252 -72.38 -21.53 2.69
C SER D 4252 -73.84 -21.79 2.34
N GLU D 4253 -74.06 -22.79 1.50
CA GLU D 4253 -75.42 -23.15 1.08
C GLU D 4253 -75.95 -24.27 1.96
N THR D 4323 -89.30 -0.28 -42.16
CA THR D 4323 -90.07 0.46 -41.16
C THR D 4323 -89.23 0.79 -39.95
N ALA D 4324 -89.77 1.62 -39.07
CA ALA D 4324 -89.03 2.01 -37.87
C ALA D 4324 -88.75 0.83 -36.97
N ARG D 4325 -89.74 -0.07 -36.82
CA ARG D 4325 -89.58 -1.21 -35.92
C ARG D 4325 -88.42 -2.09 -36.34
N GLU D 4326 -88.29 -2.35 -37.65
CA GLU D 4326 -87.19 -3.16 -38.13
C GLU D 4326 -85.85 -2.49 -37.83
N ALA D 4327 -85.78 -1.17 -37.98
CA ALA D 4327 -84.55 -0.46 -37.64
C ALA D 4327 -84.32 -0.43 -36.13
N ALA D 4328 -85.39 -0.23 -35.36
CA ALA D 4328 -85.23 -0.07 -33.91
C ALA D 4328 -84.67 -1.33 -33.27
N THR D 4329 -85.20 -2.49 -33.64
CA THR D 4329 -84.73 -3.75 -33.05
C THR D 4329 -83.28 -4.01 -33.39
N ALA D 4330 -82.89 -3.78 -34.65
CA ALA D 4330 -81.51 -4.03 -35.05
C ALA D 4330 -80.54 -3.11 -34.30
N LEU D 4331 -80.87 -1.82 -34.22
CA LEU D 4331 -80.01 -0.89 -33.52
C LEU D 4331 -79.92 -1.19 -32.03
N ALA D 4332 -81.07 -1.49 -31.41
CA ALA D 4332 -81.08 -1.76 -29.97
C ALA D 4332 -80.26 -3.00 -29.64
N ALA D 4333 -80.37 -4.04 -30.47
CA ALA D 4333 -79.62 -5.26 -30.22
C ALA D 4333 -78.12 -5.00 -30.26
N LEU D 4334 -77.68 -4.16 -31.20
CA LEU D 4334 -76.25 -3.83 -31.26
C LEU D 4334 -75.79 -3.11 -30.00
N LEU D 4335 -76.59 -2.15 -29.52
CA LEU D 4335 -76.21 -1.41 -28.32
C LEU D 4335 -76.15 -2.33 -27.11
N TRP D 4336 -77.16 -3.21 -26.97
CA TRP D 4336 -77.18 -4.12 -25.83
C TRP D 4336 -76.02 -5.09 -25.87
N ALA D 4337 -75.68 -5.60 -27.05
CA ALA D 4337 -74.64 -6.63 -27.15
C ALA D 4337 -73.29 -6.09 -26.67
N VAL D 4338 -72.94 -4.87 -27.06
CA VAL D 4338 -71.66 -4.31 -26.64
C VAL D 4338 -71.68 -4.00 -25.15
N VAL D 4339 -72.84 -3.67 -24.59
CA VAL D 4339 -72.92 -3.37 -23.16
C VAL D 4339 -72.71 -4.63 -22.34
N ALA D 4340 -73.36 -5.72 -22.73
CA ALA D 4340 -73.15 -6.98 -22.03
C ALA D 4340 -71.73 -7.49 -22.19
N ARG D 4341 -71.06 -7.13 -23.29
CA ARG D 4341 -69.67 -7.50 -23.49
C ARG D 4341 -68.73 -6.74 -22.57
N ALA D 4342 -69.19 -5.62 -21.97
CA ALA D 4342 -68.33 -4.83 -21.11
C ALA D 4342 -69.00 -4.42 -19.80
N GLY D 4343 -70.21 -4.88 -19.52
CA GLY D 4343 -70.89 -4.52 -18.28
C GLY D 4343 -70.24 -5.13 -17.05
N GLY D 4542 -90.13 -18.95 16.84
CA GLY D 4542 -88.73 -18.97 17.25
C GLY D 4542 -87.81 -19.58 16.22
N GLU D 4543 -87.96 -20.88 15.98
CA GLU D 4543 -87.14 -21.56 14.97
C GLU D 4543 -87.56 -21.19 13.56
N LEU D 4544 -88.74 -20.60 13.39
CA LEU D 4544 -89.20 -20.24 12.05
C LEU D 4544 -88.48 -19.00 11.50
N GLU D 4545 -87.88 -18.20 12.37
CA GLU D 4545 -87.18 -16.99 11.94
C GLU D 4545 -85.86 -17.31 11.23
N VAL D 4546 -85.37 -18.55 11.31
CA VAL D 4546 -84.11 -18.89 10.67
C VAL D 4546 -84.24 -18.86 9.15
N GLN D 4547 -85.40 -19.29 8.63
CA GLN D 4547 -85.61 -19.28 7.18
C GLN D 4547 -85.46 -17.89 6.59
N ARG D 4548 -85.76 -16.85 7.39
CA ARG D 4548 -85.55 -15.49 6.93
C ARG D 4548 -84.08 -15.23 6.62
N VAL D 4549 -83.19 -15.65 7.51
CA VAL D 4549 -81.75 -15.49 7.26
C VAL D 4549 -81.31 -16.40 6.12
N LYS D 4550 -81.89 -17.61 6.04
CA LYS D 4550 -81.53 -18.52 4.95
C LYS D 4550 -81.83 -17.88 3.59
N PHE D 4551 -82.99 -17.23 3.46
CA PHE D 4551 -83.33 -16.60 2.19
C PHE D 4551 -82.56 -15.30 1.97
N LEU D 4552 -82.31 -14.55 3.05
CA LEU D 4552 -81.64 -13.27 2.90
C LEU D 4552 -80.17 -13.43 2.54
N ASN D 4553 -79.53 -14.52 2.99
CA ASN D 4553 -78.13 -14.74 2.64
C ASN D 4553 -77.95 -15.10 1.18
N TYR D 4554 -79.03 -15.43 0.46
CA TYR D 4554 -78.91 -15.73 -0.97
C TYR D 4554 -78.59 -14.46 -1.76
N LEU D 4555 -79.14 -13.32 -1.34
CA LEU D 4555 -78.97 -12.09 -2.10
C LEU D 4555 -77.51 -11.67 -2.18
N SER D 4556 -76.78 -11.81 -1.07
CA SER D 4556 -75.39 -11.36 -1.04
C SER D 4556 -74.52 -12.19 -1.98
N ARG D 4557 -74.86 -13.46 -2.19
CA ARG D 4557 -74.03 -14.32 -3.02
C ARG D 4557 -73.97 -13.80 -4.45
N ASN D 4558 -75.12 -13.52 -5.05
CA ASN D 4558 -75.20 -13.01 -6.41
C ASN D 4558 -75.88 -11.63 -6.33
N PHE D 4559 -75.06 -10.60 -6.24
CA PHE D 4559 -75.53 -9.22 -6.14
C PHE D 4559 -75.41 -8.46 -7.45
N TYR D 4560 -74.31 -8.67 -8.19
CA TYR D 4560 -74.12 -7.95 -9.44
C TYR D 4560 -75.17 -8.32 -10.47
N THR D 4561 -75.55 -9.61 -10.52
CA THR D 4561 -76.54 -10.04 -11.50
C THR D 4561 -77.87 -9.34 -11.29
N LEU D 4562 -78.20 -8.98 -10.05
CA LEU D 4562 -79.41 -8.21 -9.81
C LEU D 4562 -79.33 -6.86 -10.50
N ARG D 4563 -78.18 -6.18 -10.43
CA ARG D 4563 -78.03 -4.91 -11.12
C ARG D 4563 -78.08 -5.09 -12.63
N PHE D 4564 -77.47 -6.18 -13.13
CA PHE D 4564 -77.56 -6.48 -14.55
C PHE D 4564 -79.00 -6.62 -14.98
N LEU D 4565 -79.80 -7.34 -14.19
CA LEU D 4565 -81.20 -7.53 -14.51
C LEU D 4565 -81.96 -6.21 -14.45
N ALA D 4566 -81.62 -5.35 -13.49
CA ALA D 4566 -82.27 -4.05 -13.41
C ALA D 4566 -82.00 -3.22 -14.66
N LEU D 4567 -80.75 -3.22 -15.13
CA LEU D 4567 -80.44 -2.50 -16.37
C LEU D 4567 -81.20 -3.10 -17.55
N PHE D 4568 -81.26 -4.43 -17.63
CA PHE D 4568 -81.97 -5.07 -18.74
C PHE D 4568 -83.45 -4.70 -18.72
N LEU D 4569 -84.05 -4.69 -17.54
CA LEU D 4569 -85.46 -4.34 -17.43
C LEU D 4569 -85.69 -2.89 -17.82
N ALA D 4570 -84.80 -1.99 -17.41
CA ALA D 4570 -84.94 -0.59 -17.82
C ALA D 4570 -84.86 -0.47 -19.33
N PHE D 4571 -83.91 -1.18 -19.94
CA PHE D 4571 -83.79 -1.14 -21.40
C PHE D 4571 -85.07 -1.61 -22.07
N ALA D 4572 -85.60 -2.75 -21.63
CA ALA D 4572 -86.78 -3.31 -22.27
C ALA D 4572 -87.99 -2.41 -22.09
N ILE D 4573 -88.18 -1.87 -20.87
CA ILE D 4573 -89.35 -1.04 -20.63
C ILE D 4573 -89.26 0.26 -21.44
N ASN D 4574 -88.05 0.82 -21.59
CA ASN D 4574 -87.93 2.02 -22.40
C ASN D 4574 -88.17 1.72 -23.88
N PHE D 4575 -87.66 0.60 -24.37
CA PHE D 4575 -87.91 0.25 -25.76
C PHE D 4575 -89.40 0.04 -26.02
N ILE D 4576 -90.11 -0.55 -25.06
CA ILE D 4576 -91.56 -0.65 -25.18
C ILE D 4576 -92.18 0.74 -25.16
N LEU D 4577 -91.72 1.61 -24.27
CA LEU D 4577 -92.23 2.98 -24.19
C LEU D 4577 -92.07 3.72 -25.51
N LEU D 4578 -91.10 3.33 -26.32
CA LEU D 4578 -90.89 4.00 -27.60
C LEU D 4578 -92.07 3.93 -28.55
N PHE D 4579 -93.18 3.31 -28.17
CA PHE D 4579 -94.31 3.14 -29.07
C PHE D 4579 -95.56 3.90 -28.64
N TYR D 4580 -95.42 4.91 -27.78
CA TYR D 4580 -96.60 5.63 -27.31
C TYR D 4580 -97.15 6.55 -28.39
N LYS D 4581 -98.28 7.18 -28.07
CA LYS D 4581 -98.99 8.07 -28.98
C LYS D 4581 -99.98 8.88 -28.15
N VAL D 4582 -100.37 10.03 -28.68
CA VAL D 4582 -101.33 10.91 -28.01
C VAL D 4582 -102.43 11.26 -29.00
N SER D 4583 -103.67 11.19 -28.55
CA SER D 4583 -104.83 11.53 -29.37
C SER D 4583 -105.70 12.54 -28.66
N ASP D 4584 -106.37 13.39 -29.44
CA ASP D 4584 -107.24 14.41 -28.88
C ASP D 4584 -108.54 13.83 -28.33
N SER D 4585 -108.87 12.60 -28.68
CA SER D 4585 -110.06 11.93 -28.19
C SER D 4585 -109.69 10.58 -27.61
N PRO D 4586 -110.42 10.11 -26.59
CA PRO D 4586 -110.14 8.79 -26.04
C PRO D 4586 -110.37 7.72 -27.10
N PRO D 4587 -109.61 6.61 -27.03
CA PRO D 4587 -109.69 5.53 -28.03
C PRO D 4587 -111.06 4.87 -28.04
N ASN D 4626 -107.94 17.24 -22.19
CA ASN D 4626 -108.72 16.06 -22.56
C ASN D 4626 -107.89 15.08 -23.37
N MET D 4627 -106.63 15.43 -23.62
CA MET D 4627 -105.74 14.56 -24.37
C MET D 4627 -105.51 13.26 -23.61
N VAL D 4628 -105.58 12.14 -24.33
CA VAL D 4628 -105.47 10.82 -23.73
C VAL D 4628 -104.17 10.19 -24.21
N TYR D 4629 -103.32 9.78 -23.27
CA TYR D 4629 -102.05 9.15 -23.60
C TYR D 4629 -102.25 7.67 -23.90
N TYR D 4630 -103.14 7.34 -24.83
CA TYR D 4630 -103.41 5.95 -25.13
C TYR D 4630 -102.23 5.33 -25.86
N PHE D 4631 -101.80 4.17 -25.39
CA PHE D 4631 -100.66 3.48 -25.99
C PHE D 4631 -101.15 2.64 -27.15
N LEU D 4632 -100.72 2.99 -28.36
CA LEU D 4632 -101.05 2.24 -29.56
C LEU D 4632 -99.92 1.27 -29.84
N GLU D 4633 -100.19 -0.02 -29.64
CA GLU D 4633 -99.23 -1.06 -29.99
C GLU D 4633 -99.23 -1.24 -31.51
N GLU D 4634 -98.51 -2.24 -31.99
CA GLU D 4634 -98.52 -2.57 -33.39
C GLU D 4634 -99.78 -3.41 -33.69
N SER D 4635 -99.81 -4.04 -34.86
CA SER D 4635 -100.93 -4.92 -35.19
C SER D 4635 -101.07 -6.05 -34.18
N THR D 4636 -99.95 -6.53 -33.63
CA THR D 4636 -100.00 -7.54 -32.59
C THR D 4636 -100.59 -6.94 -31.31
N GLY D 4637 -101.57 -7.63 -30.74
CA GLY D 4637 -102.23 -7.13 -29.54
C GLY D 4637 -101.48 -7.41 -28.26
N TYR D 4638 -100.34 -8.08 -28.33
CA TYR D 4638 -99.58 -8.42 -27.14
C TYR D 4638 -98.78 -7.21 -26.68
N MET D 4639 -97.86 -7.42 -25.74
CA MET D 4639 -96.88 -6.46 -25.25
C MET D 4639 -97.54 -5.29 -24.53
N GLU D 4640 -98.86 -5.26 -24.46
CA GLU D 4640 -99.52 -4.24 -23.67
C GLU D 4640 -99.47 -4.59 -22.18
N PRO D 4641 -99.91 -5.78 -21.76
CA PRO D 4641 -99.76 -6.13 -20.33
C PRO D 4641 -98.33 -6.42 -19.94
N ALA D 4642 -97.47 -6.72 -20.91
CA ALA D 4642 -96.06 -6.93 -20.61
C ALA D 4642 -95.46 -5.69 -19.95
N LEU D 4643 -95.93 -4.51 -20.33
CA LEU D 4643 -95.49 -3.29 -19.67
C LEU D 4643 -95.85 -3.32 -18.18
N TRP D 4644 -97.08 -3.73 -17.87
CA TRP D 4644 -97.52 -3.79 -16.48
C TRP D 4644 -96.68 -4.78 -15.69
N CYS D 4645 -96.49 -5.98 -16.25
CA CYS D 4645 -95.72 -6.99 -15.52
C CYS D 4645 -94.27 -6.58 -15.33
N LEU D 4646 -93.66 -6.00 -16.37
CA LEU D 4646 -92.27 -5.54 -16.23
C LEU D 4646 -92.15 -4.41 -15.23
N SER D 4647 -93.13 -3.50 -15.20
CA SER D 4647 -93.09 -2.42 -14.22
C SER D 4647 -93.19 -2.99 -12.81
N LEU D 4648 -94.05 -3.98 -12.60
CA LEU D 4648 -94.15 -4.59 -11.27
C LEU D 4648 -92.88 -5.34 -10.92
N LEU D 4649 -92.22 -5.94 -11.91
CA LEU D 4649 -91.03 -6.75 -11.65
C LEU D 4649 -89.80 -5.89 -11.36
N HIS D 4650 -89.70 -4.73 -12.01
CA HIS D 4650 -88.50 -3.89 -11.87
C HIS D 4650 -88.35 -3.38 -10.45
N THR D 4651 -89.45 -2.93 -9.84
CA THR D 4651 -89.37 -2.42 -8.48
C THR D 4651 -88.87 -3.51 -7.53
N LEU D 4652 -89.36 -4.74 -7.68
CA LEU D 4652 -88.92 -5.83 -6.83
C LEU D 4652 -87.45 -6.13 -7.03
N VAL D 4653 -87.00 -6.21 -8.30
CA VAL D 4653 -85.61 -6.56 -8.53
C VAL D 4653 -84.66 -5.42 -8.23
N ALA D 4654 -85.17 -4.22 -7.98
CA ALA D 4654 -84.33 -3.16 -7.43
C ALA D 4654 -84.33 -3.16 -5.91
N PHE D 4655 -85.48 -3.46 -5.30
CA PHE D 4655 -85.53 -3.60 -3.84
C PHE D 4655 -84.62 -4.73 -3.38
N LEU D 4656 -84.48 -5.79 -4.19
CA LEU D 4656 -83.53 -6.84 -3.86
C LEU D 4656 -82.11 -6.30 -3.87
N CYS D 4657 -81.78 -5.42 -4.81
CA CYS D 4657 -80.47 -4.78 -4.81
C CYS D 4657 -80.26 -3.99 -3.54
N ILE D 4658 -81.28 -3.24 -3.12
CA ILE D 4658 -81.17 -2.44 -1.90
C ILE D 4658 -80.89 -3.32 -0.70
N ILE D 4659 -81.64 -4.42 -0.58
CA ILE D 4659 -81.45 -5.33 0.55
C ILE D 4659 -80.07 -5.95 0.51
N GLY D 4660 -79.61 -6.35 -0.67
CA GLY D 4660 -78.28 -6.93 -0.79
C GLY D 4660 -77.20 -5.96 -0.38
N TYR D 4661 -77.32 -4.70 -0.79
CA TYR D 4661 -76.34 -3.71 -0.37
C TYR D 4661 -76.37 -3.49 1.14
N ASN D 4662 -77.57 -3.43 1.72
CA ASN D 4662 -77.68 -3.27 3.16
C ASN D 4662 -77.13 -4.48 3.91
N CYS D 4663 -77.05 -5.63 3.24
CA CYS D 4663 -76.53 -6.83 3.89
C CYS D 4663 -75.03 -7.02 3.66
N LEU D 4664 -74.46 -6.45 2.59
CA LEU D 4664 -73.12 -6.79 2.17
C LEU D 4664 -72.10 -5.68 2.43
N LYS D 4665 -72.34 -4.48 1.93
CA LYS D 4665 -71.28 -3.49 1.85
C LYS D 4665 -71.16 -2.59 3.09
N VAL D 4666 -72.26 -2.33 3.79
CA VAL D 4666 -72.23 -1.37 4.88
C VAL D 4666 -71.35 -1.80 6.05
N PRO D 4667 -71.15 -3.11 6.32
CA PRO D 4667 -70.15 -3.45 7.35
C PRO D 4667 -68.77 -2.89 7.05
N LEU D 4668 -68.37 -2.82 5.78
CA LEU D 4668 -67.06 -2.28 5.44
C LEU D 4668 -66.92 -0.83 5.89
N VAL D 4669 -67.89 0.03 5.53
CA VAL D 4669 -67.77 1.44 5.87
C VAL D 4669 -67.92 1.63 7.38
N ILE D 4670 -68.82 0.87 8.01
CA ILE D 4670 -68.97 0.98 9.46
C ILE D 4670 -67.66 0.62 10.15
N PHE D 4671 -67.03 -0.48 9.73
CA PHE D 4671 -65.77 -0.89 10.32
C PHE D 4671 -64.67 0.13 10.05
N LYS D 4672 -64.65 0.70 8.85
CA LYS D 4672 -63.64 1.71 8.53
C LYS D 4672 -63.77 2.90 9.46
N ARG D 4673 -64.99 3.40 9.66
CA ARG D 4673 -65.16 4.54 10.54
C ARG D 4673 -64.80 4.19 11.98
N GLU D 4674 -65.21 3.01 12.45
CA GLU D 4674 -64.87 2.59 13.80
C GLU D 4674 -63.36 2.53 14.00
N LYS D 4675 -62.67 1.93 13.04
CA LYS D 4675 -61.21 1.79 13.14
C LYS D 4675 -60.54 3.16 13.11
N GLU D 4676 -61.01 4.06 12.24
CA GLU D 4676 -60.42 5.39 12.19
C GLU D 4676 -60.60 6.12 13.51
N LEU D 4677 -61.80 6.04 14.10
CA LEU D 4677 -62.03 6.70 15.37
C LEU D 4677 -61.18 6.10 16.48
N ALA D 4678 -61.03 4.77 16.49
CA ALA D 4678 -60.20 4.13 17.50
C ALA D 4678 -58.74 4.57 17.36
N ARG D 4679 -58.23 4.65 16.13
CA ARG D 4679 -56.87 5.12 15.91
C ARG D 4679 -56.71 6.56 16.37
N LYS D 4680 -57.70 7.40 16.07
CA LYS D 4680 -57.61 8.80 16.46
C LYS D 4680 -57.59 8.95 17.98
N LEU D 4681 -58.37 8.14 18.68
CA LEU D 4681 -58.42 8.25 20.13
C LEU D 4681 -57.17 7.67 20.78
N GLU D 4682 -56.66 6.55 20.26
CA GLU D 4682 -55.53 5.89 20.89
C GLU D 4682 -54.25 6.71 20.75
N PHE D 4683 -53.94 7.16 19.53
CA PHE D 4683 -52.69 7.85 19.25
C PHE D 4683 -52.82 9.36 19.23
N ASP D 4684 -53.97 9.90 19.65
CA ASP D 4684 -54.14 11.33 19.69
C ASP D 4684 -55.25 11.66 20.68
N GLY D 4685 -55.26 12.91 21.14
CA GLY D 4685 -56.26 13.36 22.08
C GLY D 4685 -57.22 14.36 21.47
N LEU D 4686 -57.62 14.11 20.21
CA LEU D 4686 -58.45 15.07 19.49
C LEU D 4686 -59.83 15.21 20.13
N TYR D 4687 -60.27 14.21 20.89
CA TYR D 4687 -61.56 14.28 21.57
C TYR D 4687 -61.43 14.38 23.08
N ILE D 4688 -60.22 14.33 23.62
CA ILE D 4688 -59.98 14.51 25.04
C ILE D 4688 -59.01 15.64 25.33
N THR D 4689 -57.91 15.71 24.59
CA THR D 4689 -56.82 16.60 24.96
C THR D 4689 -57.06 18.04 24.48
N GLU D 4690 -57.11 18.24 23.16
CA GLU D 4690 -57.12 19.63 22.68
C GLU D 4690 -58.51 20.18 22.42
N GLN D 4691 -59.21 19.66 21.40
CA GLN D 4691 -60.60 20.00 21.11
C GLN D 4691 -61.06 19.23 19.88
N PRO D 4692 -62.35 18.99 19.72
CA PRO D 4692 -62.86 18.52 18.42
C PRO D 4692 -62.72 19.61 17.38
N GLY D 4693 -62.57 19.18 16.12
CA GLY D 4693 -62.33 20.12 15.03
C GLY D 4693 -63.47 21.09 14.80
N ASP D 4694 -64.68 20.74 15.24
CA ASP D 4694 -65.90 21.55 15.19
C ASP D 4694 -66.12 22.28 13.86
N ASP D 4695 -65.59 21.70 12.78
CA ASP D 4695 -65.75 22.28 11.46
C ASP D 4695 -66.07 21.24 10.40
N ASP D 4696 -66.14 19.96 10.74
CA ASP D 4696 -66.44 18.89 9.80
C ASP D 4696 -67.63 18.10 10.33
N VAL D 4697 -68.59 17.82 9.44
CA VAL D 4697 -69.76 17.04 9.85
C VAL D 4697 -69.34 15.65 10.29
N LYS D 4698 -68.39 15.05 9.58
CA LYS D 4698 -67.89 13.74 9.99
C LYS D 4698 -67.20 13.83 11.35
N GLY D 4699 -66.47 14.91 11.60
CA GLY D 4699 -65.78 15.08 12.86
C GLY D 4699 -66.65 15.51 14.03
N GLN D 4700 -67.93 15.79 13.78
CA GLN D 4700 -68.86 16.20 14.82
C GLN D 4700 -69.95 15.19 15.09
N TRP D 4701 -70.49 14.55 14.04
CA TRP D 4701 -71.56 13.58 14.23
C TRP D 4701 -71.12 12.39 15.06
N ASP D 4702 -69.81 12.12 15.12
CA ASP D 4702 -69.30 10.99 15.88
C ASP D 4702 -69.27 11.24 17.38
N ARG D 4703 -69.53 12.48 17.84
CA ARG D 4703 -69.56 12.74 19.26
C ARG D 4703 -70.74 12.08 19.95
N LEU D 4704 -71.73 11.59 19.20
CA LEU D 4704 -72.90 10.98 19.78
C LEU D 4704 -72.77 9.48 20.02
N VAL D 4705 -71.59 8.91 19.75
CA VAL D 4705 -71.38 7.48 19.95
C VAL D 4705 -70.36 7.19 21.04
N LEU D 4706 -69.61 8.19 21.49
CA LEU D 4706 -68.58 7.94 22.51
C LEU D 4706 -69.19 7.47 23.81
N ASN D 4707 -70.45 7.80 24.08
CA ASN D 4707 -71.10 7.43 25.34
C ASN D 4707 -71.78 6.07 25.29
N THR D 4708 -71.88 5.45 24.11
CA THR D 4708 -72.56 4.17 24.02
C THR D 4708 -71.69 3.05 24.60
N PRO D 4709 -72.31 2.00 25.14
CA PRO D 4709 -71.53 0.89 25.69
C PRO D 4709 -71.01 -0.09 24.64
N SER D 4710 -71.46 0.01 23.40
CA SER D 4710 -71.08 -0.92 22.34
C SER D 4710 -70.43 -0.21 21.17
N PHE D 4711 -69.52 0.72 21.47
CA PHE D 4711 -68.81 1.42 20.41
C PHE D 4711 -67.98 0.51 19.53
N PRO D 4712 -67.15 -0.40 20.07
CA PRO D 4712 -66.41 -1.30 19.16
C PRO D 4712 -67.26 -2.50 18.73
N SER D 4713 -68.28 -2.22 17.93
CA SER D 4713 -69.19 -3.28 17.48
C SER D 4713 -68.50 -4.24 16.52
N ASN D 4714 -67.71 -3.71 15.59
CA ASN D 4714 -67.11 -4.52 14.55
C ASN D 4714 -65.59 -4.53 14.55
N TYR D 4715 -64.95 -3.51 15.09
CA TYR D 4715 -63.50 -3.52 15.18
C TYR D 4715 -63.03 -4.60 16.15
N TRP D 4716 -61.85 -5.14 15.90
CA TRP D 4716 -61.34 -6.24 16.71
C TRP D 4716 -61.09 -5.82 18.15
N ASP D 4717 -60.52 -4.64 18.36
CA ASP D 4717 -60.19 -4.19 19.71
C ASP D 4717 -61.46 -3.78 20.45
N LYS D 4718 -62.13 -4.74 21.06
CA LYS D 4718 -63.39 -4.51 21.73
C LYS D 4718 -63.22 -3.97 23.14
N PHE D 4719 -61.99 -3.80 23.61
CA PHE D 4719 -61.70 -3.21 24.91
C PHE D 4719 -60.78 -2.01 24.77
N VAL D 4720 -60.88 -1.29 23.64
CA VAL D 4720 -59.98 -0.19 23.37
C VAL D 4720 -60.18 0.96 24.36
N LYS D 4721 -61.28 0.96 25.10
CA LYS D 4721 -61.51 2.03 26.07
C LYS D 4721 -60.46 2.06 27.15
N ARG D 4722 -59.84 0.92 27.45
CA ARG D 4722 -58.81 0.89 28.49
C ARG D 4722 -57.60 1.72 28.10
N LYS D 4723 -57.21 1.69 26.83
CA LYS D 4723 -55.95 2.29 26.41
C LYS D 4723 -55.97 3.80 26.60
N VAL D 4724 -57.08 4.46 26.24
CA VAL D 4724 -57.11 5.92 26.32
C VAL D 4724 -57.02 6.38 27.77
N LEU D 4725 -57.73 5.72 28.68
CA LEU D 4725 -57.66 6.11 30.08
C LEU D 4725 -56.31 5.74 30.69
N ASP D 4726 -55.70 4.65 30.25
CA ASP D 4726 -54.38 4.30 30.74
C ASP D 4726 -53.30 5.22 30.22
N LYS D 4727 -53.53 5.88 29.08
CA LYS D 4727 -52.54 6.76 28.51
C LYS D 4727 -52.72 8.22 28.92
N HIS D 4728 -53.95 8.67 29.17
CA HIS D 4728 -54.20 10.06 29.50
C HIS D 4728 -55.14 10.24 30.68
N GLY D 4729 -55.52 9.17 31.38
CA GLY D 4729 -56.43 9.31 32.50
C GLY D 4729 -55.82 9.88 33.76
N ASP D 4730 -54.49 9.98 33.82
CA ASP D 4730 -53.84 10.57 34.98
C ASP D 4730 -53.54 12.05 34.78
N ILE D 4731 -53.02 12.43 33.61
CA ILE D 4731 -52.75 13.83 33.32
C ILE D 4731 -54.04 14.65 33.29
N PHE D 4732 -55.17 14.02 33.01
CA PHE D 4732 -56.46 14.68 33.05
C PHE D 4732 -57.33 14.05 34.13
N GLY D 4733 -58.51 14.63 34.34
CA GLY D 4733 -59.43 14.12 35.32
C GLY D 4733 -59.83 12.69 35.02
N ARG D 4734 -59.43 11.76 35.88
CA ARG D 4734 -59.74 10.35 35.64
C ARG D 4734 -61.24 10.11 35.64
N GLU D 4735 -61.97 10.78 36.53
CA GLU D 4735 -63.42 10.69 36.49
C GLU D 4735 -63.98 11.30 35.22
N ARG D 4736 -63.40 12.42 34.77
CA ARG D 4736 -63.84 13.03 33.52
C ARG D 4736 -63.61 12.09 32.34
N ILE D 4737 -62.44 11.44 32.29
CA ILE D 4737 -62.16 10.50 31.22
C ILE D 4737 -63.10 9.31 31.29
N ALA D 4738 -63.31 8.76 32.48
CA ALA D 4738 -64.17 7.60 32.66
C ALA D 4738 -65.65 7.93 32.55
N GLU D 4739 -66.01 9.21 32.47
CA GLU D 4739 -67.39 9.58 32.20
C GLU D 4739 -67.62 9.97 30.74
N LEU D 4740 -66.61 10.50 30.06
CA LEU D 4740 -66.78 10.88 28.66
C LEU D 4740 -67.04 9.65 27.79
N LEU D 4741 -66.33 8.56 28.05
CA LEU D 4741 -66.41 7.36 27.24
C LEU D 4741 -67.50 6.40 27.72
N GLY D 4742 -68.53 6.90 28.40
CA GLY D 4742 -69.46 6.00 29.03
C GLY D 4742 -68.74 5.19 30.09
N MET D 4743 -68.96 3.87 30.07
CA MET D 4743 -68.27 2.89 30.92
C MET D 4743 -67.99 3.38 32.33
N ASP D 4744 -68.96 4.08 32.93
CA ASP D 4744 -68.76 4.62 34.27
C ASP D 4744 -68.57 3.50 35.28
N LEU D 4745 -68.03 3.86 36.45
CA LEU D 4745 -67.71 2.91 37.51
C LEU D 4745 -66.74 1.84 37.01
N ALA D 4746 -65.54 2.30 36.69
CA ALA D 4746 -64.49 1.42 36.19
C ALA D 4746 -64.08 0.37 37.20
N SER D 4747 -64.45 0.53 38.47
CA SER D 4747 -64.17 -0.50 39.46
C SER D 4747 -64.82 -1.82 39.08
N LEU D 4748 -66.05 -1.77 38.56
CA LEU D 4748 -66.72 -3.01 38.13
C LEU D 4748 -65.95 -3.66 36.98
N GLU D 4749 -65.48 -2.86 36.02
CA GLU D 4749 -64.71 -3.42 34.92
C GLU D 4749 -63.41 -4.04 35.40
N ILE D 4750 -62.75 -3.40 36.37
CA ILE D 4750 -61.51 -3.95 36.90
C ILE D 4750 -61.77 -5.26 37.65
N THR D 4751 -62.84 -5.30 38.45
CA THR D 4751 -63.12 -6.45 39.29
C THR D 4751 -63.84 -7.57 38.54
N ALA D 4752 -64.27 -7.34 37.30
CA ALA D 4752 -64.91 -8.41 36.55
C ALA D 4752 -63.96 -9.58 36.34
N HIS D 4753 -62.70 -9.31 36.03
CA HIS D 4753 -61.71 -10.36 35.83
C HIS D 4753 -60.99 -10.70 37.13
N ASN D 4754 -61.75 -11.00 38.17
CA ASN D 4754 -61.18 -11.35 39.47
C ASN D 4754 -61.56 -12.76 39.92
N GLU D 4755 -62.85 -13.08 39.95
CA GLU D 4755 -63.28 -14.38 40.49
C GLU D 4755 -63.44 -15.43 39.39
N ARG D 4756 -64.34 -15.18 38.45
CA ARG D 4756 -64.64 -16.12 37.38
C ARG D 4756 -65.43 -15.38 36.31
N LYS D 4757 -65.97 -16.13 35.35
CA LYS D 4757 -66.78 -15.56 34.27
C LYS D 4757 -68.20 -16.12 34.37
N PRO D 4758 -69.13 -15.40 34.99
CA PRO D 4758 -70.50 -15.91 35.10
C PRO D 4758 -71.22 -15.88 33.75
N ASP D 4759 -72.21 -16.76 33.62
CA ASP D 4759 -73.03 -16.85 32.41
C ASP D 4759 -74.45 -16.40 32.72
N PRO D 4760 -74.86 -15.19 32.33
CA PRO D 4760 -76.22 -14.75 32.62
C PRO D 4760 -77.23 -15.57 31.84
N PRO D 4761 -78.44 -15.73 32.37
CA PRO D 4761 -79.45 -16.50 31.64
C PRO D 4761 -79.83 -15.79 30.35
N PRO D 4762 -80.16 -16.54 29.29
CA PRO D 4762 -80.54 -15.90 28.04
C PRO D 4762 -81.91 -15.24 28.13
N GLY D 4763 -82.05 -14.09 27.47
CA GLY D 4763 -83.30 -13.37 27.42
C GLY D 4763 -83.83 -13.25 26.02
N LEU D 4764 -83.76 -14.33 25.25
CA LEU D 4764 -84.11 -14.28 23.84
C LEU D 4764 -85.55 -13.85 23.64
N LEU D 4765 -85.76 -12.90 22.72
CA LEU D 4765 -87.08 -12.41 22.31
C LEU D 4765 -87.87 -11.79 23.45
N THR D 4766 -87.20 -11.43 24.55
CA THR D 4766 -87.85 -10.78 25.68
C THR D 4766 -87.30 -9.38 25.93
N TRP D 4767 -85.98 -9.24 26.05
CA TRP D 4767 -85.35 -7.94 26.30
C TRP D 4767 -84.47 -7.51 25.14
N LEU D 4768 -84.59 -8.16 23.98
CA LEU D 4768 -83.77 -7.79 22.82
C LEU D 4768 -84.10 -6.40 22.30
N MET D 4769 -85.26 -5.85 22.67
CA MET D 4769 -85.62 -4.50 22.25
C MET D 4769 -84.65 -3.47 22.80
N SER D 4770 -84.09 -3.71 23.98
CA SER D 4770 -83.19 -2.76 24.64
C SER D 4770 -81.86 -2.74 23.90
N ILE D 4771 -81.69 -1.75 23.02
CA ILE D 4771 -80.45 -1.57 22.28
C ILE D 4771 -80.05 -0.10 22.38
N ASP D 4772 -78.77 0.15 22.11
CA ASP D 4772 -78.22 1.50 22.25
C ASP D 4772 -78.86 2.44 21.24
N VAL D 4773 -79.73 3.32 21.71
CA VAL D 4773 -80.41 4.26 20.82
C VAL D 4773 -79.41 5.21 20.18
N LYS D 4774 -78.45 5.70 20.97
CA LYS D 4774 -77.43 6.59 20.42
C LYS D 4774 -76.62 5.90 19.33
N TYR D 4775 -76.23 4.64 19.57
CA TYR D 4775 -75.47 3.91 18.56
C TYR D 4775 -76.28 3.69 17.31
N GLN D 4776 -77.57 3.36 17.45
CA GLN D 4776 -78.41 3.18 16.29
C GLN D 4776 -78.54 4.47 15.49
N ILE D 4777 -78.72 5.60 16.17
CA ILE D 4777 -78.83 6.88 15.48
C ILE D 4777 -77.52 7.20 14.76
N TRP D 4778 -76.38 6.98 15.42
CA TRP D 4778 -75.11 7.25 14.79
C TRP D 4778 -74.89 6.35 13.58
N LYS D 4779 -75.25 5.08 13.68
CA LYS D 4779 -75.10 4.18 12.56
C LYS D 4779 -75.99 4.60 11.39
N PHE D 4780 -77.22 5.02 11.68
CA PHE D 4780 -78.10 5.50 10.62
C PHE D 4780 -77.55 6.75 9.96
N GLY D 4781 -76.96 7.65 10.75
CA GLY D 4781 -76.32 8.81 10.18
C GLY D 4781 -75.17 8.46 9.28
N VAL D 4782 -74.34 7.50 9.69
CA VAL D 4782 -73.23 7.06 8.85
C VAL D 4782 -73.76 6.41 7.58
N ILE D 4783 -74.88 5.68 7.68
CA ILE D 4783 -75.47 5.06 6.51
C ILE D 4783 -75.91 6.12 5.51
N PHE D 4784 -76.66 7.11 5.99
CA PHE D 4784 -77.27 8.08 5.09
C PHE D 4784 -76.27 9.10 4.56
N THR D 4785 -75.20 9.38 5.31
CA THR D 4785 -74.20 10.30 4.80
C THR D 4785 -73.40 9.72 3.64
N ASP D 4786 -73.49 8.41 3.40
CA ASP D 4786 -72.79 7.80 2.29
C ASP D 4786 -73.42 8.21 0.96
N ASN D 4787 -72.69 7.97 -0.13
CA ASN D 4787 -73.15 8.35 -1.45
C ASN D 4787 -73.71 7.18 -2.25
N SER D 4788 -73.07 6.01 -2.20
CA SER D 4788 -73.57 4.87 -2.97
C SER D 4788 -74.94 4.43 -2.49
N PHE D 4789 -75.13 4.34 -1.17
CA PHE D 4789 -76.42 3.95 -0.65
C PHE D 4789 -77.48 5.00 -0.99
N LEU D 4790 -77.11 6.28 -0.94
CA LEU D 4790 -78.05 7.33 -1.31
C LEU D 4790 -78.44 7.20 -2.78
N TYR D 4791 -77.48 6.85 -3.64
CA TYR D 4791 -77.78 6.64 -5.05
C TYR D 4791 -78.75 5.47 -5.23
N LEU D 4792 -78.53 4.38 -4.50
CA LEU D 4792 -79.45 3.25 -4.60
C LEU D 4792 -80.84 3.63 -4.10
N GLY D 4793 -80.93 4.43 -3.03
CA GLY D 4793 -82.23 4.88 -2.56
C GLY D 4793 -82.91 5.79 -3.55
N TRP D 4794 -82.13 6.61 -4.25
CA TRP D 4794 -82.70 7.45 -5.31
C TRP D 4794 -83.27 6.58 -6.42
N TYR D 4795 -82.54 5.51 -6.78
CA TYR D 4795 -83.06 4.54 -7.74
C TYR D 4795 -84.37 3.96 -7.24
N MET D 4796 -84.43 3.62 -5.96
CA MET D 4796 -85.67 3.11 -5.37
C MET D 4796 -86.82 4.08 -5.55
N VAL D 4797 -86.60 5.35 -5.19
CA VAL D 4797 -87.71 6.30 -5.18
C VAL D 4797 -88.17 6.59 -6.60
N MET D 4798 -87.24 6.66 -7.56
CA MET D 4798 -87.67 6.85 -8.95
C MET D 4798 -88.41 5.63 -9.48
N SER D 4799 -87.96 4.43 -9.16
CA SER D 4799 -88.69 3.25 -9.57
C SER D 4799 -90.09 3.23 -8.99
N LEU D 4800 -90.22 3.62 -7.72
CA LEU D 4800 -91.53 3.67 -7.09
C LEU D 4800 -92.43 4.70 -7.75
N LEU D 4801 -91.89 5.89 -8.02
CA LEU D 4801 -92.66 6.92 -8.70
C LEU D 4801 -92.99 6.54 -10.14
N GLY D 4802 -92.28 5.55 -10.69
CA GLY D 4802 -92.60 5.10 -12.02
C GLY D 4802 -94.02 4.59 -12.16
N HIS D 4803 -94.55 3.96 -11.12
CA HIS D 4803 -95.90 3.42 -11.14
C HIS D 4803 -96.97 4.50 -11.01
N TYR D 4804 -96.59 5.77 -11.10
CA TYR D 4804 -97.53 6.88 -11.16
C TYR D 4804 -98.11 7.06 -12.55
N ASN D 4805 -98.01 6.03 -13.39
CA ASN D 4805 -98.48 6.08 -14.78
C ASN D 4805 -97.77 7.19 -15.55
N ASN D 4806 -96.44 7.04 -15.65
CA ASN D 4806 -95.63 8.06 -16.29
C ASN D 4806 -94.39 7.42 -16.90
N PHE D 4807 -93.54 8.26 -17.48
CA PHE D 4807 -92.31 7.83 -18.13
C PHE D 4807 -91.13 7.83 -17.19
N PHE D 4808 -91.35 7.92 -15.88
CA PHE D 4808 -90.26 8.05 -14.94
C PHE D 4808 -89.24 6.92 -15.07
N PHE D 4809 -89.60 5.82 -15.73
CA PHE D 4809 -88.63 4.78 -16.01
C PHE D 4809 -87.57 5.23 -17.01
N ALA D 4810 -87.79 6.34 -17.71
CA ALA D 4810 -86.81 6.82 -18.67
C ALA D 4810 -85.61 7.49 -18.00
N ALA D 4811 -85.66 7.70 -16.69
CA ALA D 4811 -84.55 8.31 -15.96
C ALA D 4811 -83.63 7.28 -15.32
N HIS D 4812 -83.86 5.99 -15.59
CA HIS D 4812 -83.02 4.95 -15.01
C HIS D 4812 -81.86 4.58 -15.93
N LEU D 4813 -82.17 4.45 -17.21
CA LEU D 4813 -81.15 4.04 -18.17
C LEU D 4813 -79.92 4.82 -17.91
N LEU D 4814 -80.07 6.10 -17.70
CA LEU D 4814 -78.92 6.95 -17.54
C LEU D 4814 -78.07 6.39 -16.46
N ASP D 4815 -78.54 6.54 -15.24
CA ASP D 4815 -77.73 6.13 -14.12
C ASP D 4815 -77.02 4.83 -14.37
N ILE D 4816 -77.62 3.95 -15.11
CA ILE D 4816 -76.92 2.72 -15.26
C ILE D 4816 -75.97 2.87 -16.42
N ALA D 4817 -76.44 3.40 -17.53
CA ALA D 4817 -75.59 3.50 -18.69
C ALA D 4817 -74.21 3.92 -18.24
N MET D 4818 -74.14 4.89 -17.32
CA MET D 4818 -72.85 5.29 -16.77
C MET D 4818 -72.33 4.24 -15.82
N GLY D 4819 -72.05 3.06 -16.33
CA GLY D 4819 -71.47 2.02 -15.50
C GLY D 4819 -70.13 1.71 -16.11
N VAL D 4820 -70.05 1.76 -17.43
CA VAL D 4820 -68.79 1.52 -18.09
C VAL D 4820 -67.91 2.74 -17.95
N LYS D 4821 -66.77 2.58 -17.30
CA LYS D 4821 -65.92 3.73 -17.02
C LYS D 4821 -65.80 4.75 -18.12
N THR D 4822 -65.45 4.31 -19.32
CA THR D 4822 -65.23 5.28 -20.38
C THR D 4822 -66.34 6.31 -20.51
N LEU D 4823 -67.48 6.08 -19.87
CA LEU D 4823 -68.53 7.09 -19.78
C LEU D 4823 -68.54 7.80 -18.43
N ARG D 4824 -68.14 7.10 -17.37
CA ARG D 4824 -68.07 7.74 -16.06
C ARG D 4824 -67.01 8.84 -16.05
N THR D 4825 -65.89 8.61 -16.77
CA THR D 4825 -64.88 9.66 -16.86
C THR D 4825 -65.42 10.89 -17.59
N ILE D 4826 -66.22 10.68 -18.63
CA ILE D 4826 -66.83 11.79 -19.35
C ILE D 4826 -67.77 12.55 -18.41
N LEU D 4827 -68.59 11.83 -17.65
CA LEU D 4827 -69.53 12.48 -16.75
C LEU D 4827 -68.79 13.24 -15.65
N SER D 4828 -67.68 12.70 -15.16
CA SER D 4828 -66.90 13.38 -14.14
C SER D 4828 -66.11 14.56 -14.68
N SER D 4829 -65.80 14.58 -15.98
CA SER D 4829 -65.04 15.68 -16.55
C SER D 4829 -65.81 16.99 -16.48
N VAL D 4830 -67.14 16.93 -16.46
CA VAL D 4830 -67.93 18.15 -16.44
C VAL D 4830 -67.70 18.93 -15.14
N THR D 4831 -67.66 18.23 -14.01
CA THR D 4831 -67.48 18.87 -12.71
C THR D 4831 -66.06 18.77 -12.19
N HIS D 4832 -65.15 18.13 -12.93
CA HIS D 4832 -63.77 18.05 -12.47
C HIS D 4832 -63.11 19.42 -12.41
N ASN D 4833 -63.39 20.27 -13.39
CA ASN D 4833 -62.78 21.60 -13.48
C ASN D 4833 -63.83 22.70 -13.48
N GLY D 4834 -64.95 22.47 -12.80
CA GLY D 4834 -66.05 23.43 -12.84
C GLY D 4834 -65.76 24.72 -12.11
N LYS D 4835 -64.78 24.74 -11.21
CA LYS D 4835 -64.52 25.94 -10.43
C LYS D 4835 -64.10 27.11 -11.31
N GLN D 4836 -63.46 26.83 -12.44
CA GLN D 4836 -63.17 27.88 -13.41
C GLN D 4836 -64.25 27.99 -14.47
N LEU D 4837 -64.98 26.90 -14.71
CA LEU D 4837 -66.06 26.92 -15.70
C LEU D 4837 -67.14 27.91 -15.29
N VAL D 4838 -67.50 27.93 -14.00
CA VAL D 4838 -68.54 28.86 -13.57
C VAL D 4838 -68.07 30.31 -13.70
N MET D 4839 -66.79 30.57 -13.41
CA MET D 4839 -66.27 31.93 -13.60
C MET D 4839 -66.32 32.33 -15.07
N THR D 4840 -65.93 31.42 -15.95
CA THR D 4840 -65.96 31.75 -17.38
C THR D 4840 -67.38 32.00 -17.86
N VAL D 4841 -68.34 31.20 -17.38
CA VAL D 4841 -69.73 31.42 -17.76
C VAL D 4841 -70.20 32.78 -17.26
N GLY D 4842 -69.83 33.15 -16.04
CA GLY D 4842 -70.19 34.47 -15.54
C GLY D 4842 -69.58 35.57 -16.38
N LEU D 4843 -68.33 35.38 -16.82
CA LEU D 4843 -67.70 36.39 -17.66
C LEU D 4843 -68.45 36.54 -18.98
N LEU D 4844 -68.85 35.43 -19.58
CA LEU D 4844 -69.65 35.51 -20.81
C LEU D 4844 -70.95 36.25 -20.55
N ALA D 4845 -71.61 35.96 -19.43
CA ALA D 4845 -72.87 36.63 -19.12
C ALA D 4845 -72.69 38.14 -18.97
N VAL D 4846 -71.66 38.57 -18.27
CA VAL D 4846 -71.45 40.00 -18.11
C VAL D 4846 -71.05 40.67 -19.42
N VAL D 4847 -70.30 39.98 -20.29
CA VAL D 4847 -69.97 40.59 -21.58
C VAL D 4847 -71.23 40.77 -22.43
N VAL D 4848 -72.08 39.75 -22.48
CA VAL D 4848 -73.32 39.88 -23.25
C VAL D 4848 -74.18 40.99 -22.67
N TYR D 4849 -74.24 41.10 -21.35
CA TYR D 4849 -75.00 42.19 -20.73
C TYR D 4849 -74.41 43.55 -21.11
N LEU D 4850 -73.09 43.65 -21.15
CA LEU D 4850 -72.45 44.90 -21.53
C LEU D 4850 -72.88 45.31 -22.93
N TYR D 4851 -72.84 44.35 -23.87
CA TYR D 4851 -73.30 44.67 -25.22
C TYR D 4851 -74.78 45.02 -25.23
N THR D 4852 -75.57 44.39 -24.35
CA THR D 4852 -77.00 44.69 -24.31
C THR D 4852 -77.24 46.15 -23.92
N VAL D 4853 -76.56 46.60 -22.86
CA VAL D 4853 -76.77 47.98 -22.45
C VAL D 4853 -76.16 48.94 -23.44
N VAL D 4854 -75.12 48.52 -24.16
CA VAL D 4854 -74.55 49.38 -25.20
C VAL D 4854 -75.56 49.59 -26.32
N ALA D 4855 -76.23 48.52 -26.75
CA ALA D 4855 -77.15 48.59 -27.87
C ALA D 4855 -78.58 48.94 -27.47
N PHE D 4856 -78.85 49.09 -26.18
CA PHE D 4856 -80.22 49.37 -25.75
C PHE D 4856 -80.61 50.81 -26.05
N ASN D 4857 -79.70 51.76 -25.81
CA ASN D 4857 -80.01 53.17 -25.97
C ASN D 4857 -79.44 53.75 -27.25
N PHE D 4858 -78.96 52.93 -28.17
CA PHE D 4858 -78.36 53.42 -29.40
C PHE D 4858 -79.01 52.81 -30.63
N PHE D 4859 -79.44 51.56 -30.54
CA PHE D 4859 -79.92 50.81 -31.70
C PHE D 4859 -81.32 50.27 -31.46
N ARG D 4860 -82.22 51.13 -30.95
CA ARG D 4860 -83.58 50.69 -30.71
C ARG D 4860 -84.29 50.35 -32.01
N LYS D 4861 -84.11 51.15 -33.04
CA LYS D 4861 -84.93 51.01 -34.24
C LYS D 4861 -84.53 49.83 -35.10
N PHE D 4862 -83.63 48.95 -34.69
CA PHE D 4862 -83.25 47.79 -35.49
C PHE D 4862 -83.89 46.50 -34.99
N TYR D 4863 -83.99 46.32 -33.68
CA TYR D 4863 -84.44 45.05 -33.11
C TYR D 4863 -85.94 44.94 -33.28
N ASN D 4864 -86.36 44.39 -34.41
CA ASN D 4864 -87.76 44.05 -34.62
C ASN D 4864 -87.83 42.81 -35.49
N LYS D 4865 -89.00 42.17 -35.48
CA LYS D 4865 -89.18 40.90 -36.19
C LYS D 4865 -89.82 41.08 -37.55
N SER D 4866 -89.88 42.31 -38.07
CA SER D 4866 -90.31 42.60 -39.44
C SER D 4866 -91.72 42.08 -39.71
N GLU D 4867 -92.68 42.67 -39.01
CA GLU D 4867 -94.10 42.40 -39.23
C GLU D 4867 -94.72 43.59 -39.95
N ASP D 4868 -95.45 43.30 -41.01
CA ASP D 4868 -96.03 44.36 -41.82
C ASP D 4868 -97.12 45.11 -41.05
N GLU D 4869 -97.20 46.42 -41.30
CA GLU D 4869 -98.30 47.29 -40.89
C GLU D 4869 -98.49 47.37 -39.38
N ASP D 4870 -97.65 46.66 -38.62
CA ASP D 4870 -97.70 46.72 -37.16
C ASP D 4870 -96.48 46.01 -36.61
N GLU D 4871 -95.91 46.56 -35.54
CA GLU D 4871 -94.74 45.99 -34.89
C GLU D 4871 -94.99 45.89 -33.39
N PRO D 4872 -95.87 44.98 -32.97
CA PRO D 4872 -96.08 44.79 -31.52
C PRO D 4872 -94.87 44.18 -30.82
N ASP D 4873 -93.96 43.56 -31.56
CA ASP D 4873 -92.82 42.85 -31.00
C ASP D 4873 -91.56 43.70 -31.19
N MET D 4874 -91.04 44.23 -30.10
CA MET D 4874 -89.78 44.97 -30.12
C MET D 4874 -88.93 44.45 -28.98
N LYS D 4875 -87.78 43.86 -29.31
CA LYS D 4875 -86.87 43.32 -28.31
C LYS D 4875 -85.84 44.33 -27.84
N CYS D 4876 -86.18 45.62 -27.90
CA CYS D 4876 -85.28 46.67 -27.44
C CYS D 4876 -85.92 47.59 -26.41
N ASP D 4877 -87.24 47.58 -26.26
CA ASP D 4877 -87.92 48.48 -25.33
C ASP D 4877 -87.48 48.22 -23.90
N ASP D 4878 -87.81 47.05 -23.37
CA ASP D 4878 -87.41 46.73 -22.01
C ASP D 4878 -85.99 46.19 -21.99
N MET D 4879 -85.28 46.48 -20.91
CA MET D 4879 -83.95 45.90 -20.74
C MET D 4879 -84.01 44.41 -20.56
N MET D 4880 -85.01 43.92 -19.81
CA MET D 4880 -85.09 42.48 -19.54
C MET D 4880 -85.31 41.69 -20.82
N THR D 4881 -86.26 42.12 -21.66
CA THR D 4881 -86.51 41.40 -22.90
C THR D 4881 -85.30 41.47 -23.83
N CYS D 4882 -84.64 42.63 -23.90
CA CYS D 4882 -83.47 42.75 -24.75
C CYS D 4882 -82.36 41.81 -24.28
N TYR D 4883 -82.11 41.76 -22.97
CA TYR D 4883 -81.08 40.88 -22.45
C TYR D 4883 -81.42 39.42 -22.72
N LEU D 4884 -82.68 39.04 -22.51
CA LEU D 4884 -83.08 37.66 -22.80
C LEU D 4884 -82.90 37.34 -24.27
N PHE D 4885 -83.31 38.26 -25.15
CA PHE D 4885 -83.19 38.01 -26.58
C PHE D 4885 -81.73 37.82 -26.98
N HIS D 4886 -80.85 38.69 -26.48
CA HIS D 4886 -79.44 38.53 -26.80
C HIS D 4886 -78.91 37.20 -26.28
N MET D 4887 -79.12 36.92 -24.99
CA MET D 4887 -78.56 35.72 -24.39
C MET D 4887 -79.15 34.44 -24.98
N TYR D 4888 -80.32 34.51 -25.61
CA TYR D 4888 -80.94 33.30 -26.14
C TYR D 4888 -80.73 33.12 -27.63
N VAL D 4889 -80.49 34.19 -28.39
CA VAL D 4889 -80.32 34.10 -29.84
C VAL D 4889 -78.88 34.34 -30.25
N GLY D 4890 -78.27 35.42 -29.77
CA GLY D 4890 -76.98 35.83 -30.29
C GLY D 4890 -75.89 34.80 -30.07
N VAL D 4891 -75.90 34.14 -28.91
CA VAL D 4891 -74.84 33.18 -28.61
C VAL D 4891 -74.90 32.00 -29.58
N ARG D 4892 -76.10 31.53 -29.83
CA ARG D 4892 -76.21 30.48 -30.79
C ARG D 4892 -76.06 31.16 -32.11
N ALA D 4893 -76.65 30.62 -33.14
CA ALA D 4893 -76.48 31.18 -34.46
C ALA D 4893 -75.03 31.15 -34.89
N GLY D 4894 -74.80 31.32 -36.18
CA GLY D 4894 -73.44 31.32 -36.70
C GLY D 4894 -73.16 32.75 -37.00
N GLY D 4895 -72.31 33.36 -36.21
CA GLY D 4895 -72.10 34.77 -36.38
C GLY D 4895 -72.99 35.40 -35.35
N GLY D 4896 -72.58 36.56 -34.88
CA GLY D 4896 -73.36 37.18 -33.83
C GLY D 4896 -74.68 37.71 -34.27
N ILE D 4897 -75.17 38.70 -33.56
CA ILE D 4897 -76.46 39.22 -33.86
C ILE D 4897 -76.52 39.96 -35.17
N GLY D 4898 -75.77 39.54 -36.18
CA GLY D 4898 -75.91 40.19 -37.46
C GLY D 4898 -76.83 39.47 -38.44
N ASP D 4899 -77.36 38.30 -38.08
CA ASP D 4899 -78.21 37.55 -38.97
C ASP D 4899 -79.69 37.60 -38.61
N GLU D 4900 -80.05 38.24 -37.49
CA GLU D 4900 -81.42 38.18 -37.00
C GLU D 4900 -82.03 39.57 -36.77
N ILE D 4901 -81.42 40.63 -37.28
CA ILE D 4901 -81.94 41.98 -37.10
C ILE D 4901 -81.85 42.71 -38.43
N GLU D 4902 -82.29 43.96 -38.43
CA GLU D 4902 -82.39 44.72 -39.66
C GLU D 4902 -81.01 45.01 -40.25
N ASP D 4903 -80.98 45.18 -41.57
CA ASP D 4903 -79.74 45.49 -42.25
C ASP D 4903 -79.26 46.89 -41.89
N PRO D 4904 -77.97 47.09 -41.70
CA PRO D 4904 -77.45 48.42 -41.36
C PRO D 4904 -77.18 49.29 -42.56
N ALA D 4905 -77.77 48.96 -43.72
CA ALA D 4905 -77.50 49.70 -44.94
C ALA D 4905 -77.90 51.17 -44.84
N GLY D 4906 -78.75 51.52 -43.88
CA GLY D 4906 -79.11 52.91 -43.69
C GLY D 4906 -77.89 53.76 -43.36
N ASP D 4907 -77.96 55.02 -43.80
CA ASP D 4907 -76.80 55.90 -43.69
C ASP D 4907 -76.40 56.13 -42.23
N GLU D 4908 -77.37 56.36 -41.35
CA GLU D 4908 -77.07 56.68 -39.97
C GLU D 4908 -76.52 55.46 -39.24
N TYR D 4909 -75.42 55.66 -38.52
CA TYR D 4909 -74.86 54.67 -37.60
C TYR D 4909 -74.40 53.40 -38.30
N GLU D 4910 -74.19 53.42 -39.61
CA GLU D 4910 -73.77 52.22 -40.30
C GLU D 4910 -72.40 51.76 -39.81
N LEU D 4911 -71.41 52.66 -39.82
CA LEU D 4911 -70.10 52.31 -39.32
C LEU D 4911 -70.06 52.22 -37.80
N TYR D 4912 -71.08 52.70 -37.11
CA TYR D 4912 -71.17 52.55 -35.67
C TYR D 4912 -71.84 51.25 -35.26
N ARG D 4913 -72.32 50.46 -36.22
CA ARG D 4913 -72.90 49.17 -35.93
C ARG D 4913 -72.21 48.02 -36.63
N VAL D 4914 -71.53 48.26 -37.75
CA VAL D 4914 -70.73 47.19 -38.36
C VAL D 4914 -69.66 46.73 -37.38
N VAL D 4915 -68.98 47.68 -36.74
CA VAL D 4915 -67.96 47.31 -35.75
C VAL D 4915 -68.60 46.61 -34.57
N PHE D 4916 -69.81 47.00 -34.19
CA PHE D 4916 -70.51 46.31 -33.10
C PHE D 4916 -70.75 44.85 -33.45
N ASP D 4917 -71.26 44.60 -34.65
CA ASP D 4917 -71.49 43.23 -35.09
C ASP D 4917 -70.20 42.43 -35.12
N ILE D 4918 -69.14 43.02 -35.68
CA ILE D 4918 -67.89 42.29 -35.83
C ILE D 4918 -67.30 41.95 -34.47
N THR D 4919 -67.27 42.92 -33.56
CA THR D 4919 -66.69 42.65 -32.25
C THR D 4919 -67.57 41.70 -31.44
N PHE D 4920 -68.89 41.73 -31.63
CA PHE D 4920 -69.73 40.74 -30.97
C PHE D 4920 -69.43 39.34 -31.47
N PHE D 4921 -69.28 39.19 -32.78
CA PHE D 4921 -68.95 37.88 -33.33
C PHE D 4921 -67.56 37.43 -32.89
N PHE D 4922 -66.67 38.38 -32.63
CA PHE D 4922 -65.29 38.02 -32.30
C PHE D 4922 -65.05 37.78 -30.81
N PHE D 4923 -65.89 38.33 -29.93
CA PHE D 4923 -65.57 38.28 -28.51
C PHE D 4923 -66.37 37.27 -27.72
N VAL D 4924 -67.49 36.75 -28.25
CA VAL D 4924 -68.30 35.83 -27.48
C VAL D 4924 -68.59 34.56 -28.27
N ILE D 4925 -67.98 34.42 -29.44
CA ILE D 4925 -68.24 33.24 -30.26
C ILE D 4925 -66.94 32.53 -30.60
N VAL D 4926 -65.98 33.26 -31.16
CA VAL D 4926 -64.72 32.63 -31.58
C VAL D 4926 -63.68 32.59 -30.47
N ILE D 4927 -63.99 33.13 -29.30
CA ILE D 4927 -63.04 33.04 -28.19
C ILE D 4927 -63.72 32.43 -26.97
N LEU D 4928 -64.81 33.04 -26.50
CA LEU D 4928 -65.39 32.63 -25.23
C LEU D 4928 -65.99 31.22 -25.31
N LEU D 4929 -66.82 30.97 -26.32
CA LEU D 4929 -67.36 29.62 -26.48
C LEU D 4929 -66.25 28.62 -26.77
N ALA D 4930 -65.23 29.04 -27.54
CA ALA D 4930 -64.11 28.15 -27.78
C ALA D 4930 -63.41 27.79 -26.47
N ILE D 4931 -63.24 28.77 -25.58
CA ILE D 4931 -62.60 28.51 -24.30
C ILE D 4931 -63.45 27.55 -23.47
N ILE D 4932 -64.77 27.79 -23.43
CA ILE D 4932 -65.63 26.94 -22.62
C ILE D 4932 -65.61 25.51 -23.14
N GLN D 4933 -65.71 25.33 -24.46
CA GLN D 4933 -65.65 24.00 -25.03
C GLN D 4933 -64.30 23.36 -24.77
N GLY D 4934 -63.23 24.14 -24.83
CA GLY D 4934 -61.90 23.63 -24.56
C GLY D 4934 -61.71 23.14 -23.14
N LEU D 4935 -62.27 23.85 -22.17
CA LEU D 4935 -62.10 23.47 -20.77
C LEU D 4935 -62.68 22.10 -20.47
N ILE D 4936 -63.89 21.82 -20.95
CA ILE D 4936 -64.54 20.55 -20.65
C ILE D 4936 -63.85 19.41 -21.41
N ILE D 4937 -63.56 19.63 -22.69
CA ILE D 4937 -62.96 18.57 -23.49
C ILE D 4937 -61.56 18.24 -22.98
N ASP D 4938 -60.78 19.26 -22.64
CA ASP D 4938 -59.41 19.02 -22.21
C ASP D 4938 -59.35 18.29 -20.88
N ALA D 4939 -60.32 18.54 -19.99
CA ALA D 4939 -60.32 17.85 -18.70
C ALA D 4939 -60.51 16.35 -18.88
N PHE D 4940 -61.34 15.95 -19.84
CA PHE D 4940 -61.52 14.53 -20.13
C PHE D 4940 -60.21 13.90 -20.61
N GLY D 4941 -59.47 14.63 -21.45
CA GLY D 4941 -58.16 14.19 -21.89
C GLY D 4941 -57.20 14.05 -20.73
N GLU D 4942 -57.25 15.00 -19.80
CA GLU D 4942 -56.40 14.93 -18.61
C GLU D 4942 -56.73 13.71 -17.77
N LEU D 4943 -58.02 13.39 -17.64
CA LEU D 4943 -58.42 12.21 -16.88
C LEU D 4943 -57.90 10.95 -17.55
N ARG D 4944 -58.02 10.88 -18.87
CA ARG D 4944 -57.48 9.73 -19.59
C ARG D 4944 -55.98 9.60 -19.38
N ASP D 4945 -55.27 10.74 -19.46
CA ASP D 4945 -53.82 10.70 -19.25
C ASP D 4945 -53.48 10.26 -17.82
N GLN D 4946 -54.26 10.70 -16.84
CA GLN D 4946 -54.01 10.29 -15.46
C GLN D 4946 -54.19 8.79 -15.30
N GLN D 4947 -55.24 8.23 -15.89
CA GLN D 4947 -55.44 6.78 -15.79
C GLN D 4947 -54.33 6.03 -16.49
N GLU D 4948 -53.91 6.51 -17.67
CA GLU D 4948 -52.81 5.85 -18.37
C GLU D 4948 -51.53 5.91 -17.56
N GLN D 4949 -51.25 7.05 -16.93
CA GLN D 4949 -50.03 7.18 -16.14
C GLN D 4949 -50.08 6.31 -14.90
N VAL D 4950 -51.23 6.20 -14.25
CA VAL D 4950 -51.31 5.33 -13.08
C VAL D 4950 -51.17 3.87 -13.49
N LYS D 4951 -51.59 3.53 -14.71
CA LYS D 4951 -51.38 2.17 -15.20
C LYS D 4951 -49.92 1.92 -15.51
N GLU D 4952 -49.23 2.91 -16.08
CA GLU D 4952 -47.88 2.69 -16.58
C GLU D 4952 -46.80 2.84 -15.51
N ASP D 4953 -46.98 3.77 -14.56
CA ASP D 4953 -45.95 4.02 -13.56
C ASP D 4953 -45.70 2.79 -12.70
N MET D 4954 -46.76 2.08 -12.32
CA MET D 4954 -46.61 0.86 -11.54
C MET D 4954 -45.84 -0.21 -12.33
N GLU D 4955 -45.83 -0.11 -13.66
CA GLU D 4955 -45.08 -1.04 -14.48
C GLU D 4955 -43.59 -0.68 -14.59
N THR D 4956 -43.14 0.42 -13.99
CA THR D 4956 -41.74 0.78 -14.00
C THR D 4956 -41.17 0.98 -12.61
N LYS D 4957 -41.93 0.63 -11.57
CA LYS D 4957 -41.44 0.65 -10.20
C LYS D 4957 -42.05 -0.53 -9.46
N CYS D 4958 -41.74 -0.65 -8.18
CA CYS D 4958 -42.14 -1.82 -7.41
C CYS D 4958 -43.16 -1.54 -6.32
N PHE D 4959 -43.48 -0.27 -6.05
CA PHE D 4959 -44.45 0.11 -5.04
C PHE D 4959 -43.95 -0.21 -3.63
N ILE D 4960 -42.79 -0.85 -3.53
CA ILE D 4960 -42.17 -1.11 -2.25
C ILE D 4960 -40.74 -0.60 -2.29
N CYS D 4961 -39.98 -1.06 -3.28
CA CYS D 4961 -38.64 -0.54 -3.48
C CYS D 4961 -38.72 0.93 -3.91
N GLY D 4962 -37.67 1.67 -3.57
CA GLY D 4962 -37.60 3.07 -3.95
C GLY D 4962 -36.87 3.27 -5.26
N ILE D 4963 -36.76 2.20 -6.05
CA ILE D 4963 -36.00 2.22 -7.29
C ILE D 4963 -36.83 1.60 -8.40
N GLY D 4964 -36.42 1.89 -9.64
CA GLY D 4964 -37.17 1.49 -10.81
C GLY D 4964 -36.69 0.20 -11.42
N SER D 4965 -37.16 -0.06 -12.64
CA SER D 4965 -36.87 -1.30 -13.35
C SER D 4965 -35.55 -1.27 -14.10
N ASP D 4966 -34.92 -0.10 -14.25
CA ASP D 4966 -33.71 -0.01 -15.05
C ASP D 4966 -32.59 -0.85 -14.46
N TYR D 4967 -32.43 -0.83 -13.14
CA TYR D 4967 -31.34 -1.56 -12.52
C TYR D 4967 -31.61 -3.06 -12.48
N PHE D 4968 -32.87 -3.46 -12.37
CA PHE D 4968 -33.22 -4.88 -12.42
C PHE D 4968 -33.19 -5.44 -13.83
N ASP D 4969 -33.19 -4.59 -14.84
CA ASP D 4969 -33.19 -5.04 -16.23
C ASP D 4969 -31.80 -5.37 -16.74
N THR D 4970 -30.77 -5.23 -15.91
CA THR D 4970 -29.42 -5.65 -16.31
C THR D 4970 -29.32 -7.15 -16.52
N THR D 4971 -30.31 -7.91 -16.06
CA THR D 4971 -30.41 -9.34 -16.27
C THR D 4971 -31.77 -9.67 -16.86
N PRO D 4972 -31.86 -10.68 -17.72
CA PRO D 4972 -33.15 -11.02 -18.33
C PRO D 4972 -34.18 -11.38 -17.27
N HIS D 4973 -35.42 -10.94 -17.52
CA HIS D 4973 -36.55 -11.18 -16.62
C HIS D 4973 -36.29 -10.64 -15.23
N GLY D 4974 -35.50 -9.57 -15.13
CA GLY D 4974 -35.12 -9.05 -13.82
C GLY D 4974 -36.31 -8.55 -13.02
N PHE D 4975 -37.21 -7.82 -13.67
CA PHE D 4975 -38.32 -7.22 -12.93
C PHE D 4975 -39.32 -8.29 -12.49
N GLU D 4976 -39.55 -9.31 -13.31
CA GLU D 4976 -40.40 -10.41 -12.88
C GLU D 4976 -39.82 -11.10 -11.66
N THR D 4977 -38.49 -11.28 -11.64
CA THR D 4977 -37.84 -11.86 -10.47
C THR D 4977 -37.99 -10.95 -9.25
N HIS D 4978 -37.89 -9.63 -9.44
CA HIS D 4978 -38.02 -8.74 -8.30
C HIS D 4978 -39.47 -8.56 -7.85
N THR D 4979 -40.45 -8.96 -8.66
CA THR D 4979 -41.83 -8.74 -8.28
C THR D 4979 -42.62 -10.00 -7.96
N LEU D 4980 -42.14 -11.19 -8.35
CA LEU D 4980 -42.96 -12.38 -8.20
C LEU D 4980 -42.58 -13.23 -6.99
N GLU D 4981 -41.29 -13.37 -6.70
CA GLU D 4981 -40.83 -14.09 -5.53
C GLU D 4981 -40.33 -13.18 -4.41
N GLU D 4982 -39.78 -12.02 -4.73
CA GLU D 4982 -39.46 -11.04 -3.70
C GLU D 4982 -40.74 -10.29 -3.35
N HIS D 4983 -40.61 -9.15 -2.66
CA HIS D 4983 -41.79 -8.43 -2.18
C HIS D 4983 -42.79 -8.20 -3.31
N ASN D 4984 -43.97 -8.78 -3.15
CA ASN D 4984 -44.91 -9.00 -4.25
C ASN D 4984 -46.22 -8.22 -4.07
N LEU D 4985 -46.35 -7.46 -2.98
CA LEU D 4985 -47.56 -6.69 -2.67
C LEU D 4985 -48.69 -7.63 -2.25
N ALA D 4986 -48.46 -8.92 -2.37
CA ALA D 4986 -49.40 -9.93 -1.88
C ALA D 4986 -48.81 -10.83 -0.82
N ASN D 4987 -47.48 -10.99 -0.78
CA ASN D 4987 -46.86 -11.75 0.29
C ASN D 4987 -47.11 -11.09 1.64
N TYR D 4988 -47.02 -9.76 1.70
CA TYR D 4988 -47.34 -9.05 2.94
C TYR D 4988 -48.78 -9.28 3.35
N MET D 4989 -49.68 -9.42 2.38
CA MET D 4989 -51.08 -9.72 2.68
C MET D 4989 -51.19 -11.02 3.45
N PHE D 4990 -50.50 -12.06 2.99
CA PHE D 4990 -50.53 -13.32 3.72
C PHE D 4990 -49.80 -13.22 5.05
N PHE D 4991 -48.72 -12.43 5.09
CA PHE D 4991 -47.93 -12.30 6.30
C PHE D 4991 -48.74 -11.70 7.43
N LEU D 4992 -49.54 -10.67 7.13
CA LEU D 4992 -50.29 -9.99 8.19
C LEU D 4992 -51.29 -10.92 8.85
N MET D 4993 -52.01 -11.73 8.08
CA MET D 4993 -52.95 -12.64 8.70
C MET D 4993 -52.32 -13.94 9.15
N TYR D 4994 -51.08 -14.22 8.73
CA TYR D 4994 -50.36 -15.36 9.27
C TYR D 4994 -49.83 -15.05 10.65
N LEU D 4995 -49.42 -13.81 10.89
CA LEU D 4995 -49.00 -13.40 12.23
C LEU D 4995 -50.13 -13.56 13.22
N ILE D 4996 -51.37 -13.28 12.80
CA ILE D 4996 -52.51 -13.34 13.71
C ILE D 4996 -52.74 -14.77 14.19
N ASN D 4997 -52.66 -15.74 13.29
CA ASN D 4997 -53.00 -17.11 13.63
C ASN D 4997 -52.03 -17.69 14.66
N LYS D 4998 -50.73 -17.46 14.48
CA LYS D 4998 -49.74 -18.09 15.35
C LYS D 4998 -49.62 -17.32 16.66
N ASP D 4999 -49.74 -18.04 17.78
CA ASP D 4999 -49.71 -17.40 19.09
C ASP D 4999 -48.33 -16.81 19.38
N GLU D 5000 -48.32 -15.82 20.25
CA GLU D 5000 -47.10 -15.07 20.53
C GLU D 5000 -45.99 -15.95 21.09
N THR D 5001 -46.33 -17.09 21.69
CA THR D 5001 -45.30 -17.95 22.26
C THR D 5001 -44.49 -18.68 21.19
N GLU D 5002 -44.98 -18.75 19.96
CA GLU D 5002 -44.30 -19.48 18.89
C GLU D 5002 -43.67 -18.57 17.85
N HIS D 5003 -43.76 -17.25 18.03
CA HIS D 5003 -43.15 -16.34 17.07
C HIS D 5003 -41.64 -16.56 17.02
N THR D 5004 -41.08 -16.53 15.82
CA THR D 5004 -39.65 -16.71 15.64
C THR D 5004 -38.93 -15.45 16.10
N GLY D 5005 -37.61 -15.42 15.90
CA GLY D 5005 -36.82 -14.28 16.32
C GLY D 5005 -37.08 -13.01 15.54
N GLN D 5006 -37.78 -13.09 14.42
CA GLN D 5006 -38.12 -11.91 13.64
C GLN D 5006 -39.61 -11.64 13.55
N GLU D 5007 -40.46 -12.67 13.64
CA GLU D 5007 -41.90 -12.45 13.57
C GLU D 5007 -42.37 -11.55 14.71
N SER D 5008 -41.92 -11.84 15.94
CA SER D 5008 -42.25 -10.97 17.05
C SER D 5008 -41.64 -9.59 16.86
N TYR D 5009 -40.46 -9.53 16.22
CA TYR D 5009 -39.80 -8.25 16.00
C TYR D 5009 -40.68 -7.32 15.17
N VAL D 5010 -41.19 -7.81 14.04
CA VAL D 5010 -42.05 -6.98 13.22
C VAL D 5010 -43.42 -6.78 13.87
N TRP D 5011 -43.92 -7.80 14.57
CA TRP D 5011 -45.23 -7.69 15.19
C TRP D 5011 -45.26 -6.59 16.23
N LYS D 5012 -44.17 -6.43 16.97
CA LYS D 5012 -44.12 -5.39 18.01
C LYS D 5012 -44.25 -4.01 17.39
N MET D 5013 -43.52 -3.74 16.31
CA MET D 5013 -43.67 -2.46 15.63
C MET D 5013 -45.06 -2.30 15.02
N TYR D 5014 -45.61 -3.37 14.46
CA TYR D 5014 -46.95 -3.27 13.88
C TYR D 5014 -47.96 -2.89 14.93
N GLN D 5015 -47.85 -3.45 16.13
CA GLN D 5015 -48.73 -3.03 17.22
C GLN D 5015 -48.39 -1.63 17.70
N GLU D 5016 -47.14 -1.19 17.51
CA GLU D 5016 -46.72 0.14 17.91
C GLU D 5016 -46.76 1.14 16.76
N ARG D 5017 -47.16 0.73 15.56
CA ARG D 5017 -47.34 1.61 14.41
C ARG D 5017 -46.04 2.36 14.07
N CYS D 5018 -45.04 1.59 13.68
CA CYS D 5018 -43.78 2.13 13.17
C CYS D 5018 -43.40 1.33 11.93
N TRP D 5019 -43.36 2.01 10.78
CA TRP D 5019 -43.18 1.35 9.49
C TRP D 5019 -41.75 1.42 9.00
N ASP D 5020 -40.78 1.31 9.90
CA ASP D 5020 -39.39 1.26 9.49
C ASP D 5020 -38.98 -0.10 8.93
N PHE D 5021 -39.79 -1.13 9.13
CA PHE D 5021 -39.38 -2.47 8.72
C PHE D 5021 -39.59 -2.73 7.23
N PHE D 5022 -40.25 -1.85 6.50
CA PHE D 5022 -40.29 -1.98 5.05
C PHE D 5022 -38.93 -1.63 4.47
N PRO D 5023 -38.49 -2.33 3.42
CA PRO D 5023 -37.13 -2.12 2.92
C PRO D 5023 -36.84 -0.68 2.51
N ALA D 5024 -37.62 -0.16 1.56
CA ALA D 5024 -37.56 1.25 1.17
C ALA D 5024 -36.16 1.67 0.72
N GLY D 5025 -35.71 1.07 -0.38
CA GLY D 5025 -34.46 1.51 -0.99
C GLY D 5025 -33.57 0.43 -1.56
N ASP D 5026 -33.66 -0.78 -1.01
CA ASP D 5026 -32.79 -1.87 -1.45
C ASP D 5026 -33.34 -3.17 -0.92
N CYS D 5027 -33.36 -4.20 -1.77
CA CYS D 5027 -33.97 -5.49 -1.44
C CYS D 5027 -32.98 -6.61 -1.71
N PHE D 5028 -32.11 -6.88 -0.74
CA PHE D 5028 -31.25 -8.06 -0.66
C PHE D 5028 -30.19 -8.10 -1.75
N ARG D 5029 -30.20 -7.17 -2.70
CA ARG D 5029 -29.27 -7.21 -3.82
C ARG D 5029 -28.26 -6.08 -3.78
N LYS D 5030 -28.68 -4.85 -3.46
CA LYS D 5030 -27.72 -3.78 -3.27
C LYS D 5030 -26.80 -4.05 -2.09
N GLN D 5031 -27.31 -4.76 -1.08
CA GLN D 5031 -26.50 -5.07 0.08
C GLN D 5031 -25.42 -6.10 -0.24
N TYR D 5032 -25.71 -7.05 -1.11
CA TYR D 5032 -24.83 -8.19 -1.38
C TYR D 5032 -24.50 -8.28 -2.86
N GLU D 5033 -24.13 -7.15 -3.46
CA GLU D 5033 -23.79 -7.15 -4.87
C GLU D 5033 -22.48 -7.87 -5.13
N ASP D 5034 -21.45 -7.58 -4.34
CA ASP D 5034 -20.14 -8.18 -4.57
C ASP D 5034 -20.15 -9.67 -4.31
N GLN D 5035 -20.71 -10.09 -3.17
CA GLN D 5035 -20.74 -11.50 -2.83
C GLN D 5035 -21.60 -12.30 -3.80
N LEU D 5036 -22.76 -11.75 -4.17
CA LEU D 5036 -23.68 -12.40 -5.09
C LEU D 5036 -23.94 -11.45 -6.25
N SER D 5037 -23.35 -11.74 -7.40
CA SER D 5037 -23.53 -10.92 -8.59
C SER D 5037 -24.17 -11.73 -9.71
CA CA E . -17.47 42.54 20.54
PG ATP F . -47.48 26.52 3.09
O1G ATP F . -48.57 25.93 3.93
O2G ATP F . -46.24 26.91 3.89
O3G ATP F . -47.08 25.64 1.91
PB ATP F . -47.39 29.09 1.58
O1B ATP F . -48.19 29.33 0.36
O2B ATP F . -47.23 30.29 2.52
O3B ATP F . -47.97 27.89 2.43
PA ATP F . -45.20 27.89 0.00
O1A ATP F . -44.93 28.90 -1.06
O2A ATP F . -46.06 26.71 -0.45
O3A ATP F . -45.93 28.56 1.25
O5' ATP F . -43.86 27.33 0.61
C5' ATP F . -43.88 26.41 1.72
C4' ATP F . -43.71 25.01 1.18
O4' ATP F . -42.85 25.04 0.02
C3' ATP F . -43.03 24.03 2.14
O3' ATP F . -43.96 23.45 3.04
C2' ATP F . -42.46 22.99 1.17
O2' ATP F . -43.42 21.99 0.84
C1' ATP F . -42.11 23.83 -0.06
N9 ATP F . -40.70 24.16 -0.19
C8 ATP F . -39.76 23.48 -0.92
N7 ATP F . -38.55 23.99 -0.86
C5 ATP F . -38.70 25.09 -0.02
C6 ATP F . -37.80 26.06 0.46
N6 ATP F . -36.50 26.07 0.14
N1 ATP F . -38.27 27.01 1.29
C2 ATP F . -39.57 26.99 1.60
N3 ATP F . -40.52 26.14 1.22
C4 ATP F . -40.02 25.20 0.41
CA CA G . 9.79 30.86 -38.58
PG ATP H . -26.27 38.40 -28.34
O1G ATP H . -26.56 39.69 -27.67
O2G ATP H . -24.77 38.11 -28.48
O3G ATP H . -26.96 37.20 -27.70
PB ATP H . -26.76 37.52 -31.15
O1B ATP H . -28.11 37.26 -31.69
O2B ATP H . -25.78 38.18 -32.12
O3B ATP H . -26.81 38.41 -29.84
PA ATP H . -26.53 34.75 -30.16
O1A ATP H . -26.88 33.91 -31.34
O2A ATP H . -27.66 34.93 -29.15
O3A ATP H . -26.07 36.20 -30.60
O5' ATP H . -25.28 34.18 -29.40
C5' ATP H . -24.70 34.87 -28.28
C4' ATP H . -25.21 34.24 -27.01
O4' ATP H . -25.40 32.82 -27.22
C3' ATP H . -24.26 34.33 -25.82
O3' ATP H . -24.41 35.56 -25.13
C2' ATP H . -24.72 33.15 -24.96
O2' ATP H . -25.80 33.50 -24.11
C1' ATP H . -25.16 32.12 -26.00
N9 ATP H . -24.20 31.06 -26.26
C8 ATP H . -24.17 29.82 -25.68
N7 ATP H . -23.18 29.06 -26.10
C5 ATP H . -22.50 29.86 -27.01
C6 ATP H . -21.36 29.64 -27.80
N6 ATP H . -20.67 28.51 -27.79
N1 ATP H . -20.95 30.65 -28.59
C2 ATP H . -21.64 31.79 -28.60
N3 ATP H . -22.73 32.11 -27.90
C4 ATP H . -23.12 31.10 -27.11
CA CA I . -13.85 -30.90 -37.28
PG ATP J . -30.74 2.55 -44.90
O1G ATP J . -30.24 3.36 -46.06
O2G ATP J . -29.84 1.36 -44.55
O3G ATP J . -31.01 3.37 -43.65
PB ATP J . -33.18 0.85 -44.64
O1B ATP J . -34.54 1.41 -44.58
O2B ATP J . -33.03 -0.46 -45.42
O3B ATP J . -32.15 1.88 -45.25
PA ATP J . -32.85 1.11 -41.72
O1A ATP J . -34.06 0.45 -41.16
O2A ATP J . -32.92 2.64 -41.77
O3A ATP J . -32.56 0.61 -43.20
O5' ATP J . -31.56 0.69 -40.93
C5' ATP J . -30.25 1.15 -41.34
C4' ATP J . -29.85 2.33 -40.50
O4' ATP J . -30.39 2.17 -39.17
C3' ATP J . -28.36 2.49 -40.29
O3' ATP J . -27.75 3.20 -41.37
C2' ATP J . -28.30 3.31 -38.99
O2' ATP J . -28.42 4.70 -39.24
C1' ATP J . -29.53 2.79 -38.22
N9 ATP J . -29.23 1.82 -37.19
C8 ATP J . -29.04 2.08 -35.85
N7 ATP J . -28.77 1.02 -35.13
C5 ATP J . -28.78 -0.02 -36.05
C6 ATP J . -28.55 -1.40 -35.92
N6 ATP J . -28.28 -2.00 -34.77
N1 ATP J . -28.62 -2.15 -37.04
C2 ATP J . -28.90 -1.55 -38.20
N3 ATP J . -29.12 -0.26 -38.45
C4 ATP J . -29.05 0.47 -37.32
CA CA K . -41.11 -19.22 21.84
PG ATP L . -51.95 -9.33 -13.47
O1G ATP L . -52.24 -10.41 -14.46
O2G ATP L . -51.30 -9.84 -12.18
O3G ATP L . -51.13 -8.18 -14.04
PB ATP L . -53.81 -7.58 -11.91
O1B ATP L . -54.62 -6.51 -12.53
O2B ATP L . -54.48 -8.36 -10.78
O3B ATP L . -53.31 -8.64 -12.98
PA ATP L . -51.52 -5.74 -11.56
O1A ATP L . -52.11 -4.56 -10.88
O2A ATP L . -51.31 -5.58 -13.06
O3A ATP L . -52.42 -7.04 -11.35
O5' ATP L . -50.15 -6.15 -10.91
C5' ATP L . -49.43 -7.32 -11.35
C4' ATP L . -48.35 -6.90 -12.31
O4' ATP L . -47.85 -5.61 -11.93
C3' ATP L . -47.12 -7.80 -12.33
O3' ATP L . -47.31 -8.91 -13.20
C2' ATP L . -46.04 -6.85 -12.87
O2' ATP L . -46.03 -6.81 -14.29
C1' ATP L . -46.47 -5.50 -12.29
N9 ATP L . -45.73 -5.08 -11.11
C8 ATP L . -44.63 -4.26 -11.09
N7 ATP L . -44.14 -4.04 -9.89
C5 ATP L . -44.97 -4.78 -9.06
C6 ATP L . -44.99 -4.99 -7.67
N6 ATP L . -44.11 -4.43 -6.83
N1 ATP L . -45.94 -5.79 -7.16
C2 ATP L . -46.82 -6.35 -8.00
N3 ATP L . -46.91 -6.24 -9.32
C4 ATP L . -45.95 -5.44 -9.81
#